data_8Q30
#
_entry.id   8Q30
#
_cell.length_a   1.00
_cell.length_b   1.00
_cell.length_c   1.00
_cell.angle_alpha   90.00
_cell.angle_beta   90.00
_cell.angle_gamma   90.00
#
_symmetry.space_group_name_H-M   'P 1'
#
loop_
_entity.id
_entity.type
_entity.pdbx_description
1 polymer 'DUF4352 domain-containing protein'
2 branched 2-acetamido-2-deoxy-beta-D-glucopyranose-(1-4)-2-acetamido-2-deoxy-beta-D-glucopyranose
3 branched 6-deoxy-6-sulfo-beta-D-glucopyranose-(1-3)-2-acetamido-2-deoxy-beta-D-glucopyranose-(1-4)-2-acetamido-2-deoxy-beta-D-glucopyranose
4 non-polymer 2-acetamido-2-deoxy-beta-D-glucopyranose
#
_entity_poly.entity_id   1
_entity_poly.type   'polypeptide(L)'
_entity_poly.pdbx_seq_one_letter_code
;LSGAIVALILVIAGVIIAIAVVLFAFGLIPGISNQGSIQVLGSGTITNSTASGSSRTIYNITITVKNTGTTSISVTSINI
NGQPFNINGTAPSIPAGRTQPITFEVTPASGKPNFSPGASYTATIYFSNGQGAPATLIYQG
;
_entity_poly.pdbx_strand_id   A,B,C,D,E,F,G,H,I,J,K,L,M,N,O,P,Q,R,S,T,U,V,W,X,Y,Z,a,b,c,d,e,f,g,h,i,j,k,l,m,n,o,p,q,r,s,t,u,v,w,x,y,z,1,2,3,4,5,6,7,8,9,0,LA,LB,LC,LD,LE,LF,LG,LH,LI,LJ
#
# COMPACT_ATOMS: atom_id res chain seq x y z
N LEU A 1 226.43 -67.43 33.61
CA LEU A 1 226.03 -67.39 32.22
C LEU A 1 224.58 -67.83 32.04
N SER A 2 224.03 -68.47 33.08
CA SER A 2 222.72 -69.09 32.98
C SER A 2 221.61 -68.06 32.81
N GLY A 3 221.72 -66.93 33.51
CA GLY A 3 220.62 -65.97 33.54
C GLY A 3 220.25 -65.44 32.17
N ALA A 4 221.24 -65.17 31.33
CA ALA A 4 220.94 -64.65 30.00
C ALA A 4 220.21 -65.67 29.16
N ILE A 5 220.60 -66.95 29.24
CA ILE A 5 219.91 -67.99 28.49
C ILE A 5 218.47 -68.12 28.96
N VAL A 6 218.25 -68.09 30.28
CA VAL A 6 216.90 -68.18 30.81
C VAL A 6 216.06 -67.00 30.33
N ALA A 7 216.67 -65.80 30.33
CA ALA A 7 215.95 -64.61 29.88
C ALA A 7 215.57 -64.71 28.41
N LEU A 8 216.48 -65.23 27.58
CA LEU A 8 216.17 -65.40 26.16
C LEU A 8 214.99 -66.35 25.96
N ILE A 9 215.04 -67.50 26.66
CA ILE A 9 213.94 -68.46 26.56
C ILE A 9 212.63 -67.81 26.94
N LEU A 10 212.63 -67.09 28.06
CA LEU A 10 211.39 -66.49 28.55
C LEU A 10 210.88 -65.39 27.64
N VAL A 11 211.78 -64.61 27.02
CA VAL A 11 211.35 -63.57 26.09
C VAL A 11 210.62 -64.19 24.90
N ILE A 12 211.21 -65.23 24.31
CA ILE A 12 210.58 -65.84 23.15
C ILE A 12 209.23 -66.46 23.54
N ALA A 13 209.18 -67.16 24.67
CA ALA A 13 207.94 -67.77 25.11
C ALA A 13 206.86 -66.71 25.38
N GLY A 14 207.25 -65.58 25.95
CA GLY A 14 206.29 -64.52 26.19
C GLY A 14 205.70 -63.98 24.92
N VAL A 15 206.55 -63.76 23.91
CA VAL A 15 206.04 -63.32 22.61
C VAL A 15 205.00 -64.31 22.09
N ILE A 16 205.34 -65.60 22.13
CA ILE A 16 204.44 -66.62 21.58
C ILE A 16 203.10 -66.60 22.30
N ILE A 17 203.13 -66.62 23.64
CA ILE A 17 201.89 -66.74 24.39
C ILE A 17 201.04 -65.48 24.25
N ALA A 18 201.67 -64.31 24.20
CA ALA A 18 200.90 -63.08 24.02
C ALA A 18 200.19 -63.07 22.68
N ILE A 19 200.89 -63.49 21.61
CA ILE A 19 200.23 -63.53 20.30
C ILE A 19 199.09 -64.54 20.32
N ALA A 20 199.29 -65.68 20.98
CA ALA A 20 198.22 -66.68 21.06
C ALA A 20 196.99 -66.11 21.78
N VAL A 21 197.20 -65.36 22.86
CA VAL A 21 196.07 -64.80 23.59
C VAL A 21 195.34 -63.77 22.74
N VAL A 22 196.08 -62.96 21.98
CA VAL A 22 195.44 -61.97 21.10
C VAL A 22 194.58 -62.67 20.06
N LEU A 23 195.12 -63.74 19.46
CA LEU A 23 194.35 -64.47 18.45
C LEU A 23 193.13 -65.14 19.06
N PHE A 24 193.23 -65.62 20.30
CA PHE A 24 192.05 -66.16 20.96
C PHE A 24 190.98 -65.09 21.18
N ALA A 25 191.42 -63.88 21.57
CA ALA A 25 190.48 -62.78 21.75
C ALA A 25 189.75 -62.49 20.43
N PHE A 26 190.48 -62.51 19.32
CA PHE A 26 189.82 -62.30 18.03
C PHE A 26 188.92 -63.47 17.66
N GLY A 27 189.29 -64.70 18.04
CA GLY A 27 188.50 -65.86 17.69
C GLY A 27 187.23 -66.01 18.49
N LEU A 28 187.14 -65.35 19.66
CA LEU A 28 185.92 -65.45 20.46
C LEU A 28 184.71 -64.83 19.77
N ILE A 29 184.94 -63.86 18.88
CA ILE A 29 183.83 -63.03 18.39
C ILE A 29 182.70 -63.83 17.72
N PRO A 30 182.96 -64.78 16.83
CA PRO A 30 181.84 -65.44 16.13
C PRO A 30 180.85 -66.13 17.06
N GLY A 31 181.26 -66.56 18.25
CA GLY A 31 180.33 -67.25 19.14
C GLY A 31 179.28 -66.35 19.73
N ILE A 32 179.54 -65.04 19.78
CA ILE A 32 178.61 -64.12 20.41
C ILE A 32 177.32 -64.00 19.61
N SER A 33 177.41 -64.09 18.28
CA SER A 33 176.25 -63.89 17.43
C SER A 33 175.11 -64.85 17.76
N ASN A 34 175.44 -66.08 18.18
CA ASN A 34 174.43 -67.10 18.39
C ASN A 34 173.57 -66.83 19.62
N GLN A 35 173.92 -65.85 20.45
CA GLN A 35 173.18 -65.59 21.68
C GLN A 35 171.81 -64.97 21.41
N GLY A 36 171.52 -64.54 20.19
CA GLY A 36 170.24 -63.91 19.90
C GLY A 36 169.49 -64.53 18.75
N SER A 37 169.66 -65.85 18.55
CA SER A 37 169.11 -66.51 17.38
C SER A 37 167.59 -66.56 17.40
N ILE A 38 166.98 -66.61 18.58
CA ILE A 38 165.57 -66.94 18.72
C ILE A 38 164.78 -65.74 19.24
N GLN A 39 163.56 -65.59 18.73
CA GLN A 39 162.62 -64.63 19.29
C GLN A 39 161.23 -65.23 19.37
N VAL A 40 160.55 -64.99 20.49
CA VAL A 40 159.18 -65.47 20.69
C VAL A 40 158.21 -64.44 20.12
N LEU A 41 157.23 -64.91 19.36
CA LEU A 41 156.28 -64.05 18.67
C LEU A 41 154.91 -64.17 19.32
N GLY A 42 154.35 -63.04 19.73
CA GLY A 42 152.98 -62.99 20.20
C GLY A 42 152.76 -63.74 21.51
N SER A 43 151.49 -63.86 21.86
CA SER A 43 151.11 -64.55 23.08
C SER A 43 151.17 -66.07 22.88
N GLY A 44 151.17 -66.77 24.01
CA GLY A 44 151.08 -68.21 24.02
C GLY A 44 149.94 -68.68 24.92
N THR A 45 149.80 -69.99 25.03
CA THR A 45 148.68 -70.58 25.73
C THR A 45 149.16 -71.65 26.71
N ILE A 46 148.63 -71.61 27.93
CA ILE A 46 148.81 -72.68 28.92
C ILE A 46 147.49 -73.45 29.00
N THR A 47 147.60 -74.78 29.12
CA THR A 47 146.42 -75.63 29.23
C THR A 47 146.70 -76.73 30.25
N ASN A 48 145.65 -77.13 30.96
CA ASN A 48 145.75 -78.16 31.99
C ASN A 48 145.63 -79.54 31.36
N SER A 49 146.60 -80.41 31.63
CA SER A 49 146.74 -81.68 30.90
C SER A 49 147.06 -82.85 31.85
N THR A 50 146.31 -82.95 32.95
CA THR A 50 146.54 -84.04 33.89
C THR A 50 145.22 -84.72 34.22
N ALA A 51 145.30 -86.03 34.48
CA ALA A 51 144.14 -86.86 34.74
C ALA A 51 143.79 -86.88 36.22
N SER A 52 142.63 -87.44 36.54
CA SER A 52 142.18 -87.52 37.92
C SER A 52 143.08 -88.45 38.72
N GLY A 53 143.44 -88.02 39.92
CA GLY A 53 144.28 -88.83 40.77
C GLY A 53 145.72 -88.93 40.34
N SER A 54 146.14 -88.13 39.36
CA SER A 54 147.51 -88.20 38.88
C SER A 54 148.49 -87.74 39.97
N SER A 55 149.74 -88.15 39.81
CA SER A 55 150.76 -87.74 40.78
C SER A 55 151.09 -86.27 40.67
N ARG A 56 150.85 -85.66 39.49
CA ARG A 56 151.33 -84.31 39.25
C ARG A 56 150.47 -83.61 38.21
N THR A 57 150.37 -82.29 38.36
CA THR A 57 149.78 -81.45 37.31
C THR A 57 150.79 -81.28 36.19
N ILE A 58 150.30 -81.33 34.95
CA ILE A 58 151.12 -81.06 33.78
C ILE A 58 150.36 -80.12 32.86
N TYR A 59 151.05 -79.08 32.40
CA TYR A 59 150.47 -78.01 31.60
C TYR A 59 151.12 -78.03 30.23
N ASN A 60 150.29 -78.07 29.19
CA ASN A 60 150.76 -77.87 27.83
C ASN A 60 150.93 -76.39 27.55
N ILE A 61 152.10 -76.01 27.07
CA ILE A 61 152.41 -74.62 26.77
C ILE A 61 152.74 -74.52 25.29
N THR A 62 152.00 -73.67 24.59
CA THR A 62 152.19 -73.43 23.17
C THR A 62 152.63 -72.00 22.95
N ILE A 63 153.74 -71.81 22.23
CA ILE A 63 154.27 -70.49 21.92
C ILE A 63 154.80 -70.52 20.50
N THR A 64 154.62 -69.42 19.78
CA THR A 64 155.22 -69.29 18.45
C THR A 64 156.65 -68.79 18.60
N VAL A 65 157.60 -69.53 18.01
CA VAL A 65 159.01 -69.23 18.16
C VAL A 65 159.63 -69.12 16.76
N LYS A 66 160.46 -68.10 16.57
CA LYS A 66 161.17 -67.89 15.31
C LYS A 66 162.66 -68.03 15.55
N ASN A 67 163.29 -68.92 14.78
CA ASN A 67 164.72 -69.19 14.87
C ASN A 67 165.41 -68.60 13.65
N THR A 68 166.50 -67.85 13.91
CA THR A 68 167.25 -67.20 12.85
C THR A 68 168.65 -67.75 12.65
N GLY A 69 169.11 -68.67 13.49
CA GLY A 69 170.45 -69.20 13.37
C GLY A 69 170.54 -70.37 12.40
N THR A 70 171.76 -70.87 12.25
CA THR A 70 172.00 -72.00 11.36
C THR A 70 171.71 -73.35 12.02
N THR A 71 171.44 -73.37 13.33
CA THR A 71 171.34 -74.60 14.09
C THR A 71 170.00 -74.68 14.81
N SER A 72 169.54 -75.91 15.01
CA SER A 72 168.30 -76.14 15.75
C SER A 72 168.51 -75.88 17.24
N ILE A 73 167.53 -75.25 17.86
CA ILE A 73 167.62 -74.86 19.27
C ILE A 73 166.38 -75.36 19.98
N SER A 74 166.55 -75.73 21.25
CA SER A 74 165.49 -76.33 22.04
C SER A 74 165.30 -75.56 23.34
N VAL A 75 164.10 -75.70 23.91
CA VAL A 75 163.81 -75.11 25.21
C VAL A 75 164.49 -75.91 26.31
N THR A 76 164.92 -75.23 27.36
CA THR A 76 165.54 -75.87 28.51
C THR A 76 164.82 -75.62 29.82
N SER A 77 164.24 -74.44 30.00
CA SER A 77 163.50 -74.15 31.22
C SER A 77 162.51 -73.03 30.93
N ILE A 78 161.49 -72.96 31.77
CA ILE A 78 160.49 -71.90 31.71
C ILE A 78 160.19 -71.42 33.12
N ASN A 79 160.00 -70.11 33.26
CA ASN A 79 159.72 -69.49 34.54
C ASN A 79 158.46 -68.66 34.38
N ILE A 80 157.36 -69.13 34.97
CA ILE A 80 156.05 -68.53 34.78
C ILE A 80 155.60 -67.87 36.07
N ASN A 81 155.27 -66.59 36.00
CA ASN A 81 154.74 -65.84 37.14
C ASN A 81 155.68 -65.86 38.33
N GLY A 82 156.97 -66.06 38.07
CA GLY A 82 157.99 -66.13 39.09
C GLY A 82 158.38 -67.56 39.48
N GLN A 83 157.48 -68.52 39.29
CA GLN A 83 157.72 -69.89 39.67
C GLN A 83 158.44 -70.65 38.55
N PRO A 84 159.49 -71.40 38.87
CA PRO A 84 160.17 -72.20 37.84
C PRO A 84 159.45 -73.51 37.58
N PHE A 85 159.47 -73.93 36.31
CA PHE A 85 158.78 -75.15 35.88
C PHE A 85 159.78 -76.10 35.22
N ASN A 86 159.48 -77.39 35.28
CA ASN A 86 160.33 -78.45 34.76
C ASN A 86 159.65 -79.11 33.58
N ILE A 87 160.39 -79.35 32.50
CA ILE A 87 159.82 -79.78 31.23
C ILE A 87 159.81 -81.30 31.18
N ASN A 88 158.63 -81.88 30.89
CA ASN A 88 158.55 -83.32 30.66
C ASN A 88 159.22 -83.71 29.35
N GLY A 89 159.78 -84.91 29.34
CA GLY A 89 160.14 -85.58 28.10
C GLY A 89 161.19 -84.85 27.27
N THR A 90 161.23 -85.24 26.00
CA THR A 90 162.19 -84.68 25.05
C THR A 90 161.76 -83.28 24.66
N ALA A 91 162.61 -82.30 24.95
CA ALA A 91 162.27 -80.91 24.66
C ALA A 91 162.17 -80.71 23.15
N PRO A 92 161.20 -79.93 22.69
CA PRO A 92 161.05 -79.73 21.23
C PRO A 92 162.22 -78.95 20.66
N SER A 93 162.56 -79.27 19.41
CA SER A 93 163.63 -78.59 18.70
C SER A 93 163.03 -77.64 17.67
N ILE A 94 163.60 -76.45 17.57
CA ILE A 94 163.11 -75.44 16.65
C ILE A 94 164.03 -75.38 15.44
N PRO A 95 163.54 -75.73 14.25
CA PRO A 95 164.43 -75.83 13.09
C PRO A 95 165.09 -74.50 12.75
N ALA A 96 166.19 -74.59 12.00
CA ALA A 96 167.13 -73.49 11.87
C ALA A 96 166.46 -72.18 11.46
N GLY A 97 165.85 -72.14 10.29
CA GLY A 97 165.32 -70.91 9.77
C GLY A 97 163.83 -70.73 9.87
N ARG A 98 163.12 -71.63 10.54
CA ARG A 98 161.67 -71.65 10.47
C ARG A 98 161.03 -70.96 11.67
N THR A 99 159.79 -70.51 11.47
CA THR A 99 158.94 -69.98 12.53
C THR A 99 157.83 -70.99 12.78
N GLN A 100 157.74 -71.48 14.01
CA GLN A 100 156.81 -72.57 14.30
C GLN A 100 156.06 -72.37 15.61
N PRO A 101 154.79 -72.77 15.67
CA PRO A 101 154.12 -72.95 16.97
C PRO A 101 154.64 -74.21 17.64
N ILE A 102 155.33 -74.04 18.76
CA ILE A 102 155.98 -75.12 19.50
C ILE A 102 155.18 -75.36 20.77
N THR A 103 154.92 -76.63 21.06
CA THR A 103 154.15 -77.03 22.24
C THR A 103 154.97 -78.00 23.07
N PHE A 104 154.97 -77.80 24.38
CA PHE A 104 155.73 -78.68 25.27
C PHE A 104 155.03 -78.78 26.62
N GLU A 105 155.31 -79.85 27.34
CA GLU A 105 154.67 -80.14 28.61
C GLU A 105 155.58 -79.73 29.76
N VAL A 106 154.99 -79.09 30.77
CA VAL A 106 155.74 -78.66 31.95
C VAL A 106 154.98 -79.07 33.21
N THR A 107 155.72 -79.20 34.31
CA THR A 107 155.18 -79.49 35.62
C THR A 107 155.85 -78.58 36.64
N PRO A 108 155.12 -78.11 37.65
CA PRO A 108 155.72 -77.16 38.59
C PRO A 108 156.78 -77.81 39.47
N ALA A 109 157.86 -77.08 39.72
CA ALA A 109 158.95 -77.58 40.54
C ALA A 109 158.93 -77.01 41.95
N SER A 110 158.56 -75.73 42.10
CA SER A 110 158.61 -75.09 43.40
C SER A 110 157.35 -75.37 44.21
N GLY A 111 156.18 -75.23 43.59
CA GLY A 111 154.93 -75.40 44.29
C GLY A 111 153.78 -75.27 43.34
N LYS A 112 152.59 -75.55 43.87
CA LYS A 112 151.40 -75.64 43.04
C LYS A 112 151.00 -74.26 42.54
N PRO A 113 150.95 -74.02 41.24
CA PRO A 113 150.54 -72.71 40.72
C PRO A 113 149.02 -72.66 40.60
N ASN A 114 148.43 -71.59 41.12
CA ASN A 114 146.98 -71.41 41.06
C ASN A 114 146.60 -70.55 39.86
N PHE A 115 146.71 -71.15 38.68
CA PHE A 115 146.32 -70.46 37.46
C PHE A 115 144.83 -70.17 37.46
N SER A 116 144.46 -69.03 36.89
CA SER A 116 143.08 -68.60 36.84
C SER A 116 142.61 -68.57 35.39
N PRO A 117 141.42 -69.12 35.10
CA PRO A 117 140.94 -69.15 33.71
C PRO A 117 140.93 -67.78 33.05
N GLY A 118 141.58 -67.67 31.89
CA GLY A 118 141.61 -66.45 31.14
C GLY A 118 142.64 -65.43 31.57
N ALA A 119 143.39 -65.71 32.65
CA ALA A 119 144.37 -64.75 33.14
C ALA A 119 145.59 -64.71 32.22
N SER A 120 146.35 -63.62 32.34
CA SER A 120 147.55 -63.40 31.57
C SER A 120 148.76 -63.43 32.51
N TYR A 121 149.78 -64.19 32.14
CA TYR A 121 150.95 -64.39 32.98
C TYR A 121 152.22 -64.10 32.19
N THR A 122 153.17 -63.44 32.83
CA THR A 122 154.47 -63.22 32.23
C THR A 122 155.34 -64.46 32.44
N ALA A 123 156.14 -64.78 31.43
CA ALA A 123 157.04 -65.93 31.50
C ALA A 123 158.34 -65.58 30.80
N THR A 124 159.39 -66.30 31.17
CA THR A 124 160.67 -66.22 30.46
C THR A 124 161.01 -67.60 29.92
N ILE A 125 161.16 -67.70 28.60
CA ILE A 125 161.52 -68.95 27.94
C ILE A 125 163.03 -68.94 27.75
N TYR A 126 163.70 -69.97 28.26
CA TYR A 126 165.15 -70.08 28.17
C TYR A 126 165.48 -71.19 27.18
N PHE A 127 166.26 -70.85 26.17
CA PHE A 127 166.56 -71.77 25.07
C PHE A 127 167.98 -72.28 25.19
N SER A 128 168.27 -73.33 24.42
CA SER A 128 169.56 -74.02 24.56
C SER A 128 170.74 -73.15 24.17
N ASN A 129 170.53 -72.10 23.37
CA ASN A 129 171.63 -71.20 23.05
C ASN A 129 171.92 -70.20 24.14
N GLY A 130 171.39 -70.40 25.34
CA GLY A 130 171.62 -69.47 26.42
C GLY A 130 170.89 -68.15 26.29
N GLN A 131 169.73 -68.15 25.64
CA GLN A 131 168.97 -66.94 25.40
C GLN A 131 167.64 -67.01 26.14
N GLY A 132 167.31 -65.92 26.84
CA GLY A 132 166.03 -65.79 27.51
C GLY A 132 165.12 -64.83 26.74
N ALA A 133 163.85 -65.21 26.63
CA ALA A 133 162.89 -64.43 25.87
C ALA A 133 161.65 -64.18 26.70
N PRO A 134 161.24 -62.93 26.88
CA PRO A 134 159.96 -62.66 27.54
C PRO A 134 158.79 -63.18 26.70
N ALA A 135 157.74 -63.62 27.38
CA ALA A 135 156.54 -64.13 26.72
C ALA A 135 155.35 -63.87 27.61
N THR A 136 154.17 -63.82 26.99
CA THR A 136 152.91 -63.61 27.69
C THR A 136 152.00 -64.79 27.40
N LEU A 137 151.59 -65.51 28.44
CA LEU A 137 150.83 -66.74 28.31
C LEU A 137 149.43 -66.53 28.86
N ILE A 138 148.42 -66.91 28.08
CA ILE A 138 147.03 -66.89 28.52
C ILE A 138 146.67 -68.29 28.98
N TYR A 139 146.04 -68.40 30.15
CA TYR A 139 145.64 -69.69 30.68
C TYR A 139 144.26 -70.02 30.13
N GLN A 140 144.20 -71.01 29.23
CA GLN A 140 142.95 -71.36 28.56
C GLN A 140 142.08 -72.30 29.37
N GLY A 141 142.60 -72.92 30.42
CA GLY A 141 141.81 -73.85 31.22
C GLY A 141 142.60 -75.05 31.69
N LEU B 1 219.64 -68.93 37.22
CA LEU B 1 218.75 -70.01 37.59
C LEU B 1 217.48 -69.47 38.25
N SER B 2 217.59 -68.28 38.85
CA SER B 2 216.47 -67.71 39.58
C SER B 2 215.36 -67.24 38.66
N GLY B 3 215.69 -66.91 37.41
CA GLY B 3 214.69 -66.33 36.52
C GLY B 3 213.51 -67.24 36.28
N ALA B 4 213.75 -68.54 36.09
CA ALA B 4 212.66 -69.47 35.86
C ALA B 4 211.76 -69.57 37.08
N ILE B 5 212.35 -69.60 38.28
CA ILE B 5 211.54 -69.70 39.50
C ILE B 5 210.70 -68.44 39.69
N VAL B 6 211.29 -67.28 39.44
CA VAL B 6 210.54 -66.03 39.55
C VAL B 6 209.39 -66.00 38.55
N ALA B 7 209.64 -66.45 37.32
CA ALA B 7 208.59 -66.49 36.31
C ALA B 7 207.47 -67.44 36.73
N LEU B 8 207.83 -68.60 37.27
CA LEU B 8 206.81 -69.55 37.71
C LEU B 8 205.96 -68.98 38.85
N ILE B 9 206.62 -68.34 39.83
CA ILE B 9 205.89 -67.73 40.92
C ILE B 9 204.92 -66.67 40.40
N LEU B 10 205.39 -65.84 39.47
CA LEU B 10 204.54 -64.78 38.94
C LEU B 10 203.39 -65.34 38.11
N VAL B 11 203.60 -66.43 37.38
CA VAL B 11 202.51 -67.03 36.61
C VAL B 11 201.42 -67.54 37.55
N ILE B 12 201.82 -68.29 38.58
CA ILE B 12 200.82 -68.84 39.50
C ILE B 12 200.10 -67.72 40.24
N ALA B 13 200.85 -66.71 40.69
CA ALA B 13 200.24 -65.58 41.38
C ALA B 13 199.30 -64.81 40.46
N GLY B 14 199.65 -64.70 39.18
CA GLY B 14 198.76 -64.03 38.24
C GLY B 14 197.44 -64.76 38.09
N VAL B 15 197.50 -66.10 37.99
CA VAL B 15 196.27 -66.88 37.95
C VAL B 15 195.42 -66.59 39.20
N ILE B 16 196.06 -66.66 40.37
CA ILE B 16 195.33 -66.48 41.62
C ILE B 16 194.69 -65.09 41.69
N ILE B 17 195.45 -64.06 41.35
CA ILE B 17 194.98 -62.69 41.51
C ILE B 17 193.88 -62.38 40.49
N ALA B 18 194.00 -62.91 39.26
CA ALA B 18 192.95 -62.72 38.29
C ALA B 18 191.64 -63.34 38.78
N ILE B 19 191.72 -64.55 39.34
CA ILE B 19 190.51 -65.17 39.86
C ILE B 19 189.94 -64.35 41.01
N ALA B 20 190.81 -63.81 41.87
CA ALA B 20 190.36 -63.00 43.00
C ALA B 20 189.64 -61.74 42.52
N VAL B 21 190.17 -61.09 41.47
CA VAL B 21 189.51 -59.92 40.91
C VAL B 21 188.14 -60.28 40.37
N VAL B 22 188.06 -61.42 39.67
CA VAL B 22 186.77 -61.87 39.13
C VAL B 22 185.76 -62.05 40.26
N LEU B 23 186.19 -62.66 41.37
CA LEU B 23 185.26 -62.86 42.48
C LEU B 23 184.86 -61.55 43.14
N PHE B 24 185.80 -60.61 43.27
CA PHE B 24 185.48 -59.31 43.86
C PHE B 24 184.43 -58.57 43.05
N ALA B 25 184.53 -58.65 41.72
CA ALA B 25 183.55 -58.00 40.85
C ALA B 25 182.14 -58.39 41.22
N PHE B 26 181.90 -59.69 41.40
CA PHE B 26 180.57 -60.15 41.78
C PHE B 26 180.25 -59.80 43.23
N GLY B 27 181.25 -59.85 44.11
CA GLY B 27 181.03 -59.49 45.49
C GLY B 27 180.54 -58.06 45.68
N LEU B 28 180.78 -57.19 44.70
CA LEU B 28 180.27 -55.82 44.82
C LEU B 28 178.73 -55.72 44.76
N ILE B 29 178.06 -56.51 43.93
CA ILE B 29 176.66 -56.22 43.59
C ILE B 29 175.69 -56.29 44.78
N PRO B 30 175.80 -57.23 45.72
CA PRO B 30 174.81 -57.23 46.81
C PRO B 30 174.85 -55.96 47.65
N GLY B 31 175.99 -55.27 47.69
CA GLY B 31 176.03 -53.96 48.33
C GLY B 31 175.28 -52.90 47.54
N ILE B 32 175.48 -52.89 46.22
CA ILE B 32 174.83 -51.87 45.39
C ILE B 32 173.32 -52.05 45.39
N SER B 33 172.84 -53.28 45.59
CA SER B 33 171.40 -53.50 45.63
C SER B 33 170.73 -52.74 46.76
N ASN B 34 171.50 -52.32 47.78
CA ASN B 34 170.94 -51.55 48.89
C ASN B 34 170.50 -50.16 48.46
N GLN B 35 170.91 -49.70 47.27
CA GLN B 35 170.50 -48.38 46.80
C GLN B 35 168.99 -48.26 46.65
N GLY B 36 168.27 -49.38 46.53
CA GLY B 36 166.84 -49.35 46.38
C GLY B 36 166.10 -50.08 47.47
N SER B 37 166.58 -49.92 48.71
CA SER B 37 165.99 -50.66 49.83
C SER B 37 164.55 -50.22 50.11
N ILE B 38 164.25 -48.94 49.91
CA ILE B 38 163.04 -48.33 50.45
C ILE B 38 162.05 -48.02 49.32
N GLN B 39 160.77 -48.27 49.60
CA GLN B 39 159.67 -47.90 48.72
C GLN B 39 158.65 -47.12 49.52
N VAL B 40 158.22 -45.97 49.01
CA VAL B 40 157.17 -45.18 49.64
C VAL B 40 155.88 -45.45 48.89
N LEU B 41 154.88 -46.01 49.58
CA LEU B 41 153.69 -46.51 48.91
C LEU B 41 152.44 -45.91 49.52
N GLY B 42 151.45 -45.62 48.67
CA GLY B 42 150.25 -44.95 49.09
C GLY B 42 150.41 -43.44 49.10
N SER B 43 149.29 -42.75 49.19
CA SER B 43 149.29 -41.29 49.24
C SER B 43 149.48 -40.82 50.67
N GLY B 44 150.50 -39.97 50.88
CA GLY B 44 150.75 -39.41 52.18
C GLY B 44 149.89 -38.20 52.47
N THR B 45 150.06 -37.65 53.67
CA THR B 45 149.30 -36.48 54.11
C THR B 45 150.22 -35.48 54.80
N ILE B 46 149.97 -34.20 54.54
CA ILE B 46 150.67 -33.09 55.18
C ILE B 46 149.64 -32.24 55.90
N THR B 47 149.91 -31.92 57.16
CA THR B 47 148.94 -31.25 58.02
C THR B 47 149.58 -30.07 58.75
N ASN B 48 148.80 -29.03 58.99
CA ASN B 48 149.28 -27.88 59.74
C ASN B 48 149.45 -28.26 61.20
N SER B 49 150.64 -27.97 61.75
CA SER B 49 150.98 -28.35 63.11
C SER B 49 151.69 -27.23 63.85
N THR B 50 151.38 -25.98 63.51
CA THR B 50 152.18 -24.85 63.94
C THR B 50 151.82 -24.32 65.32
N ALA B 51 150.72 -24.80 65.91
CA ALA B 51 150.26 -24.34 67.23
C ALA B 51 149.90 -22.85 67.21
N SER B 52 148.97 -22.50 66.32
CA SER B 52 148.30 -21.19 66.31
C SER B 52 149.28 -20.03 66.23
N GLY B 53 150.42 -20.22 65.58
CA GLY B 53 151.40 -19.17 65.45
C GLY B 53 152.53 -19.19 66.47
N SER B 54 152.58 -20.23 67.32
CA SER B 54 153.64 -20.34 68.31
C SER B 54 154.91 -21.00 67.76
N SER B 55 154.94 -21.35 66.47
CA SER B 55 156.07 -22.07 65.91
C SER B 55 156.31 -21.60 64.49
N ARG B 56 157.52 -21.88 63.98
CA ARG B 56 157.91 -21.43 62.65
C ARG B 56 157.31 -22.32 61.56
N THR B 57 155.97 -22.33 61.50
CA THR B 57 155.21 -22.99 60.45
C THR B 57 155.66 -24.44 60.25
N ILE B 58 155.44 -25.25 61.28
CA ILE B 58 155.87 -26.64 61.26
C ILE B 58 154.72 -27.52 60.81
N TYR B 59 154.98 -28.35 59.79
CA TYR B 59 153.99 -29.22 59.18
C TYR B 59 154.25 -30.69 59.56
N ASN B 60 153.26 -31.53 59.29
CA ASN B 60 153.28 -32.94 59.66
C ASN B 60 153.25 -33.74 58.36
N ILE B 61 154.30 -34.52 58.10
CA ILE B 61 154.35 -35.40 56.94
C ILE B 61 154.17 -36.83 57.41
N THR B 62 153.11 -37.49 56.93
CA THR B 62 152.85 -38.89 57.20
C THR B 62 152.84 -39.66 55.88
N ILE B 63 153.67 -40.69 55.78
CA ILE B 63 153.76 -41.51 54.58
C ILE B 63 154.03 -42.95 54.99
N THR B 64 153.50 -43.90 54.22
CA THR B 64 153.75 -45.31 54.49
C THR B 64 155.00 -45.75 53.76
N VAL B 65 155.99 -46.24 54.51
CA VAL B 65 157.31 -46.57 53.98
C VAL B 65 157.57 -48.04 54.23
N LYS B 66 158.12 -48.73 53.22
CA LYS B 66 158.47 -50.14 53.28
C LYS B 66 159.97 -50.25 53.06
N ASN B 67 160.64 -50.96 53.97
CA ASN B 67 162.09 -51.13 53.93
C ASN B 67 162.40 -52.60 53.66
N THR B 68 163.07 -52.87 52.55
CA THR B 68 163.46 -54.23 52.18
C THR B 68 164.91 -54.53 52.48
N GLY B 69 165.67 -53.56 52.97
CA GLY B 69 167.05 -53.79 53.31
C GLY B 69 167.21 -54.49 54.65
N THR B 70 168.46 -54.79 54.99
CA THR B 70 168.79 -55.43 56.25
C THR B 70 169.21 -54.46 57.34
N THR B 71 169.18 -53.15 57.05
CA THR B 71 169.61 -52.14 58.01
C THR B 71 168.51 -51.09 58.17
N SER B 72 168.48 -50.48 59.36
CA SER B 72 167.55 -49.39 59.60
C SER B 72 167.98 -48.15 58.83
N ILE B 73 167.03 -47.51 58.16
CA ILE B 73 167.31 -46.42 57.24
C ILE B 73 166.49 -45.20 57.68
N SER B 74 167.09 -44.02 57.59
CA SER B 74 166.51 -42.80 58.14
C SER B 74 166.31 -41.75 57.05
N VAL B 75 165.37 -40.84 57.30
CA VAL B 75 165.07 -39.75 56.39
C VAL B 75 166.08 -38.64 56.64
N THR B 76 166.91 -38.34 55.64
CA THR B 76 167.93 -37.31 55.81
C THR B 76 167.46 -35.92 55.40
N SER B 77 166.64 -35.82 54.35
CA SER B 77 166.15 -34.53 53.90
C SER B 77 164.86 -34.74 53.11
N ILE B 78 164.12 -33.66 52.92
CA ILE B 78 162.86 -33.70 52.18
C ILE B 78 162.72 -32.44 51.34
N ASN B 79 162.21 -32.61 50.13
CA ASN B 79 161.88 -31.52 49.23
C ASN B 79 160.42 -31.65 48.83
N ILE B 80 159.65 -30.60 49.05
CA ILE B 80 158.21 -30.61 48.78
C ILE B 80 157.93 -29.65 47.65
N ASN B 81 157.47 -30.18 46.52
CA ASN B 81 157.05 -29.40 45.37
C ASN B 81 158.14 -28.44 44.91
N GLY B 82 159.38 -28.93 44.91
CA GLY B 82 160.53 -28.14 44.53
C GLY B 82 161.17 -27.32 45.62
N GLN B 83 160.47 -27.11 46.74
CA GLN B 83 161.01 -26.30 47.81
C GLN B 83 161.76 -27.17 48.82
N PRO B 84 162.93 -26.73 49.29
CA PRO B 84 163.64 -27.50 50.32
C PRO B 84 162.91 -27.42 51.66
N PHE B 85 163.07 -28.47 52.46
CA PHE B 85 162.47 -28.51 53.78
C PHE B 85 163.44 -29.14 54.75
N ASN B 86 163.31 -28.80 56.03
CA ASN B 86 164.19 -29.29 57.08
C ASN B 86 163.38 -29.99 58.15
N ILE B 87 163.80 -31.19 58.55
CA ILE B 87 163.11 -31.92 59.59
C ILE B 87 163.34 -31.22 60.93
N ASN B 88 162.26 -31.04 61.71
CA ASN B 88 162.37 -30.27 62.94
C ASN B 88 162.95 -31.08 64.10
N GLY B 89 162.56 -32.35 64.24
CA GLY B 89 163.07 -33.19 65.29
C GLY B 89 164.18 -34.11 64.82
N THR B 90 164.43 -35.15 65.61
CA THR B 90 165.35 -36.20 65.17
C THR B 90 164.73 -36.96 64.00
N ALA B 91 165.59 -37.38 63.07
CA ALA B 91 165.10 -38.03 61.86
C ALA B 91 164.44 -39.36 62.21
N PRO B 92 163.27 -39.65 61.65
CA PRO B 92 162.67 -40.96 61.85
C PRO B 92 163.42 -42.04 61.08
N SER B 93 163.35 -43.27 61.58
CA SER B 93 164.10 -44.38 61.04
C SER B 93 163.18 -45.57 60.82
N ILE B 94 163.33 -46.24 59.68
CA ILE B 94 162.50 -47.37 59.30
C ILE B 94 163.31 -48.64 59.54
N PRO B 95 162.86 -49.55 60.41
CA PRO B 95 163.61 -50.79 60.64
C PRO B 95 163.52 -51.72 59.44
N ALA B 96 164.39 -52.73 59.45
CA ALA B 96 164.47 -53.67 58.34
C ALA B 96 163.19 -54.49 58.21
N GLY B 97 162.81 -54.78 56.98
CA GLY B 97 161.67 -55.62 56.69
C GLY B 97 160.31 -55.02 57.00
N ARG B 98 160.24 -53.86 57.65
CA ARG B 98 158.98 -53.32 58.09
C ARG B 98 158.28 -52.54 56.98
N THR B 99 156.96 -52.47 57.07
CA THR B 99 156.15 -51.52 56.33
C THR B 99 155.31 -50.77 57.35
N GLN B 100 155.55 -49.47 57.50
CA GLN B 100 154.93 -48.75 58.59
C GLN B 100 154.70 -47.30 58.22
N PRO B 101 153.75 -46.62 58.87
CA PRO B 101 153.55 -45.19 58.65
C PRO B 101 154.57 -44.35 59.40
N ILE B 102 155.46 -43.71 58.66
CA ILE B 102 156.39 -42.75 59.23
C ILE B 102 155.68 -41.39 59.32
N THR B 103 155.92 -40.68 60.40
CA THR B 103 155.38 -39.33 60.61
C THR B 103 156.48 -38.45 61.18
N PHE B 104 156.69 -37.30 60.58
CA PHE B 104 157.73 -36.41 61.07
C PHE B 104 157.37 -34.94 60.84
N GLU B 105 157.93 -34.09 61.70
CA GLU B 105 157.72 -32.66 61.64
C GLU B 105 158.71 -32.04 60.66
N VAL B 106 158.26 -30.99 59.96
CA VAL B 106 159.11 -30.36 58.95
C VAL B 106 158.87 -28.85 58.94
N THR B 107 159.89 -28.11 58.51
CA THR B 107 159.94 -26.67 58.44
C THR B 107 160.36 -26.23 57.04
N PRO B 108 159.89 -25.07 56.59
CA PRO B 108 160.42 -24.51 55.34
C PRO B 108 161.87 -24.07 55.53
N ALA B 109 162.73 -24.50 54.61
CA ALA B 109 164.12 -24.07 54.66
C ALA B 109 164.27 -22.60 54.31
N SER B 110 163.42 -22.09 53.41
CA SER B 110 163.41 -20.68 53.07
C SER B 110 162.01 -20.31 52.61
N GLY B 111 161.65 -19.05 52.85
CA GLY B 111 160.33 -18.60 52.44
C GLY B 111 159.23 -19.15 53.32
N LYS B 112 158.00 -19.06 52.79
CA LYS B 112 156.80 -19.50 53.49
C LYS B 112 155.86 -20.09 52.46
N PRO B 113 155.89 -21.41 52.28
CA PRO B 113 155.00 -22.04 51.30
C PRO B 113 153.59 -22.12 51.85
N ASN B 114 152.62 -21.82 50.99
CA ASN B 114 151.21 -21.82 51.34
C ASN B 114 150.53 -22.98 50.64
N PHE B 115 149.77 -23.77 51.39
CA PHE B 115 149.10 -24.94 50.86
C PHE B 115 147.60 -24.73 50.88
N SER B 116 146.92 -25.33 49.89
CA SER B 116 145.47 -25.23 49.81
C SER B 116 144.83 -26.55 50.19
N PRO B 117 143.67 -26.53 50.84
CA PRO B 117 143.04 -27.78 51.28
C PRO B 117 142.74 -28.71 50.12
N GLY B 118 143.08 -29.99 50.31
CA GLY B 118 142.79 -31.01 49.32
C GLY B 118 143.70 -31.05 48.13
N ALA B 119 144.66 -30.13 48.02
CA ALA B 119 145.57 -30.14 46.88
C ALA B 119 146.62 -31.22 47.05
N SER B 120 147.17 -31.66 45.92
CA SER B 120 148.21 -32.69 45.89
C SER B 120 149.56 -32.05 45.63
N TYR B 121 150.52 -32.32 46.50
CA TYR B 121 151.87 -31.78 46.40
C TYR B 121 152.85 -32.93 46.33
N THR B 122 153.73 -32.92 45.34
CA THR B 122 154.73 -33.97 45.23
C THR B 122 155.92 -33.65 46.12
N ALA B 123 156.39 -34.66 46.84
CA ALA B 123 157.53 -34.52 47.72
C ALA B 123 158.52 -35.65 47.47
N THR B 124 159.80 -35.33 47.49
CA THR B 124 160.86 -36.32 47.33
C THR B 124 161.53 -36.51 48.68
N ILE B 125 161.41 -37.72 49.22
CA ILE B 125 162.02 -38.04 50.51
C ILE B 125 163.36 -38.72 50.23
N TYR B 126 164.43 -38.13 50.73
CA TYR B 126 165.77 -38.66 50.55
C TYR B 126 166.15 -39.44 51.80
N PHE B 127 166.40 -40.73 51.62
CA PHE B 127 166.75 -41.60 52.74
C PHE B 127 168.26 -41.78 52.81
N SER B 128 168.72 -42.40 53.91
CA SER B 128 170.14 -42.50 54.17
C SER B 128 170.88 -43.31 53.12
N ASN B 129 170.16 -44.11 52.33
CA ASN B 129 170.80 -44.80 51.21
C ASN B 129 171.21 -43.86 50.09
N GLY B 130 170.80 -42.60 50.15
CA GLY B 130 170.86 -41.73 49.01
C GLY B 130 169.69 -41.90 48.06
N GLN B 131 168.80 -42.84 48.34
CA GLN B 131 167.64 -43.07 47.49
C GLN B 131 166.62 -41.95 47.67
N GLY B 132 166.13 -41.41 46.57
CA GLY B 132 165.11 -40.39 46.62
C GLY B 132 163.79 -40.89 46.11
N ALA B 133 162.83 -41.08 47.03
CA ALA B 133 161.54 -41.62 46.66
C ALA B 133 160.55 -40.49 46.42
N PRO B 134 159.96 -40.39 45.23
CA PRO B 134 158.87 -39.44 45.02
C PRO B 134 157.57 -39.98 45.59
N ALA B 135 156.77 -39.08 46.16
CA ALA B 135 155.50 -39.43 46.77
C ALA B 135 154.55 -38.25 46.63
N THR B 136 153.26 -38.52 46.80
CA THR B 136 152.24 -37.50 46.70
C THR B 136 151.59 -37.30 48.06
N LEU B 137 151.60 -36.06 48.54
CA LEU B 137 151.00 -35.69 49.81
C LEU B 137 149.74 -34.87 49.55
N ILE B 138 148.66 -35.22 50.23
CA ILE B 138 147.42 -34.47 50.16
C ILE B 138 147.32 -33.60 51.41
N TYR B 139 147.19 -32.29 51.20
CA TYR B 139 147.12 -31.37 52.32
C TYR B 139 145.77 -31.50 53.01
N GLN B 140 145.81 -31.58 54.35
CA GLN B 140 144.61 -31.85 55.14
C GLN B 140 144.31 -30.79 56.18
N GLY B 141 145.22 -29.86 56.45
CA GLY B 141 145.04 -28.88 57.50
C GLY B 141 144.08 -27.76 57.19
N LEU C 1 215.92 -62.30 38.75
CA LEU C 1 215.54 -61.13 39.53
C LEU C 1 214.79 -60.12 38.67
N SER C 2 215.05 -60.17 37.36
CA SER C 2 214.49 -59.17 36.45
C SER C 2 212.96 -59.21 36.43
N GLY C 3 212.40 -60.42 36.44
CA GLY C 3 210.96 -60.55 36.30
C GLY C 3 210.18 -59.84 37.38
N ALA C 4 210.62 -59.95 38.63
CA ALA C 4 209.90 -59.32 39.73
C ALA C 4 209.91 -57.81 39.61
N ILE C 5 211.07 -57.23 39.30
CA ILE C 5 211.16 -55.77 39.20
C ILE C 5 210.37 -55.26 37.99
N VAL C 6 210.42 -55.98 36.87
CA VAL C 6 209.65 -55.57 35.70
C VAL C 6 208.16 -55.64 36.00
N ALA C 7 207.72 -56.71 36.68
CA ALA C 7 206.31 -56.82 37.04
C ALA C 7 205.89 -55.69 37.97
N LEU C 8 206.74 -55.34 38.95
CA LEU C 8 206.39 -54.25 39.85
C LEU C 8 206.31 -52.92 39.11
N ILE C 9 207.23 -52.68 38.18
CA ILE C 9 207.20 -51.46 37.38
C ILE C 9 205.90 -51.40 36.58
N LEU C 10 205.51 -52.51 35.97
CA LEU C 10 204.28 -52.52 35.19
C LEU C 10 203.05 -52.37 36.06
N VAL C 11 203.08 -52.90 37.29
CA VAL C 11 201.96 -52.72 38.21
C VAL C 11 201.80 -51.24 38.55
N ILE C 12 202.90 -50.57 38.88
CA ILE C 12 202.82 -49.15 39.24
C ILE C 12 202.36 -48.32 38.04
N ALA C 13 202.91 -48.63 36.86
CA ALA C 13 202.52 -47.89 35.66
C ALA C 13 201.04 -48.11 35.33
N GLY C 14 200.56 -49.34 35.52
CA GLY C 14 199.14 -49.59 35.31
C GLY C 14 198.27 -48.81 36.26
N VAL C 15 198.68 -48.72 37.53
CA VAL C 15 197.96 -47.89 38.49
C VAL C 15 197.90 -46.45 37.99
N ILE C 16 199.05 -45.94 37.54
CA ILE C 16 199.13 -44.55 37.10
C ILE C 16 198.18 -44.30 35.93
N ILE C 17 198.25 -45.16 34.90
CA ILE C 17 197.45 -44.93 33.71
C ILE C 17 195.97 -45.11 33.99
N ALA C 18 195.62 -46.10 34.82
CA ALA C 18 194.22 -46.32 35.16
C ALA C 18 193.65 -45.12 35.91
N ILE C 19 194.41 -44.58 36.88
CA ILE C 19 193.93 -43.41 37.60
C ILE C 19 193.80 -42.22 36.66
N ALA C 20 194.73 -42.09 35.72
CA ALA C 20 194.62 -41.00 34.73
C ALA C 20 193.35 -41.13 33.91
N VAL C 21 193.02 -42.33 33.47
CA VAL C 21 191.79 -42.54 32.70
C VAL C 21 190.55 -42.26 33.55
N VAL C 22 190.58 -42.65 34.82
CA VAL C 22 189.44 -42.38 35.71
C VAL C 22 189.24 -40.87 35.88
N LEU C 23 190.34 -40.14 36.07
CA LEU C 23 190.25 -38.69 36.19
C LEU C 23 189.76 -38.06 34.90
N PHE C 24 190.15 -38.61 33.75
CA PHE C 24 189.63 -38.13 32.47
C PHE C 24 188.12 -38.35 32.38
N ALA C 25 187.65 -39.51 32.82
CA ALA C 25 186.22 -39.78 32.83
C ALA C 25 185.48 -38.78 33.71
N PHE C 26 186.06 -38.48 34.88
CA PHE C 26 185.45 -37.47 35.75
C PHE C 26 185.46 -36.09 35.11
N GLY C 27 186.51 -35.77 34.34
CA GLY C 27 186.57 -34.49 33.67
C GLY C 27 185.66 -34.34 32.48
N LEU C 28 185.20 -35.45 31.89
CA LEU C 28 184.25 -35.34 30.79
C LEU C 28 182.87 -34.89 31.25
N ILE C 29 182.49 -35.15 32.50
CA ILE C 29 181.14 -34.92 33.00
C ILE C 29 180.66 -33.49 32.76
N PRO C 30 181.44 -32.44 33.06
CA PRO C 30 180.92 -31.08 32.85
C PRO C 30 180.51 -30.79 31.42
N GLY C 31 181.23 -31.33 30.43
CA GLY C 31 180.87 -31.07 29.04
C GLY C 31 179.56 -31.74 28.64
N ILE C 32 179.35 -32.99 29.08
CA ILE C 32 178.16 -33.72 28.68
C ILE C 32 176.97 -33.33 29.56
N SER C 33 177.20 -33.15 30.86
CA SER C 33 176.12 -32.82 31.79
C SER C 33 175.85 -31.33 31.69
N ASN C 34 174.90 -30.98 30.84
CA ASN C 34 174.55 -29.58 30.57
C ASN C 34 173.02 -29.50 30.56
N GLN C 35 172.44 -29.23 31.72
CA GLN C 35 171.00 -29.01 31.79
C GLN C 35 170.66 -27.62 31.28
N GLY C 36 169.36 -27.35 31.19
CA GLY C 36 168.92 -26.09 30.63
C GLY C 36 168.70 -26.22 29.13
N SER C 37 167.67 -25.55 28.64
CA SER C 37 167.29 -25.69 27.23
C SER C 37 166.52 -24.45 26.83
N ILE C 38 166.38 -24.27 25.53
CA ILE C 38 165.48 -23.26 25.00
C ILE C 38 164.08 -23.85 24.91
N GLN C 39 163.13 -23.18 25.55
CA GLN C 39 161.74 -23.62 25.60
C GLN C 39 160.88 -22.64 24.84
N VAL C 40 160.03 -23.15 23.96
CA VAL C 40 159.12 -22.31 23.17
C VAL C 40 157.77 -22.33 23.85
N LEU C 41 157.29 -21.15 24.24
CA LEU C 41 156.10 -21.01 25.06
C LEU C 41 154.95 -20.48 24.19
N GLY C 42 153.85 -21.20 24.17
CA GLY C 42 152.67 -20.76 23.46
C GLY C 42 152.82 -20.86 21.95
N SER C 43 151.78 -20.43 21.26
CA SER C 43 151.76 -20.46 19.80
C SER C 43 152.47 -19.24 19.24
N GLY C 44 153.25 -19.46 18.17
CA GLY C 44 153.84 -18.38 17.43
C GLY C 44 152.99 -17.99 16.23
N THR C 45 153.49 -17.03 15.46
CA THR C 45 152.77 -16.51 14.31
C THR C 45 153.66 -16.42 13.08
N ILE C 46 153.08 -16.73 11.92
CA ILE C 46 153.71 -16.54 10.62
C ILE C 46 152.96 -15.44 9.90
N THR C 47 153.69 -14.44 9.40
CA THR C 47 153.10 -13.32 8.69
C THR C 47 153.81 -13.15 7.35
N ASN C 48 153.06 -12.83 6.30
CA ASN C 48 153.65 -12.69 4.98
C ASN C 48 154.40 -11.38 4.87
N SER C 49 155.72 -11.45 4.72
CA SER C 49 156.56 -10.26 4.60
C SER C 49 156.91 -9.91 3.16
N THR C 50 156.61 -10.79 2.20
CA THR C 50 156.91 -10.51 0.80
C THR C 50 156.18 -9.26 0.34
N ALA C 51 156.89 -8.40 -0.36
CA ALA C 51 156.32 -7.11 -0.76
C ALA C 51 156.90 -6.68 -2.10
N SER C 52 156.24 -5.71 -2.72
CA SER C 52 156.70 -5.02 -3.92
C SER C 52 156.85 -5.95 -5.12
N GLY C 53 156.22 -7.12 -5.09
CA GLY C 53 156.33 -8.04 -6.20
C GLY C 53 157.71 -8.61 -6.42
N SER C 54 158.58 -8.55 -5.41
CA SER C 54 159.91 -9.14 -5.54
C SER C 54 159.80 -10.65 -5.64
N SER C 55 160.83 -11.26 -6.23
CA SER C 55 160.74 -12.66 -6.64
C SER C 55 160.75 -13.62 -5.46
N ARG C 56 161.33 -13.22 -4.33
CA ARG C 56 161.60 -14.15 -3.24
C ARG C 56 160.59 -13.93 -2.10
N THR C 57 159.97 -15.03 -1.66
CA THR C 57 158.99 -14.96 -0.58
C THR C 57 159.69 -15.02 0.77
N ILE C 58 159.33 -14.09 1.66
CA ILE C 58 159.90 -14.02 2.99
C ILE C 58 158.74 -13.94 4.00
N TYR C 59 158.90 -14.63 5.12
CA TYR C 59 157.87 -14.69 6.16
C TYR C 59 158.45 -14.30 7.50
N ASN C 60 157.70 -13.51 8.25
CA ASN C 60 158.01 -13.20 9.64
C ASN C 60 157.53 -14.34 10.51
N ILE C 61 158.38 -14.78 11.43
CA ILE C 61 158.01 -15.78 12.43
C ILE C 61 158.28 -15.18 13.80
N THR C 62 157.24 -15.16 14.64
CA THR C 62 157.33 -14.63 15.99
C THR C 62 156.98 -15.73 16.97
N ILE C 63 157.87 -15.96 17.96
CA ILE C 63 157.69 -17.00 18.95
C ILE C 63 158.20 -16.49 20.30
N THR C 64 157.55 -16.93 21.37
CA THR C 64 158.03 -16.61 22.71
C THR C 64 159.02 -17.68 23.16
N VAL C 65 160.22 -17.25 23.53
CA VAL C 65 161.35 -18.14 23.75
C VAL C 65 161.94 -17.87 25.13
N LYS C 66 162.18 -18.93 25.89
CA LYS C 66 162.75 -18.83 27.23
C LYS C 66 164.01 -19.68 27.27
N ASN C 67 165.15 -19.04 27.50
CA ASN C 67 166.44 -19.74 27.55
C ASN C 67 166.70 -20.08 29.02
N THR C 68 166.54 -21.36 29.36
CA THR C 68 166.77 -21.79 30.73
C THR C 68 168.24 -22.08 31.04
N GLY C 69 169.11 -22.06 30.03
CA GLY C 69 170.50 -22.37 30.22
C GLY C 69 171.31 -21.15 30.65
N THR C 70 172.63 -21.36 30.75
CA THR C 70 173.56 -20.33 31.14
C THR C 70 174.38 -19.80 29.96
N THR C 71 174.01 -20.14 28.73
CA THR C 71 174.77 -19.77 27.56
C THR C 71 173.86 -19.16 26.50
N SER C 72 174.42 -18.23 25.73
CA SER C 72 173.67 -17.61 24.64
C SER C 72 173.47 -18.60 23.50
N ILE C 73 172.24 -18.66 22.98
CA ILE C 73 171.86 -19.63 21.97
C ILE C 73 171.13 -18.92 20.83
N SER C 74 171.35 -19.40 19.61
CA SER C 74 170.76 -18.82 18.42
C SER C 74 170.04 -19.89 17.62
N VAL C 75 169.07 -19.45 16.80
CA VAL C 75 168.37 -20.35 15.89
C VAL C 75 169.26 -20.66 14.70
N THR C 76 169.07 -21.84 14.11
CA THR C 76 169.88 -22.24 12.96
C THR C 76 169.00 -22.61 11.77
N SER C 77 167.80 -23.12 12.04
CA SER C 77 166.89 -23.52 10.97
C SER C 77 165.50 -23.69 11.56
N ILE C 78 164.51 -23.74 10.67
CA ILE C 78 163.14 -24.06 11.05
C ILE C 78 162.53 -24.93 9.97
N ASN C 79 161.70 -25.87 10.39
CA ASN C 79 160.94 -26.73 9.48
C ASN C 79 159.45 -26.51 9.76
N ILE C 80 158.71 -26.06 8.76
CA ILE C 80 157.30 -25.75 8.91
C ILE C 80 156.50 -26.64 7.98
N ASN C 81 155.56 -27.40 8.54
CA ASN C 81 154.65 -28.25 7.77
C ASN C 81 155.41 -29.26 6.92
N GLY C 82 156.55 -29.73 7.40
CA GLY C 82 157.39 -30.66 6.68
C GLY C 82 158.33 -30.04 5.68
N GLN C 83 158.30 -28.72 5.51
CA GLN C 83 159.12 -28.03 4.53
C GLN C 83 160.25 -27.28 5.23
N PRO C 84 161.49 -27.41 4.79
CA PRO C 84 162.58 -26.66 5.43
C PRO C 84 162.61 -25.22 4.98
N PHE C 85 162.98 -24.33 5.91
CA PHE C 85 163.10 -22.91 5.64
C PHE C 85 164.46 -22.42 6.09
N ASN C 86 164.98 -21.41 5.41
CA ASN C 86 166.27 -20.82 5.72
C ASN C 86 166.07 -19.51 6.47
N ILE C 87 166.82 -19.33 7.55
CA ILE C 87 166.69 -18.13 8.38
C ILE C 87 167.41 -16.97 7.70
N ASN C 88 166.68 -16.17 6.93
CA ASN C 88 167.25 -15.00 6.30
C ASN C 88 167.85 -14.08 7.34
N GLY C 89 169.04 -13.56 7.04
CA GLY C 89 169.68 -12.56 7.86
C GLY C 89 170.39 -13.12 9.06
N THR C 90 170.96 -12.19 9.84
CA THR C 90 171.59 -12.55 11.10
C THR C 90 170.58 -13.19 12.03
N ALA C 91 170.82 -14.46 12.36
CA ALA C 91 169.88 -15.21 13.15
C ALA C 91 169.78 -14.62 14.56
N PRO C 92 168.59 -14.55 15.15
CA PRO C 92 168.46 -14.00 16.50
C PRO C 92 169.18 -14.86 17.53
N SER C 93 169.72 -14.19 18.54
CA SER C 93 170.38 -14.85 19.67
C SER C 93 169.54 -14.63 20.92
N ILE C 94 169.33 -15.69 21.69
CA ILE C 94 168.49 -15.66 22.87
C ILE C 94 169.41 -15.64 24.10
N PRO C 95 169.45 -14.56 24.86
CA PRO C 95 170.36 -14.48 26.01
C PRO C 95 169.98 -15.46 27.11
N ALA C 96 170.97 -15.79 27.94
CA ALA C 96 170.78 -16.77 28.99
C ALA C 96 169.79 -16.28 30.03
N GLY C 97 168.96 -17.21 30.52
CA GLY C 97 168.05 -16.92 31.60
C GLY C 97 166.94 -15.95 31.29
N ARG C 98 166.69 -15.65 30.02
CA ARG C 98 165.78 -14.59 29.62
C ARG C 98 164.63 -15.15 28.79
N THR C 99 163.44 -14.60 29.03
CA THR C 99 162.26 -14.89 28.22
C THR C 99 161.97 -13.68 27.34
N GLN C 100 161.90 -13.91 26.02
CA GLN C 100 161.79 -12.84 25.05
C GLN C 100 160.83 -13.22 23.94
N PRO C 101 160.13 -12.25 23.36
CA PRO C 101 159.53 -12.45 22.03
C PRO C 101 160.61 -12.34 20.97
N ILE C 102 160.82 -13.43 20.23
CA ILE C 102 161.85 -13.52 19.20
C ILE C 102 161.16 -13.53 17.85
N THR C 103 161.58 -12.62 16.97
CA THR C 103 161.02 -12.50 15.63
C THR C 103 162.15 -12.58 14.62
N PHE C 104 161.96 -13.40 13.60
CA PHE C 104 162.97 -13.54 12.57
C PHE C 104 162.32 -13.80 11.22
N GLU C 105 163.00 -13.39 10.16
CA GLU C 105 162.53 -13.59 8.80
C GLU C 105 163.11 -14.88 8.23
N VAL C 106 162.28 -15.58 7.46
CA VAL C 106 162.61 -16.91 6.93
C VAL C 106 162.16 -17.01 5.49
N THR C 107 162.85 -17.85 4.72
CA THR C 107 162.53 -18.08 3.33
C THR C 107 162.48 -19.57 3.06
N PRO C 108 161.62 -20.01 2.14
CA PRO C 108 161.54 -21.44 1.81
C PRO C 108 162.83 -21.91 1.16
N ALA C 109 163.37 -23.02 1.66
CA ALA C 109 164.57 -23.60 1.06
C ALA C 109 164.27 -24.19 -0.31
N SER C 110 163.06 -24.70 -0.51
CA SER C 110 162.65 -25.22 -1.80
C SER C 110 161.13 -25.15 -1.91
N GLY C 111 160.65 -25.13 -3.15
CA GLY C 111 159.22 -25.11 -3.38
C GLY C 111 158.57 -23.82 -2.90
N LYS C 112 157.28 -23.90 -2.59
CA LYS C 112 156.53 -22.76 -2.10
C LYS C 112 155.51 -23.21 -1.06
N PRO C 113 155.32 -22.42 -0.01
CA PRO C 113 154.35 -22.80 1.04
C PRO C 113 152.92 -22.65 0.55
N ASN C 114 152.02 -23.35 1.25
CA ASN C 114 150.59 -23.33 0.97
C ASN C 114 149.78 -22.82 2.16
N PHE C 115 150.32 -21.86 2.89
CA PHE C 115 149.70 -21.41 4.13
C PHE C 115 148.30 -20.85 3.87
N SER C 116 147.41 -21.09 4.83
CA SER C 116 146.04 -20.60 4.77
C SER C 116 145.78 -19.72 6.00
N PRO C 117 145.05 -18.63 5.84
CA PRO C 117 144.81 -17.74 6.98
C PRO C 117 144.10 -18.45 8.13
N GLY C 118 144.62 -18.26 9.34
CA GLY C 118 144.05 -18.85 10.53
C GLY C 118 144.45 -20.29 10.79
N ALA C 119 145.11 -20.94 9.84
CA ALA C 119 145.51 -22.33 10.04
C ALA C 119 146.69 -22.42 10.99
N SER C 120 146.78 -23.54 11.68
CA SER C 120 147.86 -23.81 12.63
C SER C 120 148.76 -24.90 12.06
N TYR C 121 150.06 -24.61 11.97
CA TYR C 121 151.04 -25.50 11.37
C TYR C 121 152.08 -25.90 12.40
N THR C 122 152.35 -27.19 12.50
CA THR C 122 153.40 -27.67 13.38
C THR C 122 154.76 -27.40 12.77
N ALA C 123 155.65 -26.82 13.55
CA ALA C 123 156.99 -26.48 13.10
C ALA C 123 158.00 -26.98 14.13
N THR C 124 159.26 -27.02 13.71
CA THR C 124 160.37 -27.39 14.58
C THR C 124 161.48 -26.37 14.40
N ILE C 125 161.88 -25.72 15.49
CA ILE C 125 162.93 -24.72 15.46
C ILE C 125 164.19 -25.34 16.02
N TYR C 126 165.28 -25.28 15.25
CA TYR C 126 166.53 -25.92 15.62
C TYR C 126 167.52 -24.87 16.09
N PHE C 127 168.10 -25.09 17.26
CA PHE C 127 168.97 -24.12 17.90
C PHE C 127 170.41 -24.60 17.87
N SER C 128 171.32 -23.71 18.28
CA SER C 128 172.75 -23.95 18.11
C SER C 128 173.25 -25.16 18.88
N ASN C 129 172.55 -25.58 19.94
CA ASN C 129 172.90 -26.83 20.60
C ASN C 129 172.61 -28.05 19.75
N GLY C 130 171.87 -27.89 18.66
CA GLY C 130 171.33 -29.01 17.94
C GLY C 130 169.98 -29.48 18.43
N GLN C 131 169.57 -29.04 19.62
CA GLN C 131 168.25 -29.36 20.13
C GLN C 131 167.19 -28.65 19.28
N GLY C 132 166.05 -29.31 19.15
CA GLY C 132 164.96 -28.79 18.34
C GLY C 132 163.65 -28.74 19.08
N ALA C 133 163.06 -27.56 19.19
CA ALA C 133 161.81 -27.39 19.91
C ALA C 133 160.63 -27.46 18.94
N PRO C 134 159.69 -28.38 19.13
CA PRO C 134 158.44 -28.32 18.37
C PRO C 134 157.58 -27.16 18.84
N ALA C 135 156.88 -26.54 17.90
CA ALA C 135 156.04 -25.39 18.16
C ALA C 135 154.86 -25.40 17.21
N THR C 136 153.86 -24.60 17.53
CA THR C 136 152.70 -24.42 16.67
C THR C 136 152.65 -22.96 16.23
N LEU C 137 152.59 -22.75 14.92
CA LEU C 137 152.59 -21.41 14.34
C LEU C 137 151.27 -21.17 13.62
N ILE C 138 150.61 -20.07 13.94
CA ILE C 138 149.35 -19.69 13.30
C ILE C 138 149.66 -18.69 12.19
N TYR C 139 149.13 -18.93 11.01
CA TYR C 139 149.36 -18.05 9.87
C TYR C 139 148.36 -16.90 9.93
N GLN C 140 148.87 -15.68 10.08
CA GLN C 140 148.02 -14.50 10.25
C GLN C 140 147.80 -13.74 8.95
N GLY C 141 148.47 -14.12 7.86
CA GLY C 141 148.32 -13.41 6.60
C GLY C 141 149.22 -12.21 6.48
N LEU D 1 212.84 -59.75 31.17
CA LEU D 1 212.63 -58.87 30.05
C LEU D 1 211.31 -59.16 29.35
N SER D 2 210.75 -60.34 29.63
CA SER D 2 209.57 -60.82 28.90
C SER D 2 208.35 -59.94 29.15
N GLY D 3 208.16 -59.49 30.40
CA GLY D 3 206.93 -58.81 30.76
C GLY D 3 206.67 -57.57 29.95
N ALA D 4 207.70 -56.78 29.67
CA ALA D 4 207.53 -55.56 28.90
C ALA D 4 207.10 -55.87 27.47
N ILE D 5 207.69 -56.90 26.86
CA ILE D 5 207.30 -57.28 25.50
C ILE D 5 205.85 -57.74 25.47
N VAL D 6 205.45 -58.54 26.46
CA VAL D 6 204.07 -59.00 26.52
C VAL D 6 203.12 -57.82 26.68
N ALA D 7 203.50 -56.86 27.53
CA ALA D 7 202.67 -55.67 27.74
C ALA D 7 202.53 -54.86 26.46
N LEU D 8 203.62 -54.70 25.72
CA LEU D 8 203.55 -53.96 24.45
C LEU D 8 202.60 -54.64 23.47
N ILE D 9 202.72 -55.96 23.33
CA ILE D 9 201.84 -56.71 22.43
C ILE D 9 200.39 -56.49 22.83
N LEU D 10 200.10 -56.62 24.14
CA LEU D 10 198.72 -56.52 24.60
C LEU D 10 198.18 -55.10 24.45
N VAL D 11 199.02 -54.08 24.63
CA VAL D 11 198.56 -52.70 24.45
C VAL D 11 198.12 -52.46 23.02
N ILE D 12 198.97 -52.87 22.06
CA ILE D 12 198.61 -52.65 20.66
C ILE D 12 197.34 -53.44 20.30
N ALA D 13 197.25 -54.68 20.76
CA ALA D 13 196.06 -55.49 20.46
C ALA D 13 194.80 -54.88 21.07
N GLY D 14 194.91 -54.34 22.29
CA GLY D 14 193.76 -53.70 22.89
C GLY D 14 193.28 -52.51 22.11
N VAL D 15 194.22 -51.68 21.62
CA VAL D 15 193.83 -50.56 20.76
C VAL D 15 193.06 -51.07 19.55
N ILE D 16 193.59 -52.10 18.89
CA ILE D 16 192.96 -52.60 17.67
C ILE D 16 191.54 -53.09 17.95
N ILE D 17 191.39 -53.91 18.99
CA ILE D 17 190.09 -54.53 19.24
C ILE D 17 189.07 -53.49 19.69
N ALA D 18 189.49 -52.51 20.50
CA ALA D 18 188.58 -51.46 20.92
C ALA D 18 188.06 -50.66 19.72
N ILE D 19 188.97 -50.31 18.80
CA ILE D 19 188.53 -49.56 17.63
C ILE D 19 187.57 -50.41 16.78
N ALA D 20 187.86 -51.71 16.66
CA ALA D 20 186.97 -52.59 15.91
C ALA D 20 185.57 -52.64 16.52
N VAL D 21 185.50 -52.71 17.86
CA VAL D 21 184.20 -52.76 18.53
C VAL D 21 183.44 -51.46 18.31
N VAL D 22 184.14 -50.32 18.37
CA VAL D 22 183.48 -49.03 18.15
C VAL D 22 182.90 -48.97 16.74
N LEU D 23 183.69 -49.41 15.75
CA LEU D 23 183.20 -49.39 14.37
C LEU D 23 182.04 -50.35 14.18
N PHE D 24 182.03 -51.49 14.87
CA PHE D 24 180.88 -52.38 14.80
C PHE D 24 179.64 -51.72 15.39
N ALA D 25 179.79 -51.00 16.50
CA ALA D 25 178.67 -50.29 17.10
C ALA D 25 178.10 -49.28 16.12
N PHE D 26 178.97 -48.57 15.39
CA PHE D 26 178.48 -47.64 14.38
C PHE D 26 177.83 -48.37 13.20
N GLY D 27 178.35 -49.55 12.85
CA GLY D 27 177.81 -50.27 11.71
C GLY D 27 176.49 -50.95 11.96
N LEU D 28 176.13 -51.17 13.23
CA LEU D 28 174.85 -51.79 13.53
C LEU D 28 173.66 -50.93 13.11
N ILE D 29 173.83 -49.61 13.06
CA ILE D 29 172.69 -48.70 12.95
C ILE D 29 171.82 -48.96 11.73
N PRO D 30 172.36 -49.15 10.52
CA PRO D 30 171.48 -49.29 9.35
C PRO D 30 170.48 -50.44 9.43
N GLY D 31 170.80 -51.50 10.19
CA GLY D 31 169.88 -52.62 10.28
C GLY D 31 168.62 -52.33 11.06
N ILE D 32 168.65 -51.30 11.92
CA ILE D 32 167.49 -51.01 12.76
C ILE D 32 166.33 -50.48 11.93
N SER D 33 166.63 -49.76 10.85
CA SER D 33 165.58 -49.11 10.05
C SER D 33 164.58 -50.11 9.50
N ASN D 34 165.05 -51.31 9.14
CA ASN D 34 164.18 -52.29 8.49
C ASN D 34 163.13 -52.87 9.42
N GLN D 35 163.21 -52.58 10.72
CA GLN D 35 162.25 -53.12 11.67
C GLN D 35 160.87 -52.48 11.56
N GLY D 36 160.72 -51.41 10.79
CA GLY D 36 159.44 -50.75 10.67
C GLY D 36 158.93 -50.63 9.25
N SER D 37 159.29 -51.59 8.40
CA SER D 37 159.03 -51.45 6.97
C SER D 37 157.55 -51.56 6.63
N ILE D 38 156.80 -52.39 7.35
CA ILE D 38 155.44 -52.76 6.96
C ILE D 38 154.43 -52.16 7.92
N GLN D 39 153.27 -51.78 7.37
CA GLN D 39 152.12 -51.40 8.18
C GLN D 39 150.85 -51.98 7.58
N VAL D 40 149.99 -52.52 8.45
CA VAL D 40 148.71 -53.07 8.01
C VAL D 40 147.67 -51.96 7.99
N LEU D 41 146.91 -51.89 6.90
CA LEU D 41 145.93 -50.84 6.69
C LEU D 41 144.53 -51.40 6.82
N GLY D 42 143.73 -50.80 7.70
CA GLY D 42 142.32 -51.11 7.78
C GLY D 42 142.05 -52.51 8.30
N SER D 43 140.78 -52.89 8.23
CA SER D 43 140.33 -54.19 8.68
C SER D 43 140.68 -55.26 7.65
N GLY D 44 140.66 -56.52 8.11
CA GLY D 44 140.81 -57.66 7.25
C GLY D 44 139.63 -58.61 7.42
N THR D 45 139.68 -59.71 6.68
CA THR D 45 138.59 -60.66 6.65
C THR D 45 139.09 -62.08 6.85
N ILE D 46 138.40 -62.83 7.72
CA ILE D 46 138.60 -64.27 7.87
C ILE D 46 137.44 -64.99 7.19
N THR D 47 137.74 -66.09 6.52
CA THR D 47 136.72 -66.89 5.84
C THR D 47 137.04 -68.37 6.03
N ASN D 48 135.98 -69.17 6.13
CA ASN D 48 136.10 -70.61 6.32
C ASN D 48 136.30 -71.30 4.98
N SER D 49 137.35 -72.10 4.87
CA SER D 49 137.79 -72.64 3.58
C SER D 49 138.16 -74.13 3.67
N THR D 50 137.29 -74.92 4.30
CA THR D 50 137.56 -76.34 4.46
C THR D 50 136.35 -77.16 4.03
N ALA D 51 136.62 -78.34 3.48
CA ALA D 51 135.59 -79.20 2.92
C ALA D 51 135.05 -80.17 3.97
N SER D 52 133.96 -80.85 3.61
CA SER D 52 133.32 -81.81 4.51
C SER D 52 134.25 -82.99 4.77
N GLY D 53 134.37 -83.38 6.03
CA GLY D 53 135.20 -84.50 6.40
C GLY D 53 136.68 -84.25 6.32
N SER D 54 137.10 -82.99 6.15
CA SER D 54 138.52 -82.68 6.04
C SER D 54 139.24 -82.96 7.35
N SER D 55 140.56 -83.12 7.26
CA SER D 55 141.35 -83.35 8.46
C SER D 55 141.47 -82.10 9.31
N ARG D 56 141.30 -80.92 8.71
CA ARG D 56 141.62 -79.68 9.39
C ARG D 56 140.75 -78.55 8.88
N THR D 57 140.45 -77.61 9.77
CA THR D 57 139.85 -76.36 9.36
C THR D 57 140.94 -75.44 8.82
N ILE D 58 140.64 -74.75 7.73
CA ILE D 58 141.56 -73.77 7.20
C ILE D 58 140.80 -72.50 6.87
N TYR D 59 141.36 -71.36 7.26
CA TYR D 59 140.73 -70.05 7.12
C TYR D 59 141.57 -69.19 6.18
N ASN D 60 140.91 -68.61 5.18
CA ASN D 60 141.53 -67.61 4.34
C ASN D 60 141.49 -66.26 5.05
N ILE D 61 142.64 -65.61 5.18
CA ILE D 61 142.74 -64.31 5.82
C ILE D 61 143.24 -63.32 4.80
N THR D 62 142.49 -62.25 4.60
CA THR D 62 142.84 -61.17 3.68
C THR D 62 143.07 -59.90 4.47
N ILE D 63 144.22 -59.27 4.28
CA ILE D 63 144.56 -58.02 4.92
C ILE D 63 145.29 -57.13 3.93
N THR D 64 145.01 -55.83 3.96
CA THR D 64 145.77 -54.89 3.15
C THR D 64 147.04 -54.52 3.89
N VAL D 65 148.19 -54.70 3.23
CA VAL D 65 149.47 -54.41 3.86
C VAL D 65 150.27 -53.48 2.94
N LYS D 66 151.00 -52.55 3.55
CA LYS D 66 151.83 -51.60 2.84
C LYS D 66 153.28 -51.79 3.25
N ASN D 67 154.15 -51.99 2.26
CA ASN D 67 155.57 -52.19 2.47
C ASN D 67 156.33 -50.95 2.03
N THR D 68 157.22 -50.47 2.89
CA THR D 68 157.99 -49.25 2.61
C THR D 68 159.47 -49.50 2.43
N GLY D 69 159.95 -50.73 2.61
CA GLY D 69 161.36 -51.01 2.48
C GLY D 69 161.78 -51.33 1.05
N THR D 70 163.08 -51.57 0.88
CA THR D 70 163.64 -51.92 -0.42
C THR D 70 163.42 -53.39 -0.76
N THR D 71 163.07 -54.22 0.23
CA THR D 71 163.05 -55.67 0.05
C THR D 71 161.65 -56.22 0.27
N SER D 72 161.36 -57.33 -0.40
CA SER D 72 160.09 -58.02 -0.23
C SER D 72 160.04 -58.73 1.12
N ILE D 73 158.90 -58.64 1.80
CA ILE D 73 158.73 -59.21 3.12
C ILE D 73 157.51 -60.10 3.10
N SER D 74 157.54 -61.17 3.90
CA SER D 74 156.49 -62.17 3.93
C SER D 74 155.97 -62.38 5.35
N VAL D 75 154.76 -62.91 5.44
CA VAL D 75 154.18 -63.26 6.73
C VAL D 75 154.84 -64.54 7.25
N THR D 76 155.01 -64.61 8.57
CA THR D 76 155.57 -65.81 9.19
C THR D 76 154.64 -66.45 10.20
N SER D 77 153.84 -65.67 10.92
CA SER D 77 152.88 -66.23 11.87
C SER D 77 151.77 -65.21 12.10
N ILE D 78 150.62 -65.71 12.50
CA ILE D 78 149.50 -64.87 12.89
C ILE D 78 148.93 -65.42 14.20
N ASN D 79 148.50 -64.51 15.07
CA ASN D 79 147.94 -64.88 16.36
C ASN D 79 146.62 -64.14 16.51
N ILE D 80 145.51 -64.88 16.49
CA ILE D 80 144.17 -64.32 16.43
C ILE D 80 143.45 -64.63 17.73
N ASN D 81 142.92 -63.58 18.37
CA ASN D 81 142.10 -63.73 19.57
C ASN D 81 142.85 -64.45 20.69
N GLY D 82 144.18 -64.39 20.66
CA GLY D 82 145.03 -65.04 21.63
C GLY D 82 145.59 -66.37 21.18
N GLN D 83 144.93 -67.04 20.24
CA GLN D 83 145.37 -68.34 19.77
C GLN D 83 146.35 -68.21 18.62
N PRO D 84 147.46 -68.94 18.65
CA PRO D 84 148.40 -68.91 17.52
C PRO D 84 147.93 -69.80 16.38
N PHE D 85 148.16 -69.34 15.15
CA PHE D 85 147.76 -70.07 13.96
C PHE D 85 148.99 -70.36 13.11
N ASN D 86 148.93 -71.47 12.38
CA ASN D 86 150.02 -71.93 11.53
C ASN D 86 149.66 -71.64 10.07
N ILE D 87 150.56 -71.03 9.34
CA ILE D 87 150.28 -70.62 7.97
C ILE D 87 150.48 -71.83 7.03
N ASN D 88 149.40 -72.33 6.40
CA ASN D 88 149.59 -73.22 5.23
C ASN D 88 150.17 -72.61 3.99
N GLY D 89 150.95 -73.45 3.32
CA GLY D 89 151.51 -73.25 2.02
C GLY D 89 152.65 -72.26 2.04
N THR D 90 153.01 -71.82 0.83
CA THR D 90 154.06 -70.83 0.67
C THR D 90 153.54 -69.45 1.07
N ALA D 91 154.20 -68.83 2.04
CA ALA D 91 153.72 -67.56 2.56
C ALA D 91 153.80 -66.48 1.48
N PRO D 92 152.79 -65.62 1.38
CA PRO D 92 152.82 -64.58 0.34
C PRO D 92 153.91 -63.56 0.60
N SER D 93 154.47 -63.02 -0.48
CA SER D 93 155.50 -62.00 -0.40
C SER D 93 154.93 -60.64 -0.76
N ILE D 94 155.35 -59.62 -0.03
CA ILE D 94 154.84 -58.26 -0.23
C ILE D 94 155.90 -57.44 -0.98
N PRO D 95 155.61 -57.00 -2.20
CA PRO D 95 156.63 -56.29 -2.99
C PRO D 95 157.11 -55.03 -2.30
N ALA D 96 158.30 -54.58 -2.69
CA ALA D 96 159.07 -53.60 -1.93
C ALA D 96 158.25 -52.35 -1.59
N GLY D 97 157.81 -51.62 -2.61
CA GLY D 97 157.15 -50.35 -2.38
C GLY D 97 155.65 -50.34 -2.51
N ARG D 98 155.02 -51.49 -2.69
CA ARG D 98 153.62 -51.54 -3.06
C ARG D 98 152.71 -51.76 -1.86
N THR D 99 151.46 -51.33 -2.01
CA THR D 99 150.40 -51.59 -1.05
C THR D 99 149.43 -52.59 -1.68
N GLN D 100 149.25 -53.74 -1.04
CA GLN D 100 148.48 -54.81 -1.66
C GLN D 100 147.53 -55.49 -0.68
N PRO D 101 146.35 -55.90 -1.15
CA PRO D 101 145.55 -56.87 -0.40
C PRO D 101 146.15 -58.26 -0.52
N ILE D 102 146.63 -58.79 0.60
CA ILE D 102 147.32 -60.07 0.66
C ILE D 102 146.41 -61.09 1.33
N THR D 103 146.33 -62.27 0.74
CA THR D 103 145.48 -63.34 1.25
C THR D 103 146.33 -64.58 1.48
N PHE D 104 146.11 -65.23 2.61
CA PHE D 104 146.86 -66.44 2.94
C PHE D 104 146.00 -67.36 3.79
N GLU D 105 146.35 -68.64 3.75
CA GLU D 105 145.61 -69.71 4.41
C GLU D 105 146.27 -70.08 5.74
N VAL D 106 145.46 -70.19 6.78
CA VAL D 106 145.96 -70.53 8.12
C VAL D 106 145.12 -71.65 8.71
N THR D 107 145.73 -72.41 9.63
CA THR D 107 145.05 -73.47 10.35
C THR D 107 145.40 -73.37 11.82
N PRO D 108 144.45 -73.64 12.72
CA PRO D 108 144.73 -73.47 14.16
C PRO D 108 145.73 -74.48 14.67
N ALA D 109 146.64 -74.01 15.52
CA ALA D 109 147.67 -74.87 16.10
C ALA D 109 147.35 -75.28 17.53
N SER D 110 146.75 -74.39 18.32
CA SER D 110 146.49 -74.69 19.73
C SER D 110 145.20 -75.48 19.89
N GLY D 111 144.13 -75.07 19.21
CA GLY D 111 142.85 -75.74 19.34
C GLY D 111 141.83 -75.08 18.45
N LYS D 112 140.66 -75.69 18.41
CA LYS D 112 139.61 -75.25 17.50
C LYS D 112 139.10 -73.87 17.90
N PRO D 113 139.19 -72.87 17.02
CA PRO D 113 138.63 -71.56 17.34
C PRO D 113 137.16 -71.46 16.96
N ASN D 114 136.32 -70.99 17.87
CA ASN D 114 134.89 -70.87 17.62
C ASN D 114 134.57 -69.45 17.14
N PHE D 115 134.94 -69.20 15.89
CA PHE D 115 134.61 -67.92 15.28
C PHE D 115 133.11 -67.76 15.14
N SER D 116 132.64 -66.53 15.28
CA SER D 116 131.23 -66.21 15.21
C SER D 116 130.97 -65.32 14.01
N PRO D 117 129.93 -65.61 13.20
CA PRO D 117 129.68 -64.80 12.01
C PRO D 117 129.53 -63.32 12.30
N GLY D 118 130.31 -62.50 11.60
CA GLY D 118 130.25 -61.06 11.75
C GLY D 118 131.03 -60.50 12.92
N ALA D 119 131.65 -61.33 13.74
CA ALA D 119 132.37 -60.85 14.90
C ALA D 119 133.69 -60.20 14.50
N SER D 120 134.23 -59.39 15.41
CA SER D 120 135.48 -58.69 15.20
C SER D 120 136.53 -59.25 16.16
N TYR D 121 137.71 -59.56 15.63
CA TYR D 121 138.77 -60.20 16.39
C TYR D 121 140.06 -59.40 16.24
N THR D 122 140.78 -59.25 17.34
CA THR D 122 142.11 -58.65 17.28
C THR D 122 143.13 -59.72 16.89
N ALA D 123 144.10 -59.31 16.09
CA ALA D 123 145.16 -60.21 15.66
C ALA D 123 146.47 -59.45 15.59
N THR D 124 147.57 -60.18 15.69
CA THR D 124 148.89 -59.63 15.45
C THR D 124 149.53 -60.42 14.32
N ILE D 125 149.87 -59.73 13.23
CA ILE D 125 150.55 -60.36 12.11
C ILE D 125 152.04 -60.09 12.25
N TYR D 126 152.83 -61.16 12.18
CA TYR D 126 154.27 -61.07 12.33
C TYR D 126 154.91 -61.31 10.98
N PHE D 127 155.74 -60.37 10.54
CA PHE D 127 156.34 -60.40 9.22
C PHE D 127 157.80 -60.85 9.31
N SER D 128 158.36 -61.19 8.14
CA SER D 128 159.70 -61.76 8.12
C SER D 128 160.76 -60.78 8.58
N ASN D 129 160.50 -59.48 8.52
CA ASN D 129 161.44 -58.50 9.01
C ASN D 129 161.42 -58.36 10.52
N GLY D 130 160.77 -59.27 11.24
CA GLY D 130 160.72 -59.19 12.68
C GLY D 130 159.79 -58.14 13.22
N GLN D 131 158.73 -57.80 12.50
CA GLN D 131 157.82 -56.74 12.86
C GLN D 131 156.44 -57.32 13.15
N GLY D 132 155.86 -56.90 14.26
CA GLY D 132 154.49 -57.26 14.61
C GLY D 132 153.55 -56.09 14.36
N ALA D 133 152.40 -56.38 13.76
CA ALA D 133 151.44 -55.35 13.42
C ALA D 133 150.06 -55.73 13.96
N PRO D 134 149.43 -54.87 14.75
CA PRO D 134 148.04 -55.12 15.16
C PRO D 134 147.10 -55.01 13.97
N ALA D 135 146.03 -55.78 14.01
CA ALA D 135 145.00 -55.74 12.98
C ALA D 135 143.68 -56.21 13.56
N THR D 136 142.61 -55.84 12.86
CA THR D 136 141.24 -56.20 13.24
C THR D 136 140.63 -56.99 12.10
N LEU D 137 140.21 -58.23 12.39
CA LEU D 137 139.69 -59.14 11.38
C LEU D 137 138.21 -59.39 11.63
N ILE D 138 137.40 -59.24 10.59
CA ILE D 138 135.99 -59.56 10.64
C ILE D 138 135.79 -60.96 10.06
N TYR D 139 135.04 -61.79 10.77
CA TYR D 139 134.77 -63.15 10.32
C TYR D 139 133.55 -63.14 9.41
N GLN D 140 133.77 -63.37 8.11
CA GLN D 140 132.69 -63.29 7.14
C GLN D 140 131.88 -64.57 7.03
N GLY D 141 132.35 -65.68 7.58
CA GLY D 141 131.64 -66.94 7.48
C GLY D 141 132.55 -68.13 7.28
N LEU E 1 205.97 -63.41 31.59
CA LEU E 1 205.21 -64.53 31.04
C LEU E 1 203.79 -64.57 31.60
N SER E 2 203.63 -64.00 32.80
CA SER E 2 202.34 -64.06 33.49
C SER E 2 201.30 -63.16 32.83
N GLY E 3 201.74 -62.10 32.15
CA GLY E 3 200.80 -61.13 31.62
C GLY E 3 199.81 -61.73 30.64
N ALA E 4 200.30 -62.60 29.75
CA ALA E 4 199.42 -63.22 28.77
C ALA E 4 198.39 -64.12 29.44
N ILE E 5 198.81 -64.87 30.46
CA ILE E 5 197.88 -65.75 31.18
C ILE E 5 196.82 -64.92 31.90
N VAL E 6 197.23 -63.81 32.53
CA VAL E 6 196.27 -62.95 33.20
C VAL E 6 195.28 -62.37 32.20
N ALA E 7 195.78 -61.94 31.03
CA ALA E 7 194.90 -61.41 30.00
C ALA E 7 193.91 -62.47 29.51
N LEU E 8 194.39 -63.70 29.33
CA LEU E 8 193.50 -64.77 28.89
C LEU E 8 192.41 -65.05 29.92
N ILE E 9 192.78 -65.12 31.20
CA ILE E 9 191.81 -65.35 32.25
C ILE E 9 190.77 -64.23 32.27
N LEU E 10 191.23 -62.99 32.15
CA LEU E 10 190.30 -61.87 32.20
C LEU E 10 189.39 -61.83 30.98
N VAL E 11 189.89 -62.22 29.80
CA VAL E 11 189.04 -62.24 28.62
C VAL E 11 187.94 -63.28 28.77
N ILE E 12 188.31 -64.50 29.16
CA ILE E 12 187.31 -65.55 29.33
C ILE E 12 186.30 -65.11 30.39
N ALA E 13 186.79 -64.66 31.55
CA ALA E 13 185.90 -64.24 32.63
C ALA E 13 184.99 -63.09 32.19
N GLY E 14 185.50 -62.18 31.36
CA GLY E 14 184.65 -61.11 30.87
C GLY E 14 183.50 -61.65 30.05
N VAL E 15 183.78 -62.64 29.20
CA VAL E 15 182.69 -63.29 28.46
C VAL E 15 181.66 -63.85 29.42
N ILE E 16 182.11 -64.60 30.42
CA ILE E 16 181.18 -65.24 31.35
C ILE E 16 180.34 -64.19 32.10
N ILE E 17 180.99 -63.14 32.60
CA ILE E 17 180.29 -62.14 33.40
C ILE E 17 179.29 -61.37 32.55
N ALA E 18 179.65 -61.05 31.31
CA ALA E 18 178.70 -60.35 30.44
C ALA E 18 177.47 -61.21 30.18
N ILE E 19 177.67 -62.51 29.92
CA ILE E 19 176.52 -63.38 29.70
C ILE E 19 175.67 -63.47 30.97
N ALA E 20 176.31 -63.53 32.14
CA ALA E 20 175.57 -63.59 33.39
C ALA E 20 174.73 -62.34 33.61
N VAL E 21 175.28 -61.17 33.29
CA VAL E 21 174.53 -59.93 33.42
C VAL E 21 173.33 -59.94 32.48
N VAL E 22 173.54 -60.40 31.25
CA VAL E 22 172.43 -60.48 30.29
C VAL E 22 171.31 -61.36 30.84
N LEU E 23 171.67 -62.51 31.42
CA LEU E 23 170.64 -63.40 31.96
C LEU E 23 169.93 -62.78 33.16
N PHE E 24 170.68 -62.08 34.03
CA PHE E 24 170.08 -61.44 35.20
C PHE E 24 169.04 -60.40 34.78
N ALA E 25 169.33 -59.65 33.71
CA ALA E 25 168.40 -58.65 33.22
C ALA E 25 167.02 -59.26 32.97
N PHE E 26 166.98 -60.39 32.28
CA PHE E 26 165.71 -61.07 32.05
C PHE E 26 165.14 -61.65 33.33
N GLY E 27 166.00 -62.21 34.19
CA GLY E 27 165.53 -62.77 35.44
C GLY E 27 164.80 -61.79 36.32
N LEU E 28 165.01 -60.49 36.12
CA LEU E 28 164.28 -59.50 36.92
C LEU E 28 162.78 -59.45 36.61
N ILE E 29 162.37 -59.58 35.35
CA ILE E 29 161.00 -59.20 34.96
C ILE E 29 159.89 -60.01 35.64
N PRO E 30 160.01 -61.33 35.82
CA PRO E 30 158.89 -62.04 36.45
C PRO E 30 158.61 -61.59 37.87
N GLY E 31 159.61 -61.02 38.55
CA GLY E 31 159.34 -60.40 39.84
C GLY E 31 158.55 -59.10 39.70
N ILE E 32 158.92 -58.26 38.73
CA ILE E 32 158.25 -56.98 38.57
C ILE E 32 156.81 -57.19 38.14
N SER E 33 156.51 -58.30 37.45
CA SER E 33 155.13 -58.55 37.05
C SER E 33 154.20 -58.69 38.25
N ASN E 34 154.73 -58.96 39.43
CA ASN E 34 153.90 -59.06 40.63
C ASN E 34 153.30 -57.72 41.05
N GLN E 35 153.79 -56.61 40.49
CA GLN E 35 153.24 -55.30 40.84
C GLN E 35 151.77 -55.18 40.48
N GLY E 36 151.29 -56.00 39.54
CA GLY E 36 149.89 -55.95 39.15
C GLY E 36 149.15 -57.25 39.40
N SER E 37 149.41 -57.86 40.55
CA SER E 37 148.80 -59.16 40.85
C SER E 37 147.29 -59.05 41.03
N ILE E 38 146.80 -57.95 41.57
CA ILE E 38 145.44 -57.85 42.08
C ILE E 38 144.59 -56.96 41.18
N GLN E 39 143.33 -57.37 40.99
CA GLN E 39 142.33 -56.59 40.29
C GLN E 39 141.08 -56.52 41.15
N VAL E 40 140.56 -55.30 41.37
CA VAL E 40 139.31 -55.10 42.09
C VAL E 40 138.21 -54.92 41.06
N LEU E 41 137.23 -55.82 41.06
CA LEU E 41 136.24 -55.85 40.00
C LEU E 41 134.83 -55.81 40.56
N GLY E 42 133.95 -55.11 39.86
CA GLY E 42 132.60 -54.90 40.33
C GLY E 42 132.51 -53.71 41.27
N SER E 43 131.28 -53.27 41.51
CA SER E 43 131.04 -52.16 42.41
C SER E 43 130.94 -52.66 43.83
N GLY E 44 131.74 -52.07 44.72
CA GLY E 44 131.71 -52.43 46.12
C GLY E 44 130.64 -51.69 46.89
N THR E 45 130.56 -52.00 48.18
CA THR E 45 129.57 -51.37 49.05
C THR E 45 130.19 -50.99 50.38
N ILE E 46 129.78 -49.83 50.89
CA ILE E 46 130.20 -49.32 52.19
C ILE E 46 128.95 -49.15 53.04
N THR E 47 128.99 -49.67 54.27
CA THR E 47 127.81 -49.71 55.13
C THR E 47 128.15 -49.22 56.53
N ASN E 48 127.17 -48.56 57.18
CA ASN E 48 127.35 -48.10 58.55
C ASN E 48 127.39 -49.28 59.50
N SER E 49 128.41 -49.34 60.35
CA SER E 49 128.60 -50.48 61.25
C SER E 49 128.99 -50.02 62.64
N THR E 50 128.54 -48.83 63.05
CA THR E 50 129.08 -48.17 64.23
C THR E 50 128.44 -48.63 65.54
N ALA E 51 127.36 -49.43 65.47
CA ALA E 51 126.65 -49.90 66.66
C ALA E 51 126.04 -48.73 67.45
N SER E 52 125.21 -47.94 66.78
CA SER E 52 124.34 -46.94 67.40
C SER E 52 125.12 -45.92 68.24
N GLY E 53 126.37 -45.63 67.87
CA GLY E 53 127.17 -44.69 68.61
C GLY E 53 128.12 -45.30 69.60
N SER E 54 128.22 -46.62 69.66
CA SER E 54 129.12 -47.28 70.59
C SER E 54 130.54 -47.41 70.04
N SER E 55 130.82 -46.93 68.83
CA SER E 55 132.13 -47.08 68.22
C SER E 55 132.48 -45.83 67.45
N ARG E 56 133.77 -45.66 67.16
CA ARG E 56 134.27 -44.46 66.50
C ARG E 56 133.98 -44.49 64.99
N THR E 57 132.68 -44.51 64.66
CA THR E 57 132.19 -44.43 63.28
C THR E 57 132.90 -45.44 62.38
N ILE E 58 132.67 -46.72 62.67
CA ILE E 58 133.34 -47.80 61.93
C ILE E 58 132.42 -48.30 60.82
N TYR E 59 132.95 -48.35 59.59
CA TYR E 59 132.22 -48.67 58.38
C TYR E 59 132.65 -50.06 57.86
N ASN E 60 131.92 -50.54 56.85
CA ASN E 60 132.04 -51.93 56.38
C ASN E 60 132.34 -51.78 54.89
N ILE E 61 133.53 -52.14 54.44
CA ILE E 61 133.89 -52.08 53.02
C ILE E 61 133.88 -53.50 52.48
N THR E 62 133.05 -53.75 51.47
CA THR E 62 133.00 -55.03 50.79
C THR E 62 133.28 -54.81 49.31
N ILE E 63 134.28 -55.52 48.79
CA ILE E 63 134.67 -55.43 47.38
C ILE E 63 135.12 -56.79 46.90
N THR E 64 134.88 -57.08 45.62
CA THR E 64 135.30 -58.35 45.04
C THR E 64 136.71 -58.19 44.47
N VAL E 65 137.65 -59.00 44.97
CA VAL E 65 139.06 -58.89 44.64
C VAL E 65 139.52 -60.19 44.01
N LYS E 66 140.30 -60.08 42.93
CA LYS E 66 140.88 -61.21 42.23
C LYS E 66 142.39 -61.12 42.31
N ASN E 67 143.04 -62.19 42.74
CA ASN E 67 144.49 -62.24 42.91
C ASN E 67 145.07 -63.21 41.89
N THR E 68 145.93 -62.69 41.00
CA THR E 68 146.57 -63.52 40.00
C THR E 68 148.01 -63.88 40.35
N GLY E 69 148.52 -63.38 41.48
CA GLY E 69 149.87 -63.72 41.90
C GLY E 69 149.95 -65.08 42.55
N THR E 70 151.17 -65.46 42.90
CA THR E 70 151.41 -66.73 43.56
C THR E 70 151.52 -66.62 45.08
N THR E 71 151.30 -65.43 45.63
CA THR E 71 151.42 -65.20 47.06
C THR E 71 150.15 -64.54 47.59
N SER E 72 149.85 -64.80 48.86
CA SER E 72 148.73 -64.14 49.51
C SER E 72 149.04 -62.67 49.73
N ILE E 73 148.09 -61.80 49.42
CA ILE E 73 148.31 -60.36 49.45
C ILE E 73 147.25 -59.73 50.34
N SER E 74 147.65 -58.72 51.12
CA SER E 74 146.82 -58.11 52.13
C SER E 74 146.60 -56.62 51.84
N VAL E 75 145.51 -56.09 52.39
CA VAL E 75 145.18 -54.67 52.25
C VAL E 75 145.95 -53.91 53.33
N THR E 76 146.85 -53.02 52.91
CA THR E 76 147.66 -52.26 53.86
C THR E 76 147.01 -50.95 54.26
N SER E 77 146.34 -50.26 53.34
CA SER E 77 145.71 -48.98 53.65
C SER E 77 144.61 -48.73 52.64
N ILE E 78 143.73 -47.80 52.99
CA ILE E 78 142.61 -47.43 52.12
C ILE E 78 142.38 -45.92 52.19
N ASN E 79 142.09 -45.34 51.03
CA ASN E 79 141.73 -43.94 50.91
C ASN E 79 140.38 -43.85 50.22
N ILE E 80 139.42 -43.19 50.85
CA ILE E 80 138.05 -43.11 50.35
C ILE E 80 137.77 -41.65 49.98
N ASN E 81 137.57 -41.41 48.69
CA ASN E 81 137.19 -40.09 48.18
C ASN E 81 138.18 -39.01 48.62
N GLY E 82 139.47 -39.36 48.64
CA GLY E 82 140.50 -38.44 49.04
C GLY E 82 140.81 -38.42 50.52
N GLN E 83 139.96 -39.00 51.36
CA GLN E 83 140.19 -38.98 52.80
C GLN E 83 140.90 -40.27 53.23
N PRO E 84 141.94 -40.17 54.05
CA PRO E 84 142.61 -41.38 54.54
C PRO E 84 141.71 -42.18 55.47
N PHE E 85 141.91 -43.49 55.50
CA PHE E 85 141.14 -44.35 56.38
C PHE E 85 142.07 -45.41 56.96
N ASN E 86 141.70 -45.93 58.13
CA ASN E 86 142.50 -46.94 58.83
C ASN E 86 141.66 -48.18 59.06
N ILE E 87 142.22 -49.35 58.75
CA ILE E 87 141.50 -50.60 58.98
C ILE E 87 141.41 -50.87 60.47
N ASN E 88 140.22 -51.26 60.94
CA ASN E 88 139.99 -51.40 62.37
C ASN E 88 140.49 -52.73 62.93
N GLY E 89 140.35 -53.82 62.19
CA GLY E 89 140.83 -55.12 62.60
C GLY E 89 142.14 -55.48 61.94
N THR E 90 142.46 -56.78 61.97
CA THR E 90 143.59 -57.28 61.22
C THR E 90 143.31 -57.18 59.72
N ALA E 91 144.34 -56.91 58.95
CA ALA E 91 144.16 -56.69 57.52
C ALA E 91 143.68 -57.98 56.85
N PRO E 92 142.65 -57.91 56.01
CA PRO E 92 142.26 -59.10 55.25
C PRO E 92 143.27 -59.44 54.17
N SER E 93 143.32 -60.71 53.81
CA SER E 93 144.32 -61.21 52.87
C SER E 93 143.64 -62.05 51.81
N ILE E 94 144.07 -61.88 50.56
CA ILE E 94 143.49 -62.57 49.40
C ILE E 94 144.45 -63.68 48.99
N PRO E 95 144.04 -64.93 49.02
CA PRO E 95 144.93 -66.02 48.61
C PRO E 95 145.18 -66.01 47.12
N ALA E 96 146.21 -66.78 46.71
CA ALA E 96 146.60 -66.83 45.31
C ALA E 96 145.52 -67.46 44.46
N GLY E 97 145.35 -66.93 43.25
CA GLY E 97 144.42 -67.48 42.29
C GLY E 97 142.95 -67.25 42.58
N ARG E 98 142.61 -66.74 43.77
CA ARG E 98 141.23 -66.63 44.18
C ARG E 98 140.58 -65.37 43.62
N THR E 99 139.26 -65.44 43.46
CA THR E 99 138.41 -64.27 43.27
C THR E 99 137.32 -64.35 44.33
N GLN E 100 137.32 -63.41 45.27
CA GLN E 100 136.43 -63.55 46.41
C GLN E 100 136.01 -62.18 46.94
N PRO E 101 134.87 -62.11 47.64
CA PRO E 101 134.47 -60.85 48.28
C PRO E 101 135.22 -60.60 49.57
N ILE E 102 136.10 -59.61 49.57
CA ILE E 102 136.79 -59.17 50.77
C ILE E 102 135.90 -58.18 51.50
N THR E 103 135.87 -58.28 52.83
CA THR E 103 135.09 -57.38 53.68
C THR E 103 135.93 -57.00 54.88
N PHE E 104 136.01 -55.71 55.17
CA PHE E 104 136.80 -55.27 56.31
C PHE E 104 136.22 -53.99 56.90
N GLU E 105 136.44 -53.81 58.21
CA GLU E 105 136.00 -52.62 58.93
C GLU E 105 137.01 -51.51 58.74
N VAL E 106 136.53 -50.27 58.74
CA VAL E 106 137.40 -49.13 58.51
C VAL E 106 136.94 -47.94 59.35
N THR E 107 137.89 -47.06 59.68
CA THR E 107 137.71 -45.88 60.51
C THR E 107 138.25 -44.66 59.80
N PRO E 108 137.67 -43.49 60.03
CA PRO E 108 138.26 -42.25 59.51
C PRO E 108 139.58 -41.96 60.21
N ALA E 109 140.61 -41.67 59.42
CA ALA E 109 141.90 -41.29 60.00
C ALA E 109 141.83 -39.91 60.65
N SER E 110 141.07 -38.99 60.08
CA SER E 110 140.87 -37.68 60.65
C SER E 110 139.49 -37.17 60.25
N GLY E 111 138.91 -36.34 61.11
CA GLY E 111 137.62 -35.79 60.80
C GLY E 111 136.50 -36.82 60.91
N LYS E 112 135.37 -36.49 60.31
CA LYS E 112 134.18 -37.32 60.32
C LYS E 112 133.51 -37.18 58.97
N PRO E 113 133.72 -38.15 58.08
CA PRO E 113 133.12 -38.06 56.75
C PRO E 113 131.67 -38.53 56.79
N ASN E 114 130.81 -37.78 56.10
CA ASN E 114 129.38 -38.08 56.08
C ASN E 114 129.02 -38.58 54.69
N PHE E 115 128.30 -39.70 54.65
CA PHE E 115 127.93 -40.31 53.38
C PHE E 115 126.41 -40.22 53.20
N SER E 116 125.99 -40.11 51.95
CA SER E 116 124.57 -40.06 51.63
C SER E 116 124.10 -41.35 51.00
N PRO E 117 122.88 -41.78 51.28
CA PRO E 117 122.40 -43.06 50.73
C PRO E 117 122.44 -43.10 49.21
N GLY E 118 122.96 -44.19 48.68
CA GLY E 118 122.99 -44.41 47.25
C GLY E 118 124.06 -43.65 46.49
N ALA E 119 124.86 -42.83 47.16
CA ALA E 119 125.90 -42.09 46.46
C ALA E 119 127.09 -43.00 46.17
N SER E 120 127.86 -42.63 45.15
CA SER E 120 129.04 -43.38 44.74
C SER E 120 130.28 -42.64 45.21
N TYR E 121 131.16 -43.35 45.91
CA TYR E 121 132.39 -42.80 46.43
C TYR E 121 133.56 -43.62 45.91
N THR E 122 134.56 -42.97 45.35
CA THR E 122 135.72 -43.68 44.85
C THR E 122 136.69 -43.94 45.99
N ALA E 123 137.22 -45.16 46.04
CA ALA E 123 138.18 -45.56 47.05
C ALA E 123 139.37 -46.24 46.38
N THR E 124 140.56 -45.93 46.86
CA THR E 124 141.77 -46.57 46.37
C THR E 124 142.26 -47.53 47.44
N ILE E 125 142.29 -48.82 47.12
CA ILE E 125 142.75 -49.84 48.05
C ILE E 125 144.20 -50.14 47.72
N TYR E 126 145.08 -49.94 48.69
CA TYR E 126 146.50 -50.18 48.53
C TYR E 126 146.82 -51.56 49.10
N PHE E 127 147.31 -52.45 48.25
CA PHE E 127 147.62 -53.80 48.65
C PHE E 127 149.12 -53.93 48.93
N SER E 128 149.51 -55.09 49.46
CA SER E 128 150.88 -55.28 49.92
C SER E 128 151.89 -55.23 48.79
N ASN E 129 151.45 -55.37 47.53
CA ASN E 129 152.37 -55.18 46.41
C ASN E 129 152.78 -53.73 46.22
N GLY E 130 152.14 -52.80 46.93
CA GLY E 130 152.19 -51.40 46.58
C GLY E 130 151.22 -51.01 45.50
N GLN E 131 150.47 -51.96 44.95
CA GLN E 131 149.50 -51.67 43.92
C GLN E 131 148.30 -50.96 44.51
N GLY E 132 147.89 -49.87 43.87
CA GLY E 132 146.72 -49.13 44.31
C GLY E 132 145.57 -49.28 43.34
N ALA E 133 144.55 -50.02 43.72
CA ALA E 133 143.42 -50.28 42.84
C ALA E 133 142.29 -49.30 43.12
N PRO E 134 141.87 -48.50 42.13
CA PRO E 134 140.68 -47.68 42.32
C PRO E 134 139.42 -48.51 42.14
N ALA E 135 138.40 -48.18 42.95
CA ALA E 135 137.14 -48.89 42.92
C ALA E 135 136.03 -47.91 43.31
N THR E 136 134.81 -48.29 43.01
CA THR E 136 133.64 -47.48 43.33
C THR E 136 132.79 -48.19 44.37
N LEU E 137 132.53 -47.49 45.48
CA LEU E 137 131.71 -48.02 46.57
C LEU E 137 130.38 -47.28 46.59
N ILE E 138 129.29 -48.02 46.68
CA ILE E 138 127.97 -47.44 46.80
C ILE E 138 127.55 -47.54 48.26
N TYR E 139 127.23 -46.40 48.86
CA TYR E 139 126.85 -46.37 50.26
C TYR E 139 125.45 -46.95 50.43
N GLN E 140 125.30 -47.83 51.43
CA GLN E 140 124.07 -48.57 51.62
C GLN E 140 123.45 -48.41 53.00
N GLY E 141 124.16 -47.80 53.95
CA GLY E 141 123.67 -47.70 55.31
C GLY E 141 122.59 -46.64 55.53
N LEU F 1 200.86 -59.45 35.77
CA LEU F 1 200.36 -58.95 37.05
C LEU F 1 199.59 -57.64 36.87
N SER F 2 200.02 -56.83 35.91
CA SER F 2 199.43 -55.51 35.72
C SER F 2 197.96 -55.60 35.35
N GLY F 3 197.59 -56.57 34.52
CA GLY F 3 196.24 -56.64 34.00
C GLY F 3 195.20 -56.78 35.09
N ALA F 4 195.45 -57.63 36.09
CA ALA F 4 194.48 -57.85 37.15
C ALA F 4 194.27 -56.60 37.98
N ILE F 5 195.35 -55.90 38.33
CA ILE F 5 195.23 -54.70 39.15
C ILE F 5 194.54 -53.59 38.37
N VAL F 6 194.87 -53.45 37.07
CA VAL F 6 194.22 -52.44 36.25
C VAL F 6 192.73 -52.73 36.13
N ALA F 7 192.37 -54.00 35.93
CA ALA F 7 190.97 -54.37 35.84
C ALA F 7 190.24 -54.09 37.15
N LEU F 8 190.89 -54.37 38.29
CA LEU F 8 190.26 -54.09 39.57
C LEU F 8 190.05 -52.59 39.78
N ILE F 9 191.05 -51.78 39.40
CA ILE F 9 190.91 -50.33 39.51
C ILE F 9 189.75 -49.85 38.66
N LEU F 10 189.65 -50.35 37.42
CA LEU F 10 188.58 -49.93 36.54
C LEU F 10 187.21 -50.39 37.05
N VAL F 11 187.15 -51.56 37.68
CA VAL F 11 185.90 -52.06 38.25
C VAL F 11 185.44 -51.13 39.37
N ILE F 12 186.35 -50.78 40.27
CA ILE F 12 185.99 -49.90 41.39
C ILE F 12 185.56 -48.53 40.87
N ALA F 13 186.31 -48.00 39.89
CA ALA F 13 185.97 -46.69 39.35
C ALA F 13 184.63 -46.72 38.63
N GLY F 14 184.33 -47.82 37.92
CA GLY F 14 183.03 -47.95 37.30
C GLY F 14 181.91 -47.96 38.32
N VAL F 15 182.12 -48.66 39.43
CA VAL F 15 181.14 -48.63 40.52
C VAL F 15 180.93 -47.19 40.99
N ILE F 16 182.03 -46.46 41.18
CA ILE F 16 181.93 -45.09 41.69
C ILE F 16 181.13 -44.21 40.74
N ILE F 17 181.48 -44.25 39.45
CA ILE F 17 180.84 -43.36 38.48
C ILE F 17 179.39 -43.75 38.27
N ALA F 18 179.09 -45.05 38.25
CA ALA F 18 177.71 -45.49 38.08
C ALA F 18 176.85 -45.04 39.25
N ILE F 19 177.36 -45.17 40.48
CA ILE F 19 176.59 -44.73 41.64
C ILE F 19 176.42 -43.22 41.61
N ALA F 20 177.44 -42.49 41.15
CA ALA F 20 177.29 -41.04 41.02
C ALA F 20 176.18 -40.68 40.04
N VAL F 21 176.12 -41.38 38.91
CA VAL F 21 175.07 -41.10 37.93
C VAL F 21 173.69 -41.47 38.48
N VAL F 22 173.60 -42.56 39.25
CA VAL F 22 172.32 -42.94 39.85
C VAL F 22 171.85 -41.88 40.83
N LEU F 23 172.78 -41.37 41.65
CA LEU F 23 172.42 -40.31 42.59
C LEU F 23 172.02 -39.03 41.87
N PHE F 24 172.67 -38.75 40.73
CA PHE F 24 172.26 -37.61 39.91
C PHE F 24 170.83 -37.79 39.38
N ALA F 25 170.51 -39.01 38.94
CA ALA F 25 169.16 -39.29 38.49
C ALA F 25 168.15 -39.08 39.60
N PHE F 26 168.50 -39.53 40.82
CA PHE F 26 167.61 -39.29 41.96
C PHE F 26 167.48 -37.81 42.29
N GLY F 27 168.55 -37.04 42.11
CA GLY F 27 168.49 -35.61 42.36
C GLY F 27 167.74 -34.82 41.32
N LEU F 28 167.57 -35.38 40.13
CA LEU F 28 166.78 -34.69 39.11
C LEU F 28 165.30 -34.63 39.44
N ILE F 29 164.79 -35.60 40.20
CA ILE F 29 163.35 -35.78 40.42
C ILE F 29 162.67 -34.52 40.97
N PRO F 30 163.20 -33.85 42.00
CA PRO F 30 162.48 -32.67 42.52
C PRO F 30 162.25 -31.57 41.49
N GLY F 31 163.20 -31.35 40.59
CA GLY F 31 163.01 -30.31 39.59
C GLY F 31 161.92 -30.64 38.59
N ILE F 32 161.86 -31.89 38.15
CA ILE F 32 160.86 -32.28 37.16
C ILE F 32 159.52 -32.56 37.82
N SER F 33 159.52 -33.20 38.99
CA SER F 33 158.28 -33.55 39.67
C SER F 33 157.81 -32.33 40.43
N ASN F 34 156.91 -31.58 39.80
CA ASN F 34 156.40 -30.33 40.37
C ASN F 34 154.89 -30.32 40.10
N GLN F 35 154.12 -30.84 41.06
CA GLN F 35 152.68 -30.81 40.95
C GLN F 35 152.16 -29.40 41.22
N GLY F 36 150.87 -29.22 41.03
CA GLY F 36 150.33 -27.89 41.21
C GLY F 36 150.39 -27.06 39.95
N SER F 37 149.35 -26.26 39.74
CA SER F 37 149.23 -25.48 38.52
C SER F 37 148.29 -24.32 38.79
N ILE F 38 148.30 -23.36 37.88
CA ILE F 38 147.27 -22.32 37.89
C ILE F 38 146.04 -22.84 37.18
N GLN F 39 144.90 -22.72 37.86
CA GLN F 39 143.62 -23.16 37.33
C GLN F 39 142.73 -21.94 37.13
N VAL F 40 142.10 -21.83 35.97
CA VAL F 40 141.21 -20.74 35.66
C VAL F 40 139.78 -21.22 35.89
N LEU F 41 139.07 -20.56 36.79
CA LEU F 41 137.76 -20.99 37.26
C LEU F 41 136.69 -20.10 36.65
N GLY F 42 135.73 -20.71 35.97
CA GLY F 42 134.60 -19.97 35.43
C GLY F 42 134.98 -19.11 34.24
N SER F 43 133.98 -18.38 33.75
CA SER F 43 134.18 -17.50 32.61
C SER F 43 134.75 -16.17 33.04
N GLY F 44 135.69 -15.65 32.25
CA GLY F 44 136.19 -14.30 32.45
C GLY F 44 135.46 -13.30 31.57
N THR F 45 135.91 -12.05 31.65
CA THR F 45 135.28 -10.96 30.92
C THR F 45 136.32 -10.10 30.22
N ILE F 46 135.98 -9.66 29.01
CA ILE F 46 136.75 -8.68 28.24
C ILE F 46 135.93 -7.40 28.17
N THR F 47 136.54 -6.28 28.53
CA THR F 47 135.88 -4.99 28.52
C THR F 47 136.73 -3.99 27.76
N ASN F 48 136.10 -3.12 26.98
CA ASN F 48 136.84 -2.17 26.16
C ASN F 48 137.38 -1.03 27.03
N SER F 49 138.70 -0.94 27.13
CA SER F 49 139.34 0.10 27.93
C SER F 49 139.84 1.28 27.10
N THR F 50 139.83 1.16 25.77
CA THR F 50 140.29 2.26 24.93
C THR F 50 139.42 3.49 25.15
N ALA F 51 140.08 4.65 25.27
CA ALA F 51 139.37 5.88 25.61
C ALA F 51 140.07 7.06 24.96
N SER F 52 139.33 8.18 24.92
CA SER F 52 139.85 9.49 24.50
C SER F 52 140.32 9.50 23.05
N GLY F 53 139.89 8.55 22.24
CA GLY F 53 140.29 8.51 20.85
C GLY F 53 141.77 8.26 20.63
N SER F 54 142.46 7.71 21.63
CA SER F 54 143.87 7.37 21.47
C SER F 54 144.03 6.24 20.46
N SER F 55 145.22 6.16 19.85
CA SER F 55 145.40 5.32 18.68
C SER F 55 145.42 3.83 19.02
N ARG F 56 145.76 3.46 20.26
CA ARG F 56 146.02 2.07 20.61
C ARG F 56 144.85 1.51 21.40
N THR F 57 144.35 0.35 20.97
CA THR F 57 143.23 -0.30 21.64
C THR F 57 143.73 -1.15 22.80
N ILE F 58 143.09 -0.98 23.96
CA ILE F 58 143.44 -1.71 25.16
C ILE F 58 142.17 -2.33 25.73
N TYR F 59 142.27 -3.57 26.21
CA TYR F 59 141.13 -4.29 26.75
C TYR F 59 141.44 -4.80 28.15
N ASN F 60 140.47 -4.69 29.04
CA ASN F 60 140.53 -5.26 30.37
C ASN F 60 140.12 -6.72 30.28
N ILE F 61 140.89 -7.60 30.91
CA ILE F 61 140.56 -9.01 31.01
C ILE F 61 140.53 -9.38 32.48
N THR F 62 139.39 -9.91 32.92
CA THR F 62 139.19 -10.32 34.30
C THR F 62 138.90 -11.81 34.35
N ILE F 63 139.66 -12.56 35.15
CA ILE F 63 139.52 -13.99 35.27
C ILE F 63 139.74 -14.40 36.72
N THR F 64 139.04 -15.44 37.16
CA THR F 64 139.27 -16.00 38.48
C THR F 64 140.35 -17.07 38.39
N VAL F 65 141.40 -16.92 39.19
CA VAL F 65 142.62 -17.69 39.06
C VAL F 65 142.95 -18.31 40.41
N LYS F 66 143.25 -19.61 40.42
CA LYS F 66 143.59 -20.35 41.63
C LYS F 66 144.96 -20.99 41.44
N ASN F 67 145.94 -20.54 42.21
CA ASN F 67 147.30 -21.08 42.12
C ASN F 67 147.40 -22.23 43.12
N THR F 68 147.41 -23.46 42.62
CA THR F 68 147.50 -24.63 43.47
C THR F 68 148.93 -25.00 43.83
N GLY F 69 149.92 -24.32 43.24
CA GLY F 69 151.32 -24.63 43.49
C GLY F 69 151.86 -23.91 44.71
N THR F 70 153.16 -24.08 44.93
CA THR F 70 153.86 -23.46 46.04
C THR F 70 154.74 -22.29 45.60
N THR F 71 154.60 -21.83 44.37
CA THR F 71 155.43 -20.76 43.82
C THR F 71 154.56 -19.66 43.26
N SER F 72 155.06 -18.43 43.33
CA SER F 72 154.41 -17.31 42.67
C SER F 72 154.54 -17.45 41.16
N ILE F 73 153.46 -17.17 40.44
CA ILE F 73 153.41 -17.38 39.01
C ILE F 73 152.73 -16.16 38.38
N SER F 74 153.20 -15.76 37.21
CA SER F 74 152.72 -14.57 36.54
C SER F 74 152.27 -14.91 35.11
N VAL F 75 151.39 -14.06 34.59
CA VAL F 75 150.93 -14.18 33.21
C VAL F 75 152.01 -13.67 32.26
N THR F 76 152.13 -14.30 31.08
CA THR F 76 153.13 -13.89 30.12
C THR F 76 152.50 -13.50 28.79
N SER F 77 151.37 -14.11 28.45
CA SER F 77 150.70 -13.81 27.19
C SER F 77 149.28 -14.36 27.24
N ILE F 78 148.45 -13.89 26.31
CA ILE F 78 147.11 -14.42 26.13
C ILE F 78 146.81 -14.47 24.63
N ASN F 79 146.10 -15.50 24.22
CA ASN F 79 145.64 -15.65 22.84
C ASN F 79 144.13 -15.75 22.85
N ILE F 80 143.46 -14.81 22.20
CA ILE F 80 142.00 -14.73 22.19
C ILE F 80 141.51 -14.89 20.77
N ASN F 81 140.62 -15.86 20.55
CA ASN F 81 139.99 -16.08 19.25
C ASN F 81 141.02 -16.32 18.15
N GLY F 82 142.14 -16.95 18.50
CA GLY F 82 143.20 -17.21 17.56
C GLY F 82 144.17 -16.06 17.34
N GLN F 83 143.95 -14.93 17.99
CA GLN F 83 144.76 -13.72 17.82
C GLN F 83 145.60 -13.48 19.07
N PRO F 84 146.90 -13.24 18.94
CA PRO F 84 147.73 -13.03 20.12
C PRO F 84 147.60 -11.61 20.64
N PHE F 85 147.67 -11.47 21.97
CA PHE F 85 147.62 -10.17 22.63
C PHE F 85 148.82 -10.03 23.55
N ASN F 86 149.28 -8.80 23.72
CA ASN F 86 150.40 -8.49 24.60
C ASN F 86 149.87 -7.95 25.91
N ILE F 87 150.43 -8.41 27.02
CA ILE F 87 150.00 -7.98 28.33
C ILE F 87 150.61 -6.62 28.65
N ASN F 88 149.88 -5.56 28.36
CA ASN F 88 150.32 -4.21 28.68
C ASN F 88 150.60 -4.10 30.17
N GLY F 89 151.72 -3.46 30.50
CA GLY F 89 152.06 -3.14 31.87
C GLY F 89 152.68 -4.30 32.62
N THR F 90 152.96 -4.03 33.90
CA THR F 90 153.46 -5.05 34.80
C THR F 90 152.45 -6.19 34.91
N ALA F 91 152.86 -7.38 34.46
CA ALA F 91 151.95 -8.50 34.43
C ALA F 91 151.56 -8.92 35.84
N PRO F 92 150.30 -9.31 36.06
CA PRO F 92 149.89 -9.71 37.42
C PRO F 92 150.60 -10.97 37.87
N SER F 93 150.86 -11.04 39.17
CA SER F 93 151.46 -12.21 39.80
C SER F 93 150.42 -12.85 40.73
N ILE F 94 150.29 -14.16 40.63
CA ILE F 94 149.30 -14.91 41.40
C ILE F 94 150.03 -15.61 42.54
N PRO F 95 149.77 -15.23 43.79
CA PRO F 95 150.49 -15.85 44.92
C PRO F 95 150.13 -17.31 45.10
N ALA F 96 151.02 -18.03 45.77
CA ALA F 96 150.86 -19.47 45.95
C ALA F 96 149.66 -19.78 46.84
N GLY F 97 148.94 -20.83 46.48
CA GLY F 97 147.84 -21.33 47.29
C GLY F 97 146.64 -20.42 47.40
N ARG F 98 146.52 -19.42 46.54
CA ARG F 98 145.51 -18.39 46.69
C ARG F 98 144.59 -18.34 45.46
N THR F 99 143.31 -18.11 45.71
CA THR F 99 142.32 -17.87 44.67
C THR F 99 141.99 -16.38 44.64
N GLN F 100 142.14 -15.77 43.47
CA GLN F 100 141.99 -14.33 43.33
C GLN F 100 141.25 -13.99 42.04
N PRO F 101 140.50 -12.89 42.03
CA PRO F 101 140.14 -12.26 40.76
C PRO F 101 141.33 -11.46 40.23
N ILE F 102 141.81 -11.84 39.05
CA ILE F 102 142.97 -11.24 38.42
C ILE F 102 142.49 -10.44 37.22
N THR F 103 142.88 -9.16 37.17
CA THR F 103 142.50 -8.27 36.09
C THR F 103 143.76 -7.65 35.49
N PHE F 104 143.85 -7.68 34.16
CA PHE F 104 145.01 -7.12 33.49
C PHE F 104 144.63 -6.57 32.13
N GLU F 105 145.41 -5.59 31.67
CA GLU F 105 145.16 -4.94 30.39
C GLU F 105 145.99 -5.57 29.28
N VAL F 106 145.37 -5.72 28.11
CA VAL F 106 146.01 -6.34 26.96
C VAL F 106 145.83 -5.44 25.75
N THR F 107 146.74 -5.59 24.78
CA THR F 107 146.66 -4.93 23.49
C THR F 107 146.88 -5.95 22.40
N PRO F 108 146.23 -5.79 21.25
CA PRO F 108 146.44 -6.75 20.15
C PRO F 108 147.87 -6.67 19.63
N ALA F 109 148.50 -7.83 19.49
CA ALA F 109 149.85 -7.86 18.94
C ALA F 109 149.85 -7.49 17.47
N SER F 110 148.78 -7.82 16.75
CA SER F 110 148.66 -7.45 15.34
C SER F 110 147.18 -7.39 14.99
N GLY F 111 146.88 -6.62 13.95
CA GLY F 111 145.51 -6.53 13.48
C GLY F 111 144.60 -5.83 14.48
N LYS F 112 143.31 -6.15 14.39
CA LYS F 112 142.31 -5.59 15.27
C LYS F 112 141.25 -6.64 15.60
N PRO F 113 140.76 -6.67 16.84
CA PRO F 113 139.74 -7.65 17.21
C PRO F 113 138.38 -7.30 16.62
N ASN F 114 137.51 -8.31 16.57
CA ASN F 114 136.16 -8.18 16.06
C ASN F 114 135.10 -8.51 17.10
N PHE F 115 135.39 -8.23 18.37
CA PHE F 115 134.54 -8.67 19.45
C PHE F 115 133.13 -8.12 19.31
N SER F 116 132.15 -8.93 19.70
CA SER F 116 130.75 -8.57 19.67
C SER F 116 130.18 -8.67 21.08
N PRO F 117 129.30 -7.73 21.46
CA PRO F 117 128.75 -7.74 22.83
C PRO F 117 128.04 -9.05 23.13
N GLY F 118 128.34 -9.61 24.30
CA GLY F 118 127.71 -10.84 24.74
C GLY F 118 128.29 -12.11 24.17
N ALA F 119 129.18 -12.02 23.19
CA ALA F 119 129.76 -13.21 22.60
C ALA F 119 130.80 -13.82 23.54
N SER F 120 130.98 -15.14 23.41
CA SER F 120 131.94 -15.88 24.22
C SER F 120 133.08 -16.34 23.32
N TYR F 121 134.31 -16.00 23.71
CA TYR F 121 135.49 -16.29 22.91
C TYR F 121 136.42 -17.20 23.70
N THR F 122 136.89 -18.26 23.05
CA THR F 122 137.87 -19.14 23.69
C THR F 122 139.24 -18.49 23.65
N ALA F 123 139.91 -18.47 24.81
CA ALA F 123 141.22 -17.89 24.95
C ALA F 123 142.15 -18.87 25.66
N THR F 124 143.43 -18.60 25.57
CA THR F 124 144.46 -19.38 26.24
C THR F 124 145.39 -18.42 26.95
N ILE F 125 145.53 -18.57 28.26
CA ILE F 125 146.37 -17.72 29.08
C ILE F 125 147.64 -18.48 29.41
N TYR F 126 148.80 -17.90 29.10
CA TYR F 126 150.08 -18.56 29.29
C TYR F 126 150.78 -17.98 30.50
N PHE F 127 151.25 -18.87 31.38
CA PHE F 127 151.85 -18.47 32.64
C PHE F 127 153.35 -18.75 32.63
N SER F 128 154.03 -18.23 33.66
CA SER F 128 155.49 -18.25 33.67
C SER F 128 156.08 -19.65 33.64
N ASN F 129 155.34 -20.66 34.09
CA ASN F 129 155.84 -22.03 33.98
C ASN F 129 155.82 -22.55 32.55
N GLY F 130 155.20 -21.82 31.63
CA GLY F 130 154.96 -22.31 30.29
C GLY F 130 153.64 -23.01 30.11
N GLN F 131 153.00 -23.41 31.20
CA GLN F 131 151.68 -24.02 31.11
C GLN F 131 150.64 -22.99 30.66
N GLY F 132 149.67 -23.46 29.90
CA GLY F 132 148.65 -22.58 29.36
C GLY F 132 147.24 -23.06 29.65
N ALA F 133 146.46 -22.23 30.31
CA ALA F 133 145.11 -22.59 30.69
C ALA F 133 144.12 -22.11 29.65
N PRO F 134 143.31 -22.98 29.05
CA PRO F 134 142.20 -22.51 28.23
C PRO F 134 141.08 -21.94 29.09
N ALA F 135 140.44 -20.90 28.58
CA ALA F 135 139.39 -20.20 29.31
C ALA F 135 138.38 -19.67 28.32
N THR F 136 137.22 -19.28 28.82
CA THR F 136 136.18 -18.65 28.02
C THR F 136 135.96 -17.23 28.53
N LEU F 137 136.07 -16.25 27.64
CA LEU F 137 135.92 -14.85 27.99
C LEU F 137 134.70 -14.28 27.29
N ILE F 138 133.82 -13.64 28.05
CA ILE F 138 132.63 -12.99 27.51
C ILE F 138 132.92 -11.52 27.32
N TYR F 139 132.61 -10.99 26.14
CA TYR F 139 132.85 -9.59 25.85
C TYR F 139 131.68 -8.76 26.37
N GLN F 140 131.95 -7.89 27.34
CA GLN F 140 130.92 -7.10 28.00
C GLN F 140 130.74 -5.72 27.38
N GLY F 141 131.60 -5.32 26.45
CA GLY F 141 131.50 -4.00 25.86
C GLY F 141 132.22 -2.92 26.65
N LEU G 1 198.64 -52.75 31.05
CA LEU G 1 198.45 -51.36 30.64
C LEU G 1 197.31 -51.23 29.63
N SER G 2 196.92 -52.36 29.03
CA SER G 2 195.96 -52.34 27.94
C SER G 2 194.58 -51.86 28.39
N GLY G 3 194.16 -52.28 29.58
CA GLY G 3 192.79 -52.03 29.99
C GLY G 3 192.43 -50.56 30.05
N ALA G 4 193.36 -49.73 30.53
CA ALA G 4 193.09 -48.30 30.61
C ALA G 4 192.93 -47.67 29.23
N ILE G 5 193.77 -48.09 28.28
CA ILE G 5 193.65 -47.57 26.91
C ILE G 5 192.31 -47.97 26.30
N VAL G 6 191.91 -49.23 26.50
CA VAL G 6 190.63 -49.69 25.97
C VAL G 6 189.49 -48.90 26.60
N ALA G 7 189.58 -48.66 27.91
CA ALA G 7 188.54 -47.89 28.59
C ALA G 7 188.46 -46.47 28.05
N LEU G 8 189.61 -45.84 27.80
CA LEU G 8 189.61 -44.49 27.24
C LEU G 8 188.92 -44.45 25.88
N ILE G 9 189.27 -45.40 25.00
CA ILE G 9 188.66 -45.46 23.69
C ILE G 9 187.15 -45.61 23.80
N LEU G 10 186.71 -46.55 24.65
CA LEU G 10 185.28 -46.81 24.76
C LEU G 10 184.53 -45.64 25.38
N VAL G 11 185.15 -44.93 26.32
CA VAL G 11 184.49 -43.78 26.94
C VAL G 11 184.23 -42.69 25.89
N ILE G 12 185.27 -42.36 25.10
CA ILE G 12 185.07 -41.33 24.09
C ILE G 12 184.03 -41.77 23.06
N ALA G 13 184.08 -43.03 22.64
CA ALA G 13 183.10 -43.51 21.67
C ALA G 13 181.69 -43.47 22.23
N GLY G 14 181.53 -43.80 23.52
CA GLY G 14 180.21 -43.72 24.12
C GLY G 14 179.65 -42.32 24.13
N VAL G 15 180.50 -41.34 24.45
CA VAL G 15 180.07 -39.94 24.38
C VAL G 15 179.57 -39.62 22.97
N ILE G 16 180.35 -40.00 21.96
CA ILE G 16 179.99 -39.66 20.58
C ILE G 16 178.65 -40.28 20.20
N ILE G 17 178.49 -41.57 20.47
CA ILE G 17 177.28 -42.27 20.03
C ILE G 17 176.06 -41.77 20.78
N ALA G 18 176.19 -41.48 22.07
CA ALA G 18 175.05 -40.96 22.82
C ALA G 18 174.60 -39.62 22.27
N ILE G 19 175.56 -38.72 21.96
CA ILE G 19 175.18 -37.43 21.38
C ILE G 19 174.50 -37.63 20.04
N ALA G 20 175.00 -38.57 19.23
CA ALA G 20 174.39 -38.84 17.93
C ALA G 20 172.95 -39.31 18.09
N VAL G 21 172.69 -40.19 19.06
CA VAL G 21 171.34 -40.68 19.27
C VAL G 21 170.41 -39.56 19.72
N VAL G 22 170.90 -38.68 20.59
CA VAL G 22 170.08 -37.55 21.04
C VAL G 22 169.71 -36.66 19.86
N LEU G 23 170.68 -36.36 19.01
CA LEU G 23 170.41 -35.53 17.84
C LEU G 23 169.45 -36.20 16.87
N PHE G 24 169.53 -37.53 16.73
CA PHE G 24 168.55 -38.25 15.91
C PHE G 24 167.14 -38.14 16.49
N ALA G 25 167.03 -38.25 17.82
CA ALA G 25 165.73 -38.10 18.47
C ALA G 25 165.15 -36.72 18.19
N PHE G 26 165.99 -35.69 18.23
CA PHE G 26 165.51 -34.35 17.89
C PHE G 26 165.16 -34.22 16.41
N GLY G 27 165.91 -34.90 15.54
CA GLY G 27 165.67 -34.79 14.11
C GLY G 27 164.44 -35.54 13.63
N LEU G 28 163.95 -36.50 14.41
CA LEU G 28 162.75 -37.23 13.99
C LEU G 28 161.51 -36.34 13.93
N ILE G 29 161.49 -35.25 14.70
CA ILE G 29 160.23 -34.53 14.93
C ILE G 29 159.56 -34.03 13.63
N PRO G 30 160.27 -33.41 12.69
CA PRO G 30 159.57 -32.86 11.51
C PRO G 30 158.79 -33.86 10.70
N GLY G 31 159.19 -35.13 10.73
CA GLY G 31 158.50 -36.13 9.93
C GLY G 31 157.09 -36.42 10.41
N ILE G 32 156.82 -36.18 11.70
CA ILE G 32 155.52 -36.52 12.26
C ILE G 32 154.43 -35.61 11.68
N SER G 33 154.78 -34.36 11.37
CA SER G 33 153.79 -33.38 10.91
C SER G 33 153.03 -33.87 9.67
N ASN G 34 153.73 -34.58 8.78
CA ASN G 34 153.13 -34.96 7.51
C ASN G 34 152.06 -36.04 7.64
N GLN G 35 151.93 -36.65 8.83
CA GLN G 35 150.94 -37.70 9.01
C GLN G 35 149.51 -37.19 9.01
N GLY G 36 149.29 -35.87 9.02
CA GLY G 36 147.95 -35.32 9.05
C GLY G 36 147.63 -34.36 7.92
N SER G 37 148.28 -34.55 6.77
CA SER G 37 148.18 -33.57 5.70
C SER G 37 146.79 -33.53 5.06
N ILE G 38 146.10 -34.66 5.00
CA ILE G 38 144.91 -34.80 4.17
C ILE G 38 143.67 -34.99 5.04
N GLN G 39 142.56 -34.38 4.61
CA GLN G 39 141.27 -34.63 5.22
C GLN G 39 140.19 -34.76 4.15
N VAL G 40 139.32 -35.75 4.32
CA VAL G 40 138.22 -35.98 3.38
C VAL G 40 137.04 -35.13 3.80
N LEU G 41 136.43 -34.45 2.84
CA LEU G 41 135.34 -33.53 3.08
C LEU G 41 134.03 -34.10 2.54
N GLY G 42 133.04 -34.19 3.41
CA GLY G 42 131.69 -34.56 3.00
C GLY G 42 131.59 -35.99 2.51
N SER G 43 130.41 -36.31 1.97
CA SER G 43 130.15 -37.63 1.45
C SER G 43 130.79 -37.81 0.07
N GLY G 44 130.92 -39.07 -0.34
CA GLY G 44 131.37 -39.41 -1.67
C GLY G 44 130.35 -40.33 -2.35
N THR G 45 130.70 -40.74 -3.56
CA THR G 45 129.79 -41.51 -4.39
C THR G 45 130.49 -42.73 -4.97
N ILE G 46 129.81 -43.89 -4.89
CA ILE G 46 130.22 -45.10 -5.59
C ILE G 46 129.30 -45.30 -6.78
N THR G 47 129.87 -45.74 -7.90
CA THR G 47 129.12 -46.00 -9.11
C THR G 47 129.63 -47.26 -9.78
N ASN G 48 128.72 -47.99 -10.42
CA ASN G 48 129.05 -49.24 -11.10
C ASN G 48 129.54 -48.95 -12.51
N SER G 49 130.72 -49.49 -12.84
CA SER G 49 131.43 -49.10 -14.07
C SER G 49 132.02 -50.31 -14.79
N THR G 50 131.22 -51.37 -14.96
CA THR G 50 131.69 -52.56 -15.65
C THR G 50 130.69 -52.97 -16.73
N ALA G 51 131.21 -53.54 -17.82
CA ALA G 51 130.42 -53.92 -18.97
C ALA G 51 129.91 -55.36 -18.83
N SER G 52 129.00 -55.72 -19.74
CA SER G 52 128.42 -57.06 -19.72
C SER G 52 129.48 -58.11 -20.04
N GLY G 53 129.47 -59.19 -19.25
CA GLY G 53 130.43 -60.26 -19.48
C GLY G 53 131.85 -59.94 -19.08
N SER G 54 132.07 -58.83 -18.38
CA SER G 54 133.42 -58.45 -17.98
C SER G 54 133.98 -59.44 -16.98
N SER G 55 135.31 -59.46 -16.88
CA SER G 55 135.96 -60.35 -15.92
C SER G 55 135.73 -59.89 -14.48
N ARG G 56 135.45 -58.60 -14.28
CA ARG G 56 135.43 -58.05 -12.94
C ARG G 56 134.50 -56.85 -12.85
N THR G 57 133.90 -56.68 -11.68
CA THR G 57 133.20 -55.44 -11.37
C THR G 57 134.20 -54.36 -11.02
N ILE G 58 133.95 -53.16 -11.52
CA ILE G 58 134.78 -52.00 -11.16
C ILE G 58 133.86 -50.84 -10.81
N TYR G 59 134.17 -50.17 -9.71
CA TYR G 59 133.35 -49.10 -9.15
C TYR G 59 134.16 -47.81 -9.18
N ASN G 60 133.57 -46.77 -9.75
CA ASN G 60 134.13 -45.43 -9.68
C ASN G 60 133.77 -44.82 -8.33
N ILE G 61 134.77 -44.31 -7.62
CA ILE G 61 134.57 -43.70 -6.31
C ILE G 61 135.04 -42.26 -6.40
N THR G 62 134.16 -41.33 -6.06
CA THR G 62 134.45 -39.91 -6.06
C THR G 62 134.35 -39.39 -4.64
N ILE G 63 135.41 -38.72 -4.17
CA ILE G 63 135.44 -38.12 -2.85
C ILE G 63 136.14 -36.78 -2.93
N THR G 64 135.67 -35.80 -2.17
CA THR G 64 136.38 -34.54 -2.08
C THR G 64 137.46 -34.65 -1.02
N VAL G 65 138.70 -34.32 -1.39
CA VAL G 65 139.84 -34.43 -0.50
C VAL G 65 140.57 -33.11 -0.46
N LYS G 66 140.99 -32.70 0.73
CA LYS G 66 141.74 -31.47 0.94
C LYS G 66 143.13 -31.82 1.44
N ASN G 67 144.14 -31.32 0.73
CA ASN G 67 145.54 -31.54 1.07
C ASN G 67 146.13 -30.26 1.64
N THR G 68 146.78 -30.37 2.80
CA THR G 68 147.37 -29.24 3.47
C THR G 68 148.89 -29.27 3.50
N GLY G 69 149.52 -30.35 3.04
CA GLY G 69 150.96 -30.45 3.06
C GLY G 69 151.61 -29.81 1.85
N THR G 70 152.94 -29.83 1.85
CA THR G 70 153.71 -29.25 0.76
C THR G 70 153.87 -30.19 -0.43
N THR G 71 153.45 -31.45 -0.29
CA THR G 71 153.72 -32.48 -1.29
C THR G 71 152.43 -33.13 -1.76
N SER G 72 152.45 -33.59 -3.01
CA SER G 72 151.30 -34.29 -3.56
C SER G 72 151.17 -35.67 -2.94
N ILE G 73 149.95 -36.06 -2.61
CA ILE G 73 149.68 -37.33 -1.93
C ILE G 73 148.62 -38.07 -2.74
N SER G 74 148.74 -39.41 -2.75
CA SER G 74 147.88 -40.26 -3.55
C SER G 74 147.23 -41.32 -2.68
N VAL G 75 146.10 -41.84 -3.16
CA VAL G 75 145.42 -42.94 -2.49
C VAL G 75 146.17 -44.24 -2.73
N THR G 76 146.20 -45.11 -1.72
CA THR G 76 146.84 -46.40 -1.83
C THR G 76 145.88 -47.57 -1.64
N SER G 77 144.88 -47.44 -0.79
CA SER G 77 143.91 -48.51 -0.57
C SER G 77 142.63 -47.91 -0.03
N ILE G 78 141.54 -48.64 -0.20
CA ILE G 78 140.24 -48.28 0.34
C ILE G 78 139.60 -49.52 0.94
N ASN G 79 138.93 -49.35 2.07
CA ASN G 79 138.20 -50.42 2.74
C ASN G 79 136.76 -49.95 2.90
N ILE G 80 135.84 -50.59 2.21
CA ILE G 80 134.44 -50.19 2.17
C ILE G 80 133.61 -51.26 2.85
N ASN G 81 132.83 -50.87 3.85
CA ASN G 81 131.90 -51.75 4.54
C ASN G 81 132.62 -52.97 5.14
N GLY G 82 133.91 -52.81 5.44
CA GLY G 82 134.73 -53.86 5.99
C GLY G 82 135.56 -54.60 4.95
N GLN G 83 135.12 -54.62 3.70
CA GLN G 83 135.81 -55.35 2.64
C GLN G 83 136.92 -54.48 2.03
N PRO G 84 138.11 -55.03 1.83
CA PRO G 84 139.18 -54.27 1.18
C PRO G 84 139.04 -54.29 -0.34
N PHE G 85 139.39 -53.17 -0.97
CA PHE G 85 139.29 -53.01 -2.42
C PHE G 85 140.65 -52.66 -3.00
N ASN G 86 140.85 -53.03 -4.27
CA ASN G 86 142.11 -52.82 -4.97
C ASN G 86 141.91 -51.80 -6.09
N ILE G 87 142.85 -50.88 -6.23
CA ILE G 87 142.68 -49.71 -7.08
C ILE G 87 143.22 -50.01 -8.48
N ASN G 88 142.39 -49.80 -9.50
CA ASN G 88 142.83 -49.92 -10.89
C ASN G 88 143.77 -48.78 -11.25
N GLY G 89 144.74 -49.08 -12.10
CA GLY G 89 145.51 -48.07 -12.78
C GLY G 89 146.32 -47.15 -11.88
N THR G 90 146.71 -46.02 -12.45
CA THR G 90 147.53 -45.04 -11.75
C THR G 90 146.68 -44.28 -10.75
N ALA G 91 147.03 -44.39 -9.47
CA ALA G 91 146.26 -43.74 -8.42
C ALA G 91 146.32 -42.22 -8.58
N PRO G 92 145.20 -41.53 -8.37
CA PRO G 92 145.21 -40.07 -8.53
C PRO G 92 146.08 -39.39 -7.49
N SER G 93 146.69 -38.28 -7.88
CA SER G 93 147.52 -37.47 -6.99
C SER G 93 146.76 -36.22 -6.60
N ILE G 94 146.86 -35.85 -5.33
CA ILE G 94 146.15 -34.69 -4.80
C ILE G 94 147.14 -33.56 -4.62
N PRO G 95 147.02 -32.46 -5.38
CA PRO G 95 148.03 -31.40 -5.34
C PRO G 95 148.19 -30.80 -3.95
N ALA G 96 149.33 -30.14 -3.76
CA ALA G 96 149.81 -29.80 -2.41
C ALA G 96 148.76 -29.07 -1.59
N GLY G 97 148.36 -27.88 -2.01
CA GLY G 97 147.48 -27.05 -1.22
C GLY G 97 146.04 -27.02 -1.63
N ARG G 98 145.62 -27.88 -2.55
CA ARG G 98 144.32 -27.74 -3.18
C ARG G 98 143.29 -28.69 -2.58
N THR G 99 142.02 -28.31 -2.74
CA THR G 99 140.88 -29.16 -2.40
C THR G 99 140.23 -29.60 -3.70
N GLN G 100 140.14 -30.92 -3.91
CA GLN G 100 139.67 -31.42 -5.19
C GLN G 100 138.69 -32.58 -5.03
N PRO G 101 137.67 -32.65 -5.90
CA PRO G 101 136.94 -33.91 -6.08
C PRO G 101 137.78 -34.89 -6.88
N ILE G 102 138.20 -35.97 -6.22
CA ILE G 102 139.10 -36.96 -6.78
C ILE G 102 138.29 -38.23 -7.04
N THR G 103 138.45 -38.79 -8.24
CA THR G 103 137.73 -39.98 -8.67
C THR G 103 138.73 -41.06 -9.05
N PHE G 104 138.46 -42.29 -8.61
CA PHE G 104 139.34 -43.41 -8.92
C PHE G 104 138.54 -44.70 -9.00
N GLU G 105 139.09 -45.68 -9.72
CA GLU G 105 138.44 -46.95 -9.99
C GLU G 105 138.94 -48.02 -9.03
N VAL G 106 138.02 -48.81 -8.48
CA VAL G 106 138.38 -49.88 -7.56
C VAL G 106 137.66 -51.16 -7.97
N THR G 107 138.22 -52.29 -7.57
CA THR G 107 137.65 -53.61 -7.80
C THR G 107 137.78 -54.42 -6.52
N PRO G 108 136.79 -55.24 -6.17
CA PRO G 108 136.84 -55.96 -4.90
C PRO G 108 137.92 -57.03 -4.89
N ALA G 109 138.61 -57.14 -3.75
CA ALA G 109 139.68 -58.12 -3.60
C ALA G 109 139.24 -59.35 -2.81
N SER G 110 138.39 -59.16 -1.79
CA SER G 110 137.99 -60.27 -0.95
C SER G 110 136.84 -61.05 -1.57
N GLY G 111 135.83 -60.36 -2.09
CA GLY G 111 134.67 -61.02 -2.66
C GLY G 111 133.69 -59.99 -3.17
N LYS G 112 132.64 -60.50 -3.80
CA LYS G 112 131.66 -59.65 -4.46
C LYS G 112 130.89 -58.83 -3.43
N PRO G 113 130.92 -57.50 -3.50
CA PRO G 113 130.12 -56.69 -2.59
C PRO G 113 128.72 -56.45 -3.15
N ASN G 114 127.70 -56.66 -2.32
CA ASN G 114 126.31 -56.48 -2.77
C ASN G 114 125.83 -55.08 -2.36
N PHE G 115 126.33 -54.09 -3.10
CA PHE G 115 125.90 -52.73 -2.88
C PHE G 115 124.42 -52.57 -3.22
N SER G 116 123.73 -51.72 -2.46
CA SER G 116 122.32 -51.49 -2.63
C SER G 116 122.08 -50.06 -3.08
N PRO G 117 121.23 -49.83 -4.10
CA PRO G 117 121.02 -48.48 -4.61
C PRO G 117 120.58 -47.49 -3.52
N GLY G 118 121.31 -46.39 -3.40
CA GLY G 118 120.99 -45.36 -2.44
C GLY G 118 121.50 -45.60 -1.04
N ALA G 119 122.12 -46.73 -0.77
CA ALA G 119 122.58 -47.04 0.58
C ALA G 119 123.82 -46.22 0.93
N SER G 120 124.09 -46.12 2.23
CA SER G 120 125.24 -45.40 2.76
C SER G 120 126.20 -46.38 3.39
N TYR G 121 127.48 -46.25 3.03
CA TYR G 121 128.51 -47.18 3.47
C TYR G 121 129.66 -46.41 4.11
N THR G 122 130.19 -46.93 5.20
CA THR G 122 131.40 -46.37 5.79
C THR G 122 132.63 -46.92 5.08
N ALA G 123 133.62 -46.06 4.91
CA ALA G 123 134.86 -46.46 4.26
C ALA G 123 136.03 -45.76 4.95
N THR G 124 137.21 -46.35 4.80
CA THR G 124 138.45 -45.72 5.24
C THR G 124 139.35 -45.56 4.05
N ILE G 125 139.72 -44.33 3.74
CA ILE G 125 140.62 -44.03 2.64
C ILE G 125 142.03 -43.91 3.21
N TYR G 126 142.95 -44.69 2.66
CA TYR G 126 144.33 -44.68 3.12
C TYR G 126 145.19 -44.01 2.06
N PHE G 127 145.93 -42.99 2.47
CA PHE G 127 146.70 -42.17 1.55
C PHE G 127 148.19 -42.49 1.68
N SER G 128 148.96 -42.01 0.70
CA SER G 128 150.37 -42.37 0.62
C SER G 128 151.18 -41.85 1.79
N ASN G 129 150.71 -40.80 2.47
CA ASN G 129 151.41 -40.29 3.64
C ASN G 129 151.16 -41.12 4.89
N GLY G 130 150.58 -42.31 4.76
CA GLY G 130 150.31 -43.15 5.91
C GLY G 130 149.15 -42.69 6.75
N GLN G 131 148.16 -42.03 6.16
CA GLN G 131 147.03 -41.46 6.88
C GLN G 131 145.74 -42.16 6.46
N GLY G 132 144.94 -42.54 7.44
CA GLY G 132 143.62 -43.09 7.21
C GLY G 132 142.56 -42.05 7.54
N ALA G 133 141.55 -41.95 6.66
CA ALA G 133 140.50 -40.98 6.82
C ALA G 133 139.14 -41.65 6.70
N PRO G 134 138.26 -41.49 7.69
CA PRO G 134 136.89 -42.00 7.54
C PRO G 134 136.15 -41.24 6.46
N ALA G 135 135.25 -41.94 5.78
CA ALA G 135 134.45 -41.36 4.72
C ALA G 135 133.12 -42.10 4.65
N THR G 136 132.11 -41.42 4.10
CA THR G 136 130.78 -41.97 3.92
C THR G 136 130.44 -41.92 2.45
N LEU G 137 130.18 -43.08 1.85
CA LEU G 137 129.96 -43.21 0.43
C LEU G 137 128.52 -43.62 0.15
N ILE G 138 127.85 -42.90 -0.73
CA ILE G 138 126.51 -43.24 -1.19
C ILE G 138 126.64 -43.99 -2.50
N TYR G 139 125.96 -45.14 -2.61
CA TYR G 139 125.98 -45.93 -3.82
C TYR G 139 124.91 -45.40 -4.76
N GLN G 140 125.35 -44.78 -5.87
CA GLN G 140 124.42 -44.14 -6.79
C GLN G 140 123.85 -45.11 -7.83
N GLY G 141 124.43 -46.29 -7.98
CA GLY G 141 123.95 -47.24 -8.96
C GLY G 141 125.04 -48.04 -9.63
N LEU H 1 192.48 -56.17 27.57
CA LEU H 1 192.01 -56.77 26.33
C LEU H 1 190.56 -57.21 26.46
N SER H 2 190.14 -57.50 27.69
CA SER H 2 188.80 -58.02 27.92
C SER H 2 187.72 -56.96 27.74
N GLY H 3 188.07 -55.69 27.92
CA GLY H 3 187.07 -54.64 27.89
C GLY H 3 186.34 -54.54 26.57
N ALA H 4 187.09 -54.65 25.47
CA ALA H 4 186.47 -54.57 24.15
C ALA H 4 185.52 -55.74 23.92
N ILE H 5 185.91 -56.94 24.35
CA ILE H 5 185.04 -58.11 24.18
C ILE H 5 183.77 -57.96 25.01
N VAL H 6 183.90 -57.45 26.24
CA VAL H 6 182.72 -57.23 27.08
C VAL H 6 181.80 -56.20 26.43
N ALA H 7 182.38 -55.13 25.89
CA ALA H 7 181.57 -54.11 25.23
C ALA H 7 180.85 -54.69 24.02
N LEU H 8 181.54 -55.52 23.23
CA LEU H 8 180.91 -56.14 22.07
C LEU H 8 179.75 -57.03 22.48
N ILE H 9 179.95 -57.85 23.50
CA ILE H 9 178.88 -58.72 23.97
C ILE H 9 177.69 -57.90 24.43
N LEU H 10 177.95 -56.84 25.19
CA LEU H 10 176.85 -56.03 25.70
C LEU H 10 176.12 -55.30 24.58
N VAL H 11 176.84 -54.86 23.54
CA VAL H 11 176.18 -54.18 22.43
C VAL H 11 175.25 -55.13 21.70
N ILE H 12 175.74 -56.32 21.36
CA ILE H 12 174.91 -57.28 20.64
C ILE H 12 173.72 -57.71 21.50
N ALA H 13 173.96 -57.95 22.78
CA ALA H 13 172.87 -58.33 23.68
C ALA H 13 171.86 -57.21 23.83
N GLY H 14 172.31 -55.95 23.84
CA GLY H 14 171.38 -54.84 23.89
C GLY H 14 170.48 -54.80 22.69
N VAL H 15 171.04 -55.03 21.50
CA VAL H 15 170.21 -55.11 20.30
C VAL H 15 169.15 -56.20 20.47
N ILE H 16 169.59 -57.39 20.90
CA ILE H 16 168.67 -58.52 21.03
C ILE H 16 167.55 -58.21 22.03
N ILE H 17 167.92 -57.67 23.19
CA ILE H 17 166.96 -57.46 24.25
C ILE H 17 165.98 -56.35 23.90
N ALA H 18 166.46 -55.29 23.22
CA ALA H 18 165.55 -54.25 22.78
C ALA H 18 164.52 -54.81 21.80
N ILE H 19 164.96 -55.65 20.87
CA ILE H 19 164.01 -56.26 19.93
C ILE H 19 163.02 -57.14 20.68
N ALA H 20 163.50 -57.88 21.68
CA ALA H 20 162.60 -58.74 22.46
C ALA H 20 161.55 -57.93 23.20
N VAL H 21 161.94 -56.80 23.77
CA VAL H 21 160.98 -55.92 24.45
C VAL H 21 159.94 -55.42 23.46
N VAL H 22 160.39 -55.01 22.27
CA VAL H 22 159.46 -54.53 21.25
C VAL H 22 158.44 -55.62 20.91
N LEU H 23 158.89 -56.86 20.75
CA LEU H 23 157.96 -57.94 20.42
C LEU H 23 156.99 -58.23 21.57
N PHE H 24 157.48 -58.17 22.81
CA PHE H 24 156.63 -58.42 23.97
C PHE H 24 155.50 -57.39 24.06
N ALA H 25 155.82 -56.13 23.74
CA ALA H 25 154.81 -55.08 23.77
C ALA H 25 153.60 -55.46 22.92
N PHE H 26 153.84 -55.93 21.69
CA PHE H 26 152.74 -56.34 20.83
C PHE H 26 152.11 -57.64 21.32
N GLY H 27 152.91 -58.55 21.85
CA GLY H 27 152.36 -59.79 22.38
C GLY H 27 151.36 -59.59 23.50
N LEU H 28 151.40 -58.44 24.17
CA LEU H 28 150.41 -58.19 25.23
C LEU H 28 148.98 -58.00 24.71
N ILE H 29 148.78 -57.33 23.57
CA ILE H 29 147.43 -56.85 23.21
C ILE H 29 146.40 -57.95 23.02
N PRO H 30 146.69 -59.09 22.39
CA PRO H 30 145.62 -60.09 22.20
C PRO H 30 145.07 -60.62 23.51
N GLY H 31 145.85 -60.57 24.58
CA GLY H 31 145.31 -60.90 25.90
C GLY H 31 144.35 -59.85 26.40
N ILE H 32 144.70 -58.57 26.24
CA ILE H 32 143.85 -57.50 26.74
C ILE H 32 142.54 -57.46 25.97
N SER H 33 142.54 -57.91 24.71
CA SER H 33 141.29 -57.92 23.96
C SER H 33 140.23 -58.81 24.60
N ASN H 34 140.63 -59.74 25.47
CA ASN H 34 139.66 -60.60 26.15
C ASN H 34 138.80 -59.82 27.15
N GLN H 35 139.18 -58.59 27.48
CA GLN H 35 138.38 -57.78 28.41
C GLN H 35 136.98 -57.53 27.88
N GLY H 36 136.76 -57.63 26.57
CA GLY H 36 135.45 -57.40 25.99
C GLY H 36 134.91 -58.60 25.26
N SER H 37 135.09 -59.79 25.84
CA SER H 37 134.67 -61.02 25.17
C SER H 37 133.16 -61.11 25.05
N ILE H 38 132.41 -60.60 26.03
CA ILE H 38 131.00 -60.89 26.18
C ILE H 38 130.15 -59.68 25.83
N GLN H 39 129.03 -59.93 25.16
CA GLN H 39 128.01 -58.93 24.91
C GLN H 39 126.67 -59.47 25.36
N VAL H 40 125.92 -58.68 26.12
CA VAL H 40 124.56 -59.03 26.53
C VAL H 40 123.60 -58.29 25.61
N LEU H 41 122.79 -59.04 24.86
CA LEU H 41 121.99 -58.45 23.80
C LEU H 41 120.53 -58.83 23.97
N GLY H 42 119.64 -57.87 23.66
CA GLY H 42 118.23 -58.05 23.86
C GLY H 42 117.81 -57.71 25.28
N SER H 43 116.50 -57.56 25.47
CA SER H 43 115.96 -57.26 26.78
C SER H 43 115.75 -58.55 27.57
N GLY H 44 116.32 -58.59 28.77
CA GLY H 44 116.16 -59.74 29.64
C GLY H 44 114.88 -59.68 30.44
N THR H 45 114.67 -60.72 31.24
CA THR H 45 113.47 -60.82 32.06
C THR H 45 113.82 -61.30 33.46
N ILE H 46 113.15 -60.73 34.46
CA ILE H 46 113.29 -61.11 35.85
C ILE H 46 111.92 -61.55 36.36
N THR H 47 111.87 -62.72 37.00
CA THR H 47 110.60 -63.34 37.39
C THR H 47 110.64 -63.80 38.83
N ASN H 48 109.49 -63.74 39.51
CA ASN H 48 109.40 -64.22 40.89
C ASN H 48 109.50 -65.74 40.91
N SER H 49 110.39 -66.26 41.75
CA SER H 49 110.64 -67.69 41.82
C SER H 49 110.76 -68.18 43.25
N THR H 50 110.06 -67.52 44.17
CA THR H 50 110.31 -67.71 45.59
C THR H 50 109.56 -68.90 46.19
N ALA H 51 108.65 -69.54 45.44
CA ALA H 51 107.87 -70.67 45.92
C ALA H 51 106.98 -70.27 47.11
N SER H 52 106.13 -69.27 46.88
CA SER H 52 105.02 -68.91 47.79
C SER H 52 105.50 -68.61 49.20
N GLY H 53 106.71 -68.10 49.36
CA GLY H 53 107.23 -67.78 50.67
C GLY H 53 108.12 -68.83 51.29
N SER H 54 108.43 -69.90 50.55
CA SER H 54 109.30 -70.95 51.07
C SER H 54 110.79 -70.65 50.88
N SER H 55 111.14 -69.49 50.30
CA SER H 55 112.52 -69.19 50.00
C SER H 55 112.78 -67.70 50.22
N ARG H 56 114.05 -67.35 50.39
CA ARG H 56 114.44 -65.97 50.70
C ARG H 56 114.37 -65.08 49.45
N THR H 57 113.16 -64.96 48.91
CA THR H 57 112.86 -64.06 47.78
C THR H 57 113.85 -64.26 46.63
N ILE H 58 113.80 -65.45 46.04
CA ILE H 58 114.72 -65.80 44.97
C ILE H 58 114.05 -65.51 43.63
N TYR H 59 114.75 -64.77 42.76
CA TYR H 59 114.26 -64.33 41.46
C TYR H 59 115.00 -65.04 40.33
N ASN H 60 114.43 -64.93 39.13
CA ASN H 60 114.93 -65.61 37.94
C ASN H 60 115.43 -64.52 37.00
N ILE H 61 116.71 -64.54 36.61
CA ILE H 61 117.24 -63.62 35.62
C ILE H 61 117.55 -64.40 34.35
N THR H 62 116.90 -64.03 33.25
CA THR H 62 117.15 -64.60 31.94
C THR H 62 117.62 -63.52 30.98
N ILE H 63 118.78 -63.74 30.37
CA ILE H 63 119.40 -62.76 29.47
C ILE H 63 120.10 -63.51 28.35
N THR H 64 120.08 -62.95 27.14
CA THR H 64 120.78 -63.55 26.01
C THR H 64 122.20 -63.01 25.98
N VAL H 65 123.18 -63.93 26.07
CA VAL H 65 124.59 -63.57 26.19
C VAL H 65 125.34 -64.19 25.02
N LYS H 66 126.24 -63.41 24.43
CA LYS H 66 127.09 -63.83 23.33
C LYS H 66 128.54 -63.75 23.77
N ASN H 67 129.28 -64.83 23.61
CA ASN H 67 130.67 -64.92 24.02
C ASN H 67 131.54 -65.00 22.78
N THR H 68 132.43 -64.02 22.61
CA THR H 68 133.33 -63.95 21.47
C THR H 68 134.73 -64.45 21.80
N GLY H 69 135.03 -64.68 23.08
CA GLY H 69 136.34 -65.16 23.46
C GLY H 69 136.52 -66.64 23.21
N THR H 70 137.74 -67.11 23.52
CA THR H 70 138.09 -68.52 23.33
C THR H 70 137.95 -69.34 24.59
N THR H 71 137.47 -68.76 25.69
CA THR H 71 137.31 -69.46 26.95
C THR H 71 135.87 -69.36 27.43
N SER H 72 135.45 -70.36 28.21
CA SER H 72 134.15 -70.29 28.87
C SER H 72 134.21 -69.26 29.99
N ILE H 73 133.20 -68.40 30.06
CA ILE H 73 133.20 -67.27 30.99
C ILE H 73 131.93 -67.34 31.82
N SER H 74 132.05 -67.03 33.11
CA SER H 74 130.98 -67.22 34.08
C SER H 74 130.56 -65.89 34.71
N VAL H 75 129.33 -65.87 35.20
CA VAL H 75 128.78 -64.70 35.88
C VAL H 75 129.25 -64.73 37.33
N THR H 76 130.04 -63.73 37.73
CA THR H 76 130.57 -63.70 39.09
C THR H 76 129.67 -62.94 40.06
N SER H 77 129.03 -61.87 39.61
CA SER H 77 128.17 -61.09 40.49
C SER H 77 127.18 -60.31 39.63
N ILE H 78 126.13 -59.80 40.28
CA ILE H 78 125.11 -59.03 39.58
C ILE H 78 124.63 -57.90 40.49
N ASN H 79 124.41 -56.73 39.89
CA ASN H 79 123.82 -55.58 40.55
C ASN H 79 122.58 -55.20 39.76
N ILE H 80 121.44 -55.09 40.44
CA ILE H 80 120.16 -54.76 39.81
C ILE H 80 119.71 -53.41 40.33
N ASN H 81 119.64 -52.43 39.43
CA ASN H 81 119.16 -51.08 39.74
C ASN H 81 119.91 -50.48 40.92
N GLY H 82 121.22 -50.72 40.96
CA GLY H 82 122.06 -50.21 42.02
C GLY H 82 122.16 -51.09 43.25
N GLN H 83 121.24 -52.04 43.42
CA GLN H 83 121.26 -52.90 44.59
C GLN H 83 122.12 -54.14 44.32
N PRO H 84 122.94 -54.56 45.26
CA PRO H 84 123.74 -55.78 45.06
C PRO H 84 122.87 -57.03 45.12
N PHE H 85 123.29 -58.07 44.41
CA PHE H 85 122.57 -59.32 44.39
C PHE H 85 123.56 -60.47 44.42
N ASN H 86 123.10 -61.63 44.91
CA ASN H 86 123.94 -62.81 45.03
C ASN H 86 123.30 -63.98 44.30
N ILE H 87 124.09 -64.67 43.47
CA ILE H 87 123.58 -65.83 42.76
C ILE H 87 123.33 -66.97 43.74
N ASN H 88 122.17 -67.62 43.62
CA ASN H 88 121.78 -68.64 44.59
C ASN H 88 122.41 -70.00 44.32
N GLY H 89 122.53 -70.40 43.05
CA GLY H 89 123.16 -71.65 42.69
C GLY H 89 124.59 -71.46 42.23
N THR H 90 125.10 -72.49 41.55
CA THR H 90 126.40 -72.35 40.90
C THR H 90 126.28 -71.38 39.73
N ALA H 91 127.34 -70.63 39.48
CA ALA H 91 127.29 -69.58 38.47
C ALA H 91 127.13 -70.18 37.08
N PRO H 92 126.27 -69.60 36.24
CA PRO H 92 126.20 -70.06 34.84
C PRO H 92 127.47 -69.69 34.09
N SER H 93 127.78 -70.48 33.07
CA SER H 93 128.98 -70.29 32.27
C SER H 93 128.61 -70.31 30.80
N ILE H 94 129.16 -69.37 30.03
CA ILE H 94 128.86 -69.21 28.62
C ILE H 94 130.04 -69.78 27.82
N PRO H 95 129.83 -70.81 27.01
CA PRO H 95 130.95 -71.37 26.25
C PRO H 95 131.40 -70.44 25.14
N ALA H 96 132.59 -70.74 24.59
CA ALA H 96 133.18 -69.90 23.57
C ALA H 96 132.35 -69.91 22.29
N GLY H 97 132.27 -68.77 21.63
CA GLY H 97 131.57 -68.64 20.36
C GLY H 97 130.07 -68.71 20.42
N ARG H 98 129.50 -69.04 21.58
CA ARG H 98 128.06 -69.26 21.68
C ARG H 98 127.29 -67.97 21.86
N THR H 99 126.03 -68.00 21.43
CA THR H 99 125.03 -67.00 21.79
C THR H 99 123.83 -67.78 22.34
N GLN H 100 123.54 -67.59 23.62
CA GLN H 100 122.54 -68.44 24.24
C GLN H 100 121.85 -67.71 25.39
N PRO H 101 120.64 -68.14 25.77
CA PRO H 101 119.97 -67.56 26.94
C PRO H 101 120.49 -68.14 28.25
N ILE H 102 121.18 -67.31 29.02
CA ILE H 102 121.59 -67.67 30.37
C ILE H 102 120.45 -67.38 31.33
N THR H 103 120.13 -68.35 32.17
CA THR H 103 119.12 -68.18 33.22
C THR H 103 119.72 -68.58 34.55
N PHE H 104 119.57 -67.73 35.56
CA PHE H 104 120.13 -68.05 36.87
C PHE H 104 119.30 -67.44 37.99
N GLU H 105 119.37 -68.09 39.15
CA GLU H 105 118.65 -67.63 40.33
C GLU H 105 119.46 -66.58 41.07
N VAL H 106 118.75 -65.65 41.71
CA VAL H 106 119.41 -64.56 42.41
C VAL H 106 118.64 -64.18 43.66
N THR H 107 119.36 -63.65 44.64
CA THR H 107 118.87 -63.25 45.95
C THR H 107 119.30 -61.81 46.23
N PRO H 108 118.51 -61.07 46.99
CA PRO H 108 118.96 -59.75 47.45
C PRO H 108 120.10 -59.90 48.46
N ALA H 109 121.19 -59.16 48.24
CA ALA H 109 122.29 -59.17 49.19
C ALA H 109 121.91 -58.50 50.50
N SER H 110 121.08 -57.46 50.44
CA SER H 110 120.60 -56.79 51.62
C SER H 110 119.24 -56.19 51.32
N GLY H 111 118.39 -56.12 52.33
CA GLY H 111 117.09 -55.53 52.14
C GLY H 111 116.15 -56.43 51.37
N LYS H 112 115.09 -55.80 50.85
CA LYS H 112 114.02 -56.51 50.13
C LYS H 112 113.58 -55.57 49.02
N PRO H 113 114.10 -55.77 47.81
CA PRO H 113 113.67 -54.95 46.68
C PRO H 113 112.31 -55.40 46.17
N ASN H 114 111.45 -54.43 45.88
CA ASN H 114 110.11 -54.71 45.40
C ASN H 114 110.01 -54.28 43.95
N PHE H 115 109.51 -55.16 43.10
CA PHE H 115 109.41 -54.90 41.67
C PHE H 115 107.95 -54.79 41.27
N SER H 116 107.69 -53.93 40.27
CA SER H 116 106.34 -53.75 39.77
C SER H 116 106.20 -54.40 38.40
N PRO H 117 105.03 -54.97 38.09
CA PRO H 117 104.86 -55.65 36.81
C PRO H 117 105.12 -54.73 35.63
N GLY H 118 105.87 -55.24 34.65
CA GLY H 118 106.14 -54.52 33.42
C GLY H 118 107.16 -53.41 33.52
N ALA H 119 107.69 -53.15 34.71
CA ALA H 119 108.70 -52.10 34.85
C ALA H 119 110.05 -52.59 34.34
N SER H 120 110.88 -51.64 33.92
CA SER H 120 112.21 -51.94 33.41
C SER H 120 113.25 -51.58 34.46
N TYR H 121 114.12 -52.53 34.78
CA TYR H 121 115.16 -52.37 35.78
C TYR H 121 116.51 -52.64 35.12
N THR H 122 117.44 -51.72 35.28
CA THR H 122 118.77 -51.91 34.73
C THR H 122 119.61 -52.77 35.65
N ALA H 123 120.33 -53.73 35.07
CA ALA H 123 121.19 -54.62 35.82
C ALA H 123 122.56 -54.69 35.15
N THR H 124 123.60 -54.70 35.96
CA THR H 124 124.96 -54.87 35.47
C THR H 124 125.43 -56.26 35.83
N ILE H 125 125.72 -57.07 34.81
CA ILE H 125 126.21 -58.43 35.02
C ILE H 125 127.73 -58.39 34.89
N TYR H 126 128.42 -58.80 35.95
CA TYR H 126 129.87 -58.82 35.98
C TYR H 126 130.33 -60.24 35.67
N PHE H 127 131.07 -60.40 34.58
CA PHE H 127 131.55 -61.70 34.16
C PHE H 127 132.98 -61.91 34.63
N SER H 128 133.48 -63.14 34.46
CA SER H 128 134.79 -63.50 35.00
C SER H 128 135.92 -62.72 34.34
N ASN H 129 135.67 -62.09 33.20
CA ASN H 129 136.67 -61.21 32.59
C ASN H 129 136.86 -59.93 33.38
N GLY H 130 136.01 -59.66 34.36
CA GLY H 130 135.91 -58.33 34.93
C GLY H 130 135.04 -57.39 34.13
N GLN H 131 134.54 -57.84 32.98
CA GLN H 131 133.67 -57.02 32.15
C GLN H 131 132.30 -56.88 32.78
N GLY H 132 131.81 -55.65 32.86
CA GLY H 132 130.49 -55.40 33.38
C GLY H 132 129.53 -54.95 32.31
N ALA H 133 128.60 -55.83 31.94
CA ALA H 133 127.67 -55.53 30.86
C ALA H 133 126.38 -54.96 31.43
N PRO H 134 125.98 -53.76 31.03
CA PRO H 134 124.65 -53.27 31.42
C PRO H 134 123.57 -53.88 30.52
N ALA H 135 122.43 -54.16 31.13
CA ALA H 135 121.31 -54.77 30.43
C ALA H 135 120.02 -54.29 31.08
N THR H 136 118.91 -54.47 30.36
CA THR H 136 117.60 -54.07 30.85
C THR H 136 116.74 -55.30 31.04
N LEU H 137 116.21 -55.46 32.25
CA LEU H 137 115.35 -56.58 32.60
C LEU H 137 113.92 -56.06 32.78
N ILE H 138 112.96 -56.73 32.16
CA ILE H 138 111.55 -56.41 32.34
C ILE H 138 110.96 -57.40 33.32
N TYR H 139 110.38 -56.88 34.40
CA TYR H 139 109.79 -57.74 35.42
C TYR H 139 108.51 -58.37 34.90
N GLN H 140 108.37 -59.69 35.10
CA GLN H 140 107.26 -60.44 34.55
C GLN H 140 106.45 -61.19 35.60
N GLY H 141 106.91 -61.25 36.85
CA GLY H 141 106.23 -62.04 37.86
C GLY H 141 104.97 -61.41 38.42
N LEU I 1 186.36 -55.96 32.40
CA LEU I 1 185.42 -56.40 33.41
C LEU I 1 184.49 -55.27 33.84
N SER I 2 184.96 -54.03 33.66
CA SER I 2 184.22 -52.88 34.14
C SER I 2 182.86 -52.76 33.49
N GLY I 3 182.78 -53.04 32.19
CA GLY I 3 181.54 -52.82 31.46
C GLY I 3 180.39 -53.64 31.99
N ALA I 4 180.64 -54.91 32.30
CA ALA I 4 179.56 -55.78 32.79
C ALA I 4 179.04 -55.31 34.14
N ILE I 5 179.93 -54.95 35.05
CA ILE I 5 179.51 -54.51 36.37
C ILE I 5 178.77 -53.18 36.28
N VAL I 6 179.25 -52.26 35.44
CA VAL I 6 178.56 -50.98 35.27
C VAL I 6 177.18 -51.19 34.68
N ALA I 7 177.06 -52.07 33.69
CA ALA I 7 175.76 -52.36 33.10
C ALA I 7 174.82 -52.98 34.13
N LEU I 8 175.33 -53.87 34.98
CA LEU I 8 174.50 -54.45 36.02
C LEU I 8 174.03 -53.40 37.02
N ILE I 9 174.93 -52.48 37.41
CA ILE I 9 174.55 -51.40 38.30
C ILE I 9 173.43 -50.58 37.69
N LEU I 10 173.58 -50.22 36.42
CA LEU I 10 172.56 -49.40 35.78
C LEU I 10 171.25 -50.15 35.60
N VAL I 11 171.31 -51.47 35.38
CA VAL I 11 170.08 -52.26 35.27
C VAL I 11 169.32 -52.25 36.59
N ILE I 12 170.03 -52.49 37.70
CA ILE I 12 169.38 -52.50 39.01
C ILE I 12 168.82 -51.12 39.33
N ALA I 13 169.60 -50.07 39.05
CA ALA I 13 169.14 -48.71 39.33
C ALA I 13 167.93 -48.35 38.48
N GLY I 14 167.91 -48.79 37.23
CA GLY I 14 166.74 -48.56 36.38
C GLY I 14 165.50 -49.25 36.93
N VAL I 15 165.67 -50.47 37.41
CA VAL I 15 164.55 -51.16 38.07
C VAL I 15 164.05 -50.34 39.24
N ILE I 16 164.98 -49.84 40.05
CA ILE I 16 164.60 -49.07 41.25
C ILE I 16 163.80 -47.83 40.86
N ILE I 17 164.34 -47.04 39.92
CA ILE I 17 163.70 -45.78 39.57
C ILE I 17 162.37 -46.01 38.87
N ALA I 18 162.30 -47.02 38.01
CA ALA I 18 161.05 -47.32 37.32
C ALA I 18 159.97 -47.73 38.31
N ILE I 19 160.31 -48.58 39.29
CA ILE I 19 159.33 -48.98 40.29
C ILE I 19 158.91 -47.77 41.13
N ALA I 20 159.85 -46.87 41.43
CA ALA I 20 159.50 -45.66 42.17
C ALA I 20 158.50 -44.82 41.39
N VAL I 21 158.71 -44.68 40.08
CA VAL I 21 157.78 -43.90 39.26
C VAL I 21 156.41 -44.59 39.18
N VAL I 22 156.39 -45.92 39.10
CA VAL I 22 155.13 -46.66 39.08
C VAL I 22 154.35 -46.45 40.37
N LEU I 23 155.06 -46.51 41.51
CA LEU I 23 154.40 -46.27 42.79
C LEU I 23 153.90 -44.84 42.90
N PHE I 24 154.65 -43.88 42.33
CA PHE I 24 154.17 -42.50 42.30
C PHE I 24 152.89 -42.39 41.47
N ALA I 25 152.84 -43.08 40.33
CA ALA I 25 151.63 -43.09 39.52
C ALA I 25 150.45 -43.66 40.30
N PHE I 26 150.69 -44.73 41.05
CA PHE I 26 149.63 -45.31 41.88
C PHE I 26 149.21 -44.34 42.99
N GLY I 27 150.15 -43.58 43.54
CA GLY I 27 149.81 -42.61 44.57
C GLY I 27 149.09 -41.38 44.08
N LEU I 28 149.18 -41.08 42.79
CA LEU I 28 148.44 -39.94 42.25
C LEU I 28 146.94 -40.17 42.23
N ILE I 29 146.49 -41.42 42.12
CA ILE I 29 145.09 -41.76 41.88
C ILE I 29 144.14 -41.14 42.91
N PRO I 30 144.41 -41.22 44.22
CA PRO I 30 143.44 -40.66 45.17
C PRO I 30 143.18 -39.17 44.99
N GLY I 31 144.20 -38.38 44.62
CA GLY I 31 143.97 -36.97 44.42
C GLY I 31 143.10 -36.66 43.22
N ILE I 32 143.32 -37.39 42.12
CA ILE I 32 142.56 -37.13 40.90
C ILE I 32 141.20 -37.81 40.95
N SER I 33 141.15 -39.03 41.47
CA SER I 33 139.89 -39.79 41.54
C SER I 33 139.14 -39.30 42.77
N ASN I 34 138.22 -38.37 42.54
CA ASN I 34 137.42 -37.77 43.61
C ASN I 34 135.99 -37.66 43.09
N GLN I 35 135.20 -38.69 43.35
CA GLN I 35 133.79 -38.65 42.99
C GLN I 35 133.03 -37.74 43.95
N GLY I 36 131.76 -37.53 43.66
CA GLY I 36 130.95 -36.64 44.48
C GLY I 36 131.04 -35.22 44.00
N SER I 37 129.93 -34.49 44.08
CA SER I 37 129.86 -33.15 43.56
C SER I 37 128.71 -32.42 44.25
N ILE I 38 128.70 -31.11 44.09
CA ILE I 38 127.55 -30.32 44.53
C ILE I 38 126.51 -30.32 43.42
N GLN I 39 125.29 -30.72 43.76
CA GLN I 39 124.19 -30.81 42.83
C GLN I 39 123.14 -29.77 43.21
N VAL I 40 122.67 -29.00 42.23
CA VAL I 40 121.65 -27.99 42.45
C VAL I 40 120.32 -28.57 42.03
N LEU I 41 119.39 -28.64 42.98
CA LEU I 41 118.12 -29.33 42.81
C LEU I 41 117.00 -28.30 42.65
N GLY I 42 116.26 -28.39 41.56
CA GLY I 42 115.12 -27.53 41.35
C GLY I 42 115.51 -26.10 41.01
N SER I 43 114.50 -25.27 40.84
CA SER I 43 114.71 -23.86 40.52
C SER I 43 114.97 -23.06 41.78
N GLY I 44 115.92 -22.12 41.69
CA GLY I 44 116.16 -21.17 42.74
C GLY I 44 115.41 -19.87 42.50
N THR I 45 115.63 -18.92 43.41
CA THR I 45 114.93 -17.64 43.36
C THR I 45 115.90 -16.48 43.56
N ILE I 46 115.67 -15.42 42.80
CA ILE I 46 116.36 -14.14 42.98
C ILE I 46 115.36 -13.12 43.51
N THR I 47 115.73 -12.44 44.59
CA THR I 47 114.87 -11.45 45.21
C THR I 47 115.65 -10.15 45.38
N ASN I 48 115.00 -9.01 45.16
CA ASN I 48 115.68 -7.73 45.25
C ASN I 48 115.89 -7.36 46.71
N SER I 49 117.16 -7.29 47.14
CA SER I 49 117.49 -6.94 48.51
C SER I 49 117.90 -5.49 48.67
N THR I 50 118.10 -4.75 47.59
CA THR I 50 118.48 -3.35 47.69
C THR I 50 117.40 -2.56 48.41
N ALA I 51 117.83 -1.70 49.33
CA ALA I 51 116.89 -0.97 50.18
C ALA I 51 117.45 0.40 50.52
N SER I 52 116.56 1.26 51.00
CA SER I 52 116.90 2.57 51.56
C SER I 52 117.56 3.50 50.54
N GLY I 53 117.41 3.22 49.25
CA GLY I 53 118.01 4.06 48.25
C GLY I 53 119.52 4.07 48.24
N SER I 54 120.15 3.06 48.84
CA SER I 54 121.60 2.97 48.82
C SER I 54 122.09 2.71 47.40
N SER I 55 123.35 3.08 47.14
CA SER I 55 123.84 3.14 45.77
C SER I 55 124.05 1.76 45.17
N ARG I 56 124.29 0.73 45.98
CA ARG I 56 124.70 -0.57 45.48
C ARG I 56 123.53 -1.55 45.48
N THR I 57 123.32 -2.22 44.35
CA THR I 57 122.24 -3.19 44.23
C THR I 57 122.70 -4.54 44.74
N ILE I 58 121.90 -5.16 45.60
CA ILE I 58 122.18 -6.47 46.16
C ILE I 58 120.96 -7.36 45.97
N TYR I 59 121.20 -8.62 45.63
CA TYR I 59 120.13 -9.58 45.38
C TYR I 59 120.33 -10.83 46.22
N ASN I 60 119.22 -11.32 46.78
CA ASN I 60 119.18 -12.61 47.46
C ASN I 60 119.06 -13.71 46.42
N ILE I 61 119.86 -14.75 46.55
CA ILE I 61 119.76 -15.93 45.72
C ILE I 61 119.58 -17.13 46.64
N THR I 62 118.49 -17.86 46.43
CA THR I 62 118.18 -19.05 47.21
C THR I 62 118.12 -20.25 46.28
N ILE I 63 118.88 -21.31 46.61
CA ILE I 63 118.90 -22.53 45.82
C ILE I 63 119.02 -23.72 46.75
N THR I 64 118.45 -24.85 46.33
CA THR I 64 118.59 -26.09 47.07
C THR I 64 119.82 -26.85 46.57
N VAL I 65 120.72 -27.19 47.49
CA VAL I 65 122.04 -27.71 47.15
C VAL I 65 122.29 -28.99 47.93
N LYS I 66 122.79 -30.01 47.23
CA LYS I 66 123.09 -31.32 47.81
C LYS I 66 124.57 -31.61 47.57
N ASN I 67 125.34 -31.69 48.65
CA ASN I 67 126.77 -32.00 48.56
C ASN I 67 126.92 -33.51 48.66
N THR I 68 127.19 -34.16 47.54
CA THR I 68 127.34 -35.61 47.53
C THR I 68 128.75 -36.05 47.88
N GLY I 69 129.69 -35.12 48.03
CA GLY I 69 131.07 -35.46 48.34
C GLY I 69 131.31 -35.62 49.84
N THR I 70 132.57 -35.81 50.18
CA THR I 70 133.01 -35.98 51.56
C THR I 70 133.73 -34.74 52.10
N THR I 71 133.68 -33.63 51.38
CA THR I 71 134.39 -32.42 51.79
C THR I 71 133.42 -31.24 51.83
N SER I 72 133.70 -30.31 52.73
CA SER I 72 132.98 -29.04 52.75
C SER I 72 133.34 -28.22 51.52
N ILE I 73 132.33 -27.65 50.87
CA ILE I 73 132.50 -26.90 49.64
C ILE I 73 131.73 -25.59 49.77
N SER I 74 132.29 -24.53 49.18
CA SER I 74 131.70 -23.20 49.25
C SER I 74 131.54 -22.62 47.85
N VAL I 75 130.63 -21.67 47.71
CA VAL I 75 130.44 -20.96 46.45
C VAL I 75 131.53 -19.92 46.29
N THR I 76 131.89 -19.63 45.04
CA THR I 76 132.95 -18.66 44.78
C THR I 76 132.46 -17.55 43.86
N SER I 77 131.52 -17.86 42.98
CA SER I 77 130.98 -16.88 42.05
C SER I 77 129.69 -17.42 41.46
N ILE I 78 128.92 -16.52 40.86
CA ILE I 78 127.73 -16.89 40.10
C ILE I 78 127.66 -16.01 38.86
N ASN I 79 127.19 -16.61 37.76
CA ASN I 79 126.95 -15.89 36.51
C ASN I 79 125.47 -16.03 36.17
N ILE I 80 124.77 -14.90 36.07
CA ILE I 80 123.34 -14.90 35.80
C ILE I 80 123.09 -14.16 34.49
N ASN I 81 122.42 -14.84 33.55
CA ASN I 81 122.02 -14.23 32.28
C ASN I 81 123.21 -13.69 31.51
N GLY I 82 124.36 -14.36 31.63
CA GLY I 82 125.57 -13.93 30.96
C GLY I 82 126.36 -12.86 31.68
N GLN I 83 125.89 -12.41 32.85
CA GLN I 83 126.50 -11.32 33.60
C GLN I 83 127.13 -11.88 34.87
N PRO I 84 128.38 -11.53 35.18
CA PRO I 84 129.00 -12.05 36.41
C PRO I 84 128.55 -11.26 37.64
N PHE I 85 128.40 -11.97 38.76
CA PHE I 85 128.04 -11.36 40.02
C PHE I 85 129.05 -11.77 41.08
N ASN I 86 129.26 -10.89 42.05
CA ASN I 86 130.17 -11.15 43.16
C ASN I 86 129.38 -11.55 44.39
N ILE I 87 129.86 -12.59 45.09
CA ILE I 87 129.18 -13.07 46.28
C ILE I 87 129.51 -12.17 47.45
N ASN I 88 128.64 -11.19 47.71
CA ASN I 88 128.82 -10.31 48.87
C ASN I 88 128.86 -11.14 50.14
N GLY I 89 129.80 -10.77 51.02
CA GLY I 89 129.88 -11.35 52.34
C GLY I 89 130.58 -12.70 52.38
N THR I 90 130.63 -13.25 53.58
CA THR I 90 131.17 -14.59 53.78
C THR I 90 130.38 -15.60 52.97
N ALA I 91 131.05 -16.22 52.00
CA ALA I 91 130.37 -17.15 51.10
C ALA I 91 129.87 -18.36 51.88
N PRO I 92 128.65 -18.81 51.63
CA PRO I 92 128.13 -19.96 52.37
C PRO I 92 128.89 -21.23 52.05
N SER I 93 128.98 -22.11 53.05
CA SER I 93 129.65 -23.39 52.93
C SER I 93 128.61 -24.51 53.05
N ILE I 94 128.72 -25.50 52.17
CA ILE I 94 127.77 -26.61 52.11
C ILE I 94 128.44 -27.83 52.73
N PRO I 95 127.95 -28.32 53.87
CA PRO I 95 128.59 -29.47 54.52
C PRO I 95 128.46 -30.74 53.70
N ALA I 96 129.35 -31.68 53.98
CA ALA I 96 129.40 -32.93 53.24
C ALA I 96 128.15 -33.77 53.48
N GLY I 97 127.68 -34.43 52.42
CA GLY I 97 126.59 -35.36 52.51
C GLY I 97 125.24 -34.76 52.88
N ARG I 98 125.07 -33.45 52.76
CA ARG I 98 123.89 -32.78 53.27
C ARG I 98 123.16 -32.04 52.17
N THR I 99 121.83 -32.06 52.25
CA THR I 99 120.96 -31.28 51.38
C THR I 99 120.43 -30.09 52.17
N GLN I 100 120.63 -28.89 51.64
CA GLN I 100 120.28 -27.67 52.36
C GLN I 100 119.68 -26.64 51.42
N PRO I 101 118.73 -25.84 51.90
CA PRO I 101 118.44 -24.56 51.24
C PRO I 101 119.52 -23.55 51.58
N ILE I 102 120.22 -23.08 50.56
CA ILE I 102 121.35 -22.16 50.73
C ILE I 102 120.95 -20.82 50.15
N THR I 103 121.23 -19.75 50.90
CA THR I 103 120.86 -18.40 50.50
C THR I 103 122.06 -17.48 50.67
N PHE I 104 122.33 -16.68 49.65
CA PHE I 104 123.46 -15.77 49.71
C PHE I 104 123.17 -14.51 48.92
N GLU I 105 123.82 -13.42 49.30
CA GLU I 105 123.64 -12.14 48.65
C GLU I 105 124.73 -11.92 47.60
N VAL I 106 124.33 -11.32 46.48
CA VAL I 106 125.22 -11.07 45.36
C VAL I 106 125.06 -9.64 44.89
N THR I 107 126.11 -9.11 44.28
CA THR I 107 126.10 -7.80 43.65
C THR I 107 126.65 -7.93 42.24
N PRO I 108 126.14 -7.13 41.30
CA PRO I 108 126.65 -7.19 39.92
C PRO I 108 128.11 -6.75 39.87
N ALA I 109 128.94 -7.55 39.21
CA ALA I 109 130.35 -7.18 39.04
C ALA I 109 130.49 -5.98 38.13
N SER I 110 129.61 -5.83 37.15
CA SER I 110 129.62 -4.68 36.26
C SER I 110 128.21 -4.47 35.71
N GLY I 111 127.95 -3.24 35.28
CA GLY I 111 126.66 -2.93 34.69
C GLY I 111 125.52 -3.04 35.69
N LYS I 112 124.32 -3.28 35.16
CA LYS I 112 123.13 -3.43 35.98
C LYS I 112 122.23 -4.51 35.39
N PRO I 113 121.60 -5.32 36.23
CA PRO I 113 120.71 -6.37 35.73
C PRO I 113 119.40 -5.80 35.19
N ASN I 114 118.74 -6.61 34.37
CA ASN I 114 117.48 -6.25 33.75
C ASN I 114 116.41 -7.28 34.04
N PHE I 115 116.38 -7.75 35.29
CA PHE I 115 115.46 -8.80 35.68
C PHE I 115 114.01 -8.32 35.56
N SER I 116 113.13 -9.26 35.21
CA SER I 116 111.71 -9.02 35.11
C SER I 116 110.97 -9.98 36.03
N PRO I 117 109.91 -9.52 36.69
CA PRO I 117 109.19 -10.39 37.63
C PRO I 117 108.65 -11.64 36.94
N GLY I 118 108.88 -12.79 37.57
CA GLY I 118 108.40 -14.05 37.05
C GLY I 118 109.25 -14.67 35.97
N ALA I 119 110.25 -13.96 35.45
CA ALA I 119 111.10 -14.51 34.40
C ALA I 119 112.08 -15.52 34.99
N SER I 120 112.49 -16.47 34.16
CA SER I 120 113.43 -17.51 34.54
C SER I 120 114.75 -17.26 33.81
N TYR I 121 115.83 -17.18 34.56
CA TYR I 121 117.16 -16.86 34.03
C TYR I 121 118.10 -18.03 34.30
N THR I 122 118.82 -18.44 33.26
CA THR I 122 119.82 -19.47 33.42
C THR I 122 121.06 -18.89 34.09
N ALA I 123 121.55 -19.57 35.13
CA ALA I 123 122.72 -19.13 35.87
C ALA I 123 123.68 -20.29 36.02
N THR I 124 124.90 -19.97 36.41
CA THR I 124 125.93 -20.96 36.69
C THR I 124 126.59 -20.59 38.01
N ILE I 125 126.57 -21.52 38.96
CA ILE I 125 127.15 -21.30 40.28
C ILE I 125 128.47 -22.08 40.35
N TYR I 126 129.55 -21.38 40.66
CA TYR I 126 130.88 -21.97 40.66
C TYR I 126 131.32 -22.21 42.10
N PHE I 127 131.76 -23.43 42.38
CA PHE I 127 132.09 -23.84 43.73
C PHE I 127 133.61 -23.99 43.88
N SER I 128 134.03 -24.20 45.13
CA SER I 128 135.45 -24.15 45.46
C SER I 128 136.26 -25.22 44.73
N ASN I 129 135.63 -26.34 44.34
CA ASN I 129 136.35 -27.34 43.55
C ASN I 129 136.63 -26.87 42.13
N GLY I 130 136.06 -25.75 41.71
CA GLY I 130 136.12 -25.32 40.33
C GLY I 130 134.97 -25.81 39.48
N GLN I 131 134.25 -26.82 39.95
CA GLN I 131 133.07 -27.30 39.22
C GLN I 131 131.98 -26.24 39.26
N GLY I 132 131.20 -26.18 38.18
CA GLY I 132 130.13 -25.21 38.08
C GLY I 132 128.80 -25.82 37.71
N ALA I 133 127.80 -25.61 38.55
CA ALA I 133 126.48 -26.20 38.33
C ALA I 133 125.59 -25.21 37.60
N PRO I 134 125.03 -25.56 36.45
CA PRO I 134 123.97 -24.74 35.85
C PRO I 134 122.68 -24.88 36.64
N ALA I 135 121.94 -23.78 36.72
CA ALA I 135 120.70 -23.72 37.48
C ALA I 135 119.76 -22.73 36.80
N THR I 136 118.50 -22.78 37.18
CA THR I 136 117.50 -21.82 36.72
C THR I 136 116.97 -21.04 37.91
N LEU I 137 117.02 -19.73 37.82
CA LEU I 137 116.61 -18.85 38.90
C LEU I 137 115.42 -18.01 38.45
N ILE I 138 114.34 -18.02 39.24
CA ILE I 138 113.15 -17.24 38.95
C ILE I 138 113.23 -15.95 39.74
N TYR I 139 112.99 -14.83 39.08
CA TYR I 139 113.03 -13.53 39.74
C TYR I 139 111.68 -13.25 40.39
N GLN I 140 111.68 -13.16 41.72
CA GLN I 140 110.44 -12.99 42.48
C GLN I 140 110.14 -11.53 42.80
N GLY I 141 111.04 -10.61 42.51
CA GLY I 141 110.81 -9.21 42.82
C GLY I 141 111.22 -8.83 44.23
N LEU J 1 183.60 -47.78 32.05
CA LEU J 1 183.28 -46.43 32.53
C LEU J 1 182.31 -45.75 31.57
N SER J 2 182.20 -46.30 30.36
CA SER J 2 181.42 -45.66 29.31
C SER J 2 179.93 -45.64 29.64
N GLY J 3 179.42 -46.71 30.25
CA GLY J 3 177.99 -46.85 30.42
C GLY J 3 177.37 -45.75 31.25
N ALA J 4 178.03 -45.37 32.34
CA ALA J 4 177.49 -44.30 33.18
C ALA J 4 177.49 -42.96 32.45
N ILE J 5 178.51 -42.71 31.65
CA ILE J 5 178.57 -41.50 30.85
C ILE J 5 177.39 -41.44 29.87
N VAL J 6 177.16 -42.55 29.17
CA VAL J 6 176.06 -42.61 28.21
C VAL J 6 174.72 -42.43 28.93
N ALA J 7 174.57 -43.05 30.11
CA ALA J 7 173.34 -42.91 30.87
C ALA J 7 173.10 -41.47 31.29
N LEU J 8 174.16 -40.77 31.72
CA LEU J 8 174.02 -39.36 32.08
C LEU J 8 173.54 -38.54 30.90
N ILE J 9 174.16 -38.73 29.74
CA ILE J 9 173.76 -37.98 28.55
C ILE J 9 172.30 -38.23 28.24
N LEU J 10 171.89 -39.50 28.26
CA LEU J 10 170.52 -39.85 27.89
C LEU J 10 169.51 -39.34 28.91
N VAL J 11 169.85 -39.34 30.19
CA VAL J 11 168.93 -38.83 31.21
C VAL J 11 168.65 -37.35 30.97
N ILE J 12 169.70 -36.57 30.74
CA ILE J 12 169.49 -35.14 30.54
C ILE J 12 168.70 -34.90 29.25
N ALA J 13 169.03 -35.62 28.18
CA ALA J 13 168.29 -35.45 26.93
C ALA J 13 166.83 -35.82 27.10
N GLY J 14 166.54 -36.88 27.86
CA GLY J 14 165.16 -37.25 28.10
C GLY J 14 164.38 -36.16 28.81
N VAL J 15 165.00 -35.56 29.83
CA VAL J 15 164.36 -34.43 30.51
C VAL J 15 164.02 -33.33 29.51
N ILE J 16 165.00 -32.96 28.67
CA ILE J 16 164.78 -31.86 27.73
C ILE J 16 163.63 -32.17 26.79
N ILE J 17 163.65 -33.37 26.19
CA ILE J 17 162.65 -33.69 25.17
C ILE J 17 161.26 -33.80 25.78
N ALA J 18 161.17 -34.37 26.99
CA ALA J 18 159.87 -34.48 27.64
C ALA J 18 159.28 -33.10 27.93
N ILE J 19 160.10 -32.16 28.41
CA ILE J 19 159.61 -30.82 28.67
C ILE J 19 159.17 -30.17 27.36
N ALA J 20 159.92 -30.38 26.28
CA ALA J 20 159.55 -29.82 24.99
C ALA J 20 158.20 -30.35 24.52
N VAL J 21 157.95 -31.65 24.69
CA VAL J 21 156.68 -32.23 24.28
C VAL J 21 155.54 -31.66 25.10
N VAL J 22 155.74 -31.48 26.41
CA VAL J 22 154.69 -30.91 27.25
C VAL J 22 154.35 -29.50 26.79
N LEU J 23 155.38 -28.70 26.51
CA LEU J 23 155.12 -27.34 26.06
C LEU J 23 154.45 -27.30 24.70
N PHE J 24 154.76 -28.26 23.82
CA PHE J 24 154.05 -28.35 22.55
C PHE J 24 152.57 -28.69 22.77
N ALA J 25 152.29 -29.60 23.69
CA ALA J 25 150.91 -29.94 24.01
C ALA J 25 150.15 -28.70 24.49
N PHE J 26 150.80 -27.87 25.31
CA PHE J 26 150.16 -26.64 25.74
C PHE J 26 150.02 -25.63 24.61
N GLY J 27 150.98 -25.61 23.68
CA GLY J 27 150.93 -24.66 22.58
C GLY J 27 149.91 -24.98 21.51
N LEU J 28 149.48 -26.24 21.43
CA LEU J 28 148.48 -26.60 20.41
C LEU J 28 147.14 -25.91 20.62
N ILE J 29 146.82 -25.54 21.86
CA ILE J 29 145.43 -25.18 22.20
C ILE J 29 144.86 -24.05 21.34
N PRO J 30 145.56 -22.93 21.12
CA PRO J 30 144.92 -21.82 20.38
C PRO J 30 144.46 -22.16 18.99
N GLY J 31 145.10 -23.12 18.32
CA GLY J 31 144.69 -23.46 16.96
C GLY J 31 143.32 -24.08 16.88
N ILE J 32 142.85 -24.67 17.97
CA ILE J 32 141.55 -25.32 17.97
C ILE J 32 140.42 -24.31 17.83
N SER J 33 140.60 -23.11 18.41
CA SER J 33 139.53 -22.12 18.44
C SER J 33 139.05 -21.76 17.04
N ASN J 34 139.97 -21.72 16.07
CA ASN J 34 139.62 -21.26 14.73
C ASN J 34 138.73 -22.22 13.97
N GLN J 35 138.52 -23.43 14.48
CA GLN J 35 137.73 -24.42 13.76
C GLN J 35 136.25 -24.10 13.71
N GLY J 36 135.79 -23.09 14.45
CA GLY J 36 134.38 -22.75 14.45
C GLY J 36 134.09 -21.30 14.14
N SER J 37 134.95 -20.67 13.35
CA SER J 37 134.84 -19.23 13.12
C SER J 37 133.57 -18.86 12.36
N ILE J 38 133.08 -19.76 11.51
CA ILE J 38 132.06 -19.42 10.53
C ILE J 38 130.76 -20.15 10.82
N GLN J 39 129.64 -19.45 10.59
CA GLN J 39 128.32 -20.06 10.66
C GLN J 39 127.46 -19.56 9.51
N VAL J 40 126.75 -20.48 8.87
CA VAL J 40 125.86 -20.14 7.77
C VAL J 40 124.48 -19.79 8.33
N LEU J 41 123.91 -18.68 7.86
CA LEU J 41 122.65 -18.16 8.37
C LEU J 41 121.55 -18.35 7.33
N GLY J 42 120.48 -19.03 7.71
CA GLY J 42 119.29 -19.10 6.90
C GLY J 42 119.48 -19.94 5.64
N SER J 43 118.46 -19.88 4.79
CA SER J 43 118.49 -20.60 3.54
C SER J 43 119.35 -19.87 2.51
N GLY J 44 119.74 -20.60 1.47
CA GLY J 44 120.43 -20.04 0.33
C GLY J 44 119.69 -20.38 -0.95
N THR J 45 120.28 -19.95 -2.06
CA THR J 45 119.62 -20.07 -3.36
C THR J 45 120.58 -20.64 -4.39
N ILE J 46 120.10 -21.62 -5.16
CA ILE J 46 120.79 -22.14 -6.33
C ILE J 46 120.09 -21.60 -7.57
N THR J 47 120.89 -21.23 -8.58
CA THR J 47 120.36 -20.71 -9.82
C THR J 47 121.16 -21.27 -10.98
N ASN J 48 120.49 -21.50 -12.10
CA ASN J 48 121.11 -22.04 -13.31
C ASN J 48 121.75 -20.93 -14.12
N SER J 49 123.03 -21.08 -14.44
CA SER J 49 123.84 -20.01 -15.00
C SER J 49 124.71 -20.47 -16.17
N THR J 50 124.13 -21.22 -17.10
CA THR J 50 124.88 -21.70 -18.25
C THR J 50 124.13 -21.41 -19.53
N ALA J 51 124.89 -21.17 -20.60
CA ALA J 51 124.33 -20.80 -21.90
C ALA J 51 124.04 -22.03 -22.75
N SER J 52 123.33 -21.82 -23.86
CA SER J 52 122.99 -22.91 -24.76
C SER J 52 124.23 -23.48 -25.41
N GLY J 53 124.31 -24.81 -25.45
CA GLY J 53 125.44 -25.48 -26.06
C GLY J 53 126.73 -25.41 -25.27
N SER J 54 126.67 -24.96 -24.02
CA SER J 54 127.87 -24.84 -23.20
C SER J 54 128.46 -26.21 -22.91
N SER J 55 129.74 -26.23 -22.57
CA SER J 55 130.39 -27.49 -22.21
C SER J 55 129.88 -28.02 -20.88
N ARG J 56 129.36 -27.15 -20.02
CA ARG J 56 129.07 -27.55 -18.65
C ARG J 56 127.95 -26.70 -18.07
N THR J 57 127.17 -27.32 -17.20
CA THR J 57 126.25 -26.57 -16.34
C THR J 57 127.00 -25.95 -15.19
N ILE J 58 126.68 -24.70 -14.89
CA ILE J 58 127.23 -24.01 -13.72
C ILE J 58 126.10 -23.32 -12.99
N TYR J 59 126.10 -23.43 -11.67
CA TYR J 59 125.03 -22.93 -10.80
C TYR J 59 125.60 -21.87 -9.89
N ASN J 60 124.94 -20.73 -9.83
CA ASN J 60 125.24 -19.69 -8.85
C ASN J 60 124.60 -20.06 -7.53
N ILE J 61 125.39 -20.06 -6.46
CA ILE J 61 124.90 -20.40 -5.13
C ILE J 61 125.15 -19.21 -4.23
N THR J 62 124.09 -18.71 -3.61
CA THR J 62 124.14 -17.57 -2.69
C THR J 62 123.75 -18.05 -1.30
N ILE J 63 124.61 -17.76 -0.32
CA ILE J 63 124.35 -18.11 1.07
C ILE J 63 124.83 -16.97 1.96
N THR J 64 124.09 -16.70 3.03
CA THR J 64 124.55 -15.72 4.01
C THR J 64 125.49 -16.40 4.98
N VAL J 65 126.68 -15.84 5.16
CA VAL J 65 127.72 -16.43 5.99
C VAL J 65 128.21 -15.39 6.98
N LYS J 66 128.35 -15.79 8.23
CA LYS J 66 128.86 -14.93 9.30
C LYS J 66 130.20 -15.45 9.78
N ASN J 67 131.21 -14.59 9.74
CA ASN J 67 132.56 -14.93 10.17
C ASN J 67 132.86 -14.24 11.50
N THR J 68 133.37 -15.01 12.46
CA THR J 68 133.66 -14.50 13.79
C THR J 68 135.14 -14.47 14.12
N GLY J 69 136.01 -14.95 13.24
CA GLY J 69 137.43 -14.98 13.51
C GLY J 69 138.13 -13.71 13.12
N THR J 70 139.44 -13.69 13.39
CA THR J 70 140.27 -12.55 13.04
C THR J 70 140.67 -12.53 11.58
N THR J 71 140.56 -13.68 10.89
CA THR J 71 141.11 -13.84 9.55
C THR J 71 140.01 -14.13 8.55
N SER J 72 140.25 -13.73 7.31
CA SER J 72 139.31 -13.98 6.23
C SER J 72 139.32 -15.46 5.85
N ILE J 73 138.14 -16.01 5.59
CA ILE J 73 137.99 -17.43 5.28
C ILE J 73 137.20 -17.56 3.99
N SER J 74 137.53 -18.60 3.22
CA SER J 74 136.94 -18.81 1.90
C SER J 74 136.35 -20.21 1.80
N VAL J 75 135.43 -20.37 0.85
CA VAL J 75 134.85 -21.67 0.57
C VAL J 75 135.84 -22.52 -0.21
N THR J 76 135.83 -23.83 0.04
CA THR J 76 136.69 -24.76 -0.68
C THR J 76 135.92 -25.84 -1.42
N SER J 77 134.79 -26.31 -0.88
CA SER J 77 133.99 -27.32 -1.57
C SER J 77 132.57 -27.24 -1.05
N ILE J 78 131.65 -27.77 -1.85
CA ILE J 78 130.25 -27.87 -1.49
C ILE J 78 129.74 -29.25 -1.91
N ASN J 79 128.88 -29.82 -1.08
CA ASN J 79 128.27 -31.12 -1.34
C ASN J 79 126.76 -30.93 -1.25
N ILE J 80 126.07 -31.02 -2.38
CA ILE J 80 124.64 -30.75 -2.46
C ILE J 80 123.92 -32.05 -2.77
N ASN J 81 122.94 -32.39 -1.92
CA ASN J 81 122.10 -33.57 -2.11
C ASN J 81 122.93 -34.85 -2.19
N GLY J 82 124.12 -34.83 -1.60
CA GLY J 82 125.03 -35.95 -1.60
C GLY J 82 126.10 -35.87 -2.68
N GLN J 83 125.84 -35.15 -3.76
CA GLN J 83 126.78 -35.03 -4.87
C GLN J 83 127.80 -33.93 -4.59
N PRO J 84 129.08 -34.19 -4.82
CA PRO J 84 130.09 -33.15 -4.63
C PRO J 84 130.16 -32.23 -5.85
N PHE J 85 130.38 -30.94 -5.59
CA PHE J 85 130.47 -29.93 -6.64
C PHE J 85 131.83 -29.26 -6.58
N ASN J 86 132.30 -28.81 -7.74
CA ASN J 86 133.59 -28.16 -7.88
C ASN J 86 133.38 -26.66 -8.08
N ILE J 87 134.10 -25.85 -7.31
CA ILE J 87 133.88 -24.40 -7.29
C ILE J 87 134.65 -23.77 -8.45
N ASN J 88 133.93 -23.08 -9.33
CA ASN J 88 134.57 -22.40 -10.45
C ASN J 88 135.12 -21.04 -10.02
N GLY J 89 136.26 -20.68 -10.61
CA GLY J 89 136.84 -19.37 -10.41
C GLY J 89 137.50 -19.20 -9.04
N THR J 90 137.83 -17.94 -8.73
CA THR J 90 138.45 -17.61 -7.46
C THR J 90 137.40 -17.64 -6.35
N ALA J 91 137.64 -18.47 -5.34
CA ALA J 91 136.66 -18.64 -4.28
C ALA J 91 136.48 -17.33 -3.51
N PRO J 92 135.25 -16.96 -3.17
CA PRO J 92 135.04 -15.71 -2.43
C PRO J 92 135.61 -15.78 -1.03
N SER J 93 136.08 -14.64 -0.54
CA SER J 93 136.62 -14.52 0.80
C SER J 93 135.62 -13.81 1.70
N ILE J 94 135.49 -14.29 2.92
CA ILE J 94 134.52 -13.74 3.87
C ILE J 94 135.27 -12.91 4.91
N PRO J 95 135.07 -11.60 4.94
CA PRO J 95 135.89 -10.74 5.81
C PRO J 95 135.75 -11.12 7.29
N ALA J 96 136.73 -10.69 8.08
CA ALA J 96 136.95 -11.22 9.42
C ALA J 96 135.69 -11.19 10.27
N GLY J 97 135.17 -10.01 10.54
CA GLY J 97 134.05 -9.88 11.47
C GLY J 97 132.70 -9.67 10.86
N ARG J 98 132.57 -9.78 9.54
CA ARG J 98 131.36 -9.34 8.87
C ARG J 98 130.44 -10.50 8.55
N THR J 99 129.15 -10.18 8.38
CA THR J 99 128.14 -11.10 7.90
C THR J 99 127.75 -10.68 6.49
N GLN J 100 127.90 -11.57 5.52
CA GLN J 100 127.71 -11.21 4.13
C GLN J 100 126.92 -12.24 3.35
N PRO J 101 126.05 -11.80 2.44
CA PRO J 101 125.57 -12.71 1.39
C PRO J 101 126.67 -12.97 0.38
N ILE J 102 127.14 -14.21 0.32
CA ILE J 102 128.27 -14.61 -0.50
C ILE J 102 127.74 -15.49 -1.64
N THR J 103 128.17 -15.18 -2.86
CA THR J 103 127.72 -15.89 -4.05
C THR J 103 128.93 -16.46 -4.78
N PHE J 104 128.80 -17.71 -5.24
CA PHE J 104 129.90 -18.36 -5.96
C PHE J 104 129.33 -19.36 -6.96
N GLU J 105 130.14 -19.65 -7.98
CA GLU J 105 129.74 -20.49 -9.11
C GLU J 105 130.29 -21.89 -8.93
N VAL J 106 129.45 -22.90 -9.13
CA VAL J 106 129.86 -24.30 -8.96
C VAL J 106 129.41 -25.12 -10.16
N THR J 107 130.14 -26.20 -10.43
CA THR J 107 129.81 -27.12 -11.50
C THR J 107 129.87 -28.55 -10.97
N PRO J 108 128.97 -29.43 -11.40
CA PRO J 108 128.95 -30.79 -10.83
C PRO J 108 130.17 -31.59 -11.25
N ALA J 109 130.70 -32.35 -10.29
CA ALA J 109 131.88 -33.17 -10.54
C ALA J 109 131.54 -34.65 -10.75
N SER J 110 130.55 -35.16 -10.04
CA SER J 110 130.22 -36.58 -10.13
C SER J 110 129.30 -36.87 -11.31
N GLY J 111 128.26 -36.06 -11.48
CA GLY J 111 127.30 -36.29 -12.55
C GLY J 111 126.26 -35.19 -12.57
N LYS J 112 125.41 -35.26 -13.58
CA LYS J 112 124.43 -34.20 -13.79
C LYS J 112 123.38 -34.22 -12.68
N PRO J 113 123.22 -33.14 -11.93
CA PRO J 113 122.16 -33.10 -10.92
C PRO J 113 120.85 -32.61 -11.52
N ASN J 114 119.77 -33.32 -11.23
CA ASN J 114 118.45 -32.98 -11.75
C ASN J 114 117.69 -32.15 -10.72
N PHE J 115 118.12 -30.90 -10.60
CA PHE J 115 117.44 -29.97 -9.70
C PHE J 115 116.02 -29.71 -10.19
N SER J 116 115.11 -29.53 -9.24
CA SER J 116 113.70 -29.31 -9.53
C SER J 116 113.31 -27.91 -9.08
N PRO J 117 112.60 -27.15 -9.92
CA PRO J 117 112.23 -25.77 -9.54
C PRO J 117 111.49 -25.69 -8.21
N GLY J 118 112.01 -24.87 -7.29
CA GLY J 118 111.40 -24.66 -6.01
C GLY J 118 111.72 -25.70 -4.95
N ALA J 119 112.47 -26.74 -5.30
CA ALA J 119 112.79 -27.78 -4.34
C ALA J 119 113.81 -27.30 -3.31
N SER J 120 113.85 -28.00 -2.18
CA SER J 120 114.78 -27.71 -1.09
C SER J 120 115.79 -28.82 -0.99
N TYR J 121 117.07 -28.46 -0.91
CA TYR J 121 118.17 -29.41 -0.91
C TYR J 121 119.08 -29.15 0.28
N THR J 122 119.52 -30.23 0.93
CA THR J 122 120.53 -30.10 1.98
C THR J 122 121.91 -30.03 1.36
N ALA J 123 122.79 -29.22 1.95
CA ALA J 123 124.14 -29.08 1.47
C ALA J 123 125.07 -28.90 2.67
N THR J 124 126.35 -29.21 2.46
CA THR J 124 127.38 -28.92 3.43
C THR J 124 128.42 -28.02 2.79
N ILE J 125 128.60 -26.83 3.37
CA ILE J 125 129.60 -25.89 2.90
C ILE J 125 130.88 -26.12 3.70
N TYR J 126 131.99 -26.33 3.01
CA TYR J 126 133.27 -26.56 3.67
C TYR J 126 134.15 -25.34 3.43
N PHE J 127 134.64 -24.76 4.53
CA PHE J 127 135.39 -23.51 4.47
C PHE J 127 136.87 -23.79 4.67
N SER J 128 137.68 -22.77 4.37
CA SER J 128 139.14 -22.95 4.38
C SER J 128 139.68 -23.23 5.78
N ASN J 129 138.96 -22.84 6.82
CA ASN J 129 139.41 -23.13 8.19
C ASN J 129 139.14 -24.57 8.61
N GLY J 130 138.75 -25.43 7.67
CA GLY J 130 138.45 -26.81 8.00
C GLY J 130 137.12 -27.03 8.70
N GLN J 131 136.13 -26.17 8.47
CA GLN J 131 134.83 -26.26 9.11
C GLN J 131 133.75 -26.56 8.09
N GLY J 132 132.89 -27.52 8.43
CA GLY J 132 131.72 -27.84 7.62
C GLY J 132 130.47 -27.29 8.28
N ALA J 133 129.60 -26.71 7.46
CA ALA J 133 128.38 -26.09 7.93
C ALA J 133 127.19 -26.61 7.15
N PRO J 134 126.16 -27.13 7.82
CA PRO J 134 124.94 -27.50 7.10
C PRO J 134 124.23 -26.27 6.56
N ALA J 135 123.57 -26.44 5.42
CA ALA J 135 122.84 -25.36 4.79
C ALA J 135 121.68 -25.95 4.01
N THR J 136 120.66 -25.13 3.78
CA THR J 136 119.47 -25.52 3.03
C THR J 136 119.35 -24.58 1.84
N LEU J 137 119.36 -25.13 0.63
CA LEU J 137 119.37 -24.34 -0.60
C LEU J 137 118.07 -24.58 -1.36
N ILE J 138 117.42 -23.49 -1.75
CA ILE J 138 116.24 -23.54 -2.60
C ILE J 138 116.67 -23.32 -4.04
N TYR J 139 116.21 -24.17 -4.94
CA TYR J 139 116.54 -24.05 -6.36
C TYR J 139 115.55 -23.09 -7.00
N GLN J 140 116.03 -21.90 -7.37
CA GLN J 140 115.15 -20.87 -7.92
C GLN J 140 114.90 -21.02 -9.42
N GLY J 141 115.68 -21.83 -10.11
CA GLY J 141 115.50 -21.99 -11.54
C GLY J 141 116.80 -22.16 -12.30
N LEU K 1 178.70 -48.55 26.01
CA LEU K 1 178.51 -48.29 24.59
C LEU K 1 177.15 -48.79 24.13
N SER K 2 176.61 -49.79 24.83
CA SER K 2 175.36 -50.41 24.41
C SER K 2 174.16 -49.51 24.67
N GLY K 3 174.26 -48.61 25.65
CA GLY K 3 173.11 -47.82 26.03
C GLY K 3 172.58 -46.96 24.91
N ALA K 4 173.47 -46.33 24.14
CA ALA K 4 173.04 -45.49 23.03
C ALA K 4 172.36 -46.31 21.95
N ILE K 5 172.87 -47.50 21.66
CA ILE K 5 172.24 -48.36 20.65
C ILE K 5 170.86 -48.80 21.11
N VAL K 6 170.73 -49.16 22.40
CA VAL K 6 169.42 -49.55 22.92
C VAL K 6 168.45 -48.38 22.83
N ALA K 7 168.91 -47.18 23.18
CA ALA K 7 168.05 -46.01 23.10
C ALA K 7 167.62 -45.74 21.66
N LEU K 8 168.53 -45.88 20.71
CA LEU K 8 168.19 -45.67 19.31
C LEU K 8 167.15 -46.67 18.83
N ILE K 9 167.34 -47.95 19.18
CA ILE K 9 166.38 -48.98 18.79
C ILE K 9 165.00 -48.66 19.38
N LEU K 10 164.98 -48.29 20.67
CA LEU K 10 163.69 -48.01 21.31
C LEU K 10 163.02 -46.77 20.73
N VAL K 11 163.81 -45.77 20.32
CA VAL K 11 163.22 -44.57 19.73
C VAL K 11 162.56 -44.91 18.38
N ILE K 12 163.28 -45.63 17.53
CA ILE K 12 162.74 -45.99 16.22
C ILE K 12 161.51 -46.88 16.40
N ALA K 13 161.60 -47.86 17.31
CA ALA K 13 160.48 -48.75 17.55
C ALA K 13 159.29 -48.00 18.12
N GLY K 14 159.52 -47.00 18.96
CA GLY K 14 158.43 -46.19 19.47
C GLY K 14 157.70 -45.47 18.37
N VAL K 15 158.45 -44.89 17.42
CA VAL K 15 157.81 -44.28 16.25
C VAL K 15 156.93 -45.30 15.53
N ILE K 16 157.50 -46.48 15.28
CA ILE K 16 156.77 -47.49 14.51
C ILE K 16 155.50 -47.92 15.23
N ILE K 17 155.60 -48.17 16.54
CA ILE K 17 154.47 -48.69 17.31
C ILE K 17 153.37 -47.62 17.43
N ALA K 18 153.77 -46.35 17.61
CA ALA K 18 152.77 -45.29 17.68
C ALA K 18 152.00 -45.19 16.37
N ILE K 19 152.71 -45.25 15.24
CA ILE K 19 152.03 -45.21 13.95
C ILE K 19 151.09 -46.41 13.79
N ALA K 20 151.53 -47.59 14.24
CA ALA K 20 150.70 -48.78 14.13
C ALA K 20 149.43 -48.64 14.97
N VAL K 21 149.54 -48.08 16.16
CA VAL K 21 148.35 -47.86 17.00
C VAL K 21 147.40 -46.89 16.33
N VAL K 22 147.94 -45.82 15.73
CA VAL K 22 147.10 -44.85 15.03
C VAL K 22 146.33 -45.54 13.90
N LEU K 23 147.00 -46.40 13.14
CA LEU K 23 146.32 -47.10 12.05
C LEU K 23 145.26 -48.07 12.56
N PHE K 24 145.56 -48.77 13.66
CA PHE K 24 144.59 -49.71 14.23
C PHE K 24 143.31 -49.00 14.66
N ALA K 25 143.46 -47.79 15.23
CA ALA K 25 142.31 -47.02 15.66
C ALA K 25 141.31 -46.84 14.51
N PHE K 26 141.80 -46.46 13.33
CA PHE K 26 140.92 -46.32 12.18
C PHE K 26 140.43 -47.67 11.67
N GLY K 27 141.29 -48.68 11.72
CA GLY K 27 140.89 -50.00 11.27
C GLY K 27 139.72 -50.58 12.04
N LEU K 28 139.46 -50.07 13.25
CA LEU K 28 138.31 -50.57 14.00
C LEU K 28 136.95 -50.19 13.39
N ILE K 29 136.81 -48.96 12.85
CA ILE K 29 135.47 -48.42 12.57
C ILE K 29 134.67 -49.21 11.54
N PRO K 30 135.25 -49.72 10.43
CA PRO K 30 134.40 -50.44 9.47
C PRO K 30 133.74 -51.68 10.07
N GLY K 31 134.33 -52.26 11.11
CA GLY K 31 133.66 -53.34 11.82
C GLY K 31 132.48 -52.86 12.64
N ILE K 32 132.66 -51.73 13.34
CA ILE K 32 131.58 -51.23 14.19
C ILE K 32 130.41 -50.77 13.34
N SER K 33 130.65 -50.36 12.09
CA SER K 33 129.54 -49.95 11.24
C SER K 33 128.56 -51.09 10.98
N ASN K 34 128.98 -52.34 11.19
CA ASN K 34 128.08 -53.48 11.00
C ASN K 34 126.97 -53.53 12.03
N GLN K 35 127.07 -52.75 13.11
CA GLN K 35 126.03 -52.73 14.14
C GLN K 35 124.69 -52.26 13.59
N GLY K 36 124.69 -51.56 12.46
CA GLY K 36 123.46 -51.06 11.88
C GLY K 36 123.22 -51.58 10.48
N SER K 37 123.52 -52.86 10.25
CA SER K 37 123.41 -53.43 8.92
C SER K 37 121.96 -53.49 8.45
N ILE K 38 121.01 -53.72 9.35
CA ILE K 38 119.66 -54.12 9.00
C ILE K 38 118.68 -52.98 9.28
N GLN K 39 117.72 -52.81 8.36
CA GLN K 39 116.59 -51.91 8.54
C GLN K 39 115.31 -52.68 8.29
N VAL K 40 114.34 -52.55 9.19
CA VAL K 40 113.02 -53.13 9.01
C VAL K 40 112.08 -52.02 8.54
N LEU K 41 111.52 -52.19 7.33
CA LEU K 41 110.79 -51.11 6.69
C LEU K 41 109.40 -51.58 6.29
N GLY K 42 108.43 -50.68 6.42
CA GLY K 42 107.04 -51.00 6.17
C GLY K 42 106.38 -51.62 7.39
N SER K 43 105.06 -51.69 7.34
CA SER K 43 104.29 -52.28 8.43
C SER K 43 104.19 -53.79 8.22
N GLY K 44 104.59 -54.54 9.25
CA GLY K 44 104.49 -55.98 9.20
C GLY K 44 103.12 -56.48 9.59
N THR K 45 102.96 -57.80 9.55
CA THR K 45 101.70 -58.44 9.87
C THR K 45 101.93 -59.66 10.74
N ILE K 46 101.05 -59.85 11.72
CA ILE K 46 101.06 -61.03 12.60
C ILE K 46 99.72 -61.74 12.43
N THR K 47 99.78 -63.05 12.21
CA THR K 47 98.59 -63.84 11.87
C THR K 47 98.51 -65.09 12.73
N ASN K 48 97.28 -65.51 13.05
CA ASN K 48 97.06 -66.74 13.81
C ASN K 48 97.40 -67.94 12.93
N SER K 49 98.23 -68.84 13.46
CA SER K 49 98.70 -70.00 12.71
C SER K 49 98.69 -71.26 13.56
N THR K 50 97.77 -71.33 14.52
CA THR K 50 97.84 -72.34 15.56
C THR K 50 97.23 -73.68 15.15
N ALA K 51 96.55 -73.75 14.00
CA ALA K 51 95.89 -74.98 13.54
C ALA K 51 94.80 -75.43 14.50
N SER K 52 93.83 -74.54 14.74
CA SER K 52 92.57 -74.86 15.42
C SER K 52 92.79 -75.47 16.81
N GLY K 53 93.86 -75.10 17.48
CA GLY K 53 94.14 -75.63 18.79
C GLY K 53 95.09 -76.81 18.83
N SER K 54 95.67 -77.19 17.69
CA SER K 54 96.61 -78.30 17.65
C SER K 54 98.04 -77.88 17.99
N SER K 55 98.28 -76.61 18.31
CA SER K 55 99.63 -76.13 18.57
C SER K 55 99.58 -75.09 19.68
N ARG K 56 100.75 -74.86 20.30
CA ARG K 56 100.85 -73.95 21.43
C ARG K 56 100.81 -72.47 20.99
N THR K 57 99.68 -72.09 20.39
CA THR K 57 99.40 -70.70 20.00
C THR K 57 100.56 -70.10 19.20
N ILE K 58 100.79 -70.66 18.02
CA ILE K 58 101.90 -70.23 17.17
C ILE K 58 101.40 -69.21 16.15
N TYR K 59 102.10 -68.08 16.06
CA TYR K 59 101.75 -66.95 15.21
C TYR K 59 102.75 -66.82 14.05
N ASN K 60 102.43 -65.92 13.12
CA ASN K 60 103.14 -65.81 11.85
C ASN K 60 103.56 -64.34 11.80
N ILE K 61 104.86 -64.04 11.86
CA ILE K 61 105.35 -62.68 11.76
C ILE K 61 105.96 -62.49 10.38
N THR K 62 105.42 -61.54 9.62
CA THR K 62 105.95 -61.18 8.31
C THR K 62 106.34 -59.71 8.31
N ILE K 63 107.60 -59.43 7.97
CA ILE K 63 108.13 -58.07 7.93
C ILE K 63 109.12 -57.95 6.79
N THR K 64 109.19 -56.77 6.18
CA THR K 64 110.14 -56.52 5.10
C THR K 64 111.45 -56.03 5.71
N VAL K 65 112.54 -56.76 5.44
CA VAL K 65 113.83 -56.50 6.04
C VAL K 65 114.85 -56.24 4.93
N LYS K 66 115.67 -55.21 5.13
CA LYS K 66 116.73 -54.82 4.20
C LYS K 66 118.07 -54.97 4.91
N ASN K 67 118.99 -55.70 4.28
CA ASN K 67 120.31 -55.96 4.84
C ASN K 67 121.34 -55.21 4.01
N THR K 68 122.11 -54.34 4.67
CA THR K 68 123.11 -53.52 4.03
C THR K 68 124.52 -54.08 4.23
N GLY K 69 124.72 -54.94 5.24
CA GLY K 69 126.03 -55.50 5.50
C GLY K 69 126.44 -56.54 4.47
N THR K 70 127.65 -57.05 4.66
CA THR K 70 128.24 -58.01 3.73
C THR K 70 128.07 -59.46 4.18
N THR K 71 127.36 -59.70 5.28
CA THR K 71 127.17 -61.04 5.80
C THR K 71 125.69 -61.33 6.00
N SER K 72 125.32 -62.60 5.91
CA SER K 72 123.96 -63.01 6.17
C SER K 72 123.67 -62.89 7.66
N ILE K 73 122.53 -62.30 8.01
CA ILE K 73 122.20 -61.98 9.40
C ILE K 73 120.85 -62.62 9.72
N SER K 74 120.73 -63.14 10.93
CA SER K 74 119.57 -63.94 11.34
C SER K 74 118.86 -63.31 12.54
N VAL K 75 117.58 -63.66 12.67
CA VAL K 75 116.75 -63.19 13.78
C VAL K 75 117.00 -64.08 14.98
N THR K 76 117.58 -63.52 16.05
CA THR K 76 117.89 -64.30 17.23
C THR K 76 116.75 -64.35 18.24
N SER K 77 116.01 -63.25 18.40
CA SER K 77 114.91 -63.21 19.36
C SER K 77 113.95 -62.12 18.93
N ILE K 78 112.74 -62.17 19.49
CA ILE K 78 111.70 -61.18 19.19
C ILE K 78 110.92 -60.87 20.47
N ASN K 79 110.59 -59.60 20.65
CA ASN K 79 109.75 -59.15 21.74
C ASN K 79 108.59 -58.36 21.14
N ILE K 80 107.37 -58.77 21.48
CA ILE K 80 106.17 -58.17 20.92
C ILE K 80 105.41 -57.46 22.03
N ASN K 81 105.33 -56.13 21.92
CA ASN K 81 104.57 -55.30 22.86
C ASN K 81 105.01 -55.52 24.29
N GLY K 82 106.32 -55.71 24.49
CA GLY K 82 106.87 -55.93 25.81
C GLY K 82 106.91 -57.38 26.24
N GLN K 83 106.20 -58.28 25.56
CA GLN K 83 106.19 -59.68 25.93
C GLN K 83 107.25 -60.46 25.15
N PRO K 84 108.07 -61.27 25.82
CA PRO K 84 109.07 -62.05 25.10
C PRO K 84 108.42 -63.12 24.23
N PHE K 85 109.10 -63.46 23.14
CA PHE K 85 108.59 -64.48 22.23
C PHE K 85 109.74 -65.36 21.77
N ASN K 86 109.42 -66.58 21.37
CA ASN K 86 110.42 -67.56 20.96
C ASN K 86 110.09 -68.05 19.55
N ILE K 87 111.09 -68.05 18.67
CA ILE K 87 110.88 -68.54 17.31
C ILE K 87 110.69 -70.05 17.33
N ASN K 88 109.69 -70.54 16.60
CA ASN K 88 109.34 -71.96 16.67
C ASN K 88 110.21 -72.82 15.78
N GLY K 89 110.57 -72.35 14.59
CA GLY K 89 111.44 -73.09 13.70
C GLY K 89 112.88 -72.61 13.76
N THR K 90 113.65 -72.97 12.73
CA THR K 90 114.98 -72.42 12.59
C THR K 90 114.89 -70.93 12.26
N ALA K 91 115.84 -70.16 12.77
CA ALA K 91 115.78 -68.72 12.60
C ALA K 91 115.93 -68.35 11.13
N PRO K 92 115.11 -67.45 10.62
CA PRO K 92 115.30 -66.97 9.24
C PRO K 92 116.53 -66.08 9.13
N SER K 93 117.09 -66.03 7.94
CA SER K 93 118.35 -65.31 7.70
C SER K 93 118.20 -64.44 6.46
N ILE K 94 118.69 -63.22 6.54
CA ILE K 94 118.60 -62.24 5.46
C ILE K 94 119.96 -62.17 4.76
N PRO K 95 120.04 -62.49 3.47
CA PRO K 95 121.32 -62.41 2.78
C PRO K 95 121.77 -60.97 2.58
N ALA K 96 123.05 -60.82 2.25
CA ALA K 96 123.63 -59.49 2.08
C ALA K 96 123.01 -58.75 0.91
N GLY K 97 122.82 -57.45 1.08
CA GLY K 97 122.31 -56.59 0.02
C GLY K 97 120.84 -56.75 -0.31
N ARG K 98 120.17 -57.75 0.25
CA ARG K 98 118.80 -58.04 -0.12
C ARG K 98 117.81 -57.17 0.64
N THR K 99 116.65 -56.96 0.02
CA THR K 99 115.46 -56.45 0.68
C THR K 99 114.34 -57.44 0.40
N GLN K 100 113.86 -58.12 1.44
CA GLN K 100 112.92 -59.21 1.19
C GLN K 100 111.96 -59.36 2.35
N PRO K 101 110.79 -59.96 2.12
CA PRO K 101 109.86 -60.25 3.22
C PRO K 101 110.27 -61.49 4.00
N ILE K 102 110.69 -61.29 5.24
CA ILE K 102 110.95 -62.40 6.14
C ILE K 102 109.63 -62.82 6.79
N THR K 103 109.46 -64.13 6.96
CA THR K 103 108.28 -64.68 7.62
C THR K 103 108.74 -65.81 8.53
N PHE K 104 108.29 -65.78 9.78
CA PHE K 104 108.71 -66.80 10.72
C PHE K 104 107.62 -67.04 11.78
N GLU K 105 107.56 -68.28 12.25
CA GLU K 105 106.61 -68.67 13.29
C GLU K 105 107.15 -68.28 14.66
N VAL K 106 106.24 -67.96 15.58
CA VAL K 106 106.65 -67.52 16.91
C VAL K 106 105.65 -68.01 17.95
N THR K 107 106.14 -68.17 19.18
CA THR K 107 105.42 -68.69 20.32
C THR K 107 105.55 -67.71 21.49
N PRO K 108 104.54 -67.63 22.35
CA PRO K 108 104.71 -66.88 23.60
C PRO K 108 105.69 -67.57 24.52
N ALA K 109 106.67 -66.82 25.01
CA ALA K 109 107.62 -67.39 25.97
C ALA K 109 106.96 -67.65 27.32
N SER K 110 105.99 -66.83 27.70
CA SER K 110 105.23 -67.04 28.93
C SER K 110 103.84 -66.44 28.75
N GLY K 111 102.86 -67.04 29.42
CA GLY K 111 101.52 -66.51 29.33
C GLY K 111 100.86 -66.81 28.00
N LYS K 112 99.78 -66.07 27.74
CA LYS K 112 98.98 -66.23 26.53
C LYS K 112 98.51 -64.85 26.12
N PRO K 113 99.22 -64.22 25.19
CA PRO K 113 98.82 -62.88 24.75
C PRO K 113 97.66 -62.96 23.78
N ASN K 114 96.70 -62.05 23.94
CA ASN K 114 95.51 -62.02 23.12
C ASN K 114 95.56 -60.78 22.24
N PHE K 115 95.35 -60.97 20.94
CA PHE K 115 95.41 -59.88 19.97
C PHE K 115 94.01 -59.60 19.41
N SER K 116 93.76 -58.34 19.11
CA SER K 116 92.48 -57.94 18.54
C SER K 116 92.66 -57.61 17.05
N PRO K 117 91.65 -57.91 16.23
CA PRO K 117 91.78 -57.67 14.79
C PRO K 117 92.05 -56.21 14.48
N GLY K 118 93.00 -55.96 13.58
CA GLY K 118 93.31 -54.63 13.11
C GLY K 118 94.12 -53.78 14.07
N ALA K 119 94.44 -54.27 15.26
CA ALA K 119 95.22 -53.49 16.21
C ALA K 119 96.70 -53.49 15.81
N SER K 120 97.41 -52.46 16.25
CA SER K 120 98.82 -52.30 15.96
C SER K 120 99.63 -52.66 17.21
N TYR K 121 100.58 -53.57 17.06
CA TYR K 121 101.43 -54.02 18.15
C TYR K 121 102.88 -53.78 17.76
N THR K 122 103.63 -53.12 18.64
CA THR K 122 105.02 -52.87 18.37
C THR K 122 105.86 -54.07 18.76
N ALA K 123 106.79 -54.44 17.88
CA ALA K 123 107.68 -55.56 18.12
C ALA K 123 109.11 -55.15 17.85
N THR K 124 110.02 -55.62 18.69
CA THR K 124 111.45 -55.37 18.51
C THR K 124 112.11 -56.66 18.05
N ILE K 125 112.65 -56.66 16.84
CA ILE K 125 113.32 -57.83 16.29
C ILE K 125 114.81 -57.65 16.54
N TYR K 126 115.40 -58.60 17.26
CA TYR K 126 116.82 -58.57 17.58
C TYR K 126 117.54 -59.48 16.60
N PHE K 127 118.45 -58.90 15.82
CA PHE K 127 119.19 -59.65 14.82
C PHE K 127 120.56 -60.03 15.36
N SER K 128 121.27 -60.88 14.60
CA SER K 128 122.53 -61.43 15.07
C SER K 128 123.60 -60.37 15.28
N ASN K 129 123.42 -59.18 14.70
CA ASN K 129 124.33 -58.07 14.97
C ASN K 129 124.20 -57.54 16.39
N GLY K 130 123.18 -57.98 17.13
CA GLY K 130 122.78 -57.30 18.34
C GLY K 130 121.89 -56.10 18.10
N GLN K 131 121.63 -55.77 16.84
CA GLN K 131 120.78 -54.63 16.50
C GLN K 131 119.32 -54.98 16.78
N GLY K 132 118.63 -54.08 17.48
CA GLY K 132 117.22 -54.26 17.75
C GLY K 132 116.37 -53.28 16.97
N ALA K 133 115.66 -53.78 15.97
CA ALA K 133 114.85 -52.93 15.11
C ALA K 133 113.42 -52.88 15.61
N PRO K 134 112.89 -51.71 15.95
CA PRO K 134 111.45 -51.62 16.25
C PRO K 134 110.63 -51.59 14.98
N ALA K 135 109.48 -52.27 15.02
CA ALA K 135 108.59 -52.36 13.88
C ALA K 135 107.16 -52.44 14.39
N THR K 136 106.21 -52.18 13.50
CA THR K 136 104.80 -52.21 13.83
C THR K 136 104.11 -53.34 13.07
N LEU K 137 103.46 -54.23 13.80
CA LEU K 137 102.74 -55.36 13.23
C LEU K 137 101.25 -55.12 13.37
N ILE K 138 100.51 -55.31 12.29
CA ILE K 138 99.05 -55.21 12.32
C ILE K 138 98.50 -56.63 12.35
N TYR K 139 97.69 -56.92 13.37
CA TYR K 139 97.13 -58.25 13.52
C TYR K 139 96.06 -58.48 12.47
N GLN K 140 96.11 -59.64 11.81
CA GLN K 140 95.22 -59.95 10.70
C GLN K 140 94.40 -61.21 10.89
N GLY K 141 94.69 -62.01 11.91
CA GLY K 141 94.01 -63.29 12.09
C GLY K 141 92.60 -63.20 12.61
N LEU L 1 171.91 -51.55 28.32
CA LEU L 1 171.08 -52.61 28.87
C LEU L 1 169.92 -52.06 29.69
N SER L 2 170.16 -50.94 30.38
CA SER L 2 169.17 -50.38 31.29
C SER L 2 167.90 -49.97 30.55
N GLY L 3 168.07 -49.39 29.37
CA GLY L 3 166.92 -48.82 28.66
C GLY L 3 165.86 -49.86 28.35
N ALA L 4 166.27 -51.03 27.87
CA ALA L 4 165.30 -52.06 27.50
C ALA L 4 164.52 -52.55 28.72
N ILE L 5 165.21 -52.80 29.83
CA ILE L 5 164.53 -53.29 31.02
C ILE L 5 163.60 -52.23 31.59
N VAL L 6 164.03 -50.96 31.59
CA VAL L 6 163.17 -49.89 32.08
C VAL L 6 161.94 -49.75 31.20
N ALA L 7 162.12 -49.83 29.88
CA ALA L 7 160.97 -49.76 28.97
C ALA L 7 160.01 -50.91 29.21
N LEU L 8 160.54 -52.12 29.43
CA LEU L 8 159.67 -53.25 29.71
C LEU L 8 158.91 -53.07 31.02
N ILE L 9 159.58 -52.55 32.05
CA ILE L 9 158.91 -52.27 33.31
C ILE L 9 157.76 -51.30 33.09
N LEU L 10 158.02 -50.21 32.35
CA LEU L 10 156.98 -49.22 32.13
C LEU L 10 155.85 -49.77 31.26
N VAL L 11 156.15 -50.66 30.32
CA VAL L 11 155.11 -51.27 29.51
C VAL L 11 154.18 -52.11 30.37
N ILE L 12 154.76 -52.94 31.24
CA ILE L 12 153.93 -53.79 32.10
C ILE L 12 153.11 -52.93 33.05
N ALA L 13 153.74 -51.90 33.64
CA ALA L 13 153.02 -51.03 34.57
C ALA L 13 151.90 -50.27 33.87
N GLY L 14 152.14 -49.84 32.61
CA GLY L 14 151.08 -49.19 31.85
C GLY L 14 149.91 -50.12 31.61
N VAL L 15 150.21 -51.38 31.27
CA VAL L 15 149.14 -52.37 31.14
C VAL L 15 148.33 -52.46 32.43
N ILE L 16 149.05 -52.53 33.56
CA ILE L 16 148.38 -52.68 34.86
C ILE L 16 147.45 -51.51 35.13
N ILE L 17 147.97 -50.28 34.98
CA ILE L 17 147.19 -49.10 35.34
C ILE L 17 146.04 -48.91 34.37
N ALA L 18 146.25 -49.18 33.08
CA ALA L 18 145.18 -49.05 32.10
C ALA L 18 144.05 -50.03 32.39
N ILE L 19 144.39 -51.27 32.72
CA ILE L 19 143.35 -52.24 33.05
C ILE L 19 142.62 -51.83 34.33
N ALA L 20 143.35 -51.27 35.29
CA ALA L 20 142.70 -50.79 36.51
C ALA L 20 141.69 -49.69 36.20
N VAL L 21 142.07 -48.75 35.32
CA VAL L 21 141.14 -47.69 34.95
C VAL L 21 139.94 -48.23 34.19
N VAL L 22 140.15 -49.23 33.33
CA VAL L 22 139.04 -49.83 32.59
C VAL L 22 138.07 -50.50 33.56
N LEU L 23 138.60 -51.21 34.56
CA LEU L 23 137.74 -51.85 35.54
C LEU L 23 137.01 -50.82 36.38
N PHE L 24 137.65 -49.69 36.67
CA PHE L 24 136.97 -48.60 37.37
C PHE L 24 135.81 -48.07 36.53
N ALA L 25 136.03 -47.90 35.23
CA ALA L 25 134.96 -47.45 34.34
C ALA L 25 133.79 -48.44 34.36
N PHE L 26 134.11 -49.73 34.33
CA PHE L 26 133.05 -50.74 34.41
C PHE L 26 132.32 -50.70 35.75
N GLY L 27 133.03 -50.42 36.84
CA GLY L 27 132.41 -50.34 38.14
C GLY L 27 131.58 -49.10 38.38
N LEU L 28 131.81 -48.05 37.57
CA LEU L 28 130.97 -46.86 37.69
C LEU L 28 129.55 -47.07 37.20
N ILE L 29 129.33 -47.99 36.27
CA ILE L 29 128.06 -48.17 35.58
C ILE L 29 126.88 -48.36 36.54
N PRO L 30 126.96 -49.22 37.56
CA PRO L 30 125.79 -49.42 38.43
C PRO L 30 125.32 -48.14 39.12
N GLY L 31 126.23 -47.26 39.53
CA GLY L 31 125.81 -46.04 40.18
C GLY L 31 125.08 -45.09 39.25
N ILE L 32 125.57 -44.95 38.01
CA ILE L 32 124.95 -44.03 37.07
C ILE L 32 123.72 -44.66 36.42
N SER L 33 123.80 -45.94 36.07
CA SER L 33 122.71 -46.63 35.38
C SER L 33 121.70 -47.06 36.44
N ASN L 34 120.69 -46.22 36.64
CA ASN L 34 119.67 -46.44 37.66
C ASN L 34 118.32 -46.08 37.02
N GLN L 35 117.67 -47.08 36.42
CA GLN L 35 116.35 -46.87 35.87
C GLN L 35 115.32 -46.82 36.99
N GLY L 36 114.09 -46.50 36.61
CA GLY L 36 113.04 -46.35 37.59
C GLY L 36 112.95 -44.92 38.09
N SER L 37 111.73 -44.47 38.36
CA SER L 37 111.50 -43.09 38.73
C SER L 37 110.17 -43.01 39.46
N ILE L 38 109.96 -41.89 40.13
CA ILE L 38 108.66 -41.58 40.70
C ILE L 38 107.80 -40.96 39.61
N GLN L 39 106.62 -41.54 39.39
CA GLN L 39 105.68 -41.08 38.37
C GLN L 39 104.44 -40.54 39.07
N VAL L 40 104.02 -39.34 38.67
CA VAL L 40 102.82 -38.73 39.23
C VAL L 40 101.67 -38.98 38.28
N LEU L 41 100.64 -39.66 38.77
CA LEU L 41 99.53 -40.14 37.96
C LEU L 41 98.30 -39.28 38.21
N GLY L 42 97.74 -38.71 37.15
CA GLY L 42 96.52 -37.95 37.26
C GLY L 42 96.72 -36.60 37.93
N SER L 43 95.62 -35.89 38.09
CA SER L 43 95.64 -34.58 38.72
C SER L 43 95.59 -34.72 40.23
N GLY L 44 96.38 -33.89 40.92
CA GLY L 44 96.30 -33.78 42.36
C GLY L 44 95.40 -32.64 42.78
N THR L 45 95.33 -32.43 44.10
CA THR L 45 94.45 -31.44 44.67
C THR L 45 95.17 -30.60 45.72
N ILE L 46 94.87 -29.29 45.73
CA ILE L 46 95.30 -28.37 46.76
C ILE L 46 94.08 -27.95 47.57
N THR L 47 94.17 -28.07 48.89
CA THR L 47 93.08 -27.70 49.77
C THR L 47 93.61 -26.77 50.85
N ASN L 48 92.81 -25.77 51.22
CA ASN L 48 93.25 -24.78 52.21
C ASN L 48 93.18 -25.38 53.61
N SER L 49 94.34 -25.54 54.25
CA SER L 49 94.41 -26.09 55.59
C SER L 49 94.55 -25.03 56.68
N THR L 50 94.80 -23.77 56.32
CA THR L 50 94.92 -22.71 57.30
C THR L 50 93.63 -22.58 58.10
N ALA L 51 93.78 -22.47 59.43
CA ALA L 51 92.62 -22.46 60.30
C ALA L 51 92.89 -21.57 61.50
N SER L 52 91.81 -21.22 62.20
CA SER L 52 91.84 -20.52 63.49
C SER L 52 92.48 -19.13 63.40
N GLY L 53 92.57 -18.57 62.19
CA GLY L 53 93.16 -17.25 62.05
C GLY L 53 94.64 -17.19 62.38
N SER L 54 95.33 -18.32 62.37
CA SER L 54 96.76 -18.33 62.61
C SER L 54 97.49 -17.63 61.46
N SER L 55 98.70 -17.14 61.75
CA SER L 55 99.37 -16.22 60.84
C SER L 55 99.90 -16.92 59.59
N ARG L 56 100.19 -18.20 59.66
CA ARG L 56 100.87 -18.90 58.58
C ARG L 56 99.88 -19.72 57.75
N THR L 57 99.97 -19.59 56.43
CA THR L 57 99.09 -20.31 55.53
C THR L 57 99.68 -21.67 55.19
N ILE L 58 98.86 -22.72 55.33
CA ILE L 58 99.27 -24.08 55.05
C ILE L 58 98.25 -24.72 54.11
N TYR L 59 98.74 -25.47 53.14
CA TYR L 59 97.89 -26.11 52.14
C TYR L 59 98.17 -27.61 52.08
N ASN L 60 97.09 -28.38 52.00
CA ASN L 60 97.17 -29.82 51.76
C ASN L 60 97.36 -30.06 50.28
N ILE L 61 98.31 -30.92 49.93
CA ILE L 61 98.51 -31.34 48.54
C ILE L 61 98.40 -32.85 48.51
N THR L 62 97.50 -33.35 47.67
CA THR L 62 97.29 -34.78 47.50
C THR L 62 97.56 -35.15 46.04
N ILE L 63 98.43 -36.14 45.84
CA ILE L 63 98.76 -36.62 44.50
C ILE L 63 98.95 -38.13 44.54
N THR L 64 98.63 -38.78 43.42
CA THR L 64 98.86 -40.21 43.28
C THR L 64 100.25 -40.43 42.71
N VAL L 65 101.05 -41.23 43.42
CA VAL L 65 102.47 -41.37 43.13
C VAL L 65 102.83 -42.86 43.03
N LYS L 66 103.57 -43.21 41.98
CA LYS L 66 103.98 -44.58 41.72
C LYS L 66 105.50 -44.62 41.65
N ASN L 67 106.13 -45.32 42.59
CA ASN L 67 107.59 -45.43 42.64
C ASN L 67 107.99 -46.66 41.86
N THR L 68 108.51 -46.47 40.65
CA THR L 68 108.90 -47.58 39.81
C THR L 68 110.30 -48.09 40.13
N GLY L 69 111.05 -47.41 41.01
CA GLY L 69 112.40 -47.82 41.34
C GLY L 69 112.44 -48.86 42.44
N THR L 70 113.66 -49.17 42.85
CA THR L 70 113.90 -50.15 43.91
C THR L 70 114.33 -49.50 45.22
N THR L 71 114.22 -48.18 45.34
CA THR L 71 114.67 -47.47 46.52
C THR L 71 113.57 -46.56 47.04
N SER L 72 113.57 -46.36 48.36
CA SER L 72 112.64 -45.42 48.97
C SER L 72 113.02 -44.00 48.60
N ILE L 73 112.01 -43.18 48.32
CA ILE L 73 112.19 -41.84 47.78
C ILE L 73 111.24 -40.90 48.50
N SER L 74 111.70 -39.68 48.79
CA SER L 74 110.92 -38.71 49.54
C SER L 74 110.84 -37.39 48.77
N VAL L 75 109.81 -36.62 49.08
CA VAL L 75 109.63 -35.29 48.51
C VAL L 75 110.57 -34.32 49.21
N THR L 76 111.07 -33.33 48.46
CA THR L 76 111.98 -32.34 49.01
C THR L 76 111.45 -30.92 48.85
N SER L 77 110.69 -30.68 47.78
CA SER L 77 110.15 -29.36 47.52
C SER L 77 109.06 -29.46 46.47
N ILE L 78 108.26 -28.40 46.37
CA ILE L 78 107.26 -28.28 45.32
C ILE L 78 107.22 -26.82 44.87
N ASN L 79 107.01 -26.63 43.58
CA ASN L 79 106.83 -25.31 42.98
C ASN L 79 105.46 -25.28 42.32
N ILE L 80 104.60 -24.38 42.77
CA ILE L 80 103.25 -24.26 42.25
C ILE L 80 103.07 -22.89 41.63
N ASN L 81 102.65 -22.86 40.36
CA ASN L 81 102.34 -21.62 39.65
C ASN L 81 103.53 -20.68 39.63
N GLY L 82 104.74 -21.23 39.56
CA GLY L 82 105.95 -20.44 39.55
C GLY L 82 106.46 -20.03 40.91
N GLN L 83 105.76 -20.38 41.97
CA GLN L 83 106.06 -19.95 43.34
C GLN L 83 106.58 -21.14 44.14
N PRO L 84 107.69 -21.01 44.85
CA PRO L 84 108.20 -22.15 45.63
C PRO L 84 107.46 -22.30 46.95
N PHE L 85 107.28 -23.56 47.36
CA PHE L 85 106.66 -23.88 48.64
C PHE L 85 107.56 -24.81 49.43
N ASN L 86 107.49 -24.70 50.75
CA ASN L 86 108.27 -25.55 51.64
C ASN L 86 107.37 -26.65 52.19
N ILE L 87 107.90 -27.87 52.24
CA ILE L 87 107.14 -29.02 52.72
C ILE L 87 107.15 -29.02 54.23
N ASN L 88 106.11 -28.44 54.84
CA ASN L 88 105.97 -28.45 56.28
C ASN L 88 105.96 -29.89 56.79
N GLY L 89 106.70 -30.11 57.88
CA GLY L 89 106.69 -31.39 58.56
C GLY L 89 107.60 -32.42 57.93
N THR L 90 107.58 -33.61 58.54
CA THR L 90 108.31 -34.75 58.01
C THR L 90 107.82 -35.07 56.60
N ALA L 91 108.73 -34.94 55.63
CA ALA L 91 108.34 -35.14 54.24
C ALA L 91 107.94 -36.59 54.01
N PRO L 92 106.87 -36.83 53.26
CA PRO L 92 106.43 -38.22 53.03
C PRO L 92 107.43 -39.01 52.20
N SER L 93 107.50 -40.30 52.48
CA SER L 93 108.38 -41.23 51.78
C SER L 93 107.56 -42.21 50.99
N ILE L 94 107.96 -42.44 49.74
CA ILE L 94 107.24 -43.31 48.82
C ILE L 94 108.01 -44.63 48.72
N PRO L 95 107.47 -45.74 49.23
CA PRO L 95 108.20 -47.01 49.18
C PRO L 95 108.35 -47.52 47.76
N ALA L 96 109.34 -48.41 47.59
CA ALA L 96 109.68 -48.92 46.26
C ALA L 96 108.55 -49.78 45.70
N GLY L 97 108.34 -49.66 44.40
CA GLY L 97 107.40 -50.51 43.68
C GLY L 97 105.95 -50.33 44.03
N ARG L 98 105.59 -49.24 44.71
CA ARG L 98 104.25 -49.07 45.26
C ARG L 98 103.59 -47.82 44.69
N THR L 99 102.28 -47.94 44.43
CA THR L 99 101.45 -46.81 44.03
C THR L 99 100.58 -46.40 45.21
N GLN L 100 100.67 -45.14 45.61
CA GLN L 100 99.97 -44.66 46.78
C GLN L 100 99.37 -43.28 46.54
N PRO L 101 98.25 -42.98 47.19
CA PRO L 101 97.85 -41.57 47.36
C PRO L 101 98.69 -40.96 48.47
N ILE L 102 99.45 -39.92 48.12
CA ILE L 102 100.38 -39.27 49.03
C ILE L 102 99.84 -37.87 49.31
N THR L 103 99.84 -37.48 50.58
CA THR L 103 99.31 -36.19 51.00
C THR L 103 100.31 -35.52 51.93
N PHE L 104 100.59 -34.25 51.68
CA PHE L 104 101.54 -33.53 52.51
C PHE L 104 101.18 -32.05 52.56
N GLU L 105 101.61 -31.41 53.64
CA GLU L 105 101.30 -30.01 53.88
C GLU L 105 102.46 -29.12 53.44
N VAL L 106 102.12 -27.99 52.81
CA VAL L 106 103.10 -27.05 52.29
C VAL L 106 102.78 -25.66 52.77
N THR L 107 103.81 -24.82 52.84
CA THR L 107 103.67 -23.41 53.14
C THR L 107 104.42 -22.60 52.09
N PRO L 108 103.93 -21.41 51.74
CA PRO L 108 104.63 -20.59 50.74
C PRO L 108 105.99 -20.14 51.28
N ALA L 109 107.02 -20.34 50.46
CA ALA L 109 108.35 -19.88 50.84
C ALA L 109 108.43 -18.36 50.89
N SER L 110 107.68 -17.69 50.03
CA SER L 110 107.63 -16.24 50.02
C SER L 110 106.30 -15.79 49.42
N GLY L 111 105.89 -14.58 49.77
CA GLY L 111 104.67 -14.03 49.21
C GLY L 111 103.43 -14.78 49.68
N LYS L 112 102.38 -14.69 48.87
CA LYS L 112 101.12 -15.37 49.16
C LYS L 112 100.51 -15.88 47.86
N PRO L 113 99.90 -17.07 47.90
CA PRO L 113 99.27 -17.62 46.69
C PRO L 113 97.99 -16.88 46.33
N ASN L 114 97.59 -17.02 45.07
CA ASN L 114 96.38 -16.42 44.55
C ASN L 114 95.43 -17.47 43.99
N PHE L 115 95.34 -18.61 44.65
CA PHE L 115 94.57 -19.72 44.13
C PHE L 115 93.09 -19.37 44.02
N SER L 116 92.45 -19.92 43.00
CA SER L 116 91.03 -19.72 42.75
C SER L 116 90.33 -21.07 42.73
N PRO L 117 89.12 -21.16 43.29
CA PRO L 117 88.44 -22.47 43.34
C PRO L 117 88.21 -23.04 41.96
N GLY L 118 88.53 -24.31 41.80
CA GLY L 118 88.35 -25.01 40.54
C GLY L 118 89.44 -24.79 39.51
N ALA L 119 90.37 -23.88 39.76
CA ALA L 119 91.44 -23.62 38.80
C ALA L 119 92.48 -24.73 38.85
N SER L 120 93.15 -24.94 37.72
CA SER L 120 94.19 -25.95 37.59
C SER L 120 95.53 -25.25 37.46
N TYR L 121 96.47 -25.60 38.33
CA TYR L 121 97.79 -24.98 38.39
C TYR L 121 98.87 -26.00 38.10
N THR L 122 99.79 -25.66 37.20
CA THR L 122 100.91 -26.53 36.93
C THR L 122 101.93 -26.43 38.05
N ALA L 123 102.37 -27.58 38.55
CA ALA L 123 103.33 -27.64 39.63
C ALA L 123 104.44 -28.60 39.26
N THR L 124 105.54 -28.53 40.00
CA THR L 124 106.68 -29.42 39.85
C THR L 124 107.06 -29.94 41.23
N ILE L 125 107.06 -31.26 41.40
CA ILE L 125 107.39 -31.88 42.67
C ILE L 125 108.79 -32.47 42.56
N TYR L 126 109.67 -32.09 43.48
CA TYR L 126 111.07 -32.49 43.43
C TYR L 126 111.33 -33.56 44.47
N PHE L 127 111.94 -34.65 44.05
CA PHE L 127 112.15 -35.81 44.90
C PHE L 127 113.64 -35.96 45.24
N SER L 128 113.92 -36.87 46.16
CA SER L 128 115.25 -36.97 46.75
C SER L 128 116.34 -37.28 45.74
N ASN L 129 115.99 -37.91 44.60
CA ASN L 129 117.02 -38.14 43.59
C ASN L 129 117.39 -36.87 42.83
N GLY L 130 116.66 -35.78 43.03
CA GLY L 130 116.81 -34.59 42.24
C GLY L 130 115.87 -34.53 41.05
N GLN L 131 115.28 -35.66 40.66
CA GLN L 131 114.31 -35.66 39.58
C GLN L 131 113.04 -34.92 39.99
N GLY L 132 112.43 -34.26 39.02
CA GLY L 132 111.24 -33.46 39.29
C GLY L 132 110.10 -33.78 38.35
N ALA L 133 108.97 -34.18 38.92
CA ALA L 133 107.81 -34.56 38.13
C ALA L 133 106.88 -33.37 37.95
N PRO L 134 106.56 -32.96 36.73
CA PRO L 134 105.48 -31.99 36.53
C PRO L 134 104.13 -32.64 36.79
N ALA L 135 103.22 -31.86 37.38
CA ALA L 135 101.90 -32.33 37.74
C ALA L 135 100.91 -31.18 37.61
N THR L 136 99.64 -31.50 37.62
CA THR L 136 98.58 -30.51 37.61
C THR L 136 97.76 -30.65 38.89
N LEU L 137 97.60 -29.55 39.62
CA LEU L 137 96.90 -29.54 40.88
C LEU L 137 95.66 -28.66 40.77
N ILE L 138 94.51 -29.21 41.14
CA ILE L 138 93.26 -28.48 41.12
C ILE L 138 92.99 -27.95 42.52
N TYR L 139 92.69 -26.66 42.63
CA TYR L 139 92.42 -26.05 43.92
C TYR L 139 90.96 -26.29 44.29
N GLN L 140 90.74 -27.02 45.39
CA GLN L 140 89.41 -27.41 45.82
C GLN L 140 88.81 -26.48 46.88
N GLY L 141 89.58 -25.53 47.40
CA GLY L 141 89.07 -24.65 48.42
C GLY L 141 89.23 -25.20 49.83
N LEU M 1 168.11 -45.17 32.59
CA LEU M 1 167.48 -44.43 33.67
C LEU M 1 166.52 -43.37 33.12
N SER M 2 166.66 -43.07 31.84
CA SER M 2 165.94 -41.94 31.24
C SER M 2 164.44 -42.19 31.21
N GLY M 3 164.02 -43.42 30.93
CA GLY M 3 162.61 -43.70 30.66
C GLY M 3 161.71 -43.36 31.84
N ALA M 4 162.14 -43.71 33.05
CA ALA M 4 161.32 -43.42 34.23
C ALA M 4 161.19 -41.92 34.45
N ILE M 5 162.27 -41.17 34.20
CA ILE M 5 162.24 -39.72 34.32
C ILE M 5 161.23 -39.12 33.34
N VAL M 6 161.28 -39.58 32.08
CA VAL M 6 160.35 -39.08 31.07
C VAL M 6 158.92 -39.43 31.45
N ALA M 7 158.71 -40.64 31.97
CA ALA M 7 157.38 -41.07 32.37
C ALA M 7 156.84 -40.20 33.50
N LEU M 8 157.70 -39.86 34.47
CA LEU M 8 157.27 -39.00 35.57
C LEU M 8 156.83 -37.64 35.04
N ILE M 9 157.65 -37.04 34.17
CA ILE M 9 157.30 -35.74 33.60
C ILE M 9 155.95 -35.81 32.90
N LEU M 10 155.77 -36.84 32.06
CA LEU M 10 154.54 -36.94 31.28
C LEU M 10 153.33 -37.20 32.14
N VAL M 11 153.48 -37.98 33.22
CA VAL M 11 152.36 -38.25 34.11
C VAL M 11 151.87 -36.96 34.75
N ILE M 12 152.80 -36.16 35.27
CA ILE M 12 152.38 -34.91 35.92
C ILE M 12 151.75 -33.96 34.90
N ALA M 13 152.35 -33.86 33.71
CA ALA M 13 151.77 -32.99 32.69
C ALA M 13 150.38 -33.44 32.29
N GLY M 14 150.16 -34.75 32.19
CA GLY M 14 148.84 -35.25 31.86
C GLY M 14 147.81 -34.87 32.91
N VAL M 15 148.17 -34.99 34.19
CA VAL M 15 147.27 -34.56 35.25
C VAL M 15 146.88 -33.09 35.06
N ILE M 16 147.89 -32.24 34.83
CA ILE M 16 147.64 -30.81 34.72
C ILE M 16 146.70 -30.51 33.55
N ILE M 17 147.00 -31.07 32.38
CA ILE M 17 146.22 -30.74 31.19
C ILE M 17 144.80 -31.28 31.29
N ALA M 18 144.63 -32.47 31.87
CA ALA M 18 143.29 -33.01 32.03
C ALA M 18 142.44 -32.14 32.95
N ILE M 19 143.03 -31.68 34.07
CA ILE M 19 142.28 -30.80 34.96
C ILE M 19 141.92 -29.50 34.25
N ALA M 20 142.86 -28.97 33.46
CA ALA M 20 142.57 -27.74 32.73
C ALA M 20 141.42 -27.91 31.75
N VAL M 21 141.38 -29.06 31.05
CA VAL M 21 140.30 -29.31 30.11
C VAL M 21 138.96 -29.42 30.84
N VAL M 22 138.95 -30.09 32.00
CA VAL M 22 137.71 -30.20 32.77
C VAL M 22 137.21 -28.82 33.18
N LEU M 23 138.11 -27.98 33.65
CA LEU M 23 137.70 -26.64 34.07
C LEU M 23 137.23 -25.81 32.89
N PHE M 24 137.82 -25.99 31.71
CA PHE M 24 137.32 -25.30 30.52
C PHE M 24 135.91 -25.77 30.18
N ALA M 25 135.65 -27.07 30.29
CA ALA M 25 134.32 -27.59 30.03
C ALA M 25 133.30 -26.96 30.98
N PHE M 26 133.68 -26.80 32.25
CA PHE M 26 132.78 -26.12 33.18
C PHE M 26 132.64 -24.63 32.87
N GLY M 27 133.69 -24.00 32.37
CA GLY M 27 133.65 -22.58 32.09
C GLY M 27 132.86 -22.21 30.85
N LEU M 28 132.66 -23.17 29.94
CA LEU M 28 131.90 -22.86 28.73
C LEU M 28 130.44 -22.51 29.02
N ILE M 29 129.88 -23.01 30.13
CA ILE M 29 128.43 -23.00 30.32
C ILE M 29 127.82 -21.58 30.24
N PRO M 30 128.38 -20.55 30.88
CA PRO M 30 127.69 -19.25 30.87
C PRO M 30 127.48 -18.66 29.49
N GLY M 31 128.33 -19.00 28.51
CA GLY M 31 128.17 -18.43 27.19
C GLY M 31 126.94 -18.93 26.47
N ILE M 32 126.41 -20.09 26.87
CA ILE M 32 125.26 -20.68 26.20
C ILE M 32 124.02 -19.83 26.43
N SER M 33 123.90 -19.21 27.61
CA SER M 33 122.69 -18.48 27.97
C SER M 33 122.36 -17.38 26.98
N ASN M 34 123.40 -16.72 26.44
CA ASN M 34 123.17 -15.54 25.61
C ASN M 34 122.57 -15.88 24.26
N GLN M 35 122.47 -17.17 23.90
CA GLN M 35 121.95 -17.55 22.59
C GLN M 35 120.46 -17.32 22.43
N GLY M 36 119.74 -17.02 23.51
CA GLY M 36 118.32 -16.83 23.41
C GLY M 36 117.84 -15.49 23.96
N SER M 37 118.69 -14.47 23.85
CA SER M 37 118.40 -13.19 24.51
C SER M 37 117.20 -12.48 23.89
N ILE M 38 117.00 -12.62 22.59
CA ILE M 38 116.03 -11.80 21.85
C ILE M 38 114.84 -12.64 21.43
N GLN M 39 113.67 -11.99 21.37
CA GLN M 39 112.49 -12.59 20.75
C GLN M 39 111.73 -11.51 19.98
N VAL M 40 111.31 -11.85 18.77
CA VAL M 40 110.52 -10.94 17.94
C VAL M 40 109.06 -11.07 18.31
N LEU M 41 108.38 -9.95 18.50
CA LEU M 41 107.00 -9.91 18.95
C LEU M 41 106.09 -9.46 17.80
N GLY M 42 105.08 -10.27 17.49
CA GLY M 42 104.06 -9.89 16.55
C GLY M 42 104.56 -9.74 15.13
N SER M 43 103.69 -9.21 14.28
CA SER M 43 104.03 -9.02 12.88
C SER M 43 104.88 -7.77 12.70
N GLY M 44 105.53 -7.69 11.53
CA GLY M 44 106.26 -6.52 11.14
C GLY M 44 105.77 -6.01 9.78
N THR M 45 106.43 -4.96 9.31
CA THR M 45 106.00 -4.28 8.09
C THR M 45 107.18 -4.07 7.15
N ILE M 46 106.98 -4.39 5.87
CA ILE M 46 107.91 -4.04 4.81
C ILE M 46 107.32 -2.88 4.02
N THR M 47 108.17 -1.94 3.62
CA THR M 47 107.75 -0.77 2.85
C THR M 47 108.79 -0.48 1.79
N ASN M 48 108.33 0.01 0.64
CA ASN M 48 109.20 0.34 -0.48
C ASN M 48 109.75 1.75 -0.32
N SER M 49 111.08 1.89 -0.39
CA SER M 49 111.76 3.12 -0.01
C SER M 49 112.86 3.51 -1.00
N THR M 50 112.55 3.46 -2.29
CA THR M 50 113.53 3.82 -3.32
C THR M 50 112.93 4.82 -4.29
N ALA M 51 113.78 5.70 -4.81
CA ALA M 51 113.37 6.77 -5.71
C ALA M 51 113.40 6.32 -7.16
N SER M 52 112.86 7.16 -8.03
CA SER M 52 112.81 6.86 -9.46
C SER M 52 114.22 6.84 -10.05
N GLY M 53 114.51 5.82 -10.85
CA GLY M 53 115.81 5.72 -11.48
C GLY M 53 116.93 5.33 -10.55
N SER M 54 116.63 4.92 -9.32
CA SER M 54 117.66 4.55 -8.37
C SER M 54 118.41 3.31 -8.84
N SER M 55 119.62 3.14 -8.33
CA SER M 55 120.41 1.96 -8.67
C SER M 55 119.81 0.70 -8.06
N ARG M 56 119.03 0.84 -6.98
CA ARG M 56 118.65 -0.32 -6.18
C ARG M 56 117.33 -0.07 -5.47
N THR M 57 116.55 -1.13 -5.32
CA THR M 57 115.40 -1.10 -4.44
C THR M 57 115.86 -1.27 -3.00
N ILE M 58 115.27 -0.50 -2.09
CA ILE M 58 115.52 -0.68 -0.67
C ILE M 58 114.19 -0.64 0.06
N TYR M 59 114.02 -1.55 1.02
CA TYR M 59 112.79 -1.74 1.76
C TYR M 59 113.05 -1.44 3.23
N ASN M 60 112.22 -0.59 3.80
CA ASN M 60 112.21 -0.38 5.25
C ASN M 60 111.45 -1.52 5.91
N ILE M 61 112.08 -2.14 6.90
CA ILE M 61 111.47 -3.24 7.64
C ILE M 61 111.39 -2.83 9.09
N THR M 62 110.18 -2.87 9.63
CA THR M 62 109.92 -2.54 11.04
C THR M 62 109.42 -3.78 11.75
N ILE M 63 110.08 -4.12 12.86
CA ILE M 63 109.69 -5.26 13.68
C ILE M 63 109.84 -4.87 15.15
N THR M 64 108.92 -5.32 15.98
CA THR M 64 109.07 -5.16 17.41
C THR M 64 109.92 -6.30 17.95
N VAL M 65 110.99 -5.96 18.67
CA VAL M 65 111.90 -6.95 19.22
C VAL M 65 112.10 -6.69 20.70
N LYS M 66 112.22 -7.77 21.47
CA LYS M 66 112.42 -7.71 22.91
C LYS M 66 113.76 -8.34 23.25
N ASN M 67 114.61 -7.60 23.95
CA ASN M 67 115.92 -8.06 24.38
C ASN M 67 115.90 -8.33 25.88
N THR M 68 116.39 -9.51 26.27
CA THR M 68 116.40 -9.91 27.66
C THR M 68 117.79 -10.02 28.26
N GLY M 69 118.85 -9.85 27.47
CA GLY M 69 120.19 -9.98 27.98
C GLY M 69 120.73 -8.69 28.58
N THR M 70 121.96 -8.77 29.07
CA THR M 70 122.63 -7.61 29.64
C THR M 70 123.26 -6.70 28.60
N THR M 71 123.35 -7.15 27.35
CA THR M 71 124.11 -6.44 26.32
C THR M 71 123.23 -6.08 25.14
N SER M 72 123.58 -4.98 24.49
CA SER M 72 122.87 -4.55 23.29
C SER M 72 123.21 -5.48 22.13
N ILE M 73 122.19 -5.85 21.35
CA ILE M 73 122.36 -6.77 20.23
C ILE M 73 121.78 -6.11 18.99
N SER M 74 122.36 -6.42 17.84
CA SER M 74 122.00 -5.81 16.58
C SER M 74 121.66 -6.87 15.54
N VAL M 75 120.90 -6.45 14.52
CA VAL M 75 120.59 -7.34 13.41
C VAL M 75 121.82 -7.47 12.51
N THR M 76 121.99 -8.65 11.92
CA THR M 76 123.08 -8.90 10.99
C THR M 76 122.62 -9.32 9.61
N SER M 77 121.52 -10.06 9.51
CA SER M 77 121.00 -10.46 8.21
C SER M 77 119.52 -10.78 8.35
N ILE M 78 118.82 -10.68 7.24
CA ILE M 78 117.40 -11.05 7.16
C ILE M 78 117.19 -11.88 5.91
N ASN M 79 116.34 -12.88 6.01
CA ASN M 79 116.02 -13.77 4.90
C ASN M 79 114.51 -13.83 4.76
N ILE M 80 113.99 -13.22 3.70
CA ILE M 80 112.56 -13.03 3.51
C ILE M 80 112.10 -13.91 2.34
N ASN M 81 111.09 -14.73 2.59
CA ASN M 81 110.46 -15.55 1.55
C ASN M 81 111.47 -16.46 0.84
N GLY M 82 112.55 -16.79 1.54
CA GLY M 82 113.60 -17.62 1.01
C GLY M 82 114.80 -16.86 0.47
N GLN M 83 114.61 -15.60 0.09
CA GLN M 83 115.68 -14.80 -0.49
C GLN M 83 116.45 -14.07 0.60
N PRO M 84 117.78 -14.06 0.55
CA PRO M 84 118.56 -13.31 1.53
C PRO M 84 118.67 -11.84 1.15
N PHE M 85 118.66 -10.97 2.17
CA PHE M 85 118.72 -9.53 1.97
C PHE M 85 119.91 -8.95 2.71
N ASN M 86 120.41 -7.82 2.23
CA ASN M 86 121.59 -7.16 2.77
C ASN M 86 121.18 -5.83 3.39
N ILE M 87 121.69 -5.55 4.59
CA ILE M 87 121.23 -4.42 5.38
C ILE M 87 122.06 -3.18 5.05
N ASN M 88 121.40 -2.09 4.68
CA ASN M 88 122.10 -0.81 4.49
C ASN M 88 122.57 -0.21 5.81
N GLY M 89 123.68 0.51 5.74
CA GLY M 89 124.07 1.40 6.79
C GLY M 89 124.35 0.70 8.10
N THR M 90 124.34 1.50 9.16
CA THR M 90 124.63 0.99 10.49
C THR M 90 123.42 0.25 11.04
N ALA M 91 123.61 -1.02 11.35
CA ALA M 91 122.51 -1.85 11.83
C ALA M 91 122.02 -1.32 13.18
N PRO M 92 120.71 -1.30 13.41
CA PRO M 92 120.19 -0.79 14.68
C PRO M 92 120.57 -1.68 15.85
N SER M 93 120.79 -1.06 17.00
CA SER M 93 121.13 -1.76 18.22
C SER M 93 119.91 -1.82 19.14
N ILE M 94 119.73 -2.96 19.79
CA ILE M 94 118.58 -3.17 20.66
C ILE M 94 119.05 -3.07 22.12
N PRO M 95 118.59 -2.07 22.87
CA PRO M 95 119.08 -1.90 24.24
C PRO M 95 118.79 -3.12 25.10
N ALA M 96 119.56 -3.23 26.18
CA ALA M 96 119.67 -4.49 26.92
C ALA M 96 118.32 -5.08 27.30
N GLY M 97 117.51 -4.33 28.05
CA GLY M 97 116.29 -4.89 28.57
C GLY M 97 115.02 -4.34 28.01
N ARG M 98 115.09 -3.56 26.95
CA ARG M 98 113.94 -2.86 26.45
C ARG M 98 113.28 -3.62 25.32
N THR M 99 112.00 -3.34 25.11
CA THR M 99 111.23 -3.84 23.99
C THR M 99 110.98 -2.66 23.05
N GLN M 100 111.44 -2.76 21.81
CA GLN M 100 111.38 -1.62 20.92
C GLN M 100 110.92 -2.00 19.51
N PRO M 101 110.14 -1.13 18.86
CA PRO M 101 109.96 -1.22 17.41
C PRO M 101 111.22 -0.71 16.71
N ILE M 102 111.93 -1.60 16.03
CA ILE M 102 113.17 -1.28 15.35
C ILE M 102 112.91 -1.30 13.86
N THR M 103 113.52 -0.35 13.15
CA THR M 103 113.36 -0.19 11.71
C THR M 103 114.73 -0.17 11.05
N PHE M 104 114.86 -0.87 9.93
CA PHE M 104 116.13 -0.90 9.22
C PHE M 104 115.90 -1.09 7.73
N GLU M 105 116.88 -0.66 6.95
CA GLU M 105 116.80 -0.63 5.49
C GLU M 105 117.53 -1.84 4.92
N VAL M 106 116.88 -2.54 3.99
CA VAL M 106 117.47 -3.72 3.37
C VAL M 106 117.34 -3.63 1.85
N THR M 107 118.26 -4.29 1.15
CA THR M 107 118.25 -4.38 -0.30
C THR M 107 118.48 -5.83 -0.71
N PRO M 108 117.81 -6.30 -1.76
CA PRO M 108 117.94 -7.71 -2.14
C PRO M 108 119.33 -8.04 -2.66
N ALA M 109 119.84 -9.20 -2.27
CA ALA M 109 121.15 -9.65 -2.70
C ALA M 109 121.08 -10.69 -3.81
N SER M 110 120.10 -11.59 -3.76
CA SER M 110 120.02 -12.65 -4.76
C SER M 110 119.34 -12.18 -6.03
N GLY M 111 118.23 -11.46 -5.91
CA GLY M 111 117.50 -11.01 -7.08
C GLY M 111 116.30 -10.20 -6.66
N LYS M 112 115.63 -9.65 -7.67
CA LYS M 112 114.52 -8.75 -7.41
C LYS M 112 113.35 -9.50 -6.78
N PRO M 113 112.90 -9.12 -5.59
CA PRO M 113 111.71 -9.75 -5.00
C PRO M 113 110.44 -9.07 -5.45
N ASN M 114 109.46 -9.86 -5.89
CA ASN M 114 108.18 -9.33 -6.36
C ASN M 114 107.16 -9.33 -5.23
N PHE M 115 107.35 -8.40 -4.29
CA PHE M 115 106.41 -8.26 -3.20
C PHE M 115 105.05 -7.81 -3.72
N SER M 116 104.00 -8.30 -3.07
CA SER M 116 102.63 -8.01 -3.46
C SER M 116 101.95 -7.20 -2.37
N PRO M 117 101.24 -6.11 -2.71
CA PRO M 117 100.60 -5.28 -1.67
C PRO M 117 99.69 -6.07 -0.76
N GLY M 118 99.92 -5.96 0.54
CA GLY M 118 99.10 -6.63 1.54
C GLY M 118 99.44 -8.07 1.81
N ALA M 119 100.41 -8.64 1.09
CA ALA M 119 100.75 -10.04 1.27
C ALA M 119 101.52 -10.25 2.57
N SER M 120 101.54 -11.50 3.03
CA SER M 120 102.23 -11.89 4.25
C SER M 120 103.40 -12.80 3.88
N TYR M 121 104.58 -12.50 4.43
CA TYR M 121 105.80 -13.22 4.09
C TYR M 121 106.48 -13.70 5.36
N THR M 122 106.99 -14.93 5.33
CA THR M 122 107.80 -15.43 6.43
C THR M 122 109.23 -14.94 6.28
N ALA M 123 109.87 -14.62 7.41
CA ALA M 123 111.24 -14.16 7.41
C ALA M 123 111.94 -14.71 8.63
N THR M 124 113.26 -14.78 8.56
CA THR M 124 114.09 -15.11 9.71
C THR M 124 115.04 -13.96 9.98
N ILE M 125 114.96 -13.40 11.17
CA ILE M 125 115.83 -12.30 11.58
C ILE M 125 116.99 -12.89 12.35
N TYR M 126 118.21 -12.59 11.92
CA TYR M 126 119.42 -13.11 12.54
C TYR M 126 120.10 -11.98 13.29
N PHE M 127 120.33 -12.19 14.58
CA PHE M 127 120.87 -11.16 15.44
C PHE M 127 122.32 -11.45 15.78
N SER M 128 123.02 -10.42 16.29
CA SER M 128 124.46 -10.52 16.48
C SER M 128 124.83 -11.55 17.54
N ASN M 129 123.91 -11.91 18.42
CA ASN M 129 124.17 -12.97 19.40
C ASN M 129 124.06 -14.36 18.80
N GLY M 130 124.00 -14.48 17.47
CA GLY M 130 123.89 -15.79 16.85
C GLY M 130 122.54 -16.44 16.98
N GLN M 131 121.48 -15.65 17.08
CA GLN M 131 120.13 -16.16 17.29
C GLN M 131 119.26 -15.83 16.10
N GLY M 132 118.51 -16.83 15.63
CA GLY M 132 117.54 -16.64 14.56
C GLY M 132 116.13 -16.66 15.11
N ALA M 133 115.30 -15.74 14.63
CA ALA M 133 113.95 -15.59 15.10
C ALA M 133 112.98 -15.58 13.92
N PRO M 134 111.99 -16.47 13.90
CA PRO M 134 110.95 -16.37 12.87
C PRO M 134 110.14 -15.10 13.04
N ALA M 135 109.67 -14.56 11.91
CA ALA M 135 108.87 -13.34 11.91
C ALA M 135 107.95 -13.37 10.70
N THR M 136 106.85 -12.63 10.81
CA THR M 136 105.86 -12.51 9.75
C THR M 136 105.75 -11.05 9.35
N LEU M 137 106.01 -10.74 8.09
CA LEU M 137 106.06 -9.37 7.60
C LEU M 137 104.94 -9.13 6.60
N ILE M 138 104.20 -8.06 6.81
CA ILE M 138 103.16 -7.63 5.88
C ILE M 138 103.75 -6.55 4.99
N TYR M 139 103.57 -6.69 3.68
CA TYR M 139 104.07 -5.71 2.73
C TYR M 139 103.04 -4.59 2.59
N GLN M 140 103.37 -3.41 3.11
CA GLN M 140 102.43 -2.29 3.12
C GLN M 140 102.41 -1.50 1.83
N GLY M 141 103.41 -1.68 0.96
CA GLY M 141 103.46 -0.93 -0.29
C GLY M 141 104.87 -0.54 -0.69
N LEU N 1 164.25 -42.34 26.32
CA LEU N 1 164.20 -41.25 25.35
C LEU N 1 163.01 -41.39 24.41
N SER N 2 162.55 -42.63 24.24
CA SER N 2 161.49 -42.91 23.28
C SER N 2 160.13 -42.41 23.78
N GLY N 3 159.96 -42.29 25.10
CA GLY N 3 158.66 -41.95 25.64
C GLY N 3 158.15 -40.60 25.17
N ALA N 4 159.03 -39.60 25.14
CA ALA N 4 158.62 -38.28 24.69
C ALA N 4 158.22 -38.28 23.22
N ILE N 5 158.97 -39.03 22.38
CA ILE N 5 158.63 -39.10 20.97
C ILE N 5 157.30 -39.79 20.76
N VAL N 6 157.04 -40.87 21.51
CA VAL N 6 155.76 -41.56 21.41
C VAL N 6 154.63 -40.63 21.84
N ALA N 7 154.83 -39.88 22.93
CA ALA N 7 153.81 -38.95 23.38
C ALA N 7 153.54 -37.87 22.34
N LEU N 8 154.60 -37.36 21.71
CA LEU N 8 154.43 -36.34 20.68
C LEU N 8 153.64 -36.87 19.49
N ILE N 9 153.98 -38.08 19.04
CA ILE N 9 153.26 -38.68 17.91
C ILE N 9 151.80 -38.86 18.27
N LEU N 10 151.53 -39.36 19.47
CA LEU N 10 150.14 -39.61 19.87
C LEU N 10 149.37 -38.31 20.02
N VAL N 11 150.01 -37.24 20.48
CA VAL N 11 149.33 -35.95 20.63
C VAL N 11 148.93 -35.41 19.25
N ILE N 12 149.88 -35.40 18.31
CA ILE N 12 149.57 -34.88 16.98
C ILE N 12 148.50 -35.75 16.31
N ALA N 13 148.64 -37.07 16.43
CA ALA N 13 147.67 -37.97 15.85
C ALA N 13 146.29 -37.78 16.49
N GLY N 14 146.24 -37.52 17.79
CA GLY N 14 144.97 -37.25 18.43
C GLY N 14 144.28 -36.04 17.85
N VAL N 15 145.05 -34.97 17.64
CA VAL N 15 144.49 -33.79 16.96
C VAL N 15 143.90 -34.18 15.62
N ILE N 16 144.68 -34.93 14.82
CA ILE N 16 144.23 -35.29 13.47
C ILE N 16 142.96 -36.14 13.52
N ILE N 17 142.93 -37.14 14.40
CA ILE N 17 141.80 -38.05 14.45
C ILE N 17 140.54 -37.34 14.94
N ALA N 18 140.70 -36.43 15.91
CA ALA N 18 139.54 -35.67 16.38
C ALA N 18 138.95 -34.83 15.25
N ILE N 19 139.82 -34.16 14.49
CA ILE N 19 139.31 -33.36 13.37
C ILE N 19 138.63 -34.25 12.33
N ALA N 20 139.20 -35.43 12.08
CA ALA N 20 138.59 -36.34 11.12
C ALA N 20 137.21 -36.79 11.57
N VAL N 21 137.06 -37.09 12.86
CA VAL N 21 135.76 -37.47 13.40
C VAL N 21 134.75 -36.34 13.23
N VAL N 22 135.19 -35.11 13.53
CA VAL N 22 134.30 -33.95 13.38
C VAL N 22 133.82 -33.83 11.93
N LEU N 23 134.73 -34.02 10.98
CA LEU N 23 134.33 -33.91 9.57
C LEU N 23 133.39 -35.05 9.16
N PHE N 24 133.64 -36.26 9.65
CA PHE N 24 132.77 -37.39 9.34
C PHE N 24 131.34 -37.15 9.82
N ALA N 25 131.21 -36.56 11.00
CA ALA N 25 129.88 -36.26 11.54
C ALA N 25 129.05 -35.46 10.55
N PHE N 26 129.63 -34.41 9.97
CA PHE N 26 128.91 -33.63 8.98
C PHE N 26 128.74 -34.40 7.68
N GLY N 27 129.74 -35.17 7.29
CA GLY N 27 129.63 -35.95 6.06
C GLY N 27 128.48 -36.93 6.08
N LEU N 28 127.96 -37.28 7.25
CA LEU N 28 126.80 -38.17 7.28
C LEU N 28 125.52 -37.53 6.73
N ILE N 29 125.28 -36.21 6.89
CA ILE N 29 123.92 -35.69 6.77
C ILE N 29 123.36 -35.64 5.35
N PRO N 30 124.12 -35.27 4.29
CA PRO N 30 123.56 -35.46 2.94
C PRO N 30 123.07 -36.86 2.63
N GLY N 31 123.64 -37.90 3.23
CA GLY N 31 123.09 -39.23 3.03
C GLY N 31 121.73 -39.40 3.67
N ILE N 32 121.58 -38.94 4.91
CA ILE N 32 120.32 -39.10 5.62
C ILE N 32 119.22 -38.28 4.98
N SER N 33 119.58 -37.18 4.31
CA SER N 33 118.55 -36.37 3.65
C SER N 33 117.81 -37.15 2.57
N ASN N 34 118.39 -38.24 2.08
CA ASN N 34 117.73 -39.07 1.06
C ASN N 34 116.50 -39.78 1.61
N GLN N 35 116.34 -39.83 2.93
CA GLN N 35 115.17 -40.49 3.51
C GLN N 35 113.86 -39.84 3.07
N GLY N 36 113.90 -38.58 2.65
CA GLY N 36 112.69 -37.90 2.21
C GLY N 36 112.75 -37.45 0.76
N SER N 37 113.28 -38.30 -0.11
CA SER N 37 113.46 -37.93 -1.50
C SER N 37 112.12 -37.75 -2.22
N ILE N 38 111.11 -38.54 -1.85
CA ILE N 38 109.90 -38.70 -2.65
C ILE N 38 108.72 -38.02 -1.97
N GLN N 39 107.89 -37.38 -2.79
CA GLN N 39 106.62 -36.80 -2.36
C GLN N 39 105.52 -37.31 -3.28
N VAL N 40 104.42 -37.80 -2.69
CA VAL N 40 103.25 -38.21 -3.46
C VAL N 40 102.22 -37.08 -3.37
N LEU N 41 101.88 -36.49 -4.51
CA LEU N 41 101.08 -35.28 -4.52
C LEU N 41 99.86 -35.44 -5.42
N GLY N 42 98.74 -34.87 -4.98
CA GLY N 42 97.48 -35.04 -5.67
C GLY N 42 96.77 -36.30 -5.25
N SER N 43 95.49 -36.37 -5.61
CA SER N 43 94.67 -37.53 -5.28
C SER N 43 94.85 -38.60 -6.36
N GLY N 44 95.22 -39.80 -5.94
CA GLY N 44 95.37 -40.92 -6.85
C GLY N 44 94.06 -41.61 -7.13
N THR N 45 94.13 -42.63 -7.99
CA THR N 45 92.95 -43.38 -8.37
C THR N 45 93.26 -44.88 -8.38
N ILE N 46 92.29 -45.66 -7.93
CA ILE N 46 92.35 -47.11 -7.95
C ILE N 46 91.19 -47.63 -8.79
N THR N 47 91.49 -48.54 -9.72
CA THR N 47 90.51 -49.00 -10.70
C THR N 47 90.51 -50.52 -10.81
N ASN N 48 89.34 -51.09 -11.05
CA ASN N 48 89.21 -52.53 -11.25
C ASN N 48 89.87 -52.93 -12.57
N SER N 49 90.75 -53.93 -12.52
CA SER N 49 91.52 -54.36 -13.69
C SER N 49 91.59 -55.87 -13.79
N THR N 50 90.57 -56.55 -13.30
CA THR N 50 90.66 -57.99 -13.07
C THR N 50 90.33 -58.82 -14.31
N ALA N 51 89.85 -58.21 -15.38
CA ALA N 51 89.49 -58.91 -16.62
C ALA N 51 88.34 -59.91 -16.38
N SER N 52 87.23 -59.40 -15.86
CA SER N 52 85.95 -60.12 -15.80
C SER N 52 86.05 -61.44 -15.05
N GLY N 53 86.93 -61.53 -14.06
CA GLY N 53 87.11 -62.75 -13.30
C GLY N 53 88.23 -63.65 -13.79
N SER N 54 88.99 -63.22 -14.78
CA SER N 54 90.14 -63.98 -15.27
C SER N 54 91.41 -63.73 -14.47
N SER N 55 91.38 -62.88 -13.44
CA SER N 55 92.57 -62.61 -12.65
C SER N 55 92.22 -62.52 -11.17
N ARG N 56 93.23 -62.67 -10.31
CA ARG N 56 93.03 -62.70 -8.86
C ARG N 56 92.82 -61.28 -8.30
N THR N 57 91.72 -60.67 -8.76
CA THR N 57 91.28 -59.36 -8.31
C THR N 57 92.42 -58.35 -8.32
N ILE N 58 92.92 -58.08 -9.53
CA ILE N 58 94.05 -57.18 -9.70
C ILE N 58 93.54 -55.77 -9.98
N TYR N 59 94.02 -54.80 -9.21
CA TYR N 59 93.62 -53.41 -9.29
C TYR N 59 94.73 -52.56 -9.91
N ASN N 60 94.39 -51.30 -10.20
CA ASN N 60 95.26 -50.34 -10.88
C ASN N 60 95.42 -49.15 -9.96
N ILE N 61 96.64 -48.88 -9.50
CA ILE N 61 96.92 -47.72 -8.66
C ILE N 61 97.69 -46.70 -9.50
N THR N 62 97.12 -45.50 -9.63
CA THR N 62 97.77 -44.39 -10.33
C THR N 62 97.93 -43.23 -9.36
N ILE N 63 99.16 -42.75 -9.20
CA ILE N 63 99.49 -41.67 -8.27
C ILE N 63 100.58 -40.81 -8.89
N THR N 64 100.52 -39.50 -8.65
CA THR N 64 101.56 -38.59 -9.13
C THR N 64 102.67 -38.50 -8.10
N VAL N 65 103.88 -38.86 -8.51
CA VAL N 65 105.03 -38.96 -7.61
C VAL N 65 106.12 -38.02 -8.09
N LYS N 66 106.74 -37.32 -7.15
CA LYS N 66 107.84 -36.40 -7.39
C LYS N 66 109.07 -36.92 -6.66
N ASN N 67 110.17 -37.04 -7.39
CA ASN N 67 111.42 -37.54 -6.83
C ASN N 67 112.44 -36.40 -6.81
N THR N 68 112.94 -36.09 -5.62
CA THR N 68 113.89 -35.00 -5.41
C THR N 68 115.31 -35.50 -5.29
N GLY N 69 115.51 -36.78 -4.99
CA GLY N 69 116.83 -37.32 -4.84
C GLY N 69 117.56 -37.50 -6.16
N THR N 70 118.79 -37.98 -6.06
CA THR N 70 119.66 -38.15 -7.23
C THR N 70 119.65 -39.58 -7.78
N THR N 71 118.83 -40.47 -7.22
CA THR N 71 118.76 -41.84 -7.66
C THR N 71 117.33 -42.22 -8.02
N SER N 72 117.20 -43.19 -8.93
CA SER N 72 115.90 -43.74 -9.25
C SER N 72 115.40 -44.58 -8.08
N ILE N 73 114.15 -44.36 -7.68
CA ILE N 73 113.58 -44.98 -6.49
C ILE N 73 112.33 -45.74 -6.89
N SER N 74 112.14 -46.92 -6.30
CA SER N 74 111.10 -47.85 -6.71
C SER N 74 110.12 -48.13 -5.57
N VAL N 75 108.91 -48.52 -5.94
CA VAL N 75 107.86 -48.87 -4.99
C VAL N 75 108.10 -50.31 -4.54
N THR N 76 108.40 -50.50 -3.25
CA THR N 76 108.67 -51.83 -2.73
C THR N 76 107.43 -52.54 -2.22
N SER N 77 106.50 -51.81 -1.60
CA SER N 77 105.28 -52.41 -1.07
C SER N 77 104.23 -51.34 -0.95
N ILE N 78 102.98 -51.77 -0.80
CA ILE N 78 101.85 -50.86 -0.66
C ILE N 78 100.85 -51.43 0.34
N ASN N 79 100.31 -50.54 1.16
CA ASN N 79 99.27 -50.87 2.13
C ASN N 79 98.08 -49.95 1.90
N ILE N 80 96.92 -50.53 1.65
CA ILE N 80 95.71 -49.78 1.30
C ILE N 80 94.71 -49.94 2.44
N ASN N 81 94.42 -48.82 3.11
CA ASN N 81 93.41 -48.77 4.18
C ASN N 81 93.66 -49.84 5.24
N GLY N 82 94.93 -50.04 5.59
CA GLY N 82 95.31 -51.00 6.60
C GLY N 82 95.52 -52.41 6.09
N GLN N 83 95.09 -52.72 4.88
CA GLN N 83 95.27 -54.06 4.35
C GLN N 83 96.55 -54.12 3.50
N PRO N 84 97.36 -55.16 3.67
CA PRO N 84 98.57 -55.29 2.85
C PRO N 84 98.23 -55.60 1.40
N PHE N 85 99.11 -55.19 0.49
CA PHE N 85 98.92 -55.45 -0.93
C PHE N 85 100.25 -55.81 -1.56
N ASN N 86 100.20 -56.55 -2.66
CA ASN N 86 101.39 -57.00 -3.37
C ASN N 86 101.35 -56.54 -4.81
N ILE N 87 102.45 -55.96 -5.29
CA ILE N 87 102.52 -55.52 -6.67
C ILE N 87 102.58 -56.73 -7.60
N ASN N 88 101.78 -56.71 -8.66
CA ASN N 88 101.66 -57.88 -9.53
C ASN N 88 102.78 -57.98 -10.56
N GLY N 89 103.23 -56.86 -11.12
CA GLY N 89 104.32 -56.84 -12.07
C GLY N 89 105.63 -56.43 -11.43
N THR N 90 106.58 -56.05 -12.28
CA THR N 90 107.82 -55.46 -11.77
C THR N 90 107.52 -54.09 -11.18
N ALA N 91 108.25 -53.73 -10.14
CA ALA N 91 107.96 -52.49 -9.42
C ALA N 91 108.23 -51.28 -10.31
N PRO N 92 107.36 -50.28 -10.30
CA PRO N 92 107.66 -49.03 -11.01
C PRO N 92 108.79 -48.28 -10.32
N SER N 93 109.52 -47.51 -11.12
CA SER N 93 110.66 -46.75 -10.63
C SER N 93 110.55 -45.31 -11.10
N ILE N 94 110.81 -44.37 -10.19
CA ILE N 94 110.69 -42.94 -10.45
C ILE N 94 112.09 -42.38 -10.65
N PRO N 95 112.41 -41.84 -11.83
CA PRO N 95 113.76 -41.30 -12.04
C PRO N 95 113.98 -40.02 -11.25
N ALA N 96 115.25 -39.64 -11.15
CA ALA N 96 115.63 -38.46 -10.37
C ALA N 96 115.07 -37.19 -10.97
N GLY N 97 114.64 -36.27 -10.11
CA GLY N 97 114.17 -34.96 -10.52
C GLY N 97 112.81 -34.94 -11.17
N ARG N 98 112.22 -36.10 -11.46
CA ARG N 98 110.99 -36.16 -12.23
C ARG N 98 109.76 -35.98 -11.35
N THR N 99 108.68 -35.50 -11.97
CA THR N 99 107.34 -35.56 -11.41
C THR N 99 106.46 -36.23 -12.46
N GLN N 100 105.96 -37.41 -12.14
CA GLN N 100 105.27 -38.18 -13.16
C GLN N 100 104.19 -39.07 -12.55
N PRO N 101 103.20 -39.47 -13.34
CA PRO N 101 102.20 -40.42 -12.86
C PRO N 101 102.68 -41.87 -12.90
N ILE N 102 102.89 -42.45 -11.73
CA ILE N 102 103.21 -43.87 -11.62
C ILE N 102 101.91 -44.66 -11.61
N THR N 103 101.85 -45.71 -12.43
CA THR N 103 100.71 -46.62 -12.48
C THR N 103 101.22 -48.04 -12.32
N PHE N 104 100.61 -48.80 -11.42
CA PHE N 104 101.03 -50.18 -11.22
C PHE N 104 99.87 -51.05 -10.77
N GLU N 105 99.94 -52.33 -11.15
CA GLU N 105 98.96 -53.32 -10.78
C GLU N 105 99.22 -53.82 -9.36
N VAL N 106 98.15 -54.20 -8.67
CA VAL N 106 98.27 -54.65 -7.29
C VAL N 106 97.24 -55.73 -6.99
N THR N 107 97.57 -56.58 -6.02
CA THR N 107 96.79 -57.73 -5.58
C THR N 107 96.59 -57.67 -4.08
N PRO N 108 95.48 -58.19 -3.58
CA PRO N 108 95.33 -58.34 -2.12
C PRO N 108 96.29 -59.41 -1.60
N ALA N 109 97.02 -59.07 -0.53
CA ALA N 109 97.89 -60.05 0.10
C ALA N 109 97.10 -61.15 0.78
N SER N 110 95.97 -60.79 1.39
CA SER N 110 95.08 -61.77 2.01
C SER N 110 93.66 -61.24 1.94
N GLY N 111 92.71 -62.17 1.89
CA GLY N 111 91.33 -61.75 1.84
C GLY N 111 90.93 -61.17 0.50
N LYS N 112 89.81 -60.47 0.51
CA LYS N 112 89.23 -59.87 -0.70
C LYS N 112 88.61 -58.53 -0.30
N PRO N 113 89.35 -57.44 -0.46
CA PRO N 113 88.79 -56.13 -0.11
C PRO N 113 87.80 -55.67 -1.16
N ASN N 114 86.70 -55.10 -0.70
CA ASN N 114 85.64 -54.63 -1.57
C ASN N 114 85.60 -53.11 -1.51
N PHE N 115 85.59 -52.47 -2.67
CA PHE N 115 85.62 -51.02 -2.77
C PHE N 115 84.29 -50.51 -3.32
N SER N 116 83.89 -49.33 -2.85
CA SER N 116 82.66 -48.72 -3.33
C SER N 116 82.97 -47.54 -4.24
N PRO N 117 82.16 -47.32 -5.29
CA PRO N 117 82.45 -46.24 -6.22
C PRO N 117 82.51 -44.88 -5.54
N GLY N 118 83.54 -44.10 -5.89
CA GLY N 118 83.69 -42.75 -5.39
C GLY N 118 84.21 -42.64 -3.97
N ALA N 119 84.42 -43.74 -3.27
CA ALA N 119 84.92 -43.67 -1.91
C ALA N 119 86.42 -43.36 -1.90
N SER N 120 86.88 -42.79 -0.79
CA SER N 120 88.28 -42.42 -0.62
C SER N 120 88.94 -43.44 0.30
N TYR N 121 90.04 -44.02 -0.16
CA TYR N 121 90.80 -45.02 0.59
C TYR N 121 92.22 -44.53 0.75
N THR N 122 92.71 -44.53 1.98
CA THR N 122 94.08 -44.10 2.22
C THR N 122 95.04 -45.25 1.98
N ALA N 123 96.13 -44.95 1.29
CA ALA N 123 97.15 -45.95 0.99
C ALA N 123 98.52 -45.39 1.36
N THR N 124 99.36 -46.25 1.90
CA THR N 124 100.74 -45.87 2.21
C THR N 124 101.66 -46.59 1.23
N ILE N 125 102.37 -45.81 0.42
CA ILE N 125 103.29 -46.35 -0.56
C ILE N 125 104.69 -46.31 0.05
N TYR N 126 105.31 -47.47 0.16
CA TYR N 126 106.65 -47.58 0.72
C TYR N 126 107.64 -47.66 -0.43
N PHE N 127 108.54 -46.70 -0.49
CA PHE N 127 109.53 -46.64 -1.56
C PHE N 127 110.86 -47.22 -1.07
N SER N 128 111.80 -47.39 -2.01
CA SER N 128 113.05 -48.06 -1.70
C SER N 128 113.89 -47.29 -0.68
N ASN N 129 113.60 -46.02 -0.45
CA ASN N 129 114.27 -45.28 0.61
C ASN N 129 113.85 -45.72 2.00
N GLY N 130 112.82 -46.57 2.10
CA GLY N 130 112.15 -46.79 3.35
C GLY N 130 111.13 -45.74 3.69
N GLN N 131 111.00 -44.71 2.86
CA GLN N 131 110.02 -43.66 3.09
C GLN N 131 108.61 -44.16 2.80
N GLY N 132 107.69 -43.91 3.72
CA GLY N 132 106.31 -44.28 3.52
C GLY N 132 105.43 -43.07 3.32
N ALA N 133 104.96 -42.88 2.09
CA ALA N 133 104.15 -41.71 1.77
C ALA N 133 102.67 -42.05 1.87
N PRO N 134 101.91 -41.36 2.71
CA PRO N 134 100.46 -41.53 2.70
C PRO N 134 99.83 -40.76 1.55
N ALA N 135 98.80 -41.35 0.95
CA ALA N 135 98.10 -40.77 -0.18
C ALA N 135 96.65 -41.21 -0.13
N THR N 136 95.81 -40.50 -0.87
CA THR N 136 94.38 -40.80 -0.94
C THR N 136 94.03 -41.25 -2.35
N LEU N 137 93.42 -42.43 -2.46
CA LEU N 137 93.00 -42.99 -3.73
C LEU N 137 91.48 -42.95 -3.80
N ILE N 138 90.96 -42.47 -4.91
CA ILE N 138 89.52 -42.47 -5.15
C ILE N 138 89.19 -43.63 -6.07
N TYR N 139 88.32 -44.52 -5.63
CA TYR N 139 87.97 -45.68 -6.42
C TYR N 139 87.10 -45.27 -7.60
N GLN N 140 87.43 -45.77 -8.79
CA GLN N 140 86.78 -45.36 -10.01
C GLN N 140 86.14 -46.50 -10.80
N GLY N 141 86.40 -47.75 -10.43
CA GLY N 141 85.93 -48.90 -11.19
C GLY N 141 84.45 -49.20 -11.01
N LEU O 1 157.86 -46.61 25.08
CA LEU O 1 157.00 -47.63 24.50
C LEU O 1 155.66 -47.72 25.23
N SER O 2 155.66 -47.26 26.48
CA SER O 2 154.47 -47.42 27.33
C SER O 2 153.28 -46.68 26.76
N GLY O 3 153.50 -45.47 26.23
CA GLY O 3 152.39 -44.64 25.79
C GLY O 3 151.56 -45.28 24.70
N ALA O 4 152.22 -45.90 23.72
CA ALA O 4 151.49 -46.51 22.61
C ALA O 4 150.64 -47.68 23.08
N ILE O 5 151.19 -48.54 23.94
CA ILE O 5 150.45 -49.69 24.42
C ILE O 5 149.28 -49.25 25.30
N VAL O 6 149.50 -48.24 26.14
CA VAL O 6 148.42 -47.73 26.98
C VAL O 6 147.31 -47.13 26.12
N ALA O 7 147.69 -46.37 25.09
CA ALA O 7 146.69 -45.79 24.19
C ALA O 7 145.90 -46.89 23.48
N LEU O 8 146.58 -47.96 23.06
CA LEU O 8 145.89 -49.06 22.40
C LEU O 8 144.93 -49.76 23.36
N ILE O 9 145.35 -49.96 24.61
CA ILE O 9 144.47 -50.54 25.62
C ILE O 9 143.22 -49.69 25.77
N LEU O 10 143.40 -48.37 25.90
CA LEU O 10 142.26 -47.50 26.10
C LEU O 10 141.37 -47.43 24.87
N VAL O 11 141.95 -47.55 23.68
CA VAL O 11 141.14 -47.57 22.45
C VAL O 11 140.25 -48.80 22.43
N ILE O 12 140.83 -49.97 22.71
CA ILE O 12 140.04 -51.20 22.70
C ILE O 12 138.96 -51.14 23.78
N ALA O 13 139.31 -50.66 24.97
CA ALA O 13 138.34 -50.58 26.06
C ALA O 13 137.22 -49.60 25.73
N GLY O 14 137.55 -48.49 25.08
CA GLY O 14 136.52 -47.56 24.65
C GLY O 14 135.57 -48.18 23.66
N VAL O 15 136.11 -48.96 22.71
CA VAL O 15 135.25 -49.69 21.78
C VAL O 15 134.31 -50.60 22.55
N ILE O 16 134.84 -51.32 23.54
CA ILE O 16 134.05 -52.27 24.32
C ILE O 16 132.91 -51.55 25.02
N ILE O 17 133.24 -50.48 25.75
CA ILE O 17 132.23 -49.80 26.56
C ILE O 17 131.20 -49.11 25.69
N ALA O 18 131.64 -48.51 24.57
CA ALA O 18 130.70 -47.86 23.67
C ALA O 18 129.73 -48.85 23.07
N ILE O 19 130.21 -50.02 22.65
CA ILE O 19 129.33 -51.04 22.11
C ILE O 19 128.36 -51.53 23.19
N ALA O 20 128.84 -51.65 24.42
CA ALA O 20 127.96 -52.05 25.51
C ALA O 20 126.84 -51.04 25.71
N VAL O 21 127.17 -49.75 25.66
CA VAL O 21 126.15 -48.72 25.83
C VAL O 21 125.16 -48.73 24.65
N VAL O 22 125.66 -48.98 23.43
CA VAL O 22 124.77 -49.05 22.27
C VAL O 22 123.80 -50.22 22.42
N LEU O 23 124.30 -51.37 22.87
CA LEU O 23 123.44 -52.52 23.08
C LEU O 23 122.43 -52.25 24.19
N PHE O 24 122.83 -51.51 25.22
CA PHE O 24 121.88 -51.11 26.26
C PHE O 24 120.78 -50.22 25.69
N ALA O 25 121.16 -49.29 24.82
CA ALA O 25 120.17 -48.43 24.17
C ALA O 25 119.19 -49.26 23.35
N PHE O 26 119.70 -50.25 22.63
CA PHE O 26 118.82 -51.14 21.87
C PHE O 26 117.92 -51.96 22.79
N GLY O 27 118.42 -52.36 23.95
CA GLY O 27 117.61 -53.11 24.89
C GLY O 27 116.56 -52.31 25.63
N LEU O 28 116.71 -50.99 25.69
CA LEU O 28 115.68 -50.17 26.31
C LEU O 28 114.40 -50.10 25.49
N ILE O 29 114.50 -50.25 24.17
CA ILE O 29 113.38 -50.01 23.25
C ILE O 29 112.12 -50.80 23.62
N PRO O 30 112.20 -52.10 23.91
CA PRO O 30 110.96 -52.84 24.21
C PRO O 30 110.19 -52.29 25.41
N GLY O 31 110.88 -51.83 26.45
CA GLY O 31 110.17 -51.30 27.60
C GLY O 31 109.43 -50.01 27.30
N ILE O 32 110.06 -49.12 26.53
CA ILE O 32 109.43 -47.85 26.21
C ILE O 32 108.44 -47.99 25.07
N SER O 33 108.77 -48.79 24.06
CA SER O 33 107.91 -48.96 22.89
C SER O 33 106.85 -49.98 23.24
N ASN O 34 105.69 -49.48 23.68
CA ASN O 34 104.57 -50.33 24.10
C ASN O 34 103.30 -49.71 23.54
N GLN O 35 102.92 -50.16 22.35
CA GLN O 35 101.67 -49.72 21.74
C GLN O 35 100.50 -50.41 22.43
N GLY O 36 99.29 -49.98 22.05
CA GLY O 36 98.10 -50.52 22.68
C GLY O 36 97.71 -49.71 23.89
N SER O 37 96.40 -49.56 24.10
CA SER O 37 95.91 -48.72 25.17
C SER O 37 94.49 -49.17 25.52
N ILE O 38 94.02 -48.70 26.67
CA ILE O 38 92.62 -48.87 27.02
C ILE O 38 91.82 -47.75 26.39
N GLN O 39 90.81 -48.10 25.62
CA GLN O 39 89.97 -47.15 24.92
C GLN O 39 88.56 -47.22 25.50
N VAL O 40 88.00 -46.06 25.82
CA VAL O 40 86.66 -45.97 26.37
C VAL O 40 85.70 -45.64 25.23
N LEU O 41 84.74 -46.51 24.98
CA LEU O 41 83.85 -46.43 23.83
C LEU O 41 82.48 -45.96 24.27
N GLY O 42 82.00 -44.89 23.67
CA GLY O 42 80.65 -44.41 23.95
C GLY O 42 80.55 -43.76 25.32
N SER O 43 79.31 -43.36 25.63
CA SER O 43 79.03 -42.71 26.91
C SER O 43 78.80 -43.75 27.99
N GLY O 44 79.34 -43.48 29.18
CA GLY O 44 79.06 -44.28 30.35
C GLY O 44 77.92 -43.70 31.16
N THR O 45 77.64 -44.35 32.29
CA THR O 45 76.51 -43.98 33.14
C THR O 45 76.94 -43.93 34.60
N ILE O 46 76.42 -42.93 35.31
CA ILE O 46 76.55 -42.82 36.76
C ILE O 46 75.18 -43.03 37.39
N THR O 47 75.11 -43.93 38.36
CA THR O 47 73.86 -44.24 39.03
C THR O 47 74.06 -44.14 40.54
N ASN O 48 73.06 -43.61 41.24
CA ASN O 48 73.19 -43.43 42.69
C ASN O 48 73.03 -44.76 43.40
N SER O 49 74.10 -45.23 44.04
CA SER O 49 74.09 -46.49 44.77
C SER O 49 73.89 -46.33 46.27
N THR O 50 73.94 -45.10 46.78
CA THR O 50 73.75 -44.86 48.21
C THR O 50 72.36 -45.32 48.63
N ALA O 51 72.30 -46.02 49.76
CA ALA O 51 71.05 -46.61 50.20
C ALA O 51 71.00 -46.65 51.72
N SER O 52 69.78 -46.84 52.24
CA SER O 52 69.52 -47.08 53.66
C SER O 52 69.93 -45.92 54.56
N GLY O 53 70.10 -44.72 53.98
CA GLY O 53 70.49 -43.58 54.78
C GLY O 53 71.87 -43.67 55.40
N SER O 54 72.73 -44.54 54.86
CA SER O 54 74.10 -44.63 55.35
C SER O 54 74.86 -43.34 55.02
N SER O 55 75.91 -43.08 55.78
CA SER O 55 76.55 -41.78 55.77
C SER O 55 77.35 -41.53 54.49
N ARG O 56 77.85 -42.57 53.84
CA ARG O 56 78.78 -42.42 52.73
C ARG O 56 78.04 -42.58 51.41
N THR O 57 78.30 -41.66 50.47
CA THR O 57 77.68 -41.70 49.15
C THR O 57 78.52 -42.54 48.20
N ILE O 58 77.88 -43.47 47.52
CA ILE O 58 78.55 -44.36 46.57
C ILE O 58 77.79 -44.33 45.26
N TYR O 59 78.53 -44.31 44.15
CA TYR O 59 77.95 -44.23 42.82
C TYR O 59 78.47 -45.36 41.93
N ASN O 60 77.57 -45.96 41.18
CA ASN O 60 77.91 -46.93 40.14
C ASN O 60 78.36 -46.19 38.90
N ILE O 61 79.46 -46.63 38.31
CA ILE O 61 79.94 -46.10 37.04
C ILE O 61 80.08 -47.26 36.09
N THR O 62 79.40 -47.17 34.95
CA THR O 62 79.45 -48.20 33.91
C THR O 62 79.98 -47.60 32.63
N ILE O 63 81.01 -48.23 32.07
CA ILE O 63 81.67 -47.75 30.85
C ILE O 63 82.06 -48.94 29.99
N THR O 64 82.00 -48.76 28.68
CA THR O 64 82.46 -49.78 27.75
C THR O 64 83.95 -49.57 27.48
N VAL O 65 84.74 -50.61 27.74
CA VAL O 65 86.20 -50.51 27.77
C VAL O 65 86.79 -51.56 26.85
N LYS O 66 87.74 -51.15 26.01
CA LYS O 66 88.40 -52.03 25.05
C LYS O 66 89.90 -51.96 25.29
N ASN O 67 90.49 -53.07 25.74
CA ASN O 67 91.93 -53.12 26.00
C ASN O 67 92.62 -53.60 24.73
N THR O 68 93.28 -52.68 24.03
CA THR O 68 93.98 -53.03 22.81
C THR O 68 95.38 -53.57 23.06
N GLY O 69 95.86 -53.54 24.30
CA GLY O 69 97.20 -54.00 24.61
C GLY O 69 97.26 -55.50 24.85
N THR O 70 98.45 -55.95 25.24
CA THR O 70 98.70 -57.36 25.55
C THR O 70 98.82 -57.62 27.04
N THR O 71 98.47 -56.66 27.88
CA THR O 71 98.62 -56.79 29.33
C THR O 71 97.29 -56.47 30.02
N SER O 72 97.07 -57.12 31.15
CA SER O 72 95.92 -56.79 31.99
C SER O 72 96.13 -55.42 32.63
N ILE O 73 95.08 -54.60 32.60
CA ILE O 73 95.14 -53.23 33.11
C ILE O 73 93.94 -52.99 33.98
N SER O 74 94.12 -52.20 35.04
CA SER O 74 93.08 -51.93 36.02
C SER O 74 92.91 -50.43 36.20
N VAL O 75 91.71 -50.05 36.67
CA VAL O 75 91.41 -48.67 36.99
C VAL O 75 92.05 -48.30 38.32
N THR O 76 92.52 -47.05 38.42
CA THR O 76 93.16 -46.60 39.66
C THR O 76 92.43 -45.40 40.26
N SER O 77 91.82 -44.58 39.43
CA SER O 77 91.10 -43.40 39.92
C SER O 77 90.20 -42.88 38.80
N ILE O 78 89.27 -42.02 39.18
CA ILE O 78 88.42 -41.32 38.24
C ILE O 78 88.20 -39.89 38.73
N ASN O 79 88.14 -38.95 37.81
CA ASN O 79 87.83 -37.57 38.10
C ASN O 79 86.59 -37.18 37.31
N ILE O 80 85.53 -36.78 38.01
CA ILE O 80 84.26 -36.45 37.39
C ILE O 80 83.94 -34.98 37.69
N ASN O 81 83.72 -34.21 36.64
CA ASN O 81 83.31 -32.81 36.76
C ASN O 81 84.32 -31.99 37.57
N GLY O 82 85.60 -32.34 37.44
CA GLY O 82 86.66 -31.66 38.16
C GLY O 82 86.88 -32.16 39.57
N GLN O 83 86.10 -33.13 40.03
CA GLN O 83 86.14 -33.63 41.40
C GLN O 83 86.72 -35.03 41.43
N PRO O 84 87.69 -35.33 42.29
CA PRO O 84 88.26 -36.68 42.32
C PRO O 84 87.38 -37.64 43.10
N PHE O 85 87.35 -38.89 42.64
CA PHE O 85 86.61 -39.95 43.29
C PHE O 85 87.54 -41.13 43.55
N ASN O 86 87.28 -41.85 44.63
CA ASN O 86 88.06 -43.03 44.98
C ASN O 86 87.29 -44.28 44.55
N ILE O 87 88.01 -45.24 43.96
CA ILE O 87 87.38 -46.46 43.48
C ILE O 87 87.19 -47.41 44.66
N ASN O 88 86.00 -47.35 45.26
CA ASN O 88 85.66 -48.26 46.35
C ASN O 88 85.79 -49.71 45.89
N GLY O 89 86.40 -50.52 46.75
CA GLY O 89 86.50 -51.95 46.51
C GLY O 89 87.63 -52.34 45.59
N THR O 90 87.72 -53.64 45.33
CA THR O 90 88.68 -54.18 44.39
C THR O 90 88.44 -53.61 43.01
N ALA O 91 89.42 -52.86 42.51
CA ALA O 91 89.25 -52.17 41.23
C ALA O 91 89.13 -53.18 40.09
N PRO O 92 88.26 -52.92 39.12
CA PRO O 92 88.10 -53.87 38.01
C PRO O 92 89.37 -53.98 37.18
N SER O 93 89.60 -55.18 36.64
CA SER O 93 90.72 -55.44 35.75
C SER O 93 90.17 -55.75 34.36
N ILE O 94 90.77 -55.16 33.34
CA ILE O 94 90.32 -55.30 31.96
C ILE O 94 91.30 -56.24 31.26
N PRO O 95 90.87 -57.44 30.85
CA PRO O 95 91.79 -58.38 30.22
C PRO O 95 92.26 -57.90 28.86
N ALA O 96 93.40 -58.45 28.44
CA ALA O 96 94.02 -58.03 27.19
C ALA O 96 93.15 -58.41 25.99
N GLY O 97 93.12 -57.51 25.01
CA GLY O 97 92.44 -57.78 23.75
C GLY O 97 90.94 -57.90 23.82
N ARG O 98 90.31 -57.49 24.91
CA ARG O 98 88.91 -57.74 25.16
C ARG O 98 88.13 -56.45 25.32
N THR O 99 86.91 -56.43 24.77
CA THR O 99 85.96 -55.35 24.96
C THR O 99 84.89 -55.80 25.94
N GLN O 100 84.70 -55.04 27.01
CA GLN O 100 83.81 -55.43 28.10
C GLN O 100 83.04 -54.22 28.61
N PRO O 101 81.82 -54.44 29.09
CA PRO O 101 81.19 -53.45 29.99
C PRO O 101 81.78 -53.57 31.38
N ILE O 102 82.40 -52.49 31.85
CA ILE O 102 83.07 -52.45 33.14
C ILE O 102 82.25 -51.57 34.08
N THR O 103 81.89 -52.11 35.24
CA THR O 103 81.12 -51.39 36.23
C THR O 103 81.86 -51.41 37.56
N PHE O 104 81.95 -50.23 38.19
CA PHE O 104 82.66 -50.15 39.46
C PHE O 104 82.05 -49.05 40.32
N GLU O 105 82.20 -49.19 41.63
CA GLU O 105 81.65 -48.24 42.58
C GLU O 105 82.71 -47.22 43.00
N VAL O 106 82.28 -45.97 43.12
CA VAL O 106 83.16 -44.87 43.48
C VAL O 106 82.54 -44.07 44.62
N THR O 107 83.40 -43.39 45.37
CA THR O 107 83.00 -42.47 46.42
C THR O 107 83.75 -41.16 46.25
N PRO O 108 83.13 -40.04 46.57
CA PRO O 108 83.82 -38.75 46.45
C PRO O 108 84.99 -38.66 47.42
N ALA O 109 86.14 -38.27 46.89
CA ALA O 109 87.31 -38.09 47.75
C ALA O 109 87.13 -36.92 48.69
N SER O 110 86.41 -35.89 48.28
CA SER O 110 86.12 -34.75 49.12
C SER O 110 84.84 -34.08 48.64
N GLY O 111 84.18 -33.37 49.55
CA GLY O 111 82.98 -32.65 49.20
C GLY O 111 81.84 -33.57 48.84
N LYS O 112 80.91 -33.05 48.04
CA LYS O 112 79.75 -33.81 47.59
C LYS O 112 79.42 -33.44 46.14
N PRO O 113 79.01 -34.41 45.34
CA PRO O 113 78.66 -34.12 43.95
C PRO O 113 77.33 -33.39 43.84
N ASN O 114 77.15 -32.73 42.69
CA ASN O 114 75.93 -31.99 42.39
C ASN O 114 75.21 -32.53 41.15
N PHE O 115 75.29 -33.84 40.95
CA PHE O 115 74.78 -34.43 39.71
C PHE O 115 73.29 -34.14 39.53
N SER O 116 72.89 -33.96 38.28
CA SER O 116 71.50 -33.72 37.90
C SER O 116 71.06 -34.80 36.93
N PRO O 117 69.81 -35.27 37.05
CA PRO O 117 69.35 -36.35 36.17
C PRO O 117 69.42 -35.96 34.71
N GLY O 118 69.97 -36.85 33.90
CA GLY O 118 70.07 -36.63 32.47
C GLY O 118 71.24 -35.77 32.04
N ALA O 119 71.98 -35.17 32.97
CA ALA O 119 73.11 -34.33 32.60
C ALA O 119 74.31 -35.19 32.22
N SER O 120 75.14 -34.63 31.36
CA SER O 120 76.35 -35.30 30.87
C SER O 120 77.57 -34.61 31.47
N TYR O 121 78.43 -35.38 32.12
CA TYR O 121 79.60 -34.86 32.82
C TYR O 121 80.86 -35.45 32.21
N THR O 122 81.83 -34.59 31.92
CA THR O 122 83.11 -35.05 31.43
C THR O 122 83.92 -35.62 32.58
N ALA O 123 84.48 -36.82 32.37
CA ALA O 123 85.27 -37.50 33.38
C ALA O 123 86.57 -37.98 32.75
N THR O 124 87.50 -38.35 33.60
CA THR O 124 88.78 -38.91 33.19
C THR O 124 89.05 -40.13 34.05
N ILE O 125 89.24 -41.28 33.39
CA ILE O 125 89.51 -42.53 34.08
C ILE O 125 90.99 -42.86 33.93
N TYR O 126 91.67 -43.06 35.05
CA TYR O 126 93.11 -43.28 35.07
C TYR O 126 93.39 -44.75 35.31
N PHE O 127 94.21 -45.35 34.45
CA PHE O 127 94.47 -46.77 34.47
C PHE O 127 95.89 -47.03 34.97
N SER O 128 96.18 -48.31 35.22
CA SER O 128 97.42 -48.69 35.89
C SER O 128 98.66 -48.30 35.11
N ASN O 129 98.56 -48.14 33.78
CA ASN O 129 99.70 -47.67 33.01
C ASN O 129 100.00 -46.20 33.25
N GLY O 130 99.12 -45.48 33.95
CA GLY O 130 99.23 -44.04 34.08
C GLY O 130 98.47 -43.27 33.02
N GLN O 131 98.11 -43.92 31.92
CA GLN O 131 97.31 -43.26 30.89
C GLN O 131 95.91 -42.96 31.41
N GLY O 132 95.33 -41.89 30.91
CA GLY O 132 94.00 -41.46 31.34
C GLY O 132 93.07 -41.21 30.17
N ALA O 133 91.96 -41.93 30.14
CA ALA O 133 91.00 -41.81 29.06
C ALA O 133 89.91 -40.81 29.43
N PRO O 134 89.71 -39.75 28.65
CA PRO O 134 88.52 -38.91 28.86
C PRO O 134 87.27 -39.62 28.37
N ALA O 135 86.18 -39.42 29.09
CA ALA O 135 84.90 -40.06 28.80
C ALA O 135 83.78 -39.10 29.16
N THR O 136 82.58 -39.42 28.70
CA THR O 136 81.39 -38.68 29.07
C THR O 136 80.44 -39.62 29.80
N LEU O 137 80.00 -39.22 30.99
CA LEU O 137 79.14 -40.03 31.82
C LEU O 137 77.80 -39.32 32.00
N ILE O 138 76.71 -40.03 31.73
CA ILE O 138 75.36 -39.50 31.90
C ILE O 138 74.83 -39.96 33.24
N TYR O 139 74.30 -39.04 34.02
CA TYR O 139 73.76 -39.37 35.34
C TYR O 139 72.31 -39.84 35.18
N GLN O 140 72.05 -41.10 35.55
CA GLN O 140 70.74 -41.71 35.38
C GLN O 140 69.88 -41.66 36.64
N GLY O 141 70.42 -41.19 37.76
CA GLY O 141 69.66 -41.14 39.00
C GLY O 141 69.67 -42.46 39.74
N LEU P 1 152.38 -44.01 31.25
CA LEU P 1 151.46 -44.17 32.38
C LEU P 1 150.43 -43.04 32.39
N SER P 2 150.71 -41.98 31.62
CA SER P 2 149.90 -40.77 31.67
C SER P 2 148.48 -41.01 31.17
N GLY P 3 148.33 -41.83 30.12
CA GLY P 3 147.04 -41.94 29.47
C GLY P 3 145.94 -42.44 30.37
N ALA P 4 146.24 -43.45 31.20
CA ALA P 4 145.23 -43.99 32.11
C ALA P 4 144.82 -42.95 33.14
N ILE P 5 145.77 -42.17 33.64
CA ILE P 5 145.47 -41.10 34.60
C ILE P 5 144.54 -40.07 33.96
N VAL P 6 144.85 -39.65 32.73
CA VAL P 6 144.02 -38.68 32.04
C VAL P 6 142.62 -39.25 31.82
N ALA P 7 142.54 -40.53 31.44
CA ALA P 7 141.24 -41.17 31.23
C ALA P 7 140.42 -41.20 32.51
N LEU P 8 141.06 -41.50 33.64
CA LEU P 8 140.34 -41.51 34.91
C LEU P 8 139.76 -40.14 35.22
N ILE P 9 140.59 -39.09 35.08
CA ILE P 9 140.11 -37.73 35.35
C ILE P 9 138.92 -37.41 34.46
N LEU P 10 139.03 -37.70 33.16
CA LEU P 10 137.96 -37.35 32.23
C LEU P 10 136.70 -38.15 32.48
N VAL P 11 136.82 -39.41 32.88
CA VAL P 11 135.63 -40.23 33.16
C VAL P 11 134.86 -39.64 34.33
N ILE P 12 135.56 -39.30 35.42
CA ILE P 12 134.85 -38.75 36.57
C ILE P 12 134.22 -37.40 36.22
N ALA P 13 134.96 -36.56 35.48
CA ALA P 13 134.39 -35.27 35.10
C ALA P 13 133.15 -35.44 34.22
N GLY P 14 133.18 -36.42 33.32
CA GLY P 14 132.01 -36.68 32.49
C GLY P 14 130.80 -37.07 33.30
N VAL P 15 131.00 -37.94 34.30
CA VAL P 15 129.90 -38.30 35.19
C VAL P 15 129.31 -37.04 35.83
N ILE P 16 130.18 -36.19 36.37
CA ILE P 16 129.71 -34.99 37.09
C ILE P 16 128.91 -34.09 36.16
N ILE P 17 129.46 -33.80 34.97
CA ILE P 17 128.81 -32.83 34.09
C ILE P 17 127.50 -33.40 33.55
N ALA P 18 127.45 -34.69 33.26
CA ALA P 18 126.21 -35.28 32.78
C ALA P 18 125.10 -35.19 33.83
N ILE P 19 125.44 -35.48 35.10
CA ILE P 19 124.44 -35.36 36.15
C ILE P 19 123.98 -33.92 36.30
N ALA P 20 124.92 -32.97 36.20
CA ALA P 20 124.55 -31.56 36.29
C ALA P 20 123.59 -31.16 35.18
N VAL P 21 123.83 -31.64 33.96
CA VAL P 21 122.94 -31.30 32.84
C VAL P 21 121.56 -31.90 33.05
N VAL P 22 121.48 -33.13 33.56
CA VAL P 22 120.19 -33.75 33.83
C VAL P 22 119.42 -32.94 34.86
N LEU P 23 120.10 -32.53 35.93
CA LEU P 23 119.43 -31.74 36.96
C LEU P 23 118.99 -30.38 36.44
N PHE P 24 119.76 -29.77 35.54
CA PHE P 24 119.33 -28.52 34.91
C PHE P 24 118.08 -28.74 34.06
N ALA P 25 118.02 -29.85 33.33
CA ALA P 25 116.83 -30.17 32.55
C ALA P 25 115.61 -30.29 33.45
N PHE P 26 115.77 -30.92 34.61
CA PHE P 26 114.65 -30.99 35.56
C PHE P 26 114.32 -29.63 36.16
N GLY P 27 115.33 -28.78 36.36
CA GLY P 27 115.09 -27.49 36.99
C GLY P 27 114.44 -26.47 36.08
N LEU P 28 114.52 -26.67 34.76
CA LEU P 28 113.90 -25.71 33.84
C LEU P 28 112.38 -25.68 33.97
N ILE P 29 111.75 -26.77 34.42
CA ILE P 29 110.30 -26.93 34.27
C ILE P 29 109.50 -25.80 34.91
N PRO P 30 109.78 -25.36 36.15
CA PRO P 30 108.90 -24.34 36.77
C PRO P 30 108.79 -23.05 35.99
N GLY P 31 109.81 -22.67 35.22
CA GLY P 31 109.76 -21.42 34.50
C GLY P 31 108.73 -21.41 33.38
N ILE P 32 108.36 -22.59 32.88
CA ILE P 32 107.42 -22.67 31.76
C ILE P 32 106.03 -22.21 32.19
N SER P 33 105.66 -22.50 33.45
CA SER P 33 104.30 -22.20 33.92
C SER P 33 103.94 -20.73 33.76
N ASN P 34 104.92 -19.84 33.96
CA ASN P 34 104.63 -18.41 33.95
C ASN P 34 104.30 -17.88 32.56
N GLN P 35 104.47 -18.68 31.53
CA GLN P 35 104.19 -18.21 30.18
C GLN P 35 102.70 -18.04 29.90
N GLY P 36 101.82 -18.49 30.80
CA GLY P 36 100.40 -18.37 30.57
C GLY P 36 99.63 -17.67 31.66
N SER P 37 100.30 -16.75 32.36
CA SER P 37 99.71 -16.14 33.55
C SER P 37 98.53 -15.23 33.22
N ILE P 38 98.52 -14.62 32.04
CA ILE P 38 97.61 -13.52 31.74
C ILE P 38 96.64 -13.91 30.64
N GLN P 39 95.39 -13.44 30.78
CA GLN P 39 94.42 -13.55 29.69
C GLN P 39 93.61 -12.26 29.59
N VAL P 40 93.39 -11.82 28.35
CA VAL P 40 92.59 -10.62 28.09
C VAL P 40 91.12 -11.04 27.98
N LEU P 41 90.25 -10.28 28.65
CA LEU P 41 88.83 -10.58 28.71
C LEU P 41 88.04 -9.56 27.90
N GLY P 42 87.24 -10.05 26.96
CA GLY P 42 86.31 -9.19 26.25
C GLY P 42 86.99 -8.20 25.33
N SER P 43 86.16 -7.30 24.80
CA SER P 43 86.65 -6.26 23.92
C SER P 43 87.30 -5.13 24.70
N GLY P 44 88.09 -4.33 23.98
CA GLY P 44 88.67 -3.12 24.53
C GLY P 44 88.30 -1.92 23.67
N THR P 45 88.84 -0.78 24.07
CA THR P 45 88.48 0.49 23.44
C THR P 45 89.72 1.30 23.11
N ILE P 46 89.76 1.84 21.88
CA ILE P 46 90.76 2.81 21.47
C ILE P 46 90.10 4.18 21.43
N THR P 47 90.84 5.20 21.87
CA THR P 47 90.34 6.57 21.87
C THR P 47 91.47 7.51 21.45
N ASN P 48 91.09 8.58 20.75
CA ASN P 48 92.04 9.57 20.26
C ASN P 48 92.32 10.59 21.36
N SER P 49 93.59 10.80 21.68
CA SER P 49 94.00 11.56 22.86
C SER P 49 95.14 12.54 22.55
N THR P 50 95.01 13.29 21.46
CA THR P 50 96.06 14.22 21.07
C THR P 50 95.44 15.59 20.77
N ALA P 51 96.22 16.64 21.06
CA ALA P 51 95.76 18.01 20.93
C ALA P 51 96.07 18.56 19.54
N SER P 52 95.51 19.73 19.25
CA SER P 52 95.72 20.38 17.96
C SER P 52 97.18 20.80 17.80
N GLY P 53 97.74 20.52 16.63
CA GLY P 53 99.12 20.89 16.36
C GLY P 53 100.15 20.07 17.08
N SER P 54 99.75 18.97 17.73
CA SER P 54 100.69 18.14 18.46
C SER P 54 101.69 17.48 17.52
N SER P 55 102.82 17.06 18.09
CA SER P 55 103.82 16.37 17.28
C SER P 55 103.36 14.98 16.87
N ARG P 56 102.45 14.38 17.63
CA ARG P 56 102.15 12.97 17.44
C ARG P 56 100.72 12.67 17.88
N THR P 57 100.10 11.71 17.19
CA THR P 57 98.85 11.13 17.65
C THR P 57 99.13 10.16 18.78
N ILE P 58 98.29 10.20 19.81
CA ILE P 58 98.37 9.23 20.89
C ILE P 58 96.97 8.70 21.18
N TYR P 59 96.87 7.38 21.34
CA TYR P 59 95.59 6.70 21.53
C TYR P 59 95.58 6.04 22.90
N ASN P 60 94.55 6.30 23.67
CA ASN P 60 94.29 5.59 24.92
C ASN P 60 93.65 4.26 24.59
N ILE P 61 94.21 3.18 25.12
CA ILE P 61 93.70 1.84 24.90
C ILE P 61 93.34 1.25 26.24
N THR P 62 92.08 0.82 26.39
CA THR P 62 91.58 0.21 27.60
C THR P 62 91.20 -1.23 27.31
N ILE P 63 91.72 -2.15 28.10
CA ILE P 63 91.41 -3.57 27.98
C ILE P 63 91.29 -4.17 29.37
N THR P 64 90.37 -5.12 29.54
CA THR P 64 90.27 -5.85 30.79
C THR P 64 91.25 -7.02 30.75
N VAL P 65 92.11 -7.10 31.77
CA VAL P 65 93.16 -8.09 31.82
C VAL P 65 93.08 -8.85 33.14
N LYS P 66 93.20 -10.17 33.08
CA LYS P 66 93.19 -11.02 34.26
C LYS P 66 94.54 -11.69 34.41
N ASN P 67 95.15 -11.51 35.59
CA ASN P 67 96.45 -12.09 35.91
C ASN P 67 96.26 -13.23 36.90
N THR P 68 96.89 -14.37 36.61
CA THR P 68 96.77 -15.55 37.46
C THR P 68 98.07 -15.94 38.14
N GLY P 69 99.18 -15.27 37.86
CA GLY P 69 100.44 -15.62 38.45
C GLY P 69 100.67 -14.95 39.79
N THR P 70 101.81 -15.29 40.41
CA THR P 70 102.18 -14.72 41.68
C THR P 70 102.77 -13.32 41.55
N THR P 71 103.16 -12.92 40.35
CA THR P 71 103.94 -11.70 40.15
C THR P 71 103.17 -10.73 39.26
N SER P 72 103.45 -9.44 39.47
CA SER P 72 102.83 -8.40 38.64
C SER P 72 103.46 -8.39 37.26
N ILE P 73 102.62 -8.22 36.23
CA ILE P 73 103.07 -8.26 34.84
C ILE P 73 102.59 -6.99 34.15
N SER P 74 103.38 -6.51 33.19
CA SER P 74 103.11 -5.26 32.52
C SER P 74 103.11 -5.46 31.00
N VAL P 75 102.45 -4.54 30.30
CA VAL P 75 102.44 -4.55 28.85
C VAL P 75 103.79 -4.04 28.33
N THR P 76 104.24 -4.61 27.21
CA THR P 76 105.47 -4.18 26.58
C THR P 76 105.28 -3.68 25.16
N SER P 77 104.35 -4.25 24.40
CA SER P 77 104.09 -3.79 23.04
C SER P 77 102.68 -4.19 22.65
N ILE P 78 102.14 -3.47 21.67
CA ILE P 78 100.85 -3.78 21.09
C ILE P 78 100.97 -3.68 19.58
N ASN P 79 100.29 -4.58 18.87
CA ASN P 79 100.24 -4.58 17.41
C ASN P 79 98.78 -4.55 17.03
N ILE P 80 98.34 -3.46 16.42
CA ILE P 80 96.94 -3.24 16.08
C ILE P 80 96.81 -3.23 14.56
N ASN P 81 95.93 -4.09 14.05
CA ASN P 81 95.63 -4.15 12.62
C ASN P 81 96.85 -4.42 11.78
N GLY P 82 97.87 -5.05 12.36
CA GLY P 82 99.12 -5.32 11.68
C GLY P 82 100.21 -4.32 11.99
N GLN P 83 99.86 -3.08 12.33
CA GLN P 83 100.85 -2.05 12.59
C GLN P 83 101.33 -2.12 14.04
N PRO P 84 102.64 -2.05 14.27
CA PRO P 84 103.14 -2.02 15.65
C PRO P 84 103.04 -0.62 16.24
N PHE P 85 102.72 -0.57 17.54
CA PHE P 85 102.59 0.69 18.26
C PHE P 85 103.56 0.72 19.42
N ASN P 86 104.00 1.93 19.78
CA ASN P 86 104.96 2.15 20.84
C ASN P 86 104.23 2.73 22.06
N ILE P 87 104.47 2.14 23.22
CA ILE P 87 103.74 2.48 24.44
C ILE P 87 104.37 3.71 25.07
N ASN P 88 103.58 4.77 25.23
CA ASN P 88 104.07 5.98 25.88
C ASN P 88 104.00 5.87 27.39
N GLY P 89 105.00 6.45 28.06
CA GLY P 89 105.01 6.54 29.50
C GLY P 89 105.35 5.24 30.19
N THR P 90 105.14 5.22 31.50
CA THR P 90 105.39 4.03 32.31
C THR P 90 104.27 3.02 32.09
N ALA P 91 104.64 1.82 31.63
CA ALA P 91 103.64 0.82 31.30
C ALA P 91 102.89 0.38 32.56
N PRO P 92 101.57 0.20 32.46
CA PRO P 92 100.81 -0.21 33.65
C PRO P 92 101.17 -1.62 34.10
N SER P 93 101.10 -1.84 35.40
CA SER P 93 101.37 -3.14 36.00
C SER P 93 100.05 -3.78 36.42
N ILE P 94 99.94 -5.08 36.18
CA ILE P 94 98.71 -5.82 36.48
C ILE P 94 98.95 -6.65 37.73
N PRO P 95 98.27 -6.36 38.83
CA PRO P 95 98.56 -7.04 40.10
C PRO P 95 98.34 -8.55 40.00
N ALA P 96 98.97 -9.26 40.94
CA ALA P 96 99.17 -10.71 40.82
C ALA P 96 97.87 -11.45 40.52
N GLY P 97 96.91 -11.40 41.43
CA GLY P 97 95.71 -12.19 41.29
C GLY P 97 94.47 -11.47 40.82
N ARG P 98 94.59 -10.20 40.45
CA ARG P 98 93.41 -9.37 40.21
C ARG P 98 93.05 -9.30 38.74
N THR P 99 91.77 -9.02 38.48
CA THR P 99 91.27 -8.73 37.15
C THR P 99 90.94 -7.24 37.08
N GLN P 100 91.56 -6.52 36.15
CA GLN P 100 91.43 -5.08 36.13
C GLN P 100 91.26 -4.52 34.73
N PRO P 101 90.44 -3.48 34.57
CA PRO P 101 90.49 -2.68 33.34
C PRO P 101 91.74 -1.80 33.37
N ILE P 102 92.67 -2.07 32.47
CA ILE P 102 93.94 -1.36 32.39
C ILE P 102 93.90 -0.44 31.17
N THR P 103 94.44 0.76 31.32
CA THR P 103 94.46 1.77 30.27
C THR P 103 95.88 2.26 30.08
N PHE P 104 96.29 2.38 28.81
CA PHE P 104 97.63 2.86 28.52
C PHE P 104 97.64 3.62 27.21
N GLU P 105 98.63 4.50 27.07
CA GLU P 105 98.75 5.40 25.93
C GLU P 105 99.75 4.84 24.92
N VAL P 106 99.38 4.84 23.65
CA VAL P 106 100.25 4.33 22.59
C VAL P 106 100.33 5.34 21.46
N THR P 107 101.42 5.28 20.70
CA THR P 107 101.62 6.11 19.53
C THR P 107 102.13 5.25 18.39
N PRO P 108 101.70 5.51 17.15
CA PRO P 108 102.11 4.64 16.04
C PRO P 108 103.60 4.77 15.73
N ALA P 109 104.22 3.63 15.43
CA ALA P 109 105.65 3.60 15.12
C ALA P 109 105.92 3.47 13.64
N SER P 110 105.10 2.69 12.93
CA SER P 110 105.35 2.47 11.50
C SER P 110 104.77 3.58 10.64
N GLY P 111 103.54 3.99 10.90
CA GLY P 111 102.90 5.00 10.09
C GLY P 111 101.54 5.33 10.65
N LYS P 112 100.92 6.34 10.05
CA LYS P 112 99.68 6.87 10.58
C LYS P 112 98.54 5.89 10.38
N PRO P 113 97.88 5.43 11.43
CA PRO P 113 96.75 4.51 11.26
C PRO P 113 95.46 5.29 11.05
N ASN P 114 94.71 4.90 10.03
CA ASN P 114 93.44 5.55 9.71
C ASN P 114 92.28 4.81 10.37
N PHE P 115 92.18 4.97 11.69
CA PHE P 115 91.09 4.37 12.43
C PHE P 115 89.77 4.97 12.01
N SER P 116 88.73 4.15 11.99
CA SER P 116 87.40 4.56 11.58
C SER P 116 86.45 4.49 12.76
N PRO P 117 85.63 5.53 13.00
CA PRO P 117 84.73 5.52 14.16
C PRO P 117 83.83 4.30 14.21
N GLY P 118 83.86 3.57 15.33
CA GLY P 118 83.03 2.41 15.53
C GLY P 118 83.57 1.12 14.94
N ALA P 119 84.70 1.17 14.25
CA ALA P 119 85.23 -0.03 13.62
C ALA P 119 85.85 -0.97 14.67
N SER P 120 85.99 -2.23 14.28
CA SER P 120 86.57 -3.26 15.13
C SER P 120 87.90 -3.71 14.56
N TYR P 121 88.91 -3.79 15.41
CA TYR P 121 90.27 -4.06 14.99
C TYR P 121 90.85 -5.19 15.83
N THR P 122 91.55 -6.12 15.17
CA THR P 122 92.27 -7.16 15.90
C THR P 122 93.60 -6.61 16.38
N ALA P 123 94.02 -7.04 17.57
CA ALA P 123 95.28 -6.62 18.13
C ALA P 123 95.88 -7.79 18.91
N THR P 124 97.20 -7.73 19.10
CA THR P 124 97.91 -8.67 19.96
C THR P 124 98.62 -7.88 21.05
N ILE P 125 98.25 -8.15 22.30
CA ILE P 125 98.88 -7.52 23.45
C ILE P 125 100.00 -8.42 23.93
N TYR P 126 101.20 -7.87 24.02
CA TYR P 126 102.36 -8.63 24.46
C TYR P 126 102.75 -8.16 25.85
N PHE P 127 102.82 -9.10 26.79
CA PHE P 127 103.06 -8.80 28.19
C PHE P 127 104.49 -9.14 28.58
N SER P 128 104.89 -8.65 29.75
CA SER P 128 106.28 -8.78 30.17
C SER P 128 106.68 -10.23 30.41
N ASN P 129 105.73 -11.12 30.67
CA ASN P 129 106.04 -12.51 30.88
C ASN P 129 106.28 -13.27 29.57
N GLY P 130 106.38 -12.55 28.45
CA GLY P 130 106.56 -13.20 27.17
C GLY P 130 105.32 -13.84 26.59
N GLN P 131 104.14 -13.33 26.91
CA GLN P 131 102.88 -13.89 26.46
C GLN P 131 102.18 -12.94 25.52
N GLY P 132 101.69 -13.46 24.40
CA GLY P 132 100.86 -12.70 23.48
C GLY P 132 99.40 -13.12 23.63
N ALA P 133 98.51 -12.14 23.64
CA ALA P 133 97.10 -12.37 23.81
C ALA P 133 96.32 -11.67 22.71
N PRO P 134 95.48 -12.40 21.96
CA PRO P 134 94.61 -11.73 21.00
C PRO P 134 93.57 -10.88 21.71
N ALA P 135 93.19 -9.77 21.06
CA ALA P 135 92.21 -8.86 21.61
C ALA P 135 91.48 -8.18 20.46
N THR P 136 90.27 -7.70 20.75
CA THR P 136 89.44 -7.00 19.79
C THR P 136 89.15 -5.62 20.34
N LEU P 137 89.54 -4.58 19.60
CA LEU P 137 89.44 -3.20 20.06
C LEU P 137 88.45 -2.44 19.18
N ILE P 138 87.51 -1.75 19.82
CA ILE P 138 86.58 -0.88 19.14
C ILE P 138 87.09 0.54 19.22
N TYR P 139 87.12 1.24 18.09
CA TYR P 139 87.59 2.61 18.06
C TYR P 139 86.41 3.53 18.39
N GLN P 140 86.45 4.15 19.57
CA GLN P 140 85.34 4.97 20.03
C GLN P 140 85.38 6.41 19.49
N GLY P 141 86.50 6.84 18.94
CA GLY P 141 86.61 8.20 18.44
C GLY P 141 87.98 8.82 18.66
N LEU Q 1 148.95 -38.12 27.34
CA LEU Q 1 148.89 -36.68 27.20
C LEU Q 1 147.91 -36.27 26.11
N SER Q 2 147.68 -37.18 25.16
CA SER Q 2 146.83 -36.86 24.02
C SER Q 2 145.35 -36.82 24.40
N GLY Q 3 144.96 -37.56 25.45
CA GLY Q 3 143.56 -37.66 25.79
C GLY Q 3 142.91 -36.33 26.12
N ALA Q 4 143.62 -35.49 26.87
CA ALA Q 4 143.09 -34.18 27.22
C ALA Q 4 142.91 -33.30 25.99
N ILE Q 5 143.87 -33.35 25.06
CA ILE Q 5 143.76 -32.56 23.84
C ILE Q 5 142.59 -33.03 23.00
N VAL Q 6 142.40 -34.35 22.88
CA VAL Q 6 141.28 -34.89 22.13
C VAL Q 6 139.96 -34.46 22.77
N ALA Q 7 139.89 -34.54 24.11
CA ALA Q 7 138.68 -34.11 24.81
C ALA Q 7 138.39 -32.63 24.57
N LEU Q 8 139.43 -31.80 24.61
CA LEU Q 8 139.25 -30.36 24.37
C LEU Q 8 138.72 -30.10 22.96
N ILE Q 9 139.31 -30.77 21.96
CA ILE Q 9 138.87 -30.59 20.59
C ILE Q 9 137.41 -31.00 20.45
N LEU Q 10 137.06 -32.15 21.03
CA LEU Q 10 135.68 -32.64 20.90
C LEU Q 10 134.69 -31.73 21.62
N VAL Q 11 135.09 -31.16 22.76
CA VAL Q 11 134.19 -30.26 23.48
C VAL Q 11 133.89 -29.01 22.66
N ILE Q 12 134.96 -28.38 22.13
CA ILE Q 12 134.76 -27.16 21.35
C ILE Q 12 133.97 -27.46 20.08
N ALA Q 13 134.29 -28.57 19.41
CA ALA Q 13 133.57 -28.95 18.21
C ALA Q 13 132.11 -29.26 18.52
N GLY Q 14 131.84 -29.84 19.69
CA GLY Q 14 130.46 -30.08 20.06
C GLY Q 14 129.68 -28.80 20.22
N VAL Q 15 130.28 -27.80 20.85
CA VAL Q 15 129.65 -26.49 20.93
C VAL Q 15 129.32 -25.97 19.54
N ILE Q 16 130.31 -26.02 18.64
CA ILE Q 16 130.14 -25.47 17.29
C ILE Q 16 129.02 -26.21 16.56
N ILE Q 17 129.03 -27.53 16.60
CA ILE Q 17 128.07 -28.33 15.83
C ILE Q 17 126.67 -28.17 16.38
N ALA Q 18 126.53 -28.08 17.70
CA ALA Q 18 125.21 -27.84 18.28
C ALA Q 18 124.65 -26.51 17.81
N ILE Q 19 125.48 -25.45 17.81
CA ILE Q 19 125.01 -24.16 17.31
C ILE Q 19 124.63 -24.25 15.83
N ALA Q 20 125.41 -24.99 15.06
CA ALA Q 20 125.12 -25.14 13.63
C ALA Q 20 123.77 -25.84 13.41
N VAL Q 21 123.49 -26.87 14.20
CA VAL Q 21 122.20 -27.56 14.10
C VAL Q 21 121.06 -26.61 14.45
N VAL Q 22 121.26 -25.80 15.50
CA VAL Q 22 120.23 -24.84 15.88
C VAL Q 22 119.94 -23.88 14.74
N LEU Q 23 120.99 -23.39 14.07
CA LEU Q 23 120.78 -22.47 12.96
C LEU Q 23 120.09 -23.14 11.77
N PHE Q 24 120.46 -24.39 11.49
CA PHE Q 24 119.86 -25.13 10.37
C PHE Q 24 118.36 -25.30 10.59
N ALA Q 25 117.95 -25.56 11.83
CA ALA Q 25 116.54 -25.72 12.14
C ALA Q 25 115.73 -24.52 11.66
N PHE Q 26 116.21 -23.31 11.97
CA PHE Q 26 115.51 -22.10 11.52
C PHE Q 26 115.66 -21.90 10.02
N GLY Q 27 116.82 -22.24 9.47
CA GLY Q 27 117.01 -22.11 8.03
C GLY Q 27 116.05 -22.93 7.20
N LEU Q 28 115.46 -23.97 7.79
CA LEU Q 28 114.47 -24.75 7.05
C LEU Q 28 113.17 -24.00 6.73
N ILE Q 29 112.66 -23.18 7.67
CA ILE Q 29 111.27 -22.70 7.56
C ILE Q 29 110.97 -21.84 6.33
N PRO Q 30 111.85 -20.92 5.89
CA PRO Q 30 111.46 -20.12 4.71
C PRO Q 30 111.27 -20.95 3.46
N GLY Q 31 111.88 -22.12 3.38
CA GLY Q 31 111.58 -23.03 2.29
C GLY Q 31 110.20 -23.65 2.41
N ILE Q 32 109.83 -24.07 3.62
CA ILE Q 32 108.52 -24.70 3.82
C ILE Q 32 107.40 -23.70 3.58
N SER Q 33 107.66 -22.41 3.79
CA SER Q 33 106.62 -21.41 3.55
C SER Q 33 106.18 -21.39 2.09
N ASN Q 34 107.00 -21.92 1.18
CA ASN Q 34 106.64 -21.97 -0.24
C ASN Q 34 105.47 -22.92 -0.51
N GLN Q 35 105.12 -23.78 0.46
CA GLN Q 35 104.01 -24.69 0.27
C GLN Q 35 102.70 -23.98 0.05
N GLY Q 36 102.59 -22.72 0.46
CA GLY Q 36 101.37 -21.96 0.29
C GLY Q 36 101.54 -20.72 -0.57
N SER Q 37 102.34 -20.84 -1.64
CA SER Q 37 102.64 -19.68 -2.47
C SER Q 37 101.40 -19.16 -3.19
N ILE Q 38 100.49 -20.05 -3.58
CA ILE Q 38 99.44 -19.73 -4.54
C ILE Q 38 98.09 -19.67 -3.86
N GLN Q 39 97.28 -18.70 -4.28
CA GLN Q 39 95.88 -18.58 -3.87
C GLN Q 39 95.02 -18.44 -5.12
N VAL Q 40 93.96 -19.24 -5.21
CA VAL Q 40 92.99 -19.13 -6.30
C VAL Q 40 91.79 -18.35 -5.78
N LEU Q 41 91.52 -17.19 -6.40
CA LEU Q 41 90.53 -16.28 -5.85
C LEU Q 41 89.49 -15.91 -6.90
N GLY Q 42 88.25 -15.77 -6.45
CA GLY Q 42 87.14 -15.53 -7.36
C GLY Q 42 86.59 -16.81 -7.94
N SER Q 43 85.41 -16.70 -8.52
CA SER Q 43 84.75 -17.84 -9.14
C SER Q 43 85.26 -18.02 -10.56
N GLY Q 44 85.74 -19.23 -10.86
CA GLY Q 44 86.22 -19.55 -12.19
C GLY Q 44 85.10 -19.96 -13.12
N THR Q 45 85.48 -20.23 -14.37
CA THR Q 45 84.51 -20.61 -15.39
C THR Q 45 85.04 -21.77 -16.21
N ILE Q 46 84.15 -22.70 -16.55
CA ILE Q 46 84.46 -23.83 -17.42
C ILE Q 46 83.53 -23.77 -18.62
N THR Q 47 84.10 -23.90 -19.82
CA THR Q 47 83.35 -23.68 -21.05
C THR Q 47 83.61 -24.81 -22.04
N ASN Q 48 82.59 -25.16 -22.82
CA ASN Q 48 82.74 -26.18 -23.86
C ASN Q 48 83.63 -25.64 -24.98
N SER Q 49 84.65 -26.42 -25.35
CA SER Q 49 85.63 -25.99 -26.34
C SER Q 49 85.97 -27.12 -27.31
N THR Q 50 85.01 -28.02 -27.56
CA THR Q 50 85.30 -29.26 -28.23
C THR Q 50 85.31 -29.16 -29.75
N ALA Q 51 84.88 -28.03 -30.31
CA ALA Q 51 84.81 -27.83 -31.77
C ALA Q 51 83.83 -28.82 -32.42
N SER Q 52 82.58 -28.79 -31.94
CA SER Q 52 81.44 -29.45 -32.59
C SER Q 52 81.66 -30.95 -32.79
N GLY Q 53 82.40 -31.58 -31.88
CA GLY Q 53 82.66 -33.00 -31.99
C GLY Q 53 83.97 -33.36 -32.67
N SER Q 54 84.78 -32.36 -33.02
CA SER Q 54 86.09 -32.61 -33.61
C SER Q 54 87.18 -32.86 -32.58
N SER Q 55 86.87 -32.83 -31.28
CA SER Q 55 87.88 -33.07 -30.26
C SER Q 55 87.31 -33.92 -29.13
N ARG Q 56 88.20 -34.52 -28.35
CA ARG Q 56 87.81 -35.45 -27.28
C ARG Q 56 87.29 -34.70 -26.06
N THR Q 57 86.20 -33.98 -26.28
CA THR Q 57 85.49 -33.24 -25.23
C THR Q 57 86.45 -32.39 -24.41
N ILE Q 58 87.06 -31.42 -25.08
CA ILE Q 58 88.04 -30.56 -24.42
C ILE Q 58 87.35 -29.29 -23.91
N TYR Q 59 87.56 -28.98 -22.63
CA TYR Q 59 86.93 -27.87 -21.95
C TYR Q 59 87.96 -26.77 -21.67
N ASN Q 60 87.44 -25.61 -21.23
CA ASN Q 60 88.23 -24.42 -20.97
C ASN Q 60 88.06 -24.08 -19.49
N ILE Q 61 89.16 -24.07 -18.74
CA ILE Q 61 89.13 -23.67 -17.34
C ILE Q 61 89.83 -22.31 -17.22
N THR Q 62 89.09 -21.32 -16.73
CA THR Q 62 89.64 -19.99 -16.46
C THR Q 62 89.46 -19.67 -14.98
N ILE Q 63 90.57 -19.33 -14.32
CA ILE Q 63 90.58 -19.04 -12.89
C ILE Q 63 91.58 -17.94 -12.62
N THR Q 64 91.27 -17.06 -11.67
CA THR Q 64 92.19 -16.00 -11.29
C THR Q 64 93.12 -16.51 -10.19
N VAL Q 65 94.42 -16.49 -10.47
CA VAL Q 65 95.43 -17.08 -9.60
C VAL Q 65 96.42 -16.01 -9.16
N LYS Q 66 96.77 -16.02 -7.88
CA LYS Q 66 97.71 -15.10 -7.28
C LYS Q 66 98.90 -15.90 -6.76
N ASN Q 67 100.10 -15.49 -7.16
CA ASN Q 67 101.33 -16.17 -6.76
C ASN Q 67 102.12 -15.25 -5.84
N THR Q 68 102.39 -15.72 -4.63
CA THR Q 68 103.11 -14.95 -3.63
C THR Q 68 104.57 -15.36 -3.53
N GLY Q 69 104.92 -16.55 -4.01
CA GLY Q 69 106.30 -17.01 -3.95
C GLY Q 69 107.21 -16.30 -4.93
N THR Q 70 108.49 -16.67 -4.87
CA THR Q 70 109.52 -16.04 -5.69
C THR Q 70 109.82 -16.83 -6.96
N THR Q 71 109.10 -17.91 -7.24
CA THR Q 71 109.34 -18.73 -8.42
C THR Q 71 108.06 -18.86 -9.23
N SER Q 72 108.22 -19.06 -10.54
CA SER Q 72 107.09 -19.35 -11.39
C SER Q 72 106.57 -20.75 -11.10
N ILE Q 73 105.25 -20.88 -10.96
CA ILE Q 73 104.64 -22.13 -10.56
C ILE Q 73 103.60 -22.53 -11.60
N SER Q 74 103.54 -23.83 -11.89
CA SER Q 74 102.71 -24.36 -12.97
C SER Q 74 101.65 -25.30 -12.43
N VAL Q 75 100.57 -25.45 -13.21
CA VAL Q 75 99.48 -26.36 -12.88
C VAL Q 75 99.88 -27.76 -13.33
N THR Q 76 100.02 -28.69 -12.38
CA THR Q 76 100.43 -30.05 -12.72
C THR Q 76 99.26 -30.98 -13.01
N SER Q 77 98.14 -30.83 -12.30
CA SER Q 77 96.99 -31.68 -12.50
C SER Q 77 95.75 -30.97 -11.99
N ILE Q 78 94.58 -31.45 -12.40
CA ILE Q 78 93.32 -30.88 -12.00
C ILE Q 78 92.30 -31.99 -11.76
N ASN Q 79 91.48 -31.81 -10.72
CA ASN Q 79 90.40 -32.73 -10.37
C ASN Q 79 89.12 -31.91 -10.27
N ILE Q 80 88.12 -32.26 -11.08
CA ILE Q 80 86.88 -31.51 -11.16
C ILE Q 80 85.75 -32.37 -10.60
N ASN Q 81 85.19 -31.92 -9.47
CA ASN Q 81 84.05 -32.58 -8.84
C ASN Q 81 84.32 -34.05 -8.57
N GLY Q 82 85.56 -34.36 -8.17
CA GLY Q 82 85.95 -35.71 -7.88
C GLY Q 82 86.47 -36.51 -9.07
N GLN Q 83 86.27 -36.02 -10.30
CA GLN Q 83 86.73 -36.74 -11.47
C GLN Q 83 88.10 -36.22 -11.91
N PRO Q 84 89.05 -37.11 -12.18
CA PRO Q 84 90.38 -36.65 -12.63
C PRO Q 84 90.29 -36.03 -14.01
N PHE Q 85 91.20 -35.08 -14.28
CA PHE Q 85 91.25 -34.42 -15.57
C PHE Q 85 92.70 -34.26 -15.99
N ASN Q 86 92.92 -34.16 -17.29
CA ASN Q 86 94.25 -34.04 -17.87
C ASN Q 86 94.34 -32.78 -18.72
N ILE Q 87 95.39 -31.98 -18.49
CA ILE Q 87 95.58 -30.78 -19.28
C ILE Q 87 95.97 -31.16 -20.71
N ASN Q 88 95.34 -30.51 -21.69
CA ASN Q 88 95.54 -30.89 -23.09
C ASN Q 88 96.79 -30.29 -23.70
N GLY Q 89 97.12 -29.04 -23.37
CA GLY Q 89 98.32 -28.39 -23.86
C GLY Q 89 99.44 -28.42 -22.84
N THR Q 90 100.42 -27.55 -23.07
CA THR Q 90 101.46 -27.35 -22.06
C THR Q 90 100.87 -26.65 -20.85
N ALA Q 91 101.38 -26.99 -19.68
CA ALA Q 91 100.79 -26.47 -18.45
C ALA Q 91 100.99 -24.96 -18.35
N PRO Q 92 99.97 -24.22 -17.93
CA PRO Q 92 100.15 -22.79 -17.68
C PRO Q 92 101.03 -22.57 -16.46
N SER Q 93 101.72 -21.43 -16.45
CA SER Q 93 102.64 -21.09 -15.38
C SER Q 93 102.36 -19.67 -14.90
N ILE Q 94 102.34 -19.48 -13.59
CA ILE Q 94 102.03 -18.20 -12.97
C ILE Q 94 103.33 -17.57 -12.48
N PRO Q 95 103.71 -16.41 -12.98
CA PRO Q 95 104.96 -15.78 -12.55
C PRO Q 95 104.86 -15.26 -11.12
N ALA Q 96 106.03 -14.97 -10.55
CA ALA Q 96 106.10 -14.53 -9.16
C ALA Q 96 105.43 -13.17 -8.98
N GLY Q 97 104.72 -13.01 -7.86
CA GLY Q 97 104.09 -11.76 -7.51
C GLY Q 97 102.86 -11.40 -8.29
N ARG Q 98 102.53 -12.15 -9.34
CA ARG Q 98 101.44 -11.77 -10.23
C ARG Q 98 100.09 -12.24 -9.69
N THR Q 99 99.05 -11.52 -10.09
CA THR Q 99 97.66 -11.98 -9.99
C THR Q 99 97.06 -11.89 -11.37
N GLN Q 100 96.72 -13.03 -11.95
CA GLN Q 100 96.32 -13.02 -13.35
C GLN Q 100 95.34 -14.14 -13.65
N PRO Q 101 94.53 -14.01 -14.71
CA PRO Q 101 93.65 -15.10 -15.12
C PRO Q 101 94.37 -16.18 -15.91
N ILE Q 102 94.49 -17.35 -15.31
CA ILE Q 102 95.03 -18.53 -15.99
C ILE Q 102 93.90 -19.21 -16.74
N THR Q 103 94.14 -19.54 -18.01
CA THR Q 103 93.19 -20.27 -18.83
C THR Q 103 93.90 -21.46 -19.46
N PHE Q 104 93.30 -22.63 -19.36
CA PHE Q 104 93.91 -23.83 -19.93
C PHE Q 104 92.85 -24.84 -20.35
N GLU Q 105 93.20 -25.63 -21.37
CA GLU Q 105 92.32 -26.66 -21.89
C GLU Q 105 92.46 -27.93 -21.05
N VAL Q 106 91.38 -28.69 -20.95
CA VAL Q 106 91.38 -29.89 -20.13
C VAL Q 106 90.50 -30.97 -20.77
N THR Q 107 90.82 -32.23 -20.45
CA THR Q 107 90.17 -33.42 -20.97
C THR Q 107 89.76 -34.32 -19.81
N PRO Q 108 88.67 -35.07 -19.94
CA PRO Q 108 88.37 -36.10 -18.94
C PRO Q 108 89.40 -37.22 -19.00
N ALA Q 109 89.93 -37.59 -17.83
CA ALA Q 109 90.86 -38.71 -17.77
C ALA Q 109 90.17 -40.03 -18.03
N SER Q 110 88.91 -40.16 -17.60
CA SER Q 110 88.12 -41.35 -17.87
C SER Q 110 86.66 -40.97 -17.92
N GLY Q 111 85.89 -41.72 -18.70
CA GLY Q 111 84.47 -41.44 -18.80
C GLY Q 111 84.18 -40.18 -19.59
N LYS Q 112 82.95 -39.69 -19.43
CA LYS Q 112 82.47 -38.50 -20.13
C LYS Q 112 81.58 -37.71 -19.18
N PRO Q 113 82.18 -36.87 -18.32
CA PRO Q 113 81.37 -36.04 -17.43
C PRO Q 113 80.51 -35.06 -18.21
N ASN Q 114 79.29 -34.87 -17.73
CA ASN Q 114 78.33 -33.98 -18.37
C ASN Q 114 78.02 -32.82 -17.42
N PHE Q 115 78.03 -31.61 -17.95
CA PHE Q 115 77.82 -30.41 -17.16
C PHE Q 115 76.53 -29.73 -17.59
N SER Q 116 75.87 -29.06 -16.64
CA SER Q 116 74.65 -28.32 -16.92
C SER Q 116 74.90 -26.82 -16.83
N PRO Q 117 74.30 -26.04 -17.73
CA PRO Q 117 74.51 -24.59 -17.70
C PRO Q 117 74.21 -23.98 -16.35
N GLY Q 118 75.11 -23.12 -15.89
CA GLY Q 118 74.92 -22.37 -14.65
C GLY Q 118 75.17 -23.14 -13.38
N ALA Q 119 75.50 -24.42 -13.45
CA ALA Q 119 75.79 -25.19 -12.26
C ALA Q 119 77.18 -24.89 -11.75
N SER Q 120 77.38 -25.10 -10.45
CA SER Q 120 78.67 -24.86 -9.81
C SER Q 120 79.36 -26.20 -9.55
N TYR Q 121 80.59 -26.32 -10.02
CA TYR Q 121 81.37 -27.54 -9.87
C TYR Q 121 82.67 -27.19 -9.15
N THR Q 122 82.97 -27.93 -8.09
CA THR Q 122 84.22 -27.69 -7.36
C THR Q 122 85.37 -28.40 -8.05
N ALA Q 123 86.49 -27.70 -8.18
CA ALA Q 123 87.68 -28.25 -8.79
C ALA Q 123 88.89 -27.96 -7.90
N THR Q 124 89.76 -28.93 -7.77
CA THR Q 124 91.00 -28.76 -7.02
C THR Q 124 92.15 -28.67 -8.01
N ILE Q 125 92.83 -27.54 -8.04
CA ILE Q 125 93.96 -27.32 -8.92
C ILE Q 125 95.24 -27.60 -8.13
N TYR Q 126 96.03 -28.57 -8.60
CA TYR Q 126 97.27 -28.94 -7.94
C TYR Q 126 98.41 -28.24 -8.66
N PHE Q 127 99.14 -27.40 -7.94
CA PHE Q 127 100.24 -26.64 -8.51
C PHE Q 127 101.56 -27.34 -8.19
N SER Q 128 102.63 -26.83 -8.81
CA SER Q 128 103.93 -27.49 -8.71
C SER Q 128 104.49 -27.49 -7.29
N ASN Q 129 103.96 -26.64 -6.40
CA ASN Q 129 104.35 -26.72 -4.99
C ASN Q 129 103.83 -27.97 -4.31
N GLY Q 130 102.94 -28.72 -4.97
CA GLY Q 130 102.15 -29.70 -4.29
C GLY Q 130 100.92 -29.13 -3.62
N GLN Q 131 100.74 -27.82 -3.67
CA GLN Q 131 99.59 -27.17 -3.06
C GLN Q 131 98.34 -27.43 -3.88
N GLY Q 132 97.27 -27.84 -3.21
CA GLY Q 132 96.01 -28.07 -3.88
C GLY Q 132 94.98 -27.05 -3.50
N ALA Q 133 94.64 -26.16 -4.43
CA ALA Q 133 93.71 -25.08 -4.15
C ALA Q 133 92.32 -25.48 -4.59
N PRO Q 134 91.33 -25.51 -3.69
CA PRO Q 134 89.94 -25.70 -4.14
C PRO Q 134 89.37 -24.41 -4.68
N ALA Q 135 88.56 -24.54 -5.73
CA ALA Q 135 87.94 -23.41 -6.40
C ALA Q 135 86.59 -23.84 -6.93
N THR Q 136 85.75 -22.86 -7.24
CA THR Q 136 84.41 -23.11 -7.76
C THR Q 136 84.33 -22.62 -9.20
N LEU Q 137 83.95 -23.50 -10.11
CA LEU Q 137 83.80 -23.18 -11.52
C LEU Q 137 82.33 -23.17 -11.88
N ILE Q 138 81.89 -22.13 -12.57
CA ILE Q 138 80.53 -22.04 -13.07
C ILE Q 138 80.54 -22.39 -14.55
N TYR Q 139 79.76 -23.40 -14.92
CA TYR Q 139 79.71 -23.84 -16.31
C TYR Q 139 78.96 -22.82 -17.16
N GLN Q 140 79.55 -22.47 -18.31
CA GLN Q 140 79.01 -21.42 -19.15
C GLN Q 140 78.72 -21.85 -20.59
N GLY Q 141 79.11 -23.07 -20.97
CA GLY Q 141 78.94 -23.51 -22.34
C GLY Q 141 77.53 -23.91 -22.71
N LEU R 1 143.65 -41.05 22.40
CA LEU R 1 143.06 -41.53 21.16
C LEU R 1 141.66 -42.10 21.40
N SER R 2 141.40 -42.51 22.64
CA SER R 2 140.15 -43.19 22.95
C SER R 2 138.94 -42.31 22.69
N GLY R 3 139.04 -41.02 23.05
CA GLY R 3 137.89 -40.14 22.96
C GLY R 3 137.34 -40.02 21.55
N ALA R 4 138.24 -39.88 20.57
CA ALA R 4 137.80 -39.70 19.18
C ALA R 4 137.08 -40.96 18.67
N ILE R 5 137.64 -42.13 18.95
CA ILE R 5 137.01 -43.36 18.47
C ILE R 5 135.68 -43.60 19.17
N VAL R 6 135.61 -43.32 20.48
CA VAL R 6 134.35 -43.49 21.20
C VAL R 6 133.29 -42.53 20.65
N ALA R 7 133.68 -41.28 20.40
CA ALA R 7 132.75 -40.32 19.83
C ALA R 7 132.26 -40.77 18.46
N LEU R 8 133.16 -41.32 17.63
CA LEU R 8 132.76 -41.80 16.32
C LEU R 8 131.80 -42.98 16.44
N ILE R 9 132.06 -43.90 17.38
CA ILE R 9 131.15 -45.02 17.62
C ILE R 9 129.78 -44.50 17.98
N LEU R 10 129.72 -43.54 18.91
CA LEU R 10 128.42 -43.03 19.34
C LEU R 10 127.73 -42.25 18.23
N VAL R 11 128.48 -41.57 17.36
CA VAL R 11 127.86 -40.87 16.24
C VAL R 11 127.21 -41.86 15.29
N ILE R 12 127.91 -42.93 14.94
CA ILE R 12 127.36 -43.92 14.03
C ILE R 12 126.14 -44.59 14.66
N ALA R 13 126.23 -44.95 15.95
CA ALA R 13 125.12 -45.59 16.62
C ALA R 13 123.91 -44.66 16.72
N GLY R 14 124.15 -43.37 16.95
CA GLY R 14 123.05 -42.43 16.97
C GLY R 14 122.36 -42.34 15.62
N VAL R 15 123.15 -42.34 14.54
CA VAL R 15 122.57 -42.38 13.20
C VAL R 15 121.68 -43.61 13.05
N ILE R 16 122.19 -44.77 13.49
CA ILE R 16 121.45 -46.01 13.34
C ILE R 16 120.12 -45.94 14.09
N ILE R 17 120.16 -45.54 15.36
CA ILE R 17 118.95 -45.56 16.18
C ILE R 17 117.96 -44.51 15.70
N ALA R 18 118.45 -43.34 15.29
CA ALA R 18 117.57 -42.30 14.79
C ALA R 18 116.85 -42.75 13.52
N ILE R 19 117.59 -43.38 12.60
CA ILE R 19 116.95 -43.88 11.38
C ILE R 19 115.95 -44.98 11.71
N ALA R 20 116.26 -45.82 12.70
CA ALA R 20 115.31 -46.84 13.12
C ALA R 20 114.02 -46.22 13.64
N VAL R 21 114.13 -45.17 14.44
CA VAL R 21 112.94 -44.50 14.95
C VAL R 21 112.16 -43.83 13.83
N VAL R 22 112.86 -43.26 12.84
CA VAL R 22 112.17 -42.63 11.72
C VAL R 22 111.39 -43.67 10.92
N LEU R 23 111.99 -44.84 10.70
CA LEU R 23 111.31 -45.91 9.99
C LEU R 23 110.12 -46.43 10.78
N PHE R 24 110.25 -46.46 12.11
CA PHE R 24 109.11 -46.83 12.96
C PHE R 24 107.98 -45.82 12.81
N ALA R 25 108.32 -44.54 12.78
CA ALA R 25 107.30 -43.51 12.58
C ALA R 25 106.60 -43.69 11.24
N PHE R 26 107.37 -44.02 10.20
CA PHE R 26 106.77 -44.28 8.89
C PHE R 26 105.88 -45.52 8.92
N GLY R 27 106.27 -46.54 9.68
CA GLY R 27 105.46 -47.74 9.79
C GLY R 27 104.20 -47.60 10.62
N LEU R 28 104.13 -46.58 11.47
CA LEU R 28 102.91 -46.34 12.23
C LEU R 28 101.75 -45.86 11.36
N ILE R 29 102.04 -45.20 10.24
CA ILE R 29 101.04 -44.52 9.44
C ILE R 29 99.90 -45.43 8.99
N PRO R 30 100.15 -46.63 8.47
CA PRO R 30 99.03 -47.47 8.02
C PRO R 30 98.01 -47.78 9.10
N GLY R 31 98.45 -48.01 10.34
CA GLY R 31 97.52 -48.31 11.41
C GLY R 31 96.63 -47.12 11.76
N ILE R 32 97.21 -45.93 11.82
CA ILE R 32 96.44 -44.75 12.21
C ILE R 32 95.66 -44.20 11.03
N SER R 33 96.25 -44.21 9.84
CA SER R 33 95.60 -43.66 8.65
C SER R 33 94.68 -44.73 8.09
N ASN R 34 93.41 -44.65 8.47
CA ASN R 34 92.40 -45.63 8.07
C ASN R 34 91.13 -44.85 7.72
N GLN R 35 91.00 -44.50 6.44
CA GLN R 35 89.80 -43.82 5.98
C GLN R 35 88.64 -44.82 5.88
N GLY R 36 87.47 -44.29 5.56
CA GLY R 36 86.32 -45.17 5.51
C GLY R 36 85.64 -45.31 6.85
N SER R 37 84.31 -45.38 6.80
CA SER R 37 83.51 -45.39 8.01
C SER R 37 82.17 -46.02 7.71
N ILE R 38 81.45 -46.38 8.76
CA ILE R 38 80.05 -46.75 8.61
C ILE R 38 79.20 -45.50 8.62
N GLN R 39 78.35 -45.37 7.61
CA GLN R 39 77.47 -44.23 7.46
C GLN R 39 76.03 -44.71 7.58
N VAL R 40 75.25 -44.03 8.41
CA VAL R 40 73.84 -44.37 8.60
C VAL R 40 73.02 -43.44 7.73
N LEU R 41 72.25 -44.03 6.80
CA LEU R 41 71.55 -43.29 5.77
C LEU R 41 70.07 -43.27 6.09
N GLY R 42 69.50 -42.06 6.17
CA GLY R 42 68.08 -41.91 6.39
C GLY R 42 67.67 -42.25 7.81
N SER R 43 66.36 -42.17 8.04
CA SER R 43 65.80 -42.47 9.36
C SER R 43 65.59 -43.97 9.51
N GLY R 44 65.89 -44.47 10.71
CA GLY R 44 65.58 -45.83 11.07
C GLY R 44 64.27 -45.93 11.81
N THR R 45 63.94 -47.15 12.23
CA THR R 45 62.67 -47.42 12.88
C THR R 45 62.87 -48.27 14.12
N ILE R 46 62.10 -47.95 15.17
CA ILE R 46 62.02 -48.76 16.38
C ILE R 46 60.62 -49.37 16.44
N THR R 47 60.56 -50.67 16.65
CA THR R 47 59.28 -51.39 16.71
C THR R 47 59.26 -52.23 17.99
N ASN R 48 58.10 -52.30 18.64
CA ASN R 48 58.00 -53.04 19.89
C ASN R 48 57.96 -54.54 19.61
N SER R 49 59.00 -55.25 20.05
CA SER R 49 59.07 -56.69 19.86
C SER R 49 58.64 -57.49 21.08
N THR R 50 58.42 -56.84 22.23
CA THR R 50 57.99 -57.54 23.42
C THR R 50 56.65 -58.22 23.19
N ALA R 51 56.54 -59.48 23.62
CA ALA R 51 55.36 -60.26 23.34
C ALA R 51 55.09 -61.23 24.49
N SER R 52 53.87 -61.74 24.52
CA SER R 52 53.44 -62.82 25.42
C SER R 52 53.52 -62.43 26.88
N GLY R 53 53.57 -61.13 27.19
CA GLY R 53 53.64 -60.70 28.57
C GLY R 53 54.91 -61.10 29.29
N SER R 54 55.97 -61.40 28.54
CA SER R 54 57.25 -61.71 29.17
C SER R 54 57.83 -60.47 29.84
N SER R 55 58.70 -60.70 30.83
CA SER R 55 59.09 -59.63 31.74
C SER R 55 60.00 -58.60 31.08
N ARG R 56 60.73 -58.97 30.04
CA ARG R 56 61.79 -58.12 29.49
C ARG R 56 61.34 -57.49 28.18
N THR R 57 61.51 -56.18 28.07
CA THR R 57 61.12 -55.45 26.87
C THR R 57 62.24 -55.51 25.83
N ILE R 58 61.88 -55.85 24.59
CA ILE R 58 62.81 -55.94 23.48
C ILE R 58 62.25 -55.14 22.32
N TYR R 59 63.13 -54.40 21.63
CA TYR R 59 62.75 -53.56 20.52
C TYR R 59 63.57 -53.89 19.28
N ASN R 60 62.89 -53.92 18.13
CA ASN R 60 63.53 -54.04 16.84
C ASN R 60 64.02 -52.66 16.41
N ILE R 61 65.26 -52.59 15.93
CA ILE R 61 65.80 -51.36 15.36
C ILE R 61 66.27 -51.68 13.95
N THR R 62 65.76 -50.94 12.98
CA THR R 62 66.11 -51.11 11.58
C THR R 62 66.72 -49.82 11.06
N ILE R 63 67.90 -49.92 10.47
CA ILE R 63 68.64 -48.76 9.94
C ILE R 63 69.33 -49.15 8.65
N THR R 64 69.43 -48.19 7.73
CA THR R 64 70.19 -48.41 6.50
C THR R 64 71.65 -48.01 6.75
N VAL R 65 72.56 -48.95 6.50
CA VAL R 65 73.96 -48.82 6.89
C VAL R 65 74.85 -49.05 5.67
N LYS R 66 75.81 -48.17 5.47
CA LYS R 66 76.73 -48.24 4.34
C LYS R 66 78.16 -48.26 4.88
N ASN R 67 78.85 -49.39 4.70
CA ASN R 67 80.22 -49.54 5.18
C ASN R 67 81.16 -49.09 4.07
N THR R 68 81.75 -47.91 4.22
CA THR R 68 82.66 -47.39 3.21
C THR R 68 84.08 -47.91 3.37
N GLY R 69 84.38 -48.63 4.46
CA GLY R 69 85.72 -49.13 4.70
C GLY R 69 85.99 -50.44 4.00
N THR R 70 87.17 -50.99 4.29
CA THR R 70 87.60 -52.26 3.74
C THR R 70 87.55 -53.40 4.74
N THR R 71 86.93 -53.18 5.90
CA THR R 71 86.89 -54.18 6.97
C THR R 71 85.46 -54.40 7.43
N SER R 72 85.18 -55.63 7.83
CA SER R 72 83.89 -55.95 8.43
C SER R 72 83.75 -55.28 9.78
N ILE R 73 82.57 -54.71 10.05
CA ILE R 73 82.35 -53.97 11.29
C ILE R 73 81.00 -54.36 11.86
N SER R 74 80.92 -54.39 13.19
CA SER R 74 79.72 -54.79 13.91
C SER R 74 79.29 -53.71 14.89
N VAL R 75 78.00 -53.75 15.24
CA VAL R 75 77.44 -52.85 16.25
C VAL R 75 77.81 -53.35 17.64
N THR R 76 78.06 -52.42 18.55
CA THR R 76 78.43 -52.78 19.91
C THR R 76 77.43 -52.25 20.94
N SER R 77 76.81 -51.11 20.65
CA SER R 77 75.86 -50.52 21.57
C SER R 77 75.05 -49.46 20.82
N ILE R 78 73.94 -49.06 21.44
CA ILE R 78 73.13 -47.96 20.95
C ILE R 78 72.62 -47.16 22.14
N ASN R 79 72.54 -45.85 21.97
CA ASN R 79 71.95 -44.96 22.95
C ASN R 79 70.79 -44.22 22.31
N ILE R 80 69.59 -44.38 22.87
CA ILE R 80 68.38 -43.79 22.31
C ILE R 80 67.79 -42.85 23.35
N ASN R 81 67.59 -41.58 22.95
CA ASN R 81 66.94 -40.59 23.79
C ASN R 81 67.68 -40.40 25.12
N GLY R 82 69.00 -40.53 25.09
CA GLY R 82 69.82 -40.42 26.28
C GLY R 82 69.93 -41.67 27.12
N GLN R 83 69.26 -42.74 26.74
CA GLN R 83 69.19 -43.98 27.49
C GLN R 83 69.99 -45.06 26.80
N PRO R 84 70.86 -45.80 27.50
CA PRO R 84 71.63 -46.84 26.85
C PRO R 84 70.83 -48.12 26.68
N PHE R 85 71.07 -48.81 25.57
CA PHE R 85 70.42 -50.09 25.28
C PHE R 85 71.49 -51.12 24.97
N ASN R 86 71.20 -52.37 25.32
CA ASN R 86 72.10 -53.48 25.07
C ASN R 86 71.64 -54.23 23.82
N ILE R 87 72.58 -54.57 22.96
CA ILE R 87 72.25 -55.27 21.72
C ILE R 87 72.04 -56.74 22.02
N ASN R 88 70.78 -57.13 22.23
CA ASN R 88 70.44 -58.53 22.45
C ASN R 88 70.92 -59.37 21.28
N GLY R 89 71.51 -60.52 21.60
CA GLY R 89 71.88 -61.50 20.59
C GLY R 89 73.18 -61.19 19.89
N THR R 90 73.51 -62.06 18.94
CA THR R 90 74.66 -61.87 18.09
C THR R 90 74.52 -60.56 17.31
N ALA R 91 75.42 -59.62 17.57
CA ALA R 91 75.31 -58.31 16.97
C ALA R 91 75.52 -58.40 15.46
N PRO R 92 74.77 -57.64 14.67
CA PRO R 92 74.93 -57.70 13.21
C PRO R 92 76.29 -57.22 12.77
N SER R 93 76.80 -57.81 11.70
CA SER R 93 78.06 -57.42 11.09
C SER R 93 77.78 -56.84 9.71
N ILE R 94 78.41 -55.71 9.41
CA ILE R 94 78.19 -54.99 8.16
C ILE R 94 79.41 -55.25 7.26
N PRO R 95 79.25 -55.96 6.16
CA PRO R 95 80.39 -56.27 5.30
C PRO R 95 80.96 -55.03 4.63
N ALA R 96 82.22 -55.15 4.21
CA ALA R 96 82.93 -54.03 3.62
C ALA R 96 82.31 -53.62 2.29
N GLY R 97 82.26 -52.31 2.05
CA GLY R 97 81.83 -51.78 0.77
C GLY R 97 80.36 -51.99 0.43
N ARG R 98 79.54 -52.37 1.40
CA ARG R 98 78.17 -52.79 1.13
C ARG R 98 77.17 -51.89 1.86
N THR R 99 76.06 -51.60 1.19
CA THR R 99 74.93 -50.90 1.78
C THR R 99 73.81 -51.91 2.04
N GLN R 100 73.35 -51.97 3.28
CA GLN R 100 72.39 -52.98 3.72
C GLN R 100 71.36 -52.39 4.65
N PRO R 101 70.14 -52.91 4.64
CA PRO R 101 69.23 -52.72 5.78
C PRO R 101 69.64 -53.65 6.91
N ILE R 102 70.00 -53.08 8.04
CA ILE R 102 70.47 -53.81 9.22
C ILE R 102 69.39 -53.73 10.29
N THR R 103 68.97 -54.88 10.80
CA THR R 103 67.96 -54.96 11.84
C THR R 103 68.50 -55.75 13.02
N PHE R 104 68.32 -55.22 14.21
CA PHE R 104 68.81 -55.90 15.41
C PHE R 104 67.90 -55.60 16.59
N GLU R 105 67.90 -56.50 17.56
CA GLU R 105 67.07 -56.37 18.74
C GLU R 105 67.87 -55.78 19.90
N VAL R 106 67.22 -54.92 20.67
CA VAL R 106 67.85 -54.24 21.79
C VAL R 106 66.95 -54.33 23.01
N THR R 107 67.57 -54.23 24.18
CA THR R 107 66.87 -54.16 25.46
C THR R 107 67.41 -52.99 26.26
N PRO R 108 66.57 -52.34 27.05
CA PRO R 108 67.05 -51.21 27.87
C PRO R 108 68.04 -51.69 28.91
N ALA R 109 69.18 -51.00 28.99
CA ALA R 109 70.17 -51.34 30.01
C ALA R 109 69.67 -51.01 31.41
N SER R 110 68.84 -49.97 31.54
CA SER R 110 68.26 -49.61 32.81
C SER R 110 66.96 -48.85 32.55
N GLY R 111 66.07 -48.88 33.55
CA GLY R 111 64.83 -48.14 33.45
C GLY R 111 63.92 -48.70 32.38
N LYS R 112 63.04 -47.84 31.87
CA LYS R 112 62.10 -48.22 30.82
C LYS R 112 61.91 -47.05 29.86
N PRO R 113 61.79 -47.33 28.57
CA PRO R 113 61.59 -46.25 27.60
C PRO R 113 60.19 -45.67 27.67
N ASN R 114 60.05 -44.46 27.14
CA ASN R 114 58.79 -43.73 27.10
C ASN R 114 58.36 -43.41 25.67
N PHE R 115 58.67 -44.33 24.75
CA PHE R 115 58.45 -44.05 23.33
C PHE R 115 56.99 -43.78 23.03
N SER R 116 56.75 -42.89 22.08
CA SER R 116 55.42 -42.54 21.63
C SER R 116 55.30 -42.81 20.13
N PRO R 117 54.15 -43.31 19.68
CA PRO R 117 54.00 -43.63 18.26
C PRO R 117 54.21 -42.41 17.37
N GLY R 118 55.01 -42.59 16.32
CA GLY R 118 55.28 -41.53 15.38
C GLY R 118 56.34 -40.53 15.80
N ALA R 119 56.82 -40.60 17.04
CA ALA R 119 57.84 -39.67 17.50
C ALA R 119 59.20 -40.04 16.93
N SER R 120 60.05 -39.04 16.77
CA SER R 120 61.41 -39.23 16.26
C SER R 120 62.39 -38.98 17.39
N TYR R 121 63.26 -39.97 17.63
CA TYR R 121 64.22 -39.94 18.73
C TYR R 121 65.62 -39.96 18.18
N THR R 122 66.47 -39.05 18.67
CA THR R 122 67.88 -39.06 18.28
C THR R 122 68.60 -40.18 19.00
N ALA R 123 69.36 -40.96 18.26
CA ALA R 123 70.11 -42.09 18.80
C ALA R 123 71.55 -42.02 18.30
N THR R 124 72.41 -42.78 18.95
CA THR R 124 73.81 -42.93 18.56
C THR R 124 74.15 -44.41 18.54
N ILE R 125 74.60 -44.90 17.40
CA ILE R 125 74.97 -46.29 17.24
C ILE R 125 76.48 -46.40 17.25
N TYR R 126 77.03 -47.22 18.14
CA TYR R 126 78.46 -47.33 18.33
C TYR R 126 78.96 -48.63 17.69
N PHE R 127 79.97 -48.51 16.83
CA PHE R 127 80.49 -49.63 16.08
C PHE R 127 81.86 -50.04 16.61
N SER R 128 82.33 -51.20 16.15
CA SER R 128 83.50 -51.82 16.75
C SER R 128 84.78 -51.01 16.53
N ASN R 129 84.80 -50.06 15.59
CA ASN R 129 85.89 -49.10 15.56
C ASN R 129 85.92 -48.17 16.76
N GLY R 130 84.83 -48.10 17.51
CA GLY R 130 84.63 -47.06 18.49
C GLY R 130 83.95 -45.83 17.94
N GLN R 131 83.88 -45.68 16.62
CA GLN R 131 83.16 -44.58 16.01
C GLN R 131 81.67 -44.71 16.28
N GLY R 132 80.99 -43.58 16.40
CA GLY R 132 79.58 -43.57 16.68
C GLY R 132 78.78 -42.70 15.74
N ALA R 133 77.81 -43.29 15.05
CA ALA R 133 77.01 -42.58 14.08
C ALA R 133 75.73 -42.06 14.74
N PRO R 134 75.47 -40.76 14.72
CA PRO R 134 74.15 -40.27 15.13
C PRO R 134 73.12 -40.61 14.07
N ALA R 135 71.91 -40.93 14.52
CA ALA R 135 70.82 -41.31 13.65
C ALA R 135 69.51 -40.83 14.26
N THR R 136 68.46 -40.84 13.45
CA THR R 136 67.12 -40.53 13.93
C THR R 136 66.24 -41.76 13.73
N LEU R 137 65.59 -42.20 14.80
CA LEU R 137 64.76 -43.40 14.77
C LEU R 137 63.32 -43.01 15.05
N ILE R 138 62.41 -43.44 14.17
CA ILE R 138 60.98 -43.18 14.33
C ILE R 138 60.36 -44.41 14.97
N TYR R 139 59.56 -44.20 16.01
CA TYR R 139 58.91 -45.30 16.70
C TYR R 139 57.61 -45.64 16.00
N GLN R 140 57.52 -46.87 15.47
CA GLN R 140 56.37 -47.29 14.67
C GLN R 140 55.32 -48.05 15.48
N GLY R 141 55.59 -48.37 16.73
CA GLY R 141 54.63 -49.11 17.53
C GLY R 141 54.80 -50.61 17.42
N LEU S 1 137.07 -43.05 27.58
CA LEU S 1 136.04 -43.91 28.14
C LEU S 1 134.84 -43.08 28.61
N SER S 2 135.04 -41.77 28.69
CA SER S 2 134.03 -40.89 29.28
C SER S 2 132.75 -40.85 28.46
N GLY S 3 132.89 -40.85 27.13
CA GLY S 3 131.74 -40.59 26.27
C GLY S 3 130.61 -41.59 26.44
N ALA S 4 130.96 -42.87 26.54
CA ALA S 4 129.93 -43.90 26.71
C ALA S 4 129.22 -43.75 28.05
N ILE S 5 129.97 -43.40 29.10
CA ILE S 5 129.37 -43.15 30.41
C ILE S 5 128.37 -42.00 30.34
N VAL S 6 128.77 -40.90 29.71
CA VAL S 6 127.88 -39.75 29.58
C VAL S 6 126.64 -40.13 28.77
N ALA S 7 126.84 -40.91 27.70
CA ALA S 7 125.71 -41.32 26.87
C ALA S 7 124.73 -42.18 27.66
N LEU S 8 125.24 -43.09 28.49
CA LEU S 8 124.37 -43.92 29.33
C LEU S 8 123.53 -43.06 30.27
N ILE S 9 124.19 -42.11 30.95
CA ILE S 9 123.47 -41.23 31.86
C ILE S 9 122.36 -40.48 31.12
N LEU S 10 122.70 -39.91 29.96
CA LEU S 10 121.73 -39.10 29.23
C LEU S 10 120.59 -39.94 28.67
N VAL S 11 120.87 -41.18 28.25
CA VAL S 11 119.81 -42.04 27.73
C VAL S 11 118.79 -42.33 28.82
N ILE S 12 119.26 -42.71 30.01
CA ILE S 12 118.32 -43.02 31.08
C ILE S 12 117.53 -41.78 31.49
N ALA S 13 118.20 -40.63 31.58
CA ALA S 13 117.50 -39.40 31.94
C ALA S 13 116.45 -39.04 30.89
N GLY S 14 116.76 -39.25 29.61
CA GLY S 14 115.79 -38.97 28.57
C GLY S 14 114.55 -39.84 28.70
N VAL S 15 114.74 -41.13 28.98
CA VAL S 15 113.60 -42.01 29.22
C VAL S 15 112.73 -41.44 30.34
N ILE S 16 113.36 -41.07 31.45
CA ILE S 16 112.61 -40.61 32.62
C ILE S 16 111.81 -39.36 32.28
N ILE S 17 112.46 -38.37 31.65
CA ILE S 17 111.80 -37.09 31.41
C ILE S 17 110.68 -37.25 30.38
N ALA S 18 110.89 -38.08 29.36
CA ALA S 18 109.83 -38.30 28.37
C ALA S 18 108.60 -38.92 29.01
N ILE S 19 108.81 -39.93 29.88
CA ILE S 19 107.66 -40.53 30.55
C ILE S 19 106.95 -39.50 31.43
N ALA S 20 107.72 -38.66 32.12
CA ALA S 20 107.12 -37.63 32.96
C ALA S 20 106.27 -36.67 32.14
N VAL S 21 106.76 -36.27 30.96
CA VAL S 21 106.00 -35.36 30.11
C VAL S 21 104.71 -36.01 29.63
N VAL S 22 104.78 -37.30 29.27
CA VAL S 22 103.57 -37.99 28.82
C VAL S 22 102.53 -38.03 29.94
N LEU S 23 102.98 -38.34 31.16
CA LEU S 23 102.04 -38.40 32.27
C LEU S 23 101.47 -37.02 32.60
N PHE S 24 102.26 -35.96 32.41
CA PHE S 24 101.73 -34.61 32.59
C PHE S 24 100.66 -34.30 31.56
N ALA S 25 100.89 -34.73 30.31
CA ALA S 25 99.88 -34.52 29.27
C ALA S 25 98.58 -35.23 29.63
N PHE S 26 98.68 -36.44 30.18
CA PHE S 26 97.47 -37.13 30.62
C PHE S 26 96.84 -36.46 31.82
N GLY S 27 97.65 -35.88 32.71
CA GLY S 27 97.10 -35.24 33.90
C GLY S 27 96.44 -33.90 33.64
N LEU S 28 96.74 -33.27 32.52
CA LEU S 28 96.09 -31.98 32.21
C LEU S 28 94.57 -32.11 32.05
N ILE S 29 94.09 -33.27 31.61
CA ILE S 29 92.72 -33.37 31.10
C ILE S 29 91.66 -32.92 32.11
N PRO S 30 91.69 -33.32 33.39
CA PRO S 30 90.59 -32.95 34.28
C PRO S 30 90.37 -31.46 34.45
N GLY S 31 91.42 -30.64 34.27
CA GLY S 31 91.27 -29.22 34.47
C GLY S 31 90.42 -28.56 33.40
N ILE S 32 90.32 -29.19 32.22
CA ILE S 32 89.57 -28.59 31.12
C ILE S 32 88.08 -28.55 31.43
N SER S 33 87.58 -29.58 32.14
CA SER S 33 86.14 -29.69 32.39
C SER S 33 85.57 -28.45 33.07
N ASN S 34 86.34 -27.83 33.96
CA ASN S 34 85.84 -26.71 34.75
C ASN S 34 85.62 -25.45 33.93
N GLN S 35 86.08 -25.43 32.68
CA GLN S 35 85.92 -24.23 31.85
C GLN S 35 84.48 -24.00 31.41
N GLY S 36 83.57 -24.97 31.64
CA GLY S 36 82.20 -24.81 31.21
C GLY S 36 81.18 -24.94 32.31
N SER S 37 81.57 -24.59 33.54
CA SER S 37 80.73 -24.88 34.70
C SER S 37 79.48 -24.03 34.74
N ILE S 38 79.54 -22.80 34.25
CA ILE S 38 78.49 -21.81 34.48
C ILE S 38 77.77 -21.47 33.19
N GLN S 39 76.45 -21.26 33.29
CA GLN S 39 75.68 -20.72 32.19
C GLN S 39 74.70 -19.68 32.69
N VAL S 40 74.57 -18.58 31.96
CA VAL S 40 73.65 -17.51 32.29
C VAL S 40 72.29 -17.80 31.67
N LEU S 41 71.23 -17.67 32.45
CA LEU S 41 69.88 -17.99 32.03
C LEU S 41 69.06 -16.72 31.86
N GLY S 42 68.51 -16.54 30.67
CA GLY S 42 67.55 -15.48 30.44
C GLY S 42 68.17 -14.08 30.45
N SER S 43 67.29 -13.09 30.37
CA SER S 43 67.72 -11.71 30.40
C SER S 43 68.06 -11.29 31.83
N GLY S 44 68.79 -10.18 31.93
CA GLY S 44 69.08 -9.55 33.20
C GLY S 44 68.63 -8.10 33.18
N THR S 45 68.89 -7.43 34.29
CA THR S 45 68.43 -6.05 34.46
C THR S 45 69.57 -5.17 34.95
N ILE S 46 69.70 -4.00 34.33
CA ILE S 46 70.58 -2.93 34.80
C ILE S 46 69.71 -1.86 35.45
N THR S 47 70.19 -1.31 36.56
CA THR S 47 69.48 -0.26 37.28
C THR S 47 70.47 0.78 37.75
N ASN S 48 70.02 2.04 37.76
CA ASN S 48 70.86 3.16 38.18
C ASN S 48 70.81 3.31 39.70
N SER S 49 71.99 3.34 40.33
CA SER S 49 72.09 3.22 41.78
C SER S 49 73.10 4.22 42.37
N THR S 50 73.01 5.49 41.95
CA THR S 50 73.92 6.49 42.47
C THR S 50 73.14 7.72 42.93
N ALA S 51 73.67 8.39 43.94
CA ALA S 51 73.01 9.53 44.56
C ALA S 51 73.43 10.83 43.88
N SER S 52 72.72 11.91 44.23
CA SER S 52 73.01 13.22 43.65
C SER S 52 74.39 13.70 44.08
N GLY S 53 75.15 14.22 43.12
CA GLY S 53 76.46 14.74 43.42
C GLY S 53 77.51 13.69 43.72
N SER S 54 77.21 12.42 43.46
CA SER S 54 78.16 11.35 43.75
C SER S 54 79.37 11.47 42.85
N SER S 55 80.47 10.85 43.28
CA SER S 55 81.69 10.84 42.47
C SER S 55 81.53 9.98 41.23
N ARG S 56 80.63 9.00 41.26
CA ARG S 56 80.60 7.97 40.23
C ARG S 56 79.19 7.43 40.07
N THR S 57 78.85 7.12 38.82
CA THR S 57 77.65 6.32 38.56
C THR S 57 77.93 4.87 38.86
N ILE S 58 76.97 4.20 39.51
CA ILE S 58 77.08 2.77 39.73
C ILE S 58 75.74 2.13 39.39
N TYR S 59 75.80 0.98 38.71
CA TYR S 59 74.62 0.29 38.19
C TYR S 59 74.54 -1.08 38.86
N ASN S 60 73.37 -1.39 39.39
CA ASN S 60 73.07 -2.73 39.88
C ASN S 60 72.70 -3.61 38.70
N ILE S 61 73.35 -4.76 38.59
CA ILE S 61 73.11 -5.69 37.50
C ILE S 61 72.67 -7.01 38.11
N THR S 62 71.50 -7.48 37.71
CA THR S 62 70.93 -8.74 38.18
C THR S 62 70.83 -9.70 37.00
N ILE S 63 71.39 -10.90 37.18
CA ILE S 63 71.35 -11.95 36.16
C ILE S 63 71.13 -13.28 36.85
N THR S 64 70.35 -14.16 36.23
CA THR S 64 70.23 -15.52 36.73
C THR S 64 71.38 -16.36 36.22
N VAL S 65 72.09 -17.01 37.12
CA VAL S 65 73.27 -17.80 36.78
C VAL S 65 73.12 -19.19 37.35
N LYS S 66 73.44 -20.20 36.55
CA LYS S 66 73.39 -21.60 36.96
C LYS S 66 74.80 -22.17 36.96
N ASN S 67 75.21 -22.72 38.11
CA ASN S 67 76.52 -23.32 38.29
C ASN S 67 76.39 -24.84 38.34
N THR S 68 77.22 -25.53 37.56
CA THR S 68 77.19 -26.98 37.48
C THR S 68 78.42 -27.66 38.06
N GLY S 69 79.42 -26.90 38.49
CA GLY S 69 80.64 -27.49 39.01
C GLY S 69 80.56 -27.79 40.49
N THR S 70 81.65 -28.37 40.99
CA THR S 70 81.75 -28.70 42.40
C THR S 70 82.09 -27.50 43.26
N THR S 71 82.61 -26.42 42.67
CA THR S 71 83.19 -25.32 43.40
C THR S 71 82.41 -24.04 43.14
N SER S 72 82.43 -23.14 44.11
CA SER S 72 81.77 -21.84 43.97
C SER S 72 82.56 -20.96 43.03
N ILE S 73 81.86 -20.22 42.18
CA ILE S 73 82.50 -19.38 41.17
C ILE S 73 81.91 -17.97 41.29
N SER S 74 82.75 -16.97 41.00
CA SER S 74 82.38 -15.58 41.17
C SER S 74 82.63 -14.80 39.87
N VAL S 75 81.93 -13.67 39.75
CA VAL S 75 82.15 -12.78 38.62
C VAL S 75 83.45 -12.01 38.81
N THR S 76 84.13 -11.73 37.69
CA THR S 76 85.35 -10.96 37.73
C THR S 76 85.30 -9.69 36.89
N SER S 77 84.59 -9.70 35.77
CA SER S 77 84.45 -8.51 34.94
C SER S 77 83.20 -8.64 34.09
N ILE S 78 82.71 -7.49 33.63
CA ILE S 78 81.57 -7.43 32.73
C ILE S 78 81.87 -6.41 31.64
N ASN S 79 81.44 -6.71 30.42
CA ASN S 79 81.63 -5.83 29.28
C ASN S 79 80.26 -5.61 28.64
N ILE S 80 79.73 -4.41 28.78
CA ILE S 80 78.38 -4.08 28.34
C ILE S 80 78.45 -3.15 27.15
N ASN S 81 77.81 -3.53 26.06
CA ASN S 81 77.69 -2.70 24.87
C ASN S 81 79.06 -2.30 24.31
N GLY S 82 80.07 -3.12 24.59
CA GLY S 82 81.43 -2.87 24.17
C GLY S 82 82.32 -2.25 25.23
N GLN S 83 81.72 -1.52 26.17
CA GLN S 83 82.49 -0.82 27.21
C GLN S 83 82.76 -1.76 28.38
N PRO S 84 84.00 -1.80 28.88
CA PRO S 84 84.29 -2.59 30.07
C PRO S 84 83.87 -1.87 31.34
N PHE S 85 83.37 -2.64 32.31
CA PHE S 85 82.92 -2.11 33.59
C PHE S 85 83.71 -2.75 34.71
N ASN S 86 83.88 -2.02 35.80
CA ASN S 86 84.63 -2.46 36.96
C ASN S 86 83.66 -2.80 38.08
N ILE S 87 83.82 -3.99 38.67
CA ILE S 87 82.87 -4.51 39.65
C ILE S 87 83.18 -3.91 41.02
N ASN S 88 82.21 -3.23 41.61
CA ASN S 88 82.42 -2.64 42.93
C ASN S 88 82.17 -3.71 43.99
N GLY S 89 82.95 -3.63 45.07
CA GLY S 89 82.73 -4.41 46.27
C GLY S 89 83.19 -5.85 46.12
N THR S 90 82.79 -6.66 47.09
CA THR S 90 83.12 -8.07 47.06
C THR S 90 82.23 -8.78 46.04
N ALA S 91 82.86 -9.41 45.05
CA ALA S 91 82.11 -10.04 43.99
C ALA S 91 81.26 -11.19 44.53
N PRO S 92 80.02 -11.33 44.07
CA PRO S 92 79.16 -12.41 44.58
C PRO S 92 79.68 -13.78 44.16
N SER S 93 79.47 -14.77 45.03
CA SER S 93 79.85 -16.14 44.77
C SER S 93 78.61 -16.96 44.43
N ILE S 94 78.75 -17.83 43.44
CA ILE S 94 77.62 -18.64 42.97
C ILE S 94 77.81 -20.07 43.47
N PRO S 95 76.94 -20.56 44.36
CA PRO S 95 77.16 -21.87 44.99
C PRO S 95 77.22 -22.99 43.98
N ALA S 96 77.82 -24.11 44.41
CA ALA S 96 78.27 -25.16 43.49
C ALA S 96 77.19 -25.61 42.52
N GLY S 97 76.11 -26.18 43.05
CA GLY S 97 75.09 -26.78 42.20
C GLY S 97 73.83 -25.97 42.00
N ARG S 98 73.80 -24.73 42.46
CA ARG S 98 72.56 -23.98 42.53
C ARG S 98 72.40 -23.03 41.35
N THR S 99 71.14 -22.69 41.07
CA THR S 99 70.77 -21.65 40.12
C THR S 99 70.21 -20.46 40.90
N GLN S 100 70.84 -19.30 40.75
CA GLN S 100 70.49 -18.16 41.57
C GLN S 100 70.39 -16.86 40.77
N PRO S 101 69.44 -15.99 41.12
CA PRO S 101 69.52 -14.58 40.68
C PRO S 101 70.60 -13.87 41.46
N ILE S 102 71.67 -13.46 40.76
CA ILE S 102 72.84 -12.86 41.36
C ILE S 102 72.86 -11.38 40.97
N THR S 103 73.07 -10.52 41.96
CA THR S 103 73.08 -9.07 41.76
C THR S 103 74.42 -8.50 42.21
N PHE S 104 74.98 -7.60 41.41
CA PHE S 104 76.26 -6.99 41.76
C PHE S 104 76.32 -5.58 41.20
N GLU S 105 77.18 -4.76 41.81
CA GLU S 105 77.29 -3.33 41.52
C GLU S 105 78.52 -3.08 40.65
N VAL S 106 78.33 -2.31 39.57
CA VAL S 106 79.42 -2.03 38.64
C VAL S 106 79.49 -0.53 38.35
N THR S 107 80.69 -0.08 37.99
CA THR S 107 80.91 1.31 37.61
C THR S 107 81.71 1.36 36.32
N PRO S 108 81.42 2.31 35.43
CA PRO S 108 82.12 2.33 34.14
C PRO S 108 83.58 2.70 34.29
N ALA S 109 84.43 2.01 33.52
CA ALA S 109 85.86 2.24 33.56
C ALA S 109 86.36 3.07 32.38
N SER S 110 85.79 2.86 31.20
CA SER S 110 86.27 3.58 30.02
C SER S 110 85.64 4.96 29.91
N GLY S 111 84.34 5.08 30.13
CA GLY S 111 83.68 6.36 30.01
C GLY S 111 82.21 6.22 30.35
N LYS S 112 81.54 7.36 30.37
CA LYS S 112 80.14 7.40 30.80
C LYS S 112 79.27 6.68 29.78
N PRO S 113 78.53 5.64 30.18
CA PRO S 113 77.60 4.98 29.25
C PRO S 113 76.24 5.65 29.26
N ASN S 114 75.70 5.92 28.07
CA ASN S 114 74.41 6.58 27.95
C ASN S 114 73.31 5.54 27.75
N PHE S 115 73.01 4.84 28.85
CA PHE S 115 71.92 3.86 28.82
C PHE S 115 70.60 4.56 28.57
N SER S 116 69.72 3.87 27.84
CA SER S 116 68.42 4.40 27.48
C SER S 116 67.34 3.57 28.17
N PRO S 117 66.33 4.20 28.78
CA PRO S 117 65.29 3.44 29.48
C PRO S 117 64.60 2.41 28.59
N GLY S 118 64.59 1.15 29.04
CA GLY S 118 63.95 0.09 28.32
C GLY S 118 64.76 -0.54 27.21
N ALA S 119 65.96 -0.04 26.94
CA ALA S 119 66.77 -0.57 25.86
C ALA S 119 67.37 -1.92 26.23
N SER S 120 67.79 -2.67 25.21
CA SER S 120 68.39 -3.98 25.38
C SER S 120 69.86 -3.90 24.96
N TYR S 121 70.74 -4.42 25.81
CA TYR S 121 72.17 -4.34 25.59
C TYR S 121 72.79 -5.73 25.67
N THR S 122 73.73 -6.02 24.78
CA THR S 122 74.50 -7.25 24.88
C THR S 122 75.65 -7.06 25.86
N ALA S 123 75.94 -8.11 26.62
CA ALA S 123 77.02 -8.09 27.58
C ALA S 123 77.70 -9.44 27.61
N THR S 124 78.94 -9.47 28.07
CA THR S 124 79.66 -10.70 28.33
C THR S 124 80.05 -10.74 29.80
N ILE S 125 79.57 -11.75 30.51
CA ILE S 125 79.91 -11.95 31.91
C ILE S 125 81.10 -12.89 31.97
N TYR S 126 82.16 -12.47 32.65
CA TYR S 126 83.37 -13.26 32.79
C TYR S 126 83.47 -13.74 34.22
N PHE S 127 83.56 -15.05 34.40
CA PHE S 127 83.54 -15.67 35.71
C PHE S 127 84.93 -16.13 36.10
N SER S 128 85.10 -16.45 37.39
CA SER S 128 86.41 -16.75 37.92
C SER S 128 87.00 -18.03 37.34
N ASN S 129 86.17 -18.93 36.82
CA ASN S 129 86.67 -20.14 36.18
C ASN S 129 87.18 -19.91 34.76
N GLY S 130 87.37 -18.65 34.36
CA GLY S 130 87.84 -18.35 33.03
C GLY S 130 86.82 -18.53 31.94
N GLN S 131 85.54 -18.37 32.25
CA GLN S 131 84.47 -18.62 31.31
C GLN S 131 83.74 -17.32 31.00
N GLY S 132 83.50 -17.07 29.71
CA GLY S 132 82.71 -15.94 29.26
C GLY S 132 81.34 -16.42 28.80
N ALA S 133 80.31 -15.69 29.21
CA ALA S 133 78.94 -16.04 28.89
C ALA S 133 78.21 -14.84 28.30
N PRO S 134 77.63 -14.97 27.11
CA PRO S 134 76.80 -13.89 26.58
C PRO S 134 75.54 -13.71 27.43
N ALA S 135 75.09 -12.46 27.51
CA ALA S 135 73.90 -12.12 28.27
C ALA S 135 73.24 -10.91 27.62
N THR S 136 71.95 -10.76 27.88
CA THR S 136 71.16 -9.65 27.37
C THR S 136 70.55 -8.91 28.56
N LEU S 137 70.87 -7.63 28.70
CA LEU S 137 70.48 -6.84 29.85
C LEU S 137 69.51 -5.75 29.41
N ILE S 138 68.39 -5.65 30.11
CA ILE S 138 67.43 -4.58 29.90
C ILE S 138 67.69 -3.50 30.93
N TYR S 139 67.76 -2.24 30.48
CA TYR S 139 67.99 -1.11 31.37
C TYR S 139 66.64 -0.66 31.92
N GLN S 140 66.42 -0.89 33.21
CA GLN S 140 65.14 -0.58 33.82
C GLN S 140 65.01 0.86 34.27
N GLY S 141 66.11 1.61 34.34
CA GLY S 141 66.06 2.98 34.80
C GLY S 141 67.27 3.40 35.63
N LEU T 1 133.32 -36.15 27.29
CA LEU T 1 133.03 -34.94 28.04
C LEU T 1 132.14 -34.00 27.23
N SER T 2 132.23 -34.12 25.90
CA SER T 2 131.50 -33.21 25.02
C SER T 2 130.00 -33.49 25.03
N GLY T 3 129.60 -34.73 25.32
CA GLY T 3 128.20 -35.09 25.20
C GLY T 3 127.30 -34.29 26.12
N ALA T 4 127.74 -34.08 27.36
CA ALA T 4 126.94 -33.30 28.30
C ALA T 4 126.78 -31.85 27.84
N ILE T 5 127.86 -31.26 27.31
CA ILE T 5 127.79 -29.89 26.82
C ILE T 5 126.85 -29.79 25.63
N VAL T 6 126.91 -30.75 24.71
CA VAL T 6 126.01 -30.75 23.57
C VAL T 6 124.57 -30.87 24.03
N ALA T 7 124.31 -31.77 25.00
CA ALA T 7 122.96 -31.92 25.53
C ALA T 7 122.46 -30.64 26.17
N LEU T 8 123.33 -29.96 26.93
CA LEU T 8 122.94 -28.71 27.57
C LEU T 8 122.60 -27.65 26.54
N ILE T 9 123.42 -27.52 25.50
CA ILE T 9 123.16 -26.54 24.45
C ILE T 9 121.83 -26.84 23.78
N LEU T 10 121.60 -28.11 23.46
CA LEU T 10 120.36 -28.47 22.77
C LEU T 10 119.14 -28.26 23.66
N VAL T 11 119.27 -28.47 24.97
CA VAL T 11 118.13 -28.25 25.86
C VAL T 11 117.78 -26.76 25.91
N ILE T 12 118.78 -25.91 26.12
CA ILE T 12 118.52 -24.47 26.18
C ILE T 12 117.95 -23.97 24.86
N ALA T 13 118.55 -24.43 23.75
CA ALA T 13 118.07 -24.03 22.43
C ALA T 13 116.66 -24.52 22.18
N GLY T 14 116.32 -25.71 22.67
CA GLY T 14 114.96 -26.20 22.52
C GLY T 14 113.95 -25.31 23.23
N VAL T 15 114.29 -24.88 24.45
CA VAL T 15 113.44 -23.93 25.15
C VAL T 15 113.24 -22.68 24.30
N ILE T 16 114.34 -22.13 23.78
CA ILE T 16 114.28 -20.88 23.03
C ILE T 16 113.41 -21.06 21.77
N ILE T 17 113.63 -22.15 21.04
CA ILE T 17 112.94 -22.36 19.78
C ILE T 17 111.44 -22.59 20.01
N ALA T 18 111.10 -23.33 21.06
CA ALA T 18 109.69 -23.55 21.37
C ALA T 18 109.00 -22.22 21.68
N ILE T 19 109.65 -21.37 22.48
CA ILE T 19 109.06 -20.07 22.79
C ILE T 19 108.90 -19.24 21.51
N ALA T 20 109.91 -19.29 20.63
CA ALA T 20 109.83 -18.54 19.37
C ALA T 20 108.67 -19.01 18.50
N VAL T 21 108.46 -20.33 18.44
CA VAL T 21 107.33 -20.87 17.67
C VAL T 21 106.01 -20.39 18.26
N VAL T 22 105.91 -20.40 19.59
CA VAL T 22 104.69 -19.92 20.24
C VAL T 22 104.41 -18.47 19.87
N LEU T 23 105.45 -17.64 19.88
CA LEU T 23 105.26 -16.22 19.54
C LEU T 23 104.87 -16.04 18.07
N PHE T 24 105.48 -16.83 17.17
CA PHE T 24 105.16 -16.74 15.75
C PHE T 24 103.70 -17.08 15.49
N ALA T 25 103.18 -18.08 16.21
CA ALA T 25 101.78 -18.47 16.05
C ALA T 25 100.86 -17.26 16.23
N PHE T 26 101.08 -16.48 17.30
CA PHE T 26 100.27 -15.28 17.51
C PHE T 26 100.59 -14.20 16.50
N GLY T 27 101.86 -14.06 16.12
CA GLY T 27 102.21 -13.07 15.13
C GLY T 27 101.52 -13.24 13.79
N LEU T 28 101.03 -14.44 13.50
CA LEU T 28 100.30 -14.64 12.25
C LEU T 28 98.97 -13.90 12.18
N ILE T 29 98.20 -13.85 13.29
CA ILE T 29 96.78 -13.46 13.19
C ILE T 29 96.53 -12.05 12.69
N PRO T 30 97.30 -11.01 13.08
CA PRO T 30 96.97 -9.67 12.56
C PRO T 30 97.07 -9.57 11.05
N GLY T 31 97.88 -10.42 10.41
CA GLY T 31 97.88 -10.48 8.96
C GLY T 31 96.61 -11.09 8.41
N ILE T 32 96.14 -12.19 9.02
CA ILE T 32 94.95 -12.87 8.52
C ILE T 32 93.73 -11.99 8.69
N SER T 33 93.73 -11.10 9.68
CA SER T 33 92.59 -10.20 9.86
C SER T 33 92.36 -9.30 8.65
N ASN T 34 93.37 -9.12 7.79
CA ASN T 34 93.22 -8.31 6.60
C ASN T 34 92.29 -8.94 5.58
N GLN T 35 91.95 -10.22 5.75
CA GLN T 35 91.04 -10.88 4.81
C GLN T 35 89.66 -10.23 4.77
N GLY T 36 89.30 -9.49 5.82
CA GLY T 36 88.00 -8.84 5.88
C GLY T 36 88.09 -7.33 6.01
N SER T 37 89.03 -6.73 5.29
CA SER T 37 89.25 -5.29 5.41
C SER T 37 88.07 -4.49 4.89
N ILE T 38 87.38 -4.98 3.87
CA ILE T 38 86.45 -4.18 3.09
C ILE T 38 85.01 -4.61 3.34
N GLN T 39 84.12 -3.61 3.45
CA GLN T 39 82.69 -3.82 3.53
C GLN T 39 82.00 -2.99 2.46
N VAL T 40 81.10 -3.62 1.70
CA VAL T 40 80.29 -2.90 0.71
C VAL T 40 78.93 -2.67 1.32
N LEU T 41 78.55 -1.40 1.48
CA LEU T 41 77.36 -1.05 2.25
C LEU T 41 76.44 -0.15 1.43
N GLY T 42 75.15 -0.37 1.59
CA GLY T 42 74.16 0.33 0.79
C GLY T 42 73.91 -0.35 -0.54
N SER T 43 72.82 0.04 -1.17
CA SER T 43 72.46 -0.52 -2.47
C SER T 43 73.19 0.24 -3.58
N GLY T 44 73.91 -0.49 -4.43
CA GLY T 44 74.60 0.11 -5.55
C GLY T 44 73.70 0.30 -6.74
N THR T 45 74.28 0.88 -7.79
CA THR T 45 73.54 1.18 -9.01
C THR T 45 74.37 0.80 -10.23
N ILE T 46 73.70 0.24 -11.23
CA ILE T 46 74.30 -0.10 -12.52
C ILE T 46 73.56 0.64 -13.61
N THR T 47 74.31 1.32 -14.48
CA THR T 47 73.71 2.21 -15.47
C THR T 47 74.30 1.96 -16.86
N ASN T 48 73.46 2.12 -17.89
CA ASN T 48 73.92 1.97 -19.27
C ASN T 48 74.87 3.12 -19.62
N SER T 49 76.05 2.77 -20.15
CA SER T 49 77.07 3.76 -20.46
C SER T 49 77.73 3.49 -21.80
N THR T 50 76.98 2.90 -22.73
CA THR T 50 77.56 2.33 -23.94
C THR T 50 77.76 3.35 -25.05
N ALA T 51 77.24 4.56 -24.91
CA ALA T 51 77.34 5.61 -25.93
C ALA T 51 76.64 5.21 -27.23
N SER T 52 75.35 4.88 -27.11
CA SER T 52 74.44 4.72 -28.26
C SER T 52 74.93 3.67 -29.25
N GLY T 53 75.64 2.65 -28.77
CA GLY T 53 76.14 1.61 -29.64
C GLY T 53 77.56 1.80 -30.11
N SER T 54 78.27 2.81 -29.61
CA SER T 54 79.66 3.04 -29.98
C SER T 54 80.64 2.24 -29.12
N SER T 55 80.15 1.42 -28.18
CA SER T 55 81.03 0.66 -27.30
C SER T 55 80.44 -0.73 -27.06
N ARG T 56 81.29 -1.63 -26.60
CA ARG T 56 80.89 -3.03 -26.40
C ARG T 56 80.07 -3.20 -25.12
N THR T 57 78.91 -2.55 -25.10
CA THR T 57 77.94 -2.65 -24.02
C THR T 57 78.59 -2.44 -22.65
N ILE T 58 79.08 -1.23 -22.43
CA ILE T 58 79.77 -0.92 -21.18
C ILE T 58 78.81 -0.31 -20.18
N TYR T 59 78.83 -0.83 -18.96
CA TYR T 59 77.97 -0.39 -17.88
C TYR T 59 78.78 0.34 -16.81
N ASN T 60 78.06 1.01 -15.91
CA ASN T 60 78.63 1.76 -14.80
C ASN T 60 78.18 1.08 -13.52
N ILE T 61 79.13 0.68 -12.67
CA ILE T 61 78.83 0.15 -11.35
C ILE T 61 79.27 1.17 -10.31
N THR T 62 78.32 1.64 -9.50
CA THR T 62 78.59 2.54 -8.40
C THR T 62 78.16 1.88 -7.09
N ILE T 63 79.09 1.79 -6.13
CA ILE T 63 78.86 1.13 -4.86
C ILE T 63 79.62 1.87 -3.78
N THR T 64 79.04 1.96 -2.58
CA THR T 64 79.72 2.59 -1.45
C THR T 64 80.54 1.54 -0.72
N VAL T 65 81.86 1.77 -0.64
CA VAL T 65 82.81 0.81 -0.11
C VAL T 65 83.53 1.45 1.07
N LYS T 66 83.68 0.69 2.15
CA LYS T 66 84.39 1.11 3.35
C LYS T 66 85.60 0.20 3.55
N ASN T 67 86.77 0.80 3.72
CA ASN T 67 88.01 0.06 3.88
C ASN T 67 88.50 0.26 5.31
N THR T 68 88.67 -0.85 6.02
CA THR T 68 89.11 -0.83 7.42
C THR T 68 90.60 -1.15 7.56
N GLY T 69 91.20 -1.79 6.56
CA GLY T 69 92.61 -2.13 6.62
C GLY T 69 93.52 -0.92 6.48
N THR T 70 94.82 -1.19 6.58
CA THR T 70 95.83 -0.15 6.53
C THR T 70 96.45 0.04 5.15
N THR T 71 95.95 -0.67 4.15
CA THR T 71 96.48 -0.58 2.79
C THR T 71 95.37 -0.23 1.82
N SER T 72 95.74 0.41 0.71
CA SER T 72 94.80 0.67 -0.37
C SER T 72 94.49 -0.64 -1.08
N ILE T 73 93.21 -0.89 -1.32
CA ILE T 73 92.75 -2.17 -1.85
C ILE T 73 91.93 -1.90 -3.11
N SER T 74 92.11 -2.74 -4.12
CA SER T 74 91.56 -2.51 -5.45
C SER T 74 90.61 -3.63 -5.86
N VAL T 75 89.72 -3.31 -6.79
CA VAL T 75 88.75 -4.27 -7.31
C VAL T 75 89.43 -5.06 -8.42
N THR T 76 89.59 -6.36 -8.21
CA THR T 76 90.26 -7.20 -9.20
C THR T 76 89.30 -7.81 -10.22
N SER T 77 88.10 -8.18 -9.80
CA SER T 77 87.13 -8.78 -10.72
C SER T 77 85.73 -8.58 -10.17
N ILE T 78 84.74 -8.76 -11.03
CA ILE T 78 83.34 -8.61 -10.63
C ILE T 78 82.50 -9.67 -11.34
N ASN T 79 81.55 -10.23 -10.62
CA ASN T 79 80.57 -11.16 -11.15
C ASN T 79 79.19 -10.63 -10.83
N ILE T 80 78.36 -10.47 -11.86
CA ILE T 80 77.02 -9.90 -11.72
C ILE T 80 76.00 -10.98 -12.03
N ASN T 81 75.21 -11.35 -11.02
CA ASN T 81 74.11 -12.30 -11.16
C ASN T 81 74.59 -13.61 -11.78
N GLY T 82 75.78 -14.06 -11.36
CA GLY T 82 76.35 -15.29 -11.86
C GLY T 82 77.19 -15.14 -13.11
N GLN T 83 77.05 -14.04 -13.84
CA GLN T 83 77.80 -13.86 -15.08
C GLN T 83 79.13 -13.15 -14.79
N PRO T 84 80.22 -13.59 -15.41
CA PRO T 84 81.50 -12.89 -15.21
C PRO T 84 81.50 -11.54 -15.90
N PHE T 85 82.29 -10.60 -15.37
CA PHE T 85 82.41 -9.28 -15.96
C PHE T 85 83.87 -8.84 -15.88
N ASN T 86 84.24 -7.93 -16.77
CA ASN T 86 85.61 -7.44 -16.85
C ASN T 86 85.62 -5.92 -16.74
N ILE T 87 86.48 -5.39 -15.87
CA ILE T 87 86.60 -3.95 -15.72
C ILE T 87 87.27 -3.36 -16.96
N ASN T 88 86.72 -2.26 -17.48
CA ASN T 88 87.20 -1.71 -18.74
C ASN T 88 88.41 -0.78 -18.57
N GLY T 89 88.42 0.05 -17.53
CA GLY T 89 89.55 0.92 -17.25
C GLY T 89 90.49 0.31 -16.23
N THR T 90 91.35 1.17 -15.67
CA THR T 90 92.18 0.74 -14.55
C THR T 90 91.29 0.52 -13.33
N ALA T 91 91.66 -0.46 -12.52
CA ALA T 91 90.83 -0.84 -11.40
C ALA T 91 90.76 0.30 -10.38
N PRO T 92 89.57 0.58 -9.82
CA PRO T 92 89.49 1.55 -8.74
C PRO T 92 90.15 1.01 -7.47
N SER T 93 90.64 1.94 -6.65
CA SER T 93 91.33 1.57 -5.42
C SER T 93 90.76 2.38 -4.26
N ILE T 94 90.51 1.71 -3.15
CA ILE T 94 89.91 2.32 -1.97
C ILE T 94 91.01 2.57 -0.94
N PRO T 95 91.27 3.82 -0.56
CA PRO T 95 92.33 4.07 0.42
C PRO T 95 91.94 3.61 1.81
N ALA T 96 92.95 3.53 2.68
CA ALA T 96 92.75 3.03 4.03
C ALA T 96 91.84 3.96 4.84
N GLY T 97 90.98 3.36 5.65
CA GLY T 97 90.11 4.10 6.55
C GLY T 97 88.95 4.82 5.90
N ARG T 98 88.89 4.85 4.57
CA ARG T 98 87.89 5.64 3.87
C ARG T 98 86.57 4.87 3.72
N THR T 99 85.50 5.64 3.61
CA THR T 99 84.22 5.15 3.12
C THR T 99 83.79 6.07 1.98
N GLN T 100 83.72 5.52 0.77
CA GLN T 100 83.53 6.38 -0.39
C GLN T 100 82.81 5.64 -1.49
N PRO T 101 82.16 6.37 -2.42
CA PRO T 101 81.53 5.72 -3.58
C PRO T 101 82.53 5.39 -4.67
N ILE T 102 82.77 4.10 -4.89
CA ILE T 102 83.58 3.62 -6.00
C ILE T 102 82.68 3.50 -7.23
N THR T 103 83.13 4.05 -8.36
CA THR T 103 82.44 3.94 -9.63
C THR T 103 83.42 3.43 -10.67
N PHE T 104 83.01 2.39 -11.42
CA PHE T 104 83.90 1.85 -12.44
C PHE T 104 83.09 1.27 -13.60
N GLU T 105 83.71 1.31 -14.79
CA GLU T 105 83.11 0.76 -16.00
C GLU T 105 83.33 -0.74 -16.06
N VAL T 106 82.35 -1.45 -16.61
CA VAL T 106 82.43 -2.90 -16.74
C VAL T 106 81.86 -3.36 -18.07
N THR T 107 82.34 -4.52 -18.53
CA THR T 107 81.98 -5.16 -19.79
C THR T 107 81.59 -6.60 -19.52
N PRO T 108 80.69 -7.16 -20.32
CA PRO T 108 80.41 -8.59 -20.22
C PRO T 108 81.60 -9.41 -20.70
N ALA T 109 82.01 -10.39 -19.89
CA ALA T 109 83.09 -11.27 -20.31
C ALA T 109 82.66 -12.20 -21.43
N SER T 110 81.40 -12.62 -21.43
CA SER T 110 80.85 -13.44 -22.51
C SER T 110 79.37 -13.15 -22.63
N GLY T 111 78.86 -13.28 -23.84
CA GLY T 111 77.44 -13.06 -24.05
C GLY T 111 77.05 -11.59 -23.98
N LYS T 112 75.76 -11.37 -23.79
CA LYS T 112 75.17 -10.02 -23.73
C LYS T 112 74.05 -10.04 -22.73
N PRO T 113 74.34 -9.69 -21.47
CA PRO T 113 73.27 -9.70 -20.45
C PRO T 113 72.36 -8.50 -20.62
N ASN T 114 71.06 -8.74 -20.47
CA ASN T 114 70.05 -7.71 -20.64
C ASN T 114 69.44 -7.41 -19.28
N PHE T 115 69.37 -6.13 -18.94
CA PHE T 115 68.85 -5.69 -17.64
C PHE T 115 67.54 -4.94 -17.83
N SER T 116 66.67 -5.06 -16.83
CA SER T 116 65.40 -4.35 -16.87
C SER T 116 65.38 -3.22 -15.86
N PRO T 117 64.83 -2.06 -16.22
CA PRO T 117 64.78 -0.93 -15.29
C PRO T 117 64.18 -1.31 -13.94
N GLY T 118 64.84 -0.89 -12.88
CA GLY T 118 64.36 -1.08 -11.53
C GLY T 118 64.55 -2.47 -10.95
N ALA T 119 65.10 -3.40 -11.71
CA ALA T 119 65.34 -4.74 -11.18
C ALA T 119 66.58 -4.75 -10.31
N SER T 120 66.64 -5.71 -9.39
CA SER T 120 67.76 -5.86 -8.48
C SER T 120 68.62 -7.04 -8.93
N TYR T 121 69.91 -6.80 -9.10
CA TYR T 121 70.86 -7.81 -9.54
C TYR T 121 71.96 -7.92 -8.51
N THR T 122 72.24 -9.14 -8.07
CA THR T 122 73.30 -9.35 -7.10
C THR T 122 74.65 -9.43 -7.80
N ALA T 123 75.64 -8.74 -7.23
CA ALA T 123 76.98 -8.74 -7.78
C ALA T 123 77.97 -9.02 -6.65
N THR T 124 78.98 -9.84 -6.95
CA THR T 124 80.05 -10.12 -6.01
C THR T 124 81.30 -9.39 -6.49
N ILE T 125 81.77 -8.45 -5.68
CA ILE T 125 82.97 -7.68 -6.01
C ILE T 125 84.14 -8.33 -5.29
N TYR T 126 85.13 -8.78 -6.05
CA TYR T 126 86.31 -9.43 -5.50
C TYR T 126 87.42 -8.39 -5.41
N PHE T 127 87.89 -8.13 -4.20
CA PHE T 127 88.92 -7.14 -3.97
C PHE T 127 90.29 -7.82 -3.86
N SER T 128 91.34 -7.00 -3.83
CA SER T 128 92.70 -7.53 -3.87
C SER T 128 93.03 -8.38 -2.65
N ASN T 129 92.26 -8.28 -1.57
CA ASN T 129 92.44 -9.16 -0.43
C ASN T 129 92.02 -10.59 -0.73
N GLY T 130 91.38 -10.84 -1.87
CA GLY T 130 90.67 -12.06 -2.09
C GLY T 130 89.28 -12.09 -1.49
N GLN T 131 88.91 -11.02 -0.79
CA GLN T 131 87.58 -10.94 -0.19
C GLN T 131 86.54 -10.69 -1.26
N GLY T 132 85.46 -11.49 -1.22
CA GLY T 132 84.37 -11.30 -2.14
C GLY T 132 83.14 -10.77 -1.45
N ALA T 133 82.81 -9.51 -1.69
CA ALA T 133 81.68 -8.88 -1.03
C ALA T 133 80.43 -8.98 -1.90
N PRO T 134 79.35 -9.59 -1.43
CA PRO T 134 78.09 -9.55 -2.18
C PRO T 134 77.39 -8.21 -1.96
N ALA T 135 76.76 -7.71 -3.01
CA ALA T 135 76.06 -6.44 -2.98
C ALA T 135 74.89 -6.51 -3.95
N THR T 136 73.95 -5.58 -3.78
CA THR T 136 72.77 -5.51 -4.62
C THR T 136 72.81 -4.23 -5.44
N LEU T 137 72.71 -4.38 -6.76
CA LEU T 137 72.73 -3.26 -7.69
C LEU T 137 71.34 -3.09 -8.28
N ILE T 138 70.84 -1.87 -8.28
CA ILE T 138 69.56 -1.55 -8.91
C ILE T 138 69.84 -0.92 -10.27
N TYR T 139 69.31 -1.51 -11.33
CA TYR T 139 69.53 -1.00 -12.67
C TYR T 139 68.75 0.29 -12.87
N GLN T 140 69.41 1.31 -13.43
CA GLN T 140 68.83 2.63 -13.58
C GLN T 140 68.84 3.16 -15.00
N GLY T 141 69.47 2.46 -15.94
CA GLY T 141 69.58 2.94 -17.30
C GLY T 141 68.31 2.80 -18.13
N LEU U 1 129.10 -35.52 20.80
CA LEU U 1 128.97 -35.36 19.37
C LEU U 1 127.69 -35.99 18.85
N SER U 2 127.29 -37.11 19.47
CA SER U 2 126.15 -37.87 19.00
C SER U 2 124.86 -37.05 19.07
N GLY U 3 124.69 -36.27 20.13
CA GLY U 3 123.44 -35.57 20.34
C GLY U 3 123.08 -34.63 19.21
N ALA U 4 124.06 -33.86 18.74
CA ALA U 4 123.79 -32.88 17.67
C ALA U 4 123.37 -33.58 16.38
N ILE U 5 124.07 -34.64 16.01
CA ILE U 5 123.73 -35.35 14.78
C ILE U 5 122.38 -36.03 14.88
N VAL U 6 122.07 -36.61 16.05
CA VAL U 6 120.77 -37.23 16.24
C VAL U 6 119.66 -36.20 16.16
N ALA U 7 119.87 -35.03 16.78
CA ALA U 7 118.88 -33.97 16.72
C ALA U 7 118.68 -33.50 15.27
N LEU U 8 119.76 -33.38 14.51
CA LEU U 8 119.63 -32.98 13.11
C LEU U 8 118.88 -34.03 12.30
N ILE U 9 119.15 -35.31 12.54
CA ILE U 9 118.41 -36.38 11.86
C ILE U 9 116.93 -36.25 12.16
N LEU U 10 116.59 -36.06 13.44
CA LEU U 10 115.17 -35.98 13.81
C LEU U 10 114.52 -34.72 13.26
N VAL U 11 115.27 -33.62 13.16
CA VAL U 11 114.71 -32.40 12.58
C VAL U 11 114.37 -32.63 11.11
N ILE U 12 115.29 -33.22 10.35
CA ILE U 12 115.04 -33.46 8.93
C ILE U 12 113.86 -34.43 8.76
N ALA U 13 113.84 -35.49 9.57
CA ALA U 13 112.76 -36.46 9.47
C ALA U 13 111.42 -35.85 9.84
N GLY U 14 111.40 -34.97 10.84
CA GLY U 14 110.18 -34.29 11.18
C GLY U 14 109.68 -33.41 10.05
N VAL U 15 110.60 -32.70 9.38
CA VAL U 15 110.22 -31.93 8.20
C VAL U 15 109.58 -32.85 7.17
N ILE U 16 110.21 -34.00 6.92
CA ILE U 16 109.71 -34.93 5.91
C ILE U 16 108.29 -35.39 6.24
N ILE U 17 108.09 -35.86 7.48
CA ILE U 17 106.80 -36.43 7.84
C ILE U 17 105.72 -35.35 7.88
N ALA U 18 106.07 -34.16 8.38
CA ALA U 18 105.10 -33.08 8.43
C ALA U 18 104.66 -32.67 7.02
N ILE U 19 105.61 -32.57 6.09
CA ILE U 19 105.23 -32.22 4.73
C ILE U 19 104.39 -33.33 4.10
N ALA U 20 104.70 -34.59 4.42
CA ALA U 20 103.88 -35.69 3.93
C ALA U 20 102.45 -35.59 4.43
N VAL U 21 102.27 -35.25 5.71
CA VAL U 21 100.93 -35.10 6.26
C VAL U 21 100.20 -33.91 5.63
N VAL U 22 100.94 -32.83 5.35
CA VAL U 22 100.32 -31.66 4.70
C VAL U 22 99.84 -32.03 3.30
N LEU U 23 100.66 -32.77 2.56
CA LEU U 23 100.26 -33.19 1.22
C LEU U 23 99.09 -34.15 1.28
N PHE U 24 99.03 -35.00 2.30
CA PHE U 24 97.86 -35.86 2.50
C PHE U 24 96.60 -35.04 2.74
N ALA U 25 96.73 -33.98 3.55
CA ALA U 25 95.59 -33.10 3.80
C ALA U 25 95.13 -32.45 2.50
N PHE U 26 96.08 -32.01 1.67
CA PHE U 26 95.72 -31.44 0.38
C PHE U 26 95.06 -32.47 -0.54
N GLY U 27 95.49 -33.73 -0.46
CA GLY U 27 94.90 -34.77 -1.28
C GLY U 27 93.53 -35.22 -0.82
N LEU U 28 93.17 -34.95 0.44
CA LEU U 28 91.83 -35.29 0.90
C LEU U 28 90.74 -34.43 0.25
N ILE U 29 91.07 -33.20 -0.13
CA ILE U 29 90.09 -32.20 -0.56
C ILE U 29 89.20 -32.70 -1.70
N PRO U 30 89.72 -33.32 -2.77
CA PRO U 30 88.82 -33.74 -3.86
C PRO U 30 87.74 -34.71 -3.43
N GLY U 31 88.03 -35.62 -2.50
CA GLY U 31 87.01 -36.56 -2.07
C GLY U 31 85.90 -35.90 -1.29
N ILE U 32 86.24 -34.97 -0.39
CA ILE U 32 85.24 -34.33 0.44
C ILE U 32 84.55 -33.18 -0.30
N SER U 33 85.31 -32.42 -1.09
CA SER U 33 84.76 -31.28 -1.82
C SER U 33 84.12 -31.82 -3.09
N ASN U 34 82.81 -32.06 -3.02
CA ASN U 34 82.04 -32.62 -4.12
C ASN U 34 80.73 -31.86 -4.19
N GLN U 35 80.71 -30.80 -4.99
CA GLN U 35 79.49 -30.05 -5.22
C GLN U 35 78.55 -30.82 -6.14
N GLY U 36 77.35 -30.31 -6.29
CA GLY U 36 76.36 -30.98 -7.12
C GLY U 36 75.53 -31.95 -6.32
N SER U 37 74.26 -32.08 -6.68
CA SER U 37 73.32 -32.89 -5.93
C SER U 37 72.14 -33.21 -6.82
N ILE U 38 71.34 -34.17 -6.38
CA ILE U 38 70.07 -34.44 -7.03
C ILE U 38 69.02 -33.51 -6.45
N GLN U 39 68.35 -32.76 -7.33
CA GLN U 39 67.33 -31.81 -6.94
C GLN U 39 65.98 -32.32 -7.44
N VAL U 40 64.99 -32.32 -6.56
CA VAL U 40 63.63 -32.77 -6.90
C VAL U 40 62.81 -31.53 -7.21
N LEU U 41 62.30 -31.45 -8.44
CA LEU U 41 61.63 -30.27 -8.95
C LEU U 41 60.13 -30.51 -9.00
N GLY U 42 59.37 -29.64 -8.35
CA GLY U 42 57.92 -29.72 -8.40
C GLY U 42 57.37 -30.88 -7.58
N SER U 43 56.06 -31.02 -7.64
CA SER U 43 55.37 -32.09 -6.92
C SER U 43 55.40 -33.38 -7.73
N GLY U 44 55.61 -34.49 -7.04
CA GLY U 44 55.48 -35.80 -7.64
C GLY U 44 54.09 -36.38 -7.41
N THR U 45 53.91 -37.61 -7.88
CA THR U 45 52.63 -38.28 -7.81
C THR U 45 52.78 -39.71 -7.31
N ILE U 46 51.83 -40.14 -6.48
CA ILE U 46 51.70 -41.53 -6.03
C ILE U 46 50.45 -42.11 -6.65
N THR U 47 50.58 -43.26 -7.30
CA THR U 47 49.45 -43.93 -7.93
C THR U 47 49.38 -45.36 -7.44
N ASN U 48 48.17 -45.87 -7.24
CA ASN U 48 48.01 -47.23 -6.73
C ASN U 48 48.26 -48.23 -7.84
N SER U 49 49.31 -49.03 -7.71
CA SER U 49 49.67 -50.03 -8.70
C SER U 49 49.20 -51.44 -8.32
N THR U 50 48.72 -51.64 -7.10
CA THR U 50 48.25 -52.95 -6.68
C THR U 50 47.09 -53.40 -7.56
N ALA U 51 47.13 -54.66 -7.99
CA ALA U 51 46.13 -55.16 -8.93
C ALA U 51 45.89 -56.64 -8.67
N SER U 52 44.77 -57.12 -9.22
CA SER U 52 44.43 -58.55 -9.27
C SER U 52 44.23 -59.15 -7.89
N GLY U 53 44.01 -58.33 -6.87
CA GLY U 53 43.81 -58.85 -5.53
C GLY U 53 45.02 -59.53 -4.93
N SER U 54 46.21 -59.27 -5.47
CA SER U 54 47.42 -59.83 -4.90
C SER U 54 47.68 -59.24 -3.52
N SER U 55 48.43 -59.98 -2.70
CA SER U 55 48.51 -59.68 -1.27
C SER U 55 49.32 -58.42 -0.98
N ARG U 56 50.24 -58.05 -1.86
CA ARG U 56 51.21 -57.01 -1.56
C ARG U 56 50.85 -55.71 -2.29
N THR U 57 50.81 -54.61 -1.54
CA THR U 57 50.47 -53.30 -2.10
C THR U 57 51.71 -52.66 -2.69
N ILE U 58 51.59 -52.17 -3.93
CA ILE U 58 52.68 -51.52 -4.64
C ILE U 58 52.17 -50.18 -5.18
N TYR U 59 53.00 -49.15 -5.10
CA TYR U 59 52.64 -47.82 -5.53
C TYR U 59 53.68 -47.27 -6.50
N ASN U 60 53.18 -46.63 -7.56
CA ASN U 60 54.01 -45.87 -8.49
C ASN U 60 54.32 -44.52 -7.88
N ILE U 61 55.58 -44.11 -7.95
CA ILE U 61 55.99 -42.77 -7.55
C ILE U 61 56.70 -42.14 -8.73
N THR U 62 56.21 -40.98 -9.16
CA THR U 62 56.79 -40.23 -10.27
C THR U 62 57.24 -38.87 -9.76
N ILE U 63 58.51 -38.53 -10.03
CA ILE U 63 59.09 -37.27 -9.59
C ILE U 63 60.02 -36.76 -10.67
N THR U 64 60.09 -35.44 -10.81
CA THR U 64 61.05 -34.82 -11.72
C THR U 64 62.35 -34.58 -10.96
N VAL U 65 63.45 -35.11 -11.50
CA VAL U 65 64.73 -35.14 -10.80
C VAL U 65 65.81 -34.60 -11.72
N LYS U 66 66.64 -33.69 -11.17
CA LYS U 66 67.72 -33.04 -11.91
C LYS U 66 69.03 -33.34 -11.21
N ASN U 67 69.92 -34.08 -11.87
CA ASN U 67 71.21 -34.45 -11.29
C ASN U 67 72.21 -33.37 -11.69
N THR U 68 72.57 -32.50 -10.74
CA THR U 68 73.52 -31.44 -11.03
C THR U 68 74.97 -31.88 -10.89
N GLY U 69 75.22 -33.10 -10.42
CA GLY U 69 76.57 -33.58 -10.24
C GLY U 69 77.16 -34.20 -11.50
N THR U 70 78.35 -34.75 -11.35
CA THR U 70 79.06 -35.39 -12.45
C THR U 70 79.05 -36.92 -12.35
N THR U 71 78.25 -37.49 -11.46
CA THR U 71 78.22 -38.92 -11.24
C THR U 71 76.80 -39.45 -11.34
N SER U 72 76.69 -40.70 -11.80
CA SER U 72 75.40 -41.38 -11.80
C SER U 72 74.96 -41.65 -10.37
N ILE U 73 73.68 -41.42 -10.10
CA ILE U 73 73.14 -41.52 -8.75
C ILE U 73 71.83 -42.28 -8.81
N SER U 74 71.57 -43.09 -7.79
CA SER U 74 70.39 -43.94 -7.75
C SER U 74 69.64 -43.75 -6.43
N VAL U 75 68.35 -44.07 -6.47
CA VAL U 75 67.49 -44.03 -5.29
C VAL U 75 67.77 -45.26 -4.43
N THR U 76 67.67 -45.07 -3.12
CA THR U 76 67.91 -46.17 -2.19
C THR U 76 66.71 -46.43 -1.29
N SER U 77 65.95 -45.38 -0.97
CA SER U 77 64.79 -45.52 -0.10
C SER U 77 63.94 -44.27 -0.22
N ILE U 78 62.70 -44.38 0.24
CA ILE U 78 61.80 -43.24 0.35
C ILE U 78 60.99 -43.36 1.63
N ASN U 79 60.73 -42.23 2.26
CA ASN U 79 59.89 -42.15 3.44
C ASN U 79 58.72 -41.24 3.14
N ILE U 80 57.50 -41.77 3.22
CA ILE U 80 56.30 -41.03 2.89
C ILE U 80 55.41 -40.95 4.13
N ASN U 81 55.06 -39.72 4.52
CA ASN U 81 54.15 -39.48 5.64
C ASN U 81 54.65 -40.12 6.93
N GLY U 82 55.97 -40.15 7.11
CA GLY U 82 56.57 -40.75 8.28
C GLY U 82 56.74 -42.25 8.22
N GLN U 83 56.34 -42.89 7.13
CA GLN U 83 56.35 -44.33 6.97
C GLN U 83 57.41 -44.72 5.95
N PRO U 84 58.28 -45.68 6.25
CA PRO U 84 59.31 -46.07 5.28
C PRO U 84 58.77 -47.01 4.22
N PHE U 85 59.28 -46.86 3.00
CA PHE U 85 58.90 -47.71 1.88
C PHE U 85 60.16 -48.29 1.25
N ASN U 86 60.03 -49.49 0.70
CA ASN U 86 61.12 -50.17 0.02
C ASN U 86 60.96 -50.01 -1.48
N ILE U 87 62.05 -49.70 -2.17
CA ILE U 87 62.02 -49.50 -3.62
C ILE U 87 62.01 -50.86 -4.31
N ASN U 88 60.82 -51.35 -4.64
CA ASN U 88 60.69 -52.59 -5.37
C ASN U 88 61.46 -52.50 -6.69
N GLY U 89 62.18 -53.58 -7.00
CA GLY U 89 62.85 -53.71 -8.28
C GLY U 89 64.17 -52.98 -8.36
N THR U 90 64.77 -53.07 -9.54
CA THR U 90 65.99 -52.34 -9.83
C THR U 90 65.75 -50.84 -9.68
N ALA U 91 66.43 -50.23 -8.73
CA ALA U 91 66.20 -48.82 -8.43
C ALA U 91 66.63 -47.96 -9.61
N PRO U 92 65.89 -46.90 -9.93
CA PRO U 92 66.26 -46.04 -11.06
C PRO U 92 67.58 -45.34 -10.82
N SER U 93 68.32 -45.12 -11.90
CA SER U 93 69.57 -44.39 -11.88
C SER U 93 69.41 -43.10 -12.66
N ILE U 94 69.87 -41.99 -12.09
CA ILE U 94 69.74 -40.67 -12.69
C ILE U 94 71.08 -40.28 -13.28
N PRO U 95 71.21 -40.16 -14.59
CA PRO U 95 72.50 -39.81 -15.20
C PRO U 95 72.92 -38.40 -14.84
N ALA U 96 74.23 -38.16 -14.97
CA ALA U 96 74.81 -36.88 -14.59
C ALA U 96 74.33 -35.76 -15.51
N GLY U 97 74.09 -34.59 -14.92
CA GLY U 97 73.76 -33.41 -15.69
C GLY U 97 72.42 -33.42 -16.38
N ARG U 98 71.53 -34.33 -16.02
CA ARG U 98 70.30 -34.55 -16.78
C ARG U 98 69.08 -34.35 -15.89
N THR U 99 68.04 -33.75 -16.47
CA THR U 99 66.74 -33.62 -15.83
C THR U 99 65.78 -34.61 -16.46
N GLN U 100 65.19 -35.48 -15.64
CA GLN U 100 64.35 -36.56 -16.14
C GLN U 100 63.12 -36.73 -15.26
N PRO U 101 62.01 -37.18 -15.85
CA PRO U 101 60.93 -37.78 -15.04
C PRO U 101 61.33 -39.19 -14.63
N ILE U 102 61.42 -39.43 -13.33
CA ILE U 102 61.82 -40.70 -12.76
C ILE U 102 60.60 -41.34 -12.12
N THR U 103 60.31 -42.58 -12.51
CA THR U 103 59.19 -43.33 -11.98
C THR U 103 59.68 -44.65 -11.43
N PHE U 104 59.25 -44.98 -10.21
CA PHE U 104 59.67 -46.23 -9.59
C PHE U 104 58.58 -46.76 -8.68
N GLU U 105 58.57 -48.07 -8.48
CA GLU U 105 57.57 -48.74 -7.67
C GLU U 105 58.10 -48.97 -6.25
N VAL U 106 57.20 -48.78 -5.28
CA VAL U 106 57.56 -48.91 -3.88
C VAL U 106 56.52 -49.78 -3.17
N THR U 107 56.95 -50.40 -2.09
CA THR U 107 56.08 -51.17 -1.20
C THR U 107 56.30 -50.72 0.22
N PRO U 108 55.25 -50.72 1.05
CA PRO U 108 55.43 -50.34 2.46
C PRO U 108 56.32 -51.32 3.20
N ALA U 109 57.31 -50.78 3.91
CA ALA U 109 58.19 -51.63 4.70
C ALA U 109 57.45 -52.26 5.87
N SER U 110 56.45 -51.56 6.41
CA SER U 110 55.64 -52.09 7.50
C SER U 110 54.29 -51.40 7.48
N GLY U 111 53.29 -52.07 8.05
CA GLY U 111 51.97 -51.48 8.13
C GLY U 111 51.31 -51.31 6.77
N LYS U 112 50.39 -50.35 6.71
CA LYS U 112 49.69 -50.04 5.47
C LYS U 112 49.46 -48.54 5.38
N PRO U 113 49.57 -47.97 4.19
CA PRO U 113 49.35 -46.53 4.03
C PRO U 113 47.88 -46.16 4.13
N ASN U 114 47.64 -44.88 4.42
CA ASN U 114 46.30 -44.34 4.55
C ASN U 114 46.05 -43.20 3.55
N PHE U 115 46.57 -43.34 2.34
CA PHE U 115 46.52 -42.26 1.37
C PHE U 115 45.07 -41.94 1.01
N SER U 116 44.82 -40.65 0.76
CA SER U 116 43.52 -40.15 0.34
C SER U 116 43.65 -39.46 -1.00
N PRO U 117 42.68 -39.62 -1.90
CA PRO U 117 42.78 -39.01 -3.22
C PRO U 117 42.92 -37.49 -3.14
N GLY U 118 43.87 -36.95 -3.89
CA GLY U 118 44.10 -35.52 -3.92
C GLY U 118 44.91 -34.96 -2.78
N ALA U 119 45.21 -35.75 -1.76
CA ALA U 119 45.99 -35.26 -0.64
C ALA U 119 47.45 -35.16 -1.01
N SER U 120 48.15 -34.23 -0.35
CA SER U 120 49.57 -34.00 -0.57
C SER U 120 50.34 -34.47 0.66
N TYR U 121 51.32 -35.34 0.45
CA TYR U 121 52.09 -35.96 1.52
C TYR U 121 53.55 -35.58 1.37
N THR U 122 54.15 -35.13 2.47
CA THR U 122 55.58 -34.83 2.47
C THR U 122 56.37 -36.13 2.52
N ALA U 123 57.35 -36.26 1.63
CA ALA U 123 58.19 -37.44 1.53
C ALA U 123 59.65 -37.01 1.49
N THR U 124 60.53 -37.98 1.74
CA THR U 124 61.97 -37.79 1.66
C THR U 124 62.55 -38.92 0.83
N ILE U 125 63.25 -38.56 -0.24
CA ILE U 125 63.85 -39.54 -1.15
C ILE U 125 65.35 -39.57 -0.88
N TYR U 126 65.88 -40.74 -0.57
CA TYR U 126 67.27 -40.89 -0.18
C TYR U 126 68.05 -41.49 -1.34
N PHE U 127 69.15 -40.84 -1.71
CA PHE U 127 69.94 -41.23 -2.86
C PHE U 127 71.26 -41.86 -2.43
N SER U 128 71.99 -42.39 -3.42
CA SER U 128 73.15 -43.23 -3.13
C SER U 128 74.25 -42.47 -2.40
N ASN U 129 74.32 -41.15 -2.52
CA ASN U 129 75.31 -40.39 -1.77
C ASN U 129 74.97 -40.30 -0.29
N GLY U 130 73.77 -40.72 0.11
CA GLY U 130 73.27 -40.48 1.43
C GLY U 130 72.46 -39.21 1.58
N GLN U 131 72.57 -38.30 0.62
CA GLN U 131 71.77 -37.08 0.65
C GLN U 131 70.30 -37.42 0.44
N GLY U 132 69.42 -36.65 1.08
CA GLY U 132 68.00 -36.90 1.01
C GLY U 132 67.21 -35.65 0.65
N ALA U 133 66.46 -35.73 -0.44
CA ALA U 133 65.69 -34.58 -0.92
C ALA U 133 64.27 -34.65 -0.38
N PRO U 134 63.79 -33.63 0.33
CA PRO U 134 62.36 -33.57 0.65
C PRO U 134 61.56 -33.22 -0.58
N ALA U 135 60.36 -33.79 -0.67
CA ALA U 135 59.48 -33.59 -1.81
C ALA U 135 58.04 -33.67 -1.34
N THR U 136 57.12 -33.22 -2.19
CA THR U 136 55.70 -33.32 -1.94
C THR U 136 55.08 -34.22 -3.02
N LEU U 137 54.36 -35.24 -2.58
CA LEU U 137 53.75 -36.21 -3.49
C LEU U 137 52.24 -36.13 -3.35
N ILE U 138 51.54 -35.98 -4.47
CA ILE U 138 50.09 -35.93 -4.50
C ILE U 138 49.57 -37.32 -4.86
N TYR U 139 48.63 -37.82 -4.09
CA TYR U 139 48.05 -39.15 -4.35
C TYR U 139 46.95 -39.02 -5.39
N GLN U 140 47.15 -39.66 -6.55
CA GLN U 140 46.22 -39.57 -7.66
C GLN U 140 45.22 -40.71 -7.71
N GLY U 141 45.36 -41.72 -6.86
CA GLY U 141 44.44 -42.85 -6.87
C GLY U 141 44.85 -43.93 -7.85
N LEU V 1 122.46 -40.75 21.96
CA LEU V 1 121.50 -41.81 21.69
C LEU V 1 120.13 -41.47 22.30
N SER V 2 120.11 -40.48 23.19
CA SER V 2 118.91 -40.18 23.95
C SER V 2 117.77 -39.68 23.07
N GLY V 3 118.08 -38.85 22.08
CA GLY V 3 117.04 -38.17 21.34
C GLY V 3 116.08 -39.11 20.63
N ALA V 4 116.62 -40.17 20.01
CA ALA V 4 115.76 -41.12 19.31
C ALA V 4 114.85 -41.87 20.28
N ILE V 5 115.38 -42.20 21.46
CA ILE V 5 114.57 -42.85 22.50
C ILE V 5 113.41 -41.95 22.91
N VAL V 6 113.71 -40.67 23.16
CA VAL V 6 112.66 -39.73 23.55
C VAL V 6 111.63 -39.58 22.44
N ALA V 7 112.10 -39.52 21.20
CA ALA V 7 111.19 -39.39 20.06
C ALA V 7 110.27 -40.60 19.95
N LEU V 8 110.80 -41.80 20.16
CA LEU V 8 109.98 -43.00 20.13
C LEU V 8 108.88 -42.94 21.18
N ILE V 9 109.25 -42.59 22.42
CA ILE V 9 108.27 -42.50 23.50
C ILE V 9 107.18 -41.50 23.13
N LEU V 10 107.57 -40.33 22.63
CA LEU V 10 106.61 -39.29 22.33
C LEU V 10 105.71 -39.66 21.16
N VAL V 11 106.24 -40.35 20.16
CA VAL V 11 105.41 -40.77 19.02
C VAL V 11 104.31 -41.71 19.49
N ILE V 12 104.67 -42.71 20.31
CA ILE V 12 103.65 -43.65 20.76
C ILE V 12 102.62 -42.95 21.64
N ALA V 13 103.08 -42.08 22.54
CA ALA V 13 102.14 -41.36 23.40
C ALA V 13 101.20 -40.48 22.58
N GLY V 14 101.72 -39.84 21.52
CA GLY V 14 100.88 -39.03 20.67
C GLY V 14 99.79 -39.83 20.00
N VAL V 15 100.14 -41.01 19.50
CA VAL V 15 99.13 -41.90 18.91
C VAL V 15 98.02 -42.18 19.94
N ILE V 16 98.44 -42.56 21.14
CA ILE V 16 97.46 -42.95 22.17
C ILE V 16 96.52 -41.79 22.48
N ILE V 17 97.09 -40.60 22.73
CA ILE V 17 96.27 -39.47 23.15
C ILE V 17 95.35 -39.00 22.03
N ALA V 18 95.83 -39.03 20.79
CA ALA V 18 94.98 -38.62 19.67
C ALA V 18 93.79 -39.56 19.52
N ILE V 19 94.02 -40.87 19.64
CA ILE V 19 92.91 -41.81 19.55
C ILE V 19 91.94 -41.58 20.69
N ALA V 20 92.45 -41.31 21.90
CA ALA V 20 91.57 -41.04 23.03
C ALA V 20 90.70 -39.82 22.79
N VAL V 21 91.27 -38.76 22.22
CA VAL V 21 90.51 -37.56 21.94
C VAL V 21 89.43 -37.82 20.90
N VAL V 22 89.76 -38.61 19.87
CA VAL V 22 88.76 -38.93 18.85
C VAL V 22 87.60 -39.70 19.47
N LEU V 23 87.91 -40.67 20.32
CA LEU V 23 86.85 -41.45 20.96
C LEU V 23 86.01 -40.58 21.91
N PHE V 24 86.64 -39.61 22.58
CA PHE V 24 85.86 -38.68 23.39
C PHE V 24 84.91 -37.85 22.53
N ALA V 25 85.39 -37.40 21.37
CA ALA V 25 84.53 -36.65 20.46
C ALA V 25 83.32 -37.48 20.05
N PHE V 26 83.54 -38.77 19.78
CA PHE V 26 82.41 -39.64 19.45
C PHE V 26 81.50 -39.87 20.66
N GLY V 27 82.07 -39.94 21.86
CA GLY V 27 81.27 -40.21 23.04
C GLY V 27 80.45 -39.02 23.51
N LEU V 28 80.80 -37.81 23.09
CA LEU V 28 80.02 -36.64 23.50
C LEU V 28 78.60 -36.65 22.95
N ILE V 29 78.37 -37.33 21.83
CA ILE V 29 77.12 -37.17 21.08
C ILE V 29 75.87 -37.49 21.90
N PRO V 30 75.79 -38.59 22.64
CA PRO V 30 74.52 -38.93 23.31
C PRO V 30 74.03 -37.88 24.29
N GLY V 31 74.93 -37.08 24.87
CA GLY V 31 74.49 -36.09 25.84
C GLY V 31 73.71 -34.95 25.21
N ILE V 32 73.88 -34.71 23.91
CA ILE V 32 73.22 -33.60 23.25
C ILE V 32 71.71 -33.81 23.20
N SER V 33 71.28 -35.06 23.04
CA SER V 33 69.86 -35.36 22.86
C SER V 33 69.01 -34.83 23.99
N ASN V 34 69.53 -34.85 25.22
CA ASN V 34 68.73 -34.49 26.38
C ASN V 34 68.42 -33.00 26.46
N GLN V 35 69.03 -32.20 25.59
CA GLN V 35 68.81 -30.75 25.65
C GLN V 35 67.43 -30.33 25.18
N GLY V 36 66.65 -31.22 24.58
CA GLY V 36 65.33 -30.86 24.10
C GLY V 36 64.23 -31.74 24.64
N SER V 37 64.40 -32.27 25.85
CA SER V 37 63.47 -33.26 26.37
C SER V 37 62.09 -32.68 26.66
N ILE V 38 62.01 -31.39 26.97
CA ILE V 38 60.81 -30.80 27.54
C ILE V 38 60.23 -29.76 26.59
N GLN V 39 58.89 -29.71 26.53
CA GLN V 39 58.19 -28.64 25.83
C GLN V 39 57.00 -28.17 26.64
N VAL V 40 56.81 -26.85 26.70
CA VAL V 40 55.67 -26.26 27.41
C VAL V 40 54.49 -26.18 26.44
N LEU V 41 53.32 -26.58 26.90
CA LEU V 41 52.12 -26.65 26.09
C LEU V 41 51.12 -25.58 26.51
N GLY V 42 50.72 -24.74 25.57
CA GLY V 42 49.64 -23.80 25.82
C GLY V 42 50.03 -22.70 26.79
N SER V 43 49.01 -21.92 27.16
CA SER V 43 49.21 -20.83 28.10
C SER V 43 49.27 -21.37 29.53
N GLY V 44 49.78 -20.51 30.42
CA GLY V 44 49.79 -20.79 31.84
C GLY V 44 49.13 -19.65 32.60
N THR V 45 49.13 -19.79 33.92
CA THR V 45 48.42 -18.85 34.78
C THR V 45 49.31 -18.40 35.93
N ILE V 46 49.33 -17.10 36.18
CA ILE V 46 49.94 -16.52 37.38
C ILE V 46 48.82 -16.11 38.33
N THR V 47 49.05 -16.33 39.62
CA THR V 47 48.08 -15.98 40.64
C THR V 47 48.80 -15.40 41.85
N ASN V 48 48.16 -14.46 42.53
CA ASN V 48 48.72 -13.80 43.70
C ASN V 48 48.43 -14.63 44.94
N SER V 49 49.49 -14.94 45.70
CA SER V 49 49.41 -15.92 46.79
C SER V 49 50.14 -15.45 48.05
N THR V 50 49.91 -14.21 48.45
CA THR V 50 50.56 -13.69 49.65
C THR V 50 49.53 -13.04 50.56
N ALA V 51 49.79 -13.13 51.87
CA ALA V 51 48.87 -12.63 52.89
C ALA V 51 49.16 -11.17 53.22
N SER V 52 48.25 -10.56 53.98
CA SER V 52 48.41 -9.18 54.38
C SER V 52 49.61 -9.00 55.31
N GLY V 53 50.40 -7.97 55.04
CA GLY V 53 51.56 -7.70 55.86
C GLY V 53 52.71 -8.66 55.68
N SER V 54 52.65 -9.51 54.66
CA SER V 54 53.71 -10.49 54.44
C SER V 54 55.02 -9.79 54.07
N SER V 55 56.13 -10.50 54.28
CA SER V 55 57.43 -9.95 53.91
C SER V 55 57.58 -9.87 52.40
N ARG V 56 56.86 -10.69 51.64
CA ARG V 56 57.12 -10.81 50.22
C ARG V 56 55.86 -11.22 49.47
N THR V 57 55.76 -10.74 48.23
CA THR V 57 54.76 -11.26 47.31
C THR V 57 55.24 -12.58 46.74
N ILE V 58 54.31 -13.53 46.63
CA ILE V 58 54.58 -14.81 46.00
C ILE V 58 53.46 -15.14 45.04
N TYR V 59 53.82 -15.62 43.85
CA TYR V 59 52.87 -15.89 42.79
C TYR V 59 52.92 -17.38 42.47
N ASN V 60 51.75 -18.00 42.44
CA ASN V 60 51.61 -19.37 41.96
C ASN V 60 51.57 -19.36 40.43
N ILE V 61 52.42 -20.16 39.80
CA ILE V 61 52.49 -20.24 38.36
C ILE V 61 52.19 -21.67 37.95
N THR V 62 51.18 -21.83 37.11
CA THR V 62 50.77 -23.13 36.60
C THR V 62 50.99 -23.17 35.09
N ILE V 63 51.71 -24.19 34.63
CA ILE V 63 51.98 -24.39 33.21
C ILE V 63 51.89 -25.88 32.90
N THR V 64 51.34 -26.22 31.74
CA THR V 64 51.35 -27.60 31.29
C THR V 64 52.69 -27.90 30.62
N VAL V 65 53.37 -28.95 31.09
CA VAL V 65 54.70 -29.30 30.63
C VAL V 65 54.71 -30.75 30.19
N LYS V 66 55.35 -31.03 29.06
CA LYS V 66 55.47 -32.37 28.51
C LYS V 66 56.94 -32.76 28.50
N ASN V 67 57.25 -33.89 29.12
CA ASN V 67 58.60 -34.42 29.18
C ASN V 67 58.71 -35.65 28.29
N THR V 68 59.76 -35.67 27.47
CA THR V 68 59.97 -36.76 26.52
C THR V 68 61.20 -37.60 26.82
N GLY V 69 62.01 -37.23 27.81
CA GLY V 69 63.22 -37.97 28.11
C GLY V 69 62.98 -39.13 29.06
N THR V 70 64.07 -39.84 29.35
CA THR V 70 64.02 -40.96 30.28
C THR V 70 64.06 -40.53 31.74
N THR V 71 64.41 -39.27 32.01
CA THR V 71 64.69 -38.82 33.37
C THR V 71 63.75 -37.68 33.76
N SER V 72 63.47 -37.61 35.06
CA SER V 72 62.65 -36.53 35.59
C SER V 72 63.42 -35.22 35.57
N ILE V 73 62.76 -34.13 35.17
CA ILE V 73 63.38 -32.83 35.03
C ILE V 73 62.56 -31.83 35.84
N SER V 74 63.25 -30.83 36.40
CA SER V 74 62.64 -29.85 37.28
C SER V 74 62.93 -28.45 36.80
N VAL V 75 62.08 -27.50 37.23
CA VAL V 75 62.30 -26.09 36.93
C VAL V 75 63.42 -25.55 37.82
N THR V 76 64.21 -24.63 37.26
CA THR V 76 65.27 -23.97 38.01
C THR V 76 65.12 -22.47 38.11
N SER V 77 64.58 -21.82 37.08
CA SER V 77 64.37 -20.38 37.12
C SER V 77 63.29 -20.01 36.12
N ILE V 78 62.66 -18.86 36.36
CA ILE V 78 61.67 -18.30 35.46
C ILE V 78 61.96 -16.82 35.29
N ASN V 79 61.76 -16.31 34.08
CA ASN V 79 61.98 -14.91 33.77
C ASN V 79 60.73 -14.38 33.09
N ILE V 80 59.98 -13.55 33.79
CA ILE V 80 58.67 -13.09 33.35
C ILE V 80 58.75 -11.61 33.01
N ASN V 81 58.34 -11.26 31.79
CA ASN V 81 58.25 -9.87 31.36
C ASN V 81 59.59 -9.15 31.45
N GLY V 82 60.69 -9.92 31.39
CA GLY V 82 62.02 -9.40 31.49
C GLY V 82 62.64 -9.51 32.87
N GLN V 83 61.81 -9.58 33.91
CA GLN V 83 62.29 -9.64 35.29
C GLN V 83 62.54 -11.08 35.70
N PRO V 84 63.68 -11.37 36.34
CA PRO V 84 63.93 -12.72 36.84
C PRO V 84 63.23 -12.96 38.17
N PHE V 85 62.73 -14.18 38.35
CA PHE V 85 62.02 -14.57 39.56
C PHE V 85 62.73 -15.75 40.22
N ASN V 86 62.62 -15.84 41.54
CA ASN V 86 63.25 -16.88 42.34
C ASN V 86 62.19 -17.85 42.81
N ILE V 87 62.46 -19.14 42.66
CA ILE V 87 61.49 -20.18 42.95
C ILE V 87 61.58 -20.53 44.46
N ASN V 88 60.56 -20.14 45.27
CA ASN V 88 60.05 -20.85 46.47
C ASN V 88 59.93 -22.40 46.49
N GLY V 89 60.53 -22.90 47.54
CA GLY V 89 60.42 -24.25 48.01
C GLY V 89 61.10 -25.23 47.09
N THR V 90 60.71 -26.48 47.26
CA THR V 90 61.27 -27.56 46.46
C THR V 90 60.67 -27.50 45.05
N ALA V 91 61.53 -27.42 44.05
CA ALA V 91 61.07 -27.27 42.68
C ALA V 91 60.34 -28.54 42.25
N PRO V 92 59.22 -28.43 41.55
CA PRO V 92 58.49 -29.62 41.12
C PRO V 92 59.27 -30.41 40.09
N SER V 93 59.10 -31.72 40.12
CA SER V 93 59.74 -32.63 39.17
C SER V 93 58.72 -33.11 38.15
N ILE V 94 59.12 -33.17 36.90
CA ILE V 94 58.24 -33.58 35.81
C ILE V 94 58.59 -35.01 35.42
N PRO V 95 57.68 -35.97 35.62
CA PRO V 95 58.02 -37.37 35.38
C PRO V 95 58.42 -37.64 33.93
N ALA V 96 59.12 -38.75 33.73
CA ALA V 96 59.87 -39.00 32.49
C ALA V 96 59.01 -38.81 31.24
N GLY V 97 57.97 -39.62 31.09
CA GLY V 97 57.19 -39.61 29.87
C GLY V 97 55.86 -38.91 29.92
N ARG V 98 55.55 -38.22 31.02
CA ARG V 98 54.20 -37.74 31.24
C ARG V 98 54.05 -36.26 30.87
N THR V 99 52.81 -35.89 30.57
CA THR V 99 52.42 -34.49 30.38
C THR V 99 51.58 -34.07 31.57
N GLN V 100 52.03 -33.03 32.27
CA GLN V 100 51.37 -32.66 33.52
C GLN V 100 51.19 -31.15 33.66
N PRO V 101 50.08 -30.71 34.25
CA PRO V 101 49.99 -29.33 34.75
C PRO V 101 50.83 -29.20 36.02
N ILE V 102 51.89 -28.42 35.94
CA ILE V 102 52.84 -28.25 37.03
C ILE V 102 52.65 -26.85 37.62
N THR V 103 52.61 -26.77 38.94
CA THR V 103 52.40 -25.51 39.65
C THR V 103 53.55 -25.29 40.62
N PHE V 104 54.06 -24.06 40.66
CA PHE V 104 55.16 -23.74 41.56
C PHE V 104 55.07 -22.29 42.00
N GLU V 105 55.71 -22.01 43.13
CA GLU V 105 55.64 -20.71 43.79
C GLU V 105 56.90 -19.91 43.51
N VAL V 106 56.74 -18.65 43.11
CA VAL V 106 57.87 -17.79 42.78
C VAL V 106 57.72 -16.45 43.48
N THR V 107 58.86 -15.79 43.69
CA THR V 107 58.91 -14.46 44.28
C THR V 107 59.87 -13.58 43.50
N PRO V 108 59.56 -12.31 43.31
CA PRO V 108 60.43 -11.47 42.48
C PRO V 108 61.77 -11.21 43.13
N ALA V 109 62.83 -11.24 42.30
CA ALA V 109 64.18 -11.02 42.78
C ALA V 109 64.70 -9.62 42.46
N SER V 110 64.34 -9.08 41.30
CA SER V 110 64.85 -7.77 40.91
C SER V 110 64.04 -6.63 41.53
N GLY V 111 62.72 -6.73 41.49
CA GLY V 111 61.87 -5.68 42.02
C GLY V 111 60.42 -6.07 41.88
N LYS V 112 59.56 -5.20 42.43
CA LYS V 112 58.14 -5.49 42.47
C LYS V 112 57.54 -5.47 41.07
N PRO V 113 56.94 -6.57 40.61
CA PRO V 113 56.28 -6.56 39.29
C PRO V 113 54.84 -6.10 39.43
N ASN V 114 54.44 -5.18 38.56
CA ASN V 114 53.08 -4.64 38.59
C ASN V 114 52.21 -5.39 37.57
N PHE V 115 51.87 -6.63 37.94
CA PHE V 115 50.99 -7.42 37.11
C PHE V 115 49.60 -6.78 37.05
N SER V 116 48.96 -6.90 35.89
CA SER V 116 47.65 -6.33 35.66
C SER V 116 46.63 -7.44 35.45
N PRO V 117 45.46 -7.38 36.09
CA PRO V 117 44.47 -8.45 35.94
C PRO V 117 44.10 -8.73 34.50
N GLY V 118 44.23 -10.00 34.09
CA GLY V 118 43.88 -10.42 32.76
C GLY V 118 44.93 -10.19 31.70
N ALA V 119 46.06 -9.57 32.05
CA ALA V 119 47.10 -9.30 31.06
C ALA V 119 47.84 -10.57 30.69
N SER V 120 48.52 -10.51 29.54
CA SER V 120 49.31 -11.61 29.02
C SER V 120 50.78 -11.23 29.04
N TYR V 121 51.62 -12.12 29.57
CA TYR V 121 53.04 -11.85 29.75
C TYR V 121 53.86 -12.98 29.14
N THR V 122 54.93 -12.62 28.45
CA THR V 122 55.88 -13.62 27.96
C THR V 122 56.83 -14.01 29.07
N ALA V 123 57.18 -15.29 29.10
CA ALA V 123 58.10 -15.81 30.10
C ALA V 123 58.98 -16.87 29.46
N THR V 124 60.13 -17.12 30.06
CA THR V 124 61.00 -18.21 29.67
C THR V 124 61.19 -19.13 30.87
N ILE V 125 60.81 -20.39 30.72
CA ILE V 125 60.97 -21.39 31.77
C ILE V 125 62.28 -22.12 31.51
N TYR V 126 63.14 -22.17 32.52
CA TYR V 126 64.42 -22.82 32.41
C TYR V 126 64.39 -24.09 33.24
N PHE V 127 64.67 -25.22 32.60
CA PHE V 127 64.56 -26.53 33.24
C PHE V 127 65.94 -27.07 33.58
N SER V 128 65.96 -28.10 34.43
CA SER V 128 67.23 -28.62 34.94
C SER V 128 68.08 -29.23 33.85
N ASN V 129 67.48 -29.65 32.75
CA ASN V 129 68.26 -30.19 31.64
C ASN V 129 68.92 -29.10 30.81
N GLY V 130 68.95 -27.86 31.28
CA GLY V 130 69.58 -26.78 30.52
C GLY V 130 68.78 -26.30 29.33
N GLN V 131 67.45 -26.44 29.38
CA GLN V 131 66.58 -26.09 28.27
C GLN V 131 65.68 -24.93 28.66
N GLY V 132 65.60 -23.94 27.76
CA GLY V 132 64.69 -22.81 27.94
C GLY V 132 63.50 -22.95 27.00
N ALA V 133 62.31 -22.66 27.54
CA ALA V 133 61.08 -22.80 26.79
C ALA V 133 60.27 -21.52 26.88
N PRO V 134 59.89 -20.92 25.75
CA PRO V 134 58.97 -19.77 25.80
C PRO V 134 57.60 -20.20 26.30
N ALA V 135 56.94 -19.29 27.01
CA ALA V 135 55.61 -19.54 27.55
C ALA V 135 54.86 -18.22 27.64
N THR V 136 53.54 -18.32 27.64
CA THR V 136 52.65 -17.17 27.75
C THR V 136 51.77 -17.36 28.97
N LEU V 137 51.85 -16.42 29.92
CA LEU V 137 51.17 -16.52 31.19
C LEU V 137 50.11 -15.44 31.31
N ILE V 138 48.90 -15.83 31.66
CA ILE V 138 47.81 -14.91 31.93
C ILE V 138 47.74 -14.68 33.43
N TYR V 139 47.64 -13.42 33.84
CA TYR V 139 47.57 -13.07 35.25
C TYR V 139 46.10 -13.12 35.68
N GLN V 140 45.74 -14.11 36.49
CA GLN V 140 44.36 -14.31 36.90
C GLN V 140 43.94 -13.43 38.07
N GLY V 141 44.89 -12.84 38.79
CA GLY V 141 44.56 -12.03 39.95
C GLY V 141 45.54 -12.18 41.09
N LEU W 1 117.70 -35.27 25.08
CA LEU W 1 117.12 -34.79 26.34
C LEU W 1 116.21 -33.58 26.09
N SER W 2 116.49 -32.86 24.99
CA SER W 2 115.76 -31.63 24.72
C SER W 2 114.35 -31.91 24.24
N GLY W 3 114.11 -33.08 23.63
CA GLY W 3 112.81 -33.35 23.03
C GLY W 3 111.68 -33.32 24.03
N ALA W 4 111.90 -33.90 25.21
CA ALA W 4 110.86 -33.91 26.23
C ALA W 4 110.55 -32.49 26.71
N ILE W 5 111.57 -31.65 26.88
CA ILE W 5 111.34 -30.28 27.31
C ILE W 5 110.58 -29.50 26.25
N VAL W 6 110.93 -29.70 24.98
CA VAL W 6 110.21 -29.03 23.90
C VAL W 6 108.75 -29.48 23.88
N ALA W 7 108.51 -30.78 24.04
CA ALA W 7 107.15 -31.28 24.05
C ALA W 7 106.36 -30.70 25.22
N LEU W 8 106.99 -30.60 26.39
CA LEU W 8 106.32 -30.02 27.56
C LEU W 8 105.94 -28.57 27.32
N ILE W 9 106.88 -27.78 26.78
CA ILE W 9 106.60 -26.37 26.50
C ILE W 9 105.45 -26.26 25.52
N LEU W 10 105.48 -27.07 24.45
CA LEU W 10 104.43 -26.99 23.45
C LEU W 10 103.08 -27.43 23.99
N VAL W 11 103.06 -28.40 24.89
CA VAL W 11 101.79 -28.85 25.47
C VAL W 11 101.17 -27.74 26.31
N ILE W 12 101.97 -27.13 27.20
CA ILE W 12 101.45 -26.08 28.06
C ILE W 12 101.03 -24.87 27.21
N ALA W 13 101.85 -24.51 26.22
CA ALA W 13 101.51 -23.39 25.35
C ALA W 13 100.25 -23.69 24.55
N GLY W 14 100.04 -24.94 24.15
CA GLY W 14 98.82 -25.28 23.45
C GLY W 14 97.59 -25.08 24.31
N VAL W 15 97.68 -25.49 25.57
CA VAL W 15 96.57 -25.22 26.50
C VAL W 15 96.29 -23.72 26.56
N ILE W 16 97.36 -22.92 26.72
CA ILE W 16 97.20 -21.48 26.87
C ILE W 16 96.58 -20.87 25.61
N ILE W 17 97.08 -21.26 24.44
CA ILE W 17 96.61 -20.67 23.19
C ILE W 17 95.16 -21.05 22.92
N ALA W 18 94.79 -22.30 23.22
CA ALA W 18 93.40 -22.71 23.02
C ALA W 18 92.47 -21.90 23.90
N ILE W 19 92.85 -21.70 25.16
CA ILE W 19 92.00 -20.88 26.05
C ILE W 19 91.91 -19.46 25.53
N ALA W 20 93.02 -18.91 25.03
CA ALA W 20 93.01 -17.55 24.50
C ALA W 20 92.07 -17.43 23.30
N VAL W 21 92.09 -18.42 22.41
CA VAL W 21 91.19 -18.42 21.26
C VAL W 21 89.74 -18.46 21.72
N VAL W 22 89.45 -19.30 22.71
CA VAL W 22 88.09 -19.39 23.23
C VAL W 22 87.63 -18.03 23.76
N LEU W 23 88.50 -17.33 24.50
CA LEU W 23 88.12 -16.03 25.03
C LEU W 23 87.93 -15.00 23.92
N PHE W 24 88.78 -15.03 22.90
CA PHE W 24 88.66 -14.09 21.79
C PHE W 24 87.33 -14.26 21.07
N ALA W 25 86.88 -15.51 20.91
CA ALA W 25 85.60 -15.77 20.26
C ALA W 25 84.48 -14.99 20.93
N PHE W 26 84.40 -15.03 22.26
CA PHE W 26 83.39 -14.24 22.96
C PHE W 26 83.67 -12.76 22.88
N GLY W 27 84.95 -12.36 22.93
CA GLY W 27 85.28 -10.96 22.85
C GLY W 27 84.82 -10.28 21.58
N LEU W 28 84.58 -11.05 20.52
CA LEU W 28 84.06 -10.45 19.28
C LEU W 28 82.64 -9.89 19.40
N ILE W 29 81.73 -10.59 20.10
CA ILE W 29 80.30 -10.30 19.96
C ILE W 29 79.88 -8.89 20.37
N PRO W 30 80.40 -8.28 21.45
CA PRO W 30 79.94 -6.92 21.79
C PRO W 30 80.23 -5.91 20.70
N GLY W 31 81.25 -6.15 19.87
CA GLY W 31 81.46 -5.29 18.72
C GLY W 31 80.41 -5.48 17.64
N ILE W 32 80.06 -6.75 17.36
CA ILE W 32 79.07 -7.01 16.31
C ILE W 32 77.71 -6.48 16.70
N SER W 33 77.43 -6.40 18.00
CA SER W 33 76.14 -5.86 18.44
C SER W 33 75.94 -4.41 17.99
N ASN W 34 77.02 -3.70 17.66
CA ASN W 34 76.90 -2.33 17.19
C ASN W 34 76.25 -2.23 15.82
N GLN W 35 76.10 -3.35 15.11
CA GLN W 35 75.47 -3.33 13.80
C GLN W 35 74.02 -2.86 13.87
N GLY W 36 73.39 -2.95 15.04
CA GLY W 36 72.01 -2.54 15.19
C GLY W 36 71.83 -1.43 16.21
N SER W 37 72.75 -0.47 16.22
CA SER W 37 72.72 0.60 17.20
C SER W 37 71.49 1.50 17.04
N ILE W 38 71.04 1.71 15.80
CA ILE W 38 70.11 2.78 15.49
C ILE W 38 68.74 2.22 15.14
N GLN W 39 67.70 2.90 15.60
CA GLN W 39 66.32 2.62 15.24
C GLN W 39 65.67 3.91 14.76
N VAL W 40 65.00 3.86 13.61
CA VAL W 40 64.24 4.99 13.10
C VAL W 40 62.78 4.74 13.43
N LEU W 41 62.18 5.62 14.23
CA LEU W 41 60.86 5.37 14.77
C LEU W 41 59.93 6.54 14.47
N GLY W 42 58.67 6.22 14.19
CA GLY W 42 57.70 7.21 13.79
C GLY W 42 57.76 7.50 12.30
N SER W 43 56.71 8.15 11.80
CA SER W 43 56.65 8.50 10.39
C SER W 43 57.38 9.81 10.15
N GLY W 44 58.32 9.80 9.22
CA GLY W 44 59.05 10.99 8.87
C GLY W 44 58.31 11.85 7.85
N THR W 45 58.93 12.97 7.50
CA THR W 45 58.34 13.90 6.56
C THR W 45 59.39 14.41 5.58
N ILE W 46 58.99 14.55 4.33
CA ILE W 46 59.82 15.11 3.26
C ILE W 46 59.11 16.34 2.71
N THR W 47 59.85 17.44 2.60
CA THR W 47 59.27 18.73 2.23
C THR W 47 60.07 19.40 1.12
N ASN W 48 59.38 20.15 0.25
CA ASN W 48 60.06 20.88 -0.81
C ASN W 48 60.84 22.05 -0.20
N SER W 49 62.13 22.16 -0.57
CA SER W 49 63.00 23.18 0.00
C SER W 49 63.87 23.82 -1.06
N THR W 50 63.37 23.88 -2.30
CA THR W 50 64.20 24.22 -3.44
C THR W 50 64.39 25.72 -3.64
N ALA W 51 63.65 26.56 -2.91
CA ALA W 51 63.74 28.01 -3.06
C ALA W 51 63.29 28.47 -4.45
N SER W 52 62.07 28.08 -4.83
CA SER W 52 61.38 28.62 -6.00
C SER W 52 62.17 28.43 -7.30
N GLY W 53 62.96 27.37 -7.38
CA GLY W 53 63.74 27.10 -8.57
C GLY W 53 65.16 27.60 -8.53
N SER W 54 65.60 28.13 -7.38
CA SER W 54 66.97 28.58 -7.20
C SER W 54 67.92 27.46 -6.79
N SER W 55 67.45 26.23 -6.65
CA SER W 55 68.31 25.12 -6.24
C SER W 55 67.94 23.86 -7.01
N ARG W 56 68.87 22.91 -7.05
CA ARG W 56 68.68 21.65 -7.79
C ARG W 56 67.77 20.69 -7.04
N THR W 57 66.53 21.15 -6.86
CA THR W 57 65.44 20.37 -6.27
C THR W 57 65.88 19.71 -4.96
N ILE W 58 66.17 20.55 -3.97
CA ILE W 58 66.63 20.06 -2.68
C ILE W 58 65.45 19.90 -1.73
N TYR W 59 65.34 18.72 -1.12
CA TYR W 59 64.24 18.37 -0.24
C TYR W 59 64.69 18.31 1.21
N ASN W 60 63.69 18.27 2.11
CA ASN W 60 63.93 18.25 3.55
C ASN W 60 63.46 16.91 4.08
N ILE W 61 64.37 16.13 4.67
CA ILE W 61 64.02 14.86 5.30
C ILE W 61 64.12 15.02 6.80
N THR W 62 63.01 14.80 7.50
CA THR W 62 62.96 14.83 8.96
C THR W 62 62.47 13.48 9.46
N ILE W 63 63.26 12.86 10.35
CA ILE W 63 62.95 11.54 10.90
C ILE W 63 63.41 11.49 12.35
N THR W 64 62.67 10.79 13.19
CA THR W 64 63.07 10.60 14.59
C THR W 64 63.96 9.38 14.71
N VAL W 65 65.19 9.57 15.19
CA VAL W 65 66.20 8.53 15.23
C VAL W 65 66.63 8.33 16.68
N LYS W 66 66.76 7.06 17.07
CA LYS W 66 67.20 6.65 18.40
C LYS W 66 68.51 5.89 18.26
N ASN W 67 69.52 6.31 19.01
CA ASN W 67 70.84 5.69 18.97
C ASN W 67 71.08 4.98 20.29
N THR W 68 71.30 3.68 20.22
CA THR W 68 71.54 2.84 21.39
C THR W 68 73.02 2.57 21.62
N GLY W 69 73.86 2.74 20.60
CA GLY W 69 75.28 2.50 20.73
C GLY W 69 75.99 3.56 21.54
N THR W 70 77.28 3.35 21.75
CA THR W 70 78.10 4.25 22.56
C THR W 70 78.87 5.26 21.72
N THR W 71 78.65 5.31 20.41
CA THR W 71 79.35 6.25 19.54
C THR W 71 78.35 7.07 18.75
N SER W 72 78.77 8.28 18.38
CA SER W 72 77.96 9.11 17.49
C SER W 72 77.98 8.50 16.10
N ILE W 73 76.81 8.40 15.48
CA ILE W 73 76.66 7.71 14.20
C ILE W 73 75.99 8.66 13.22
N SER W 74 76.44 8.63 11.97
CA SER W 74 76.05 9.61 10.96
C SER W 74 75.36 8.93 9.78
N VAL W 75 74.56 9.72 9.07
CA VAL W 75 73.85 9.25 7.88
C VAL W 75 74.81 9.34 6.70
N THR W 76 75.15 8.19 6.12
CA THR W 76 76.08 8.17 4.99
C THR W 76 75.39 8.29 3.64
N SER W 77 74.22 7.69 3.47
CA SER W 77 73.50 7.74 2.21
C SER W 77 72.02 7.49 2.46
N ILE W 78 71.21 7.84 1.48
CA ILE W 78 69.76 7.65 1.57
C ILE W 78 69.22 7.22 0.21
N ASN W 79 68.26 6.29 0.24
CA ASN W 79 67.53 5.86 -0.94
C ASN W 79 66.06 6.06 -0.64
N ILE W 80 65.36 6.76 -1.54
CA ILE W 80 63.94 7.07 -1.37
C ILE W 80 63.17 6.36 -2.48
N ASN W 81 62.32 5.41 -2.09
CA ASN W 81 61.44 4.69 -3.02
C ASN W 81 62.23 4.05 -4.16
N GLY W 82 63.40 3.50 -3.84
CA GLY W 82 64.24 2.86 -4.82
C GLY W 82 65.20 3.79 -5.54
N GLN W 83 65.00 5.10 -5.46
CA GLN W 83 65.87 6.05 -6.14
C GLN W 83 67.01 6.48 -5.23
N PRO W 84 68.24 6.56 -5.74
CA PRO W 84 69.34 7.04 -4.91
C PRO W 84 69.22 8.53 -4.65
N PHE W 85 69.75 8.97 -3.51
CA PHE W 85 69.72 10.38 -3.16
C PHE W 85 71.06 10.74 -2.51
N ASN W 86 71.41 12.02 -2.58
CA ASN W 86 72.68 12.52 -2.06
C ASN W 86 72.41 13.65 -1.07
N ILE W 87 73.04 13.57 0.11
CA ILE W 87 72.87 14.61 1.11
C ILE W 87 73.57 15.88 0.63
N ASN W 88 72.89 17.03 0.76
CA ASN W 88 73.43 18.27 0.22
C ASN W 88 74.44 18.94 1.14
N GLY W 89 74.23 18.91 2.45
CA GLY W 89 75.16 19.47 3.41
C GLY W 89 76.04 18.41 4.04
N THR W 90 76.65 18.79 5.16
CA THR W 90 77.38 17.81 5.96
C THR W 90 76.39 16.84 6.60
N ALA W 91 76.80 15.59 6.73
CA ALA W 91 75.89 14.55 7.21
C ALA W 91 75.50 14.82 8.65
N PRO W 92 74.23 14.64 9.00
CA PRO W 92 73.83 14.72 10.41
C PRO W 92 74.38 13.55 11.21
N SER W 93 74.58 13.77 12.49
CA SER W 93 75.15 12.76 13.38
C SER W 93 74.28 12.66 14.63
N ILE W 94 74.00 11.43 15.05
CA ILE W 94 73.14 11.15 16.20
C ILE W 94 74.03 10.77 17.37
N PRO W 95 74.02 11.53 18.46
CA PRO W 95 74.86 11.18 19.61
C PRO W 95 74.37 9.94 20.33
N ALA W 96 75.25 9.38 21.16
CA ALA W 96 74.93 8.15 21.86
C ALA W 96 73.79 8.34 22.85
N GLY W 97 72.92 7.33 22.93
CA GLY W 97 71.83 7.32 23.87
C GLY W 97 70.67 8.24 23.54
N ARG W 98 70.80 9.10 22.53
CA ARG W 98 69.79 10.11 22.25
C ARG W 98 68.65 9.54 21.41
N THR W 99 67.49 10.16 21.55
CA THR W 99 66.38 10.02 20.61
C THR W 99 66.00 11.43 20.18
N GLN W 100 66.19 11.73 18.90
CA GLN W 100 66.03 13.12 18.47
C GLN W 100 65.60 13.18 17.02
N PRO W 101 64.96 14.29 16.61
CA PRO W 101 64.62 14.47 15.20
C PRO W 101 65.80 14.94 14.36
N ILE W 102 66.28 14.07 13.47
CA ILE W 102 67.29 14.42 12.50
C ILE W 102 66.62 15.05 11.29
N THR W 103 67.13 16.19 10.85
CA THR W 103 66.66 16.86 9.64
C THR W 103 67.85 17.14 8.74
N PHE W 104 67.74 16.76 7.47
CA PHE W 104 68.83 17.00 6.54
C PHE W 104 68.32 17.24 5.13
N GLU W 105 69.12 17.97 4.36
CA GLU W 105 68.81 18.28 2.97
C GLU W 105 69.26 17.16 2.05
N VAL W 106 68.52 16.95 0.97
CA VAL W 106 68.82 15.87 0.05
C VAL W 106 68.52 16.29 -1.39
N THR W 107 69.23 15.68 -2.32
CA THR W 107 69.17 15.93 -3.75
C THR W 107 68.97 14.62 -4.49
N PRO W 108 68.29 14.64 -5.63
CA PRO W 108 68.24 13.44 -6.47
C PRO W 108 69.61 13.15 -7.07
N ALA W 109 70.05 11.90 -6.94
CA ALA W 109 71.31 11.51 -7.56
C ALA W 109 71.21 11.46 -9.07
N SER W 110 70.05 11.08 -9.60
CA SER W 110 69.80 11.09 -11.03
C SER W 110 68.32 11.31 -11.27
N GLY W 111 68.00 11.96 -12.38
CA GLY W 111 66.62 12.20 -12.71
C GLY W 111 66.00 13.29 -11.85
N LYS W 112 64.67 13.30 -11.84
CA LYS W 112 63.89 14.31 -11.12
C LYS W 112 62.64 13.63 -10.59
N PRO W 113 62.68 13.12 -9.36
CA PRO W 113 61.51 12.45 -8.82
C PRO W 113 60.45 13.45 -8.43
N ASN W 114 59.20 13.11 -8.74
CA ASN W 114 58.06 13.97 -8.46
C ASN W 114 57.21 13.33 -7.37
N PHE W 115 56.88 14.12 -6.35
CA PHE W 115 56.12 13.64 -5.21
C PHE W 115 54.74 14.27 -5.20
N SER W 116 53.76 13.51 -4.70
CA SER W 116 52.40 14.02 -4.59
C SER W 116 52.05 14.31 -3.15
N PRO W 117 51.26 15.35 -2.88
CA PRO W 117 50.94 15.71 -1.50
C PRO W 117 50.26 14.56 -0.75
N GLY W 118 50.71 14.33 0.47
CA GLY W 118 50.12 13.33 1.33
C GLY W 118 50.48 11.89 1.02
N ALA W 119 51.25 11.63 -0.03
CA ALA W 119 51.62 10.27 -0.37
C ALA W 119 52.71 9.77 0.57
N SER W 120 52.79 8.46 0.71
CA SER W 120 53.79 7.81 1.57
C SER W 120 54.88 7.20 0.69
N TYR W 121 56.13 7.56 0.97
CA TYR W 121 57.27 7.08 0.24
C TYR W 121 58.23 6.40 1.21
N THR W 122 58.62 5.17 0.91
CA THR W 122 59.54 4.46 1.77
C THR W 122 60.98 4.85 1.44
N ALA W 123 61.76 5.10 2.48
CA ALA W 123 63.15 5.49 2.34
C ALA W 123 64.01 4.62 3.25
N THR W 124 65.17 4.21 2.76
CA THR W 124 66.14 3.47 3.55
C THR W 124 67.30 4.39 3.88
N ILE W 125 67.49 4.65 5.17
CA ILE W 125 68.58 5.50 5.62
C ILE W 125 69.73 4.59 6.04
N TYR W 126 70.89 4.78 5.41
CA TYR W 126 72.07 3.98 5.70
C TYR W 126 72.96 4.79 6.63
N PHE W 127 73.21 4.25 7.81
CA PHE W 127 74.02 4.93 8.81
C PHE W 127 75.44 4.39 8.77
N SER W 128 76.33 5.05 9.51
CA SER W 128 77.75 4.72 9.44
C SER W 128 78.06 3.32 9.95
N ASN W 129 77.13 2.70 10.68
CA ASN W 129 77.30 1.30 11.07
C ASN W 129 77.17 0.35 9.89
N GLY W 130 76.74 0.84 8.73
CA GLY W 130 76.28 -0.02 7.67
C GLY W 130 74.84 -0.47 7.83
N GLN W 131 74.20 -0.09 8.92
CA GLN W 131 72.81 -0.46 9.15
C GLN W 131 71.89 0.35 8.25
N GLY W 132 70.97 -0.35 7.58
CA GLY W 132 70.00 0.32 6.75
C GLY W 132 68.61 0.26 7.34
N ALA W 133 68.11 1.39 7.82
CA ALA W 133 66.82 1.44 8.48
C ALA W 133 65.75 1.84 7.48
N PRO W 134 64.72 1.01 7.25
CA PRO W 134 63.59 1.46 6.44
C PRO W 134 62.66 2.35 7.27
N ALA W 135 62.11 3.36 6.60
CA ALA W 135 61.21 4.31 7.24
C ALA W 135 60.22 4.81 6.21
N THR W 136 59.14 5.41 6.69
CA THR W 136 58.09 5.94 5.82
C THR W 136 58.04 7.45 5.96
N LEU W 137 58.15 8.15 4.83
CA LEU W 137 58.11 9.60 4.78
C LEU W 137 56.80 10.03 4.13
N ILE W 138 56.11 10.97 4.75
CA ILE W 138 54.89 11.55 4.18
C ILE W 138 55.25 12.89 3.58
N TYR W 139 54.99 13.04 2.28
CA TYR W 139 55.31 14.28 1.59
C TYR W 139 54.37 15.39 2.05
N GLN W 140 54.93 16.56 2.34
CA GLN W 140 54.17 17.67 2.91
C GLN W 140 54.27 18.96 2.11
N GLY W 141 55.14 19.03 1.12
CA GLY W 141 55.34 20.27 0.39
C GLY W 141 54.26 20.60 -0.62
N LEU X 1 114.62 -30.93 19.39
CA LEU X 1 114.44 -29.81 18.48
C LEU X 1 113.36 -30.10 17.44
N SER X 2 113.09 -31.38 17.22
CA SER X 2 112.17 -31.79 16.16
C SER X 2 110.77 -31.25 16.42
N GLY X 3 110.32 -31.29 17.68
CA GLY X 3 108.95 -30.93 17.98
C GLY X 3 108.60 -29.52 17.60
N ALA X 4 109.51 -28.56 17.88
CA ALA X 4 109.23 -27.16 17.59
C ALA X 4 109.12 -26.93 16.08
N ILE X 5 110.04 -27.50 15.31
CA ILE X 5 110.01 -27.31 13.86
C ILE X 5 108.77 -27.97 13.26
N VAL X 6 108.41 -29.16 13.75
CA VAL X 6 107.21 -29.82 13.23
C VAL X 6 105.97 -29.01 13.57
N ALA X 7 105.89 -28.48 14.78
CA ALA X 7 104.75 -27.64 15.16
C ALA X 7 104.68 -26.40 14.29
N LEU X 8 105.82 -25.77 13.99
CA LEU X 8 105.83 -24.60 13.13
C LEU X 8 105.38 -24.95 11.72
N ILE X 9 105.83 -26.10 11.19
CA ILE X 9 105.39 -26.54 9.87
C ILE X 9 103.88 -26.70 9.85
N LEU X 10 103.33 -27.36 10.88
CA LEU X 10 101.89 -27.58 10.91
C LEU X 10 101.12 -26.28 11.11
N VAL X 11 101.68 -25.32 11.84
CA VAL X 11 101.01 -24.03 12.01
C VAL X 11 100.92 -23.31 10.66
N ILE X 12 102.03 -23.26 9.92
CA ILE X 12 102.01 -22.59 8.63
C ILE X 12 101.06 -23.30 7.67
N ALA X 13 101.10 -24.63 7.66
CA ALA X 13 100.22 -25.38 6.76
C ALA X 13 98.76 -25.19 7.13
N GLY X 14 98.45 -25.11 8.42
CA GLY X 14 97.09 -24.84 8.83
C GLY X 14 96.63 -23.48 8.37
N VAL X 15 97.50 -22.48 8.48
CA VAL X 15 97.18 -21.15 7.94
C VAL X 15 96.85 -21.26 6.45
N ILE X 16 97.68 -21.98 5.71
CA ILE X 16 97.50 -22.10 4.27
C ILE X 16 96.15 -22.73 3.94
N ILE X 17 95.85 -23.88 4.58
CA ILE X 17 94.64 -24.60 4.24
C ILE X 17 93.39 -23.83 4.69
N ALA X 18 93.47 -23.18 5.85
CA ALA X 18 92.34 -22.40 6.32
C ALA X 18 92.04 -21.24 5.38
N ILE X 19 93.08 -20.54 4.93
CA ILE X 19 92.86 -19.43 4.00
C ILE X 19 92.31 -19.96 2.68
N ALA X 20 92.77 -21.14 2.24
CA ALA X 20 92.22 -21.73 1.02
C ALA X 20 90.73 -22.01 1.18
N VAL X 21 90.33 -22.56 2.32
CA VAL X 21 88.91 -22.83 2.54
C VAL X 21 88.10 -21.53 2.61
N VAL X 22 88.66 -20.48 3.22
CA VAL X 22 87.96 -19.20 3.28
C VAL X 22 87.76 -18.64 1.88
N LEU X 23 88.78 -18.73 1.04
CA LEU X 23 88.66 -18.25 -0.34
C LEU X 23 87.65 -19.10 -1.12
N PHE X 24 87.58 -20.39 -0.84
CA PHE X 24 86.56 -21.24 -1.46
C PHE X 24 85.16 -20.79 -1.05
N ALA X 25 84.99 -20.46 0.24
CA ALA X 25 83.70 -19.97 0.72
C ALA X 25 83.33 -18.68 0.01
N PHE X 26 84.30 -17.78 -0.17
CA PHE X 26 84.03 -16.55 -0.91
C PHE X 26 83.69 -16.82 -2.37
N GLY X 27 84.32 -17.84 -2.97
CA GLY X 27 84.03 -18.18 -4.34
C GLY X 27 82.71 -18.88 -4.57
N LEU X 28 82.13 -19.47 -3.52
CA LEU X 28 80.80 -20.07 -3.67
C LEU X 28 79.70 -19.04 -3.86
N ILE X 29 79.88 -17.83 -3.35
CA ILE X 29 78.83 -16.82 -3.28
C ILE X 29 78.19 -16.54 -4.65
N PRO X 30 78.96 -16.32 -5.73
CA PRO X 30 78.31 -16.01 -7.02
C PRO X 30 77.35 -17.08 -7.50
N GLY X 31 77.65 -18.36 -7.27
CA GLY X 31 76.75 -19.41 -7.71
C GLY X 31 75.44 -19.43 -6.95
N ILE X 32 75.50 -19.25 -5.63
CA ILE X 32 74.30 -19.30 -4.82
C ILE X 32 73.54 -17.98 -4.88
N SER X 33 74.25 -16.86 -4.87
CA SER X 33 73.63 -15.54 -4.86
C SER X 33 73.27 -15.20 -6.30
N ASN X 34 72.02 -15.49 -6.66
CA ASN X 34 71.53 -15.26 -8.02
C ASN X 34 70.12 -14.69 -7.89
N GLN X 35 70.03 -13.36 -7.86
CA GLN X 35 68.74 -12.71 -7.84
C GLN X 35 68.11 -12.77 -9.23
N GLY X 36 66.87 -12.31 -9.32
CA GLY X 36 66.15 -12.38 -10.56
C GLY X 36 65.38 -13.67 -10.70
N SER X 37 64.21 -13.59 -11.32
CA SER X 37 63.33 -14.74 -11.41
C SER X 37 62.35 -14.50 -12.54
N ILE X 38 61.66 -15.56 -12.93
CA ILE X 38 60.55 -15.43 -13.86
C ILE X 38 59.29 -15.10 -13.08
N GLN X 39 58.64 -14.00 -13.46
CA GLN X 39 57.43 -13.53 -12.82
C GLN X 39 56.27 -13.68 -13.79
N VAL X 40 55.18 -14.29 -13.33
CA VAL X 40 53.99 -14.48 -14.15
C VAL X 40 53.01 -13.36 -13.83
N LEU X 41 52.68 -12.56 -14.85
CA LEU X 41 51.91 -11.33 -14.67
C LEU X 41 50.49 -11.57 -15.17
N GLY X 42 49.51 -11.32 -14.30
CA GLY X 42 48.12 -11.42 -14.69
C GLY X 42 47.66 -12.85 -14.88
N SER X 43 46.40 -12.98 -15.28
CA SER X 43 45.81 -14.28 -15.52
C SER X 43 46.15 -14.79 -16.91
N GLY X 44 46.44 -16.09 -17.01
CA GLY X 44 46.61 -16.74 -18.28
C GLY X 44 45.32 -17.40 -18.74
N THR X 45 45.41 -18.09 -19.88
CA THR X 45 44.25 -18.72 -20.49
C THR X 45 44.58 -20.15 -20.92
N ILE X 46 43.60 -21.04 -20.73
CA ILE X 46 43.65 -22.41 -21.25
C ILE X 46 42.60 -22.53 -22.34
N THR X 47 43.01 -23.03 -23.50
CA THR X 47 42.10 -23.21 -24.63
C THR X 47 42.22 -24.63 -25.13
N ASN X 48 41.09 -25.22 -25.53
CA ASN X 48 41.09 -26.61 -25.98
C ASN X 48 41.65 -26.70 -27.40
N SER X 49 42.80 -27.35 -27.54
CA SER X 49 43.44 -27.52 -28.83
C SER X 49 43.16 -28.86 -29.48
N THR X 50 42.55 -29.80 -28.75
CA THR X 50 42.25 -31.11 -29.32
C THR X 50 41.31 -30.97 -30.51
N ALA X 51 41.62 -31.68 -31.59
CA ALA X 51 40.87 -31.54 -32.82
C ALA X 51 40.83 -32.88 -33.56
N SER X 52 39.91 -32.95 -34.52
CA SER X 52 39.80 -34.06 -35.47
C SER X 52 39.51 -35.39 -34.80
N GLY X 53 39.01 -35.38 -33.57
CA GLY X 53 38.73 -36.63 -32.89
C GLY X 53 39.93 -37.48 -32.57
N SER X 54 41.12 -36.90 -32.57
CA SER X 54 42.32 -37.64 -32.22
C SER X 54 42.28 -38.03 -30.74
N SER X 55 43.02 -39.09 -30.39
CA SER X 55 42.85 -39.72 -29.10
C SER X 55 43.40 -38.88 -27.95
N ARG X 56 44.36 -38.01 -28.21
CA ARG X 56 45.10 -37.33 -27.16
C ARG X 56 44.63 -35.87 -27.02
N THR X 57 44.31 -35.48 -25.80
CA THR X 57 43.85 -34.13 -25.52
C THR X 57 45.04 -33.20 -25.33
N ILE X 58 45.01 -32.06 -26.02
CA ILE X 58 46.06 -31.06 -25.94
C ILE X 58 45.41 -29.70 -25.67
N TYR X 59 46.05 -28.90 -24.82
CA TYR X 59 45.54 -27.61 -24.44
C TYR X 59 46.59 -26.52 -24.65
N ASN X 60 46.15 -25.40 -25.19
CA ASN X 60 46.96 -24.20 -25.29
C ASN X 60 46.95 -23.49 -23.94
N ILE X 61 48.13 -23.08 -23.47
CA ILE X 61 48.25 -22.27 -22.28
C ILE X 61 49.01 -21.00 -22.65
N THR X 62 48.39 -19.85 -22.39
CA THR X 62 48.99 -18.56 -22.68
C THR X 62 49.13 -17.78 -21.38
N ILE X 63 50.34 -17.31 -21.09
CA ILE X 63 50.60 -16.52 -19.89
C ILE X 63 51.62 -15.43 -20.22
N THR X 64 51.50 -14.30 -19.53
CA THR X 64 52.48 -13.23 -19.67
C THR X 64 53.60 -13.44 -18.66
N VAL X 65 54.84 -13.48 -19.16
CA VAL X 65 56.00 -13.89 -18.38
C VAL X 65 57.09 -12.85 -18.52
N LYS X 66 57.67 -12.43 -17.39
CA LYS X 66 58.72 -11.42 -17.35
C LYS X 66 59.94 -12.04 -16.69
N ASN X 67 61.03 -12.17 -17.44
CA ASN X 67 62.27 -12.75 -16.93
C ASN X 67 63.12 -11.61 -16.38
N THR X 68 63.20 -11.51 -15.06
CA THR X 68 63.99 -10.46 -14.43
C THR X 68 65.45 -10.82 -14.30
N GLY X 69 65.84 -12.05 -14.62
CA GLY X 69 67.22 -12.48 -14.49
C GLY X 69 68.06 -12.14 -15.69
N THR X 70 69.31 -12.60 -15.67
CA THR X 70 70.26 -12.38 -16.73
C THR X 70 70.50 -13.63 -17.57
N THR X 71 69.69 -14.68 -17.40
CA THR X 71 69.90 -15.94 -18.09
C THR X 71 68.61 -16.40 -18.74
N SER X 72 68.75 -17.11 -19.86
CA SER X 72 67.59 -17.70 -20.52
C SER X 72 67.01 -18.83 -19.69
N ILE X 73 65.69 -18.89 -19.62
CA ILE X 73 64.98 -19.83 -18.76
C ILE X 73 63.83 -20.44 -19.56
N SER X 74 63.55 -21.72 -19.31
CA SER X 74 62.53 -22.44 -20.04
C SER X 74 61.57 -23.13 -19.06
N VAL X 75 60.36 -23.40 -19.56
CA VAL X 75 59.36 -24.12 -18.79
C VAL X 75 59.68 -25.60 -18.81
N THR X 76 59.41 -26.28 -17.69
CA THR X 76 59.70 -27.71 -17.60
C THR X 76 58.44 -28.52 -17.31
N SER X 77 57.48 -27.93 -16.60
CA SER X 77 56.25 -28.62 -16.27
C SER X 77 55.21 -27.61 -15.79
N ILE X 78 53.96 -28.05 -15.76
CA ILE X 78 52.88 -27.25 -15.19
C ILE X 78 51.95 -28.19 -14.45
N ASN X 79 51.40 -27.70 -13.34
CA ASN X 79 50.40 -28.41 -12.57
C ASN X 79 49.14 -27.55 -12.51
N ILE X 80 48.03 -28.06 -13.02
CA ILE X 80 46.78 -27.32 -13.07
C ILE X 80 45.74 -28.06 -12.25
N ASN X 81 45.13 -27.36 -11.29
CA ASN X 81 44.04 -27.90 -10.47
C ASN X 81 44.47 -29.18 -9.75
N GLY X 82 45.74 -29.26 -9.35
CA GLY X 82 46.26 -30.42 -8.67
C GLY X 82 46.70 -31.55 -9.59
N GLN X 83 46.54 -31.40 -10.90
CA GLN X 83 46.82 -32.44 -11.88
C GLN X 83 48.06 -32.07 -12.67
N PRO X 84 49.03 -32.98 -12.84
CA PRO X 84 50.23 -32.63 -13.60
C PRO X 84 50.00 -32.73 -15.10
N PHE X 85 50.64 -31.84 -15.85
CA PHE X 85 50.58 -31.84 -17.30
C PHE X 85 51.99 -31.84 -17.86
N ASN X 86 52.13 -32.45 -19.03
CA ASN X 86 53.42 -32.51 -19.73
C ASN X 86 53.44 -31.47 -20.84
N ILE X 87 54.56 -30.75 -20.95
CA ILE X 87 54.70 -29.71 -21.95
C ILE X 87 55.00 -30.35 -23.30
N ASN X 88 53.98 -30.58 -24.10
CA ASN X 88 54.17 -31.11 -25.45
C ASN X 88 55.08 -30.19 -26.24
N GLY X 89 56.00 -30.81 -26.98
CA GLY X 89 56.85 -30.10 -27.91
C GLY X 89 58.04 -29.43 -27.25
N THR X 90 58.81 -28.74 -28.10
CA THR X 90 59.93 -27.94 -27.61
C THR X 90 59.44 -26.88 -26.65
N ALA X 91 59.87 -26.99 -25.40
CA ALA X 91 59.39 -26.08 -24.37
C ALA X 91 59.85 -24.65 -24.68
N PRO X 92 58.99 -23.66 -24.49
CA PRO X 92 59.36 -22.28 -24.81
C PRO X 92 60.45 -21.76 -23.88
N SER X 93 61.28 -20.88 -24.42
CA SER X 93 62.38 -20.27 -23.67
C SER X 93 62.10 -18.78 -23.53
N ILE X 94 62.34 -18.24 -22.34
CA ILE X 94 62.07 -16.84 -22.03
C ILE X 94 63.42 -16.11 -21.98
N PRO X 95 63.69 -15.20 -22.91
CA PRO X 95 64.97 -14.48 -22.89
C PRO X 95 65.10 -13.57 -21.69
N ALA X 96 66.36 -13.24 -21.37
CA ALA X 96 66.66 -12.44 -20.19
C ALA X 96 66.13 -11.03 -20.33
N GLY X 97 65.63 -10.48 -19.23
CA GLY X 97 65.21 -9.10 -19.18
C GLY X 97 64.00 -8.74 -20.03
N ARG X 98 63.24 -9.73 -20.49
CA ARG X 98 62.17 -9.50 -21.46
C ARG X 98 60.82 -9.93 -20.90
N THR X 99 59.80 -9.14 -21.20
CA THR X 99 58.42 -9.48 -20.90
C THR X 99 57.73 -9.90 -22.18
N GLN X 100 57.18 -11.11 -22.20
CA GLN X 100 56.60 -11.68 -23.40
C GLN X 100 55.29 -12.39 -23.08
N PRO X 101 54.35 -12.40 -24.03
CA PRO X 101 53.27 -13.40 -24.00
C PRO X 101 53.81 -14.73 -24.49
N ILE X 102 53.77 -15.73 -23.62
CA ILE X 102 54.33 -17.06 -23.89
C ILE X 102 53.17 -18.04 -23.99
N THR X 103 53.19 -18.87 -25.04
CA THR X 103 52.13 -19.82 -25.31
C THR X 103 52.75 -21.19 -25.57
N PHE X 104 52.19 -22.22 -24.94
CA PHE X 104 52.71 -23.57 -25.11
C PHE X 104 51.59 -24.59 -24.97
N GLU X 105 51.78 -25.74 -25.60
CA GLU X 105 50.80 -26.80 -25.58
C GLU X 105 51.14 -27.83 -24.51
N VAL X 106 50.11 -28.32 -23.82
CA VAL X 106 50.27 -29.28 -22.74
C VAL X 106 49.31 -30.44 -22.94
N THR X 107 49.67 -31.59 -22.39
CA THR X 107 48.82 -32.76 -22.35
C THR X 107 48.76 -33.29 -20.93
N PRO X 108 47.62 -33.85 -20.51
CA PRO X 108 47.53 -34.40 -19.16
C PRO X 108 48.46 -35.59 -18.99
N ALA X 109 49.24 -35.57 -17.89
CA ALA X 109 50.12 -36.68 -17.61
C ALA X 109 49.34 -37.93 -17.23
N SER X 110 48.18 -37.76 -16.60
CA SER X 110 47.32 -38.88 -16.26
C SER X 110 45.89 -38.38 -16.15
N GLY X 111 44.94 -39.30 -16.32
CA GLY X 111 43.54 -38.95 -16.18
C GLY X 111 43.07 -38.00 -17.26
N LYS X 112 42.01 -37.25 -16.95
CA LYS X 112 41.46 -36.27 -17.86
C LYS X 112 40.99 -35.04 -17.09
N PRO X 113 41.17 -33.85 -17.64
CA PRO X 113 40.74 -32.64 -16.95
C PRO X 113 39.23 -32.48 -16.97
N ASN X 114 38.74 -31.66 -16.04
CA ASN X 114 37.31 -31.37 -15.90
C ASN X 114 37.03 -29.88 -16.07
N PHE X 115 37.76 -29.22 -16.95
CA PHE X 115 37.66 -27.76 -17.07
C PHE X 115 36.25 -27.34 -17.47
N SER X 116 35.83 -26.21 -16.93
CA SER X 116 34.53 -25.62 -17.24
C SER X 116 34.73 -24.22 -17.83
N PRO X 117 33.94 -23.84 -18.83
CA PRO X 117 34.13 -22.54 -19.47
C PRO X 117 33.99 -21.39 -18.47
N GLY X 118 34.94 -20.47 -18.52
CA GLY X 118 34.93 -19.31 -17.65
C GLY X 118 35.47 -19.54 -16.26
N ALA X 119 35.75 -20.79 -15.88
CA ALA X 119 36.26 -21.07 -14.55
C ALA X 119 37.74 -20.69 -14.46
N SER X 120 38.17 -20.34 -13.25
CA SER X 120 39.55 -19.96 -12.97
C SER X 120 40.20 -21.06 -12.14
N TYR X 121 41.34 -21.56 -12.62
CA TYR X 121 42.04 -22.67 -11.99
C TYR X 121 43.43 -22.23 -11.57
N THR X 122 43.79 -22.53 -10.33
CA THR X 122 45.13 -22.25 -9.85
C THR X 122 46.11 -23.26 -10.43
N ALA X 123 47.21 -22.76 -10.98
CA ALA X 123 48.24 -23.59 -11.59
C ALA X 123 49.60 -23.17 -11.05
N THR X 124 50.58 -24.03 -11.27
CA THR X 124 51.97 -23.76 -10.91
C THR X 124 52.84 -24.13 -12.09
N ILE X 125 53.62 -23.16 -12.57
CA ILE X 125 54.51 -23.36 -13.72
C ILE X 125 55.93 -23.47 -13.20
N TYR X 126 56.60 -24.56 -13.55
CA TYR X 126 57.93 -24.86 -13.04
C TYR X 126 58.96 -24.58 -14.13
N PHE X 127 59.97 -23.78 -13.79
CA PHE X 127 60.96 -23.33 -14.74
C PHE X 127 62.29 -24.03 -14.51
N SER X 128 63.22 -23.83 -15.44
CA SER X 128 64.46 -24.60 -15.47
C SER X 128 65.31 -24.40 -14.22
N ASN X 129 65.17 -23.28 -13.52
CA ASN X 129 65.90 -23.10 -12.27
C ASN X 129 65.35 -23.96 -11.14
N GLY X 130 64.20 -24.59 -11.34
CA GLY X 130 63.49 -25.25 -10.27
C GLY X 130 62.47 -24.39 -9.57
N GLN X 131 62.56 -23.07 -9.74
CA GLN X 131 61.56 -22.17 -9.17
C GLN X 131 60.22 -22.38 -9.84
N GLY X 132 59.15 -22.21 -9.08
CA GLY X 132 57.80 -22.41 -9.59
C GLY X 132 56.88 -21.26 -9.29
N ALA X 133 56.31 -20.67 -10.33
CA ALA X 133 55.43 -19.52 -10.18
C ALA X 133 53.98 -19.97 -10.11
N PRO X 134 53.25 -19.62 -9.05
CA PRO X 134 51.80 -19.83 -9.07
C PRO X 134 51.13 -18.82 -9.98
N ALA X 135 50.09 -19.28 -10.66
CA ALA X 135 49.35 -18.46 -11.62
C ALA X 135 47.89 -18.87 -11.60
N THR X 136 47.05 -18.03 -12.19
CA THR X 136 45.64 -18.33 -12.36
C THR X 136 45.32 -18.38 -13.84
N LEU X 137 44.72 -19.49 -14.27
CA LEU X 137 44.41 -19.71 -15.68
C LEU X 137 42.89 -19.80 -15.85
N ILE X 138 42.35 -19.02 -16.77
CA ILE X 138 40.93 -19.03 -17.07
C ILE X 138 40.71 -19.91 -18.29
N TYR X 139 39.76 -20.84 -18.18
CA TYR X 139 39.47 -21.74 -19.30
C TYR X 139 38.51 -21.05 -20.25
N GLN X 140 38.98 -20.82 -21.48
CA GLN X 140 38.21 -20.10 -22.49
C GLN X 140 37.42 -21.00 -23.42
N GLY X 141 37.60 -22.31 -23.33
CA GLY X 141 36.91 -23.24 -24.21
C GLY X 141 37.62 -23.46 -25.54
N LEU Y 1 108.59 -36.02 15.95
CA LEU Y 1 107.86 -36.74 14.90
C LEU Y 1 106.40 -36.92 15.27
N SER Y 2 106.08 -36.70 16.55
CA SER Y 2 104.75 -37.01 17.06
C SER Y 2 103.68 -36.13 16.44
N GLY Y 3 103.99 -34.85 16.23
CA GLY Y 3 102.96 -33.90 15.84
C GLY Y 3 102.29 -34.23 14.52
N ALA Y 4 103.08 -34.66 13.53
CA ALA Y 4 102.50 -35.00 12.24
C ALA Y 4 101.59 -36.22 12.35
N ILE Y 5 101.98 -37.20 13.16
CA ILE Y 5 101.15 -38.39 13.38
C ILE Y 5 99.82 -37.98 14.02
N VAL Y 6 99.86 -37.12 15.04
CA VAL Y 6 98.65 -36.67 15.69
C VAL Y 6 97.76 -35.91 14.70
N ALA Y 7 98.38 -35.06 13.87
CA ALA Y 7 97.64 -34.30 12.88
C ALA Y 7 96.95 -35.22 11.87
N LEU Y 8 97.64 -36.27 11.44
CA LEU Y 8 97.03 -37.23 10.52
C LEU Y 8 95.80 -37.88 11.14
N ILE Y 9 95.94 -38.35 12.39
CA ILE Y 9 94.81 -38.98 13.08
C ILE Y 9 93.63 -38.02 13.15
N LEU Y 10 93.91 -36.78 13.55
CA LEU Y 10 92.83 -35.81 13.73
C LEU Y 10 92.17 -35.42 12.42
N VAL Y 11 92.95 -35.34 11.34
CA VAL Y 11 92.38 -34.99 10.04
C VAL Y 11 91.38 -36.05 9.60
N ILE Y 12 91.79 -37.33 9.70
CA ILE Y 12 90.87 -38.39 9.27
C ILE Y 12 89.63 -38.44 10.15
N ALA Y 13 89.81 -38.28 11.47
CA ALA Y 13 88.65 -38.29 12.36
C ALA Y 13 87.71 -37.13 12.06
N GLY Y 14 88.26 -35.96 11.74
CA GLY Y 14 87.42 -34.83 11.39
C GLY Y 14 86.58 -35.10 10.16
N VAL Y 15 87.20 -35.70 9.14
CA VAL Y 15 86.43 -36.09 7.94
C VAL Y 15 85.27 -36.98 8.33
N ILE Y 16 85.55 -38.01 9.13
CA ILE Y 16 84.52 -38.98 9.47
C ILE Y 16 83.38 -38.31 10.22
N ILE Y 17 83.69 -37.51 11.23
CA ILE Y 17 82.64 -36.93 12.06
C ILE Y 17 81.83 -35.90 11.27
N ALA Y 18 82.48 -35.12 10.40
CA ALA Y 18 81.74 -34.16 9.60
C ALA Y 18 80.75 -34.86 8.67
N ILE Y 19 81.19 -35.95 8.03
CA ILE Y 19 80.27 -36.68 7.16
C ILE Y 19 79.11 -37.25 7.97
N ALA Y 20 79.40 -37.76 9.18
CA ALA Y 20 78.34 -38.29 10.02
C ALA Y 20 77.31 -37.22 10.38
N VAL Y 21 77.79 -36.01 10.70
CA VAL Y 21 76.88 -34.92 11.05
C VAL Y 21 76.01 -34.54 9.85
N VAL Y 22 76.61 -34.49 8.66
CA VAL Y 22 75.83 -34.17 7.45
C VAL Y 22 74.74 -35.20 7.23
N LEU Y 23 75.08 -36.48 7.38
CA LEU Y 23 74.08 -37.53 7.18
C LEU Y 23 72.99 -37.48 8.24
N PHE Y 24 73.34 -37.10 9.48
CA PHE Y 24 72.31 -36.92 10.50
C PHE Y 24 71.37 -35.77 10.13
N ALA Y 25 71.93 -34.68 9.61
CA ALA Y 25 71.09 -33.56 9.18
C ALA Y 25 70.11 -34.02 8.11
N PHE Y 26 70.58 -34.84 7.17
CA PHE Y 26 69.66 -35.36 6.15
C PHE Y 26 68.65 -36.34 6.74
N GLY Y 27 69.04 -37.11 7.76
CA GLY Y 27 68.14 -38.09 8.34
C GLY Y 27 67.06 -37.49 9.23
N LEU Y 28 67.27 -36.26 9.71
CA LEU Y 28 66.25 -35.64 10.56
C LEU Y 28 64.94 -35.38 9.82
N ILE Y 29 65.00 -35.20 8.50
CA ILE Y 29 63.86 -34.66 7.75
C ILE Y 29 62.57 -35.47 7.93
N PRO Y 30 62.57 -36.80 7.82
CA PRO Y 30 61.29 -37.53 7.88
C PRO Y 30 60.50 -37.33 9.17
N GLY Y 31 61.16 -37.02 10.28
CA GLY Y 31 60.44 -36.84 11.53
C GLY Y 31 59.58 -35.59 11.56
N ILE Y 32 59.90 -34.60 10.72
CA ILE Y 32 59.16 -33.34 10.73
C ILE Y 32 57.74 -33.56 10.24
N SER Y 33 57.54 -34.46 9.28
CA SER Y 33 56.24 -34.65 8.66
C SER Y 33 55.15 -34.96 9.68
N ASN Y 34 55.50 -35.72 10.72
CA ASN Y 34 54.50 -36.19 11.67
C ASN Y 34 53.94 -35.07 12.56
N GLN Y 35 54.54 -33.88 12.51
CA GLN Y 35 54.08 -32.79 13.37
C GLN Y 35 52.72 -32.24 12.97
N GLY Y 36 52.19 -32.62 11.81
CA GLY Y 36 50.91 -32.08 11.37
C GLY Y 36 49.89 -33.14 11.01
N SER Y 37 49.96 -34.29 11.67
CA SER Y 37 49.14 -35.43 11.28
C SER Y 37 47.66 -35.19 11.56
N ILE Y 38 47.34 -34.38 12.55
CA ILE Y 38 45.97 -34.29 13.09
C ILE Y 38 45.38 -32.91 12.80
N GLN Y 39 44.07 -32.90 12.54
CA GLN Y 39 43.32 -31.66 12.47
C GLN Y 39 41.95 -31.85 13.13
N VAL Y 40 41.54 -30.87 13.93
CA VAL Y 40 40.24 -30.89 14.58
C VAL Y 40 39.20 -30.28 13.64
N LEU Y 41 38.07 -30.96 13.49
CA LEU Y 41 37.03 -30.56 12.56
C LEU Y 41 35.82 -30.03 13.33
N GLY Y 42 35.42 -28.80 13.02
CA GLY Y 42 34.18 -28.25 13.54
C GLY Y 42 34.23 -27.98 15.04
N SER Y 43 33.06 -27.63 15.56
CA SER Y 43 32.94 -27.36 16.98
C SER Y 43 32.88 -28.65 17.79
N GLY Y 44 33.13 -28.51 19.09
CA GLY Y 44 32.98 -29.61 20.02
C GLY Y 44 32.04 -29.21 21.15
N THR Y 45 31.87 -30.13 22.09
CA THR Y 45 30.90 -29.96 23.16
C THR Y 45 31.53 -30.28 24.51
N ILE Y 46 31.29 -29.41 25.49
CA ILE Y 46 31.61 -29.67 26.89
C ILE Y 46 30.32 -29.99 27.63
N THR Y 47 30.40 -30.94 28.55
CA THR Y 47 29.25 -31.35 29.35
C THR Y 47 29.70 -31.62 30.78
N ASN Y 48 28.83 -31.31 31.73
CA ASN Y 48 29.11 -31.49 33.15
C ASN Y 48 28.79 -32.93 33.54
N SER Y 49 29.75 -33.61 34.16
CA SER Y 49 29.67 -35.06 34.38
C SER Y 49 30.13 -35.44 35.80
N THR Y 50 29.65 -34.72 36.81
CA THR Y 50 30.03 -35.03 38.18
C THR Y 50 28.78 -35.13 39.06
N ALA Y 51 28.88 -35.96 40.10
CA ALA Y 51 27.76 -36.25 40.97
C ALA Y 51 27.75 -35.30 42.17
N SER Y 52 26.64 -35.35 42.92
CA SER Y 52 26.49 -34.50 44.10
C SER Y 52 27.51 -34.89 45.17
N GLY Y 53 28.15 -33.87 45.76
CA GLY Y 53 29.13 -34.12 46.79
C GLY Y 53 30.43 -34.71 46.31
N SER Y 54 30.66 -34.73 45.00
CA SER Y 54 31.87 -35.31 44.46
C SER Y 54 33.09 -34.48 44.88
N SER Y 55 34.26 -35.13 44.85
CA SER Y 55 35.49 -34.42 45.17
C SER Y 55 35.86 -33.40 44.10
N ARG Y 56 35.40 -33.61 42.86
CA ARG Y 56 35.89 -32.83 41.75
C ARG Y 56 34.85 -32.74 40.65
N THR Y 57 34.84 -31.61 39.94
CA THR Y 57 34.08 -31.50 38.71
C THR Y 57 34.81 -32.20 37.58
N ILE Y 58 34.07 -32.93 36.77
CA ILE Y 58 34.62 -33.58 35.59
C ILE Y 58 33.72 -33.28 34.40
N TYR Y 59 34.34 -32.87 33.29
CA TYR Y 59 33.63 -32.45 32.09
C TYR Y 59 33.96 -33.40 30.96
N ASN Y 60 32.92 -33.93 30.31
CA ASN Y 60 33.08 -34.69 29.09
C ASN Y 60 33.25 -33.73 27.92
N ILE Y 61 34.29 -33.93 27.12
CA ILE Y 61 34.57 -33.09 25.97
C ILE Y 61 34.58 -33.98 24.74
N THR Y 62 33.74 -33.64 23.77
CA THR Y 62 33.63 -34.36 22.51
C THR Y 62 34.07 -33.44 21.38
N ILE Y 63 35.00 -33.94 20.56
CA ILE Y 63 35.49 -33.20 19.39
C ILE Y 63 35.68 -34.19 18.25
N THR Y 64 35.40 -33.74 17.03
CA THR Y 64 35.69 -34.56 15.86
C THR Y 64 37.13 -34.33 15.45
N VAL Y 65 37.89 -35.42 15.31
CA VAL Y 65 39.32 -35.34 15.04
C VAL Y 65 39.64 -36.20 13.83
N LYS Y 66 40.47 -35.65 12.94
CA LYS Y 66 40.91 -36.35 11.73
C LYS Y 66 42.41 -36.60 11.82
N ASN Y 67 42.80 -37.86 11.70
CA ASN Y 67 44.20 -38.26 11.73
C ASN Y 67 44.63 -38.69 10.33
N THR Y 68 45.77 -38.15 9.89
CA THR Y 68 46.29 -38.43 8.56
C THR Y 68 47.59 -39.22 8.55
N GLY Y 69 48.18 -39.50 9.71
CA GLY Y 69 49.44 -40.22 9.76
C GLY Y 69 49.26 -41.72 9.77
N THR Y 70 50.39 -42.42 9.76
CA THR Y 70 50.40 -43.88 9.80
C THR Y 70 50.14 -44.43 11.19
N THR Y 71 50.27 -43.60 12.23
CA THR Y 71 50.27 -44.07 13.61
C THR Y 71 49.12 -43.47 14.40
N SER Y 72 48.64 -44.22 15.37
CA SER Y 72 47.58 -43.74 16.25
C SER Y 72 48.14 -42.68 17.20
N ILE Y 73 47.37 -41.61 17.40
CA ILE Y 73 47.79 -40.48 18.22
C ILE Y 73 46.71 -40.22 19.27
N SER Y 74 47.13 -39.75 20.43
CA SER Y 74 46.24 -39.54 21.57
C SER Y 74 46.37 -38.12 22.08
N VAL Y 75 45.33 -37.68 22.80
CA VAL Y 75 45.35 -36.37 23.44
C VAL Y 75 46.20 -36.44 24.70
N THR Y 76 46.91 -35.35 24.99
CA THR Y 76 47.74 -35.25 26.19
C THR Y 76 47.32 -34.14 27.13
N SER Y 77 46.84 -33.01 26.61
CA SER Y 77 46.40 -31.92 27.46
C SER Y 77 45.42 -31.06 26.68
N ILE Y 78 44.61 -30.31 27.42
CA ILE Y 78 43.67 -29.36 26.84
C ILE Y 78 43.73 -28.08 27.65
N ASN Y 79 43.64 -26.95 26.97
CA ASN Y 79 43.62 -25.64 27.62
C ASN Y 79 42.36 -24.93 27.12
N ILE Y 80 41.42 -24.69 28.03
CA ILE Y 80 40.13 -24.12 27.69
C ILE Y 80 40.02 -22.74 28.31
N ASN Y 81 39.74 -21.74 27.49
CA ASN Y 81 39.51 -20.37 27.95
C ASN Y 81 40.71 -19.82 28.72
N GLY Y 82 41.90 -20.35 28.45
CA GLY Y 82 43.11 -19.96 29.14
C GLY Y 82 43.51 -20.88 30.26
N GLN Y 83 42.56 -21.58 30.88
CA GLN Y 83 42.85 -22.46 32.00
C GLN Y 83 43.28 -23.84 31.51
N PRO Y 84 44.35 -24.40 32.09
CA PRO Y 84 44.74 -25.77 31.71
C PRO Y 84 43.90 -26.80 32.46
N PHE Y 85 43.59 -27.89 31.76
CA PHE Y 85 42.78 -28.98 32.32
C PHE Y 85 43.59 -30.27 32.27
N ASN Y 86 43.30 -31.15 33.23
CA ASN Y 86 43.98 -32.43 33.37
C ASN Y 86 43.05 -33.55 32.90
N ILE Y 87 43.56 -34.42 32.04
CA ILE Y 87 42.74 -35.45 31.39
C ILE Y 87 42.62 -36.64 32.34
N ASN Y 88 41.38 -36.99 32.69
CA ASN Y 88 41.14 -38.15 33.55
C ASN Y 88 41.12 -39.44 32.73
N GLY Y 89 41.65 -40.50 33.33
CA GLY Y 89 41.59 -41.82 32.75
C GLY Y 89 42.57 -42.02 31.60
N THR Y 90 42.37 -43.13 30.89
CA THR Y 90 43.21 -43.46 29.75
C THR Y 90 42.80 -42.60 28.56
N ALA Y 91 43.76 -41.83 28.03
CA ALA Y 91 43.46 -40.91 26.95
C ALA Y 91 43.03 -41.67 25.69
N PRO Y 92 42.02 -41.19 24.97
CA PRO Y 92 41.58 -41.90 23.77
C PRO Y 92 42.63 -41.85 22.67
N SER Y 93 42.67 -42.91 21.88
CA SER Y 93 43.59 -43.01 20.74
C SER Y 93 42.81 -42.80 19.45
N ILE Y 94 43.40 -42.06 18.53
CA ILE Y 94 42.76 -41.74 17.25
C ILE Y 94 43.39 -42.60 16.17
N PRO Y 95 42.64 -43.53 15.56
CA PRO Y 95 43.25 -44.47 14.61
C PRO Y 95 43.87 -43.76 13.42
N ALA Y 96 44.77 -44.47 12.74
CA ALA Y 96 45.71 -43.86 11.81
C ALA Y 96 45.01 -42.98 10.78
N GLY Y 97 44.16 -43.56 9.95
CA GLY Y 97 43.57 -42.82 8.85
C GLY Y 97 42.14 -42.37 9.03
N ARG Y 98 41.57 -42.55 10.21
CA ARG Y 98 40.14 -42.37 10.39
C ARG Y 98 39.79 -40.99 10.93
N THR Y 99 38.56 -40.57 10.67
CA THR Y 99 37.96 -39.37 11.24
C THR Y 99 36.92 -39.81 12.26
N GLN Y 100 37.10 -39.41 13.52
CA GLN Y 100 36.22 -39.91 14.57
C GLN Y 100 35.79 -38.83 15.55
N PRO Y 101 34.55 -38.87 16.01
CA PRO Y 101 34.17 -38.10 17.21
C PRO Y 101 34.75 -38.76 18.45
N ILE Y 102 35.70 -38.08 19.09
CA ILE Y 102 36.40 -38.61 20.25
C ILE Y 102 35.91 -37.85 21.48
N THR Y 103 35.70 -38.59 22.58
CA THR Y 103 35.20 -38.04 23.82
C THR Y 103 36.14 -38.41 24.95
N PHE Y 104 36.43 -37.45 25.81
CA PHE Y 104 37.33 -37.71 26.94
C PHE Y 104 36.95 -36.83 28.11
N GLU Y 105 37.34 -37.28 29.31
CA GLU Y 105 36.98 -36.63 30.56
C GLU Y 105 38.13 -35.76 31.04
N VAL Y 106 37.81 -34.54 31.48
CA VAL Y 106 38.83 -33.62 31.98
C VAL Y 106 38.36 -33.03 33.31
N THR Y 107 39.33 -32.61 34.12
CA THR Y 107 39.07 -31.93 35.38
C THR Y 107 39.97 -30.71 35.50
N PRO Y 108 39.49 -29.61 36.05
CA PRO Y 108 40.31 -28.39 36.09
C PRO Y 108 41.50 -28.53 37.03
N ALA Y 109 42.64 -28.01 36.59
CA ALA Y 109 43.86 -28.07 37.38
C ALA Y 109 44.18 -26.76 38.08
N SER Y 110 43.90 -25.63 37.44
CA SER Y 110 44.24 -24.34 38.02
C SER Y 110 43.18 -23.86 39.00
N GLY Y 111 41.90 -23.97 38.63
CA GLY Y 111 40.83 -23.51 39.48
C GLY Y 111 39.49 -23.77 38.84
N LYS Y 112 38.44 -23.48 39.60
CA LYS Y 112 37.09 -23.81 39.16
C LYS Y 112 36.70 -22.97 37.95
N PRO Y 113 36.37 -23.57 36.82
CA PRO Y 113 35.90 -22.78 35.67
C PRO Y 113 34.40 -22.54 35.74
N ASN Y 114 33.97 -21.30 35.55
CA ASN Y 114 32.55 -20.95 35.59
C ASN Y 114 31.98 -20.95 34.18
N PHE Y 115 31.80 -22.16 33.65
CA PHE Y 115 31.18 -22.31 32.35
C PHE Y 115 29.74 -21.83 32.39
N SER Y 116 29.30 -21.24 31.28
CA SER Y 116 27.96 -20.69 31.16
C SER Y 116 27.18 -21.48 30.12
N PRO Y 117 25.94 -21.88 30.40
CA PRO Y 117 25.16 -22.68 29.44
C PRO Y 117 25.06 -22.03 28.08
N GLY Y 118 25.45 -22.76 27.04
CA GLY Y 118 25.36 -22.28 25.67
C GLY Y 118 26.51 -21.40 25.22
N ALA Y 119 27.46 -21.09 26.10
CA ALA Y 119 28.56 -20.21 25.72
C ALA Y 119 29.55 -20.94 24.83
N SER Y 120 30.36 -20.15 24.13
CA SER Y 120 31.38 -20.65 23.22
C SER Y 120 32.75 -20.32 23.79
N TYR Y 121 33.64 -21.31 23.80
CA TYR Y 121 34.94 -21.19 24.42
C TYR Y 121 36.03 -21.62 23.45
N THR Y 122 37.12 -20.87 23.39
CA THR Y 122 38.28 -21.29 22.61
C THR Y 122 39.12 -22.27 23.43
N ALA Y 123 39.66 -23.27 22.75
CA ALA Y 123 40.50 -24.26 23.40
C ALA Y 123 41.63 -24.66 22.45
N THR Y 124 42.69 -25.19 23.03
CA THR Y 124 43.78 -25.78 22.25
C THR Y 124 43.94 -27.23 22.68
N ILE Y 125 43.77 -28.15 21.72
CA ILE Y 125 43.97 -29.57 21.97
C ILE Y 125 45.40 -29.91 21.61
N TYR Y 126 46.12 -30.53 22.55
CA TYR Y 126 47.50 -30.91 22.31
C TYR Y 126 47.57 -32.43 22.22
N PHE Y 127 48.10 -32.92 21.11
CA PHE Y 127 48.13 -34.34 20.82
C PHE Y 127 49.53 -34.91 21.05
N SER Y 128 49.61 -36.23 21.11
CA SER Y 128 50.86 -36.89 21.48
C SER Y 128 51.94 -36.69 20.44
N ASN Y 129 51.59 -36.35 19.20
CA ASN Y 129 52.59 -36.06 18.19
C ASN Y 129 53.17 -34.66 18.32
N GLY Y 130 52.93 -33.98 19.43
CA GLY Y 130 53.46 -32.65 19.63
C GLY Y 130 52.77 -31.57 18.83
N GLN Y 131 51.50 -31.75 18.51
CA GLN Y 131 50.75 -30.83 17.67
C GLN Y 131 49.62 -30.20 18.46
N GLY Y 132 49.50 -28.88 18.37
CA GLY Y 132 48.41 -28.14 18.97
C GLY Y 132 47.40 -27.74 17.91
N ALA Y 133 46.12 -27.88 18.25
CA ALA Y 133 45.04 -27.58 17.32
C ALA Y 133 44.02 -26.67 17.98
N PRO Y 134 43.71 -25.52 17.38
CA PRO Y 134 42.62 -24.69 17.91
C PRO Y 134 41.28 -25.39 17.75
N ALA Y 135 40.39 -25.14 18.70
CA ALA Y 135 39.06 -25.72 18.69
C ALA Y 135 38.09 -24.77 19.37
N THR Y 136 36.81 -24.92 19.05
CA THR Y 136 35.74 -24.11 19.63
C THR Y 136 34.75 -25.05 20.28
N LEU Y 137 34.54 -24.89 21.58
CA LEU Y 137 33.71 -25.79 22.36
C LEU Y 137 32.48 -25.05 22.87
N ILE Y 138 31.32 -25.65 22.66
CA ILE Y 138 30.06 -25.13 23.19
C ILE Y 138 29.74 -25.88 24.47
N TYR Y 139 29.39 -25.15 25.52
CA TYR Y 139 29.06 -25.76 26.80
C TYR Y 139 27.57 -26.09 26.80
N GLN Y 140 27.25 -27.39 26.78
CA GLN Y 140 25.88 -27.83 26.67
C GLN Y 140 25.16 -27.92 28.01
N GLY Y 141 25.88 -27.86 29.12
CA GLY Y 141 25.27 -27.96 30.44
C GLY Y 141 26.09 -28.75 31.42
N LEU Z 1 102.62 -33.89 20.61
CA LEU Z 1 101.78 -34.33 21.72
C LEU Z 1 100.74 -33.27 22.07
N SER Z 2 101.04 -32.01 21.73
CA SER Z 2 100.16 -30.91 22.10
C SER Z 2 98.89 -30.89 21.25
N GLY Z 3 98.95 -31.43 20.03
CA GLY Z 3 97.82 -31.32 19.13
C GLY Z 3 96.56 -31.97 19.68
N ALA Z 4 96.69 -33.15 20.29
CA ALA Z 4 95.54 -33.82 20.85
C ALA Z 4 94.94 -33.03 22.01
N ILE Z 5 95.78 -32.44 22.85
CA ILE Z 5 95.27 -31.64 23.97
C ILE Z 5 94.54 -30.41 23.44
N VAL Z 6 95.09 -29.75 22.43
CA VAL Z 6 94.43 -28.59 21.85
C VAL Z 6 93.09 -28.98 21.25
N ALA Z 7 93.05 -30.12 20.55
CA ALA Z 7 91.80 -30.59 19.96
C ALA Z 7 90.76 -30.89 21.05
N LEU Z 8 91.19 -31.51 22.15
CA LEU Z 8 90.27 -31.80 23.24
C LEU Z 8 89.70 -30.52 23.85
N ILE Z 9 90.57 -29.54 24.09
CA ILE Z 9 90.11 -28.27 24.65
C ILE Z 9 89.11 -27.62 23.72
N LEU Z 10 89.41 -27.61 22.41
CA LEU Z 10 88.51 -26.96 21.47
C LEU Z 10 87.19 -27.70 21.34
N VAL Z 11 87.19 -29.03 21.45
CA VAL Z 11 85.94 -29.78 21.38
C VAL Z 11 85.05 -29.43 22.56
N ILE Z 12 85.61 -29.48 23.77
CA ILE Z 12 84.80 -29.19 24.96
C ILE Z 12 84.32 -27.75 24.94
N ALA Z 13 85.20 -26.83 24.55
CA ALA Z 13 84.81 -25.42 24.48
C ALA Z 13 83.75 -25.20 23.42
N GLY Z 14 83.81 -25.94 22.31
CA GLY Z 14 82.77 -25.83 21.30
C GLY Z 14 81.42 -26.25 21.83
N VAL Z 15 81.39 -27.35 22.58
CA VAL Z 15 80.13 -27.75 23.23
C VAL Z 15 79.61 -26.64 24.11
N ILE Z 16 80.49 -26.08 24.95
CA ILE Z 16 80.07 -25.04 25.90
C ILE Z 16 79.53 -23.82 25.15
N ILE Z 17 80.24 -23.39 24.11
CA ILE Z 17 79.88 -22.17 23.40
C ILE Z 17 78.57 -22.35 22.64
N ALA Z 18 78.37 -23.53 22.04
CA ALA Z 18 77.12 -23.79 21.35
C ALA Z 18 75.94 -23.74 22.32
N ILE Z 19 76.10 -24.34 23.50
CA ILE Z 19 75.02 -24.29 24.47
C ILE Z 19 74.76 -22.85 24.92
N ALA Z 20 75.83 -22.07 25.09
CA ALA Z 20 75.66 -20.67 25.49
C ALA Z 20 74.90 -19.88 24.43
N VAL Z 21 75.21 -20.11 23.15
CA VAL Z 21 74.49 -19.44 22.08
C VAL Z 21 73.02 -19.81 22.09
N VAL Z 22 72.72 -21.10 22.30
CA VAL Z 22 71.34 -21.55 22.36
C VAL Z 22 70.60 -20.83 23.48
N LEU Z 23 71.22 -20.70 24.65
CA LEU Z 23 70.57 -20.01 25.76
C LEU Z 23 70.37 -18.53 25.48
N PHE Z 24 71.36 -17.89 24.84
CA PHE Z 24 71.24 -16.47 24.52
C PHE Z 24 70.07 -16.21 23.58
N ALA Z 25 69.86 -17.11 22.61
CA ALA Z 25 68.75 -16.96 21.68
C ALA Z 25 67.42 -16.80 22.43
N PHE Z 26 67.18 -17.67 23.42
CA PHE Z 26 65.95 -17.55 24.21
C PHE Z 26 65.99 -16.32 25.10
N GLY Z 27 67.15 -16.00 25.66
CA GLY Z 27 67.25 -14.82 26.51
C GLY Z 27 66.89 -13.54 25.82
N LEU Z 28 66.91 -13.52 24.49
CA LEU Z 28 66.50 -12.30 23.79
C LEU Z 28 65.00 -11.98 23.92
N ILE Z 29 64.09 -12.98 24.02
CA ILE Z 29 62.69 -12.72 23.67
C ILE Z 29 61.91 -11.92 24.71
N PRO Z 30 62.10 -12.09 26.04
CA PRO Z 30 61.44 -11.16 26.97
C PRO Z 30 61.78 -9.69 26.73
N GLY Z 31 62.95 -9.39 26.19
CA GLY Z 31 63.25 -8.01 25.83
C GLY Z 31 62.40 -7.52 24.68
N ILE Z 32 62.26 -8.35 23.64
CA ILE Z 32 61.49 -7.94 22.46
C ILE Z 32 60.01 -7.82 22.80
N SER Z 33 59.54 -8.56 23.80
CA SER Z 33 58.13 -8.47 24.17
C SER Z 33 57.76 -7.07 24.65
N ASN Z 34 58.75 -6.27 25.05
CA ASN Z 34 58.48 -4.90 25.49
C ASN Z 34 58.01 -4.01 24.36
N GLN Z 35 58.16 -4.44 23.11
CA GLN Z 35 57.72 -3.63 21.97
C GLN Z 35 56.21 -3.39 22.00
N GLY Z 36 55.45 -4.22 22.71
CA GLY Z 36 54.01 -4.05 22.78
C GLY Z 36 53.51 -3.81 24.20
N SER Z 37 54.26 -3.01 24.95
CA SER Z 37 53.91 -2.77 26.35
C SER Z 37 52.59 -2.02 26.50
N ILE Z 38 52.30 -1.11 25.58
CA ILE Z 38 51.25 -0.11 25.76
C ILE Z 38 50.06 -0.40 24.87
N GLN Z 39 48.86 -0.18 25.42
CA GLN Z 39 47.62 -0.26 24.67
C GLN Z 39 46.82 1.01 24.94
N VAL Z 40 46.35 1.66 23.88
CA VAL Z 40 45.49 2.83 24.00
C VAL Z 40 44.06 2.37 23.79
N LEU Z 41 43.22 2.55 24.81
CA LEU Z 41 41.89 1.96 24.79
C LEU Z 41 40.83 3.01 25.08
N GLY Z 42 39.69 2.88 24.40
CA GLY Z 42 38.64 3.87 24.48
C GLY Z 42 38.87 5.00 23.50
N SER Z 43 37.81 5.78 23.28
CA SER Z 43 37.89 6.91 22.38
C SER Z 43 38.42 8.13 23.12
N GLY Z 44 39.47 8.74 22.58
CA GLY Z 44 40.06 9.92 23.17
C GLY Z 44 39.33 11.18 22.76
N THR Z 45 39.80 12.30 23.30
CA THR Z 45 39.19 13.60 23.03
C THR Z 45 40.27 14.64 22.77
N ILE Z 46 40.01 15.52 21.80
CA ILE Z 46 40.88 16.64 21.48
C ILE Z 46 40.06 17.93 21.64
N THR Z 47 40.63 18.90 22.36
CA THR Z 47 39.90 20.11 22.74
C THR Z 47 40.74 21.35 22.45
N ASN Z 48 40.07 22.44 22.07
CA ASN Z 48 40.76 23.71 21.85
C ASN Z 48 41.23 24.28 23.18
N SER Z 49 42.52 24.65 23.24
CA SER Z 49 43.13 25.12 24.47
C SER Z 49 44.03 26.32 24.22
N THR Z 50 43.70 27.12 23.21
CA THR Z 50 44.62 28.13 22.70
C THR Z 50 44.58 29.45 23.46
N ALA Z 51 43.62 29.62 24.37
CA ALA Z 51 43.48 30.86 25.14
C ALA Z 51 43.18 32.05 24.24
N SER Z 52 42.10 31.94 23.47
CA SER Z 52 41.50 33.07 22.73
C SER Z 52 42.48 33.74 21.78
N GLY Z 53 43.44 32.99 21.25
CA GLY Z 53 44.43 33.56 20.34
C GLY Z 53 45.72 33.96 20.99
N SER Z 54 45.90 33.69 22.28
CA SER Z 54 47.14 33.98 22.99
C SER Z 54 48.18 32.89 22.85
N SER Z 55 47.90 31.79 22.14
CA SER Z 55 48.87 30.72 21.96
C SER Z 55 48.82 30.21 20.53
N ARG Z 56 49.88 29.50 20.13
CA ARG Z 56 50.02 29.02 18.75
C ARG Z 56 49.17 27.76 18.52
N THR Z 57 47.86 27.97 18.63
CA THR Z 57 46.84 26.95 18.38
C THR Z 57 47.19 25.64 19.09
N ILE Z 58 47.19 25.71 20.41
CA ILE Z 58 47.56 24.56 21.23
C ILE Z 58 46.31 23.80 21.63
N TYR Z 59 46.31 22.49 21.38
CA TYR Z 59 45.17 21.61 21.63
C TYR Z 59 45.46 20.69 22.82
N ASN Z 60 44.42 19.98 23.24
CA ASN Z 60 44.46 19.09 24.41
C ASN Z 60 44.09 17.70 23.93
N ILE Z 61 45.01 16.73 24.09
CA ILE Z 61 44.74 15.34 23.76
C ILE Z 61 44.61 14.55 25.05
N THR Z 62 43.45 13.92 25.25
CA THR Z 62 43.21 13.05 26.40
C THR Z 62 42.88 11.66 25.88
N ILE Z 63 43.63 10.66 26.35
CA ILE Z 63 43.47 9.27 25.92
C ILE Z 63 43.73 8.36 27.12
N THR Z 64 43.00 7.26 27.19
CA THR Z 64 43.22 6.28 28.25
C THR Z 64 44.26 5.27 27.79
N VAL Z 65 45.36 5.18 28.54
CA VAL Z 65 46.52 4.37 28.17
C VAL Z 65 46.76 3.34 29.26
N LYS Z 66 47.04 2.10 28.84
CA LYS Z 66 47.36 0.99 29.72
C LYS Z 66 48.77 0.53 29.43
N ASN Z 67 49.58 0.41 30.47
CA ASN Z 67 50.98 0.00 30.34
C ASN Z 67 51.17 -1.34 31.02
N THR Z 68 51.55 -2.35 30.25
CA THR Z 68 51.79 -3.69 30.78
C THR Z 68 53.27 -3.99 30.97
N GLY Z 69 54.15 -3.06 30.62
CA GLY Z 69 55.57 -3.26 30.82
C GLY Z 69 55.99 -3.01 32.26
N THR Z 70 57.28 -3.24 32.52
CA THR Z 70 57.85 -3.02 33.84
C THR Z 70 58.53 -1.67 33.97
N THR Z 71 58.48 -0.82 32.95
CA THR Z 71 59.12 0.48 32.96
C THR Z 71 58.12 1.57 32.62
N SER Z 72 58.38 2.77 33.14
CA SER Z 72 57.58 3.93 32.78
C SER Z 72 57.89 4.33 31.35
N ILE Z 73 56.85 4.59 30.56
CA ILE Z 73 56.99 4.85 29.14
C ILE Z 73 56.34 6.19 28.82
N SER Z 74 56.97 6.96 27.94
CA SER Z 74 56.58 8.32 27.64
C SER Z 74 56.18 8.47 26.18
N VAL Z 75 55.36 9.50 25.92
CA VAL Z 75 54.91 9.82 24.56
C VAL Z 75 55.99 10.66 23.89
N THR Z 76 56.60 10.13 22.84
CA THR Z 76 57.66 10.85 22.15
C THR Z 76 57.17 11.75 21.04
N SER Z 77 56.14 11.33 20.29
CA SER Z 77 55.62 12.12 19.19
C SER Z 77 54.18 11.71 18.92
N ILE Z 78 53.47 12.55 18.18
CA ILE Z 78 52.08 12.29 17.84
C ILE Z 78 51.81 12.77 16.42
N ASN Z 79 51.04 11.98 15.68
CA ASN Z 79 50.57 12.32 14.34
C ASN Z 79 49.06 12.22 14.33
N ILE Z 80 48.39 13.31 13.96
CA ILE Z 80 46.94 13.39 13.96
C ILE Z 80 46.44 13.48 12.53
N ASN Z 81 45.72 12.45 12.09
CA ASN Z 81 45.08 12.43 10.78
C ASN Z 81 46.10 12.68 9.66
N GLY Z 82 47.29 12.11 9.81
CA GLY Z 82 48.35 12.27 8.83
C GLY Z 82 49.26 13.46 9.06
N GLN Z 83 48.86 14.43 9.88
CA GLN Z 83 49.68 15.62 10.09
C GLN Z 83 50.58 15.43 11.31
N PRO Z 84 51.84 15.87 11.22
CA PRO Z 84 52.72 15.79 12.38
C PRO Z 84 52.29 16.79 13.45
N PHE Z 85 52.57 16.46 14.71
CA PHE Z 85 52.27 17.35 15.82
C PHE Z 85 53.41 17.29 16.82
N ASN Z 86 53.56 18.36 17.60
CA ASN Z 86 54.64 18.46 18.59
C ASN Z 86 54.04 18.71 19.96
N ILE Z 87 54.50 17.96 20.96
CA ILE Z 87 54.02 18.16 22.32
C ILE Z 87 54.56 19.48 22.87
N ASN Z 88 53.69 20.27 23.50
CA ASN Z 88 54.08 21.61 23.93
C ASN Z 88 54.84 21.61 25.26
N GLY Z 89 54.46 20.76 26.21
CA GLY Z 89 55.14 20.65 27.48
C GLY Z 89 56.08 19.47 27.52
N THR Z 90 56.46 19.09 28.74
CA THR Z 90 57.21 17.85 28.92
C THR Z 90 56.31 16.66 28.63
N ALA Z 91 56.90 15.61 28.08
CA ALA Z 91 56.11 14.47 27.64
C ALA Z 91 55.46 13.77 28.83
N PRO Z 92 54.20 13.37 28.72
CA PRO Z 92 53.61 12.55 29.77
C PRO Z 92 54.23 11.15 29.80
N SER Z 93 54.22 10.55 30.98
CA SER Z 93 54.80 9.23 31.17
C SER Z 93 53.81 8.34 31.90
N ILE Z 94 53.68 7.11 31.43
CA ILE Z 94 52.72 6.14 31.97
C ILE Z 94 53.48 5.15 32.84
N PRO Z 95 53.19 5.06 34.13
CA PRO Z 95 53.91 4.11 34.99
C PRO Z 95 53.53 2.68 34.69
N ALA Z 96 54.35 1.76 35.19
CA ALA Z 96 54.16 0.33 34.93
C ALA Z 96 52.86 -0.16 35.56
N GLY Z 97 52.19 -1.05 34.85
CA GLY Z 97 50.98 -1.69 35.34
C GLY Z 97 49.75 -0.80 35.39
N ARG Z 98 49.88 0.49 35.13
CA ARG Z 98 48.77 1.42 35.31
C ARG Z 98 47.88 1.45 34.07
N THR Z 99 46.61 1.79 34.30
CA THR Z 99 45.69 2.22 33.27
C THR Z 99 45.14 3.57 33.68
N GLN Z 100 45.46 4.61 32.92
CA GLN Z 100 45.13 5.95 33.38
C GLN Z 100 44.92 6.89 32.21
N PRO Z 101 44.18 7.99 32.42
CA PRO Z 101 44.02 8.99 31.36
C PRO Z 101 45.21 9.93 31.24
N ILE Z 102 45.94 9.80 30.14
CA ILE Z 102 47.02 10.73 29.81
C ILE Z 102 46.42 11.94 29.11
N THR Z 103 46.80 13.13 29.55
CA THR Z 103 46.39 14.38 28.93
C THR Z 103 47.63 15.21 28.64
N PHE Z 104 47.74 15.71 27.40
CA PHE Z 104 48.91 16.52 27.06
C PHE Z 104 48.56 17.54 25.99
N GLU Z 105 49.27 18.66 26.03
CA GLU Z 105 49.09 19.74 25.07
C GLU Z 105 49.87 19.44 23.80
N VAL Z 106 49.37 19.92 22.67
CA VAL Z 106 50.00 19.64 21.39
C VAL Z 106 49.85 20.83 20.45
N THR Z 107 50.79 20.96 19.52
CA THR Z 107 50.89 22.04 18.55
C THR Z 107 51.01 21.45 17.15
N PRO Z 108 50.51 22.14 16.13
CA PRO Z 108 50.77 21.71 14.76
C PRO Z 108 52.24 21.90 14.41
N ALA Z 109 52.84 20.86 13.82
CA ALA Z 109 54.23 20.98 13.38
C ALA Z 109 54.34 21.90 12.17
N SER Z 110 53.36 21.88 11.28
CA SER Z 110 53.32 22.78 10.13
C SER Z 110 51.88 23.04 9.76
N GLY Z 111 51.63 24.23 9.22
CA GLY Z 111 50.28 24.56 8.82
C GLY Z 111 49.39 24.85 10.01
N LYS Z 112 48.08 24.80 9.75
CA LYS Z 112 47.05 25.10 10.75
C LYS Z 112 45.86 24.20 10.49
N PRO Z 113 45.81 23.04 11.15
CA PRO Z 113 44.70 22.12 10.92
C PRO Z 113 43.43 22.62 11.59
N ASN Z 114 42.32 22.48 10.87
CA ASN Z 114 41.03 22.95 11.36
C ASN Z 114 40.15 21.74 11.64
N PHE Z 115 39.55 21.71 12.83
CA PHE Z 115 38.74 20.59 13.27
C PHE Z 115 37.28 21.02 13.36
N SER Z 116 36.38 20.07 13.09
CA SER Z 116 34.96 20.34 13.18
C SER Z 116 34.36 19.66 14.40
N PRO Z 117 33.37 20.28 15.05
CA PRO Z 117 32.80 19.69 16.27
C PRO Z 117 32.23 18.30 16.01
N GLY Z 118 32.54 17.37 16.92
CA GLY Z 118 32.00 16.03 16.85
C GLY Z 118 32.63 15.11 15.83
N ALA Z 119 33.58 15.59 15.03
CA ALA Z 119 34.22 14.75 14.03
C ALA Z 119 35.25 13.83 14.69
N SER Z 120 35.52 12.71 14.03
CA SER Z 120 36.46 11.72 14.52
C SER Z 120 37.75 11.82 13.71
N TYR Z 121 38.88 11.97 14.41
CA TYR Z 121 40.18 12.10 13.80
C TYR Z 121 41.09 11.01 14.34
N THR Z 122 41.74 10.27 13.44
CA THR Z 122 42.66 9.23 13.87
C THR Z 122 44.01 9.83 14.20
N ALA Z 123 44.58 9.39 15.32
CA ALA Z 123 45.89 9.84 15.75
C ALA Z 123 46.73 8.63 16.12
N THR Z 124 48.00 8.67 15.73
CA THR Z 124 48.95 7.63 16.10
C THR Z 124 49.88 8.20 17.16
N ILE Z 125 49.84 7.62 18.36
CA ILE Z 125 50.70 8.04 19.45
C ILE Z 125 51.92 7.13 19.46
N TYR Z 126 53.10 7.71 19.33
CA TYR Z 126 54.35 6.96 19.34
C TYR Z 126 54.95 7.06 20.73
N PHE Z 127 55.12 5.91 21.38
CA PHE Z 127 55.66 5.85 22.71
C PHE Z 127 57.13 5.50 22.67
N SER Z 128 57.78 5.57 23.85
CA SER Z 128 59.23 5.42 23.90
C SER Z 128 59.69 4.03 23.51
N ASN Z 129 58.80 3.04 23.49
CA ASN Z 129 59.17 1.73 22.97
C ASN Z 129 59.37 1.73 21.47
N GLY Z 130 59.01 2.81 20.79
CA GLY Z 130 58.85 2.79 19.36
C GLY Z 130 57.50 2.28 18.92
N GLN Z 131 56.66 1.86 19.86
CA GLN Z 131 55.33 1.37 19.53
C GLN Z 131 54.42 2.52 19.11
N GLY Z 132 53.73 2.34 18.00
CA GLY Z 132 52.79 3.34 17.53
C GLY Z 132 51.37 2.87 17.65
N ALA Z 133 50.62 3.44 18.60
CA ALA Z 133 49.26 3.01 18.85
C ALA Z 133 48.29 3.90 18.09
N PRO Z 134 47.46 3.35 17.20
CA PRO Z 134 46.39 4.16 16.60
C PRO Z 134 45.22 4.30 17.57
N ALA Z 135 44.61 5.49 17.54
CA ALA Z 135 43.49 5.81 18.41
C ALA Z 135 42.58 6.79 17.69
N THR Z 136 41.35 6.91 18.18
CA THR Z 136 40.35 7.80 17.61
C THR Z 136 40.04 8.91 18.60
N LEU Z 137 40.20 10.15 18.17
CA LEU Z 137 39.93 11.32 18.99
C LEU Z 137 38.68 12.00 18.46
N ILE Z 138 37.76 12.34 19.36
CA ILE Z 138 36.56 13.08 19.01
C ILE Z 138 36.77 14.53 19.42
N TYR Z 139 36.64 15.44 18.46
CA TYR Z 139 36.86 16.86 18.74
C TYR Z 139 35.70 17.42 19.54
N GLN Z 140 36.00 18.16 20.60
CA GLN Z 140 35.00 18.65 21.52
C GLN Z 140 35.02 20.16 21.71
N GLY Z 141 36.00 20.87 21.17
CA GLY Z 141 36.11 22.30 21.38
C GLY Z 141 35.13 23.13 20.58
N LEU AA 1 99.66 -27.12 18.14
CA LEU AA 1 99.45 -25.68 18.07
C LEU AA 1 98.60 -25.31 16.87
N SER AA 2 98.59 -26.18 15.86
CA SER AA 2 97.90 -25.87 14.61
C SER AA 2 96.41 -25.68 14.82
N GLY AA 3 95.80 -26.52 15.66
CA GLY AA 3 94.36 -26.49 15.82
C GLY AA 3 93.83 -25.15 16.30
N ALA AA 4 94.51 -24.55 17.28
CA ALA AA 4 94.04 -23.28 17.83
C ALA AA 4 94.12 -22.16 16.79
N ILE AA 5 95.23 -22.09 16.05
CA ILE AA 5 95.37 -21.04 15.04
C ILE AA 5 94.36 -21.24 13.92
N VAL AA 6 94.13 -22.49 13.50
CA VAL AA 6 93.15 -22.76 12.46
C VAL AA 6 91.76 -22.36 12.93
N ALA AA 7 91.41 -22.70 14.18
CA ALA AA 7 90.12 -22.33 14.72
C ALA AA 7 89.96 -20.81 14.77
N LEU AA 8 91.02 -20.10 15.15
CA LEU AA 8 90.96 -18.64 15.19
C LEU AA 8 90.77 -18.06 13.80
N ILE AA 9 91.48 -18.62 12.81
CA ILE AA 9 91.30 -18.17 11.43
C ILE AA 9 89.85 -18.35 11.00
N LEU AA 10 89.29 -19.52 11.27
CA LEU AA 10 87.91 -19.78 10.87
C LEU AA 10 86.92 -18.91 11.62
N VAL AA 11 87.21 -18.59 12.88
CA VAL AA 11 86.32 -17.71 13.64
C VAL AA 11 86.30 -16.32 13.02
N ILE AA 12 87.48 -15.78 12.71
CA ILE AA 12 87.54 -14.44 12.11
C ILE AA 12 86.85 -14.44 10.74
N ALA AA 13 87.11 -15.47 9.93
CA ALA AA 13 86.50 -15.55 8.61
C ALA AA 13 84.99 -15.69 8.70
N GLY AA 14 84.51 -16.45 9.68
CA GLY AA 14 83.07 -16.55 9.88
C GLY AA 14 82.46 -15.21 10.24
N VAL AA 15 83.14 -14.45 11.11
CA VAL AA 15 82.67 -13.09 11.41
C VAL AA 15 82.58 -12.26 10.13
N ILE AA 16 83.62 -12.34 9.30
CA ILE AA 16 83.66 -11.56 8.06
C ILE AA 16 82.48 -11.91 7.16
N ILE AA 17 82.29 -13.21 6.91
CA ILE AA 17 81.27 -13.63 5.96
C ILE AA 17 79.87 -13.35 6.50
N ALA AA 18 79.68 -13.56 7.80
CA ALA AA 18 78.37 -13.29 8.40
C ALA AA 18 78.02 -11.81 8.30
N ILE AA 19 78.99 -10.92 8.59
CA ILE AA 19 78.72 -9.50 8.47
C ILE AA 19 78.45 -9.11 7.03
N ALA AA 20 79.17 -9.75 6.09
CA ALA AA 20 78.91 -9.49 4.68
C ALA AA 20 77.48 -9.86 4.30
N VAL AA 21 77.00 -11.01 4.79
CA VAL AA 21 75.63 -11.44 4.49
C VAL AA 21 74.62 -10.50 5.14
N VAL AA 22 74.91 -10.02 6.35
CA VAL AA 22 74.01 -9.08 7.01
C VAL AA 22 73.92 -7.78 6.22
N LEU AA 23 75.06 -7.29 5.74
CA LEU AA 23 75.05 -6.06 4.93
C LEU AA 23 74.31 -6.28 3.62
N PHE AA 24 74.43 -7.49 3.04
CA PHE AA 24 73.65 -7.81 1.84
C PHE AA 24 72.16 -7.77 2.14
N ALA AA 25 71.76 -8.32 3.29
CA ALA AA 25 70.35 -8.27 3.68
C ALA AA 25 69.87 -6.84 3.82
N PHE AA 26 70.70 -5.98 4.41
CA PHE AA 26 70.34 -4.57 4.52
C PHE AA 26 70.26 -3.90 3.15
N GLY AA 27 71.12 -4.29 2.22
CA GLY AA 27 71.09 -3.73 0.89
C GLY AA 27 69.95 -4.22 0.02
N LEU AA 28 69.34 -5.34 0.37
CA LEU AA 28 68.17 -5.81 -0.38
C LEU AA 28 66.94 -4.93 -0.16
N ILE AA 29 66.84 -4.27 1.00
CA ILE AA 29 65.63 -3.57 1.41
C ILE AA 29 65.15 -2.55 0.39
N PRO AA 30 66.01 -1.67 -0.16
CA PRO AA 30 65.50 -0.66 -1.11
C PRO AA 30 64.81 -1.25 -2.33
N GLY AA 31 65.30 -2.37 -2.85
CA GLY AA 31 64.66 -2.96 -4.02
C GLY AA 31 63.28 -3.51 -3.72
N ILE AA 32 63.12 -4.16 -2.56
CA ILE AA 32 61.83 -4.76 -2.22
C ILE AA 32 60.89 -3.71 -1.64
N SER AA 33 61.41 -2.79 -0.83
CA SER AA 33 60.58 -1.79 -0.16
C SER AA 33 60.37 -0.65 -1.14
N ASN AA 34 59.25 -0.71 -1.85
CA ASN AA 34 58.93 0.28 -2.89
C ASN AA 34 57.44 0.61 -2.73
N GLN AA 35 57.15 1.63 -1.95
CA GLN AA 35 55.78 2.09 -1.78
C GLN AA 35 55.33 2.86 -3.03
N GLY AA 36 54.07 3.22 -3.04
CA GLY AA 36 53.55 3.91 -4.22
C GLY AA 36 53.04 2.92 -5.25
N SER AA 37 51.96 3.32 -5.92
CA SER AA 37 51.28 2.43 -6.84
C SER AA 37 50.48 3.27 -7.82
N ILE AA 38 50.06 2.63 -8.90
CA ILE AA 38 49.11 3.26 -9.82
C ILE AA 38 47.71 2.99 -9.30
N GLN AA 39 46.94 4.07 -9.12
CA GLN AA 39 45.59 4.00 -8.58
C GLN AA 39 44.61 4.44 -9.67
N VAL AA 40 43.57 3.64 -9.89
CA VAL AA 40 42.55 3.95 -10.89
C VAL AA 40 41.37 4.59 -10.17
N LEU AA 41 41.05 5.82 -10.55
CA LEU AA 41 40.06 6.64 -9.86
C LEU AA 41 38.78 6.70 -10.67
N GLY AA 42 37.67 6.33 -10.06
CA GLY AA 42 36.38 6.42 -10.71
C GLY AA 42 36.19 5.40 -11.82
N SER AA 43 35.04 5.49 -12.48
CA SER AA 43 34.72 4.58 -13.56
C SER AA 43 35.33 5.06 -14.87
N GLY AA 44 35.83 4.11 -15.66
CA GLY AA 44 36.29 4.39 -17.00
C GLY AA 44 35.21 4.10 -18.03
N THR AA 45 35.57 4.28 -19.29
CA THR AA 45 34.63 4.10 -20.39
C THR AA 45 35.26 3.28 -21.51
N ILE AA 46 34.43 2.41 -22.10
CA ILE AA 46 34.76 1.66 -23.31
C ILE AA 46 33.92 2.19 -24.45
N THR AA 47 34.57 2.54 -25.56
CA THR AA 47 33.88 3.05 -26.72
C THR AA 47 34.28 2.24 -27.94
N ASN AA 48 33.34 1.99 -28.85
CA ASN AA 48 33.62 1.18 -30.02
C ASN AA 48 34.39 2.01 -31.05
N SER AA 49 35.64 1.62 -31.31
CA SER AA 49 36.48 2.32 -32.27
C SER AA 49 36.52 1.65 -33.63
N THR AA 50 35.98 0.44 -33.76
CA THR AA 50 35.97 -0.25 -35.04
C THR AA 50 35.22 0.56 -36.08
N ALA AA 51 35.79 0.68 -37.27
CA ALA AA 51 35.20 1.53 -38.30
C ALA AA 51 35.50 0.94 -39.68
N SER AA 52 34.75 1.43 -40.67
CA SER AA 52 34.97 1.15 -42.09
C SER AA 52 34.80 -0.33 -42.43
N GLY AA 53 34.14 -1.10 -41.57
CA GLY AA 53 33.95 -2.52 -41.84
C GLY AA 53 35.22 -3.33 -41.86
N SER AA 54 36.30 -2.82 -41.26
CA SER AA 54 37.53 -3.58 -41.17
C SER AA 54 37.33 -4.80 -40.27
N SER AA 55 38.18 -5.81 -40.47
CA SER AA 55 37.92 -7.13 -39.90
C SER AA 55 38.15 -7.16 -38.39
N ARG AA 56 38.98 -6.28 -37.85
CA ARG AA 56 39.42 -6.38 -36.47
C ARG AA 56 38.71 -5.34 -35.61
N THR AA 57 38.18 -5.78 -34.47
CA THR AA 57 37.47 -4.90 -33.56
C THR AA 57 38.46 -4.23 -32.60
N ILE AA 58 38.34 -2.92 -32.47
CA ILE AA 58 39.19 -2.13 -31.59
C ILE AA 58 38.32 -1.26 -30.71
N TYR AA 59 38.68 -1.14 -29.43
CA TYR AA 59 37.90 -0.38 -28.47
C TYR AA 59 38.78 0.63 -27.76
N ASN AA 60 38.25 1.84 -27.61
CA ASN AA 60 38.86 2.87 -26.79
C ASN AA 60 38.56 2.61 -25.33
N ILE AA 61 39.57 2.70 -24.49
CA ILE AA 61 39.39 2.59 -23.04
C ILE AA 61 39.98 3.85 -22.42
N THR AA 62 39.15 4.56 -21.66
CA THR AA 62 39.55 5.78 -20.98
C THR AA 62 39.37 5.60 -19.48
N ILE AA 63 40.44 5.85 -18.72
CA ILE AA 63 40.39 5.75 -17.26
C ILE AA 63 41.25 6.85 -16.66
N THR AA 64 40.86 7.30 -15.48
CA THR AA 64 41.64 8.28 -14.74
C THR AA 64 42.63 7.54 -13.84
N VAL AA 65 43.92 7.88 -13.97
CA VAL AA 65 45.01 7.14 -13.38
C VAL AA 65 45.91 8.09 -12.61
N LYS AA 66 46.26 7.71 -11.39
CA LYS AA 66 47.11 8.50 -10.50
C LYS AA 66 48.32 7.66 -10.11
N ASN AA 67 49.50 8.08 -10.56
CA ASN AA 67 50.74 7.36 -10.25
C ASN AA 67 51.30 7.96 -8.97
N THR AA 68 51.18 7.22 -7.87
CA THR AA 68 51.68 7.71 -6.59
C THR AA 68 53.15 7.40 -6.37
N GLY AA 69 53.78 6.64 -7.27
CA GLY AA 69 55.17 6.27 -7.12
C GLY AA 69 56.11 7.32 -7.69
N THR AA 70 57.39 6.97 -7.68
CA THR AA 70 58.45 7.84 -8.19
C THR AA 70 59.00 7.37 -9.54
N THR AA 71 58.34 6.41 -10.19
CA THR AA 71 58.83 5.85 -11.43
C THR AA 71 57.73 5.91 -12.49
N SER AA 72 58.15 6.04 -13.74
CA SER AA 72 57.21 5.95 -14.85
C SER AA 72 56.73 4.51 -15.00
N ILE AA 73 55.42 4.35 -15.19
CA ILE AA 73 54.80 3.03 -15.28
C ILE AA 73 53.88 3.03 -16.49
N SER AA 74 53.79 1.88 -17.15
CA SER AA 74 52.98 1.72 -18.35
C SER AA 74 52.05 0.53 -18.19
N VAL AA 75 50.96 0.54 -18.96
CA VAL AA 75 50.03 -0.57 -18.99
C VAL AA 75 50.61 -1.70 -19.84
N THR AA 76 50.25 -2.94 -19.50
CA THR AA 76 50.77 -4.08 -20.24
C THR AA 76 49.64 -4.95 -20.77
N SER AA 77 48.50 -4.97 -20.08
CA SER AA 77 47.37 -5.77 -20.50
C SER AA 77 46.14 -5.32 -19.74
N ILE AA 78 44.97 -5.71 -20.24
CA ILE AA 78 43.71 -5.48 -19.57
C ILE AA 78 42.84 -6.72 -19.74
N ASN AA 79 42.08 -7.04 -18.70
CA ASN AA 79 41.11 -8.12 -18.74
C ASN AA 79 39.74 -7.54 -18.44
N ILE AA 80 38.80 -7.68 -19.39
CA ILE AA 80 37.47 -7.11 -19.26
C ILE AA 80 36.46 -8.25 -19.29
N ASN AA 81 35.62 -8.33 -18.26
CA ASN AA 81 34.53 -9.29 -18.19
C ASN AA 81 35.04 -10.73 -18.32
N GLY AA 82 36.23 -11.00 -17.80
CA GLY AA 82 36.84 -12.31 -17.89
C GLY AA 82 37.57 -12.60 -19.18
N GLN AA 83 37.58 -11.67 -20.12
CA GLN AA 83 38.20 -11.86 -21.42
C GLN AA 83 39.47 -11.04 -21.52
N PRO AA 84 40.59 -11.61 -21.96
CA PRO AA 84 41.82 -10.83 -22.10
C PRO AA 84 41.80 -9.98 -23.36
N PHE AA 85 42.38 -8.79 -23.27
CA PHE AA 85 42.51 -7.89 -24.41
C PHE AA 85 43.98 -7.48 -24.54
N ASN AA 86 44.38 -7.24 -25.79
CA ASN AA 86 45.74 -6.81 -26.09
C ASN AA 86 45.75 -5.29 -26.31
N ILE AA 87 46.74 -4.62 -25.72
CA ILE AA 87 46.85 -3.18 -25.85
C ILE AA 87 47.46 -2.82 -27.20
N ASN AA 88 46.60 -2.56 -28.18
CA ASN AA 88 47.07 -2.14 -29.50
C ASN AA 88 47.93 -0.89 -29.37
N GLY AA 89 49.03 -0.88 -30.12
CA GLY AA 89 49.87 0.28 -30.23
C GLY AA 89 50.83 0.46 -29.07
N THR AA 90 51.59 1.55 -29.15
CA THR AA 90 52.48 1.95 -28.07
C THR AA 90 51.68 2.16 -26.80
N ALA AA 91 51.93 1.33 -25.80
CA ALA AA 91 51.17 1.41 -24.56
C ALA AA 91 51.44 2.74 -23.85
N PRO AA 92 50.40 3.38 -23.33
CA PRO AA 92 50.60 4.67 -22.67
C PRO AA 92 51.42 4.54 -21.39
N SER AA 93 52.18 5.58 -21.09
CA SER AA 93 53.03 5.63 -19.91
C SER AA 93 52.49 6.71 -18.97
N ILE AA 94 52.44 6.39 -17.68
CA ILE AA 94 51.91 7.29 -16.67
C ILE AA 94 53.09 7.89 -15.90
N PRO AA 95 53.33 9.19 -16.01
CA PRO AA 95 54.47 9.80 -15.31
C PRO AA 95 54.29 9.78 -13.80
N ALA AA 96 55.42 9.88 -13.11
CA ALA AA 96 55.44 9.80 -11.65
C ALA AA 96 54.70 10.98 -11.03
N GLY AA 97 53.97 10.69 -9.95
CA GLY AA 97 53.32 11.73 -9.17
C GLY AA 97 52.21 12.49 -9.86
N ARG AA 98 51.69 11.98 -10.97
CA ARG AA 98 50.76 12.72 -11.80
C ARG AA 98 49.43 11.99 -11.94
N THR AA 99 48.34 12.76 -11.92
CA THR AA 99 47.01 12.24 -12.20
C THR AA 99 46.60 12.68 -13.60
N GLN AA 100 46.25 11.71 -14.43
CA GLN AA 100 45.94 11.96 -15.84
C GLN AA 100 44.73 11.16 -16.29
N PRO AA 101 43.96 11.70 -17.22
CA PRO AA 101 43.06 10.84 -18.02
C PRO AA 101 43.89 10.12 -19.07
N ILE AA 102 43.89 8.79 -19.01
CA ILE AA 102 44.67 7.95 -19.90
C ILE AA 102 43.69 7.24 -20.83
N THR AA 103 44.05 7.17 -22.11
CA THR AA 103 43.20 6.55 -23.12
C THR AA 103 44.06 5.66 -24.01
N PHE AA 104 43.59 4.45 -24.25
CA PHE AA 104 44.35 3.53 -25.09
C PHE AA 104 43.40 2.58 -25.82
N GLU AA 105 43.86 2.08 -26.96
CA GLU AA 105 43.07 1.19 -27.78
C GLU AA 105 43.43 -0.26 -27.49
N VAL AA 106 42.40 -1.10 -27.45
CA VAL AA 106 42.55 -2.52 -27.15
C VAL AA 106 41.85 -3.35 -28.21
N THR AA 107 42.30 -4.58 -28.37
CA THR AA 107 41.66 -5.56 -29.23
C THR AA 107 41.49 -6.86 -28.47
N PRO AA 108 40.42 -7.61 -28.74
CA PRO AA 108 40.23 -8.88 -28.03
C PRO AA 108 41.31 -9.88 -28.41
N ALA AA 109 41.90 -10.50 -27.39
CA ALA AA 109 42.92 -11.52 -27.64
C ALA AA 109 42.30 -12.77 -28.27
N SER AA 110 41.04 -13.07 -27.93
CA SER AA 110 40.34 -14.20 -28.52
C SER AA 110 38.84 -13.94 -28.44
N GLY AA 111 38.09 -14.59 -29.32
CA GLY AA 111 36.65 -14.47 -29.30
C GLY AA 111 36.19 -13.06 -29.67
N LYS AA 112 34.99 -12.73 -29.19
CA LYS AA 112 34.42 -11.41 -29.43
C LYS AA 112 33.64 -10.95 -28.20
N PRO AA 113 33.71 -9.66 -27.87
CA PRO AA 113 32.98 -9.15 -26.71
C PRO AA 113 31.48 -9.09 -26.95
N ASN AA 114 30.73 -9.02 -25.86
CA ASN AA 114 29.27 -8.94 -25.88
C ASN AA 114 28.76 -7.67 -25.22
N PHE AA 115 29.53 -6.58 -25.32
CA PHE AA 115 29.21 -5.37 -24.57
C PHE AA 115 27.82 -4.85 -24.93
N SER AA 116 27.14 -4.30 -23.92
CA SER AA 116 25.82 -3.72 -24.08
C SER AA 116 25.87 -2.26 -23.66
N PRO AA 117 25.17 -1.38 -24.38
CA PRO AA 117 25.23 0.06 -24.04
C PRO AA 117 24.77 0.32 -22.61
N GLY AA 118 25.55 1.12 -21.89
CA GLY AA 118 25.24 1.49 -20.54
C GLY AA 118 25.60 0.47 -19.48
N ALA AA 119 26.03 -0.72 -19.87
CA ALA AA 119 26.39 -1.75 -18.90
C ALA AA 119 27.76 -1.44 -18.29
N SER AA 120 27.95 -1.90 -17.06
CA SER AA 120 29.20 -1.72 -16.33
C SER AA 120 29.89 -3.06 -16.20
N TYR AA 121 31.15 -3.11 -16.62
CA TYR AA 121 31.93 -4.34 -16.66
C TYR AA 121 33.15 -4.20 -15.77
N THR AA 122 33.37 -5.18 -14.92
CA THR AA 122 34.56 -5.20 -14.08
C THR AA 122 35.77 -5.60 -14.92
N ALA AA 123 36.85 -4.82 -14.81
CA ALA AA 123 38.07 -5.05 -15.56
C ALA AA 123 39.25 -4.99 -14.61
N THR AA 124 40.39 -5.50 -15.08
CA THR AA 124 41.64 -5.46 -14.35
C THR AA 124 42.73 -4.96 -15.29
N ILE AA 125 43.39 -3.87 -14.93
CA ILE AA 125 44.44 -3.29 -15.75
C ILE AA 125 45.78 -3.64 -15.10
N TYR AA 126 46.66 -4.26 -15.88
CA TYR AA 126 47.94 -4.76 -15.38
C TYR AA 126 49.06 -3.82 -15.85
N PHE AA 127 49.86 -3.35 -14.90
CA PHE AA 127 50.88 -2.36 -15.16
C PHE AA 127 52.27 -2.99 -15.11
N SER AA 128 53.27 -2.21 -15.54
CA SER AA 128 54.62 -2.75 -15.73
C SER AA 128 55.23 -3.29 -14.46
N ASN AA 129 54.79 -2.82 -13.29
CA ASN AA 129 55.29 -3.38 -12.03
C ASN AA 129 54.74 -4.77 -11.77
N GLY AA 130 53.77 -5.23 -12.55
CA GLY AA 130 53.07 -6.45 -12.28
C GLY AA 130 51.81 -6.29 -11.44
N GLN AA 131 51.67 -5.15 -10.77
CA GLN AA 131 50.47 -4.86 -10.00
C GLN AA 131 49.28 -4.68 -10.95
N GLY AA 132 48.11 -5.07 -10.47
CA GLY AA 132 46.91 -4.98 -11.27
C GLY AA 132 45.77 -4.29 -10.55
N ALA AA 133 45.27 -3.20 -11.14
CA ALA AA 133 44.23 -2.41 -10.52
C ALA AA 133 42.86 -2.87 -11.04
N PRO AA 134 41.94 -3.28 -10.18
CA PRO AA 134 40.56 -3.50 -10.62
C PRO AA 134 39.87 -2.16 -10.87
N ALA AA 135 39.02 -2.15 -11.89
CA ALA AA 135 38.31 -0.94 -12.29
C ALA AA 135 36.93 -1.34 -12.83
N THR AA 136 36.06 -0.36 -12.95
CA THR AA 136 34.76 -0.55 -13.57
C THR AA 136 34.66 0.31 -14.82
N LEU AA 137 34.34 -0.32 -15.94
CA LEU AA 137 34.27 0.36 -17.23
C LEU AA 137 32.83 0.33 -17.74
N ILE AA 138 32.31 1.49 -18.09
CA ILE AA 138 30.97 1.61 -18.64
C ILE AA 138 31.07 1.66 -20.15
N TYR AA 139 30.28 0.84 -20.84
CA TYR AA 139 30.30 0.79 -22.29
C TYR AA 139 29.39 1.89 -22.83
N GLN AA 140 29.98 2.85 -23.54
CA GLN AA 140 29.25 4.00 -24.04
C GLN AA 140 28.76 3.84 -25.47
N GLY AA 141 29.15 2.76 -26.15
CA GLY AA 141 28.73 2.57 -27.53
C GLY AA 141 29.65 3.25 -28.53
N LEU BA 1 95.14 -29.16 11.16
CA LEU BA 1 94.72 -29.14 9.77
C LEU BA 1 93.27 -29.57 9.63
N SER BA 2 92.75 -30.21 10.67
CA SER BA 2 91.43 -30.83 10.60
C SER BA 2 90.31 -29.79 10.42
N GLY BA 3 90.43 -28.65 11.09
CA GLY BA 3 89.33 -27.70 11.14
C GLY BA 3 88.92 -27.19 9.77
N ALA BA 4 89.90 -26.88 8.91
CA ALA BA 4 89.58 -26.38 7.59
C ALA BA 4 88.87 -27.43 6.76
N ILE BA 5 89.30 -28.69 6.87
CA ILE BA 5 88.64 -29.79 6.15
C ILE BA 5 87.19 -29.93 6.61
N VAL BA 6 86.96 -29.89 7.92
CA VAL BA 6 85.60 -29.98 8.45
C VAL BA 6 84.76 -28.82 7.96
N ALA BA 7 85.33 -27.62 7.95
CA ALA BA 7 84.62 -26.44 7.48
C ALA BA 7 84.23 -26.57 6.01
N LEU BA 8 85.14 -27.09 5.19
CA LEU BA 8 84.83 -27.29 3.77
C LEU BA 8 83.65 -28.25 3.61
N ILE BA 9 83.69 -29.38 4.31
CA ILE BA 9 82.60 -30.35 4.24
C ILE BA 9 81.28 -29.69 4.62
N LEU BA 10 81.27 -28.97 5.74
CA LEU BA 10 80.03 -28.38 6.23
C LEU BA 10 79.52 -27.29 5.31
N VAL BA 11 80.41 -26.51 4.70
CA VAL BA 11 79.97 -25.45 3.79
C VAL BA 11 79.25 -26.05 2.59
N ILE BA 12 79.85 -27.09 1.99
CA ILE BA 12 79.20 -27.70 0.82
C ILE BA 12 77.88 -28.33 1.21
N ALA BA 13 77.84 -29.03 2.34
CA ALA BA 13 76.58 -29.64 2.77
C ALA BA 13 75.51 -28.59 3.04
N GLY BA 14 75.90 -27.45 3.60
CA GLY BA 14 74.93 -26.38 3.84
C GLY BA 14 74.35 -25.86 2.54
N VAL BA 15 75.20 -25.67 1.52
CA VAL BA 15 74.69 -25.26 0.21
C VAL BA 15 73.64 -26.25 -0.28
N ILE BA 16 73.97 -27.54 -0.22
CA ILE BA 16 73.07 -28.57 -0.75
C ILE BA 16 71.73 -28.54 -0.02
N ILE BA 17 71.77 -28.53 1.32
CA ILE BA 17 70.53 -28.63 2.09
C ILE BA 17 69.68 -27.38 1.90
N ALA BA 18 70.31 -26.21 1.84
CA ALA BA 18 69.54 -24.99 1.64
C ALA BA 18 68.83 -25.01 0.29
N ILE BA 19 69.51 -25.44 -0.76
CA ILE BA 19 68.86 -25.52 -2.07
C ILE BA 19 67.70 -26.52 -2.03
N ALA BA 20 67.91 -27.65 -1.33
CA ALA BA 20 66.84 -28.64 -1.23
C ALA BA 20 65.61 -28.07 -0.53
N VAL BA 21 65.82 -27.29 0.55
CA VAL BA 21 64.70 -26.70 1.26
C VAL BA 21 63.96 -25.70 0.39
N VAL BA 22 64.71 -24.90 -0.38
CA VAL BA 22 64.08 -23.93 -1.27
C VAL BA 22 63.20 -24.64 -2.31
N LEU BA 23 63.74 -25.72 -2.89
CA LEU BA 23 62.96 -26.46 -3.87
C LEU BA 23 61.73 -27.12 -3.25
N PHE BA 24 61.84 -27.58 -1.99
CA PHE BA 24 60.65 -28.11 -1.32
C PHE BA 24 59.60 -27.02 -1.11
N ALA BA 25 60.04 -25.82 -0.75
CA ALA BA 25 59.10 -24.71 -0.60
C ALA BA 25 58.37 -24.43 -1.91
N PHE BA 26 59.09 -24.49 -3.02
CA PHE BA 26 58.44 -24.31 -4.32
C PHE BA 26 57.52 -25.48 -4.65
N GLY BA 27 57.89 -26.69 -4.25
CA GLY BA 27 57.09 -27.86 -4.58
C GLY BA 27 55.81 -28.00 -3.77
N LEU BA 28 55.73 -27.33 -2.61
CA LEU BA 28 54.51 -27.42 -1.81
C LEU BA 28 53.30 -26.81 -2.50
N ILE BA 29 53.53 -25.85 -3.40
CA ILE BA 29 52.42 -25.00 -3.89
C ILE BA 29 51.27 -25.80 -4.50
N PRO BA 30 51.49 -26.79 -5.37
CA PRO BA 30 50.35 -27.45 -6.03
C PRO BA 30 49.37 -28.10 -5.08
N GLY BA 31 49.81 -28.52 -3.90
CA GLY BA 31 48.90 -29.18 -2.98
C GLY BA 31 47.85 -28.25 -2.41
N ILE BA 32 48.13 -26.94 -2.42
CA ILE BA 32 47.20 -25.97 -1.82
C ILE BA 32 45.92 -25.88 -2.64
N SER BA 33 46.03 -26.08 -3.96
CA SER BA 33 44.87 -25.89 -4.84
C SER BA 33 43.72 -26.80 -4.45
N ASN BA 34 44.02 -28.03 -4.01
CA ASN BA 34 42.97 -29.02 -3.77
C ASN BA 34 42.13 -28.71 -2.54
N GLN BA 35 42.51 -27.73 -1.73
CA GLN BA 35 41.77 -27.44 -0.51
C GLN BA 35 40.41 -26.81 -0.77
N GLY BA 36 40.12 -26.40 -2.01
CA GLY BA 36 38.84 -25.77 -2.30
C GLY BA 36 38.08 -26.42 -3.43
N SER BA 37 38.25 -27.73 -3.61
CA SER BA 37 37.69 -28.41 -4.77
C SER BA 37 36.16 -28.46 -4.73
N ILE BA 38 35.58 -28.47 -3.53
CA ILE BA 38 34.17 -28.81 -3.37
C ILE BA 38 33.38 -27.60 -2.87
N GLN BA 39 32.16 -27.47 -3.37
CA GLN BA 39 31.22 -26.48 -2.83
C GLN BA 39 29.83 -27.08 -2.72
N VAL BA 40 29.15 -26.80 -1.61
CA VAL BA 40 27.78 -27.28 -1.41
C VAL BA 40 26.80 -26.26 -1.98
N LEU BA 41 25.83 -26.75 -2.73
CA LEU BA 41 24.86 -25.90 -3.44
C LEU BA 41 23.50 -26.02 -2.78
N GLY BA 42 22.94 -24.88 -2.38
CA GLY BA 42 21.57 -24.83 -1.92
C GLY BA 42 21.36 -25.53 -0.59
N SER BA 43 20.09 -25.63 -0.21
CA SER BA 43 19.71 -26.29 1.02
C SER BA 43 19.76 -27.81 0.86
N GLY BA 44 19.79 -28.50 2.00
CA GLY BA 44 19.69 -29.93 2.03
C GLY BA 44 18.55 -30.37 2.94
N THR BA 45 18.40 -31.68 3.08
CA THR BA 45 17.28 -32.25 3.81
C THR BA 45 17.76 -33.31 4.80
N ILE BA 46 17.24 -33.23 6.03
CA ILE BA 46 17.41 -34.28 7.03
C ILE BA 46 16.10 -35.05 7.13
N THR BA 47 16.21 -36.37 7.29
CA THR BA 47 15.04 -37.22 7.42
C THR BA 47 15.32 -38.30 8.46
N ASN BA 48 14.28 -38.68 9.18
CA ASN BA 48 14.37 -39.70 10.23
C ASN BA 48 14.24 -41.09 9.62
N SER BA 49 15.21 -41.96 9.91
CA SER BA 49 15.35 -43.24 9.22
C SER BA 49 15.67 -44.39 10.18
N THR BA 50 14.92 -44.47 11.29
CA THR BA 50 15.15 -45.54 12.25
C THR BA 50 13.83 -46.21 12.60
N ALA BA 51 13.91 -47.52 12.87
CA ALA BA 51 12.74 -48.33 13.15
C ALA BA 51 12.41 -48.33 14.64
N SER BA 52 11.24 -48.89 14.97
CA SER BA 52 10.80 -48.95 16.35
C SER BA 52 11.70 -49.87 17.17
N GLY BA 53 12.07 -49.40 18.36
CA GLY BA 53 12.92 -50.20 19.23
C GLY BA 53 14.36 -50.31 18.79
N SER BA 54 14.77 -49.53 17.79
CA SER BA 54 16.14 -49.60 17.31
C SER BA 54 17.12 -49.14 18.37
N SER BA 55 18.38 -49.56 18.23
CA SER BA 55 19.41 -49.14 19.17
C SER BA 55 19.75 -47.67 19.02
N ARG BA 56 19.51 -47.10 17.84
CA ARG BA 56 20.01 -45.76 17.54
C ARG BA 56 19.13 -45.07 16.52
N THR BA 57 19.05 -43.75 16.65
CA THR BA 57 18.45 -42.93 15.61
C THR BA 57 19.44 -42.74 14.47
N ILE BA 58 18.95 -42.84 13.25
CA ILE BA 58 19.77 -42.56 12.08
C ILE BA 58 19.00 -41.64 11.14
N TYR BA 59 19.69 -40.61 10.65
CA TYR BA 59 19.10 -39.58 9.82
C TYR BA 59 19.74 -39.62 8.44
N ASN BA 60 18.91 -39.68 7.42
CA ASN BA 60 19.36 -39.51 6.04
C ASN BA 60 19.53 -38.03 5.74
N ILE BA 61 20.70 -37.66 5.24
CA ILE BA 61 20.99 -36.27 4.91
C ILE BA 61 21.32 -36.21 3.43
N THR BA 62 20.57 -35.38 2.70
CA THR BA 62 20.76 -35.17 1.28
C THR BA 62 21.21 -33.74 1.03
N ILE BA 63 22.31 -33.59 0.31
CA ILE BA 63 22.84 -32.27 -0.05
C ILE BA 63 23.36 -32.33 -1.47
N THR BA 64 23.18 -31.24 -2.22
CA THR BA 64 23.78 -31.14 -3.54
C THR BA 64 25.21 -30.64 -3.41
N VAL BA 65 26.15 -31.38 -3.99
CA VAL BA 65 27.56 -31.09 -3.87
C VAL BA 65 28.18 -31.02 -5.25
N LYS BA 66 29.01 -30.00 -5.48
CA LYS BA 66 29.72 -29.81 -6.74
C LYS BA 66 31.21 -29.98 -6.50
N ASN BA 67 31.83 -30.87 -7.26
CA ASN BA 67 33.26 -31.13 -7.18
C ASN BA 67 33.95 -30.57 -8.42
N THR BA 68 35.04 -29.82 -8.19
CA THR BA 68 35.78 -29.20 -9.28
C THR BA 68 37.17 -29.75 -9.47
N GLY BA 69 37.62 -30.68 -8.61
CA GLY BA 69 38.95 -31.22 -8.71
C GLY BA 69 39.03 -32.41 -9.66
N THR BA 70 40.25 -32.90 -9.80
CA THR BA 70 40.50 -34.06 -10.65
C THR BA 70 40.15 -35.37 -9.97
N THR BA 71 40.01 -35.38 -8.65
CA THR BA 71 39.90 -36.59 -7.88
C THR BA 71 38.56 -36.64 -7.15
N SER BA 72 38.09 -37.87 -6.92
CA SER BA 72 36.85 -38.07 -6.18
C SER BA 72 37.06 -37.77 -4.70
N ILE BA 73 36.10 -37.10 -4.08
CA ILE BA 73 36.18 -36.68 -2.69
C ILE BA 73 34.94 -37.17 -1.96
N SER BA 74 35.12 -37.52 -0.69
CA SER BA 74 34.06 -38.11 0.12
C SER BA 74 33.88 -37.31 1.41
N VAL BA 75 32.69 -37.47 2.00
CA VAL BA 75 32.41 -36.85 3.28
C VAL BA 75 33.09 -37.63 4.40
N THR BA 76 33.54 -36.92 5.43
CA THR BA 76 34.16 -37.55 6.58
C THR BA 76 33.45 -37.27 7.89
N SER BA 77 32.87 -36.08 8.06
CA SER BA 77 32.14 -35.76 9.27
C SER BA 77 31.15 -34.65 8.98
N ILE BA 78 30.14 -34.55 9.83
CA ILE BA 78 29.14 -33.50 9.75
C ILE BA 78 28.86 -32.99 11.16
N ASN BA 79 28.68 -31.69 11.28
CA ASN BA 79 28.38 -31.04 12.56
C ASN BA 79 27.11 -30.21 12.36
N ILE BA 80 26.01 -30.66 12.95
CA ILE BA 80 24.70 -30.06 12.77
C ILE BA 80 24.29 -29.37 14.05
N ASN BA 81 23.96 -28.07 13.95
CA ASN BA 81 23.44 -27.30 15.08
C ASN BA 81 24.40 -27.30 16.27
N GLY BA 82 25.68 -27.50 16.01
CA GLY BA 82 26.71 -27.57 17.02
C GLY BA 82 27.10 -28.98 17.43
N GLN BA 83 26.19 -29.94 17.28
CA GLN BA 83 26.46 -31.32 17.67
C GLN BA 83 27.19 -32.07 16.56
N PRO BA 84 28.25 -32.81 16.89
CA PRO BA 84 28.91 -33.65 15.88
C PRO BA 84 28.15 -34.95 15.66
N PHE BA 85 28.11 -35.39 14.40
CA PHE BA 85 27.44 -36.62 14.02
C PHE BA 85 28.44 -37.58 13.39
N ASN BA 86 28.18 -38.87 13.54
CA ASN BA 86 29.04 -39.93 13.02
C ASN BA 86 28.39 -40.54 11.80
N ILE BA 87 29.15 -40.67 10.72
CA ILE BA 87 28.59 -41.13 9.45
C ILE BA 87 28.51 -42.65 9.46
N ASN BA 88 27.26 -43.20 9.39
CA ASN BA 88 27.12 -44.65 9.15
C ASN BA 88 27.53 -45.06 7.74
N GLY BA 89 28.09 -46.25 7.68
CA GLY BA 89 28.33 -46.98 6.44
C GLY BA 89 29.48 -46.42 5.63
N THR BA 90 29.56 -46.85 4.37
CA THR BA 90 30.59 -46.37 3.47
C THR BA 90 30.23 -44.96 2.99
N ALA BA 91 31.12 -44.02 3.22
CA ALA BA 91 30.83 -42.63 2.88
C ALA BA 91 30.71 -42.48 1.37
N PRO BA 92 29.75 -41.70 0.89
CA PRO BA 92 29.60 -41.53 -0.57
C PRO BA 92 30.77 -40.77 -1.17
N SER BA 93 31.10 -41.11 -2.40
CA SER BA 93 32.17 -40.45 -3.14
C SER BA 93 31.56 -39.53 -4.19
N ILE BA 94 32.16 -38.35 -4.33
CA ILE BA 94 31.65 -37.34 -5.26
C ILE BA 94 32.57 -37.31 -6.48
N PRO BA 95 32.08 -37.70 -7.66
CA PRO BA 95 32.96 -37.82 -8.83
C PRO BA 95 33.62 -36.50 -9.19
N ALA BA 96 34.71 -36.60 -9.96
CA ALA BA 96 35.66 -35.51 -10.12
C ALA BA 96 34.98 -34.21 -10.54
N GLY BA 97 34.38 -34.20 -11.71
CA GLY BA 97 33.84 -32.96 -12.26
C GLY BA 97 32.34 -32.77 -12.15
N ARG BA 98 31.65 -33.65 -11.43
CA ARG BA 98 30.19 -33.68 -11.48
C ARG BA 98 29.57 -32.95 -10.30
N THR BA 99 28.33 -32.49 -10.51
CA THR BA 99 27.48 -31.95 -9.46
C THR BA 99 26.38 -32.96 -9.19
N GLN BA 100 26.28 -33.44 -7.95
CA GLN BA 100 25.35 -34.51 -7.63
C GLN BA 100 24.61 -34.26 -6.33
N PRO BA 101 23.34 -34.64 -6.25
CA PRO BA 101 22.68 -34.80 -4.95
C PRO BA 101 23.17 -36.06 -4.27
N ILE BA 102 23.90 -35.90 -3.17
CA ILE BA 102 24.48 -37.00 -2.42
C ILE BA 102 23.69 -37.20 -1.15
N THR BA 103 23.48 -38.46 -0.77
CA THR BA 103 22.72 -38.81 0.41
C THR BA 103 23.54 -39.76 1.28
N PHE BA 104 23.55 -39.52 2.58
CA PHE BA 104 24.29 -40.38 3.49
C PHE BA 104 23.60 -40.43 4.84
N GLU BA 105 23.87 -41.51 5.57
CA GLU BA 105 23.25 -41.79 6.86
C GLU BA 105 24.17 -41.36 8.00
N VAL BA 106 23.61 -40.67 8.99
CA VAL BA 106 24.38 -40.21 10.14
C VAL BA 106 23.65 -40.59 11.43
N THR BA 107 24.41 -40.72 12.50
CA THR BA 107 23.87 -40.99 13.82
C THR BA 107 24.54 -40.07 14.84
N PRO BA 108 23.80 -39.56 15.83
CA PRO BA 108 24.40 -38.60 16.75
C PRO BA 108 25.44 -39.24 17.65
N ALA BA 109 26.54 -38.51 17.87
CA ALA BA 109 27.62 -38.99 18.70
C ALA BA 109 27.62 -38.38 20.10
N SER BA 110 27.26 -37.11 20.21
CA SER BA 110 27.30 -36.43 21.51
C SER BA 110 26.04 -36.72 22.33
N GLY BA 111 24.88 -36.63 21.70
CA GLY BA 111 23.63 -36.84 22.41
C GLY BA 111 22.46 -36.71 21.46
N LYS BA 112 21.28 -36.98 22.00
CA LYS BA 112 20.08 -37.03 21.19
C LYS BA 112 19.72 -35.64 20.68
N PRO BA 113 19.65 -35.42 19.37
CA PRO BA 113 19.23 -34.11 18.85
C PRO BA 113 17.72 -34.03 18.72
N ASN BA 114 17.13 -32.95 19.22
CA ASN BA 114 15.68 -32.77 19.17
C ASN BA 114 15.31 -31.93 17.96
N PHE BA 115 15.41 -32.56 16.80
CA PHE BA 115 15.01 -31.90 15.56
C PHE BA 115 13.52 -31.61 15.57
N SER BA 116 13.15 -30.48 14.96
CA SER BA 116 11.77 -30.04 14.91
C SER BA 116 11.28 -30.05 13.47
N PRO BA 117 10.09 -30.58 13.19
CA PRO BA 117 9.61 -30.65 11.81
C PRO BA 117 9.59 -29.29 11.11
N GLY BA 118 10.24 -29.22 9.96
CA GLY BA 118 10.27 -28.00 9.16
C GLY BA 118 11.31 -26.99 9.59
N ALA BA 119 12.07 -27.24 10.66
CA ALA BA 119 13.04 -26.27 11.13
C ALA BA 119 14.26 -26.25 10.21
N SER BA 120 15.02 -25.16 10.31
CA SER BA 120 16.23 -24.96 9.52
C SER BA 120 17.44 -24.99 10.45
N TYR BA 121 18.46 -25.75 10.07
CA TYR BA 121 19.63 -25.96 10.90
C TYR BA 121 20.89 -25.66 10.11
N THR BA 122 21.85 -24.99 10.74
CA THR BA 122 23.15 -24.80 10.13
C THR BA 122 24.02 -26.03 10.37
N ALA BA 123 24.81 -26.38 9.36
CA ALA BA 123 25.71 -27.51 9.45
C ALA BA 123 27.00 -27.18 8.72
N THR BA 124 28.06 -27.90 9.08
CA THR BA 124 29.32 -27.84 8.34
C THR BA 124 29.65 -29.24 7.84
N ILE BA 125 29.79 -29.37 6.52
CA ILE BA 125 30.16 -30.63 5.90
C ILE BA 125 31.67 -30.63 5.73
N TYR BA 126 32.33 -31.65 6.24
CA TYR BA 126 33.78 -31.78 6.15
C TYR BA 126 34.11 -32.89 5.17
N PHE BA 127 34.88 -32.57 4.15
CA PHE BA 127 35.16 -33.50 3.07
C PHE BA 127 36.59 -34.04 3.20
N SER BA 128 36.86 -35.11 2.45
CA SER BA 128 38.14 -35.80 2.58
C SER BA 128 39.32 -34.93 2.17
N ASN BA 129 39.11 -33.92 1.34
CA ASN BA 129 40.18 -33.02 0.95
C ASN BA 129 40.49 -31.98 2.02
N GLY BA 130 39.99 -32.16 3.23
CA GLY BA 130 40.26 -31.20 4.29
C GLY BA 130 39.52 -29.90 4.17
N GLN BA 131 38.35 -29.89 3.54
CA GLN BA 131 37.59 -28.69 3.28
C GLN BA 131 36.26 -28.73 4.03
N GLY BA 132 35.94 -27.63 4.71
CA GLY BA 132 34.67 -27.48 5.38
C GLY BA 132 33.77 -26.53 4.60
N ALA BA 133 32.50 -26.91 4.48
CA ALA BA 133 31.54 -26.15 3.72
C ALA BA 133 30.29 -25.89 4.56
N PRO BA 134 29.88 -24.62 4.72
CA PRO BA 134 28.61 -24.35 5.39
C PRO BA 134 27.44 -24.87 4.56
N ALA BA 135 26.38 -25.30 5.26
CA ALA BA 135 25.19 -25.80 4.62
C ALA BA 135 24.00 -25.54 5.51
N THR BA 136 22.82 -25.49 4.90
CA THR BA 136 21.56 -25.26 5.60
C THR BA 136 20.66 -26.45 5.33
N LEU BA 137 20.24 -27.14 6.39
CA LEU BA 137 19.47 -28.37 6.29
C LEU BA 137 18.07 -28.16 6.86
N ILE BA 138 17.06 -28.53 6.09
CA ILE BA 138 15.68 -28.50 6.54
C ILE BA 138 15.30 -29.90 7.02
N TYR BA 139 14.72 -29.98 8.21
CA TYR BA 139 14.30 -31.27 8.76
C TYR BA 139 12.91 -31.60 8.23
N GLN BA 140 12.83 -32.60 7.35
CA GLN BA 140 11.57 -32.95 6.71
C GLN BA 140 10.70 -33.87 7.54
N GLY BA 141 11.24 -34.49 8.58
CA GLY BA 141 10.45 -35.40 9.40
C GLY BA 141 11.24 -36.59 9.89
N LEU CA 1 88.31 -30.67 14.79
CA LEU CA 1 87.41 -31.74 15.22
C LEU CA 1 86.17 -31.16 15.89
N SER CA 2 86.30 -29.96 16.44
CA SER CA 2 85.20 -29.36 17.18
C SER CA 2 84.08 -28.87 16.27
N GLY CA 3 84.40 -28.56 15.01
CA GLY CA 3 83.41 -27.98 14.14
C GLY CA 3 82.20 -28.88 13.91
N ALA CA 4 82.45 -30.17 13.72
CA ALA CA 4 81.35 -31.10 13.50
C ALA CA 4 80.46 -31.21 14.74
N ILE CA 5 81.07 -31.23 15.93
CA ILE CA 5 80.28 -31.30 17.16
C ILE CA 5 79.44 -30.05 17.33
N VAL CA 6 80.02 -28.87 17.05
CA VAL CA 6 79.27 -27.63 17.15
C VAL CA 6 78.11 -27.63 16.16
N ALA CA 7 78.35 -28.09 14.94
CA ALA CA 7 77.29 -28.15 13.94
C ALA CA 7 76.18 -29.10 14.39
N LEU CA 8 76.54 -30.24 14.95
CA LEU CA 8 75.54 -31.19 15.43
C LEU CA 8 74.69 -30.59 16.54
N ILE CA 9 75.33 -29.92 17.50
CA ILE CA 9 74.60 -29.29 18.60
C ILE CA 9 73.64 -28.25 18.05
N LEU CA 10 74.12 -27.41 17.12
CA LEU CA 10 73.28 -26.35 16.58
C LEU CA 10 72.12 -26.92 15.76
N VAL CA 11 72.34 -28.03 15.05
CA VAL CA 11 71.25 -28.62 14.27
C VAL CA 11 70.15 -29.13 15.19
N ILE CA 12 70.53 -29.89 16.23
CA ILE CA 12 69.54 -30.45 17.14
C ILE CA 12 68.82 -29.32 17.88
N ALA CA 13 69.58 -28.32 18.33
CA ALA CA 13 68.97 -27.18 19.02
C ALA CA 13 68.04 -26.41 18.10
N GLY CA 14 68.38 -26.29 16.81
CA GLY CA 14 67.49 -25.63 15.88
C GLY CA 14 66.17 -26.36 15.75
N VAL CA 15 66.23 -27.69 15.66
CA VAL CA 15 64.99 -28.47 15.66
C VAL CA 15 64.15 -28.17 16.90
N ILE CA 16 64.79 -28.22 18.07
CA ILE CA 16 64.07 -28.01 19.33
C ILE CA 16 63.43 -26.62 19.37
N ILE CA 17 64.21 -25.60 19.00
CA ILE CA 17 63.74 -24.22 19.13
C ILE CA 17 62.64 -23.93 18.13
N ALA CA 18 62.74 -24.48 16.92
CA ALA CA 18 61.66 -24.30 15.94
C ALA CA 18 60.36 -24.90 16.46
N ILE CA 19 60.44 -26.11 17.04
CA ILE CA 19 59.23 -26.71 17.60
C ILE CA 19 58.68 -25.87 18.73
N ALA CA 20 59.57 -25.32 19.57
CA ALA CA 20 59.12 -24.47 20.67
C ALA CA 20 58.41 -23.22 20.18
N VAL CA 21 58.93 -22.60 19.11
CA VAL CA 21 58.27 -21.44 18.54
C VAL CA 21 56.89 -21.81 18.01
N VAL CA 22 56.79 -22.96 17.34
CA VAL CA 22 55.50 -23.41 16.83
C VAL CA 22 54.49 -23.57 17.96
N LEU CA 23 54.93 -24.15 19.08
CA LEU CA 23 54.01 -24.33 20.22
C LEU CA 23 53.62 -23.01 20.83
N PHE CA 24 54.56 -22.07 20.93
CA PHE CA 24 54.26 -20.75 21.51
C PHE CA 24 53.21 -20.02 20.69
N ALA CA 25 53.29 -20.14 19.35
CA ALA CA 25 52.31 -19.50 18.49
C ALA CA 25 50.88 -19.89 18.87
N PHE CA 26 50.65 -21.19 19.07
CA PHE CA 26 49.33 -21.65 19.51
C PHE CA 26 49.03 -21.22 20.93
N GLY CA 27 50.03 -21.27 21.81
CA GLY CA 27 49.82 -20.85 23.19
C GLY CA 27 49.34 -19.44 23.34
N LEU CA 28 49.55 -18.60 22.32
CA LEU CA 28 49.05 -17.23 22.41
C LEU CA 28 47.51 -17.13 22.37
N ILE CA 29 46.80 -18.00 21.64
CA ILE CA 29 45.41 -17.68 21.25
C ILE CA 29 44.39 -17.73 22.40
N PRO CA 30 44.40 -18.68 23.34
CA PRO CA 30 43.51 -18.55 24.51
C PRO CA 30 43.63 -17.23 25.26
N GLY CA 31 44.80 -16.58 25.26
CA GLY CA 31 44.89 -15.27 25.88
C GLY CA 31 44.13 -14.22 25.09
N ILE CA 32 44.29 -14.23 23.77
CA ILE CA 32 43.64 -13.22 22.93
C ILE CA 32 42.13 -13.40 22.95
N SER CA 33 41.65 -14.63 23.18
CA SER CA 33 40.20 -14.84 23.23
C SER CA 33 39.54 -14.05 24.35
N ASN CA 34 40.32 -13.62 25.35
CA ASN CA 34 39.77 -12.83 26.45
C ASN CA 34 39.33 -11.45 26.00
N GLN CA 35 39.73 -11.01 24.80
CA GLN CA 35 39.32 -9.70 24.29
C GLN CA 35 37.81 -9.57 24.15
N GLY CA 36 37.10 -10.70 24.05
CA GLY CA 36 35.65 -10.67 23.91
C GLY CA 36 34.93 -11.37 25.03
N SER CA 37 35.40 -11.19 26.26
CA SER CA 37 34.82 -11.90 27.40
C SER CA 37 33.39 -11.46 27.68
N ILE CA 38 33.08 -10.18 27.47
CA ILE CA 38 31.88 -9.56 27.99
C ILE CA 38 30.89 -9.28 26.86
N GLN CA 39 29.61 -9.51 27.15
CA GLN CA 39 28.50 -9.14 26.28
C GLN CA 39 27.49 -8.33 27.08
N VAL CA 40 27.08 -7.19 26.54
CA VAL CA 40 26.02 -6.39 27.15
C VAL CA 40 24.73 -6.67 26.41
N LEU CA 41 23.74 -7.22 27.11
CA LEU CA 41 22.53 -7.72 26.47
C LEU CA 41 21.29 -7.12 27.09
N GLY CA 42 20.30 -6.85 26.25
CA GLY CA 42 19.10 -6.17 26.67
C GLY CA 42 19.26 -4.66 26.65
N SER CA 43 18.14 -3.96 26.72
CA SER CA 43 18.15 -2.50 26.72
C SER CA 43 18.36 -1.99 28.14
N GLY CA 44 19.37 -1.14 28.31
CA GLY CA 44 19.65 -0.55 29.60
C GLY CA 44 18.79 0.68 29.86
N THR CA 45 19.00 1.24 31.06
CA THR CA 45 18.23 2.40 31.48
C THR CA 45 19.14 3.43 32.15
N ILE CA 46 18.89 4.70 31.86
CA ILE CA 46 19.59 5.82 32.48
C ILE CA 46 18.57 6.69 33.19
N THR CA 47 18.86 7.03 34.45
CA THR CA 47 17.89 7.72 35.30
C THR CA 47 18.55 8.90 36.01
N ASN CA 48 17.77 9.96 36.21
CA ASN CA 48 18.26 11.13 36.95
C ASN CA 48 18.44 10.77 38.41
N SER CA 49 19.63 11.07 38.95
CA SER CA 49 19.96 10.72 40.33
C SER CA 49 20.68 11.85 41.04
N THR CA 50 20.37 13.09 40.67
CA THR CA 50 21.18 14.24 41.08
C THR CA 50 20.82 14.78 42.45
N ALA CA 51 19.73 14.32 43.06
CA ALA CA 51 19.27 14.80 44.36
C ALA CA 51 18.91 16.29 44.32
N SER CA 52 17.99 16.64 43.42
CA SER CA 52 17.32 17.95 43.39
C SER CA 52 18.30 19.11 43.28
N GLY CA 53 19.44 18.89 42.64
CA GLY CA 53 20.44 19.93 42.49
C GLY CA 53 21.56 19.91 43.49
N SER CA 54 21.61 18.90 44.37
CA SER CA 54 22.68 18.80 45.35
C SER CA 54 23.92 18.12 44.81
N SER CA 55 23.94 17.72 43.54
CA SER CA 55 25.08 16.99 42.98
C SER CA 55 25.29 17.43 41.55
N ARG CA 56 26.50 17.17 41.03
CA ARG CA 56 26.89 17.62 39.69
C ARG CA 56 26.28 16.73 38.61
N THR CA 57 24.94 16.75 38.54
CA THR CA 57 24.17 16.05 37.50
C THR CA 57 24.62 14.60 37.35
N ILE CA 58 24.38 13.83 38.41
CA ILE CA 58 24.85 12.45 38.46
C ILE CA 58 23.71 11.51 38.09
N TYR CA 59 23.94 10.66 37.08
CA TYR CA 59 22.95 9.77 36.51
C TYR CA 59 23.20 8.33 36.92
N ASN CA 60 22.23 7.47 36.61
CA ASN CA 60 22.23 6.06 36.97
C ASN CA 60 22.21 5.26 35.67
N ILE CA 61 23.23 4.44 35.44
CA ILE CA 61 23.26 3.54 34.29
C ILE CA 61 23.08 2.12 34.79
N THR CA 62 22.03 1.45 34.32
CA THR CA 62 21.77 0.05 34.63
C THR CA 62 21.74 -0.73 33.33
N ILE CA 63 22.57 -1.77 33.23
CA ILE CA 63 22.64 -2.61 32.05
C ILE CA 63 22.92 -4.05 32.48
N THR CA 64 22.39 -5.01 31.74
CA THR CA 64 22.62 -6.43 32.01
C THR CA 64 23.88 -6.88 31.28
N VAL CA 65 24.86 -7.36 32.03
CA VAL CA 65 26.18 -7.72 31.51
C VAL CA 65 26.44 -9.19 31.79
N LYS CA 66 26.96 -9.89 30.80
CA LYS CA 66 27.32 -11.30 30.88
C LYS CA 66 28.82 -11.43 30.67
N ASN CA 67 29.49 -12.11 31.61
CA ASN CA 67 30.94 -12.28 31.56
C ASN CA 67 31.24 -13.74 31.29
N THR CA 68 31.93 -14.00 30.18
CA THR CA 68 32.29 -15.36 29.77
C THR CA 68 33.73 -15.71 30.13
N GLY CA 69 34.55 -14.72 30.50
CA GLY CA 69 35.92 -14.98 30.85
C GLY CA 69 36.06 -15.60 32.23
N THR CA 70 37.31 -15.91 32.58
CA THR CA 70 37.62 -16.54 33.86
C THR CA 70 38.06 -15.55 34.93
N THR CA 71 38.05 -14.25 34.63
CA THR CA 71 38.48 -13.23 35.56
C THR CA 71 37.39 -12.17 35.73
N SER CA 72 37.36 -11.55 36.90
CA SER CA 72 36.44 -10.45 37.14
C SER CA 72 36.88 -9.23 36.34
N ILE CA 73 35.92 -8.60 35.66
CA ILE CA 73 36.21 -7.52 34.73
C ILE CA 73 35.38 -6.30 35.14
N SER CA 74 35.99 -5.12 35.03
CA SER CA 74 35.41 -3.89 35.55
C SER CA 74 35.20 -2.86 34.45
N VAL CA 75 34.27 -1.94 34.69
CA VAL CA 75 33.97 -0.86 33.76
C VAL CA 75 34.99 0.26 33.98
N THR CA 76 35.81 0.54 32.97
CA THR CA 76 36.83 1.56 33.11
C THR CA 76 36.36 2.94 32.67
N SER CA 77 35.54 3.02 31.63
CA SER CA 77 35.05 4.31 31.15
C SER CA 77 33.75 4.09 30.38
N ILE CA 78 33.02 5.17 30.17
CA ILE CA 78 31.75 5.11 29.43
C ILE CA 78 31.62 6.36 28.56
N ASN CA 79 31.09 6.15 27.36
CA ASN CA 79 30.76 7.22 26.44
C ASN CA 79 29.29 7.07 26.09
N ILE CA 80 28.52 8.16 26.25
CA ILE CA 80 27.09 8.16 26.00
C ILE CA 80 26.81 9.10 24.84
N ASN CA 81 26.33 8.54 23.72
CA ASN CA 81 25.94 9.32 22.55
C ASN CA 81 27.06 10.23 22.06
N GLY CA 82 28.29 9.71 22.09
CA GLY CA 82 29.45 10.46 21.67
C GLY CA 82 30.08 11.33 22.73
N GLN CA 83 29.36 11.62 23.82
CA GLN CA 83 29.90 12.45 24.89
C GLN CA 83 30.63 11.59 25.92
N PRO CA 84 31.80 12.03 26.39
CA PRO CA 84 32.51 11.27 27.42
C PRO CA 84 31.81 11.38 28.77
N PHE CA 85 31.98 10.35 29.60
CA PHE CA 85 31.39 10.34 30.93
C PHE CA 85 32.38 9.73 31.91
N ASN CA 86 32.23 10.08 33.18
CA ASN CA 86 33.13 9.63 34.24
C ASN CA 86 32.32 8.96 35.34
N ILE CA 87 32.74 7.77 35.76
CA ILE CA 87 32.05 7.06 36.82
C ILE CA 87 32.27 7.78 38.15
N ASN CA 88 31.20 7.96 38.93
CA ASN CA 88 31.28 8.75 40.14
C ASN CA 88 31.83 7.97 41.33
N GLY CA 89 31.49 6.70 41.47
CA GLY CA 89 31.99 5.87 42.54
C GLY CA 89 33.11 4.94 42.07
N THR CA 90 33.37 3.91 42.87
CA THR CA 90 34.29 2.87 42.45
C THR CA 90 33.67 2.08 41.30
N ALA CA 91 34.51 1.64 40.39
CA ALA CA 91 34.02 0.97 39.18
C ALA CA 91 33.35 -0.36 39.56
N PRO CA 92 32.18 -0.65 39.00
CA PRO CA 92 31.58 -1.97 39.22
C PRO CA 92 32.36 -3.06 38.49
N SER CA 93 32.26 -4.28 39.02
CA SER CA 93 33.01 -5.41 38.49
C SER CA 93 32.09 -6.59 38.31
N ILE CA 94 32.22 -7.29 37.19
CA ILE CA 94 31.39 -8.43 36.83
C ILE CA 94 32.20 -9.70 37.10
N PRO CA 95 31.74 -10.58 37.98
CA PRO CA 95 32.47 -11.83 38.23
C PRO CA 95 32.39 -12.78 37.05
N ALA CA 96 33.28 -13.77 37.06
CA ALA CA 96 33.37 -14.73 35.97
C ALA CA 96 32.09 -15.57 35.88
N GLY CA 97 31.67 -15.85 34.64
CA GLY CA 97 30.53 -16.70 34.38
C GLY CA 97 29.17 -16.10 34.69
N ARG CA 98 29.12 -14.93 35.31
CA ARG CA 98 27.86 -14.36 35.75
C ARG CA 98 27.16 -13.62 34.63
N THR CA 99 25.84 -13.55 34.73
CA THR CA 99 25.01 -12.61 33.97
C THR CA 99 24.18 -11.83 34.98
N GLN CA 100 24.44 -10.53 35.10
CA GLN CA 100 23.82 -9.79 36.19
C GLN CA 100 23.61 -8.34 35.78
N PRO CA 101 22.66 -7.65 36.43
CA PRO CA 101 22.47 -6.22 36.17
C PRO CA 101 23.48 -5.36 36.90
N ILE CA 102 24.39 -4.74 36.15
CA ILE CA 102 25.30 -3.76 36.73
C ILE CA 102 24.59 -2.41 36.79
N THR CA 103 24.85 -1.66 37.85
CA THR CA 103 24.32 -0.32 38.03
C THR CA 103 25.42 0.56 38.57
N PHE CA 104 25.62 1.72 37.96
CA PHE CA 104 26.66 2.61 38.43
C PHE CA 104 26.30 4.06 38.15
N GLU CA 105 26.80 4.95 39.01
CA GLU CA 105 26.58 6.38 38.86
C GLU CA 105 27.58 6.95 37.88
N VAL CA 106 27.16 7.98 37.15
CA VAL CA 106 28.01 8.59 36.13
C VAL CA 106 27.79 10.09 36.08
N THR CA 107 28.82 10.82 35.64
CA THR CA 107 28.86 12.26 35.56
C THR CA 107 29.31 12.68 34.18
N PRO CA 108 28.84 13.83 33.69
CA PRO CA 108 29.37 14.36 32.43
C PRO CA 108 30.81 14.81 32.61
N ALA CA 109 31.68 14.36 31.69
CA ALA CA 109 33.07 14.79 31.73
C ALA CA 109 33.21 16.26 31.34
N SER CA 110 32.37 16.74 30.44
CA SER CA 110 32.34 18.15 30.06
C SER CA 110 30.94 18.52 29.63
N GLY CA 111 30.57 19.76 29.87
CA GLY CA 111 29.26 20.22 29.45
C GLY CA 111 28.14 19.69 30.32
N LYS CA 112 26.93 19.76 29.78
CA LYS CA 112 25.71 19.38 30.49
C LYS CA 112 24.77 18.76 29.46
N PRO CA 113 24.80 17.44 29.32
CA PRO CA 113 23.92 16.78 28.35
C PRO CA 113 22.50 16.72 28.90
N ASN CA 114 21.54 17.00 28.03
CA ASN CA 114 20.14 17.01 28.40
C ASN CA 114 19.45 15.84 27.73
N PHE CA 115 18.70 15.07 28.50
CA PHE CA 115 18.02 13.89 28.00
C PHE CA 115 16.51 14.11 28.03
N SER CA 116 15.82 13.49 27.06
CA SER CA 116 14.38 13.59 26.99
C SER CA 116 13.74 12.27 27.39
N PRO CA 117 12.59 12.31 28.06
CA PRO CA 117 11.96 11.07 28.54
C PRO CA 117 11.66 10.11 27.40
N GLY CA 118 11.99 8.84 27.60
CA GLY CA 118 11.69 7.80 26.65
C GLY CA 118 12.60 7.74 25.44
N ALA CA 119 13.55 8.65 25.31
CA ALA CA 119 14.45 8.63 24.16
C ALA CA 119 15.50 7.54 24.34
N SER CA 120 16.05 7.08 23.22
CA SER CA 120 17.08 6.05 23.20
C SER CA 120 18.42 6.69 22.93
N TYR CA 121 19.40 6.42 23.79
CA TYR CA 121 20.74 6.96 23.68
C TYR CA 121 21.72 5.80 23.64
N THR CA 122 22.59 5.79 22.63
CA THR CA 122 23.58 4.73 22.53
C THR CA 122 24.79 5.06 23.40
N ALA CA 123 25.26 4.06 24.14
CA ALA CA 123 26.41 4.21 25.01
C ALA CA 123 27.39 3.08 24.76
N THR CA 124 28.67 3.40 24.77
CA THR CA 124 29.72 2.41 24.64
C THR CA 124 30.38 2.24 26.01
N ILE CA 125 30.28 1.04 26.56
CA ILE CA 125 30.89 0.72 27.85
C ILE CA 125 32.23 0.04 27.58
N TYR CA 126 33.30 0.64 28.07
CA TYR CA 126 34.64 0.11 27.89
C TYR CA 126 35.02 -0.65 29.16
N PHE CA 127 35.28 -1.94 29.01
CA PHE CA 127 35.62 -2.79 30.13
C PHE CA 127 37.14 -2.97 30.21
N SER CA 128 37.60 -3.57 31.31
CA SER CA 128 39.03 -3.66 31.56
C SER CA 128 39.75 -4.51 30.53
N ASN CA 129 39.03 -5.31 29.75
CA ASN CA 129 39.64 -6.04 28.64
C ASN CA 129 40.05 -5.13 27.50
N GLY CA 130 39.65 -3.85 27.54
CA GLY CA 130 39.71 -3.00 26.36
C GLY CA 130 38.54 -3.19 25.43
N GLN CA 131 37.64 -4.12 25.73
CA GLN CA 131 36.48 -4.37 24.90
C GLN CA 131 35.47 -3.24 25.08
N GLY CA 132 34.98 -2.71 23.95
CA GLY CA 132 33.96 -1.68 24.00
C GLY CA 132 32.63 -2.19 23.50
N ALA CA 133 31.69 -2.36 24.42
CA ALA CA 133 30.39 -2.91 24.06
C ALA CA 133 29.39 -1.79 23.80
N PRO CA 134 28.80 -1.70 22.61
CA PRO CA 134 27.71 -0.75 22.40
C PRO CA 134 26.41 -1.28 22.98
N ALA CA 135 25.61 -0.36 23.53
CA ALA CA 135 24.34 -0.70 24.15
C ALA CA 135 23.39 0.47 23.99
N THR CA 136 22.11 0.21 24.18
CA THR CA 136 21.08 1.22 24.06
C THR CA 136 20.45 1.47 25.42
N LEU CA 137 20.45 2.72 25.87
CA LEU CA 137 19.89 3.13 27.14
C LEU CA 137 18.63 3.94 26.89
N ILE CA 138 17.55 3.59 27.58
CA ILE CA 138 16.31 4.35 27.51
C ILE CA 138 16.23 5.25 28.74
N TYR CA 139 16.10 6.55 28.52
CA TYR CA 139 16.03 7.49 29.62
C TYR CA 139 14.68 7.38 30.33
N GLN CA 140 14.71 7.32 31.66
CA GLN CA 140 13.52 7.09 32.46
C GLN CA 140 13.25 8.17 33.50
N GLY CA 141 14.19 9.10 33.70
CA GLY CA 141 14.04 10.10 34.74
C GLY CA 141 13.06 11.21 34.41
N LEU DA 1 84.67 -23.97 16.21
CA LEU DA 1 84.27 -22.82 17.01
C LEU DA 1 83.53 -21.80 16.14
N SER DA 2 83.78 -21.86 14.84
CA SER DA 2 83.23 -20.87 13.91
C SER DA 2 81.71 -20.92 13.88
N GLY DA 3 81.14 -22.13 13.89
CA GLY DA 3 79.70 -22.26 13.71
C GLY DA 3 78.90 -21.53 14.77
N ALA DA 4 79.31 -21.64 16.03
CA ALA DA 4 78.57 -21.01 17.12
C ALA DA 4 78.61 -19.49 17.02
N ILE DA 5 79.78 -18.93 16.72
CA ILE DA 5 79.90 -17.48 16.60
C ILE DA 5 79.11 -16.98 15.40
N VAL DA 6 79.15 -17.71 14.29
CA VAL DA 6 78.38 -17.30 13.11
C VAL DA 6 76.88 -17.35 13.41
N ALA DA 7 76.44 -18.40 14.10
CA ALA DA 7 75.02 -18.50 14.47
C ALA DA 7 74.62 -17.35 15.39
N LEU DA 8 75.49 -16.98 16.33
CA LEU DA 8 75.18 -15.85 17.22
C LEU DA 8 75.10 -14.54 16.44
N ILE DA 9 76.02 -14.34 15.49
CA ILE DA 9 75.97 -13.15 14.65
C ILE DA 9 74.65 -13.09 13.91
N LEU DA 10 74.24 -14.21 13.30
CA LEU DA 10 73.00 -14.21 12.54
C LEU DA 10 71.78 -14.04 13.44
N VAL DA 11 71.82 -14.55 14.66
CA VAL DA 11 70.72 -14.36 15.59
C VAL DA 11 70.55 -12.89 15.93
N ILE DA 12 71.66 -12.22 16.26
CA ILE DA 12 71.60 -10.79 16.60
C ILE DA 12 71.12 -9.99 15.40
N ALA DA 13 71.65 -10.30 14.21
CA ALA DA 13 71.26 -9.56 13.02
C ALA DA 13 69.78 -9.79 12.68
N GLY DA 14 69.30 -11.01 12.89
CA GLY DA 14 67.88 -11.27 12.68
C GLY DA 14 67.02 -10.47 13.62
N VAL DA 15 67.42 -10.38 14.89
CA VAL DA 15 66.71 -9.52 15.83
C VAL DA 15 66.67 -8.09 15.31
N ILE DA 16 67.82 -7.60 14.83
CA ILE DA 16 67.90 -6.21 14.37
C ILE DA 16 66.95 -5.97 13.21
N ILE DA 17 67.00 -6.84 12.19
CA ILE DA 17 66.20 -6.60 10.99
C ILE DA 17 64.72 -6.80 11.29
N ALA DA 18 64.38 -7.78 12.13
CA ALA DA 18 62.98 -8.00 12.47
C ALA DA 18 62.41 -6.79 13.20
N ILE DA 19 63.17 -6.24 14.15
CA ILE DA 19 62.69 -5.05 14.86
C ILE DA 19 62.57 -3.86 13.91
N ALA DA 20 63.51 -3.75 12.96
CA ALA DA 20 63.41 -2.69 11.96
C ALA DA 20 62.13 -2.81 11.15
N VAL DA 21 61.78 -4.03 10.73
CA VAL DA 21 60.55 -4.25 9.97
C VAL DA 21 59.32 -3.95 10.82
N VAL DA 22 59.35 -4.31 12.11
CA VAL DA 22 58.23 -4.02 12.99
C VAL DA 22 58.03 -2.51 13.13
N LEU DA 23 59.13 -1.78 13.29
CA LEU DA 23 59.04 -0.32 13.39
C LEU DA 23 58.54 0.28 12.08
N PHE DA 24 58.94 -0.30 10.94
CA PHE DA 24 58.41 0.14 9.66
C PHE DA 24 56.91 -0.06 9.58
N ALA DA 25 56.43 -1.21 10.05
CA ALA DA 25 55.00 -1.47 10.07
C ALA DA 25 54.27 -0.45 10.94
N PHE DA 26 54.85 -0.12 12.10
CA PHE DA 26 54.26 0.90 12.95
C PHE DA 26 54.26 2.26 12.28
N GLY DA 27 55.30 2.56 11.49
CA GLY DA 27 55.36 3.83 10.78
C GLY DA 27 54.43 3.93 9.59
N LEU DA 28 53.97 2.80 9.06
CA LEU DA 28 53.00 2.85 7.97
C LEU DA 28 51.64 3.37 8.40
N ILE DA 29 51.27 3.17 9.66
CA ILE DA 29 49.91 3.42 10.15
C ILE DA 29 49.41 4.83 9.85
N PRO DA 30 50.18 5.90 10.12
CA PRO DA 30 49.65 7.25 9.88
C PRO DA 30 49.25 7.50 8.44
N GLY DA 31 49.99 6.97 7.48
CA GLY DA 31 49.62 7.18 6.08
C GLY DA 31 48.32 6.49 5.71
N ILE DA 32 48.13 5.26 6.17
CA ILE DA 32 46.93 4.52 5.82
C ILE DA 32 45.75 4.93 6.70
N SER DA 33 45.99 5.16 7.99
CA SER DA 33 44.93 5.51 8.92
C SER DA 33 44.69 7.01 8.80
N ASN DA 34 43.69 7.37 7.98
CA ASN DA 34 43.35 8.76 7.70
C ASN DA 34 41.84 8.85 7.71
N GLN DA 35 41.27 9.18 8.86
CA GLN DA 35 39.84 9.39 8.94
C GLN DA 35 39.47 10.74 8.36
N GLY DA 36 38.17 11.00 8.30
CA GLY DA 36 37.71 12.24 7.71
C GLY DA 36 37.50 12.09 6.22
N SER DA 37 36.46 12.74 5.71
CA SER DA 37 36.11 12.61 4.31
C SER DA 37 35.31 13.83 3.90
N ILE DA 38 35.17 13.99 2.60
CA ILE DA 38 34.25 14.98 2.05
C ILE DA 38 32.85 14.39 2.00
N GLN DA 39 31.90 15.08 2.60
CA GLN DA 39 30.52 14.64 2.67
C GLN DA 39 29.65 15.62 1.89
N VAL DA 40 28.79 15.08 1.02
CA VAL DA 40 27.89 15.90 0.22
C VAL DA 40 26.54 15.91 0.91
N LEU DA 41 26.07 17.10 1.28
CA LEU DA 41 24.88 17.27 2.09
C LEU DA 41 23.73 17.78 1.23
N GLY DA 42 22.62 17.06 1.24
CA GLY DA 42 21.43 17.49 0.52
C GLY DA 42 21.59 17.35 -0.98
N SER DA 43 20.54 17.78 -1.68
CA SER DA 43 20.53 17.72 -3.13
C SER DA 43 21.23 18.93 -3.74
N GLY DA 44 22.00 18.69 -4.80
CA GLY DA 44 22.58 19.76 -5.57
C GLY DA 44 21.72 20.12 -6.77
N THR DA 45 22.23 21.07 -7.56
CA THR DA 45 21.48 21.57 -8.71
C THR DA 45 22.38 21.64 -9.94
N ILE DA 46 21.80 21.28 -11.09
CA ILE DA 46 22.42 21.46 -12.39
C ILE DA 46 21.66 22.55 -13.15
N THR DA 47 22.40 23.53 -13.67
CA THR DA 47 21.80 24.63 -14.42
C THR DA 47 22.51 24.76 -15.75
N ASN DA 48 21.75 25.09 -16.80
CA ASN DA 48 22.34 25.20 -18.13
C ASN DA 48 23.10 26.51 -18.26
N SER DA 49 24.41 26.42 -18.42
CA SER DA 49 25.26 27.60 -18.57
C SER DA 49 25.61 27.92 -20.02
N THR DA 50 25.29 27.02 -20.95
CA THR DA 50 25.59 27.28 -22.35
C THR DA 50 24.85 28.53 -22.84
N ALA DA 51 25.56 29.38 -23.56
CA ALA DA 51 25.00 30.65 -23.98
C ALA DA 51 25.57 31.05 -25.33
N SER DA 52 24.89 32.02 -25.97
CA SER DA 52 25.34 32.68 -27.19
C SER DA 52 25.48 31.72 -28.37
N GLY DA 53 24.85 30.55 -28.30
CA GLY DA 53 24.94 29.61 -29.40
C GLY DA 53 26.32 29.03 -29.61
N SER DA 54 27.19 29.11 -28.62
CA SER DA 54 28.52 28.52 -28.75
C SER DA 54 28.41 27.00 -28.82
N SER DA 55 29.43 26.37 -29.40
CA SER DA 55 29.33 24.96 -29.78
C SER DA 55 29.35 24.03 -28.58
N ARG DA 56 29.94 24.44 -27.47
CA ARG DA 56 30.21 23.55 -26.35
C ARG DA 56 29.22 23.78 -25.23
N THR DA 57 28.59 22.70 -24.75
CA THR DA 57 27.63 22.79 -23.68
C THR DA 57 28.33 22.76 -22.33
N ILE DA 58 27.98 23.70 -21.46
CA ILE DA 58 28.56 23.82 -20.12
C ILE DA 58 27.41 23.92 -19.12
N TYR DA 59 27.57 23.25 -17.98
CA TYR DA 59 26.56 23.22 -16.93
C TYR DA 59 27.15 23.63 -15.60
N ASN DA 60 26.40 24.45 -14.87
CA ASN DA 60 26.70 24.79 -13.48
C ASN DA 60 26.25 23.64 -12.60
N ILE DA 61 27.10 23.21 -11.68
CA ILE DA 61 26.73 22.24 -10.66
C ILE DA 61 27.01 22.87 -9.31
N THR DA 62 25.98 22.94 -8.47
CA THR DA 62 26.09 23.50 -7.13
C THR DA 62 25.74 22.42 -6.11
N ILE DA 63 26.62 22.21 -5.15
CA ILE DA 63 26.41 21.21 -4.11
C ILE DA 63 26.91 21.76 -2.78
N THR DA 64 26.29 21.30 -1.69
CA THR DA 64 26.78 21.64 -0.36
C THR DA 64 27.75 20.57 0.09
N VAL DA 65 28.94 20.98 0.50
CA VAL DA 65 30.06 20.08 0.73
C VAL DA 65 30.65 20.36 2.10
N LYS DA 66 31.05 19.30 2.80
CA LYS DA 66 31.59 19.40 4.15
C LYS DA 66 32.85 18.56 4.23
N ASN DA 67 34.00 19.22 4.40
CA ASN DA 67 35.28 18.53 4.49
C ASN DA 67 35.54 18.22 5.96
N THR DA 68 35.35 16.97 6.35
CA THR DA 68 35.59 16.57 7.73
C THR DA 68 37.04 16.27 8.03
N GLY DA 69 37.91 16.25 7.00
CA GLY DA 69 39.31 15.93 7.18
C GLY DA 69 40.14 17.15 7.57
N THR DA 70 41.45 16.92 7.64
CA THR DA 70 42.41 17.97 7.98
C THR DA 70 43.21 18.44 6.77
N THR DA 71 42.81 18.07 5.55
CA THR DA 71 43.54 18.43 4.36
C THR DA 71 42.61 19.11 3.36
N SER DA 72 43.18 20.03 2.58
CA SER DA 72 42.45 20.60 1.46
C SER DA 72 42.23 19.55 0.39
N ILE DA 73 41.03 19.53 -0.18
CA ILE DA 73 40.62 18.50 -1.14
C ILE DA 73 39.89 19.18 -2.29
N SER DA 74 40.12 18.68 -3.50
CA SER DA 74 39.53 19.24 -4.70
C SER DA 74 38.80 18.15 -5.48
N VAL DA 75 37.83 18.59 -6.29
CA VAL DA 75 37.10 17.69 -7.16
C VAL DA 75 37.97 17.36 -8.37
N THR DA 76 37.78 16.16 -8.93
CA THR DA 76 38.58 15.74 -10.07
C THR DA 76 37.69 15.34 -11.24
N SER DA 77 36.49 14.85 -10.95
CA SER DA 77 35.57 14.43 -12.01
C SER DA 77 34.18 14.27 -11.40
N ILE DA 78 33.19 14.23 -12.28
CA ILE DA 78 31.82 13.92 -11.88
C ILE DA 78 31.20 13.03 -12.94
N ASN DA 79 30.36 12.10 -12.51
CA ASN DA 79 29.59 11.23 -13.38
C ASN DA 79 28.12 11.45 -13.09
N ILE DA 80 27.36 11.88 -14.10
CA ILE DA 80 25.94 12.19 -13.95
C ILE DA 80 25.15 11.28 -14.86
N ASN DA 81 24.20 10.54 -14.29
CA ASN DA 81 23.29 9.69 -15.04
C ASN DA 81 24.04 8.66 -15.87
N GLY DA 82 25.17 8.18 -15.36
CA GLY DA 82 26.00 7.22 -16.06
C GLY DA 82 26.96 7.81 -17.07
N GLN DA 83 26.95 9.12 -17.26
CA GLN DA 83 27.74 9.81 -18.27
C GLN DA 83 28.87 10.58 -17.60
N PRO DA 84 30.11 10.46 -18.05
CA PRO DA 84 31.20 11.22 -17.43
C PRO DA 84 31.22 12.66 -17.91
N PHE DA 85 31.59 13.57 -17.01
CA PHE DA 85 31.73 14.98 -17.31
C PHE DA 85 33.11 15.45 -16.87
N ASN DA 86 33.64 16.44 -17.59
CA ASN DA 86 34.93 17.03 -17.28
C ASN DA 86 34.73 18.34 -16.54
N ILE DA 87 35.51 18.55 -15.48
CA ILE DA 87 35.39 19.77 -14.68
C ILE DA 87 36.12 20.90 -15.39
N ASN DA 88 35.38 21.67 -16.19
CA ASN DA 88 35.95 22.84 -16.85
C ASN DA 88 36.55 23.78 -15.83
N GLY DA 89 37.74 24.29 -16.15
CA GLY DA 89 38.38 25.33 -15.35
C GLY DA 89 39.11 24.79 -14.14
N THR DA 90 39.68 25.72 -13.40
CA THR DA 90 40.34 25.40 -12.14
C THR DA 90 39.35 24.76 -11.19
N ALA DA 91 39.60 23.50 -10.85
CA ALA DA 91 38.65 22.76 -10.03
C ALA DA 91 38.58 23.37 -8.63
N PRO DA 92 37.38 23.48 -8.05
CA PRO DA 92 37.25 24.07 -6.72
C PRO DA 92 37.95 23.23 -5.66
N SER DA 93 38.49 23.91 -4.66
CA SER DA 93 39.16 23.27 -3.54
C SER DA 93 38.34 23.50 -2.27
N ILE DA 94 38.17 22.44 -1.48
CA ILE DA 94 37.36 22.49 -0.27
C ILE DA 94 38.32 22.52 0.92
N PRO DA 95 38.41 23.63 1.64
CA PRO DA 95 39.29 23.70 2.81
C PRO DA 95 38.86 22.77 3.94
N ALA DA 96 39.83 22.46 4.80
CA ALA DA 96 39.60 21.50 5.87
C ALA DA 96 38.60 22.03 6.89
N GLY DA 97 37.78 21.12 7.41
CA GLY DA 97 36.87 21.42 8.49
C GLY DA 97 35.76 22.39 8.16
N ARG DA 98 35.49 22.66 6.89
CA ARG DA 98 34.58 23.71 6.50
C ARG DA 98 33.42 23.16 5.67
N THR DA 99 32.23 23.71 5.91
CA THR DA 99 31.05 23.41 5.11
C THR DA 99 30.76 24.61 4.21
N GLN DA 100 30.71 24.37 2.90
CA GLN DA 100 30.53 25.43 1.93
C GLN DA 100 29.59 25.01 0.82
N PRO DA 101 28.89 25.98 0.21
CA PRO DA 101 28.30 25.76 -1.11
C PRO DA 101 29.39 25.87 -2.18
N ILE DA 102 29.61 24.78 -2.91
CA ILE DA 102 30.66 24.71 -3.92
C ILE DA 102 29.98 24.59 -5.28
N THR DA 103 30.39 25.45 -6.21
CA THR DA 103 29.80 25.52 -7.54
C THR DA 103 30.90 25.42 -8.58
N PHE DA 104 30.68 24.61 -9.61
CA PHE DA 104 31.70 24.46 -10.64
C PHE DA 104 31.05 24.15 -11.98
N GLU DA 105 31.77 24.47 -13.05
CA GLU DA 105 31.30 24.22 -14.40
C GLU DA 105 31.80 22.88 -14.90
N VAL DA 106 30.94 22.20 -15.65
CA VAL DA 106 31.27 20.90 -16.22
C VAL DA 106 30.84 20.87 -17.68
N THR DA 107 31.53 20.04 -18.46
CA THR DA 107 31.19 19.77 -19.85
C THR DA 107 31.14 18.27 -20.06
N PRO DA 108 30.25 17.80 -20.93
CA PRO DA 108 30.17 16.35 -21.19
C PRO DA 108 31.45 15.85 -21.84
N ALA DA 109 31.99 14.76 -21.31
CA ALA DA 109 33.18 14.15 -21.90
C ALA DA 109 32.88 13.54 -23.25
N SER DA 110 31.66 13.03 -23.44
CA SER DA 110 31.24 12.48 -24.72
C SER DA 110 29.73 12.56 -24.81
N GLY DA 111 29.23 12.56 -26.05
CA GLY DA 111 27.80 12.58 -26.27
C GLY DA 111 27.16 13.89 -25.83
N LYS DA 112 25.87 13.82 -25.51
CA LYS DA 112 25.13 14.97 -25.04
C LYS DA 112 24.12 14.55 -23.97
N PRO DA 113 23.95 15.36 -22.93
CA PRO DA 113 22.99 15.01 -21.87
C PRO DA 113 21.55 15.15 -22.35
N ASN DA 114 20.66 14.47 -21.61
CA ASN DA 114 19.23 14.48 -21.89
C ASN DA 114 18.43 14.99 -20.70
N PHE DA 115 18.96 16.00 -20.00
CA PHE DA 115 18.34 16.46 -18.77
C PHE DA 115 16.95 17.01 -19.04
N SER DA 116 16.06 16.81 -18.06
CA SER DA 116 14.70 17.33 -18.11
C SER DA 116 14.45 18.22 -16.91
N PRO DA 117 13.72 19.32 -17.08
CA PRO DA 117 13.50 20.24 -15.95
C PRO DA 117 12.80 19.54 -14.80
N GLY DA 118 13.34 19.77 -13.60
CA GLY DA 118 12.77 19.20 -12.39
C GLY DA 118 13.15 17.76 -12.11
N ALA DA 119 13.81 17.08 -13.04
CA ALA DA 119 14.19 15.70 -12.82
C ALA DA 119 15.39 15.62 -11.87
N SER DA 120 15.48 14.50 -11.16
CA SER DA 120 16.56 14.25 -10.21
C SER DA 120 17.45 13.16 -10.77
N TYR DA 121 18.75 13.42 -10.87
CA TYR DA 121 19.71 12.52 -11.46
C TYR DA 121 20.75 12.13 -10.42
N THR DA 122 21.01 10.83 -10.31
CA THR DA 122 22.06 10.37 -9.42
C THR DA 122 23.43 10.63 -10.05
N ALA DA 123 24.33 11.21 -9.28
CA ALA DA 123 25.67 11.54 -9.73
C ALA DA 123 26.68 11.06 -8.71
N THR DA 124 27.94 11.00 -9.13
CA THR DA 124 29.05 10.65 -8.27
C THR DA 124 30.16 11.67 -8.49
N ILE DA 125 30.57 12.32 -7.41
CA ILE DA 125 31.63 13.32 -7.48
C ILE DA 125 32.89 12.72 -6.90
N TYR DA 126 33.98 12.74 -7.68
CA TYR DA 126 35.23 12.11 -7.29
C TYR DA 126 36.22 13.17 -6.86
N PHE DA 127 36.81 12.98 -5.68
CA PHE DA 127 37.68 13.96 -5.07
C PHE DA 127 39.13 13.48 -5.11
N SER DA 128 40.04 14.39 -4.74
CA SER DA 128 41.47 14.16 -4.95
C SER DA 128 41.99 12.95 -4.19
N ASN DA 129 41.34 12.55 -3.11
CA ASN DA 129 41.75 11.34 -2.41
C ASN DA 129 41.41 10.07 -3.17
N GLY DA 130 40.61 10.17 -4.23
CA GLY DA 130 40.07 9.02 -4.90
C GLY DA 130 38.70 8.60 -4.40
N GLN DA 131 38.29 9.07 -3.23
CA GLN DA 131 36.97 8.77 -2.71
C GLN DA 131 35.91 9.45 -3.57
N GLY DA 132 34.75 8.81 -3.69
CA GLY DA 132 33.68 9.32 -4.50
C GLY DA 132 32.35 9.38 -3.76
N ALA DA 133 31.78 10.57 -3.68
CA ALA DA 133 30.53 10.76 -2.97
C ALA DA 133 29.36 10.66 -3.92
N PRO DA 134 28.40 9.76 -3.69
CA PRO DA 134 27.15 9.81 -4.45
C PRO DA 134 26.29 10.99 -4.00
N ALA DA 135 25.60 11.58 -4.95
CA ALA DA 135 24.77 12.75 -4.70
C ALA DA 135 23.57 12.72 -5.65
N THR DA 136 22.57 13.53 -5.35
CA THR DA 136 21.42 13.69 -6.20
C THR DA 136 21.36 15.14 -6.69
N LEU DA 137 21.30 15.34 -7.99
CA LEU DA 137 21.31 16.66 -8.59
C LEU DA 137 19.99 16.89 -9.31
N ILE DA 138 19.32 17.99 -9.00
CA ILE DA 138 18.07 18.36 -9.64
C ILE DA 138 18.38 19.35 -10.75
N TYR DA 139 17.82 19.09 -11.94
CA TYR DA 139 18.04 19.96 -13.08
C TYR DA 139 17.06 21.12 -13.04
N GLN DA 140 17.57 22.34 -12.88
CA GLN DA 140 16.76 23.52 -12.74
C GLN DA 140 16.51 24.25 -14.05
N GLY DA 141 17.16 23.85 -15.13
CA GLY DA 141 16.99 24.53 -16.41
C GLY DA 141 17.91 25.71 -16.58
N LEU EA 1 81.56 -21.49 8.69
CA LEU EA 1 81.35 -20.61 7.54
C LEU EA 1 80.01 -20.92 6.86
N SER EA 2 79.45 -22.09 7.17
CA SER EA 2 78.28 -22.58 6.45
C SER EA 2 77.05 -21.69 6.69
N GLY EA 3 76.89 -21.20 7.92
CA GLY EA 3 75.65 -20.53 8.29
C GLY EA 3 75.35 -19.31 7.45
N ALA EA 4 76.37 -18.49 7.18
CA ALA EA 4 76.16 -17.29 6.38
C ALA EA 4 75.77 -17.65 4.95
N ILE EA 5 76.38 -18.70 4.40
CA ILE EA 5 76.03 -19.18 3.07
C ILE EA 5 74.56 -19.60 3.01
N VAL EA 6 74.13 -20.39 4.01
CA VAL EA 6 72.74 -20.84 4.06
C VAL EA 6 71.80 -19.64 4.19
N ALA EA 7 72.18 -18.67 5.02
CA ALA EA 7 71.35 -17.49 5.21
C ALA EA 7 71.20 -16.70 3.91
N LEU EA 8 72.30 -16.56 3.15
CA LEU EA 8 72.23 -15.86 1.87
C LEU EA 8 71.27 -16.57 0.92
N ILE EA 9 71.40 -17.89 0.80
CA ILE EA 9 70.50 -18.65 -0.07
C ILE EA 9 69.05 -18.43 0.33
N LEU EA 10 68.76 -18.53 1.63
CA LEU EA 10 67.39 -18.42 2.10
C LEU EA 10 66.84 -17.01 1.92
N VAL EA 11 67.66 -15.98 2.11
CA VAL EA 11 67.20 -14.61 1.91
C VAL EA 11 66.76 -14.39 0.48
N ILE EA 12 67.59 -14.83 -0.48
CA ILE EA 12 67.23 -14.61 -1.88
C ILE EA 12 65.98 -15.41 -2.23
N ALA EA 13 65.89 -16.65 -1.76
CA ALA EA 13 64.70 -17.46 -2.04
C ALA EA 13 63.45 -16.84 -1.45
N GLY EA 14 63.56 -16.28 -0.25
CA GLY EA 14 62.41 -15.62 0.35
C GLY EA 14 61.93 -14.44 -0.47
N VAL EA 15 62.87 -13.63 -0.97
CA VAL EA 15 62.49 -12.52 -1.84
C VAL EA 15 61.71 -13.05 -3.04
N ILE EA 16 62.23 -14.09 -3.69
CA ILE EA 16 61.60 -14.60 -4.90
C ILE EA 16 60.18 -15.09 -4.60
N ILE EA 17 60.02 -15.89 -3.56
CA ILE EA 17 58.72 -16.50 -3.28
C ILE EA 17 57.71 -15.45 -2.85
N ALA EA 18 58.15 -14.46 -2.07
CA ALA EA 18 57.22 -13.40 -1.67
C ALA EA 18 56.71 -12.62 -2.86
N ILE EA 19 57.61 -12.28 -3.79
CA ILE EA 19 57.17 -11.57 -5.00
C ILE EA 19 56.20 -12.43 -5.80
N ALA EA 20 56.49 -13.73 -5.90
CA ALA EA 20 55.59 -14.62 -6.63
C ALA EA 20 54.21 -14.65 -6.00
N VAL EA 21 54.13 -14.70 -4.67
CA VAL EA 21 52.84 -14.72 -3.99
C VAL EA 21 52.08 -13.42 -4.23
N VAL EA 22 52.78 -12.28 -4.20
CA VAL EA 22 52.12 -11.01 -4.45
C VAL EA 22 51.54 -10.97 -5.85
N LEU EA 23 52.31 -11.44 -6.83
CA LEU EA 23 51.81 -11.45 -8.20
C LEU EA 23 50.66 -12.41 -8.38
N PHE EA 24 50.65 -13.53 -7.65
CA PHE EA 24 49.49 -14.41 -7.69
C PHE EA 24 48.26 -13.74 -7.12
N ALA EA 25 48.43 -12.99 -6.03
CA ALA EA 25 47.31 -12.25 -5.45
C ALA EA 25 46.73 -11.28 -6.46
N PHE EA 26 47.61 -10.59 -7.20
CA PHE EA 26 47.12 -9.68 -8.23
C PHE EA 26 46.46 -10.44 -9.39
N GLY EA 27 46.96 -11.63 -9.71
CA GLY EA 27 46.41 -12.39 -10.82
C GLY EA 27 45.08 -13.04 -10.53
N LEU EA 28 44.73 -13.21 -9.26
CA LEU EA 28 43.44 -13.82 -8.93
C LEU EA 28 42.26 -12.96 -9.37
N ILE EA 29 42.45 -11.64 -9.47
CA ILE EA 29 41.30 -10.74 -9.59
C ILE EA 29 40.41 -11.03 -10.79
N PRO EA 30 40.93 -11.25 -12.00
CA PRO EA 30 40.03 -11.41 -13.17
C PRO EA 30 39.04 -12.55 -13.03
N GLY EA 31 39.36 -13.60 -12.27
CA GLY EA 31 38.45 -14.73 -12.15
C GLY EA 31 37.19 -14.42 -11.38
N ILE EA 32 37.22 -13.39 -10.53
CA ILE EA 32 36.07 -13.07 -9.69
C ILE EA 32 34.92 -12.55 -10.54
N SER EA 33 35.23 -11.83 -11.61
CA SER EA 33 34.19 -11.19 -12.43
C SER EA 33 33.16 -12.20 -12.94
N ASN EA 34 33.60 -13.41 -13.28
CA ASN EA 34 32.72 -14.38 -13.90
C ASN EA 34 31.68 -14.94 -12.96
N GLN EA 35 31.77 -14.65 -11.66
CA GLN EA 35 30.83 -15.21 -10.69
C GLN EA 35 29.43 -14.63 -10.83
N GLY EA 36 29.24 -13.57 -11.61
CA GLY EA 36 27.91 -12.98 -11.74
C GLY EA 36 27.45 -12.80 -13.17
N SER EA 37 27.88 -13.70 -14.06
CA SER EA 37 27.60 -13.53 -15.48
C SER EA 37 26.11 -13.65 -15.81
N ILE EA 38 25.36 -14.41 -15.01
CA ILE EA 38 24.02 -14.84 -15.37
C ILE EA 38 23.00 -14.24 -14.42
N GLN EA 39 21.84 -13.87 -14.96
CA GLN EA 39 20.69 -13.49 -14.15
C GLN EA 39 19.41 -14.08 -14.73
N VAL EA 40 18.54 -14.57 -13.86
CA VAL EA 40 17.26 -15.13 -14.27
C VAL EA 40 16.23 -14.00 -14.32
N LEU EA 41 15.45 -13.96 -15.40
CA LEU EA 41 14.48 -12.91 -15.64
C LEU EA 41 13.07 -13.45 -15.49
N GLY EA 42 12.29 -12.83 -14.62
CA GLY EA 42 10.87 -13.14 -14.51
C GLY EA 42 10.60 -14.52 -13.94
N SER EA 43 9.32 -14.89 -14.00
CA SER EA 43 8.90 -16.18 -13.52
C SER EA 43 9.22 -17.27 -14.54
N GLY EA 44 9.19 -18.52 -14.06
CA GLY EA 44 9.33 -19.68 -14.92
C GLY EA 44 8.16 -20.62 -14.70
N THR EA 45 8.21 -21.75 -15.41
CA THR EA 45 7.10 -22.68 -15.43
C THR EA 45 7.60 -24.10 -15.20
N ILE EA 46 6.92 -24.83 -14.31
CA ILE EA 46 7.10 -26.26 -14.12
C ILE EA 46 5.93 -26.99 -14.77
N THR EA 47 6.23 -28.12 -15.42
CA THR EA 47 5.20 -28.92 -16.08
C THR EA 47 5.52 -30.39 -15.84
N ASN EA 48 4.45 -31.19 -15.75
CA ASN EA 48 4.57 -32.63 -15.51
C ASN EA 48 4.76 -33.35 -16.85
N SER EA 49 5.81 -34.17 -16.93
CA SER EA 49 6.26 -34.73 -18.21
C SER EA 49 6.61 -36.22 -18.08
N THR EA 50 5.75 -37.01 -17.44
CA THR EA 50 6.00 -38.43 -17.29
C THR EA 50 4.78 -39.24 -17.71
N ALA EA 51 5.05 -40.42 -18.26
CA ALA EA 51 4.00 -41.29 -18.79
C ALA EA 51 3.46 -42.22 -17.71
N SER EA 52 2.37 -42.92 -18.04
CA SER EA 52 1.74 -43.84 -17.11
C SER EA 52 2.67 -45.03 -16.83
N GLY EA 53 2.79 -45.38 -15.56
CA GLY EA 53 3.62 -46.50 -15.17
C GLY EA 53 5.10 -46.26 -15.27
N SER EA 54 5.52 -45.01 -15.47
CA SER EA 54 6.95 -44.70 -15.60
C SER EA 54 7.67 -44.97 -14.30
N SER EA 55 8.98 -45.16 -14.39
CA SER EA 55 9.79 -45.37 -13.19
C SER EA 55 9.89 -44.11 -12.35
N ARG EA 56 9.70 -42.93 -12.97
CA ARG EA 56 10.01 -41.69 -12.29
C ARG EA 56 9.17 -40.56 -12.83
N THR EA 57 8.85 -39.60 -11.95
CA THR EA 57 8.29 -38.34 -12.38
C THR EA 57 9.40 -37.44 -12.92
N ILE EA 58 9.11 -36.75 -14.01
CA ILE EA 58 10.04 -35.77 -14.55
C ILE EA 58 9.26 -34.51 -14.90
N TYR EA 59 9.85 -33.36 -14.57
CA TYR EA 59 9.21 -32.06 -14.75
C TYR EA 59 10.04 -31.23 -15.71
N ASN EA 60 9.38 -30.67 -16.73
CA ASN EA 60 9.99 -29.68 -17.60
C ASN EA 60 9.97 -28.33 -16.91
N ILE EA 61 11.12 -27.67 -16.83
CA ILE EA 61 11.24 -26.37 -16.20
C ILE EA 61 11.75 -25.39 -17.23
N THR EA 62 10.99 -24.33 -17.45
CA THR EA 62 11.34 -23.28 -18.39
C THR EA 62 11.57 -21.97 -17.63
N ILE EA 63 12.73 -21.35 -17.85
CA ILE EA 63 13.08 -20.08 -17.24
C ILE EA 63 13.80 -19.22 -18.25
N THR EA 64 13.53 -17.92 -18.23
CA THR EA 64 14.28 -17.00 -19.07
C THR EA 64 15.59 -16.63 -18.38
N VAL EA 65 16.71 -16.83 -19.07
CA VAL EA 65 18.03 -16.61 -18.49
C VAL EA 65 18.81 -15.67 -19.39
N LYS EA 66 19.49 -14.70 -18.80
CA LYS EA 66 20.33 -13.75 -19.51
C LYS EA 66 21.78 -13.94 -19.09
N ASN EA 67 22.64 -14.16 -20.08
CA ASN EA 67 24.07 -14.35 -19.87
C ASN EA 67 24.82 -13.11 -20.33
N THR EA 68 25.70 -12.61 -19.47
CA THR EA 68 26.48 -11.42 -19.78
C THR EA 68 27.97 -11.70 -19.94
N GLY EA 69 28.43 -12.92 -19.72
CA GLY EA 69 29.83 -13.24 -19.84
C GLY EA 69 30.23 -13.58 -21.26
N THR EA 70 31.53 -13.83 -21.43
CA THR EA 70 32.07 -14.18 -22.73
C THR EA 70 31.93 -15.65 -23.07
N THR EA 71 31.50 -16.48 -22.12
CA THR EA 71 31.50 -17.92 -22.27
C THR EA 71 30.11 -18.49 -22.03
N SER EA 72 29.83 -19.62 -22.68
CA SER EA 72 28.56 -20.30 -22.49
C SER EA 72 28.51 -20.97 -21.13
N ILE EA 73 27.37 -20.84 -20.44
CA ILE EA 73 27.20 -21.37 -19.10
C ILE EA 73 25.97 -22.25 -19.08
N SER EA 74 26.02 -23.31 -18.26
CA SER EA 74 24.96 -24.31 -18.21
C SER EA 74 24.47 -24.49 -16.79
N VAL EA 75 23.25 -25.02 -16.67
CA VAL EA 75 22.69 -25.34 -15.36
C VAL EA 75 23.34 -26.60 -14.82
N THR EA 76 23.50 -26.67 -13.50
CA THR EA 76 24.05 -27.85 -12.85
C THR EA 76 23.12 -28.46 -11.82
N SER EA 77 22.34 -27.66 -11.11
CA SER EA 77 21.41 -28.19 -10.13
C SER EA 77 20.30 -27.17 -9.90
N ILE EA 78 19.17 -27.65 -9.40
CA ILE EA 78 18.04 -26.80 -9.03
C ILE EA 78 17.49 -27.28 -7.70
N ASN EA 79 17.08 -26.33 -6.87
CA ASN EA 79 16.50 -26.62 -5.56
C ASN EA 79 15.15 -25.92 -5.50
N ILE EA 80 14.08 -26.70 -5.54
CA ILE EA 80 12.72 -26.17 -5.61
C ILE EA 80 12.01 -26.46 -4.30
N ASN EA 81 11.49 -25.40 -3.68
CA ASN EA 81 10.69 -25.51 -2.46
C ASN EA 81 11.47 -26.19 -1.34
N GLY EA 82 12.80 -26.12 -1.39
CA GLY EA 82 13.67 -26.74 -0.44
C GLY EA 82 14.22 -28.09 -0.86
N GLN EA 83 13.52 -28.79 -1.75
CA GLN EA 83 13.93 -30.12 -2.19
C GLN EA 83 14.91 -30.00 -3.36
N PRO EA 84 16.02 -30.74 -3.32
CA PRO EA 84 16.95 -30.74 -4.45
C PRO EA 84 16.47 -31.66 -5.57
N PHE EA 85 16.69 -31.23 -6.81
CA PHE EA 85 16.29 -31.98 -7.99
C PHE EA 85 17.52 -32.30 -8.84
N ASN EA 86 17.45 -33.42 -9.54
CA ASN EA 86 18.53 -33.90 -10.39
C ASN EA 86 18.19 -33.64 -11.85
N ILE EA 87 19.12 -33.04 -12.57
CA ILE EA 87 18.86 -32.63 -13.95
C ILE EA 87 19.03 -33.82 -14.88
N ASN EA 88 17.95 -34.19 -15.52
CA ASN EA 88 17.91 -35.22 -16.52
C ASN EA 88 18.55 -34.78 -17.83
N GLY EA 89 19.32 -35.68 -18.47
CA GLY EA 89 19.91 -35.43 -19.79
C GLY EA 89 21.07 -34.43 -19.85
N THR EA 90 21.40 -34.01 -21.07
CA THR EA 90 22.47 -33.03 -21.29
C THR EA 90 21.97 -31.65 -20.91
N ALA EA 91 22.65 -31.00 -19.97
CA ALA EA 91 22.19 -29.71 -19.46
C ALA EA 91 22.26 -28.66 -20.57
N PRO EA 92 21.26 -27.79 -20.68
CA PRO EA 92 21.28 -26.77 -21.74
C PRO EA 92 22.37 -25.75 -21.49
N SER EA 93 22.92 -25.23 -22.58
CA SER EA 93 23.96 -24.20 -22.53
C SER EA 93 23.36 -22.86 -22.92
N ILE EA 94 23.76 -21.82 -22.20
CA ILE EA 94 23.24 -20.47 -22.43
C ILE EA 94 24.30 -19.66 -23.17
N PRO EA 95 24.05 -19.26 -24.41
CA PRO EA 95 25.10 -18.59 -25.20
C PRO EA 95 25.57 -17.30 -24.56
N ALA EA 96 26.77 -16.88 -24.97
CA ALA EA 96 27.54 -15.87 -24.24
C ALA EA 96 26.74 -14.62 -23.94
N GLY EA 97 26.28 -13.91 -24.97
CA GLY EA 97 25.64 -12.64 -24.77
C GLY EA 97 24.14 -12.62 -24.90
N ARG EA 98 23.50 -13.77 -25.02
CA ARG EA 98 22.09 -13.81 -25.39
C ARG EA 98 21.19 -14.01 -24.17
N THR EA 99 19.95 -13.58 -24.32
CA THR EA 99 18.88 -13.83 -23.36
C THR EA 99 17.91 -14.83 -23.99
N GLN EA 100 17.72 -15.97 -23.33
CA GLN EA 100 16.95 -17.04 -23.93
C GLN EA 100 16.00 -17.71 -22.94
N PRO EA 101 14.82 -18.12 -23.39
CA PRO EA 101 14.02 -19.07 -22.61
C PRO EA 101 14.63 -20.46 -22.70
N ILE EA 102 15.12 -20.95 -21.56
CA ILE EA 102 15.82 -22.23 -21.48
C ILE EA 102 14.91 -23.23 -20.77
N THR EA 103 14.81 -24.43 -21.34
CA THR EA 103 13.96 -25.49 -20.81
C THR EA 103 14.80 -26.72 -20.54
N PHE EA 104 14.59 -27.35 -19.40
CA PHE EA 104 15.34 -28.54 -19.04
C PHE EA 104 14.49 -29.46 -18.17
N GLU EA 105 14.86 -30.73 -18.18
CA GLU EA 105 14.10 -31.81 -17.54
C GLU EA 105 14.74 -32.20 -16.22
N VAL EA 106 13.94 -32.27 -15.15
CA VAL EA 106 14.45 -32.58 -13.83
C VAL EA 106 13.61 -33.68 -13.19
N THR EA 107 14.23 -34.43 -12.27
CA THR EA 107 13.55 -35.46 -11.51
C THR EA 107 13.91 -35.33 -10.04
N PRO EA 108 12.97 -35.57 -9.13
CA PRO EA 108 13.26 -35.36 -7.71
C PRO EA 108 14.26 -36.37 -7.17
N ALA EA 109 15.17 -35.89 -6.33
CA ALA EA 109 16.20 -36.74 -5.74
C ALA EA 109 15.89 -37.13 -4.30
N SER EA 110 15.32 -36.21 -3.52
CA SER EA 110 15.06 -36.50 -2.12
C SER EA 110 13.76 -37.26 -1.91
N GLY EA 111 12.70 -36.86 -2.59
CA GLY EA 111 11.42 -37.51 -2.44
C GLY EA 111 10.39 -36.89 -3.34
N LYS EA 112 9.20 -37.48 -3.35
CA LYS EA 112 8.15 -37.06 -4.26
C LYS EA 112 7.65 -35.67 -3.89
N PRO EA 113 7.74 -34.69 -4.79
CA PRO EA 113 7.18 -33.37 -4.51
C PRO EA 113 5.72 -33.28 -4.87
N ASN EA 114 4.89 -32.76 -3.97
CA ASN EA 114 3.46 -32.65 -4.22
C ASN EA 114 3.13 -31.25 -4.71
N PHE EA 115 3.48 -31.02 -5.98
CA PHE EA 115 3.16 -29.75 -6.62
C PHE EA 115 1.66 -29.59 -6.75
N SER EA 116 1.20 -28.35 -6.62
CA SER EA 116 -0.22 -28.04 -6.70
C SER EA 116 -0.48 -27.16 -7.92
N PRO EA 117 -1.52 -27.48 -8.71
CA PRO EA 117 -1.79 -26.69 -9.92
C PRO EA 117 -1.94 -25.21 -9.66
N GLY EA 118 -1.14 -24.40 -10.37
CA GLY EA 118 -1.20 -22.96 -10.24
C GLY EA 118 -0.42 -22.38 -9.08
N ALA EA 119 0.20 -23.20 -8.25
CA ALA EA 119 0.94 -22.69 -7.11
C ALA EA 119 2.25 -22.05 -7.54
N SER EA 120 2.80 -21.22 -6.66
CA SER EA 120 4.06 -20.54 -6.88
C SER EA 120 5.11 -21.08 -5.92
N TYR EA 121 6.28 -21.42 -6.44
CA TYR EA 121 7.34 -22.03 -5.66
C TYR EA 121 8.63 -21.26 -5.85
N THR EA 122 9.38 -21.07 -4.76
CA THR EA 122 10.71 -20.48 -4.86
C THR EA 122 11.72 -21.55 -5.23
N ALA EA 123 12.70 -21.17 -6.03
CA ALA EA 123 13.74 -22.09 -6.45
C ALA EA 123 15.07 -21.33 -6.55
N THR EA 124 16.15 -22.07 -6.46
CA THR EA 124 17.49 -21.53 -6.73
C THR EA 124 18.10 -22.30 -7.88
N ILE EA 125 18.44 -21.59 -8.95
CA ILE EA 125 19.09 -22.18 -10.11
C ILE EA 125 20.59 -21.99 -9.94
N TYR EA 126 21.34 -23.09 -10.00
CA TYR EA 126 22.78 -23.04 -9.84
C TYR EA 126 23.43 -23.31 -11.18
N PHE EA 127 24.28 -22.39 -11.62
CA PHE EA 127 24.87 -22.46 -12.95
C PHE EA 127 26.33 -22.86 -12.87
N SER EA 128 26.88 -23.25 -14.02
CA SER EA 128 28.23 -23.83 -14.05
C SER EA 128 29.29 -22.84 -13.62
N ASN EA 129 29.03 -21.54 -13.69
CA ASN EA 129 30.00 -20.55 -13.23
C ASN EA 129 30.02 -20.40 -11.72
N GLY EA 130 29.35 -21.29 -10.98
CA GLY EA 130 29.27 -21.18 -9.55
C GLY EA 130 28.36 -20.09 -9.02
N GLN EA 131 27.31 -19.75 -9.77
CA GLN EA 131 26.39 -18.68 -9.38
C GLN EA 131 25.02 -19.27 -9.10
N GLY EA 132 24.42 -18.85 -7.99
CA GLY EA 132 23.05 -19.20 -7.66
C GLY EA 132 22.14 -18.01 -7.89
N ALA EA 133 20.97 -18.28 -8.48
CA ALA EA 133 20.01 -17.25 -8.82
C ALA EA 133 18.64 -17.61 -8.28
N PRO EA 134 18.01 -16.75 -7.48
CA PRO EA 134 16.63 -17.00 -7.08
C PRO EA 134 15.69 -16.93 -8.26
N ALA EA 135 14.65 -17.74 -8.22
CA ALA EA 135 13.64 -17.79 -9.28
C ALA EA 135 12.31 -18.18 -8.67
N THR EA 136 11.24 -17.81 -9.37
CA THR EA 136 9.88 -18.12 -8.97
C THR EA 136 9.22 -18.94 -10.08
N LEU EA 137 8.78 -20.15 -9.75
CA LEU EA 137 8.25 -21.07 -10.73
C LEU EA 137 6.77 -21.32 -10.46
N ILE EA 138 5.95 -21.18 -11.49
CA ILE EA 138 4.53 -21.50 -11.41
C ILE EA 138 4.33 -22.91 -11.96
N TYR EA 139 3.59 -23.73 -11.22
CA TYR EA 139 3.32 -25.10 -11.66
C TYR EA 139 2.10 -25.09 -12.56
N GLN EA 140 2.31 -25.34 -13.85
CA GLN EA 140 1.23 -25.27 -14.83
C GLN EA 140 0.41 -26.55 -14.93
N GLY EA 141 0.88 -27.65 -14.35
CA GLY EA 141 0.16 -28.90 -14.42
C GLY EA 141 1.05 -30.11 -14.59
N LEU FA 1 74.62 -25.19 9.10
CA LEU FA 1 73.86 -26.33 8.61
C LEU FA 1 72.46 -26.33 9.21
N SER FA 2 72.31 -25.72 10.38
CA SER FA 2 71.03 -25.75 11.09
C SER FA 2 69.98 -24.86 10.43
N GLY FA 3 70.42 -23.82 9.71
CA GLY FA 3 69.48 -22.86 9.17
C GLY FA 3 68.49 -23.48 8.21
N ALA FA 4 68.97 -24.36 7.34
CA ALA FA 4 68.08 -25.02 6.38
C ALA FA 4 67.05 -25.90 7.09
N ILE FA 5 67.48 -26.62 8.13
CA ILE FA 5 66.55 -27.48 8.86
C ILE FA 5 65.49 -26.64 9.58
N VAL FA 6 65.91 -25.51 10.17
CA VAL FA 6 64.96 -24.63 10.84
C VAL FA 6 63.96 -24.08 9.82
N ALA FA 7 64.45 -23.67 8.64
CA ALA FA 7 63.56 -23.15 7.61
C ALA FA 7 62.57 -24.22 7.15
N LEU FA 8 63.03 -25.46 7.00
CA LEU FA 8 62.14 -26.54 6.59
C LEU FA 8 61.05 -26.79 7.63
N ILE FA 9 61.45 -26.83 8.91
CA ILE FA 9 60.47 -27.04 9.98
C ILE FA 9 59.44 -25.92 9.97
N LEU FA 10 59.91 -24.67 9.84
CA LEU FA 10 58.99 -23.55 9.88
C LEU FA 10 58.07 -23.54 8.67
N VAL FA 11 58.56 -23.96 7.50
CA VAL FA 11 57.70 -24.00 6.32
C VAL FA 11 56.58 -25.02 6.49
N ILE FA 12 56.94 -26.23 6.93
CA ILE FA 12 55.93 -27.27 7.10
C ILE FA 12 54.94 -26.87 8.19
N ALA FA 13 55.45 -26.32 9.29
CA ALA FA 13 54.58 -25.88 10.38
C ALA FA 13 53.68 -24.74 9.94
N GLY FA 14 54.17 -23.87 9.05
CA GLY FA 14 53.32 -22.81 8.54
C GLY FA 14 52.16 -23.35 7.73
N VAL FA 15 52.44 -24.35 6.87
CA VAL FA 15 51.36 -25.00 6.14
C VAL FA 15 50.32 -25.55 7.11
N ILE FA 16 50.80 -26.27 8.14
CA ILE FA 16 49.89 -26.91 9.08
C ILE FA 16 49.05 -25.87 9.82
N ILE FA 17 49.71 -24.80 10.29
CA ILE FA 17 49.02 -23.80 11.10
C ILE FA 17 48.01 -23.04 10.27
N ALA FA 18 48.33 -22.72 9.02
CA ALA FA 18 47.38 -22.03 8.15
C ALA FA 18 46.14 -22.91 7.92
N ILE FA 19 46.35 -24.20 7.66
CA ILE FA 19 45.20 -25.08 7.48
C ILE FA 19 44.36 -25.15 8.75
N ALA FA 20 45.01 -25.19 9.91
CA ALA FA 20 44.28 -25.22 11.18
C ALA FA 20 43.44 -23.96 11.37
N VAL FA 21 44.00 -22.79 11.03
CA VAL FA 21 43.25 -21.55 11.14
C VAL FA 21 42.03 -21.57 10.22
N VAL FA 22 42.23 -22.06 8.99
CA VAL FA 22 41.12 -22.16 8.05
C VAL FA 22 40.00 -23.02 8.62
N LEU FA 23 40.36 -24.16 9.22
CA LEU FA 23 39.33 -25.03 9.79
C LEU FA 23 38.64 -24.39 10.99
N PHE FA 24 39.38 -23.67 11.82
CA PHE FA 24 38.80 -23.01 12.98
C PHE FA 24 37.76 -21.97 12.55
N ALA FA 25 38.05 -21.24 11.47
CA ALA FA 25 37.11 -20.26 10.96
C ALA FA 25 35.73 -20.87 10.73
N PHE FA 26 35.69 -22.02 10.06
CA PHE FA 26 34.41 -22.70 9.84
C PHE FA 26 33.85 -23.26 11.14
N GLY FA 27 34.72 -23.78 12.01
CA GLY FA 27 34.24 -24.32 13.27
C GLY FA 27 33.52 -23.31 14.14
N LEU FA 28 33.74 -22.02 13.91
CA LEU FA 28 33.02 -21.02 14.69
C LEU FA 28 31.51 -20.96 14.40
N ILE FA 29 31.09 -21.13 13.14
CA ILE FA 29 29.72 -20.75 12.75
C ILE FA 29 28.61 -21.54 13.44
N PRO FA 30 28.72 -22.87 13.65
CA PRO FA 30 27.59 -23.56 14.30
C PRO FA 30 27.32 -23.06 15.71
N GLY FA 31 28.32 -22.49 16.38
CA GLY FA 31 28.06 -21.83 17.66
C GLY FA 31 27.28 -20.54 17.50
N ILE FA 32 27.66 -19.72 16.52
CA ILE FA 32 26.99 -18.44 16.33
C ILE FA 32 25.54 -18.64 15.90
N SER FA 33 25.24 -19.77 15.25
CA SER FA 33 23.85 -20.02 14.86
C SER FA 33 22.93 -20.13 16.07
N ASN FA 34 23.46 -20.38 17.26
CA ASN FA 34 22.65 -20.45 18.46
C ASN FA 34 22.05 -19.11 18.85
N GLN FA 35 22.54 -18.01 18.26
CA GLN FA 35 22.00 -16.70 18.57
C GLN FA 35 20.53 -16.57 18.22
N GLY FA 36 20.02 -17.41 17.31
CA GLY FA 36 18.63 -17.37 16.92
C GLY FA 36 17.88 -18.65 17.21
N SER FA 37 18.14 -19.24 18.37
CA SER FA 37 17.52 -20.53 18.71
C SER FA 37 16.02 -20.42 18.89
N ILE FA 38 15.54 -19.29 19.41
CA ILE FA 38 14.18 -19.17 19.92
C ILE FA 38 13.33 -18.31 19.00
N GLN FA 39 12.08 -18.72 18.82
CA GLN FA 39 11.06 -17.94 18.12
C GLN FA 39 9.83 -17.84 19.01
N VAL FA 40 9.31 -16.64 19.19
CA VAL FA 40 8.07 -16.42 19.92
C VAL FA 40 6.96 -16.25 18.89
N LEU FA 41 5.98 -17.15 18.91
CA LEU FA 41 4.98 -17.20 17.85
C LEU FA 41 3.58 -17.16 18.42
N GLY FA 42 2.69 -16.46 17.72
CA GLY FA 42 1.34 -16.23 18.19
C GLY FA 42 1.27 -15.04 19.12
N SER FA 43 0.04 -14.58 19.35
CA SER FA 43 -0.19 -13.45 20.23
C SER FA 43 -0.27 -13.92 21.67
N GLY FA 44 0.55 -13.31 22.54
CA GLY FA 44 0.53 -13.64 23.94
C GLY FA 44 -0.54 -12.88 24.70
N THR FA 45 -0.61 -13.15 26.00
CA THR FA 45 -1.60 -12.53 26.85
C THR FA 45 -0.97 -12.10 28.17
N ILE FA 46 -1.37 -10.93 28.66
CA ILE FA 46 -0.96 -10.41 29.95
C ILE FA 46 -2.20 -10.22 30.81
N THR FA 47 -2.15 -10.72 32.04
CA THR FA 47 -3.32 -10.75 32.91
C THR FA 47 -2.99 -10.23 34.30
N ASN FA 48 -3.96 -9.56 34.93
CA ASN FA 48 -3.77 -9.07 36.30
C ASN FA 48 -3.74 -10.25 37.27
N SER FA 49 -2.71 -10.29 38.12
CA SER FA 49 -2.52 -11.41 39.04
C SER FA 49 -2.11 -10.92 40.42
N THR FA 50 -2.56 -9.72 40.80
CA THR FA 50 -2.02 -9.04 41.97
C THR FA 50 -2.66 -9.48 43.28
N ALA FA 51 -3.73 -10.27 43.25
CA ALA FA 51 -4.43 -10.71 44.45
C ALA FA 51 -5.03 -9.53 45.22
N SER FA 52 -5.86 -8.75 44.53
CA SER FA 52 -6.72 -7.74 45.15
C SER FA 52 -5.94 -6.71 45.96
N GLY FA 53 -4.71 -6.42 45.57
CA GLY FA 53 -3.90 -5.46 46.29
C GLY FA 53 -2.95 -6.06 47.29
N SER FA 54 -2.88 -7.39 47.38
CA SER FA 54 -1.95 -8.07 48.28
C SER FA 54 -0.56 -8.26 47.68
N SER FA 55 -0.32 -7.83 46.43
CA SER FA 55 1.00 -7.96 45.83
C SER FA 55 1.35 -6.70 45.05
N ARG FA 56 2.64 -6.53 44.77
CA ARG FA 56 3.16 -5.33 44.11
C ARG FA 56 2.88 -5.35 42.61
N THR FA 57 1.59 -5.34 42.28
CA THR FA 57 1.10 -5.27 40.91
C THR FA 57 1.79 -6.30 40.02
N ILE FA 58 1.54 -7.57 40.32
CA ILE FA 58 2.24 -8.65 39.65
C ILE FA 58 1.34 -9.22 38.56
N TYR FA 59 1.84 -9.24 37.33
CA TYR FA 59 1.10 -9.63 36.14
C TYR FA 59 1.52 -11.01 35.66
N ASN FA 60 0.78 -11.53 34.69
CA ASN FA 60 0.94 -12.88 34.16
C ASN FA 60 1.22 -12.74 32.66
N ILE FA 61 2.39 -13.17 32.20
CA ILE FA 61 2.72 -13.17 30.78
C ILE FA 61 2.71 -14.60 30.27
N THR FA 62 1.86 -14.87 29.29
CA THR FA 62 1.80 -16.16 28.62
C THR FA 62 2.09 -15.99 27.14
N ILE FA 63 3.08 -16.71 26.64
CA ILE FA 63 3.50 -16.63 25.24
C ILE FA 63 3.92 -18.01 24.77
N THR FA 64 3.66 -18.32 23.50
CA THR FA 64 4.07 -19.60 22.94
C THR FA 64 5.47 -19.45 22.36
N VAL FA 65 6.41 -20.26 22.88
CA VAL FA 65 7.82 -20.16 22.54
C VAL FA 65 8.27 -21.47 21.94
N LYS FA 66 9.05 -21.38 20.86
CA LYS FA 66 9.62 -22.52 20.15
C LYS FA 66 11.13 -22.43 20.23
N ASN FA 67 11.77 -23.50 20.70
CA ASN FA 67 13.21 -23.55 20.87
C ASN FA 67 13.79 -24.52 19.85
N THR FA 68 14.66 -24.02 18.97
CA THR FA 68 15.28 -24.82 17.94
C THR FA 68 16.71 -25.23 18.30
N GLY FA 69 17.27 -24.68 19.38
CA GLY FA 69 18.60 -25.03 19.79
C GLY FA 69 18.65 -26.37 20.50
N THR FA 70 19.87 -26.78 20.85
CA THR FA 70 20.10 -28.04 21.52
C THR FA 70 20.23 -27.90 23.03
N THR FA 71 20.04 -26.70 23.58
CA THR FA 71 20.17 -26.46 25.00
C THR FA 71 18.92 -25.78 25.53
N SER FA 72 18.62 -26.01 26.81
CA SER FA 72 17.50 -25.35 27.45
C SER FA 72 17.83 -23.87 27.65
N ILE FA 73 16.88 -23.01 27.33
CA ILE FA 73 17.10 -21.57 27.32
C ILE FA 73 16.05 -20.92 28.20
N SER FA 74 16.46 -19.90 28.97
CA SER FA 74 15.63 -19.26 29.97
C SER FA 74 15.42 -17.78 29.65
N VAL FA 75 14.32 -17.24 30.19
CA VAL FA 75 13.99 -15.83 30.03
C VAL FA 75 14.76 -15.04 31.08
N THR FA 76 15.67 -14.17 30.63
CA THR FA 76 16.48 -13.40 31.56
C THR FA 76 15.85 -12.07 31.95
N SER FA 77 15.17 -11.40 31.02
CA SER FA 77 14.54 -10.11 31.31
C SER FA 77 13.44 -9.87 30.30
N ILE FA 78 12.56 -8.92 30.63
CA ILE FA 78 11.45 -8.57 29.77
C ILE FA 78 11.23 -7.05 29.82
N ASN FA 79 10.93 -6.49 28.65
CA ASN FA 79 10.56 -5.08 28.51
C ASN FA 79 9.22 -5.02 27.82
N ILE FA 80 8.26 -4.33 28.44
CA ILE FA 80 6.89 -4.25 27.93
C ILE FA 80 6.62 -2.80 27.53
N ASN FA 81 6.41 -2.58 26.23
CA ASN FA 81 6.04 -1.27 25.69
C ASN FA 81 7.03 -0.19 26.11
N GLY FA 82 8.32 -0.55 26.10
CA GLY FA 82 9.37 0.37 26.47
C GLY FA 82 9.71 0.40 27.95
N GLN FA 83 8.83 -0.10 28.81
CA GLN FA 83 9.06 -0.07 30.25
C GLN FA 83 9.79 -1.34 30.69
N PRO FA 84 10.79 -1.23 31.55
CA PRO FA 84 11.46 -2.44 32.05
C PRO FA 84 10.57 -3.22 33.01
N PHE FA 85 10.78 -4.53 33.08
CA PHE FA 85 10.02 -5.39 33.97
C PHE FA 85 10.94 -6.43 34.57
N ASN FA 86 10.58 -6.93 35.75
CA ASN FA 86 11.38 -7.92 36.47
C ASN FA 86 10.55 -9.15 36.73
N ILE FA 87 11.13 -10.33 36.47
CA ILE FA 87 10.41 -11.57 36.71
C ILE FA 87 10.31 -11.82 38.21
N ASN FA 88 9.12 -12.19 38.67
CA ASN FA 88 8.88 -12.34 40.11
C ASN FA 88 9.34 -13.69 40.67
N GLY FA 89 9.20 -14.77 39.92
CA GLY FA 89 9.66 -16.07 40.35
C GLY FA 89 10.98 -16.45 39.72
N THR FA 90 11.30 -17.74 39.78
CA THR FA 90 12.43 -18.25 39.02
C THR FA 90 12.12 -18.19 37.53
N ALA FA 91 13.16 -17.94 36.74
CA ALA FA 91 12.95 -17.74 35.32
C ALA FA 91 12.46 -19.03 34.66
N PRO FA 92 11.46 -18.95 33.79
CA PRO FA 92 11.04 -20.15 33.05
C PRO FA 92 12.09 -20.53 32.02
N SER FA 93 12.14 -21.82 31.69
CA SER FA 93 13.14 -22.36 30.78
C SER FA 93 12.45 -23.22 29.73
N ILE FA 94 12.88 -23.06 28.48
CA ILE FA 94 12.28 -23.77 27.34
C ILE FA 94 13.23 -24.89 26.94
N PRO FA 95 12.81 -26.15 26.99
CA PRO FA 95 13.71 -27.24 26.61
C PRO FA 95 13.94 -27.28 25.11
N ALA FA 96 14.96 -28.04 24.72
CA ALA FA 96 15.34 -28.12 23.32
C ALA FA 96 14.25 -28.76 22.48
N GLY FA 97 14.08 -28.26 21.25
CA GLY FA 97 13.14 -28.81 20.31
C GLY FA 97 11.68 -28.57 20.62
N ARG FA 98 11.35 -28.04 21.79
CA ARG FA 98 9.98 -27.91 22.20
C ARG FA 98 9.32 -26.65 21.64
N THR FA 99 8.00 -26.73 21.49
CA THR FA 99 7.15 -25.57 21.29
C THR FA 99 6.06 -25.61 22.36
N GLN FA 100 6.08 -24.65 23.27
CA GLN FA 100 5.20 -24.76 24.42
C GLN FA 100 4.80 -23.38 24.94
N PRO FA 101 3.69 -23.28 25.67
CA PRO FA 101 3.31 -22.00 26.28
C PRO FA 101 4.07 -21.73 27.57
N ILE FA 102 4.92 -20.72 27.54
CA ILE FA 102 5.62 -20.26 28.73
C ILE FA 102 4.72 -19.25 29.44
N THR FA 103 4.61 -19.39 30.76
CA THR FA 103 3.84 -18.47 31.59
C THR FA 103 4.71 -18.07 32.77
N PHE FA 104 4.81 -16.77 33.02
CA PHE FA 104 5.62 -16.31 34.15
C PHE FA 104 5.06 -15.01 34.71
N GLU FA 105 5.28 -14.83 36.01
CA GLU FA 105 4.87 -13.61 36.71
C GLU FA 105 5.89 -12.50 36.49
N VAL FA 106 5.41 -11.26 36.45
CA VAL FA 106 6.29 -10.14 36.21
C VAL FA 106 5.82 -8.93 37.03
N THR FA 107 6.77 -8.05 37.34
CA THR FA 107 6.59 -6.87 38.16
C THR FA 107 7.13 -5.65 37.43
N PRO FA 108 6.56 -4.47 37.67
CA PRO FA 108 7.16 -3.25 37.11
C PRO FA 108 8.48 -2.94 37.80
N ALA FA 109 9.52 -2.68 37.00
CA ALA FA 109 10.80 -2.27 37.55
C ALA FA 109 10.75 -0.90 38.19
N SER FA 110 9.97 0.01 37.60
CA SER FA 110 9.78 1.34 38.15
C SER FA 110 8.41 1.84 37.72
N GLY FA 111 7.82 2.68 38.57
CA GLY FA 111 6.52 3.23 38.24
C GLY FA 111 5.41 2.20 38.38
N LYS FA 112 4.27 2.54 37.78
CA LYS FA 112 3.07 1.71 37.83
C LYS FA 112 2.37 1.81 36.48
N PRO FA 113 2.65 0.87 35.58
CA PRO FA 113 2.02 0.93 34.26
C PRO FA 113 0.56 0.48 34.34
N ASN FA 114 -0.30 1.20 33.62
CA ASN FA 114 -1.72 0.91 33.62
C ASN FA 114 -2.10 0.39 32.24
N PHE FA 115 -2.82 -0.74 32.22
CA PHE FA 115 -3.22 -1.39 30.98
C PHE FA 115 -4.72 -1.30 30.81
N SER FA 116 -5.16 -1.20 29.56
CA SER FA 116 -6.58 -1.14 29.24
C SER FA 116 -7.04 -2.46 28.64
N PRO FA 117 -8.26 -2.90 28.93
CA PRO FA 117 -8.73 -4.19 28.42
C PRO FA 117 -8.71 -4.24 26.90
N GLY FA 118 -8.21 -5.36 26.38
CA GLY FA 118 -8.20 -5.58 24.94
C GLY FA 118 -7.13 -4.85 24.17
N ALA FA 119 -6.33 -4.01 24.81
CA ALA FA 119 -5.28 -3.29 24.11
C ALA FA 119 -4.09 -4.20 23.83
N SER FA 120 -3.33 -3.84 22.80
CA SER FA 120 -2.16 -4.60 22.39
C SER FA 120 -0.90 -3.87 22.84
N TYR FA 121 -0.04 -4.56 23.57
CA TYR FA 121 1.20 -4.01 24.08
C TYR FA 121 2.36 -4.85 23.57
N THR FA 122 3.35 -4.19 22.98
CA THR FA 122 4.51 -4.92 22.48
C THR FA 122 5.51 -5.15 23.60
N ALA FA 123 6.03 -6.37 23.67
CA ALA FA 123 7.00 -6.75 24.67
C ALA FA 123 8.18 -7.45 24.01
N THR FA 124 9.38 -7.15 24.49
CA THR FA 124 10.58 -7.81 24.01
C THR FA 124 11.06 -8.75 25.11
N ILE FA 125 11.08 -10.04 24.81
CA ILE FA 125 11.55 -11.06 25.75
C ILE FA 125 12.99 -11.36 25.42
N TYR FA 126 13.88 -11.16 26.38
CA TYR FA 126 15.30 -11.41 26.20
C TYR FA 126 15.61 -12.78 26.80
N PHE FA 127 16.11 -13.68 25.97
CA PHE FA 127 16.42 -15.02 26.40
C PHE FA 127 17.92 -15.16 26.67
N SER FA 128 18.32 -16.30 27.23
CA SER FA 128 19.68 -16.47 27.68
C SER FA 128 20.69 -16.45 26.54
N ASN FA 129 20.24 -16.62 25.29
CA ASN FA 129 21.15 -16.45 24.16
C ASN FA 129 21.56 -15.01 23.94
N GLY FA 130 20.92 -14.07 24.63
CA GLY FA 130 20.98 -12.69 24.26
C GLY FA 130 20.00 -12.31 23.17
N GLN FA 131 19.25 -13.27 22.65
CA GLN FA 131 18.27 -13.00 21.61
C GLN FA 131 17.07 -12.27 22.20
N GLY FA 132 16.66 -11.18 21.55
CA GLY FA 132 15.50 -10.44 21.98
C GLY FA 132 14.35 -10.60 21.01
N ALA FA 133 13.31 -11.33 21.42
CA ALA FA 133 12.19 -11.61 20.55
C ALA FA 133 11.08 -10.60 20.81
N PRO FA 134 10.65 -9.83 19.80
CA PRO FA 134 9.46 -8.99 19.97
C PRO FA 134 8.20 -9.83 19.82
N ALA FA 135 7.20 -9.48 20.63
CA ALA FA 135 5.93 -10.18 20.65
C ALA FA 135 4.84 -9.20 21.03
N THR FA 136 3.59 -9.59 20.76
CA THR FA 136 2.43 -8.76 21.05
C THR FA 136 1.59 -9.44 22.12
N LEU FA 137 1.32 -8.72 23.21
CA LEU FA 137 0.52 -9.22 24.31
C LEU FA 137 -0.81 -8.47 24.32
N ILE FA 138 -1.90 -9.22 24.43
CA ILE FA 138 -3.23 -8.63 24.54
C ILE FA 138 -3.63 -8.69 26.01
N TYR FA 139 -3.94 -7.53 26.59
CA TYR FA 139 -4.31 -7.47 27.99
C TYR FA 139 -5.71 -8.07 28.17
N GLN FA 140 -5.85 -8.92 29.20
CA GLN FA 140 -7.07 -9.66 29.41
C GLN FA 140 -7.68 -9.48 30.80
N GLY FA 141 -6.97 -8.83 31.72
CA GLY FA 141 -7.45 -8.70 33.09
C GLY FA 141 -8.54 -7.66 33.29
N LEU GA 1 69.54 -21.12 13.35
CA LEU GA 1 69.08 -20.56 14.60
C LEU GA 1 68.32 -19.26 14.38
N SER GA 2 68.75 -18.48 13.39
CA SER GA 2 68.18 -17.15 13.17
C SER GA 2 66.69 -17.24 12.81
N GLY GA 3 66.33 -18.23 12.00
CA GLY GA 3 64.97 -18.32 11.50
C GLY GA 3 63.92 -18.42 12.60
N ALA GA 4 64.19 -19.27 13.60
CA ALA GA 4 63.22 -19.46 14.67
C ALA GA 4 63.02 -18.19 15.48
N ILE GA 5 64.12 -17.50 15.83
CA ILE GA 5 64.00 -16.28 16.62
C ILE GA 5 63.31 -15.18 15.82
N VAL GA 6 63.63 -15.07 14.52
CA VAL GA 6 62.97 -14.06 13.68
C VAL GA 6 61.48 -14.35 13.57
N ALA GA 7 61.12 -15.62 13.39
CA ALA GA 7 59.71 -15.98 13.33
C ALA GA 7 59.00 -15.67 14.63
N LEU GA 8 59.64 -15.92 15.76
CA LEU GA 8 59.03 -15.61 17.05
C LEU GA 8 58.85 -14.10 17.22
N ILE GA 9 59.84 -13.31 16.80
CA ILE GA 9 59.72 -11.86 16.84
C ILE GA 9 58.52 -11.41 16.03
N LEU GA 10 58.39 -11.94 14.82
CA LEU GA 10 57.29 -11.52 13.95
C LEU GA 10 55.94 -11.99 14.49
N VAL GA 11 55.90 -13.15 15.15
CA VAL GA 11 54.66 -13.62 15.74
C VAL GA 11 54.21 -12.68 16.85
N ILE GA 12 55.14 -12.31 17.74
CA ILE GA 12 54.78 -11.40 18.84
C ILE GA 12 54.36 -10.05 18.29
N ALA GA 13 55.09 -9.54 17.31
CA ALA GA 13 54.75 -8.24 16.73
C ALA GA 13 53.41 -8.28 16.02
N GLY GA 14 53.10 -9.38 15.34
CA GLY GA 14 51.80 -9.52 14.73
C GLY GA 14 50.68 -9.50 15.75
N VAL GA 15 50.89 -10.20 16.87
CA VAL GA 15 49.91 -10.14 17.97
C VAL GA 15 49.71 -8.69 18.41
N ILE GA 16 50.81 -7.97 18.59
CA ILE GA 16 50.73 -6.59 19.06
C ILE GA 16 49.92 -5.73 18.09
N ILE GA 17 50.27 -5.78 16.80
CA ILE GA 17 49.62 -4.90 15.83
C ILE GA 17 48.16 -5.29 15.64
N ALA GA 18 47.86 -6.59 15.64
CA ALA GA 18 46.48 -7.03 15.48
C ALA GA 18 45.63 -6.56 16.65
N ILE GA 19 46.15 -6.67 17.88
CA ILE GA 19 45.38 -6.20 19.03
C ILE GA 19 45.21 -4.69 18.96
N ALA GA 20 46.23 -3.97 18.49
CA ALA GA 20 46.10 -2.53 18.33
C ALA GA 20 44.99 -2.18 17.34
N VAL GA 21 44.90 -2.89 16.23
CA VAL GA 21 43.85 -2.63 15.25
C VAL GA 21 42.48 -2.98 15.82
N VAL GA 22 42.38 -4.06 16.60
CA VAL GA 22 41.11 -4.43 17.21
C VAL GA 22 40.65 -3.34 18.17
N LEU GA 23 41.57 -2.82 18.98
CA LEU GA 23 41.22 -1.74 19.90
C LEU GA 23 40.84 -0.47 19.15
N PHE GA 24 41.48 -0.22 18.01
CA PHE GA 24 41.08 0.93 17.18
C PHE GA 24 39.65 0.76 16.68
N ALA GA 25 39.30 -0.45 16.25
CA ALA GA 25 37.94 -0.71 15.81
C ALA GA 25 36.95 -0.49 16.95
N PHE GA 26 37.31 -0.95 18.15
CA PHE GA 26 36.44 -0.71 19.31
C PHE GA 26 36.32 0.78 19.61
N GLY GA 27 37.38 1.55 19.41
CA GLY GA 27 37.33 2.98 19.64
C GLY GA 27 36.58 3.77 18.59
N LEU GA 28 36.40 3.21 17.39
CA LEU GA 28 35.62 3.89 16.37
C LEU GA 28 34.13 3.94 16.71
N ILE GA 29 33.62 2.98 17.47
CA ILE GA 29 32.19 2.81 17.71
C ILE GA 29 31.52 4.08 18.24
N PRO GA 30 32.07 4.79 19.25
CA PRO GA 30 31.37 5.98 19.74
C PRO GA 30 31.14 7.04 18.69
N GLY GA 31 32.07 7.24 17.76
CA GLY GA 31 31.88 8.25 16.73
C GLY GA 31 30.77 7.89 15.76
N ILE GA 32 30.70 6.63 15.35
CA ILE GA 32 29.70 6.21 14.38
C ILE GA 32 28.36 5.96 15.05
N SER GA 33 28.37 5.35 16.24
CA SER GA 33 27.14 5.01 16.95
C SER GA 33 26.67 6.25 17.69
N ASN GA 34 25.78 7.00 17.05
CA ASN GA 34 25.26 8.25 17.60
C ASN GA 34 23.76 8.26 17.32
N GLN GA 35 22.99 7.79 18.29
CA GLN GA 35 21.54 7.84 18.19
C GLN GA 35 21.05 9.26 18.44
N GLY GA 36 19.76 9.47 18.24
CA GLY GA 36 19.19 10.78 18.42
C GLY GA 36 19.22 11.58 17.14
N SER GA 37 18.20 12.39 16.93
CA SER GA 37 18.07 13.14 15.69
C SER GA 37 17.12 14.30 15.94
N ILE GA 38 17.11 15.24 15.00
CA ILE GA 38 16.08 16.26 15.01
C ILE GA 38 14.83 15.75 14.30
N GLN GA 39 13.70 15.83 15.01
CA GLN GA 39 12.43 15.39 14.50
C GLN GA 39 11.53 16.61 14.29
N VAL GA 40 10.92 16.69 13.11
CA VAL GA 40 10.02 17.80 12.79
C VAL GA 40 8.59 17.32 13.04
N LEU GA 41 7.90 18.00 13.94
CA LEU GA 41 6.60 17.58 14.43
C LEU GA 41 5.51 18.46 13.81
N GLY GA 42 4.54 17.84 13.15
CA GLY GA 42 3.42 18.57 12.60
C GLY GA 42 3.80 19.40 11.39
N SER GA 43 2.82 20.13 10.88
CA SER GA 43 3.02 20.98 9.72
C SER GA 43 3.61 22.33 10.13
N GLY GA 44 4.54 22.83 9.32
CA GLY GA 44 5.05 24.17 9.48
C GLY GA 44 4.32 25.16 8.58
N THR GA 45 4.76 26.41 8.64
CA THR GA 45 4.12 27.49 7.90
C THR GA 45 5.15 28.34 7.17
N ILE GA 46 4.80 28.75 5.95
CA ILE GA 46 5.55 29.71 5.17
C ILE GA 46 4.74 31.00 5.08
N THR GA 47 5.37 32.12 5.42
CA THR GA 47 4.71 33.42 5.37
C THR GA 47 5.57 34.39 4.58
N ASN GA 48 4.94 35.26 3.80
CA ASN GA 48 5.68 36.19 2.97
C ASN GA 48 6.23 37.34 3.81
N SER GA 49 7.56 37.43 3.91
CA SER GA 49 8.19 38.47 4.68
C SER GA 49 8.69 39.64 3.83
N THR GA 50 8.66 39.50 2.50
CA THR GA 50 9.11 40.58 1.63
C THR GA 50 8.25 41.82 1.83
N ALA GA 51 8.91 42.98 1.93
CA ALA GA 51 8.21 44.21 2.25
C ALA GA 51 8.89 45.38 1.57
N SER GA 52 8.16 46.50 1.50
CA SER GA 52 8.68 47.79 1.06
C SER GA 52 9.13 47.78 -0.40
N GLY GA 53 8.69 46.80 -1.17
CA GLY GA 53 9.09 46.73 -2.57
C GLY GA 53 10.55 46.48 -2.79
N SER GA 54 11.26 45.95 -1.80
CA SER GA 54 12.66 45.62 -1.97
C SER GA 54 12.81 44.47 -2.95
N SER GA 55 14.00 44.37 -3.56
CA SER GA 55 14.17 43.51 -4.72
C SER GA 55 14.18 42.02 -4.35
N ARG GA 56 14.55 41.68 -3.11
CA ARG GA 56 14.80 40.30 -2.74
C ARG GA 56 13.64 39.75 -1.92
N THR GA 57 13.12 38.59 -2.35
CA THR GA 57 12.02 37.94 -1.66
C THR GA 57 12.52 37.12 -0.48
N ILE GA 58 11.90 37.31 0.68
CA ILE GA 58 12.26 36.59 1.90
C ILE GA 58 10.99 36.00 2.49
N TYR GA 59 11.09 34.77 3.00
CA TYR GA 59 9.96 34.05 3.55
C TYR GA 59 10.28 33.57 4.97
N ASN GA 60 9.31 33.74 5.86
CA ASN GA 60 9.37 33.16 7.19
C ASN GA 60 8.96 31.71 7.13
N ILE GA 61 9.73 30.84 7.77
CA ILE GA 61 9.40 29.43 7.90
C ILE GA 61 9.37 29.10 9.38
N THR GA 62 8.24 28.60 9.86
CA THR GA 62 8.07 28.22 11.25
C THR GA 62 7.76 26.74 11.32
N ILE GA 63 8.53 26.01 12.12
CA ILE GA 63 8.33 24.57 12.30
C ILE GA 63 8.56 24.20 13.75
N THR GA 64 7.91 23.13 14.19
CA THR GA 64 8.16 22.60 15.53
C THR GA 64 9.20 21.50 15.42
N VAL GA 65 10.27 21.64 16.20
CA VAL GA 65 11.45 20.80 16.09
C VAL GA 65 11.83 20.27 17.46
N LYS GA 66 12.08 18.96 17.54
CA LYS GA 66 12.45 18.27 18.77
C LYS GA 66 13.82 17.63 18.57
N ASN GA 67 14.80 18.10 19.33
CA ASN GA 67 16.16 17.55 19.23
C ASN GA 67 16.28 16.42 20.25
N THR GA 68 16.27 15.18 19.75
CA THR GA 68 16.36 14.03 20.63
C THR GA 68 17.80 13.67 20.98
N GLY GA 69 18.79 14.33 20.38
CA GLY GA 69 20.17 14.03 20.63
C GLY GA 69 20.73 14.76 21.84
N THR GA 70 22.02 14.58 22.06
CA THR GA 70 22.73 15.21 23.17
C THR GA 70 23.61 16.38 22.72
N THR GA 71 23.47 16.83 21.48
CA THR GA 71 24.33 17.87 20.93
C THR GA 71 23.49 18.95 20.28
N SER GA 72 24.00 20.18 20.31
CA SER GA 72 23.34 21.29 19.64
C SER GA 72 23.45 21.14 18.13
N ILE GA 73 22.35 21.46 17.43
CA ILE GA 73 22.27 21.22 16.00
C ILE GA 73 21.62 22.44 15.36
N SER GA 74 22.08 22.80 14.16
CA SER GA 74 21.58 23.97 13.45
C SER GA 74 21.12 23.60 12.05
N VAL GA 75 20.24 24.44 11.50
CA VAL GA 75 19.78 24.29 10.13
C VAL GA 75 20.86 24.78 9.17
N THR GA 76 20.95 24.12 8.01
CA THR GA 76 21.95 24.51 7.02
C THR GA 76 21.31 24.87 5.68
N SER GA 77 20.16 24.27 5.38
CA SER GA 77 19.49 24.53 4.11
C SER GA 77 18.07 23.99 4.18
N ILE GA 78 17.24 24.43 3.24
CA ILE GA 78 15.90 23.89 3.08
C ILE GA 78 15.59 23.82 1.59
N ASN GA 79 14.87 22.78 1.20
CA ASN GA 79 14.38 22.61 -0.16
C ASN GA 79 12.87 22.55 -0.12
N ILE GA 80 12.21 23.47 -0.79
CA ILE GA 80 10.74 23.56 -0.79
C ILE GA 80 10.25 23.38 -2.22
N ASN GA 81 9.36 22.40 -2.41
CA ASN GA 81 8.71 22.16 -3.69
C ASN GA 81 9.73 21.90 -4.80
N GLY GA 82 10.85 21.27 -4.45
CA GLY GA 82 11.91 21.00 -5.39
C GLY GA 82 12.89 22.12 -5.62
N GLN GA 83 12.68 23.27 -4.98
CA GLN GA 83 13.51 24.46 -5.18
C GLN GA 83 14.39 24.68 -3.96
N PRO GA 84 15.68 24.91 -4.11
CA PRO GA 84 16.54 25.17 -2.96
C PRO GA 84 16.39 26.60 -2.46
N PHE GA 85 16.47 26.77 -1.14
CA PHE GA 85 16.41 28.07 -0.52
C PHE GA 85 17.61 28.24 0.40
N ASN GA 86 18.07 29.46 0.54
CA ASN GA 86 19.20 29.79 1.41
C ASN GA 86 18.67 30.37 2.71
N ILE GA 87 19.25 29.92 3.84
CA ILE GA 87 18.82 30.38 5.14
C ILE GA 87 19.44 31.74 5.43
N ASN GA 88 18.70 32.80 5.13
CA ASN GA 88 19.16 34.16 5.42
C ASN GA 88 19.45 34.29 6.92
N GLY GA 89 20.56 34.94 7.23
CA GLY GA 89 20.90 35.28 8.59
C GLY GA 89 21.53 34.14 9.35
N THR GA 90 21.85 34.44 10.62
CA THR GA 90 22.37 33.43 11.53
C THR GA 90 21.37 32.29 11.67
N ALA GA 91 21.79 31.11 11.24
CA ALA GA 91 20.88 29.97 11.23
C ALA GA 91 20.50 29.58 12.65
N PRO GA 92 19.23 29.24 12.89
CA PRO GA 92 18.81 28.88 14.24
C PRO GA 92 19.48 27.60 14.73
N SER GA 93 19.74 27.55 16.03
CA SER GA 93 20.34 26.39 16.68
C SER GA 93 19.33 25.77 17.62
N ILE GA 94 19.21 24.44 17.57
CA ILE GA 94 18.23 23.71 18.37
C ILE GA 94 19.00 23.02 19.51
N PRO GA 95 18.79 23.44 20.75
CA PRO GA 95 19.51 22.82 21.87
C PRO GA 95 19.08 21.37 22.09
N ALA GA 96 19.96 20.64 22.78
CA ALA GA 96 19.75 19.21 22.98
C ALA GA 96 18.55 18.95 23.87
N GLY GA 97 17.81 17.88 23.55
CA GLY GA 97 16.74 17.40 24.39
C GLY GA 97 15.53 18.31 24.49
N ARG GA 98 15.41 19.30 23.61
CA ARG GA 98 14.39 20.34 23.74
C ARG GA 98 13.48 20.37 22.52
N THR GA 99 12.19 20.60 22.76
CA THR GA 99 11.21 20.80 21.71
C THR GA 99 10.86 22.28 21.64
N GLN GA 100 11.04 22.88 20.47
CA GLN GA 100 10.83 24.31 20.31
C GLN GA 100 10.11 24.64 19.02
N PRO GA 101 9.34 25.73 19.00
CA PRO GA 101 8.98 26.37 17.73
C PRO GA 101 10.17 27.17 17.22
N ILE GA 102 10.68 26.78 16.05
CA ILE GA 102 11.86 27.39 15.44
C ILE GA 102 11.42 28.10 14.17
N THR GA 103 11.79 29.38 14.06
CA THR GA 103 11.39 30.22 12.95
C THR GA 103 12.64 30.84 12.32
N PHE GA 104 12.72 30.79 11.00
CA PHE GA 104 13.88 31.34 10.32
C PHE GA 104 13.49 31.87 8.95
N GLU GA 105 14.26 32.83 8.45
CA GLU GA 105 14.00 33.46 7.17
C GLU GA 105 14.83 32.80 6.07
N VAL GA 106 14.20 32.64 4.90
CA VAL GA 106 14.83 32.00 3.76
C VAL GA 106 14.65 32.88 2.53
N THR GA 107 15.55 32.71 1.57
CA THR GA 107 15.46 33.36 0.27
C THR GA 107 15.68 32.32 -0.81
N PRO GA 108 15.01 32.45 -1.96
CA PRO GA 108 15.20 31.48 -3.04
C PRO GA 108 16.63 31.53 -3.58
N ALA GA 109 17.26 30.37 -3.69
CA ALA GA 109 18.60 30.31 -4.26
C ALA GA 109 18.60 30.65 -5.74
N SER GA 110 17.51 30.32 -6.44
CA SER GA 110 17.38 30.65 -7.85
C SER GA 110 15.89 30.72 -8.19
N GLY GA 111 15.58 31.46 -9.25
CA GLY GA 111 14.22 31.55 -9.71
C GLY GA 111 13.32 32.27 -8.72
N LYS GA 112 12.03 31.97 -8.79
CA LYS GA 112 11.04 32.54 -7.90
C LYS GA 112 9.99 31.50 -7.54
N PRO GA 113 9.52 31.50 -6.29
CA PRO GA 113 8.49 30.52 -5.89
C PRO GA 113 7.14 30.87 -6.48
N ASN GA 114 6.27 29.86 -6.52
CA ASN GA 114 4.92 29.98 -7.02
C ASN GA 114 3.89 29.60 -5.97
N PHE GA 115 4.14 29.98 -4.72
CA PHE GA 115 3.29 29.55 -3.62
C PHE GA 115 1.87 30.10 -3.77
N SER GA 116 0.91 29.29 -3.34
CA SER GA 116 -0.50 29.67 -3.36
C SER GA 116 -1.05 29.62 -1.94
N PRO GA 117 -1.91 30.56 -1.57
CA PRO GA 117 -2.45 30.57 -0.20
C PRO GA 117 -3.18 29.28 0.14
N GLY GA 118 -2.87 28.74 1.31
CA GLY GA 118 -3.50 27.52 1.79
C GLY GA 118 -2.93 26.23 1.22
N ALA GA 119 -2.05 26.31 0.24
CA ALA GA 119 -1.47 25.10 -0.34
C ALA GA 119 -0.42 24.50 0.61
N SER GA 120 -0.25 23.18 0.51
CA SER GA 120 0.72 22.46 1.32
C SER GA 120 1.84 21.97 0.42
N TYR GA 121 3.08 22.30 0.79
CA TYR GA 121 4.25 22.00 0.00
C TYR GA 121 5.18 21.09 0.79
N THR GA 122 5.63 20.02 0.16
CA THR GA 122 6.61 19.15 0.79
C THR GA 122 7.98 19.80 0.74
N ALA GA 123 8.67 19.82 1.88
CA ALA GA 123 9.98 20.42 2.01
C ALA GA 123 10.90 19.44 2.73
N THR GA 124 12.20 19.72 2.62
CA THR GA 124 13.23 18.95 3.31
C THR GA 124 14.16 19.93 3.99
N ILE GA 125 14.32 19.78 5.30
CA ILE GA 125 15.17 20.66 6.10
C ILE GA 125 16.44 19.91 6.45
N TYR GA 126 17.59 20.49 6.12
CA TYR GA 126 18.88 19.83 6.31
C TYR GA 126 19.59 20.42 7.50
N PHE GA 127 20.04 19.57 8.40
CA PHE GA 127 20.65 19.97 9.65
C PHE GA 127 22.15 19.69 9.63
N SER GA 128 22.85 20.21 10.65
CA SER GA 128 24.31 20.21 10.64
C SER GA 128 24.91 18.81 10.61
N ASN GA 129 24.19 17.78 11.08
CA ASN GA 129 24.73 16.44 10.98
C ASN GA 129 24.69 15.89 9.56
N GLY GA 130 24.02 16.58 8.64
CA GLY GA 130 23.76 16.07 7.33
C GLY GA 130 22.43 15.36 7.18
N GLN GA 131 21.79 14.98 8.29
CA GLN GA 131 20.47 14.38 8.23
C GLN GA 131 19.45 15.42 7.74
N GLY GA 132 18.45 14.93 7.02
CA GLY GA 132 17.44 15.81 6.47
C GLY GA 132 16.03 15.33 6.76
N ALA GA 133 15.25 16.18 7.42
CA ALA GA 133 13.90 15.82 7.82
C ALA GA 133 12.90 16.29 6.77
N PRO GA 134 12.08 15.40 6.21
CA PRO GA 134 10.96 15.85 5.38
C PRO GA 134 9.87 16.46 6.24
N ALA GA 135 9.23 17.49 5.72
CA ALA GA 135 8.19 18.22 6.43
C ALA GA 135 7.17 18.72 5.43
N THR GA 136 6.02 19.13 5.94
CA THR GA 136 4.98 19.76 5.12
C THR GA 136 4.77 21.18 5.61
N LEU GA 137 4.85 22.14 4.69
CA LEU GA 137 4.72 23.55 5.02
C LEU GA 137 3.50 24.12 4.32
N ILE GA 138 2.62 24.76 5.09
CA ILE GA 138 1.42 25.40 4.55
C ILE GA 138 1.72 26.87 4.33
N TYR GA 139 1.40 27.38 3.15
CA TYR GA 139 1.65 28.78 2.84
C TYR GA 139 0.48 29.62 3.35
N GLN GA 140 0.76 30.52 4.29
CA GLN GA 140 -0.28 31.32 4.94
C GLN GA 140 -0.46 32.70 4.32
N GLY GA 141 0.40 33.10 3.39
CA GLY GA 141 0.28 34.42 2.79
C GLY GA 141 1.05 35.49 3.53
N LEU HA 1 67.30 -14.53 8.39
CA LEU HA 1 67.18 -13.13 8.01
C LEU HA 1 66.03 -12.98 7.01
N SER HA 2 65.63 -14.12 6.45
CA SER HA 2 64.65 -14.12 5.36
C SER HA 2 63.29 -13.63 5.82
N GLY HA 3 62.88 -14.01 7.04
CA GLY HA 3 61.51 -13.76 7.46
C GLY HA 3 61.14 -12.29 7.48
N ALA HA 4 62.04 -11.44 7.97
CA ALA HA 4 61.76 -10.01 8.01
C ALA HA 4 61.64 -9.43 6.61
N ILE HA 5 62.48 -9.89 5.68
CA ILE HA 5 62.40 -9.45 4.29
C ILE HA 5 61.04 -9.82 3.69
N VAL HA 6 60.61 -11.06 3.91
CA VAL HA 6 59.32 -11.51 3.38
C VAL HA 6 58.19 -10.69 3.99
N ALA HA 7 58.28 -10.42 5.29
CA ALA HA 7 57.25 -9.64 5.97
C ALA HA 7 57.17 -8.23 5.41
N LEU HA 8 58.31 -7.61 5.13
CA LEU HA 8 58.32 -6.28 4.54
C LEU HA 8 57.62 -6.27 3.18
N ILE HA 9 57.98 -7.24 2.33
CA ILE HA 9 57.36 -7.33 1.01
C ILE HA 9 55.84 -7.47 1.15
N LEU HA 10 55.40 -8.37 2.03
CA LEU HA 10 53.98 -8.63 2.16
C LEU HA 10 53.23 -7.43 2.75
N VAL HA 11 53.85 -6.70 3.68
CA VAL HA 11 53.20 -5.53 4.26
C VAL HA 11 52.93 -4.49 3.18
N ILE HA 12 53.95 -4.20 2.36
CA ILE HA 12 53.75 -3.19 1.33
C ILE HA 12 52.71 -3.65 0.30
N ALA HA 13 52.76 -4.93 -0.08
CA ALA HA 13 51.78 -5.44 -1.03
C ALA HA 13 50.37 -5.36 -0.47
N GLY HA 14 50.21 -5.65 0.82
CA GLY HA 14 48.89 -5.57 1.43
C GLY HA 14 48.35 -4.15 1.40
N VAL HA 15 49.20 -3.17 1.69
CA VAL HA 15 48.77 -1.77 1.59
C VAL HA 15 48.26 -1.48 0.18
N ILE HA 16 49.05 -1.87 -0.82
CA ILE HA 16 48.69 -1.57 -2.21
C ILE HA 16 47.35 -2.18 -2.57
N ILE HA 17 47.17 -3.48 -2.26
CA ILE HA 17 45.96 -4.17 -2.70
C ILE HA 17 44.74 -3.65 -1.94
N ALA HA 18 44.89 -3.34 -0.66
CA ALA HA 18 43.76 -2.79 0.09
C ALA HA 18 43.30 -1.46 -0.48
N ILE HA 19 44.25 -0.58 -0.80
CA ILE HA 19 43.87 0.70 -1.40
C ILE HA 19 43.19 0.49 -2.74
N ALA HA 20 43.69 -0.46 -3.53
CA ALA HA 20 43.07 -0.76 -4.83
C ALA HA 20 41.63 -1.22 -4.65
N VAL HA 21 41.38 -2.07 -3.66
CA VAL HA 21 40.02 -2.58 -3.43
C VAL HA 21 39.10 -1.45 -2.99
N VAL HA 22 39.60 -0.54 -2.14
CA VAL HA 22 38.78 0.59 -1.71
C VAL HA 22 38.40 1.46 -2.91
N LEU HA 23 39.37 1.73 -3.77
CA LEU HA 23 39.08 2.55 -4.95
C LEU HA 23 38.12 1.86 -5.90
N PHE HA 24 38.20 0.53 -6.01
CA PHE HA 24 37.22 -0.20 -6.81
C PHE HA 24 35.82 -0.07 -6.23
N ALA HA 25 35.71 -0.16 -4.90
CA ALA HA 25 34.42 0.02 -4.25
C ALA HA 25 33.84 1.39 -4.56
N PHE HA 26 34.68 2.43 -4.54
CA PHE HA 26 34.20 3.75 -4.91
C PHE HA 26 33.85 3.85 -6.39
N GLY HA 27 34.58 3.14 -7.25
CA GLY HA 27 34.33 3.23 -8.67
C GLY HA 27 33.11 2.48 -9.13
N LEU HA 28 32.61 1.53 -8.34
CA LEU HA 28 31.40 0.80 -8.74
C LEU HA 28 30.17 1.69 -8.82
N ILE HA 29 30.14 2.79 -8.05
CA ILE HA 29 28.89 3.53 -7.83
C ILE HA 29 28.22 4.00 -9.14
N PRO HA 30 28.94 4.58 -10.10
CA PRO HA 30 28.23 5.12 -11.28
C PRO HA 30 27.44 4.10 -12.07
N GLY HA 31 27.85 2.82 -12.04
CA GLY HA 31 27.13 1.82 -12.81
C GLY HA 31 25.73 1.55 -12.27
N ILE HA 32 25.50 1.86 -11.00
CA ILE HA 32 24.20 1.56 -10.39
C ILE HA 32 23.11 2.43 -11.00
N SER HA 33 23.44 3.67 -11.36
CA SER HA 33 22.43 4.61 -11.83
C SER HA 33 21.66 4.10 -13.04
N ASN HA 34 22.35 3.37 -13.92
CA ASN HA 34 21.74 2.95 -15.18
C ASN HA 34 20.66 1.88 -14.99
N GLN HA 35 20.52 1.33 -13.79
CA GLN HA 35 19.56 0.26 -13.56
C GLN HA 35 18.11 0.74 -13.61
N GLY HA 36 17.87 2.04 -13.62
CA GLY HA 36 16.51 2.54 -13.63
C GLY HA 36 16.21 3.51 -14.75
N SER HA 37 16.87 3.34 -15.89
CA SER HA 37 16.78 4.32 -16.96
C SER HA 37 15.40 4.37 -17.60
N ILE HA 38 14.70 3.24 -17.65
CA ILE HA 38 13.48 3.12 -18.44
C ILE HA 38 12.26 2.98 -17.54
N GLN HA 39 11.14 3.55 -17.99
CA GLN HA 39 9.85 3.32 -17.36
C GLN HA 39 8.77 3.17 -18.43
N VAL HA 40 7.91 2.17 -18.26
CA VAL HA 40 6.81 1.93 -19.18
C VAL HA 40 5.63 2.79 -18.77
N LEU HA 41 5.02 3.47 -19.74
CA LEU HA 41 3.93 4.40 -19.50
C LEU HA 41 2.62 3.82 -20.02
N GLY HA 42 1.63 3.72 -19.13
CA GLY HA 42 0.30 3.36 -19.53
C GLY HA 42 0.18 1.92 -20.00
N SER HA 43 -1.00 1.61 -20.53
CA SER HA 43 -1.27 0.27 -21.02
C SER HA 43 -0.64 0.06 -22.40
N GLY HA 44 -0.54 -1.21 -22.77
CA GLY HA 44 -0.09 -1.59 -24.10
C GLY HA 44 -1.11 -2.51 -24.75
N THR HA 45 -0.77 -2.97 -25.95
CA THR HA 45 -1.70 -3.75 -26.76
C THR HA 45 -1.01 -4.98 -27.32
N ILE HA 46 -1.68 -6.13 -27.22
CA ILE HA 46 -1.28 -7.35 -27.89
C ILE HA 46 -2.21 -7.57 -29.07
N THR HA 47 -1.65 -8.04 -30.19
CA THR HA 47 -2.41 -8.31 -31.39
C THR HA 47 -1.91 -9.60 -32.02
N ASN HA 48 -2.83 -10.33 -32.65
CA ASN HA 48 -2.51 -11.60 -33.30
C ASN HA 48 -2.02 -11.34 -34.72
N SER HA 49 -0.84 -11.88 -35.05
CA SER HA 49 -0.14 -11.53 -36.28
C SER HA 49 0.44 -12.75 -37.00
N THR HA 50 -0.37 -13.80 -37.15
CA THR HA 50 0.09 -15.01 -37.82
C THR HA 50 -0.91 -15.44 -38.88
N ALA HA 51 -0.39 -16.02 -39.96
CA ALA HA 51 -1.19 -16.42 -41.10
C ALA HA 51 -1.72 -17.85 -40.93
N SER HA 52 -2.62 -18.24 -41.83
CA SER HA 52 -3.22 -19.56 -41.79
C SER HA 52 -2.17 -20.62 -42.08
N GLY HA 53 -2.16 -21.69 -41.28
CA GLY HA 53 -1.22 -22.77 -41.48
C GLY HA 53 0.20 -22.45 -41.10
N SER HA 54 0.44 -21.32 -40.43
CA SER HA 54 1.79 -20.94 -40.05
C SER HA 54 2.36 -21.92 -39.03
N SER HA 55 3.69 -21.96 -38.95
CA SER HA 55 4.34 -22.83 -37.98
C SER HA 55 4.11 -22.35 -36.55
N ARG HA 56 3.84 -21.06 -36.37
CA ARG HA 56 3.85 -20.48 -35.03
C ARG HA 56 2.92 -19.28 -34.96
N THR HA 57 2.33 -19.08 -33.79
CA THR HA 57 1.64 -17.84 -33.50
C THR HA 57 2.66 -16.76 -33.14
N ILE HA 58 2.44 -15.56 -33.65
CA ILE HA 58 3.26 -14.42 -33.26
C ILE HA 58 2.36 -13.24 -32.98
N TYR HA 59 2.65 -12.53 -31.89
CA TYR HA 59 1.83 -11.43 -31.39
C TYR HA 59 2.64 -10.15 -31.44
N ASN HA 60 2.04 -9.13 -32.04
CA ASN HA 60 2.60 -7.78 -32.00
C ASN HA 60 2.25 -7.14 -30.67
N ILE HA 61 3.25 -6.63 -29.96
CA ILE HA 61 3.06 -5.99 -28.67
C ILE HA 61 3.54 -4.56 -28.80
N THR HA 62 2.66 -3.61 -28.50
CA THR HA 62 2.96 -2.19 -28.52
C THR HA 62 2.87 -1.63 -27.10
N ILE HA 63 3.94 -0.97 -26.67
CA ILE HA 63 3.98 -0.34 -25.35
C ILE HA 63 4.68 1.01 -25.49
N THR HA 64 4.21 2.00 -24.76
CA THR HA 64 4.91 3.27 -24.69
C THR HA 64 5.98 3.19 -23.61
N VAL HA 65 7.22 3.50 -23.97
CA VAL HA 65 8.34 3.42 -23.04
C VAL HA 65 9.09 4.75 -23.05
N LYS HA 66 9.58 5.15 -21.87
CA LYS HA 66 10.34 6.37 -21.70
C LYS HA 66 11.74 6.03 -21.22
N ASN HA 67 12.74 6.50 -21.94
CA ASN HA 67 14.14 6.28 -21.61
C ASN HA 67 14.75 7.58 -21.07
N THR HA 68 15.43 7.48 -19.93
CA THR HA 68 16.03 8.64 -19.28
C THR HA 68 17.55 8.62 -19.27
N GLY HA 69 18.18 7.55 -19.73
CA GLY HA 69 19.62 7.45 -19.71
C GLY HA 69 20.27 8.07 -20.94
N THR HA 70 21.61 8.01 -20.95
CA THR HA 70 22.37 8.54 -22.06
C THR HA 70 22.47 7.57 -23.23
N THR HA 71 22.07 6.31 -23.04
CA THR HA 71 22.32 5.26 -24.01
C THR HA 71 21.01 4.61 -24.45
N SER HA 72 21.01 4.15 -25.70
CA SER HA 72 19.85 3.44 -26.23
C SER HA 72 19.74 2.06 -25.58
N ILE HA 73 18.52 1.67 -25.22
CA ILE HA 73 18.26 0.42 -24.54
C ILE HA 73 17.20 -0.35 -25.33
N SER HA 74 17.30 -1.67 -25.31
CA SER HA 74 16.42 -2.53 -26.09
C SER HA 74 15.76 -3.57 -25.19
N VAL HA 75 14.64 -4.11 -25.67
CA VAL HA 75 13.96 -5.19 -24.96
C VAL HA 75 14.72 -6.50 -25.18
N THR HA 76 14.73 -7.34 -24.14
CA THR HA 76 15.37 -8.64 -24.23
C THR HA 76 14.41 -9.81 -24.01
N SER HA 77 13.41 -9.65 -23.14
CA SER HA 77 12.44 -10.70 -22.91
C SER HA 77 11.16 -10.08 -22.37
N ILE HA 78 10.05 -10.78 -22.57
CA ILE HA 78 8.76 -10.39 -22.01
C ILE HA 78 8.13 -11.63 -21.40
N ASN HA 79 7.44 -11.44 -20.28
CA ASN HA 79 6.77 -12.52 -19.56
C ASN HA 79 5.33 -12.08 -19.32
N ILE HA 80 4.39 -12.71 -20.03
CA ILE HA 80 2.99 -12.29 -20.04
C ILE HA 80 2.17 -13.35 -19.34
N ASN HA 81 1.39 -12.94 -18.34
CA ASN HA 81 0.44 -13.80 -17.65
C ASN HA 81 1.14 -15.01 -17.03
N GLY HA 82 2.43 -14.89 -16.73
CA GLY HA 82 3.23 -15.95 -16.16
C GLY HA 82 4.04 -16.72 -17.17
N GLN HA 83 3.64 -16.71 -18.44
CA GLN HA 83 4.33 -17.46 -19.48
C GLN HA 83 5.44 -16.61 -20.10
N PRO HA 84 6.64 -17.16 -20.29
CA PRO HA 84 7.70 -16.41 -20.97
C PRO HA 84 7.55 -16.46 -22.48
N PHE HA 85 7.86 -15.35 -23.14
CA PHE HA 85 7.76 -15.24 -24.58
C PHE HA 85 9.13 -14.91 -25.17
N ASN HA 86 9.35 -15.35 -26.40
CA ASN HA 86 10.60 -15.16 -27.12
C ASN HA 86 10.41 -14.09 -28.18
N ILE HA 87 11.31 -13.11 -28.22
CA ILE HA 87 11.17 -11.95 -29.08
C ILE HA 87 11.69 -12.29 -30.47
N ASN HA 88 10.82 -12.18 -31.48
CA ASN HA 88 11.24 -12.45 -32.85
C ASN HA 88 11.91 -11.23 -33.47
N GLY HA 89 12.92 -11.49 -34.30
CA GLY HA 89 13.58 -10.45 -35.07
C GLY HA 89 14.52 -9.59 -34.24
N THR HA 90 14.94 -8.49 -34.85
CA THR HA 90 15.83 -7.55 -34.17
C THR HA 90 15.04 -6.73 -33.16
N ALA HA 91 15.47 -6.79 -31.91
CA ALA HA 91 14.74 -6.10 -30.85
C ALA HA 91 14.79 -4.59 -31.06
N PRO HA 92 13.69 -3.88 -30.85
CA PRO HA 92 13.70 -2.44 -31.05
C PRO HA 92 14.58 -1.73 -30.03
N SER HA 93 15.19 -0.64 -30.47
CA SER HA 93 16.04 0.18 -29.61
C SER HA 93 15.31 1.45 -29.21
N ILE HA 94 15.47 1.86 -27.96
CA ILE HA 94 14.79 3.03 -27.43
C ILE HA 94 15.79 4.18 -27.32
N PRO HA 95 15.61 5.26 -28.09
CA PRO HA 95 16.60 6.33 -28.09
C PRO HA 95 16.76 6.95 -26.70
N ALA HA 96 17.91 7.60 -26.50
CA ALA HA 96 18.39 7.95 -25.16
C ALA HA 96 17.34 8.70 -24.36
N GLY HA 97 16.94 9.88 -24.82
CA GLY HA 97 16.06 10.73 -24.04
C GLY HA 97 14.61 10.76 -24.45
N ARG HA 98 14.20 9.91 -25.40
CA ARG HA 98 12.89 10.03 -26.01
C ARG HA 98 11.87 9.10 -25.37
N THR HA 99 10.60 9.49 -25.50
CA THR HA 99 9.46 8.66 -25.13
C THR HA 99 8.79 8.18 -26.40
N GLN HA 100 8.70 6.86 -26.58
CA GLN HA 100 8.21 6.34 -27.84
C GLN HA 100 7.26 5.17 -27.66
N PRO HA 101 6.23 5.07 -28.50
CA PRO HA 101 5.49 3.81 -28.64
C PRO HA 101 6.31 2.82 -29.46
N ILE HA 102 6.76 1.75 -28.81
CA ILE HA 102 7.60 0.73 -29.43
C ILE HA 102 6.76 -0.52 -29.64
N THR HA 103 6.97 -1.17 -30.79
CA THR HA 103 6.23 -2.36 -31.17
C THR HA 103 7.21 -3.47 -31.51
N PHE HA 104 6.94 -4.68 -31.03
CA PHE HA 104 7.82 -5.81 -31.33
C PHE HA 104 7.01 -7.10 -31.37
N GLU HA 105 7.54 -8.07 -32.09
CA GLU HA 105 6.90 -9.35 -32.35
C GLU HA 105 7.42 -10.41 -31.39
N VAL HA 106 6.50 -11.16 -30.77
CA VAL HA 106 6.87 -12.19 -29.82
C VAL HA 106 6.15 -13.50 -30.16
N THR HA 107 6.76 -14.62 -29.78
CA THR HA 107 6.16 -15.92 -29.96
C THR HA 107 6.27 -16.72 -28.66
N PRO HA 108 5.27 -17.50 -28.31
CA PRO HA 108 5.31 -18.20 -27.02
C PRO HA 108 6.38 -19.28 -27.00
N ALA HA 109 7.06 -19.39 -25.86
CA ALA HA 109 8.13 -20.37 -25.70
C ALA HA 109 7.69 -21.57 -24.87
N SER HA 110 6.87 -21.36 -23.84
CA SER HA 110 6.48 -22.44 -22.96
C SER HA 110 5.30 -23.22 -23.51
N GLY HA 111 4.27 -22.53 -23.96
CA GLY HA 111 3.07 -23.20 -24.43
C GLY HA 111 2.10 -22.18 -24.99
N LYS HA 112 1.03 -22.71 -25.58
CA LYS HA 112 0.13 -21.88 -26.35
C LYS HA 112 -0.71 -21.01 -25.41
N PRO HA 113 -0.63 -19.68 -25.51
CA PRO HA 113 -1.44 -18.83 -24.64
C PRO HA 113 -2.83 -18.61 -25.20
N ASN HA 114 -3.85 -18.82 -24.37
CA ASN HA 114 -5.23 -18.64 -24.80
C ASN HA 114 -5.71 -17.24 -24.43
N PHE HA 115 -5.20 -16.27 -25.18
CA PHE HA 115 -5.63 -14.89 -24.99
C PHE HA 115 -7.11 -14.74 -25.33
N SER HA 116 -7.78 -13.88 -24.57
CA SER HA 116 -9.20 -13.64 -24.74
C SER HA 116 -9.42 -12.21 -25.24
N PRO HA 117 -10.26 -12.01 -26.26
CA PRO HA 117 -10.48 -10.66 -26.79
C PRO HA 117 -10.91 -9.65 -25.73
N GLY HA 118 -10.17 -8.55 -25.62
CA GLY HA 118 -10.49 -7.51 -24.68
C GLY HA 118 -9.99 -7.73 -23.26
N ALA HA 119 -9.35 -8.86 -22.99
CA ALA HA 119 -8.89 -9.14 -21.64
C ALA HA 119 -7.65 -8.31 -21.31
N SER HA 120 -7.37 -8.19 -20.02
CA SER HA 120 -6.22 -7.45 -19.52
C SER HA 120 -5.25 -8.43 -18.87
N TYR HA 121 -3.97 -8.31 -19.22
CA TYR HA 121 -2.94 -9.23 -18.78
C TYR HA 121 -1.78 -8.45 -18.17
N THR HA 122 -1.25 -8.96 -17.07
CA THR HA 122 -0.04 -8.39 -16.50
C THR HA 122 1.18 -8.96 -17.21
N ALA HA 123 2.20 -8.12 -17.39
CA ALA HA 123 3.43 -8.54 -18.03
C ALA HA 123 4.59 -7.83 -17.37
N THR HA 124 5.77 -8.42 -17.52
CA THR HA 124 7.02 -7.78 -17.10
C THR HA 124 7.92 -7.64 -18.32
N ILE HA 125 8.28 -6.41 -18.66
CA ILE HA 125 9.17 -6.12 -19.77
C ILE HA 125 10.57 -5.99 -19.22
N TYR HA 126 11.50 -6.78 -19.77
CA TYR HA 126 12.88 -6.79 -19.30
C TYR HA 126 13.75 -6.14 -20.38
N PHE HA 127 14.49 -5.11 -19.99
CA PHE HA 127 15.26 -4.31 -20.92
C PHE HA 127 16.75 -4.63 -20.79
N SER HA 128 17.51 -4.20 -21.79
CA SER HA 128 18.92 -4.60 -21.88
C SER HA 128 19.74 -4.03 -20.73
N ASN HA 129 19.28 -2.97 -20.07
CA ASN HA 129 19.98 -2.43 -18.92
C ASN HA 129 19.73 -3.22 -17.65
N GLY HA 130 19.15 -4.42 -17.76
CA GLY HA 130 18.88 -5.23 -16.59
C GLY HA 130 17.74 -4.76 -15.74
N GLN HA 131 16.77 -4.06 -16.34
CA GLN HA 131 15.65 -3.47 -15.61
C GLN HA 131 14.35 -4.13 -16.02
N GLY HA 132 13.53 -4.49 -15.02
CA GLY HA 132 12.21 -5.04 -15.27
C GLY HA 132 11.14 -4.00 -14.95
N ALA HA 133 10.14 -3.92 -15.81
CA ALA HA 133 9.08 -2.96 -15.67
C ALA HA 133 7.72 -3.66 -15.75
N PRO HA 134 6.85 -3.49 -14.75
CA PRO HA 134 5.49 -4.01 -14.88
C PRO HA 134 4.73 -3.27 -15.96
N ALA HA 135 3.83 -3.99 -16.63
CA ALA HA 135 3.02 -3.41 -17.69
C ALA HA 135 1.69 -4.15 -17.74
N THR HA 136 0.69 -3.47 -18.29
CA THR HA 136 -0.65 -4.03 -18.45
C THR HA 136 -1.00 -4.00 -19.93
N LEU HA 137 -1.28 -5.17 -20.49
CA LEU HA 137 -1.51 -5.33 -21.92
C LEU HA 137 -2.95 -5.75 -22.17
N ILE HA 138 -3.63 -5.03 -23.06
CA ILE HA 138 -4.96 -5.39 -23.50
C ILE HA 138 -4.86 -6.17 -24.80
N TYR HA 139 -5.55 -7.29 -24.88
CA TYR HA 139 -5.53 -8.13 -26.08
C TYR HA 139 -6.59 -7.61 -27.05
N GLN HA 140 -6.14 -7.00 -28.15
CA GLN HA 140 -7.05 -6.38 -29.10
C GLN HA 140 -7.65 -7.36 -30.10
N GLY HA 141 -7.10 -8.56 -30.22
CA GLY HA 141 -7.59 -9.53 -31.18
C GLY HA 141 -6.49 -10.33 -31.83
N LEU IA 1 61.16 -17.95 5.11
CA LEU IA 1 60.67 -18.58 3.89
C LEU IA 1 59.22 -19.01 4.04
N SER IA 2 58.81 -19.26 5.29
CA SER IA 2 57.47 -19.77 5.54
C SER IA 2 56.40 -18.72 5.33
N GLY IA 3 56.76 -17.44 5.49
CA GLY IA 3 55.75 -16.38 5.45
C GLY IA 3 55.03 -16.32 4.11
N ALA IA 4 55.77 -16.46 3.02
CA ALA IA 4 55.14 -16.42 1.70
C ALA IA 4 54.19 -17.60 1.50
N ILE IA 5 54.56 -18.78 1.96
CA ILE IA 5 53.70 -19.95 1.83
C ILE IA 5 52.44 -19.77 2.66
N VAL IA 6 52.57 -19.24 3.88
CA VAL IA 6 51.39 -19.00 4.71
C VAL IA 6 50.48 -17.98 4.05
N ALA IA 7 51.06 -16.92 3.49
CA ALA IA 7 50.24 -15.91 2.80
C ALA IA 7 49.52 -16.51 1.61
N LEU IA 8 50.20 -17.36 0.84
CA LEU IA 8 49.57 -17.99 -0.32
C LEU IA 8 48.40 -18.88 0.10
N ILE IA 9 48.61 -19.69 1.14
CA ILE IA 9 47.55 -20.56 1.64
C ILE IA 9 46.35 -19.72 2.09
N LEU IA 10 46.62 -18.64 2.83
CA LEU IA 10 45.53 -17.82 3.34
C LEU IA 10 44.79 -17.10 2.21
N VAL IA 11 45.50 -16.70 1.15
CA VAL IA 11 44.85 -16.03 0.03
C VAL IA 11 43.91 -16.99 -0.68
N ILE IA 12 44.39 -18.20 -0.99
CA ILE IA 12 43.54 -19.17 -1.67
C ILE IA 12 42.35 -19.56 -0.81
N ALA IA 13 42.62 -19.78 0.49
CA ALA IA 13 41.54 -20.14 1.40
C ALA IA 13 40.53 -19.00 1.54
N GLY IA 14 40.99 -17.75 1.51
CA GLY IA 14 40.06 -16.64 1.54
C GLY IA 14 39.14 -16.61 0.36
N VAL IA 15 39.69 -16.87 -0.84
CA VAL IA 15 38.84 -16.99 -2.02
C VAL IA 15 37.78 -18.07 -1.81
N ILE IA 16 38.22 -19.24 -1.34
CA ILE IA 16 37.29 -20.36 -1.17
C ILE IA 16 36.20 -20.03 -0.15
N ILE IA 17 36.59 -19.45 0.98
CA ILE IA 17 35.63 -19.18 2.05
C ILE IA 17 34.65 -18.10 1.63
N ALA IA 18 35.11 -17.08 0.91
CA ALA IA 18 34.19 -16.05 0.44
C ALA IA 18 33.16 -16.64 -0.52
N ILE IA 19 33.60 -17.50 -1.44
CA ILE IA 19 32.65 -18.13 -2.36
C ILE IA 19 31.66 -19.00 -1.58
N ALA IA 20 32.14 -19.72 -0.56
CA ALA IA 20 31.25 -20.56 0.24
C ALA IA 20 30.20 -19.73 0.96
N VAL IA 21 30.60 -18.58 1.50
CA VAL IA 21 29.65 -17.69 2.17
C VAL IA 21 28.60 -17.20 1.18
N VAL IA 22 29.04 -16.82 -0.02
CA VAL IA 22 28.11 -16.35 -1.04
C VAL IA 22 27.07 -17.44 -1.36
N LEU IA 23 27.54 -18.69 -1.49
CA LEU IA 23 26.59 -19.77 -1.79
C LEU IA 23 25.64 -20.03 -0.63
N PHE IA 24 26.14 -19.95 0.61
CA PHE IA 24 25.29 -20.17 1.78
C PHE IA 24 24.17 -19.15 1.85
N ALA IA 25 24.48 -17.89 1.51
CA ALA IA 25 23.47 -16.84 1.52
C ALA IA 25 22.26 -17.24 0.67
N PHE IA 26 22.50 -17.74 -0.54
CA PHE IA 26 21.40 -18.18 -1.39
C PHE IA 26 20.76 -19.46 -0.86
N GLY IA 27 21.57 -20.37 -0.31
CA GLY IA 27 21.03 -21.59 0.24
C GLY IA 27 20.03 -21.37 1.37
N LEU IA 28 20.06 -20.20 2.00
CA LEU IA 28 19.07 -19.93 3.05
C LEU IA 28 17.64 -19.79 2.54
N ILE IA 29 17.42 -19.15 1.38
CA ILE IA 29 16.07 -18.67 1.04
C ILE IA 29 15.03 -19.77 0.84
N PRO IA 30 15.31 -20.92 0.23
CA PRO IA 30 14.25 -21.92 0.08
C PRO IA 30 13.70 -22.42 1.41
N GLY IA 31 14.49 -22.32 2.48
CA GLY IA 31 13.96 -22.61 3.81
C GLY IA 31 13.01 -21.53 4.29
N ILE IA 32 13.37 -20.26 4.09
CA ILE IA 32 12.53 -19.16 4.57
C ILE IA 32 11.21 -19.12 3.82
N SER IA 33 11.19 -19.61 2.57
CA SER IA 33 9.94 -19.63 1.83
C SER IA 33 8.88 -20.50 2.49
N ASN IA 34 9.28 -21.40 3.39
CA ASN IA 34 8.32 -22.24 4.11
C ASN IA 34 7.47 -21.45 5.09
N GLN IA 35 7.84 -20.20 5.39
CA GLN IA 35 7.06 -19.38 6.30
C GLN IA 35 5.65 -19.12 5.78
N GLY IA 36 5.42 -19.27 4.47
CA GLY IA 36 4.12 -19.04 3.90
C GLY IA 36 3.55 -20.26 3.19
N SER IA 37 3.75 -21.43 3.79
CA SER IA 37 3.30 -22.67 3.16
C SER IA 37 1.79 -22.75 3.05
N ILE IA 38 1.06 -22.21 4.02
CA ILE IA 38 -0.35 -22.50 4.20
C ILE IA 38 -1.19 -21.29 3.84
N GLN IA 39 -2.33 -21.56 3.18
CA GLN IA 39 -3.35 -20.55 2.89
C GLN IA 39 -4.69 -21.07 3.37
N VAL IA 40 -5.42 -20.25 4.12
CA VAL IA 40 -6.78 -20.59 4.55
C VAL IA 40 -7.74 -19.88 3.62
N LEU IA 41 -8.56 -20.64 2.87
CA LEU IA 41 -9.36 -20.08 1.81
C LEU IA 41 -10.82 -20.46 1.99
N GLY IA 42 -11.71 -19.52 1.67
CA GLY IA 42 -13.12 -19.69 1.89
C GLY IA 42 -13.53 -19.32 3.30
N SER IA 43 -14.83 -19.15 3.49
CA SER IA 43 -15.37 -18.80 4.80
C SER IA 43 -15.57 -20.06 5.63
N GLY IA 44 -15.00 -20.07 6.84
CA GLY IA 44 -15.15 -21.19 7.74
C GLY IA 44 -16.44 -21.12 8.53
N THR IA 45 -16.64 -22.15 9.35
CA THR IA 45 -17.84 -22.25 10.17
C THR IA 45 -17.49 -22.70 11.58
N ILE IA 46 -18.15 -22.10 12.56
CA ILE IA 46 -18.02 -22.46 13.97
C ILE IA 46 -19.39 -22.88 14.49
N THR IA 47 -19.44 -24.03 15.15
CA THR IA 47 -20.71 -24.64 15.56
C THR IA 47 -20.66 -25.09 17.01
N ASN IA 48 -21.81 -24.99 17.69
CA ASN IA 48 -21.90 -25.45 19.07
C ASN IA 48 -21.81 -26.97 19.13
N SER IA 49 -20.92 -27.47 19.97
CA SER IA 49 -20.66 -28.91 20.06
C SER IA 49 -20.53 -29.37 21.50
N THR IA 50 -21.22 -28.69 22.43
CA THR IA 50 -20.97 -28.86 23.85
C THR IA 50 -21.70 -30.03 24.47
N ALA IA 51 -22.62 -30.67 23.75
CA ALA IA 51 -23.41 -31.79 24.26
C ALA IA 51 -24.29 -31.37 25.43
N SER IA 52 -25.13 -30.37 25.19
CA SER IA 52 -26.24 -30.01 26.09
C SER IA 52 -25.77 -29.67 27.51
N GLY IA 53 -24.55 -29.15 27.64
CA GLY IA 53 -24.01 -28.81 28.94
C GLY IA 53 -23.13 -29.86 29.57
N SER IA 54 -22.82 -30.94 28.87
CA SER IA 54 -21.94 -31.98 29.39
C SER IA 54 -20.47 -31.68 29.19
N SER IA 55 -20.12 -30.54 28.59
CA SER IA 55 -18.72 -30.25 28.28
C SER IA 55 -18.47 -28.76 28.47
N ARG IA 56 -17.20 -28.41 28.61
CA ARG IA 56 -16.81 -27.02 28.88
C ARG IA 56 -16.87 -26.16 27.62
N THR IA 57 -18.07 -26.05 27.07
CA THR IA 57 -18.38 -25.16 25.94
C THR IA 57 -17.39 -25.37 24.79
N ILE IA 58 -17.45 -26.56 24.21
CA ILE IA 58 -16.54 -26.93 23.12
C ILE IA 58 -17.21 -26.66 21.78
N TYR IA 59 -16.52 -25.90 20.93
CA TYR IA 59 -17.01 -25.49 19.62
C TYR IA 59 -16.26 -26.24 18.51
N ASN IA 60 -16.83 -26.18 17.31
CA ASN IA 60 -16.32 -26.86 16.12
C ASN IA 60 -15.86 -25.80 15.14
N ILE IA 61 -14.58 -25.81 14.77
CA ILE IA 61 -14.04 -24.93 13.75
C ILE IA 61 -13.75 -25.75 12.51
N THR IA 62 -14.42 -25.42 11.41
CA THR IA 62 -14.16 -26.03 10.11
C THR IA 62 -13.71 -24.97 9.13
N ILE IA 63 -12.54 -25.18 8.52
CA ILE IA 63 -11.98 -24.24 7.55
C ILE IA 63 -11.25 -25.02 6.47
N THR IA 64 -11.28 -24.50 5.25
CA THR IA 64 -10.58 -25.13 4.14
C THR IA 64 -9.16 -24.60 4.08
N VAL IA 65 -8.18 -25.51 4.19
CA VAL IA 65 -6.77 -25.16 4.29
C VAL IA 65 -6.03 -25.80 3.12
N LYS IA 66 -5.14 -25.03 2.51
CA LYS IA 66 -4.29 -25.47 1.42
C LYS IA 66 -2.84 -25.38 1.86
N ASN IA 67 -2.10 -26.47 1.69
CA ASN IA 67 -0.71 -26.55 2.10
C ASN IA 67 0.16 -26.68 0.85
N THR IA 68 1.03 -25.71 0.62
CA THR IA 68 1.95 -25.74 -0.52
C THR IA 68 3.35 -26.17 -0.14
N GLY IA 69 3.61 -26.45 1.14
CA GLY IA 69 4.92 -26.90 1.55
C GLY IA 69 5.12 -28.38 1.30
N THR IA 70 6.34 -28.85 1.60
CA THR IA 70 6.69 -30.24 1.43
C THR IA 70 6.55 -31.05 2.72
N THR IA 71 6.08 -30.44 3.80
CA THR IA 71 5.93 -31.10 5.08
C THR IA 71 4.50 -30.97 5.59
N SER IA 72 4.07 -31.94 6.37
CA SER IA 72 2.78 -31.85 7.04
C SER IA 72 2.85 -30.81 8.14
N ILE IA 73 1.85 -29.94 8.20
CA ILE IA 73 1.85 -28.79 9.09
C ILE IA 73 0.59 -28.85 9.94
N SER IA 74 0.72 -28.49 11.22
CA SER IA 74 -0.34 -28.67 12.20
C SER IA 74 -0.75 -27.33 12.81
N VAL IA 75 -1.98 -27.30 13.32
CA VAL IA 75 -2.53 -26.12 13.98
C VAL IA 75 -2.06 -26.11 15.43
N THR IA 76 -1.25 -25.11 15.80
CA THR IA 76 -0.73 -25.05 17.16
C THR IA 76 -1.61 -24.27 18.11
N SER IA 77 -2.24 -23.20 17.65
CA SER IA 77 -3.11 -22.39 18.50
C SER IA 77 -4.10 -21.63 17.64
N ILE IA 78 -5.15 -21.14 18.27
CA ILE IA 78 -6.18 -20.37 17.57
C ILE IA 78 -6.65 -19.22 18.45
N ASN IA 79 -6.87 -18.06 17.83
CA ASN IA 79 -7.43 -16.89 18.48
C ASN IA 79 -8.66 -16.47 17.70
N ILE IA 80 -9.79 -16.37 18.38
CA ILE IA 80 -11.07 -16.05 17.75
C ILE IA 80 -11.53 -14.68 18.25
N ASN IA 81 -11.58 -13.71 17.33
CA ASN IA 81 -12.09 -12.37 17.63
C ASN IA 81 -11.35 -11.73 18.80
N GLY IA 82 -10.04 -11.94 18.86
CA GLY IA 82 -9.22 -11.40 19.93
C GLY IA 82 -9.09 -12.29 21.15
N GLN IA 83 -9.96 -13.29 21.31
CA GLN IA 83 -9.92 -14.14 22.48
C GLN IA 83 -9.05 -15.37 22.22
N PRO IA 84 -8.22 -15.78 23.18
CA PRO IA 84 -7.44 -17.01 23.01
C PRO IA 84 -8.34 -18.23 23.08
N PHE IA 85 -7.93 -19.30 22.39
CA PHE IA 85 -8.68 -20.54 22.40
C PHE IA 85 -7.69 -21.70 22.45
N ASN IA 86 -8.15 -22.84 22.98
CA ASN IA 86 -7.30 -24.01 23.12
C ASN IA 86 -7.96 -25.19 22.41
N ILE IA 87 -7.18 -25.90 21.60
CA ILE IA 87 -7.70 -27.07 20.90
C ILE IA 87 -7.95 -28.20 21.91
N ASN IA 88 -9.11 -28.84 21.80
CA ASN IA 88 -9.50 -29.84 22.80
C ASN IA 88 -8.87 -31.21 22.55
N GLY IA 89 -8.76 -31.64 21.30
CA GLY IA 89 -8.15 -32.89 20.96
C GLY IA 89 -6.72 -32.74 20.49
N THR IA 90 -6.22 -33.77 19.83
CA THR IA 90 -4.92 -33.66 19.18
C THR IA 90 -5.01 -32.70 18.00
N ALA IA 91 -3.94 -31.97 17.76
CA ALA IA 91 -3.97 -30.95 16.73
C ALA IA 91 -4.13 -31.58 15.35
N PRO IA 92 -5.00 -31.05 14.51
CA PRO IA 92 -5.09 -31.56 13.13
C PRO IA 92 -3.89 -31.14 12.31
N SER IA 93 -3.60 -31.94 11.29
CA SER IA 93 -2.40 -31.74 10.47
C SER IA 93 -2.78 -31.80 9.00
N ILE IA 94 -2.23 -30.89 8.21
CA ILE IA 94 -2.51 -30.77 6.79
C ILE IA 94 -1.34 -31.38 6.01
N PRO IA 95 -1.55 -32.43 5.23
CA PRO IA 95 -0.45 -33.01 4.45
C PRO IA 95 0.00 -32.09 3.33
N ALA IA 96 1.17 -32.39 2.79
CA ALA IA 96 1.77 -31.58 1.74
C ALA IA 96 0.92 -31.61 0.47
N GLY IA 97 0.84 -30.46 -0.20
CA GLY IA 97 0.15 -30.35 -1.47
C GLY IA 97 -1.36 -30.42 -1.39
N ARG IA 98 -1.93 -30.74 -0.24
CA ARG IA 98 -3.36 -30.96 -0.13
C ARG IA 98 -4.12 -29.65 0.02
N THR IA 99 -5.38 -29.66 -0.41
CA THR IA 99 -6.37 -28.65 -0.06
C THR IA 99 -7.56 -29.41 0.51
N GLN IA 100 -7.83 -29.22 1.80
CA GLN IA 100 -8.85 -30.05 2.43
C GLN IA 100 -9.53 -29.30 3.56
N PRO IA 101 -10.75 -29.70 3.93
CA PRO IA 101 -11.42 -29.09 5.08
C PRO IA 101 -10.92 -29.65 6.40
N ILE IA 102 -10.22 -28.82 7.16
CA ILE IA 102 -9.81 -29.17 8.51
C ILE IA 102 -10.98 -28.88 9.45
N THR IA 103 -11.17 -29.75 10.43
CA THR IA 103 -12.20 -29.58 11.45
C THR IA 103 -11.61 -29.95 12.79
N PHE IA 104 -11.75 -29.06 13.78
CA PHE IA 104 -11.19 -29.38 15.10
C PHE IA 104 -12.02 -28.75 16.20
N GLU IA 105 -11.95 -29.39 17.37
CA GLU IA 105 -12.65 -28.95 18.57
C GLU IA 105 -11.84 -27.89 19.31
N VAL IA 106 -12.53 -26.93 19.90
CA VAL IA 106 -11.84 -25.83 20.57
C VAL IA 106 -12.62 -25.40 21.82
N THR IA 107 -11.89 -24.84 22.78
CA THR IA 107 -12.37 -24.40 24.08
C THR IA 107 -11.94 -22.96 24.33
N PRO IA 108 -12.73 -22.19 25.07
CA PRO IA 108 -12.27 -20.88 25.50
C PRO IA 108 -11.13 -21.01 26.51
N ALA IA 109 -10.05 -20.27 26.26
CA ALA IA 109 -8.94 -20.28 27.20
C ALA IA 109 -9.32 -19.58 28.50
N SER IA 110 -10.13 -18.54 28.44
CA SER IA 110 -10.63 -17.86 29.61
C SER IA 110 -11.98 -17.25 29.29
N GLY IA 111 -12.82 -17.14 30.32
CA GLY IA 111 -14.13 -16.56 30.10
C GLY IA 111 -15.06 -17.50 29.37
N LYS IA 112 -16.15 -16.92 28.85
CA LYS IA 112 -17.19 -17.66 28.15
C LYS IA 112 -17.72 -16.80 27.02
N PRO IA 113 -17.14 -16.92 25.83
CA PRO IA 113 -17.58 -16.08 24.72
C PRO IA 113 -18.93 -16.55 24.19
N ASN IA 114 -19.79 -15.59 23.89
CA ASN IA 114 -21.14 -15.87 23.41
C ASN IA 114 -21.23 -15.45 21.95
N PHE IA 115 -21.74 -16.35 21.10
CA PHE IA 115 -21.84 -16.11 19.68
C PHE IA 115 -23.30 -16.00 19.28
N SER IA 116 -23.56 -15.17 18.27
CA SER IA 116 -24.91 -14.99 17.77
C SER IA 116 -25.06 -15.66 16.40
N PRO IA 117 -26.23 -16.24 16.12
CA PRO IA 117 -26.40 -16.96 14.85
C PRO IA 117 -26.16 -16.07 13.65
N GLY IA 118 -25.40 -16.59 12.68
CA GLY IA 118 -25.16 -15.89 11.44
C GLY IA 118 -24.13 -14.78 11.51
N ALA IA 119 -23.58 -14.49 12.68
CA ALA IA 119 -22.57 -13.45 12.79
C ALA IA 119 -21.22 -13.94 12.27
N SER IA 120 -20.39 -13.00 11.85
CA SER IA 120 -19.06 -13.29 11.33
C SER IA 120 -18.02 -12.93 12.38
N TYR IA 121 -17.16 -13.89 12.71
CA TYR IA 121 -16.10 -13.72 13.70
C TYR IA 121 -14.77 -14.00 13.04
N THR IA 122 -13.82 -13.09 13.19
CA THR IA 122 -12.50 -13.30 12.63
C THR IA 122 -11.65 -14.14 13.57
N ALA IA 123 -10.95 -15.11 13.01
CA ALA IA 123 -10.09 -15.99 13.77
C ALA IA 123 -8.73 -16.07 13.09
N THR IA 124 -7.68 -16.09 13.90
CA THR IA 124 -6.32 -16.26 13.40
C THR IA 124 -5.84 -17.65 13.77
N ILE IA 125 -5.57 -18.48 12.77
CA ILE IA 125 -5.09 -19.83 13.00
C ILE IA 125 -3.57 -19.81 12.87
N TYR IA 126 -2.89 -20.21 13.92
CA TYR IA 126 -1.43 -20.23 13.95
C TYR IA 126 -0.99 -21.67 13.66
N PHE IA 127 -0.24 -21.85 12.57
CA PHE IA 127 0.22 -23.16 12.18
C PHE IA 127 1.67 -23.36 12.64
N SER IA 128 2.15 -24.60 12.50
CA SER IA 128 3.46 -24.95 13.03
C SER IA 128 4.60 -24.19 12.37
N ASN IA 129 4.35 -23.59 11.20
CA ASN IA 129 5.35 -22.73 10.58
C ASN IA 129 5.54 -21.41 11.33
N GLY IA 130 4.70 -21.13 12.32
CA GLY IA 130 4.60 -19.79 12.87
C GLY IA 130 3.73 -18.87 12.05
N GLN IA 131 3.23 -19.33 10.92
CA GLN IA 131 2.37 -18.52 10.07
C GLN IA 131 1.00 -18.35 10.70
N GLY IA 132 0.52 -17.12 10.76
CA GLY IA 132 -0.80 -16.85 11.29
C GLY IA 132 -1.76 -16.42 10.21
N ALA IA 133 -2.71 -17.30 9.86
CA ALA IA 133 -3.63 -17.03 8.78
C ALA IA 133 -4.92 -16.43 9.34
N PRO IA 134 -5.31 -15.22 8.93
CA PRO IA 134 -6.64 -14.72 9.31
C PRO IA 134 -7.72 -15.34 8.44
N ALA IA 135 -8.85 -15.66 9.06
CA ALA IA 135 -9.97 -16.29 8.39
C ALA IA 135 -11.26 -15.80 9.03
N THR IA 136 -12.36 -15.99 8.33
CA THR IA 136 -13.67 -15.56 8.80
C THR IA 136 -14.55 -16.78 9.04
N LEU IA 137 -15.09 -16.89 10.25
CA LEU IA 137 -15.96 -17.99 10.64
C LEU IA 137 -17.38 -17.46 10.80
N ILE IA 138 -18.34 -18.16 10.20
CA ILE IA 138 -19.74 -17.83 10.36
C ILE IA 138 -20.33 -18.80 11.37
N TYR IA 139 -20.91 -18.26 12.45
CA TYR IA 139 -21.49 -19.10 13.49
C TYR IA 139 -22.78 -19.73 12.99
N GLN IA 140 -22.92 -21.04 13.22
CA GLN IA 140 -24.05 -21.80 12.70
C GLN IA 140 -24.84 -22.55 13.76
N GLY IA 141 -24.39 -22.56 15.00
CA GLY IA 141 -25.06 -23.32 16.05
C GLY IA 141 -26.32 -22.69 16.58
N LEU JA 1 55.08 -17.59 9.96
CA LEU JA 1 54.14 -18.01 11.00
C LEU JA 1 53.23 -16.87 11.42
N SER JA 2 53.70 -15.63 11.21
CA SER JA 2 52.98 -14.46 11.69
C SER JA 2 51.61 -14.33 11.05
N GLY JA 3 51.53 -14.59 9.74
CA GLY JA 3 50.30 -14.34 9.01
C GLY JA 3 49.12 -15.13 9.53
N ALA JA 4 49.34 -16.41 9.84
CA ALA JA 4 48.23 -17.25 10.30
C ALA JA 4 47.74 -16.83 11.67
N ILE JA 5 48.66 -16.50 12.58
CA ILE JA 5 48.26 -16.06 13.91
C ILE JA 5 47.52 -14.73 13.83
N VAL JA 6 47.99 -13.81 12.99
CA VAL JA 6 47.30 -12.53 12.82
C VAL JA 6 45.91 -12.76 12.24
N ALA JA 7 45.79 -13.65 11.25
CA ALA JA 7 44.48 -13.96 10.68
C ALA JA 7 43.54 -14.54 11.73
N LEU JA 8 44.06 -15.42 12.59
CA LEU JA 8 43.22 -15.99 13.64
C LEU JA 8 42.77 -14.92 14.64
N ILE JA 9 43.69 -14.01 14.99
CA ILE JA 9 43.32 -12.90 15.88
C ILE JA 9 42.19 -12.10 15.26
N LEU JA 10 42.32 -11.76 13.97
CA LEU JA 10 41.31 -10.95 13.32
C LEU JA 10 40.00 -11.70 13.17
N VAL JA 11 40.05 -13.01 12.97
CA VAL JA 11 38.83 -13.81 12.89
C VAL JA 11 38.07 -13.78 14.21
N ILE JA 12 38.79 -14.00 15.32
CA ILE JA 12 38.14 -13.98 16.62
C ILE JA 12 37.58 -12.60 16.92
N ALA JA 13 38.35 -11.55 16.62
CA ALA JA 13 37.89 -10.19 16.88
C ALA JA 13 36.69 -9.84 16.02
N GLY JA 14 36.67 -10.30 14.78
CA GLY JA 14 35.50 -10.08 13.94
C GLY JA 14 34.26 -10.76 14.50
N VAL JA 15 34.43 -11.98 15.00
CA VAL JA 15 33.31 -12.65 15.67
C VAL JA 15 32.81 -11.80 16.83
N ILE JA 16 33.74 -11.30 17.64
CA ILE JA 16 33.37 -10.51 18.82
C ILE JA 16 32.58 -9.27 18.42
N ILE JA 17 33.10 -8.50 17.46
CA ILE JA 17 32.47 -7.24 17.10
C ILE JA 17 31.13 -7.48 16.40
N ALA JA 18 31.06 -8.51 15.55
CA ALA JA 18 29.81 -8.81 14.87
C ALA JA 18 28.73 -9.21 15.86
N ILE JA 19 29.07 -10.04 16.85
CA ILE JA 19 28.09 -10.42 17.87
C ILE JA 19 27.68 -9.20 18.68
N ALA JA 20 28.63 -8.30 18.96
CA ALA JA 20 28.28 -7.08 19.67
C ALA JA 20 27.28 -6.24 18.89
N VAL JA 21 27.47 -6.12 17.58
CA VAL JA 21 26.55 -5.36 16.75
C VAL JA 21 25.18 -6.04 16.69
N VAL JA 22 25.16 -7.37 16.64
CA VAL JA 22 23.89 -8.09 16.64
C VAL JA 22 23.13 -7.85 17.94
N LEU JA 23 23.84 -7.90 19.07
CA LEU JA 23 23.20 -7.64 20.36
C LEU JA 23 22.71 -6.20 20.43
N PHE JA 24 23.44 -5.26 19.84
CA PHE JA 24 22.98 -3.88 19.77
C PHE JA 24 21.68 -3.78 18.96
N ALA JA 25 21.62 -4.49 17.84
CA ALA JA 25 20.41 -4.50 17.04
C ALA JA 25 19.23 -5.05 17.84
N PHE JA 26 19.47 -6.12 18.60
CA PHE JA 26 18.41 -6.66 19.45
C PHE JA 26 18.01 -5.68 20.54
N GLY JA 27 18.96 -4.91 21.08
CA GLY JA 27 18.64 -3.93 22.10
C GLY JA 27 17.94 -2.70 21.59
N LEU JA 28 18.02 -2.43 20.29
CA LEU JA 28 17.28 -1.29 19.72
C LEU JA 28 15.77 -1.52 19.72
N ILE JA 29 15.32 -2.77 19.64
CA ILE JA 29 13.91 -3.10 19.42
C ILE JA 29 12.98 -2.45 20.45
N PRO JA 30 13.26 -2.50 21.76
CA PRO JA 30 12.31 -1.91 22.71
C PRO JA 30 12.05 -0.42 22.48
N GLY JA 31 13.07 0.34 22.09
CA GLY JA 31 12.86 1.76 21.86
C GLY JA 31 11.96 2.04 20.66
N ILE JA 32 12.17 1.30 19.57
CA ILE JA 32 11.39 1.53 18.36
C ILE JA 32 10.03 0.85 18.45
N SER JA 33 9.97 -0.36 19.02
CA SER JA 33 8.73 -1.12 19.10
C SER JA 33 7.97 -0.61 20.30
N ASN JA 34 7.06 0.32 20.06
CA ASN JA 34 6.27 0.96 21.11
C ASN JA 34 4.84 1.07 20.60
N GLN JA 35 4.04 0.05 20.89
CA GLN JA 35 2.63 0.07 20.53
C GLN JA 35 1.87 0.99 21.47
N GLY JA 36 0.60 1.22 21.14
CA GLY JA 36 -0.21 2.11 21.93
C GLY JA 36 -0.13 3.53 21.43
N SER JA 37 -1.24 4.25 21.52
CA SER JA 37 -1.32 5.60 20.98
C SER JA 37 -2.45 6.33 21.67
N ILE JA 38 -2.44 7.64 21.50
CA ILE JA 38 -3.59 8.46 21.91
C ILE JA 38 -4.63 8.42 20.81
N GLN JA 39 -5.85 8.04 21.18
CA GLN JA 39 -6.97 7.94 20.25
C GLN JA 39 -8.01 8.98 20.62
N VAL JA 40 -8.47 9.74 19.64
CA VAL JA 40 -9.48 10.77 19.85
C VAL JA 40 -10.83 10.19 19.45
N LEU JA 41 -11.75 10.13 20.41
CA LEU JA 41 -13.02 9.44 20.26
C LEU JA 41 -14.13 10.48 20.08
N GLY JA 42 -14.89 10.35 19.00
CA GLY JA 42 -16.02 11.21 18.77
C GLY JA 42 -15.62 12.63 18.40
N SER JA 43 -16.63 13.47 18.24
CA SER JA 43 -16.42 14.87 17.88
C SER JA 43 -16.13 15.70 19.12
N GLY JA 44 -15.20 16.63 18.99
CA GLY JA 44 -14.94 17.61 20.03
C GLY JA 44 -15.69 18.90 19.78
N THR JA 45 -15.47 19.86 20.67
CA THR JA 45 -16.16 21.14 20.60
C THR JA 45 -15.20 22.30 20.76
N ILE JA 46 -15.44 23.36 19.99
CA ILE JA 46 -14.73 24.63 20.12
C ILE JA 46 -15.73 25.67 20.66
N THR JA 47 -15.34 26.37 21.71
CA THR JA 47 -16.19 27.38 22.32
C THR JA 47 -15.40 28.68 22.44
N ASN JA 48 -16.06 29.81 22.23
CA ASN JA 48 -15.38 31.10 22.29
C ASN JA 48 -15.15 31.50 23.73
N SER JA 49 -13.89 31.56 24.15
CA SER JA 49 -13.54 31.94 25.51
C SER JA 49 -13.13 33.40 25.64
N THR JA 50 -12.95 34.11 24.53
CA THR JA 50 -12.57 35.52 24.59
C THR JA 50 -13.65 36.33 25.31
N ALA JA 51 -13.20 37.20 26.23
CA ALA JA 51 -14.13 37.94 27.06
C ALA JA 51 -13.56 39.31 27.37
N SER JA 52 -14.45 40.19 27.84
CA SER JA 52 -14.11 41.52 28.36
C SER JA 52 -13.45 42.42 27.33
N GLY JA 53 -13.61 42.10 26.04
CA GLY JA 53 -13.01 42.93 25.01
C GLY JA 53 -11.50 42.94 25.01
N SER JA 54 -10.87 41.95 25.62
CA SER JA 54 -9.41 41.84 25.60
C SER JA 54 -8.94 41.56 24.18
N SER JA 55 -7.69 41.92 23.91
CA SER JA 55 -7.20 41.95 22.53
C SER JA 55 -7.00 40.55 21.94
N ARG JA 56 -6.78 39.54 22.77
CA ARG JA 56 -6.36 38.24 22.29
C ARG JA 56 -7.52 37.25 22.34
N THR JA 57 -7.76 36.58 21.21
CA THR JA 57 -8.83 35.59 21.12
C THR JA 57 -8.37 34.25 21.65
N ILE JA 58 -9.17 33.65 22.53
CA ILE JA 58 -8.88 32.35 23.11
C ILE JA 58 -10.10 31.46 22.95
N TYR JA 59 -9.87 30.19 22.63
CA TYR JA 59 -10.93 29.22 22.40
C TYR JA 59 -10.74 27.99 23.27
N ASN JA 60 -11.83 27.52 23.84
CA ASN JA 60 -11.88 26.25 24.56
C ASN JA 60 -12.02 25.13 23.53
N ILE JA 61 -11.21 24.08 23.70
CA ILE JA 61 -11.33 22.88 22.88
C ILE JA 61 -11.50 21.70 23.82
N THR JA 62 -12.59 20.96 23.63
CA THR JA 62 -12.91 19.79 24.44
C THR JA 62 -12.97 18.57 23.54
N ILE JA 63 -12.22 17.52 23.90
CA ILE JA 63 -12.14 16.30 23.12
C ILE JA 63 -12.05 15.11 24.07
N THR JA 64 -12.65 13.99 23.66
CA THR JA 64 -12.53 12.76 24.42
C THR JA 64 -11.28 12.00 23.95
N VAL JA 65 -10.41 11.67 24.89
CA VAL JA 65 -9.07 11.19 24.60
C VAL JA 65 -8.82 9.90 25.37
N LYS JA 66 -8.33 8.88 24.67
CA LYS JA 66 -8.05 7.58 25.26
C LYS JA 66 -6.58 7.24 25.01
N ASN JA 67 -5.79 7.17 26.08
CA ASN JA 67 -4.38 6.86 25.98
C ASN JA 67 -4.22 5.35 26.12
N THR JA 68 -3.96 4.68 25.00
CA THR JA 68 -3.79 3.23 25.01
C THR JA 68 -2.38 2.80 25.39
N GLY JA 69 -1.44 3.74 25.52
CA GLY JA 69 -0.06 3.41 25.83
C GLY JA 69 0.18 3.26 27.33
N THR JA 70 1.44 3.04 27.66
CA THR JA 70 1.86 2.89 29.05
C THR JA 70 2.59 4.11 29.59
N THR JA 71 2.56 5.23 28.86
CA THR JA 71 3.30 6.42 29.25
C THR JA 71 2.39 7.64 29.21
N SER JA 72 2.69 8.60 30.07
CA SER JA 72 1.95 9.86 30.08
C SER JA 72 2.28 10.67 28.83
N ILE JA 73 1.26 11.30 28.24
CA ILE JA 73 1.41 11.99 26.97
C ILE JA 73 0.66 13.31 27.07
N SER JA 74 1.23 14.36 26.47
CA SER JA 74 0.64 15.69 26.50
C SER JA 74 0.48 16.23 25.08
N VAL JA 75 -0.45 17.17 24.92
CA VAL JA 75 -0.65 17.84 23.64
C VAL JA 75 0.45 18.88 23.45
N THR JA 76 0.80 19.14 22.19
CA THR JA 76 1.86 20.11 21.91
C THR JA 76 1.36 21.20 20.96
N SER JA 77 0.41 20.87 20.10
CA SER JA 77 -0.13 21.84 19.16
C SER JA 77 -1.44 21.30 18.59
N ILE JA 78 -2.19 22.18 17.95
CA ILE JA 78 -3.39 21.80 17.22
C ILE JA 78 -3.48 22.64 15.96
N ASN JA 79 -3.95 22.03 14.88
CA ASN JA 79 -4.21 22.73 13.63
C ASN JA 79 -5.69 22.58 13.29
N ILE JA 80 -6.39 23.70 13.19
CA ILE JA 80 -7.82 23.71 12.93
C ILE JA 80 -8.08 24.42 11.62
N ASN JA 81 -8.76 23.73 10.70
CA ASN JA 81 -9.16 24.31 9.42
C ASN JA 81 -7.98 24.83 8.62
N GLY JA 82 -6.82 24.18 8.76
CA GLY JA 82 -5.61 24.60 8.09
C GLY JA 82 -4.81 25.66 8.80
N GLN JA 83 -5.30 26.15 9.93
CA GLN JA 83 -4.65 27.23 10.68
C GLN JA 83 -4.00 26.69 11.93
N PRO JA 84 -2.75 27.03 12.21
CA PRO JA 84 -2.12 26.55 13.46
C PRO JA 84 -2.57 27.36 14.66
N PHE JA 85 -2.71 26.68 15.80
CA PHE JA 85 -3.08 27.32 17.05
C PHE JA 85 -2.07 26.93 18.12
N ASN JA 86 -1.83 27.84 19.05
CA ASN JA 86 -0.91 27.60 20.15
C ASN JA 86 -1.71 27.23 21.39
N ILE JA 87 -1.23 26.21 22.12
CA ILE JA 87 -1.91 25.75 23.32
C ILE JA 87 -1.56 26.67 24.48
N ASN JA 88 -2.42 27.65 24.73
CA ASN JA 88 -2.23 28.55 25.86
C ASN JA 88 -2.18 27.74 27.15
N GLY JA 89 -1.24 28.10 28.01
CA GLY JA 89 -1.16 27.54 29.34
C GLY JA 89 -0.45 26.20 29.40
N THR JA 90 -0.38 25.66 30.61
CA THR JA 90 0.15 24.33 30.83
C THR JA 90 -0.68 23.31 30.05
N ALA JA 91 -0.05 22.66 29.09
CA ALA JA 91 -0.76 21.74 28.22
C ALA JA 91 -1.27 20.54 29.02
N PRO JA 92 -2.48 20.06 28.75
CA PRO JA 92 -3.00 18.91 29.49
C PRO JA 92 -2.18 17.65 29.24
N SER JA 93 -2.09 16.82 30.27
CA SER JA 93 -1.41 15.54 30.20
C SER JA 93 -2.44 14.42 30.33
N ILE JA 94 -2.34 13.43 29.47
CA ILE JA 94 -3.30 12.32 29.43
C ILE JA 94 -2.63 11.10 30.06
N PRO JA 95 -3.10 10.64 31.21
CA PRO JA 95 -2.45 9.51 31.88
C PRO JA 95 -2.60 8.22 31.10
N ALA JA 96 -1.71 7.28 31.40
CA ALA JA 96 -1.67 6.01 30.68
C ALA JA 96 -2.93 5.19 30.94
N GLY JA 97 -3.41 4.52 29.89
CA GLY JA 97 -4.52 3.58 30.01
C GLY JA 97 -5.85 4.19 30.38
N ARG JA 98 -6.02 5.50 30.26
CA ARG JA 98 -7.19 6.19 30.76
C ARG JA 98 -7.92 6.92 29.64
N THR JA 99 -9.25 6.91 29.72
CA THR JA 99 -10.09 7.68 28.82
C THR JA 99 -10.66 8.86 29.59
N GLN JA 100 -10.46 10.06 29.07
CA GLN JA 100 -10.81 11.29 29.77
C GLN JA 100 -11.39 12.31 28.81
N PRO JA 101 -12.30 13.17 29.29
CA PRO JA 101 -12.57 14.43 28.58
C PRO JA 101 -11.46 15.42 28.87
N ILE JA 102 -10.76 15.84 27.82
CA ILE JA 102 -9.63 16.75 27.91
C ILE JA 102 -10.06 18.10 27.34
N THR JA 103 -9.87 19.15 28.12
CA THR JA 103 -10.24 20.51 27.71
C THR JA 103 -9.02 21.42 27.85
N PHE JA 104 -8.75 22.20 26.81
CA PHE JA 104 -7.61 23.10 26.85
C PHE JA 104 -7.89 24.34 26.02
N GLU JA 105 -7.22 25.43 26.37
CA GLU JA 105 -7.40 26.71 25.71
C GLU JA 105 -6.32 26.91 24.64
N VAL JA 106 -6.75 27.47 23.50
CA VAL JA 106 -5.86 27.70 22.38
C VAL JA 106 -6.02 29.14 21.90
N THR JA 107 -4.98 29.65 21.25
CA THR JA 107 -4.98 30.94 20.61
C THR JA 107 -4.45 30.79 19.19
N PRO JA 108 -4.95 31.58 18.24
CA PRO JA 108 -4.45 31.49 16.86
C PRO JA 108 -3.00 31.93 16.79
N ALA JA 109 -2.18 31.11 16.14
CA ALA JA 109 -0.77 31.48 15.96
C ALA JA 109 -0.62 32.66 15.01
N SER JA 110 -1.53 32.78 14.04
CA SER JA 110 -1.52 33.91 13.12
C SER JA 110 -2.92 34.11 12.58
N GLY JA 111 -3.19 35.33 12.13
CA GLY JA 111 -4.48 35.63 11.53
C GLY JA 111 -5.62 35.54 12.53
N LYS JA 112 -6.82 35.28 12.02
CA LYS JA 112 -8.01 35.14 12.86
C LYS JA 112 -8.92 34.07 12.28
N PRO JA 113 -9.54 33.27 13.14
CA PRO JA 113 -10.45 32.22 12.66
C PRO JA 113 -11.75 32.80 12.12
N ASN JA 114 -12.43 31.99 11.32
CA ASN JA 114 -13.71 32.34 10.71
C ASN JA 114 -14.82 31.38 11.11
N PHE JA 115 -14.78 30.89 12.34
CA PHE JA 115 -15.69 29.84 12.76
C PHE JA 115 -17.14 30.30 12.67
N SER JA 116 -18.01 29.36 12.31
CA SER JA 116 -19.44 29.61 12.21
C SER JA 116 -20.18 28.66 13.15
N PRO JA 117 -21.23 29.13 13.82
CA PRO JA 117 -21.95 28.28 14.77
C PRO JA 117 -22.49 27.03 14.10
N GLY JA 118 -22.26 25.89 14.75
CA GLY JA 118 -22.74 24.62 14.26
C GLY JA 118 -21.91 23.98 13.19
N ALA JA 119 -20.91 24.67 12.65
CA ALA JA 119 -20.06 24.09 11.61
C ALA JA 119 -19.08 23.11 12.20
N SER JA 120 -18.68 22.14 11.39
CA SER JA 120 -17.73 21.10 11.78
C SER JA 120 -16.42 21.33 11.03
N TYR JA 121 -15.32 21.42 11.78
CA TYR JA 121 -14.01 21.72 11.24
C TYR JA 121 -13.07 20.56 11.51
N THR JA 122 -12.35 20.13 10.47
CA THR JA 122 -11.35 19.10 10.65
C THR JA 122 -10.10 19.69 11.29
N ALA JA 123 -9.61 19.03 12.33
CA ALA JA 123 -8.44 19.47 13.07
C ALA JA 123 -7.48 18.31 13.25
N THR JA 124 -6.25 18.64 13.62
CA THR JA 124 -5.22 17.65 13.91
C THR JA 124 -4.55 18.05 15.23
N ILE JA 125 -4.57 17.13 16.19
CA ILE JA 125 -3.98 17.38 17.50
C ILE JA 125 -2.67 16.62 17.59
N TYR JA 126 -1.59 17.33 17.91
CA TYR JA 126 -0.26 16.74 17.93
C TYR JA 126 0.18 16.50 19.38
N PHE JA 127 0.63 15.29 19.65
CA PHE JA 127 0.97 14.87 20.99
C PHE JA 127 2.49 14.71 21.12
N SER JA 128 2.95 14.54 22.37
CA SER JA 128 4.37 14.63 22.64
C SER JA 128 5.18 13.54 21.94
N ASN JA 129 4.57 12.42 21.55
CA ASN JA 129 5.31 11.43 20.78
C ASN JA 129 5.56 11.88 19.34
N GLY JA 130 4.94 12.98 18.91
CA GLY JA 130 4.97 13.38 17.53
C GLY JA 130 3.80 12.88 16.70
N GLN JA 131 3.08 11.87 17.19
CA GLN JA 131 1.90 11.37 16.50
C GLN JA 131 0.80 12.42 16.52
N GLY JA 132 0.01 12.45 15.47
CA GLY JA 132 -1.04 13.43 15.34
C GLY JA 132 -2.38 12.81 15.01
N ALA JA 133 -3.36 13.05 15.86
CA ALA JA 133 -4.69 12.46 15.68
C ALA JA 133 -5.59 13.43 14.94
N PRO JA 134 -6.16 13.03 13.80
CA PRO JA 134 -7.21 13.86 13.18
C PRO JA 134 -8.51 13.74 13.97
N ALA JA 135 -9.23 14.86 14.05
CA ALA JA 135 -10.46 14.95 14.80
C ALA JA 135 -11.40 15.92 14.10
N THR JA 136 -12.67 15.87 14.49
CA THR JA 136 -13.67 16.82 14.01
C THR JA 136 -14.18 17.62 15.18
N LEU JA 137 -14.11 18.94 15.08
CA LEU JA 137 -14.52 19.84 16.16
C LEU JA 137 -15.71 20.67 15.68
N ILE JA 138 -16.77 20.67 16.47
CA ILE JA 138 -17.96 21.45 16.19
C ILE JA 138 -17.88 22.76 16.95
N TYR JA 139 -18.12 23.88 16.27
CA TYR JA 139 -18.07 25.18 16.91
C TYR JA 139 -19.41 25.48 17.56
N GLN JA 140 -19.43 25.59 18.89
CA GLN JA 140 -20.66 25.80 19.64
C GLN JA 140 -20.95 27.26 19.94
N GLY JA 141 -20.05 28.17 19.62
CA GLY JA 141 -20.26 29.58 19.90
C GLY JA 141 -19.85 29.98 21.31
N LEU KA 1 52.40 -9.47 9.45
CA LEU KA 1 52.08 -8.12 9.88
C LEU KA 1 51.08 -7.46 8.93
N SER KA 2 50.95 -8.02 7.73
CA SER KA 2 50.16 -7.39 6.68
C SER KA 2 48.68 -7.33 7.03
N GLY KA 3 48.16 -8.41 7.65
CA GLY KA 3 46.73 -8.53 7.82
C GLY KA 3 46.11 -7.40 8.64
N ALA KA 4 46.79 -7.00 9.72
CA ALA KA 4 46.27 -5.92 10.55
C ALA KA 4 46.25 -4.60 9.80
N ILE KA 5 47.27 -4.34 9.00
CA ILE KA 5 47.31 -3.14 8.17
C ILE KA 5 46.14 -3.12 7.19
N VAL KA 6 45.91 -4.24 6.52
CA VAL KA 6 44.80 -4.33 5.57
C VAL KA 6 43.47 -4.12 6.29
N ALA KA 7 43.32 -4.72 7.48
CA ALA KA 7 42.10 -4.56 8.24
C ALA KA 7 41.85 -3.11 8.63
N LEU KA 8 42.92 -2.40 9.04
CA LEU KA 8 42.78 -0.99 9.38
C LEU KA 8 42.29 -0.19 8.17
N ILE KA 9 42.92 -0.39 7.02
CA ILE KA 9 42.51 0.32 5.81
C ILE KA 9 41.04 0.06 5.50
N LEU KA 10 40.65 -1.21 5.54
CA LEU KA 10 39.27 -1.55 5.17
C LEU KA 10 38.27 -1.02 6.18
N VAL KA 11 38.62 -0.99 7.47
CA VAL KA 11 37.71 -0.48 8.48
C VAL KA 11 37.42 1.00 8.24
N ILE KA 12 38.48 1.78 8.00
CA ILE KA 12 38.27 3.21 7.77
C ILE KA 12 37.47 3.44 6.49
N ALA KA 13 37.79 2.70 5.43
CA ALA KA 13 37.05 2.83 4.18
C ALA KA 13 35.58 2.48 4.37
N GLY KA 14 35.29 1.44 5.15
CA GLY KA 14 33.91 1.09 5.41
C GLY KA 14 33.15 2.20 6.11
N VAL KA 15 33.78 2.82 7.12
CA VAL KA 15 33.15 3.98 7.78
C VAL KA 15 32.80 5.04 6.76
N ILE KA 16 33.78 5.38 5.90
CA ILE KA 16 33.57 6.47 4.94
C ILE KA 16 32.41 6.15 3.99
N ILE KA 17 32.42 4.94 3.42
CA ILE KA 17 31.41 4.61 2.41
C ILE KA 17 30.03 4.50 3.04
N ALA KA 18 29.94 3.97 4.26
CA ALA KA 18 28.64 3.88 4.92
C ALA KA 18 28.06 5.26 5.18
N ILE KA 19 28.88 6.19 5.65
CA ILE KA 19 28.39 7.56 5.87
C ILE KA 19 27.94 8.18 4.56
N ALA KA 20 28.70 7.94 3.48
CA ALA KA 20 28.32 8.48 2.17
C ALA KA 20 26.96 7.94 1.73
N VAL KA 21 26.73 6.65 1.93
CA VAL KA 21 25.45 6.05 1.53
C VAL KA 21 24.30 6.65 2.35
N VAL KA 22 24.52 6.84 3.65
CA VAL KA 22 23.47 7.44 4.48
C VAL KA 22 23.13 8.84 3.99
N LEU KA 23 24.16 9.64 3.69
CA LEU KA 23 23.90 10.99 3.21
C LEU KA 23 23.22 10.99 1.85
N PHE KA 24 23.53 10.03 0.98
CA PHE KA 24 22.80 9.90 -0.28
C PHE KA 24 21.34 9.58 -0.04
N ALA KA 25 21.05 8.69 0.91
CA ALA KA 25 19.68 8.37 1.24
C ALA KA 25 18.93 9.61 1.69
N PHE KA 26 19.58 10.45 2.51
CA PHE KA 26 18.94 11.70 2.91
C PHE KA 26 18.80 12.68 1.76
N GLY KA 27 19.74 12.68 0.81
CA GLY KA 27 19.69 13.62 -0.29
C GLY KA 27 18.67 13.28 -1.36
N LEU KA 28 18.23 12.02 -1.41
CA LEU KA 28 17.24 11.65 -2.42
C LEU KA 28 15.89 12.34 -2.21
N ILE KA 29 15.59 12.74 -0.98
CA ILE KA 29 14.22 13.13 -0.63
C ILE KA 29 13.65 14.26 -1.49
N PRO KA 30 14.37 15.35 -1.76
CA PRO KA 30 13.76 16.45 -2.52
C PRO KA 30 13.25 16.07 -3.89
N GLY KA 31 13.85 15.07 -4.54
CA GLY KA 31 13.41 14.70 -5.88
C GLY KA 31 12.02 14.09 -5.91
N ILE KA 32 11.57 13.53 -4.79
CA ILE KA 32 10.26 12.89 -4.75
C ILE KA 32 9.14 13.92 -4.92
N SER KA 33 9.34 15.13 -4.40
CA SER KA 33 8.29 16.14 -4.40
C SER KA 33 7.80 16.45 -5.81
N ASN KA 34 8.70 16.44 -6.80
CA ASN KA 34 8.35 16.87 -8.15
C ASN KA 34 7.45 15.88 -8.87
N GLN KA 35 7.25 14.69 -8.31
CA GLN KA 35 6.43 13.68 -9.00
C GLN KA 35 4.96 14.02 -9.04
N GLY KA 36 4.51 15.04 -8.31
CA GLY KA 36 3.09 15.38 -8.30
C GLY KA 36 2.79 16.82 -8.65
N SER KA 37 3.63 17.42 -9.50
CA SER KA 37 3.54 18.86 -9.75
C SER KA 37 2.28 19.23 -10.52
N ILE KA 38 1.77 18.34 -11.38
CA ILE KA 38 0.74 18.68 -12.34
C ILE KA 38 -0.55 17.96 -12.01
N GLN KA 39 -1.67 18.65 -12.23
CA GLN KA 39 -2.99 18.01 -12.16
C GLN KA 39 -3.87 18.51 -13.29
N VAL KA 40 -4.58 17.58 -13.94
CA VAL KA 40 -5.49 17.91 -15.04
C VAL KA 40 -6.84 18.28 -14.45
N LEU KA 41 -7.41 19.38 -14.93
CA LEU KA 41 -8.66 19.92 -14.42
C LEU KA 41 -9.76 19.72 -15.45
N GLY KA 42 -10.84 19.06 -15.03
CA GLY KA 42 -12.04 18.97 -15.85
C GLY KA 42 -11.85 18.11 -17.08
N SER KA 43 -12.87 18.14 -17.93
CA SER KA 43 -12.84 17.38 -19.17
C SER KA 43 -12.00 18.09 -20.22
N GLY KA 44 -11.63 17.33 -21.26
CA GLY KA 44 -10.95 17.87 -22.41
C GLY KA 44 -11.70 17.51 -23.68
N THR KA 45 -11.13 17.92 -24.81
CA THR KA 45 -11.78 17.77 -26.09
C THR KA 45 -10.82 17.17 -27.12
N ILE KA 46 -11.31 16.18 -27.86
CA ILE KA 46 -10.63 15.64 -29.04
C ILE KA 46 -11.33 16.16 -30.28
N THR KA 47 -10.54 16.50 -31.29
CA THR KA 47 -11.07 17.00 -32.56
C THR KA 47 -10.28 16.41 -33.71
N ASN KA 48 -10.96 16.15 -34.82
CA ASN KA 48 -10.34 15.59 -36.02
C ASN KA 48 -9.72 16.70 -36.85
N SER KA 49 -8.43 16.54 -37.17
CA SER KA 49 -7.64 17.62 -37.77
C SER KA 49 -6.78 17.12 -38.93
N THR KA 50 -7.38 16.35 -39.83
CA THR KA 50 -6.63 15.82 -40.97
C THR KA 50 -7.38 16.08 -42.27
N ALA KA 51 -6.62 16.28 -43.34
CA ALA KA 51 -7.17 16.64 -44.64
C ALA KA 51 -7.47 15.39 -45.47
N SER KA 52 -8.18 15.61 -46.58
CA SER KA 52 -8.54 14.50 -47.46
C SER KA 52 -7.31 13.91 -48.11
N GLY KA 53 -7.24 12.57 -48.13
CA GLY KA 53 -6.12 11.89 -48.73
C GLY KA 53 -4.83 11.97 -47.95
N SER KA 54 -4.88 12.44 -46.71
CA SER KA 54 -3.67 12.57 -45.91
C SER KA 54 -3.09 11.21 -45.58
N SER KA 55 -1.82 11.19 -45.22
CA SER KA 55 -1.17 9.94 -44.85
C SER KA 55 -1.68 9.42 -43.50
N ARG KA 56 -2.22 10.30 -42.66
CA ARG KA 56 -2.50 9.93 -41.28
C ARG KA 56 -3.61 10.80 -40.72
N THR KA 57 -4.39 10.21 -39.82
CA THR KA 57 -5.31 10.98 -38.99
C THR KA 57 -4.54 11.68 -37.89
N ILE KA 58 -4.90 12.93 -37.62
CA ILE KA 58 -4.33 13.63 -36.49
C ILE KA 58 -5.45 14.33 -35.73
N TYR KA 59 -5.41 14.23 -34.41
CA TYR KA 59 -6.44 14.73 -33.52
C TYR KA 59 -5.84 15.81 -32.63
N ASN KA 60 -6.49 16.97 -32.60
CA ASN KA 60 -6.18 18.02 -31.65
C ASN KA 60 -6.81 17.68 -30.31
N ILE KA 61 -6.02 17.69 -29.24
CA ILE KA 61 -6.51 17.39 -27.91
C ILE KA 61 -6.25 18.60 -27.04
N THR KA 62 -7.31 19.12 -26.44
CA THR KA 62 -7.25 20.27 -25.54
C THR KA 62 -7.63 19.83 -24.13
N ILE KA 63 -6.75 20.12 -23.17
CA ILE KA 63 -7.00 19.82 -21.76
C ILE KA 63 -6.51 21.00 -20.93
N THR KA 64 -7.23 21.31 -19.86
CA THR KA 64 -6.76 22.28 -18.89
C THR KA 64 -5.85 21.58 -17.88
N VAL KA 65 -4.64 22.10 -17.72
CA VAL KA 65 -3.67 21.51 -16.79
C VAL KA 65 -3.15 22.61 -15.87
N LYS KA 66 -2.95 22.25 -14.60
CA LYS KA 66 -2.43 23.15 -13.59
C LYS KA 66 -1.09 22.63 -13.11
N ASN KA 67 -0.07 23.48 -13.19
CA ASN KA 67 1.27 23.16 -12.75
C ASN KA 67 1.58 23.86 -11.44
N THR KA 68 2.07 23.11 -10.47
CA THR KA 68 2.39 23.63 -9.16
C THR KA 68 3.88 23.64 -8.85
N GLY KA 69 4.72 23.08 -9.71
CA GLY KA 69 6.15 23.05 -9.47
C GLY KA 69 6.85 24.31 -9.91
N THR KA 70 8.16 24.35 -9.64
CA THR KA 70 8.97 25.51 -9.99
C THR KA 70 9.43 25.49 -11.44
N THR KA 71 9.20 24.39 -12.17
CA THR KA 71 9.77 24.20 -13.49
C THR KA 71 8.67 23.90 -14.49
N SER KA 72 8.92 24.28 -15.75
CA SER KA 72 7.99 24.00 -16.82
C SER KA 72 7.99 22.52 -17.16
N ILE KA 73 6.81 21.95 -17.37
CA ILE KA 73 6.66 20.53 -17.63
C ILE KA 73 5.86 20.37 -18.93
N SER KA 74 6.18 19.31 -19.68
CA SER KA 74 5.59 19.09 -20.98
C SER KA 74 4.99 17.68 -21.06
N VAL KA 75 4.05 17.51 -22.00
CA VAL KA 75 3.47 16.20 -22.24
C VAL KA 75 4.46 15.33 -23.01
N THR KA 76 4.44 14.04 -22.73
CA THR KA 76 5.30 13.08 -23.43
C THR KA 76 4.53 11.98 -24.15
N SER KA 77 3.40 11.54 -23.60
CA SER KA 77 2.60 10.52 -24.26
C SER KA 77 1.18 10.61 -23.74
N ILE KA 78 0.25 10.07 -24.53
CA ILE KA 78 -1.15 9.99 -24.16
C ILE KA 78 -1.67 8.60 -24.54
N ASN KA 79 -2.52 8.05 -23.69
CA ASN KA 79 -3.15 6.75 -23.91
C ASN KA 79 -4.65 6.95 -23.81
N ILE KA 80 -5.34 6.83 -24.94
CA ILE KA 80 -6.77 7.10 -25.02
C ILE KA 80 -7.50 5.80 -25.28
N ASN KA 81 -8.47 5.47 -24.41
CA ASN KA 81 -9.34 4.31 -24.59
C ASN KA 81 -8.53 3.02 -24.67
N GLY KA 82 -7.33 3.02 -24.09
CA GLY KA 82 -6.44 1.88 -24.10
C GLY KA 82 -5.36 1.95 -25.16
N GLN KA 83 -5.61 2.67 -26.25
CA GLN KA 83 -4.67 2.77 -27.36
C GLN KA 83 -3.64 3.87 -27.11
N PRO KA 84 -2.36 3.61 -27.33
CA PRO KA 84 -1.34 4.66 -27.19
C PRO KA 84 -1.27 5.54 -28.42
N PHE KA 85 -1.03 6.84 -28.20
CA PHE KA 85 -0.95 7.82 -29.27
C PHE KA 85 0.40 8.52 -29.25
N ASN KA 86 0.83 9.00 -30.42
CA ASN KA 86 2.12 9.64 -30.59
C ASN KA 86 1.92 11.12 -30.90
N ILE KA 87 2.69 11.98 -30.26
CA ILE KA 87 2.47 13.43 -30.30
C ILE KA 87 3.25 14.04 -31.45
N ASN KA 88 2.55 14.79 -32.32
CA ASN KA 88 3.21 15.54 -33.38
C ASN KA 88 4.01 16.70 -32.80
N GLY KA 89 5.14 17.00 -33.44
CA GLY KA 89 5.83 18.26 -33.24
C GLY KA 89 6.34 18.50 -31.83
N THR KA 90 6.62 19.77 -31.56
CA THR KA 90 7.16 20.18 -30.27
C THR KA 90 6.05 20.14 -29.22
N ALA KA 91 6.23 19.31 -28.20
CA ALA KA 91 5.22 19.16 -27.17
C ALA KA 91 5.05 20.47 -26.41
N PRO KA 92 3.82 20.85 -26.06
CA PRO KA 92 3.62 22.12 -25.34
C PRO KA 92 4.22 22.07 -23.95
N SER KA 93 4.70 23.22 -23.49
CA SER KA 93 5.26 23.37 -22.16
C SER KA 93 4.28 24.10 -21.27
N ILE KA 94 4.16 23.63 -20.03
CA ILE KA 94 3.22 24.20 -19.07
C ILE KA 94 3.99 25.05 -18.08
N PRO KA 95 3.77 26.37 -18.07
CA PRO KA 95 4.58 27.25 -17.21
C PRO KA 95 4.45 26.91 -15.74
N ALA KA 96 5.44 27.35 -14.97
CA ALA KA 96 5.67 26.83 -13.61
C ALA KA 96 4.40 26.88 -12.74
N GLY KA 97 3.88 28.07 -12.49
CA GLY KA 97 2.79 28.21 -11.57
C GLY KA 97 1.42 28.43 -12.18
N ARG KA 98 1.29 28.32 -13.50
CA ARG KA 98 0.08 28.74 -14.18
C ARG KA 98 -0.85 27.56 -14.46
N THR KA 99 -2.14 27.87 -14.59
CA THR KA 99 -3.16 26.93 -15.04
C THR KA 99 -3.58 27.33 -16.45
N GLN KA 100 -3.41 26.41 -17.40
CA GLN KA 100 -3.64 26.77 -18.79
C GLN KA 100 -4.39 25.70 -19.56
N PRO KA 101 -5.27 26.10 -20.49
CA PRO KA 101 -5.75 25.17 -21.52
C PRO KA 101 -4.68 24.95 -22.56
N ILE KA 102 -4.16 23.73 -22.63
CA ILE KA 102 -3.08 23.36 -23.55
C ILE KA 102 -3.66 22.45 -24.63
N THR KA 103 -3.22 22.67 -25.86
CA THR KA 103 -3.67 21.91 -27.01
C THR KA 103 -2.48 21.30 -27.72
N PHE KA 104 -2.60 20.04 -28.12
CA PHE KA 104 -1.52 19.38 -28.83
C PHE KA 104 -2.08 18.35 -29.80
N GLU KA 105 -1.30 18.04 -30.82
CA GLU KA 105 -1.69 17.17 -31.91
C GLU KA 105 -1.15 15.76 -31.68
N VAL KA 106 -2.01 14.76 -31.87
CA VAL KA 106 -1.62 13.37 -31.69
C VAL KA 106 -2.08 12.55 -32.90
N THR KA 107 -1.38 11.45 -33.14
CA THR KA 107 -1.71 10.50 -34.19
C THR KA 107 -1.63 9.09 -33.62
N PRO KA 108 -2.53 8.19 -34.03
CA PRO KA 108 -2.54 6.85 -33.43
C PRO KA 108 -1.32 6.04 -33.83
N ALA KA 109 -0.78 5.30 -32.86
CA ALA KA 109 0.40 4.47 -33.09
C ALA KA 109 0.05 3.01 -33.27
N SER KA 110 -0.94 2.50 -32.53
CA SER KA 110 -1.28 1.08 -32.60
C SER KA 110 -2.21 0.78 -33.77
N GLY KA 111 -3.23 1.60 -33.95
CA GLY KA 111 -4.19 1.36 -35.02
C GLY KA 111 -5.24 2.44 -35.04
N LYS KA 112 -6.09 2.37 -36.05
CA LYS KA 112 -7.08 3.41 -36.29
C LYS KA 112 -8.12 3.41 -35.17
N PRO KA 113 -8.28 4.52 -34.44
CA PRO KA 113 -9.32 4.58 -33.42
C PRO KA 113 -10.64 5.06 -34.02
N ASN KA 114 -11.72 4.35 -33.70
CA ASN KA 114 -13.05 4.69 -34.23
C ASN KA 114 -13.79 5.55 -33.19
N PHE KA 115 -13.35 6.80 -33.10
CA PHE KA 115 -14.03 7.74 -32.21
C PHE KA 115 -15.45 8.00 -32.70
N SER KA 116 -16.36 8.20 -31.75
CA SER KA 116 -17.76 8.43 -32.04
C SER KA 116 -18.15 9.84 -31.61
N PRO KA 117 -18.86 10.59 -32.46
CA PRO KA 117 -19.23 11.97 -32.10
C PRO KA 117 -19.96 12.08 -30.78
N GLY KA 118 -19.44 12.92 -29.88
CA GLY KA 118 -20.05 13.15 -28.59
C GLY KA 118 -19.72 12.14 -27.52
N ALA KA 119 -18.95 11.09 -27.85
CA ALA KA 119 -18.64 10.06 -26.88
C ALA KA 119 -17.61 10.56 -25.87
N SER KA 120 -17.55 9.88 -24.73
CA SER KA 120 -16.62 10.19 -23.65
C SER KA 120 -15.60 9.06 -23.53
N TYR KA 121 -14.32 9.42 -23.47
CA TYR KA 121 -13.24 8.45 -23.43
C TYR KA 121 -12.32 8.75 -22.27
N THR KA 122 -11.86 7.69 -21.59
CA THR KA 122 -10.86 7.86 -20.55
C THR KA 122 -9.48 7.90 -21.18
N ALA KA 123 -8.61 8.73 -20.61
CA ALA KA 123 -7.25 8.86 -21.10
C ALA KA 123 -6.31 9.05 -19.92
N THR KA 124 -5.04 8.74 -20.13
CA THR KA 124 -3.99 9.04 -19.18
C THR KA 124 -2.97 9.94 -19.84
N ILE KA 125 -2.77 11.13 -19.29
CA ILE KA 125 -1.77 12.07 -19.77
C ILE KA 125 -0.49 11.84 -18.98
N TYR KA 126 0.62 11.61 -19.68
CA TYR KA 126 1.90 11.39 -19.03
C TYR KA 126 2.78 12.60 -19.29
N PHE KA 127 3.26 13.21 -18.22
CA PHE KA 127 4.02 14.45 -18.30
C PHE KA 127 5.51 14.17 -18.10
N SER KA 128 6.32 15.18 -18.44
CA SER KA 128 7.77 15.00 -18.43
C SER KA 128 8.31 14.75 -17.03
N ASN KA 129 7.60 15.15 -15.99
CA ASN KA 129 8.04 14.90 -14.62
C ASN KA 129 7.74 13.47 -14.17
N GLY KA 130 7.39 12.58 -15.09
CA GLY KA 130 7.11 11.21 -14.73
C GLY KA 130 5.78 11.00 -14.02
N GLN KA 131 4.80 11.86 -14.29
CA GLN KA 131 3.51 11.82 -13.61
C GLN KA 131 2.42 11.49 -14.60
N GLY KA 132 1.55 10.56 -14.23
CA GLY KA 132 0.37 10.21 -15.02
C GLY KA 132 -0.88 10.79 -14.38
N ALA KA 133 -1.75 11.33 -15.21
CA ALA KA 133 -2.96 11.98 -14.74
C ALA KA 133 -4.17 11.44 -15.51
N PRO KA 134 -5.19 10.92 -14.82
CA PRO KA 134 -6.41 10.53 -15.52
C PRO KA 134 -7.12 11.75 -16.09
N ALA KA 135 -7.79 11.56 -17.21
CA ALA KA 135 -8.53 12.63 -17.88
C ALA KA 135 -9.70 12.02 -18.63
N THR KA 136 -10.71 12.85 -18.87
CA THR KA 136 -11.90 12.45 -19.61
C THR KA 136 -12.03 13.37 -20.81
N LEU KA 137 -12.03 12.79 -22.01
CA LEU KA 137 -12.03 13.54 -23.25
C LEU KA 137 -13.32 13.30 -24.00
N ILE KA 138 -13.97 14.37 -24.41
CA ILE KA 138 -15.17 14.31 -25.25
C ILE KA 138 -14.74 14.52 -26.70
N TYR KA 139 -15.21 13.64 -27.58
CA TYR KA 139 -14.88 13.73 -29.00
C TYR KA 139 -15.88 14.68 -29.66
N GLN KA 140 -15.41 15.86 -30.06
CA GLN KA 140 -16.28 16.88 -30.62
C GLN KA 140 -16.54 16.71 -32.11
N GLY KA 141 -15.77 15.87 -32.80
CA GLY KA 141 -15.95 15.69 -34.22
C GLY KA 141 -14.65 15.50 -34.99
N LEU LA 1 47.40 -10.36 3.47
CA LEU LA 1 47.20 -10.11 2.05
C LEU LA 1 45.83 -10.62 1.60
N SER LA 2 45.30 -11.61 2.33
CA SER LA 2 44.05 -12.23 1.93
C SER LA 2 42.85 -11.31 2.17
N GLY LA 3 42.96 -10.40 3.13
CA GLY LA 3 41.81 -9.59 3.51
C GLY LA 3 41.28 -8.74 2.37
N ALA LA 4 42.18 -8.15 1.59
CA ALA LA 4 41.76 -7.33 0.46
C ALA LA 4 41.04 -8.17 -0.60
N ILE LA 5 41.55 -9.37 -0.88
CA ILE LA 5 40.91 -10.24 -1.86
C ILE LA 5 39.54 -10.67 -1.37
N VAL LA 6 39.41 -11.00 -0.09
CA VAL LA 6 38.11 -11.37 0.46
C VAL LA 6 37.14 -10.20 0.36
N ALA LA 7 37.59 -9.00 0.67
CA ALA LA 7 36.74 -7.82 0.58
C ALA LA 7 36.29 -7.58 -0.86
N LEU LA 8 37.20 -7.74 -1.82
CA LEU LA 8 36.85 -7.56 -3.22
C LEU LA 8 35.80 -8.57 -3.67
N ILE LA 9 35.99 -9.84 -3.30
CA ILE LA 9 35.02 -10.87 -3.67
C ILE LA 9 33.66 -10.54 -3.07
N LEU LA 10 33.63 -10.16 -1.79
CA LEU LA 10 32.36 -9.88 -1.15
C LEU LA 10 31.69 -8.65 -1.74
N VAL LA 11 32.47 -7.64 -2.15
CA VAL LA 11 31.87 -6.45 -2.75
C VAL LA 11 31.21 -6.79 -4.08
N ILE LA 12 31.92 -7.51 -4.95
CA ILE LA 12 31.36 -7.87 -6.25
C ILE LA 12 30.14 -8.77 -6.07
N ALA LA 13 30.26 -9.74 -5.16
CA ALA LA 13 29.13 -10.65 -4.91
C ALA LA 13 27.95 -9.89 -4.32
N GLY LA 14 28.19 -8.86 -3.52
CA GLY LA 14 27.10 -8.06 -3.01
C GLY LA 14 26.35 -7.34 -4.10
N VAL LA 15 27.10 -6.77 -5.06
CA VAL LA 15 26.47 -6.16 -6.22
C VAL LA 15 25.58 -7.17 -6.94
N ILE LA 16 26.13 -8.36 -7.18
CA ILE LA 16 25.41 -9.39 -7.93
C ILE LA 16 24.13 -9.81 -7.18
N ILE LA 17 24.25 -10.04 -5.88
CA ILE LA 17 23.14 -10.55 -5.10
C ILE LA 17 22.04 -9.49 -4.98
N ALA LA 18 22.43 -8.23 -4.82
CA ALA LA 18 21.43 -7.16 -4.76
C ALA LA 18 20.64 -7.07 -6.07
N ILE LA 19 21.35 -7.16 -7.20
CA ILE LA 19 20.65 -7.13 -8.48
C ILE LA 19 19.72 -8.33 -8.62
N ALA LA 20 20.17 -9.50 -8.15
CA ALA LA 20 19.32 -10.69 -8.23
C ALA LA 20 18.06 -10.54 -7.40
N VAL LA 21 18.18 -9.95 -6.21
CA VAL LA 21 17.01 -9.71 -5.37
C VAL LA 21 16.05 -8.75 -6.06
N VAL LA 22 16.58 -7.69 -6.67
CA VAL LA 22 15.74 -6.74 -7.38
C VAL LA 22 14.97 -7.44 -8.49
N LEU LA 23 15.63 -8.33 -9.24
CA LEU LA 23 14.93 -9.03 -10.32
C LEU LA 23 13.87 -9.99 -9.78
N PHE LA 24 14.17 -10.67 -8.67
CA PHE LA 24 13.22 -11.60 -8.07
C PHE LA 24 11.94 -10.88 -7.65
N ALA LA 25 12.09 -9.67 -7.10
CA ALA LA 25 10.94 -8.89 -6.68
C ALA LA 25 9.93 -8.73 -7.82
N PHE LA 26 10.42 -8.35 -9.01
CA PHE LA 26 9.53 -8.23 -10.16
C PHE LA 26 9.04 -9.58 -10.64
N GLY LA 27 9.89 -10.60 -10.59
CA GLY LA 27 9.48 -11.93 -11.02
C GLY LA 27 8.32 -12.49 -10.22
N LEU LA 28 8.08 -11.96 -9.02
CA LEU LA 28 6.92 -12.45 -8.25
C LEU LA 28 5.57 -12.06 -8.85
N ILE LA 29 5.42 -10.84 -9.39
CA ILE LA 29 4.08 -10.31 -9.67
C ILE LA 29 3.26 -11.11 -10.68
N PRO LA 30 3.82 -11.63 -11.78
CA PRO LA 30 2.96 -12.36 -12.73
C PRO LA 30 2.32 -13.59 -12.11
N GLY LA 31 2.92 -14.17 -11.08
CA GLY LA 31 2.26 -15.24 -10.35
C GLY LA 31 1.09 -14.74 -9.53
N ILE LA 32 1.26 -13.61 -8.84
CA ILE LA 32 0.19 -13.08 -8.00
C ILE LA 32 -1.00 -12.64 -8.85
N SER LA 33 -0.74 -12.26 -10.11
CA SER LA 33 -1.86 -11.87 -10.96
C SER LA 33 -2.85 -13.00 -11.19
N ASN LA 34 -2.43 -14.25 -10.96
CA ASN LA 34 -3.34 -15.38 -11.11
C ASN LA 34 -4.44 -15.41 -10.06
N GLN LA 35 -4.31 -14.60 -9.00
CA GLN LA 35 -5.34 -14.55 -7.97
C GLN LA 35 -6.68 -14.10 -8.52
N GLY LA 36 -6.70 -13.41 -9.65
CA GLY LA 36 -7.93 -12.93 -10.24
C GLY LA 36 -8.19 -13.48 -11.63
N SER LA 37 -7.89 -14.76 -11.83
CA SER LA 37 -8.02 -15.36 -13.15
C SER LA 37 -9.47 -15.43 -13.61
N ILE LA 38 -10.41 -15.64 -12.70
CA ILE LA 38 -11.77 -16.03 -13.04
C ILE LA 38 -12.74 -14.89 -12.78
N GLN LA 39 -13.70 -14.74 -13.69
CA GLN LA 39 -14.82 -13.83 -13.53
C GLN LA 39 -16.12 -14.59 -13.76
N VAL LA 40 -17.08 -14.44 -12.85
CA VAL LA 40 -18.41 -15.02 -13.01
C VAL LA 40 -19.34 -13.93 -13.50
N LEU LA 41 -19.90 -14.12 -14.69
CA LEU LA 41 -20.64 -13.04 -15.35
C LEU LA 41 -22.03 -13.52 -15.75
N GLY LA 42 -23.00 -12.61 -15.63
CA GLY LA 42 -24.39 -12.95 -15.87
C GLY LA 42 -25.03 -13.54 -14.63
N SER LA 43 -26.37 -13.58 -14.67
CA SER LA 43 -27.12 -14.14 -13.56
C SER LA 43 -27.24 -15.65 -13.72
N GLY LA 44 -26.85 -16.39 -12.68
CA GLY LA 44 -26.94 -17.82 -12.70
C GLY LA 44 -28.33 -18.32 -12.29
N THR LA 45 -28.48 -19.63 -12.31
CA THR LA 45 -29.74 -20.27 -11.98
C THR LA 45 -29.52 -21.47 -11.08
N ILE LA 46 -30.40 -21.65 -10.11
CA ILE LA 46 -30.40 -22.80 -9.21
C ILE LA 46 -31.75 -23.50 -9.35
N THR LA 47 -31.70 -24.83 -9.53
CA THR LA 47 -32.90 -25.60 -9.85
C THR LA 47 -32.99 -26.84 -8.98
N ASN LA 48 -34.22 -27.24 -8.64
CA ASN LA 48 -34.43 -28.46 -7.87
C ASN LA 48 -34.08 -29.68 -8.71
N SER LA 49 -33.25 -30.56 -8.16
CA SER LA 49 -32.78 -31.73 -8.90
C SER LA 49 -32.78 -32.97 -8.02
N THR LA 50 -33.70 -33.04 -7.06
CA THR LA 50 -33.62 -34.04 -6.00
C THR LA 50 -34.23 -35.37 -6.37
N ALA LA 51 -34.92 -35.47 -7.52
CA ALA LA 51 -35.58 -36.70 -7.96
C ALA LA 51 -36.68 -37.13 -6.98
N SER LA 52 -37.64 -36.23 -6.75
CA SER LA 52 -38.89 -36.54 -6.06
C SER LA 52 -38.68 -37.12 -4.67
N GLY LA 53 -37.59 -36.73 -4.00
CA GLY LA 53 -37.31 -37.24 -2.67
C GLY LA 53 -36.37 -38.42 -2.62
N SER LA 54 -35.81 -38.84 -3.75
CA SER LA 54 -34.86 -39.95 -3.78
C SER LA 54 -33.44 -39.51 -3.46
N SER LA 55 -33.20 -38.23 -3.17
CA SER LA 55 -31.84 -37.76 -2.92
C SER LA 55 -31.86 -36.69 -1.84
N ARG LA 56 -30.70 -36.47 -1.23
CA ARG LA 56 -30.59 -35.54 -0.10
C ARG LA 56 -30.62 -34.08 -0.57
N THR LA 57 -31.76 -33.69 -1.16
CA THR LA 57 -32.04 -32.31 -1.58
C THR LA 57 -30.88 -31.74 -2.40
N ILE LA 58 -30.65 -32.34 -3.56
CA ILE LA 58 -29.54 -31.94 -4.42
C ILE LA 58 -30.04 -30.95 -5.47
N TYR LA 59 -29.36 -29.81 -5.58
CA TYR LA 59 -29.73 -28.70 -6.46
C TYR LA 59 -28.74 -28.56 -7.61
N ASN LA 60 -29.15 -27.81 -8.64
CA ASN LA 60 -28.34 -27.55 -9.83
C ASN LA 60 -27.91 -26.09 -9.78
N ILE LA 61 -26.61 -25.81 -9.85
CA ILE LA 61 -26.11 -24.45 -10.00
C ILE LA 61 -25.50 -24.32 -11.39
N THR LA 62 -26.05 -23.39 -12.18
CA THR LA 62 -25.51 -23.06 -13.50
C THR LA 62 -25.11 -21.59 -13.52
N ILE LA 63 -23.85 -21.32 -13.88
CA ILE LA 63 -23.33 -19.96 -13.96
C ILE LA 63 -22.33 -19.89 -15.10
N THR LA 64 -22.26 -18.73 -15.75
CA THR LA 64 -21.32 -18.51 -16.83
C THR LA 64 -20.00 -17.99 -16.26
N VAL LA 65 -18.91 -18.73 -16.50
CA VAL LA 65 -17.61 -18.45 -15.92
C VAL LA 65 -16.61 -18.20 -17.04
N LYS LA 66 -15.78 -17.18 -16.87
CA LYS LA 66 -14.73 -16.81 -17.80
C LYS LA 66 -13.39 -16.97 -17.10
N ASN LA 67 -12.46 -17.68 -17.73
CA ASN LA 67 -11.15 -17.94 -17.16
C ASN LA 67 -10.11 -17.23 -18.00
N THR LA 68 -9.38 -16.31 -17.37
CA THR LA 68 -8.34 -15.54 -18.06
C THR LA 68 -6.94 -16.07 -17.78
N GLY LA 69 -6.80 -17.03 -16.86
CA GLY LA 69 -5.50 -17.58 -16.57
C GLY LA 69 -5.05 -18.60 -17.60
N THR LA 70 -3.83 -19.10 -17.39
CA THR LA 70 -3.24 -20.08 -18.30
C THR LA 70 -3.42 -21.52 -17.81
N THR LA 71 -4.14 -21.72 -16.71
CA THR LA 71 -4.35 -23.05 -16.15
C THR LA 71 -5.84 -23.32 -15.98
N SER LA 72 -6.20 -24.60 -16.04
CA SER LA 72 -7.57 -24.99 -15.75
C SER LA 72 -7.83 -24.85 -14.25
N ILE LA 73 -8.96 -24.23 -13.91
CA ILE LA 73 -9.28 -23.90 -12.52
C ILE LA 73 -10.62 -24.51 -12.17
N SER LA 74 -10.73 -25.03 -10.95
CA SER LA 74 -11.88 -25.81 -10.53
C SER LA 74 -12.59 -25.16 -9.34
N VAL LA 75 -13.87 -25.49 -9.19
CA VAL LA 75 -14.69 -24.99 -8.08
C VAL LA 75 -14.43 -25.87 -6.87
N THR LA 76 -13.87 -25.28 -5.81
CA THR LA 76 -13.55 -26.05 -4.60
C THR LA 76 -14.69 -26.06 -3.60
N SER LA 77 -15.41 -24.95 -3.45
CA SER LA 77 -16.50 -24.89 -2.48
C SER LA 77 -17.47 -23.79 -2.91
N ILE LA 78 -18.67 -23.83 -2.33
CA ILE LA 78 -19.70 -22.84 -2.63
C ILE LA 78 -20.46 -22.51 -1.36
N ASN LA 79 -20.79 -21.23 -1.20
CA ASN LA 79 -21.64 -20.74 -0.12
C ASN LA 79 -22.80 -20.00 -0.76
N ILE LA 80 -24.02 -20.39 -0.41
CA ILE LA 80 -25.23 -19.81 -0.98
C ILE LA 80 -25.97 -19.05 0.12
N ASN LA 81 -26.06 -17.73 -0.05
CA ASN LA 81 -26.80 -16.87 0.88
C ASN LA 81 -26.32 -17.06 2.32
N GLY LA 82 -25.01 -17.23 2.49
CA GLY LA 82 -24.42 -17.42 3.79
C GLY LA 82 -24.34 -18.86 4.25
N GLN LA 83 -25.08 -19.77 3.63
CA GLN LA 83 -25.06 -21.16 4.07
C GLN LA 83 -23.99 -21.94 3.32
N PRO LA 84 -23.25 -22.81 3.99
CA PRO LA 84 -22.26 -23.63 3.30
C PRO LA 84 -22.94 -24.68 2.44
N PHE LA 85 -22.27 -25.06 1.35
CA PHE LA 85 -22.80 -26.09 0.46
C PHE LA 85 -21.65 -26.97 0.01
N ASN LA 86 -21.98 -28.21 -0.35
CA ASN LA 86 -20.99 -29.20 -0.77
C ASN LA 86 -21.33 -29.71 -2.16
N ILE LA 87 -20.34 -29.73 -3.05
CA ILE LA 87 -20.55 -30.24 -4.40
C ILE LA 87 -20.75 -31.75 -4.34
N ASN LA 88 -21.75 -32.25 -5.06
CA ASN LA 88 -22.11 -33.66 -4.96
C ASN LA 88 -21.25 -34.56 -5.84
N GLY LA 89 -20.89 -34.11 -7.04
CA GLY LA 89 -20.03 -34.87 -7.92
C GLY LA 89 -18.59 -34.40 -7.88
N THR LA 90 -17.84 -34.79 -8.90
CA THR LA 90 -16.49 -34.26 -9.06
C THR LA 90 -16.58 -32.77 -9.42
N ALA LA 91 -15.61 -32.00 -8.93
CA ALA LA 91 -15.65 -30.56 -9.13
C ALA LA 91 -15.51 -30.23 -10.61
N PRO LA 92 -16.35 -29.33 -11.14
CA PRO LA 92 -16.16 -28.90 -12.53
C PRO LA 92 -14.95 -27.99 -12.67
N SER LA 93 -14.38 -27.98 -13.87
CA SER LA 93 -13.13 -27.26 -14.13
C SER LA 93 -13.28 -26.42 -15.38
N ILE LA 94 -12.79 -25.20 -15.33
CA ILE LA 94 -12.89 -24.23 -16.42
C ILE LA 94 -11.54 -24.17 -17.13
N PRO LA 95 -11.47 -24.50 -18.41
CA PRO LA 95 -10.18 -24.43 -19.13
C PRO LA 95 -9.74 -22.99 -19.35
N ALA LA 96 -8.46 -22.87 -19.70
CA ALA LA 96 -7.86 -21.55 -19.89
C ALA LA 96 -8.49 -20.82 -21.07
N GLY LA 97 -8.66 -19.51 -20.93
CA GLY LA 97 -9.17 -18.67 -21.99
C GLY LA 97 -10.64 -18.83 -22.30
N ARG LA 98 -11.32 -19.81 -21.71
CA ARG LA 98 -12.70 -20.12 -22.07
C ARG LA 98 -13.67 -19.23 -21.32
N THR LA 99 -14.83 -19.02 -21.94
CA THR LA 99 -16.02 -18.50 -21.28
C THR LA 99 -17.15 -19.49 -21.55
N GLN LA 100 -17.64 -20.15 -20.50
CA GLN LA 100 -18.57 -21.23 -20.72
C GLN LA 100 -19.54 -21.37 -19.56
N PRO LA 101 -20.71 -21.96 -19.78
CA PRO LA 101 -21.64 -22.23 -18.68
C PRO LA 101 -21.23 -23.46 -17.87
N ILE LA 102 -20.78 -23.23 -16.65
CA ILE LA 102 -20.49 -24.33 -15.73
C ILE LA 102 -21.79 -24.71 -15.03
N THR LA 103 -21.97 -26.02 -14.83
CA THR LA 103 -23.14 -26.55 -14.15
C THR LA 103 -22.69 -27.66 -13.21
N PHE LA 104 -23.15 -27.60 -11.97
CA PHE LA 104 -22.74 -28.63 -11.01
C PHE LA 104 -23.82 -28.84 -9.95
N GLU LA 105 -23.81 -30.05 -9.40
CA GLU LA 105 -24.74 -30.44 -8.35
C GLU LA 105 -24.22 -30.01 -6.98
N VAL LA 106 -25.15 -29.67 -6.09
CA VAL LA 106 -24.78 -29.19 -4.77
C VAL LA 106 -25.77 -29.68 -3.72
N THR LA 107 -25.28 -29.82 -2.50
CA THR LA 107 -26.01 -30.31 -1.33
C THR LA 107 -25.86 -29.31 -0.19
N PRO LA 108 -26.85 -29.20 0.67
CA PRO LA 108 -26.69 -28.40 1.89
C PRO LA 108 -25.68 -29.07 2.82
N ALA LA 109 -24.72 -28.28 3.31
CA ALA LA 109 -23.77 -28.82 4.29
C ALA LA 109 -24.43 -29.10 5.62
N SER LA 110 -25.40 -28.27 6.01
CA SER LA 110 -26.16 -28.49 7.23
C SER LA 110 -27.55 -27.88 7.06
N GLY LA 111 -28.52 -28.48 7.74
CA GLY LA 111 -29.86 -27.95 7.65
C GLY LA 111 -30.52 -28.26 6.31
N LYS LA 112 -31.58 -27.53 6.03
CA LYS LA 112 -32.38 -27.70 4.82
C LYS LA 112 -32.86 -26.33 4.36
N PRO LA 113 -32.12 -25.70 3.46
CA PRO LA 113 -32.53 -24.37 2.99
C PRO LA 113 -33.69 -24.47 2.04
N ASN LA 114 -34.65 -23.57 2.19
CA ASN LA 114 -35.86 -23.56 1.37
C ASN LA 114 -35.81 -22.33 0.46
N PHE LA 115 -36.04 -22.54 -0.82
CA PHE LA 115 -35.98 -21.48 -1.81
C PHE LA 115 -37.37 -21.20 -2.37
N SER LA 116 -37.62 -19.94 -2.70
CA SER LA 116 -38.90 -19.55 -3.28
C SER LA 116 -38.74 -19.24 -4.76
N PRO LA 117 -39.73 -19.57 -5.58
CA PRO LA 117 -39.61 -19.36 -7.03
C PRO LA 117 -39.35 -17.92 -7.38
N GLY LA 118 -38.40 -17.69 -8.28
CA GLY LA 118 -38.10 -16.37 -8.77
C GLY LA 118 -37.27 -15.50 -7.84
N ALA LA 119 -36.95 -15.97 -6.64
CA ALA LA 119 -36.16 -15.18 -5.71
C ALA LA 119 -34.69 -15.19 -6.12
N SER LA 120 -33.97 -14.15 -5.72
CA SER LA 120 -32.55 -14.01 -6.01
C SER LA 120 -31.74 -14.33 -4.76
N TYR LA 121 -30.80 -15.25 -4.89
CA TYR LA 121 -29.94 -15.68 -3.79
C TYR LA 121 -28.50 -15.45 -4.19
N THR LA 122 -27.74 -14.78 -3.33
CA THR LA 122 -26.34 -14.53 -3.61
C THR LA 122 -25.51 -15.74 -3.21
N ALA LA 123 -24.58 -16.12 -4.09
CA ALA LA 123 -23.70 -17.24 -3.84
C ALA LA 123 -22.26 -16.82 -4.12
N THR LA 124 -21.35 -17.28 -3.26
CA THR LA 124 -19.92 -17.05 -3.47
C THR LA 124 -19.29 -18.36 -3.91
N ILE LA 125 -18.73 -18.38 -5.11
CA ILE LA 125 -18.07 -19.56 -5.64
C ILE LA 125 -16.57 -19.39 -5.41
N TYR LA 126 -15.99 -20.33 -4.68
CA TYR LA 126 -14.57 -20.31 -4.36
C TYR LA 126 -13.85 -21.23 -5.33
N PHE LA 127 -12.95 -20.68 -6.13
CA PHE LA 127 -12.22 -21.45 -7.12
C PHE LA 127 -10.84 -21.83 -6.58
N SER LA 128 -10.16 -22.70 -7.32
CA SER LA 128 -8.90 -23.25 -6.85
C SER LA 128 -7.82 -22.18 -6.67
N ASN LA 129 -7.99 -21.00 -7.26
CA ASN LA 129 -7.08 -19.90 -7.02
C ASN LA 129 -7.20 -19.33 -5.61
N GLY LA 130 -8.22 -19.75 -4.86
CA GLY LA 130 -8.60 -19.04 -3.66
C GLY LA 130 -9.49 -17.84 -3.93
N GLN LA 131 -9.74 -17.53 -5.19
CA GLN LA 131 -10.58 -16.40 -5.55
C GLN LA 131 -12.05 -16.72 -5.25
N GLY LA 132 -12.72 -15.78 -4.59
CA GLY LA 132 -14.13 -15.96 -4.30
C GLY LA 132 -14.99 -15.00 -5.10
N ALA LA 133 -15.72 -15.53 -6.07
CA ALA LA 133 -16.53 -14.70 -6.94
C ALA LA 133 -17.96 -14.63 -6.43
N PRO LA 134 -18.49 -13.46 -6.11
CA PRO LA 134 -19.91 -13.35 -5.80
C PRO LA 134 -20.75 -13.34 -7.07
N ALA LA 135 -21.89 -14.02 -7.02
CA ALA LA 135 -22.79 -14.14 -8.15
C ALA LA 135 -24.22 -14.20 -7.62
N THR LA 136 -25.17 -13.96 -8.52
CA THR LA 136 -26.58 -13.97 -8.17
C THR LA 136 -27.27 -15.11 -8.90
N LEU LA 137 -27.93 -15.98 -8.14
CA LEU LA 137 -28.66 -17.13 -8.69
C LEU LA 137 -30.15 -16.88 -8.55
N ILE LA 138 -30.89 -17.08 -9.62
CA ILE LA 138 -32.34 -17.00 -9.59
C ILE LA 138 -32.90 -18.41 -9.52
N TYR LA 139 -33.71 -18.67 -8.50
CA TYR LA 139 -34.27 -20.00 -8.31
C TYR LA 139 -35.37 -20.24 -9.35
N GLN LA 140 -35.32 -21.42 -9.98
CA GLN LA 140 -36.22 -21.74 -11.08
C GLN LA 140 -37.02 -23.01 -10.88
N GLY LA 141 -36.75 -23.78 -9.82
CA GLY LA 141 -37.43 -25.04 -9.61
C GLY LA 141 -38.84 -24.93 -9.07
N LEU MA 1 40.72 -13.33 6.13
CA LEU MA 1 39.73 -14.34 6.46
C LEU MA 1 38.59 -13.75 7.29
N SER MA 2 38.88 -12.63 7.96
CA SER MA 2 37.90 -12.04 8.87
C SER MA 2 36.63 -11.61 8.14
N GLY MA 3 36.78 -11.04 6.95
CA GLY MA 3 35.63 -10.48 6.26
C GLY MA 3 34.55 -11.51 5.96
N ALA MA 4 34.96 -12.70 5.50
CA ALA MA 4 33.99 -13.72 5.15
C ALA MA 4 33.21 -14.20 6.38
N ILE MA 5 33.91 -14.43 7.49
CA ILE MA 5 33.24 -14.89 8.71
C ILE MA 5 32.32 -13.82 9.26
N VAL MA 6 32.75 -12.55 9.22
CA VAL MA 6 31.90 -11.47 9.69
C VAL MA 6 30.66 -11.35 8.82
N ALA MA 7 30.83 -11.46 7.50
CA ALA MA 7 29.68 -11.40 6.60
C ALA MA 7 28.71 -12.55 6.86
N LEU MA 8 29.24 -13.75 7.12
CA LEU MA 8 28.38 -14.88 7.41
C LEU MA 8 27.61 -14.66 8.73
N ILE MA 9 28.30 -14.12 9.74
CA ILE MA 9 27.63 -13.81 11.00
C ILE MA 9 26.49 -12.85 10.77
N LEU MA 10 26.74 -11.78 10.00
CA LEU MA 10 25.71 -10.78 9.76
C LEU MA 10 24.57 -11.34 8.91
N VAL MA 11 24.87 -12.26 7.99
CA VAL MA 11 23.82 -12.89 7.19
C VAL MA 11 22.89 -13.70 8.08
N ILE MA 12 23.47 -14.53 8.95
CA ILE MA 12 22.64 -15.35 9.84
C ILE MA 12 21.83 -14.47 10.78
N ALA MA 13 22.46 -13.43 11.33
CA ALA MA 13 21.75 -12.54 12.24
C ALA MA 13 20.63 -11.78 11.54
N GLY MA 14 20.87 -11.38 10.28
CA GLY MA 14 19.81 -10.75 9.52
C GLY MA 14 18.64 -11.67 9.30
N VAL MA 15 18.92 -12.94 8.99
CA VAL MA 15 17.84 -13.93 8.87
C VAL MA 15 17.06 -14.00 10.17
N ILE MA 16 17.77 -14.06 11.29
CA ILE MA 16 17.11 -14.18 12.60
C ILE MA 16 16.19 -12.99 12.86
N ILE MA 17 16.71 -11.78 12.68
CA ILE MA 17 15.94 -10.59 13.01
C ILE MA 17 14.78 -10.41 12.05
N ALA MA 18 14.98 -10.70 10.76
CA ALA MA 18 13.91 -10.58 9.80
C ALA MA 18 12.78 -11.56 10.11
N ILE MA 19 13.12 -12.80 10.45
CA ILE MA 19 12.08 -13.76 10.81
C ILE MA 19 11.36 -13.33 12.08
N ALA MA 20 12.10 -12.75 13.03
CA ALA MA 20 11.46 -12.23 14.24
C ALA MA 20 10.45 -11.13 13.91
N VAL MA 21 10.81 -10.23 13.01
CA VAL MA 21 9.89 -9.16 12.61
C VAL MA 21 8.68 -9.72 11.88
N VAL MA 22 8.89 -10.74 11.05
CA VAL MA 22 7.77 -11.36 10.34
C VAL MA 22 6.80 -12.01 11.32
N LEU MA 23 7.34 -12.70 12.32
CA LEU MA 23 6.49 -13.32 13.34
C LEU MA 23 5.76 -12.26 14.16
N PHE MA 24 6.41 -11.12 14.40
CA PHE MA 24 5.74 -10.01 15.08
C PHE MA 24 4.58 -9.48 14.24
N ALA MA 25 4.79 -9.36 12.93
CA ALA MA 25 3.72 -8.93 12.03
C ALA MA 25 2.55 -9.91 12.08
N PHE MA 26 2.86 -11.21 12.10
CA PHE MA 26 1.80 -12.20 12.21
C PHE MA 26 1.08 -12.12 13.56
N GLY MA 27 1.80 -11.79 14.62
CA GLY MA 27 1.19 -11.65 15.93
C GLY MA 27 0.36 -10.40 16.11
N LEU MA 28 0.58 -9.38 15.28
CA LEU MA 28 -0.26 -8.18 15.35
C LEU MA 28 -1.69 -8.43 14.91
N ILE MA 29 -1.91 -9.39 14.01
CA ILE MA 29 -3.20 -9.58 13.35
C ILE MA 29 -4.36 -9.74 14.34
N PRO MA 30 -4.26 -10.58 15.38
CA PRO MA 30 -5.42 -10.74 16.27
C PRO MA 30 -5.89 -9.45 16.93
N GLY MA 31 -4.96 -8.56 17.29
CA GLY MA 31 -5.38 -7.30 17.91
C GLY MA 31 -6.12 -6.39 16.96
N ILE MA 32 -5.64 -6.29 15.72
CA ILE MA 32 -6.26 -5.40 14.74
C ILE MA 32 -7.50 -6.05 14.13
N SER MA 33 -7.44 -7.34 13.83
CA SER MA 33 -8.53 -8.04 13.17
C SER MA 33 -9.53 -8.43 14.24
N ASN MA 34 -10.54 -7.58 14.42
CA ASN MA 34 -11.57 -7.77 15.44
C ASN MA 34 -12.91 -7.42 14.80
N GLN MA 35 -13.57 -8.43 14.24
CA GLN MA 35 -14.89 -8.23 13.69
C GLN MA 35 -15.92 -8.13 14.82
N GLY MA 36 -17.15 -7.78 14.44
CA GLY MA 36 -18.18 -7.60 15.43
C GLY MA 36 -18.27 -6.16 15.91
N SER MA 37 -19.48 -5.72 16.20
CA SER MA 37 -19.71 -4.33 16.58
C SER MA 37 -21.04 -4.24 17.29
N ILE MA 38 -21.28 -3.11 17.95
CA ILE MA 38 -22.61 -2.83 18.45
C ILE MA 38 -23.44 -2.20 17.36
N GLN MA 39 -24.60 -2.78 17.12
CA GLN MA 39 -25.55 -2.33 16.11
C GLN MA 39 -26.78 -1.77 16.81
N VAL MA 40 -27.20 -0.58 16.41
CA VAL MA 40 -28.39 0.05 16.98
C VAL MA 40 -29.55 -0.22 16.03
N LEU MA 41 -30.58 -0.90 16.55
CA LEU MA 41 -31.68 -1.40 15.75
C LEU MA 41 -32.91 -0.54 15.99
N GLY MA 42 -33.48 -0.01 14.91
CA GLY MA 42 -34.70 0.77 15.02
C GLY MA 42 -34.48 2.13 15.66
N SER MA 43 -35.59 2.84 15.82
CA SER MA 43 -35.55 4.17 16.42
C SER MA 43 -35.58 4.08 17.94
N GLY MA 44 -34.80 4.94 18.59
CA GLY MA 44 -34.85 5.08 20.04
C GLY MA 44 -35.77 6.21 20.45
N THR MA 45 -35.83 6.44 21.76
CA THR MA 45 -36.71 7.45 22.32
C THR MA 45 -35.97 8.30 23.34
N ILE MA 46 -36.26 9.60 23.33
CA ILE MA 46 -35.81 10.54 24.34
C ILE MA 46 -37.02 11.00 25.14
N THR MA 47 -36.93 10.92 26.46
CA THR MA 47 -38.02 11.30 27.35
C THR MA 47 -37.47 12.26 28.41
N ASN MA 48 -38.27 13.26 28.78
CA ASN MA 48 -37.82 14.25 29.73
C ASN MA 48 -37.87 13.69 31.14
N SER MA 49 -36.70 13.55 31.77
CA SER MA 49 -36.62 13.01 33.12
C SER MA 49 -36.48 14.10 34.18
N THR MA 50 -36.26 15.35 33.79
CA THR MA 50 -36.13 16.43 34.75
C THR MA 50 -37.41 16.57 35.56
N ALA MA 51 -37.26 16.73 36.87
CA ALA MA 51 -38.42 16.76 37.75
C ALA MA 51 -38.14 17.67 38.93
N SER MA 52 -39.22 18.04 39.63
CA SER MA 52 -39.18 18.77 40.89
C SER MA 52 -38.54 20.15 40.77
N GLY MA 53 -38.45 20.69 39.56
CA GLY MA 53 -37.86 22.01 39.39
C GLY MA 53 -36.39 22.07 39.71
N SER MA 54 -35.70 20.94 39.73
CA SER MA 54 -34.26 20.94 39.96
C SER MA 54 -33.54 21.61 38.79
N SER MA 55 -32.33 22.10 39.07
CA SER MA 55 -31.68 23.01 38.14
C SER MA 55 -31.16 22.29 36.89
N ARG MA 56 -30.91 21.00 36.96
CA ARG MA 56 -30.22 20.28 35.90
C ARG MA 56 -31.20 19.43 35.10
N THR MA 57 -31.15 19.57 33.78
CA THR MA 57 -32.01 18.82 32.89
C THR MA 57 -31.41 17.45 32.60
N ILE MA 58 -32.22 16.40 32.75
CA ILE MA 58 -31.79 15.02 32.50
C ILE MA 58 -32.82 14.38 31.59
N TYR MA 59 -32.34 13.58 30.62
CA TYR MA 59 -33.19 12.92 29.66
C TYR MA 59 -32.92 11.43 29.64
N ASN MA 60 -33.98 10.65 29.56
CA ASN MA 60 -33.91 9.21 29.35
C ASN MA 60 -33.74 8.94 27.87
N ILE MA 61 -32.79 8.07 27.52
CA ILE MA 61 -32.60 7.62 26.16
C ILE MA 61 -32.71 6.11 26.16
N THR MA 62 -33.63 5.59 25.35
CA THR MA 62 -33.85 4.16 25.21
C THR MA 62 -33.59 3.76 23.77
N ILE MA 63 -32.73 2.76 23.58
CA ILE MA 63 -32.39 2.26 22.25
C ILE MA 63 -32.24 0.74 22.31
N THR MA 64 -32.53 0.09 21.19
CA THR MA 64 -32.30 -1.35 21.08
C THR MA 64 -30.90 -1.57 20.50
N VAL MA 65 -30.08 -2.34 21.22
CA VAL MA 65 -28.67 -2.48 20.90
C VAL MA 65 -28.32 -3.97 20.85
N LYS MA 66 -27.61 -4.37 19.79
CA LYS MA 66 -27.21 -5.76 19.55
C LYS MA 66 -25.69 -5.80 19.48
N ASN MA 67 -25.07 -6.48 20.44
CA ASN MA 67 -23.61 -6.60 20.48
C ASN MA 67 -23.23 -7.86 19.72
N THR MA 68 -22.70 -7.69 18.50
CA THR MA 68 -22.31 -8.83 17.68
C THR MA 68 -20.90 -9.34 18.01
N GLY MA 69 -20.16 -8.64 18.87
CA GLY MA 69 -18.82 -9.04 19.21
C GLY MA 69 -18.76 -10.05 20.33
N THR MA 70 -17.53 -10.36 20.74
CA THR MA 70 -17.28 -11.29 21.83
C THR MA 70 -16.85 -10.59 23.12
N THR MA 71 -16.99 -9.27 23.19
CA THR MA 71 -16.54 -8.51 24.34
C THR MA 71 -17.68 -7.66 24.88
N SER MA 72 -17.69 -7.46 26.19
CA SER MA 72 -18.61 -6.52 26.80
C SER MA 72 -18.23 -5.10 26.41
N ILE MA 73 -19.23 -4.29 26.07
CA ILE MA 73 -18.98 -2.94 25.59
C ILE MA 73 -19.96 -1.99 26.28
N SER MA 74 -19.48 -0.78 26.57
CA SER MA 74 -20.27 0.24 27.24
C SER MA 74 -20.31 1.51 26.41
N VAL MA 75 -21.33 2.33 26.65
CA VAL MA 75 -21.46 3.63 26.00
C VAL MA 75 -20.53 4.61 26.72
N THR MA 76 -20.05 5.60 25.97
CA THR MA 76 -19.13 6.59 26.54
C THR MA 76 -19.66 8.01 26.35
N SER MA 77 -20.42 8.24 25.28
CA SER MA 77 -20.96 9.56 25.00
C SER MA 77 -22.06 9.44 23.96
N ILE MA 78 -22.86 10.49 23.85
CA ILE MA 78 -23.86 10.59 22.81
C ILE MA 78 -23.90 12.04 22.32
N ASN MA 79 -24.12 12.21 21.03
CA ASN MA 79 -24.31 13.52 20.42
C ASN MA 79 -25.66 13.55 19.75
N ILE MA 80 -26.53 14.45 20.19
CA ILE MA 80 -27.89 14.55 19.68
C ILE MA 80 -28.07 15.91 19.03
N ASN MA 81 -28.50 15.91 17.77
CA ASN MA 81 -28.81 17.14 17.03
C ASN MA 81 -27.60 18.08 16.98
N GLY MA 82 -26.40 17.52 16.92
CA GLY MA 82 -25.17 18.29 16.90
C GLY MA 82 -24.67 18.74 18.25
N GLN MA 83 -25.37 18.42 19.32
CA GLN MA 83 -25.06 18.87 20.68
C GLN MA 83 -24.55 17.70 21.50
N PRO MA 84 -23.43 17.84 22.20
CA PRO MA 84 -22.91 16.72 23.00
C PRO MA 84 -23.65 16.59 24.33
N PHE MA 85 -23.83 15.35 24.76
CA PHE MA 85 -24.45 15.05 26.04
C PHE MA 85 -23.54 14.14 26.85
N ASN MA 86 -23.60 14.28 28.16
CA ASN MA 86 -22.82 13.46 29.07
C ASN MA 86 -23.70 12.35 29.65
N ILE MA 87 -23.17 11.13 29.69
CA ILE MA 87 -23.92 9.99 30.20
C ILE MA 87 -23.90 10.03 31.72
N ASN MA 88 -24.95 10.60 32.31
CA ASN MA 88 -25.08 10.61 33.76
C ASN MA 88 -25.07 9.18 34.29
N GLY MA 89 -24.34 8.99 35.39
CA GLY MA 89 -24.34 7.72 36.10
C GLY MA 89 -23.45 6.67 35.49
N THR MA 90 -23.45 5.51 36.14
CA THR MA 90 -22.73 4.35 35.62
C THR MA 90 -23.24 4.00 34.24
N ALA MA 91 -22.36 4.11 33.25
CA ALA MA 91 -22.77 3.89 31.87
C ALA MA 91 -23.18 2.43 31.67
N PRO MA 92 -24.26 2.17 30.96
CA PRO MA 92 -24.70 0.79 30.76
C PRO MA 92 -23.70 -0.01 29.94
N SER MA 93 -23.61 -1.30 30.24
CA SER MA 93 -22.73 -2.23 29.55
C SER MA 93 -23.57 -3.24 28.77
N ILE MA 94 -23.17 -3.50 27.53
CA ILE MA 94 -23.91 -4.39 26.65
C ILE MA 94 -23.13 -5.71 26.56
N PRO MA 95 -23.66 -6.80 27.10
CA PRO MA 95 -22.94 -8.08 27.06
C PRO MA 95 -22.80 -8.62 25.65
N ALA MA 96 -21.83 -9.51 25.48
CA ALA MA 96 -21.51 -10.04 24.16
C ALA MA 96 -22.64 -10.91 23.61
N GLY MA 97 -22.87 -10.80 22.31
CA GLY MA 97 -23.80 -11.67 21.63
C GLY MA 97 -25.26 -11.46 21.97
N ARG MA 98 -25.61 -10.36 22.62
CA ARG MA 98 -26.95 -10.18 23.17
C ARG MA 98 -27.61 -8.95 22.58
N THR MA 99 -28.91 -9.06 22.33
CA THR MA 99 -29.75 -7.94 21.92
C THR MA 99 -30.59 -7.50 23.10
N GLN MA 100 -30.50 -6.22 23.45
CA GLN MA 100 -31.17 -5.70 24.64
C GLN MA 100 -31.78 -4.34 24.38
N PRO MA 101 -32.88 -4.03 25.05
CA PRO MA 101 -33.27 -2.62 25.23
C PRO MA 101 -32.41 -1.99 26.30
N ILE MA 102 -31.63 -0.98 25.92
CA ILE MA 102 -30.68 -0.31 26.80
C ILE MA 102 -31.17 1.11 27.02
N THR MA 103 -31.26 1.52 28.29
CA THR MA 103 -31.77 2.81 28.67
C THR MA 103 -30.78 3.49 29.60
N PHE MA 104 -30.50 4.77 29.33
CA PHE MA 104 -29.55 5.51 30.15
C PHE MA 104 -29.93 6.98 30.20
N GLU MA 105 -29.49 7.64 31.27
CA GLU MA 105 -29.78 9.05 31.47
C GLU MA 105 -28.62 9.91 31.00
N VAL MA 106 -28.96 11.05 30.38
CA VAL MA 106 -27.97 11.96 29.82
C VAL MA 106 -28.30 13.38 30.25
N THR MA 107 -27.27 14.22 30.29
CA THR MA 107 -27.40 15.64 30.56
C THR MA 107 -26.65 16.41 29.49
N PRO MA 108 -27.15 17.60 29.11
CA PRO MA 108 -26.45 18.39 28.09
C PRO MA 108 -25.09 18.84 28.61
N ALA MA 109 -24.06 18.64 27.79
CA ALA MA 109 -22.73 19.10 28.16
C ALA MA 109 -22.64 20.61 28.16
N SER MA 110 -23.40 21.28 27.30
CA SER MA 110 -23.46 22.73 27.26
C SER MA 110 -24.78 23.17 26.66
N GLY MA 111 -25.19 24.39 27.00
CA GLY MA 111 -26.41 24.93 26.44
C GLY MA 111 -27.65 24.19 26.93
N LYS MA 112 -28.71 24.25 26.10
CA LYS MA 112 -29.96 23.58 26.41
C LYS MA 112 -30.59 23.06 25.13
N PRO MA 113 -31.20 21.88 25.18
CA PRO MA 113 -31.84 21.31 23.98
C PRO MA 113 -33.13 22.05 23.64
N ASN MA 114 -33.55 21.88 22.38
CA ASN MA 114 -34.78 22.48 21.86
C ASN MA 114 -35.79 21.43 21.40
N PHE MA 115 -35.78 20.26 22.03
CA PHE MA 115 -36.56 19.14 21.54
C PHE MA 115 -38.04 19.49 21.44
N SER MA 116 -38.69 18.94 20.42
CA SER MA 116 -40.11 19.13 20.18
C SER MA 116 -40.80 17.77 20.19
N PRO MA 117 -42.01 17.70 20.75
CA PRO MA 117 -42.70 16.40 20.84
C PRO MA 117 -42.93 15.80 19.46
N GLY MA 118 -42.61 14.52 19.33
CA GLY MA 118 -42.80 13.80 18.08
C GLY MA 118 -41.72 14.00 17.05
N ALA MA 119 -40.79 14.92 17.26
CA ALA MA 119 -39.72 15.14 16.30
C ALA MA 119 -38.68 14.04 16.37
N SER MA 120 -38.03 13.80 15.25
CA SER MA 120 -36.98 12.79 15.14
C SER MA 120 -35.63 13.48 14.97
N TYR MA 121 -34.68 13.15 15.83
CA TYR MA 121 -33.38 13.77 15.87
C TYR MA 121 -32.31 12.73 15.60
N THR MA 122 -31.39 13.06 14.69
CA THR MA 122 -30.26 12.19 14.42
C THR MA 122 -29.24 12.31 15.54
N ALA MA 123 -28.80 11.17 16.06
CA ALA MA 123 -27.84 11.12 17.15
C ALA MA 123 -26.73 10.14 16.78
N THR MA 124 -25.64 10.23 17.53
CA THR MA 124 -24.51 9.32 17.39
C THR MA 124 -24.12 8.84 18.78
N ILE MA 125 -24.11 7.53 18.98
CA ILE MA 125 -23.76 6.93 20.26
C ILE MA 125 -22.36 6.34 20.13
N TYR MA 126 -21.45 6.76 21.02
CA TYR MA 126 -20.06 6.35 20.94
C TYR MA 126 -19.79 5.31 22.02
N PHE MA 127 -19.23 4.17 21.60
CA PHE MA 127 -18.99 3.05 22.48
C PHE MA 127 -17.50 2.92 22.79
N SER MA 128 -17.19 2.07 23.77
CA SER MA 128 -15.83 2.02 24.31
C SER MA 128 -14.80 1.52 23.31
N ASN MA 129 -15.22 0.87 22.21
CA ASN MA 129 -14.29 0.62 21.12
C ASN MA 129 -13.85 1.90 20.42
N GLY MA 130 -14.55 3.01 20.64
CA GLY MA 130 -14.40 4.18 19.82
C GLY MA 130 -15.31 4.21 18.62
N GLN MA 131 -15.91 3.09 18.24
CA GLN MA 131 -16.88 3.06 17.17
C GLN MA 131 -18.13 3.82 17.58
N GLY MA 132 -18.76 4.46 16.60
CA GLY MA 132 -19.94 5.26 16.86
C GLY MA 132 -21.09 4.92 15.94
N ALA MA 133 -22.23 4.55 16.53
CA ALA MA 133 -23.39 4.15 15.76
C ALA MA 133 -24.32 5.34 15.56
N PRO MA 134 -24.65 5.72 14.34
CA PRO MA 134 -25.72 6.70 14.13
C PRO MA 134 -27.08 6.07 14.39
N ALA MA 135 -27.97 6.85 14.98
CA ALA MA 135 -29.30 6.39 15.34
C ALA MA 135 -30.27 7.56 15.18
N THR MA 136 -31.56 7.23 15.18
CA THR MA 136 -32.62 8.23 15.17
C THR MA 136 -33.42 8.11 16.46
N LEU MA 137 -33.57 9.22 17.17
CA LEU MA 137 -34.26 9.25 18.44
C LEU MA 137 -35.49 10.13 18.33
N ILE MA 138 -36.64 9.60 18.72
CA ILE MA 138 -37.90 10.34 18.69
C ILE MA 138 -38.15 10.89 20.09
N TYR MA 139 -38.48 12.17 20.18
CA TYR MA 139 -38.73 12.79 21.47
C TYR MA 139 -40.19 12.59 21.87
N GLN MA 140 -40.39 11.87 22.97
CA GLN MA 140 -41.73 11.50 23.41
C GLN MA 140 -42.32 12.45 24.46
N GLY MA 141 -41.54 13.41 24.95
CA GLY MA 141 -42.03 14.33 25.96
C GLY MA 141 -41.86 13.80 27.37
N LEU NA 1 36.76 -6.79 9.92
CA LEU NA 1 36.20 -6.01 11.02
C LEU NA 1 35.29 -4.91 10.49
N SER NA 2 35.42 -4.61 9.19
CA SER NA 2 34.68 -3.51 8.58
C SER NA 2 33.18 -3.76 8.57
N GLY NA 3 32.77 -5.00 8.32
CA GLY NA 3 31.36 -5.28 8.07
C GLY NA 3 30.46 -4.92 9.24
N ALA NA 4 30.90 -5.25 10.46
CA ALA NA 4 30.10 -4.92 11.64
C ALA NA 4 29.97 -3.42 11.83
N ILE NA 5 31.05 -2.68 11.57
CA ILE NA 5 31.01 -1.22 11.65
C ILE NA 5 30.00 -0.65 10.66
N VAL NA 6 30.04 -1.14 9.41
CA VAL NA 6 29.11 -0.67 8.40
C VAL NA 6 27.67 -1.00 8.80
N ALA NA 7 27.47 -2.21 9.33
CA ALA NA 7 26.13 -2.61 9.76
C ALA NA 7 25.61 -1.72 10.88
N LEU NA 8 26.47 -1.37 11.84
CA LEU NA 8 26.05 -0.48 12.92
C LEU NA 8 25.61 0.88 12.37
N ILE NA 9 26.43 1.45 11.48
CA ILE NA 9 26.08 2.74 10.89
C ILE NA 9 24.73 2.66 10.19
N LEU NA 10 24.54 1.62 9.38
CA LEU NA 10 23.32 1.51 8.60
C LEU NA 10 22.10 1.27 9.49
N VAL NA 11 22.26 0.51 10.58
CA VAL NA 11 21.13 0.25 11.48
C VAL NA 11 20.66 1.57 12.09
N ILE NA 12 21.60 2.37 12.60
CA ILE NA 12 21.18 3.63 13.22
C ILE NA 12 20.56 4.56 12.19
N ALA NA 13 21.13 4.64 10.99
CA ALA NA 13 20.56 5.48 9.95
C ALA NA 13 19.15 5.03 9.58
N GLY NA 14 18.93 3.72 9.51
CA GLY NA 14 17.61 3.22 9.21
C GLY NA 14 16.59 3.62 10.24
N VAL NA 15 16.97 3.53 11.53
CA VAL NA 15 16.06 3.98 12.59
C VAL NA 15 15.68 5.44 12.36
N ILE NA 16 16.70 6.28 12.11
CA ILE NA 16 16.45 7.72 11.97
C ILE NA 16 15.50 8.00 10.81
N ILE NA 17 15.79 7.40 9.65
CA ILE NA 17 15.00 7.72 8.45
C ILE NA 17 13.58 7.19 8.58
N ALA NA 18 13.41 6.02 9.19
CA ALA NA 18 12.06 5.49 9.37
C ALA NA 18 11.24 6.39 10.27
N ILE NA 19 11.82 6.87 11.38
CA ILE NA 19 11.09 7.77 12.25
C ILE NA 19 10.73 9.06 11.51
N ALA NA 20 11.66 9.56 10.69
CA ALA NA 20 11.39 10.78 9.93
C ALA NA 20 10.21 10.58 8.97
N VAL NA 21 10.17 9.42 8.30
CA VAL NA 21 9.08 9.14 7.38
C VAL NA 21 7.74 9.06 8.12
N VAL NA 22 7.74 8.43 9.29
CA VAL NA 22 6.50 8.34 10.08
C VAL NA 22 6.01 9.73 10.45
N LEU NA 23 6.93 10.58 10.91
CA LEU NA 23 6.53 11.93 11.29
C LEU NA 23 6.04 12.74 10.09
N PHE NA 24 6.63 12.52 8.91
CA PHE NA 24 6.12 13.18 7.71
C PHE NA 24 4.70 12.72 7.39
N ALA NA 25 4.43 11.41 7.54
CA ALA NA 25 3.09 10.90 7.31
C ALA NA 25 2.10 11.57 8.25
N PHE NA 26 2.49 11.75 9.51
CA PHE NA 26 1.60 12.46 10.44
C PHE NA 26 1.47 13.94 10.10
N GLY NA 27 2.52 14.55 9.56
CA GLY NA 27 2.48 15.97 9.24
C GLY NA 27 1.68 16.31 8.01
N LEU NA 28 1.46 15.33 7.13
CA LEU NA 28 0.67 15.62 5.92
C LEU NA 28 -0.77 16.00 6.23
N ILE NA 29 -1.32 15.53 7.35
CA ILE NA 29 -2.77 15.55 7.55
C ILE NA 29 -3.39 16.96 7.42
N PRO NA 30 -2.82 18.01 8.01
CA PRO NA 30 -3.51 19.32 7.95
C PRO NA 30 -3.74 19.84 6.54
N GLY NA 31 -2.87 19.49 5.58
CA GLY NA 31 -3.03 20.01 4.24
C GLY NA 31 -4.27 19.50 3.54
N ILE NA 32 -4.80 18.36 3.98
CA ILE NA 32 -5.96 17.78 3.32
C ILE NA 32 -7.20 18.63 3.57
N SER NA 33 -7.29 19.24 4.75
CA SER NA 33 -8.50 19.98 5.13
C SER NA 33 -8.82 21.09 4.12
N ASN NA 34 -7.79 21.73 3.58
CA ASN NA 34 -8.01 22.88 2.72
C ASN NA 34 -8.62 22.52 1.37
N GLN NA 35 -8.71 21.24 1.04
CA GLN NA 35 -9.26 20.83 -0.25
C GLN NA 35 -10.77 21.08 -0.35
N GLY NA 36 -11.43 21.46 0.73
CA GLY NA 36 -12.87 21.68 0.69
C GLY NA 36 -13.33 23.03 1.19
N SER NA 37 -12.50 24.05 1.03
CA SER NA 37 -12.81 25.35 1.63
C SER NA 37 -14.01 26.02 0.98
N ILE NA 38 -14.23 25.81 -0.30
CA ILE NA 38 -15.19 26.61 -1.07
C ILE NA 38 -16.37 25.76 -1.50
N GLN NA 39 -17.56 26.37 -1.49
CA GLN NA 39 -18.74 25.77 -2.09
C GLN NA 39 -19.51 26.82 -2.88
N VAL NA 40 -19.94 26.45 -4.08
CA VAL NA 40 -20.72 27.35 -4.93
C VAL NA 40 -22.20 27.24 -4.55
N LEU NA 41 -22.85 28.39 -4.40
CA LEU NA 41 -24.23 28.46 -3.96
C LEU NA 41 -25.12 28.89 -5.12
N GLY NA 42 -26.12 28.08 -5.44
CA GLY NA 42 -27.13 28.48 -6.39
C GLY NA 42 -26.65 28.56 -7.83
N SER NA 43 -27.56 29.03 -8.67
CA SER NA 43 -27.24 29.21 -10.07
C SER NA 43 -26.39 30.46 -10.28
N GLY NA 44 -25.74 30.51 -11.44
CA GLY NA 44 -25.01 31.69 -11.86
C GLY NA 44 -25.51 32.15 -13.21
N THR NA 45 -24.86 33.21 -13.71
CA THR NA 45 -25.30 33.84 -14.96
C THR NA 45 -24.11 34.03 -15.90
N ILE NA 46 -24.31 33.69 -17.17
CA ILE NA 46 -23.39 34.01 -18.25
C ILE NA 46 -23.98 35.16 -19.04
N THR NA 47 -23.13 36.08 -19.47
CA THR NA 47 -23.55 37.23 -20.25
C THR NA 47 -22.52 37.50 -21.34
N ASN NA 48 -23.00 37.97 -22.50
CA ASN NA 48 -22.13 38.27 -23.63
C ASN NA 48 -21.58 39.68 -23.48
N SER NA 49 -20.25 39.81 -23.58
CA SER NA 49 -19.56 41.05 -23.21
C SER NA 49 -18.47 41.41 -24.23
N THR NA 50 -18.79 41.35 -25.53
CA THR NA 50 -17.82 41.69 -26.56
C THR NA 50 -18.42 42.67 -27.55
N ALA NA 51 -17.57 43.53 -28.08
CA ALA NA 51 -17.99 44.59 -28.99
C ALA NA 51 -17.97 44.11 -30.44
N SER NA 52 -18.52 44.93 -31.32
CA SER NA 52 -18.57 44.60 -32.74
C SER NA 52 -17.17 44.57 -33.34
N GLY NA 53 -16.90 43.55 -34.13
CA GLY NA 53 -15.60 43.42 -34.76
C GLY NA 53 -14.46 43.05 -33.84
N SER NA 54 -14.77 42.65 -32.61
CA SER NA 54 -13.74 42.30 -31.65
C SER NA 54 -12.99 41.05 -32.10
N SER NA 55 -11.77 40.89 -31.58
CA SER NA 55 -10.99 39.70 -31.90
C SER NA 55 -11.59 38.45 -31.27
N ARG NA 56 -12.34 38.60 -30.19
CA ARG NA 56 -12.75 37.45 -29.40
C ARG NA 56 -14.06 37.73 -28.68
N THR NA 57 -14.84 36.66 -28.48
CA THR NA 57 -15.98 36.71 -27.59
C THR NA 57 -15.51 36.58 -26.15
N ILE NA 58 -16.10 37.38 -25.26
CA ILE NA 58 -15.82 37.28 -23.83
C ILE NA 58 -17.16 37.30 -23.09
N TYR NA 59 -17.29 36.40 -22.12
CA TYR NA 59 -18.52 36.21 -21.36
C TYR NA 59 -18.25 36.55 -19.90
N ASN NA 60 -19.09 37.40 -19.33
CA ASN NA 60 -19.08 37.65 -17.90
C ASN NA 60 -19.84 36.54 -17.20
N ILE NA 61 -19.22 35.94 -16.19
CA ILE NA 61 -19.81 34.85 -15.44
C ILE NA 61 -19.90 35.28 -13.98
N THR NA 62 -21.10 35.27 -13.43
CA THR NA 62 -21.35 35.62 -12.04
C THR NA 62 -21.85 34.39 -11.30
N ILE NA 63 -21.20 34.05 -10.20
CA ILE NA 63 -21.57 32.94 -9.35
C ILE NA 63 -21.40 33.36 -7.89
N THR NA 64 -22.32 32.91 -7.04
CA THR NA 64 -22.14 33.10 -5.61
C THR NA 64 -21.28 31.99 -5.05
N VAL NA 65 -20.20 32.35 -4.36
CA VAL NA 65 -19.30 31.36 -3.77
C VAL NA 65 -19.11 31.67 -2.30
N LYS NA 66 -19.04 30.61 -1.49
CA LYS NA 66 -18.83 30.71 -0.06
C LYS NA 66 -17.49 30.07 0.28
N ASN NA 67 -16.63 30.84 0.95
CA ASN NA 67 -15.32 30.36 1.37
C ASN NA 67 -15.33 30.13 2.87
N THR NA 68 -14.86 28.95 3.29
CA THR NA 68 -14.83 28.57 4.68
C THR NA 68 -13.43 28.46 5.26
N GLY NA 69 -12.38 28.60 4.44
CA GLY NA 69 -11.02 28.48 4.91
C GLY NA 69 -10.49 29.77 5.49
N THR NA 70 -9.25 29.69 5.98
CA THR NA 70 -8.58 30.85 6.55
C THR NA 70 -7.92 31.74 5.51
N THR NA 71 -7.87 31.30 4.26
CA THR NA 71 -7.10 31.99 3.23
C THR NA 71 -7.98 32.34 2.04
N SER NA 72 -7.62 33.43 1.37
CA SER NA 72 -8.33 33.84 0.16
C SER NA 72 -8.00 32.89 -0.99
N ILE NA 73 -9.03 32.52 -1.75
CA ILE NA 73 -8.90 31.56 -2.84
C ILE NA 73 -9.47 32.19 -4.09
N SER NA 74 -8.91 31.83 -5.24
CA SER NA 74 -9.26 32.42 -6.52
C SER NA 74 -9.62 31.34 -7.53
N VAL NA 75 -10.38 31.75 -8.54
CA VAL NA 75 -10.70 30.85 -9.64
C VAL NA 75 -9.48 30.69 -10.55
N THR NA 76 -9.31 29.49 -11.10
CA THR NA 76 -8.23 29.22 -12.03
C THR NA 76 -8.70 28.76 -13.40
N SER NA 77 -9.81 28.03 -13.49
CA SER NA 77 -10.34 27.60 -14.77
C SER NA 77 -11.82 27.29 -14.62
N ILE NA 78 -12.52 27.33 -15.73
CA ILE NA 78 -13.92 26.96 -15.80
C ILE NA 78 -14.14 26.10 -17.04
N ASN NA 79 -15.01 25.10 -16.89
CA ASN NA 79 -15.35 24.20 -17.99
C ASN NA 79 -16.87 24.20 -18.11
N ILE NA 80 -17.38 24.79 -19.19
CA ILE NA 80 -18.81 24.98 -19.38
C ILE NA 80 -19.28 24.08 -20.52
N ASN NA 81 -20.29 23.26 -20.25
CA ASN NA 81 -20.92 22.42 -21.26
C ASN NA 81 -19.92 21.48 -21.92
N GLY NA 82 -18.83 21.16 -21.23
CA GLY NA 82 -17.77 20.32 -21.73
C GLY NA 82 -16.58 21.07 -22.29
N GLN NA 83 -16.79 22.31 -22.76
CA GLN NA 83 -15.72 23.10 -23.36
C GLN NA 83 -14.95 23.85 -22.28
N PRO NA 84 -13.61 23.82 -22.33
CA PRO NA 84 -12.83 24.60 -21.38
C PRO NA 84 -12.73 26.06 -21.80
N PHE NA 85 -12.74 26.95 -20.80
CA PHE NA 85 -12.67 28.38 -21.03
C PHE NA 85 -11.45 28.96 -20.31
N ASN NA 86 -10.92 30.04 -20.86
CA ASN NA 86 -9.73 30.69 -20.34
C ASN NA 86 -10.15 32.00 -19.66
N ILE NA 87 -9.67 32.22 -18.44
CA ILE NA 87 -10.11 33.35 -17.63
C ILE NA 87 -9.32 34.59 -18.01
N ASN NA 88 -10.01 35.64 -18.43
CA ASN NA 88 -9.33 36.87 -18.80
C ASN NA 88 -9.05 37.68 -17.53
N GLY NA 89 -7.91 38.37 -17.54
CA GLY NA 89 -7.59 39.35 -16.51
C GLY NA 89 -7.15 38.72 -15.21
N THR NA 90 -7.10 39.56 -14.18
CA THR NA 90 -6.72 39.09 -12.86
C THR NA 90 -7.90 38.34 -12.23
N ALA NA 91 -7.66 37.10 -11.86
CA ALA NA 91 -8.73 36.27 -11.34
C ALA NA 91 -9.22 36.83 -10.00
N PRO NA 92 -10.52 36.87 -9.77
CA PRO NA 92 -11.04 37.41 -8.51
C PRO NA 92 -10.66 36.53 -7.32
N SER NA 93 -10.46 37.18 -6.18
CA SER NA 93 -10.12 36.49 -4.94
C SER NA 93 -11.34 36.46 -4.03
N ILE NA 94 -11.57 35.33 -3.38
CA ILE NA 94 -12.72 35.16 -2.50
C ILE NA 94 -12.24 35.26 -1.05
N PRO NA 95 -12.67 36.27 -0.30
CA PRO NA 95 -12.13 36.47 1.06
C PRO NA 95 -12.41 35.28 1.96
N ALA NA 96 -11.63 35.20 3.04
CA ALA NA 96 -11.51 33.97 3.83
C ALA NA 96 -12.87 33.42 4.26
N GLY NA 97 -13.61 34.17 5.06
CA GLY NA 97 -14.83 33.66 5.63
C GLY NA 97 -16.12 34.14 5.00
N ARG NA 98 -16.04 34.83 3.87
CA ARG NA 98 -17.19 35.54 3.34
C ARG NA 98 -17.88 34.75 2.22
N THR NA 99 -19.15 35.06 2.03
CA THR NA 99 -19.94 34.57 0.90
C THR NA 99 -20.20 35.73 -0.04
N GLN NA 100 -19.77 35.60 -1.30
CA GLN NA 100 -19.83 36.73 -2.21
C GLN NA 100 -20.32 36.34 -3.60
N PRO NA 101 -21.09 37.20 -4.25
CA PRO NA 101 -21.28 37.09 -5.70
C PRO NA 101 -20.03 37.56 -6.42
N ILE NA 102 -19.36 36.64 -7.09
CA ILE NA 102 -18.10 36.90 -7.78
C ILE NA 102 -18.33 36.85 -9.28
N THR NA 103 -17.77 37.82 -9.98
CA THR NA 103 -17.93 37.95 -11.41
C THR NA 103 -16.56 37.97 -12.07
N PHE NA 104 -16.41 37.23 -13.17
CA PHE NA 104 -15.14 37.19 -13.87
C PHE NA 104 -15.39 36.97 -15.36
N GLU NA 105 -14.41 37.37 -16.17
CA GLU NA 105 -14.52 37.37 -17.61
C GLU NA 105 -13.77 36.19 -18.19
N VAL NA 106 -14.41 35.47 -19.11
CA VAL NA 106 -13.82 34.27 -19.71
C VAL NA 106 -13.96 34.35 -21.23
N THR NA 107 -13.07 33.63 -21.92
CA THR NA 107 -13.09 33.52 -23.37
C THR NA 107 -12.88 32.06 -23.76
N PRO NA 108 -13.55 31.58 -24.79
CA PRO NA 108 -13.44 30.15 -25.14
C PRO NA 108 -12.06 29.82 -25.68
N ALA NA 109 -11.56 28.65 -25.27
CA ALA NA 109 -10.24 28.19 -25.69
C ALA NA 109 -10.32 27.13 -26.78
N SER NA 110 -11.30 26.23 -26.72
CA SER NA 110 -11.39 25.15 -27.68
C SER NA 110 -12.08 25.60 -28.97
N GLY NA 111 -13.19 26.32 -28.85
CA GLY NA 111 -13.93 26.75 -30.02
C GLY NA 111 -15.12 27.57 -29.60
N LYS NA 112 -15.79 28.12 -30.62
CA LYS NA 112 -16.90 29.04 -30.38
C LYS NA 112 -18.07 28.31 -29.74
N PRO NA 113 -18.52 28.71 -28.55
CA PRO NA 113 -19.69 28.08 -27.95
C PRO NA 113 -20.97 28.77 -28.41
N ASN NA 114 -21.95 27.97 -28.82
CA ASN NA 114 -23.22 28.50 -29.29
C ASN NA 114 -24.25 28.52 -28.15
N PHE NA 115 -24.05 29.46 -27.23
CA PHE NA 115 -24.99 29.63 -26.14
C PHE NA 115 -26.35 30.05 -26.66
N SER NA 116 -27.40 29.59 -25.99
CA SER NA 116 -28.75 29.88 -26.38
C SER NA 116 -29.42 30.72 -25.29
N PRO NA 117 -30.13 31.80 -25.66
CA PRO NA 117 -30.76 32.65 -24.63
C PRO NA 117 -31.67 31.90 -23.69
N GLY NA 118 -31.42 32.03 -22.39
CA GLY NA 118 -32.24 31.40 -21.38
C GLY NA 118 -31.91 29.95 -21.09
N ALA NA 119 -30.95 29.36 -21.80
CA ALA NA 119 -30.62 27.96 -21.60
C ALA NA 119 -29.84 27.77 -20.30
N SER NA 120 -29.83 26.54 -19.81
CA SER NA 120 -29.13 26.16 -18.59
C SER NA 120 -27.97 25.24 -18.95
N TYR NA 121 -26.78 25.54 -18.41
CA TYR NA 121 -25.58 24.81 -18.74
C TYR NA 121 -24.87 24.36 -17.46
N THR NA 122 -24.38 23.13 -17.46
CA THR NA 122 -23.56 22.65 -16.37
C THR NA 122 -22.13 23.13 -16.53
N ALA NA 123 -21.49 23.48 -15.41
CA ALA NA 123 -20.11 23.93 -15.43
C ALA NA 123 -19.41 23.39 -14.20
N THR NA 124 -18.09 23.32 -14.28
CA THR NA 124 -17.25 23.01 -13.13
C THR NA 124 -16.29 24.16 -12.89
N ILE NA 125 -16.37 24.77 -11.71
CA ILE NA 125 -15.48 25.85 -11.32
C ILE NA 125 -14.32 25.24 -10.57
N TYR NA 126 -13.10 25.55 -11.00
CA TYR NA 126 -11.90 25.03 -10.37
C TYR NA 126 -11.20 26.18 -9.67
N PHE NA 127 -10.98 26.02 -8.37
CA PHE NA 127 -10.42 27.07 -7.53
C PHE NA 127 -8.95 26.78 -7.23
N SER NA 128 -8.26 27.80 -6.71
CA SER NA 128 -6.82 27.70 -6.52
C SER NA 128 -6.43 26.68 -5.46
N ASN NA 129 -7.35 26.33 -4.55
CA ASN NA 129 -7.07 25.30 -3.57
C ASN NA 129 -7.18 23.89 -4.12
N GLY NA 130 -7.27 23.73 -5.44
CA GLY NA 130 -7.40 22.42 -6.03
C GLY NA 130 -8.76 21.78 -5.88
N GLN NA 131 -9.83 22.59 -5.80
CA GLN NA 131 -11.18 22.09 -5.61
C GLN NA 131 -12.03 22.37 -6.83
N GLY NA 132 -12.78 21.37 -7.26
CA GLY NA 132 -13.76 21.53 -8.32
C GLY NA 132 -15.17 21.54 -7.72
N ALA NA 133 -15.99 22.45 -8.22
CA ALA NA 133 -17.34 22.63 -7.73
C ALA NA 133 -18.32 22.63 -8.89
N PRO NA 134 -19.33 21.76 -8.89
CA PRO NA 134 -20.38 21.83 -9.91
C PRO NA 134 -21.18 23.12 -9.76
N ALA NA 135 -21.65 23.63 -10.90
CA ALA NA 135 -22.44 24.84 -10.94
C ALA NA 135 -23.38 24.79 -12.13
N THR NA 136 -24.46 25.55 -12.05
CA THR NA 136 -25.46 25.64 -13.11
C THR NA 136 -25.56 27.09 -13.52
N LEU NA 137 -25.29 27.38 -14.80
CA LEU NA 137 -25.24 28.74 -15.31
C LEU NA 137 -26.37 28.96 -16.31
N ILE NA 138 -27.11 30.04 -16.11
CA ILE NA 138 -28.15 30.45 -17.06
C ILE NA 138 -27.56 31.52 -17.97
N TYR NA 139 -27.76 31.35 -19.28
CA TYR NA 139 -27.26 32.32 -20.25
C TYR NA 139 -28.29 33.43 -20.41
N GLN NA 140 -27.95 34.63 -19.93
CA GLN NA 140 -28.90 35.73 -19.94
C GLN NA 140 -28.92 36.50 -21.25
N GLY NA 141 -27.93 36.31 -22.12
CA GLY NA 141 -27.87 37.03 -23.37
C GLY NA 141 -26.47 37.41 -23.78
N LEU OA 1 32.93 -4.01 3.72
CA LEU OA 1 32.88 -2.94 2.74
C LEU OA 1 31.70 -3.12 1.79
N SER OA 2 31.25 -4.37 1.66
CA SER OA 2 30.17 -4.67 0.72
C SER OA 2 28.82 -4.15 1.20
N GLY OA 3 28.65 -4.01 2.51
CA GLY OA 3 27.35 -3.65 3.04
C GLY OA 3 26.85 -2.31 2.55
N ALA OA 4 27.74 -1.32 2.49
CA ALA OA 4 27.34 0.00 2.01
C ALA OA 4 26.94 -0.05 0.54
N ILE OA 5 27.67 -0.80 -0.27
CA ILE OA 5 27.33 -0.91 -1.69
C ILE OA 5 25.98 -1.60 -1.87
N VAL OA 6 25.73 -2.65 -1.09
CA VAL OA 6 24.43 -3.34 -1.16
C VAL OA 6 23.32 -2.40 -0.75
N ALA OA 7 23.53 -1.62 0.31
CA ALA OA 7 22.52 -0.67 0.75
C ALA OA 7 22.25 0.38 -0.32
N LEU OA 8 23.30 0.88 -0.97
CA LEU OA 8 23.13 1.87 -2.04
C LEU OA 8 22.32 1.30 -3.20
N ILE OA 9 22.66 0.08 -3.61
CA ILE OA 9 21.92 -0.56 -4.71
C ILE OA 9 20.46 -0.71 -4.34
N LEU OA 10 20.19 -1.18 -3.12
CA LEU OA 10 18.81 -1.40 -2.72
C LEU OA 10 18.04 -0.09 -2.59
N VAL OA 11 18.69 0.98 -2.16
CA VAL OA 11 18.01 2.27 -2.05
C VAL OA 11 17.62 2.79 -3.43
N ILE OA 12 18.56 2.78 -4.37
CA ILE OA 12 18.26 3.27 -5.71
C ILE OA 12 17.18 2.39 -6.36
N ALA OA 13 17.32 1.07 -6.22
CA ALA OA 13 16.33 0.16 -6.78
C ALA OA 13 14.97 0.36 -6.14
N GLY OA 14 14.92 0.67 -4.85
CA GLY OA 14 13.65 0.94 -4.21
C GLY OA 14 12.96 2.15 -4.80
N VAL OA 15 13.74 3.21 -5.04
CA VAL OA 15 13.18 4.38 -5.72
C VAL OA 15 12.58 3.97 -7.06
N ILE OA 16 13.35 3.20 -7.85
CA ILE OA 16 12.89 2.82 -9.18
C ILE OA 16 11.62 1.99 -9.11
N ILE OA 17 11.60 1.01 -8.20
CA ILE OA 17 10.46 0.09 -8.13
C ILE OA 17 9.21 0.82 -7.65
N ALA OA 18 9.37 1.74 -6.70
CA ALA OA 18 8.21 2.51 -6.24
C ALA OA 18 7.63 3.34 -7.37
N ILE OA 19 8.49 4.00 -8.15
CA ILE OA 19 7.98 4.78 -9.28
C ILE OA 19 7.29 3.87 -10.29
N ALA OA 20 7.85 2.68 -10.53
CA ALA OA 20 7.23 1.75 -11.48
C ALA OA 20 5.85 1.31 -11.01
N VAL OA 21 5.71 1.05 -9.70
CA VAL OA 21 4.40 0.68 -9.16
C VAL OA 21 3.40 1.81 -9.34
N VAL OA 22 3.84 3.05 -9.07
CA VAL OA 22 2.97 4.20 -9.24
C VAL OA 22 2.47 4.29 -10.68
N LEU OA 23 3.38 4.09 -11.64
CA LEU OA 23 2.98 4.16 -13.04
C LEU OA 23 2.02 3.02 -13.42
N PHE OA 24 2.27 1.82 -12.90
CA PHE OA 24 1.40 0.69 -13.19
C PHE OA 24 -0.03 0.94 -12.71
N ALA OA 25 -0.15 1.56 -11.52
CA ALA OA 25 -1.47 1.85 -10.99
C ALA OA 25 -2.31 2.64 -11.98
N PHE OA 26 -1.73 3.68 -12.58
CA PHE OA 26 -2.45 4.45 -13.60
C PHE OA 26 -2.64 3.66 -14.87
N GLY OA 27 -1.63 2.87 -15.26
CA GLY OA 27 -1.77 2.06 -16.47
C GLY OA 27 -2.92 1.09 -16.43
N LEU OA 28 -3.43 0.75 -15.25
CA LEU OA 28 -4.58 -0.14 -15.17
C LEU OA 28 -5.88 0.47 -15.71
N ILE OA 29 -6.13 1.76 -15.46
CA ILE OA 29 -7.50 2.30 -15.64
C ILE OA 29 -8.01 2.26 -17.08
N PRO OA 30 -7.22 2.55 -18.13
CA PRO OA 30 -7.80 2.51 -19.48
C PRO OA 30 -8.33 1.14 -19.85
N GLY OA 31 -7.79 0.07 -19.26
CA GLY OA 31 -8.38 -1.25 -19.46
C GLY OA 31 -9.72 -1.40 -18.78
N ILE OA 32 -9.83 -0.92 -17.54
CA ILE OA 32 -11.08 -1.08 -16.80
C ILE OA 32 -12.19 -0.25 -17.44
N SER OA 33 -11.83 0.83 -18.14
CA SER OA 33 -12.86 1.63 -18.81
C SER OA 33 -13.60 0.83 -19.87
N ASN OA 34 -13.03 -0.28 -20.35
CA ASN OA 34 -13.70 -1.12 -21.33
C ASN OA 34 -14.92 -1.83 -20.76
N GLN OA 35 -15.09 -1.84 -19.44
CA GLN OA 35 -16.25 -2.48 -18.84
C GLN OA 35 -17.56 -1.84 -19.28
N GLY OA 36 -17.52 -0.61 -19.75
CA GLY OA 36 -18.73 0.08 -20.18
C GLY OA 36 -18.69 0.50 -21.64
N SER OA 37 -18.16 -0.37 -22.49
CA SER OA 37 -17.99 -0.02 -23.90
C SER OA 37 -19.34 0.14 -24.61
N ILE OA 38 -20.35 -0.62 -24.21
CA ILE OA 38 -21.57 -0.79 -24.99
C ILE OA 38 -22.74 -0.10 -24.31
N GLN OA 39 -23.59 0.54 -25.12
CA GLN OA 39 -24.85 1.09 -24.67
C GLN OA 39 -25.96 0.59 -25.60
N VAL OA 40 -27.05 0.10 -25.02
CA VAL OA 40 -28.22 -0.31 -25.78
C VAL OA 40 -29.24 0.82 -25.71
N LEU OA 41 -29.59 1.39 -26.86
CA LEU OA 41 -30.39 2.60 -26.89
C LEU OA 41 -31.61 2.42 -27.77
N GLY OA 42 -32.73 3.00 -27.35
CA GLY OA 42 -33.99 2.82 -28.03
C GLY OA 42 -34.70 1.57 -27.57
N SER OA 43 -35.99 1.49 -27.90
CA SER OA 43 -36.79 0.34 -27.54
C SER OA 43 -36.62 -0.76 -28.58
N GLY OA 44 -36.27 -1.96 -28.12
CA GLY OA 44 -36.12 -3.09 -29.00
C GLY OA 44 -37.45 -3.78 -29.29
N THR OA 45 -37.37 -4.81 -30.13
CA THR OA 45 -38.55 -5.56 -30.53
C THR OA 45 -38.27 -7.06 -30.51
N ILE OA 46 -39.25 -7.83 -30.04
CA ILE OA 46 -39.19 -9.28 -30.03
C ILE OA 46 -40.35 -9.81 -30.85
N THR OA 47 -40.07 -10.73 -31.77
CA THR OA 47 -41.05 -11.19 -32.74
C THR OA 47 -41.06 -12.71 -32.82
N ASN OA 48 -42.24 -13.29 -33.06
CA ASN OA 48 -42.36 -14.73 -33.24
C ASN OA 48 -41.71 -15.15 -34.54
N SER OA 49 -40.83 -16.15 -34.47
CA SER OA 49 -40.08 -16.60 -35.64
C SER OA 49 -40.00 -18.11 -35.71
N THR OA 50 -41.02 -18.80 -35.19
CA THR OA 50 -40.93 -20.23 -34.95
C THR OA 50 -41.25 -21.09 -36.17
N ALA OA 51 -41.75 -20.48 -37.26
CA ALA OA 51 -42.12 -21.21 -38.48
C ALA OA 51 -43.27 -22.20 -38.22
N SER OA 52 -44.38 -21.66 -37.71
CA SER OA 52 -45.66 -22.38 -37.63
C SER OA 52 -45.56 -23.70 -36.86
N GLY OA 53 -44.66 -23.77 -35.89
CA GLY OA 53 -44.49 -24.97 -35.09
C GLY OA 53 -43.39 -25.90 -35.54
N SER OA 54 -42.59 -25.51 -36.53
CA SER OA 54 -41.49 -26.34 -37.01
C SER OA 54 -40.23 -26.19 -36.19
N SER OA 55 -40.24 -25.40 -35.12
CA SER OA 55 -39.04 -25.09 -34.36
C SER OA 55 -39.39 -24.89 -32.90
N ARG OA 56 -38.37 -25.02 -32.05
CA ARG OA 56 -38.56 -24.94 -30.59
C ARG OA 56 -38.76 -23.50 -30.12
N THR OA 57 -39.84 -22.89 -30.60
CA THR OA 57 -40.29 -21.56 -30.18
C THR OA 57 -39.16 -20.53 -30.22
N ILE OA 58 -38.68 -20.27 -31.42
CA ILE OA 58 -37.54 -19.37 -31.59
C ILE OA 58 -38.05 -17.96 -31.90
N TYR OA 59 -37.52 -16.98 -31.19
CA TYR OA 59 -37.92 -15.59 -31.30
C TYR OA 59 -36.82 -14.75 -31.94
N ASN OA 60 -37.17 -13.53 -32.29
CA ASN OA 60 -36.26 -12.56 -32.90
C ASN OA 60 -36.12 -11.39 -31.94
N ILE OA 61 -34.88 -11.08 -31.54
CA ILE OA 61 -34.60 -9.89 -30.73
C ILE OA 61 -33.85 -8.91 -31.60
N THR OA 62 -34.41 -7.71 -31.77
CA THR OA 62 -33.77 -6.62 -32.48
C THR OA 62 -33.59 -5.44 -31.54
N ILE OA 63 -32.36 -4.96 -31.41
CA ILE OA 63 -32.02 -3.86 -30.52
C ILE OA 63 -30.94 -3.01 -31.16
N THR OA 64 -30.99 -1.70 -30.92
CA THR OA 64 -29.95 -0.80 -31.43
C THR OA 64 -28.84 -0.70 -30.40
N VAL OA 65 -27.63 -1.08 -30.80
CA VAL OA 65 -26.49 -1.17 -29.90
C VAL OA 65 -25.39 -0.24 -30.42
N LYS OA 66 -24.77 0.50 -29.50
CA LYS OA 66 -23.66 1.39 -29.79
C LYS OA 66 -22.43 0.91 -29.03
N ASN OA 67 -21.32 0.76 -29.74
CA ASN OA 67 -20.07 0.27 -29.17
C ASN OA 67 -19.05 1.40 -29.19
N THR OA 68 -18.57 1.80 -28.02
CA THR OA 68 -17.57 2.85 -27.92
C THR OA 68 -16.17 2.31 -27.68
N GLY OA 69 -16.01 0.99 -27.57
CA GLY OA 69 -14.70 0.42 -27.36
C GLY OA 69 -13.92 0.29 -28.66
N THR OA 70 -12.69 -0.18 -28.53
CA THR OA 70 -11.82 -0.38 -29.68
C THR OA 70 -11.83 -1.82 -30.19
N THR OA 71 -12.65 -2.70 -29.61
CA THR OA 71 -12.72 -4.08 -30.01
C THR OA 71 -14.15 -4.46 -30.36
N SER OA 72 -14.29 -5.44 -31.25
CA SER OA 72 -15.60 -6.00 -31.55
C SER OA 72 -16.10 -6.81 -30.37
N ILE OA 73 -17.35 -6.59 -29.98
CA ILE OA 73 -17.90 -7.20 -28.77
C ILE OA 73 -19.17 -7.95 -29.15
N SER OA 74 -19.37 -9.12 -28.54
CA SER OA 74 -20.42 -10.05 -28.91
C SER OA 74 -21.38 -10.29 -27.75
N VAL OA 75 -22.60 -10.70 -28.11
CA VAL OA 75 -23.64 -11.02 -27.13
C VAL OA 75 -23.42 -12.44 -26.65
N THR OA 76 -23.12 -12.61 -25.37
CA THR OA 76 -22.85 -13.94 -24.83
C THR OA 76 -24.10 -14.63 -24.29
N SER OA 77 -25.01 -13.88 -23.68
CA SER OA 77 -26.22 -14.48 -23.12
C SER OA 77 -27.28 -13.40 -23.00
N ILE OA 78 -28.53 -13.83 -22.84
CA ILE OA 78 -29.65 -12.91 -22.69
C ILE OA 78 -30.64 -13.47 -21.68
N ASN OA 79 -31.18 -12.58 -20.87
CA ASN OA 79 -32.24 -12.88 -19.90
C ASN OA 79 -33.41 -11.96 -20.20
N ILE OA 80 -34.58 -12.54 -20.42
CA ILE OA 80 -35.78 -11.78 -20.76
C ILE OA 80 -36.78 -11.90 -19.63
N ASN OA 81 -37.07 -10.78 -18.97
CA ASN OA 81 -38.06 -10.71 -17.90
C ASN OA 81 -37.77 -11.73 -16.80
N GLY OA 82 -36.49 -11.89 -16.48
CA GLY OA 82 -36.07 -12.82 -15.45
C GLY OA 82 -35.84 -14.25 -15.92
N GLN OA 83 -36.33 -14.61 -17.11
CA GLN OA 83 -36.18 -15.96 -17.63
C GLN OA 83 -34.91 -16.07 -18.47
N PRO OA 84 -34.11 -17.12 -18.29
CA PRO OA 84 -32.90 -17.27 -19.12
C PRO OA 84 -33.26 -17.61 -20.56
N PHE OA 85 -32.39 -17.21 -21.49
CA PHE OA 85 -32.60 -17.50 -22.89
C PHE OA 85 -31.26 -17.88 -23.53
N ASN OA 86 -31.32 -18.63 -24.63
CA ASN OA 86 -30.14 -19.10 -25.33
C ASN OA 86 -30.18 -18.66 -26.78
N ILE OA 87 -29.09 -18.09 -27.27
CA ILE OA 87 -29.02 -17.68 -28.66
C ILE OA 87 -28.96 -18.91 -29.56
N ASN OA 88 -29.74 -18.90 -30.64
CA ASN OA 88 -29.85 -20.10 -31.48
C ASN OA 88 -28.75 -20.21 -32.51
N GLY OA 89 -28.33 -19.11 -33.10
CA GLY OA 89 -27.25 -19.09 -34.06
C GLY OA 89 -25.94 -18.69 -33.44
N THR OA 90 -24.98 -18.31 -34.29
CA THR OA 90 -23.76 -17.73 -33.81
C THR OA 90 -24.05 -16.33 -33.24
N ALA OA 91 -23.32 -15.97 -32.20
CA ALA OA 91 -23.60 -14.72 -31.51
C ALA OA 91 -23.33 -13.53 -32.42
N PRO OA 92 -24.20 -12.52 -32.41
CA PRO OA 92 -23.89 -11.28 -33.15
C PRO OA 92 -22.75 -10.53 -32.49
N SER OA 93 -22.02 -9.77 -33.31
CA SER OA 93 -20.87 -9.00 -32.83
C SER OA 93 -20.98 -7.58 -33.33
N ILE OA 94 -20.72 -6.62 -32.45
CA ILE OA 94 -20.83 -5.20 -32.74
C ILE OA 94 -19.43 -4.65 -32.96
N PRO OA 95 -19.11 -4.12 -34.14
CA PRO OA 95 -17.77 -3.58 -34.37
C PRO OA 95 -17.53 -2.29 -33.60
N ALA OA 96 -16.26 -1.91 -33.52
CA ALA OA 96 -15.86 -0.73 -32.76
C ALA OA 96 -16.44 0.53 -33.39
N GLY OA 97 -16.85 1.47 -32.53
CA GLY OA 97 -17.34 2.76 -32.96
C GLY OA 97 -18.71 2.76 -33.61
N ARG OA 98 -19.28 1.60 -33.90
CA ARG OA 98 -20.53 1.53 -34.64
C ARG OA 98 -21.74 1.72 -33.74
N THR OA 99 -22.81 2.20 -34.35
CA THR OA 99 -24.15 2.16 -33.76
C THR OA 99 -25.05 1.49 -34.79
N GLN OA 100 -25.56 0.31 -34.47
CA GLN OA 100 -26.27 -0.46 -35.48
C GLN OA 100 -27.33 -1.35 -34.85
N PRO OA 101 -28.34 -1.76 -35.63
CA PRO OA 101 -29.33 -2.70 -35.12
C PRO OA 101 -28.84 -4.14 -35.14
N ILE OA 102 -28.63 -4.71 -33.96
CA ILE OA 102 -28.33 -6.12 -33.82
C ILE OA 102 -29.63 -6.91 -33.80
N THR OA 103 -29.69 -7.97 -34.60
CA THR OA 103 -30.83 -8.88 -34.62
C THR OA 103 -30.33 -10.30 -34.45
N PHE OA 104 -30.93 -11.04 -33.53
CA PHE OA 104 -30.50 -12.41 -33.31
C PHE OA 104 -31.66 -13.28 -32.83
N GLU OA 105 -31.56 -14.57 -33.15
CA GLU OA 105 -32.57 -15.53 -32.76
C GLU OA 105 -32.32 -16.03 -31.35
N VAL OA 106 -33.39 -16.37 -30.64
CA VAL OA 106 -33.27 -16.81 -29.26
C VAL OA 106 -34.30 -17.87 -28.92
N THR OA 107 -33.98 -18.72 -27.96
CA THR OA 107 -34.77 -19.85 -27.49
C THR OA 107 -34.94 -19.76 -25.99
N PRO OA 108 -36.06 -20.25 -25.47
CA PRO OA 108 -36.20 -20.37 -24.01
C PRO OA 108 -35.25 -21.43 -23.47
N ALA OA 109 -34.50 -21.08 -22.42
CA ALA OA 109 -33.63 -22.06 -21.79
C ALA OA 109 -34.43 -23.12 -21.05
N SER OA 110 -35.56 -22.75 -20.46
CA SER OA 110 -36.43 -23.70 -19.81
C SER OA 110 -37.86 -23.18 -19.88
N GLY OA 111 -38.81 -24.10 -19.91
CA GLY OA 111 -40.20 -23.70 -19.95
C GLY OA 111 -40.60 -23.16 -21.32
N LYS OA 112 -41.73 -22.46 -21.32
CA LYS OA 112 -42.31 -21.89 -22.55
C LYS OA 112 -42.93 -20.56 -22.16
N PRO OA 113 -42.21 -19.46 -22.37
CA PRO OA 113 -42.75 -18.15 -22.00
C PRO OA 113 -43.73 -17.67 -23.06
N ASN OA 114 -44.83 -17.10 -22.59
CA ASN OA 114 -45.89 -16.63 -23.47
C ASN OA 114 -45.92 -15.11 -23.43
N PHE OA 115 -45.92 -14.48 -24.60
CA PHE OA 115 -45.90 -13.04 -24.72
C PHE OA 115 -47.22 -12.54 -25.28
N SER OA 116 -47.63 -11.36 -24.84
CA SER OA 116 -48.85 -10.75 -25.32
C SER OA 116 -48.54 -9.59 -26.26
N PRO OA 117 -49.35 -9.39 -27.30
CA PRO OA 117 -49.05 -8.33 -28.27
C PRO OA 117 -48.98 -6.96 -27.62
N GLY OA 118 -47.96 -6.19 -27.98
CA GLY OA 118 -47.80 -4.83 -27.50
C GLY OA 118 -47.28 -4.69 -26.09
N ALA OA 119 -47.05 -5.79 -25.37
CA ALA OA 119 -46.55 -5.69 -24.01
C ALA OA 119 -45.05 -5.39 -24.02
N SER OA 120 -44.59 -4.80 -22.91
CA SER OA 120 -43.18 -4.44 -22.76
C SER OA 120 -42.52 -5.44 -21.81
N TYR OA 121 -41.43 -6.04 -22.26
CA TYR OA 121 -40.68 -7.02 -21.48
C TYR OA 121 -39.24 -6.52 -21.35
N THR OA 122 -38.74 -6.50 -20.12
CA THR OA 122 -37.37 -6.07 -19.90
C THR OA 122 -36.42 -7.23 -20.14
N ALA OA 123 -35.32 -6.96 -20.84
CA ALA OA 123 -34.31 -7.96 -21.14
C ALA OA 123 -32.93 -7.39 -20.80
N THR OA 124 -32.08 -8.23 -20.23
CA THR OA 124 -30.71 -7.86 -19.94
C THR OA 124 -29.81 -8.59 -20.92
N ILE OA 125 -29.10 -7.84 -21.75
CA ILE OA 125 -28.18 -8.41 -22.73
C ILE OA 125 -26.79 -8.35 -22.13
N TYR OA 126 -26.16 -9.51 -21.99
CA TYR OA 126 -24.82 -9.62 -21.43
C TYR OA 126 -23.84 -9.72 -22.59
N PHE OA 127 -22.93 -8.75 -22.68
CA PHE OA 127 -21.95 -8.72 -23.75
C PHE OA 127 -20.63 -9.30 -23.27
N SER OA 128 -19.70 -9.48 -24.21
CA SER OA 128 -18.44 -10.16 -23.89
C SER OA 128 -17.59 -9.39 -22.90
N ASN OA 129 -17.88 -8.11 -22.70
CA ASN OA 129 -17.20 -7.34 -21.65
C ASN OA 129 -17.62 -7.76 -20.25
N GLY OA 130 -18.64 -8.60 -20.13
CA GLY OA 130 -19.31 -8.81 -18.86
C GLY OA 130 -20.33 -7.74 -18.54
N GLN OA 131 -20.46 -6.73 -19.39
CA GLN OA 131 -21.42 -5.66 -19.16
C GLN OA 131 -22.83 -6.17 -19.44
N GLY OA 132 -23.74 -5.90 -18.52
CA GLY OA 132 -25.13 -6.27 -18.70
C GLY OA 132 -26.01 -5.06 -18.92
N ALA OA 133 -26.49 -4.88 -20.15
CA ALA OA 133 -27.30 -3.72 -20.49
C ALA OA 133 -28.77 -4.06 -20.37
N PRO OA 134 -29.53 -3.34 -19.53
CA PRO OA 134 -30.98 -3.51 -19.53
C PRO OA 134 -31.62 -2.76 -20.69
N ALA OA 135 -32.65 -3.37 -21.28
CA ALA OA 135 -33.35 -2.79 -22.41
C ALA OA 135 -34.81 -3.23 -22.34
N THR OA 136 -35.66 -2.52 -23.07
CA THR OA 136 -37.08 -2.81 -23.12
C THR OA 136 -37.45 -3.28 -24.52
N LEU OA 137 -38.06 -4.46 -24.60
CA LEU OA 137 -38.48 -5.06 -25.86
C LEU OA 137 -40.00 -5.03 -25.93
N ILE OA 138 -40.54 -4.57 -27.05
CA ILE OA 138 -41.98 -4.57 -27.28
C ILE OA 138 -42.29 -5.75 -28.19
N TYR OA 139 -43.20 -6.62 -27.72
CA TYR OA 139 -43.56 -7.80 -28.49
C TYR OA 139 -44.43 -7.40 -29.68
N GLN OA 140 -44.10 -7.94 -30.85
CA GLN OA 140 -44.77 -7.55 -32.09
C GLN OA 140 -45.38 -8.71 -32.86
N GLY OA 141 -45.11 -9.95 -32.46
CA GLY OA 141 -45.60 -11.10 -33.20
C GLY OA 141 -47.07 -11.40 -33.02
N LEU PA 1 26.46 -8.24 2.54
CA LEU PA 1 25.61 -9.29 2.01
C LEU PA 1 24.30 -9.39 2.77
N SER PA 2 24.32 -8.93 4.02
CA SER PA 2 23.15 -9.06 4.89
C SER PA 2 21.94 -8.32 4.33
N GLY PA 3 22.17 -7.13 3.78
CA GLY PA 3 21.06 -6.31 3.33
C GLY PA 3 20.22 -6.96 2.26
N ALA PA 4 20.87 -7.59 1.28
CA ALA PA 4 20.14 -8.22 0.19
C ALA PA 4 19.30 -9.39 0.68
N ILE PA 5 19.87 -10.23 1.54
CA ILE PA 5 19.12 -11.38 2.05
C ILE PA 5 17.96 -10.92 2.93
N VAL PA 6 18.18 -9.90 3.75
CA VAL PA 6 17.10 -9.38 4.59
C VAL PA 6 15.99 -8.79 3.72
N ALA PA 7 16.36 -8.06 2.67
CA ALA PA 7 15.36 -7.50 1.77
C ALA PA 7 14.57 -8.61 1.08
N LEU PA 8 15.25 -9.68 0.68
CA LEU PA 8 14.54 -10.80 0.05
C LEU PA 8 13.58 -11.47 1.03
N ILE PA 9 14.02 -11.65 2.29
CA ILE PA 9 13.14 -12.20 3.31
C ILE PA 9 11.90 -11.34 3.45
N LEU PA 10 12.08 -10.03 3.56
CA LEU PA 10 10.93 -9.14 3.74
C LEU PA 10 10.04 -9.11 2.51
N VAL PA 11 10.61 -9.24 1.31
CA VAL PA 11 9.80 -9.29 0.10
C VAL PA 11 8.90 -10.52 0.10
N ILE PA 12 9.48 -11.68 0.41
CA ILE PA 12 8.70 -12.91 0.43
C ILE PA 12 7.62 -12.83 1.51
N ALA PA 13 7.98 -12.33 2.70
CA ALA PA 13 7.01 -12.23 3.78
C ALA PA 13 5.90 -11.25 3.44
N GLY PA 14 6.23 -10.15 2.76
CA GLY PA 14 5.20 -9.23 2.33
C GLY PA 14 4.24 -9.87 1.35
N VAL PA 15 4.78 -10.66 0.41
CA VAL PA 15 3.91 -11.41 -0.49
C VAL PA 15 2.96 -12.30 0.31
N ILE PA 16 3.51 -13.00 1.31
CA ILE PA 16 2.71 -13.93 2.09
C ILE PA 16 1.57 -13.19 2.81
N ILE PA 17 1.91 -12.12 3.52
CA ILE PA 17 0.91 -11.42 4.32
C ILE PA 17 -0.12 -10.74 3.43
N ALA PA 18 0.32 -10.17 2.31
CA ALA PA 18 -0.61 -9.51 1.40
C ALA PA 18 -1.61 -10.51 0.82
N ILE PA 19 -1.12 -11.69 0.42
CA ILE PA 19 -2.03 -12.70 -0.12
C ILE PA 19 -2.98 -13.18 0.98
N ALA PA 20 -2.50 -13.28 2.22
CA ALA PA 20 -3.37 -13.65 3.32
C ALA PA 20 -4.49 -12.63 3.50
N VAL PA 21 -4.15 -11.35 3.42
CA VAL PA 21 -5.17 -10.30 3.57
C VAL PA 21 -6.16 -10.34 2.40
N VAL PA 22 -5.67 -10.61 1.19
CA VAL PA 22 -6.56 -10.72 0.04
C VAL PA 22 -7.54 -11.86 0.21
N LEU PA 23 -7.04 -13.01 0.69
CA LEU PA 23 -7.92 -14.15 0.93
C LEU PA 23 -8.92 -13.86 2.04
N PHE PA 24 -8.51 -13.10 3.05
CA PHE PA 24 -9.44 -12.67 4.08
C PHE PA 24 -10.54 -11.79 3.50
N ALA PA 25 -10.17 -10.88 2.61
CA ALA PA 25 -11.16 -10.03 1.95
C ALA PA 25 -12.15 -10.88 1.15
N PHE PA 26 -11.63 -11.89 0.44
CA PHE PA 26 -12.52 -12.79 -0.29
C PHE PA 26 -13.42 -13.59 0.65
N GLY PA 27 -12.93 -13.95 1.83
CA GLY PA 27 -13.72 -14.67 2.79
C GLY PA 27 -14.77 -13.85 3.51
N LEU PA 28 -14.61 -12.53 3.54
CA LEU PA 28 -15.65 -11.69 4.13
C LEU PA 28 -16.94 -11.68 3.32
N ILE PA 29 -16.86 -11.87 2.00
CA ILE PA 29 -17.99 -11.67 1.09
C ILE PA 29 -19.21 -12.47 1.49
N PRO PA 30 -19.12 -13.76 1.83
CA PRO PA 30 -20.35 -14.50 2.19
C PRO PA 30 -21.11 -13.90 3.36
N GLY PA 31 -20.41 -13.38 4.37
CA GLY PA 31 -21.11 -12.79 5.51
C GLY PA 31 -21.86 -11.52 5.14
N ILE PA 32 -21.24 -10.65 4.36
CA ILE PA 32 -21.87 -9.37 4.03
C ILE PA 32 -22.86 -9.54 2.88
N SER PA 33 -22.54 -10.39 1.90
CA SER PA 33 -23.41 -10.59 0.75
C SER PA 33 -24.48 -11.59 1.15
N ASN PA 34 -25.64 -11.06 1.56
CA ASN PA 34 -26.75 -11.87 2.02
C ASN PA 34 -28.02 -11.24 1.44
N GLN PA 35 -28.42 -11.75 0.28
CA GLN PA 35 -29.67 -11.30 -0.33
C GLN PA 35 -30.85 -11.94 0.38
N GLY PA 36 -32.04 -11.53 -0.03
CA GLY PA 36 -33.21 -12.05 0.65
C GLY PA 36 -33.58 -11.23 1.87
N SER PA 37 -34.88 -11.07 2.08
CA SER PA 37 -35.38 -10.22 3.14
C SER PA 37 -36.79 -10.65 3.48
N ILE PA 38 -37.27 -10.16 4.61
CA ILE PA 38 -38.67 -10.30 4.97
C ILE PA 38 -39.47 -9.19 4.31
N GLN PA 39 -40.51 -9.57 3.58
CA GLN PA 39 -41.35 -8.64 2.86
C GLN PA 39 -42.76 -8.68 3.45
N VAL PA 40 -43.32 -7.52 3.74
CA VAL PA 40 -44.66 -7.42 4.30
C VAL PA 40 -45.63 -7.11 3.16
N LEU PA 41 -46.59 -8.00 2.94
CA LEU PA 41 -47.47 -7.94 1.79
C LEU PA 41 -48.84 -7.46 2.23
N GLY PA 42 -49.34 -6.41 1.60
CA GLY PA 42 -50.67 -5.92 1.87
C GLY PA 42 -50.77 -5.23 3.23
N SER PA 43 -51.99 -4.81 3.55
CA SER PA 43 -52.26 -4.15 4.81
C SER PA 43 -52.49 -5.16 5.92
N GLY PA 44 -51.96 -4.87 7.10
CA GLY PA 44 -52.24 -5.65 8.28
C GLY PA 44 -53.39 -5.05 9.09
N THR PA 45 -53.67 -5.68 10.22
CA THR PA 45 -54.77 -5.27 11.07
C THR PA 45 -54.34 -5.20 12.53
N ILE PA 46 -54.84 -4.18 13.23
CA ILE PA 46 -54.70 -4.05 14.68
C ILE PA 46 -56.07 -4.25 15.31
N THR PA 47 -56.14 -5.13 16.29
CA THR PA 47 -57.38 -5.43 16.99
C THR PA 47 -57.16 -5.29 18.48
N ASN PA 48 -58.15 -4.76 19.19
CA ASN PA 48 -58.02 -4.54 20.63
C ASN PA 48 -58.17 -5.86 21.38
N SER PA 49 -57.11 -6.31 22.01
CA SER PA 49 -57.13 -7.56 22.77
C SER PA 49 -57.32 -7.36 24.25
N THR PA 50 -57.25 -6.13 24.74
CA THR PA 50 -57.44 -5.86 26.16
C THR PA 50 -58.83 -6.31 26.61
N ALA PA 51 -58.90 -6.99 27.74
CA ALA PA 51 -60.15 -7.56 28.20
C ALA PA 51 -60.20 -7.56 29.72
N SER PA 52 -61.42 -7.74 30.24
CA SER PA 52 -61.68 -7.95 31.67
C SER PA 52 -61.27 -6.77 32.53
N GLY PA 53 -61.09 -5.58 31.93
CA GLY PA 53 -60.70 -4.43 32.71
C GLY PA 53 -59.32 -4.51 33.31
N SER PA 54 -58.46 -5.39 32.80
CA SER PA 54 -57.09 -5.47 33.28
C SER PA 54 -56.33 -4.19 32.93
N SER PA 55 -55.28 -3.92 33.70
CA SER PA 55 -54.64 -2.60 33.65
C SER PA 55 -53.86 -2.38 32.36
N ARG PA 56 -53.39 -3.44 31.72
CA ARG PA 56 -52.45 -3.31 30.61
C ARG PA 56 -53.15 -3.53 29.28
N THR PA 57 -52.96 -2.59 28.36
CA THR PA 57 -53.56 -2.67 27.03
C THR PA 57 -52.69 -3.53 26.12
N ILE PA 58 -53.33 -4.49 25.44
CA ILE PA 58 -52.65 -5.39 24.52
C ILE PA 58 -53.41 -5.39 23.20
N TYR PA 59 -52.67 -5.40 22.09
CA TYR PA 59 -53.26 -5.34 20.77
C TYR PA 59 -52.75 -6.50 19.91
N ASN PA 60 -53.66 -7.11 19.16
CA ASN PA 60 -53.32 -8.09 18.14
C ASN PA 60 -52.87 -7.36 16.89
N ILE PA 61 -51.77 -7.81 16.31
CA ILE PA 61 -51.31 -7.31 15.02
C ILE PA 61 -51.17 -8.51 14.08
N THR PA 62 -51.88 -8.46 12.97
CA THR PA 62 -51.84 -9.50 11.96
C THR PA 62 -51.31 -8.93 10.66
N ILE PA 63 -50.29 -9.56 10.10
CA ILE PA 63 -49.70 -9.12 8.83
C ILE PA 63 -49.35 -10.34 8.00
N THR PA 64 -49.37 -10.17 6.67
CA THR PA 64 -48.92 -11.21 5.77
C THR PA 64 -47.44 -10.99 5.48
N VAL PA 65 -46.64 -12.03 5.69
CA VAL PA 65 -45.19 -11.90 5.72
C VAL PA 65 -44.58 -12.97 4.82
N LYS PA 66 -43.53 -12.60 4.09
CA LYS PA 66 -42.89 -13.49 3.12
C LYS PA 66 -41.39 -13.43 3.34
N ASN PA 67 -40.81 -14.53 3.80
CA ASN PA 67 -39.37 -14.60 4.07
C ASN PA 67 -38.68 -15.08 2.79
N THR PA 68 -38.04 -14.17 2.08
CA THR PA 68 -37.36 -14.53 0.85
C THR PA 68 -35.96 -15.10 1.09
N GLY PA 69 -35.46 -15.05 2.33
CA GLY PA 69 -34.13 -15.52 2.63
C GLY PA 69 -34.08 -17.00 2.92
N THR PA 70 -32.89 -17.45 3.32
CA THR PA 70 -32.65 -18.85 3.65
C THR PA 70 -32.52 -19.09 5.15
N THR PA 71 -32.88 -18.10 5.97
CA THR PA 71 -32.73 -18.21 7.42
C THR PA 71 -34.04 -17.90 8.11
N SER PA 72 -34.25 -18.54 9.25
CA SER PA 72 -35.39 -18.21 10.10
C SER PA 72 -35.20 -16.82 10.70
N ILE PA 73 -36.27 -16.04 10.71
CA ILE PA 73 -36.22 -14.64 11.12
C ILE PA 73 -37.40 -14.36 12.04
N SER PA 74 -37.18 -13.52 13.05
CA SER PA 74 -38.18 -13.23 14.05
C SER PA 74 -38.35 -11.71 14.20
N VAL PA 75 -39.53 -11.33 14.68
CA VAL PA 75 -39.84 -9.93 14.96
C VAL PA 75 -39.20 -9.53 16.28
N THR PA 76 -38.72 -8.29 16.35
CA THR PA 76 -38.06 -7.81 17.57
C THR PA 76 -38.79 -6.60 18.14
N SER PA 77 -39.41 -5.79 17.29
CA SER PA 77 -40.13 -4.61 17.76
C SER PA 77 -41.03 -4.10 16.65
N ILE PA 78 -41.96 -3.23 17.02
CA ILE PA 78 -42.81 -2.54 16.07
C ILE PA 78 -43.02 -1.11 16.54
N ASN PA 79 -43.08 -0.19 15.59
CA ASN PA 79 -43.39 1.20 15.86
C ASN PA 79 -44.63 1.58 15.08
N ILE PA 80 -45.69 2.00 15.78
CA ILE PA 80 -46.97 2.32 15.16
C ILE PA 80 -47.27 3.79 15.43
N ASN PA 81 -47.51 4.55 14.36
CA ASN PA 81 -47.91 5.95 14.46
C ASN PA 81 -46.89 6.78 15.24
N GLY PA 82 -45.61 6.43 15.12
CA GLY PA 82 -44.55 7.12 15.82
C GLY PA 82 -44.32 6.65 17.24
N GLN PA 83 -45.10 5.70 17.73
CA GLN PA 83 -45.05 5.22 19.10
C GLN PA 83 -44.47 3.81 19.15
N PRO PA 84 -43.49 3.54 20.01
CA PRO PA 84 -42.91 2.19 20.07
C PRO PA 84 -43.80 1.24 20.86
N PHE PA 85 -43.84 -0.02 20.42
CA PHE PA 85 -44.58 -1.06 21.10
C PHE PA 85 -43.66 -2.24 21.37
N ASN PA 86 -43.92 -2.95 22.45
CA ASN PA 86 -43.15 -4.13 22.83
C ASN PA 86 -43.91 -5.38 22.43
N ILE PA 87 -43.20 -6.35 21.85
CA ILE PA 87 -43.83 -7.58 21.40
C ILE PA 87 -44.02 -8.50 22.59
N ASN PA 88 -45.21 -8.45 23.18
CA ASN PA 88 -45.54 -9.34 24.28
C ASN PA 88 -45.38 -10.79 23.85
N GLY PA 89 -44.79 -11.59 24.73
CA GLY PA 89 -44.69 -13.03 24.54
C GLY PA 89 -43.55 -13.43 23.63
N THR PA 90 -43.48 -14.75 23.42
CA THR PA 90 -42.51 -15.32 22.49
C THR PA 90 -42.75 -14.76 21.10
N ALA PA 91 -41.77 -14.03 20.59
CA ALA PA 91 -41.93 -13.36 19.31
C ALA PA 91 -42.06 -14.39 18.19
N PRO PA 92 -42.96 -14.17 17.23
CA PRO PA 92 -43.14 -15.14 16.15
C PRO PA 92 -41.90 -15.25 15.27
N SER PA 93 -41.68 -16.45 14.74
CA SER PA 93 -40.56 -16.72 13.85
C SER PA 93 -41.11 -17.07 12.47
N ILE PA 94 -40.49 -16.51 11.44
CA ILE PA 94 -40.93 -16.67 10.07
C ILE PA 94 -39.97 -17.64 9.38
N PRO PA 95 -40.41 -18.84 9.00
CA PRO PA 95 -39.50 -19.80 8.36
C PRO PA 95 -39.06 -19.33 6.99
N ALA PA 96 -37.92 -19.89 6.56
CA ALA PA 96 -37.33 -19.48 5.30
C ALA PA 96 -38.20 -19.87 4.12
N GLY PA 97 -38.24 -18.98 3.12
CA GLY PA 97 -38.92 -19.26 1.87
C GLY PA 97 -40.42 -19.41 1.95
N ARG PA 98 -41.04 -18.97 3.03
CA ARG PA 98 -42.46 -19.23 3.28
C ARG PA 98 -43.24 -17.93 3.42
N THR PA 99 -44.46 -17.93 2.89
CA THR PA 99 -45.41 -16.84 3.06
C THR PA 99 -46.47 -17.27 4.07
N GLN PA 100 -46.65 -16.48 5.12
CA GLN PA 100 -47.53 -16.83 6.21
C GLN PA 100 -48.31 -15.62 6.69
N PRO PA 101 -49.54 -15.84 7.16
CA PRO PA 101 -50.17 -14.84 8.04
C PRO PA 101 -49.58 -14.96 9.44
N ILE PA 102 -48.94 -13.90 9.90
CA ILE PA 102 -48.24 -13.87 11.18
C ILE PA 102 -48.97 -12.91 12.11
N THR PA 103 -49.32 -13.38 13.30
CA THR PA 103 -50.09 -12.62 14.26
C THR PA 103 -49.36 -12.61 15.60
N PHE PA 104 -49.26 -11.44 16.21
CA PHE PA 104 -48.57 -11.32 17.48
C PHE PA 104 -49.18 -10.21 18.32
N GLU PA 105 -49.01 -10.32 19.63
CA GLU PA 105 -49.56 -9.36 20.56
C GLU PA 105 -48.50 -8.34 20.97
N VAL PA 106 -48.93 -7.08 21.09
CA VAL PA 106 -48.05 -5.97 21.41
C VAL PA 106 -48.66 -5.15 22.54
N THR PA 107 -47.79 -4.48 23.28
CA THR PA 107 -48.20 -3.52 24.31
C THR PA 107 -47.44 -2.22 24.10
N PRO PA 108 -48.06 -1.09 24.42
CA PRO PA 108 -47.38 0.20 24.26
C PRO PA 108 -46.19 0.30 25.22
N ALA PA 109 -45.05 0.70 24.68
CA ALA PA 109 -43.87 0.88 25.52
C ALA PA 109 -44.04 2.08 26.45
N SER PA 110 -44.77 3.10 26.00
CA SER PA 110 -45.05 4.26 26.83
C SER PA 110 -46.34 4.91 26.35
N GLY PA 111 -46.98 5.65 27.24
CA GLY PA 111 -48.19 6.37 26.88
C GLY PA 111 -49.34 5.43 26.56
N LYS PA 112 -50.27 5.95 25.75
CA LYS PA 112 -51.42 5.16 25.32
C LYS PA 112 -51.76 5.50 23.88
N PRO PA 113 -52.17 4.50 23.09
CA PRO PA 113 -52.52 4.77 21.69
C PRO PA 113 -53.85 5.50 21.57
N ASN PA 114 -54.03 6.14 20.41
CA ASN PA 114 -55.24 6.88 20.10
C ASN PA 114 -55.94 6.34 18.85
N PHE PA 115 -55.94 5.01 18.69
CA PHE PA 115 -56.44 4.41 17.48
C PHE PA 115 -57.93 4.70 17.29
N SER PA 116 -58.33 4.85 16.03
CA SER PA 116 -59.72 5.08 15.66
C SER PA 116 -60.17 3.97 14.72
N PRO PA 117 -61.41 3.50 14.86
CA PRO PA 117 -61.88 2.41 14.01
C PRO PA 117 -61.82 2.77 12.53
N GLY PA 118 -61.27 1.86 11.72
CA GLY PA 118 -61.16 2.06 10.30
C GLY PA 118 -60.00 2.91 9.85
N ALA PA 119 -59.26 3.53 10.77
CA ALA PA 119 -58.13 4.35 10.39
C ALA PA 119 -56.94 3.49 10.00
N SER PA 120 -56.10 4.02 9.12
CA SER PA 120 -54.91 3.34 8.65
C SER PA 120 -53.68 4.05 9.22
N TYR PA 121 -52.82 3.29 9.89
CA TYR PA 121 -51.66 3.82 10.57
C TYR PA 121 -50.40 3.22 9.97
N THR PA 122 -49.43 4.08 9.65
CA THR PA 122 -48.14 3.60 9.17
C THR PA 122 -47.33 3.05 10.33
N ALA PA 123 -46.78 1.86 10.14
CA ALA PA 123 -45.98 1.20 11.16
C ALA PA 123 -44.68 0.70 10.53
N THR PA 124 -43.74 0.35 11.39
CA THR PA 124 -42.46 -0.22 10.98
C THR PA 124 -42.20 -1.44 11.85
N ILE PA 125 -42.01 -2.59 11.22
CA ILE PA 125 -41.75 -3.84 11.93
C ILE PA 125 -40.27 -4.17 11.78
N TYR PA 126 -39.58 -4.35 12.90
CA TYR PA 126 -38.14 -4.57 12.90
C TYR PA 126 -37.85 -6.05 13.17
N PHE PA 127 -37.05 -6.65 12.31
CA PHE PA 127 -36.78 -8.07 12.36
C PHE PA 127 -35.36 -8.33 12.85
N SER PA 128 -35.06 -9.62 13.10
CA SER PA 128 -33.83 -9.99 13.78
C SER PA 128 -32.58 -9.58 13.03
N ASN PA 129 -32.66 -9.42 11.70
CA ASN PA 129 -31.49 -8.95 10.96
C ASN PA 129 -31.21 -7.47 11.20
N GLY PA 130 -32.12 -6.75 11.84
CA GLY PA 130 -32.06 -5.32 11.92
C GLY PA 130 -32.82 -4.59 10.82
N GLN PA 131 -33.16 -5.29 9.75
CA GLN PA 131 -33.96 -4.69 8.69
C GLN PA 131 -35.36 -4.40 9.20
N GLY PA 132 -35.94 -3.32 8.69
CA GLY PA 132 -37.27 -2.89 9.12
C GLY PA 132 -38.21 -2.63 7.96
N ALA PA 133 -39.33 -3.34 7.96
CA ALA PA 133 -40.29 -3.22 6.87
C ALA PA 133 -41.37 -2.21 7.24
N PRO PA 134 -41.57 -1.15 6.45
CA PRO PA 134 -42.75 -0.32 6.64
C PRO PA 134 -44.00 -1.04 6.18
N ALA PA 135 -45.10 -0.79 6.89
CA ALA PA 135 -46.37 -1.44 6.63
C ALA PA 135 -47.49 -0.49 6.99
N THR PA 136 -48.69 -0.81 6.52
CA THR PA 136 -49.90 -0.07 6.88
C THR PA 136 -50.84 -1.00 7.64
N LEU PA 137 -51.27 -0.57 8.81
CA LEU PA 137 -52.13 -1.37 9.68
C LEU PA 137 -53.47 -0.64 9.84
N ILE PA 138 -54.55 -1.36 9.60
CA ILE PA 138 -55.90 -0.83 9.75
C ILE PA 138 -56.43 -1.27 11.10
N TYR PA 139 -56.97 -0.31 11.87
CA TYR PA 139 -57.49 -0.62 13.19
C TYR PA 139 -58.93 -1.11 13.05
N GLN PA 140 -59.17 -2.36 13.41
CA GLN PA 140 -60.48 -2.99 13.26
C GLN PA 140 -61.35 -2.91 14.50
N GLY PA 141 -60.81 -2.42 15.62
CA GLY PA 141 -61.57 -2.33 16.84
C GLY PA 141 -61.56 -3.61 17.66
N LEU QA 1 21.17 -5.57 8.78
CA LEU QA 1 20.23 -5.70 9.90
C LEU QA 1 19.21 -4.57 9.89
N SER QA 2 19.48 -3.53 9.10
CA SER QA 2 18.68 -2.32 9.13
C SER QA 2 17.25 -2.57 8.65
N GLY QA 3 17.09 -3.40 7.63
CA GLY QA 3 15.79 -3.53 6.97
C GLY QA 3 14.70 -4.02 7.90
N ALA QA 4 15.01 -5.00 8.75
CA ALA QA 4 14.00 -5.51 9.68
C ALA QA 4 13.60 -4.45 10.70
N ILE QA 5 14.57 -3.65 11.16
CA ILE QA 5 14.28 -2.57 12.09
C ILE QA 5 13.34 -1.55 11.44
N VAL QA 6 13.63 -1.16 10.21
CA VAL QA 6 12.78 -0.20 9.50
C VAL QA 6 11.38 -0.78 9.31
N ALA QA 7 11.31 -2.07 8.97
CA ALA QA 7 10.01 -2.71 8.77
C ALA QA 7 9.20 -2.72 10.06
N LEU QA 8 9.85 -2.99 11.19
CA LEU QA 8 9.15 -2.96 12.47
C LEU QA 8 8.56 -1.58 12.75
N ILE QA 9 9.39 -0.55 12.58
CA ILE QA 9 8.93 0.82 12.81
C ILE QA 9 7.71 1.12 11.93
N LEU QA 10 7.81 0.77 10.65
CA LEU QA 10 6.73 1.11 9.72
C LEU QA 10 5.46 0.31 10.01
N VAL QA 11 5.59 -0.94 10.44
CA VAL QA 11 4.41 -1.73 10.77
C VAL QA 11 3.64 -1.09 11.92
N ILE QA 12 4.36 -0.72 12.98
CA ILE QA 12 3.68 -0.12 14.13
C ILE QA 12 3.05 1.22 13.75
N ALA QA 13 3.76 2.03 12.98
CA ALA QA 13 3.21 3.32 12.55
C ALA QA 13 1.97 3.13 11.69
N GLY QA 14 1.98 2.12 10.81
CA GLY QA 14 0.81 1.85 9.99
C GLY QA 14 -0.41 1.49 10.83
N VAL QA 15 -0.20 0.65 11.84
CA VAL QA 15 -1.31 0.32 12.75
C VAL QA 15 -1.88 1.59 13.37
N ILE QA 16 -1.00 2.45 13.89
CA ILE QA 16 -1.45 3.66 14.57
C ILE QA 16 -2.25 4.55 13.63
N ILE QA 17 -1.72 4.80 12.43
CA ILE QA 17 -2.37 5.74 11.53
C ILE QA 17 -3.69 5.18 11.01
N ALA QA 18 -3.75 3.87 10.75
CA ALA QA 18 -5.00 3.27 10.30
C ALA QA 18 -6.09 3.39 11.36
N ILE QA 19 -5.74 3.14 12.63
CA ILE QA 19 -6.73 3.28 13.69
C ILE QA 19 -7.18 4.74 13.80
N ALA QA 20 -6.25 5.68 13.66
CA ALA QA 20 -6.61 7.09 13.73
C ALA QA 20 -7.58 7.47 12.62
N VAL QA 21 -7.35 6.95 11.40
CA VAL QA 21 -8.24 7.26 10.29
C VAL QA 21 -9.63 6.69 10.53
N VAL QA 22 -9.70 5.46 11.06
CA VAL QA 22 -11.00 4.86 11.35
C VAL QA 22 -11.76 5.69 12.38
N LEU QA 23 -11.06 6.14 13.43
CA LEU QA 23 -11.72 6.95 14.44
C LEU QA 23 -12.15 8.30 13.90
N PHE QA 24 -11.39 8.88 12.97
CA PHE QA 24 -11.83 10.11 12.32
C PHE QA 24 -13.09 9.88 11.50
N ALA QA 25 -13.15 8.75 10.79
CA ALA QA 25 -14.35 8.41 10.02
C ALA QA 25 -15.56 8.33 10.93
N PHE QA 26 -15.39 7.72 12.11
CA PHE QA 26 -16.50 7.67 13.06
C PHE QA 26 -16.82 9.04 13.64
N GLY QA 27 -15.81 9.89 13.82
CA GLY QA 27 -16.05 11.20 14.41
C GLY QA 27 -16.70 12.19 13.47
N LEU QA 28 -16.63 11.96 12.15
CA LEU QA 28 -17.25 12.88 11.21
C LEU QA 28 -18.77 12.91 11.34
N ILE QA 29 -19.38 11.84 11.83
CA ILE QA 29 -20.83 11.67 11.71
C ILE QA 29 -21.62 12.81 12.34
N PRO QA 30 -21.33 13.27 13.57
CA PRO QA 30 -22.20 14.29 14.19
C PRO QA 30 -22.32 15.58 13.40
N GLY QA 31 -21.32 15.92 12.59
CA GLY QA 31 -21.39 17.16 11.84
C GLY QA 31 -22.44 17.16 10.75
N ILE QA 32 -22.81 15.98 10.26
CA ILE QA 32 -23.76 15.88 9.15
C ILE QA 32 -25.15 16.36 9.58
N SER QA 33 -25.51 16.11 10.84
CA SER QA 33 -26.87 16.42 11.31
C SER QA 33 -27.23 17.88 11.11
N ASN QA 34 -26.25 18.78 11.26
CA ASN QA 34 -26.55 20.21 11.24
C ASN QA 34 -26.89 20.72 9.84
N GLN QA 35 -26.72 19.90 8.80
CA GLN QA 35 -26.99 20.36 7.45
C GLN QA 35 -28.47 20.56 7.17
N GLY QA 36 -29.36 20.12 8.04
CA GLY QA 36 -30.79 20.27 7.80
C GLY QA 36 -31.54 20.97 8.91
N SER QA 37 -30.87 21.89 9.60
CA SER QA 37 -31.45 22.50 10.79
C SER QA 37 -32.64 23.40 10.47
N ILE QA 38 -32.65 24.02 9.28
CA ILE QA 38 -33.57 25.12 8.99
C ILE QA 38 -34.55 24.70 7.90
N GLN QA 39 -35.79 25.15 8.03
CA GLN QA 39 -36.78 25.02 6.97
C GLN QA 39 -37.58 26.31 6.82
N VAL QA 40 -37.81 26.72 5.58
CA VAL QA 40 -38.59 27.91 5.30
C VAL QA 40 -40.07 27.51 5.21
N LEU QA 41 -40.93 28.30 5.85
CA LEU QA 41 -42.35 27.99 5.94
C LEU QA 41 -43.14 29.00 5.11
N GLY QA 42 -43.95 28.48 4.19
CA GLY QA 42 -44.88 29.31 3.46
C GLY QA 42 -44.21 30.31 2.52
N SER QA 43 -45.04 31.21 1.99
CA SER QA 43 -44.54 32.21 1.07
C SER QA 43 -43.87 33.36 1.83
N GLY QA 44 -43.11 34.14 1.08
CA GLY QA 44 -42.49 35.34 1.60
C GLY QA 44 -42.86 36.54 0.73
N THR QA 45 -42.33 37.69 1.10
CA THR QA 45 -42.68 38.95 0.46
C THR QA 45 -41.44 39.74 0.10
N ILE QA 46 -41.41 40.25 -1.14
CA ILE QA 46 -40.40 41.22 -1.59
C ILE QA 46 -41.06 42.58 -1.64
N THR QA 47 -40.32 43.61 -1.25
CA THR QA 47 -40.82 44.98 -1.27
C THR QA 47 -39.69 45.91 -1.72
N ASN QA 48 -40.07 46.97 -2.43
CA ASN QA 48 -39.12 47.94 -2.95
C ASN QA 48 -38.82 49.00 -1.88
N SER QA 49 -37.55 49.21 -1.59
CA SER QA 49 -37.13 49.99 -0.43
C SER QA 49 -35.97 50.95 -0.77
N THR QA 50 -36.10 51.69 -1.87
CA THR QA 50 -35.06 52.62 -2.26
C THR QA 50 -35.68 53.98 -2.57
N ALA QA 51 -34.91 55.04 -2.28
CA ALA QA 51 -35.37 56.41 -2.45
C ALA QA 51 -35.05 56.93 -3.85
N SER QA 52 -35.61 58.10 -4.15
CA SER QA 52 -35.41 58.72 -5.46
C SER QA 52 -33.94 59.12 -5.64
N GLY QA 53 -33.39 58.81 -6.80
CA GLY QA 53 -32.01 59.16 -7.09
C GLY QA 53 -30.98 58.35 -6.36
N SER QA 54 -31.39 57.25 -5.70
CA SER QA 54 -30.45 56.43 -4.96
C SER QA 54 -29.46 55.76 -5.89
N SER QA 55 -28.32 55.36 -5.34
CA SER QA 55 -27.32 54.65 -6.13
C SER QA 55 -27.78 53.26 -6.52
N ARG QA 56 -28.70 52.68 -5.75
CA ARG QA 56 -29.02 51.27 -5.91
C ARG QA 56 -30.44 50.99 -5.47
N THR QA 57 -31.05 49.99 -6.12
CA THR QA 57 -32.31 49.45 -5.64
C THR QA 57 -32.03 48.49 -4.49
N ILE QA 58 -32.87 48.55 -3.47
CA ILE QA 58 -32.78 47.58 -2.39
C ILE QA 58 -34.18 47.08 -2.06
N TYR QA 59 -34.30 45.77 -1.88
CA TYR QA 59 -35.57 45.10 -1.65
C TYR QA 59 -35.57 44.46 -0.27
N ASN QA 60 -36.61 44.74 0.51
CA ASN QA 60 -36.86 44.06 1.76
C ASN QA 60 -37.50 42.71 1.48
N ILE QA 61 -36.92 41.64 2.03
CA ILE QA 61 -37.44 40.30 1.84
C ILE QA 61 -37.79 39.74 3.21
N THR QA 62 -39.05 39.33 3.36
CA THR QA 62 -39.54 38.75 4.61
C THR QA 62 -39.94 37.30 4.34
N ILE QA 63 -39.41 36.39 5.15
CA ILE QA 63 -39.72 34.97 5.05
C ILE QA 63 -39.83 34.39 6.45
N THR QA 64 -40.77 33.47 6.64
CA THR QA 64 -40.86 32.76 7.90
C THR QA 64 -39.90 31.58 7.88
N VAL QA 65 -39.03 31.52 8.90
CA VAL QA 65 -37.98 30.50 8.96
C VAL QA 65 -38.07 29.79 10.30
N LYS QA 66 -37.95 28.47 10.28
CA LYS QA 66 -37.96 27.64 11.47
C LYS QA 66 -36.61 26.97 11.63
N ASN QA 67 -36.00 27.17 12.80
CA ASN QA 67 -34.70 26.60 13.12
C ASN QA 67 -34.87 25.49 14.15
N THR QA 68 -34.25 24.33 13.88
CA THR QA 68 -34.37 23.17 14.74
C THR QA 68 -33.07 22.80 15.44
N GLY QA 69 -31.96 23.46 15.14
CA GLY QA 69 -30.69 23.12 15.73
C GLY QA 69 -30.46 23.80 17.07
N THR QA 70 -29.30 23.49 17.67
CA THR QA 70 -28.91 24.09 18.93
C THR QA 70 -28.31 25.47 18.76
N THR QA 71 -27.95 25.86 17.53
CA THR QA 71 -27.18 27.07 17.29
C THR QA 71 -27.95 28.03 16.39
N SER QA 72 -27.68 29.32 16.58
CA SER QA 72 -28.28 30.35 15.74
C SER QA 72 -27.65 30.33 14.35
N ILE QA 73 -28.49 30.50 13.33
CA ILE QA 73 -28.07 30.42 11.93
C ILE QA 73 -28.54 31.67 11.22
N SER QA 74 -27.75 32.12 10.25
CA SER QA 74 -28.02 33.36 9.54
C SER QA 74 -28.03 33.11 8.03
N VAL QA 75 -28.70 34.02 7.32
CA VAL QA 75 -28.71 33.98 5.86
C VAL QA 75 -27.37 34.47 5.33
N THR QA 76 -26.92 33.89 4.22
CA THR QA 76 -25.69 34.29 3.57
C THR QA 76 -25.88 34.76 2.14
N SER QA 77 -26.82 34.17 1.40
CA SER QA 77 -27.09 34.61 0.04
C SER QA 77 -28.51 34.20 -0.33
N ILE QA 78 -29.07 34.91 -1.30
CA ILE QA 78 -30.38 34.57 -1.86
C ILE QA 78 -30.28 34.67 -3.37
N ASN QA 79 -30.98 33.77 -4.06
CA ASN QA 79 -30.98 33.71 -5.51
C ASN QA 79 -32.42 33.69 -5.96
N ILE QA 80 -32.88 34.80 -6.55
CA ILE QA 80 -34.28 35.00 -6.88
C ILE QA 80 -34.43 35.00 -8.40
N ASN QA 81 -35.32 34.15 -8.90
CA ASN QA 81 -35.67 34.11 -10.32
C ASN QA 81 -34.44 33.83 -11.18
N GLY QA 82 -33.42 33.20 -10.61
CA GLY QA 82 -32.18 32.89 -11.28
C GLY QA 82 -31.06 33.88 -11.02
N GLN QA 83 -31.40 35.12 -10.66
CA GLN QA 83 -30.41 36.16 -10.43
C GLN QA 83 -29.93 36.12 -8.99
N PRO QA 84 -28.61 36.18 -8.75
CA PRO QA 84 -28.11 36.23 -7.38
C PRO QA 84 -28.19 37.64 -6.80
N PHE QA 85 -28.50 37.72 -5.51
CA PHE QA 85 -28.63 38.98 -4.82
C PHE QA 85 -27.64 39.04 -3.66
N ASN QA 86 -27.20 40.26 -3.34
CA ASN QA 86 -26.22 40.50 -2.28
C ASN QA 86 -26.94 41.11 -1.08
N ILE QA 87 -26.68 40.55 0.10
CA ILE QA 87 -27.41 40.92 1.30
C ILE QA 87 -26.77 42.16 1.91
N ASN QA 88 -27.56 43.23 2.05
CA ASN QA 88 -27.06 44.45 2.67
C ASN QA 88 -27.13 44.37 4.19
N GLY QA 89 -26.13 44.96 4.84
CA GLY QA 89 -26.12 45.09 6.28
C GLY QA 89 -25.77 43.79 7.00
N THR QA 90 -26.00 43.81 8.32
CA THR QA 90 -25.74 42.63 9.13
C THR QA 90 -26.86 41.61 8.92
N ALA QA 91 -26.46 40.40 8.52
CA ALA QA 91 -27.45 39.37 8.22
C ALA QA 91 -28.20 38.98 9.48
N PRO QA 92 -29.52 38.80 9.40
CA PRO QA 92 -30.28 38.42 10.60
C PRO QA 92 -29.94 37.02 11.07
N SER QA 93 -30.00 36.83 12.38
CA SER QA 93 -29.75 35.54 12.99
C SER QA 93 -31.06 34.91 13.44
N ILE QA 94 -31.18 33.60 13.21
CA ILE QA 94 -32.40 32.88 13.54
C ILE QA 94 -32.16 32.08 14.81
N PRO QA 95 -32.84 32.39 15.92
CA PRO QA 95 -32.55 31.73 17.19
C PRO QA 95 -32.75 30.23 17.13
N ALA QA 96 -32.12 29.53 18.07
CA ALA QA 96 -31.93 28.09 17.97
C ALA QA 96 -33.22 27.34 17.70
N GLY QA 97 -34.18 27.42 18.62
CA GLY QA 97 -35.38 26.62 18.50
C GLY QA 97 -36.62 27.33 18.03
N ARG QA 98 -36.51 28.58 17.61
CA ARG QA 98 -37.69 29.39 17.38
C ARG QA 98 -38.05 29.46 15.90
N THR QA 99 -39.32 29.74 15.64
CA THR QA 99 -39.84 30.01 14.31
C THR QA 99 -40.17 31.50 14.22
N GLN QA 100 -39.53 32.20 13.28
CA GLN QA 100 -39.67 33.64 13.22
C GLN QA 100 -39.87 34.16 11.81
N PRO QA 101 -40.68 35.21 11.64
CA PRO QA 101 -40.63 36.00 10.40
C PRO QA 101 -39.38 36.86 10.40
N ILE QA 102 -38.48 36.58 9.45
CA ILE QA 102 -37.18 37.20 9.35
C ILE QA 102 -37.17 38.10 8.11
N THR QA 103 -36.71 39.34 8.29
CA THR QA 103 -36.68 40.33 7.22
C THR QA 103 -35.26 40.82 7.01
N PHE QA 104 -34.85 40.94 5.75
CA PHE QA 104 -33.51 41.41 5.45
C PHE QA 104 -33.51 42.14 4.10
N GLU QA 105 -32.52 43.01 3.94
CA GLU QA 105 -32.39 43.87 2.77
C GLU QA 105 -31.40 43.27 1.77
N VAL QA 106 -31.77 43.27 0.49
CA VAL QA 106 -30.91 42.73 -0.56
C VAL QA 106 -30.83 43.71 -1.71
N THR QA 107 -29.74 43.63 -2.47
CA THR QA 107 -29.55 44.44 -3.66
C THR QA 107 -29.04 43.56 -4.79
N PRO QA 108 -29.48 43.79 -6.02
CA PRO QA 108 -29.09 42.89 -7.12
C PRO QA 108 -27.60 43.02 -7.45
N ALA QA 109 -26.98 41.87 -7.72
CA ALA QA 109 -25.56 41.83 -8.02
C ALA QA 109 -25.30 41.67 -9.52
N SER QA 110 -26.12 40.89 -10.21
CA SER QA 110 -25.88 40.63 -11.63
C SER QA 110 -26.45 41.74 -12.52
N GLY QA 111 -27.67 42.17 -12.23
CA GLY QA 111 -28.31 43.19 -13.03
C GLY QA 111 -29.67 43.52 -12.48
N LYS QA 112 -30.28 44.54 -13.07
CA LYS QA 112 -31.55 45.03 -12.56
C LYS QA 112 -32.65 44.00 -12.77
N PRO QA 113 -33.32 43.56 -11.70
CA PRO QA 113 -34.46 42.65 -11.87
C PRO QA 113 -35.74 43.44 -12.08
N ASN QA 114 -36.53 43.04 -13.08
CA ASN QA 114 -37.77 43.71 -13.39
C ASN QA 114 -38.93 42.98 -12.73
N PHE QA 115 -39.02 43.17 -11.41
CA PHE QA 115 -40.11 42.59 -10.65
C PHE QA 115 -41.45 43.19 -11.08
N SER QA 116 -42.49 42.36 -11.07
CA SER QA 116 -43.81 42.77 -11.49
C SER QA 116 -44.76 42.73 -10.29
N PRO QA 117 -45.57 43.78 -10.08
CA PRO QA 117 -46.47 43.79 -8.91
C PRO QA 117 -47.37 42.57 -8.84
N GLY QA 118 -47.35 41.88 -7.71
CA GLY QA 118 -48.18 40.72 -7.48
C GLY QA 118 -47.65 39.42 -8.05
N ALA QA 119 -46.52 39.44 -8.74
CA ALA QA 119 -45.99 38.23 -9.34
C ALA QA 119 -45.38 37.31 -8.28
N SER QA 120 -45.23 36.05 -8.65
CA SER QA 120 -44.66 35.03 -7.78
C SER QA 120 -43.33 34.57 -8.36
N TYR QA 121 -42.29 34.53 -7.51
CA TYR QA 121 -40.94 34.21 -7.94
C TYR QA 121 -40.37 33.10 -7.06
N THR QA 122 -39.69 32.15 -7.69
CA THR QA 122 -38.98 31.12 -6.94
C THR QA 122 -37.64 31.66 -6.48
N ALA QA 123 -37.24 31.28 -5.27
CA ALA QA 123 -35.96 31.71 -4.72
C ALA QA 123 -35.36 30.55 -3.94
N THR QA 124 -34.03 30.57 -3.80
CA THR QA 124 -33.32 29.67 -2.92
C THR QA 124 -32.57 30.49 -1.88
N ILE QA 125 -32.88 30.27 -0.61
CA ILE QA 125 -32.22 30.97 0.47
C ILE QA 125 -31.15 30.06 1.04
N TYR QA 126 -29.93 30.57 1.13
CA TYR QA 126 -28.79 29.79 1.60
C TYR QA 126 -28.39 30.29 2.98
N PHE QA 127 -28.35 29.36 3.93
CA PHE QA 127 -28.11 29.69 5.33
C PHE QA 127 -26.69 29.34 5.71
N SER QA 128 -26.26 29.87 6.86
CA SER QA 128 -24.87 29.74 7.27
C SER QA 128 -24.47 28.30 7.55
N ASN QA 129 -25.42 27.41 7.84
CA ASN QA 129 -25.09 26.00 8.02
C ASN QA 129 -24.88 25.25 6.71
N GLY QA 130 -24.77 25.95 5.59
CA GLY QA 130 -24.61 25.29 4.31
C GLY QA 130 -25.86 24.62 3.78
N GLN QA 131 -27.03 25.13 4.11
CA GLN QA 131 -28.30 24.55 3.68
C GLN QA 131 -29.03 25.51 2.76
N GLY QA 132 -29.52 24.99 1.65
CA GLY QA 132 -30.34 25.75 0.73
C GLY QA 132 -31.81 25.34 0.87
N ALA QA 133 -32.68 26.34 0.87
CA ALA QA 133 -34.10 26.11 1.04
C ALA QA 133 -34.88 26.78 -0.07
N PRO QA 134 -35.72 26.04 -0.79
CA PRO QA 134 -36.61 26.68 -1.77
C PRO QA 134 -37.67 27.52 -1.07
N ALA QA 135 -38.08 28.60 -1.73
CA ALA QA 135 -39.11 29.48 -1.21
C ALA QA 135 -39.81 30.17 -2.37
N THR QA 136 -41.02 30.65 -2.10
CA THR QA 136 -41.82 31.37 -3.08
C THR QA 136 -42.09 32.77 -2.54
N LEU QA 137 -41.69 33.78 -3.30
CA LEU QA 137 -41.78 35.17 -2.87
C LEU QA 137 -42.77 35.92 -3.76
N ILE QA 138 -43.70 36.63 -3.12
CA ILE QA 138 -44.64 37.49 -3.82
C ILE QA 138 -44.11 38.91 -3.77
N TYR QA 139 -44.11 39.60 -4.91
CA TYR QA 139 -43.63 40.96 -4.99
C TYR QA 139 -44.80 41.90 -4.67
N GLN QA 140 -44.73 42.58 -3.53
CA GLN QA 140 -45.83 43.42 -3.07
C GLN QA 140 -45.78 44.83 -3.62
N GLY QA 141 -44.66 45.24 -4.22
CA GLY QA 141 -44.54 46.60 -4.74
C GLY QA 141 -43.17 47.20 -4.52
N LEU RA 1 17.70 0.22 4.74
CA LEU RA 1 17.63 1.66 4.59
C LEU RA 1 16.64 2.05 3.49
N SER RA 2 16.42 1.13 2.56
CA SER RA 2 15.55 1.43 1.41
C SER RA 2 14.08 1.48 1.81
N GLY RA 3 13.70 0.77 2.87
CA GLY RA 3 12.29 0.67 3.21
C GLY RA 3 11.67 2.01 3.52
N ALA RA 4 12.38 2.87 4.25
CA ALA RA 4 11.85 4.19 4.59
C ALA RA 4 11.68 5.05 3.34
N ILE RA 5 12.63 4.97 2.40
CA ILE RA 5 12.51 5.75 1.18
C ILE RA 5 11.33 5.26 0.34
N VAL RA 6 11.15 3.94 0.26
CA VAL RA 6 10.01 3.40 -0.48
C VAL RA 6 8.70 3.84 0.15
N ALA RA 7 8.63 3.80 1.49
CA ALA RA 7 7.42 4.24 2.19
C ALA RA 7 7.15 5.71 1.93
N LEU RA 8 8.19 6.54 1.94
CA LEU RA 8 8.01 7.97 1.67
C LEU RA 8 7.49 8.21 0.27
N ILE RA 9 8.07 7.53 -0.72
CA ILE RA 9 7.62 7.68 -2.10
C ILE RA 9 6.16 7.26 -2.23
N LEU RA 10 5.81 6.12 -1.62
CA LEU RA 10 4.43 5.65 -1.74
C LEU RA 10 3.46 6.56 -1.02
N VAL RA 11 3.86 7.17 0.09
CA VAL RA 11 2.97 8.09 0.80
C VAL RA 11 2.69 9.33 -0.05
N ILE RA 12 3.75 9.93 -0.60
CA ILE RA 12 3.56 11.12 -1.43
C ILE RA 12 2.73 10.78 -2.66
N ALA RA 13 3.04 9.65 -3.30
CA ALA RA 13 2.30 9.25 -4.49
C ALA RA 13 0.85 8.94 -4.17
N GLY RA 14 0.58 8.40 -2.96
CA GLY RA 14 -0.80 8.18 -2.56
C GLY RA 14 -1.57 9.47 -2.45
N VAL RA 15 -0.96 10.49 -1.84
CA VAL RA 15 -1.59 11.81 -1.79
C VAL RA 15 -1.92 12.29 -3.21
N ILE RA 16 -0.93 12.21 -4.10
CA ILE RA 16 -1.12 12.71 -5.46
C ILE RA 16 -2.24 11.96 -6.17
N ILE RA 17 -2.23 10.62 -6.05
CA ILE RA 17 -3.18 9.80 -6.79
C ILE RA 17 -4.59 10.01 -6.26
N ALA RA 18 -4.75 10.15 -4.95
CA ALA RA 18 -6.06 10.41 -4.39
C ALA RA 18 -6.61 11.75 -4.88
N ILE RA 19 -5.77 12.78 -4.91
CA ILE RA 19 -6.23 14.07 -5.42
C ILE RA 19 -6.62 13.96 -6.89
N ALA RA 20 -5.84 13.20 -7.67
CA ALA RA 20 -6.16 13.02 -9.08
C ALA RA 20 -7.50 12.33 -9.28
N VAL RA 21 -7.79 11.31 -8.46
CA VAL RA 21 -9.07 10.63 -8.53
C VAL RA 21 -10.21 11.59 -8.20
N VAL RA 22 -10.01 12.40 -7.17
CA VAL RA 22 -11.03 13.39 -6.79
C VAL RA 22 -11.32 14.33 -7.96
N LEU RA 23 -10.28 14.79 -8.64
CA LEU RA 23 -10.49 15.70 -9.76
C LEU RA 23 -11.18 15.00 -10.94
N PHE RA 24 -10.82 13.75 -11.20
CA PHE RA 24 -11.44 13.00 -12.29
C PHE RA 24 -12.94 12.84 -12.06
N ALA RA 25 -13.33 12.59 -10.81
CA ALA RA 25 -14.75 12.45 -10.49
C ALA RA 25 -15.55 13.65 -10.98
N PHE RA 26 -15.07 14.86 -10.69
CA PHE RA 26 -15.74 16.06 -11.18
C PHE RA 26 -15.63 16.19 -12.69
N GLY RA 27 -14.46 15.85 -13.24
CA GLY RA 27 -14.29 15.94 -14.68
C GLY RA 27 -15.27 15.11 -15.49
N LEU RA 28 -15.87 14.09 -14.87
CA LEU RA 28 -16.87 13.30 -15.59
C LEU RA 28 -18.16 14.06 -15.90
N ILE RA 29 -18.66 14.90 -14.99
CA ILE RA 29 -20.04 15.38 -15.09
C ILE RA 29 -20.35 16.21 -16.35
N PRO RA 30 -19.47 17.12 -16.82
CA PRO RA 30 -19.85 17.90 -18.01
C PRO RA 30 -20.06 17.04 -19.24
N GLY RA 31 -19.46 15.86 -19.30
CA GLY RA 31 -19.77 14.94 -20.38
C GLY RA 31 -21.16 14.34 -20.23
N ILE RA 32 -21.53 13.93 -19.01
CA ILE RA 32 -22.82 13.31 -18.79
C ILE RA 32 -23.95 14.30 -19.04
N SER RA 33 -23.68 15.59 -18.85
CA SER RA 33 -24.71 16.59 -19.12
C SER RA 33 -25.17 16.59 -20.57
N ASN RA 34 -24.35 16.04 -21.48
CA ASN RA 34 -24.73 15.97 -22.88
C ASN RA 34 -25.89 15.02 -23.13
N GLN RA 35 -26.25 14.18 -22.16
CA GLN RA 35 -27.36 13.25 -22.32
C GLN RA 35 -28.68 13.98 -22.54
N GLY RA 36 -28.78 15.24 -22.15
CA GLY RA 36 -30.00 16.00 -22.33
C GLY RA 36 -29.82 17.23 -23.21
N SER RA 37 -29.04 17.08 -24.28
CA SER RA 37 -28.74 18.22 -25.13
C SER RA 37 -29.98 18.73 -25.86
N ILE RA 38 -30.89 17.84 -26.22
CA ILE RA 38 -31.95 18.14 -27.18
C ILE RA 38 -33.30 18.21 -26.50
N GLN RA 39 -34.12 19.19 -26.92
CA GLN RA 39 -35.50 19.30 -26.52
C GLN RA 39 -36.37 19.41 -27.77
N VAL RA 40 -37.44 18.62 -27.83
CA VAL RA 40 -38.41 18.72 -28.92
C VAL RA 40 -39.59 19.52 -28.41
N LEU RA 41 -39.87 20.66 -29.04
CA LEU RA 41 -40.85 21.60 -28.50
C LEU RA 41 -41.89 21.95 -29.56
N GLY RA 42 -43.13 22.09 -29.12
CA GLY RA 42 -44.24 22.32 -30.01
C GLY RA 42 -44.79 21.02 -30.56
N SER RA 43 -45.99 21.12 -31.13
CA SER RA 43 -46.64 19.95 -31.71
C SER RA 43 -46.14 19.73 -33.14
N GLY RA 44 -45.66 18.53 -33.42
CA GLY RA 44 -45.21 18.18 -34.75
C GLY RA 44 -46.34 17.77 -35.66
N THR RA 45 -45.97 17.48 -36.91
CA THR RA 45 -46.94 17.09 -37.92
C THR RA 45 -46.41 15.90 -38.73
N ILE RA 46 -47.31 14.98 -39.05
CA ILE RA 46 -47.00 13.83 -39.90
C ILE RA 46 -47.95 13.87 -41.09
N THR RA 47 -47.38 13.73 -42.30
CA THR RA 47 -48.13 13.91 -43.53
C THR RA 47 -47.89 12.76 -44.50
N ASN RA 48 -48.90 12.41 -45.28
CA ASN RA 48 -48.76 11.37 -46.29
C ASN RA 48 -47.88 11.88 -47.43
N SER RA 49 -46.86 11.09 -47.79
CA SER RA 49 -45.90 11.49 -48.80
C SER RA 49 -45.57 10.35 -49.74
N THR RA 50 -46.53 9.45 -49.96
CA THR RA 50 -46.25 8.18 -50.61
C THR RA 50 -46.25 8.26 -52.13
N ALA RA 51 -46.67 9.38 -52.71
CA ALA RA 51 -46.75 9.55 -54.17
C ALA RA 51 -47.74 8.56 -54.80
N SER RA 52 -48.98 8.62 -54.32
CA SER RA 52 -50.13 7.95 -54.96
C SER RA 52 -49.92 6.44 -55.13
N GLY RA 53 -49.18 5.82 -54.22
CA GLY RA 53 -48.92 4.40 -54.30
C GLY RA 53 -47.62 4.00 -54.97
N SER RA 54 -46.78 4.97 -55.33
CA SER RA 54 -45.49 4.68 -55.95
C SER RA 54 -44.40 4.37 -54.94
N SER RA 55 -44.70 4.38 -53.64
CA SER RA 55 -43.67 4.19 -52.63
C SER RA 55 -44.25 3.41 -51.46
N ARG RA 56 -43.36 2.82 -50.66
CA ARG RA 56 -43.76 1.94 -49.56
C ARG RA 56 -44.26 2.76 -48.36
N THR RA 57 -45.35 3.50 -48.59
CA THR RA 57 -46.06 4.26 -47.55
C THR RA 57 -45.09 5.12 -46.74
N ILE RA 58 -44.47 6.09 -47.42
CA ILE RA 58 -43.49 6.95 -46.78
C ILE RA 58 -44.18 8.22 -46.30
N TYR RA 59 -43.95 8.55 -45.03
CA TYR RA 59 -44.58 9.69 -44.36
C TYR RA 59 -43.57 10.81 -44.12
N ASN RA 60 -44.11 11.98 -43.75
CA ASN RA 60 -43.32 13.19 -43.52
C ASN RA 60 -43.44 13.55 -42.04
N ILE RA 61 -42.34 13.57 -41.31
CA ILE RA 61 -42.34 13.99 -39.91
C ILE RA 61 -41.65 15.34 -39.80
N THR RA 62 -42.37 16.35 -39.31
CA THR RA 62 -41.82 17.68 -39.06
C THR RA 62 -41.99 18.02 -37.58
N ILE RA 63 -40.88 18.36 -36.93
CA ILE RA 63 -40.86 18.68 -35.50
C ILE RA 63 -39.85 19.80 -35.26
N THR RA 64 -40.15 20.68 -34.32
CA THR RA 64 -39.22 21.75 -33.95
C THR RA 64 -38.29 21.24 -32.86
N VAL RA 65 -36.99 21.26 -33.14
CA VAL RA 65 -35.98 20.67 -32.26
C VAL RA 65 -34.99 21.77 -31.86
N LYS RA 66 -34.63 21.79 -30.58
CA LYS RA 66 -33.68 22.71 -30.01
C LYS RA 66 -32.49 21.93 -29.47
N ASN RA 67 -31.28 22.31 -29.88
CA ASN RA 67 -30.07 21.62 -29.47
C ASN RA 67 -29.25 22.57 -28.60
N THR RA 68 -29.02 22.19 -27.35
CA THR RA 68 -28.24 22.98 -26.42
C THR RA 68 -26.81 22.47 -26.25
N GLY RA 69 -26.45 21.38 -26.91
CA GLY RA 69 -25.11 20.85 -26.82
C GLY RA 69 -24.14 21.60 -27.72
N THR RA 70 -22.88 21.19 -27.66
CA THR RA 70 -21.84 21.78 -28.48
C THR RA 70 -21.54 20.97 -29.74
N THR RA 71 -22.29 19.90 -30.00
CA THR RA 71 -22.06 19.05 -31.15
C THR RA 71 -23.35 18.90 -31.95
N SER RA 72 -23.19 18.68 -33.25
CA SER RA 72 -24.35 18.37 -34.09
C SER RA 72 -24.86 16.98 -33.77
N ILE RA 73 -26.17 16.85 -33.61
CA ILE RA 73 -26.78 15.60 -33.15
C ILE RA 73 -27.84 15.18 -34.16
N SER RA 74 -27.92 13.88 -34.41
CA SER RA 74 -28.74 13.34 -35.49
C SER RA 74 -29.81 12.39 -34.95
N VAL RA 75 -30.88 12.24 -35.71
CA VAL RA 75 -31.98 11.35 -35.38
C VAL RA 75 -31.60 9.93 -35.82
N THR RA 76 -31.45 9.02 -34.86
CA THR RA 76 -31.04 7.66 -35.17
C THR RA 76 -32.22 6.74 -35.44
N SER RA 77 -33.33 6.90 -34.71
CA SER RA 77 -34.49 6.04 -34.89
C SER RA 77 -35.72 6.78 -34.38
N ILE RA 78 -36.88 6.28 -34.78
CA ILE RA 78 -38.16 6.87 -34.37
C ILE RA 78 -39.17 5.76 -34.12
N ASN RA 79 -39.96 5.93 -33.07
CA ASN RA 79 -41.07 5.05 -32.73
C ASN RA 79 -42.33 5.88 -32.64
N ILE RA 80 -43.35 5.52 -33.42
CA ILE RA 80 -44.59 6.27 -33.49
C ILE RA 80 -45.71 5.43 -32.89
N ASN RA 81 -46.27 5.90 -31.77
CA ASN RA 81 -47.41 5.26 -31.13
C ASN RA 81 -47.15 3.79 -30.83
N GLY RA 82 -45.92 3.49 -30.40
CA GLY RA 82 -45.52 2.14 -30.09
C GLY RA 82 -44.93 1.36 -31.24
N GLN RA 83 -45.14 1.80 -32.48
CA GLN RA 83 -44.67 1.05 -33.64
C GLN RA 83 -43.28 1.53 -34.05
N PRO RA 84 -42.38 0.63 -34.41
CA PRO RA 84 -41.06 1.06 -34.89
C PRO RA 84 -41.18 1.68 -36.28
N PHE RA 85 -40.28 2.62 -36.57
CA PHE RA 85 -40.25 3.26 -37.88
C PHE RA 85 -38.80 3.42 -38.31
N ASN RA 86 -38.58 3.48 -39.62
CA ASN RA 86 -37.24 3.58 -40.19
C ASN RA 86 -37.16 4.82 -41.06
N ILE RA 87 -36.11 5.62 -40.86
CA ILE RA 87 -35.93 6.82 -41.68
C ILE RA 87 -35.55 6.42 -43.10
N ASN RA 88 -36.19 7.04 -44.09
CA ASN RA 88 -35.99 6.63 -45.47
C ASN RA 88 -34.71 7.18 -46.09
N GLY RA 89 -34.38 8.44 -45.82
CA GLY RA 89 -33.18 9.06 -46.33
C GLY RA 89 -32.06 9.09 -45.31
N THR RA 90 -31.08 9.95 -45.56
CA THR RA 90 -30.04 10.18 -44.57
C THR RA 90 -30.63 10.90 -43.36
N ALA RA 91 -30.11 10.58 -42.19
CA ALA RA 91 -30.68 11.11 -40.96
C ALA RA 91 -30.49 12.62 -40.89
N PRO RA 92 -31.50 13.38 -40.49
CA PRO RA 92 -31.31 14.82 -40.26
C PRO RA 92 -30.43 15.06 -39.05
N SER RA 93 -29.73 16.20 -39.08
CA SER RA 93 -28.81 16.55 -38.01
C SER RA 93 -29.08 17.99 -37.57
N ILE RA 94 -29.09 18.19 -36.26
CA ILE RA 94 -29.40 19.49 -35.66
C ILE RA 94 -28.09 20.12 -35.19
N PRO RA 95 -27.69 21.27 -35.73
CA PRO RA 95 -26.43 21.89 -35.30
C PRO RA 95 -26.54 22.46 -33.89
N ALA RA 96 -25.37 22.75 -33.33
CA ALA RA 96 -25.30 23.23 -31.95
C ALA RA 96 -25.97 24.58 -31.80
N GLY RA 97 -26.66 24.77 -30.67
CA GLY RA 97 -27.28 26.03 -30.33
C GLY RA 97 -28.52 26.38 -31.12
N ARG RA 98 -28.86 25.63 -32.16
CA ARG RA 98 -29.96 25.99 -33.04
C ARG RA 98 -31.30 25.53 -32.48
N THR RA 99 -32.36 26.23 -32.89
CA THR RA 99 -33.74 25.78 -32.77
C THR RA 99 -34.34 25.84 -34.16
N GLN RA 100 -34.69 24.69 -34.71
CA GLN RA 100 -35.11 24.68 -36.11
C GLN RA 100 -36.09 23.56 -36.38
N PRO RA 101 -36.90 23.67 -37.44
CA PRO RA 101 -37.80 22.58 -37.82
C PRO RA 101 -37.08 21.48 -38.59
N ILE RA 102 -36.95 20.32 -37.97
CA ILE RA 102 -36.43 19.13 -38.64
C ILE RA 102 -37.56 18.43 -39.37
N THR RA 103 -37.33 18.09 -40.63
CA THR RA 103 -38.29 17.33 -41.43
C THR RA 103 -37.57 16.13 -42.04
N PHE RA 104 -38.17 14.95 -41.89
CA PHE RA 104 -37.56 13.76 -42.45
C PHE RA 104 -38.61 12.74 -42.85
N GLU RA 105 -38.24 11.91 -43.83
CA GLU RA 105 -39.12 10.85 -44.33
C GLU RA 105 -39.00 9.60 -43.47
N VAL RA 106 -40.10 8.86 -43.37
CA VAL RA 106 -40.11 7.68 -42.53
C VAL RA 106 -41.00 6.60 -43.14
N THR RA 107 -40.69 5.35 -42.81
CA THR RA 107 -41.35 4.14 -43.28
C THR RA 107 -41.75 3.28 -42.10
N PRO RA 108 -42.86 2.54 -42.22
CA PRO RA 108 -43.16 1.52 -41.20
C PRO RA 108 -42.14 0.40 -41.25
N ALA RA 109 -41.60 0.06 -40.07
CA ALA RA 109 -40.67 -1.06 -40.01
C ALA RA 109 -41.38 -2.39 -40.22
N SER RA 110 -42.62 -2.50 -39.79
CA SER RA 110 -43.42 -3.69 -40.00
C SER RA 110 -44.89 -3.30 -40.05
N GLY RA 111 -45.66 -4.06 -40.82
CA GLY RA 111 -47.08 -3.78 -40.93
C GLY RA 111 -47.37 -2.54 -41.74
N LYS RA 112 -48.59 -2.04 -41.58
CA LYS RA 112 -49.08 -0.86 -42.30
C LYS RA 112 -49.95 -0.08 -41.33
N PRO RA 113 -49.35 0.82 -40.56
CA PRO RA 113 -50.14 1.65 -39.65
C PRO RA 113 -51.01 2.62 -40.42
N ASN RA 114 -52.25 2.79 -39.97
CA ASN RA 114 -53.21 3.68 -40.61
C ASN RA 114 -53.50 4.85 -39.68
N PHE RA 115 -53.49 6.06 -40.23
CA PHE RA 115 -53.70 7.27 -39.47
C PHE RA 115 -54.99 7.94 -39.90
N SER RA 116 -55.64 8.61 -38.95
CA SER RA 116 -56.86 9.34 -39.22
C SER RA 116 -56.62 10.84 -39.18
N PRO RA 117 -57.31 11.61 -40.02
CA PRO RA 117 -57.06 13.05 -40.07
C PRO RA 117 -57.30 13.73 -38.72
N GLY RA 118 -56.39 14.61 -38.34
CA GLY RA 118 -56.53 15.38 -37.13
C GLY RA 118 -56.24 14.64 -35.84
N ALA RA 119 -55.95 13.35 -35.88
CA ALA RA 119 -55.65 12.61 -34.67
C ALA RA 119 -54.25 12.91 -34.17
N SER RA 120 -54.03 12.71 -32.88
CA SER RA 120 -52.75 12.95 -32.24
C SER RA 120 -52.07 11.61 -31.96
N TYR RA 121 -50.83 11.48 -32.41
CA TYR RA 121 -50.05 10.26 -32.24
C TYR RA 121 -48.75 10.62 -31.54
N THR RA 122 -48.41 9.86 -30.50
CA THR RA 122 -47.17 10.10 -29.78
C THR RA 122 -46.02 9.41 -30.48
N ALA RA 123 -44.90 10.12 -30.60
CA ALA RA 123 -43.70 9.59 -31.20
C ALA RA 123 -42.52 9.87 -30.29
N THR RA 124 -41.63 8.90 -30.18
CA THR RA 124 -40.40 9.07 -29.43
C THR RA 124 -39.26 9.14 -30.43
N ILE RA 125 -38.58 10.28 -30.48
CA ILE RA 125 -37.46 10.48 -31.38
C ILE RA 125 -36.19 10.21 -30.59
N TYR RA 126 -35.41 9.24 -31.04
CA TYR RA 126 -34.16 8.87 -30.39
C TYR RA 126 -33.02 9.54 -31.14
N PHE RA 127 -32.29 10.40 -30.44
CA PHE RA 127 -31.19 11.13 -31.03
C PHE RA 127 -29.87 10.43 -30.72
N SER RA 128 -28.79 10.91 -31.36
CA SER RA 128 -27.51 10.23 -31.26
C SER RA 128 -26.95 10.27 -29.84
N ASN RA 129 -27.46 11.14 -28.98
CA ASN RA 129 -27.06 11.12 -27.57
C ASN RA 129 -27.60 9.90 -26.83
N GLY RA 130 -28.48 9.13 -27.45
CA GLY RA 130 -29.29 8.16 -26.74
C GLY RA 130 -30.50 8.75 -26.07
N GLN RA 131 -30.68 10.07 -26.16
CA GLN RA 131 -31.83 10.72 -25.56
C GLN RA 131 -33.08 10.44 -26.37
N GLY RA 132 -34.15 10.03 -25.69
CA GLY RA 132 -35.42 9.79 -26.34
C GLY RA 132 -36.44 10.84 -25.98
N ALA RA 133 -36.77 11.72 -26.93
CA ALA RA 133 -37.69 12.81 -26.66
C ALA RA 133 -39.10 12.41 -27.08
N PRO RA 134 -40.07 12.42 -26.18
CA PRO RA 134 -41.46 12.22 -26.59
C PRO RA 134 -42.03 13.50 -27.17
N ALA RA 135 -42.87 13.34 -28.20
CA ALA RA 135 -43.48 14.45 -28.89
C ALA RA 135 -44.84 14.00 -29.42
N THR RA 136 -45.68 14.98 -29.75
CA THR RA 136 -47.01 14.71 -30.27
C THR RA 136 -47.10 15.19 -31.71
N LEU RA 137 -47.48 14.29 -32.60
CA LEU RA 137 -47.62 14.58 -34.02
C LEU RA 137 -49.11 14.59 -34.37
N ILE RA 138 -49.54 15.62 -35.07
CA ILE RA 138 -50.91 15.71 -35.56
C ILE RA 138 -50.91 15.33 -37.03
N TYR RA 139 -51.69 14.31 -37.39
CA TYR RA 139 -51.75 13.85 -38.76
C TYR RA 139 -52.50 14.85 -39.62
N GLN RA 140 -51.92 15.19 -40.77
CA GLN RA 140 -52.48 16.23 -41.64
C GLN RA 140 -52.77 15.75 -43.06
N GLY RA 141 -52.37 14.54 -43.43
CA GLY RA 141 -52.55 14.07 -44.79
C GLY RA 141 -53.96 13.67 -45.14
N LEU SA 1 12.32 -2.68 -0.05
CA LEU SA 1 11.75 -3.20 -1.29
C LEU SA 1 10.36 -3.80 -1.04
N SER SA 2 10.11 -4.19 0.21
CA SER SA 2 8.86 -4.87 0.53
C SER SA 2 7.64 -3.99 0.26
N GLY SA 3 7.75 -2.70 0.59
CA GLY SA 3 6.59 -1.82 0.48
C GLY SA 3 6.05 -1.73 -0.92
N ALA SA 4 6.93 -1.61 -1.91
CA ALA SA 4 6.48 -1.46 -3.29
C ALA SA 4 5.76 -2.73 -3.77
N ILE SA 5 6.32 -3.90 -3.48
CA ILE SA 5 5.69 -5.14 -3.91
C ILE SA 5 4.36 -5.35 -3.21
N VAL SA 6 4.29 -5.05 -1.91
CA VAL SA 6 3.03 -5.18 -1.18
C VAL SA 6 1.98 -4.24 -1.74
N ALA SA 7 2.37 -3.00 -2.03
CA ALA SA 7 1.44 -2.05 -2.62
C ALA SA 7 0.94 -2.53 -3.98
N LEU SA 8 1.83 -3.11 -4.79
CA LEU SA 8 1.42 -3.63 -6.09
C LEU SA 8 0.45 -4.80 -5.93
N ILE SA 9 0.72 -5.69 -4.97
CA ILE SA 9 -0.19 -6.79 -4.70
C ILE SA 9 -1.56 -6.27 -4.35
N LEU SA 10 -1.61 -5.28 -3.45
CA LEU SA 10 -2.90 -4.75 -3.02
C LEU SA 10 -3.61 -4.00 -4.14
N VAL SA 11 -2.85 -3.34 -5.03
CA VAL SA 11 -3.46 -2.66 -6.17
C VAL SA 11 -4.14 -3.68 -7.08
N ILE SA 12 -3.43 -4.76 -7.42
CA ILE SA 12 -3.99 -5.77 -8.30
C ILE SA 12 -5.21 -6.42 -7.66
N ALA SA 13 -5.10 -6.74 -6.36
CA ALA SA 13 -6.22 -7.38 -5.66
C ALA SA 13 -7.42 -6.45 -5.58
N GLY SA 14 -7.19 -5.15 -5.37
CA GLY SA 14 -8.28 -4.20 -5.37
C GLY SA 14 -8.97 -4.14 -6.72
N VAL SA 15 -8.19 -4.17 -7.80
CA VAL SA 15 -8.79 -4.24 -9.14
C VAL SA 15 -9.67 -5.47 -9.26
N ILE SA 16 -9.17 -6.60 -8.79
CA ILE SA 16 -9.91 -7.86 -8.90
C ILE SA 16 -11.23 -7.77 -8.15
N ILE SA 17 -11.18 -7.34 -6.90
CA ILE SA 17 -12.39 -7.33 -6.07
C ILE SA 17 -13.38 -6.29 -6.56
N ALA SA 18 -12.89 -5.13 -7.00
CA ALA SA 18 -13.78 -4.10 -7.51
C ALA SA 18 -14.49 -4.58 -8.77
N ILE SA 19 -13.77 -5.24 -9.68
CA ILE SA 19 -14.41 -5.75 -10.90
C ILE SA 19 -15.42 -6.83 -10.54
N ALA SA 20 -15.10 -7.65 -9.53
CA ALA SA 20 -16.05 -8.67 -9.09
C ALA SA 20 -17.34 -8.03 -8.57
N VAL SA 21 -17.22 -6.96 -7.79
CA VAL SA 21 -18.41 -6.28 -7.27
C VAL SA 21 -19.20 -5.63 -8.42
N VAL SA 22 -18.51 -5.08 -9.41
CA VAL SA 22 -19.19 -4.48 -10.56
C VAL SA 22 -19.98 -5.53 -11.32
N LEU SA 23 -19.37 -6.70 -11.53
CA LEU SA 23 -20.08 -7.79 -12.20
C LEU SA 23 -21.26 -8.28 -11.39
N PHE SA 24 -21.12 -8.29 -10.06
CA PHE SA 24 -22.25 -8.63 -9.20
C PHE SA 24 -23.39 -7.64 -9.36
N ALA SA 25 -23.05 -6.34 -9.43
CA ALA SA 25 -24.07 -5.32 -9.64
C ALA SA 25 -24.77 -5.53 -10.97
N PHE SA 26 -24.01 -5.86 -12.01
CA PHE SA 26 -24.63 -6.16 -13.31
C PHE SA 26 -25.51 -7.40 -13.25
N GLY SA 27 -25.12 -8.39 -12.44
CA GLY SA 27 -25.92 -9.60 -12.31
C GLY SA 27 -27.17 -9.44 -11.49
N LEU SA 28 -27.24 -8.41 -10.64
CA LEU SA 28 -28.47 -8.17 -9.89
C LEU SA 28 -29.63 -7.70 -10.77
N ILE SA 29 -29.32 -7.06 -11.90
CA ILE SA 29 -30.34 -6.39 -12.73
C ILE SA 29 -31.48 -7.31 -13.13
N PRO SA 30 -31.23 -8.54 -13.63
CA PRO SA 30 -32.37 -9.38 -14.05
C PRO SA 30 -33.37 -9.66 -12.95
N GLY SA 31 -32.92 -9.84 -11.71
CA GLY SA 31 -33.85 -10.11 -10.62
C GLY SA 31 -34.73 -8.92 -10.30
N ILE SA 32 -34.15 -7.71 -10.27
CA ILE SA 32 -34.91 -6.53 -9.92
C ILE SA 32 -35.71 -6.02 -11.11
N SER SA 33 -35.13 -6.06 -12.31
CA SER SA 33 -35.77 -5.54 -13.50
C SER SA 33 -36.70 -6.61 -14.03
N ASN SA 34 -37.97 -6.52 -13.63
CA ASN SA 34 -38.99 -7.50 -14.00
C ASN SA 34 -40.25 -6.71 -14.36
N GLN SA 35 -40.40 -6.38 -15.63
CA GLN SA 35 -41.60 -5.72 -16.10
C GLN SA 35 -42.75 -6.73 -16.17
N GLY SA 36 -43.94 -6.21 -16.47
CA GLY SA 36 -45.10 -7.06 -16.52
C GLY SA 36 -45.78 -7.16 -15.18
N SER SA 37 -47.10 -7.24 -15.20
CA SER SA 37 -47.87 -7.24 -13.97
C SER SA 37 -49.24 -7.84 -14.26
N ILE SA 38 -49.94 -8.19 -13.20
CA ILE SA 38 -51.33 -8.58 -13.32
C ILE SA 38 -52.20 -7.33 -13.33
N GLN SA 39 -53.02 -7.21 -14.36
CA GLN SA 39 -53.90 -6.06 -14.55
C GLN SA 39 -55.35 -6.53 -14.41
N VAL SA 40 -56.13 -5.82 -13.60
CA VAL SA 40 -57.53 -6.15 -13.39
C VAL SA 40 -58.36 -5.24 -14.29
N LEU SA 41 -59.11 -5.85 -15.21
CA LEU SA 41 -59.83 -5.13 -16.26
C LEU SA 41 -61.31 -5.08 -15.92
N GLY SA 42 -61.87 -3.88 -15.86
CA GLY SA 42 -63.29 -3.72 -15.64
C GLY SA 42 -63.69 -4.04 -14.21
N SER SA 43 -65.01 -3.94 -13.97
CA SER SA 43 -65.55 -4.22 -12.65
C SER SA 43 -65.77 -5.71 -12.47
N GLY SA 44 -65.47 -6.19 -11.26
CA GLY SA 44 -65.80 -7.55 -10.88
C GLY SA 44 -67.11 -7.62 -10.13
N THR SA 45 -67.44 -8.84 -9.68
CA THR SA 45 -68.71 -9.08 -9.01
C THR SA 45 -68.51 -9.91 -7.76
N ILE SA 46 -69.26 -9.55 -6.71
CA ILE SA 46 -69.35 -10.34 -5.48
C ILE SA 46 -70.74 -10.94 -5.41
N THR SA 47 -70.80 -12.25 -5.18
CA THR SA 47 -72.08 -12.95 -5.09
C THR SA 47 -72.09 -13.77 -3.80
N ASN SA 48 -73.25 -13.84 -3.15
CA ASN SA 48 -73.35 -14.55 -1.88
C ASN SA 48 -73.39 -16.05 -2.13
N SER SA 49 -72.36 -16.76 -1.68
CA SER SA 49 -72.27 -18.20 -1.85
C SER SA 49 -72.72 -18.98 -0.61
N THR SA 50 -72.93 -18.30 0.52
CA THR SA 50 -73.36 -18.98 1.74
C THR SA 50 -74.70 -19.65 1.52
N ALA SA 51 -74.81 -20.90 1.98
CA ALA SA 51 -76.00 -21.69 1.72
C ALA SA 51 -76.27 -22.62 2.88
N SER SA 52 -77.50 -23.14 2.93
CA SER SA 52 -77.92 -24.19 3.86
C SER SA 52 -77.84 -23.76 5.31
N GLY SA 53 -77.79 -22.46 5.58
CA GLY SA 53 -77.71 -22.00 6.96
C GLY SA 53 -76.43 -22.37 7.68
N SER SA 54 -75.37 -22.71 6.94
CA SER SA 54 -74.10 -23.02 7.57
C SER SA 54 -73.52 -21.76 8.21
N SER SA 55 -72.64 -21.98 9.20
CA SER SA 55 -72.22 -20.89 10.08
C SER SA 55 -71.30 -19.89 9.39
N ARG SA 56 -70.59 -20.30 8.35
CA ARG SA 56 -69.53 -19.50 7.78
C ARG SA 56 -69.99 -18.88 6.45
N THR SA 57 -69.82 -17.56 6.34
CA THR SA 57 -70.20 -16.84 5.14
C THR SA 57 -69.09 -16.91 4.09
N ILE SA 58 -69.47 -17.28 2.87
CA ILE SA 58 -68.53 -17.39 1.75
C ILE SA 58 -69.09 -16.60 0.58
N TYR SA 59 -68.21 -15.90 -0.14
CA TYR SA 59 -68.60 -15.06 -1.26
C TYR SA 59 -67.79 -15.42 -2.50
N ASN SA 60 -68.48 -15.48 -3.64
CA ASN SA 60 -67.85 -15.62 -4.93
C ASN SA 60 -67.36 -14.25 -5.39
N ILE SA 61 -66.12 -14.20 -5.87
CA ILE SA 61 -65.57 -12.99 -6.47
C ILE SA 61 -65.09 -13.33 -7.87
N THR SA 62 -65.62 -12.60 -8.85
CA THR SA 62 -65.27 -12.81 -10.25
C THR SA 62 -64.67 -11.52 -10.80
N ILE SA 63 -63.48 -11.64 -11.40
CA ILE SA 63 -62.76 -10.50 -11.94
C ILE SA 63 -62.07 -10.91 -13.23
N THR SA 64 -61.97 -9.97 -14.17
CA THR SA 64 -61.22 -10.21 -15.39
C THR SA 64 -59.77 -9.82 -15.18
N VAL SA 65 -58.86 -10.75 -15.43
CA VAL SA 65 -57.46 -10.64 -15.03
C VAL SA 65 -56.57 -10.89 -16.25
N LYS SA 66 -55.60 -10.00 -16.47
CA LYS SA 66 -54.68 -10.11 -17.60
C LYS SA 66 -53.26 -10.13 -17.05
N ASN SA 67 -52.57 -11.25 -17.21
CA ASN SA 67 -51.19 -11.40 -16.74
C ASN SA 67 -50.26 -10.98 -17.87
N THR SA 68 -49.67 -9.79 -17.75
CA THR SA 68 -48.77 -9.30 -18.77
C THR SA 68 -47.34 -9.81 -18.61
N GLY SA 69 -47.04 -10.51 -17.52
CA GLY SA 69 -45.71 -11.01 -17.27
C GLY SA 69 -45.44 -12.34 -17.94
N THR SA 70 -44.26 -12.89 -17.66
CA THR SA 70 -43.83 -14.16 -18.21
C THR SA 70 -43.87 -15.29 -17.18
N THR SA 71 -44.47 -15.06 -16.02
CA THR SA 71 -44.49 -16.04 -14.94
C THR SA 71 -45.91 -16.24 -14.44
N SER SA 72 -46.17 -17.45 -13.94
CA SER SA 72 -47.46 -17.74 -13.34
C SER SA 72 -47.59 -17.03 -12.01
N ILE SA 73 -48.78 -16.47 -11.75
CA ILE SA 73 -49.03 -15.64 -10.59
C ILE SA 73 -50.36 -16.04 -9.98
N SER SA 74 -50.43 -16.04 -8.65
CA SER SA 74 -51.62 -16.46 -7.92
C SER SA 74 -52.06 -15.38 -6.94
N VAL SA 75 -53.35 -15.43 -6.59
CA VAL SA 75 -53.92 -14.53 -5.59
C VAL SA 75 -53.52 -14.99 -4.20
N THR SA 76 -53.32 -14.03 -3.29
CA THR SA 76 -52.93 -14.37 -1.93
C THR SA 76 -53.91 -13.80 -0.91
N SER SA 77 -54.54 -12.67 -1.23
CA SER SA 77 -55.49 -12.05 -0.32
C SER SA 77 -56.30 -11.01 -1.08
N ILE SA 78 -57.40 -10.59 -0.47
CA ILE SA 78 -58.21 -9.50 -0.99
C ILE SA 78 -58.71 -8.67 0.19
N ASN SA 79 -58.80 -7.37 -0.01
CA ASN SA 79 -59.35 -6.44 0.96
C ASN SA 79 -60.52 -5.71 0.31
N ILE SA 80 -61.71 -5.87 0.88
CA ILE SA 80 -62.93 -5.29 0.32
C ILE SA 80 -63.52 -4.33 1.34
N ASN SA 81 -63.71 -3.08 0.92
CA ASN SA 81 -64.35 -2.05 1.74
C ASN SA 81 -63.63 -1.85 3.07
N GLY SA 82 -62.30 -2.01 3.06
CA GLY SA 82 -61.49 -1.87 4.24
C GLY SA 82 -61.40 -3.11 5.10
N GLN SA 83 -62.07 -4.19 4.73
CA GLN SA 83 -62.11 -5.42 5.51
C GLN SA 83 -61.27 -6.50 4.84
N PRO SA 84 -60.40 -7.19 5.55
CA PRO SA 84 -59.62 -8.26 4.93
C PRO SA 84 -60.45 -9.53 4.78
N PHE SA 85 -60.22 -10.25 3.69
CA PHE SA 85 -60.87 -11.52 3.43
C PHE SA 85 -59.82 -12.56 3.13
N ASN SA 86 -60.12 -13.81 3.50
CA ASN SA 86 -59.22 -14.93 3.24
C ASN SA 86 -59.71 -15.70 2.03
N ILE SA 87 -58.77 -16.07 1.15
CA ILE SA 87 -59.11 -16.79 -0.07
C ILE SA 87 -59.32 -18.26 0.27
N ASN SA 88 -60.57 -18.64 0.50
CA ASN SA 88 -60.90 -20.03 0.76
C ASN SA 88 -60.45 -20.89 -0.41
N GLY SA 89 -59.86 -22.04 -0.09
CA GLY SA 89 -59.49 -23.04 -1.08
C GLY SA 89 -58.20 -22.74 -1.79
N THR SA 90 -57.88 -23.63 -2.72
CA THR SA 90 -56.72 -23.46 -3.59
C THR SA 90 -56.86 -22.17 -4.38
N ALA SA 91 -55.95 -21.23 -4.15
CA ALA SA 91 -56.05 -19.92 -4.78
C ALA SA 91 -55.85 -20.05 -6.28
N PRO SA 92 -56.61 -19.29 -7.09
CA PRO SA 92 -56.45 -19.39 -8.54
C PRO SA 92 -55.09 -18.91 -8.99
N SER SA 93 -54.59 -19.54 -10.06
CA SER SA 93 -53.33 -19.17 -10.68
C SER SA 93 -53.62 -18.61 -12.06
N ILE SA 94 -52.98 -17.49 -12.39
CA ILE SA 94 -53.21 -16.80 -13.65
C ILE SA 94 -52.00 -17.06 -14.55
N PRO SA 95 -52.15 -17.82 -15.64
CA PRO SA 95 -51.00 -18.14 -16.48
C PRO SA 95 -50.46 -16.91 -17.20
N ALA SA 96 -49.21 -17.03 -17.62
CA ALA SA 96 -48.50 -15.91 -18.24
C ALA SA 96 -49.14 -15.52 -19.58
N GLY SA 97 -49.18 -14.23 -19.84
CA GLY SA 97 -49.63 -13.71 -21.12
C GLY SA 97 -51.09 -13.92 -21.45
N ARG SA 98 -51.91 -14.26 -20.47
CA ARG SA 98 -53.28 -14.69 -20.73
C ARG SA 98 -54.28 -13.79 -20.01
N THR SA 99 -55.39 -13.50 -20.69
CA THR SA 99 -56.52 -12.80 -20.10
C THR SA 99 -57.63 -13.80 -19.83
N GLN SA 100 -58.09 -13.85 -18.58
CA GLN SA 100 -59.05 -14.85 -18.14
C GLN SA 100 -60.08 -14.23 -17.20
N PRO SA 101 -61.31 -14.75 -17.20
CA PRO SA 101 -62.19 -14.55 -16.05
C PRO SA 101 -61.77 -15.45 -14.90
N ILE SA 102 -61.41 -14.84 -13.77
CA ILE SA 102 -60.94 -15.56 -12.59
C ILE SA 102 -62.01 -15.45 -11.52
N THR SA 103 -62.42 -16.59 -10.98
CA THR SA 103 -63.43 -16.66 -9.95
C THR SA 103 -62.89 -17.43 -8.75
N PHE SA 104 -63.07 -16.87 -7.55
CA PHE SA 104 -62.58 -17.53 -6.35
C PHE SA 104 -63.48 -17.20 -5.17
N GLU SA 105 -63.47 -18.08 -4.18
CA GLU SA 105 -64.30 -17.93 -3.00
C GLU SA 105 -63.49 -17.33 -1.86
N VAL SA 106 -64.13 -16.41 -1.13
CA VAL SA 106 -63.50 -15.71 -0.02
C VAL SA 106 -64.39 -15.80 1.21
N THR SA 107 -63.77 -15.67 2.38
CA THR SA 107 -64.46 -15.59 3.65
C THR SA 107 -63.91 -14.40 4.44
N PRO SA 108 -64.75 -13.74 5.23
CA PRO SA 108 -64.26 -12.60 6.02
C PRO SA 108 -63.26 -13.06 7.07
N ALA SA 109 -62.12 -12.37 7.14
CA ALA SA 109 -61.13 -12.69 8.15
C ALA SA 109 -61.63 -12.34 9.55
N SER SA 110 -62.45 -11.29 9.66
CA SER SA 110 -63.03 -10.90 10.93
C SER SA 110 -64.33 -10.15 10.67
N GLY SA 111 -65.21 -10.15 11.67
CA GLY SA 111 -66.45 -9.41 11.55
C GLY SA 111 -67.37 -9.99 10.49
N LYS SA 112 -68.24 -9.13 9.97
CA LYS SA 112 -69.18 -9.53 8.93
C LYS SA 112 -69.36 -8.38 7.95
N PRO SA 113 -69.50 -8.69 6.66
CA PRO SA 113 -69.69 -7.63 5.67
C PRO SA 113 -71.08 -7.04 5.73
N ASN SA 114 -71.22 -5.84 5.16
CA ASN SA 114 -72.48 -5.12 5.11
C ASN SA 114 -72.90 -4.82 3.67
N PHE SA 115 -72.63 -5.76 2.77
CA PHE SA 115 -72.85 -5.50 1.35
C PHE SA 115 -74.33 -5.23 1.06
N SER SA 116 -74.56 -4.35 0.11
CA SER SA 116 -75.90 -3.99 -0.35
C SER SA 116 -76.03 -4.29 -1.84
N PRO SA 117 -77.18 -4.81 -2.27
CA PRO SA 117 -77.34 -5.16 -3.70
C PRO SA 117 -77.13 -3.95 -4.60
N GLY SA 118 -76.33 -4.16 -5.65
CA GLY SA 118 -76.06 -3.11 -6.62
C GLY SA 118 -75.00 -2.12 -6.21
N ALA SA 119 -74.51 -2.16 -4.97
CA ALA SA 119 -73.49 -1.23 -4.53
C ALA SA 119 -72.13 -1.62 -5.09
N SER SA 120 -71.27 -0.62 -5.27
CA SER SA 120 -69.93 -0.81 -5.79
C SER SA 120 -68.93 -0.56 -4.66
N TYR SA 121 -68.06 -1.53 -4.42
CA TYR SA 121 -67.10 -1.49 -3.32
C TYR SA 121 -65.68 -1.54 -3.88
N THR SA 122 -64.84 -0.63 -3.41
CA THR SA 122 -63.44 -0.64 -3.80
C THR SA 122 -62.72 -1.75 -3.05
N ALA SA 123 -61.95 -2.56 -3.79
CA ALA SA 123 -61.21 -3.66 -3.23
C ALA SA 123 -59.78 -3.61 -3.74
N THR SA 124 -58.91 -4.37 -3.07
CA THR SA 124 -57.52 -4.51 -3.46
C THR SA 124 -57.18 -5.99 -3.46
N ILE SA 125 -56.71 -6.49 -4.60
CA ILE SA 125 -56.37 -7.91 -4.74
C ILE SA 125 -54.85 -8.02 -4.74
N TYR SA 126 -54.32 -8.84 -3.84
CA TYR SA 126 -52.87 -8.95 -3.64
C TYR SA 126 -52.39 -10.25 -4.25
N PHE SA 127 -51.37 -10.16 -5.10
CA PHE SA 127 -50.88 -11.30 -5.86
C PHE SA 127 -49.51 -11.74 -5.33
N SER SA 128 -49.06 -12.89 -5.84
CA SER SA 128 -47.89 -13.55 -5.26
C SER SA 128 -46.62 -12.71 -5.36
N ASN SA 129 -46.55 -11.77 -6.31
CA ASN SA 129 -45.38 -10.89 -6.37
C ASN SA 129 -45.38 -9.86 -5.25
N GLY SA 130 -46.48 -9.73 -4.52
CA GLY SA 130 -46.65 -8.65 -3.58
C GLY SA 130 -47.37 -7.44 -4.14
N GLN SA 131 -47.43 -7.32 -5.46
CA GLN SA 131 -48.17 -6.22 -6.08
C GLN SA 131 -49.66 -6.38 -5.82
N GLY SA 132 -50.33 -5.25 -5.65
CA GLY SA 132 -51.75 -5.26 -5.36
C GLY SA 132 -52.54 -4.37 -6.30
N ALA SA 133 -53.51 -4.96 -6.99
CA ALA SA 133 -54.31 -4.23 -7.96
C ALA SA 133 -55.58 -3.71 -7.31
N PRO SA 134 -55.84 -2.40 -7.33
CA PRO SA 134 -57.16 -1.92 -6.94
C PRO SA 134 -58.20 -2.27 -7.99
N ALA SA 135 -59.41 -2.56 -7.53
CA ALA SA 135 -60.51 -2.96 -8.40
C ALA SA 135 -61.82 -2.49 -7.79
N THR SA 136 -62.87 -2.52 -8.59
CA THR SA 136 -64.21 -2.21 -8.12
C THR SA 136 -65.08 -3.44 -8.29
N LEU SA 137 -65.73 -3.85 -7.22
CA LEU SA 137 -66.58 -5.04 -7.21
C LEU SA 137 -68.02 -4.64 -6.93
N ILE SA 138 -68.93 -5.08 -7.79
CA ILE SA 138 -70.36 -4.82 -7.63
C ILE SA 138 -70.99 -6.01 -6.95
N TYR SA 139 -71.77 -5.77 -5.92
CA TYR SA 139 -72.43 -6.85 -5.19
C TYR SA 139 -73.73 -7.21 -5.89
N GLN SA 140 -73.81 -8.42 -6.41
CA GLN SA 140 -74.95 -8.88 -7.19
C GLN SA 140 -76.01 -9.61 -6.36
N GLY SA 141 -75.73 -9.90 -5.09
CA GLY SA 141 -76.66 -10.62 -4.25
C GLY SA 141 -76.54 -12.13 -4.39
N LEU TA 1 5.81 -4.66 5.12
CA LEU TA 1 4.78 -5.48 5.74
C LEU TA 1 3.59 -4.65 6.19
N SER TA 2 3.79 -3.33 6.26
CA SER TA 2 2.79 -2.44 6.84
C SER TA 2 1.50 -2.41 6.02
N GLY TA 3 1.63 -2.43 4.69
CA GLY TA 3 0.47 -2.20 3.83
C GLY TA 3 -0.65 -3.20 4.04
N ALA TA 4 -0.30 -4.47 4.18
CA ALA TA 4 -1.34 -5.49 4.38
C ALA TA 4 -2.04 -5.31 5.72
N ILE TA 5 -1.29 -4.93 6.75
CA ILE TA 5 -1.88 -4.66 8.06
C ILE TA 5 -2.87 -3.51 7.98
N VAL TA 6 -2.47 -2.42 7.31
CA VAL TA 6 -3.35 -1.27 7.15
C VAL TA 6 -4.60 -1.66 6.37
N ALA TA 7 -4.42 -2.47 5.32
CA ALA TA 7 -5.55 -2.91 4.51
C ALA TA 7 -6.53 -3.74 5.33
N LEU TA 8 -6.01 -4.63 6.18
CA LEU TA 8 -6.89 -5.43 7.03
C LEU TA 8 -7.71 -4.54 7.97
N ILE TA 9 -7.05 -3.58 8.61
CA ILE TA 9 -7.75 -2.67 9.51
C ILE TA 9 -8.87 -1.95 8.76
N LEU TA 10 -8.53 -1.39 7.59
CA LEU TA 10 -9.51 -0.60 6.85
C LEU TA 10 -10.65 -1.46 6.32
N VAL TA 11 -10.38 -2.70 5.93
CA VAL TA 11 -11.44 -3.57 5.44
C VAL TA 11 -12.46 -3.83 6.54
N ILE TA 12 -11.98 -4.18 7.73
CA ILE TA 12 -12.92 -4.46 8.82
C ILE TA 12 -13.70 -3.20 9.20
N ALA TA 13 -13.02 -2.05 9.26
CA ALA TA 13 -13.71 -0.81 9.58
C ALA TA 13 -14.78 -0.48 8.53
N GLY TA 14 -14.47 -0.73 7.26
CA GLY TA 14 -15.46 -0.49 6.22
C GLY TA 14 -16.70 -1.34 6.39
N VAL TA 15 -16.51 -2.62 6.71
CA VAL TA 15 -17.65 -3.48 6.98
C VAL TA 15 -18.51 -2.89 8.09
N ILE TA 16 -17.86 -2.49 9.18
CA ILE TA 16 -18.61 -2.00 10.35
C ILE TA 16 -19.41 -0.75 9.98
N ILE TA 17 -18.75 0.22 9.33
CA ILE TA 17 -19.41 1.49 9.05
C ILE TA 17 -20.54 1.31 8.05
N ALA TA 18 -20.34 0.45 7.04
CA ALA TA 18 -21.40 0.22 6.06
C ALA TA 18 -22.64 -0.39 6.73
N ILE TA 19 -22.43 -1.37 7.62
CA ILE TA 19 -23.57 -1.96 8.31
C ILE TA 19 -24.27 -0.91 9.17
N ALA TA 20 -23.49 -0.05 9.83
CA ALA TA 20 -24.09 0.99 10.65
C ALA TA 20 -24.94 1.95 9.81
N VAL TA 21 -24.46 2.31 8.62
CA VAL TA 21 -25.22 3.21 7.76
C VAL TA 21 -26.51 2.54 7.30
N VAL TA 22 -26.46 1.26 6.97
CA VAL TA 22 -27.67 0.54 6.54
C VAL TA 22 -28.69 0.53 7.67
N LEU TA 23 -28.24 0.25 8.89
CA LEU TA 23 -29.16 0.24 10.02
C LEU TA 23 -29.74 1.62 10.31
N PHE TA 24 -28.95 2.67 10.12
CA PHE TA 24 -29.48 4.02 10.25
C PHE TA 24 -30.56 4.30 9.22
N ALA TA 25 -30.34 3.85 7.98
CA ALA TA 25 -31.35 4.02 6.94
C ALA TA 25 -32.64 3.34 7.33
N PHE TA 26 -32.54 2.14 7.90
CA PHE TA 26 -33.75 1.47 8.36
C PHE TA 26 -34.38 2.17 9.56
N GLY TA 27 -33.56 2.76 10.43
CA GLY TA 27 -34.09 3.42 11.62
C GLY TA 27 -34.75 4.75 11.35
N LEU TA 28 -34.45 5.38 10.22
CA LEU TA 28 -35.08 6.66 9.91
C LEU TA 28 -36.58 6.55 9.70
N ILE TA 29 -37.08 5.38 9.30
CA ILE TA 29 -38.45 5.27 8.80
C ILE TA 29 -39.51 5.73 9.80
N PRO TA 30 -39.46 5.35 11.09
CA PRO TA 30 -40.57 5.73 11.98
C PRO TA 30 -40.79 7.22 12.13
N GLY TA 31 -39.76 8.04 11.91
CA GLY TA 31 -39.93 9.48 12.06
C GLY TA 31 -40.79 10.10 10.97
N ILE TA 32 -40.89 9.44 9.82
CA ILE TA 32 -41.65 9.99 8.70
C ILE TA 32 -43.13 10.04 9.02
N SER TA 33 -43.62 9.06 9.78
CA SER TA 33 -45.06 8.95 10.04
C SER TA 33 -45.62 10.21 10.69
N ASN TA 34 -44.85 10.84 11.58
CA ASN TA 34 -45.35 11.98 12.33
C ASN TA 34 -45.55 13.22 11.48
N GLN TA 35 -45.09 13.21 10.22
CA GLN TA 35 -45.25 14.36 9.35
C GLN TA 35 -46.69 14.57 8.90
N GLY TA 36 -47.60 13.65 9.22
CA GLY TA 36 -48.98 13.79 8.78
C GLY TA 36 -50.01 13.72 9.89
N SER TA 37 -49.62 14.14 11.10
CA SER TA 37 -50.45 13.90 12.27
C SER TA 37 -51.73 14.74 12.29
N ILE TA 38 -51.67 15.98 11.81
CA ILE TA 38 -52.75 16.94 12.01
C ILE TA 38 -53.47 17.21 10.70
N GLN TA 39 -54.78 17.45 10.80
CA GLN TA 39 -55.56 17.96 9.68
C GLN TA 39 -56.55 19.01 10.16
N VAL TA 40 -56.63 20.11 9.42
CA VAL TA 40 -57.56 21.19 9.73
C VAL TA 40 -58.92 20.87 9.13
N LEU TA 41 -59.98 21.03 9.91
CA LEU TA 41 -61.33 20.68 9.50
C LEU TA 41 -62.15 21.94 9.30
N GLY TA 42 -62.72 22.08 8.11
CA GLY TA 42 -63.67 23.15 7.86
C GLY TA 42 -63.04 24.53 7.85
N SER TA 43 -63.91 25.53 7.78
CA SER TA 43 -63.47 26.91 7.77
C SER TA 43 -63.12 27.37 9.19
N GLY TA 44 -62.37 28.48 9.25
CA GLY TA 44 -62.05 29.13 10.49
C GLY TA 44 -62.49 30.58 10.45
N THR TA 45 -62.21 31.29 11.54
CA THR TA 45 -62.68 32.66 11.71
C THR TA 45 -61.55 33.57 12.17
N ILE TA 46 -61.44 34.73 11.53
CA ILE TA 46 -60.56 35.81 11.98
C ILE TA 46 -61.42 36.89 12.61
N THR TA 47 -60.92 37.48 13.69
CA THR TA 47 -61.62 38.55 14.39
C THR TA 47 -60.62 39.59 14.84
N ASN TA 48 -61.05 40.86 14.83
CA ASN TA 48 -60.22 41.98 15.22
C ASN TA 48 -60.26 42.15 16.74
N SER TA 49 -59.08 42.20 17.36
CA SER TA 49 -58.96 42.11 18.82
C SER TA 49 -57.95 43.12 19.38
N THR TA 50 -58.04 44.37 18.93
CA THR TA 50 -57.11 45.40 19.41
C THR TA 50 -57.90 46.63 19.85
N ALA TA 51 -57.36 47.31 20.87
CA ALA TA 51 -58.02 48.47 21.47
C ALA TA 51 -57.60 49.76 20.76
N SER TA 52 -58.28 50.84 21.10
CA SER TA 52 -58.00 52.14 20.49
C SER TA 52 -56.62 52.63 20.90
N GLY TA 53 -55.86 53.13 19.94
CA GLY TA 53 -54.54 53.64 20.21
C GLY TA 53 -53.49 52.59 20.52
N SER TA 54 -53.81 51.32 20.30
CA SER TA 54 -52.86 50.26 20.59
C SER TA 54 -51.64 50.34 19.68
N SER TA 55 -50.54 49.72 20.10
CA SER TA 55 -49.34 49.70 19.29
C SER TA 55 -49.50 48.81 18.07
N ARG TA 56 -50.41 47.84 18.12
CA ARG TA 56 -50.45 46.79 17.12
C ARG TA 56 -51.86 46.24 16.97
N THR TA 57 -52.20 45.90 15.73
CA THR TA 57 -53.41 45.12 15.49
C THR TA 57 -53.15 43.66 15.84
N ILE TA 58 -54.11 43.05 16.50
CA ILE TA 58 -54.04 41.62 16.80
C ILE TA 58 -55.36 40.97 16.44
N TYR TA 59 -55.29 39.82 15.79
CA TYR TA 59 -56.46 39.10 15.28
C TYR TA 59 -56.54 37.75 15.98
N ASN TA 60 -57.71 37.46 16.53
CA ASN TA 60 -58.02 36.13 17.04
C ASN TA 60 -58.39 35.22 15.88
N ILE TA 61 -57.75 34.07 15.78
CA ILE TA 61 -58.01 33.11 14.72
C ILE TA 61 -58.44 31.81 15.37
N THR TA 62 -59.62 31.34 14.99
CA THR TA 62 -60.19 30.10 15.48
C THR TA 62 -60.28 29.10 14.34
N ILE TA 63 -59.71 27.92 14.54
CA ILE TA 63 -59.77 26.84 13.55
C ILE TA 63 -60.00 25.53 14.28
N THR TA 64 -60.77 24.63 13.69
CA THR TA 64 -60.89 23.28 14.21
C THR TA 64 -59.77 22.42 13.66
N VAL TA 65 -59.01 21.77 14.54
CA VAL TA 65 -57.89 20.93 14.14
C VAL TA 65 -58.04 19.56 14.78
N LYS TA 66 -57.72 18.53 14.02
CA LYS TA 66 -57.77 17.15 14.49
C LYS TA 66 -56.35 16.59 14.51
N ASN TA 67 -55.94 16.08 15.66
CA ASN TA 67 -54.62 15.49 15.85
C ASN TA 67 -54.75 13.97 15.94
N THR TA 68 -53.93 13.26 15.17
CA THR TA 68 -53.98 11.81 15.12
C THR TA 68 -52.74 11.14 15.70
N GLY TA 69 -51.72 11.89 16.10
CA GLY TA 69 -50.52 11.31 16.64
C GLY TA 69 -50.59 11.04 18.12
N THR TA 70 -49.50 10.47 18.65
CA THR TA 70 -49.40 10.18 20.07
C THR TA 70 -49.02 11.40 20.90
N THR TA 71 -48.58 12.48 20.26
CA THR TA 71 -47.99 13.61 20.96
C THR TA 71 -48.76 14.90 20.67
N SER TA 72 -48.75 15.79 21.65
CA SER TA 72 -49.37 17.09 21.49
C SER TA 72 -48.56 17.96 20.53
N ILE TA 73 -49.23 18.66 19.64
CA ILE TA 73 -48.60 19.49 18.63
C ILE TA 73 -49.19 20.89 18.71
N SER TA 74 -48.35 21.89 18.40
CA SER TA 74 -48.73 23.29 18.54
C SER TA 74 -48.49 24.03 17.23
N VAL TA 75 -49.18 25.16 17.09
CA VAL TA 75 -48.98 26.03 15.94
C VAL TA 75 -47.68 26.81 16.09
N THR TA 76 -46.99 27.04 14.97
CA THR TA 76 -45.76 27.81 14.97
C THR TA 76 -45.82 29.06 14.11
N SER TA 77 -46.56 29.03 12.99
CA SER TA 77 -46.69 30.20 12.14
C SER TA 77 -47.94 30.06 11.30
N ILE TA 78 -48.44 31.20 10.82
CA ILE TA 78 -49.58 31.24 9.93
C ILE TA 78 -49.28 32.23 8.81
N ASN TA 79 -49.71 31.89 7.61
CA ASN TA 79 -49.55 32.74 6.43
C ASN TA 79 -50.93 32.95 5.83
N ILE TA 80 -51.44 34.17 5.93
CA ILE TA 80 -52.80 34.49 5.49
C ILE TA 80 -52.72 35.41 4.28
N ASN TA 81 -53.38 35.00 3.19
CA ASN TA 81 -53.50 35.81 1.99
C ASN TA 81 -52.13 36.19 1.43
N GLY TA 82 -51.11 35.38 1.73
CA GLY TA 82 -49.76 35.61 1.30
C GLY TA 82 -48.87 36.25 2.35
N GLN TA 83 -49.46 37.03 3.26
CA GLN TA 83 -48.69 37.72 4.29
C GLN TA 83 -48.39 36.79 5.46
N PRO TA 84 -47.16 36.78 5.95
CA PRO TA 84 -46.86 35.99 7.16
C PRO TA 84 -47.26 36.75 8.42
N PHE TA 85 -47.77 36.01 9.40
CA PHE TA 85 -48.21 36.57 10.67
C PHE TA 85 -47.41 35.95 11.81
N ASN TA 86 -47.23 36.71 12.88
CA ASN TA 86 -46.48 36.29 14.05
C ASN TA 86 -47.45 35.97 15.19
N ILE TA 87 -47.29 34.81 15.79
CA ILE TA 87 -48.22 34.32 16.80
C ILE TA 87 -47.87 34.94 18.15
N ASN TA 88 -48.85 35.64 18.76
CA ASN TA 88 -48.64 36.26 20.05
C ASN TA 88 -48.92 35.29 21.18
N GLY TA 89 -48.14 35.39 22.25
CA GLY TA 89 -48.34 34.58 23.44
C GLY TA 89 -47.90 33.14 23.28
N THR TA 90 -48.31 32.33 24.26
CA THR TA 90 -47.98 30.91 24.24
C THR TA 90 -48.87 30.18 23.23
N ALA TA 91 -48.25 29.51 22.27
CA ALA TA 91 -49.02 28.87 21.22
C ALA TA 91 -49.86 27.73 21.80
N PRO TA 92 -51.11 27.58 21.35
CA PRO TA 92 -51.95 26.51 21.89
C PRO TA 92 -51.44 25.14 21.49
N SER TA 93 -51.65 24.17 22.38
CA SER TA 93 -51.27 22.78 22.14
C SER TA 93 -52.51 21.96 21.82
N ILE TA 94 -52.39 21.08 20.84
CA ILE TA 94 -53.51 20.24 20.40
C ILE TA 94 -53.30 18.85 20.97
N PRO TA 95 -54.18 18.39 21.87
CA PRO TA 95 -53.97 17.09 22.52
C PRO TA 95 -53.91 15.94 21.53
N ALA TA 96 -53.31 14.84 21.98
CA ALA TA 96 -52.86 13.78 21.08
C ALA TA 96 -53.95 13.30 20.13
N GLY TA 97 -55.03 12.75 20.69
CA GLY TA 97 -56.06 12.15 19.86
C GLY TA 97 -57.32 12.95 19.66
N ARG TA 98 -57.36 14.18 20.12
CA ARG TA 98 -58.61 14.93 20.18
C ARG TA 98 -58.76 15.87 18.98
N THR TA 99 -60.02 16.19 18.67
CA THR TA 99 -60.38 17.20 17.68
C THR TA 99 -60.91 18.41 18.43
N GLN TA 100 -60.28 19.56 18.23
CA GLN TA 100 -60.64 20.72 19.02
C GLN TA 100 -60.71 22.00 18.21
N PRO TA 101 -61.66 22.89 18.53
CA PRO TA 101 -61.57 24.28 18.07
C PRO TA 101 -60.54 25.03 18.88
N ILE TA 102 -59.44 25.42 18.24
CA ILE TA 102 -58.33 26.12 18.89
C ILE TA 102 -58.32 27.57 18.41
N THR TA 103 -58.06 28.47 19.35
CA THR TA 103 -58.04 29.90 19.08
C THR TA 103 -56.69 30.47 19.50
N PHE TA 104 -56.12 31.32 18.66
CA PHE TA 104 -54.83 31.93 18.98
C PHE TA 104 -54.75 33.33 18.39
N GLU TA 105 -53.90 34.14 19.00
CA GLU TA 105 -53.74 35.56 18.66
C GLU TA 105 -52.55 35.76 17.74
N VAL TA 106 -52.74 36.52 16.66
CA VAL TA 106 -51.67 36.77 15.70
C VAL TA 106 -51.60 38.26 15.42
N THR TA 107 -50.41 38.71 15.00
CA THR TA 107 -50.19 40.09 14.61
C THR TA 107 -49.39 40.11 13.31
N PRO TA 108 -49.68 41.04 12.40
CA PRO TA 108 -49.00 41.04 11.11
C PRO TA 108 -47.52 41.39 11.25
N ALA TA 109 -46.69 40.69 10.49
CA ALA TA 109 -45.25 40.91 10.53
C ALA TA 109 -44.76 41.72 9.33
N SER TA 110 -45.33 41.48 8.14
CA SER TA 110 -44.86 42.16 6.95
C SER TA 110 -45.48 43.55 6.82
N GLY TA 111 -46.78 43.67 7.04
CA GLY TA 111 -47.45 44.95 6.89
C GLY TA 111 -48.92 44.82 7.23
N LYS TA 112 -49.58 45.97 7.25
CA LYS TA 112 -50.97 46.01 7.68
C LYS TA 112 -51.87 45.28 6.69
N PRO TA 113 -52.60 44.25 7.11
CA PRO TA 113 -53.53 43.58 6.20
C PRO TA 113 -54.89 44.26 6.21
N ASN TA 114 -55.43 44.52 5.03
CA ASN TA 114 -56.73 45.19 4.90
C ASN TA 114 -57.82 44.13 4.74
N PHE TA 115 -58.12 43.46 5.85
CA PHE TA 115 -59.20 42.49 5.85
C PHE TA 115 -60.54 43.18 5.59
N SER TA 116 -61.42 42.48 4.87
CA SER TA 116 -62.72 43.01 4.53
C SER TA 116 -63.80 42.19 5.22
N PRO TA 117 -64.80 42.84 5.83
CA PRO TA 117 -65.84 42.09 6.55
C PRO TA 117 -66.54 41.05 5.69
N GLY TA 118 -66.55 39.80 6.16
CA GLY TA 118 -67.20 38.72 5.47
C GLY TA 118 -66.39 38.06 4.37
N ALA TA 119 -65.19 38.57 4.08
CA ALA TA 119 -64.40 38.01 3.00
C ALA TA 119 -63.81 36.66 3.41
N SER TA 120 -63.40 35.89 2.40
CA SER TA 120 -62.79 34.58 2.60
C SER TA 120 -61.34 34.63 2.16
N TYR TA 121 -60.45 34.13 3.01
CA TYR TA 121 -59.00 34.20 2.79
C TYR TA 121 -58.39 32.81 2.90
N THR TA 122 -57.46 32.50 2.00
CA THR TA 122 -56.70 31.27 2.12
C THR TA 122 -55.55 31.47 3.08
N ALA TA 123 -55.25 30.42 3.86
CA ALA TA 123 -54.17 30.48 4.81
C ALA TA 123 -53.49 29.12 4.86
N THR TA 124 -52.25 29.10 5.32
CA THR TA 124 -51.54 27.87 5.61
C THR TA 124 -51.13 27.86 7.07
N ILE TA 125 -51.61 26.86 7.81
CA ILE TA 125 -51.26 26.70 9.22
C ILE TA 125 -50.07 25.76 9.29
N TYR TA 126 -49.01 26.20 9.95
CA TYR TA 126 -47.80 25.40 10.10
C TYR TA 126 -47.69 24.95 11.55
N PHE TA 127 -47.60 23.64 11.76
CA PHE TA 127 -47.61 23.06 13.08
C PHE TA 127 -46.22 22.60 13.47
N SER TA 128 -46.04 22.32 14.77
CA SER TA 128 -44.71 22.03 15.29
C SER TA 128 -44.14 20.72 14.74
N ASN TA 129 -44.98 19.83 14.23
CA ASN TA 129 -44.50 18.59 13.63
C ASN TA 129 -44.00 18.80 12.21
N GLY TA 130 -43.82 20.04 11.78
CA GLY TA 130 -43.35 20.30 10.43
C GLY TA 130 -44.39 20.10 9.35
N GLN TA 131 -45.66 20.29 9.66
CA GLN TA 131 -46.75 20.04 8.74
C GLN TA 131 -47.45 21.34 8.38
N GLY TA 132 -47.68 21.54 7.09
CA GLY TA 132 -48.49 22.66 6.61
C GLY TA 132 -49.87 22.17 6.19
N ALA TA 133 -50.89 22.92 6.58
CA ALA TA 133 -52.25 22.56 6.29
C ALA TA 133 -53.00 23.74 5.68
N PRO TA 134 -53.59 23.58 4.50
CA PRO TA 134 -54.42 24.64 3.94
C PRO TA 134 -55.66 24.86 4.80
N ALA TA 135 -56.11 26.11 4.85
CA ALA TA 135 -57.30 26.48 5.62
C ALA TA 135 -57.95 27.67 4.95
N THR TA 136 -59.25 27.82 5.21
CA THR TA 136 -60.04 28.93 4.68
C THR TA 136 -60.63 29.70 5.86
N LEU TA 137 -60.30 30.98 5.97
CA LEU TA 137 -60.69 31.81 7.11
C LEU TA 137 -61.66 32.89 6.65
N ILE TA 138 -62.77 33.01 7.36
CA ILE TA 138 -63.74 34.08 7.13
C ILE TA 138 -63.47 35.19 8.13
N TYR TA 139 -63.41 36.42 7.65
CA TYR TA 139 -63.17 37.58 8.51
C TYR TA 139 -64.50 38.06 9.05
N GLN TA 140 -64.70 37.92 10.37
CA GLN TA 140 -65.98 38.25 10.98
C GLN TA 140 -66.09 39.71 11.39
N GLY TA 141 -64.99 40.45 11.43
CA GLY TA 141 -65.02 41.83 11.86
C GLY TA 141 -63.82 42.21 12.69
N LEU UA 1 2.08 2.24 4.74
CA LEU UA 1 1.79 3.45 5.48
C LEU UA 1 0.90 4.39 4.66
N SER UA 2 0.96 4.25 3.34
CA SER UA 2 0.23 5.15 2.46
C SER UA 2 -1.27 4.89 2.48
N GLY UA 3 -1.67 3.65 2.79
CA GLY UA 3 -3.08 3.30 2.69
C GLY UA 3 -3.97 4.13 3.60
N ALA UA 4 -3.51 4.37 4.83
CA ALA UA 4 -4.31 5.16 5.76
C ALA UA 4 -4.45 6.61 5.27
N ILE UA 5 -3.37 7.18 4.72
CA ILE UA 5 -3.44 8.54 4.22
C ILE UA 5 -4.39 8.63 3.03
N VAL UA 6 -4.34 7.64 2.13
CA VAL UA 6 -5.24 7.63 0.99
C VAL UA 6 -6.69 7.51 1.47
N ALA UA 7 -6.94 6.65 2.46
CA ALA UA 7 -8.28 6.50 3.00
C ALA UA 7 -8.77 7.80 3.63
N LEU UA 8 -7.90 8.50 4.36
CA LEU UA 8 -8.28 9.76 4.97
C LEU UA 8 -8.63 10.80 3.92
N ILE UA 9 -7.81 10.91 2.88
CA ILE UA 9 -8.07 11.87 1.80
C ILE UA 9 -9.41 11.56 1.15
N LEU UA 10 -9.65 10.28 0.87
CA LEU UA 10 -10.90 9.91 0.19
C LEU UA 10 -12.11 10.13 1.09
N VAL UA 11 -11.98 9.91 2.40
CA VAL UA 11 -13.11 10.15 3.30
C VAL UA 11 -13.47 11.63 3.33
N ILE UA 12 -12.47 12.49 3.51
CA ILE UA 12 -12.74 13.93 3.55
C ILE UA 12 -13.31 14.40 2.21
N ALA UA 13 -12.70 13.96 1.10
CA ALA UA 13 -13.19 14.36 -0.21
C ALA UA 13 -14.60 13.85 -0.47
N GLY UA 14 -14.94 12.68 0.07
CA GLY UA 14 -16.30 12.18 -0.06
C GLY UA 14 -17.30 13.08 0.64
N VAL UA 15 -16.96 13.52 1.85
CA VAL UA 15 -17.82 14.49 2.53
C VAL UA 15 -18.01 15.73 1.67
N ILE UA 16 -16.90 16.26 1.15
CA ILE UA 16 -16.94 17.49 0.36
C ILE UA 16 -17.82 17.30 -0.88
N ILE UA 17 -17.63 16.20 -1.60
CA ILE UA 17 -18.32 15.99 -2.86
C ILE UA 17 -19.81 15.75 -2.63
N ALA UA 18 -20.16 15.02 -1.56
CA ALA UA 18 -21.57 14.82 -1.26
C ALA UA 18 -22.26 16.15 -0.96
N ILE UA 19 -21.59 17.02 -0.19
CA ILE UA 19 -22.17 18.33 0.09
C ILE UA 19 -22.33 19.13 -1.20
N ALA UA 20 -21.33 19.06 -2.10
CA ALA UA 20 -21.41 19.78 -3.36
C ALA UA 20 -22.58 19.30 -4.20
N VAL UA 21 -22.81 17.98 -4.25
CA VAL UA 21 -23.94 17.43 -4.99
C VAL UA 21 -25.25 17.93 -4.40
N VAL UA 22 -25.35 17.95 -3.07
CA VAL UA 22 -26.56 18.44 -2.41
C VAL UA 22 -26.83 19.88 -2.82
N LEU UA 23 -25.79 20.72 -2.83
CA LEU UA 23 -25.98 22.12 -3.21
C LEU UA 23 -26.38 22.28 -4.67
N PHE UA 24 -25.78 21.46 -5.55
CA PHE UA 24 -26.12 21.53 -6.97
C PHE UA 24 -27.59 21.20 -7.22
N ALA UA 25 -28.11 20.22 -6.48
CA ALA UA 25 -29.51 19.85 -6.62
C ALA UA 25 -30.42 21.06 -6.44
N PHE UA 26 -30.17 21.85 -5.39
CA PHE UA 26 -30.98 23.05 -5.18
C PHE UA 26 -30.66 24.13 -6.22
N GLY UA 27 -29.40 24.27 -6.60
CA GLY UA 27 -29.04 25.26 -7.59
C GLY UA 27 -29.72 25.08 -8.92
N LEU UA 28 -30.27 23.88 -9.17
CA LEU UA 28 -30.99 23.68 -10.43
C LEU UA 28 -32.32 24.45 -10.53
N ILE UA 29 -33.10 24.58 -9.45
CA ILE UA 29 -34.54 24.86 -9.60
C ILE UA 29 -34.88 26.29 -10.03
N PRO UA 30 -34.13 27.34 -9.65
CA PRO UA 30 -34.37 28.64 -10.28
C PRO UA 30 -34.27 28.61 -11.79
N GLY UA 31 -33.43 27.74 -12.35
CA GLY UA 31 -33.38 27.59 -13.79
C GLY UA 31 -34.64 26.97 -14.36
N ILE UA 32 -35.15 25.93 -13.70
CA ILE UA 32 -36.36 25.26 -14.21
C ILE UA 32 -37.57 26.17 -14.08
N SER UA 33 -37.57 27.08 -13.10
CA SER UA 33 -38.70 27.98 -12.95
C SER UA 33 -38.92 28.86 -14.17
N ASN UA 34 -37.91 29.01 -15.02
CA ASN UA 34 -38.06 29.81 -16.24
C ASN UA 34 -39.00 29.15 -17.24
N GLN UA 35 -39.34 27.88 -17.06
CA GLN UA 35 -40.25 27.21 -17.97
C GLN UA 35 -41.63 27.86 -18.00
N GLY UA 36 -42.00 28.60 -16.95
CA GLY UA 36 -43.29 29.26 -16.91
C GLY UA 36 -43.18 30.76 -16.81
N SER UA 37 -42.26 31.36 -17.56
CA SER UA 37 -42.03 32.80 -17.48
C SER UA 37 -43.22 33.60 -18.00
N ILE UA 38 -43.91 33.09 -19.01
CA ILE UA 38 -44.86 33.87 -19.78
C ILE UA 38 -46.29 33.45 -19.49
N GLN UA 39 -47.19 34.44 -19.42
CA GLN UA 39 -48.61 34.23 -19.33
C GLN UA 39 -49.31 35.05 -20.41
N VAL UA 40 -50.20 34.43 -21.16
CA VAL UA 40 -51.00 35.13 -22.15
C VAL UA 40 -52.37 35.38 -21.55
N LEU UA 41 -52.74 36.66 -21.41
CA LEU UA 41 -53.93 37.02 -20.65
C LEU UA 41 -54.84 37.91 -21.47
N GLY UA 42 -56.14 37.70 -21.30
CA GLY UA 42 -57.14 38.39 -22.09
C GLY UA 42 -57.39 37.68 -23.42
N SER UA 43 -58.50 38.07 -24.06
CA SER UA 43 -58.86 37.48 -25.34
C SER UA 43 -58.14 38.22 -26.46
N GLY UA 44 -57.43 37.47 -27.31
CA GLY UA 44 -56.73 38.04 -28.43
C GLY UA 44 -57.65 38.23 -29.63
N THR UA 45 -57.06 38.78 -30.69
CA THR UA 45 -57.81 39.05 -31.91
C THR UA 45 -56.99 38.65 -33.13
N ILE UA 46 -57.66 38.07 -34.12
CA ILE UA 46 -57.06 37.71 -35.40
C ILE UA 46 -57.81 38.45 -36.50
N THR UA 47 -57.07 39.09 -37.39
CA THR UA 47 -57.65 39.97 -38.40
C THR UA 47 -57.08 39.68 -39.78
N ASN UA 48 -57.91 39.83 -40.81
CA ASN UA 48 -57.46 39.65 -42.18
C ASN UA 48 -56.51 40.78 -42.57
N SER UA 49 -55.35 40.42 -43.10
CA SER UA 49 -54.31 41.40 -43.43
C SER UA 49 -53.68 41.09 -44.78
N THR UA 50 -54.44 40.49 -45.69
CA THR UA 50 -53.86 39.91 -46.89
C THR UA 50 -53.66 40.90 -48.03
N ALA UA 51 -54.18 42.12 -47.90
CA ALA UA 51 -54.08 43.15 -48.94
C ALA UA 51 -54.78 42.72 -50.23
N SER UA 52 -56.08 42.41 -50.09
CA SER UA 52 -56.99 42.23 -51.23
C SER UA 52 -56.52 41.15 -52.21
N GLY UA 53 -55.82 40.14 -51.72
CA GLY UA 53 -55.33 39.08 -52.58
C GLY UA 53 -53.91 39.25 -53.05
N SER UA 54 -53.20 40.28 -52.58
CA SER UA 54 -51.80 40.50 -52.92
C SER UA 54 -50.85 39.74 -52.03
N SER UA 55 -51.34 38.97 -51.05
CA SER UA 55 -50.45 38.21 -50.17
C SER UA 55 -51.05 36.83 -49.91
N ARG UA 56 -50.19 35.90 -49.46
CA ARG UA 56 -50.58 34.51 -49.24
C ARG UA 56 -51.38 34.35 -47.95
N THR UA 57 -52.54 35.01 -47.93
CA THR UA 57 -53.51 34.92 -46.84
C THR UA 57 -52.83 35.15 -45.48
N ILE UA 58 -52.31 36.36 -45.30
CA ILE UA 58 -51.59 36.68 -44.08
C ILE UA 58 -52.54 37.34 -43.08
N TYR UA 59 -52.54 36.83 -41.85
CA TYR UA 59 -53.40 37.29 -40.79
C TYR UA 59 -52.60 38.05 -39.72
N ASN UA 60 -53.33 38.68 -38.81
CA ASN UA 60 -52.78 39.54 -37.77
C ASN UA 60 -53.20 38.94 -36.43
N ILE UA 61 -52.25 38.53 -35.61
CA ILE UA 61 -52.54 38.00 -34.27
C ILE UA 61 -52.08 39.03 -33.25
N THR UA 62 -53.02 39.50 -32.44
CA THR UA 62 -52.74 40.43 -31.34
C THR UA 62 -53.17 39.78 -30.03
N ILE UA 63 -52.23 39.70 -29.08
CA ILE UA 63 -52.46 39.06 -27.79
C ILE UA 63 -51.69 39.83 -26.72
N THR UA 64 -52.26 39.94 -25.53
CA THR UA 64 -51.58 40.58 -24.42
C THR UA 64 -50.74 39.55 -23.67
N VAL UA 65 -49.44 39.78 -23.60
CA VAL UA 65 -48.48 38.82 -23.05
C VAL UA 65 -47.75 39.47 -21.89
N LYS UA 66 -47.59 38.72 -20.81
CA LYS UA 66 -46.89 39.14 -19.61
C LYS UA 66 -45.69 38.24 -19.41
N ASN UA 67 -44.52 38.84 -19.24
CA ASN UA 67 -43.26 38.10 -19.07
C ASN UA 67 -42.74 38.35 -17.66
N THR UA 68 -42.64 37.28 -16.87
CA THR UA 68 -42.13 37.38 -15.51
C THR UA 68 -40.68 36.93 -15.39
N GLY UA 69 -40.06 36.48 -16.48
CA GLY UA 69 -38.68 36.08 -16.43
C GLY UA 69 -37.73 37.26 -16.49
N THR UA 70 -36.44 36.95 -16.40
CA THR UA 70 -35.40 37.97 -16.46
C THR UA 70 -34.80 38.13 -17.84
N THR UA 71 -35.30 37.41 -18.84
CA THR UA 71 -34.78 37.46 -20.19
C THR UA 71 -35.88 37.77 -21.19
N SER UA 72 -35.52 38.40 -22.29
CA SER UA 72 -36.47 38.64 -23.37
C SER UA 72 -36.79 37.34 -24.06
N ILE UA 73 -38.07 37.10 -24.32
CA ILE UA 73 -38.54 35.83 -24.85
C ILE UA 73 -39.34 36.09 -26.13
N SER UA 74 -39.17 35.22 -27.11
CA SER UA 74 -39.73 35.40 -28.45
C SER UA 74 -40.70 34.28 -28.79
N VAL UA 75 -41.61 34.58 -29.71
CA VAL UA 75 -42.59 33.61 -30.20
C VAL UA 75 -41.93 32.79 -31.29
N THR UA 76 -41.77 31.48 -31.07
CA THR UA 76 -41.12 30.62 -32.04
C THR UA 76 -42.07 30.01 -33.05
N SER UA 77 -43.28 29.63 -32.61
CA SER UA 77 -44.25 29.03 -33.52
C SER UA 77 -45.65 29.24 -32.95
N ILE UA 78 -46.64 29.05 -33.80
CA ILE UA 78 -48.04 29.21 -33.41
C ILE UA 78 -48.89 28.14 -34.09
N ASN UA 79 -49.85 27.61 -33.34
CA ASN UA 79 -50.80 26.64 -33.84
C ASN UA 79 -52.20 27.14 -33.53
N ILE UA 80 -53.02 27.31 -34.56
CA ILE UA 80 -54.35 27.90 -34.44
C ILE UA 80 -55.39 26.84 -34.72
N ASN UA 81 -56.17 26.48 -33.70
CA ASN UA 81 -57.27 25.53 -33.82
C ASN UA 81 -56.79 24.20 -34.40
N GLY UA 82 -55.59 23.79 -34.03
CA GLY UA 82 -55.01 22.55 -34.51
C GLY UA 82 -54.23 22.66 -35.81
N GLN UA 83 -54.38 23.77 -36.55
CA GLN UA 83 -53.66 23.93 -37.81
C GLN UA 83 -52.37 24.70 -37.59
N PRO UA 84 -51.24 24.19 -38.08
CA PRO UA 84 -49.96 24.87 -37.86
C PRO UA 84 -49.92 26.19 -38.62
N PHE UA 85 -49.13 27.14 -38.10
CA PHE UA 85 -49.00 28.44 -38.72
C PHE UA 85 -47.54 28.88 -38.65
N ASN UA 86 -47.15 29.76 -39.58
CA ASN UA 86 -45.78 30.25 -39.65
C ASN UA 86 -45.78 31.77 -39.56
N ILE UA 87 -44.92 32.32 -38.71
CA ILE UA 87 -44.81 33.78 -38.60
C ILE UA 87 -44.16 34.34 -39.86
N ASN UA 88 -44.72 35.42 -40.39
CA ASN UA 88 -44.24 35.96 -41.67
C ASN UA 88 -43.03 36.86 -41.53
N GLY UA 89 -43.00 37.71 -40.49
CA GLY UA 89 -41.87 38.57 -40.24
C GLY UA 89 -40.90 37.99 -39.22
N THR UA 90 -40.05 38.85 -38.69
CA THR UA 90 -39.22 38.45 -37.56
C THR UA 90 -40.09 38.25 -36.33
N ALA UA 91 -39.71 37.29 -35.50
CA ALA UA 91 -40.52 36.93 -34.36
C ALA UA 91 -40.59 38.09 -33.37
N PRO UA 92 -41.77 38.39 -32.81
CA PRO UA 92 -41.84 39.38 -31.74
C PRO UA 92 -41.18 38.87 -30.48
N SER UA 93 -40.69 39.80 -29.66
CA SER UA 93 -39.99 39.45 -28.44
C SER UA 93 -40.55 40.28 -27.30
N ILE UA 94 -40.79 39.65 -26.16
CA ILE UA 94 -41.39 40.28 -24.99
C ILE UA 94 -40.28 40.55 -23.97
N PRO UA 95 -40.02 41.80 -23.62
CA PRO UA 95 -38.97 42.09 -22.65
C PRO UA 95 -39.35 41.64 -21.24
N ALA UA 96 -38.33 41.57 -20.38
CA ALA UA 96 -38.52 41.11 -19.02
C ALA UA 96 -39.43 42.05 -18.23
N GLY UA 97 -40.28 41.48 -17.39
CA GLY UA 97 -41.14 42.23 -16.51
C GLY UA 97 -42.30 42.93 -17.19
N ARG UA 98 -42.36 42.96 -18.52
CA ARG UA 98 -43.37 43.73 -19.22
C ARG UA 98 -44.68 42.97 -19.35
N THR UA 99 -45.77 43.72 -19.45
CA THR UA 99 -47.06 43.23 -19.92
C THR UA 99 -47.47 44.13 -21.09
N GLN UA 100 -47.56 43.54 -22.28
CA GLN UA 100 -47.75 44.39 -23.45
C GLN UA 100 -48.49 43.62 -24.54
N PRO UA 101 -49.13 44.34 -25.47
CA PRO UA 101 -49.77 43.68 -26.62
C PRO UA 101 -48.78 43.32 -27.71
N ILE UA 102 -48.55 42.03 -27.90
CA ILE UA 102 -47.76 41.53 -29.01
C ILE UA 102 -48.66 41.40 -30.24
N THR UA 103 -48.20 41.91 -31.37
CA THR UA 103 -48.89 41.77 -32.64
C THR UA 103 -47.93 41.23 -33.68
N PHE UA 104 -48.34 40.19 -34.39
CA PHE UA 104 -47.46 39.63 -35.42
C PHE UA 104 -48.28 39.03 -36.55
N GLU UA 105 -47.67 39.04 -37.75
CA GLU UA 105 -48.30 38.49 -38.94
C GLU UA 105 -48.08 36.99 -38.99
N VAL UA 106 -49.04 36.27 -39.57
CA VAL UA 106 -48.96 34.81 -39.63
C VAL UA 106 -49.55 34.30 -40.95
N THR UA 107 -49.07 33.14 -41.37
CA THR UA 107 -49.43 32.46 -42.60
C THR UA 107 -49.84 31.03 -42.29
N PRO UA 108 -50.76 30.46 -43.08
CA PRO UA 108 -51.05 29.04 -42.94
C PRO UA 108 -49.87 28.20 -43.41
N ALA UA 109 -49.47 27.23 -42.60
CA ALA UA 109 -48.39 26.34 -42.99
C ALA UA 109 -48.83 25.40 -44.10
N SER UA 110 -50.09 24.97 -44.10
CA SER UA 110 -50.64 24.14 -45.16
C SER UA 110 -52.13 24.43 -45.28
N GLY UA 111 -52.65 24.29 -46.50
CA GLY UA 111 -54.06 24.51 -46.71
C GLY UA 111 -54.44 25.98 -46.65
N LYS UA 112 -55.74 26.20 -46.48
CA LYS UA 112 -56.31 27.55 -46.44
C LYS UA 112 -57.43 27.56 -45.42
N PRO UA 113 -57.13 27.92 -44.18
CA PRO UA 113 -58.18 27.93 -43.14
C PRO UA 113 -59.09 29.13 -43.32
N ASN UA 114 -60.38 28.90 -43.17
CA ASN UA 114 -61.39 29.94 -43.35
C ASN UA 114 -61.99 30.27 -41.99
N PHE UA 115 -62.07 31.55 -41.68
CA PHE UA 115 -62.58 32.01 -40.38
C PHE UA 115 -63.89 32.76 -40.59
N SER UA 116 -64.78 32.64 -39.60
CA SER UA 116 -66.06 33.33 -39.64
C SER UA 116 -66.07 34.50 -38.66
N PRO UA 117 -66.73 35.60 -39.01
CA PRO UA 117 -66.72 36.77 -38.12
C PRO UA 117 -67.27 36.46 -36.74
N GLY UA 118 -66.56 36.95 -35.72
CA GLY UA 118 -67.01 36.81 -34.35
C GLY UA 118 -66.78 35.45 -33.73
N ALA UA 119 -66.28 34.48 -34.49
CA ALA UA 119 -66.05 33.15 -33.92
C ALA UA 119 -64.79 33.15 -33.06
N SER UA 120 -64.74 32.20 -32.13
CA SER UA 120 -63.61 32.06 -31.22
C SER UA 120 -62.76 30.86 -31.65
N TYR UA 121 -61.47 31.09 -31.83
CA TYR UA 121 -60.53 30.07 -32.25
C TYR UA 121 -59.43 29.96 -31.21
N THR UA 122 -59.15 28.75 -30.74
CA THR UA 122 -58.09 28.56 -29.77
C THR UA 122 -56.74 28.45 -30.49
N ALA UA 123 -55.75 29.14 -29.95
CA ALA UA 123 -54.40 29.12 -30.50
C ALA UA 123 -53.40 28.86 -29.38
N THR UA 124 -52.40 28.04 -29.68
CA THR UA 124 -51.31 27.78 -28.75
C THR UA 124 -50.07 28.51 -29.25
N ILE UA 125 -49.59 29.45 -28.45
CA ILE UA 125 -48.39 30.21 -28.79
C ILE UA 125 -47.21 29.56 -28.07
N TYR UA 126 -46.22 29.12 -28.83
CA TYR UA 126 -45.04 28.49 -28.29
C TYR UA 126 -43.94 29.54 -28.21
N PHE UA 127 -43.46 29.79 -26.99
CA PHE UA 127 -42.42 30.79 -26.78
C PHE UA 127 -41.06 30.10 -26.66
N SER UA 128 -40.00 30.92 -26.61
CA SER UA 128 -38.65 30.39 -26.67
C SER UA 128 -38.30 29.56 -25.45
N ASN UA 129 -39.07 29.65 -24.36
CA ASN UA 129 -38.86 28.76 -23.22
C ASN UA 129 -39.27 27.34 -23.53
N GLY UA 130 -39.93 27.10 -24.65
CA GLY UA 130 -40.67 25.87 -24.86
C GLY UA 130 -42.05 25.88 -24.25
N GLN UA 131 -42.41 26.95 -23.55
CA GLN UA 131 -43.72 27.05 -22.94
C GLN UA 131 -44.79 27.27 -24.00
N GLY UA 132 -45.86 26.49 -23.93
CA GLY UA 132 -46.96 26.66 -24.86
C GLY UA 132 -48.20 27.21 -24.16
N ALA UA 133 -48.53 28.46 -24.45
CA ALA UA 133 -49.65 29.11 -23.79
C ALA UA 133 -50.90 29.00 -24.66
N PRO UA 134 -51.98 28.40 -24.16
CA PRO UA 134 -53.24 28.45 -24.90
C PRO UA 134 -53.93 29.79 -24.70
N ALA UA 135 -54.56 30.27 -25.77
CA ALA UA 135 -55.25 31.55 -25.76
C ALA UA 135 -56.43 31.47 -26.71
N THR UA 136 -57.35 32.41 -26.56
CA THR UA 136 -58.55 32.46 -27.40
C THR UA 136 -58.51 33.73 -28.24
N LEU UA 137 -58.62 33.54 -29.56
CA LEU UA 137 -58.61 34.64 -30.52
C LEU UA 137 -60.01 34.80 -31.10
N ILE UA 138 -60.50 36.03 -31.12
CA ILE UA 138 -61.78 36.34 -31.74
C ILE UA 138 -61.51 36.94 -33.10
N TYR UA 139 -62.07 36.33 -34.15
CA TYR UA 139 -61.84 36.82 -35.50
C TYR UA 139 -62.62 38.11 -35.73
N GLN UA 140 -61.95 39.10 -36.31
CA GLN UA 140 -62.52 40.43 -36.47
C GLN UA 140 -62.54 40.93 -37.91
N GLY UA 141 -61.90 40.23 -38.83
CA GLY UA 141 -61.81 40.70 -40.21
C GLY UA 141 -63.07 40.53 -41.02
N LEU VA 1 -2.04 2.69 -1.82
CA LEU VA 1 -2.35 3.00 -3.21
C LEU VA 1 -3.64 2.33 -3.67
N SER VA 2 -3.99 1.24 -3.00
CA SER VA 2 -5.14 0.44 -3.43
C SER VA 2 -6.44 1.23 -3.35
N GLY VA 3 -6.60 2.02 -2.30
CA GLY VA 3 -7.88 2.69 -2.08
C GLY VA 3 -8.26 3.62 -3.21
N ALA VA 4 -7.30 4.40 -3.71
CA ALA VA 4 -7.60 5.36 -4.77
C ALA VA 4 -7.98 4.66 -6.06
N ILE VA 5 -7.26 3.59 -6.42
CA ILE VA 5 -7.58 2.87 -7.65
C ILE VA 5 -8.94 2.19 -7.53
N VAL VA 6 -9.24 1.62 -6.36
CA VAL VA 6 -10.55 1.00 -6.16
C VAL VA 6 -11.66 2.05 -6.26
N ALA VA 7 -11.45 3.22 -5.67
CA ALA VA 7 -12.43 4.29 -5.75
C ALA VA 7 -12.64 4.73 -7.19
N LEU VA 8 -11.56 4.83 -7.97
CA LEU VA 8 -11.69 5.20 -9.37
C LEU VA 8 -12.46 4.15 -10.16
N ILE VA 9 -12.18 2.87 -9.90
CA ILE VA 9 -12.93 1.79 -10.55
C ILE VA 9 -14.41 1.92 -10.25
N LEU VA 10 -14.75 2.13 -8.97
CA LEU VA 10 -16.15 2.24 -8.58
C LEU VA 10 -16.80 3.48 -9.16
N VAL VA 11 -16.06 4.58 -9.29
CA VAL VA 11 -16.60 5.79 -9.90
C VAL VA 11 -16.97 5.54 -11.36
N ILE VA 12 -16.05 4.92 -12.12
CA ILE VA 12 -16.32 4.65 -13.52
C ILE VA 12 -17.48 3.68 -13.66
N ALA VA 13 -17.51 2.63 -12.83
CA ALA VA 13 -18.59 1.66 -12.90
C ALA VA 13 -19.93 2.29 -12.54
N GLY VA 14 -19.94 3.19 -11.56
CA GLY VA 14 -21.17 3.89 -11.22
C GLY VA 14 -21.66 4.73 -12.38
N VAL VA 15 -20.74 5.42 -13.07
CA VAL VA 15 -21.12 6.16 -14.26
C VAL VA 15 -21.77 5.22 -15.29
N ILE VA 16 -21.15 4.07 -15.50
CA ILE VA 16 -21.66 3.12 -16.49
C ILE VA 16 -23.07 2.66 -16.13
N ILE VA 17 -23.27 2.23 -14.89
CA ILE VA 17 -24.57 1.68 -14.50
C ILE VA 17 -25.64 2.76 -14.47
N ALA VA 18 -25.28 3.96 -14.02
CA ALA VA 18 -26.25 5.05 -14.00
C ALA VA 18 -26.69 5.42 -15.41
N ILE VA 19 -25.74 5.50 -16.34
CA ILE VA 19 -26.11 5.81 -17.73
C ILE VA 19 -26.97 4.69 -18.31
N ALA VA 20 -26.67 3.44 -17.96
CA ALA VA 20 -27.49 2.33 -18.42
C ALA VA 20 -28.93 2.46 -17.91
N VAL VA 21 -29.10 2.83 -16.65
CA VAL VA 21 -30.43 3.00 -16.08
C VAL VA 21 -31.15 4.16 -16.74
N VAL VA 22 -30.44 5.25 -17.05
CA VAL VA 22 -31.04 6.39 -17.71
C VAL VA 22 -31.53 6.00 -19.10
N LEU VA 23 -30.71 5.24 -19.83
CA LEU VA 23 -31.11 4.78 -21.16
C LEU VA 23 -32.30 3.83 -21.07
N PHE VA 24 -32.36 3.01 -20.02
CA PHE VA 24 -33.53 2.17 -19.80
C PHE VA 24 -34.79 3.01 -19.57
N ALA VA 25 -34.65 4.06 -18.78
CA ALA VA 25 -35.78 4.96 -18.55
C ALA VA 25 -36.25 5.58 -19.85
N PHE VA 26 -35.31 5.99 -20.71
CA PHE VA 26 -35.68 6.53 -22.01
C PHE VA 26 -36.35 5.48 -22.89
N GLY VA 27 -35.91 4.22 -22.79
CA GLY VA 27 -36.51 3.16 -23.57
C GLY VA 27 -37.87 2.72 -23.10
N LEU VA 28 -38.22 3.03 -21.85
CA LEU VA 28 -39.56 2.71 -21.36
C LEU VA 28 -40.65 3.56 -22.00
N ILE VA 29 -40.31 4.77 -22.43
CA ILE VA 29 -41.30 5.76 -22.89
C ILE VA 29 -42.20 5.24 -24.00
N PRO VA 30 -41.69 4.59 -25.06
CA PRO VA 30 -42.60 4.14 -26.13
C PRO VA 30 -43.69 3.19 -25.67
N GLY VA 31 -43.39 2.29 -24.72
CA GLY VA 31 -44.41 1.37 -24.24
C GLY VA 31 -45.52 2.07 -23.47
N ILE VA 32 -45.15 3.03 -22.62
CA ILE VA 32 -46.14 3.71 -21.79
C ILE VA 32 -46.83 4.82 -22.57
N SER VA 33 -46.08 5.55 -23.40
CA SER VA 33 -46.62 6.67 -24.16
C SER VA 33 -47.28 6.10 -25.40
N ASN VA 34 -48.59 5.89 -25.33
CA ASN VA 34 -49.37 5.32 -26.41
C ASN VA 34 -50.69 6.10 -26.49
N GLN VA 35 -50.71 7.16 -27.29
CA GLN VA 35 -51.93 7.89 -27.51
C GLN VA 35 -52.86 7.11 -28.44
N GLY VA 36 -54.05 7.64 -28.62
CA GLY VA 36 -55.04 6.96 -29.43
C GLY VA 36 -55.89 6.03 -28.59
N SER VA 37 -57.17 5.93 -28.92
CA SER VA 37 -58.10 5.16 -28.12
C SER VA 37 -59.28 4.77 -29.00
N ILE VA 38 -60.04 3.81 -28.51
CA ILE VA 38 -61.32 3.49 -29.13
C ILE VA 38 -62.38 4.43 -28.59
N GLN VA 39 -63.07 5.12 -29.49
CA GLN VA 39 -64.09 6.10 -29.15
C GLN VA 39 -65.44 5.60 -29.62
N VAL VA 40 -66.43 5.62 -28.75
CA VAL VA 40 -67.78 5.19 -29.07
C VAL VA 40 -68.61 6.42 -29.40
N LEU VA 41 -69.14 6.47 -30.62
CA LEU VA 41 -69.80 7.65 -31.15
C LEU VA 41 -71.31 7.42 -31.19
N GLY VA 42 -72.05 8.30 -30.56
CA GLY VA 42 -73.50 8.23 -30.59
C GLY VA 42 -74.04 7.09 -29.76
N SER VA 43 -75.36 6.95 -29.81
CA SER VA 43 -76.05 5.89 -29.07
C SER VA 43 -76.05 4.59 -29.85
N GLY VA 44 -75.84 3.48 -29.13
CA GLY VA 44 -75.98 2.17 -29.70
C GLY VA 44 -77.36 1.60 -29.46
N THR VA 45 -77.54 0.36 -29.91
CA THR VA 45 -78.84 -0.31 -29.82
C THR VA 45 -78.68 -1.72 -29.29
N ILE VA 46 -79.63 -2.13 -28.45
CA ILE VA 46 -79.76 -3.50 -27.97
C ILE VA 46 -81.03 -4.10 -28.58
N THR VA 47 -80.89 -5.27 -29.19
CA THR VA 47 -82.03 -5.94 -29.82
C THR VA 47 -82.10 -7.37 -29.30
N ASN VA 48 -83.31 -7.87 -29.07
CA ASN VA 48 -83.47 -9.21 -28.54
C ASN VA 48 -83.24 -10.24 -29.63
N SER VA 49 -82.18 -11.03 -29.49
CA SER VA 49 -81.84 -12.06 -30.46
C SER VA 49 -82.31 -13.46 -30.06
N THR VA 50 -82.79 -13.62 -28.83
CA THR VA 50 -83.26 -14.93 -28.38
C THR VA 50 -84.43 -15.39 -29.24
N ALA VA 51 -84.40 -16.65 -29.65
CA ALA VA 51 -85.39 -17.16 -30.58
C ALA VA 51 -85.66 -18.63 -30.29
N SER VA 52 -86.78 -19.12 -30.83
CA SER VA 52 -87.13 -20.54 -30.84
C SER VA 52 -87.33 -21.12 -29.44
N GLY VA 53 -87.54 -20.26 -28.44
CA GLY VA 53 -87.72 -20.75 -27.09
C GLY VA 53 -86.52 -21.43 -26.48
N SER VA 54 -85.33 -21.19 -27.04
CA SER VA 54 -84.12 -21.75 -26.45
C SER VA 54 -83.85 -21.13 -25.09
N SER VA 55 -83.10 -21.88 -24.27
CA SER VA 55 -83.01 -21.54 -22.85
C SER VA 55 -82.18 -20.29 -22.58
N ARG VA 56 -81.27 -19.93 -23.48
CA ARG VA 56 -80.28 -18.89 -23.21
C ARG VA 56 -80.65 -17.61 -23.95
N THR VA 57 -80.68 -16.50 -23.23
CA THR VA 57 -81.01 -15.20 -23.80
C THR VA 57 -79.77 -14.57 -24.42
N ILE VA 58 -79.90 -14.11 -25.66
CA ILE VA 58 -78.81 -13.47 -26.40
C ILE VA 58 -79.31 -12.15 -26.96
N TYR VA 59 -78.48 -11.12 -26.89
CA TYR VA 59 -78.84 -9.78 -27.35
C TYR VA 59 -77.81 -9.27 -28.34
N ASN VA 60 -78.31 -8.65 -29.41
CA ASN VA 60 -77.49 -7.92 -30.36
C ASN VA 60 -77.17 -6.55 -29.77
N ILE VA 61 -75.90 -6.15 -29.88
CA ILE VA 61 -75.48 -4.81 -29.49
C ILE VA 61 -74.77 -4.19 -30.68
N THR VA 62 -75.27 -3.04 -31.13
CA THR VA 62 -74.69 -2.32 -32.26
C THR VA 62 -74.23 -0.95 -31.79
N ILE VA 63 -72.97 -0.61 -32.07
CA ILE VA 63 -72.37 0.65 -31.65
C ILE VA 63 -71.45 1.15 -32.75
N THR VA 64 -71.37 2.47 -32.90
CA THR VA 64 -70.43 3.07 -33.83
C THR VA 64 -69.10 3.30 -33.11
N VAL VA 65 -68.02 2.75 -33.67
CA VAL VA 65 -66.74 2.66 -33.00
C VAL VA 65 -65.66 3.26 -33.90
N LYS VA 66 -64.82 4.12 -33.34
CA LYS VA 66 -63.74 4.78 -34.07
C LYS VA 66 -62.43 4.48 -33.36
N ASN VA 67 -61.55 3.73 -34.01
CA ASN VA 67 -60.25 3.39 -33.44
C ASN VA 67 -59.26 4.46 -33.87
N THR VA 68 -58.88 5.33 -32.95
CA THR VA 68 -57.93 6.39 -33.26
C THR VA 68 -56.49 5.95 -33.14
N GLY VA 69 -56.23 4.74 -32.64
CA GLY VA 69 -54.88 4.25 -32.45
C GLY VA 69 -54.31 3.61 -33.70
N THR VA 70 -53.11 3.06 -33.55
CA THR VA 70 -52.40 2.39 -34.63
C THR VA 70 -52.42 0.87 -34.49
N THR VA 71 -53.24 0.33 -33.58
CA THR VA 71 -53.27 -1.09 -33.33
C THR VA 71 -54.70 -1.61 -33.45
N SER VA 72 -54.83 -2.87 -33.87
CA SER VA 72 -56.12 -3.53 -33.84
C SER VA 72 -56.52 -3.80 -32.40
N ILE VA 73 -57.79 -3.50 -32.08
CA ILE VA 73 -58.30 -3.63 -30.72
C ILE VA 73 -59.63 -4.36 -30.78
N SER VA 74 -59.91 -5.18 -29.77
CA SER VA 74 -61.11 -6.01 -29.73
C SER VA 74 -61.85 -5.77 -28.42
N VAL VA 75 -63.15 -6.09 -28.45
CA VAL VA 75 -63.99 -6.01 -27.26
C VAL VA 75 -63.75 -7.23 -26.38
N THR VA 76 -63.77 -7.03 -25.07
CA THR VA 76 -63.55 -8.12 -24.14
C THR VA 76 -64.74 -8.36 -23.23
N SER VA 77 -65.50 -7.31 -22.93
CA SER VA 77 -66.66 -7.45 -22.06
C SER VA 77 -67.51 -6.19 -22.18
N ILE VA 78 -68.75 -6.29 -21.71
CA ILE VA 78 -69.64 -5.14 -21.62
C ILE VA 78 -70.43 -5.24 -20.33
N ASN VA 79 -70.70 -4.10 -19.72
CA ASN VA 79 -71.54 -4.02 -18.53
C ASN VA 79 -72.70 -3.08 -18.84
N ILE VA 80 -73.93 -3.61 -18.76
CA ILE VA 80 -75.13 -2.86 -19.09
C ILE VA 80 -76.00 -2.75 -17.85
N ASN VA 81 -76.34 -1.51 -17.48
CA ASN VA 81 -77.25 -1.24 -16.36
C ASN VA 81 -76.74 -1.86 -15.06
N GLY VA 82 -75.42 -1.89 -14.89
CA GLY VA 82 -74.81 -2.47 -13.71
C GLY VA 82 -74.62 -3.96 -13.74
N GLN VA 83 -75.06 -4.63 -14.81
CA GLN VA 83 -75.05 -6.08 -14.94
C GLN VA 83 -73.99 -6.49 -15.96
N PRO VA 84 -73.12 -7.45 -15.65
CA PRO VA 84 -72.10 -7.86 -16.62
C PRO VA 84 -72.67 -8.82 -17.66
N PHE VA 85 -72.16 -8.69 -18.89
CA PHE VA 85 -72.56 -9.57 -19.98
C PHE VA 85 -71.30 -10.16 -20.61
N ASN VA 86 -71.44 -11.37 -21.13
CA ASN VA 86 -70.34 -12.06 -21.80
C ASN VA 86 -70.51 -11.94 -23.31
N ILE VA 87 -69.43 -11.66 -24.01
CA ILE VA 87 -69.46 -11.49 -25.45
C ILE VA 87 -69.47 -12.85 -26.12
N ASN VA 88 -70.66 -13.35 -26.43
CA ASN VA 88 -70.80 -14.61 -27.15
C ASN VA 88 -70.04 -14.55 -28.47
N GLY VA 89 -69.32 -15.63 -28.75
CA GLY VA 89 -68.66 -15.79 -30.04
C GLY VA 89 -67.34 -15.05 -30.14
N THR VA 90 -66.74 -15.17 -31.32
CA THR VA 90 -65.51 -14.45 -31.63
C THR VA 90 -65.76 -12.95 -31.52
N ALA VA 91 -65.06 -12.32 -30.58
CA ALA VA 91 -65.30 -10.90 -30.31
C ALA VA 91 -64.87 -10.06 -31.51
N PRO VA 92 -65.61 -9.01 -31.84
CA PRO VA 92 -65.25 -8.17 -32.99
C PRO VA 92 -63.92 -7.45 -32.76
N SER VA 93 -63.19 -7.27 -33.85
CA SER VA 93 -61.92 -6.54 -33.84
C SER VA 93 -62.10 -5.27 -34.65
N ILE VA 94 -61.63 -4.14 -34.10
CA ILE VA 94 -61.79 -2.84 -34.71
C ILE VA 94 -60.44 -2.45 -35.32
N PRO VA 95 -60.33 -2.36 -36.64
CA PRO VA 95 -59.03 -2.03 -37.25
C PRO VA 95 -58.59 -0.62 -36.94
N ALA VA 96 -57.28 -0.41 -37.08
CA ALA VA 96 -56.68 0.87 -36.73
C ALA VA 96 -57.17 1.97 -37.67
N GLY VA 97 -57.38 3.16 -37.10
CA GLY VA 97 -57.72 4.34 -37.87
C GLY VA 97 -59.06 4.31 -38.56
N ARG VA 98 -59.96 3.40 -38.19
CA ARG VA 98 -61.18 3.18 -38.92
C ARG VA 98 -62.40 3.41 -38.05
N THR VA 99 -63.44 4.00 -38.64
CA THR VA 99 -64.74 4.14 -38.01
C THR VA 99 -65.70 3.12 -38.63
N GLN VA 100 -66.32 2.31 -37.79
CA GLN VA 100 -67.14 1.20 -38.25
C GLN VA 100 -68.39 1.06 -37.38
N PRO VA 101 -69.49 0.60 -37.95
CA PRO VA 101 -70.56 0.02 -37.12
C PRO VA 101 -70.17 -1.38 -36.69
N ILE VA 102 -70.07 -1.59 -35.38
CA ILE VA 102 -69.66 -2.85 -34.78
C ILE VA 102 -70.87 -3.48 -34.11
N THR VA 103 -71.16 -4.72 -34.48
CA THR VA 103 -72.29 -5.45 -33.92
C THR VA 103 -71.81 -6.77 -33.34
N PHE VA 104 -72.24 -7.07 -32.12
CA PHE VA 104 -71.83 -8.31 -31.48
C PHE VA 104 -72.92 -8.81 -30.55
N GLU VA 105 -72.92 -10.12 -30.33
CA GLU VA 105 -73.93 -10.76 -29.48
C GLU VA 105 -73.40 -10.96 -28.08
N VAL VA 106 -74.28 -10.75 -27.10
CA VAL VA 106 -73.93 -10.85 -25.68
C VAL VA 106 -74.96 -11.72 -24.98
N THR VA 107 -74.54 -12.31 -23.87
CA THR VA 107 -75.40 -13.06 -22.98
C THR VA 107 -75.17 -12.59 -21.56
N PRO VA 108 -76.21 -12.58 -20.72
CA PRO VA 108 -76.04 -12.15 -19.33
C PRO VA 108 -75.13 -13.13 -18.58
N ALA VA 109 -74.14 -12.58 -17.88
CA ALA VA 109 -73.27 -13.42 -17.07
C ALA VA 109 -74.00 -14.02 -15.89
N SER VA 110 -74.99 -13.30 -15.35
CA SER VA 110 -75.80 -13.80 -14.26
C SER VA 110 -77.15 -13.11 -14.28
N GLY VA 111 -78.15 -13.76 -13.69
CA GLY VA 111 -79.47 -13.16 -13.60
C GLY VA 111 -80.13 -13.00 -14.96
N LYS VA 112 -81.05 -12.05 -15.04
CA LYS VA 112 -81.75 -11.75 -16.28
C LYS VA 112 -81.99 -10.26 -16.41
N PRO VA 113 -81.88 -9.71 -17.61
CA PRO VA 113 -82.11 -8.27 -17.79
C PRO VA 113 -83.59 -7.91 -17.68
N ASN VA 114 -83.84 -6.63 -17.42
CA ASN VA 114 -85.19 -6.09 -17.28
C ASN VA 114 -85.49 -5.02 -18.33
N PHE VA 115 -84.88 -5.14 -19.51
CA PHE VA 115 -84.93 -4.08 -20.50
C PHE VA 115 -86.38 -3.76 -20.89
N SER VA 116 -86.62 -2.47 -21.17
CA SER VA 116 -87.92 -1.98 -21.59
C SER VA 116 -87.78 -1.31 -22.96
N PRO VA 117 -88.76 -1.48 -23.83
CA PRO VA 117 -88.65 -0.89 -25.18
C PRO VA 117 -88.52 0.62 -25.11
N GLY VA 118 -87.57 1.14 -25.88
CA GLY VA 118 -87.33 2.57 -25.95
C GLY VA 118 -86.52 3.15 -24.82
N ALA VA 119 -86.22 2.37 -23.79
CA ALA VA 119 -85.44 2.88 -22.67
C ALA VA 119 -83.96 2.98 -23.05
N SER VA 120 -83.26 3.91 -22.41
CA SER VA 120 -81.84 4.12 -22.64
C SER VA 120 -81.07 3.67 -21.41
N TYR VA 121 -80.09 2.80 -21.61
CA TYR VA 121 -79.32 2.20 -20.53
C TYR VA 121 -77.85 2.58 -20.69
N THR VA 122 -77.24 3.03 -19.61
CA THR VA 122 -75.81 3.32 -19.62
C THR VA 122 -75.02 2.03 -19.55
N ALA VA 123 -74.06 1.87 -20.44
CA ALA VA 123 -73.22 0.69 -20.51
C ALA VA 123 -71.76 1.10 -20.58
N THR VA 124 -70.89 0.14 -20.33
CA THR VA 124 -69.44 0.33 -20.42
C THR VA 124 -68.87 -0.82 -21.22
N ILE VA 125 -68.17 -0.51 -22.31
CA ILE VA 125 -67.57 -1.51 -23.18
C ILE VA 125 -66.07 -1.53 -22.92
N TYR VA 126 -65.53 -2.70 -22.58
CA TYR VA 126 -64.14 -2.84 -22.19
C TYR VA 126 -63.37 -3.47 -23.34
N PHE VA 127 -62.28 -2.82 -23.74
CA PHE VA 127 -61.50 -3.24 -24.90
C PHE VA 127 -60.18 -3.85 -24.47
N SER VA 128 -59.49 -4.45 -25.44
CA SER VA 128 -58.31 -5.25 -25.15
C SER VA 128 -57.20 -4.46 -24.49
N ASN VA 129 -57.16 -3.14 -24.67
CA ASN VA 129 -56.17 -2.33 -23.97
C ASN VA 129 -56.47 -2.19 -22.49
N GLY VA 130 -57.65 -2.64 -22.04
CA GLY VA 130 -58.11 -2.40 -20.70
C GLY VA 130 -58.93 -1.14 -20.54
N GLN VA 131 -58.85 -0.23 -21.51
CA GLN VA 131 -59.67 0.97 -21.47
C GLN VA 131 -61.14 0.63 -21.65
N GLY VA 132 -62.00 1.43 -21.03
CA GLY VA 132 -63.42 1.19 -21.08
C GLY VA 132 -64.21 2.42 -21.46
N ALA VA 133 -64.97 2.33 -22.55
CA ALA VA 133 -65.74 3.46 -23.06
C ALA VA 133 -67.16 3.40 -22.51
N PRO VA 134 -67.62 4.44 -21.81
CA PRO VA 134 -69.05 4.53 -21.49
C PRO VA 134 -69.86 4.87 -22.73
N ALA VA 135 -71.05 4.29 -22.81
CA ALA VA 135 -71.93 4.46 -23.95
C ALA VA 135 -73.37 4.40 -23.47
N THR VA 136 -74.28 4.86 -24.32
CA THR VA 136 -75.71 4.76 -24.07
C THR VA 136 -76.34 3.86 -25.12
N LEU VA 137 -77.05 2.83 -24.67
CA LEU VA 137 -77.67 1.86 -25.56
C LEU VA 137 -79.19 1.94 -25.41
N ILE VA 138 -79.88 2.09 -26.52
CA ILE VA 138 -81.34 2.13 -26.55
C ILE VA 138 -81.84 0.74 -26.89
N TYR VA 139 -82.81 0.24 -26.12
CA TYR VA 139 -83.35 -1.09 -26.36
C TYR VA 139 -84.49 -0.98 -27.38
N GLN VA 140 -84.33 -1.65 -28.51
CA GLN VA 140 -85.25 -1.54 -29.63
C GLN VA 140 -86.28 -2.67 -29.69
N GLY VA 141 -86.14 -3.70 -28.85
CA GLY VA 141 -87.08 -4.81 -28.89
C GLY VA 141 -86.63 -5.94 -29.80
N LEU WA 1 -8.84 -2.36 -0.43
CA LEU WA 1 -9.79 -3.45 -0.65
C LEU WA 1 -11.15 -3.11 -0.05
N SER WA 2 -11.17 -2.10 0.83
CA SER WA 2 -12.36 -1.80 1.61
C SER WA 2 -13.52 -1.31 0.73
N GLY WA 3 -13.20 -0.51 -0.29
CA GLY WA 3 -14.25 0.16 -1.05
C GLY WA 3 -15.22 -0.80 -1.72
N ALA WA 4 -14.69 -1.87 -2.31
CA ALA WA 4 -15.54 -2.84 -2.99
C ALA WA 4 -16.46 -3.56 -2.00
N ILE WA 5 -15.94 -3.87 -0.81
CA ILE WA 5 -16.76 -4.50 0.23
C ILE WA 5 -17.90 -3.57 0.64
N VAL WA 6 -17.58 -2.29 0.86
CA VAL WA 6 -18.60 -1.33 1.24
C VAL WA 6 -19.64 -1.20 0.13
N ALA WA 7 -19.19 -1.17 -1.12
CA ALA WA 7 -20.11 -1.07 -2.24
C ALA WA 7 -21.04 -2.26 -2.32
N LEU WA 8 -20.52 -3.47 -2.08
CA LEU WA 8 -21.36 -4.66 -2.08
C LEU WA 8 -22.44 -4.58 -1.01
N ILE WA 9 -22.05 -4.19 0.21
CA ILE WA 9 -23.02 -4.06 1.30
C ILE WA 9 -24.11 -3.07 0.91
N LEU WA 10 -23.70 -1.91 0.40
CA LEU WA 10 -24.68 -0.87 0.08
C LEU WA 10 -25.59 -1.27 -1.07
N VAL WA 11 -25.06 -1.99 -2.05
CA VAL WA 11 -25.88 -2.43 -3.18
C VAL WA 11 -27.00 -3.35 -2.70
N ILE WA 12 -26.63 -4.34 -1.87
CA ILE WA 12 -27.66 -5.26 -1.40
C ILE WA 12 -28.68 -4.55 -0.51
N ALA WA 13 -28.21 -3.64 0.35
CA ALA WA 13 -29.13 -2.89 1.20
C ALA WA 13 -30.08 -2.04 0.36
N GLY WA 14 -29.57 -1.44 -0.70
CA GLY WA 14 -30.42 -0.64 -1.57
C GLY WA 14 -31.51 -1.47 -2.21
N VAL WA 15 -31.16 -2.67 -2.69
CA VAL WA 15 -32.18 -3.57 -3.25
C VAL WA 15 -33.27 -3.83 -2.21
N ILE WA 16 -32.86 -4.17 -0.98
CA ILE WA 16 -33.82 -4.52 0.05
C ILE WA 16 -34.76 -3.34 0.34
N ILE WA 17 -34.19 -2.15 0.55
CA ILE WA 17 -35.01 -1.01 0.97
C ILE WA 17 -35.93 -0.57 -0.17
N ALA WA 18 -35.46 -0.62 -1.41
CA ALA WA 18 -36.32 -0.25 -2.54
C ALA WA 18 -37.51 -1.19 -2.65
N ILE WA 19 -37.28 -2.51 -2.50
CA ILE WA 19 -38.39 -3.44 -2.56
C ILE WA 19 -39.37 -3.18 -1.41
N ALA WA 20 -38.84 -2.87 -0.22
CA ALA WA 20 -39.72 -2.58 0.91
C ALA WA 20 -40.58 -1.36 0.64
N VAL WA 21 -40.01 -0.32 0.04
CA VAL WA 21 -40.78 0.89 -0.26
C VAL WA 21 -41.87 0.59 -1.29
N VAL WA 22 -41.55 -0.21 -2.30
CA VAL WA 22 -42.56 -0.56 -3.31
C VAL WA 22 -43.72 -1.31 -2.67
N LEU WA 23 -43.40 -2.26 -1.78
CA LEU WA 23 -44.46 -3.01 -1.12
C LEU WA 23 -45.28 -2.14 -0.18
N PHE WA 24 -44.66 -1.14 0.45
CA PHE WA 24 -45.42 -0.19 1.25
C PHE WA 24 -46.38 0.62 0.38
N ALA WA 25 -45.91 1.03 -0.79
CA ALA WA 25 -46.77 1.77 -1.71
C ALA WA 25 -47.98 0.93 -2.10
N PHE WA 26 -47.77 -0.36 -2.35
CA PHE WA 26 -48.90 -1.23 -2.65
C PHE WA 26 -49.80 -1.45 -1.43
N GLY WA 27 -49.22 -1.48 -0.23
CA GLY WA 27 -50.01 -1.73 0.95
C GLY WA 27 -50.84 -0.54 1.42
N LEU WA 28 -50.49 0.67 0.97
CA LEU WA 28 -51.27 1.84 1.37
C LEU WA 28 -52.69 1.81 0.82
N ILE WA 29 -52.92 1.13 -0.30
CA ILE WA 29 -54.17 1.29 -1.05
C ILE WA 29 -55.43 0.99 -0.22
N PRO WA 30 -55.51 -0.10 0.55
CA PRO WA 30 -56.77 -0.40 1.24
C PRO WA 30 -57.25 0.68 2.19
N GLY WA 31 -56.35 1.49 2.74
CA GLY WA 31 -56.77 2.52 3.67
C GLY WA 31 -57.55 3.65 3.01
N ILE WA 32 -57.38 3.84 1.71
CA ILE WA 32 -58.05 4.93 1.01
C ILE WA 32 -59.55 4.71 0.96
N SER WA 33 -59.98 3.44 0.85
CA SER WA 33 -61.40 3.15 0.68
C SER WA 33 -62.24 3.71 1.82
N ASN WA 34 -61.69 3.74 3.03
CA ASN WA 34 -62.49 4.10 4.20
C ASN WA 34 -62.82 5.59 4.26
N GLN WA 35 -62.23 6.39 3.37
CA GLN WA 35 -62.47 7.83 3.40
C GLN WA 35 -63.85 8.21 2.90
N GLY WA 36 -64.61 7.28 2.33
CA GLY WA 36 -65.93 7.61 1.81
C GLY WA 36 -67.05 6.79 2.40
N SER WA 37 -66.89 6.35 3.65
CA SER WA 37 -67.82 5.38 4.23
C SER WA 37 -69.19 5.98 4.50
N ILE WA 38 -69.25 7.26 4.86
CA ILE WA 38 -70.47 7.86 5.40
C ILE WA 38 -71.04 8.87 4.42
N GLN WA 39 -72.38 8.91 4.34
CA GLN WA 39 -73.06 9.98 3.61
C GLN WA 39 -74.26 10.46 4.39
N VAL WA 40 -74.44 11.78 4.43
CA VAL WA 40 -75.57 12.39 5.12
C VAL WA 40 -76.76 12.46 4.17
N LEU WA 41 -77.93 12.05 4.66
CA LEU WA 41 -79.14 11.97 3.85
C LEU WA 41 -80.11 13.06 4.28
N GLY WA 42 -80.53 13.89 3.34
CA GLY WA 42 -81.59 14.83 3.60
C GLY WA 42 -81.20 15.96 4.52
N SER WA 43 -82.20 16.76 4.87
CA SER WA 43 -82.02 17.86 5.78
C SER WA 43 -81.95 17.36 7.23
N GLY WA 44 -81.42 18.22 8.10
CA GLY WA 44 -81.41 17.97 9.52
C GLY WA 44 -82.07 19.12 10.25
N THR WA 45 -82.08 19.01 11.59
CA THR WA 45 -82.77 19.97 12.43
C THR WA 45 -81.87 20.44 13.56
N ILE WA 46 -81.85 21.76 13.78
CA ILE WA 46 -81.23 22.36 14.95
C ILE WA 46 -82.33 22.79 15.91
N THR WA 47 -82.10 22.61 17.20
CA THR WA 47 -83.07 22.98 18.22
C THR WA 47 -82.32 23.56 19.42
N ASN WA 48 -82.96 24.53 20.08
CA ASN WA 48 -82.39 25.21 21.23
C ASN WA 48 -82.66 24.40 22.49
N SER WA 49 -81.61 24.11 23.25
CA SER WA 49 -81.69 23.14 24.36
C SER WA 49 -80.95 23.64 25.60
N THR WA 50 -81.16 24.89 25.99
CA THR WA 50 -80.51 25.44 27.17
C THR WA 50 -81.54 26.10 28.07
N ALA WA 51 -81.27 26.04 29.37
CA ALA WA 51 -82.17 26.55 30.39
C ALA WA 51 -81.88 28.02 30.70
N SER WA 52 -82.79 28.62 31.46
CA SER WA 52 -82.63 30.03 31.84
C SER WA 52 -81.42 30.21 32.74
N GLY WA 53 -80.62 31.24 32.45
CA GLY WA 53 -79.45 31.52 33.26
C GLY WA 53 -78.31 30.55 33.09
N SER WA 54 -78.37 29.68 32.09
CA SER WA 54 -77.32 28.69 31.88
C SER WA 54 -76.02 29.39 31.48
N SER WA 55 -74.90 28.68 31.69
CA SER WA 55 -73.61 29.22 31.29
C SER WA 55 -73.45 29.28 29.78
N ARG WA 56 -74.19 28.45 29.05
CA ARG WA 56 -73.90 28.24 27.63
C ARG WA 56 -75.17 27.85 26.90
N THR WA 57 -75.26 28.29 25.64
CA THR WA 57 -76.28 27.78 24.74
C THR WA 57 -75.85 26.42 24.21
N ILE WA 58 -76.80 25.50 24.15
CA ILE WA 58 -76.56 24.19 23.57
C ILE WA 58 -77.68 23.85 22.62
N TYR WA 59 -77.33 23.36 21.43
CA TYR WA 59 -78.26 23.07 20.35
C TYR WA 59 -78.21 21.58 20.05
N ASN WA 60 -79.39 20.96 20.05
CA ASN WA 60 -79.54 19.59 19.58
C ASN WA 60 -79.59 19.58 18.07
N ILE WA 61 -78.75 18.77 17.45
CA ILE WA 61 -78.69 18.65 15.99
C ILE WA 61 -78.99 17.21 15.63
N THR WA 62 -80.01 17.03 14.79
CA THR WA 62 -80.43 15.72 14.31
C THR WA 62 -80.20 15.65 12.80
N ILE WA 63 -79.49 14.62 12.37
CA ILE WA 63 -79.22 14.39 10.95
C ILE WA 63 -79.31 12.90 10.68
N THR WA 64 -79.84 12.54 9.52
CA THR WA 64 -79.82 11.14 9.10
C THR WA 64 -78.49 10.84 8.42
N VAL WA 65 -77.79 9.82 8.88
CA VAL WA 65 -76.49 9.47 8.33
C VAL WA 65 -76.51 7.99 7.97
N LYS WA 66 -75.91 7.66 6.84
CA LYS WA 66 -75.79 6.30 6.36
C LYS WA 66 -74.32 5.89 6.34
N ASN WA 67 -74.01 4.79 7.01
CA ASN WA 67 -72.65 4.26 7.08
C ASN WA 67 -72.55 3.01 6.21
N THR WA 68 -71.54 2.99 5.34
CA THR WA 68 -71.32 1.88 4.43
C THR WA 68 -70.07 1.07 4.76
N GLY WA 69 -69.27 1.49 5.72
CA GLY WA 69 -68.06 0.78 6.07
C GLY WA 69 -68.29 -0.36 7.03
N THR WA 70 -67.21 -1.08 7.33
CA THR WA 70 -67.28 -2.20 8.25
C THR WA 70 -67.18 -1.78 9.71
N THR WA 71 -66.89 -0.52 9.98
CA THR WA 71 -66.59 -0.07 11.33
C THR WA 71 -67.50 1.09 11.72
N SER WA 72 -67.77 1.18 13.02
CA SER WA 72 -68.57 2.28 13.55
C SER WA 72 -67.80 3.59 13.48
N ILE WA 73 -68.47 4.66 13.05
CA ILE WA 73 -67.85 5.95 12.86
C ILE WA 73 -68.65 6.99 13.65
N SER WA 74 -67.95 7.98 14.19
CA SER WA 74 -68.56 8.98 15.06
C SER WA 74 -68.25 10.38 14.54
N VAL WA 75 -69.09 11.33 14.93
CA VAL WA 75 -68.88 12.72 14.59
C VAL WA 75 -67.80 13.32 15.48
N THR WA 76 -66.98 14.19 14.90
CA THR WA 76 -65.91 14.85 15.64
C THR WA 76 -66.04 16.36 15.71
N SER WA 77 -66.58 17.00 14.67
CA SER WA 77 -66.78 18.44 14.69
C SER WA 77 -67.86 18.80 13.68
N ILE WA 78 -68.47 19.95 13.91
CA ILE WA 78 -69.48 20.50 13.00
C ILE WA 78 -69.19 21.97 12.80
N ASN WA 79 -69.38 22.44 11.57
CA ASN WA 79 -69.21 23.85 11.22
C ASN WA 79 -70.51 24.31 10.58
N ILE WA 80 -71.22 25.22 11.24
CA ILE WA 80 -72.54 25.67 10.81
C ILE WA 80 -72.45 27.13 10.44
N ASN WA 81 -72.86 27.46 9.21
CA ASN WA 81 -72.92 28.84 8.74
C ASN WA 81 -71.57 29.54 8.82
N GLY WA 82 -70.49 28.76 8.80
CA GLY WA 82 -69.15 29.26 8.91
C GLY WA 82 -68.54 29.15 10.29
N GLN WA 83 -69.37 29.14 11.33
CA GLN WA 83 -68.86 29.08 12.70
C GLN WA 83 -68.59 27.64 13.11
N PRO WA 84 -67.45 27.38 13.76
CA PRO WA 84 -67.20 26.03 14.30
C PRO WA 84 -67.91 25.84 15.63
N PHE WA 85 -68.40 24.61 15.85
CA PHE WA 85 -69.11 24.26 17.07
C PHE WA 85 -68.41 23.10 17.76
N ASN WA 86 -68.58 23.02 19.07
CA ASN WA 86 -67.94 22.01 19.90
C ASN WA 86 -69.01 21.06 20.45
N ILE WA 87 -68.74 19.76 20.40
CA ILE WA 87 -69.75 18.76 20.70
C ILE WA 87 -69.68 18.40 22.19
N ASN WA 88 -70.81 18.49 22.88
CA ASN WA 88 -70.87 18.02 24.26
C ASN WA 88 -70.82 16.50 24.33
N GLY WA 89 -70.26 16.01 25.44
CA GLY WA 89 -70.43 14.64 25.84
C GLY WA 89 -69.84 13.65 24.86
N THR WA 90 -70.31 12.40 25.01
CA THR WA 90 -69.82 11.31 24.18
C THR WA 90 -70.45 11.39 22.80
N ALA WA 91 -69.62 11.53 21.77
CA ALA WA 91 -70.12 11.67 20.42
C ALA WA 91 -70.85 10.39 20.00
N PRO WA 92 -71.97 10.50 19.30
CA PRO WA 92 -72.71 9.30 18.89
C PRO WA 92 -71.92 8.47 17.88
N SER WA 93 -72.09 7.17 17.94
CA SER WA 93 -71.46 6.25 17.01
C SER WA 93 -72.48 5.73 16.01
N ILE WA 94 -72.08 5.65 14.75
CA ILE WA 94 -72.98 5.22 13.68
C ILE WA 94 -72.64 3.79 13.30
N PRO WA 95 -73.53 2.84 13.54
CA PRO WA 95 -73.19 1.42 13.32
C PRO WA 95 -72.81 1.14 11.88
N ALA WA 96 -72.11 0.01 11.69
CA ALA WA 96 -71.37 -0.25 10.46
C ALA WA 96 -72.23 -0.09 9.21
N GLY WA 97 -73.27 -0.90 9.07
CA GLY WA 97 -74.04 -0.92 7.85
C GLY WA 97 -75.37 -0.20 7.89
N ARG WA 98 -75.66 0.52 8.96
CA ARG WA 98 -77.02 1.00 9.20
C ARG WA 98 -77.17 2.47 8.81
N THR WA 99 -78.41 2.86 8.53
CA THR WA 99 -78.80 4.24 8.31
C THR WA 99 -79.62 4.69 9.52
N GLN WA 100 -79.17 5.75 10.18
CA GLN WA 100 -79.80 6.17 11.42
C GLN WA 100 -80.02 7.67 11.50
N PRO WA 101 -81.13 8.11 12.09
CA PRO WA 101 -81.22 9.49 12.58
C PRO WA 101 -80.39 9.64 13.86
N ILE WA 102 -79.32 10.41 13.76
CA ILE WA 102 -78.37 10.64 14.85
C ILE WA 102 -78.54 12.04 15.39
N THR WA 103 -78.58 12.14 16.71
CA THR WA 103 -78.77 13.41 17.40
C THR WA 103 -77.62 13.64 18.35
N PHE WA 104 -77.10 14.86 18.37
CA PHE WA 104 -76.00 15.20 19.26
C PHE WA 104 -76.08 16.66 19.64
N GLU WA 105 -75.48 16.98 20.78
CA GLU WA 105 -75.50 18.32 21.37
C GLU WA 105 -74.24 19.09 21.03
N VAL WA 106 -74.40 20.36 20.64
CA VAL WA 106 -73.27 21.22 20.29
C VAL WA 106 -73.42 22.56 20.98
N THR WA 107 -72.29 23.23 21.18
CA THR WA 107 -72.23 24.56 21.76
C THR WA 107 -71.26 25.40 20.94
N PRO WA 108 -71.55 26.69 20.74
CA PRO WA 108 -70.68 27.49 19.87
C PRO WA 108 -69.32 27.75 20.51
N ALA WA 109 -68.28 27.69 19.68
CA ALA WA 109 -66.92 27.91 20.14
C ALA WA 109 -66.40 29.30 19.80
N SER WA 110 -66.77 29.83 18.63
CA SER WA 110 -66.25 31.12 18.20
C SER WA 110 -67.06 32.27 18.80
N GLY WA 111 -68.38 32.17 18.77
CA GLY WA 111 -69.21 33.23 19.29
C GLY WA 111 -70.67 32.86 19.16
N LYS WA 112 -71.52 33.72 19.70
CA LYS WA 112 -72.94 33.44 19.76
C LYS WA 112 -73.55 33.43 18.36
N PRO WA 113 -74.16 32.32 17.93
CA PRO WA 113 -74.82 32.32 16.62
C PRO WA 113 -76.26 32.79 16.75
N ASN WA 114 -76.66 33.70 15.87
CA ASN WA 114 -78.02 34.25 15.89
C ASN WA 114 -78.89 33.49 14.90
N PHE WA 115 -79.24 32.27 15.30
CA PHE WA 115 -80.13 31.46 14.48
C PHE WA 115 -81.51 32.10 14.41
N SER WA 116 -82.15 31.95 13.26
CA SER WA 116 -83.46 32.53 13.01
C SER WA 116 -84.48 31.42 12.82
N PRO WA 117 -85.66 31.49 13.48
CA PRO WA 117 -86.66 30.42 13.36
C PRO WA 117 -87.03 30.11 11.92
N GLY WA 118 -86.91 28.84 11.55
CA GLY WA 118 -87.28 28.38 10.22
C GLY WA 118 -86.22 28.59 9.16
N ALA WA 119 -85.09 29.21 9.49
CA ALA WA 119 -84.07 29.47 8.50
C ALA WA 119 -83.32 28.19 8.13
N SER WA 120 -82.65 28.22 6.99
CA SER WA 120 -81.87 27.10 6.48
C SER WA 120 -80.40 27.47 6.49
N TYR WA 121 -79.57 26.58 7.03
CA TYR WA 121 -78.14 26.85 7.20
C TYR WA 121 -77.34 25.71 6.60
N THR WA 122 -76.25 26.05 5.91
CA THR WA 122 -75.32 25.04 5.43
C THR WA 122 -74.37 24.65 6.55
N ALA WA 123 -74.01 23.37 6.58
CA ALA WA 123 -73.10 22.86 7.58
C ALA WA 123 -72.22 21.79 6.95
N THR WA 124 -71.07 21.55 7.56
CA THR WA 124 -70.21 20.43 7.20
C THR WA 124 -70.02 19.55 8.42
N ILE WA 125 -70.42 18.28 8.29
CA ILE WA 125 -70.25 17.30 9.36
C ILE WA 125 -68.96 16.55 9.11
N TYR WA 126 -68.07 16.56 10.10
CA TYR WA 126 -66.78 15.89 9.99
C TYR WA 126 -66.81 14.65 10.86
N PHE WA 127 -66.53 13.50 10.25
CA PHE WA 127 -66.65 12.22 10.93
C PHE WA 127 -65.26 11.67 11.26
N SER WA 128 -65.24 10.66 12.13
CA SER WA 128 -63.98 10.15 12.65
C SER WA 128 -63.13 9.50 11.57
N ASN WA 129 -63.73 9.07 10.46
CA ASN WA 129 -62.96 8.52 9.36
C ASN WA 129 -62.31 9.58 8.50
N GLY WA 130 -62.26 10.83 8.95
CA GLY WA 130 -61.65 11.89 8.17
C GLY WA 130 -62.46 12.35 6.99
N GLN WA 131 -63.78 12.24 7.05
CA GLN WA 131 -64.66 12.56 5.94
C GLN WA 131 -65.54 13.75 6.30
N GLY WA 132 -65.63 14.71 5.39
CA GLY WA 132 -66.53 15.84 5.53
C GLY WA 132 -67.73 15.67 4.62
N ALA WA 133 -68.91 15.97 5.15
CA ALA WA 133 -70.15 15.81 4.42
C ALA WA 133 -70.97 17.09 4.48
N PRO WA 134 -71.35 17.67 3.35
CA PRO WA 134 -72.27 18.81 3.38
C PRO WA 134 -73.63 18.40 3.91
N ALA WA 135 -74.28 19.33 4.60
CA ALA WA 135 -75.61 19.10 5.16
C ALA WA 135 -76.36 20.42 5.21
N THR WA 136 -77.68 20.33 5.23
CA THR WA 136 -78.56 21.49 5.31
C THR WA 136 -79.43 21.33 6.56
N LEU WA 137 -79.33 22.29 7.47
CA LEU WA 137 -80.00 22.22 8.76
C LEU WA 137 -81.06 23.31 8.85
N ILE WA 138 -82.27 22.92 9.22
CA ILE WA 138 -83.36 23.86 9.48
C ILE WA 138 -83.41 24.13 10.97
N TYR WA 139 -83.49 25.40 11.36
CA TYR WA 139 -83.55 25.77 12.76
C TYR WA 139 -85.02 25.75 13.19
N GLN WA 140 -85.37 24.77 14.02
CA GLN WA 140 -86.77 24.57 14.43
C GLN WA 140 -87.18 25.45 15.60
N GLY WA 141 -86.24 26.07 16.30
CA GLY WA 141 -86.57 26.91 17.44
C GLY WA 141 -85.58 26.78 18.58
N LEU XA 1 -13.57 3.13 2.66
CA LEU XA 1 -14.15 3.63 3.90
C LEU XA 1 -15.05 4.83 3.64
N SER XA 2 -14.77 5.54 2.54
CA SER XA 2 -15.50 6.76 2.23
C SER XA 2 -16.92 6.47 1.77
N GLY XA 3 -17.17 5.30 1.18
CA GLY XA 3 -18.47 5.02 0.60
C GLY XA 3 -19.59 5.08 1.61
N ALA XA 4 -19.37 4.53 2.80
CA ALA XA 4 -20.40 4.56 3.83
C ALA XA 4 -20.70 5.97 4.29
N ILE XA 5 -19.67 6.81 4.43
CA ILE XA 5 -19.88 8.19 4.83
C ILE XA 5 -20.66 8.95 3.77
N VAL XA 6 -20.31 8.73 2.49
CA VAL XA 6 -21.05 9.39 1.42
C VAL XA 6 -22.51 8.94 1.41
N ALA XA 7 -22.75 7.64 1.60
CA ALA XA 7 -24.12 7.15 1.64
C ALA XA 7 -24.89 7.75 2.81
N LEU XA 8 -24.26 7.87 3.96
CA LEU XA 8 -24.92 8.46 5.13
C LEU XA 8 -25.29 9.93 4.86
N ILE XA 9 -24.35 10.69 4.30
CA ILE XA 9 -24.62 12.09 4.00
C ILE XA 9 -25.78 12.20 3.01
N LEU XA 10 -25.76 11.37 1.97
CA LEU XA 10 -26.81 11.44 0.96
C LEU XA 10 -28.16 11.02 1.52
N VAL XA 11 -28.19 10.06 2.44
CA VAL XA 11 -29.46 9.63 3.03
C VAL XA 11 -30.06 10.76 3.87
N ILE XA 12 -29.25 11.37 4.73
CA ILE XA 12 -29.75 12.46 5.57
C ILE XA 12 -30.18 13.63 4.70
N ALA XA 13 -29.37 13.98 3.70
CA ALA XA 13 -29.71 15.07 2.81
C ALA XA 13 -30.98 14.78 2.02
N GLY XA 14 -31.19 13.52 1.64
CA GLY XA 14 -32.43 13.17 0.95
C GLY XA 14 -33.64 13.40 1.83
N VAL XA 15 -33.53 13.03 3.10
CA VAL XA 15 -34.63 13.33 4.03
C VAL XA 15 -34.90 14.83 4.06
N ILE XA 16 -33.84 15.62 4.20
CA ILE XA 16 -34.02 17.07 4.31
C ILE XA 16 -34.66 17.64 3.04
N ILE XA 17 -34.16 17.21 1.87
CA ILE XA 17 -34.63 17.78 0.61
C ILE XA 17 -36.09 17.39 0.36
N ALA XA 18 -36.46 16.14 0.69
CA ALA XA 18 -37.84 15.73 0.51
C ALA XA 18 -38.77 16.57 1.38
N ILE XA 19 -38.38 16.81 2.64
CA ILE XA 19 -39.22 17.63 3.51
C ILE XA 19 -39.31 19.05 2.96
N ALA XA 20 -38.20 19.58 2.43
CA ALA XA 20 -38.22 20.93 1.87
C ALA XA 20 -39.16 21.02 0.67
N VAL XA 21 -39.15 20.02 -0.19
CA VAL XA 21 -40.06 19.99 -1.34
C VAL XA 21 -41.51 19.96 -0.86
N VAL XA 22 -41.79 19.15 0.15
CA VAL XA 22 -43.15 19.07 0.69
C VAL XA 22 -43.60 20.44 1.20
N LEU XA 23 -42.71 21.16 1.89
CA LEU XA 23 -43.08 22.48 2.41
C LEU XA 23 -43.28 23.48 1.27
N PHE XA 24 -42.44 23.42 0.24
CA PHE XA 24 -42.57 24.34 -0.89
C PHE XA 24 -43.91 24.16 -1.60
N ALA XA 25 -44.36 22.91 -1.72
CA ALA XA 25 -45.65 22.64 -2.35
C ALA XA 25 -46.77 23.44 -1.69
N PHE XA 26 -46.82 23.44 -0.36
CA PHE XA 26 -47.82 24.23 0.35
C PHE XA 26 -47.55 25.72 0.22
N GLY XA 27 -46.27 26.11 0.28
CA GLY XA 27 -45.93 27.52 0.15
C GLY XA 27 -46.40 28.16 -1.14
N LEU XA 28 -46.65 27.35 -2.17
CA LEU XA 28 -47.16 27.91 -3.42
C LEU XA 28 -48.59 28.47 -3.32
N ILE XA 29 -49.49 27.82 -2.57
CA ILE XA 29 -50.93 28.12 -2.71
C ILE XA 29 -51.33 29.54 -2.34
N PRO XA 30 -50.79 30.17 -1.28
CA PRO XA 30 -51.25 31.53 -0.97
C PRO XA 30 -50.95 32.52 -2.08
N GLY XA 31 -49.94 32.26 -2.90
CA GLY XA 31 -49.73 33.09 -4.08
C GLY XA 31 -50.79 32.87 -5.14
N ILE XA 32 -51.15 31.61 -5.40
CA ILE XA 32 -52.14 31.33 -6.44
C ILE XA 32 -53.51 31.87 -6.05
N SER XA 33 -53.78 31.98 -4.75
CA SER XA 33 -55.06 32.54 -4.33
C SER XA 33 -55.26 33.97 -4.80
N ASN XA 34 -54.17 34.67 -5.15
CA ASN XA 34 -54.29 36.03 -5.65
C ASN XA 34 -54.95 36.11 -7.01
N GLN XA 35 -55.10 34.98 -7.71
CA GLN XA 35 -55.75 34.97 -9.01
C GLN XA 35 -57.19 35.45 -8.94
N GLY XA 36 -57.82 35.38 -7.77
CA GLY XA 36 -59.20 35.82 -7.62
C GLY XA 36 -59.37 36.94 -6.62
N SER XA 37 -58.45 37.91 -6.66
CA SER XA 37 -58.48 38.99 -5.67
C SER XA 37 -59.70 39.89 -5.86
N ILE XA 38 -60.15 40.09 -7.09
CA ILE XA 38 -61.08 41.15 -7.43
C ILE XA 38 -62.44 40.58 -7.77
N GLN XA 39 -63.49 41.26 -7.30
CA GLN XA 39 -64.86 40.98 -7.67
C GLN XA 39 -65.54 42.26 -8.15
N VAL XA 40 -66.19 42.20 -9.30
CA VAL XA 40 -66.96 43.33 -9.82
C VAL XA 40 -68.42 43.09 -9.48
N LEU XA 41 -69.00 43.99 -8.69
CA LEU XA 41 -70.33 43.75 -8.13
C LEU XA 41 -71.26 44.91 -8.45
N GLY XA 42 -72.52 44.59 -8.72
CA GLY XA 42 -73.49 45.58 -9.14
C GLY XA 42 -73.44 45.82 -10.63
N SER XA 43 -74.48 46.47 -11.13
CA SER XA 43 -74.56 46.80 -12.55
C SER XA 43 -73.82 48.11 -12.82
N GLY XA 44 -72.89 48.08 -13.76
CA GLY XA 44 -72.15 49.27 -14.14
C GLY XA 44 -72.90 50.10 -15.16
N THR XA 45 -72.28 51.22 -15.53
CA THR XA 45 -72.87 52.14 -16.48
C THR XA 45 -71.83 52.62 -17.48
N ILE XA 46 -72.25 52.74 -18.74
CA ILE XA 46 -71.42 53.27 -19.82
C ILE XA 46 -72.12 54.48 -20.40
N THR XA 47 -71.39 55.58 -20.54
CA THR XA 47 -71.96 56.87 -20.92
C THR XA 47 -71.16 57.52 -22.03
N ASN XA 48 -71.85 58.26 -22.91
CA ASN XA 48 -71.18 58.99 -23.98
C ASN XA 48 -70.39 60.15 -23.40
N SER XA 49 -69.10 60.24 -23.77
CA SER XA 49 -68.22 61.27 -23.21
C SER XA 49 -67.35 61.88 -24.29
N THR XA 50 -67.85 61.94 -25.53
CA THR XA 50 -67.03 62.25 -26.68
C THR XA 50 -66.83 63.74 -26.91
N ALA XA 51 -67.56 64.60 -26.19
CA ALA XA 51 -67.48 66.05 -26.36
C ALA XA 51 -67.92 66.48 -27.77
N SER XA 52 -69.15 66.10 -28.13
CA SER XA 52 -69.84 66.63 -29.31
C SER XA 52 -69.06 66.41 -30.60
N GLY XA 53 -68.28 65.34 -30.68
CA GLY XA 53 -67.51 65.06 -31.87
C GLY XA 53 -66.08 65.55 -31.83
N SER XA 54 -65.64 66.10 -30.70
CA SER XA 54 -64.26 66.53 -30.53
C SER XA 54 -63.31 65.41 -30.12
N SER XA 55 -63.80 64.18 -29.94
CA SER XA 55 -62.93 63.08 -29.52
C SER XA 55 -63.33 61.82 -30.27
N ARG XA 56 -62.39 60.85 -30.31
CA ARG XA 56 -62.58 59.59 -31.04
C ARG XA 56 -63.51 58.64 -30.28
N THR XA 57 -64.75 59.10 -30.12
CA THR XA 57 -65.83 58.33 -29.52
C THR XA 57 -65.39 57.70 -28.20
N ILE XA 58 -65.10 58.56 -27.23
CA ILE XA 58 -64.62 58.11 -25.94
C ILE XA 58 -65.79 57.99 -24.97
N TYR XA 59 -65.90 56.83 -24.33
CA TYR XA 59 -66.99 56.49 -23.42
C TYR XA 59 -66.50 56.44 -21.99
N ASN XA 60 -67.46 56.37 -21.06
CA ASN XA 60 -67.19 56.31 -19.62
C ASN XA 60 -67.69 54.97 -19.12
N ILE XA 61 -66.82 54.19 -18.48
CA ILE XA 61 -67.21 52.95 -17.82
C ILE XA 61 -67.09 53.17 -16.31
N THR XA 62 -68.20 53.01 -15.60
CA THR XA 62 -68.24 53.08 -14.14
C THR XA 62 -68.73 51.75 -13.60
N ILE XA 63 -67.94 51.15 -12.72
CA ILE XA 63 -68.24 49.83 -12.13
C ILE XA 63 -67.77 49.81 -10.69
N THR XA 64 -68.51 49.13 -9.83
CA THR XA 64 -68.11 48.98 -8.43
C THR XA 64 -67.23 47.74 -8.30
N VAL XA 65 -65.99 47.94 -7.84
CA VAL XA 65 -64.98 46.89 -7.78
C VAL XA 65 -64.55 46.72 -6.33
N LYS XA 66 -64.43 45.46 -5.90
CA LYS XA 66 -63.97 45.10 -4.58
C LYS XA 66 -62.67 44.32 -4.71
N ASN XA 67 -61.65 44.73 -3.97
CA ASN XA 67 -60.33 44.11 -4.01
C ASN XA 67 -60.08 43.43 -2.67
N THR XA 68 -59.89 42.11 -2.71
CA THR XA 68 -59.63 41.31 -1.51
C THR XA 68 -58.15 40.99 -1.34
N GLY XA 69 -57.32 41.30 -2.33
CA GLY XA 69 -55.91 41.03 -2.23
C GLY XA 69 -55.19 42.05 -1.38
N THR XA 70 -53.89 41.82 -1.19
CA THR XA 70 -53.04 42.70 -0.40
C THR XA 70 -52.27 43.71 -1.24
N THR XA 71 -52.48 43.72 -2.55
CA THR XA 71 -51.77 44.63 -3.45
C THR XA 71 -52.76 45.41 -4.29
N SER XA 72 -52.36 46.62 -4.69
CA SER XA 72 -53.17 47.42 -5.58
C SER XA 72 -53.18 46.81 -6.98
N ILE XA 73 -54.36 46.68 -7.57
CA ILE XA 73 -54.54 45.98 -8.83
C ILE XA 73 -55.20 46.93 -9.82
N SER XA 74 -54.76 46.89 -11.08
CA SER XA 74 -55.14 47.85 -12.09
C SER XA 74 -55.84 47.17 -13.26
N VAL XA 75 -56.64 47.94 -13.98
CA VAL XA 75 -57.36 47.46 -15.16
C VAL XA 75 -56.42 47.52 -16.35
N THR XA 76 -56.09 46.36 -16.91
CA THR XA 76 -55.16 46.32 -18.04
C THR XA 76 -55.86 46.42 -19.40
N SER XA 77 -57.03 45.82 -19.54
CA SER XA 77 -57.75 45.86 -20.81
C SER XA 77 -59.23 45.61 -20.53
N ILE XA 78 -60.05 45.94 -21.53
CA ILE XA 78 -61.49 45.74 -21.43
C ILE XA 78 -62.05 45.29 -22.77
N ASN XA 79 -62.99 44.37 -22.73
CA ASN XA 79 -63.73 43.90 -23.89
C ASN XA 79 -65.21 44.07 -23.61
N ILE XA 80 -65.90 44.78 -24.50
CA ILE XA 80 -67.31 45.10 -24.33
C ILE XA 80 -68.10 44.38 -25.42
N ASN XA 81 -68.95 43.44 -25.00
CA ASN XA 81 -69.86 42.73 -25.91
C ASN XA 81 -69.10 42.07 -27.05
N GLY XA 82 -67.93 41.52 -26.74
CA GLY XA 82 -67.09 40.86 -27.73
C GLY XA 82 -66.11 41.76 -28.45
N GLN XA 83 -66.32 43.08 -28.40
CA GLN XA 83 -65.44 44.00 -29.11
C GLN XA 83 -64.30 44.46 -28.20
N PRO XA 84 -63.08 44.54 -28.71
CA PRO XA 84 -61.98 45.03 -27.88
C PRO XA 84 -62.08 46.53 -27.64
N PHE XA 85 -61.53 46.99 -26.52
CA PHE XA 85 -61.53 48.40 -26.20
C PHE XA 85 -60.20 48.77 -25.57
N ASN XA 86 -59.84 50.04 -25.66
CA ASN XA 86 -58.58 50.56 -25.13
C ASN XA 86 -58.84 51.69 -24.16
N ILE XA 87 -58.22 51.63 -22.98
CA ILE XA 87 -58.38 52.71 -22.01
C ILE XA 87 -57.66 53.96 -22.51
N ASN XA 88 -58.34 55.11 -22.40
CA ASN XA 88 -57.81 56.34 -22.97
C ASN XA 88 -56.78 57.02 -22.07
N GLY XA 89 -56.99 57.01 -20.76
CA GLY XA 89 -56.05 57.59 -19.82
C GLY XA 89 -55.17 56.54 -19.17
N THR XA 90 -54.55 56.94 -18.05
CA THR XA 90 -53.83 55.97 -17.24
C THR XA 90 -54.82 55.01 -16.58
N ALA XA 91 -54.40 53.76 -16.43
CA ALA XA 91 -55.31 52.74 -15.94
C ALA XA 91 -55.70 53.03 -14.49
N PRO XA 92 -56.98 52.86 -14.14
CA PRO XA 92 -57.37 52.98 -12.73
C PRO XA 92 -56.82 51.81 -11.92
N SER XA 93 -56.59 52.07 -10.63
CA SER XA 93 -56.03 51.07 -9.73
C SER XA 93 -56.88 51.00 -8.48
N ILE XA 94 -57.17 49.77 -8.03
CA ILE XA 94 -58.03 49.53 -6.88
C ILE XA 94 -57.13 49.15 -5.70
N PRO XA 95 -57.13 49.93 -4.61
CA PRO XA 95 -56.27 49.60 -3.47
C PRO XA 95 -56.77 48.35 -2.74
N ALA XA 96 -55.89 47.82 -1.89
CA ALA XA 96 -56.20 46.61 -1.16
C ALA XA 96 -57.35 46.81 -0.18
N GLY XA 97 -58.21 45.81 -0.08
CA GLY XA 97 -59.31 45.82 0.87
C GLY XA 97 -60.45 46.74 0.54
N ARG XA 98 -60.33 47.57 -0.49
CA ARG XA 98 -61.33 48.58 -0.79
C ARG XA 98 -62.48 48.01 -1.62
N THR XA 99 -63.64 48.63 -1.48
CA THR XA 99 -64.75 48.47 -2.41
C THR XA 99 -65.15 49.86 -2.86
N GLN XA 100 -64.95 50.16 -4.15
CA GLN XA 100 -65.12 51.53 -4.59
C GLN XA 100 -65.56 51.58 -6.05
N PRO XA 101 -66.18 52.68 -6.48
CA PRO XA 101 -66.53 52.83 -7.90
C PRO XA 101 -65.36 53.28 -8.75
N ILE XA 102 -64.89 52.39 -9.61
CA ILE XA 102 -63.87 52.71 -10.61
C ILE XA 102 -64.55 53.32 -11.82
N THR XA 103 -64.04 54.46 -12.29
CA THR XA 103 -64.53 55.11 -13.50
C THR XA 103 -63.34 55.37 -14.42
N PHE XA 104 -63.48 54.99 -15.69
CA PHE XA 104 -62.39 55.21 -16.63
C PHE XA 104 -62.91 55.41 -18.04
N GLU XA 105 -62.15 56.18 -18.82
CA GLU XA 105 -62.49 56.45 -20.22
C GLU XA 105 -62.03 55.29 -21.09
N VAL XA 106 -62.76 55.06 -22.19
CA VAL XA 106 -62.43 53.96 -23.08
C VAL XA 106 -62.74 54.33 -24.52
N THR XA 107 -62.01 53.71 -25.45
CA THR XA 107 -62.08 53.93 -26.88
C THR XA 107 -62.30 52.60 -27.59
N PRO XA 108 -62.98 52.60 -28.73
CA PRO XA 108 -63.06 51.39 -29.54
C PRO XA 108 -61.70 51.06 -30.14
N ALA XA 109 -61.28 49.80 -30.00
CA ALA XA 109 -60.03 49.38 -30.62
C ALA XA 109 -60.13 49.34 -32.13
N SER XA 110 -61.28 48.94 -32.66
CA SER XA 110 -61.53 48.95 -34.09
C SER XA 110 -63.01 49.19 -34.34
N GLY XA 111 -63.32 49.81 -35.47
CA GLY XA 111 -64.71 50.05 -35.81
C GLY XA 111 -65.31 51.15 -34.95
N LYS XA 112 -66.65 51.17 -34.94
CA LYS XA 112 -67.43 52.17 -34.22
C LYS XA 112 -68.67 51.47 -33.67
N PRO XA 113 -68.62 51.03 -32.42
CA PRO XA 113 -69.79 50.37 -31.84
C PRO XA 113 -70.86 51.38 -31.47
N ASN XA 114 -72.10 51.03 -31.78
CA ASN XA 114 -73.24 51.91 -31.52
C ASN XA 114 -74.08 51.30 -30.41
N PHE XA 115 -74.41 52.11 -29.40
CA PHE XA 115 -75.16 51.66 -28.25
C PHE XA 115 -76.54 52.30 -28.24
N SER XA 116 -77.52 51.55 -27.73
CA SER XA 116 -78.88 52.05 -27.62
C SER XA 116 -79.21 52.38 -26.17
N PRO XA 117 -80.01 53.42 -25.93
CA PRO XA 117 -80.31 53.81 -24.54
C PRO XA 117 -80.98 52.68 -23.77
N GLY XA 118 -80.52 52.46 -22.55
CA GLY XA 118 -81.12 51.48 -21.66
C GLY XA 118 -80.77 50.04 -21.96
N ALA XA 119 -80.01 49.76 -23.00
CA ALA XA 119 -79.64 48.38 -23.31
C ALA XA 119 -78.54 47.90 -22.38
N SER XA 120 -78.47 46.58 -22.20
CA SER XA 120 -77.47 45.96 -21.34
C SER XA 120 -76.39 45.33 -22.22
N TYR XA 121 -75.14 45.69 -21.95
CA TYR XA 121 -73.99 45.17 -22.69
C TYR XA 121 -73.05 44.50 -21.71
N THR XA 122 -72.64 43.28 -22.02
CA THR XA 122 -71.71 42.57 -21.15
C THR XA 122 -70.28 42.98 -21.47
N ALA XA 123 -69.50 43.23 -20.44
CA ALA XA 123 -68.10 43.62 -20.58
C ALA XA 123 -67.25 42.77 -19.66
N THR XA 124 -66.08 42.36 -20.16
CA THR XA 124 -65.11 41.62 -19.37
C THR XA 124 -63.96 42.55 -19.05
N ILE XA 125 -63.76 42.84 -17.77
CA ILE XA 125 -62.66 43.68 -17.33
C ILE XA 125 -61.51 42.78 -16.91
N TYR XA 126 -60.36 42.94 -17.55
CA TYR XA 126 -59.18 42.15 -17.25
C TYR XA 126 -58.28 42.98 -16.34
N PHE XA 127 -58.02 42.46 -15.14
CA PHE XA 127 -57.21 43.15 -14.17
C PHE XA 127 -55.78 42.61 -14.20
N SER XA 128 -54.88 43.30 -13.48
CA SER XA 128 -53.47 42.95 -13.55
C SER XA 128 -53.17 41.56 -13.00
N ASN XA 129 -54.11 40.96 -12.25
CA ASN XA 129 -53.95 39.57 -11.82
C ASN XA 129 -54.09 38.59 -12.98
N GLY XA 130 -54.51 39.06 -14.15
CA GLY XA 130 -54.97 38.18 -15.20
C GLY XA 130 -56.40 37.74 -15.02
N GLN XA 131 -57.05 38.15 -13.93
CA GLN XA 131 -58.43 37.79 -13.68
C GLN XA 131 -59.35 38.57 -14.61
N GLY XA 132 -60.27 37.87 -15.25
CA GLY XA 132 -61.25 38.52 -16.10
C GLY XA 132 -62.64 38.48 -15.51
N ALA XA 133 -63.13 39.61 -15.04
CA ALA XA 133 -64.42 39.68 -14.38
C ALA XA 133 -65.50 40.07 -15.39
N PRO XA 134 -66.53 39.24 -15.59
CA PRO XA 134 -67.66 39.69 -16.40
C PRO XA 134 -68.58 40.59 -15.59
N ALA XA 135 -69.15 41.59 -16.27
CA ALA XA 135 -70.03 42.55 -15.65
C ALA XA 135 -71.03 43.03 -16.69
N THR XA 136 -72.12 43.62 -16.22
CA THR XA 136 -73.17 44.14 -17.08
C THR XA 136 -73.22 45.64 -16.98
N LEU XA 137 -73.10 46.33 -18.11
CA LEU XA 137 -73.14 47.77 -18.19
C LEU XA 137 -74.44 48.20 -18.85
N ILE XA 138 -75.13 49.15 -18.24
CA ILE XA 138 -76.34 49.73 -18.82
C ILE XA 138 -75.98 51.05 -19.46
N TYR XA 139 -76.26 51.19 -20.74
CA TYR XA 139 -75.94 52.43 -21.45
C TYR XA 139 -76.87 53.54 -21.01
N GLN XA 140 -76.30 54.71 -20.72
CA GLN XA 140 -77.05 55.83 -20.17
C GLN XA 140 -76.96 57.10 -21.01
N GLY XA 141 -76.08 57.16 -22.00
CA GLY XA 141 -75.87 58.37 -22.76
C GLY XA 141 -76.95 58.71 -23.76
N LEU YA 1 -16.78 7.32 -3.00
CA LEU YA 1 -16.83 8.39 -3.98
C LEU YA 1 -17.92 8.12 -5.02
N SER YA 2 -18.21 6.85 -5.23
CA SER YA 2 -19.14 6.45 -6.29
C SER YA 2 -20.55 7.00 -6.03
N GLY YA 3 -20.99 6.96 -4.77
CA GLY YA 3 -22.37 7.31 -4.47
C GLY YA 3 -22.74 8.72 -4.88
N ALA YA 4 -21.85 9.68 -4.61
CA ALA YA 4 -22.14 11.07 -4.92
C ALA YA 4 -22.22 11.30 -6.42
N ILE YA 5 -21.29 10.73 -7.18
CA ILE YA 5 -21.31 10.90 -8.62
C ILE YA 5 -22.55 10.23 -9.22
N VAL YA 6 -22.91 9.05 -8.73
CA VAL YA 6 -24.11 8.38 -9.22
C VAL YA 6 -25.36 9.21 -8.92
N ALA YA 7 -25.43 9.77 -7.70
CA ALA YA 7 -26.56 10.62 -7.33
C ALA YA 7 -26.63 11.85 -8.23
N LEU YA 8 -25.48 12.45 -8.55
CA LEU YA 8 -25.48 13.61 -9.43
C LEU YA 8 -25.94 13.23 -10.84
N ILE YA 9 -25.49 12.07 -11.34
CA ILE YA 9 -25.95 11.60 -12.64
C ILE YA 9 -27.46 11.45 -12.65
N LEU YA 10 -28.01 10.82 -11.60
CA LEU YA 10 -29.44 10.60 -11.55
C LEU YA 10 -30.21 11.91 -11.39
N VAL YA 11 -29.64 12.88 -10.68
CA VAL YA 11 -30.30 14.19 -10.54
C VAL YA 11 -30.40 14.87 -11.90
N ILE YA 12 -29.29 14.89 -12.65
CA ILE YA 12 -29.30 15.54 -13.96
C ILE YA 12 -30.26 14.81 -14.90
N ALA YA 13 -30.24 13.48 -14.88
CA ALA YA 13 -31.13 12.72 -15.75
C ALA YA 13 -32.59 12.92 -15.37
N GLY YA 14 -32.88 13.03 -14.09
CA GLY YA 14 -34.24 13.31 -13.67
C GLY YA 14 -34.70 14.67 -14.16
N VAL YA 15 -33.82 15.68 -14.09
CA VAL YA 15 -34.14 16.99 -14.65
C VAL YA 15 -34.48 16.85 -16.13
N ILE YA 16 -33.65 16.10 -16.86
CA ILE YA 16 -33.84 15.95 -18.30
C ILE YA 16 -35.20 15.32 -18.60
N ILE YA 17 -35.51 14.19 -17.94
CA ILE YA 17 -36.72 13.46 -18.24
C ILE YA 17 -37.95 14.25 -17.81
N ALA YA 18 -37.88 14.93 -16.66
CA ALA YA 18 -39.00 15.72 -16.20
C ALA YA 18 -39.29 16.86 -17.16
N ILE YA 19 -38.25 17.55 -17.64
CA ILE YA 19 -38.48 18.63 -18.60
C ILE YA 19 -39.04 18.08 -19.90
N ALA YA 20 -38.58 16.90 -20.32
CA ALA YA 20 -39.14 16.28 -21.51
C ALA YA 20 -40.63 16.00 -21.34
N VAL YA 21 -41.03 15.49 -20.18
CA VAL YA 21 -42.45 15.23 -19.94
C VAL YA 21 -43.25 16.52 -19.89
N VAL YA 22 -42.68 17.59 -19.33
CA VAL YA 22 -43.37 18.87 -19.29
C VAL YA 22 -43.59 19.41 -20.70
N LEU YA 23 -42.56 19.30 -21.55
CA LEU YA 23 -42.70 19.75 -22.92
C LEU YA 23 -43.72 18.90 -23.68
N PHE YA 24 -43.78 17.60 -23.37
CA PHE YA 24 -44.80 16.74 -23.96
C PHE YA 24 -46.20 17.20 -23.55
N ALA YA 25 -46.37 17.56 -22.27
CA ALA YA 25 -47.65 18.07 -21.79
C ALA YA 25 -48.03 19.34 -22.53
N PHE YA 26 -47.05 20.22 -22.74
CA PHE YA 26 -47.32 21.45 -23.51
C PHE YA 26 -47.67 21.14 -24.96
N GLY YA 27 -47.05 20.12 -25.54
CA GLY YA 27 -47.37 19.74 -26.90
C GLY YA 27 -48.69 19.04 -27.08
N LEU YA 28 -49.25 18.49 -26.00
CA LEU YA 28 -50.58 17.89 -26.09
C LEU YA 28 -51.69 18.91 -26.32
N ILE YA 29 -51.52 20.13 -25.83
CA ILE YA 29 -52.58 21.14 -25.79
C ILE YA 29 -53.22 21.37 -27.16
N PRO YA 30 -52.46 21.54 -28.24
CA PRO YA 30 -53.10 21.80 -29.54
C PRO YA 30 -54.07 20.73 -29.99
N GLY YA 31 -53.78 19.45 -29.75
CA GLY YA 31 -54.69 18.41 -30.16
C GLY YA 31 -55.99 18.42 -29.38
N ILE YA 32 -55.91 18.64 -28.07
CA ILE YA 32 -57.11 18.64 -27.24
C ILE YA 32 -57.85 19.96 -27.33
N SER YA 33 -57.13 21.07 -27.37
CA SER YA 33 -57.74 22.40 -27.39
C SER YA 33 -58.11 22.70 -28.84
N ASN YA 34 -59.36 22.41 -29.18
CA ASN YA 34 -59.87 22.61 -30.54
C ASN YA 34 -61.27 23.21 -30.41
N GLN YA 35 -61.34 24.53 -30.41
CA GLN YA 35 -62.62 25.21 -30.40
C GLN YA 35 -63.26 25.14 -31.78
N GLY YA 36 -64.50 25.60 -31.86
CA GLY YA 36 -65.23 25.52 -33.10
C GLY YA 36 -66.02 24.23 -33.20
N SER YA 37 -67.21 24.31 -33.77
CA SER YA 37 -68.10 23.16 -33.83
C SER YA 37 -69.06 23.36 -35.00
N ILE YA 38 -69.73 22.29 -35.36
CA ILE YA 38 -70.85 22.39 -36.29
C ILE YA 38 -72.10 22.75 -35.52
N GLN YA 39 -72.77 23.82 -35.95
CA GLN YA 39 -73.98 24.31 -35.32
C GLN YA 39 -75.14 24.15 -36.28
N VAL YA 40 -76.24 23.57 -35.80
CA VAL YA 40 -77.43 23.37 -36.62
C VAL YA 40 -78.40 24.51 -36.30
N LEU YA 41 -78.74 25.28 -37.33
CA LEU YA 41 -79.50 26.51 -37.18
C LEU YA 41 -80.92 26.28 -37.66
N GLY YA 42 -81.90 26.57 -36.81
CA GLY YA 42 -83.29 26.47 -37.20
C GLY YA 42 -83.75 25.03 -37.34
N SER YA 43 -85.02 24.90 -37.74
CA SER YA 43 -85.61 23.58 -37.93
C SER YA 43 -85.28 23.03 -39.31
N GLY YA 44 -85.00 21.73 -39.37
CA GLY YA 44 -84.84 21.04 -40.63
C GLY YA 44 -86.13 20.39 -41.08
N THR YA 45 -86.05 19.69 -42.21
CA THR YA 45 -87.20 19.06 -42.81
C THR YA 45 -86.90 17.63 -43.22
N ILE YA 46 -87.88 16.75 -43.00
CA ILE YA 46 -87.85 15.37 -43.49
C ILE YA 46 -88.91 15.23 -44.58
N THR YA 47 -88.50 14.70 -45.73
CA THR YA 47 -89.41 14.51 -46.85
C THR YA 47 -89.31 13.07 -47.32
N ASN YA 48 -90.43 12.49 -47.72
CA ASN YA 48 -90.44 11.09 -48.14
C ASN YA 48 -89.89 10.97 -49.56
N SER YA 49 -88.74 10.31 -49.69
CA SER YA 49 -88.11 10.12 -50.99
C SER YA 49 -88.40 8.76 -51.60
N THR YA 50 -89.01 7.84 -50.87
CA THR YA 50 -89.32 6.52 -51.40
C THR YA 50 -90.26 6.65 -52.59
N ALA YA 51 -89.96 5.92 -53.66
CA ALA YA 51 -90.72 6.05 -54.89
C ALA YA 51 -90.78 4.70 -55.60
N SER YA 52 -91.72 4.61 -56.55
CA SER YA 52 -91.83 3.49 -57.49
C SER YA 52 -92.13 2.16 -56.79
N GLY YA 53 -92.60 2.21 -55.55
CA GLY YA 53 -92.90 0.98 -54.83
C GLY YA 53 -91.70 0.12 -54.52
N SER YA 54 -90.50 0.70 -54.54
CA SER YA 54 -89.30 -0.04 -54.18
C SER YA 54 -89.34 -0.41 -52.69
N SER YA 55 -88.59 -1.46 -52.34
CA SER YA 55 -88.77 -2.09 -51.03
C SER YA 55 -88.22 -1.23 -49.89
N ARG YA 56 -87.25 -0.37 -50.17
CA ARG YA 56 -86.50 0.32 -49.12
C ARG YA 56 -86.95 1.78 -49.01
N THR YA 57 -87.27 2.20 -47.80
CA THR YA 57 -87.71 3.57 -47.55
C THR YA 57 -86.51 4.49 -47.39
N ILE YA 58 -86.55 5.62 -48.10
CA ILE YA 58 -85.49 6.62 -48.04
C ILE YA 58 -86.13 7.98 -47.79
N TYR YA 59 -85.49 8.79 -46.96
CA TYR YA 59 -86.00 10.11 -46.59
C TYR YA 59 -84.95 11.18 -46.84
N ASN YA 60 -85.38 12.30 -47.40
CA ASN YA 60 -84.56 13.49 -47.52
C ASN YA 60 -84.55 14.23 -46.19
N ILE YA 61 -83.37 14.63 -45.73
CA ILE YA 61 -83.24 15.46 -44.55
C ILE YA 61 -82.48 16.71 -44.95
N THR YA 62 -83.09 17.87 -44.74
CA THR YA 62 -82.49 19.15 -45.05
C THR YA 62 -82.34 19.96 -43.77
N ILE YA 63 -81.13 20.45 -43.51
CA ILE YA 63 -80.85 21.25 -42.33
C ILE YA 63 -79.89 22.37 -42.69
N THR YA 64 -79.99 23.48 -41.98
CA THR YA 64 -79.02 24.56 -42.14
C THR YA 64 -77.89 24.36 -41.15
N VAL YA 65 -76.66 24.37 -41.66
CA VAL YA 65 -75.49 23.93 -40.88
C VAL YA 65 -74.41 25.00 -41.00
N LYS YA 66 -73.71 25.25 -39.91
CA LYS YA 66 -72.68 26.29 -39.84
C LYS YA 66 -71.45 25.69 -39.18
N ASN YA 67 -70.38 25.55 -39.96
CA ASN YA 67 -69.13 24.98 -39.46
C ASN YA 67 -68.27 26.12 -38.94
N THR YA 68 -68.21 26.27 -37.62
CA THR YA 68 -67.42 27.34 -37.03
C THR YA 68 -65.95 26.98 -36.87
N GLY YA 69 -65.57 25.74 -37.17
CA GLY YA 69 -64.20 25.31 -37.03
C GLY YA 69 -63.36 25.62 -38.25
N THR YA 70 -62.11 25.15 -38.21
CA THR YA 70 -61.16 25.35 -39.30
C THR YA 70 -60.93 24.09 -40.13
N THR YA 71 -61.75 23.06 -39.92
CA THR YA 71 -61.55 21.78 -40.59
C THR YA 71 -62.86 21.31 -41.23
N SER YA 72 -62.72 20.59 -42.33
CA SER YA 72 -63.89 20.00 -42.99
C SER YA 72 -64.46 18.89 -42.13
N ILE YA 73 -65.79 18.83 -42.05
CA ILE YA 73 -66.47 17.89 -41.18
C ILE YA 73 -67.64 17.29 -41.95
N SER YA 74 -67.90 16.00 -41.73
CA SER YA 74 -68.97 15.29 -42.41
C SER YA 74 -69.89 14.63 -41.39
N VAL YA 75 -71.12 14.36 -41.83
CA VAL YA 75 -72.09 13.64 -41.00
C VAL YA 75 -71.77 12.15 -41.02
N THR YA 76 -72.08 11.47 -39.93
CA THR YA 76 -71.80 10.04 -39.83
C THR YA 76 -73.05 9.24 -39.53
N SER YA 77 -74.01 9.85 -38.83
CA SER YA 77 -75.24 9.17 -38.47
C SER YA 77 -76.26 10.20 -38.02
N ILE YA 78 -77.52 9.77 -37.98
CA ILE YA 78 -78.60 10.59 -37.41
C ILE YA 78 -79.53 9.67 -36.65
N ASN YA 79 -80.06 10.17 -35.55
CA ASN YA 79 -81.07 9.48 -34.76
C ASN YA 79 -82.32 10.36 -34.70
N ILE YA 80 -83.43 9.83 -35.20
CA ILE YA 80 -84.68 10.58 -35.27
C ILE YA 80 -85.72 9.85 -34.43
N ASN YA 81 -86.31 10.58 -33.49
CA ASN YA 81 -87.41 10.06 -32.66
C ASN YA 81 -86.99 8.80 -31.89
N GLY YA 82 -85.72 8.72 -31.51
CA GLY YA 82 -85.19 7.57 -30.81
C GLY YA 82 -84.76 6.43 -31.69
N GLN YA 83 -84.92 6.55 -33.00
CA GLN YA 83 -84.64 5.49 -33.97
C GLN YA 83 -83.40 5.84 -34.76
N PRO YA 84 -82.44 4.92 -34.91
CA PRO YA 84 -81.24 5.23 -35.69
C PRO YA 84 -81.48 5.11 -37.18
N PHE YA 85 -80.83 5.98 -37.95
CA PHE YA 85 -80.93 5.96 -39.41
C PHE YA 85 -79.52 5.94 -39.99
N ASN YA 86 -79.40 5.32 -41.16
CA ASN YA 86 -78.13 5.22 -41.86
C ASN YA 86 -78.09 6.22 -43.00
N ILE YA 87 -76.98 6.95 -43.11
CA ILE YA 87 -76.85 7.98 -44.13
C ILE YA 87 -76.53 7.32 -45.47
N ASN YA 88 -77.56 7.09 -46.28
CA ASN YA 88 -77.38 6.53 -47.61
C ASN YA 88 -76.46 7.43 -48.42
N GLY YA 89 -75.53 6.80 -49.14
CA GLY YA 89 -74.68 7.50 -50.09
C GLY YA 89 -73.49 8.18 -49.45
N THR YA 90 -72.72 8.84 -50.32
CA THR YA 90 -71.59 9.64 -49.85
C THR YA 90 -72.08 10.73 -48.92
N ALA YA 91 -71.65 10.64 -47.65
CA ALA YA 91 -72.12 11.57 -46.65
C ALA YA 91 -71.65 12.98 -46.98
N PRO YA 92 -72.50 13.98 -46.82
CA PRO YA 92 -72.13 15.35 -47.18
C PRO YA 92 -71.05 15.89 -46.25
N SER YA 93 -70.20 16.75 -46.80
CA SER YA 93 -69.11 17.37 -46.06
C SER YA 93 -69.37 18.87 -45.96
N ILE YA 94 -69.13 19.42 -44.78
CA ILE YA 94 -69.40 20.82 -44.49
C ILE YA 94 -68.06 21.55 -44.44
N PRO YA 95 -67.78 22.45 -45.39
CA PRO YA 95 -66.50 23.16 -45.39
C PRO YA 95 -66.36 24.09 -44.21
N ALA YA 96 -65.09 24.41 -43.90
CA ALA YA 96 -64.78 25.23 -42.74
C ALA YA 96 -65.31 26.65 -42.90
N GLY YA 97 -65.81 27.20 -41.80
CA GLY YA 97 -66.21 28.60 -41.76
C GLY YA 97 -67.41 28.96 -42.60
N ARG YA 98 -68.19 27.98 -43.06
CA ARG YA 98 -69.24 28.21 -44.03
C ARG YA 98 -70.60 27.78 -43.48
N THR YA 99 -71.62 28.57 -43.81
CA THR YA 99 -73.01 28.23 -43.51
C THR YA 99 -73.69 27.78 -44.79
N GLN YA 100 -74.28 26.59 -44.76
CA GLN YA 100 -74.85 25.96 -45.95
C GLN YA 100 -76.17 25.29 -45.61
N PRO YA 101 -77.10 25.25 -46.57
CA PRO YA 101 -78.18 24.26 -46.51
C PRO YA 101 -77.65 22.91 -46.95
N ILE YA 102 -77.68 21.94 -46.05
CA ILE YA 102 -77.11 20.63 -46.29
C ILE YA 102 -78.25 19.62 -46.33
N THR YA 103 -78.30 18.83 -47.40
CA THR YA 103 -79.37 17.87 -47.63
C THR YA 103 -78.76 16.49 -47.87
N PHE YA 104 -79.29 15.48 -47.21
CA PHE YA 104 -78.78 14.13 -47.39
C PHE YA 104 -79.92 13.13 -47.25
N GLU YA 105 -79.74 11.98 -47.90
CA GLU YA 105 -80.74 10.91 -47.86
C GLU YA 105 -80.37 9.90 -46.78
N VAL YA 106 -81.41 9.40 -46.10
CA VAL YA 106 -81.24 8.52 -44.95
C VAL YA 106 -82.23 7.37 -45.02
N THR YA 107 -81.85 6.24 -44.43
CA THR YA 107 -82.70 5.07 -44.39
C THR YA 107 -82.76 4.53 -42.97
N PRO YA 108 -83.88 3.95 -42.57
CA PRO YA 108 -83.99 3.41 -41.21
C PRO YA 108 -83.06 2.22 -41.02
N ALA YA 109 -82.29 2.25 -39.94
CA ALA YA 109 -81.40 1.13 -39.64
C ALA YA 109 -82.20 -0.11 -39.24
N SER YA 110 -83.35 0.07 -38.60
CA SER YA 110 -84.21 -1.03 -38.22
C SER YA 110 -85.65 -0.52 -38.12
N GLY YA 111 -86.59 -1.44 -38.27
CA GLY YA 111 -88.00 -1.09 -38.12
C GLY YA 111 -88.46 -0.16 -39.22
N LYS YA 112 -89.52 0.60 -38.91
CA LYS YA 112 -90.07 1.56 -39.84
C LYS YA 112 -90.53 2.82 -39.09
N PRO YA 113 -90.33 3.99 -39.67
CA PRO YA 113 -90.76 5.23 -39.01
C PRO YA 113 -92.27 5.38 -39.03
N ASN YA 114 -92.75 6.23 -38.11
CA ASN YA 114 -94.17 6.52 -37.97
C ASN YA 114 -94.46 8.02 -38.14
N PHE YA 115 -93.75 8.66 -39.06
CA PHE YA 115 -93.84 10.11 -39.19
C PHE YA 115 -95.26 10.53 -39.59
N SER YA 116 -95.66 11.70 -39.09
CA SER YA 116 -96.95 12.28 -39.40
C SER YA 116 -96.74 13.66 -40.02
N PRO YA 117 -97.55 14.03 -41.01
CA PRO YA 117 -97.36 15.32 -41.68
C PRO YA 117 -97.48 16.48 -40.69
N GLY YA 118 -96.52 17.40 -40.76
CA GLY YA 118 -96.52 18.57 -39.91
C GLY YA 118 -95.98 18.36 -38.52
N ALA YA 119 -95.71 17.11 -38.12
CA ALA YA 119 -95.18 16.85 -36.79
C ALA YA 119 -93.71 17.23 -36.71
N SER YA 120 -93.26 17.59 -35.51
CA SER YA 120 -91.88 17.96 -35.25
C SER YA 120 -91.24 16.86 -34.40
N TYR YA 121 -90.11 16.36 -34.88
CA TYR YA 121 -89.40 15.25 -34.25
C TYR YA 121 -88.02 15.70 -33.84
N THR YA 122 -87.64 15.40 -32.60
CA THR YA 122 -86.31 15.71 -32.13
C THR YA 122 -85.33 14.68 -32.68
N ALA YA 123 -84.23 15.16 -33.24
CA ALA YA 123 -83.20 14.31 -33.83
C ALA YA 123 -81.84 14.75 -33.33
N THR YA 124 -80.86 13.88 -33.54
CA THR YA 124 -79.47 14.15 -33.19
C THR YA 124 -78.61 13.76 -34.38
N ILE YA 125 -77.82 14.72 -34.88
CA ILE YA 125 -76.96 14.49 -36.03
C ILE YA 125 -75.52 14.39 -35.51
N TYR YA 126 -74.86 13.28 -35.83
CA TYR YA 126 -73.52 13.00 -35.33
C TYR YA 126 -72.51 13.26 -36.43
N PHE YA 127 -71.49 14.04 -36.11
CA PHE YA 127 -70.50 14.47 -37.08
C PHE YA 127 -69.18 13.77 -36.83
N SER YA 128 -68.25 13.94 -37.77
CA SER YA 128 -67.02 13.14 -37.76
C SER YA 128 -66.14 13.40 -36.55
N ASN YA 129 -66.28 14.56 -35.89
CA ASN YA 129 -65.55 14.77 -34.65
C ASN YA 129 -66.11 13.94 -33.50
N GLY YA 130 -67.26 13.30 -33.68
CA GLY YA 130 -67.96 12.65 -32.60
C GLY YA 130 -68.97 13.52 -31.90
N GLN YA 131 -68.91 14.83 -32.09
CA GLN YA 131 -69.90 15.72 -31.50
C GLN YA 131 -71.25 15.51 -32.18
N GLY YA 132 -72.31 15.69 -31.41
CA GLY YA 132 -73.64 15.48 -31.92
C GLY YA 132 -74.57 16.65 -31.63
N ALA YA 133 -75.14 17.22 -32.69
CA ALA YA 133 -76.00 18.38 -32.55
C ALA YA 133 -77.46 17.94 -32.46
N PRO YA 134 -78.18 18.30 -31.40
CA PRO YA 134 -79.63 18.11 -31.40
C PRO YA 134 -80.29 19.11 -32.33
N ALA YA 135 -81.35 18.66 -33.01
CA ALA YA 135 -82.09 19.46 -33.97
C ALA YA 135 -83.54 19.05 -33.94
N THR YA 136 -84.39 19.89 -34.52
CA THR YA 136 -85.80 19.59 -34.68
C THR YA 136 -86.12 19.51 -36.16
N LEU YA 137 -86.73 18.41 -36.58
CA LEU YA 137 -87.05 18.16 -37.98
C LEU YA 137 -88.56 18.07 -38.14
N ILE YA 138 -89.10 18.84 -39.08
CA ILE YA 138 -90.52 18.83 -39.37
C ILE YA 138 -90.76 17.93 -40.58
N TYR YA 139 -91.72 17.02 -40.45
CA TYR YA 139 -92.02 16.09 -41.54
C TYR YA 139 -92.98 16.76 -42.52
N GLN YA 140 -92.52 16.97 -43.75
CA GLN YA 140 -93.28 17.68 -44.77
C GLN YA 140 -94.08 16.76 -45.69
N GLY YA 141 -93.90 15.45 -45.58
CA GLY YA 141 -94.60 14.52 -46.44
C GLY YA 141 -93.90 14.29 -47.76
N LEU ZA 1 -22.71 2.28 -6.40
CA LEU ZA 1 -23.44 1.53 -7.43
C LEU ZA 1 -24.91 1.36 -7.04
N SER ZA 2 -25.21 1.60 -5.77
CA SER ZA 2 -26.54 1.30 -5.24
C SER ZA 2 -27.62 2.18 -5.88
N GLY ZA 3 -27.31 3.45 -6.12
CA GLY ZA 3 -28.33 4.40 -6.53
C GLY ZA 3 -29.02 4.04 -7.83
N ALA ZA 4 -28.25 3.57 -8.82
CA ALA ZA 4 -28.83 3.19 -10.10
C ALA ZA 4 -29.74 1.98 -9.95
N ILE ZA 5 -29.34 1.02 -9.11
CA ILE ZA 5 -30.17 -0.15 -8.83
C ILE ZA 5 -31.51 0.28 -8.21
N VAL ZA 6 -31.45 1.16 -7.22
CA VAL ZA 6 -32.67 1.64 -6.57
C VAL ZA 6 -33.55 2.37 -7.58
N ALA ZA 7 -32.92 3.19 -8.43
CA ALA ZA 7 -33.68 3.93 -9.43
C ALA ZA 7 -34.38 3.00 -10.41
N LEU ZA 8 -33.70 1.93 -10.83
CA LEU ZA 8 -34.33 0.95 -11.73
C LEU ZA 8 -35.55 0.31 -11.08
N ILE ZA 9 -35.40 -0.12 -9.82
CA ILE ZA 9 -36.52 -0.74 -9.11
C ILE ZA 9 -37.70 0.23 -9.05
N LEU ZA 10 -37.42 1.48 -8.69
CA LEU ZA 10 -38.50 2.45 -8.52
C LEU ZA 10 -39.15 2.82 -9.83
N VAL ZA 11 -38.39 2.89 -10.92
CA VAL ZA 11 -38.97 3.20 -12.23
C VAL ZA 11 -39.97 2.12 -12.63
N ILE ZA 12 -39.57 0.85 -12.50
CA ILE ZA 12 -40.48 -0.22 -12.89
C ILE ZA 12 -41.72 -0.24 -12.01
N ALA ZA 13 -41.53 -0.05 -10.69
CA ALA ZA 13 -42.68 -0.02 -9.80
C ALA ZA 13 -43.62 1.12 -10.12
N GLY ZA 14 -43.07 2.28 -10.48
CA GLY ZA 14 -43.92 3.41 -10.86
C GLY ZA 14 -44.76 3.10 -12.08
N VAL ZA 15 -44.15 2.47 -13.09
CA VAL ZA 15 -44.92 2.07 -14.27
C VAL ZA 15 -46.08 1.18 -13.86
N ILE ZA 16 -45.80 0.18 -13.04
CA ILE ZA 16 -46.83 -0.79 -12.65
C ILE ZA 16 -47.97 -0.09 -11.92
N ILE ZA 17 -47.65 0.74 -10.92
CA ILE ZA 17 -48.69 1.34 -10.11
C ILE ZA 17 -49.51 2.35 -10.90
N ALA ZA 18 -48.86 3.10 -11.81
CA ALA ZA 18 -49.61 4.04 -12.63
C ALA ZA 18 -50.59 3.32 -13.53
N ILE ZA 19 -50.17 2.21 -14.15
CA ILE ZA 19 -51.10 1.47 -14.99
C ILE ZA 19 -52.26 0.92 -14.17
N ALA ZA 20 -51.96 0.45 -12.95
CA ALA ZA 20 -53.02 -0.06 -12.08
C ALA ZA 20 -54.03 1.03 -11.75
N VAL ZA 21 -53.55 2.24 -11.46
CA VAL ZA 21 -54.46 3.33 -11.13
C VAL ZA 21 -55.33 3.70 -12.34
N VAL ZA 22 -54.74 3.71 -13.53
CA VAL ZA 22 -55.53 4.01 -14.73
C VAL ZA 22 -56.63 2.98 -14.93
N LEU ZA 23 -56.28 1.70 -14.75
CA LEU ZA 23 -57.29 0.65 -14.92
C LEU ZA 23 -58.36 0.73 -13.85
N PHE ZA 24 -58.01 1.14 -12.62
CA PHE ZA 24 -59.03 1.36 -11.60
C PHE ZA 24 -59.97 2.49 -12.00
N ALA ZA 25 -59.41 3.58 -12.56
CA ALA ZA 25 -60.25 4.67 -13.02
C ALA ZA 25 -61.24 4.20 -14.07
N PHE ZA 26 -60.78 3.34 -14.99
CA PHE ZA 26 -61.71 2.79 -15.98
C PHE ZA 26 -62.71 1.84 -15.35
N GLY ZA 27 -62.32 1.09 -14.33
CA GLY ZA 27 -63.23 0.14 -13.71
C GLY ZA 27 -64.28 0.76 -12.83
N LEU ZA 28 -64.07 2.00 -12.38
CA LEU ZA 28 -65.08 2.66 -11.55
C LEU ZA 28 -66.39 2.90 -12.29
N ILE ZA 29 -66.34 3.04 -13.62
CA ILE ZA 29 -67.49 3.57 -14.37
C ILE ZA 29 -68.78 2.77 -14.17
N PRO ZA 30 -68.78 1.43 -14.25
CA PRO ZA 30 -70.06 0.71 -14.17
C PRO ZA 30 -70.85 0.95 -12.89
N GLY ZA 31 -70.18 1.29 -11.78
CA GLY ZA 31 -70.89 1.50 -10.54
C GLY ZA 31 -71.75 2.74 -10.53
N ILE ZA 32 -71.43 3.71 -11.39
CA ILE ZA 32 -72.17 4.97 -11.41
C ILE ZA 32 -73.60 4.76 -11.89
N SER ZA 33 -73.80 3.83 -12.82
CA SER ZA 33 -75.10 3.63 -13.44
C SER ZA 33 -76.19 3.34 -12.40
N ASN ZA 34 -75.84 2.61 -11.34
CA ASN ZA 34 -76.85 2.16 -10.39
C ASN ZA 34 -77.41 3.29 -9.54
N GLN ZA 35 -76.82 4.48 -9.61
CA GLN ZA 35 -77.29 5.59 -8.79
C GLN ZA 35 -78.62 6.16 -9.25
N GLY ZA 36 -79.13 5.75 -10.40
CA GLY ZA 36 -80.39 6.27 -10.90
C GLY ZA 36 -81.45 5.21 -11.16
N SER ZA 37 -81.39 4.11 -10.41
CA SER ZA 37 -82.22 2.96 -10.73
C SER ZA 37 -83.71 3.20 -10.47
N ILE ZA 38 -84.04 3.98 -9.44
CA ILE ZA 38 -85.40 4.06 -8.93
C ILE ZA 38 -85.98 5.44 -9.20
N GLN ZA 39 -87.28 5.47 -9.53
CA GLN ZA 39 -88.01 6.72 -9.62
C GLN ZA 39 -89.38 6.57 -8.98
N VAL ZA 40 -89.77 7.57 -8.19
CA VAL ZA 40 -91.07 7.57 -7.53
C VAL ZA 40 -92.11 8.16 -8.47
N LEU ZA 41 -93.26 7.50 -8.59
CA LEU ZA 41 -94.31 7.87 -9.52
C LEU ZA 41 -95.50 8.43 -8.74
N GLY ZA 42 -95.90 9.65 -9.06
CA GLY ZA 42 -97.13 10.20 -8.53
C GLY ZA 42 -97.06 10.51 -7.05
N SER ZA 43 -98.24 10.88 -6.52
CA SER ZA 43 -98.36 11.19 -5.11
C SER ZA 43 -98.41 9.91 -4.28
N GLY ZA 44 -98.16 10.07 -2.98
CA GLY ZA 44 -98.29 9.00 -2.02
C GLY ZA 44 -99.24 9.41 -0.90
N THR ZA 45 -99.40 8.51 0.06
CA THR ZA 45 -100.37 8.70 1.12
C THR ZA 45 -99.73 8.42 2.47
N ILE ZA 46 -99.97 9.32 3.44
CA ILE ZA 46 -99.62 9.10 4.83
C ILE ZA 46 -100.92 8.79 5.59
N THR ZA 47 -100.84 7.85 6.53
CA THR ZA 47 -101.99 7.47 7.34
C THR ZA 47 -101.53 7.23 8.77
N ASN ZA 48 -102.41 7.56 9.71
CA ASN ZA 48 -102.12 7.40 11.14
C ASN ZA 48 -102.44 5.98 11.57
N SER ZA 49 -101.46 5.33 12.20
CA SER ZA 49 -101.53 3.89 12.47
C SER ZA 49 -101.07 3.53 13.89
N THR ZA 50 -101.54 4.26 14.88
CA THR ZA 50 -101.16 3.99 16.27
C THR ZA 50 -102.40 3.91 17.14
N ALA ZA 51 -102.30 3.06 18.17
CA ALA ZA 51 -103.42 2.80 19.07
C ALA ZA 51 -103.42 3.78 20.24
N SER ZA 52 -104.51 3.76 21.01
CA SER ZA 52 -104.64 4.63 22.16
C SER ZA 52 -103.62 4.26 23.24
N GLY ZA 53 -102.98 5.29 23.80
CA GLY ZA 53 -102.00 5.07 24.84
C GLY ZA 53 -100.70 4.46 24.38
N SER ZA 54 -100.48 4.39 23.07
CA SER ZA 54 -99.25 3.79 22.55
C SER ZA 54 -98.04 4.62 22.94
N SER ZA 55 -96.87 3.98 22.91
CA SER ZA 55 -95.64 4.70 23.21
C SER ZA 55 -95.28 5.69 22.11
N ARG ZA 56 -95.77 5.47 20.89
CA ARG ZA 56 -95.29 6.23 19.75
C ARG ZA 56 -96.34 6.31 18.67
N THR ZA 57 -96.33 7.42 17.93
CA THR ZA 57 -97.09 7.52 16.70
C THR ZA 57 -96.35 6.82 15.57
N ILE ZA 58 -97.08 6.08 14.75
CA ILE ZA 58 -96.53 5.45 13.57
C ILE ZA 58 -97.45 5.71 12.40
N TYR ZA 59 -96.87 6.06 11.25
CA TYR ZA 59 -97.60 6.44 10.07
C TYR ZA 59 -97.27 5.46 8.95
N ASN ZA 60 -98.31 4.93 8.32
CA ASN ZA 60 -98.17 4.13 7.10
C ASN ZA 60 -97.99 5.07 5.92
N ILE ZA 61 -96.92 4.86 5.15
CA ILE ZA 61 -96.65 5.66 3.97
C ILE ZA 61 -96.68 4.73 2.77
N THR ZA 62 -97.54 5.06 1.80
CA THR ZA 62 -97.66 4.31 0.56
C THR ZA 62 -97.21 5.18 -0.59
N ILE ZA 63 -96.27 4.67 -1.39
CA ILE ZA 63 -95.78 5.36 -2.57
C ILE ZA 63 -95.59 4.34 -3.69
N THR ZA 64 -95.90 4.75 -4.92
CA THR ZA 64 -95.57 3.93 -6.08
C THR ZA 64 -94.14 4.21 -6.50
N VAL ZA 65 -93.34 3.16 -6.63
CA VAL ZA 65 -91.95 3.28 -7.02
C VAL ZA 65 -91.66 2.33 -8.17
N LYS ZA 66 -90.85 2.79 -9.12
CA LYS ZA 66 -90.45 2.00 -10.27
C LYS ZA 66 -88.95 1.77 -10.22
N ASN ZA 67 -88.55 0.50 -10.26
CA ASN ZA 67 -87.16 0.10 -10.24
C ASN ZA 67 -86.72 -0.34 -11.63
N THR ZA 68 -85.60 0.18 -12.09
CA THR ZA 68 -85.09 -0.11 -13.42
C THR ZA 68 -83.79 -0.90 -13.41
N GLY ZA 69 -83.21 -1.17 -12.25
CA GLY ZA 69 -81.95 -1.88 -12.16
C GLY ZA 69 -82.13 -3.39 -12.14
N THR ZA 70 -80.99 -4.07 -12.10
CA THR ZA 70 -80.99 -5.53 -12.04
C THR ZA 70 -81.23 -6.06 -10.65
N THR ZA 71 -81.10 -5.23 -9.63
CA THR ZA 71 -81.09 -5.67 -8.25
C THR ZA 71 -82.23 -5.05 -7.47
N SER ZA 72 -82.70 -5.76 -6.46
CA SER ZA 72 -83.75 -5.25 -5.58
C SER ZA 72 -83.20 -4.16 -4.68
N ILE ZA 73 -83.98 -3.09 -4.50
CA ILE ZA 73 -83.55 -1.94 -3.72
C ILE ZA 73 -84.62 -1.66 -2.67
N SER ZA 74 -84.18 -1.18 -1.51
CA SER ZA 74 -85.07 -0.94 -0.37
C SER ZA 74 -84.92 0.49 0.12
N VAL ZA 75 -85.96 0.95 0.82
CA VAL ZA 75 -85.94 2.28 1.44
C VAL ZA 75 -85.09 2.24 2.71
N THR ZA 76 -84.36 3.32 2.96
CA THR ZA 76 -83.53 3.43 4.15
C THR ZA 76 -83.94 4.58 5.07
N SER ZA 77 -84.42 5.68 4.53
CA SER ZA 77 -84.85 6.80 5.35
C SER ZA 77 -85.82 7.66 4.55
N ILE ZA 78 -86.64 8.42 5.26
CA ILE ZA 78 -87.56 9.37 4.65
C ILE ZA 78 -87.52 10.67 5.45
N ASN ZA 79 -87.60 11.79 4.75
CA ASN ZA 79 -87.60 13.12 5.35
C ASN ZA 79 -88.87 13.81 4.86
N ILE ZA 80 -89.80 14.07 5.79
CA ILE ZA 80 -91.11 14.63 5.46
C ILE ZA 80 -91.20 16.02 6.07
N ASN ZA 81 -91.49 17.01 5.23
CA ASN ZA 81 -91.69 18.39 5.67
C ASN ZA 81 -90.48 18.93 6.41
N GLY ZA 82 -89.31 18.37 6.11
CA GLY ZA 82 -88.06 18.74 6.72
C GLY ZA 82 -87.66 17.86 7.90
N GLN ZA 83 -88.61 17.21 8.54
CA GLN ZA 83 -88.33 16.36 9.70
C GLN ZA 83 -87.92 14.96 9.25
N PRO ZA 84 -86.85 14.41 9.82
CA PRO ZA 84 -86.46 13.04 9.48
C PRO ZA 84 -87.29 12.02 10.25
N PHE ZA 85 -87.62 10.91 9.57
CA PHE ZA 85 -88.42 9.85 10.15
C PHE ZA 85 -87.62 8.55 10.14
N ASN ZA 86 -87.90 7.70 11.12
CA ASN ZA 86 -87.22 6.43 11.29
C ASN ZA 86 -88.13 5.30 10.84
N ILE ZA 87 -87.61 4.41 10.00
CA ILE ZA 87 -88.43 3.37 9.39
C ILE ZA 87 -88.57 2.21 10.36
N ASN ZA 88 -89.82 1.98 10.75
CA ASN ZA 88 -90.17 0.85 11.59
C ASN ZA 88 -90.15 -0.47 10.82
N GLY ZA 89 -89.64 -1.53 11.47
CA GLY ZA 89 -89.66 -2.88 10.90
C GLY ZA 89 -88.68 -3.16 9.75
N THR ZA 90 -88.91 -4.30 9.07
CA THR ZA 90 -88.08 -4.66 7.92
C THR ZA 90 -88.47 -3.83 6.70
N ALA ZA 91 -87.50 -3.10 6.15
CA ALA ZA 91 -87.80 -2.18 5.05
C ALA ZA 91 -88.25 -2.97 3.82
N PRO ZA 92 -89.27 -2.51 3.10
CA PRO ZA 92 -89.72 -3.24 1.91
C PRO ZA 92 -88.67 -3.21 0.80
N SER ZA 93 -88.63 -4.30 0.04
CA SER ZA 93 -87.72 -4.42 -1.10
C SER ZA 93 -88.50 -4.24 -2.40
N ILE ZA 94 -87.90 -3.52 -3.33
CA ILE ZA 94 -88.54 -3.22 -4.61
C ILE ZA 94 -87.90 -4.10 -5.68
N PRO ZA 95 -88.64 -5.07 -6.23
CA PRO ZA 95 -88.03 -6.02 -7.17
C PRO ZA 95 -87.46 -5.33 -8.40
N ALA ZA 96 -86.56 -6.07 -9.08
CA ALA ZA 96 -85.64 -5.47 -10.05
C ALA ZA 96 -86.35 -4.61 -11.09
N GLY ZA 97 -87.21 -5.21 -11.89
CA GLY ZA 97 -87.80 -4.52 -13.02
C GLY ZA 97 -89.22 -4.04 -12.84
N ARG ZA 98 -89.78 -4.15 -11.65
CA ARG ZA 98 -91.21 -3.97 -11.47
C ARG ZA 98 -91.54 -2.60 -10.90
N THR ZA 99 -92.76 -2.14 -11.18
CA THR ZA 99 -93.33 -0.93 -10.62
C THR ZA 99 -94.39 -1.32 -9.60
N GLN ZA 100 -94.20 -0.89 -8.35
CA GLN ZA 100 -95.11 -1.35 -7.29
C GLN ZA 100 -95.54 -0.22 -6.36
N PRO ZA 101 -96.78 -0.29 -5.87
CA PRO ZA 101 -97.15 0.49 -4.67
C PRO ZA 101 -96.59 -0.19 -3.43
N ILE ZA 102 -95.64 0.47 -2.78
CA ILE ZA 102 -94.98 -0.05 -1.59
C ILE ZA 102 -95.44 0.75 -0.39
N THR ZA 103 -95.66 0.05 0.72
CA THR ZA 103 -96.14 0.65 1.96
C THR ZA 103 -95.18 0.30 3.09
N PHE ZA 104 -94.86 1.30 3.92
CA PHE ZA 104 -93.95 1.06 5.03
C PHE ZA 104 -94.32 1.96 6.20
N GLU ZA 105 -93.95 1.51 7.39
CA GLU ZA 105 -94.31 2.17 8.65
C GLU ZA 105 -93.15 3.02 9.15
N VAL ZA 106 -93.44 4.27 9.52
CA VAL ZA 106 -92.42 5.19 9.99
C VAL ZA 106 -92.85 5.84 11.28
N THR ZA 107 -91.87 6.27 12.07
CA THR ZA 107 -92.13 6.98 13.31
C THR ZA 107 -91.21 8.19 13.40
N PRO ZA 108 -91.69 9.31 13.93
CA PRO ZA 108 -90.86 10.53 13.93
C PRO ZA 108 -89.68 10.40 14.87
N ALA ZA 109 -88.53 10.92 14.42
CA ALA ZA 109 -87.31 10.87 15.21
C ALA ZA 109 -86.98 12.19 15.88
N SER ZA 110 -87.26 13.31 15.20
CA SER ZA 110 -86.91 14.61 15.77
C SER ZA 110 -87.97 15.11 16.75
N GLY ZA 111 -89.24 14.99 16.38
CA GLY ZA 111 -90.31 15.49 17.23
C GLY ZA 111 -91.64 15.20 16.60
N LYS ZA 112 -92.69 15.51 17.37
CA LYS ZA 112 -94.04 15.19 16.94
C LYS ZA 112 -94.44 16.02 15.72
N PRO ZA 113 -94.79 15.40 14.61
CA PRO ZA 113 -95.27 16.16 13.45
C PRO ZA 113 -96.77 16.39 13.53
N ASN ZA 114 -97.18 17.64 13.30
CA ASN ZA 114 -98.60 18.00 13.35
C ASN ZA 114 -99.18 17.96 11.94
N PHE ZA 115 -99.38 16.74 11.44
CA PHE ZA 115 -100.00 16.56 10.14
C PHE ZA 115 -101.44 17.06 10.17
N SER ZA 116 -101.88 17.62 9.05
CA SER ZA 116 -103.22 18.16 8.92
C SER ZA 116 -104.01 17.36 7.90
N PRO ZA 117 -105.26 16.98 8.20
CA PRO ZA 117 -106.04 16.17 7.27
C PRO ZA 117 -106.15 16.78 5.89
N GLY ZA 118 -105.77 16.02 4.86
CA GLY ZA 118 -105.86 16.46 3.49
C GLY ZA 118 -104.71 17.33 3.01
N ALA ZA 119 -103.76 17.67 3.87
CA ALA ZA 119 -102.66 18.52 3.48
C ALA ZA 119 -101.67 17.78 2.59
N SER ZA 120 -100.87 18.54 1.87
CA SER ZA 120 -99.86 18.01 0.97
C SER ZA 120 -98.47 18.36 1.51
N TYR ZA 121 -97.59 17.37 1.58
CA TYR ZA 121 -96.27 17.53 2.17
C TYR ZA 121 -95.21 17.05 1.20
N THR ZA 122 -94.12 17.79 1.10
CA THR ZA 122 -92.97 17.33 0.31
C THR ZA 122 -92.14 16.37 1.14
N ALA ZA 123 -91.59 15.36 0.47
CA ALA ZA 123 -90.75 14.38 1.14
C ALA ZA 123 -89.63 13.96 0.20
N THR ZA 124 -88.54 13.48 0.78
CA THR ZA 124 -87.47 12.84 0.03
C THR ZA 124 -87.29 11.43 0.54
N ILE ZA 125 -87.46 10.46 -0.35
CA ILE ZA 125 -87.25 9.06 0.00
C ILE ZA 125 -85.86 8.67 -0.45
N TYR ZA 126 -85.09 8.10 0.46
CA TYR ZA 126 -83.71 7.69 0.20
C TYR ZA 126 -83.67 6.18 0.13
N PHE ZA 127 -83.16 5.65 -0.98
CA PHE ZA 127 -83.16 4.23 -1.24
C PHE ZA 127 -81.76 3.65 -1.01
N SER ZA 128 -81.70 2.32 -0.92
CA SER ZA 128 -80.46 1.65 -0.56
C SER ZA 128 -79.37 1.86 -1.59
N ASN ZA 129 -79.73 2.17 -2.83
CA ASN ZA 129 -78.72 2.44 -3.85
C ASN ZA 129 -78.14 3.84 -3.75
N GLY ZA 130 -78.38 4.55 -2.65
CA GLY ZA 130 -77.84 5.89 -2.49
C GLY ZA 130 -78.54 6.95 -3.32
N GLN ZA 131 -79.82 6.76 -3.61
CA GLN ZA 131 -80.58 7.67 -4.47
C GLN ZA 131 -81.68 8.34 -3.66
N GLY ZA 132 -81.79 9.66 -3.81
CA GLY ZA 132 -82.87 10.41 -3.21
C GLY ZA 132 -83.91 10.77 -4.26
N ALA ZA 133 -85.18 10.63 -3.89
CA ALA ZA 133 -86.27 10.89 -4.81
C ALA ZA 133 -87.28 11.84 -4.17
N PRO ZA 134 -87.59 12.97 -4.80
CA PRO ZA 134 -88.66 13.82 -4.29
C PRO ZA 134 -90.02 13.14 -4.47
N ALA ZA 135 -90.94 13.44 -3.56
CA ALA ZA 135 -92.29 12.92 -3.62
C ALA ZA 135 -93.23 13.86 -2.89
N THR ZA 136 -94.51 13.73 -3.20
CA THR ZA 136 -95.57 14.53 -2.59
C THR ZA 136 -96.54 13.59 -1.90
N LEU ZA 137 -96.72 13.75 -0.60
CA LEU ZA 137 -97.54 12.87 0.21
C LEU ZA 137 -98.77 13.61 0.71
N ILE ZA 138 -99.94 13.02 0.51
CA ILE ZA 138 -101.19 13.55 1.04
C ILE ZA 138 -101.50 12.83 2.34
N TYR ZA 139 -101.83 13.59 3.38
CA TYR ZA 139 -102.17 13.02 4.68
C TYR ZA 139 -103.66 12.67 4.68
N GLN ZA 140 -103.96 11.36 4.66
CA GLN ZA 140 -105.34 10.91 4.57
C GLN ZA 140 -106.05 10.86 5.91
N GLY ZA 141 -105.32 10.94 7.02
CA GLY ZA 141 -105.94 10.87 8.34
C GLY ZA 141 -105.11 10.12 9.36
N LEU AB 1 -28.68 4.50 -1.77
CA LEU AB 1 -29.51 4.08 -0.65
C LEU AB 1 -30.54 5.15 -0.31
N SER AB 2 -30.23 6.40 -0.67
CA SER AB 2 -31.10 7.52 -0.32
C SER AB 2 -32.39 7.52 -1.15
N GLY AB 3 -32.33 6.96 -2.36
CA GLY AB 3 -33.48 7.06 -3.26
C GLY AB 3 -34.73 6.42 -2.68
N ALA AB 4 -34.59 5.26 -2.05
CA ALA AB 4 -35.75 4.60 -1.45
C ALA AB 4 -36.34 5.41 -0.32
N ILE AB 5 -35.50 6.02 0.51
CA ILE AB 5 -35.99 6.85 1.62
C ILE AB 5 -36.71 8.07 1.07
N VAL AB 6 -36.16 8.70 0.04
CA VAL AB 6 -36.83 9.86 -0.56
C VAL AB 6 -38.18 9.45 -1.14
N ALA AB 7 -38.23 8.30 -1.82
CA ALA AB 7 -39.49 7.84 -2.38
C ALA AB 7 -40.51 7.57 -1.28
N LEU AB 8 -40.08 6.95 -0.17
CA LEU AB 8 -40.99 6.68 0.93
C LEU AB 8 -41.55 7.97 1.52
N ILE AB 9 -40.68 8.96 1.74
CA ILE AB 9 -41.13 10.23 2.28
C ILE AB 9 -42.13 10.88 1.33
N LEU AB 10 -41.84 10.87 0.03
CA LEU AB 10 -42.74 11.50 -0.92
C LEU AB 10 -44.07 10.77 -1.02
N VAL AB 11 -44.06 9.44 -0.90
CA VAL AB 11 -45.32 8.68 -0.95
C VAL AB 11 -46.20 9.04 0.25
N ILE AB 12 -45.62 9.02 1.45
CA ILE AB 12 -46.41 9.34 2.64
C ILE AB 12 -46.91 10.78 2.56
N ALA AB 13 -46.04 11.70 2.15
CA ALA AB 13 -46.43 13.10 2.05
C ALA AB 13 -47.50 13.30 0.98
N GLY AB 14 -47.45 12.51 -0.09
CA GLY AB 14 -48.50 12.60 -1.09
C GLY AB 14 -49.85 12.20 -0.54
N VAL AB 15 -49.87 11.11 0.24
CA VAL AB 15 -51.12 10.72 0.91
C VAL AB 15 -51.64 11.87 1.76
N ILE AB 16 -50.76 12.45 2.58
CA ILE AB 16 -51.17 13.52 3.49
C ILE AB 16 -51.69 14.72 2.73
N ILE AB 17 -50.99 15.12 1.66
CA ILE AB 17 -51.34 16.32 0.93
C ILE AB 17 -52.66 16.14 0.18
N ALA AB 18 -52.88 14.94 -0.39
CA ALA AB 18 -54.14 14.68 -1.06
C ALA AB 18 -55.31 14.75 -0.08
N ILE AB 19 -55.13 14.17 1.11
CA ILE AB 19 -56.21 14.25 2.10
C ILE AB 19 -56.46 15.70 2.51
N ALA AB 20 -55.39 16.48 2.66
CA ALA AB 20 -55.55 17.89 3.02
C ALA AB 20 -56.32 18.66 1.94
N VAL AB 21 -56.02 18.40 0.67
CA VAL AB 21 -56.74 19.05 -0.42
C VAL AB 21 -58.22 18.67 -0.38
N VAL AB 22 -58.51 17.40 -0.14
CA VAL AB 22 -59.89 16.95 -0.05
C VAL AB 22 -60.63 17.69 1.05
N LEU AB 23 -59.99 17.85 2.21
CA LEU AB 23 -60.64 18.57 3.31
C LEU AB 23 -60.84 20.05 2.99
N PHE AB 24 -59.86 20.67 2.34
CA PHE AB 24 -59.97 22.08 1.98
C PHE AB 24 -61.15 22.31 1.05
N ALA AB 25 -61.36 21.39 0.11
CA ALA AB 25 -62.49 21.51 -0.82
C ALA AB 25 -63.80 21.69 -0.07
N PHE AB 26 -64.04 20.85 0.95
CA PHE AB 26 -65.26 20.99 1.75
C PHE AB 26 -65.21 22.25 2.60
N GLY AB 27 -64.04 22.60 3.13
CA GLY AB 27 -63.94 23.80 3.95
C GLY AB 27 -64.31 25.07 3.22
N LEU AB 28 -64.27 25.05 1.89
CA LEU AB 28 -64.67 26.25 1.14
C LEU AB 28 -66.17 26.56 1.26
N ILE AB 29 -67.06 25.56 1.23
CA ILE AB 29 -68.48 25.82 0.98
C ILE AB 29 -69.16 26.69 2.03
N PRO AB 30 -68.91 26.55 3.33
CA PRO AB 30 -69.64 27.41 4.29
C PRO AB 30 -69.36 28.88 4.10
N GLY AB 31 -68.21 29.24 3.52
CA GLY AB 31 -67.97 30.63 3.18
C GLY AB 31 -68.81 31.10 2.01
N ILE AB 32 -68.91 30.27 0.97
CA ILE AB 32 -69.67 30.65 -0.21
C ILE AB 32 -71.16 30.71 0.09
N SER AB 33 -71.61 29.99 1.13
CA SER AB 33 -73.02 30.10 1.50
C SER AB 33 -73.38 31.51 1.97
N ASN AB 34 -72.40 32.31 2.36
CA ASN AB 34 -72.67 33.68 2.78
C ASN AB 34 -73.15 34.56 1.64
N GLN AB 35 -73.01 34.10 0.38
CA GLN AB 35 -73.46 34.89 -0.75
C GLN AB 35 -74.97 35.14 -0.72
N GLY AB 36 -75.74 34.34 0.01
CA GLY AB 36 -77.16 34.52 0.09
C GLY AB 36 -77.66 34.80 1.49
N SER AB 37 -76.91 35.61 2.23
CA SER AB 37 -77.25 35.86 3.63
C SER AB 37 -78.56 36.62 3.76
N ILE AB 38 -78.86 37.51 2.83
CA ILE AB 38 -79.91 38.53 3.01
C ILE AB 38 -81.09 38.23 2.11
N GLN AB 39 -82.29 38.44 2.66
CA GLN AB 39 -83.54 38.38 1.91
C GLN AB 39 -84.33 39.67 2.16
N VAL AB 40 -84.81 40.29 1.10
CA VAL AB 40 -85.65 41.47 1.20
C VAL AB 40 -87.10 41.00 1.01
N LEU AB 41 -87.93 41.20 2.03
CA LEU AB 41 -89.26 40.61 2.03
C LEU AB 41 -90.32 41.68 2.30
N GLY AB 42 -91.46 41.55 1.63
CA GLY AB 42 -92.50 42.54 1.69
C GLY AB 42 -92.27 43.66 0.70
N SER AB 43 -93.33 44.43 0.47
CA SER AB 43 -93.24 45.56 -0.45
C SER AB 43 -92.72 46.78 0.28
N GLY AB 44 -91.65 47.38 -0.27
CA GLY AB 44 -91.08 48.58 0.30
C GLY AB 44 -91.81 49.83 -0.15
N THR AB 45 -91.33 50.96 0.36
CA THR AB 45 -91.94 52.25 0.04
C THR AB 45 -90.86 53.29 -0.22
N ILE AB 46 -91.11 54.14 -1.21
CA ILE AB 46 -90.22 55.26 -1.55
C ILE AB 46 -91.03 56.55 -1.42
N THR AB 47 -90.47 57.53 -0.71
CA THR AB 47 -91.19 58.75 -0.35
C THR AB 47 -90.35 59.98 -0.66
N ASN AB 48 -91.02 61.06 -1.06
CA ASN AB 48 -90.34 62.33 -1.32
C ASN AB 48 -89.84 62.92 0.00
N SER AB 49 -88.55 63.27 0.03
CA SER AB 49 -87.93 63.77 1.26
C SER AB 49 -87.02 64.96 0.97
N THR AB 50 -87.36 65.76 -0.05
CA THR AB 50 -86.43 66.75 -0.58
C THR AB 50 -86.46 68.08 0.16
N ALA AB 51 -87.42 68.27 1.07
CA ALA AB 51 -87.56 69.52 1.83
C ALA AB 51 -87.86 70.70 0.91
N SER AB 52 -88.95 70.58 0.15
CA SER AB 52 -89.54 71.68 -0.61
C SER AB 52 -88.56 72.35 -1.58
N GLY AB 53 -87.60 71.58 -2.09
CA GLY AB 53 -86.64 72.13 -3.02
C GLY AB 53 -85.32 72.55 -2.41
N SER AB 54 -85.11 72.30 -1.13
CA SER AB 54 -83.86 72.67 -0.46
C SER AB 54 -82.76 71.63 -0.64
N SER AB 55 -83.01 70.57 -1.40
CA SER AB 55 -82.05 69.47 -1.53
C SER AB 55 -82.16 68.85 -2.91
N ARG AB 56 -81.10 68.14 -3.31
CA ARG AB 56 -81.02 67.57 -4.66
C ARG AB 56 -81.90 66.32 -4.79
N THR AB 57 -83.21 66.52 -4.64
CA THR AB 57 -84.23 65.50 -4.88
C THR AB 57 -83.90 64.19 -4.16
N ILE AB 58 -83.92 64.27 -2.82
CA ILE AB 58 -83.55 63.12 -2.01
C ILE AB 58 -84.81 62.37 -1.59
N TYR AB 59 -84.80 61.05 -1.79
CA TYR AB 59 -85.94 60.18 -1.52
C TYR AB 59 -85.64 59.29 -0.32
N ASN AB 60 -86.69 58.61 0.15
CA ASN AB 60 -86.65 57.76 1.33
C ASN AB 60 -87.00 56.34 0.88
N ILE AB 61 -86.10 55.39 1.07
CA ILE AB 61 -86.36 53.99 0.74
C ILE AB 61 -86.49 53.22 2.06
N THR AB 62 -87.64 52.60 2.26
CA THR AB 62 -87.89 51.74 3.41
C THR AB 62 -88.23 50.34 2.92
N ILE AB 63 -87.49 49.35 3.41
CA ILE AB 63 -87.65 47.96 3.01
C ILE AB 63 -87.39 47.06 4.21
N THR AB 64 -88.12 45.96 4.32
CA THR AB 64 -87.90 45.00 5.39
C THR AB 64 -86.85 43.98 4.95
N VAL AB 65 -85.75 43.91 5.70
CA VAL AB 65 -84.60 43.09 5.33
C VAL AB 65 -84.36 42.08 6.45
N LYS AB 66 -84.09 40.83 6.05
CA LYS AB 66 -83.77 39.74 6.96
C LYS AB 66 -82.36 39.26 6.66
N ASN AB 67 -81.54 39.20 7.71
CA ASN AB 67 -80.15 38.78 7.58
C ASN AB 67 -79.99 37.42 8.26
N THR AB 68 -79.54 36.43 7.49
CA THR AB 68 -79.34 35.08 7.98
C THR AB 68 -77.88 34.80 8.31
N GLY AB 69 -76.95 35.55 7.74
CA GLY AB 69 -75.55 35.35 8.01
C GLY AB 69 -75.15 35.78 9.41
N THR AB 70 -73.89 35.53 9.73
CA THR AB 70 -73.36 35.79 11.07
C THR AB 70 -72.63 37.13 11.18
N THR AB 71 -72.62 37.93 10.13
CA THR AB 71 -71.95 39.22 10.14
C THR AB 71 -72.92 40.33 9.75
N SER AB 72 -72.66 41.53 10.26
CA SER AB 72 -73.47 42.68 9.87
C SER AB 72 -73.18 43.06 8.42
N ILE AB 73 -74.22 43.28 7.65
CA ILE AB 73 -74.10 43.50 6.21
C ILE AB 73 -74.78 44.83 5.87
N SER AB 74 -74.15 45.57 4.95
CA SER AB 74 -74.54 46.94 4.65
C SER AB 74 -74.95 47.09 3.20
N VAL AB 75 -75.77 48.10 2.93
CA VAL AB 75 -76.23 48.42 1.58
C VAL AB 75 -75.14 49.24 0.90
N THR AB 76 -74.54 48.70 -0.16
CA THR AB 76 -73.47 49.40 -0.86
C THR AB 76 -73.97 50.27 -1.99
N SER AB 77 -75.00 49.84 -2.72
CA SER AB 77 -75.52 50.63 -3.82
C SER AB 77 -76.96 50.20 -4.08
N ILE AB 78 -77.69 51.05 -4.82
CA ILE AB 78 -79.08 50.76 -5.16
C ILE AB 78 -79.35 51.23 -6.59
N ASN AB 79 -80.15 50.44 -7.30
CA ASN AB 79 -80.59 50.75 -8.65
C ASN AB 79 -82.11 50.65 -8.67
N ILE AB 80 -82.78 51.73 -9.07
CA ILE AB 80 -84.24 51.82 -9.04
C ILE AB 80 -84.74 51.88 -10.48
N ASN AB 81 -85.46 50.84 -10.90
CA ASN AB 81 -86.07 50.77 -12.22
C ASN AB 81 -85.04 51.01 -13.33
N GLY AB 82 -83.84 50.46 -13.14
CA GLY AB 82 -82.78 50.60 -14.11
C GLY AB 82 -81.94 51.85 -13.97
N GLN AB 83 -82.37 52.83 -13.16
CA GLN AB 83 -81.61 54.06 -12.98
C GLN AB 83 -80.72 53.96 -11.73
N PRO AB 84 -79.43 54.25 -11.86
CA PRO AB 84 -78.54 54.16 -10.70
C PRO AB 84 -78.90 55.19 -9.65
N PHE AB 85 -78.61 54.88 -8.38
CA PHE AB 85 -78.89 55.78 -7.29
C PHE AB 85 -77.74 55.74 -6.30
N ASN AB 86 -77.58 56.83 -5.53
CA ASN AB 86 -76.50 56.96 -4.57
C ASN AB 86 -77.08 57.24 -3.19
N ILE AB 87 -76.61 56.50 -2.19
CA ILE AB 87 -77.07 56.73 -0.82
C ILE AB 87 -76.50 58.05 -0.31
N ASN AB 88 -77.36 58.86 0.33
CA ASN AB 88 -76.94 60.20 0.75
C ASN AB 88 -76.19 60.21 2.08
N GLY AB 89 -76.61 59.40 3.05
CA GLY AB 89 -75.93 59.31 4.32
C GLY AB 89 -74.98 58.13 4.39
N THR AB 90 -74.60 57.77 5.60
CA THR AB 90 -73.84 56.54 5.80
C THR AB 90 -74.74 55.35 5.51
N ALA AB 91 -74.14 54.30 4.97
CA ALA AB 91 -74.92 53.15 4.55
C ALA AB 91 -75.56 52.46 5.75
N PRO AB 92 -76.83 52.07 5.65
CA PRO AB 92 -77.43 51.28 6.73
C PRO AB 92 -76.85 49.89 6.79
N SER AB 93 -76.86 49.30 7.98
CA SER AB 93 -76.28 47.98 8.20
C SER AB 93 -77.28 47.11 8.94
N ILE AB 94 -77.42 45.86 8.51
CA ILE AB 94 -78.37 44.91 9.08
C ILE AB 94 -77.59 43.94 9.95
N PRO AB 95 -77.88 43.87 11.26
CA PRO AB 95 -77.15 42.94 12.13
C PRO AB 95 -77.53 41.50 11.85
N ALA AB 96 -76.71 40.59 12.38
CA ALA AB 96 -76.91 39.17 12.15
C ALA AB 96 -78.21 38.68 12.79
N GLY AB 97 -78.90 37.78 12.09
CA GLY AB 97 -80.11 37.16 12.60
C GLY AB 97 -81.32 38.04 12.64
N ARG AB 98 -81.20 39.34 12.37
CA ARG AB 98 -82.30 40.27 12.51
C ARG AB 98 -83.20 40.28 11.29
N THR AB 99 -84.46 40.64 11.52
CA THR AB 99 -85.39 41.04 10.48
C THR AB 99 -85.94 42.40 10.87
N GLN AB 100 -85.61 43.43 10.09
CA GLN AB 100 -85.95 44.78 10.53
C GLN AB 100 -86.18 45.68 9.34
N PRO AB 101 -86.92 46.78 9.53
CA PRO AB 101 -87.09 47.77 8.45
C PRO AB 101 -85.90 48.69 8.31
N ILE AB 102 -85.18 48.56 7.21
CA ILE AB 102 -84.10 49.46 6.85
C ILE AB 102 -84.68 50.66 6.13
N THR AB 103 -84.29 51.86 6.55
CA THR AB 103 -84.69 53.10 5.90
C THR AB 103 -83.45 53.92 5.60
N PHE AB 104 -83.33 54.39 4.36
CA PHE AB 104 -82.17 55.20 4.00
C PHE AB 104 -82.52 56.20 2.91
N GLU AB 105 -81.79 57.32 2.93
CA GLU AB 105 -81.99 58.38 1.94
C GLU AB 105 -81.21 58.05 0.67
N VAL AB 106 -81.73 58.51 -0.47
CA VAL AB 106 -81.10 58.20 -1.75
C VAL AB 106 -81.27 59.38 -2.71
N THR AB 107 -80.32 59.49 -3.65
CA THR AB 107 -80.22 60.55 -4.63
C THR AB 107 -80.12 59.93 -6.02
N PRO AB 108 -80.62 60.61 -7.05
CA PRO AB 108 -80.37 60.16 -8.42
C PRO AB 108 -78.90 60.34 -8.77
N ALA AB 109 -78.30 59.28 -9.32
CA ALA AB 109 -76.92 59.38 -9.77
C ALA AB 109 -76.80 60.28 -11.00
N SER AB 110 -77.80 60.24 -11.89
CA SER AB 110 -77.83 61.11 -13.05
C SER AB 110 -79.29 61.36 -13.42
N GLY AB 111 -79.54 62.53 -14.00
CA GLY AB 111 -80.89 62.85 -14.41
C GLY AB 111 -81.79 63.19 -13.22
N LYS AB 112 -83.09 63.15 -13.49
CA LYS AB 112 -84.11 63.48 -12.50
C LYS AB 112 -85.30 62.58 -12.72
N PRO AB 113 -85.34 61.42 -12.06
CA PRO AB 113 -86.45 60.49 -12.28
C PRO AB 113 -87.71 61.00 -11.60
N ASN AB 114 -88.84 60.86 -12.29
CA ASN AB 114 -90.12 61.32 -11.81
C ASN AB 114 -91.00 60.13 -11.49
N PHE AB 115 -91.59 60.13 -10.30
CA PHE AB 115 -92.42 59.03 -9.84
C PHE AB 115 -93.87 59.47 -9.74
N SER AB 116 -94.77 58.53 -10.00
CA SER AB 116 -96.20 58.81 -9.91
C SER AB 116 -96.79 58.14 -8.66
N PRO AB 117 -97.76 58.78 -8.01
CA PRO AB 117 -98.32 58.22 -6.77
C PRO AB 117 -98.91 56.83 -7.00
N GLY AB 118 -98.59 55.91 -6.08
CA GLY AB 118 -99.15 54.58 -6.11
C GLY AB 118 -98.53 53.64 -7.12
N ALA AB 119 -97.59 54.10 -7.93
CA ALA AB 119 -96.96 53.22 -8.91
C ALA AB 119 -95.94 52.31 -8.25
N SER AB 120 -95.68 51.17 -8.87
CA SER AB 120 -94.73 50.19 -8.38
C SER AB 120 -93.44 50.29 -9.19
N TYR AB 121 -92.32 50.47 -8.50
CA TYR AB 121 -91.01 50.59 -9.13
C TYR AB 121 -90.11 49.49 -8.57
N THR AB 122 -89.48 48.75 -9.46
CA THR AB 122 -88.57 47.69 -9.02
C THR AB 122 -87.20 48.27 -8.73
N ALA AB 123 -86.62 47.84 -7.60
CA ALA AB 123 -85.31 48.29 -7.19
C ALA AB 123 -84.46 47.09 -6.81
N THR AB 124 -83.19 47.14 -7.19
CA THR AB 124 -82.23 46.10 -6.81
C THR AB 124 -81.29 46.68 -5.77
N ILE AB 125 -81.31 46.12 -4.56
CA ILE AB 125 -80.45 46.56 -3.48
C ILE AB 125 -79.25 45.64 -3.45
N TYR AB 126 -78.06 46.22 -3.61
CA TYR AB 126 -76.81 45.47 -3.59
C TYR AB 126 -76.20 45.59 -2.21
N PHE AB 127 -76.04 44.46 -1.53
CA PHE AB 127 -75.48 44.43 -0.19
C PHE AB 127 -74.00 44.09 -0.24
N SER AB 128 -73.34 44.20 0.92
CA SER AB 128 -71.90 44.05 0.96
C SER AB 128 -71.45 42.63 0.61
N ASN AB 129 -72.36 41.66 0.63
CA ASN AB 129 -72.02 40.32 0.16
C ASN AB 129 -71.84 40.26 -1.35
N GLY AB 130 -72.17 41.33 -2.07
CA GLY AB 130 -72.34 41.26 -3.50
C GLY AB 130 -73.69 40.75 -3.93
N GLN AB 131 -74.53 40.37 -2.98
CA GLN AB 131 -75.87 39.88 -3.29
C GLN AB 131 -76.77 41.02 -3.72
N GLY AB 132 -77.46 40.83 -4.83
CA GLY AB 132 -78.40 41.82 -5.31
C GLY AB 132 -79.83 41.35 -5.17
N ALA AB 133 -80.56 41.94 -4.24
CA ALA AB 133 -81.93 41.53 -3.97
C ALA AB 133 -82.90 42.41 -4.74
N PRO AB 134 -83.73 41.84 -5.62
CA PRO AB 134 -84.81 42.64 -6.23
C PRO AB 134 -85.96 42.81 -5.26
N ALA AB 135 -86.58 43.99 -5.30
CA ALA AB 135 -87.69 44.32 -4.42
C ALA AB 135 -88.59 45.30 -5.15
N THR AB 136 -89.82 45.44 -4.64
CA THR AB 136 -90.81 46.34 -5.23
C THR AB 136 -91.11 47.46 -4.26
N LEU AB 137 -90.96 48.70 -4.71
CA LEU AB 137 -91.22 49.88 -3.92
C LEU AB 137 -92.47 50.56 -4.45
N ILE AB 138 -93.39 50.90 -3.56
CA ILE AB 138 -94.59 51.65 -3.92
C ILE AB 138 -94.36 53.11 -3.55
N TYR AB 139 -94.48 54.00 -4.52
CA TYR AB 139 -94.26 55.41 -4.28
C TYR AB 139 -95.42 55.98 -3.47
N GLN AB 140 -95.10 56.74 -2.43
CA GLN AB 140 -96.09 57.25 -1.50
C GLN AB 140 -96.10 58.77 -1.36
N GLY AB 141 -95.11 59.48 -1.91
CA GLY AB 141 -95.01 60.91 -1.73
C GLY AB 141 -95.98 61.73 -2.55
N LEU BB 1 -31.60 11.20 -4.33
CA LEU BB 1 -31.82 12.65 -4.42
C LEU BB 1 -32.68 13.00 -5.62
N SER BB 2 -32.71 12.10 -6.61
CA SER BB 2 -33.40 12.38 -7.85
C SER BB 2 -34.90 12.59 -7.63
N GLY BB 3 -35.50 11.79 -6.77
CA GLY BB 3 -36.94 11.84 -6.60
C GLY BB 3 -37.45 13.18 -6.15
N ALA BB 4 -36.76 13.80 -5.19
CA ALA BB 4 -37.20 15.09 -4.67
C ALA BB 4 -37.13 16.18 -5.73
N ILE BB 5 -36.04 16.22 -6.49
CA ILE BB 5 -35.89 17.24 -7.53
C ILE BB 5 -36.92 17.02 -8.64
N VAL BB 6 -37.15 15.76 -9.02
CA VAL BB 6 -38.15 15.48 -10.05
C VAL BB 6 -39.55 15.89 -9.57
N ALA BB 7 -39.86 15.58 -8.32
CA ALA BB 7 -41.16 15.98 -7.76
C ALA BB 7 -41.30 17.49 -7.75
N LEU BB 8 -40.23 18.21 -7.39
CA LEU BB 8 -40.30 19.67 -7.39
C LEU BB 8 -40.49 20.22 -8.80
N ILE BB 9 -39.80 19.63 -9.78
CA ILE BB 9 -39.98 20.04 -11.17
C ILE BB 9 -41.44 19.86 -11.59
N LEU BB 10 -42.01 18.70 -11.27
CA LEU BB 10 -43.39 18.43 -11.66
C LEU BB 10 -44.37 19.33 -10.92
N VAL BB 11 -44.08 19.69 -9.67
CA VAL BB 11 -44.95 20.59 -8.92
C VAL BB 11 -44.97 21.96 -9.58
N ILE BB 12 -43.79 22.49 -9.92
CA ILE BB 12 -43.73 23.81 -10.56
C ILE BB 12 -44.41 23.77 -11.92
N ALA BB 13 -44.18 22.72 -12.69
CA ALA BB 13 -44.80 22.61 -14.01
C ALA BB 13 -46.31 22.49 -13.91
N GLY BB 14 -46.80 21.75 -12.90
CA GLY BB 14 -48.23 21.67 -12.69
C GLY BB 14 -48.83 23.02 -12.37
N VAL BB 15 -48.13 23.80 -11.52
CA VAL BB 15 -48.58 25.17 -11.25
C VAL BB 15 -48.68 25.96 -12.56
N ILE BB 16 -47.65 25.85 -13.39
CA ILE BB 16 -47.62 26.61 -14.64
C ILE BB 16 -48.80 26.24 -15.54
N ILE BB 17 -49.00 24.94 -15.75
CA ILE BB 17 -50.03 24.50 -16.69
C ILE BB 17 -51.42 24.80 -16.14
N ALA BB 18 -51.61 24.63 -14.83
CA ALA BB 18 -52.91 24.94 -14.23
C ALA BB 18 -53.24 26.41 -14.36
N ILE BB 19 -52.26 27.28 -14.10
CA ILE BB 19 -52.52 28.72 -14.24
C ILE BB 19 -52.80 29.06 -15.70
N ALA BB 20 -52.11 28.40 -16.63
CA ALA BB 20 -52.39 28.63 -18.05
C ALA BB 20 -53.82 28.25 -18.40
N VAL BB 21 -54.31 27.11 -17.88
CA VAL BB 21 -55.67 26.69 -18.15
C VAL BB 21 -56.68 27.65 -17.52
N VAL BB 22 -56.37 28.16 -16.32
CA VAL BB 22 -57.26 29.12 -15.68
C VAL BB 22 -57.35 30.40 -16.49
N LEU BB 23 -56.22 30.88 -17.00
CA LEU BB 23 -56.23 32.07 -17.84
C LEU BB 23 -56.98 31.83 -19.14
N PHE BB 24 -56.87 30.61 -19.69
CA PHE BB 24 -57.66 30.26 -20.87
C PHE BB 24 -59.15 30.31 -20.57
N ALA BB 25 -59.54 29.79 -19.40
CA ALA BB 25 -60.95 29.85 -19.00
C ALA BB 25 -61.42 31.29 -18.89
N PHE BB 26 -60.59 32.16 -18.32
CA PHE BB 26 -60.94 33.57 -18.24
C PHE BB 26 -61.02 34.21 -19.63
N GLY BB 27 -60.18 33.78 -20.56
CA GLY BB 27 -60.21 34.31 -21.90
C GLY BB 27 -61.37 33.83 -22.75
N LEU BB 28 -61.98 32.70 -22.39
CA LEU BB 28 -63.16 32.25 -23.11
C LEU BB 28 -64.37 33.15 -22.91
N ILE BB 29 -64.46 33.82 -21.78
CA ILE BB 29 -65.66 34.55 -21.37
C ILE BB 29 -66.14 35.56 -22.41
N PRO BB 30 -65.28 36.41 -23.00
CA PRO BB 30 -65.77 37.39 -23.97
C PRO BB 30 -66.49 36.76 -25.16
N GLY BB 31 -66.01 35.62 -25.65
CA GLY BB 31 -66.68 34.99 -26.79
C GLY BB 31 -68.06 34.47 -26.45
N ILE BB 32 -68.21 33.85 -25.29
CA ILE BB 32 -69.49 33.27 -24.92
C ILE BB 32 -70.43 34.34 -24.36
N SER BB 33 -69.90 35.26 -23.57
CA SER BB 33 -70.71 36.30 -22.93
C SER BB 33 -70.92 37.41 -23.93
N ASN BB 34 -72.05 37.35 -24.65
CA ASN BB 34 -72.38 38.30 -25.70
C ASN BB 34 -73.86 38.64 -25.55
N GLN BB 35 -74.15 39.69 -24.78
CA GLN BB 35 -75.51 40.16 -24.63
C GLN BB 35 -75.95 40.89 -25.89
N GLY BB 36 -77.22 41.24 -25.93
CA GLY BB 36 -77.77 41.92 -27.09
C GLY BB 36 -78.30 40.94 -28.10
N SER BB 37 -79.38 41.32 -28.79
CA SER BB 37 -80.04 40.43 -29.72
C SER BB 37 -80.87 41.27 -30.67
N ILE BB 38 -81.31 40.65 -31.76
CA ILE BB 38 -82.28 41.28 -32.63
C ILE BB 38 -83.68 41.01 -32.07
N GLN BB 39 -84.44 42.07 -31.88
CA GLN BB 39 -85.79 42.01 -31.34
C GLN BB 39 -86.77 42.42 -32.43
N VAL BB 40 -87.80 41.62 -32.64
CA VAL BB 40 -88.81 41.90 -33.65
C VAL BB 40 -89.99 42.55 -32.94
N LEU BB 41 -90.30 43.78 -33.34
CA LEU BB 41 -91.27 44.63 -32.66
C LEU BB 41 -92.56 44.69 -33.48
N GLY BB 42 -93.67 44.35 -32.85
CA GLY BB 42 -94.96 44.43 -33.50
C GLY BB 42 -95.15 43.38 -34.57
N SER BB 43 -96.29 43.47 -35.24
CA SER BB 43 -96.63 42.52 -36.30
C SER BB 43 -96.03 42.96 -37.62
N GLY BB 44 -95.52 41.98 -38.39
CA GLY BB 44 -95.07 42.22 -39.74
C GLY BB 44 -96.16 41.92 -40.75
N THR BB 45 -95.81 42.07 -42.02
CA THR BB 45 -96.76 41.90 -43.10
C THR BB 45 -96.16 41.05 -44.22
N ILE BB 46 -97.00 40.17 -44.78
CA ILE BB 46 -96.67 39.39 -45.98
C ILE BB 46 -97.51 39.91 -47.13
N THR BB 47 -96.88 40.24 -48.25
CA THR BB 47 -97.57 40.74 -49.42
C THR BB 47 -97.18 39.90 -50.62
N ASN BB 48 -98.12 39.63 -51.51
CA ASN BB 48 -97.85 38.79 -52.68
C ASN BB 48 -97.08 39.59 -53.72
N SER BB 49 -95.83 39.21 -53.97
CA SER BB 49 -95.00 39.88 -54.95
C SER BB 49 -94.97 39.19 -56.31
N THR BB 50 -95.52 37.98 -56.41
CA THR BB 50 -95.53 37.26 -57.68
C THR BB 50 -96.31 38.05 -58.72
N ALA BB 51 -95.74 38.13 -59.93
CA ALA BB 51 -96.33 38.96 -60.97
C ALA BB 51 -96.04 38.36 -62.33
N SER BB 52 -96.80 38.83 -63.33
CA SER BB 52 -96.59 38.52 -64.74
C SER BB 52 -96.75 37.04 -65.06
N GLY BB 53 -97.42 36.29 -64.19
CA GLY BB 53 -97.61 34.88 -64.43
C GLY BB 53 -96.34 34.05 -64.44
N SER BB 54 -95.26 34.57 -63.85
CA SER BB 54 -94.03 33.80 -63.75
C SER BB 54 -94.22 32.60 -62.83
N SER BB 55 -93.37 31.60 -63.02
CA SER BB 55 -93.62 30.29 -62.40
C SER BB 55 -93.37 30.29 -60.90
N ARG BB 56 -92.52 31.19 -60.40
CA ARG BB 56 -92.05 31.12 -59.02
C ARG BB 56 -92.75 32.17 -58.17
N THR BB 57 -93.32 31.73 -57.05
CA THR BB 57 -94.01 32.62 -56.14
C THR BB 57 -93.03 33.31 -55.20
N ILE BB 58 -93.15 34.62 -55.08
CA ILE BB 58 -92.29 35.43 -54.22
C ILE BB 58 -93.17 36.31 -53.35
N TYR BB 59 -92.80 36.46 -52.08
CA TYR BB 59 -93.55 37.25 -51.12
C TYR BB 59 -92.67 38.27 -50.45
N ASN BB 60 -93.20 39.48 -50.31
CA ASN BB 60 -92.59 40.53 -49.52
C ASN BB 60 -92.89 40.28 -48.05
N ILE BB 61 -91.87 40.39 -47.21
CA ILE BB 61 -92.05 40.32 -45.76
C ILE BB 61 -91.45 41.58 -45.17
N THR BB 62 -92.27 42.33 -44.44
CA THR BB 62 -91.85 43.56 -43.79
C THR BB 62 -92.01 43.41 -42.29
N ILE BB 63 -90.94 43.68 -41.53
CA ILE BB 63 -90.96 43.59 -40.08
C ILE BB 63 -90.15 44.74 -39.50
N THR BB 64 -90.49 45.14 -38.28
CA THR BB 64 -89.69 46.13 -37.56
C THR BB 64 -88.70 45.40 -36.66
N VAL BB 65 -87.42 45.72 -36.81
CA VAL BB 65 -86.34 44.98 -36.17
C VAL BB 65 -85.41 45.94 -35.46
N LYS BB 66 -85.07 45.63 -34.22
CA LYS BB 66 -84.21 46.45 -33.36
C LYS BB 66 -83.00 45.61 -32.97
N ASN BB 67 -81.82 46.01 -33.43
CA ASN BB 67 -80.59 45.28 -33.13
C ASN BB 67 -80.00 45.88 -31.86
N THR BB 68 -80.13 45.16 -30.74
CA THR BB 68 -79.62 45.64 -29.47
C THR BB 68 -78.14 45.37 -29.29
N GLY BB 69 -77.52 44.58 -30.18
CA GLY BB 69 -76.13 44.23 -30.03
C GLY BB 69 -75.18 45.27 -30.61
N THR BB 70 -73.90 44.95 -30.58
CA THR BB 70 -72.85 45.80 -31.10
C THR BB 70 -72.30 45.33 -32.44
N THR BB 71 -72.96 44.36 -33.08
CA THR BB 71 -72.45 43.78 -34.32
C THR BB 71 -73.56 43.75 -35.36
N SER BB 72 -73.15 43.84 -36.63
CA SER BB 72 -74.09 43.75 -37.73
C SER BB 72 -74.60 42.32 -37.85
N ILE BB 73 -75.91 42.18 -38.12
CA ILE BB 73 -76.55 40.88 -38.16
C ILE BB 73 -77.48 40.84 -39.35
N SER BB 74 -77.57 39.67 -40.00
CA SER BB 74 -78.39 39.47 -41.18
C SER BB 74 -79.32 38.29 -40.98
N VAL BB 75 -80.43 38.29 -41.74
CA VAL BB 75 -81.36 37.18 -41.73
C VAL BB 75 -80.80 36.04 -42.56
N THR BB 76 -81.16 34.81 -42.19
CA THR BB 76 -80.65 33.65 -42.91
C THR BB 76 -81.79 32.76 -43.42
N SER BB 77 -82.93 32.76 -42.72
CA SER BB 77 -84.06 31.96 -43.12
C SER BB 77 -85.29 32.45 -42.37
N ILE BB 78 -86.45 32.02 -42.85
CA ILE BB 78 -87.71 32.28 -42.17
C ILE BB 78 -88.60 31.04 -42.31
N ASN BB 79 -89.35 30.74 -41.26
CA ASN BB 79 -90.32 29.66 -41.24
C ASN BB 79 -91.70 30.26 -40.96
N ILE BB 80 -92.63 30.10 -41.91
CA ILE BB 80 -93.95 30.68 -41.79
C ILE BB 80 -94.98 29.56 -41.79
N ASN BB 81 -95.80 29.52 -40.75
CA ASN BB 81 -96.89 28.55 -40.64
C ASN BB 81 -96.39 27.11 -40.73
N GLY BB 82 -95.19 26.86 -40.21
CA GLY BB 82 -94.58 25.55 -40.25
C GLY BB 82 -93.87 25.21 -41.54
N GLN BB 83 -93.87 26.11 -42.52
CA GLN BB 83 -93.30 25.89 -43.84
C GLN BB 83 -92.03 26.71 -43.99
N PRO BB 84 -90.92 26.14 -44.44
CA PRO BB 84 -89.68 26.92 -44.58
C PRO BB 84 -89.69 27.73 -45.87
N PHE BB 85 -89.09 28.92 -45.81
CA PHE BB 85 -88.95 29.79 -46.96
C PHE BB 85 -87.50 30.19 -47.12
N ASN BB 86 -87.09 30.42 -48.36
CA ASN BB 86 -85.73 30.84 -48.67
C ASN BB 86 -85.72 32.33 -48.93
N ILE BB 87 -84.71 33.02 -48.37
CA ILE BB 87 -84.61 34.47 -48.52
C ILE BB 87 -84.00 34.78 -49.88
N ASN BB 88 -84.87 35.03 -50.86
CA ASN BB 88 -84.41 35.43 -52.19
C ASN BB 88 -83.56 36.69 -52.09
N GLY BB 89 -82.45 36.69 -52.83
CA GLY BB 89 -81.62 37.86 -52.97
C GLY BB 89 -80.65 38.05 -51.82
N THR BB 90 -79.88 39.12 -51.92
CA THR BB 90 -78.97 39.52 -50.85
C THR BB 90 -79.76 39.78 -49.58
N ALA BB 91 -79.49 38.98 -48.56
CA ALA BB 91 -80.26 39.06 -47.32
C ALA BB 91 -79.99 40.41 -46.64
N PRO BB 92 -81.03 41.06 -46.11
CA PRO BB 92 -80.83 42.36 -45.46
C PRO BB 92 -79.97 42.24 -44.21
N SER BB 93 -79.20 43.28 -43.96
CA SER BB 93 -78.33 43.37 -42.78
C SER BB 93 -78.85 44.48 -41.88
N ILE BB 94 -78.91 44.19 -40.58
CA ILE BB 94 -79.44 45.12 -39.59
C ILE BB 94 -78.27 45.73 -38.84
N PRO BB 95 -78.01 47.03 -38.96
CA PRO BB 95 -76.87 47.63 -38.28
C PRO BB 95 -77.03 47.63 -36.77
N ALA BB 96 -75.90 47.75 -36.08
CA ALA BB 96 -75.88 47.68 -34.63
C ALA BB 96 -76.61 48.87 -34.01
N GLY BB 97 -77.35 48.60 -32.94
CA GLY BB 97 -77.98 49.65 -32.16
C GLY BB 97 -79.09 50.40 -32.83
N ARG BB 98 -79.64 49.88 -33.94
CA ARG BB 98 -80.57 50.63 -34.76
C ARG BB 98 -81.90 49.90 -34.89
N THR BB 99 -82.98 50.66 -34.89
CA THR BB 99 -84.32 50.15 -35.16
C THR BB 99 -84.72 50.52 -36.58
N GLN BB 100 -85.07 49.53 -37.38
CA GLN BB 100 -85.37 49.75 -38.79
C GLN BB 100 -86.60 48.96 -39.21
N PRO BB 101 -87.37 49.49 -40.16
CA PRO BB 101 -88.27 48.64 -40.95
C PRO BB 101 -87.45 47.89 -42.00
N ILE BB 102 -87.43 46.57 -41.90
CA ILE BB 102 -86.64 45.71 -42.76
C ILE BB 102 -87.59 44.89 -43.63
N THR BB 103 -87.37 44.92 -44.93
CA THR BB 103 -88.23 44.26 -45.91
C THR BB 103 -87.38 43.37 -46.80
N PHE BB 104 -87.84 42.14 -47.02
CA PHE BB 104 -87.09 41.20 -47.84
C PHE BB 104 -88.04 40.25 -48.55
N GLU BB 105 -87.58 39.71 -49.68
CA GLU BB 105 -88.38 38.80 -50.48
C GLU BB 105 -88.03 37.36 -50.16
N VAL BB 106 -89.06 36.51 -50.11
CA VAL BB 106 -88.91 35.10 -49.78
C VAL BB 106 -89.63 34.27 -50.83
N THR BB 107 -89.18 33.02 -50.96
CA THR BB 107 -89.82 32.03 -51.81
C THR BB 107 -90.00 30.75 -51.02
N PRO BB 108 -91.07 30.00 -51.26
CA PRO BB 108 -91.27 28.74 -50.53
C PRO BB 108 -90.19 27.73 -50.89
N ALA BB 109 -89.59 27.13 -49.87
CA ALA BB 109 -88.59 26.11 -50.11
C ALA BB 109 -89.21 24.85 -50.70
N SER BB 110 -90.46 24.55 -50.34
CA SER BB 110 -91.18 23.42 -50.91
C SER BB 110 -92.67 23.69 -50.81
N GLY BB 111 -93.42 23.02 -51.68
CA GLY BB 111 -94.87 23.14 -51.65
C GLY BB 111 -95.33 24.54 -52.05
N LYS BB 112 -96.53 24.89 -51.57
CA LYS BB 112 -97.10 26.20 -51.84
C LYS BB 112 -97.86 26.69 -50.62
N PRO BB 113 -97.78 27.99 -50.32
CA PRO BB 113 -98.49 28.53 -49.16
C PRO BB 113 -99.99 28.60 -49.41
N ASN BB 114 -100.73 28.66 -48.30
CA ASN BB 114 -102.19 28.76 -48.32
C ASN BB 114 -102.68 30.04 -47.64
N PHE BB 115 -101.95 31.13 -47.81
CA PHE BB 115 -102.26 32.35 -47.07
C PHE BB 115 -103.65 32.87 -47.44
N SER BB 116 -104.31 33.45 -46.44
CA SER BB 116 -105.63 34.05 -46.60
C SER BB 116 -105.56 35.52 -46.21
N PRO BB 117 -106.27 36.39 -46.93
CA PRO BB 117 -106.21 37.83 -46.63
C PRO BB 117 -106.65 38.12 -45.21
N GLY BB 118 -105.87 38.93 -44.51
CA GLY BB 118 -106.18 39.32 -43.15
C GLY BB 118 -105.81 38.32 -42.08
N ALA BB 119 -105.39 37.11 -42.45
CA ALA BB 119 -105.03 36.11 -41.47
C ALA BB 119 -103.66 36.41 -40.86
N SER BB 120 -103.46 35.98 -39.63
CA SER BB 120 -102.21 36.17 -38.91
C SER BB 120 -101.52 34.82 -38.76
N TYR BB 121 -100.26 34.77 -39.20
CA TYR BB 121 -99.48 33.54 -39.22
C TYR BB 121 -98.26 33.69 -38.34
N THR BB 122 -98.03 32.71 -37.48
CA THR BB 122 -96.83 32.71 -36.65
C THR BB 122 -95.62 32.29 -37.48
N ALA BB 123 -94.56 33.07 -37.40
CA ALA BB 123 -93.33 32.82 -38.13
C ALA BB 123 -92.14 32.89 -37.19
N THR BB 124 -91.02 32.38 -37.67
CA THR BB 124 -89.75 32.44 -36.94
C THR BB 124 -88.68 32.91 -37.90
N ILE BB 125 -88.00 33.99 -37.57
CA ILE BB 125 -86.95 34.56 -38.40
C ILE BB 125 -85.61 34.22 -37.78
N TYR BB 126 -84.72 33.62 -38.56
CA TYR BB 126 -83.43 33.14 -38.06
C TYR BB 126 -82.33 34.09 -38.53
N PHE BB 127 -81.51 34.54 -37.58
CA PHE BB 127 -80.49 35.52 -37.85
C PHE BB 127 -79.10 34.86 -37.78
N SER BB 128 -78.10 35.63 -38.21
CA SER BB 128 -76.76 35.07 -38.42
C SER BB 128 -76.15 34.51 -37.15
N ASN BB 129 -76.57 34.97 -35.97
CA ASN BB 129 -76.06 34.39 -34.73
C ASN BB 129 -76.62 33.00 -34.46
N GLY BB 130 -77.62 32.56 -35.23
CA GLY BB 130 -78.34 31.36 -34.92
C GLY BB 130 -79.58 31.56 -34.09
N GLN BB 131 -79.70 32.72 -33.44
CA GLN BB 131 -80.90 33.03 -32.69
C GLN BB 131 -82.09 33.21 -33.62
N GLY BB 132 -83.27 32.84 -33.13
CA GLY BB 132 -84.47 32.91 -33.92
C GLY BB 132 -85.60 33.64 -33.20
N ALA BB 133 -86.09 34.70 -33.81
CA ALA BB 133 -87.14 35.51 -33.19
C ALA BB 133 -88.51 35.06 -33.69
N PRO BB 134 -89.42 34.66 -32.81
CA PRO BB 134 -90.81 34.45 -33.24
C PRO BB 134 -91.50 35.78 -33.52
N ALA BB 135 -92.36 35.78 -34.52
CA ALA BB 135 -93.07 36.97 -34.95
C ALA BB 135 -94.43 36.57 -35.47
N THR BB 136 -95.30 37.57 -35.60
CA THR BB 136 -96.62 37.37 -36.21
C THR BB 136 -96.70 38.20 -37.47
N LEU BB 137 -97.05 37.56 -38.58
CA LEU BB 137 -97.13 38.22 -39.88
C LEU BB 137 -98.56 38.18 -40.37
N ILE BB 138 -99.09 39.34 -40.75
CA ILE BB 138 -100.43 39.45 -41.29
C ILE BB 138 -100.34 39.47 -42.80
N TYR BB 139 -101.14 38.64 -43.46
CA TYR BB 139 -101.13 38.57 -44.92
C TYR BB 139 -102.04 39.67 -45.47
N GLN BB 140 -101.45 40.62 -46.21
CA GLN BB 140 -102.17 41.76 -46.73
C GLN BB 140 -102.66 41.56 -48.16
N GLY BB 141 -102.29 40.47 -48.82
CA GLY BB 141 -102.71 40.24 -50.19
C GLY BB 141 -101.80 40.91 -51.21
N LEU CB 1 -36.18 9.03 -11.26
CA LEU CB 1 -36.62 9.01 -12.66
C LEU CB 1 -38.08 8.58 -12.78
N SER CB 2 -38.60 7.97 -11.70
CA SER CB 2 -39.92 7.36 -11.75
C SER CB 2 -41.03 8.39 -11.95
N GLY CB 3 -40.90 9.55 -11.30
CA GLY CB 3 -42.01 10.51 -11.27
C GLY CB 3 -42.42 10.98 -12.65
N ALA CB 4 -41.45 11.27 -13.52
CA ALA CB 4 -41.78 11.74 -14.86
C ALA CB 4 -42.49 10.65 -15.67
N ILE CB 5 -42.07 9.40 -15.51
CA ILE CB 5 -42.73 8.29 -16.18
C ILE CB 5 -44.18 8.17 -15.73
N VAL CB 6 -44.41 8.25 -14.41
CA VAL CB 6 -45.77 8.17 -13.88
C VAL CB 6 -46.61 9.33 -14.40
N ALA CB 7 -46.02 10.53 -14.45
CA ALA CB 7 -46.74 11.70 -14.94
C ALA CB 7 -47.13 11.54 -16.39
N LEU CB 8 -46.22 10.99 -17.21
CA LEU CB 8 -46.55 10.75 -18.63
C LEU CB 8 -47.73 9.79 -18.76
N ILE CB 9 -47.69 8.68 -18.02
CA ILE CB 9 -48.78 7.72 -18.07
C ILE CB 9 -50.10 8.39 -17.71
N LEU CB 10 -50.09 9.15 -16.61
CA LEU CB 10 -51.33 9.77 -16.13
C LEU CB 10 -51.84 10.84 -17.07
N VAL CB 11 -50.94 11.60 -17.72
CA VAL CB 11 -51.38 12.62 -18.66
C VAL CB 11 -52.13 11.98 -19.83
N ILE CB 12 -51.55 10.91 -20.40
CA ILE CB 12 -52.19 10.28 -21.54
C ILE CB 12 -53.53 9.66 -21.13
N ALA CB 13 -53.56 9.01 -19.96
CA ALA CB 13 -54.82 8.42 -19.50
C ALA CB 13 -55.88 9.48 -19.27
N GLY CB 14 -55.48 10.64 -18.73
CA GLY CB 14 -56.44 11.71 -18.52
C GLY CB 14 -57.04 12.20 -19.83
N VAL CB 15 -56.20 12.36 -20.86
CA VAL CB 15 -56.72 12.73 -22.17
C VAL CB 15 -57.77 11.73 -22.64
N ILE CB 16 -57.43 10.44 -22.54
CA ILE CB 16 -58.34 9.40 -23.04
C ILE CB 16 -59.67 9.45 -22.30
N ILE CB 17 -59.63 9.51 -20.97
CA ILE CB 17 -60.86 9.43 -20.20
C ILE CB 17 -61.71 10.68 -20.40
N ALA CB 18 -61.07 11.85 -20.50
CA ALA CB 18 -61.84 13.07 -20.73
C ALA CB 18 -62.56 13.03 -22.07
N ILE CB 19 -61.88 12.56 -23.12
CA ILE CB 19 -62.54 12.45 -24.42
C ILE CB 19 -63.70 11.46 -24.35
N ALA CB 20 -63.50 10.35 -23.63
CA ALA CB 20 -64.57 9.37 -23.49
C ALA CB 20 -65.79 9.98 -22.79
N VAL CB 21 -65.57 10.77 -21.75
CA VAL CB 21 -66.68 11.39 -21.04
C VAL CB 21 -67.42 12.38 -21.94
N VAL CB 22 -66.68 13.15 -22.73
CA VAL CB 22 -67.32 14.10 -23.64
C VAL CB 22 -68.19 13.36 -24.65
N LEU CB 23 -67.68 12.26 -25.21
CA LEU CB 23 -68.46 11.50 -26.17
C LEU CB 23 -69.68 10.85 -25.53
N PHE CB 24 -69.57 10.44 -24.26
CA PHE CB 24 -70.75 9.94 -23.55
C PHE CB 24 -71.79 11.02 -23.38
N ALA CB 25 -71.36 12.24 -23.04
CA ALA CB 25 -72.29 13.35 -22.91
C ALA CB 25 -73.03 13.60 -24.22
N PHE CB 26 -72.30 13.51 -25.34
CA PHE CB 26 -72.98 13.66 -26.64
C PHE CB 26 -73.89 12.48 -26.94
N GLY CB 27 -73.53 11.27 -26.50
CA GLY CB 27 -74.34 10.10 -26.80
C GLY CB 27 -75.60 10.00 -25.99
N LEU CB 28 -75.68 10.69 -24.86
CA LEU CB 28 -76.90 10.63 -24.05
C LEU CB 28 -78.11 11.23 -24.76
N ILE CB 29 -77.89 12.17 -25.68
CA ILE CB 29 -79.00 13.01 -26.18
C ILE CB 29 -80.16 12.20 -26.77
N PRO CB 30 -79.94 11.19 -27.61
CA PRO CB 30 -81.09 10.52 -28.25
C PRO CB 30 -82.06 9.90 -27.27
N GLY CB 31 -81.61 9.50 -26.08
CA GLY CB 31 -82.51 8.87 -25.13
C GLY CB 31 -83.55 9.82 -24.58
N ILE CB 32 -83.27 11.13 -24.60
CA ILE CB 32 -84.19 12.10 -24.03
C ILE CB 32 -85.48 12.17 -24.84
N SER CB 33 -85.39 12.00 -26.16
CA SER CB 33 -86.55 12.16 -27.03
C SER CB 33 -87.70 11.23 -26.63
N ASN CB 34 -87.38 10.02 -26.18
CA ASN CB 34 -88.41 9.04 -25.89
C ASN CB 34 -89.24 9.40 -24.67
N GLN CB 35 -88.82 10.39 -23.88
CA GLN CB 35 -89.56 10.77 -22.69
C GLN CB 35 -90.89 11.47 -23.00
N GLY CB 36 -91.18 11.74 -24.28
CA GLY CB 36 -92.41 12.44 -24.63
C GLY CB 36 -93.25 11.72 -25.67
N SER CB 37 -93.14 10.40 -25.75
CA SER CB 37 -93.72 9.66 -26.87
C SER CB 37 -95.24 9.66 -26.84
N ILE CB 38 -95.84 9.66 -25.65
CA ILE CB 38 -97.25 9.34 -25.50
C ILE CB 38 -98.03 10.56 -25.01
N GLN CB 39 -99.28 10.68 -25.49
CA GLN CB 39 -100.21 11.67 -24.96
C GLN CB 39 -101.60 11.08 -24.84
N VAL CB 40 -102.26 11.35 -23.72
CA VAL CB 40 -103.63 10.90 -23.49
C VAL CB 40 -104.59 11.91 -24.08
N LEU CB 41 -105.59 11.42 -24.81
CA LEU CB 41 -106.55 12.27 -25.51
C LEU CB 41 -107.91 12.17 -24.85
N GLY CB 42 -108.46 13.33 -24.47
CA GLY CB 42 -109.82 13.39 -24.00
C GLY CB 42 -110.03 12.71 -22.65
N SER CB 43 -111.30 12.61 -22.28
CA SER CB 43 -111.66 11.98 -21.02
C SER CB 43 -111.63 10.45 -21.16
N GLY CB 44 -111.60 9.80 -20.00
CA GLY CB 44 -111.70 8.35 -19.93
C GLY CB 44 -112.84 7.96 -19.01
N THR CB 45 -113.00 6.64 -18.85
CA THR CB 45 -114.11 6.09 -18.10
C THR CB 45 -113.64 5.06 -17.09
N ILE CB 46 -114.15 5.15 -15.87
CA ILE CB 46 -113.98 4.12 -14.84
C ILE CB 46 -115.29 3.35 -14.73
N THR CB 47 -115.20 2.04 -14.54
CA THR CB 47 -116.36 1.20 -14.39
C THR CB 47 -116.09 0.13 -13.33
N ASN CB 48 -117.12 -0.23 -12.59
CA ASN CB 48 -117.02 -1.22 -11.52
C ASN CB 48 -117.16 -2.63 -12.10
N SER CB 49 -116.19 -3.49 -11.81
CA SER CB 49 -116.06 -4.78 -12.47
C SER CB 49 -115.75 -5.92 -11.49
N THR CB 50 -116.48 -5.97 -10.38
CA THR CB 50 -116.26 -7.01 -9.39
C THR CB 50 -117.57 -7.68 -9.01
N ALA CB 51 -117.49 -8.97 -8.72
CA ALA CB 51 -118.67 -9.78 -8.41
C ALA CB 51 -118.99 -9.74 -6.92
N SER CB 52 -120.16 -10.28 -6.58
CA SER CB 52 -120.60 -10.31 -5.18
C SER CB 52 -119.69 -11.22 -4.36
N GLY CB 53 -119.31 -10.74 -3.18
CA GLY CB 53 -118.46 -11.52 -2.30
C GLY CB 53 -117.03 -11.64 -2.74
N SER CB 54 -116.60 -10.88 -3.74
CA SER CB 54 -115.25 -10.98 -4.25
C SER CB 54 -114.25 -10.49 -3.20
N SER CB 55 -113.00 -10.92 -3.34
CA SER CB 55 -111.95 -10.49 -2.42
C SER CB 55 -111.60 -9.03 -2.61
N ARG CB 56 -111.84 -8.48 -3.81
CA ARG CB 56 -111.32 -7.17 -4.15
C ARG CB 56 -112.24 -6.48 -5.14
N THR CB 57 -112.27 -5.15 -5.06
CA THR CB 57 -112.89 -4.35 -6.10
C THR CB 57 -111.91 -4.18 -7.26
N ILE CB 58 -112.43 -4.31 -8.47
CA ILE CB 58 -111.63 -4.08 -9.68
C ILE CB 58 -112.40 -3.17 -10.62
N TYR CB 59 -111.71 -2.15 -11.13
CA TYR CB 59 -112.31 -1.11 -11.97
C TYR CB 59 -111.67 -1.19 -13.34
N ASN CB 60 -112.51 -1.27 -14.37
CA ASN CB 60 -112.06 -1.14 -15.75
C ASN CB 60 -111.87 0.35 -16.07
N ILE CB 61 -110.71 0.70 -16.58
CA ILE CB 61 -110.40 2.08 -16.95
C ILE CB 61 -110.10 2.10 -18.44
N THR CB 62 -110.84 2.92 -19.17
CA THR CB 62 -110.66 3.10 -20.60
C THR CB 62 -110.21 4.53 -20.88
N ILE CB 63 -109.10 4.67 -21.61
CA ILE CB 63 -108.57 5.98 -21.98
C ILE CB 63 -108.05 5.89 -23.41
N THR CB 64 -108.24 6.96 -24.17
CA THR CB 64 -107.66 7.02 -25.50
C THR CB 64 -106.22 7.53 -25.40
N VAL CB 65 -105.29 6.78 -25.96
CA VAL CB 65 -103.87 7.06 -25.85
C VAL CB 65 -103.26 7.09 -27.25
N LYS CB 66 -102.42 8.10 -27.50
CA LYS CB 66 -101.73 8.25 -28.78
C LYS CB 66 -100.23 8.09 -28.55
N ASN CB 67 -99.63 7.17 -29.30
CA ASN CB 67 -98.20 6.90 -29.21
C ASN CB 67 -97.51 7.44 -30.46
N THR CB 68 -96.43 8.19 -30.26
CA THR CB 68 -95.69 8.80 -31.36
C THR CB 68 -94.30 8.22 -31.56
N GLY CB 69 -93.84 7.31 -30.70
CA GLY CB 69 -92.51 6.77 -30.79
C GLY CB 69 -92.44 5.57 -31.71
N THR CB 70 -91.21 5.05 -31.85
CA THR CB 70 -90.97 3.88 -32.67
C THR CB 70 -91.33 2.58 -31.96
N THR CB 71 -91.47 2.60 -30.65
CA THR CB 71 -91.60 1.39 -29.84
C THR CB 71 -92.93 1.37 -29.11
N SER CB 72 -93.42 0.16 -28.85
CA SER CB 72 -94.64 -0.01 -28.10
C SER CB 72 -94.41 0.30 -26.62
N ILE CB 73 -95.37 0.98 -26.02
CA ILE CB 73 -95.26 1.41 -24.63
C ILE CB 73 -96.50 0.95 -23.87
N SER CB 74 -96.32 0.64 -22.60
CA SER CB 74 -97.38 0.07 -21.77
C SER CB 74 -97.56 0.89 -20.50
N VAL CB 75 -98.74 0.76 -19.89
CA VAL CB 75 -99.01 1.39 -18.62
C VAL CB 75 -98.32 0.63 -17.50
N THR CB 76 -97.85 1.37 -16.48
CA THR CB 76 -97.22 0.77 -15.32
C THR CB 76 -97.93 1.08 -14.02
N SER CB 77 -98.50 2.26 -13.87
CA SER CB 77 -99.25 2.62 -12.67
C SER CB 77 -100.22 3.73 -12.99
N ILE CB 78 -101.27 3.82 -12.19
CA ILE CB 78 -102.24 4.91 -12.30
C ILE CB 78 -102.53 5.42 -10.89
N ASN CB 79 -102.70 6.73 -10.77
CA ASN CB 79 -102.98 7.38 -9.49
C ASN CB 79 -104.21 8.24 -9.67
N ILE CB 80 -105.31 7.83 -9.05
CA ILE CB 80 -106.62 8.44 -9.25
C ILE CB 80 -107.04 9.15 -7.97
N ASN CB 81 -107.37 10.43 -8.09
CA ASN CB 81 -107.90 11.23 -6.97
C ASN CB 81 -106.93 11.25 -5.79
N GLY CB 82 -105.65 11.04 -6.05
CA GLY CB 82 -104.63 11.02 -5.03
C GLY CB 82 -104.24 9.62 -4.58
N GLN CB 83 -105.12 8.63 -4.76
CA GLN CB 83 -104.85 7.28 -4.32
C GLN CB 83 -104.15 6.48 -5.43
N PRO CB 84 -103.10 5.73 -5.10
CA PRO CB 84 -102.46 4.88 -6.10
C PRO CB 84 -103.20 3.56 -6.30
N PHE CB 85 -103.21 3.09 -7.55
CA PHE CB 85 -103.90 1.86 -7.90
C PHE CB 85 -102.93 0.87 -8.53
N ASN CB 86 -103.24 -0.41 -8.41
CA ASN CB 86 -102.40 -1.50 -8.90
C ASN CB 86 -103.10 -2.21 -10.04
N ILE CB 87 -102.37 -2.50 -11.11
CA ILE CB 87 -102.95 -2.98 -12.35
C ILE CB 87 -102.99 -4.51 -12.35
N ASN CB 88 -104.16 -5.08 -12.58
CA ASN CB 88 -104.29 -6.53 -12.73
C ASN CB 88 -103.70 -6.98 -14.06
N GLY CB 89 -103.12 -8.18 -14.05
CA GLY CB 89 -102.79 -8.88 -15.28
C GLY CB 89 -101.74 -8.20 -16.13
N THR CB 90 -101.70 -8.64 -17.39
CA THR CB 90 -100.74 -8.13 -18.35
C THR CB 90 -101.14 -6.74 -18.81
N ALA CB 91 -100.28 -5.76 -18.57
CA ALA CB 91 -100.60 -4.38 -18.92
C ALA CB 91 -100.73 -4.24 -20.43
N PRO CB 92 -101.70 -3.48 -20.92
CA PRO CB 92 -101.86 -3.33 -22.37
C PRO CB 92 -100.69 -2.59 -22.99
N SER CB 93 -100.37 -2.96 -24.23
CA SER CB 93 -99.30 -2.31 -24.98
C SER CB 93 -99.91 -1.41 -26.04
N ILE CB 94 -99.32 -0.23 -26.20
CA ILE CB 94 -99.82 0.75 -27.16
C ILE CB 94 -98.90 0.76 -28.38
N PRO CB 95 -99.38 0.33 -29.55
CA PRO CB 95 -98.50 0.18 -30.71
C PRO CB 95 -97.86 1.50 -31.11
N ALA CB 96 -96.76 1.38 -31.88
CA ALA CB 96 -95.82 2.48 -32.08
C ALA CB 96 -96.50 3.77 -32.51
N GLY CB 97 -97.14 3.76 -33.68
CA GLY CB 97 -97.67 4.97 -34.25
C GLY CB 97 -99.16 5.16 -34.14
N ARG CB 98 -99.86 4.30 -33.43
CA ARG CB 98 -101.32 4.28 -33.48
C ARG CB 98 -101.94 5.01 -32.29
N THR CB 99 -103.18 5.46 -32.49
CA THR CB 99 -104.01 6.05 -31.45
C THR CB 99 -105.13 5.07 -31.13
N GLN CB 100 -105.23 4.64 -29.88
CA GLN CB 100 -106.17 3.59 -29.54
C GLN CB 100 -106.90 3.87 -28.23
N PRO CB 101 -108.18 3.48 -28.14
CA PRO CB 101 -108.81 3.34 -26.82
C PRO CB 101 -108.28 2.09 -26.12
N ILE CB 102 -107.57 2.31 -25.01
CA ILE CB 102 -106.93 1.25 -24.25
C ILE CB 102 -107.70 1.06 -22.95
N THR CB 103 -107.97 -0.19 -22.60
CA THR CB 103 -108.73 -0.54 -21.41
C THR CB 103 -107.90 -1.49 -20.55
N PHE CB 104 -107.89 -1.24 -19.25
CA PHE CB 104 -107.14 -2.08 -18.32
C PHE CB 104 -107.81 -2.11 -16.96
N GLU CB 105 -107.53 -3.16 -16.20
CA GLU CB 105 -108.16 -3.40 -14.91
C GLU CB 105 -107.24 -2.95 -13.79
N VAL CB 106 -107.80 -2.25 -12.80
CA VAL CB 106 -107.03 -1.78 -11.65
C VAL CB 106 -107.78 -2.12 -10.36
N THR CB 107 -107.03 -2.21 -9.27
CA THR CB 107 -107.56 -2.46 -7.94
C THR CB 107 -106.86 -1.51 -6.97
N PRO CB 108 -107.58 -0.99 -5.97
CA PRO CB 108 -106.97 -0.01 -5.07
C PRO CB 108 -105.92 -0.64 -4.18
N ALA CB 109 -104.82 0.09 -3.99
CA ALA CB 109 -103.72 -0.39 -3.15
C ALA CB 109 -103.72 0.25 -1.77
N SER CB 110 -104.07 1.54 -1.68
CA SER CB 110 -104.03 2.23 -0.39
C SER CB 110 -105.27 1.97 0.43
N GLY CB 111 -106.45 2.05 -0.19
CA GLY CB 111 -107.68 1.86 0.54
C GLY CB 111 -108.86 1.98 -0.40
N LYS CB 112 -110.03 1.69 0.15
CA LYS CB 112 -111.25 1.64 -0.66
C LYS CB 112 -111.60 3.02 -1.18
N PRO CB 113 -111.69 3.22 -2.50
CA PRO CB 113 -112.10 4.52 -3.04
C PRO CB 113 -113.61 4.59 -3.15
N ASN CB 114 -114.19 5.70 -2.69
CA ASN CB 114 -115.64 5.89 -2.73
C ASN CB 114 -116.01 6.71 -3.96
N PHE CB 115 -115.92 6.05 -5.11
CA PHE CB 115 -116.31 6.69 -6.36
C PHE CB 115 -117.81 6.99 -6.35
N SER CB 116 -118.17 8.11 -6.96
CA SER CB 116 -119.55 8.56 -7.02
C SER CB 116 -120.04 8.53 -8.46
N PRO CB 117 -121.25 7.98 -8.72
CA PRO CB 117 -121.73 7.89 -10.10
C PRO CB 117 -121.76 9.23 -10.82
N GLY CB 118 -121.12 9.29 -11.99
CA GLY CB 118 -121.09 10.48 -12.79
C GLY CB 118 -120.04 11.51 -12.41
N ALA CB 119 -119.29 11.27 -11.34
CA ALA CB 119 -118.30 12.24 -10.90
C ALA CB 119 -117.09 12.24 -11.82
N SER CB 120 -116.32 13.32 -11.75
CA SER CB 120 -115.12 13.51 -12.54
C SER CB 120 -113.90 13.50 -11.61
N TYR CB 121 -112.89 12.71 -11.97
CA TYR CB 121 -111.71 12.54 -11.13
C TYR CB 121 -110.46 12.80 -11.96
N THR CB 122 -109.49 13.48 -11.35
CA THR CB 122 -108.19 13.64 -11.99
C THR CB 122 -107.34 12.42 -11.74
N ALA CB 123 -106.55 12.04 -12.75
CA ALA CB 123 -105.65 10.91 -12.62
C ALA CB 123 -104.37 11.22 -13.38
N THR CB 124 -103.29 10.55 -12.96
CA THR CB 124 -102.03 10.58 -13.69
C THR CB 124 -101.70 9.16 -14.11
N ILE CB 125 -101.58 8.93 -15.41
CA ILE CB 125 -101.24 7.62 -15.94
C ILE CB 125 -99.75 7.62 -16.25
N TYR CB 126 -99.05 6.62 -15.72
CA TYR CB 126 -97.61 6.52 -15.86
C TYR CB 126 -97.30 5.39 -16.83
N PHE CB 127 -96.53 5.69 -17.86
CA PHE CB 127 -96.24 4.75 -18.93
C PHE CB 127 -94.82 4.21 -18.80
N SER CB 128 -94.55 3.12 -19.53
CA SER CB 128 -93.28 2.44 -19.37
C SER CB 128 -92.09 3.28 -19.82
N ASN CB 129 -92.32 4.29 -20.67
CA ASN CB 129 -91.24 5.17 -21.09
C ASN CB 129 -90.91 6.24 -20.05
N GLY CB 130 -91.41 6.11 -18.83
CA GLY CB 130 -91.14 7.09 -17.80
C GLY CB 130 -91.90 8.39 -17.95
N GLN CB 131 -93.09 8.34 -18.55
CA GLN CB 131 -93.88 9.53 -18.83
C GLN CB 131 -95.15 9.52 -17.99
N GLY CB 132 -95.45 10.65 -17.37
CA GLY CB 132 -96.71 10.85 -16.69
C GLY CB 132 -97.63 11.71 -17.54
N ALA CB 133 -98.90 11.32 -17.59
CA ALA CB 133 -99.88 12.05 -18.38
C ALA CB 133 -101.11 12.35 -17.53
N PRO CB 134 -101.50 13.61 -17.41
CA PRO CB 134 -102.77 13.93 -16.75
C PRO CB 134 -103.95 13.44 -17.58
N ALA CB 135 -105.01 13.04 -16.89
CA ALA CB 135 -106.23 12.60 -17.53
C ALA CB 135 -107.41 12.85 -16.61
N THR CB 136 -108.59 12.91 -17.20
CA THR CB 136 -109.84 13.13 -16.48
C THR CB 136 -110.74 11.93 -16.72
N LEU CB 137 -111.14 11.26 -15.64
CA LEU CB 137 -111.91 10.03 -15.72
C LEU CB 137 -113.30 10.25 -15.14
N ILE CB 138 -114.32 9.87 -15.90
CA ILE CB 138 -115.69 9.90 -15.44
C ILE CB 138 -116.07 8.52 -14.93
N TYR CB 139 -116.68 8.46 -13.75
CA TYR CB 139 -117.10 7.19 -13.17
C TYR CB 139 -118.49 6.85 -13.68
N GLN CB 140 -118.58 5.83 -14.53
CA GLN CB 140 -119.84 5.47 -15.16
C GLN CB 140 -120.72 4.57 -14.29
N GLY CB 141 -120.17 3.98 -13.22
CA GLY CB 141 -120.94 3.09 -12.38
C GLY CB 141 -120.15 1.89 -11.89
N LEU DB 1 -43.03 7.59 -7.61
CA LEU DB 1 -43.92 6.54 -7.14
C LEU DB 1 -45.16 7.14 -6.46
N SER DB 2 -45.02 8.35 -5.93
CA SER DB 2 -46.10 8.97 -5.19
C SER DB 2 -47.22 9.45 -6.10
N GLY DB 3 -46.92 9.75 -7.37
CA GLY DB 3 -47.92 10.32 -8.25
C GLY DB 3 -49.12 9.42 -8.45
N ALA DB 4 -48.88 8.12 -8.62
CA ALA DB 4 -49.98 7.18 -8.80
C ALA DB 4 -50.86 7.10 -7.56
N ILE DB 5 -50.25 7.10 -6.37
CA ILE DB 5 -51.03 7.06 -5.14
C ILE DB 5 -51.86 8.31 -4.98
N VAL DB 6 -51.28 9.48 -5.29
CA VAL DB 6 -52.04 10.73 -5.21
C VAL DB 6 -53.20 10.71 -6.19
N ALA DB 7 -52.96 10.22 -7.41
CA ALA DB 7 -54.04 10.14 -8.40
C ALA DB 7 -55.14 9.21 -7.93
N LEU DB 8 -54.78 8.07 -7.33
CA LEU DB 8 -55.78 7.13 -6.83
C LEU DB 8 -56.62 7.76 -5.73
N ILE DB 9 -55.97 8.44 -4.79
CA ILE DB 9 -56.70 9.09 -3.71
C ILE DB 9 -57.65 10.14 -4.26
N LEU DB 10 -57.18 10.94 -5.21
CA LEU DB 10 -58.02 11.99 -5.77
C LEU DB 10 -59.18 11.41 -6.58
N VAL DB 11 -58.98 10.29 -7.26
CA VAL DB 11 -60.07 9.67 -8.01
C VAL DB 11 -61.16 9.19 -7.07
N ILE DB 12 -60.77 8.46 -6.02
CA ILE DB 12 -61.76 7.94 -5.07
C ILE DB 12 -62.47 9.10 -4.37
N ALA DB 13 -61.71 10.11 -3.97
CA ALA DB 13 -62.31 11.27 -3.30
C ALA DB 13 -63.24 12.03 -4.22
N GLY DB 14 -62.91 12.09 -5.52
CA GLY DB 14 -63.81 12.73 -6.47
C GLY DB 14 -65.13 12.01 -6.57
N VAL DB 15 -65.09 10.67 -6.61
CA VAL DB 15 -66.34 9.90 -6.59
C VAL DB 15 -67.15 10.25 -5.35
N ILE DB 16 -66.49 10.23 -4.19
CA ILE DB 16 -67.20 10.47 -2.93
C ILE DB 16 -67.81 11.87 -2.92
N ILE DB 17 -67.04 12.88 -3.36
CA ILE DB 17 -67.48 14.26 -3.28
C ILE DB 17 -68.63 14.52 -4.24
N ALA DB 18 -68.56 13.94 -5.44
CA ALA DB 18 -69.65 14.09 -6.39
C ALA DB 18 -70.95 13.49 -5.85
N ILE DB 19 -70.86 12.31 -5.24
CA ILE DB 19 -72.05 11.70 -4.66
C ILE DB 19 -72.60 12.58 -3.53
N ALA DB 20 -71.71 13.15 -2.72
CA ALA DB 20 -72.14 14.03 -1.64
C ALA DB 20 -72.87 15.27 -2.16
N VAL DB 21 -72.35 15.85 -3.24
CA VAL DB 21 -73.01 17.01 -3.86
C VAL DB 21 -74.39 16.63 -4.35
N VAL DB 22 -74.50 15.46 -5.00
CA VAL DB 22 -75.79 14.99 -5.49
C VAL DB 22 -76.79 14.87 -4.35
N LEU DB 23 -76.34 14.30 -3.22
CA LEU DB 23 -77.25 14.15 -2.08
C LEU DB 23 -77.65 15.49 -1.48
N PHE DB 24 -76.70 16.44 -1.41
CA PHE DB 24 -77.00 17.76 -0.87
C PHE DB 24 -78.08 18.47 -1.70
N ALA DB 25 -77.99 18.34 -3.02
CA ALA DB 25 -78.97 18.97 -3.90
C ALA DB 25 -80.39 18.57 -3.50
N PHE DB 26 -80.62 17.29 -3.26
CA PHE DB 26 -81.94 16.83 -2.82
C PHE DB 26 -82.24 17.25 -1.39
N GLY DB 27 -81.23 17.23 -0.52
CA GLY DB 27 -81.45 17.63 0.85
C GLY DB 27 -81.92 19.06 1.00
N LEU DB 28 -81.74 19.87 -0.04
CA LEU DB 28 -82.24 21.25 0.03
C LEU DB 28 -83.77 21.37 0.03
N ILE DB 29 -84.52 20.54 -0.71
CA ILE DB 29 -85.88 20.92 -1.09
C ILE DB 29 -86.92 20.83 0.03
N PRO DB 30 -86.83 19.92 1.01
CA PRO DB 30 -87.74 20.06 2.17
C PRO DB 30 -87.62 21.40 2.85
N GLY DB 31 -86.44 22.03 2.83
CA GLY DB 31 -86.32 23.37 3.39
C GLY DB 31 -87.05 24.42 2.59
N ILE DB 32 -86.94 24.37 1.26
CA ILE DB 32 -87.60 25.37 0.43
C ILE DB 32 -89.11 25.21 0.49
N SER DB 33 -89.60 23.98 0.72
CA SER DB 33 -91.04 23.79 0.80
C SER DB 33 -91.68 24.60 1.93
N ASN DB 34 -90.89 25.04 2.90
CA ASN DB 34 -91.42 25.86 3.99
C ASN DB 34 -91.87 27.25 3.52
N GLN DB 35 -91.48 27.65 2.31
CA GLN DB 35 -91.88 28.95 1.78
C GLN DB 35 -93.40 29.08 1.65
N GLY DB 36 -94.11 27.96 1.57
CA GLY DB 36 -95.56 27.99 1.44
C GLY DB 36 -96.28 27.31 2.58
N SER DB 37 -95.79 27.52 3.80
CA SER DB 37 -96.37 26.84 4.96
C SER DB 37 -97.79 27.31 5.24
N ILE DB 38 -98.09 28.58 5.00
CA ILE DB 38 -99.29 29.22 5.52
C ILE DB 38 -100.29 29.48 4.40
N GLN DB 39 -101.57 29.28 4.72
CA GLN DB 39 -102.68 29.59 3.84
C GLN DB 39 -103.69 30.42 4.61
N VAL DB 40 -104.11 31.55 4.05
CA VAL DB 40 -105.15 32.38 4.64
C VAL DB 40 -106.45 32.07 3.92
N LEU DB 41 -107.43 31.57 4.64
CA LEU DB 41 -108.64 31.05 4.02
C LEU DB 41 -109.88 31.68 4.62
N GLY DB 42 -110.88 31.93 3.78
CA GLY DB 42 -112.07 32.63 4.19
C GLY DB 42 -111.90 34.13 4.14
N SER DB 43 -113.03 34.83 4.21
CA SER DB 43 -113.01 36.29 4.18
C SER DB 43 -112.80 36.82 5.59
N GLY DB 44 -111.78 37.66 5.76
CA GLY DB 44 -111.50 38.28 7.04
C GLY DB 44 -112.35 39.51 7.28
N THR DB 45 -112.14 40.11 8.45
CA THR DB 45 -112.89 41.30 8.84
C THR DB 45 -111.97 42.32 9.49
N ILE DB 46 -112.22 43.59 9.17
CA ILE DB 46 -111.50 44.72 9.77
C ILE DB 46 -112.52 45.61 10.47
N THR DB 47 -112.23 45.96 11.72
CA THR DB 47 -113.19 46.67 12.56
C THR DB 47 -112.54 47.88 13.25
N ASN DB 48 -113.32 48.94 13.43
CA ASN DB 48 -112.82 50.12 14.13
C ASN DB 48 -112.62 49.80 15.61
N SER DB 49 -111.43 50.13 16.13
CA SER DB 49 -111.08 49.80 17.50
C SER DB 49 -110.35 50.96 18.19
N THR DB 50 -110.64 52.19 17.78
CA THR DB 50 -109.83 53.33 18.16
C THR DB 50 -110.18 53.90 19.53
N ALA DB 51 -111.27 53.43 20.16
CA ALA DB 51 -111.73 53.95 21.44
C ALA DB 51 -112.07 55.44 21.38
N SER DB 52 -113.02 55.76 20.48
CA SER DB 52 -113.68 57.06 20.44
C SER DB 52 -112.69 58.23 20.30
N GLY DB 53 -111.56 58.00 19.64
CA GLY DB 53 -110.56 59.02 19.46
C GLY DB 53 -109.45 59.03 20.47
N SER DB 54 -109.38 58.05 21.37
CA SER DB 54 -108.32 57.96 22.35
C SER DB 54 -107.06 57.28 21.81
N SER DB 55 -107.05 56.87 20.54
CA SER DB 55 -105.92 56.12 20.00
C SER DB 55 -105.70 56.52 18.55
N ARG DB 56 -104.49 56.25 18.06
CA ARG DB 56 -104.11 56.63 16.70
C ARG DB 56 -104.73 55.70 15.65
N THR DB 57 -106.07 55.67 15.64
CA THR DB 57 -106.85 54.94 14.63
C THR DB 57 -106.39 53.49 14.49
N ILE DB 58 -106.58 52.73 15.56
CA ILE DB 58 -106.19 51.33 15.57
C ILE DB 58 -107.35 50.45 15.15
N TYR DB 59 -107.11 49.57 14.19
CA TYR DB 59 -108.12 48.70 13.62
C TYR DB 59 -107.91 47.26 14.07
N ASN DB 60 -108.96 46.45 13.86
CA ASN DB 60 -108.95 45.04 14.26
C ASN DB 60 -108.96 44.19 13.01
N ILE DB 61 -107.93 43.39 12.81
CA ILE DB 61 -107.86 42.48 11.66
C ILE DB 61 -108.03 41.06 12.17
N THR DB 62 -109.08 40.38 11.70
CA THR DB 62 -109.34 38.99 12.01
C THR DB 62 -109.36 38.18 10.72
N ILE DB 63 -108.54 37.13 10.68
CA ILE DB 63 -108.41 36.28 9.49
C ILE DB 63 -108.18 34.84 9.95
N THR DB 64 -108.74 33.88 9.23
CA THR DB 64 -108.52 32.48 9.54
C THR DB 64 -107.27 31.99 8.81
N VAL DB 65 -106.29 31.52 9.56
CA VAL DB 65 -104.97 31.15 9.03
C VAL DB 65 -104.73 29.68 9.34
N LYS DB 66 -104.20 28.96 8.36
CA LYS DB 66 -103.84 27.56 8.47
C LYS DB 66 -102.34 27.41 8.26
N ASN DB 67 -101.67 26.74 9.18
CA ASN DB 67 -100.23 26.55 9.13
C ASN DB 67 -99.94 25.08 8.91
N THR DB 68 -99.28 24.75 7.80
CA THR DB 68 -98.91 23.37 7.49
C THR DB 68 -97.45 23.07 7.78
N GLY DB 69 -96.69 24.06 8.23
CA GLY DB 69 -95.28 23.84 8.55
C GLY DB 69 -95.10 23.20 9.91
N THR DB 70 -93.85 22.92 10.24
CA THR DB 70 -93.50 22.33 11.53
C THR DB 70 -93.05 23.36 12.55
N THR DB 71 -93.10 24.65 12.21
CA THR DB 71 -92.68 25.72 13.11
C THR DB 71 -93.80 26.73 13.29
N SER DB 72 -93.80 27.39 14.44
CA SER DB 72 -94.72 28.50 14.66
C SER DB 72 -94.28 29.69 13.83
N ILE DB 73 -95.23 30.32 13.13
CA ILE DB 73 -94.93 31.36 12.17
C ILE DB 73 -95.75 32.60 12.55
N SER DB 74 -95.13 33.77 12.43
CA SER DB 74 -95.70 35.01 12.93
C SER DB 74 -95.91 36.02 11.80
N VAL DB 75 -96.83 36.95 12.04
CA VAL DB 75 -97.13 38.02 11.09
C VAL DB 75 -96.11 39.14 11.28
N THR DB 76 -95.30 39.38 10.26
CA THR DB 76 -94.26 40.41 10.36
C THR DB 76 -94.74 41.78 9.90
N SER DB 77 -95.57 41.84 8.86
CA SER DB 77 -96.06 43.11 8.36
C SER DB 77 -97.36 42.88 7.61
N ILE DB 78 -98.10 43.97 7.37
CA ILE DB 78 -99.36 43.90 6.66
C ILE DB 78 -99.50 45.12 5.76
N ASN DB 79 -100.03 44.92 4.57
CA ASN DB 79 -100.36 45.97 3.62
C ASN DB 79 -101.82 45.83 3.24
N ILE DB 80 -102.59 46.89 3.43
CA ILE DB 80 -104.02 46.90 3.19
C ILE DB 80 -104.31 47.81 2.01
N ASN DB 81 -104.80 47.23 0.91
CA ASN DB 81 -105.23 47.97 -0.27
C ASN DB 81 -104.13 48.88 -0.78
N GLY DB 82 -102.89 48.38 -0.76
CA GLY DB 82 -101.75 49.14 -1.22
C GLY DB 82 -101.09 50.01 -0.16
N GLN DB 83 -101.77 50.30 0.95
CA GLN DB 83 -101.22 51.16 1.98
C GLN DB 83 -100.47 50.32 3.01
N PRO DB 84 -99.31 50.77 3.47
CA PRO DB 84 -98.60 50.02 4.51
C PRO DB 84 -99.29 50.15 5.86
N PHE DB 85 -99.13 49.14 6.71
CA PHE DB 85 -99.70 49.16 8.04
C PHE DB 85 -98.71 48.56 9.02
N ASN DB 86 -98.85 48.94 10.29
CA ASN DB 86 -97.94 48.49 11.35
C ASN DB 86 -98.75 47.86 12.47
N ILE DB 87 -98.33 46.67 12.91
CA ILE DB 87 -99.01 45.99 14.00
C ILE DB 87 -98.75 46.74 15.30
N ASN DB 88 -99.82 46.94 16.09
CA ASN DB 88 -99.70 47.76 17.30
C ASN DB 88 -99.16 47.00 18.49
N GLY DB 89 -99.53 45.73 18.65
CA GLY DB 89 -99.03 44.91 19.74
C GLY DB 89 -97.92 43.98 19.28
N THR DB 90 -97.66 42.96 20.10
CA THR DB 90 -96.76 41.90 19.68
C THR DB 90 -97.41 41.09 18.57
N ALA DB 91 -96.59 40.61 17.65
CA ALA DB 91 -97.11 39.93 16.47
C ALA DB 91 -97.80 38.62 16.86
N PRO DB 92 -98.95 38.31 16.27
CA PRO DB 92 -99.55 36.99 16.51
C PRO DB 92 -98.73 35.90 15.85
N SER DB 93 -98.81 34.70 16.42
CA SER DB 93 -98.06 33.56 15.94
C SER DB 93 -98.98 32.37 15.78
N ILE DB 94 -98.86 31.66 14.67
CA ILE DB 94 -99.73 30.53 14.34
C ILE DB 94 -98.94 29.25 14.59
N PRO DB 95 -99.38 28.39 15.51
CA PRO DB 95 -98.64 27.15 15.78
C PRO DB 95 -98.75 26.17 14.62
N ALA DB 96 -97.86 25.17 14.66
CA ALA DB 96 -97.80 24.18 13.59
C ALA DB 96 -99.08 23.35 13.52
N GLY DB 97 -99.50 23.04 12.30
CA GLY DB 97 -100.64 22.19 12.07
C GLY DB 97 -101.99 22.80 12.36
N ARG DB 98 -102.03 24.00 12.95
CA ARG DB 98 -103.28 24.60 13.38
C ARG DB 98 -103.99 25.33 12.25
N THR DB 99 -105.31 25.41 12.39
CA THR DB 99 -106.15 26.32 11.62
C THR DB 99 -106.96 27.12 12.62
N GLN DB 100 -106.70 28.43 12.70
CA GLN DB 100 -107.30 29.20 13.78
C GLN DB 100 -107.50 30.65 13.35
N PRO DB 101 -108.43 31.36 14.00
CA PRO DB 101 -108.61 32.79 13.71
C PRO DB 101 -107.57 33.67 14.41
N ILE DB 102 -106.68 34.25 13.63
CA ILE DB 102 -105.73 35.23 14.13
C ILE DB 102 -106.40 36.60 14.15
N THR DB 103 -106.29 37.29 15.29
CA THR DB 103 -106.79 38.65 15.43
C THR DB 103 -105.66 39.53 15.95
N PHE DB 104 -105.45 40.67 15.28
CA PHE DB 104 -104.39 41.57 15.73
C PHE DB 104 -104.75 43.02 15.43
N GLU DB 105 -104.16 43.91 16.24
CA GLU DB 105 -104.35 45.35 16.09
C GLU DB 105 -103.39 45.93 15.08
N VAL DB 106 -103.86 46.94 14.35
CA VAL DB 106 -103.04 47.53 13.30
C VAL DB 106 -103.26 49.04 13.24
N THR DB 107 -102.23 49.75 12.77
CA THR DB 107 -102.18 51.19 12.65
C THR DB 107 -101.77 51.57 11.24
N PRO DB 108 -102.22 52.72 10.75
CA PRO DB 108 -101.70 53.21 9.46
C PRO DB 108 -100.26 53.67 9.62
N ALA DB 109 -99.41 53.19 8.71
CA ALA DB 109 -98.01 53.62 8.73
C ALA DB 109 -97.86 55.08 8.31
N SER DB 110 -98.71 55.55 7.40
CA SER DB 110 -98.73 56.95 7.01
C SER DB 110 -100.14 57.31 6.56
N GLY DB 111 -100.50 58.57 6.76
CA GLY DB 111 -101.81 59.01 6.35
C GLY DB 111 -102.91 58.50 7.27
N LYS DB 112 -104.14 58.58 6.77
CA LYS DB 112 -105.33 58.19 7.52
C LYS DB 112 -106.32 57.58 6.55
N PRO DB 113 -106.26 56.25 6.36
CA PRO DB 113 -107.16 55.62 5.40
C PRO DB 113 -108.57 55.53 5.95
N ASN DB 114 -109.54 55.81 5.09
CA ASN DB 114 -110.95 55.82 5.46
C ASN DB 114 -111.64 54.65 4.81
N PHE DB 115 -112.40 53.88 5.61
CA PHE DB 115 -113.07 52.69 5.13
C PHE DB 115 -114.58 52.92 5.16
N SER DB 116 -115.28 52.29 4.21
CA SER DB 116 -116.73 52.40 4.14
C SER DB 116 -117.36 51.09 4.58
N PRO DB 117 -118.51 51.14 5.26
CA PRO DB 117 -119.13 49.92 5.77
C PRO DB 117 -119.46 48.94 4.64
N GLY DB 118 -119.13 47.67 4.87
CA GLY DB 118 -119.44 46.61 3.93
C GLY DB 118 -118.55 46.52 2.72
N ALA DB 119 -117.58 47.43 2.56
CA ALA DB 119 -116.68 47.37 1.42
C ALA DB 119 -115.63 46.29 1.62
N SER DB 120 -115.09 45.80 0.51
CA SER DB 120 -114.08 44.76 0.51
C SER DB 120 -112.72 45.40 0.20
N TYR DB 121 -111.74 45.13 1.07
CA TYR DB 121 -110.40 45.67 0.92
C TYR DB 121 -109.41 44.51 0.89
N THR DB 122 -108.53 44.49 -0.10
CA THR DB 122 -107.54 43.45 -0.17
C THR DB 122 -106.36 43.78 0.71
N ALA DB 123 -105.89 42.78 1.46
CA ALA DB 123 -104.73 42.93 2.33
C ALA DB 123 -103.76 41.79 2.07
N THR DB 124 -102.47 42.12 2.07
CA THR DB 124 -101.43 41.10 1.94
C THR DB 124 -100.75 40.96 3.29
N ILE DB 125 -100.86 39.78 3.88
CA ILE DB 125 -100.24 39.49 5.17
C ILE DB 125 -98.92 38.79 4.90
N TYR DB 126 -97.83 39.40 5.38
CA TYR DB 126 -96.49 38.86 5.19
C TYR DB 126 -96.11 38.12 6.47
N PHE DB 127 -95.87 36.83 6.36
CA PHE DB 127 -95.51 36.01 7.49
C PHE DB 127 -94.00 35.82 7.57
N SER DB 128 -93.54 35.24 8.67
CA SER DB 128 -92.10 35.14 8.92
C SER DB 128 -91.39 34.27 7.89
N ASN DB 129 -92.12 33.45 7.14
CA ASN DB 129 -91.51 32.71 6.05
C ASN DB 129 -91.10 33.60 4.88
N GLY DB 130 -91.50 34.87 4.89
CA GLY DB 130 -91.45 35.69 3.71
C GLY DB 130 -92.63 35.49 2.78
N GLN DB 131 -93.53 34.56 3.11
CA GLN DB 131 -94.69 34.31 2.29
C GLN DB 131 -95.70 35.44 2.44
N GLY DB 132 -96.19 35.95 1.32
CA GLY DB 132 -97.21 36.98 1.35
C GLY DB 132 -98.54 36.48 0.88
N ALA DB 133 -99.48 36.33 1.81
CA ALA DB 133 -100.79 35.77 1.48
C ALA DB 133 -101.77 36.90 1.19
N PRO DB 134 -102.38 36.95 0.01
CA PRO DB 134 -103.47 37.89 -0.22
C PRO DB 134 -104.77 37.39 0.39
N ALA DB 135 -105.53 38.31 0.96
CA ALA DB 135 -106.79 38.00 1.62
C ALA DB 135 -107.73 39.18 1.44
N THR DB 136 -109.02 38.94 1.65
CA THR DB 136 -110.05 39.95 1.50
C THR DB 136 -110.68 40.23 2.85
N LEU DB 137 -110.67 41.50 3.27
CA LEU DB 137 -111.25 41.93 4.53
C LEU DB 137 -112.49 42.73 4.26
N ILE DB 138 -113.58 42.41 4.94
CA ILE DB 138 -114.82 43.17 4.85
C ILE DB 138 -114.91 44.09 6.06
N TYR DB 139 -115.03 45.38 5.80
CA TYR DB 139 -115.07 46.35 6.88
C TYR DB 139 -116.41 46.25 7.60
N GLN DB 140 -116.36 46.23 8.94
CA GLN DB 140 -117.55 46.00 9.75
C GLN DB 140 -117.83 47.11 10.76
N GLY DB 141 -116.91 48.05 10.97
CA GLY DB 141 -117.08 49.07 11.99
C GLY DB 141 -118.04 50.18 11.62
N LEU EB 1 -46.60 14.37 -6.20
CA LEU EB 1 -47.04 15.55 -5.48
C LEU EB 1 -47.78 16.53 -6.38
N SER EB 2 -47.51 16.42 -7.68
CA SER EB 2 -48.06 17.39 -8.64
C SER EB 2 -49.59 17.36 -8.67
N GLY EB 3 -50.17 16.16 -8.61
CA GLY EB 3 -51.60 16.03 -8.79
C GLY EB 3 -52.40 16.78 -7.75
N ALA EB 4 -51.99 16.69 -6.49
CA ALA EB 4 -52.74 17.34 -5.42
C ALA EB 4 -52.68 18.86 -5.55
N ILE EB 5 -51.50 19.40 -5.85
CA ILE EB 5 -51.38 20.85 -6.00
C ILE EB 5 -52.17 21.34 -7.20
N VAL EB 6 -52.14 20.59 -8.30
CA VAL EB 6 -52.92 20.97 -9.47
C VAL EB 6 -54.41 20.93 -9.16
N ALA EB 7 -54.86 19.90 -8.44
CA ALA EB 7 -56.26 19.83 -8.06
C ALA EB 7 -56.66 21.00 -7.16
N LEU EB 8 -55.79 21.37 -6.23
CA LEU EB 8 -56.08 22.52 -5.37
C LEU EB 8 -56.16 23.81 -6.17
N ILE EB 9 -55.25 23.99 -7.13
CA ILE EB 9 -55.30 25.17 -7.99
C ILE EB 9 -56.62 25.22 -8.73
N LEU EB 10 -57.04 24.09 -9.31
CA LEU EB 10 -58.28 24.06 -10.07
C LEU EB 10 -59.50 24.26 -9.17
N VAL EB 11 -59.44 23.78 -7.92
CA VAL EB 11 -60.55 23.99 -7.00
C VAL EB 11 -60.71 25.48 -6.70
N ILE EB 12 -59.59 26.15 -6.38
CA ILE EB 12 -59.65 27.58 -6.08
C ILE EB 12 -60.13 28.36 -7.30
N ALA EB 13 -59.61 28.02 -8.47
CA ALA EB 13 -60.01 28.72 -9.68
C ALA EB 13 -61.49 28.49 -10.01
N GLY EB 14 -61.98 27.28 -9.77
CA GLY EB 14 -63.39 27.03 -9.96
C GLY EB 14 -64.25 27.86 -9.03
N VAL EB 15 -63.83 27.98 -7.77
CA VAL EB 15 -64.53 28.86 -6.84
C VAL EB 15 -64.57 30.28 -7.39
N ILE EB 16 -63.43 30.76 -7.88
CA ILE EB 16 -63.34 32.13 -8.40
C ILE EB 16 -64.31 32.34 -9.56
N ILE EB 17 -64.26 31.45 -10.54
CA ILE EB 17 -65.06 31.63 -11.75
C ILE EB 17 -66.54 31.47 -11.43
N ALA EB 18 -66.89 30.52 -10.57
CA ALA EB 18 -68.29 30.33 -10.20
C ALA EB 18 -68.84 31.56 -9.49
N ILE EB 19 -68.06 32.13 -8.56
CA ILE EB 19 -68.52 33.34 -7.88
C ILE EB 19 -68.65 34.50 -8.87
N ALA EB 20 -67.73 34.58 -9.84
CA ALA EB 20 -67.85 35.62 -10.86
C ALA EB 20 -69.14 35.47 -11.66
N VAL EB 21 -69.48 34.24 -12.03
CA VAL EB 21 -70.72 34.01 -12.78
C VAL EB 21 -71.94 34.33 -11.92
N VAL EB 22 -71.90 34.01 -10.63
CA VAL EB 22 -73.02 34.33 -9.75
C VAL EB 22 -73.20 35.85 -9.64
N LEU EB 23 -72.10 36.57 -9.51
CA LEU EB 23 -72.18 38.03 -9.45
C LEU EB 23 -72.69 38.60 -10.77
N PHE EB 24 -72.32 38.00 -11.89
CA PHE EB 24 -72.86 38.42 -13.19
C PHE EB 24 -74.37 38.20 -13.24
N ALA EB 25 -74.83 37.06 -12.72
CA ALA EB 25 -76.26 36.80 -12.68
C ALA EB 25 -76.98 37.84 -11.83
N PHE EB 26 -76.39 38.20 -10.69
CA PHE EB 26 -76.97 39.26 -9.86
C PHE EB 26 -76.97 40.60 -10.57
N GLY EB 27 -75.94 40.88 -11.36
CA GLY EB 27 -75.87 42.13 -12.10
C GLY EB 27 -76.80 42.23 -13.28
N LEU EB 28 -77.26 41.09 -13.80
CA LEU EB 28 -78.23 41.12 -14.90
C LEU EB 28 -79.60 41.63 -14.46
N ILE EB 29 -79.96 41.44 -13.19
CA ILE EB 29 -81.31 41.70 -12.69
C ILE EB 29 -81.79 43.12 -13.00
N PRO EB 30 -81.02 44.17 -12.76
CA PRO EB 30 -81.54 45.52 -13.04
C PRO EB 30 -81.95 45.76 -14.48
N GLY EB 31 -81.23 45.20 -15.45
CA GLY EB 31 -81.60 45.39 -16.84
C GLY EB 31 -82.91 44.71 -17.19
N ILE EB 32 -83.12 43.50 -16.69
CA ILE EB 32 -84.33 42.76 -17.02
C ILE EB 32 -85.50 43.21 -16.15
N SER EB 33 -85.24 43.46 -14.87
CA SER EB 33 -86.30 43.85 -13.93
C SER EB 33 -86.54 45.34 -14.10
N ASN EB 34 -87.52 45.67 -14.93
CA ASN EB 34 -87.86 47.06 -15.22
C ASN EB 34 -89.39 47.17 -15.22
N GLN EB 35 -89.95 47.49 -14.07
CA GLN EB 35 -91.38 47.71 -13.98
C GLN EB 35 -91.75 49.06 -14.59
N GLY EB 36 -93.04 49.31 -14.68
CA GLY EB 36 -93.51 50.54 -15.29
C GLY EB 36 -93.72 50.37 -16.77
N SER EB 37 -94.74 51.04 -17.30
CA SER EB 37 -95.11 50.88 -18.69
C SER EB 37 -95.91 52.10 -19.12
N ILE EB 38 -96.08 52.23 -20.42
CA ILE EB 38 -97.00 53.22 -20.95
C ILE EB 38 -98.40 52.63 -20.96
N GLN EB 39 -99.35 53.33 -20.36
CA GLN EB 39 -100.73 52.89 -20.27
C GLN EB 39 -101.60 53.86 -21.07
N VAL EB 40 -102.46 53.31 -21.92
CA VAL EB 40 -103.36 54.11 -22.75
C VAL EB 40 -104.72 54.15 -22.05
N LEU EB 41 -105.16 55.35 -21.70
CA LEU EB 41 -106.35 55.54 -20.88
C LEU EB 41 -107.49 56.04 -21.74
N GLY EB 42 -108.61 55.32 -21.70
CA GLY EB 42 -109.80 55.75 -22.42
C GLY EB 42 -109.66 55.57 -23.92
N SER EB 43 -110.70 56.00 -24.63
CA SER EB 43 -110.74 55.90 -26.07
C SER EB 43 -110.03 57.08 -26.71
N GLY EB 44 -109.28 56.81 -27.78
CA GLY EB 44 -108.69 57.86 -28.59
C GLY EB 44 -109.56 58.21 -29.78
N THR EB 45 -109.05 59.13 -30.59
CA THR EB 45 -109.79 59.62 -31.75
C THR EB 45 -108.91 59.66 -32.98
N ILE EB 46 -109.50 59.28 -34.12
CA ILE EB 46 -108.89 59.42 -35.44
C ILE EB 46 -109.65 60.50 -36.20
N THR EB 47 -108.91 61.47 -36.75
CA THR EB 47 -109.51 62.55 -37.50
C THR EB 47 -108.81 62.66 -38.85
N ASN EB 48 -109.57 62.95 -39.90
CA ASN EB 48 -108.99 63.04 -41.24
C ASN EB 48 -108.24 64.34 -41.40
N SER EB 49 -106.92 64.24 -41.58
CA SER EB 49 -106.07 65.42 -41.75
C SER EB 49 -105.74 65.70 -43.20
N THR EB 50 -106.06 64.80 -44.12
CA THR EB 50 -105.78 65.02 -45.53
C THR EB 50 -106.52 66.26 -46.04
N ALA EB 51 -105.80 67.10 -46.79
CA ALA EB 51 -106.36 68.36 -47.22
C ALA EB 51 -105.81 68.74 -48.59
N SER EB 52 -106.49 69.68 -49.24
CA SER EB 52 -106.04 70.31 -50.48
C SER EB 52 -105.91 69.34 -51.64
N GLY EB 53 -106.56 68.17 -51.55
CA GLY EB 53 -106.46 67.20 -52.62
C GLY EB 53 -105.09 66.62 -52.84
N SER EB 54 -104.20 66.72 -51.86
CA SER EB 54 -102.88 66.12 -51.96
C SER EB 54 -103.00 64.61 -52.01
N SER EB 55 -101.98 63.96 -52.58
CA SER EB 55 -102.09 62.55 -52.93
C SER EB 55 -102.07 61.64 -51.72
N ARG EB 56 -101.45 62.07 -50.61
CA ARG EB 56 -101.19 61.19 -49.49
C ARG EB 56 -102.17 61.45 -48.36
N THR EB 57 -102.80 60.39 -47.86
CA THR EB 57 -103.75 60.49 -46.78
C THR EB 57 -103.03 60.49 -45.43
N ILE EB 58 -103.38 61.45 -44.58
CA ILE EB 58 -102.80 61.59 -43.25
C ILE EB 58 -103.93 61.71 -42.24
N TYR EB 59 -103.76 61.06 -41.08
CA TYR EB 59 -104.77 61.05 -40.04
C TYR EB 59 -104.18 61.49 -38.71
N ASN EB 60 -104.91 62.32 -38.00
CA ASN EB 60 -104.59 62.68 -36.63
C ASN EB 60 -105.06 61.57 -35.69
N ILE EB 61 -104.21 61.18 -34.76
CA ILE EB 61 -104.57 60.22 -33.73
C ILE EB 61 -104.28 60.88 -32.39
N THR EB 62 -105.30 60.94 -31.54
CA THR EB 62 -105.20 61.54 -30.21
C THR EB 62 -105.53 60.48 -29.17
N ILE EB 63 -104.64 60.28 -28.20
CA ILE EB 63 -104.80 59.28 -27.16
C ILE EB 63 -104.27 59.84 -25.85
N THR EB 64 -104.90 59.45 -24.75
CA THR EB 64 -104.41 59.82 -23.42
C THR EB 64 -103.43 58.76 -22.95
N VAL EB 65 -102.21 59.19 -22.60
CA VAL EB 65 -101.08 58.30 -22.36
C VAL EB 65 -100.48 58.61 -21.01
N LYS EB 66 -100.25 57.58 -20.19
CA LYS EB 66 -99.68 57.71 -18.87
C LYS EB 66 -98.42 56.87 -18.79
N ASN EB 67 -97.26 57.52 -18.64
CA ASN EB 67 -95.98 56.83 -18.56
C ASN EB 67 -95.70 56.54 -17.09
N THR EB 68 -95.87 55.29 -16.68
CA THR EB 68 -95.63 54.92 -15.30
C THR EB 68 -94.16 54.62 -15.01
N GLY EB 69 -93.31 54.59 -16.03
CA GLY EB 69 -91.91 54.27 -15.86
C GLY EB 69 -91.07 55.47 -15.48
N THR EB 70 -89.77 55.26 -15.39
CA THR EB 70 -88.81 56.30 -15.04
C THR EB 70 -88.01 56.78 -16.25
N THR EB 71 -88.39 56.38 -17.46
CA THR EB 71 -87.64 56.71 -18.66
C THR EB 71 -88.55 57.29 -19.72
N SER EB 72 -88.00 58.17 -20.55
CA SER EB 72 -88.74 58.72 -21.67
C SER EB 72 -88.98 57.65 -22.73
N ILE EB 73 -90.19 57.65 -23.29
CA ILE EB 73 -90.62 56.60 -24.20
C ILE EB 73 -91.35 57.26 -25.37
N SER EB 74 -91.15 56.72 -26.57
CA SER EB 74 -91.71 57.29 -27.79
C SER EB 74 -92.48 56.22 -28.56
N VAL EB 75 -93.41 56.69 -29.39
CA VAL EB 75 -94.17 55.82 -30.27
C VAL EB 75 -93.31 55.43 -31.47
N THR EB 76 -93.51 54.19 -31.95
CA THR EB 76 -92.73 53.71 -33.09
C THR EB 76 -93.63 53.29 -34.25
N SER EB 77 -94.84 52.82 -33.93
CA SER EB 77 -95.76 52.37 -34.97
C SER EB 77 -97.15 52.23 -34.36
N ILE EB 78 -98.14 52.13 -35.24
CA ILE EB 78 -99.51 51.86 -34.82
C ILE EB 78 -100.14 50.93 -35.87
N ASN EB 79 -100.99 50.02 -35.39
CA ASN EB 79 -101.77 49.15 -36.25
C ASN EB 79 -103.25 49.41 -35.95
N ILE EB 80 -104.00 49.80 -36.97
CA ILE EB 80 -105.41 50.12 -36.81
C ILE EB 80 -106.22 49.19 -37.70
N ASN EB 81 -107.16 48.47 -37.09
CA ASN EB 81 -108.09 47.60 -37.82
C ASN EB 81 -107.35 46.55 -38.64
N GLY EB 82 -106.21 46.08 -38.13
CA GLY EB 82 -105.40 45.09 -38.81
C GLY EB 82 -104.44 45.67 -39.84
N GLN EB 83 -104.46 46.98 -40.07
CA GLN EB 83 -103.67 47.64 -41.09
C GLN EB 83 -102.55 48.43 -40.45
N PRO EB 84 -101.30 48.30 -40.92
CA PRO EB 84 -100.21 49.06 -40.31
C PRO EB 84 -100.16 50.49 -40.83
N PHE EB 85 -99.79 51.41 -39.94
CA PHE EB 85 -99.64 52.82 -40.28
C PHE EB 85 -98.27 53.28 -39.86
N ASN EB 86 -97.73 54.25 -40.60
CA ASN EB 86 -96.43 54.84 -40.31
C ASN EB 86 -96.63 56.18 -39.61
N ILE EB 87 -95.84 56.42 -38.56
CA ILE EB 87 -95.96 57.65 -37.78
C ILE EB 87 -95.22 58.76 -38.52
N ASN EB 88 -95.97 59.53 -39.31
CA ASN EB 88 -95.40 60.68 -40.01
C ASN EB 88 -94.78 61.64 -39.00
N GLY EB 89 -93.59 62.13 -39.33
CA GLY EB 89 -92.94 63.17 -38.57
C GLY EB 89 -92.21 62.65 -37.35
N THR EB 90 -91.62 63.59 -36.62
CA THR EB 90 -90.97 63.29 -35.36
C THR EB 90 -91.97 62.68 -34.38
N ALA EB 91 -91.72 61.42 -34.02
CA ALA EB 91 -92.67 60.71 -33.18
C ALA EB 91 -92.75 61.34 -31.79
N PRO EB 92 -93.93 61.42 -31.20
CA PRO EB 92 -94.07 62.04 -29.87
C PRO EB 92 -93.32 61.24 -28.82
N SER EB 93 -92.78 61.95 -27.83
CA SER EB 93 -92.11 61.36 -26.69
C SER EB 93 -92.93 61.63 -25.44
N ILE EB 94 -93.13 60.61 -24.62
CA ILE EB 94 -93.95 60.69 -23.43
C ILE EB 94 -93.02 60.75 -22.22
N PRO EB 95 -92.96 61.86 -21.50
CA PRO EB 95 -92.03 61.96 -20.37
C PRO EB 95 -92.40 61.04 -19.23
N ALA EB 96 -91.40 60.75 -18.39
CA ALA EB 96 -91.58 59.81 -17.30
C ALA EB 96 -92.56 60.33 -16.26
N GLY EB 97 -93.38 59.43 -15.73
CA GLY EB 97 -94.28 59.75 -14.64
C GLY EB 97 -95.40 60.72 -14.97
N ARG EB 98 -95.68 60.97 -16.24
CA ARG EB 98 -96.59 62.02 -16.64
C ARG EB 98 -97.75 61.47 -17.46
N THR EB 99 -98.93 62.03 -17.24
CA THR EB 99 -100.11 61.73 -18.04
C THR EB 99 -100.39 62.90 -18.97
N GLN EB 100 -100.48 62.60 -20.27
CA GLN EB 100 -100.59 63.63 -21.30
C GLN EB 100 -101.58 63.22 -22.37
N PRO EB 101 -102.27 64.18 -22.98
CA PRO EB 101 -102.88 63.94 -24.28
C PRO EB 101 -101.82 63.99 -25.37
N ILE EB 102 -101.63 62.87 -26.07
CA ILE EB 102 -100.62 62.73 -27.10
C ILE EB 102 -101.32 62.67 -28.45
N THR EB 103 -100.90 63.54 -29.37
CA THR EB 103 -101.48 63.61 -30.71
C THR EB 103 -100.36 63.47 -31.74
N PHE EB 104 -100.59 62.61 -32.73
CA PHE EB 104 -99.58 62.42 -33.76
C PHE EB 104 -100.25 62.05 -35.08
N GLU EB 105 -99.56 62.35 -36.17
CA GLU EB 105 -100.07 62.09 -37.51
C GLU EB 105 -99.54 60.78 -38.05
N VAL EB 106 -100.40 60.05 -38.74
CA VAL EB 106 -100.06 58.75 -39.30
C VAL EB 106 -100.49 58.69 -40.75
N THR EB 107 -99.82 57.83 -41.52
CA THR EB 107 -100.17 57.54 -42.89
C THR EB 107 -100.24 56.04 -43.09
N PRO EB 108 -101.13 55.55 -43.94
CA PRO EB 108 -101.22 54.10 -44.17
C PRO EB 108 -99.95 53.58 -44.82
N ALA EB 109 -99.41 52.50 -44.26
CA ALA EB 109 -98.22 51.88 -44.85
C ALA EB 109 -98.54 51.23 -46.18
N SER EB 110 -99.77 50.73 -46.35
CA SER EB 110 -100.20 50.15 -47.62
C SER EB 110 -101.72 50.25 -47.71
N GLY EB 111 -102.22 50.23 -48.94
CA GLY EB 111 -103.65 50.25 -49.15
C GLY EB 111 -104.27 51.58 -48.72
N LYS EB 112 -105.57 51.52 -48.39
CA LYS EB 112 -106.30 52.67 -47.94
C LYS EB 112 -107.30 52.27 -46.86
N PRO EB 113 -107.49 53.10 -45.84
CA PRO EB 113 -108.45 52.77 -44.79
C PRO EB 113 -109.89 52.91 -45.25
N ASN EB 114 -110.78 52.27 -44.51
CA ASN EB 114 -112.22 52.29 -44.78
C ASN EB 114 -113.02 52.87 -43.62
N PHE EB 115 -112.43 53.84 -42.91
CA PHE EB 115 -113.04 54.33 -41.69
C PHE EB 115 -114.43 54.91 -41.95
N SER EB 116 -115.32 54.72 -40.97
CA SER EB 116 -116.67 55.22 -41.03
C SER EB 116 -116.92 56.14 -39.83
N PRO EB 117 -117.64 57.24 -40.02
CA PRO EB 117 -117.86 58.18 -38.92
C PRO EB 117 -118.54 57.51 -37.73
N GLY EB 118 -118.00 57.75 -36.54
CA GLY EB 118 -118.56 57.21 -35.32
C GLY EB 118 -118.18 55.78 -35.02
N ALA EB 119 -117.53 55.08 -35.93
CA ALA EB 119 -117.14 53.70 -35.69
C ALA EB 119 -115.95 53.64 -34.74
N SER EB 120 -115.86 52.53 -34.01
CA SER EB 120 -114.77 52.30 -33.07
C SER EB 120 -113.90 51.18 -33.61
N TYR EB 121 -112.60 51.44 -33.72
CA TYR EB 121 -111.64 50.52 -34.30
C TYR EB 121 -110.59 50.16 -33.26
N THR EB 122 -110.32 48.86 -33.13
CA THR EB 122 -109.27 48.41 -32.24
C THR EB 122 -107.91 48.65 -32.87
N ALA EB 123 -107.00 49.26 -32.12
CA ALA EB 123 -105.66 49.57 -32.58
C ALA EB 123 -104.65 49.09 -31.55
N THR EB 124 -103.39 49.01 -31.98
CA THR EB 124 -102.27 48.66 -31.12
C THR EB 124 -101.17 49.67 -31.35
N ILE EB 125 -100.73 50.32 -30.29
CA ILE EB 125 -99.69 51.35 -30.37
C ILE EB 125 -98.41 50.77 -29.81
N TYR EB 126 -97.34 50.84 -30.59
CA TYR EB 126 -96.06 50.23 -30.23
C TYR EB 126 -95.08 51.30 -29.79
N PHE EB 127 -94.47 51.10 -28.63
CA PHE EB 127 -93.58 52.07 -28.03
C PHE EB 127 -92.15 51.57 -28.06
N SER EB 128 -91.22 52.48 -27.73
CA SER EB 128 -89.81 52.22 -27.94
C SER EB 128 -89.29 51.02 -27.16
N ASN EB 129 -89.95 50.64 -26.06
CA ASN EB 129 -89.53 49.45 -25.34
C ASN EB 129 -89.88 48.17 -26.07
N GLY EB 130 -90.69 48.25 -27.13
CA GLY EB 130 -91.26 47.09 -27.78
C GLY EB 130 -92.61 46.69 -27.26
N GLN EB 131 -93.01 47.18 -26.08
CA GLN EB 131 -94.33 46.90 -25.55
C GLN EB 131 -95.39 47.57 -26.42
N GLY EB 132 -96.55 46.92 -26.52
CA GLY EB 132 -97.62 47.42 -27.35
C GLY EB 132 -98.94 47.49 -26.61
N ALA EB 133 -99.52 48.69 -26.55
CA ALA EB 133 -100.77 48.89 -25.82
C ALA EB 133 -101.95 48.79 -26.77
N PRO EB 134 -102.90 47.90 -26.51
CA PRO EB 134 -104.16 47.93 -27.28
C PRO EB 134 -105.01 49.12 -26.84
N ALA EB 135 -105.71 49.71 -27.81
CA ALA EB 135 -106.54 50.87 -27.57
C ALA EB 135 -107.74 50.82 -28.51
N THR EB 136 -108.74 51.63 -28.21
CA THR EB 136 -109.90 51.79 -29.08
C THR EB 136 -109.94 53.24 -29.57
N LEU EB 137 -110.00 53.40 -30.89
CA LEU EB 137 -110.00 54.72 -31.52
C LEU EB 137 -111.33 54.93 -32.23
N ILE EB 138 -111.98 56.05 -31.94
CA ILE EB 138 -113.24 56.41 -32.58
C ILE EB 138 -112.92 57.37 -33.73
N TYR EB 139 -113.48 57.09 -34.90
CA TYR EB 139 -113.26 57.94 -36.06
C TYR EB 139 -114.25 59.10 -36.05
N GLN EB 140 -113.73 60.32 -35.92
CA GLN EB 140 -114.56 61.51 -35.80
C GLN EB 140 -114.80 62.21 -37.13
N GLY EB 141 -114.15 61.79 -38.20
CA GLY EB 141 -114.32 62.42 -39.50
C GLY EB 141 -113.41 63.62 -39.69
N LEU FB 1 -49.75 16.66 -13.83
CA LEU FB 1 -49.98 17.51 -15.00
C LEU FB 1 -51.31 17.19 -15.67
N SER FB 2 -51.87 16.03 -15.32
CA SER FB 2 -53.06 15.54 -16.02
C SER FB 2 -54.28 16.42 -15.78
N GLY FB 3 -54.43 16.93 -14.56
CA GLY FB 3 -55.67 17.62 -14.20
C GLY FB 3 -55.97 18.83 -15.06
N ALA FB 4 -54.95 19.64 -15.35
CA ALA FB 4 -55.16 20.82 -16.17
C ALA FB 4 -55.56 20.45 -17.60
N ILE FB 5 -54.96 19.39 -18.13
CA ILE FB 5 -55.32 18.90 -19.47
C ILE FB 5 -56.79 18.46 -19.49
N VAL FB 6 -57.20 17.70 -18.48
CA VAL FB 6 -58.59 17.25 -18.41
C VAL FB 6 -59.53 18.44 -18.29
N ALA FB 7 -59.15 19.43 -17.48
CA ALA FB 7 -59.98 20.62 -17.32
C ALA FB 7 -60.13 21.38 -18.62
N LEU FB 8 -59.04 21.50 -19.39
CA LEU FB 8 -59.13 22.18 -20.69
C LEU FB 8 -60.10 21.46 -21.62
N ILE FB 9 -59.97 20.13 -21.70
CA ILE FB 9 -60.88 19.36 -22.55
C ILE FB 9 -62.32 19.59 -22.15
N LEU FB 10 -62.60 19.50 -20.85
CA LEU FB 10 -63.97 19.61 -20.37
C LEU FB 10 -64.52 21.02 -20.57
N VAL FB 11 -63.69 22.06 -20.42
CA VAL FB 11 -64.15 23.43 -20.61
C VAL FB 11 -64.59 23.63 -22.05
N ILE FB 12 -63.77 23.19 -23.00
CA ILE FB 12 -64.15 23.38 -24.41
C ILE FB 12 -65.40 22.58 -24.74
N ALA FB 13 -65.49 21.34 -24.25
CA ALA FB 13 -66.67 20.54 -24.52
C ALA FB 13 -67.92 21.17 -23.93
N GLY FB 14 -67.81 21.77 -22.74
CA GLY FB 14 -68.95 22.44 -22.14
C GLY FB 14 -69.42 23.62 -22.98
N VAL FB 15 -68.48 24.41 -23.49
CA VAL FB 15 -68.86 25.50 -24.40
C VAL FB 15 -69.65 24.96 -25.58
N ILE FB 16 -69.14 23.89 -26.20
CA ILE FB 16 -69.78 23.35 -27.40
C ILE FB 16 -71.19 22.88 -27.09
N ILE FB 17 -71.35 22.10 -26.02
CA ILE FB 17 -72.65 21.50 -25.74
C ILE FB 17 -73.66 22.57 -25.32
N ALA FB 18 -73.22 23.58 -24.56
CA ALA FB 18 -74.13 24.64 -24.18
C ALA FB 18 -74.64 25.40 -25.39
N ILE FB 19 -73.75 25.71 -26.35
CA ILE FB 19 -74.19 26.40 -27.56
C ILE FB 19 -75.17 25.53 -28.34
N ALA FB 20 -74.89 24.22 -28.41
CA ALA FB 20 -75.80 23.31 -29.11
C ALA FB 20 -77.18 23.31 -28.48
N VAL FB 21 -77.25 23.30 -27.15
CA VAL FB 21 -78.54 23.30 -26.46
C VAL FB 21 -79.29 24.59 -26.73
N VAL FB 22 -78.59 25.73 -26.71
CA VAL FB 22 -79.24 27.00 -27.00
C VAL FB 22 -79.83 27.00 -28.40
N LEU FB 23 -79.06 26.51 -29.37
CA LEU FB 23 -79.57 26.47 -30.74
C LEU FB 23 -80.74 25.52 -30.88
N PHE FB 24 -80.75 24.41 -30.13
CA PHE FB 24 -81.92 23.54 -30.14
C PHE FB 24 -83.14 24.24 -29.58
N ALA FB 25 -82.96 25.01 -28.50
CA ALA FB 25 -84.07 25.77 -27.93
C ALA FB 25 -84.64 26.73 -28.95
N PHE FB 26 -83.77 27.39 -29.72
CA PHE FB 26 -84.26 28.27 -30.77
C PHE FB 26 -84.93 27.51 -31.91
N GLY FB 27 -84.44 26.30 -32.21
CA GLY FB 27 -84.99 25.53 -33.32
C GLY FB 27 -86.32 24.88 -33.02
N LEU FB 28 -86.67 24.72 -31.74
CA LEU FB 28 -87.95 24.11 -31.41
C LEU FB 28 -89.14 24.96 -31.86
N ILE FB 29 -88.96 26.27 -32.00
CA ILE FB 29 -90.09 27.19 -32.10
C ILE FB 29 -91.03 26.88 -33.27
N PRO FB 30 -90.55 26.62 -34.49
CA PRO FB 30 -91.49 26.43 -35.61
C PRO FB 30 -92.48 25.29 -35.42
N GLY FB 31 -92.13 24.26 -34.66
CA GLY FB 31 -93.05 23.14 -34.48
C GLY FB 31 -94.29 23.50 -33.68
N ILE FB 32 -94.21 24.56 -32.88
CA ILE FB 32 -95.36 24.95 -32.06
C ILE FB 32 -96.51 25.46 -32.92
N SER FB 33 -96.19 26.13 -34.04
CA SER FB 33 -97.21 26.75 -34.87
C SER FB 33 -98.24 25.74 -35.36
N ASN FB 34 -97.80 24.52 -35.67
CA ASN FB 34 -98.69 23.54 -36.27
C ASN FB 34 -99.73 23.01 -35.29
N GLN FB 35 -99.61 23.34 -34.00
CA GLN FB 35 -100.55 22.82 -33.01
C GLN FB 35 -101.95 23.43 -33.12
N GLY FB 36 -102.14 24.43 -33.97
CA GLY FB 36 -103.45 25.06 -34.09
C GLY FB 36 -103.96 25.18 -35.51
N SER FB 37 -103.58 24.22 -36.37
CA SER FB 37 -103.87 24.35 -37.79
C SER FB 37 -105.36 24.24 -38.11
N ILE FB 38 -106.11 23.47 -37.32
CA ILE FB 38 -107.47 23.07 -37.68
C ILE FB 38 -108.47 23.70 -36.72
N GLN FB 39 -109.62 24.10 -37.27
CA GLN FB 39 -110.75 24.52 -36.44
C GLN FB 39 -112.05 23.94 -37.00
N VAL FB 40 -112.89 23.42 -36.11
CA VAL FB 40 -114.18 22.87 -36.50
C VAL FB 40 -115.20 23.99 -36.55
N LEU FB 41 -115.99 24.02 -37.63
CA LEU FB 41 -116.96 25.07 -37.87
C LEU FB 41 -118.37 24.53 -37.71
N GLY FB 42 -119.15 25.16 -36.84
CA GLY FB 42 -120.56 24.87 -36.73
C GLY FB 42 -120.85 23.50 -36.15
N SER FB 43 -122.13 23.14 -36.20
CA SER FB 43 -122.57 21.85 -35.69
C SER FB 43 -122.25 20.74 -36.70
N GLY FB 44 -122.29 19.51 -36.18
CA GLY FB 44 -122.17 18.33 -37.01
C GLY FB 44 -123.35 17.40 -36.78
N THR FB 45 -123.30 16.26 -37.46
CA THR FB 45 -124.40 15.31 -37.44
C THR FB 45 -123.90 13.90 -37.18
N ILE FB 46 -124.58 13.19 -36.28
CA ILE FB 46 -124.39 11.76 -36.07
C ILE FB 46 -125.56 11.03 -36.71
N THR FB 47 -125.28 9.88 -37.33
CA THR FB 47 -126.30 9.08 -37.97
C THR FB 47 -126.00 7.60 -37.71
N ASN FB 48 -127.06 6.82 -37.58
CA ASN FB 48 -126.94 5.38 -37.31
C ASN FB 48 -126.77 4.63 -38.63
N SER FB 49 -125.73 3.80 -38.71
CA SER FB 49 -125.29 3.21 -39.97
C SER FB 49 -124.94 1.73 -39.82
N THR FB 50 -125.80 0.96 -39.16
CA THR FB 50 -125.55 -0.47 -38.98
C THR FB 50 -126.78 -1.27 -39.37
N ALA FB 51 -126.53 -2.47 -39.90
CA ALA FB 51 -127.58 -3.34 -40.40
C ALA FB 51 -128.11 -4.25 -39.29
N SER FB 52 -129.21 -4.94 -39.61
CA SER FB 52 -129.83 -5.85 -38.65
C SER FB 52 -128.92 -7.03 -38.35
N GLY FB 53 -128.79 -7.36 -37.07
CA GLY FB 53 -127.96 -8.48 -36.67
C GLY FB 53 -126.48 -8.24 -36.78
N SER FB 54 -126.04 -7.00 -37.02
CA SER FB 54 -124.64 -6.71 -37.16
C SER FB 54 -123.90 -6.95 -35.84
N SER FB 55 -122.58 -7.14 -35.95
CA SER FB 55 -121.78 -7.33 -34.75
C SER FB 55 -121.67 -6.04 -33.94
N ARG FB 56 -121.85 -4.89 -34.57
CA ARG FB 56 -121.49 -3.63 -33.95
C ARG FB 56 -122.33 -2.49 -34.51
N THR FB 57 -122.64 -1.54 -33.64
CA THR FB 57 -123.22 -0.27 -34.09
C THR FB 57 -122.13 0.60 -34.67
N ILE FB 58 -122.43 1.26 -35.78
CA ILE FB 58 -121.51 2.22 -36.37
C ILE FB 58 -122.27 3.48 -36.74
N TYR FB 59 -121.70 4.63 -36.42
CA TYR FB 59 -122.32 5.93 -36.61
C TYR FB 59 -121.48 6.74 -37.59
N ASN FB 60 -122.13 7.28 -38.61
CA ASN FB 60 -121.53 8.25 -39.50
C ASN FB 60 -121.54 9.62 -38.83
N ILE FB 61 -120.39 10.27 -38.77
CA ILE FB 61 -120.28 11.59 -38.17
C ILE FB 61 -119.77 12.54 -39.23
N THR FB 62 -120.53 13.61 -39.46
CA THR FB 62 -120.19 14.64 -40.43
C THR FB 62 -119.94 15.95 -39.69
N ILE FB 63 -118.78 16.55 -39.94
CA ILE FB 63 -118.42 17.83 -39.35
C ILE FB 63 -117.71 18.67 -40.41
N THR FB 64 -117.96 19.97 -40.40
CA THR FB 64 -117.21 20.87 -41.26
C THR FB 64 -115.93 21.28 -40.54
N VAL FB 65 -114.79 21.08 -41.18
CA VAL FB 65 -113.50 21.39 -40.59
C VAL FB 65 -112.71 22.26 -41.56
N LYS FB 66 -111.95 23.21 -41.00
CA LYS FB 66 -111.13 24.12 -41.78
C LYS FB 66 -109.67 23.94 -41.38
N ASN FB 67 -108.83 23.69 -42.37
CA ASN FB 67 -107.40 23.48 -42.17
C ASN FB 67 -106.64 24.70 -42.67
N THR FB 68 -105.74 25.22 -41.84
CA THR FB 68 -104.96 26.41 -42.17
C THR FB 68 -103.48 26.14 -42.37
N GLY FB 69 -103.02 24.91 -42.13
CA GLY FB 69 -101.62 24.59 -42.25
C GLY FB 69 -101.21 24.21 -43.66
N THR FB 70 -99.92 23.97 -43.82
CA THR FB 70 -99.38 23.56 -45.10
C THR FB 70 -99.62 22.09 -45.42
N THR FB 71 -99.92 21.28 -44.40
CA THR FB 71 -99.95 19.83 -44.54
C THR FB 71 -101.35 19.31 -44.28
N SER FB 72 -101.66 18.16 -44.88
CA SER FB 72 -102.94 17.52 -44.68
C SER FB 72 -102.98 16.86 -43.30
N ILE FB 73 -104.11 16.98 -42.62
CA ILE FB 73 -104.28 16.47 -41.26
C ILE FB 73 -105.52 15.59 -41.23
N SER FB 74 -105.48 14.55 -40.39
CA SER FB 74 -106.54 13.56 -40.31
C SER FB 74 -107.03 13.42 -38.88
N VAL FB 75 -108.24 12.89 -38.74
CA VAL FB 75 -108.79 12.60 -37.42
C VAL FB 75 -108.16 11.33 -36.87
N THR FB 76 -107.97 11.31 -35.55
CA THR FB 76 -107.42 10.14 -34.87
C THR FB 76 -108.34 9.55 -33.83
N SER FB 77 -109.13 10.37 -33.14
CA SER FB 77 -110.07 9.86 -32.14
C SER FB 77 -111.17 10.89 -31.94
N ILE FB 78 -112.31 10.41 -31.44
CA ILE FB 78 -113.43 11.26 -31.09
C ILE FB 78 -113.97 10.81 -29.74
N ASN FB 79 -114.40 11.76 -28.92
CA ASN FB 79 -114.96 11.49 -27.61
C ASN FB 79 -116.30 12.21 -27.52
N ILE FB 80 -117.39 11.45 -27.52
CA ILE FB 80 -118.74 11.98 -27.57
C ILE FB 80 -119.44 11.72 -26.25
N ASN FB 81 -119.97 12.78 -25.64
CA ASN FB 81 -120.68 12.71 -24.37
C ASN FB 81 -119.84 12.08 -23.27
N GLY FB 82 -118.52 12.14 -23.42
CA GLY FB 82 -117.59 11.57 -22.47
C GLY FB 82 -117.12 10.17 -22.83
N GLN FB 83 -117.85 9.47 -23.68
CA GLN FB 83 -117.48 8.13 -24.11
C GLN FB 83 -116.52 8.20 -25.30
N PRO FB 84 -115.42 7.45 -25.25
CA PRO FB 84 -114.50 7.43 -26.40
C PRO FB 84 -114.99 6.49 -27.49
N PHE FB 85 -114.74 6.89 -28.75
CA PHE FB 85 -115.17 6.12 -29.91
C PHE FB 85 -113.96 5.78 -30.78
N ASN FB 86 -114.08 4.69 -31.53
CA ASN FB 86 -113.01 4.17 -32.37
C ASN FB 86 -113.41 4.30 -33.84
N ILE FB 87 -112.49 4.79 -34.67
CA ILE FB 87 -112.81 5.14 -36.05
C ILE FB 87 -112.58 3.94 -36.96
N ASN FB 88 -113.60 3.57 -37.74
CA ASN FB 88 -113.42 2.53 -38.74
C ASN FB 88 -112.56 3.01 -39.90
N GLY FB 89 -111.84 2.06 -40.50
CA GLY FB 89 -111.24 2.27 -41.80
C GLY FB 89 -110.21 3.38 -41.83
N THR FB 90 -109.93 3.83 -43.05
CA THR FB 90 -108.94 4.86 -43.28
C THR FB 90 -109.51 6.23 -42.89
N ALA FB 91 -108.88 6.88 -41.93
CA ALA FB 91 -109.38 8.16 -41.45
C ALA FB 91 -109.29 9.20 -42.57
N PRO FB 92 -110.31 10.07 -42.69
CA PRO FB 92 -110.28 11.06 -43.76
C PRO FB 92 -109.16 12.08 -43.57
N SER FB 93 -108.61 12.55 -44.68
CA SER FB 93 -107.56 13.56 -44.65
C SER FB 93 -108.13 14.91 -45.06
N ILE FB 94 -107.68 15.95 -44.39
CA ILE FB 94 -108.18 17.30 -44.62
C ILE FB 94 -107.13 18.09 -45.41
N PRO FB 95 -107.43 18.48 -46.65
CA PRO FB 95 -106.42 19.15 -47.47
C PRO FB 95 -105.93 20.44 -46.84
N ALA FB 96 -104.74 20.87 -47.27
CA ALA FB 96 -103.97 21.87 -46.54
C ALA FB 96 -104.78 23.13 -46.25
N GLY FB 97 -105.22 23.82 -47.29
CA GLY FB 97 -105.87 25.11 -47.11
C GLY FB 97 -107.38 25.12 -47.23
N ARG FB 98 -108.01 23.96 -47.34
CA ARG FB 98 -109.42 23.91 -47.70
C ARG FB 98 -110.31 23.75 -46.47
N THR FB 99 -111.56 24.20 -46.61
CA THR FB 99 -112.62 23.99 -45.63
C THR FB 99 -113.58 22.97 -46.21
N GLN FB 100 -113.77 21.84 -45.51
CA GLN FB 100 -114.55 20.75 -46.08
C GLN FB 100 -115.50 20.12 -45.06
N PRO FB 101 -116.68 19.71 -45.49
CA PRO FB 101 -117.48 18.77 -44.70
C PRO FB 101 -116.90 17.38 -44.81
N ILE FB 102 -116.39 16.86 -43.70
CA ILE FB 102 -115.74 15.55 -43.65
C ILE FB 102 -116.66 14.60 -42.90
N THR FB 103 -116.74 13.36 -43.39
CA THR FB 103 -117.59 12.33 -42.81
C THR FB 103 -116.75 11.09 -42.52
N PHE FB 104 -116.95 10.52 -41.35
CA PHE FB 104 -116.20 9.32 -40.98
C PHE FB 104 -117.05 8.43 -40.08
N GLU FB 105 -116.70 7.15 -40.08
CA GLU FB 105 -117.44 6.10 -39.38
C GLU FB 105 -116.79 5.79 -38.04
N VAL FB 106 -117.60 5.72 -36.99
CA VAL FB 106 -117.10 5.43 -35.64
C VAL FB 106 -117.95 4.34 -35.00
N THR FB 107 -117.35 3.62 -34.07
CA THR FB 107 -118.01 2.59 -33.29
C THR FB 107 -117.62 2.76 -31.82
N PRO FB 108 -118.55 2.52 -30.90
CA PRO FB 108 -118.24 2.78 -29.49
C PRO FB 108 -117.23 1.77 -28.95
N ALA FB 109 -116.31 2.27 -28.12
CA ALA FB 109 -115.27 1.43 -27.53
C ALA FB 109 -115.57 1.08 -26.08
N SER FB 110 -116.15 2.01 -25.31
CA SER FB 110 -116.40 1.76 -23.91
C SER FB 110 -117.70 0.99 -23.68
N GLY FB 111 -118.76 1.40 -24.35
CA GLY FB 111 -120.05 0.74 -24.18
C GLY FB 111 -121.08 1.37 -25.09
N LYS FB 112 -122.26 0.77 -25.07
CA LYS FB 112 -123.33 1.17 -25.98
C LYS FB 112 -123.83 2.57 -25.63
N PRO FB 113 -123.75 3.53 -26.56
CA PRO FB 113 -124.29 4.87 -26.29
C PRO FB 113 -125.77 4.94 -26.66
N ASN FB 114 -126.58 5.48 -25.76
CA ASN FB 114 -128.01 5.60 -25.99
C ASN FB 114 -128.34 6.99 -26.53
N PHE FB 115 -127.98 7.18 -27.80
CA PHE FB 115 -128.30 8.44 -28.47
C PHE FB 115 -129.81 8.60 -28.59
N SER FB 116 -130.26 9.84 -28.49
CA SER FB 116 -131.67 10.18 -28.56
C SER FB 116 -131.95 11.01 -29.80
N PRO FB 117 -132.98 10.70 -30.58
CA PRO FB 117 -133.26 11.46 -31.80
C PRO FB 117 -133.39 12.95 -31.57
N GLY FB 118 -132.61 13.75 -32.30
CA GLY FB 118 -132.66 15.19 -32.20
C GLY FB 118 -131.87 15.79 -31.07
N ALA FB 119 -131.24 14.99 -30.22
CA ALA FB 119 -130.50 15.52 -29.09
C ALA FB 119 -129.18 16.14 -29.55
N SER FB 120 -128.63 16.99 -28.68
CA SER FB 120 -127.37 17.67 -28.94
C SER FB 120 -126.31 17.14 -27.98
N TYR FB 121 -125.15 16.79 -28.52
CA TYR FB 121 -124.08 16.17 -27.74
C TYR FB 121 -122.79 16.94 -27.93
N THR FB 122 -122.03 17.12 -26.85
CA THR FB 122 -120.71 17.70 -26.95
C THR FB 122 -119.70 16.62 -27.30
N ALA FB 123 -118.72 16.98 -28.13
CA ALA FB 123 -117.68 16.06 -28.53
C ALA FB 123 -116.37 16.81 -28.65
N THR FB 124 -115.27 16.07 -28.55
CA THR FB 124 -113.94 16.60 -28.83
C THR FB 124 -113.33 15.81 -29.97
N ILE FB 125 -112.99 16.51 -31.06
CA ILE FB 125 -112.35 15.89 -32.20
C ILE FB 125 -110.85 16.07 -32.05
N TYR FB 126 -110.11 14.98 -32.10
CA TYR FB 126 -108.67 15.00 -31.95
C TYR FB 126 -108.04 14.71 -33.30
N PHE FB 127 -107.18 15.60 -33.76
CA PHE FB 127 -106.60 15.51 -35.09
C PHE FB 127 -105.14 15.09 -35.01
N SER FB 128 -104.60 14.69 -36.16
CA SER FB 128 -103.25 14.11 -36.18
C SER FB 128 -102.18 15.11 -35.78
N ASN FB 129 -102.45 16.40 -35.88
CA ASN FB 129 -101.48 17.40 -35.45
C ASN FB 129 -101.47 17.61 -33.94
N GLY FB 130 -102.12 16.73 -33.19
CA GLY FB 130 -102.16 16.86 -31.75
C GLY FB 130 -103.08 17.94 -31.23
N GLN FB 131 -104.14 18.26 -31.97
CA GLN FB 131 -105.05 19.35 -31.63
C GLN FB 131 -106.42 18.79 -31.33
N GLY FB 132 -107.00 19.26 -30.22
CA GLY FB 132 -108.37 18.93 -29.87
C GLY FB 132 -109.29 20.10 -30.13
N ALA FB 133 -110.46 19.82 -30.69
CA ALA FB 133 -111.43 20.84 -31.05
C ALA FB 133 -112.79 20.50 -30.50
N PRO FB 134 -113.42 21.39 -29.74
CA PRO FB 134 -114.80 21.15 -29.31
C PRO FB 134 -115.74 21.16 -30.49
N ALA FB 135 -116.80 20.36 -30.41
CA ALA FB 135 -117.79 20.26 -31.45
C ALA FB 135 -119.14 19.91 -30.83
N THR FB 136 -120.21 20.28 -31.53
CA THR FB 136 -121.57 19.99 -31.11
C THR FB 136 -122.24 19.16 -32.19
N LEU FB 137 -122.67 17.95 -31.85
CA LEU FB 137 -123.21 17.01 -32.81
C LEU FB 137 -124.69 16.77 -32.51
N ILE FB 138 -125.51 16.89 -33.55
CA ILE FB 138 -126.94 16.59 -33.45
C ILE FB 138 -127.14 15.17 -33.96
N TYR FB 139 -127.87 14.37 -33.20
CA TYR FB 139 -128.15 12.99 -33.59
C TYR FB 139 -129.38 12.98 -34.50
N GLN FB 140 -129.16 12.70 -35.78
CA GLN FB 140 -130.23 12.77 -36.77
C GLN FB 140 -131.08 11.51 -36.83
N GLY FB 141 -130.63 10.41 -36.24
CA GLY FB 141 -131.36 9.16 -36.29
C GLY FB 141 -130.47 7.94 -36.43
N LEU GB 1 -56.74 13.04 -13.33
CA LEU GB 1 -57.50 11.88 -13.77
C LEU GB 1 -58.89 11.87 -13.16
N SER GB 2 -59.02 12.52 -11.99
CA SER GB 2 -60.29 12.50 -11.27
C SER GB 2 -61.34 13.39 -11.93
N GLY GB 3 -60.91 14.42 -12.66
CA GLY GB 3 -61.86 15.37 -13.21
C GLY GB 3 -62.85 14.74 -14.16
N ALA GB 4 -62.38 13.82 -15.02
CA ALA GB 4 -63.28 13.16 -15.95
C ALA GB 4 -64.30 12.29 -15.22
N ILE GB 5 -63.87 11.59 -14.18
CA ILE GB 5 -64.79 10.75 -13.42
C ILE GB 5 -65.85 11.61 -12.71
N VAL GB 6 -65.42 12.74 -12.13
CA VAL GB 6 -66.37 13.64 -11.49
C VAL GB 6 -67.37 14.18 -12.51
N ALA GB 7 -66.89 14.56 -13.69
CA ALA GB 7 -67.78 15.05 -14.74
C ALA GB 7 -68.78 13.99 -15.17
N LEU GB 8 -68.32 12.74 -15.30
CA LEU GB 8 -69.21 11.65 -15.68
C LEU GB 8 -70.29 11.43 -14.63
N ILE GB 9 -69.90 11.42 -13.35
CA ILE GB 9 -70.87 11.23 -12.27
C ILE GB 9 -71.90 12.35 -12.30
N LEU GB 10 -71.42 13.59 -12.45
CA LEU GB 10 -72.34 14.72 -12.43
C LEU GB 10 -73.27 14.72 -13.64
N VAL GB 11 -72.78 14.28 -14.81
CA VAL GB 11 -73.63 14.22 -15.99
C VAL GB 11 -74.76 13.21 -15.79
N ILE GB 12 -74.40 12.00 -15.33
CA ILE GB 12 -75.42 10.97 -15.13
C ILE GB 12 -76.41 11.41 -14.05
N ALA GB 13 -75.90 11.97 -12.95
CA ALA GB 13 -76.77 12.42 -11.88
C ALA GB 13 -77.67 13.57 -12.34
N GLY GB 14 -77.17 14.43 -13.23
CA GLY GB 14 -78.02 15.47 -13.77
C GLY GB 14 -79.18 14.91 -14.56
N VAL GB 15 -78.90 13.89 -15.38
CA VAL GB 15 -79.99 13.22 -16.10
C VAL GB 15 -81.03 12.69 -15.11
N ILE GB 16 -80.56 11.99 -14.07
CA ILE GB 16 -81.47 11.37 -13.11
C ILE GB 16 -82.31 12.44 -12.42
N ILE GB 17 -81.66 13.52 -11.97
CA ILE GB 17 -82.35 14.52 -11.16
C ILE GB 17 -83.34 15.29 -12.02
N ALA GB 18 -83.00 15.58 -13.27
CA ALA GB 18 -83.94 16.25 -14.16
C ALA GB 18 -85.18 15.40 -14.36
N ILE GB 19 -85.00 14.09 -14.58
CA ILE GB 19 -86.15 13.21 -14.75
C ILE GB 19 -87.00 13.19 -13.47
N ALA GB 20 -86.34 13.18 -12.31
CA ALA GB 20 -87.06 13.18 -11.04
C ALA GB 20 -87.89 14.44 -10.87
N VAL GB 21 -87.33 15.59 -11.26
CA VAL GB 21 -88.08 16.84 -11.17
C VAL GB 21 -89.30 16.80 -12.09
N VAL GB 22 -89.11 16.28 -13.32
CA VAL GB 22 -90.25 16.17 -14.23
C VAL GB 22 -91.36 15.32 -13.64
N LEU GB 23 -90.99 14.20 -13.00
CA LEU GB 23 -92.00 13.34 -12.39
C LEU GB 23 -92.70 14.02 -11.21
N PHE GB 24 -91.94 14.76 -10.40
CA PHE GB 24 -92.51 15.45 -9.24
C PHE GB 24 -93.55 16.47 -9.69
N ALA GB 25 -93.26 17.17 -10.79
CA ALA GB 25 -94.21 18.17 -11.30
C ALA GB 25 -95.59 17.55 -11.51
N PHE GB 26 -95.64 16.38 -12.14
CA PHE GB 26 -96.93 15.71 -12.36
C PHE GB 26 -97.48 15.15 -11.06
N GLY GB 27 -96.61 14.65 -10.19
CA GLY GB 27 -97.08 14.15 -8.91
C GLY GB 27 -97.79 15.17 -8.06
N LEU GB 28 -97.58 16.46 -8.34
CA LEU GB 28 -98.30 17.48 -7.58
C LEU GB 28 -99.80 17.51 -7.86
N ILE GB 29 -100.27 17.21 -9.07
CA ILE GB 29 -101.62 17.66 -9.48
C ILE GB 29 -102.77 16.89 -8.82
N PRO GB 30 -102.75 15.57 -8.63
CA PRO GB 30 -103.82 14.94 -7.83
C PRO GB 30 -104.00 15.54 -6.44
N GLY GB 31 -102.96 16.10 -5.83
CA GLY GB 31 -103.14 16.78 -4.56
C GLY GB 31 -103.95 18.05 -4.71
N ILE GB 32 -103.62 18.86 -5.71
CA ILE GB 32 -104.31 20.13 -5.92
C ILE GB 32 -105.75 19.91 -6.32
N SER GB 33 -106.05 18.76 -6.95
CA SER GB 33 -107.44 18.50 -7.33
C SER GB 33 -108.36 18.43 -6.12
N ASN GB 34 -107.82 18.20 -4.93
CA ASN GB 34 -108.64 18.15 -3.72
C ASN GB 34 -109.22 19.51 -3.36
N GLN GB 35 -108.73 20.59 -3.97
CA GLN GB 35 -109.27 21.92 -3.69
C GLN GB 35 -110.75 22.04 -4.03
N GLY GB 36 -111.26 21.17 -4.90
CA GLY GB 36 -112.66 21.23 -5.29
C GLY GB 36 -113.42 19.95 -4.99
N SER GB 37 -113.15 19.35 -3.83
CA SER GB 37 -113.77 18.07 -3.49
C SER GB 37 -115.27 18.21 -3.28
N ILE GB 38 -115.73 19.35 -2.77
CA ILE GB 38 -117.08 19.49 -2.23
C ILE GB 38 -117.92 20.35 -3.15
N GLN GB 39 -119.19 19.93 -3.33
CA GLN GB 39 -120.19 20.71 -4.02
C GLN GB 39 -121.43 20.84 -3.13
N VAL GB 40 -121.94 22.05 -3.00
CA VAL GB 40 -123.18 22.28 -2.27
C VAL GB 40 -124.31 22.43 -3.29
N LEU GB 41 -125.28 21.53 -3.24
CA LEU GB 41 -126.29 21.46 -4.29
C LEU GB 41 -127.69 21.53 -3.70
N GLY GB 42 -128.58 22.21 -4.40
CA GLY GB 42 -129.92 22.46 -3.92
C GLY GB 42 -129.99 23.68 -3.04
N SER GB 43 -131.21 24.15 -2.79
CA SER GB 43 -131.42 25.31 -1.95
C SER GB 43 -131.49 24.88 -0.49
N GLY GB 44 -130.67 25.51 0.35
CA GLY GB 44 -130.66 25.21 1.77
C GLY GB 44 -131.73 25.98 2.52
N THR GB 45 -131.79 25.72 3.82
CA THR GB 45 -132.79 26.35 4.68
C THR GB 45 -132.15 26.82 5.98
N ILE GB 46 -132.58 27.98 6.45
CA ILE GB 46 -132.13 28.54 7.73
C ILE GB 46 -133.37 28.77 8.58
N THR GB 47 -133.33 28.29 9.83
CA THR GB 47 -134.49 28.27 10.70
C THR GB 47 -134.15 28.82 12.08
N ASN GB 48 -135.11 29.51 12.70
CA ASN GB 48 -134.91 30.03 14.05
C ASN GB 48 -134.87 28.87 15.05
N SER GB 49 -133.83 28.85 15.89
CA SER GB 49 -133.63 27.74 16.83
C SER GB 49 -133.21 28.26 18.19
N THR GB 50 -133.66 29.45 18.56
CA THR GB 50 -133.11 30.16 19.71
C THR GB 50 -133.74 29.76 21.04
N ALA GB 51 -134.82 28.97 21.03
CA ALA GB 51 -135.52 28.55 22.24
C ALA GB 51 -136.11 29.75 22.98
N SER GB 52 -136.94 30.53 22.29
CA SER GB 52 -137.80 31.56 22.88
C SER GB 52 -137.00 32.60 23.67
N GLY GB 53 -135.77 32.87 23.26
CA GLY GB 53 -134.94 33.83 23.96
C GLY GB 53 -133.99 33.27 24.98
N SER GB 54 -133.90 31.94 25.08
CA SER GB 54 -132.98 31.30 26.03
C SER GB 54 -131.57 31.14 25.48
N SER GB 55 -131.31 31.59 24.26
CA SER GB 55 -130.00 31.41 23.64
C SER GB 55 -129.66 32.63 22.81
N ARG GB 56 -128.36 32.78 22.52
CA ARG GB 56 -127.86 33.95 21.79
C ARG GB 56 -128.17 33.86 20.29
N THR GB 57 -129.47 33.84 19.97
CA THR GB 57 -129.98 33.86 18.59
C THR GB 57 -129.28 32.81 17.72
N ILE GB 58 -129.50 31.54 18.07
CA ILE GB 58 -128.87 30.44 17.36
C ILE GB 58 -129.80 29.93 16.28
N TYR GB 59 -129.27 29.83 15.05
CA TYR GB 59 -130.03 29.43 13.87
C TYR GB 59 -129.61 28.03 13.42
N ASN GB 60 -130.39 27.49 12.48
CA ASN GB 60 -130.22 26.14 11.96
C ASN GB 60 -129.95 26.28 10.46
N ILE GB 61 -128.78 25.81 10.01
CA ILE GB 61 -128.45 25.79 8.58
C ILE GB 61 -128.47 24.35 8.11
N THR GB 62 -129.33 24.06 7.14
CA THR GB 62 -129.40 22.75 6.51
C THR GB 62 -129.10 22.90 5.02
N ILE GB 63 -128.12 22.15 4.53
CA ILE GB 63 -127.70 22.21 3.14
C ILE GB 63 -127.30 20.81 2.68
N THR GB 64 -127.58 20.49 1.43
CA THR GB 64 -127.17 19.20 0.86
C THR GB 64 -125.77 19.33 0.28
N VAL GB 65 -124.84 18.53 0.80
CA VAL GB 65 -123.43 18.61 0.45
C VAL GB 65 -122.99 17.27 -0.13
N LYS GB 66 -122.22 17.34 -1.22
CA LYS GB 66 -121.65 16.16 -1.88
C LYS GB 66 -120.14 16.26 -1.82
N ASN GB 67 -119.49 15.19 -1.37
CA ASN GB 67 -118.04 15.15 -1.21
C ASN GB 67 -117.48 14.13 -2.19
N THR GB 68 -116.65 14.59 -3.11
CA THR GB 68 -116.00 13.72 -4.09
C THR GB 68 -114.57 13.38 -3.74
N GLY GB 69 -114.04 13.91 -2.64
CA GLY GB 69 -112.70 13.59 -2.22
C GLY GB 69 -112.61 12.27 -1.52
N THR GB 70 -111.39 11.89 -1.16
CA THR GB 70 -111.14 10.64 -0.45
C THR GB 70 -111.02 10.83 1.05
N THR GB 71 -111.22 12.04 1.55
CA THR GB 71 -111.12 12.33 2.98
C THR GB 71 -112.39 13.00 3.48
N SER GB 72 -112.67 12.79 4.77
CA SER GB 72 -113.78 13.49 5.40
C SER GB 72 -113.42 14.97 5.55
N ILE GB 73 -114.36 15.84 5.18
CA ILE GB 73 -114.11 17.28 5.14
C ILE GB 73 -115.16 17.97 6.00
N SER GB 74 -114.74 18.99 6.74
CA SER GB 74 -115.57 19.64 7.75
C SER GB 74 -115.77 21.12 7.43
N VAL GB 75 -116.87 21.66 7.96
CA VAL GB 75 -117.20 23.07 7.79
C VAL GB 75 -116.41 23.88 8.83
N THR GB 76 -115.50 24.73 8.37
CA THR GB 76 -114.69 25.51 9.28
C THR GB 76 -115.31 26.86 9.65
N SER GB 77 -115.99 27.51 8.70
CA SER GB 77 -116.61 28.80 8.97
C SER GB 77 -117.73 29.02 7.97
N ILE GB 78 -118.59 29.99 8.27
CA ILE GB 78 -119.71 30.33 7.41
C ILE GB 78 -119.93 31.84 7.43
N ASN GB 79 -120.25 32.38 6.25
CA ASN GB 79 -120.60 33.79 6.08
C ASN GB 79 -121.95 33.86 5.39
N ILE GB 80 -122.90 34.56 6.01
CA ILE GB 80 -124.26 34.65 5.52
C ILE GB 80 -124.53 36.09 5.10
N ASN GB 81 -124.77 36.29 3.80
CA ASN GB 81 -125.09 37.59 3.23
C ASN GB 81 -124.07 38.66 3.63
N GLY GB 82 -122.80 38.27 3.61
CA GLY GB 82 -121.72 39.17 3.95
C GLY GB 82 -121.39 39.26 5.43
N GLN GB 83 -122.27 38.79 6.31
CA GLN GB 83 -122.04 38.84 7.75
C GLN GB 83 -121.35 37.57 8.24
N PRO GB 84 -120.32 37.69 9.06
CA PRO GB 84 -119.65 36.49 9.58
C PRO GB 84 -120.55 35.74 10.55
N PHE GB 85 -120.35 34.42 10.63
CA PHE GB 85 -121.12 33.59 11.54
C PHE GB 85 -120.18 32.55 12.16
N ASN GB 86 -120.57 32.07 13.34
CA ASN GB 86 -119.76 31.12 14.10
C ASN GB 86 -120.59 29.87 14.41
N ILE GB 87 -120.03 28.70 14.14
CA ILE GB 87 -120.75 27.46 14.42
C ILE GB 87 -120.81 27.25 15.93
N ASN GB 88 -121.99 26.88 16.44
CA ASN GB 88 -122.19 26.78 17.88
C ASN GB 88 -121.71 25.46 18.47
N GLY GB 89 -121.89 24.35 17.76
CA GLY GB 89 -121.42 23.06 18.21
C GLY GB 89 -120.13 22.66 17.53
N THR GB 90 -119.82 21.36 17.61
CA THR GB 90 -118.71 20.83 16.85
C THR GB 90 -119.05 20.85 15.36
N ALA GB 91 -118.03 21.08 14.54
CA ALA GB 91 -118.26 21.26 13.11
C ALA GB 91 -118.76 19.95 12.49
N PRO GB 92 -119.75 20.03 11.61
CA PRO GB 92 -120.16 18.82 10.87
C PRO GB 92 -119.09 18.39 9.89
N SER GB 93 -119.05 17.10 9.60
CA SER GB 93 -118.06 16.54 8.70
C SER GB 93 -118.75 15.66 7.68
N ILE GB 94 -118.35 15.79 6.42
CA ILE GB 94 -118.96 15.08 5.30
C ILE GB 94 -118.01 13.95 4.90
N PRO GB 95 -118.44 12.69 5.00
CA PRO GB 95 -117.55 11.57 4.63
C PRO GB 95 -117.32 11.51 3.12
N ALA GB 96 -116.30 10.74 2.75
CA ALA GB 96 -115.92 10.62 1.35
C ALA GB 96 -117.02 9.96 0.52
N GLY GB 97 -117.22 10.46 -0.69
CA GLY GB 97 -118.16 9.88 -1.63
C GLY GB 97 -119.61 10.14 -1.32
N ARG GB 98 -119.94 10.70 -0.16
CA ARG GB 98 -121.33 10.83 0.26
C ARG GB 98 -121.97 12.08 -0.32
N THR GB 99 -123.30 12.02 -0.47
CA THR GB 99 -124.14 13.18 -0.68
C THR GB 99 -125.21 13.16 0.40
N GLN GB 100 -125.19 14.14 1.30
CA GLN GB 100 -126.06 14.06 2.46
C GLN GB 100 -126.44 15.46 2.95
N PRO GB 101 -127.54 15.57 3.68
CA PRO GB 101 -127.90 16.88 4.27
C PRO GB 101 -127.13 17.17 5.56
N ILE GB 102 -126.24 18.15 5.49
CA ILE GB 102 -125.55 18.65 6.68
C ILE GB 102 -126.44 19.67 7.36
N THR GB 103 -126.60 19.53 8.68
CA THR GB 103 -127.34 20.48 9.49
C THR GB 103 -126.47 20.91 10.65
N PHE GB 104 -126.36 22.22 10.88
CA PHE GB 104 -125.54 22.70 11.98
C PHE GB 104 -126.08 24.01 12.52
N GLU GB 105 -125.84 24.23 13.82
CA GLU GB 105 -126.25 25.45 14.50
C GLU GB 105 -125.24 26.56 14.26
N VAL GB 106 -125.71 27.80 14.23
CA VAL GB 106 -124.84 28.93 13.95
C VAL GB 106 -125.29 30.15 14.74
N THR GB 107 -124.34 31.03 15.02
CA THR GB 107 -124.50 32.25 15.80
C THR GB 107 -123.96 33.43 15.03
N PRO GB 108 -124.54 34.62 15.23
CA PRO GB 108 -123.93 35.82 14.65
C PRO GB 108 -122.61 36.14 15.34
N ALA GB 109 -121.57 36.37 14.54
CA ALA GB 109 -120.28 36.75 15.11
C ALA GB 109 -120.33 38.16 15.69
N SER GB 110 -121.11 39.06 15.08
CA SER GB 110 -121.29 40.39 15.60
C SER GB 110 -122.66 40.90 15.19
N GLY GB 111 -123.23 41.78 16.01
CA GLY GB 111 -124.52 42.33 15.69
C GLY GB 111 -125.64 41.32 15.87
N LYS GB 112 -126.78 41.65 15.28
CA LYS GB 112 -127.99 40.81 15.34
C LYS GB 112 -128.67 40.92 13.99
N PRO GB 113 -128.48 39.93 13.12
CA PRO GB 113 -129.10 39.99 11.80
C PRO GB 113 -130.53 39.51 11.85
N ASN GB 114 -131.41 40.24 11.16
CA ASN GB 114 -132.82 39.94 11.16
C ASN GB 114 -133.21 39.39 9.80
N PHE GB 115 -133.93 38.28 9.79
CA PHE GB 115 -134.34 37.60 8.58
C PHE GB 115 -135.85 37.70 8.41
N SER GB 116 -136.29 37.76 7.16
CA SER GB 116 -137.71 37.81 6.85
C SER GB 116 -138.18 36.49 6.28
N PRO GB 117 -139.41 36.07 6.58
CA PRO GB 117 -139.89 34.77 6.11
C PRO GB 117 -139.87 34.68 4.58
N GLY GB 118 -139.37 33.55 4.09
CA GLY GB 118 -139.37 33.29 2.65
C GLY GB 118 -138.31 34.01 1.86
N ALA GB 119 -137.50 34.86 2.48
CA ALA GB 119 -136.45 35.56 1.75
C ALA GB 119 -135.28 34.63 1.48
N SER GB 120 -134.52 34.97 0.44
CA SER GB 120 -133.35 34.19 0.04
C SER GB 120 -132.09 34.92 0.47
N TYR GB 121 -131.22 34.24 1.21
CA TYR GB 121 -129.98 34.80 1.71
C TYR GB 121 -128.83 33.94 1.20
N THR GB 122 -127.84 34.57 0.59
CA THR GB 122 -126.69 33.83 0.10
C THR GB 122 -125.69 33.62 1.22
N ALA GB 123 -125.16 32.40 1.32
CA ALA GB 123 -124.18 32.05 2.32
C ALA GB 123 -123.02 31.33 1.67
N THR GB 124 -121.81 31.65 2.12
CA THR GB 124 -120.61 30.97 1.65
C THR GB 124 -120.13 30.04 2.76
N ILE GB 125 -120.11 28.75 2.48
CA ILE GB 125 -119.65 27.75 3.44
C ILE GB 125 -118.20 27.43 3.10
N TYR GB 126 -117.30 27.66 4.06
CA TYR GB 126 -115.88 27.40 3.88
C TYR GB 126 -115.57 26.05 4.52
N PHE GB 127 -115.09 25.11 3.70
CA PHE GB 127 -114.78 23.78 4.17
C PHE GB 127 -113.28 23.66 4.44
N SER GB 128 -112.88 22.53 5.04
CA SER GB 128 -111.51 22.37 5.48
C SER GB 128 -110.52 22.36 4.32
N ASN GB 129 -110.99 22.16 3.09
CA ASN GB 129 -110.12 22.28 1.93
C ASN GB 129 -109.70 23.71 1.65
N GLY GB 130 -110.29 24.68 2.34
CA GLY GB 130 -110.22 26.06 1.91
C GLY GB 130 -111.20 26.42 0.83
N GLN GB 131 -111.97 25.45 0.34
CA GLN GB 131 -112.95 25.70 -0.70
C GLN GB 131 -114.14 26.44 -0.12
N GLY GB 132 -114.55 27.52 -0.78
CA GLY GB 132 -115.71 28.27 -0.36
C GLY GB 132 -116.87 28.11 -1.32
N ALA GB 133 -117.90 27.38 -0.90
CA ALA GB 133 -119.03 27.10 -1.76
C ALA GB 133 -120.14 28.11 -1.51
N PRO GB 134 -120.57 28.86 -2.52
CA PRO GB 134 -121.76 29.70 -2.35
C PRO GB 134 -123.03 28.89 -2.47
N ALA GB 135 -124.01 29.23 -1.66
CA ALA GB 135 -125.29 28.54 -1.62
C ALA GB 135 -126.38 29.53 -1.25
N THR GB 136 -127.62 29.14 -1.52
CA THR GB 136 -128.78 29.98 -1.24
C THR GB 136 -129.63 29.33 -0.15
N LEU GB 137 -129.87 30.06 0.92
CA LEU GB 137 -130.68 29.60 2.03
C LEU GB 137 -132.00 30.36 2.04
N ILE GB 138 -133.10 29.61 2.16
CA ILE GB 138 -134.42 30.21 2.29
C ILE GB 138 -134.81 30.19 3.75
N TYR GB 139 -135.12 31.36 4.31
CA TYR GB 139 -135.49 31.45 5.72
C TYR GB 139 -136.89 30.88 5.92
N GLN GB 140 -137.03 30.03 6.95
CA GLN GB 140 -138.28 29.32 7.19
C GLN GB 140 -138.85 29.53 8.59
N GLY GB 141 -138.12 30.18 9.49
CA GLY GB 141 -138.58 30.35 10.86
C GLY GB 141 -139.67 31.39 11.04
N LEU HB 1 -61.60 17.33 -9.03
CA LEU HB 1 -62.26 17.77 -7.81
C LEU HB 1 -63.01 19.07 -8.04
N SER HB 2 -62.56 19.82 -9.05
CA SER HB 2 -63.11 21.15 -9.31
C SER HB 2 -64.58 21.08 -9.67
N GLY HB 3 -64.96 20.10 -10.49
CA GLY HB 3 -66.32 20.05 -11.01
C GLY HB 3 -67.37 19.95 -9.93
N ALA HB 4 -67.13 19.13 -8.91
CA ALA HB 4 -68.13 18.95 -7.86
C ALA HB 4 -68.30 20.21 -7.02
N ILE HB 5 -67.19 20.88 -6.68
CA ILE HB 5 -67.29 22.10 -5.90
C ILE HB 5 -67.97 23.21 -6.71
N VAL HB 6 -67.65 23.30 -8.00
CA VAL HB 6 -68.31 24.30 -8.85
C VAL HB 6 -69.81 24.01 -8.94
N ALA HB 7 -70.18 22.73 -9.09
CA ALA HB 7 -71.59 22.38 -9.15
C ALA HB 7 -72.30 22.71 -7.84
N LEU HB 8 -71.64 22.46 -6.71
CA LEU HB 8 -72.25 22.80 -5.42
C LEU HB 8 -72.43 24.31 -5.28
N ILE HB 9 -71.43 25.09 -5.71
CA ILE HB 9 -71.55 26.54 -5.67
C ILE HB 9 -72.74 26.99 -6.50
N LEU HB 10 -72.87 26.44 -7.71
CA LEU HB 10 -73.96 26.84 -8.59
C LEU HB 10 -75.31 26.39 -8.05
N VAL HB 11 -75.36 25.25 -7.37
CA VAL HB 11 -76.62 24.79 -6.77
C VAL HB 11 -77.06 25.77 -5.68
N ILE HB 12 -76.13 26.14 -4.80
CA ILE HB 12 -76.48 27.07 -3.72
C ILE HB 12 -76.90 28.42 -4.29
N ALA HB 13 -76.15 28.91 -5.29
CA ALA HB 13 -76.49 30.19 -5.89
C ALA HB 13 -77.83 30.15 -6.60
N GLY HB 14 -78.14 29.03 -7.25
CA GLY HB 14 -79.45 28.89 -7.87
C GLY HB 14 -80.56 28.93 -6.85
N VAL HB 15 -80.36 28.28 -5.70
CA VAL HB 15 -81.33 28.36 -4.61
C VAL HB 15 -81.52 29.81 -4.19
N ILE HB 16 -80.41 30.53 -4.04
CA ILE HB 16 -80.48 31.93 -3.59
C ILE HB 16 -81.29 32.77 -4.58
N ILE HB 17 -80.95 32.68 -5.86
CA ILE HB 17 -81.60 33.54 -6.85
C ILE HB 17 -83.06 33.16 -7.03
N ALA HB 18 -83.37 31.85 -7.00
CA ALA HB 18 -84.75 31.42 -7.13
C ALA HB 18 -85.60 31.92 -5.97
N ILE HB 19 -85.07 31.83 -4.75
CA ILE HB 19 -85.82 32.33 -3.59
C ILE HB 19 -85.99 33.83 -3.68
N ALA HB 20 -84.97 34.53 -4.19
CA ALA HB 20 -85.10 35.97 -4.37
C ALA HB 20 -86.22 36.31 -5.34
N VAL HB 21 -86.31 35.57 -6.45
CA VAL HB 21 -87.36 35.80 -7.43
C VAL HB 21 -88.74 35.48 -6.85
N VAL HB 22 -88.81 34.43 -6.02
CA VAL HB 22 -90.09 34.08 -5.40
C VAL HB 22 -90.54 35.19 -4.45
N LEU HB 23 -89.60 35.72 -3.66
CA LEU HB 23 -89.94 36.82 -2.76
C LEU HB 23 -90.34 38.07 -3.54
N PHE HB 24 -89.70 38.31 -4.69
CA PHE HB 24 -90.11 39.41 -5.55
C PHE HB 24 -91.54 39.22 -6.05
N ALA HB 25 -91.88 37.99 -6.44
CA ALA HB 25 -93.25 37.69 -6.87
C ALA HB 25 -94.23 37.96 -5.74
N PHE HB 26 -93.88 37.56 -4.52
CA PHE HB 26 -94.74 37.85 -3.38
C PHE HB 26 -94.87 39.34 -3.11
N GLY HB 27 -93.80 40.09 -3.35
CA GLY HB 27 -93.84 41.53 -3.16
C GLY HB 27 -94.60 42.30 -4.22
N LEU HB 28 -94.78 41.69 -5.39
CA LEU HB 28 -95.60 42.35 -6.43
C LEU HB 28 -97.07 42.44 -6.06
N ILE HB 29 -97.57 41.51 -5.26
CA ILE HB 29 -99.01 41.36 -5.01
C ILE HB 29 -99.66 42.65 -4.49
N PRO HB 30 -99.10 43.36 -3.52
CA PRO HB 30 -99.78 44.57 -3.02
C PRO HB 30 -100.03 45.62 -4.10
N GLY HB 31 -99.10 45.80 -5.04
CA GLY HB 31 -99.31 46.80 -6.08
C GLY HB 31 -100.43 46.42 -7.04
N ILE HB 32 -100.49 45.15 -7.43
CA ILE HB 32 -101.51 44.72 -8.38
C ILE HB 32 -102.84 44.48 -7.68
N SER HB 33 -102.81 43.89 -6.49
CA SER HB 33 -104.03 43.56 -5.76
C SER HB 33 -104.49 44.82 -5.04
N ASN HB 34 -105.38 45.56 -5.69
CA ASN HB 34 -105.90 46.83 -5.16
C ASN HB 34 -107.41 46.84 -5.43
N GLN HB 35 -108.17 46.35 -4.46
CA GLN HB 35 -109.63 46.41 -4.56
C GLN HB 35 -110.11 47.83 -4.30
N GLY HB 36 -111.40 48.03 -4.49
CA GLY HB 36 -111.96 49.36 -4.34
C GLY HB 36 -111.94 50.12 -5.64
N SER HB 37 -112.96 50.91 -5.89
CA SER HB 37 -113.09 51.62 -7.14
C SER HB 37 -114.03 52.81 -6.93
N ILE HB 38 -114.02 53.72 -7.89
CA ILE HB 38 -115.01 54.78 -7.91
C ILE HB 38 -116.28 54.29 -8.59
N GLN HB 39 -117.40 54.44 -7.90
CA GLN HB 39 -118.69 53.99 -8.36
C GLN HB 39 -119.58 55.19 -8.60
N VAL HB 40 -120.22 55.26 -9.76
CA VAL HB 40 -121.12 56.35 -10.10
C VAL HB 40 -122.55 55.89 -9.82
N LEU HB 41 -123.23 56.59 -8.93
CA LEU HB 41 -124.53 56.20 -8.43
C LEU HB 41 -125.62 57.07 -9.04
N GLY HB 42 -126.60 56.44 -9.68
CA GLY HB 42 -127.72 57.16 -10.24
C GLY HB 42 -127.35 57.95 -11.47
N SER HB 43 -128.34 58.67 -11.99
CA SER HB 43 -128.14 59.49 -13.17
C SER HB 43 -127.56 60.85 -12.81
N GLY HB 44 -126.63 61.32 -13.64
CA GLY HB 44 -126.11 62.67 -13.51
C GLY HB 44 -126.86 63.64 -14.42
N THR HB 45 -126.40 64.89 -14.39
CA THR HB 45 -127.04 65.96 -15.14
C THR HB 45 -126.01 66.79 -15.89
N ILE HB 46 -126.36 67.16 -17.12
CA ILE HB 46 -125.59 68.11 -17.93
C ILE HB 46 -126.41 69.39 -18.04
N THR HB 47 -125.78 70.52 -17.72
CA THR HB 47 -126.45 71.82 -17.78
C THR HB 47 -125.59 72.77 -18.61
N ASN HB 48 -126.22 73.63 -19.40
CA ASN HB 48 -125.48 74.54 -20.26
C ASN HB 48 -124.93 75.70 -19.45
N SER HB 49 -123.61 75.79 -19.37
CA SER HB 49 -122.95 76.86 -18.62
C SER HB 49 -122.46 78.00 -19.50
N THR HB 50 -122.48 77.84 -20.83
CA THR HB 50 -122.04 78.89 -21.73
C THR HB 50 -122.89 80.14 -21.54
N ALA HB 51 -122.24 81.30 -21.46
CA ALA HB 51 -122.93 82.54 -21.17
C ALA HB 51 -122.24 83.69 -21.87
N SER HB 52 -122.97 84.82 -21.95
CA SER HB 52 -122.46 86.10 -22.43
C SER HB 52 -122.01 86.06 -23.88
N GLY HB 53 -122.46 85.06 -24.64
CA GLY HB 53 -122.07 84.97 -26.03
C GLY HB 53 -120.60 84.70 -26.26
N SER HB 54 -119.89 84.18 -25.26
CA SER HB 54 -118.49 83.84 -25.43
C SER HB 54 -118.36 82.65 -26.39
N SER HB 55 -117.18 82.55 -27.00
CA SER HB 55 -117.01 81.64 -28.13
C SER HB 55 -116.97 80.18 -27.70
N ARG HB 56 -116.58 79.89 -26.46
CA ARG HB 56 -116.34 78.52 -26.03
C ARG HB 56 -117.51 77.98 -25.23
N THR HB 57 -118.02 76.83 -25.64
CA THR HB 57 -119.13 76.19 -24.95
C THR HB 57 -118.63 75.38 -23.76
N ILE HB 58 -119.25 75.60 -22.60
CA ILE HB 58 -118.90 74.90 -21.37
C ILE HB 58 -120.16 74.32 -20.76
N TYR HB 59 -120.07 73.11 -20.24
CA TYR HB 59 -121.21 72.41 -19.64
C TYR HB 59 -120.88 71.98 -18.23
N ASN HB 60 -121.84 72.13 -17.33
CA ASN HB 60 -121.77 71.59 -15.99
C ASN HB 60 -122.18 70.13 -16.02
N ILE HB 61 -121.40 69.28 -15.37
CA ILE HB 61 -121.75 67.87 -15.21
C ILE HB 61 -121.75 67.57 -13.72
N THR HB 62 -122.90 67.08 -13.24
CA THR HB 62 -123.06 66.72 -11.83
C THR HB 62 -123.39 65.24 -11.74
N ILE HB 63 -122.62 64.51 -10.93
CA ILE HB 63 -122.82 63.08 -10.74
C ILE HB 63 -122.56 62.75 -9.28
N THR HB 64 -123.29 61.75 -8.77
CA THR HB 64 -123.04 61.24 -7.42
C THR HB 64 -121.98 60.15 -7.50
N VAL HB 65 -120.93 60.29 -6.70
CA VAL HB 65 -119.73 59.47 -6.83
C VAL HB 65 -119.37 58.90 -5.46
N LYS HB 66 -118.92 57.66 -5.45
CA LYS HB 66 -118.61 56.94 -4.22
C LYS HB 66 -117.24 56.28 -4.39
N ASN HB 67 -116.26 56.75 -3.63
CA ASN HB 67 -114.91 56.20 -3.69
C ASN HB 67 -114.81 55.08 -2.65
N THR HB 68 -114.85 53.84 -3.12
CA THR HB 68 -114.75 52.70 -2.21
C THR HB 68 -113.32 52.34 -1.86
N GLY HB 69 -112.33 52.99 -2.49
CA GLY HB 69 -110.94 52.68 -2.23
C GLY HB 69 -110.38 53.45 -1.04
N THR HB 70 -109.08 53.27 -0.82
CA THR HB 70 -108.37 53.92 0.27
C THR HB 70 -107.50 55.07 -0.21
N THR HB 71 -107.63 55.48 -1.47
CA THR HB 71 -106.77 56.51 -2.03
C THR HB 71 -107.62 57.58 -2.72
N SER HB 72 -107.12 58.81 -2.71
CA SER HB 72 -107.79 59.91 -3.40
C SER HB 72 -107.68 59.71 -4.91
N ILE HB 73 -108.80 59.94 -5.61
CA ILE HB 73 -108.84 59.72 -7.05
C ILE HB 73 -109.53 60.93 -7.68
N SER HB 74 -109.10 61.28 -8.89
CA SER HB 74 -109.61 62.43 -9.61
C SER HB 74 -110.05 62.02 -11.01
N VAL HB 75 -110.94 62.82 -11.60
CA VAL HB 75 -111.38 62.59 -12.96
C VAL HB 75 -110.31 63.10 -13.92
N THR HB 76 -110.23 62.47 -15.09
CA THR HB 76 -109.23 62.86 -16.08
C THR HB 76 -109.86 63.20 -17.42
N SER HB 77 -111.01 62.60 -17.73
CA SER HB 77 -111.70 62.84 -18.99
C SER HB 77 -113.11 62.30 -18.89
N ILE HB 78 -113.95 62.74 -19.83
CA ILE HB 78 -115.29 62.20 -19.97
C ILE HB 78 -115.61 62.10 -21.46
N ASN HB 79 -116.35 61.06 -21.82
CA ASN HB 79 -116.84 60.87 -23.18
C ASN HB 79 -118.36 60.81 -23.12
N ILE HB 80 -119.02 61.72 -23.80
CA ILE HB 80 -120.47 61.81 -23.80
C ILE HB 80 -120.98 61.59 -25.21
N ASN HB 81 -121.87 60.61 -25.37
CA ASN HB 81 -122.54 60.34 -26.65
C ASN HB 81 -121.52 60.06 -27.75
N GLY HB 82 -120.40 59.42 -27.41
CA GLY HB 82 -119.36 59.12 -28.36
C GLY HB 82 -118.38 60.23 -28.62
N GLN HB 83 -118.58 61.40 -28.00
CA GLN HB 83 -117.76 62.58 -28.23
C GLN HB 83 -116.88 62.84 -27.02
N PRO HB 84 -115.58 63.07 -27.21
CA PRO HB 84 -114.71 63.34 -26.06
C PRO HB 84 -114.82 64.78 -25.59
N PHE HB 85 -114.73 64.98 -24.27
CA PHE HB 85 -114.78 66.30 -23.67
C PHE HB 85 -113.58 66.49 -22.76
N ASN HB 86 -113.14 67.73 -22.63
CA ASN HB 86 -112.00 68.08 -21.79
C ASN HB 86 -112.49 68.71 -20.50
N ILE HB 87 -111.93 68.26 -19.37
CA ILE HB 87 -112.36 68.76 -18.07
C ILE HB 87 -111.72 70.12 -17.82
N ASN HB 88 -112.46 71.18 -18.13
CA ASN HB 88 -112.00 72.53 -17.86
C ASN HB 88 -111.70 72.71 -16.37
N GLY HB 89 -110.58 73.33 -16.08
CA GLY HB 89 -110.23 73.70 -14.71
C GLY HB 89 -109.60 72.56 -13.94
N THR HB 90 -109.25 72.89 -12.70
CA THR HB 90 -108.73 71.89 -11.76
C THR HB 90 -109.73 70.76 -11.60
N ALA HB 91 -109.33 69.56 -12.01
CA ALA HB 91 -110.23 68.42 -11.97
C ALA HB 91 -110.58 68.07 -10.53
N PRO HB 92 -111.86 67.79 -10.24
CA PRO HB 92 -112.25 67.48 -8.87
C PRO HB 92 -111.63 66.17 -8.39
N SER HB 93 -111.35 66.12 -7.09
CA SER HB 93 -110.76 64.96 -6.45
C SER HB 93 -111.77 64.35 -5.49
N ILE HB 94 -111.88 63.02 -5.50
CA ILE HB 94 -112.85 62.30 -4.69
C ILE HB 94 -112.08 61.66 -3.53
N PRO HB 95 -112.30 62.09 -2.29
CA PRO HB 95 -111.60 61.51 -1.14
C PRO HB 95 -112.01 60.06 -0.91
N ALA HB 96 -111.13 59.35 -0.21
CA ALA HB 96 -111.33 57.92 0.03
C ALA HB 96 -112.54 57.68 0.93
N GLY HB 97 -113.27 56.62 0.62
CA GLY HB 97 -114.36 56.15 1.46
C GLY HB 97 -115.55 57.09 1.56
N ARG HB 98 -115.69 58.05 0.65
CA ARG HB 98 -116.69 59.09 0.77
C ARG HB 98 -117.62 59.10 -0.44
N THR HB 99 -118.89 59.34 -0.17
CA THR HB 99 -119.90 59.55 -1.21
C THR HB 99 -120.22 61.03 -1.30
N GLN HB 100 -120.08 61.61 -2.47
CA GLN HB 100 -120.25 63.04 -2.67
C GLN HB 100 -121.00 63.32 -3.97
N PRO HB 101 -121.77 64.41 -4.00
CA PRO HB 101 -122.15 65.00 -5.29
C PRO HB 101 -120.97 65.79 -5.84
N ILE HB 102 -120.48 65.36 -7.00
CA ILE HB 102 -119.31 65.94 -7.63
C ILE HB 102 -119.76 66.67 -8.90
N THR HB 103 -119.30 67.90 -9.05
CA THR HB 103 -119.68 68.75 -10.18
C THR HB 103 -118.44 69.34 -10.82
N PHE HB 104 -118.37 69.27 -12.15
CA PHE HB 104 -117.22 69.80 -12.85
C PHE HB 104 -117.64 70.35 -14.20
N GLU HB 105 -116.88 71.33 -14.68
CA GLU HB 105 -117.14 71.96 -15.97
C GLU HB 105 -116.31 71.28 -17.06
N VAL HB 106 -116.93 71.11 -18.22
CA VAL HB 106 -116.34 70.37 -19.33
C VAL HB 106 -116.57 71.11 -20.64
N THR HB 107 -115.66 70.92 -21.58
CA THR HB 107 -115.76 71.52 -22.89
C THR HB 107 -115.54 70.47 -23.97
N PRO HB 108 -116.20 70.62 -25.12
CA PRO HB 108 -116.00 69.64 -26.21
C PRO HB 108 -114.58 69.70 -26.75
N ALA HB 109 -113.96 68.53 -26.86
CA ALA HB 109 -112.62 68.47 -27.43
C ALA HB 109 -112.63 68.79 -28.92
N SER HB 110 -113.72 68.44 -29.61
CA SER HB 110 -113.87 68.75 -31.01
C SER HB 110 -115.36 68.81 -31.35
N GLY HB 111 -115.67 69.53 -32.43
CA GLY HB 111 -117.04 69.61 -32.88
C GLY HB 111 -117.93 70.35 -31.89
N LYS HB 112 -119.23 70.04 -31.96
CA LYS HB 112 -120.20 70.64 -31.06
C LYS HB 112 -121.26 69.61 -30.69
N PRO HB 113 -121.73 69.63 -29.44
CA PRO HB 113 -122.76 68.68 -29.02
C PRO HB 113 -124.12 69.02 -29.60
N ASN HB 114 -125.01 68.02 -29.61
CA ASN HB 114 -126.37 68.13 -30.12
C ASN HB 114 -127.42 67.88 -29.03
N PHE HB 115 -127.08 68.19 -27.79
CA PHE HB 115 -127.93 67.80 -26.66
C PHE HB 115 -129.34 68.36 -26.82
N SER HB 116 -130.31 67.57 -26.36
CA SER HB 116 -131.72 67.94 -26.39
C SER HB 116 -132.28 67.91 -24.97
N PRO HB 117 -133.14 68.86 -24.62
CA PRO HB 117 -133.67 68.90 -23.25
C PRO HB 117 -134.39 67.63 -22.88
N GLY HB 118 -134.06 67.10 -21.70
CA GLY HB 118 -134.70 65.89 -21.20
C GLY HB 118 -134.14 64.59 -21.74
N ALA HB 119 -133.26 64.64 -22.73
CA ALA HB 119 -132.70 63.42 -23.29
C ALA HB 119 -131.64 62.84 -22.34
N SER HB 120 -131.48 61.52 -22.41
CA SER HB 120 -130.51 60.81 -21.60
C SER HB 120 -129.39 60.30 -22.50
N TYR HB 121 -128.15 60.63 -22.15
CA TYR HB 121 -126.98 60.31 -22.94
C TYR HB 121 -126.05 59.42 -22.13
N THR HB 122 -125.58 58.33 -22.75
CA THR HB 122 -124.62 57.47 -22.10
C THR HB 122 -123.24 58.11 -22.17
N ALA HB 123 -122.55 58.16 -21.03
CA ALA HB 123 -121.22 58.75 -20.93
C ALA HB 123 -120.31 57.79 -20.20
N THR HB 124 -119.01 58.06 -20.30
CA THR HB 124 -117.99 57.30 -19.60
C THR HB 124 -117.04 58.29 -18.95
N ILE HB 125 -116.88 58.18 -17.63
CA ILE HB 125 -116.00 59.07 -16.87
C ILE HB 125 -114.74 58.29 -16.52
N TYR HB 126 -113.58 58.83 -16.90
CA TYR HB 126 -112.32 58.14 -16.71
C TYR HB 126 -111.57 58.79 -15.55
N PHE HB 127 -111.13 57.96 -14.61
CA PHE HB 127 -110.51 58.42 -13.38
C PHE HB 127 -109.02 58.12 -13.39
N SER HB 128 -108.32 58.68 -12.39
CA SER HB 128 -106.86 58.67 -12.38
C SER HB 128 -106.28 57.26 -12.35
N ASN HB 129 -107.00 56.29 -11.82
CA ASN HB 129 -106.53 54.91 -11.86
C ASN HB 129 -106.57 54.31 -13.25
N GLY HB 130 -107.20 54.98 -14.20
CA GLY HB 130 -107.44 54.44 -15.52
C GLY HB 130 -108.77 53.74 -15.68
N GLN HB 131 -109.42 53.40 -14.57
CA GLN HB 131 -110.75 52.79 -14.65
C GLN HB 131 -111.76 53.81 -15.14
N GLY HB 132 -112.76 53.33 -15.86
CA GLY HB 132 -113.77 54.19 -16.43
C GLY HB 132 -115.17 53.73 -16.10
N ALA HB 133 -115.95 54.60 -15.46
CA ALA HB 133 -117.29 54.26 -15.05
C ALA HB 133 -118.30 54.71 -16.10
N PRO HB 134 -119.12 53.82 -16.64
CA PRO HB 134 -120.25 54.25 -17.47
C PRO HB 134 -121.33 54.88 -16.61
N ALA HB 135 -121.97 55.91 -17.14
CA ALA HB 135 -123.01 56.64 -16.44
C ALA HB 135 -124.03 57.14 -17.45
N THR HB 136 -125.19 57.55 -16.95
CA THR HB 136 -126.23 58.16 -17.77
C THR HB 136 -126.44 59.59 -17.31
N LEU HB 137 -126.36 60.54 -18.25
CA LEU HB 137 -126.48 61.95 -17.95
C LEU HB 137 -127.71 62.51 -18.65
N ILE HB 138 -128.57 63.19 -17.90
CA ILE HB 138 -129.76 63.81 -18.43
C ILE HB 138 -129.46 65.28 -18.69
N TYR HB 139 -129.80 65.76 -19.87
CA TYR HB 139 -129.54 67.16 -20.23
C TYR HB 139 -130.70 68.01 -19.73
N GLN HB 140 -130.41 68.94 -18.82
CA GLN HB 140 -131.42 69.77 -18.19
C GLN HB 140 -131.59 71.13 -18.84
N GLY HB 141 -130.74 71.48 -19.79
CA GLY HB 141 -130.82 72.78 -20.44
C GLY HB 141 -130.10 73.87 -19.68
N LEU IB 1 -63.98 23.68 -14.08
CA LEU IB 1 -64.11 25.05 -14.55
C LEU IB 1 -65.26 25.17 -15.56
N SER IB 2 -65.66 24.03 -16.11
CA SER IB 2 -66.64 24.03 -17.20
C SER IB 2 -68.01 24.53 -16.74
N GLY IB 3 -68.42 24.19 -15.52
CA GLY IB 3 -69.78 24.44 -15.10
C GLY IB 3 -70.15 25.91 -15.10
N ALA IB 4 -69.24 26.77 -14.64
CA ALA IB 4 -69.54 28.20 -14.61
C ALA IB 4 -69.65 28.76 -16.02
N ILE IB 5 -68.82 28.28 -16.95
CA ILE IB 5 -68.90 28.70 -18.34
C ILE IB 5 -70.25 28.32 -18.93
N VAL IB 6 -70.68 27.08 -18.70
CA VAL IB 6 -71.98 26.63 -19.20
C VAL IB 6 -73.10 27.46 -18.60
N ALA IB 7 -73.01 27.75 -17.30
CA ALA IB 7 -74.03 28.54 -16.63
C ALA IB 7 -74.12 29.95 -17.23
N LEU IB 8 -72.97 30.57 -17.52
CA LEU IB 8 -72.97 31.89 -18.14
C LEU IB 8 -73.67 31.86 -19.49
N ILE IB 9 -73.32 30.87 -20.33
CA ILE IB 9 -73.95 30.75 -21.64
C ILE IB 9 -75.46 30.63 -21.50
N LEU IB 10 -75.91 29.74 -20.60
CA LEU IB 10 -77.33 29.50 -20.45
C LEU IB 10 -78.06 30.69 -19.88
N VAL IB 11 -77.44 31.44 -18.97
CA VAL IB 11 -78.09 32.62 -18.41
C VAL IB 11 -78.35 33.65 -19.49
N ILE IB 12 -77.34 33.92 -20.33
CA ILE IB 12 -77.55 34.92 -21.37
C ILE IB 12 -78.59 34.44 -22.38
N ALA IB 13 -78.54 33.16 -22.74
CA ALA IB 13 -79.54 32.64 -23.68
C ALA IB 13 -80.94 32.73 -23.11
N GLY IB 14 -81.09 32.46 -21.81
CA GLY IB 14 -82.40 32.57 -21.19
C GLY IB 14 -82.94 33.99 -21.24
N VAL IB 15 -82.07 34.98 -20.97
CA VAL IB 15 -82.50 36.37 -21.10
C VAL IB 15 -83.03 36.64 -22.51
N ILE IB 16 -82.25 36.22 -23.51
CA ILE IB 16 -82.62 36.51 -24.90
C ILE IB 16 -83.97 35.88 -25.24
N ILE IB 17 -84.15 34.60 -24.92
CA ILE IB 17 -85.36 33.90 -25.33
C ILE IB 17 -86.58 34.43 -24.59
N ALA IB 18 -86.41 34.77 -23.30
CA ALA IB 18 -87.54 35.33 -22.56
C ALA IB 18 -87.99 36.66 -23.16
N ILE IB 19 -87.04 37.53 -23.51
CA ILE IB 19 -87.42 38.80 -24.13
C ILE IB 19 -88.12 38.55 -25.46
N ALA IB 20 -87.62 37.58 -26.23
CA ALA IB 20 -88.26 37.27 -27.51
C ALA IB 20 -89.70 36.82 -27.32
N VAL IB 21 -89.95 35.98 -26.31
CA VAL IB 21 -91.30 35.49 -26.06
C VAL IB 21 -92.22 36.65 -25.65
N VAL IB 22 -91.71 37.56 -24.82
CA VAL IB 22 -92.52 38.71 -24.41
C VAL IB 22 -92.90 39.55 -25.61
N LEU IB 23 -91.93 39.80 -26.50
CA LEU IB 23 -92.23 40.60 -27.68
C LEU IB 23 -93.19 39.89 -28.62
N PHE IB 24 -93.12 38.56 -28.71
CA PHE IB 24 -94.10 37.82 -29.49
C PHE IB 24 -95.51 37.97 -28.90
N ALA IB 25 -95.61 37.91 -27.57
CA ALA IB 25 -96.90 38.10 -26.92
C ALA IB 25 -97.48 39.48 -27.25
N PHE IB 26 -96.62 40.50 -27.26
CA PHE IB 26 -97.09 41.82 -27.65
C PHE IB 26 -97.44 41.89 -29.13
N GLY IB 27 -96.73 41.16 -29.98
CA GLY IB 27 -96.98 41.21 -31.41
C GLY IB 27 -98.23 40.49 -31.85
N LEU IB 28 -98.73 39.54 -31.05
CA LEU IB 28 -99.93 38.83 -31.44
C LEU IB 28 -101.16 39.74 -31.54
N ILE IB 29 -101.18 40.85 -30.81
CA ILE IB 29 -102.43 41.58 -30.58
C ILE IB 29 -103.14 42.01 -31.87
N PRO IB 30 -102.46 42.57 -32.87
CA PRO IB 30 -103.19 43.06 -34.05
C PRO IB 30 -104.00 42.00 -34.78
N GLY IB 31 -103.57 40.73 -34.75
CA GLY IB 31 -104.30 39.70 -35.47
C GLY IB 31 -105.69 39.44 -34.92
N ILE IB 32 -105.91 39.77 -33.64
CA ILE IB 32 -107.20 39.51 -33.02
C ILE IB 32 -108.28 40.41 -33.62
N SER IB 33 -107.92 41.63 -33.99
CA SER IB 33 -108.90 42.60 -34.47
C SER IB 33 -109.68 42.08 -35.68
N ASN IB 34 -109.01 41.33 -36.55
CA ASN IB 34 -109.63 40.90 -37.80
C ASN IB 34 -110.72 39.85 -37.58
N GLN IB 35 -110.85 39.30 -36.38
CA GLN IB 35 -111.81 38.24 -36.14
C GLN IB 35 -113.26 38.71 -36.19
N GLY IB 36 -113.51 40.02 -36.23
CA GLY IB 36 -114.88 40.50 -36.26
C GLY IB 36 -115.17 41.48 -37.38
N SER IB 37 -114.49 41.30 -38.52
CA SER IB 37 -114.59 42.27 -39.61
C SER IB 37 -115.98 42.31 -40.23
N ILE IB 38 -116.68 41.17 -40.24
CA ILE IB 38 -117.91 41.03 -41.04
C ILE IB 38 -119.12 40.88 -40.14
N GLN IB 39 -120.24 41.46 -40.58
CA GLN IB 39 -121.52 41.26 -39.94
C GLN IB 39 -122.61 41.09 -40.99
N VAL IB 40 -123.47 40.09 -40.78
CA VAL IB 40 -124.59 39.83 -41.69
C VAL IB 40 -125.77 40.70 -41.29
N LEU IB 41 -126.39 41.35 -42.27
CA LEU IB 41 -127.48 42.29 -42.04
C LEU IB 41 -128.79 41.69 -42.53
N GLY IB 42 -129.76 41.60 -41.63
CA GLY IB 42 -131.11 41.23 -42.01
C GLY IB 42 -131.25 39.78 -42.46
N SER IB 43 -132.44 39.48 -42.96
CA SER IB 43 -132.76 38.15 -43.44
C SER IB 43 -132.11 37.91 -44.80
N GLY IB 44 -132.01 36.62 -45.15
CA GLY IB 44 -131.56 36.21 -46.47
C GLY IB 44 -132.58 35.30 -47.10
N THR IB 45 -132.24 34.83 -48.31
CA THR IB 45 -133.17 34.05 -49.11
C THR IB 45 -132.50 32.80 -49.64
N ILE IB 46 -133.19 31.66 -49.51
CA ILE IB 46 -132.79 30.41 -50.16
C ILE IB 46 -133.72 30.17 -51.34
N THR IB 47 -133.17 29.67 -52.44
CA THR IB 47 -133.95 29.39 -53.63
C THR IB 47 -133.44 28.09 -54.25
N ASN IB 48 -134.37 27.34 -54.85
CA ASN IB 48 -134.05 26.06 -55.48
C ASN IB 48 -133.57 26.30 -56.90
N SER IB 49 -132.41 25.75 -57.23
CA SER IB 49 -131.71 26.08 -58.48
C SER IB 49 -131.14 24.84 -59.17
N THR IB 50 -131.96 23.78 -59.29
CA THR IB 50 -131.50 22.55 -59.93
C THR IB 50 -132.51 22.11 -60.98
N ALA IB 51 -132.00 21.49 -62.05
CA ALA IB 51 -132.81 21.07 -63.18
C ALA IB 51 -133.33 19.65 -62.98
N SER IB 52 -134.25 19.25 -63.87
CA SER IB 52 -134.84 17.94 -63.80
C SER IB 52 -133.80 16.86 -64.09
N GLY IB 53 -133.79 15.81 -63.27
CA GLY IB 53 -132.85 14.73 -63.44
C GLY IB 53 -131.43 15.05 -63.08
N SER IB 54 -131.19 16.18 -62.43
CA SER IB 54 -129.83 16.56 -62.07
C SER IB 54 -129.26 15.60 -61.03
N SER IB 55 -127.94 15.57 -60.94
CA SER IB 55 -127.28 14.73 -59.95
C SER IB 55 -127.49 15.25 -58.54
N ARG IB 56 -127.77 16.53 -58.38
CA ARG IB 56 -127.73 17.15 -57.07
C ARG IB 56 -128.64 18.37 -57.01
N THR IB 57 -129.22 18.57 -55.83
CA THR IB 57 -129.92 19.82 -55.55
C THR IB 57 -128.92 20.92 -55.25
N ILE IB 58 -129.17 22.10 -55.79
CA ILE IB 58 -128.35 23.27 -55.50
C ILE IB 58 -129.26 24.45 -55.18
N TYR IB 59 -128.92 25.17 -54.11
CA TYR IB 59 -129.73 26.27 -53.60
C TYR IB 59 -128.91 27.55 -53.69
N ASN IB 60 -129.50 28.57 -54.29
CA ASN IB 60 -128.93 29.90 -54.27
C ASN IB 60 -129.27 30.57 -52.94
N ILE IB 61 -128.26 31.07 -52.26
CA ILE IB 61 -128.44 31.75 -50.98
C ILE IB 61 -127.96 33.19 -51.14
N THR IB 62 -128.84 34.13 -50.84
CA THR IB 62 -128.53 35.55 -50.90
C THR IB 62 -128.62 36.13 -49.49
N ILE IB 63 -127.55 36.81 -49.08
CA ILE IB 63 -127.48 37.47 -47.78
C ILE IB 63 -126.77 38.80 -47.94
N THR IB 64 -127.23 39.81 -47.22
CA THR IB 64 -126.51 41.08 -47.19
C THR IB 64 -125.42 41.00 -46.13
N VAL IB 65 -124.17 41.30 -46.52
CA VAL IB 65 -123.05 41.23 -45.60
C VAL IB 65 -122.30 42.55 -45.64
N LYS IB 66 -121.85 43.00 -44.48
CA LYS IB 66 -121.09 44.23 -44.35
C LYS IB 66 -119.69 43.89 -43.86
N ASN IB 67 -118.69 44.34 -44.61
CA ASN IB 67 -117.29 44.12 -44.26
C ASN IB 67 -116.68 45.42 -43.76
N THR IB 68 -116.00 45.36 -42.61
CA THR IB 68 -115.39 46.52 -41.99
C THR IB 68 -113.87 46.49 -41.99
N GLY IB 69 -113.25 45.41 -42.45
CA GLY IB 69 -111.81 45.29 -42.42
C GLY IB 69 -111.16 45.88 -43.65
N THR IB 70 -109.82 45.84 -43.64
CA THR IB 70 -109.03 46.33 -44.75
C THR IB 70 -109.00 45.36 -45.93
N THR IB 71 -109.30 44.09 -45.68
CA THR IB 71 -109.07 43.03 -46.66
C THR IB 71 -110.39 42.40 -47.07
N SER IB 72 -110.41 41.87 -48.30
CA SER IB 72 -111.59 41.17 -48.80
C SER IB 72 -111.73 39.81 -48.14
N ILE IB 73 -112.96 39.45 -47.81
CA ILE IB 73 -113.21 38.20 -47.09
C ILE IB 73 -114.29 37.43 -47.85
N SER IB 74 -114.19 36.10 -47.80
CA SER IB 74 -115.07 35.22 -48.56
C SER IB 74 -115.72 34.20 -47.63
N VAL IB 75 -116.85 33.65 -48.12
CA VAL IB 75 -117.52 32.57 -47.40
C VAL IB 75 -116.75 31.28 -47.57
N THR IB 76 -116.76 30.44 -46.53
CA THR IB 76 -116.12 29.13 -46.59
C THR IB 76 -117.08 27.98 -46.34
N SER IB 77 -118.07 28.15 -45.47
CA SER IB 77 -119.05 27.11 -45.21
C SER IB 77 -120.32 27.76 -44.66
N ILE IB 78 -121.43 27.04 -44.82
CA ILE IB 78 -122.70 27.46 -44.25
C ILE IB 78 -123.36 26.24 -43.63
N ASN IB 79 -124.02 26.44 -42.49
CA ASN IB 79 -124.73 25.40 -41.79
C ASN IB 79 -126.16 25.87 -41.59
N ILE IB 80 -127.11 25.20 -42.23
CA ILE IB 80 -128.51 25.63 -42.26
C ILE IB 80 -129.34 24.58 -41.53
N ASN IB 81 -130.10 25.02 -40.53
CA ASN IB 81 -131.03 24.17 -39.80
C ASN IB 81 -130.32 22.98 -39.15
N GLY IB 82 -129.02 23.12 -38.89
CA GLY IB 82 -128.20 22.09 -38.31
C GLY IB 82 -127.39 21.30 -39.32
N GLN IB 83 -127.83 21.25 -40.57
CA GLN IB 83 -127.15 20.48 -41.60
C GLN IB 83 -126.05 21.31 -42.27
N PRO IB 84 -124.86 20.74 -42.45
CA PRO IB 84 -123.79 21.47 -43.15
C PRO IB 84 -123.97 21.40 -44.66
N PHE IB 85 -123.62 22.48 -45.34
CA PHE IB 85 -123.74 22.58 -46.79
C PHE IB 85 -122.38 22.90 -47.40
N ASN IB 86 -122.21 22.49 -48.66
CA ASN IB 86 -120.96 22.65 -49.39
C ASN IB 86 -121.17 23.64 -50.53
N ILE IB 87 -120.23 24.58 -50.69
CA ILE IB 87 -120.40 25.69 -51.61
C ILE IB 87 -119.84 25.32 -52.98
N ASN IB 88 -120.64 25.52 -54.03
CA ASN IB 88 -120.19 25.30 -55.39
C ASN IB 88 -119.25 26.43 -55.81
N GLY IB 89 -118.30 26.08 -56.66
CA GLY IB 89 -117.55 27.07 -57.43
C GLY IB 89 -116.73 28.01 -56.57
N THR IB 90 -116.36 29.13 -57.20
CA THR IB 90 -115.53 30.14 -56.55
C THR IB 90 -116.37 30.93 -55.57
N ALA IB 91 -116.01 30.87 -54.30
CA ALA IB 91 -116.76 31.56 -53.26
C ALA IB 91 -116.71 33.07 -53.48
N PRO IB 92 -117.81 33.78 -53.29
CA PRO IB 92 -117.80 35.23 -53.50
C PRO IB 92 -116.92 35.95 -52.50
N SER IB 93 -116.30 37.03 -52.95
CA SER IB 93 -115.46 37.86 -52.10
C SER IB 93 -116.19 39.15 -51.75
N ILE IB 94 -116.08 39.56 -50.49
CA ILE IB 94 -116.78 40.74 -50.00
C ILE IB 94 -115.77 41.88 -49.88
N PRO IB 95 -115.90 42.94 -50.67
CA PRO IB 95 -114.88 43.98 -50.70
C PRO IB 95 -114.69 44.65 -49.34
N ALA IB 96 -113.54 45.30 -49.18
CA ALA IB 96 -113.04 45.69 -47.86
C ALA IB 96 -114.08 46.47 -47.05
N GLY IB 97 -114.48 47.64 -47.54
CA GLY IB 97 -115.35 48.51 -46.77
C GLY IB 97 -116.80 48.53 -47.18
N ARG IB 98 -117.23 47.66 -48.09
CA ARG IB 98 -118.54 47.78 -48.69
C ARG IB 98 -119.55 46.85 -48.02
N THR IB 99 -120.82 47.23 -48.15
CA THR IB 99 -121.96 46.41 -47.76
C THR IB 99 -122.65 45.93 -49.02
N GLN IB 100 -122.77 44.61 -49.18
CA GLN IB 100 -123.27 44.08 -50.43
C GLN IB 100 -124.22 42.91 -50.24
N PRO IB 101 -125.25 42.81 -51.09
CA PRO IB 101 -126.00 41.54 -51.21
C PRO IB 101 -125.16 40.53 -51.98
N ILE IB 102 -124.75 39.46 -51.28
CA ILE IB 102 -123.91 38.40 -51.83
C ILE IB 102 -124.73 37.15 -52.02
N THR IB 103 -124.57 36.53 -53.18
CA THR IB 103 -125.29 35.34 -53.54
C THR IB 103 -124.30 34.24 -53.90
N PHE IB 104 -124.56 33.03 -53.40
CA PHE IB 104 -123.69 31.91 -53.67
C PHE IB 104 -124.50 30.61 -53.69
N GLU IB 105 -123.96 29.62 -54.38
CA GLU IB 105 -124.63 28.33 -54.59
C GLU IB 105 -124.11 27.30 -53.59
N VAL IB 106 -125.04 26.55 -53.00
CA VAL IB 106 -124.69 25.51 -52.04
C VAL IB 106 -125.43 24.22 -52.39
N THR IB 107 -124.86 23.09 -51.95
CA THR IB 107 -125.45 21.78 -52.12
C THR IB 107 -125.31 21.01 -50.80
N PRO IB 108 -126.30 20.22 -50.42
CA PRO IB 108 -126.23 19.55 -49.11
C PRO IB 108 -125.17 18.48 -49.09
N ALA IB 109 -124.47 18.40 -47.95
CA ALA IB 109 -123.40 17.42 -47.77
C ALA IB 109 -123.84 16.23 -46.93
N SER IB 110 -124.65 16.47 -45.90
CA SER IB 110 -125.06 15.38 -45.01
C SER IB 110 -126.23 14.58 -45.57
N GLY IB 111 -127.24 15.28 -46.08
CA GLY IB 111 -128.42 14.61 -46.60
C GLY IB 111 -129.40 15.62 -47.16
N LYS IB 112 -130.45 15.10 -47.76
CA LYS IB 112 -131.41 15.95 -48.45
C LYS IB 112 -132.19 16.80 -47.45
N PRO IB 113 -132.14 18.13 -47.57
CA PRO IB 113 -132.94 18.97 -46.68
C PRO IB 113 -134.35 19.19 -47.24
N ASN IB 114 -135.36 19.02 -46.39
CA ASN IB 114 -136.75 19.19 -46.82
C ASN IB 114 -137.22 20.61 -46.48
N PHE IB 115 -136.72 21.56 -47.26
CA PHE IB 115 -137.14 22.95 -47.09
C PHE IB 115 -138.62 23.09 -47.41
N SER IB 116 -139.28 23.98 -46.68
CA SER IB 116 -140.71 24.22 -46.84
C SER IB 116 -140.94 25.63 -47.36
N PRO IB 117 -141.79 25.82 -48.37
CA PRO IB 117 -142.00 27.16 -48.93
C PRO IB 117 -142.41 28.18 -47.87
N GLY IB 118 -141.68 29.29 -47.81
CA GLY IB 118 -141.98 30.36 -46.89
C GLY IB 118 -141.46 30.17 -45.48
N ALA IB 119 -140.84 29.03 -45.17
CA ALA IB 119 -140.37 28.78 -43.82
C ALA IB 119 -139.12 29.61 -43.52
N SER IB 120 -138.84 29.75 -42.23
CA SER IB 120 -137.69 30.48 -41.74
C SER IB 120 -136.71 29.52 -41.09
N TYR IB 121 -135.44 29.63 -41.45
CA TYR IB 121 -134.40 28.71 -40.99
C TYR IB 121 -133.23 29.51 -40.41
N THR IB 122 -132.70 29.02 -39.30
CA THR IB 122 -131.48 29.61 -38.75
C THR IB 122 -130.27 29.03 -39.45
N ALA IB 123 -129.27 29.87 -39.68
CA ALA IB 123 -128.04 29.45 -40.32
C ALA IB 123 -126.87 30.16 -39.68
N THR IB 124 -125.69 29.55 -39.80
CA THR IB 124 -124.44 30.20 -39.42
C THR IB 124 -123.54 30.25 -40.65
N ILE IB 125 -123.17 31.46 -41.05
CA ILE IB 125 -122.26 31.64 -42.17
C ILE IB 125 -120.86 31.84 -41.62
N TYR IB 126 -119.91 31.04 -42.12
CA TYR IB 126 -118.54 31.09 -41.66
C TYR IB 126 -117.68 31.71 -42.75
N PHE IB 127 -116.96 32.77 -42.41
CA PHE IB 127 -116.19 33.55 -43.36
C PHE IB 127 -114.71 33.20 -43.26
N SER IB 128 -113.96 33.62 -44.29
CA SER IB 128 -112.55 33.24 -44.38
C SER IB 128 -111.72 33.81 -43.23
N ASN IB 129 -112.17 34.88 -42.60
CA ASN IB 129 -111.46 35.44 -41.45
C ASN IB 129 -111.72 34.68 -40.17
N GLY IB 130 -112.30 33.47 -40.25
CA GLY IB 130 -112.55 32.69 -39.06
C GLY IB 130 -113.69 33.18 -38.20
N GLN IB 131 -114.66 33.86 -38.80
CA GLN IB 131 -115.77 34.47 -38.06
C GLN IB 131 -117.08 33.80 -38.46
N GLY IB 132 -117.88 33.44 -37.46
CA GLY IB 132 -119.21 32.89 -37.69
C GLY IB 132 -120.26 33.94 -37.40
N ALA IB 133 -121.27 33.98 -38.26
CA ALA IB 133 -122.34 34.97 -38.13
C ALA IB 133 -123.69 34.28 -38.18
N PRO IB 134 -124.55 34.49 -37.18
CA PRO IB 134 -125.92 33.99 -37.27
C PRO IB 134 -126.70 34.73 -38.34
N ALA IB 135 -127.64 34.02 -38.97
CA ALA IB 135 -128.50 34.61 -39.99
C ALA IB 135 -129.80 33.84 -40.03
N THR IB 136 -130.83 34.50 -40.59
CA THR IB 136 -132.15 33.92 -40.76
C THR IB 136 -132.49 33.91 -42.24
N LEU IB 137 -132.74 32.74 -42.79
CA LEU IB 137 -132.98 32.56 -44.22
C LEU IB 137 -134.42 32.14 -44.45
N ILE IB 138 -135.10 32.83 -45.36
CA ILE IB 138 -136.44 32.47 -45.78
C ILE IB 138 -136.34 31.67 -47.06
N TYR IB 139 -137.03 30.54 -47.13
CA TYR IB 139 -137.03 29.69 -48.31
C TYR IB 139 -138.10 30.19 -49.26
N GLN IB 140 -137.67 30.80 -50.38
CA GLN IB 140 -138.59 31.39 -51.33
C GLN IB 140 -139.18 30.39 -52.31
N GLY IB 141 -138.62 29.19 -52.42
CA GLY IB 141 -139.11 28.21 -53.36
C GLY IB 141 -138.03 27.37 -54.01
N LEU JB 1 -70.18 20.26 -17.39
CA LEU JB 1 -70.68 19.60 -18.59
C LEU JB 1 -72.13 19.16 -18.42
N SER JB 2 -72.52 18.93 -17.16
CA SER JB 2 -73.85 18.41 -16.88
C SER JB 2 -74.93 19.47 -17.09
N GLY JB 3 -74.58 20.74 -16.95
CA GLY JB 3 -75.58 21.80 -17.00
C GLY JB 3 -76.32 21.85 -18.33
N ALA JB 4 -75.59 21.69 -19.43
CA ALA JB 4 -76.22 21.71 -20.74
C ALA JB 4 -77.18 20.53 -20.92
N ILE JB 5 -76.79 19.35 -20.43
CA ILE JB 5 -77.66 18.18 -20.54
C ILE JB 5 -78.92 18.38 -19.71
N VAL JB 6 -78.78 18.93 -18.50
CA VAL JB 6 -79.95 19.20 -17.66
C VAL JB 6 -80.86 20.20 -18.34
N ALA JB 7 -80.28 21.26 -18.93
CA ALA JB 7 -81.10 22.25 -19.62
C ALA JB 7 -81.82 21.64 -20.81
N LEU JB 8 -81.16 20.77 -21.57
CA LEU JB 8 -81.80 20.11 -22.70
C LEU JB 8 -82.96 19.24 -22.25
N ILE JB 9 -82.76 18.45 -21.19
CA ILE JB 9 -83.83 17.60 -20.68
C ILE JB 9 -85.01 18.44 -20.24
N LEU JB 10 -84.73 19.53 -19.51
CA LEU JB 10 -85.81 20.37 -19.02
C LEU JB 10 -86.55 21.07 -20.16
N VAL JB 11 -85.85 21.46 -21.22
CA VAL JB 11 -86.51 22.10 -22.35
C VAL JB 11 -87.47 21.13 -23.04
N ILE JB 12 -86.98 19.92 -23.33
CA ILE JB 12 -87.83 18.93 -24.00
C ILE JB 12 -89.02 18.57 -23.11
N ALA JB 13 -88.75 18.36 -21.82
CA ALA JB 13 -89.83 18.04 -20.89
C ALA JB 13 -90.83 19.17 -20.77
N GLY JB 14 -90.37 20.42 -20.83
CA GLY JB 14 -91.29 21.54 -20.80
C GLY JB 14 -92.22 21.54 -21.99
N VAL JB 15 -91.68 21.28 -23.18
CA VAL JB 15 -92.53 21.14 -24.36
C VAL JB 15 -93.59 20.07 -24.12
N ILE JB 16 -93.16 18.90 -23.63
CA ILE JB 16 -94.09 17.79 -23.44
C ILE JB 16 -95.17 18.15 -22.43
N ILE JB 17 -94.78 18.76 -21.31
CA ILE JB 17 -95.74 19.05 -20.24
C ILE JB 17 -96.72 20.12 -20.68
N ALA JB 18 -96.25 21.12 -21.42
CA ALA JB 18 -97.16 22.15 -21.91
C ALA JB 18 -98.20 21.55 -22.84
N ILE JB 19 -97.78 20.66 -23.75
CA ILE JB 19 -98.73 20.02 -24.64
C ILE JB 19 -99.73 19.17 -23.85
N ALA JB 20 -99.23 18.47 -22.82
CA ALA JB 20 -100.12 17.65 -21.99
C ALA JB 20 -101.17 18.50 -21.28
N VAL JB 21 -100.76 19.66 -20.76
CA VAL JB 21 -101.71 20.56 -20.12
C VAL JB 21 -102.76 21.04 -21.10
N VAL JB 22 -102.32 21.39 -22.32
CA VAL JB 22 -103.26 21.83 -23.33
C VAL JB 22 -104.30 20.75 -23.62
N LEU JB 23 -103.85 19.49 -23.73
CA LEU JB 23 -104.78 18.40 -24.00
C LEU JB 23 -105.74 18.17 -22.82
N PHE JB 24 -105.23 18.27 -21.59
CA PHE JB 24 -106.08 18.08 -20.41
C PHE JB 24 -107.19 19.12 -20.36
N ALA JB 25 -106.87 20.36 -20.73
CA ALA JB 25 -107.88 21.43 -20.73
C ALA JB 25 -109.10 21.02 -21.55
N PHE JB 26 -108.87 20.49 -22.76
CA PHE JB 26 -109.99 20.05 -23.59
C PHE JB 26 -110.62 18.77 -23.04
N GLY JB 27 -109.81 17.89 -22.48
CA GLY JB 27 -110.36 16.67 -21.90
C GLY JB 27 -111.35 16.91 -20.78
N LEU JB 28 -111.30 18.10 -20.15
CA LEU JB 28 -112.28 18.40 -19.11
C LEU JB 28 -113.72 18.55 -19.62
N ILE JB 29 -113.93 19.17 -20.79
CA ILE JB 29 -115.27 19.64 -21.15
C ILE JB 29 -116.33 18.55 -21.29
N PRO JB 30 -116.04 17.37 -21.88
CA PRO JB 30 -117.13 16.38 -22.00
C PRO JB 30 -117.67 15.91 -20.66
N GLY JB 31 -116.87 16.02 -19.60
CA GLY JB 31 -117.41 15.75 -18.27
C GLY JB 31 -118.34 16.84 -17.80
N ILE JB 32 -117.98 18.10 -18.02
CA ILE JB 32 -118.81 19.21 -17.56
C ILE JB 32 -120.13 19.23 -18.32
N SER JB 33 -120.17 18.72 -19.55
CA SER JB 33 -121.42 18.69 -20.29
C SER JB 33 -122.47 17.84 -19.59
N ASN JB 34 -122.06 16.95 -18.69
CA ASN JB 34 -123.02 16.13 -17.95
C ASN JB 34 -123.88 16.95 -16.99
N GLN JB 35 -123.49 18.19 -16.72
CA GLN JB 35 -124.27 19.04 -15.82
C GLN JB 35 -125.68 19.28 -16.32
N GLY JB 36 -125.92 19.13 -17.63
CA GLY JB 36 -127.23 19.34 -18.20
C GLY JB 36 -127.81 18.11 -18.87
N SER JB 37 -127.62 16.95 -18.24
CA SER JB 37 -128.06 15.70 -18.85
C SER JB 37 -129.58 15.61 -18.95
N ILE JB 38 -130.30 16.17 -17.99
CA ILE JB 38 -131.71 15.89 -17.79
C ILE JB 38 -132.56 17.10 -18.17
N GLN JB 39 -133.69 16.84 -18.82
CA GLN JB 39 -134.71 17.82 -19.12
C GLN JB 39 -136.05 17.33 -18.62
N VAL JB 40 -136.79 18.16 -17.89
CA VAL JB 40 -138.14 17.84 -17.45
C VAL JB 40 -139.10 18.55 -18.39
N LEU JB 41 -139.92 17.77 -19.10
CA LEU JB 41 -140.74 18.31 -20.17
C LEU JB 41 -142.20 17.95 -19.97
N GLY JB 42 -143.09 18.88 -20.29
CA GLY JB 42 -144.51 18.72 -20.06
C GLY JB 42 -144.89 19.13 -18.65
N SER JB 43 -146.19 19.30 -18.46
CA SER JB 43 -146.72 19.68 -17.15
C SER JB 43 -146.92 18.43 -16.30
N GLY JB 44 -146.34 18.43 -15.10
CA GLY JB 44 -146.49 17.32 -14.19
C GLY JB 44 -147.76 17.43 -13.38
N THR JB 45 -147.98 16.41 -12.54
CA THR JB 45 -149.16 16.35 -11.70
C THR JB 45 -148.80 15.93 -10.28
N ILE JB 46 -149.46 16.54 -9.31
CA ILE JB 46 -149.31 16.21 -7.90
C ILE JB 46 -150.68 15.80 -7.36
N THR JB 47 -150.73 14.66 -6.67
CA THR JB 47 -152.00 14.07 -6.25
C THR JB 47 -151.93 13.66 -4.79
N ASN JB 48 -153.07 13.76 -4.10
CA ASN JB 48 -153.16 13.33 -2.71
C ASN JB 48 -153.07 11.81 -2.63
N SER JB 49 -152.18 11.32 -1.78
CA SER JB 49 -151.94 9.88 -1.66
C SER JB 49 -151.80 9.45 -0.21
N THR JB 50 -152.48 10.15 0.71
CA THR JB 50 -152.21 10.02 2.13
C THR JB 50 -152.95 8.85 2.78
N ALA JB 51 -153.88 8.21 2.07
CA ALA JB 51 -154.68 7.10 2.60
C ALA JB 51 -155.54 7.54 3.77
N SER JB 52 -156.39 8.55 3.52
CA SER JB 52 -157.48 8.94 4.42
C SER JB 52 -156.98 9.29 5.82
N GLY JB 53 -155.77 9.81 5.94
CA GLY JB 53 -155.21 10.17 7.22
C GLY JB 53 -154.33 9.13 7.87
N SER JB 54 -154.04 8.03 7.18
CA SER JB 54 -153.17 6.99 7.73
C SER JB 54 -151.69 7.28 7.49
N SER JB 55 -151.34 8.39 6.84
CA SER JB 55 -149.95 8.69 6.53
C SER JB 55 -149.71 10.18 6.67
N ARG JB 56 -148.44 10.55 6.83
CA ARG JB 56 -148.06 11.94 7.09
C ARG JB 56 -148.12 12.79 5.82
N THR JB 57 -149.33 12.92 5.28
CA THR JB 57 -149.62 13.79 4.14
C THR JB 57 -148.65 13.53 2.99
N ILE JB 58 -148.73 12.33 2.43
CA ILE JB 58 -147.79 11.90 1.40
C ILE JB 58 -148.44 12.06 0.03
N TYR JB 59 -147.78 12.80 -0.84
CA TYR JB 59 -148.28 13.18 -2.16
C TYR JB 59 -147.58 12.38 -3.26
N ASN JB 60 -148.12 12.52 -4.48
CA ASN JB 60 -147.65 11.80 -5.66
C ASN JB 60 -147.18 12.83 -6.67
N ILE JB 61 -145.90 12.80 -7.06
CA ILE JB 61 -145.38 13.68 -8.09
C ILE JB 61 -145.09 12.84 -9.33
N THR JB 62 -145.74 13.17 -10.44
CA THR JB 62 -145.52 12.54 -11.72
C THR JB 62 -145.05 13.58 -12.72
N ILE JB 63 -143.90 13.33 -13.35
CA ILE JB 63 -143.29 14.25 -14.29
C ILE JB 63 -142.61 13.47 -15.39
N THR JB 64 -142.65 13.98 -16.61
CA THR JB 64 -141.96 13.34 -17.74
C THR JB 64 -140.53 13.85 -17.81
N VAL JB 65 -139.57 12.94 -17.69
CA VAL JB 65 -138.16 13.27 -17.60
C VAL JB 65 -137.42 12.61 -18.75
N LYS JB 66 -136.52 13.36 -19.38
CA LYS JB 66 -135.69 12.89 -20.48
C LYS JB 66 -134.23 12.97 -20.06
N ASN JB 67 -133.51 11.86 -20.19
CA ASN JB 67 -132.11 11.79 -19.79
C ASN JB 67 -131.25 11.66 -21.04
N THR JB 68 -130.33 12.59 -21.23
CA THR JB 68 -129.46 12.63 -22.39
C THR JB 68 -128.06 12.09 -22.09
N GLY JB 69 -127.69 12.01 -20.81
CA GLY JB 69 -126.38 11.52 -20.44
C GLY JB 69 -126.24 10.02 -20.60
N THR JB 70 -125.04 9.53 -20.30
CA THR JB 70 -124.72 8.11 -20.46
C THR JB 70 -124.85 7.33 -19.15
N THR JB 71 -125.29 7.95 -18.08
CA THR JB 71 -125.42 7.29 -16.79
C THR JB 71 -126.83 7.47 -16.24
N SER JB 72 -127.25 6.51 -15.42
CA SER JB 72 -128.55 6.62 -14.75
C SER JB 72 -128.48 7.70 -13.67
N ILE JB 73 -129.50 8.55 -13.64
CA ILE JB 73 -129.49 9.73 -12.78
C ILE JB 73 -130.75 9.70 -11.93
N SER JB 74 -130.62 10.07 -10.66
CA SER JB 74 -131.68 9.92 -9.67
C SER JB 74 -132.07 11.26 -9.07
N VAL JB 75 -133.30 11.31 -8.57
CA VAL JB 75 -133.85 12.51 -7.92
C VAL JB 75 -133.35 12.52 -6.48
N THR JB 76 -132.55 13.53 -6.13
CA THR JB 76 -132.00 13.62 -4.79
C THR JB 76 -132.88 14.43 -3.84
N SER JB 77 -133.52 15.49 -4.33
CA SER JB 77 -134.36 16.32 -3.47
C SER JB 77 -135.36 17.07 -4.34
N ILE JB 78 -136.39 17.61 -3.70
CA ILE JB 78 -137.42 18.36 -4.41
C ILE JB 78 -137.88 19.53 -3.54
N ASN JB 79 -138.12 20.66 -4.18
CA ASN JB 79 -138.69 21.84 -3.56
C ASN JB 79 -139.93 22.22 -4.35
N ILE JB 80 -141.06 22.35 -3.66
CA ILE JB 80 -142.34 22.67 -4.29
C ILE JB 80 -142.78 24.04 -3.82
N ASN JB 81 -142.84 24.99 -4.76
CA ASN JB 81 -143.32 26.35 -4.49
C ASN JB 81 -142.54 27.00 -3.35
N GLY JB 82 -141.24 26.76 -3.31
CA GLY JB 82 -140.38 27.29 -2.28
C GLY JB 82 -140.28 26.47 -1.02
N GLN JB 83 -141.19 25.53 -0.80
CA GLN JB 83 -141.16 24.70 0.39
C GLN JB 83 -140.33 23.44 0.15
N PRO JB 84 -139.49 23.04 1.12
CA PRO JB 84 -138.71 21.82 0.94
C PRO JB 84 -139.59 20.58 1.06
N PHE JB 85 -139.17 19.51 0.39
CA PHE JB 85 -139.92 18.25 0.44
C PHE JB 85 -138.92 17.10 0.50
N ASN JB 86 -139.37 15.98 1.05
CA ASN JB 86 -138.53 14.78 1.19
C ASN JB 86 -139.20 13.60 0.49
N ILE JB 87 -138.44 12.86 -0.30
CA ILE JB 87 -138.98 11.68 -0.97
C ILE JB 87 -139.23 10.59 0.07
N ASN JB 88 -140.40 9.94 -0.03
CA ASN JB 88 -140.79 8.97 1.00
C ASN JB 88 -140.17 7.61 0.79
N GLY JB 89 -140.04 7.15 -0.45
CA GLY JB 89 -139.42 5.88 -0.76
C GLY JB 89 -137.99 6.03 -1.25
N THR JB 90 -137.49 4.99 -1.91
CA THR JB 90 -136.21 5.08 -2.59
C THR JB 90 -136.34 6.00 -3.79
N ALA JB 91 -135.27 6.74 -4.08
CA ALA JB 91 -135.33 7.74 -5.12
C ALA JB 91 -135.52 7.09 -6.49
N PRO JB 92 -136.37 7.64 -7.34
CA PRO JB 92 -136.47 7.14 -8.71
C PRO JB 92 -135.21 7.46 -9.50
N SER JB 93 -134.92 6.63 -10.49
CA SER JB 93 -133.73 6.79 -11.31
C SER JB 93 -134.11 6.70 -12.78
N ILE JB 94 -133.57 7.60 -13.58
CA ILE JB 94 -133.88 7.70 -15.01
C ILE JB 94 -132.72 7.10 -15.79
N PRO JB 95 -132.92 6.02 -16.55
CA PRO JB 95 -131.82 5.43 -17.30
C PRO JB 95 -131.38 6.32 -18.46
N ALA JB 96 -130.21 5.98 -19.00
CA ALA JB 96 -129.62 6.78 -20.06
C ALA JB 96 -130.47 6.72 -21.33
N GLY JB 97 -130.56 7.85 -22.02
CA GLY JB 97 -131.24 7.94 -23.29
C GLY JB 97 -132.76 7.89 -23.23
N ARG JB 98 -133.33 7.63 -22.05
CA ARG JB 98 -134.76 7.41 -21.94
C ARG JB 98 -135.53 8.71 -21.78
N THR JB 99 -136.79 8.67 -22.19
CA THR JB 99 -137.79 9.68 -21.86
C THR JB 99 -138.98 8.94 -21.26
N GLN JB 100 -139.24 9.16 -19.98
CA GLN JB 100 -140.25 8.35 -19.32
C GLN JB 100 -140.92 9.13 -18.20
N PRO JB 101 -142.13 8.73 -17.80
CA PRO JB 101 -142.77 9.37 -16.64
C PRO JB 101 -142.25 8.84 -15.31
N ILE JB 102 -141.55 9.69 -14.58
CA ILE JB 102 -141.12 9.38 -13.22
C ILE JB 102 -142.25 9.71 -12.26
N THR JB 103 -142.57 8.78 -11.37
CA THR JB 103 -143.56 9.00 -10.33
C THR JB 103 -142.94 8.65 -8.98
N PHE JB 104 -143.08 9.53 -8.01
CA PHE JB 104 -142.52 9.27 -6.69
C PHE JB 104 -143.35 9.93 -5.60
N GLU JB 105 -143.33 9.31 -4.42
CA GLU JB 105 -144.03 9.83 -3.25
C GLU JB 105 -143.19 10.89 -2.57
N VAL JB 106 -143.84 11.88 -1.97
CA VAL JB 106 -143.14 12.98 -1.33
C VAL JB 106 -143.89 13.43 -0.07
N THR JB 107 -143.15 13.99 0.87
CA THR JB 107 -143.62 14.43 2.17
C THR JB 107 -143.17 15.86 2.41
N PRO JB 108 -143.95 16.64 3.15
CA PRO JB 108 -143.48 17.98 3.55
C PRO JB 108 -142.33 17.88 4.54
N ALA JB 109 -141.27 18.63 4.28
CA ALA JB 109 -140.15 18.65 5.22
C ALA JB 109 -140.52 19.36 6.52
N SER JB 110 -141.34 20.39 6.44
CA SER JB 110 -141.82 21.10 7.62
C SER JB 110 -143.19 21.70 7.31
N GLY JB 111 -144.02 21.81 8.33
CA GLY JB 111 -145.33 22.39 8.14
C GLY JB 111 -146.27 21.45 7.40
N LYS JB 112 -147.34 22.04 6.87
CA LYS JB 112 -148.39 21.30 6.17
C LYS JB 112 -148.86 22.19 5.03
N PRO JB 113 -148.34 21.98 3.82
CA PRO JB 113 -148.77 22.79 2.69
C PRO JB 113 -150.13 22.33 2.17
N ASN JB 114 -150.99 23.29 1.88
CA ASN JB 114 -152.35 23.01 1.42
C ASN JB 114 -152.45 23.39 -0.04
N PHE JB 115 -152.97 22.48 -0.85
CA PHE JB 115 -153.08 22.68 -2.29
C PHE JB 115 -154.54 22.80 -2.68
N SER JB 116 -154.81 23.60 -3.71
CA SER JB 116 -156.16 23.77 -4.22
C SER JB 116 -156.33 23.07 -5.56
N PRO JB 117 -157.49 22.50 -5.83
CA PRO JB 117 -157.68 21.76 -7.08
C PRO JB 117 -157.43 22.63 -8.30
N GLY JB 118 -156.70 22.09 -9.27
CA GLY JB 118 -156.45 22.76 -10.52
C GLY JB 118 -155.40 23.85 -10.49
N ALA JB 119 -154.85 24.17 -9.32
CA ALA JB 119 -153.85 25.21 -9.24
C ALA JB 119 -152.49 24.71 -9.75
N SER JB 120 -151.67 25.64 -10.19
CA SER JB 120 -150.34 25.33 -10.72
C SER JB 120 -149.29 25.71 -9.67
N TYR JB 121 -148.43 24.75 -9.34
CA TYR JB 121 -147.37 24.95 -8.35
C TYR JB 121 -146.04 24.64 -9.01
N THR JB 122 -145.09 25.55 -8.90
CA THR JB 122 -143.78 25.33 -9.47
C THR JB 122 -142.93 24.50 -8.52
N ALA JB 123 -142.23 23.51 -9.07
CA ALA JB 123 -141.36 22.64 -8.30
C ALA JB 123 -140.01 22.55 -8.97
N THR JB 124 -138.95 22.54 -8.17
CA THR JB 124 -137.60 22.36 -8.67
C THR JB 124 -137.12 20.97 -8.28
N ILE JB 125 -136.87 20.12 -9.26
CA ILE JB 125 -136.39 18.77 -9.00
C ILE JB 125 -134.87 18.79 -9.15
N TYR JB 126 -134.17 18.40 -8.10
CA TYR JB 126 -132.71 18.37 -8.09
C TYR JB 126 -132.27 16.94 -8.34
N PHE JB 127 -131.53 16.73 -9.43
CA PHE JB 127 -131.08 15.41 -9.80
C PHE JB 127 -129.63 15.21 -9.34
N SER JB 128 -129.16 13.97 -9.46
CA SER JB 128 -127.84 13.62 -8.93
C SER JB 128 -126.71 14.37 -9.63
N ASN JB 129 -126.96 14.95 -10.80
CA ASN JB 129 -125.96 15.79 -11.45
C ASN JB 129 -125.76 17.12 -10.72
N GLY JB 130 -126.60 17.43 -9.75
CA GLY JB 130 -126.69 18.76 -9.21
C GLY JB 130 -127.56 19.69 -10.04
N GLN JB 131 -128.08 19.19 -11.17
CA GLN JB 131 -128.94 20.00 -12.02
C GLN JB 131 -130.30 20.17 -11.39
N GLY JB 132 -130.78 21.40 -11.34
CA GLY JB 132 -132.10 21.68 -10.81
C GLY JB 132 -133.06 22.09 -11.90
N ALA JB 133 -134.01 21.22 -12.23
CA ALA JB 133 -134.95 21.49 -13.30
C ALA JB 133 -136.24 22.08 -12.74
N PRO JB 134 -136.63 23.28 -13.16
CA PRO JB 134 -137.95 23.78 -12.79
C PRO JB 134 -139.04 23.16 -13.65
N ALA JB 135 -140.18 22.89 -13.02
CA ALA JB 135 -141.32 22.27 -13.68
C ALA JB 135 -142.59 22.79 -13.04
N THR JB 136 -143.70 22.62 -13.74
CA THR JB 136 -145.01 23.05 -13.26
C THR JB 136 -145.87 21.83 -13.00
N LEU JB 137 -146.40 21.73 -11.78
CA LEU JB 137 -147.25 20.63 -11.37
C LEU JB 137 -148.67 21.16 -11.20
N ILE JB 138 -149.64 20.45 -11.76
CA ILE JB 138 -151.05 20.78 -11.58
C ILE JB 138 -151.63 19.84 -10.55
N TYR JB 139 -152.20 20.40 -9.49
CA TYR JB 139 -152.78 19.58 -8.43
C TYR JB 139 -154.08 18.94 -8.92
N GLN JB 140 -154.21 17.64 -8.66
CA GLN JB 140 -155.35 16.87 -9.16
C GLN JB 140 -156.14 16.15 -8.08
N GLY JB 141 -155.67 16.14 -6.84
CA GLY JB 141 -156.34 15.39 -5.78
C GLY JB 141 -157.60 16.05 -5.24
N LEU KB 1 -76.24 20.76 -12.56
CA LEU KB 1 -77.08 20.34 -11.45
C LEU KB 1 -78.01 21.47 -11.02
N SER KB 2 -77.56 22.71 -11.26
CA SER KB 2 -78.29 23.88 -10.78
C SER KB 2 -79.68 23.98 -11.42
N GLY KB 3 -79.75 23.68 -12.72
CA GLY KB 3 -81.00 23.90 -13.44
C GLY KB 3 -82.17 23.11 -12.89
N ALA KB 4 -81.94 21.85 -12.55
CA ALA KB 4 -83.02 21.01 -12.05
C ALA KB 4 -83.52 21.49 -10.70
N ILE KB 5 -82.61 21.85 -9.80
CA ILE KB 5 -83.01 22.33 -8.48
C ILE KB 5 -83.75 23.66 -8.61
N VAL KB 6 -83.28 24.55 -9.48
CA VAL KB 6 -83.96 25.83 -9.68
C VAL KB 6 -85.36 25.60 -10.25
N ALA KB 7 -85.48 24.68 -11.21
CA ALA KB 7 -86.79 24.37 -11.77
C ALA KB 7 -87.73 23.81 -10.71
N LEU KB 8 -87.21 22.95 -9.84
CA LEU KB 8 -88.05 22.40 -8.76
C LEU KB 8 -88.49 23.50 -7.80
N ILE KB 9 -87.58 24.42 -7.46
CA ILE KB 9 -87.94 25.55 -6.60
C ILE KB 9 -89.06 26.35 -7.23
N LEU KB 10 -88.93 26.65 -8.52
CA LEU KB 10 -89.95 27.46 -9.19
C LEU KB 10 -91.26 26.71 -9.32
N VAL KB 11 -91.22 25.38 -9.49
CA VAL KB 11 -92.45 24.60 -9.55
C VAL KB 11 -93.20 24.66 -8.23
N ILE KB 12 -92.48 24.46 -7.11
CA ILE KB 12 -93.11 24.51 -5.80
C ILE KB 12 -93.65 25.91 -5.53
N ALA KB 13 -92.89 26.94 -5.86
CA ALA KB 13 -93.33 28.30 -5.63
C ALA KB 13 -94.54 28.65 -6.48
N GLY KB 14 -94.58 28.16 -7.72
CA GLY KB 14 -95.75 28.36 -8.55
C GLY KB 14 -96.98 27.71 -7.97
N VAL KB 15 -96.83 26.50 -7.45
CA VAL KB 15 -97.94 25.85 -6.74
C VAL KB 15 -98.43 26.73 -5.61
N ILE KB 16 -97.48 27.25 -4.81
CA ILE KB 16 -97.85 28.06 -3.64
C ILE KB 16 -98.64 29.30 -4.08
N ILE KB 17 -98.10 30.04 -5.06
CA ILE KB 17 -98.74 31.30 -5.44
C ILE KB 17 -100.07 31.05 -6.12
N ALA KB 18 -100.17 30.00 -6.94
CA ALA KB 18 -101.42 29.70 -7.61
C ALA KB 18 -102.50 29.33 -6.60
N ILE KB 19 -102.15 28.52 -5.60
CA ILE KB 19 -103.13 28.16 -4.59
C ILE KB 19 -103.54 29.39 -3.77
N ALA KB 20 -102.58 30.29 -3.51
CA ALA KB 20 -102.92 31.52 -2.82
C ALA KB 20 -103.93 32.35 -3.61
N VAL KB 21 -103.73 32.45 -4.92
CA VAL KB 21 -104.65 33.20 -5.77
C VAL KB 21 -106.02 32.53 -5.80
N VAL KB 22 -106.05 31.20 -5.82
CA VAL KB 22 -107.33 30.48 -5.82
C VAL KB 22 -108.08 30.74 -4.52
N LEU KB 23 -107.36 30.72 -3.40
CA LEU KB 23 -108.01 31.00 -2.12
C LEU KB 23 -108.48 32.45 -2.04
N PHE KB 24 -107.74 33.37 -2.67
CA PHE KB 24 -108.21 34.75 -2.75
C PHE KB 24 -109.50 34.85 -3.56
N ALA KB 25 -109.58 34.11 -4.66
CA ALA KB 25 -110.80 34.09 -5.46
C ALA KB 25 -111.97 33.56 -4.64
N PHE KB 26 -111.72 32.51 -3.86
CA PHE KB 26 -112.78 31.98 -2.98
C PHE KB 26 -113.18 32.99 -1.92
N GLY KB 27 -112.23 33.77 -1.42
CA GLY KB 27 -112.53 34.78 -0.43
C GLY KB 27 -113.24 36.01 -0.96
N LEU KB 28 -113.16 36.25 -2.27
CA LEU KB 28 -113.91 37.36 -2.86
C LEU KB 28 -115.42 37.14 -2.83
N ILE KB 29 -115.87 35.89 -2.86
CA ILE KB 29 -117.28 35.55 -3.06
C ILE KB 29 -118.20 36.21 -2.04
N PRO KB 30 -117.91 36.19 -0.74
CA PRO KB 30 -118.85 36.82 0.21
C PRO KB 30 -119.11 38.29 -0.04
N GLY KB 31 -118.10 39.05 -0.46
CA GLY KB 31 -118.32 40.46 -0.72
C GLY KB 31 -119.21 40.71 -1.92
N ILE KB 32 -119.01 39.95 -2.99
CA ILE KB 32 -119.79 40.15 -4.21
C ILE KB 32 -121.14 39.48 -4.11
N SER KB 33 -121.19 38.28 -3.52
CA SER KB 33 -122.43 37.52 -3.41
C SER KB 33 -123.20 38.06 -2.21
N ASN KB 34 -124.10 39.00 -2.46
CA ASN KB 34 -124.89 39.66 -1.41
C ASN KB 34 -126.32 39.77 -1.94
N GLN KB 35 -127.13 38.77 -1.62
CA GLN KB 35 -128.53 38.81 -1.96
C GLN KB 35 -129.28 39.74 -1.02
N GLY KB 36 -130.56 39.96 -1.32
CA GLY KB 36 -131.34 40.88 -0.53
C GLY KB 36 -131.26 42.29 -1.07
N SER KB 37 -132.37 43.01 -0.98
CA SER KB 37 -132.44 44.35 -1.55
C SER KB 37 -133.57 45.10 -0.88
N ILE KB 38 -133.59 46.40 -1.08
CA ILE KB 38 -134.74 47.20 -0.68
C ILE KB 38 -135.79 47.15 -1.78
N GLN KB 39 -137.00 46.80 -1.40
CA GLN KB 39 -138.13 46.69 -2.31
C GLN KB 39 -139.16 47.74 -1.96
N VAL KB 40 -139.62 48.49 -2.95
CA VAL KB 40 -140.63 49.52 -2.76
C VAL KB 40 -141.98 48.93 -3.13
N LEU KB 41 -142.90 48.90 -2.16
CA LEU KB 41 -144.18 48.21 -2.29
C LEU KB 41 -145.28 49.25 -2.47
N GLY KB 42 -146.05 49.10 -3.55
CA GLY KB 42 -147.19 49.97 -3.80
C GLY KB 42 -146.78 51.37 -4.19
N SER KB 43 -147.79 52.21 -4.36
CA SER KB 43 -147.57 53.60 -4.75
C SER KB 43 -147.28 54.45 -3.53
N GLY KB 44 -146.32 55.37 -3.68
CA GLY KB 44 -146.06 56.37 -2.67
C GLY KB 44 -146.81 57.66 -2.95
N THR KB 45 -146.58 58.65 -2.09
CA THR KB 45 -147.28 59.92 -2.17
C THR KB 45 -146.30 61.08 -2.03
N ILE KB 46 -146.54 62.12 -2.83
CA ILE KB 46 -145.85 63.40 -2.72
C ILE KB 46 -146.82 64.44 -2.21
N THR KB 47 -146.43 65.15 -1.16
CA THR KB 47 -147.27 66.20 -0.57
C THR KB 47 -146.47 67.48 -0.47
N ASN KB 48 -147.12 68.61 -0.70
CA ASN KB 48 -146.43 69.89 -0.67
C ASN KB 48 -146.20 70.33 0.77
N SER KB 49 -144.93 70.40 1.17
CA SER KB 49 -144.57 70.80 2.53
C SER KB 49 -144.16 72.26 2.63
N THR KB 50 -143.98 72.95 1.50
CA THR KB 50 -143.59 74.35 1.53
C THR KB 50 -144.66 75.18 2.25
N ALA KB 51 -144.22 76.07 3.12
CA ALA KB 51 -145.15 76.84 3.94
C ALA KB 51 -144.57 78.21 4.23
N SER KB 52 -145.45 79.11 4.69
CA SER KB 52 -145.09 80.43 5.19
C SER KB 52 -144.45 81.31 4.13
N GLY KB 53 -144.61 80.98 2.85
CA GLY KB 53 -144.01 81.77 1.80
C GLY KB 53 -142.50 81.77 1.78
N SER KB 54 -141.87 80.79 2.41
CA SER KB 54 -140.41 80.68 2.38
C SER KB 54 -139.95 80.36 0.97
N SER KB 55 -138.70 80.72 0.67
CA SER KB 55 -138.22 80.73 -0.70
C SER KB 55 -138.03 79.32 -1.26
N ARG KB 56 -137.80 78.33 -0.42
CA ARG KB 56 -137.38 77.00 -0.87
C ARG KB 56 -138.55 76.02 -0.79
N THR KB 57 -138.79 75.33 -1.90
CA THR KB 57 -139.87 74.35 -1.97
C THR KB 57 -139.40 73.01 -1.42
N ILE KB 58 -140.20 72.43 -0.53
CA ILE KB 58 -139.91 71.14 0.08
C ILE KB 58 -141.14 70.25 -0.05
N TYR KB 59 -140.92 68.97 -0.34
CA TYR KB 59 -142.00 68.02 -0.54
C TYR KB 59 -141.80 66.80 0.35
N ASN KB 60 -142.90 66.35 0.94
CA ASN KB 60 -142.94 65.08 1.66
C ASN KB 60 -143.08 63.95 0.66
N ILE KB 61 -142.28 62.90 0.83
CA ILE KB 61 -142.42 61.68 0.04
C ILE KB 61 -142.60 60.53 1.01
N THR KB 62 -143.69 59.79 0.84
CA THR KB 62 -144.00 58.64 1.67
C THR KB 62 -144.07 57.39 0.81
N ILE KB 63 -143.32 56.36 1.19
CA ILE KB 63 -143.25 55.11 0.42
C ILE KB 63 -143.17 53.95 1.39
N THR KB 64 -143.75 52.82 1.02
CA THR KB 64 -143.63 51.60 1.81
C THR KB 64 -142.39 50.83 1.33
N VAL KB 65 -141.49 50.54 2.28
CA VAL KB 65 -140.17 50.03 1.98
C VAL KB 65 -139.93 48.74 2.77
N LYS KB 66 -139.43 47.72 2.09
CA LYS KB 66 -139.16 46.42 2.70
C LYS KB 66 -137.68 46.08 2.46
N ASN KB 67 -136.90 46.05 3.52
CA ASN KB 67 -135.48 45.72 3.42
C ASN KB 67 -135.32 44.21 3.59
N THR KB 68 -135.07 43.51 2.48
CA THR KB 68 -134.92 42.06 2.53
C THR KB 68 -133.51 41.63 2.89
N GLY KB 69 -132.57 42.56 3.00
CA GLY KB 69 -131.19 42.21 3.31
C GLY KB 69 -130.94 42.10 4.80
N THR KB 70 -129.67 41.90 5.14
CA THR KB 70 -129.24 41.77 6.52
C THR KB 70 -128.50 43.00 7.04
N THR KB 71 -128.54 44.10 6.29
CA THR KB 71 -127.79 45.30 6.64
C THR KB 71 -128.69 46.52 6.58
N SER KB 72 -128.39 47.50 7.44
CA SER KB 72 -129.12 48.75 7.43
C SER KB 72 -128.80 49.54 6.16
N ILE KB 73 -129.82 50.15 5.57
CA ILE KB 73 -129.68 50.83 4.29
C ILE KB 73 -130.42 52.16 4.36
N SER KB 74 -129.86 53.18 3.72
CA SER KB 74 -130.44 54.51 3.72
C SER KB 74 -130.60 55.02 2.29
N VAL KB 75 -131.52 55.98 2.13
CA VAL KB 75 -131.72 56.62 0.84
C VAL KB 75 -130.64 57.65 0.62
N THR KB 76 -130.29 57.90 -0.64
CA THR KB 76 -129.23 58.85 -0.96
C THR KB 76 -129.73 59.92 -1.92
N SER KB 77 -130.69 59.58 -2.77
CA SER KB 77 -131.23 60.53 -3.74
C SER KB 77 -132.53 59.98 -4.29
N ILE KB 78 -133.30 60.86 -4.92
CA ILE KB 78 -134.51 60.47 -5.64
C ILE KB 78 -134.59 61.29 -6.91
N ASN KB 79 -135.09 60.65 -7.98
CA ASN KB 79 -135.33 61.31 -9.25
C ASN KB 79 -136.82 61.17 -9.58
N ILE KB 80 -137.51 62.30 -9.69
CA ILE KB 80 -138.95 62.31 -9.94
C ILE KB 80 -139.22 62.99 -11.27
N ASN KB 81 -139.90 62.29 -12.17
CA ASN KB 81 -140.32 62.85 -13.45
C ASN KB 81 -139.14 63.35 -14.27
N GLY KB 82 -137.99 62.70 -14.14
CA GLY KB 82 -136.78 63.09 -14.84
C GLY KB 82 -135.99 64.19 -14.16
N GLN KB 83 -136.44 64.69 -13.03
CA GLN KB 83 -135.79 65.78 -12.31
C GLN KB 83 -135.14 65.26 -11.04
N PRO KB 84 -133.88 65.61 -10.76
CA PRO KB 84 -133.25 65.14 -9.53
C PRO KB 84 -133.67 65.98 -8.33
N PHE KB 85 -133.80 65.32 -7.18
CA PHE KB 85 -134.16 65.99 -5.94
C PHE KB 85 -133.14 65.62 -4.87
N ASN KB 86 -132.92 66.54 -3.94
CA ASN KB 86 -131.99 66.33 -2.84
C ASN KB 86 -132.75 66.00 -1.57
N ILE KB 87 -132.30 64.97 -0.86
CA ILE KB 87 -132.97 64.54 0.35
C ILE KB 87 -132.61 65.47 1.50
N ASN KB 88 -133.48 66.45 1.74
CA ASN KB 88 -133.27 67.36 2.86
C ASN KB 88 -133.22 66.58 4.16
N GLY KB 89 -132.26 66.95 5.01
CA GLY KB 89 -132.17 66.42 6.35
C GLY KB 89 -131.47 65.08 6.42
N THR KB 90 -131.38 64.57 7.66
CA THR KB 90 -130.86 63.24 7.89
C THR KB 90 -131.70 62.21 7.15
N ALA KB 91 -131.07 61.54 6.19
CA ALA KB 91 -131.80 60.60 5.34
C ALA KB 91 -132.31 59.42 6.16
N PRO KB 92 -133.52 58.94 5.91
CA PRO KB 92 -134.04 57.80 6.68
C PRO KB 92 -133.22 56.54 6.44
N SER KB 93 -133.12 55.74 7.48
CA SER KB 93 -132.44 54.45 7.42
C SER KB 93 -133.47 53.34 7.59
N ILE KB 94 -133.38 52.32 6.75
CA ILE KB 94 -134.32 51.21 6.73
C ILE KB 94 -133.64 50.02 7.38
N PRO KB 95 -134.05 49.61 8.57
CA PRO KB 95 -133.43 48.46 9.24
C PRO KB 95 -133.65 47.15 8.50
N ALA KB 96 -132.77 46.20 8.80
CA ALA KB 96 -132.76 44.92 8.10
C ALA KB 96 -134.01 44.12 8.39
N GLY KB 97 -134.52 43.44 7.36
CA GLY KB 97 -135.63 42.51 7.53
C GLY KB 97 -136.96 43.13 7.89
N ARG KB 98 -137.11 44.44 7.73
CA ARG KB 98 -138.29 45.16 8.23
C ARG KB 98 -139.02 45.87 7.10
N THR KB 99 -140.35 45.84 7.17
CA THR KB 99 -141.21 46.59 6.28
C THR KB 99 -141.77 47.79 7.03
N GLN KB 100 -141.54 48.99 6.50
CA GLN KB 100 -141.93 50.22 7.16
C GLN KB 100 -142.51 51.23 6.17
N PRO KB 101 -143.40 52.09 6.63
CA PRO KB 101 -143.67 53.35 5.91
C PRO KB 101 -142.55 54.33 6.18
N ILE KB 102 -141.84 54.73 5.12
CA ILE KB 102 -140.71 55.64 5.19
C ILE KB 102 -141.14 56.97 4.59
N THR KB 103 -140.96 58.04 5.35
CA THR KB 103 -141.31 59.39 4.91
C THR KB 103 -140.09 60.29 5.04
N PHE KB 104 -139.81 61.04 3.97
CA PHE KB 104 -138.67 61.95 4.00
C PHE KB 104 -138.98 63.20 3.19
N GLU KB 105 -138.33 64.30 3.57
CA GLU KB 105 -138.50 65.56 2.88
C GLU KB 105 -137.43 65.73 1.82
N VAL KB 106 -137.82 66.31 0.68
CA VAL KB 106 -136.96 66.43 -0.49
C VAL KB 106 -137.12 67.81 -1.11
N THR KB 107 -136.06 68.27 -1.76
CA THR KB 107 -136.08 69.56 -2.43
C THR KB 107 -135.53 69.41 -3.85
N PRO KB 108 -136.04 70.20 -4.79
CA PRO KB 108 -135.54 70.11 -6.17
C PRO KB 108 -134.09 70.56 -6.25
N ALA KB 109 -133.26 69.74 -6.91
CA ALA KB 109 -131.87 70.11 -7.10
C ALA KB 109 -131.72 71.28 -8.07
N SER KB 110 -132.62 71.38 -9.04
CA SER KB 110 -132.62 72.49 -9.98
C SER KB 110 -134.03 72.69 -10.52
N GLY KB 111 -134.30 73.90 -10.98
CA GLY KB 111 -135.59 74.20 -11.58
C GLY KB 111 -136.71 74.14 -10.56
N LYS KB 112 -137.92 73.89 -11.06
CA LYS KB 112 -139.10 73.77 -10.21
C LYS KB 112 -140.02 72.68 -10.76
N PRO KB 113 -140.64 71.90 -9.87
CA PRO KB 113 -141.54 70.84 -10.33
C PRO KB 113 -142.84 71.40 -10.89
N ASN KB 114 -143.49 70.59 -11.70
CA ASN KB 114 -144.76 70.93 -12.33
C ASN KB 114 -145.86 69.94 -11.94
N PHE KB 115 -145.87 69.52 -10.68
CA PHE KB 115 -146.79 68.49 -10.26
C PHE KB 115 -148.23 68.95 -10.36
N SER KB 116 -149.12 67.99 -10.62
CA SER KB 116 -150.56 68.24 -10.71
C SER KB 116 -151.28 67.32 -9.74
N PRO KB 117 -152.34 67.81 -9.09
CA PRO KB 117 -153.05 66.97 -8.11
C PRO KB 117 -153.60 65.71 -8.74
N GLY KB 118 -153.38 64.58 -8.08
CA GLY KB 118 -153.87 63.30 -8.54
C GLY KB 118 -153.03 62.63 -9.61
N ALA KB 119 -152.04 63.32 -10.16
CA ALA KB 119 -151.21 62.73 -11.20
C ALA KB 119 -150.22 61.74 -10.59
N SER KB 120 -149.83 60.75 -11.39
CA SER KB 120 -148.89 59.72 -10.98
C SER KB 120 -147.58 59.93 -11.73
N TYR KB 121 -146.48 60.03 -11.00
CA TYR KB 121 -145.16 60.32 -11.55
C TYR KB 121 -144.22 59.17 -11.26
N THR KB 122 -143.51 58.71 -12.29
CA THR KB 122 -142.52 57.67 -12.09
C THR KB 122 -141.27 58.27 -11.47
N ALA KB 123 -140.77 57.63 -10.42
CA ALA KB 123 -139.59 58.08 -9.70
C ALA KB 123 -138.63 56.92 -9.51
N THR KB 124 -137.40 57.25 -9.17
CA THR KB 124 -136.36 56.27 -8.86
C THR KB 124 -135.70 56.68 -7.56
N ILE KB 125 -135.71 55.80 -6.58
CA ILE KB 125 -135.11 56.07 -5.27
C ILE KB 125 -133.80 55.29 -5.19
N TYR KB 126 -132.71 55.99 -4.92
CA TYR KB 126 -131.37 55.40 -4.91
C TYR KB 126 -130.92 55.20 -3.47
N PHE KB 127 -130.49 53.99 -3.16
CA PHE KB 127 -130.13 53.61 -1.81
C PHE KB 127 -128.62 53.45 -1.66
N SER KB 128 -128.18 53.28 -0.42
CA SER KB 128 -126.75 53.36 -0.11
C SER KB 128 -125.93 52.28 -0.82
N ASN KB 129 -126.54 51.15 -1.19
CA ASN KB 129 -125.81 50.14 -1.95
C ASN KB 129 -125.56 50.57 -3.38
N GLY KB 130 -126.18 51.64 -3.84
CA GLY KB 130 -126.17 52.02 -5.23
C GLY KB 130 -127.35 51.50 -6.02
N GLN KB 131 -128.05 50.50 -5.50
CA GLN KB 131 -129.25 50.00 -6.18
C GLN KB 131 -130.34 51.06 -6.16
N GLY KB 132 -131.14 51.07 -7.22
CA GLY KB 132 -132.19 52.05 -7.37
C GLY KB 132 -133.54 51.43 -7.68
N ALA KB 133 -134.52 51.68 -6.83
CA ALA KB 133 -135.84 51.10 -6.99
C ALA KB 133 -136.75 52.06 -7.75
N PRO KB 134 -137.32 51.66 -8.88
CA PRO KB 134 -138.38 52.47 -9.49
C PRO KB 134 -139.66 52.37 -8.69
N ALA KB 135 -140.38 53.49 -8.63
CA ALA KB 135 -141.62 53.59 -7.87
C ALA KB 135 -142.55 54.55 -8.59
N THR KB 136 -143.82 54.53 -8.18
CA THR KB 136 -144.81 55.47 -8.68
C THR KB 136 -145.32 56.30 -7.51
N LEU KB 137 -145.25 57.62 -7.65
CA LEU KB 137 -145.65 58.54 -6.60
C LEU KB 137 -146.84 59.36 -7.07
N ILE KB 138 -147.91 59.37 -6.29
CA ILE KB 138 -149.11 60.14 -6.58
C ILE KB 138 -149.02 61.46 -5.82
N TYR KB 139 -149.26 62.56 -6.51
CA TYR KB 139 -149.20 63.88 -5.88
C TYR KB 139 -150.55 64.19 -5.24
N GLN KB 140 -150.55 64.36 -3.92
CA GLN KB 140 -151.77 64.54 -3.15
C GLN KB 140 -152.11 66.00 -2.87
N GLY KB 141 -151.21 66.93 -3.17
CA GLY KB 141 -151.48 68.33 -2.88
C GLY KB 141 -150.94 68.78 -1.53
N LEU LB 1 -78.81 28.85 -13.18
CA LEU LB 1 -79.18 30.19 -12.74
C LEU LB 1 -80.19 30.83 -13.69
N SER LB 2 -80.32 30.24 -14.89
CA SER LB 2 -81.12 30.86 -15.94
C SER LB 2 -82.60 30.92 -15.59
N GLY LB 3 -83.12 29.87 -14.95
CA GLY LB 3 -84.55 29.76 -14.77
C GLY LB 3 -85.15 30.89 -13.96
N ALA LB 4 -84.46 31.30 -12.90
CA ALA LB 4 -84.98 32.39 -12.08
C ALA LB 4 -85.00 33.71 -12.85
N ILE LB 5 -83.98 33.95 -13.67
CA ILE LB 5 -83.95 35.15 -14.51
C ILE LB 5 -85.13 35.15 -15.49
N VAL LB 6 -85.37 34.01 -16.13
CA VAL LB 6 -86.47 33.90 -17.08
C VAL LB 6 -87.80 34.13 -16.36
N ALA LB 7 -87.94 33.56 -15.16
CA ALA LB 7 -89.17 33.74 -14.39
C ALA LB 7 -89.40 35.20 -14.02
N LEU LB 8 -88.34 35.91 -13.64
CA LEU LB 8 -88.46 37.33 -13.34
C LEU LB 8 -88.95 38.11 -14.54
N ILE LB 9 -88.34 37.87 -15.71
CA ILE LB 9 -88.75 38.57 -16.93
C ILE LB 9 -90.22 38.31 -17.21
N LEU LB 10 -90.63 37.04 -17.13
CA LEU LB 10 -92.00 36.69 -17.46
C LEU LB 10 -93.01 37.24 -16.46
N VAL LB 11 -92.64 37.31 -15.18
CA VAL LB 11 -93.54 37.87 -14.17
C VAL LB 11 -93.82 39.34 -14.47
N ILE LB 12 -92.76 40.10 -14.74
CA ILE LB 12 -92.96 41.53 -15.01
C ILE LB 12 -93.78 41.72 -16.29
N ALA LB 13 -93.47 40.94 -17.33
CA ALA LB 13 -94.22 41.07 -18.58
C ALA LB 13 -95.69 40.72 -18.38
N GLY LB 14 -95.97 39.70 -17.57
CA GLY LB 14 -97.36 39.35 -17.29
C GLY LB 14 -98.11 40.47 -16.61
N VAL LB 15 -97.47 41.12 -15.63
CA VAL LB 15 -98.10 42.28 -14.98
C VAL LB 15 -98.45 43.33 -16.02
N ILE LB 16 -97.48 43.65 -16.89
CA ILE LB 16 -97.69 44.72 -17.87
C ILE LB 16 -98.85 44.39 -18.79
N ILE LB 17 -98.86 43.17 -19.35
CA ILE LB 17 -99.87 42.82 -20.33
C ILE LB 17 -101.25 42.73 -19.70
N ALA LB 18 -101.34 42.21 -18.47
CA ALA LB 18 -102.63 42.15 -17.79
C ALA LB 18 -103.20 43.54 -17.56
N ILE LB 19 -102.36 44.48 -17.11
CA ILE LB 19 -102.85 45.84 -16.92
C ILE LB 19 -103.31 46.45 -18.24
N ALA LB 20 -102.55 46.19 -19.31
CA ALA LB 20 -102.94 46.70 -20.63
C ALA LB 20 -104.30 46.16 -21.06
N VAL LB 21 -104.55 44.87 -20.82
CA VAL LB 21 -105.83 44.28 -21.20
C VAL LB 21 -106.96 44.89 -20.39
N VAL LB 22 -106.73 45.12 -19.10
CA VAL LB 22 -107.78 45.73 -18.27
C VAL LB 22 -108.11 47.13 -18.78
N LEU LB 23 -107.08 47.91 -19.12
CA LEU LB 23 -107.33 49.25 -19.62
C LEU LB 23 -108.02 49.23 -20.97
N PHE LB 24 -107.72 48.24 -21.82
CA PHE LB 24 -108.46 48.11 -23.08
C PHE LB 24 -109.93 47.79 -22.83
N ALA LB 25 -110.20 46.92 -21.85
CA ALA LB 25 -111.59 46.61 -21.50
C ALA LB 25 -112.33 47.88 -21.07
N PHE LB 26 -111.67 48.71 -20.28
CA PHE LB 26 -112.29 49.98 -19.90
C PHE LB 26 -112.44 50.94 -21.08
N GLY LB 27 -111.49 50.91 -22.02
CA GLY LB 27 -111.55 51.82 -23.15
C GLY LB 27 -112.58 51.45 -24.20
N LEU LB 28 -113.02 50.19 -24.22
CA LEU LB 28 -114.03 49.79 -25.20
C LEU LB 28 -115.37 50.50 -24.99
N ILE LB 29 -115.67 50.92 -23.75
CA ILE LB 29 -117.03 51.33 -23.41
C ILE LB 29 -117.57 52.46 -24.29
N PRO LB 30 -116.83 53.55 -24.55
CA PRO LB 30 -117.44 54.66 -25.30
C PRO LB 30 -117.94 54.29 -26.68
N GLY LB 31 -117.39 53.25 -27.30
CA GLY LB 31 -117.83 52.88 -28.64
C GLY LB 31 -119.23 52.30 -28.69
N ILE LB 32 -119.68 51.73 -27.58
CA ILE LB 32 -121.00 51.08 -27.57
C ILE LB 32 -122.12 52.10 -27.74
N SER LB 33 -121.93 53.31 -27.20
CA SER LB 33 -122.98 54.32 -27.21
C SER LB 33 -123.49 54.61 -28.62
N ASN LB 34 -122.59 54.60 -29.61
CA ASN LB 34 -122.94 55.01 -30.96
C ASN LB 34 -123.87 54.01 -31.66
N GLN LB 35 -124.08 52.82 -31.08
CA GLN LB 35 -124.91 51.81 -31.72
C GLN LB 35 -126.39 52.17 -31.72
N GLY LB 36 -126.80 53.20 -30.99
CA GLY LB 36 -128.21 53.55 -30.92
C GLY LB 36 -128.50 54.98 -31.34
N SER LB 37 -127.68 55.53 -32.23
CA SER LB 37 -127.77 56.96 -32.54
C SER LB 37 -129.05 57.31 -33.29
N ILE LB 38 -129.56 56.41 -34.12
CA ILE LB 38 -130.58 56.75 -35.10
C ILE LB 38 -131.89 56.04 -34.77
N GLN LB 39 -133.00 56.73 -35.00
CA GLN LB 39 -134.33 56.11 -34.93
C GLN LB 39 -135.20 56.58 -36.09
N VAL LB 40 -135.91 55.64 -36.69
CA VAL LB 40 -136.83 55.95 -37.79
C VAL LB 40 -138.19 56.33 -37.21
N LEU LB 41 -138.76 57.42 -37.72
CA LEU LB 41 -140.00 57.97 -37.20
C LEU LB 41 -141.13 57.75 -38.21
N GLY LB 42 -142.20 57.10 -37.76
CA GLY LB 42 -143.39 56.99 -38.56
C GLY LB 42 -143.22 56.12 -39.79
N SER LB 43 -144.25 56.16 -40.64
CA SER LB 43 -144.26 55.39 -41.86
C SER LB 43 -143.39 56.05 -42.93
N GLY LB 44 -143.05 55.26 -43.94
CA GLY LB 44 -142.36 55.75 -45.11
C GLY LB 44 -143.12 55.38 -46.37
N THR LB 45 -142.54 55.78 -47.51
CA THR LB 45 -143.21 55.61 -48.79
C THR LB 45 -142.26 54.97 -49.80
N ILE LB 46 -142.77 53.99 -50.55
CA ILE LB 46 -142.09 53.43 -51.70
C ILE LB 46 -142.80 53.92 -52.95
N THR LB 47 -142.02 54.23 -53.98
CA THR LB 47 -142.57 54.70 -55.25
C THR LB 47 -141.77 54.09 -56.39
N ASN LB 48 -142.45 53.84 -57.50
CA ASN LB 48 -141.86 53.23 -58.68
C ASN LB 48 -141.22 54.31 -59.55
N SER LB 49 -139.93 54.13 -59.88
CA SER LB 49 -139.13 55.19 -60.49
C SER LB 49 -138.27 54.66 -61.65
N THR LB 50 -138.87 53.88 -62.55
CA THR LB 50 -138.14 53.35 -63.69
C THR LB 50 -138.91 53.61 -64.98
N ALA LB 51 -138.15 53.80 -66.05
CA ALA LB 51 -138.72 54.13 -67.35
C ALA LB 51 -139.02 52.87 -68.15
N SER LB 52 -139.74 53.06 -69.26
CA SER LB 52 -140.11 51.95 -70.13
C SER LB 52 -138.87 51.33 -70.77
N GLY LB 53 -138.81 50.00 -70.76
CA GLY LB 53 -137.69 49.29 -71.36
C GLY LB 53 -136.41 49.39 -70.58
N SER LB 54 -136.44 49.88 -69.35
CA SER LB 54 -135.22 50.03 -68.56
C SER LB 54 -134.65 48.66 -68.22
N SER LB 55 -133.35 48.65 -67.89
CA SER LB 55 -132.71 47.40 -67.49
C SER LB 55 -133.21 46.91 -66.14
N ARG LB 56 -133.72 47.82 -65.30
CA ARG LB 56 -134.00 47.47 -63.92
C ARG LB 56 -135.10 48.35 -63.36
N THR LB 57 -135.87 47.76 -62.44
CA THR LB 57 -136.79 48.53 -61.63
C THR LB 57 -136.04 49.24 -60.52
N ILE LB 58 -136.41 50.48 -60.26
CA ILE LB 58 -135.85 51.19 -59.12
C ILE LB 58 -136.97 51.89 -58.37
N TYR LB 59 -136.91 51.84 -57.05
CA TYR LB 59 -137.94 52.39 -56.17
C TYR LB 59 -137.32 53.49 -55.32
N ASN LB 60 -137.98 54.64 -55.31
CA ASN LB 60 -137.66 55.72 -54.38
C ASN LB 60 -138.29 55.40 -53.03
N ILE LB 61 -137.48 55.43 -51.97
CA ILE LB 61 -137.93 55.16 -50.62
C ILE LB 61 -137.68 56.41 -49.79
N THR LB 62 -138.74 56.93 -49.18
CA THR LB 62 -138.67 58.09 -48.31
C THR LB 62 -139.04 57.69 -46.89
N ILE LB 63 -138.17 58.01 -45.93
CA ILE LB 63 -138.40 57.71 -44.52
C ILE LB 63 -137.91 58.89 -43.69
N THR LB 64 -138.63 59.21 -42.63
CA THR LB 64 -138.14 60.22 -41.69
C THR LB 64 -137.21 59.57 -40.69
N VAL LB 65 -136.00 60.13 -40.56
CA VAL LB 65 -134.96 59.57 -39.70
C VAL LB 65 -134.45 60.64 -38.77
N LYS LB 66 -134.29 60.29 -37.51
CA LYS LB 66 -133.77 61.19 -36.48
C LYS LB 66 -132.42 60.68 -36.00
N ASN LB 67 -131.40 61.53 -36.09
CA ASN LB 67 -130.04 61.20 -35.67
C ASN LB 67 -129.73 61.94 -34.37
N THR LB 68 -129.21 61.20 -33.38
CA THR LB 68 -128.90 61.76 -32.08
C THR LB 68 -127.42 61.80 -31.76
N GLY LB 69 -126.56 61.25 -32.62
CA GLY LB 69 -125.13 61.22 -32.37
C GLY LB 69 -124.42 62.48 -32.82
N THR LB 70 -123.12 62.49 -32.59
CA THR LB 70 -122.29 63.62 -32.99
C THR LB 70 -121.88 63.56 -34.45
N THR LB 71 -122.09 62.43 -35.13
CA THR LB 71 -121.55 62.19 -36.45
C THR LB 71 -122.66 61.88 -37.43
N SER LB 72 -122.42 62.23 -38.69
CA SER LB 72 -123.36 61.94 -39.76
C SER LB 72 -123.36 60.45 -40.08
N ILE LB 73 -124.56 59.89 -40.27
CA ILE LB 73 -124.71 58.46 -40.51
C ILE LB 73 -125.52 58.28 -41.80
N SER LB 74 -125.21 57.22 -42.53
CA SER LB 74 -125.80 56.96 -43.82
C SER LB 74 -126.40 55.56 -43.87
N VAL LB 75 -127.34 55.38 -44.80
CA VAL LB 75 -127.93 54.06 -45.03
C VAL LB 75 -126.94 53.18 -45.78
N THR LB 76 -126.95 51.88 -45.47
CA THR LB 76 -126.11 50.91 -46.15
C THR LB 76 -126.89 49.82 -46.85
N SER LB 77 -128.02 49.39 -46.28
CA SER LB 77 -128.84 48.37 -46.92
C SER LB 77 -130.26 48.48 -46.37
N ILE LB 78 -131.21 47.98 -47.16
CA ILE LB 78 -132.61 47.90 -46.75
C ILE LB 78 -133.13 46.53 -47.15
N ASN LB 79 -134.00 45.99 -46.31
CA ASN LB 79 -134.57 44.66 -46.51
C ASN LB 79 -136.08 44.78 -46.37
N ILE LB 80 -136.80 44.65 -47.47
CA ILE LB 80 -138.23 44.92 -47.54
C ILE LB 80 -138.96 43.61 -47.79
N ASN LB 81 -139.93 43.30 -46.93
CA ASN LB 81 -140.74 42.09 -47.02
C ASN LB 81 -139.89 40.82 -47.03
N GLY LB 82 -138.68 40.89 -46.47
CA GLY LB 82 -137.78 39.77 -46.46
C GLY LB 82 -136.78 39.76 -47.61
N GLN LB 83 -137.07 40.48 -48.69
CA GLN LB 83 -136.16 40.56 -49.82
C GLN LB 83 -135.13 41.66 -49.61
N PRO LB 84 -133.85 41.39 -49.82
CA PRO LB 84 -132.83 42.43 -49.69
C PRO LB 84 -132.77 43.30 -50.94
N PHE LB 85 -132.54 44.60 -50.74
CA PHE LB 85 -132.45 45.56 -51.83
C PHE LB 85 -131.09 46.23 -51.82
N ASN LB 86 -130.63 46.62 -53.00
CA ASN LB 86 -129.34 47.26 -53.19
C ASN LB 86 -129.53 48.75 -53.43
N ILE LB 87 -128.78 49.57 -52.70
CA ILE LB 87 -128.96 51.02 -52.74
C ILE LB 87 -128.20 51.60 -53.92
N ASN LB 88 -128.94 52.23 -54.80
CA ASN LB 88 -128.45 52.84 -56.02
C ASN LB 88 -127.89 54.24 -55.72
N GLY LB 89 -126.72 54.55 -56.28
CA GLY LB 89 -126.10 55.87 -56.10
C GLY LB 89 -125.40 56.11 -54.75
N THR LB 90 -125.05 57.38 -54.52
CA THR LB 90 -124.41 57.78 -53.27
C THR LB 90 -125.44 57.80 -52.15
N ALA LB 91 -125.20 57.02 -51.09
CA ALA LB 91 -126.17 56.90 -50.02
C ALA LB 91 -126.33 58.24 -49.29
N PRO LB 92 -127.55 58.62 -48.94
CA PRO LB 92 -127.75 59.90 -48.25
C PRO LB 92 -127.15 59.88 -46.85
N SER LB 93 -126.67 61.04 -46.42
CA SER LB 93 -126.11 61.21 -45.09
C SER LB 93 -127.09 61.97 -44.21
N ILE LB 94 -127.21 61.52 -42.95
CA ILE LB 94 -128.16 62.12 -42.02
C ILE LB 94 -127.38 62.97 -41.03
N PRO LB 95 -127.56 64.29 -41.04
CA PRO LB 95 -126.72 65.16 -40.21
C PRO LB 95 -126.87 64.86 -38.72
N ALA LB 96 -125.87 65.32 -37.96
CA ALA LB 96 -125.66 64.84 -36.59
C ALA LB 96 -126.91 64.91 -35.73
N GLY LB 97 -127.43 66.11 -35.51
CA GLY LB 97 -128.52 66.29 -34.58
C GLY LB 97 -129.89 66.50 -35.19
N ARG LB 98 -130.03 66.36 -36.50
CA ARG LB 98 -131.24 66.78 -37.18
C ARG LB 98 -132.17 65.60 -37.46
N THR LB 99 -133.46 65.92 -37.60
CA THR LB 99 -134.48 64.98 -38.01
C THR LB 99 -134.91 65.34 -39.43
N GLN LB 100 -134.75 64.41 -40.37
CA GLN LB 100 -134.99 64.73 -41.77
C GLN LB 100 -135.78 63.65 -42.50
N PRO LB 101 -136.64 64.06 -43.44
CA PRO LB 101 -137.14 63.10 -44.44
C PRO LB 101 -136.04 62.80 -45.46
N ILE LB 102 -135.58 61.56 -45.46
CA ILE LB 102 -134.48 61.11 -46.30
C ILE LB 102 -135.05 60.21 -47.39
N THR LB 103 -134.61 60.45 -48.63
CA THR LB 103 -135.08 59.70 -49.79
C THR LB 103 -133.90 59.09 -50.51
N PHE LB 104 -134.04 57.83 -50.90
CA PHE LB 104 -132.96 57.14 -51.60
C PHE LB 104 -133.54 56.11 -52.56
N GLU LB 105 -132.72 55.77 -53.56
CA GLU LB 105 -133.11 54.90 -54.67
C GLU LB 105 -132.57 53.50 -54.45
N VAL LB 106 -133.45 52.49 -54.61
CA VAL LB 106 -133.06 51.10 -54.38
C VAL LB 106 -133.52 50.25 -55.56
N THR LB 107 -132.82 49.13 -55.77
CA THR LB 107 -133.17 48.18 -56.80
C THR LB 107 -133.11 46.77 -56.21
N PRO LB 108 -134.02 45.87 -56.60
CA PRO LB 108 -134.04 44.54 -55.98
C PRO LB 108 -132.83 43.72 -56.38
N ALA LB 109 -132.29 42.99 -55.39
CA ALA LB 109 -131.11 42.15 -55.62
C ALA LB 109 -131.46 40.68 -55.76
N SER LB 110 -132.45 40.20 -55.00
CA SER LB 110 -132.79 38.77 -55.03
C SER LB 110 -133.72 38.44 -56.18
N GLY LB 111 -134.77 39.24 -56.36
CA GLY LB 111 -135.75 38.96 -57.39
C GLY LB 111 -136.79 40.05 -57.44
N LYS LB 112 -137.65 39.96 -58.43
CA LYS LB 112 -138.61 41.02 -58.70
C LYS LB 112 -139.66 41.07 -57.60
N PRO LB 113 -139.81 42.18 -56.88
CA PRO LB 113 -140.85 42.27 -55.86
C PRO LB 113 -142.17 42.73 -56.48
N ASN LB 114 -143.25 42.04 -56.13
CA ASN LB 114 -144.57 42.38 -56.65
C ASN LB 114 -145.32 43.26 -55.65
N PHE LB 115 -144.88 44.52 -55.57
CA PHE LB 115 -145.54 45.48 -54.71
C PHE LB 115 -146.97 45.73 -55.19
N SER LB 116 -147.86 45.94 -54.24
CA SER LB 116 -149.26 46.17 -54.52
C SER LB 116 -149.65 47.59 -54.13
N PRO LB 117 -150.36 48.33 -54.99
CA PRO LB 117 -150.72 49.71 -54.65
C PRO LB 117 -151.45 49.86 -53.32
N GLY LB 118 -150.91 50.70 -52.45
CA GLY LB 118 -151.52 50.96 -51.16
C GLY LB 118 -151.18 49.96 -50.07
N ALA LB 119 -150.43 48.91 -50.38
CA ALA LB 119 -150.11 47.90 -49.39
C ALA LB 119 -149.08 48.42 -48.39
N SER LB 120 -149.02 47.76 -47.24
CA SER LB 120 -148.09 48.10 -46.17
C SER LB 120 -147.07 46.99 -46.05
N TYR LB 121 -145.80 47.36 -45.97
CA TYR LB 121 -144.69 46.42 -45.98
C TYR LB 121 -143.76 46.70 -44.81
N THR LB 122 -143.31 45.65 -44.13
CA THR LB 122 -142.30 45.81 -43.10
C THR LB 122 -140.92 45.83 -43.72
N ALA LB 123 -140.04 46.67 -43.17
CA ALA LB 123 -138.68 46.77 -43.66
C ALA LB 123 -137.74 46.99 -42.49
N THR LB 124 -136.48 46.63 -42.68
CA THR LB 124 -135.42 46.96 -41.74
C THR LB 124 -134.38 47.79 -42.47
N ILE LB 125 -134.15 49.00 -41.98
CA ILE LB 125 -133.13 49.88 -42.56
C ILE LB 125 -131.87 49.75 -41.72
N TYR LB 126 -130.74 49.51 -42.38
CA TYR LB 126 -129.47 49.30 -41.73
C TYR LB 126 -128.59 50.52 -42.00
N PHE LB 127 -128.10 51.13 -40.93
CA PHE LB 127 -127.35 52.37 -41.04
C PHE LB 127 -125.87 52.11 -40.84
N SER LB 128 -125.05 53.11 -41.21
CA SER LB 128 -123.61 52.92 -41.20
C SER LB 128 -123.05 52.70 -39.81
N ASN LB 129 -123.77 53.12 -38.77
CA ASN LB 129 -123.31 52.89 -37.41
C ASN LB 129 -123.62 51.48 -36.93
N GLY LB 130 -123.98 50.56 -37.82
CA GLY LB 130 -124.27 49.20 -37.42
C GLY LB 130 -125.59 49.03 -36.71
N GLN LB 131 -126.58 49.87 -36.99
CA GLN LB 131 -127.86 49.86 -36.31
C GLN LB 131 -128.96 49.49 -37.29
N GLY LB 132 -129.83 48.59 -36.87
CA GLY LB 132 -131.01 48.22 -37.65
C GLY LB 132 -132.25 48.84 -37.04
N ALA LB 133 -133.12 49.38 -37.90
CA ALA LB 133 -134.34 50.03 -37.45
C ALA LB 133 -135.54 49.46 -38.19
N PRO LB 134 -136.55 48.97 -37.48
CA PRO LB 134 -137.79 48.57 -38.15
C PRO LB 134 -138.52 49.78 -38.71
N ALA LB 135 -139.23 49.57 -39.81
CA ALA LB 135 -140.02 50.62 -40.43
C ALA LB 135 -141.17 50.00 -41.20
N THR LB 136 -142.19 50.81 -41.46
CA THR LB 136 -143.37 50.41 -42.21
C THR LB 136 -143.50 51.31 -43.43
N LEU LB 137 -143.48 50.72 -44.61
CA LEU LB 137 -143.47 51.45 -45.88
C LEU LB 137 -144.78 51.21 -46.62
N ILE LB 138 -145.43 52.28 -47.04
CA ILE LB 138 -146.62 52.19 -47.87
C ILE LB 138 -146.20 52.37 -49.32
N TYR LB 139 -146.69 51.48 -50.19
CA TYR LB 139 -146.38 51.55 -51.61
C TYR LB 139 -147.38 52.48 -52.28
N GLN LB 140 -146.90 53.64 -52.73
CA GLN LB 140 -147.78 54.65 -53.31
C GLN LB 140 -148.01 54.45 -54.80
N GLY LB 141 -147.27 53.58 -55.46
CA GLY LB 141 -147.44 53.37 -56.88
C GLY LB 141 -146.14 53.18 -57.64
N LEU MB 1 -83.92 27.87 -19.08
CA LEU MB 1 -84.12 28.08 -20.51
C LEU MB 1 -85.49 27.56 -20.95
N SER MB 2 -86.01 26.59 -20.21
CA SER MB 2 -87.28 25.96 -20.59
C SER MB 2 -88.47 26.88 -20.34
N GLY MB 3 -88.35 27.81 -19.40
CA GLY MB 3 -89.50 28.63 -19.02
C GLY MB 3 -90.03 29.45 -20.18
N ALA MB 4 -89.14 30.03 -20.97
CA ALA MB 4 -89.58 30.84 -22.11
C ALA MB 4 -90.29 29.97 -23.15
N ILE MB 5 -89.78 28.77 -23.40
CA ILE MB 5 -90.43 27.88 -24.37
C ILE MB 5 -91.81 27.46 -23.87
N VAL MB 6 -91.93 27.15 -22.58
CA VAL MB 6 -93.23 26.80 -22.02
C VAL MB 6 -94.20 27.97 -22.15
N ALA MB 7 -93.73 29.18 -21.84
CA ALA MB 7 -94.58 30.36 -21.96
C ALA MB 7 -95.03 30.57 -23.40
N LEU MB 8 -94.12 30.38 -24.36
CA LEU MB 8 -94.48 30.54 -25.77
C LEU MB 8 -95.53 29.53 -26.19
N ILE MB 9 -95.36 28.27 -25.79
CA ILE MB 9 -96.33 27.24 -26.13
C ILE MB 9 -97.69 27.58 -25.54
N LEU MB 10 -97.71 27.99 -24.26
CA LEU MB 10 -98.97 28.30 -23.62
C LEU MB 10 -99.64 29.52 -24.22
N VAL MB 11 -98.87 30.52 -24.65
CA VAL MB 11 -99.45 31.70 -25.28
C VAL MB 11 -100.11 31.33 -26.60
N ILE MB 12 -99.39 30.60 -27.45
CA ILE MB 12 -99.97 30.21 -28.73
C ILE MB 12 -101.21 29.35 -28.49
N ALA MB 13 -101.10 28.33 -27.63
CA ALA MB 13 -102.23 27.46 -27.35
C ALA MB 13 -103.41 28.22 -26.78
N GLY MB 14 -103.15 29.27 -25.99
CA GLY MB 14 -104.24 30.09 -25.49
C GLY MB 14 -104.98 30.79 -26.60
N VAL MB 15 -104.23 31.33 -27.57
CA VAL MB 15 -104.88 31.92 -28.74
C VAL MB 15 -105.78 30.90 -29.43
N ILE MB 16 -105.23 29.70 -29.69
CA ILE MB 16 -106.01 28.68 -30.39
C ILE MB 16 -107.25 28.29 -29.61
N ILE MB 17 -107.11 28.08 -28.30
CA ILE MB 17 -108.22 27.59 -27.49
C ILE MB 17 -109.31 28.65 -27.38
N ALA MB 18 -108.93 29.91 -27.25
CA ALA MB 18 -109.93 30.98 -27.21
C ALA MB 18 -110.72 31.04 -28.52
N ILE MB 19 -110.02 30.93 -29.65
CA ILE MB 19 -110.72 30.95 -30.93
C ILE MB 19 -111.67 29.75 -31.04
N ALA MB 20 -111.22 28.58 -30.57
CA ALA MB 20 -112.07 27.39 -30.61
C ALA MB 20 -113.32 27.57 -29.77
N VAL MB 21 -113.19 28.17 -28.58
CA VAL MB 21 -114.36 28.43 -27.74
C VAL MB 21 -115.31 29.38 -28.44
N VAL MB 22 -114.78 30.43 -29.08
CA VAL MB 22 -115.63 31.37 -29.81
C VAL MB 22 -116.41 30.64 -30.89
N LEU MB 23 -115.77 29.75 -31.64
CA LEU MB 23 -116.46 29.03 -32.69
C LEU MB 23 -117.52 28.08 -32.13
N PHE MB 24 -117.22 27.42 -31.01
CA PHE MB 24 -118.18 26.50 -30.39
C PHE MB 24 -119.45 27.24 -29.97
N ALA MB 25 -119.29 28.46 -29.44
CA ALA MB 25 -120.44 29.25 -29.04
C ALA MB 25 -121.44 29.38 -30.18
N PHE MB 26 -120.97 29.72 -31.38
CA PHE MB 26 -121.85 29.82 -32.53
C PHE MB 26 -122.36 28.45 -32.97
N GLY MB 27 -121.49 27.43 -32.91
CA GLY MB 27 -121.91 26.11 -33.29
C GLY MB 27 -123.08 25.57 -32.48
N LEU MB 28 -123.32 26.14 -31.30
CA LEU MB 28 -124.47 25.70 -30.51
C LEU MB 28 -125.82 26.05 -31.13
N ILE MB 29 -125.96 27.21 -31.80
CA ILE MB 29 -127.31 27.76 -32.04
C ILE MB 29 -128.17 27.00 -33.06
N PRO MB 30 -127.67 26.51 -34.22
CA PRO MB 30 -128.53 25.63 -35.04
C PRO MB 30 -129.12 24.45 -34.30
N GLY MB 31 -128.48 23.92 -33.26
CA GLY MB 31 -129.12 22.87 -32.48
C GLY MB 31 -130.31 23.37 -31.69
N ILE MB 32 -130.14 24.53 -31.05
CA ILE MB 32 -131.21 25.07 -30.21
C ILE MB 32 -132.39 25.50 -31.06
N SER MB 33 -132.16 25.85 -32.32
CA SER MB 33 -133.27 26.23 -33.19
C SER MB 33 -134.27 25.09 -33.38
N ASN MB 34 -133.85 23.85 -33.14
CA ASN MB 34 -134.75 22.71 -33.25
C ASN MB 34 -135.85 22.72 -32.20
N GLN MB 35 -135.71 23.54 -31.15
CA GLN MB 35 -136.73 23.62 -30.12
C GLN MB 35 -138.08 24.07 -30.66
N GLY MB 36 -138.10 24.75 -31.81
CA GLY MB 36 -139.34 25.21 -32.40
C GLY MB 36 -139.60 24.64 -33.78
N SER MB 37 -139.31 23.34 -33.94
CA SER MB 37 -139.45 22.72 -35.26
C SER MB 37 -140.90 22.65 -35.71
N ILE MB 38 -141.83 22.46 -34.78
CA ILE MB 38 -143.20 22.06 -35.11
C ILE MB 38 -144.17 23.21 -34.86
N GLN MB 39 -145.13 23.36 -35.77
CA GLN MB 39 -146.25 24.29 -35.60
C GLN MB 39 -147.55 23.53 -35.82
N VAL MB 40 -148.50 23.68 -34.91
CA VAL MB 40 -149.82 23.11 -35.06
C VAL MB 40 -150.76 24.19 -35.57
N LEU MB 41 -151.34 23.99 -36.75
CA LEU MB 41 -152.08 25.06 -37.42
C LEU MB 41 -153.48 24.58 -37.80
N GLY MB 42 -154.44 25.48 -37.68
CA GLY MB 42 -155.83 25.15 -37.90
C GLY MB 42 -156.48 24.59 -36.64
N SER MB 43 -157.81 24.54 -36.67
CA SER MB 43 -158.56 24.01 -35.54
C SER MB 43 -158.69 22.49 -35.69
N GLY MB 44 -158.29 21.77 -34.64
CA GLY MB 44 -158.39 20.33 -34.63
C GLY MB 44 -159.76 19.86 -34.21
N THR MB 45 -159.93 18.54 -34.21
CA THR MB 45 -161.19 17.92 -33.85
C THR MB 45 -160.97 16.72 -32.93
N ILE MB 46 -161.86 16.57 -31.95
CA ILE MB 46 -161.85 15.45 -31.03
C ILE MB 46 -163.20 14.74 -31.15
N THR MB 47 -163.15 13.41 -31.32
CA THR MB 47 -164.35 12.63 -31.62
C THR MB 47 -164.43 11.40 -30.72
N ASN MB 48 -165.66 11.00 -30.38
CA ASN MB 48 -165.88 9.80 -29.58
C ASN MB 48 -165.54 8.57 -30.42
N SER MB 49 -164.70 7.69 -29.86
CA SER MB 49 -164.25 6.51 -30.58
C SER MB 49 -164.24 5.28 -29.68
N THR MB 50 -165.14 5.24 -28.70
CA THR MB 50 -165.06 4.25 -27.62
C THR MB 50 -165.68 2.91 -27.99
N ALA MB 51 -166.37 2.80 -29.12
CA ALA MB 51 -167.04 1.57 -29.54
C ALA MB 51 -168.13 1.15 -28.55
N SER MB 52 -169.09 2.05 -28.32
CA SER MB 52 -170.34 1.77 -27.62
C SER MB 52 -170.11 1.20 -26.22
N GLY MB 53 -169.01 1.59 -25.57
CA GLY MB 53 -168.73 1.10 -24.24
C GLY MB 53 -167.78 -0.08 -24.16
N SER MB 54 -167.21 -0.50 -25.28
CA SER MB 54 -166.29 -1.62 -25.29
C SER MB 54 -164.86 -1.23 -24.96
N SER MB 55 -164.61 0.05 -24.64
CA SER MB 55 -163.25 0.52 -24.42
C SER MB 55 -163.27 1.65 -23.39
N ARG MB 56 -162.11 1.88 -22.77
CA ARG MB 56 -162.00 2.86 -21.69
C ARG MB 56 -162.02 4.30 -22.21
N THR MB 57 -163.17 4.67 -22.79
CA THR MB 57 -163.44 6.04 -23.24
C THR MB 57 -162.30 6.60 -24.09
N ILE MB 58 -162.10 5.97 -25.23
CA ILE MB 58 -160.98 6.34 -26.11
C ILE MB 58 -161.47 7.30 -27.18
N TYR MB 59 -160.79 8.45 -27.30
CA TYR MB 59 -161.15 9.53 -28.20
C TYR MB 59 -160.18 9.61 -29.37
N ASN MB 60 -160.55 10.43 -30.36
CA ASN MB 60 -159.78 10.65 -31.57
C ASN MB 60 -159.37 12.12 -31.59
N ILE MB 61 -158.08 12.40 -31.68
CA ILE MB 61 -157.57 13.76 -31.84
C ILE MB 61 -156.98 13.86 -33.25
N THR MB 62 -157.51 14.79 -34.03
CA THR MB 62 -157.00 15.09 -35.37
C THR MB 62 -156.57 16.55 -35.42
N ILE MB 63 -155.31 16.78 -35.79
CA ILE MB 63 -154.74 18.13 -35.85
C ILE MB 63 -153.79 18.21 -37.03
N THR MB 64 -153.73 19.37 -37.68
CA THR MB 64 -152.79 19.58 -38.78
C THR MB 64 -151.47 20.09 -38.23
N VAL MB 65 -150.40 19.35 -38.48
CA VAL MB 65 -149.08 19.63 -37.90
C VAL MB 65 -148.09 19.84 -39.04
N LYS MB 66 -147.26 20.87 -38.89
CA LYS MB 66 -146.20 21.21 -39.83
C LYS MB 66 -144.86 21.06 -39.14
N ASN MB 67 -143.96 20.31 -39.75
CA ASN MB 67 -142.63 20.06 -39.19
C ASN MB 67 -141.60 20.77 -40.06
N THR MB 68 -140.83 21.66 -39.45
CA THR MB 68 -139.82 22.44 -40.13
C THR MB 68 -138.41 21.88 -39.92
N GLY MB 69 -138.21 21.04 -38.91
CA GLY MB 69 -136.90 20.49 -38.64
C GLY MB 69 -136.50 19.41 -39.62
N THR MB 70 -135.29 18.90 -39.43
CA THR MB 70 -134.72 17.88 -40.31
C THR MB 70 -134.90 16.46 -39.80
N THR MB 71 -135.61 16.27 -38.68
CA THR MB 71 -135.83 14.96 -38.11
C THR MB 71 -137.32 14.69 -37.95
N SER MB 72 -137.69 13.42 -37.97
CA SER MB 72 -139.06 13.03 -37.67
C SER MB 72 -139.31 13.21 -36.18
N ILE MB 73 -140.44 13.83 -35.84
CA ILE MB 73 -140.74 14.21 -34.46
C ILE MB 73 -142.09 13.62 -34.09
N SER MB 74 -142.19 13.12 -32.85
CA SER MB 74 -143.32 12.35 -32.41
C SER MB 74 -144.02 13.01 -31.23
N VAL MB 75 -145.31 12.70 -31.07
CA VAL MB 75 -146.13 13.21 -29.97
C VAL MB 75 -145.85 12.36 -28.74
N THR MB 76 -145.28 12.96 -27.70
CA THR MB 76 -144.94 12.22 -26.49
C THR MB 76 -146.08 12.22 -25.47
N SER MB 77 -146.80 13.32 -25.34
CA SER MB 77 -147.89 13.41 -24.37
C SER MB 77 -148.85 14.49 -24.81
N ILE MB 78 -150.06 14.47 -24.23
CA ILE MB 78 -151.09 15.46 -24.55
C ILE MB 78 -151.84 15.82 -23.28
N ASN MB 79 -152.18 17.10 -23.16
CA ASN MB 79 -152.96 17.64 -22.06
C ASN MB 79 -154.13 18.41 -22.64
N ILE MB 80 -155.35 17.99 -22.29
CA ILE MB 80 -156.57 18.56 -22.87
C ILE MB 80 -157.30 19.33 -21.79
N ASN MB 81 -157.39 20.65 -21.95
CA ASN MB 81 -158.12 21.52 -21.04
C ASN MB 81 -157.66 21.36 -19.59
N GLY MB 82 -156.35 21.15 -19.41
CA GLY MB 82 -155.78 20.97 -18.11
C GLY MB 82 -155.76 19.54 -17.60
N GLN MB 83 -156.51 18.63 -18.23
CA GLN MB 83 -156.55 17.24 -17.79
C GLN MB 83 -155.52 16.42 -18.58
N PRO MB 84 -154.68 15.64 -17.90
CA PRO MB 84 -153.68 14.83 -18.61
C PRO MB 84 -154.34 13.73 -19.43
N PHE MB 85 -153.67 13.33 -20.51
CA PHE MB 85 -154.18 12.29 -21.38
C PHE MB 85 -153.03 11.39 -21.81
N ASN MB 86 -153.37 10.14 -22.15
CA ASN MB 86 -152.38 9.15 -22.57
C ASN MB 86 -152.73 8.62 -23.94
N ILE MB 87 -151.74 8.57 -24.83
CA ILE MB 87 -151.98 8.03 -26.18
C ILE MB 87 -152.19 6.52 -26.09
N ASN MB 88 -153.20 6.02 -26.80
CA ASN MB 88 -153.58 4.62 -26.68
C ASN MB 88 -152.72 3.70 -27.53
N GLY MB 89 -152.34 4.12 -28.73
CA GLY MB 89 -151.48 3.34 -29.60
C GLY MB 89 -150.04 3.82 -29.58
N THR MB 90 -149.30 3.43 -30.60
CA THR MB 90 -147.96 3.98 -30.79
C THR MB 90 -148.07 5.44 -31.20
N ALA MB 91 -147.11 6.24 -30.75
CA ALA MB 91 -147.19 7.68 -30.97
C ALA MB 91 -147.08 8.00 -32.46
N PRO MB 92 -147.88 8.93 -32.97
CA PRO MB 92 -147.69 9.38 -34.35
C PRO MB 92 -146.40 10.17 -34.49
N SER MB 93 -145.84 10.14 -35.70
CA SER MB 93 -144.59 10.82 -35.99
C SER MB 93 -144.74 11.64 -37.26
N ILE MB 94 -144.25 12.87 -37.22
CA ILE MB 94 -144.37 13.81 -38.34
C ILE MB 94 -143.03 13.88 -39.05
N PRO MB 95 -142.95 13.50 -40.33
CA PRO MB 95 -141.67 13.55 -41.04
C PRO MB 95 -141.22 14.97 -41.30
N ALA MB 96 -139.94 15.10 -41.66
CA ALA MB 96 -139.34 16.41 -41.89
C ALA MB 96 -139.99 17.12 -43.08
N GLY MB 97 -140.18 18.43 -42.94
CA GLY MB 97 -140.70 19.25 -44.02
C GLY MB 97 -142.16 19.08 -44.33
N ARG MB 98 -142.84 18.11 -43.71
CA ARG MB 98 -144.22 17.81 -44.06
C ARG MB 98 -145.20 18.71 -43.32
N THR MB 99 -146.36 18.90 -43.94
CA THR MB 99 -147.54 19.45 -43.29
C THR MB 99 -148.67 18.45 -43.51
N GLN MB 100 -149.14 17.83 -42.44
CA GLN MB 100 -150.08 16.73 -42.62
C GLN MB 100 -151.02 16.62 -41.43
N PRO MB 101 -152.19 16.00 -41.61
CA PRO MB 101 -153.10 15.76 -40.48
C PRO MB 101 -152.69 14.55 -39.67
N ILE MB 102 -152.23 14.78 -38.44
CA ILE MB 102 -151.96 13.73 -37.49
C ILE MB 102 -153.26 13.35 -36.78
N THR MB 103 -153.54 12.05 -36.73
CA THR MB 103 -154.70 11.53 -36.00
C THR MB 103 -154.23 10.45 -35.04
N PHE MB 104 -154.65 10.55 -33.78
CA PHE MB 104 -154.24 9.54 -32.81
C PHE MB 104 -155.31 9.36 -31.74
N GLU MB 105 -155.34 8.14 -31.18
CA GLU MB 105 -156.28 7.79 -30.12
C GLU MB 105 -155.73 8.25 -28.78
N VAL MB 106 -156.62 8.61 -27.87
CA VAL MB 106 -156.22 9.10 -26.56
C VAL MB 106 -157.20 8.65 -25.49
N THR MB 107 -156.70 8.53 -24.26
CA THR MB 107 -157.41 8.05 -23.09
C THR MB 107 -157.25 9.07 -21.96
N PRO MB 108 -158.25 9.18 -21.09
CA PRO MB 108 -158.07 10.00 -19.88
C PRO MB 108 -157.07 9.34 -18.94
N ALA MB 109 -156.09 10.12 -18.47
CA ALA MB 109 -155.14 9.60 -17.50
C ALA MB 109 -155.80 9.36 -16.15
N SER MB 110 -156.75 10.21 -15.77
CA SER MB 110 -157.51 10.03 -14.55
C SER MB 110 -158.88 10.64 -14.72
N GLY MB 111 -159.86 10.07 -14.03
CA GLY MB 111 -161.20 10.60 -14.13
C GLY MB 111 -161.87 10.25 -15.45
N LYS MB 112 -162.94 10.99 -15.73
CA LYS MB 112 -163.74 10.77 -16.94
C LYS MB 112 -164.22 12.15 -17.40
N PRO MB 113 -163.52 12.74 -18.36
CA PRO MB 113 -163.92 14.06 -18.83
C PRO MB 113 -165.10 13.97 -19.78
N ASN MB 114 -166.04 14.88 -19.62
CA ASN MB 114 -167.25 14.90 -20.43
C ASN MB 114 -167.21 16.11 -21.35
N PHE MB 115 -167.45 15.87 -22.63
CA PHE MB 115 -167.39 16.93 -23.64
C PHE MB 115 -168.78 17.19 -24.20
N SER MB 116 -169.03 18.45 -24.55
CA SER MB 116 -170.31 18.82 -25.13
C SER MB 116 -170.15 19.09 -26.62
N PRO MB 117 -171.17 18.77 -27.42
CA PRO MB 117 -171.05 18.96 -28.87
C PRO MB 117 -170.77 20.40 -29.24
N GLY MB 118 -169.82 20.60 -30.16
CA GLY MB 118 -169.50 21.90 -30.67
C GLY MB 118 -168.67 22.79 -29.77
N ALA MB 119 -168.35 22.33 -28.55
CA ALA MB 119 -167.56 23.15 -27.65
C ALA MB 119 -166.08 23.12 -28.06
N SER MB 120 -165.36 24.16 -27.66
CA SER MB 120 -163.95 24.31 -27.97
C SER MB 120 -163.13 24.00 -26.71
N TYR MB 121 -162.17 23.08 -26.83
CA TYR MB 121 -161.32 22.68 -25.74
C TYR MB 121 -159.87 22.89 -26.15
N THR MB 122 -159.10 23.58 -25.30
CA THR MB 122 -157.70 23.79 -25.61
C THR MB 122 -156.88 22.60 -25.18
N ALA MB 123 -155.96 22.18 -26.05
CA ALA MB 123 -155.08 21.06 -25.79
C ALA MB 123 -153.64 21.47 -26.08
N THR MB 124 -152.73 21.00 -25.24
CA THR MB 124 -151.31 21.23 -25.46
C THR MB 124 -150.67 19.92 -25.88
N ILE MB 125 -150.14 19.87 -27.10
CA ILE MB 125 -149.48 18.68 -27.60
C ILE MB 125 -147.98 18.86 -27.39
N TYR MB 126 -147.39 17.93 -26.65
CA TYR MB 126 -145.96 17.97 -26.35
C TYR MB 126 -145.26 17.02 -27.31
N PHE MB 127 -144.36 17.55 -28.12
CA PHE MB 127 -143.64 16.76 -29.10
C PHE MB 127 -142.26 16.39 -28.56
N SER MB 128 -141.57 15.51 -29.30
CA SER MB 128 -140.30 14.97 -28.80
C SER MB 128 -139.23 16.03 -28.66
N ASN MB 129 -139.40 17.20 -29.27
CA ASN MB 129 -138.47 18.30 -29.04
C ASN MB 129 -138.60 18.89 -27.65
N GLY MB 130 -139.61 18.50 -26.89
CA GLY MB 130 -140.00 19.23 -25.69
C GLY MB 130 -140.87 20.42 -25.97
N GLN MB 131 -141.15 20.71 -27.24
CA GLN MB 131 -141.99 21.84 -27.61
C GLN MB 131 -143.44 21.52 -27.30
N GLY MB 132 -144.12 22.44 -26.63
CA GLY MB 132 -145.52 22.29 -26.33
C GLY MB 132 -146.38 23.23 -27.13
N ALA MB 133 -147.12 22.71 -28.10
CA ALA MB 133 -147.93 23.53 -28.98
C ALA MB 133 -149.36 23.61 -28.47
N PRO MB 134 -149.89 24.79 -28.17
CA PRO MB 134 -151.32 24.90 -27.85
C PRO MB 134 -152.15 24.89 -29.12
N ALA MB 135 -153.31 24.24 -29.04
CA ALA MB 135 -154.23 24.12 -30.15
C ALA MB 135 -155.65 24.07 -29.61
N THR MB 136 -156.60 24.33 -30.50
CA THR MB 136 -158.02 24.31 -30.15
C THR MB 136 -158.69 23.15 -30.86
N LEU MB 137 -159.36 22.30 -30.09
CA LEU MB 137 -160.07 21.14 -30.61
C LEU MB 137 -161.56 21.38 -30.47
N ILE MB 138 -162.31 21.14 -31.53
CA ILE MB 138 -163.76 21.24 -31.50
C ILE MB 138 -164.33 19.83 -31.41
N TYR MB 139 -165.12 19.59 -30.37
CA TYR MB 139 -165.70 18.27 -30.16
C TYR MB 139 -166.79 18.01 -31.19
N GLN MB 140 -166.75 16.82 -31.80
CA GLN MB 140 -167.64 16.49 -32.89
C GLN MB 140 -168.47 15.23 -32.66
N GLY MB 141 -168.20 14.47 -31.61
CA GLY MB 141 -168.88 13.20 -31.38
C GLY MB 141 -170.29 13.33 -30.84
N LEU NB 1 -90.57 24.95 -16.31
CA LEU NB 1 -91.57 23.95 -15.96
C LEU NB 1 -92.70 24.55 -15.14
N SER NB 2 -92.42 25.69 -14.50
CA SER NB 2 -93.38 26.30 -13.59
C SER NB 2 -94.66 26.71 -14.33
N GLY NB 3 -94.51 27.27 -15.53
CA GLY NB 3 -95.66 27.81 -16.23
C GLY NB 3 -96.74 26.78 -16.51
N ALA NB 4 -96.33 25.58 -16.93
CA ALA NB 4 -97.31 24.54 -17.26
C ALA NB 4 -98.09 24.10 -16.02
N ILE NB 5 -97.39 23.89 -14.91
CA ILE NB 5 -98.05 23.46 -13.69
C ILE NB 5 -98.97 24.55 -13.17
N VAL NB 6 -98.53 25.80 -13.21
CA VAL NB 6 -99.39 26.90 -12.77
C VAL NB 6 -100.63 27.01 -13.64
N ALA NB 7 -100.47 26.88 -14.96
CA ALA NB 7 -101.61 26.92 -15.85
C ALA NB 7 -102.58 25.78 -15.57
N LEU NB 8 -102.06 24.59 -15.30
CA LEU NB 8 -102.93 23.46 -14.95
C LEU NB 8 -103.68 23.70 -13.65
N ILE NB 9 -102.99 24.26 -12.65
CA ILE NB 9 -103.64 24.60 -11.39
C ILE NB 9 -104.79 25.57 -11.64
N LEU NB 10 -104.54 26.61 -12.42
CA LEU NB 10 -105.56 27.61 -12.68
C LEU NB 10 -106.71 27.04 -13.51
N VAL NB 11 -106.42 26.11 -14.41
CA VAL NB 11 -107.47 25.48 -15.19
C VAL NB 11 -108.40 24.68 -14.29
N ILE NB 12 -107.82 23.87 -13.40
CA ILE NB 12 -108.64 23.07 -12.50
C ILE NB 12 -109.45 23.97 -11.56
N ALA NB 13 -108.81 25.01 -11.04
CA ALA NB 13 -109.51 25.91 -10.14
C ALA NB 13 -110.63 26.66 -10.85
N GLY NB 14 -110.41 27.05 -12.10
CA GLY NB 14 -111.48 27.68 -12.87
C GLY NB 14 -112.65 26.75 -13.07
N VAL NB 15 -112.37 25.48 -13.36
CA VAL NB 15 -113.44 24.49 -13.45
C VAL NB 15 -114.23 24.45 -12.14
N ILE NB 16 -113.51 24.41 -11.02
CA ILE NB 16 -114.16 24.31 -9.71
C ILE NB 16 -115.07 25.50 -9.47
N ILE NB 17 -114.54 26.72 -9.67
CA ILE NB 17 -115.31 27.92 -9.35
C ILE NB 17 -116.48 28.08 -10.30
N ALA NB 18 -116.28 27.76 -11.59
CA ALA NB 18 -117.38 27.87 -12.55
C ALA NB 18 -118.51 26.90 -12.21
N ILE NB 19 -118.16 25.67 -11.84
CA ILE NB 19 -119.20 24.71 -11.47
C ILE NB 19 -119.91 25.17 -10.19
N ALA NB 20 -119.16 25.77 -9.26
CA ALA NB 20 -119.79 26.30 -8.06
C ALA NB 20 -120.80 27.39 -8.40
N VAL NB 21 -120.44 28.30 -9.32
CA VAL NB 21 -121.36 29.35 -9.72
C VAL NB 21 -122.58 28.78 -10.44
N VAL NB 22 -122.39 27.75 -11.26
CA VAL NB 22 -123.51 27.12 -11.94
C VAL NB 22 -124.48 26.50 -10.95
N LEU NB 23 -123.93 25.81 -9.94
CA LEU NB 23 -124.78 25.22 -8.90
C LEU NB 23 -125.50 26.30 -8.10
N PHE NB 24 -124.84 27.44 -7.86
CA PHE NB 24 -125.51 28.56 -7.22
C PHE NB 24 -126.67 29.08 -8.06
N ALA NB 25 -126.46 29.18 -9.37
CA ALA NB 25 -127.54 29.61 -10.26
C ALA NB 25 -128.71 28.63 -10.19
N PHE NB 26 -128.42 27.34 -10.16
CA PHE NB 26 -129.48 26.34 -10.03
C PHE NB 26 -130.19 26.46 -8.68
N GLY NB 27 -129.46 26.80 -7.63
CA GLY NB 27 -130.07 26.96 -6.32
C GLY NB 27 -130.88 28.22 -6.14
N LEU NB 28 -130.65 29.21 -6.99
CA LEU NB 28 -131.48 30.42 -6.93
C LEU NB 28 -132.92 30.18 -7.38
N ILE NB 29 -133.15 29.21 -8.24
CA ILE NB 29 -134.44 29.02 -8.91
C ILE NB 29 -135.60 28.86 -7.93
N PRO NB 30 -135.51 28.04 -6.88
CA PRO NB 30 -136.68 27.90 -5.98
C PRO NB 30 -137.13 29.21 -5.36
N GLY NB 31 -136.20 30.11 -5.02
CA GLY NB 31 -136.60 31.37 -4.43
C GLY NB 31 -137.35 32.27 -5.39
N ILE NB 32 -136.89 32.33 -6.65
CA ILE NB 32 -137.50 33.24 -7.62
C ILE NB 32 -138.72 32.62 -8.27
N SER NB 33 -138.67 31.32 -8.55
CA SER NB 33 -139.81 30.61 -9.15
C SER NB 33 -140.79 30.27 -8.05
N ASN NB 34 -141.77 31.13 -7.86
CA ASN NB 34 -142.79 30.95 -6.81
C ASN NB 34 -144.14 31.27 -7.45
N GLN NB 35 -144.79 30.24 -7.99
CA GLN NB 35 -146.12 30.40 -8.55
C GLN NB 35 -147.15 30.54 -7.43
N GLY NB 36 -148.37 30.82 -7.81
CA GLY NB 36 -149.39 31.03 -6.80
C GLY NB 36 -149.47 32.47 -6.36
N SER NB 37 -150.68 32.92 -6.09
CA SER NB 37 -150.93 34.33 -5.79
C SER NB 37 -152.23 34.45 -5.03
N ILE NB 38 -152.42 35.60 -4.42
CA ILE NB 38 -153.72 35.94 -3.84
C ILE NB 38 -154.61 36.54 -4.92
N GLN NB 39 -155.78 35.95 -5.12
CA GLN NB 39 -156.73 36.38 -6.14
C GLN NB 39 -157.96 36.95 -5.44
N VAL NB 40 -158.39 38.13 -5.88
CA VAL NB 40 -159.58 38.77 -5.32
C VAL NB 40 -160.74 38.47 -6.25
N LEU NB 41 -161.77 37.81 -5.72
CA LEU NB 41 -162.89 37.30 -6.50
C LEU NB 41 -164.10 38.19 -6.27
N GLY NB 42 -164.67 38.71 -7.34
CA GLY NB 42 -165.89 39.49 -7.26
C GLY NB 42 -165.67 40.85 -6.63
N SER NB 43 -166.78 41.58 -6.49
CA SER NB 43 -166.75 42.91 -5.92
C SER NB 43 -166.77 42.85 -4.40
N GLY NB 44 -165.96 43.70 -3.77
CA GLY NB 44 -166.01 43.88 -2.33
C GLY NB 44 -166.93 45.02 -1.93
N THR NB 45 -166.99 45.26 -0.63
CA THR NB 45 -167.87 46.28 -0.07
C THR NB 45 -167.12 47.15 0.93
N ILE NB 46 -167.41 48.46 0.88
CA ILE NB 46 -166.95 49.42 1.88
C ILE NB 46 -168.16 49.87 2.69
N THR NB 47 -168.05 49.80 4.01
CA THR NB 47 -169.13 50.21 4.90
C THR NB 47 -168.58 51.19 5.92
N ASN NB 48 -169.37 52.20 6.27
CA ASN NB 48 -168.92 53.22 7.21
C ASN NB 48 -168.97 52.68 8.63
N SER NB 49 -167.80 52.53 9.26
CA SER NB 49 -167.72 52.03 10.63
C SER NB 49 -167.56 53.13 11.67
N THR NB 50 -167.34 54.38 11.25
CA THR NB 50 -167.20 55.47 12.19
C THR NB 50 -168.48 55.64 13.00
N ALA NB 51 -168.32 55.80 14.32
CA ALA NB 51 -169.48 55.85 15.20
C ALA NB 51 -169.18 56.77 16.39
N SER NB 52 -170.25 57.16 17.07
CA SER NB 52 -170.20 57.91 18.32
C SER NB 52 -169.55 59.29 18.18
N GLY NB 53 -169.48 59.80 16.95
CA GLY NB 53 -168.87 61.10 16.74
C GLY NB 53 -167.39 61.17 17.05
N SER NB 54 -166.71 60.03 17.08
CA SER NB 54 -165.27 60.04 17.31
C SER NB 54 -164.56 60.69 16.13
N SER NB 55 -163.34 61.18 16.39
CA SER NB 55 -162.68 62.07 15.44
C SER NB 55 -162.18 61.33 14.21
N ARG NB 56 -161.91 60.03 14.31
CA ARG NB 56 -161.21 59.30 13.26
C ARG NB 56 -162.20 58.43 12.48
N THR NB 57 -162.18 58.56 11.16
CA THR NB 57 -163.05 57.79 10.29
C THR NB 57 -162.46 56.42 10.01
N ILE NB 58 -163.27 55.38 10.19
CA ILE NB 58 -162.86 54.00 9.96
C ILE NB 58 -163.89 53.34 9.06
N TYR NB 59 -163.42 52.53 8.10
CA TYR NB 59 -164.29 51.86 7.15
C TYR NB 59 -164.02 50.36 7.15
N ASN NB 60 -165.10 49.59 7.09
CA ASN NB 60 -165.03 48.15 6.91
C ASN NB 60 -164.86 47.86 5.42
N ILE NB 61 -163.92 46.97 5.10
CA ILE NB 61 -163.74 46.50 3.73
C ILE NB 61 -163.86 44.99 3.75
N THR NB 62 -164.77 44.46 2.94
CA THR NB 62 -165.01 43.04 2.83
C THR NB 62 -164.74 42.60 1.40
N ILE NB 63 -163.90 41.58 1.22
CA ILE NB 63 -163.52 41.08 -0.08
C ILE NB 63 -163.38 39.57 -0.02
N THR NB 64 -163.72 38.89 -1.10
CA THR NB 64 -163.50 37.45 -1.20
C THR NB 64 -162.10 37.19 -1.76
N VAL NB 65 -161.31 36.41 -1.01
CA VAL NB 65 -159.89 36.26 -1.27
C VAL NB 65 -159.55 34.78 -1.36
N LYS NB 66 -158.81 34.41 -2.41
CA LYS NB 66 -158.41 33.02 -2.65
C LYS NB 66 -156.89 32.97 -2.73
N ASN NB 67 -156.25 32.31 -1.76
CA ASN NB 67 -154.81 32.19 -1.73
C ASN NB 67 -154.43 30.92 -2.47
N THR NB 68 -153.90 31.06 -3.69
CA THR NB 68 -153.52 29.91 -4.48
C THR NB 68 -152.12 29.40 -4.16
N GLY NB 69 -151.37 30.12 -3.31
CA GLY NB 69 -150.02 29.72 -2.97
C GLY NB 69 -149.97 28.70 -1.84
N THR NB 70 -148.74 28.38 -1.45
CA THR NB 70 -148.49 27.44 -0.37
C THR NB 70 -148.05 28.12 0.92
N THR NB 71 -148.15 29.44 0.99
CA THR NB 71 -147.67 30.19 2.14
C THR NB 71 -148.75 31.16 2.63
N SER NB 72 -148.72 31.44 3.92
CA SER NB 72 -149.64 32.40 4.51
C SER NB 72 -149.26 33.81 4.08
N ILE NB 73 -150.28 34.61 3.76
CA ILE NB 73 -150.08 35.94 3.20
C ILE NB 73 -151.05 36.89 3.90
N SER NB 74 -150.59 38.11 4.15
CA SER NB 74 -151.39 39.12 4.82
C SER NB 74 -151.44 40.40 3.99
N VAL NB 75 -152.47 41.21 4.22
CA VAL NB 75 -152.58 42.50 3.59
C VAL NB 75 -151.65 43.50 4.27
N THR NB 76 -151.17 44.48 3.52
CA THR NB 76 -150.26 45.47 4.07
C THR NB 76 -150.77 46.88 3.86
N SER NB 77 -151.55 47.10 2.80
CA SER NB 77 -152.08 48.42 2.51
C SER NB 77 -153.20 48.28 1.49
N ILE NB 78 -153.99 49.33 1.35
CA ILE NB 78 -154.99 49.43 0.31
C ILE NB 78 -155.04 50.86 -0.20
N ASN NB 79 -155.27 51.01 -1.50
CA ASN NB 79 -155.45 52.30 -2.13
C ASN NB 79 -156.82 52.32 -2.78
N ILE NB 80 -157.68 53.24 -2.37
CA ILE NB 80 -159.04 53.34 -2.86
C ILE NB 80 -159.23 54.69 -3.53
N ASN NB 81 -159.66 54.66 -4.80
CA ASN NB 81 -159.97 55.87 -5.55
C ASN NB 81 -158.78 56.82 -5.63
N GLY NB 82 -157.56 56.27 -5.66
CA GLY NB 82 -156.35 57.04 -5.70
C GLY NB 82 -155.84 57.51 -4.36
N GLN NB 83 -156.55 57.22 -3.28
CA GLN NB 83 -156.20 57.67 -1.93
C GLN NB 83 -155.64 56.50 -1.13
N PRO NB 84 -154.50 56.66 -0.46
CA PRO NB 84 -153.98 55.58 0.36
C PRO NB 84 -154.71 55.47 1.69
N PHE NB 85 -154.88 54.23 2.16
CA PHE NB 85 -155.52 53.96 3.43
C PHE NB 85 -154.62 53.05 4.26
N ASN NB 86 -154.70 53.19 5.58
CA ASN NB 86 -153.91 52.39 6.50
C ASN NB 86 -154.80 51.32 7.13
N ILE NB 87 -154.28 50.10 7.17
CA ILE NB 87 -155.04 48.96 7.70
C ILE NB 87 -155.01 49.01 9.22
N ASN NB 88 -156.04 49.59 9.81
CA ASN NB 88 -156.17 49.62 11.27
C ASN NB 88 -156.16 48.20 11.81
N GLY NB 89 -155.41 48.01 12.89
CA GLY NB 89 -155.41 46.76 13.63
C GLY NB 89 -154.52 45.69 13.03
N THR NB 90 -154.53 44.53 13.69
CA THR NB 90 -153.84 43.36 13.18
C THR NB 90 -154.37 42.98 11.82
N ALA NB 91 -153.51 43.07 10.81
CA ALA NB 91 -153.95 42.84 9.44
C ALA NB 91 -154.36 41.37 9.26
N PRO NB 92 -155.43 41.10 8.51
CA PRO NB 92 -155.86 39.72 8.31
C PRO NB 92 -154.82 38.91 7.56
N SER NB 93 -154.72 37.64 7.90
CA SER NB 93 -153.84 36.69 7.23
C SER NB 93 -154.69 35.67 6.48
N ILE NB 94 -154.32 35.40 5.24
CA ILE NB 94 -155.07 34.50 4.37
C ILE NB 94 -154.31 33.18 4.30
N PRO NB 95 -154.84 32.10 4.87
CA PRO NB 95 -154.12 30.82 4.86
C PRO NB 95 -153.98 30.25 3.46
N ALA NB 96 -153.00 29.37 3.31
CA ALA NB 96 -152.67 28.79 2.02
C ALA NB 96 -153.80 27.93 1.49
N GLY NB 97 -154.04 28.02 0.18
CA GLY NB 97 -154.97 27.15 -0.50
C GLY NB 97 -156.42 27.33 -0.14
N ARG NB 98 -156.79 28.44 0.51
CA ARG NB 98 -158.12 28.61 1.05
C ARG NB 98 -158.80 29.85 0.47
N THR NB 99 -160.10 29.74 0.23
CA THR NB 99 -160.93 30.85 -0.19
C THR NB 99 -161.78 31.32 0.99
N GLN NB 100 -161.69 32.60 1.32
CA GLN NB 100 -162.33 33.15 2.51
C GLN NB 100 -162.95 34.51 2.21
N PRO NB 101 -164.04 34.85 2.90
CA PRO NB 101 -164.41 36.26 3.02
C PRO NB 101 -163.51 36.93 4.06
N ILE NB 102 -162.76 37.93 3.62
CA ILE NB 102 -161.81 38.64 4.46
C ILE NB 102 -162.36 40.04 4.70
N THR NB 103 -162.46 40.43 5.97
CA THR NB 103 -162.96 41.73 6.36
C THR NB 103 -161.93 42.42 7.24
N PHE NB 104 -161.64 43.67 6.93
CA PHE NB 104 -160.67 44.42 7.74
C PHE NB 104 -161.06 45.89 7.78
N GLU NB 105 -160.65 46.54 8.87
CA GLU NB 105 -160.93 47.95 9.07
C GLU NB 105 -159.76 48.80 8.58
N VAL NB 106 -160.09 49.94 7.96
CA VAL NB 106 -159.11 50.80 7.32
C VAL NB 106 -159.41 52.26 7.64
N THR NB 107 -158.36 53.07 7.63
CA THR NB 107 -158.50 54.49 7.89
C THR NB 107 -157.74 55.28 6.82
N PRO NB 108 -158.23 56.47 6.46
CA PRO NB 108 -157.53 57.27 5.44
C PRO NB 108 -156.19 57.73 5.96
N ALA NB 109 -155.15 57.53 5.14
CA ALA NB 109 -153.82 58.00 5.51
C ALA NB 109 -153.74 59.52 5.48
N SER NB 110 -154.50 60.16 4.61
CA SER NB 110 -154.54 61.61 4.54
C SER NB 110 -155.87 62.04 3.94
N GLY NB 111 -156.27 63.27 4.25
CA GLY NB 111 -157.50 63.81 3.69
C GLY NB 111 -158.73 63.09 4.19
N LYS NB 112 -159.79 63.14 3.39
CA LYS NB 112 -161.05 62.48 3.71
C LYS NB 112 -161.68 61.92 2.45
N PRO NB 113 -162.28 60.74 2.52
CA PRO NB 113 -162.92 60.16 1.35
C PRO NB 113 -164.21 60.88 0.98
N ASN NB 114 -164.63 60.70 -0.27
CA ASN NB 114 -165.86 61.29 -0.81
C ASN NB 114 -166.84 60.24 -1.28
N PHE NB 115 -166.90 59.11 -0.58
CA PHE NB 115 -167.69 57.98 -1.06
C PHE NB 115 -169.16 58.35 -1.16
N SER NB 116 -169.82 57.76 -2.16
CA SER NB 116 -171.25 57.95 -2.40
C SER NB 116 -171.95 56.60 -2.36
N PRO NB 117 -173.15 56.53 -1.79
CA PRO NB 117 -173.85 55.24 -1.68
C PRO NB 117 -174.08 54.62 -3.05
N GLY NB 118 -173.77 53.33 -3.16
CA GLY NB 118 -173.97 52.58 -4.39
C GLY NB 118 -172.89 52.76 -5.42
N ALA NB 119 -171.95 53.69 -5.23
CA ALA NB 119 -170.89 53.89 -6.20
C ALA NB 119 -169.85 52.79 -6.12
N SER NB 120 -169.19 52.54 -7.25
CA SER NB 120 -168.15 51.51 -7.34
C SER NB 120 -166.81 52.21 -7.52
N TYR NB 121 -165.85 51.87 -6.66
CA TYR NB 121 -164.54 52.51 -6.64
C TYR NB 121 -163.47 51.46 -6.90
N THR NB 122 -162.55 51.76 -7.81
CA THR NB 122 -161.44 50.88 -8.06
C THR NB 122 -160.40 51.02 -6.95
N ALA NB 123 -159.96 49.90 -6.41
CA ALA NB 123 -158.99 49.85 -5.33
C ALA NB 123 -157.89 48.86 -5.68
N THR NB 124 -156.79 48.96 -4.95
CA THR NB 124 -155.67 48.04 -5.08
C THR NB 124 -155.27 47.59 -3.68
N ILE NB 125 -155.26 46.28 -3.46
CA ILE NB 125 -154.91 45.71 -2.16
C ILE NB 125 -153.52 45.11 -2.28
N TYR NB 126 -152.61 45.52 -1.38
CA TYR NB 126 -151.23 45.10 -1.43
C TYR NB 126 -150.98 44.06 -0.36
N PHE NB 127 -150.38 42.94 -0.76
CA PHE NB 127 -150.17 41.81 0.13
C PHE NB 127 -148.68 41.66 0.44
N SER NB 128 -148.39 40.79 1.41
CA SER NB 128 -147.05 40.72 1.97
C SER NB 128 -145.98 40.32 0.96
N ASN NB 129 -146.34 39.64 -0.12
CA ASN NB 129 -145.33 39.34 -1.13
C ASN NB 129 -144.97 40.55 -1.97
N GLY NB 130 -145.69 41.66 -1.81
CA GLY NB 130 -145.53 42.82 -2.65
C GLY NB 130 -146.47 42.88 -3.82
N GLN NB 131 -147.10 41.76 -4.19
CA GLN NB 131 -148.07 41.76 -5.27
C GLN NB 131 -149.31 42.54 -4.85
N GLY NB 132 -149.94 43.18 -5.83
CA GLY NB 132 -151.11 44.01 -5.56
C GLY NB 132 -152.26 43.66 -6.47
N ALA NB 133 -153.39 43.29 -5.87
CA ALA NB 133 -154.56 42.88 -6.63
C ALA NB 133 -155.49 44.05 -6.83
N PRO NB 134 -155.82 44.41 -8.07
CA PRO NB 134 -156.90 45.38 -8.29
C PRO NB 134 -158.25 44.76 -7.99
N ALA NB 135 -159.15 45.57 -7.45
CA ALA NB 135 -160.48 45.11 -7.05
C ALA NB 135 -161.46 46.27 -7.22
N THR NB 136 -162.74 45.94 -7.22
CA THR NB 136 -163.80 46.93 -7.25
C THR NB 136 -164.60 46.84 -5.96
N LEU NB 137 -164.73 47.96 -5.26
CA LEU NB 137 -165.43 48.02 -3.99
C LEU NB 137 -166.66 48.90 -4.12
N ILE NB 138 -167.81 48.39 -3.71
CA ILE NB 138 -169.06 49.12 -3.73
C ILE NB 138 -169.29 49.70 -2.35
N TYR NB 139 -169.60 50.99 -2.28
CA TYR NB 139 -169.85 51.65 -1.00
C TYR NB 139 -171.30 51.43 -0.61
N GLN NB 140 -171.52 50.72 0.50
CA GLN NB 140 -172.86 50.37 0.95
C GLN NB 140 -173.43 51.34 1.99
N GLY NB 141 -172.64 52.29 2.46
CA GLY NB 141 -173.12 53.23 3.46
C GLY NB 141 -172.96 52.72 4.88
N LEU OB 1 -94.38 31.64 -12.58
CA LEU OB 1 -95.01 32.40 -11.51
C LEU OB 1 -95.97 33.45 -12.08
N SER OB 2 -95.83 33.72 -13.39
CA SER OB 2 -96.56 34.82 -14.00
C SER OB 2 -98.06 34.59 -13.99
N GLY OB 3 -98.49 33.35 -14.22
CA GLY OB 3 -99.91 33.08 -14.45
C GLY OB 3 -100.79 33.46 -13.28
N ALA OB 4 -100.34 33.16 -12.06
CA ALA OB 4 -101.14 33.50 -10.88
C ALA OB 4 -101.26 35.01 -10.71
N ILE OB 5 -100.17 35.74 -11.00
CA ILE OB 5 -100.20 37.19 -10.94
C ILE OB 5 -101.22 37.75 -11.94
N VAL OB 6 -101.19 37.24 -13.17
CA VAL OB 6 -102.13 37.71 -14.19
C VAL OB 6 -103.56 37.39 -13.77
N ALA OB 7 -103.77 36.19 -13.21
CA ALA OB 7 -105.10 35.80 -12.78
C ALA OB 7 -105.61 36.71 -11.67
N LEU OB 8 -104.75 37.08 -10.72
CA LEU OB 8 -105.16 37.99 -9.66
C LEU OB 8 -105.59 39.34 -10.23
N ILE OB 9 -104.78 39.90 -11.13
CA ILE OB 9 -105.12 41.17 -11.76
C ILE OB 9 -106.49 41.08 -12.44
N LEU OB 10 -106.68 40.03 -13.23
CA LEU OB 10 -107.92 39.90 -13.99
C LEU OB 10 -109.13 39.68 -13.09
N VAL OB 11 -108.96 38.94 -11.99
CA VAL OB 11 -110.08 38.72 -11.07
C VAL OB 11 -110.56 40.05 -10.48
N ILE OB 12 -109.61 40.86 -10.00
CA ILE OB 12 -110.01 42.13 -9.41
C ILE OB 12 -110.64 43.05 -10.45
N ALA OB 13 -110.07 43.08 -11.66
CA ALA OB 13 -110.65 43.91 -12.72
C ALA OB 13 -112.05 43.46 -13.07
N GLY OB 14 -112.28 42.14 -13.10
CA GLY OB 14 -113.61 41.64 -13.39
C GLY OB 14 -114.63 42.07 -12.36
N VAL OB 15 -114.24 42.00 -11.07
CA VAL OB 15 -115.14 42.49 -10.02
C VAL OB 15 -115.51 43.94 -10.27
N ILE OB 16 -114.49 44.77 -10.55
CA ILE OB 16 -114.75 46.20 -10.72
C ILE OB 16 -115.70 46.46 -11.88
N ILE OB 17 -115.41 45.85 -13.04
CA ILE OB 17 -116.20 46.14 -14.22
C ILE OB 17 -117.62 45.62 -14.08
N ALA OB 18 -117.80 44.45 -13.45
CA ALA OB 18 -119.15 43.92 -13.25
C ALA OB 18 -119.97 44.86 -12.36
N ILE OB 19 -119.36 45.35 -11.28
CA ILE OB 19 -120.10 46.28 -10.42
C ILE OB 19 -120.45 47.55 -11.17
N ALA OB 20 -119.52 48.04 -12.01
CA ALA OB 20 -119.81 49.24 -12.79
C ALA OB 20 -120.98 49.02 -13.73
N VAL OB 21 -121.04 47.85 -14.38
CA VAL OB 21 -122.14 47.57 -15.29
C VAL OB 21 -123.47 47.50 -14.55
N VAL OB 22 -123.47 46.89 -13.36
CA VAL OB 22 -124.70 46.82 -12.57
C VAL OB 22 -125.18 48.21 -12.21
N LEU OB 23 -124.26 49.08 -11.78
CA LEU OB 23 -124.65 50.43 -11.42
C LEU OB 23 -125.13 51.23 -12.63
N PHE OB 24 -124.56 50.98 -13.81
CA PHE OB 24 -125.08 51.61 -15.02
C PHE OB 24 -126.49 51.15 -15.33
N ALA OB 25 -126.76 49.85 -15.16
CA ALA OB 25 -128.10 49.33 -15.36
C ALA OB 25 -129.09 50.03 -14.44
N PHE OB 26 -128.71 50.24 -13.18
CA PHE OB 26 -129.58 50.97 -12.26
C PHE OB 26 -129.71 52.44 -12.64
N GLY OB 27 -128.65 53.04 -13.18
CA GLY OB 27 -128.70 54.46 -13.51
C GLY OB 27 -129.48 54.77 -14.77
N LEU OB 28 -129.71 53.78 -15.63
CA LEU OB 28 -130.49 54.03 -16.84
C LEU OB 28 -131.94 54.40 -16.56
N ILE OB 29 -132.48 53.96 -15.42
CA ILE OB 29 -133.93 54.00 -15.21
C ILE OB 29 -134.53 55.41 -15.34
N PRO OB 30 -133.95 56.47 -14.75
CA PRO OB 30 -134.62 57.78 -14.80
C PRO OB 30 -134.85 58.30 -16.20
N GLY OB 31 -134.04 57.91 -17.17
CA GLY OB 31 -134.22 58.41 -18.52
C GLY OB 31 -135.48 57.91 -19.19
N ILE OB 32 -136.00 56.77 -18.73
CA ILE OB 32 -137.17 56.17 -19.35
C ILE OB 32 -138.41 57.04 -19.12
N SER OB 33 -138.49 57.70 -17.97
CA SER OB 33 -139.69 58.46 -17.61
C SER OB 33 -140.02 59.53 -18.64
N ASN OB 34 -139.00 60.15 -19.23
CA ASN OB 34 -139.22 61.29 -20.12
C ASN OB 34 -139.86 60.88 -21.44
N GLN OB 35 -139.95 59.59 -21.74
CA GLN OB 35 -140.52 59.15 -23.01
C GLN OB 35 -142.02 59.36 -23.10
N GLY OB 36 -142.68 59.72 -22.01
CA GLY OB 36 -144.13 59.90 -22.03
C GLY OB 36 -144.60 61.26 -21.59
N SER OB 37 -143.77 62.29 -21.80
CA SER OB 37 -144.05 63.60 -21.23
C SER OB 37 -145.25 64.30 -21.87
N ILE OB 38 -145.46 64.11 -23.16
CA ILE OB 38 -146.41 64.92 -23.93
C ILE OB 38 -147.61 64.08 -24.34
N GLN OB 39 -148.78 64.72 -24.36
CA GLN OB 39 -149.97 64.13 -24.94
C GLN OB 39 -150.76 65.17 -25.72
N VAL OB 40 -151.22 64.78 -26.91
CA VAL OB 40 -152.00 65.67 -27.77
C VAL OB 40 -153.47 65.56 -27.37
N LEU OB 41 -154.12 66.70 -27.22
CA LEU OB 41 -155.51 66.78 -26.77
C LEU OB 41 -156.41 67.21 -27.92
N GLY OB 42 -157.42 66.39 -28.20
CA GLY OB 42 -158.45 66.76 -29.14
C GLY OB 42 -157.97 66.82 -30.58
N SER OB 43 -158.86 67.32 -31.44
CA SER OB 43 -158.54 67.44 -32.85
C SER OB 43 -157.68 68.67 -33.10
N GLY OB 44 -157.05 68.69 -34.28
CA GLY OB 44 -156.30 69.83 -34.74
C GLY OB 44 -156.81 70.29 -36.10
N THR OB 45 -156.16 71.33 -36.63
CA THR OB 45 -156.60 71.95 -37.85
C THR OB 45 -155.43 72.12 -38.82
N ILE OB 46 -155.64 71.77 -40.08
CA ILE OB 46 -154.73 72.07 -41.18
C ILE OB 46 -155.32 73.20 -42.00
N THR OB 47 -154.46 74.12 -42.43
CA THR OB 47 -154.88 75.25 -43.24
C THR OB 47 -153.85 75.51 -44.33
N ASN OB 48 -154.32 75.95 -45.49
CA ASN OB 48 -153.46 76.22 -46.64
C ASN OB 48 -152.90 77.64 -46.53
N SER OB 49 -151.57 77.76 -46.61
CA SER OB 49 -150.88 79.00 -46.29
C SER OB 49 -149.79 79.35 -47.31
N THR OB 50 -150.12 79.25 -48.60
CA THR OB 50 -149.15 79.57 -49.64
C THR OB 50 -149.75 80.54 -50.65
N ALA OB 51 -148.89 81.39 -51.21
CA ALA OB 51 -149.31 82.43 -52.13
C ALA OB 51 -149.30 81.93 -53.58
N SER OB 52 -149.86 82.74 -54.47
CA SER OB 52 -149.91 82.38 -55.88
C SER OB 52 -148.51 82.33 -56.49
N GLY OB 53 -148.25 81.28 -57.25
CA GLY OB 53 -146.95 81.14 -57.89
C GLY OB 53 -145.82 80.78 -56.96
N SER OB 54 -146.12 80.42 -55.72
CA SER OB 54 -145.07 80.09 -54.76
C SER OB 54 -144.35 78.81 -55.19
N SER OB 55 -143.13 78.65 -54.66
CA SER OB 55 -142.36 77.45 -54.96
C SER OB 55 -142.96 76.20 -54.32
N ARG OB 56 -143.74 76.38 -53.25
CA ARG OB 56 -144.16 75.24 -52.44
C ARG OB 56 -145.45 75.55 -51.71
N THR OB 57 -146.24 74.49 -51.49
CA THR OB 57 -147.36 74.58 -50.58
C THR OB 57 -146.88 74.50 -49.14
N ILE OB 58 -147.45 75.33 -48.28
CA ILE OB 58 -147.17 75.29 -46.85
C ILE OB 58 -148.49 75.31 -46.09
N TYR OB 59 -148.62 74.42 -45.12
CA TYR OB 59 -149.85 74.22 -44.36
C TYR OB 59 -149.57 74.57 -42.90
N ASN OB 60 -150.40 75.44 -42.35
CA ASN OB 60 -150.39 75.70 -40.91
C ASN OB 60 -151.14 74.60 -40.19
N ILE OB 61 -150.52 73.99 -39.19
CA ILE OB 61 -151.12 72.94 -38.40
C ILE OB 61 -151.19 73.42 -36.97
N THR OB 62 -152.40 73.42 -36.41
CA THR OB 62 -152.64 73.81 -35.03
C THR OB 62 -153.14 72.59 -34.25
N ILE OB 63 -152.48 72.29 -33.13
CA ILE OB 63 -152.87 71.19 -32.26
C ILE OB 63 -152.69 71.64 -30.82
N THR OB 64 -153.61 71.22 -29.96
CA THR OB 64 -153.44 71.43 -28.52
C THR OB 64 -152.58 70.31 -27.95
N VAL OB 65 -151.50 70.67 -27.28
CA VAL OB 65 -150.58 69.69 -26.70
C VAL OB 65 -150.37 70.02 -25.24
N LYS OB 66 -150.24 68.98 -24.42
CA LYS OB 66 -150.02 69.11 -22.99
C LYS OB 66 -148.69 68.46 -22.63
N ASN OB 67 -147.82 69.23 -21.98
CA ASN OB 67 -146.52 68.77 -21.55
C ASN OB 67 -146.52 68.56 -20.04
N THR OB 68 -146.07 67.37 -19.60
CA THR OB 68 -146.03 67.03 -18.19
C THR OB 68 -144.62 66.93 -17.63
N GLY OB 69 -143.58 67.05 -18.46
CA GLY OB 69 -142.22 66.92 -18.00
C GLY OB 69 -141.67 68.22 -17.44
N THR OB 70 -140.43 68.15 -16.95
CA THR OB 70 -139.76 69.30 -16.39
C THR OB 70 -139.11 70.18 -17.44
N THR OB 71 -139.06 69.73 -18.70
CA THR OB 71 -138.29 70.40 -19.73
C THR OB 71 -139.17 70.72 -20.93
N SER OB 72 -138.81 71.79 -21.64
CA SER OB 72 -139.53 72.18 -22.85
C SER OB 72 -139.22 71.19 -23.97
N ILE OB 73 -140.26 70.81 -24.72
CA ILE OB 73 -140.14 69.83 -25.79
C ILE OB 73 -140.72 70.44 -27.05
N SER OB 74 -140.15 70.07 -28.19
CA SER OB 74 -140.51 70.65 -29.48
C SER OB 74 -140.86 69.55 -30.47
N VAL OB 75 -141.61 69.94 -31.50
CA VAL OB 75 -141.95 69.02 -32.58
C VAL OB 75 -140.74 68.84 -33.49
N THR OB 76 -140.58 67.63 -34.02
CA THR OB 76 -139.51 67.33 -34.95
C THR OB 76 -139.99 66.86 -36.32
N SER OB 77 -141.10 66.14 -36.38
CA SER OB 77 -141.64 65.69 -37.65
C SER OB 77 -143.13 65.38 -37.47
N ILE OB 78 -143.86 65.42 -38.57
CA ILE OB 78 -145.26 65.04 -38.61
C ILE OB 78 -145.49 64.17 -39.84
N ASN OB 79 -146.34 63.16 -39.68
CA ASN OB 79 -146.69 62.26 -40.76
C ASN OB 79 -148.21 62.25 -40.87
N ILE OB 80 -148.72 62.81 -41.96
CA ILE OB 80 -150.16 63.01 -42.15
C ILE OB 80 -150.64 62.10 -43.27
N ASN OB 81 -151.65 61.28 -42.98
CA ASN OB 81 -152.29 60.42 -43.96
C ASN OB 81 -151.30 59.48 -44.63
N GLY OB 82 -150.20 59.18 -43.93
CA GLY OB 82 -149.15 58.31 -44.43
C GLY OB 82 -147.96 59.05 -45.01
N GLN OB 83 -148.15 60.29 -45.46
CA GLN OB 83 -147.08 61.06 -46.09
C GLN OB 83 -146.29 61.83 -45.04
N PRO OB 84 -144.97 61.80 -45.10
CA PRO OB 84 -144.16 62.60 -44.17
C PRO OB 84 -144.06 64.05 -44.60
N PHE OB 85 -144.04 64.96 -43.62
CA PHE OB 85 -143.98 66.39 -43.88
C PHE OB 85 -142.78 66.99 -43.18
N ASN OB 86 -142.28 68.10 -43.73
CA ASN OB 86 -141.08 68.78 -43.24
C ASN OB 86 -141.48 70.14 -42.66
N ILE OB 87 -140.94 70.47 -41.51
CA ILE OB 87 -141.39 71.64 -40.75
C ILE OB 87 -140.57 72.87 -41.13
N ASN OB 88 -141.24 73.95 -41.51
CA ASN OB 88 -140.57 75.20 -41.79
C ASN OB 88 -140.05 75.83 -40.50
N GLY OB 89 -138.93 76.52 -40.60
CA GLY OB 89 -138.48 77.44 -39.57
C GLY OB 89 -138.20 76.79 -38.22
N THR OB 90 -138.17 77.64 -37.21
CA THR OB 90 -137.89 77.20 -35.85
C THR OB 90 -139.10 76.49 -35.27
N ALA OB 91 -138.93 75.23 -34.91
CA ALA OB 91 -140.04 74.44 -34.40
C ALA OB 91 -140.50 75.01 -33.05
N PRO OB 92 -141.81 75.05 -32.81
CA PRO OB 92 -142.31 75.62 -31.55
C PRO OB 92 -141.90 74.77 -30.36
N SER OB 93 -141.67 75.44 -29.23
CA SER OB 93 -141.32 74.77 -27.99
C SER OB 93 -142.52 74.76 -27.05
N ILE OB 94 -142.71 73.66 -26.35
CA ILE OB 94 -143.85 73.48 -25.46
C ILE OB 94 -143.37 73.63 -24.03
N PRO OB 95 -143.82 74.66 -23.30
CA PRO OB 95 -143.30 74.88 -21.94
C PRO OB 95 -143.58 73.71 -21.02
N ALA OB 96 -142.79 73.62 -19.95
CA ALA OB 96 -142.68 72.40 -19.15
C ALA OB 96 -144.04 71.87 -18.72
N GLY OB 97 -144.78 72.64 -17.93
CA GLY OB 97 -146.01 72.15 -17.34
C GLY OB 97 -147.29 72.64 -17.98
N ARG OB 98 -147.22 73.34 -19.10
CA ARG OB 98 -148.38 74.04 -19.63
C ARG OB 98 -149.06 73.24 -20.75
N THR OB 99 -150.34 73.51 -20.93
CA THR OB 99 -151.13 72.99 -22.05
C THR OB 99 -151.39 74.14 -23.01
N GLN OB 100 -150.97 73.98 -24.27
CA GLN OB 100 -151.05 75.09 -25.21
C GLN OB 100 -151.54 74.66 -26.58
N PRO OB 101 -152.32 75.51 -27.25
CA PRO OB 101 -152.51 75.35 -28.70
C PRO OB 101 -151.27 75.85 -29.43
N ILE OB 102 -150.56 74.91 -30.07
CA ILE OB 102 -149.32 75.20 -30.78
C ILE OB 102 -149.59 75.13 -32.28
N THR OB 103 -149.01 76.05 -33.03
CA THR OB 103 -149.18 76.14 -34.47
C THR OB 103 -147.82 76.14 -35.14
N PHE OB 104 -147.69 75.37 -36.22
CA PHE OB 104 -146.42 75.30 -36.94
C PHE OB 104 -146.69 75.06 -38.42
N GLU OB 105 -145.71 75.45 -39.23
CA GLU OB 105 -145.82 75.40 -40.68
C GLU OB 105 -145.11 74.15 -41.21
N VAL OB 106 -145.76 73.44 -42.13
CA VAL OB 106 -145.18 72.24 -42.72
C VAL OB 106 -145.33 72.30 -44.23
N THR OB 107 -144.44 71.59 -44.92
CA THR OB 107 -144.46 71.45 -46.36
C THR OB 107 -144.24 70.00 -46.72
N PRO OB 108 -144.91 69.49 -47.76
CA PRO OB 108 -144.80 68.05 -48.07
C PRO OB 108 -143.42 67.70 -48.59
N ALA OB 109 -142.91 66.54 -48.15
CA ALA OB 109 -141.61 66.08 -48.56
C ALA OB 109 -141.69 64.99 -49.63
N SER OB 110 -142.68 64.10 -49.54
CA SER OB 110 -142.79 62.99 -50.48
C SER OB 110 -143.47 63.42 -51.77
N GLY OB 111 -144.57 64.15 -51.67
CA GLY OB 111 -145.32 64.56 -52.85
C GLY OB 111 -146.50 65.40 -52.44
N LYS OB 112 -147.18 65.92 -53.46
CA LYS OB 112 -148.28 66.86 -53.23
C LYS OB 112 -149.46 66.14 -52.59
N PRO OB 113 -149.90 66.56 -51.40
CA PRO OB 113 -151.07 65.94 -50.78
C PRO OB 113 -152.35 66.63 -51.26
N ASN OB 114 -153.34 65.82 -51.63
CA ASN OB 114 -154.61 66.34 -52.11
C ASN OB 114 -155.62 66.37 -50.96
N PHE OB 115 -155.41 67.33 -50.08
CA PHE OB 115 -156.34 67.53 -48.97
C PHE OB 115 -157.70 67.96 -49.50
N SER OB 116 -158.75 67.51 -48.80
CA SER OB 116 -160.11 67.80 -49.20
C SER OB 116 -160.78 68.66 -48.13
N PRO OB 117 -161.49 69.73 -48.51
CA PRO OB 117 -162.12 70.60 -47.51
C PRO OB 117 -163.03 69.86 -46.55
N GLY OB 118 -162.78 70.02 -45.25
CA GLY OB 118 -163.59 69.40 -44.23
C GLY OB 118 -163.25 67.96 -43.90
N ALA OB 119 -162.30 67.36 -44.61
CA ALA OB 119 -161.97 65.96 -44.37
C ALA OB 119 -161.18 65.80 -43.07
N SER OB 120 -161.19 64.57 -42.56
CA SER OB 120 -160.47 64.22 -41.35
C SER OB 120 -159.31 63.29 -41.68
N TYR OB 121 -158.14 63.61 -41.16
CA TYR OB 121 -156.92 62.88 -41.47
C TYR OB 121 -156.23 62.44 -40.19
N THR OB 122 -155.72 61.22 -40.18
CA THR OB 122 -154.91 60.75 -39.07
C THR OB 122 -153.47 61.23 -39.25
N ALA OB 123 -152.83 61.58 -38.13
CA ALA OB 123 -151.45 62.02 -38.17
C ALA OB 123 -150.74 61.52 -36.92
N THR OB 124 -149.43 61.42 -37.02
CA THR OB 124 -148.58 61.13 -35.86
C THR OB 124 -147.60 62.28 -35.71
N ILE OB 125 -147.64 62.95 -34.56
CA ILE OB 125 -146.70 64.02 -34.27
C ILE OB 125 -145.57 63.44 -33.43
N TYR OB 126 -144.34 63.68 -33.86
CA TYR OB 126 -143.16 63.17 -33.17
C TYR OB 126 -142.47 64.34 -32.50
N PHE OB 127 -142.24 64.21 -31.19
CA PHE OB 127 -141.69 65.28 -30.38
C PHE OB 127 -140.22 65.00 -30.07
N SER OB 128 -139.53 66.04 -29.61
CA SER OB 128 -138.08 65.94 -29.42
C SER OB 128 -137.70 64.93 -28.34
N ASN OB 129 -138.62 64.58 -27.45
CA ASN OB 129 -138.34 63.58 -26.42
C ASN OB 129 -138.48 62.16 -26.95
N GLY OB 130 -138.56 61.97 -28.27
CA GLY OB 130 -138.68 60.65 -28.83
C GLY OB 130 -140.04 60.02 -28.68
N GLN OB 131 -141.09 60.83 -28.60
CA GLN OB 131 -142.45 60.35 -28.36
C GLN OB 131 -143.32 60.62 -29.57
N GLY OB 132 -144.07 59.61 -30.00
CA GLY OB 132 -145.05 59.76 -31.06
C GLY OB 132 -146.45 59.81 -30.48
N ALA OB 133 -147.26 60.73 -30.99
CA ALA OB 133 -148.61 60.92 -30.50
C ALA OB 133 -149.60 60.89 -31.66
N PRO OB 134 -150.61 60.02 -31.62
CA PRO OB 134 -151.66 60.07 -32.64
C PRO OB 134 -152.50 61.33 -32.49
N ALA OB 135 -153.00 61.82 -33.63
CA ALA OB 135 -153.86 62.98 -33.65
C ALA OB 135 -154.77 62.93 -34.86
N THR OB 136 -155.86 63.68 -34.80
CA THR OB 136 -156.83 63.78 -35.87
C THR OB 136 -156.92 65.24 -36.31
N LEU OB 137 -156.65 65.50 -37.58
CA LEU OB 137 -156.59 66.85 -38.12
C LEU OB 137 -157.70 67.06 -39.12
N ILE OB 138 -158.45 68.15 -38.95
CA ILE OB 138 -159.48 68.54 -39.89
C ILE OB 138 -158.90 69.58 -40.83
N TYR OB 139 -159.10 69.40 -42.14
CA TYR OB 139 -158.60 70.34 -43.13
C TYR OB 139 -159.63 71.45 -43.31
N GLN OB 140 -159.29 72.65 -42.85
CA GLN OB 140 -160.22 73.77 -42.88
C GLN OB 140 -160.24 74.53 -44.20
N GLY OB 141 -159.26 74.29 -45.07
CA GLY OB 141 -159.21 75.00 -46.34
C GLY OB 141 -157.80 75.36 -46.76
N LEU PB 1 -98.34 34.26 -18.82
CA LEU PB 1 -98.38 35.30 -19.83
C LEU PB 1 -99.57 35.12 -20.77
N SER PB 2 -100.04 33.88 -20.88
CA SER PB 2 -101.11 33.57 -21.81
C SER PB 2 -102.45 34.10 -21.33
N GLY PB 3 -102.63 34.26 -20.01
CA GLY PB 3 -103.94 34.62 -19.49
C GLY PB 3 -104.43 35.96 -20.00
N ALA PB 4 -103.54 36.94 -20.07
CA ALA PB 4 -103.94 38.26 -20.57
C ALA PB 4 -104.35 38.20 -22.04
N ILE PB 5 -103.62 37.42 -22.84
CA ILE PB 5 -103.97 37.30 -24.26
C ILE PB 5 -105.32 36.61 -24.41
N VAL PB 6 -105.57 35.57 -23.63
CA VAL PB 6 -106.87 34.89 -23.68
C VAL PB 6 -107.98 35.83 -23.28
N ALA PB 7 -107.76 36.63 -22.23
CA ALA PB 7 -108.77 37.59 -21.79
C ALA PB 7 -109.04 38.63 -22.87
N LEU PB 8 -107.99 39.11 -23.54
CA LEU PB 8 -108.16 40.09 -24.61
C LEU PB 8 -108.97 39.51 -25.76
N ILE PB 9 -108.65 38.28 -26.17
CA ILE PB 9 -109.38 37.64 -27.25
C ILE PB 9 -110.84 37.48 -26.88
N LEU PB 10 -111.11 37.04 -25.65
CA LEU PB 10 -112.49 36.83 -25.23
C LEU PB 10 -113.26 38.12 -25.12
N VAL PB 11 -112.60 39.21 -24.70
CA VAL PB 11 -113.28 40.50 -24.61
C VAL PB 11 -113.70 40.99 -25.98
N ILE PB 12 -112.76 40.96 -26.94
CA ILE PB 12 -113.07 41.43 -28.29
C ILE PB 12 -114.14 40.54 -28.93
N ALA PB 13 -114.01 39.22 -28.76
CA ALA PB 13 -115.00 38.31 -29.31
C ALA PB 13 -116.36 38.50 -28.67
N GLY PB 14 -116.39 38.85 -27.38
CA GLY PB 14 -117.67 39.14 -26.75
C GLY PB 14 -118.34 40.34 -27.35
N VAL PB 15 -117.56 41.40 -27.61
CA VAL PB 15 -118.13 42.56 -28.30
C VAL PB 15 -118.73 42.14 -29.62
N ILE PB 16 -117.98 41.37 -30.41
CA ILE PB 16 -118.43 40.98 -31.75
C ILE PB 16 -119.70 40.14 -31.65
N ILE PB 17 -119.72 39.18 -30.72
CA ILE PB 17 -120.84 38.25 -30.63
C ILE PB 17 -122.09 38.97 -30.16
N ALA PB 18 -121.96 39.90 -29.22
CA ALA PB 18 -123.11 40.66 -28.76
C ALA PB 18 -123.70 41.49 -29.91
N ILE PB 19 -122.84 42.12 -30.70
CA ILE PB 19 -123.35 42.89 -31.84
C ILE PB 19 -124.05 41.97 -32.84
N ALA PB 20 -123.49 40.78 -33.06
CA ALA PB 20 -124.12 39.83 -33.99
C ALA PB 20 -125.50 39.41 -33.50
N VAL PB 21 -125.63 39.14 -32.20
CA VAL PB 21 -126.93 38.78 -31.63
C VAL PB 21 -127.92 39.92 -31.83
N VAL PB 22 -127.48 41.16 -31.59
CA VAL PB 22 -128.35 42.31 -31.77
C VAL PB 22 -128.85 42.39 -33.21
N LEU PB 23 -127.96 42.18 -34.18
CA LEU PB 23 -128.38 42.22 -35.57
C LEU PB 23 -129.33 41.09 -35.93
N PHE PB 24 -129.10 39.89 -35.39
CA PHE PB 24 -129.97 38.76 -35.66
C PHE PB 24 -131.39 39.03 -35.17
N ALA PB 25 -131.52 39.65 -34.00
CA ALA PB 25 -132.83 39.98 -33.46
C ALA PB 25 -133.67 40.76 -34.47
N PHE PB 26 -133.09 41.78 -35.09
CA PHE PB 26 -133.81 42.55 -36.10
C PHE PB 26 -133.99 41.74 -37.38
N GLY PB 27 -132.99 40.96 -37.77
CA GLY PB 27 -133.13 40.15 -38.97
C GLY PB 27 -134.28 39.17 -38.92
N LEU PB 28 -134.81 38.88 -37.73
CA LEU PB 28 -135.97 38.00 -37.65
C LEU PB 28 -137.26 38.59 -38.23
N ILE PB 29 -137.54 39.90 -38.03
CA ILE PB 29 -138.93 40.37 -38.11
C ILE PB 29 -139.51 40.43 -39.53
N PRO PB 30 -138.74 40.71 -40.59
CA PRO PB 30 -139.30 40.52 -41.95
C PRO PB 30 -139.80 39.11 -42.19
N GLY PB 31 -139.19 38.10 -41.57
CA GLY PB 31 -139.71 36.75 -41.70
C GLY PB 31 -141.06 36.58 -41.05
N ILE PB 32 -141.22 37.11 -39.82
CA ILE PB 32 -142.49 36.94 -39.11
C ILE PB 32 -143.58 37.79 -39.72
N SER PB 33 -143.23 38.84 -40.46
CA SER PB 33 -144.26 39.63 -41.14
C SER PB 33 -145.02 38.81 -42.18
N ASN PB 34 -144.43 37.70 -42.65
CA ASN PB 34 -145.10 36.86 -43.63
C ASN PB 34 -146.33 36.17 -43.07
N GLN PB 35 -146.50 36.16 -41.75
CA GLN PB 35 -147.67 35.53 -41.14
C GLN PB 35 -148.97 36.19 -41.56
N GLY PB 36 -148.93 37.43 -42.04
CA GLY PB 36 -150.13 38.13 -42.47
C GLY PB 36 -150.09 38.50 -43.94
N SER PB 37 -149.58 37.59 -44.78
CA SER PB 37 -149.43 37.90 -46.20
C SER PB 37 -150.77 38.05 -46.90
N ILE PB 38 -151.78 37.30 -46.48
CA ILE PB 38 -153.00 37.12 -47.25
C ILE PB 38 -154.18 37.82 -46.60
N GLN PB 39 -155.02 38.44 -47.42
CA GLN PB 39 -156.27 39.03 -46.98
C GLN PB 39 -157.39 38.52 -47.88
N VAL PB 40 -158.47 38.04 -47.28
CA VAL PB 40 -159.65 37.61 -48.02
C VAL PB 40 -160.67 38.74 -47.96
N LEU PB 41 -161.03 39.29 -49.11
CA LEU PB 41 -161.83 40.50 -49.16
C LEU PB 41 -163.06 40.31 -50.03
N GLY PB 42 -164.17 40.90 -49.61
CA GLY PB 42 -165.44 40.72 -50.27
C GLY PB 42 -166.15 39.47 -49.79
N SER PB 43 -167.45 39.41 -50.10
CA SER PB 43 -168.25 38.25 -49.72
C SER PB 43 -168.10 37.15 -50.76
N GLY PB 44 -167.74 35.96 -50.29
CA GLY PB 44 -167.60 34.82 -51.17
C GLY PB 44 -168.92 34.12 -51.42
N THR PB 45 -168.86 33.07 -52.24
CA THR PB 45 -170.05 32.31 -52.60
C THR PB 45 -169.76 30.82 -52.56
N ILE PB 46 -170.74 30.06 -52.07
CA ILE PB 46 -170.67 28.60 -52.04
C ILE PB 46 -171.85 28.06 -52.85
N THR PB 47 -171.56 27.14 -53.76
CA THR PB 47 -172.56 26.65 -54.71
C THR PB 47 -172.57 25.13 -54.76
N ASN PB 48 -173.75 24.55 -54.98
CA ASN PB 48 -173.88 23.11 -55.12
C ASN PB 48 -173.24 22.66 -56.43
N SER PB 49 -172.35 21.66 -56.35
CA SER PB 49 -171.61 21.19 -57.53
C SER PB 49 -171.54 19.67 -57.56
N THR PB 50 -172.55 19.01 -57.03
CA THR PB 50 -172.47 17.58 -56.77
C THR PB 50 -172.80 16.71 -57.97
N ALA PB 51 -173.30 17.29 -59.07
CA ALA PB 51 -173.69 16.55 -60.26
C ALA PB 51 -174.83 15.57 -59.98
N SER PB 52 -175.94 16.10 -59.48
CA SER PB 52 -177.22 15.38 -59.38
C SER PB 52 -177.11 14.08 -58.59
N GLY PB 53 -176.21 14.03 -57.62
CA GLY PB 53 -176.04 12.84 -56.82
C GLY PB 53 -174.92 11.91 -57.25
N SER PB 54 -174.15 12.31 -58.27
CA SER PB 54 -173.02 11.52 -58.75
C SER PB 54 -171.73 11.75 -57.97
N SER PB 55 -171.73 12.64 -56.98
CA SER PB 55 -170.53 12.93 -56.19
C SER PB 55 -170.91 13.09 -54.72
N ARG PB 56 -169.89 12.96 -53.85
CA ARG PB 56 -170.07 13.00 -52.39
C ARG PB 56 -170.27 14.43 -51.90
N THR PB 57 -171.37 15.02 -52.36
CA THR PB 57 -171.81 16.36 -51.96
C THR PB 57 -170.67 17.37 -52.03
N ILE PB 58 -170.19 17.59 -53.25
CA ILE PB 58 -169.05 18.48 -53.45
C ILE PB 58 -169.55 19.88 -53.80
N TYR PB 59 -169.04 20.88 -53.07
CA TYR PB 59 -169.45 22.27 -53.19
C TYR PB 59 -168.34 23.08 -53.85
N ASN PB 60 -168.69 24.33 -54.18
CA ASN PB 60 -167.80 25.26 -54.89
C ASN PB 60 -167.64 26.48 -54.01
N ILE PB 61 -166.41 26.77 -53.57
CA ILE PB 61 -166.11 27.97 -52.79
C ILE PB 61 -165.35 28.94 -53.67
N THR PB 62 -165.92 30.14 -53.85
CA THR PB 62 -165.28 31.22 -54.59
C THR PB 62 -165.10 32.41 -53.65
N ILE PB 63 -163.86 32.88 -53.53
CA ILE PB 63 -163.51 33.98 -52.64
C ILE PB 63 -162.42 34.82 -53.29
N THR PB 64 -162.47 36.13 -53.11
CA THR PB 64 -161.44 37.02 -53.63
C THR PB 64 -160.31 37.14 -52.62
N VAL PB 65 -159.11 36.76 -53.03
CA VAL PB 65 -157.95 36.67 -52.16
C VAL PB 65 -156.86 37.58 -52.68
N LYS PB 66 -156.23 38.33 -51.78
CA LYS PB 66 -155.13 39.22 -52.08
C LYS PB 66 -153.88 38.75 -51.34
N ASN PB 67 -152.79 38.57 -52.07
CA ASN PB 67 -151.54 38.09 -51.51
C ASN PB 67 -150.52 39.22 -51.52
N THR PB 68 -150.01 39.58 -50.35
CA THR PB 68 -149.05 40.65 -50.19
C THR PB 68 -147.62 40.15 -50.07
N GLY PB 69 -147.44 38.86 -49.77
CA GLY PB 69 -146.11 38.31 -49.61
C GLY PB 69 -145.39 38.11 -50.94
N THR PB 70 -144.15 37.64 -50.83
CA THR PB 70 -143.31 37.43 -51.99
C THR PB 70 -143.32 35.99 -52.49
N THR PB 71 -144.14 35.11 -51.90
CA THR PB 71 -144.21 33.71 -52.29
C THR PB 71 -145.64 33.34 -52.61
N SER PB 72 -145.79 32.33 -53.48
CA SER PB 72 -147.11 31.78 -53.76
C SER PB 72 -147.60 30.99 -52.55
N ILE PB 73 -148.85 31.22 -52.15
CA ILE PB 73 -149.40 30.64 -50.93
C ILE PB 73 -150.66 29.88 -51.29
N SER PB 74 -150.85 28.74 -50.65
CA SER PB 74 -151.91 27.80 -51.01
C SER PB 74 -152.86 27.57 -49.85
N VAL PB 75 -154.09 27.17 -50.19
CA VAL PB 75 -155.12 26.87 -49.20
C VAL PB 75 -154.89 25.45 -48.70
N THR PB 76 -154.58 25.30 -47.41
CA THR PB 76 -154.31 23.99 -46.85
C THR PB 76 -155.55 23.31 -46.29
N SER PB 77 -156.47 24.06 -45.69
CA SER PB 77 -157.67 23.48 -45.12
C SER PB 77 -158.74 24.56 -45.02
N ILE PB 78 -159.98 24.14 -44.85
CA ILE PB 78 -161.10 25.06 -44.72
C ILE PB 78 -162.09 24.54 -43.69
N ASN PB 79 -162.63 25.45 -42.89
CA ASN PB 79 -163.65 25.17 -41.91
C ASN PB 79 -164.84 26.08 -42.19
N ILE PB 80 -166.02 25.51 -42.38
CA ILE PB 80 -167.22 26.26 -42.74
C ILE PB 80 -168.20 26.15 -41.59
N ASN PB 81 -168.48 27.28 -40.94
CA ASN PB 81 -169.48 27.36 -39.87
C ASN PB 81 -169.21 26.35 -38.76
N GLY PB 82 -167.94 26.17 -38.44
CA GLY PB 82 -167.54 25.23 -37.41
C GLY PB 82 -167.33 23.80 -37.88
N GLN PB 83 -167.77 23.45 -39.09
CA GLN PB 83 -167.61 22.09 -39.58
C GLN PB 83 -166.35 21.98 -40.43
N PRO PB 84 -165.54 20.95 -40.23
CA PRO PB 84 -164.34 20.77 -41.05
C PRO PB 84 -164.70 20.41 -42.48
N PHE PB 85 -163.84 20.79 -43.42
CA PHE PB 85 -164.05 20.48 -44.83
C PHE PB 85 -162.71 20.09 -45.45
N ASN PB 86 -162.79 19.31 -46.54
CA ASN PB 86 -161.61 18.84 -47.24
C ASN PB 86 -161.67 19.27 -48.69
N ILE PB 87 -160.58 19.83 -49.21
CA ILE PB 87 -160.53 20.21 -50.61
C ILE PB 87 -160.49 18.97 -51.48
N ASN PB 88 -161.30 18.96 -52.55
CA ASN PB 88 -161.43 17.76 -53.36
C ASN PB 88 -160.31 17.60 -54.40
N GLY PB 89 -159.87 18.69 -55.01
CA GLY PB 89 -158.78 18.67 -55.96
C GLY PB 89 -157.47 19.09 -55.35
N THR PB 90 -156.52 19.44 -56.22
CA THR PB 90 -155.28 20.05 -55.75
C THR PB 90 -155.57 21.45 -55.20
N ALA PB 91 -154.83 21.83 -54.17
CA ALA PB 91 -155.11 23.09 -53.50
C ALA PB 91 -154.84 24.27 -54.43
N PRO PB 92 -155.71 25.28 -54.45
CA PRO PB 92 -155.41 26.49 -55.21
C PRO PB 92 -154.26 27.26 -54.58
N SER PB 93 -153.54 28.00 -55.40
CA SER PB 93 -152.38 28.77 -54.95
C SER PB 93 -152.49 30.19 -55.47
N ILE PB 94 -152.22 31.15 -54.61
CA ILE PB 94 -152.33 32.57 -54.93
C ILE PB 94 -150.93 33.12 -55.16
N PRO PB 95 -150.60 33.61 -56.35
CA PRO PB 95 -149.25 34.14 -56.60
C PRO PB 95 -149.02 35.45 -55.86
N ALA PB 96 -147.74 35.83 -55.80
CA ALA PB 96 -147.34 37.01 -55.07
C ALA PB 96 -147.91 38.28 -55.70
N GLY PB 97 -148.33 39.22 -54.86
CA GLY PB 97 -148.80 40.51 -55.30
C GLY PB 97 -150.16 40.52 -55.94
N ARG PB 98 -150.78 39.36 -56.16
CA ARG PB 98 -152.02 39.28 -56.91
C ARG PB 98 -153.23 39.48 -56.01
N THR PB 99 -154.32 39.96 -56.63
CA THR PB 99 -155.65 39.91 -56.05
C THR PB 99 -156.55 39.23 -57.07
N GLN PB 100 -157.06 38.05 -56.74
CA GLN PB 100 -157.77 37.27 -57.73
C GLN PB 100 -158.84 36.41 -57.08
N PRO PB 101 -159.86 36.00 -57.83
CA PRO PB 101 -160.87 35.06 -57.29
C PRO PB 101 -160.39 33.63 -57.30
N ILE PB 102 -160.15 33.08 -56.11
CA ILE PB 102 -159.84 31.66 -55.95
C ILE PB 102 -161.14 30.88 -55.91
N THR PB 103 -161.22 29.82 -56.70
CA THR PB 103 -162.37 28.90 -56.69
C THR PB 103 -161.86 27.49 -56.49
N PHE PB 104 -162.47 26.76 -55.56
CA PHE PB 104 -162.04 25.39 -55.31
C PHE PB 104 -163.20 24.54 -54.82
N GLU PB 105 -163.12 23.25 -55.14
CA GLU PB 105 -164.14 22.29 -54.73
C GLU PB 105 -163.86 21.82 -53.31
N VAL PB 106 -164.93 21.48 -52.58
CA VAL PB 106 -164.79 21.08 -51.19
C VAL PB 106 -165.82 20.02 -50.84
N THR PB 107 -165.48 19.19 -49.84
CA THR PB 107 -166.27 18.07 -49.35
C THR PB 107 -166.43 18.19 -47.85
N PRO PB 108 -167.55 17.71 -47.31
CA PRO PB 108 -167.68 17.63 -45.85
C PRO PB 108 -166.73 16.57 -45.30
N ALA PB 109 -166.00 16.95 -44.24
CA ALA PB 109 -165.13 15.98 -43.58
C ALA PB 109 -165.92 14.91 -42.85
N SER PB 110 -167.04 15.29 -42.24
CA SER PB 110 -167.92 14.34 -41.57
C SER PB 110 -169.35 14.85 -41.65
N GLY PB 111 -170.29 13.92 -41.68
CA GLY PB 111 -171.68 14.31 -41.71
C GLY PB 111 -172.09 14.86 -43.07
N LYS PB 112 -173.21 15.58 -43.06
CA LYS PB 112 -173.80 16.14 -44.27
C LYS PB 112 -174.40 17.49 -43.88
N PRO PB 113 -173.68 18.57 -44.12
CA PRO PB 113 -174.20 19.89 -43.79
C PRO PB 113 -175.18 20.37 -44.85
N ASN PB 114 -176.29 20.92 -44.40
CA ASN PB 114 -177.34 21.39 -45.28
C ASN PB 114 -177.37 22.91 -45.27
N PHE PB 115 -177.39 23.51 -46.46
CA PHE PB 115 -177.37 24.95 -46.60
C PHE PB 115 -178.70 25.43 -47.17
N SER PB 116 -179.11 26.64 -46.76
CA SER PB 116 -180.34 27.23 -47.25
C SER PB 116 -180.03 28.37 -48.22
N PRO PB 117 -180.85 28.57 -49.24
CA PRO PB 117 -180.57 29.62 -50.22
C PRO PB 117 -180.47 31.00 -49.59
N GLY PB 118 -179.45 31.75 -49.98
CA GLY PB 118 -179.29 33.11 -49.53
C GLY PB 118 -178.75 33.28 -48.12
N ALA PB 119 -178.53 32.20 -47.39
CA ALA PB 119 -178.02 32.31 -46.04
C ALA PB 119 -176.52 32.62 -46.06
N SER PB 120 -176.05 33.21 -44.96
CA SER PB 120 -174.64 33.57 -44.81
C SER PB 120 -173.98 32.60 -43.86
N TYR PB 121 -172.87 32.00 -44.30
CA TYR PB 121 -172.12 31.03 -43.51
C TYR PB 121 -170.69 31.52 -43.38
N THR PB 122 -170.17 31.58 -42.16
CA THR PB 122 -168.80 32.00 -41.97
C THR PB 122 -167.86 30.82 -42.18
N ALA PB 123 -166.77 31.07 -42.91
CA ALA PB 123 -165.76 30.07 -43.18
C ALA PB 123 -164.40 30.63 -42.84
N THR PB 124 -163.53 29.78 -42.30
CA THR PB 124 -162.15 30.16 -42.04
C THR PB 124 -161.26 29.41 -43.00
N ILE PB 125 -160.55 30.15 -43.85
CA ILE PB 125 -159.64 29.55 -44.82
C ILE PB 125 -158.24 29.62 -44.22
N TYR PB 126 -157.61 28.46 -44.08
CA TYR PB 126 -156.27 28.37 -43.52
C TYR PB 126 -155.29 28.24 -44.68
N PHE PB 127 -154.38 29.20 -44.79
CA PHE PB 127 -153.40 29.21 -45.86
C PHE PB 127 -152.08 28.65 -45.38
N SER PB 128 -151.15 28.44 -46.32
CA SER PB 128 -149.91 27.76 -46.01
C SER PB 128 -149.05 28.55 -45.02
N ASN PB 129 -149.32 29.85 -44.84
CA ASN PB 129 -148.63 30.62 -43.82
C ASN PB 129 -149.04 30.22 -42.41
N GLY PB 130 -150.07 29.39 -42.27
CA GLY PB 130 -150.73 29.21 -41.00
C GLY PB 130 -151.75 30.29 -40.69
N GLN PB 131 -151.88 31.29 -41.55
CA GLN PB 131 -152.84 32.36 -41.34
C GLN PB 131 -154.25 31.85 -41.61
N GLY PB 132 -155.15 32.15 -40.68
CA GLY PB 132 -156.55 31.77 -40.85
C GLY PB 132 -157.43 32.97 -41.09
N ALA PB 133 -157.91 33.13 -42.31
CA ALA PB 133 -158.72 34.28 -42.67
C ALA PB 133 -160.20 33.95 -42.53
N PRO PB 134 -160.96 34.67 -41.71
CA PRO PB 134 -162.41 34.51 -41.70
C PRO PB 134 -163.04 35.25 -42.87
N ALA PB 135 -164.09 34.65 -43.43
CA ALA PB 135 -164.81 35.20 -44.56
C ALA PB 135 -166.26 34.77 -44.47
N THR PB 136 -167.12 35.48 -45.20
CA THR PB 136 -168.55 35.18 -45.23
C THR PB 136 -168.92 34.68 -46.62
N LEU PB 137 -169.51 33.50 -46.68
CA LEU PB 137 -169.96 32.89 -47.92
C LEU PB 137 -171.48 32.93 -47.98
N ILE PB 138 -172.02 33.37 -49.11
CA ILE PB 138 -173.46 33.37 -49.33
C ILE PB 138 -173.79 32.18 -50.21
N TYR PB 139 -174.68 31.32 -49.74
CA TYR PB 139 -175.04 30.12 -50.49
C TYR PB 139 -175.92 30.51 -51.68
N GLN PB 140 -175.59 29.96 -52.86
CA GLN PB 140 -176.25 30.33 -54.09
C GLN PB 140 -176.88 29.16 -54.83
N GLY PB 141 -176.65 27.92 -54.40
CA GLY PB 141 -177.13 26.76 -55.12
C GLY PB 141 -178.61 26.46 -54.95
N LEU QB 1 -104.77 29.99 -19.83
CA LEU QB 1 -105.64 28.95 -20.36
C LEU QB 1 -106.96 28.88 -19.60
N SER QB 2 -106.95 29.38 -18.36
CA SER QB 2 -108.12 29.26 -17.49
C SER QB 2 -109.32 30.00 -18.07
N GLY QB 3 -109.10 31.18 -18.63
CA GLY QB 3 -110.21 32.00 -19.07
C GLY QB 3 -111.07 31.35 -20.13
N ALA QB 4 -110.44 30.70 -21.11
CA ALA QB 4 -111.20 30.08 -22.19
C ALA QB 4 -112.03 28.90 -21.68
N ILE QB 5 -111.45 28.07 -20.82
CA ILE QB 5 -112.19 26.93 -20.28
C ILE QB 5 -113.35 27.41 -19.40
N VAL QB 6 -113.12 28.44 -18.60
CA VAL QB 6 -114.19 28.99 -17.77
C VAL QB 6 -115.31 29.56 -18.65
N ALA QB 7 -114.94 30.27 -19.71
CA ALA QB 7 -115.95 30.82 -20.62
C ALA QB 7 -116.74 29.70 -21.28
N LEU QB 8 -116.07 28.62 -21.67
CA LEU QB 8 -116.78 27.49 -22.27
C LEU QB 8 -117.74 26.84 -21.27
N ILE QB 9 -117.30 26.68 -20.02
CA ILE QB 9 -118.17 26.15 -18.99
C ILE QB 9 -119.42 27.02 -18.84
N LEU QB 10 -119.22 28.33 -18.78
CA LEU QB 10 -120.36 29.24 -18.61
C LEU QB 10 -121.27 29.24 -19.83
N VAL QB 11 -120.71 29.08 -21.04
CA VAL QB 11 -121.53 29.01 -22.23
C VAL QB 11 -122.43 27.78 -22.19
N ILE QB 12 -121.86 26.63 -21.86
CA ILE QB 12 -122.64 25.40 -21.81
C ILE QB 12 -123.71 25.50 -20.72
N ALA QB 13 -123.33 26.03 -19.55
CA ALA QB 13 -124.29 26.17 -18.47
C ALA QB 13 -125.40 27.14 -18.81
N GLY QB 14 -125.07 28.22 -19.52
CA GLY QB 14 -126.11 29.14 -19.97
C GLY QB 14 -127.08 28.48 -20.92
N VAL QB 15 -126.55 27.66 -21.84
CA VAL QB 15 -127.42 26.90 -22.72
C VAL QB 15 -128.37 26.02 -21.91
N ILE QB 16 -127.82 25.33 -20.90
CA ILE QB 16 -128.62 24.42 -20.09
C ILE QB 16 -129.74 25.17 -19.38
N ILE QB 17 -129.40 26.27 -18.71
CA ILE QB 17 -130.38 27.00 -17.91
C ILE QB 17 -131.43 27.65 -18.81
N ALA QB 18 -131.00 28.20 -19.95
CA ALA QB 18 -131.94 28.82 -20.86
C ALA QB 18 -132.93 27.81 -21.42
N ILE QB 19 -132.45 26.62 -21.79
CA ILE QB 19 -133.36 25.59 -22.29
C ILE QB 19 -134.31 25.15 -21.19
N ALA QB 20 -133.82 25.07 -19.94
CA ALA QB 20 -134.69 24.72 -18.83
C ALA QB 20 -135.80 25.75 -18.66
N VAL QB 21 -135.46 27.03 -18.77
CA VAL QB 21 -136.47 28.08 -18.65
C VAL QB 21 -137.46 28.03 -19.81
N VAL QB 22 -137.00 27.73 -21.02
CA VAL QB 22 -137.89 27.61 -22.16
C VAL QB 22 -138.87 26.46 -21.95
N LEU QB 23 -138.37 25.33 -21.46
CA LEU QB 23 -139.25 24.19 -21.20
C LEU QB 23 -140.25 24.52 -20.08
N PHE QB 24 -139.82 25.29 -19.09
CA PHE QB 24 -140.74 25.74 -18.05
C PHE QB 24 -141.84 26.62 -18.64
N ALA QB 25 -141.47 27.51 -19.56
CA ALA QB 25 -142.46 28.36 -20.23
C ALA QB 25 -143.46 27.50 -21.00
N PHE QB 26 -142.97 26.47 -21.69
CA PHE QB 26 -143.87 25.56 -22.40
C PHE QB 26 -144.77 24.80 -21.44
N GLY QB 27 -144.26 24.44 -20.26
CA GLY QB 27 -145.07 23.75 -19.27
C GLY QB 27 -146.08 24.60 -18.56
N LEU QB 28 -145.90 25.92 -18.57
CA LEU QB 28 -146.90 26.81 -17.98
C LEU QB 28 -148.21 26.83 -18.77
N ILE QB 29 -148.15 26.59 -20.08
CA ILE QB 29 -149.29 26.78 -20.97
C ILE QB 29 -150.54 26.01 -20.54
N PRO QB 30 -150.46 24.72 -20.19
CA PRO QB 30 -151.69 24.01 -19.83
C PRO QB 30 -152.45 24.62 -18.66
N GLY QB 31 -151.74 25.16 -17.68
CA GLY QB 31 -152.42 25.77 -16.55
C GLY QB 31 -153.17 27.04 -16.93
N ILE QB 32 -152.56 27.88 -17.76
CA ILE QB 32 -153.17 29.16 -18.11
C ILE QB 32 -154.18 29.01 -19.25
N SER QB 33 -153.87 28.17 -20.23
CA SER QB 33 -154.78 27.92 -21.35
C SER QB 33 -155.83 26.92 -20.90
N ASN QB 34 -156.96 27.45 -20.44
CA ASN QB 34 -158.07 26.62 -19.95
C ASN QB 34 -159.36 27.19 -20.55
N GLN QB 35 -159.74 26.68 -21.72
CA GLN QB 35 -160.99 27.08 -22.33
C GLN QB 35 -162.16 26.46 -21.59
N GLY QB 36 -163.36 26.83 -22.01
CA GLY QB 36 -164.53 26.35 -21.30
C GLY QB 36 -164.91 27.25 -20.14
N SER QB 37 -166.21 27.39 -19.95
CA SER QB 37 -166.73 28.32 -18.95
C SER QB 37 -168.12 27.87 -18.54
N ILE QB 38 -168.59 28.41 -17.42
CA ILE QB 38 -170.00 28.27 -17.08
C ILE QB 38 -170.79 29.38 -17.74
N GLN QB 39 -171.83 28.99 -18.47
CA GLN QB 39 -172.68 29.91 -19.20
C GLN QB 39 -174.07 29.87 -18.58
N VAL QB 40 -174.63 31.03 -18.30
CA VAL QB 40 -175.97 31.14 -17.74
C VAL QB 40 -176.93 31.44 -18.88
N LEU QB 41 -177.90 30.55 -19.08
CA LEU QB 41 -178.79 30.59 -20.23
C LEU QB 41 -180.17 31.07 -19.78
N GLY QB 42 -180.64 32.13 -20.43
CA GLY QB 42 -181.97 32.64 -20.15
C GLY QB 42 -182.07 33.34 -18.81
N SER QB 43 -183.28 33.78 -18.50
CA SER QB 43 -183.55 34.47 -17.26
C SER QB 43 -183.79 33.48 -16.12
N GLY QB 44 -183.24 33.79 -14.96
CA GLY QB 44 -183.52 33.04 -13.75
C GLY QB 44 -184.66 33.65 -12.96
N THR QB 45 -184.94 33.04 -11.81
CA THR QB 45 -186.03 33.47 -10.96
C THR QB 45 -185.60 33.55 -9.51
N ILE QB 46 -186.09 34.58 -8.81
CA ILE QB 46 -185.94 34.74 -7.38
C ILE QB 46 -187.31 34.54 -6.73
N THR QB 47 -187.37 33.66 -5.73
CA THR QB 47 -188.61 33.38 -5.04
C THR QB 47 -188.39 33.56 -3.54
N ASN QB 48 -189.38 34.11 -2.84
CA ASN QB 48 -189.24 34.35 -1.41
C ASN QB 48 -189.40 33.05 -0.64
N SER QB 49 -188.32 32.60 0.00
CA SER QB 49 -188.34 31.36 0.77
C SER QB 49 -188.53 31.60 2.27
N THR QB 50 -188.46 32.83 2.74
CA THR QB 50 -188.64 33.12 4.15
C THR QB 50 -190.03 32.68 4.61
N ALA QB 51 -190.09 32.02 5.76
CA ALA QB 51 -191.34 31.46 6.23
C ALA QB 51 -191.37 31.47 7.75
N SER QB 52 -192.59 31.31 8.29
CA SER QB 52 -192.84 31.12 9.72
C SER QB 52 -192.41 32.32 10.55
N GLY QB 53 -192.24 33.49 9.94
CA GLY QB 53 -191.84 34.66 10.68
C GLY QB 53 -190.45 34.59 11.27
N SER QB 54 -189.60 33.70 10.77
CA SER QB 54 -188.23 33.62 11.25
C SER QB 54 -187.47 34.89 10.88
N SER QB 55 -186.41 35.17 11.65
CA SER QB 55 -185.77 36.47 11.57
C SER QB 55 -184.98 36.68 10.28
N ARG QB 56 -184.52 35.61 9.65
CA ARG QB 56 -183.58 35.72 8.54
C ARG QB 56 -184.29 35.48 7.21
N THR QB 57 -184.10 36.40 6.27
CA THR QB 57 -184.71 36.29 4.95
C THR QB 57 -183.87 35.41 4.05
N ILE QB 58 -184.51 34.45 3.39
CA ILE QB 58 -183.85 33.53 2.47
C ILE QB 58 -184.62 33.52 1.16
N TYR QB 59 -183.89 33.48 0.04
CA TYR QB 59 -184.48 33.51 -1.29
C TYR QB 59 -183.97 32.36 -2.12
N ASN QB 60 -184.89 31.74 -2.86
CA ASN QB 60 -184.56 30.74 -3.87
C ASN QB 60 -184.12 31.45 -5.13
N ILE QB 61 -183.02 30.98 -5.72
CA ILE QB 61 -182.57 31.46 -7.02
C ILE QB 61 -182.44 30.26 -7.93
N THR QB 62 -183.15 30.30 -9.06
CA THR QB 62 -183.12 29.23 -10.04
C THR QB 62 -182.60 29.78 -11.36
N ILE QB 63 -181.57 29.13 -11.91
CA ILE QB 63 -180.93 29.56 -13.15
C ILE QB 63 -180.55 28.33 -13.97
N THR QB 64 -180.62 28.46 -15.29
CA THR QB 64 -180.16 27.39 -16.16
C THR QB 64 -178.68 27.59 -16.45
N VAL QB 65 -177.88 26.56 -16.17
CA VAL QB 65 -176.43 26.66 -16.16
C VAL QB 65 -175.85 25.57 -17.06
N LYS QB 66 -174.92 25.95 -17.92
CA LYS QB 66 -174.27 25.03 -18.86
C LYS QB 66 -172.76 25.11 -18.62
N ASN QB 67 -172.18 24.02 -18.15
CA ASN QB 67 -170.74 23.96 -17.88
C ASN QB 67 -170.06 23.43 -19.15
N THR QB 68 -169.40 24.33 -19.89
CA THR QB 68 -168.70 23.92 -21.11
C THR QB 68 -167.31 23.37 -20.84
N GLY QB 69 -166.82 23.44 -19.60
CA GLY QB 69 -165.48 22.98 -19.28
C GLY QB 69 -165.43 21.48 -19.01
N THR QB 70 -164.24 21.04 -18.64
CA THR QB 70 -163.99 19.64 -18.31
C THR QB 70 -163.85 19.40 -16.81
N THR QB 71 -164.18 20.40 -15.99
CA THR QB 71 -164.00 20.31 -14.55
C THR QB 71 -165.28 20.72 -13.84
N SER QB 72 -165.48 20.14 -12.65
CA SER QB 72 -166.62 20.50 -11.82
C SER QB 72 -166.43 21.89 -11.22
N ILE QB 73 -167.49 22.67 -11.21
CA ILE QB 73 -167.39 24.06 -10.78
C ILE QB 73 -168.60 24.35 -9.90
N SER QB 74 -168.40 25.17 -8.88
CA SER QB 74 -169.44 25.50 -7.93
C SER QB 74 -169.61 27.02 -7.81
N VAL QB 75 -170.79 27.42 -7.33
CA VAL QB 75 -171.09 28.83 -7.07
C VAL QB 75 -170.44 29.24 -5.76
N THR QB 76 -169.95 30.48 -5.71
CA THR QB 76 -169.30 30.97 -4.50
C THR QB 76 -170.01 32.20 -3.93
N SER QB 77 -170.63 33.00 -4.79
CA SER QB 77 -171.33 34.20 -4.34
C SER QB 77 -172.24 34.69 -5.46
N ILE QB 78 -173.17 35.56 -5.09
CA ILE QB 78 -174.03 36.24 -6.06
C ILE QB 78 -174.23 37.68 -5.59
N ASN QB 79 -174.29 38.59 -6.56
CA ASN QB 79 -174.61 39.98 -6.31
C ASN QB 79 -175.86 40.33 -7.10
N ILE QB 80 -176.90 40.77 -6.40
CA ILE QB 80 -178.18 41.09 -7.02
C ILE QB 80 -178.48 42.56 -6.78
N ASN QB 81 -178.72 43.31 -7.86
CA ASN QB 81 -179.13 44.71 -7.78
C ASN QB 81 -178.10 45.56 -7.02
N GLY QB 82 -176.82 45.20 -7.15
CA GLY QB 82 -175.76 45.90 -6.46
C GLY QB 82 -175.52 45.46 -5.03
N GLN QB 83 -176.30 44.52 -4.52
CA GLN QB 83 -176.25 44.06 -3.14
C GLN QB 83 -175.68 42.66 -3.07
N PRO QB 84 -174.69 42.40 -2.22
CA PRO QB 84 -174.12 41.05 -2.12
C PRO QB 84 -175.01 40.12 -1.32
N PHE QB 85 -175.03 38.85 -1.73
CA PHE QB 85 -175.78 37.81 -1.03
C PHE QB 85 -174.85 36.64 -0.75
N ASN QB 86 -175.13 35.95 0.34
CA ASN QB 86 -174.35 34.77 0.74
C ASN QB 86 -175.12 33.51 0.36
N ILE QB 87 -174.42 32.53 -0.20
CA ILE QB 87 -175.04 31.29 -0.63
C ILE QB 87 -175.25 30.39 0.59
N ASN QB 88 -176.44 30.44 1.17
CA ASN QB 88 -176.77 29.57 2.28
C ASN QB 88 -176.60 28.11 1.87
N GLY QB 89 -175.99 27.33 2.76
CA GLY QB 89 -175.90 25.89 2.59
C GLY QB 89 -174.77 25.46 1.67
N THR QB 90 -174.70 24.15 1.49
CA THR QB 90 -173.75 23.57 0.54
C THR QB 90 -174.02 24.10 -0.86
N ALA QB 91 -173.05 24.82 -1.40
CA ALA QB 91 -173.23 25.47 -2.69
C ALA QB 91 -173.37 24.42 -3.80
N PRO QB 92 -174.24 24.66 -4.78
CA PRO QB 92 -174.42 23.68 -5.85
C PRO QB 92 -173.15 23.53 -6.69
N SER QB 93 -172.92 22.31 -7.16
CA SER QB 93 -171.82 22.00 -8.06
C SER QB 93 -172.37 21.63 -9.42
N ILE QB 94 -171.80 22.21 -10.47
CA ILE QB 94 -172.25 22.01 -11.84
C ILE QB 94 -171.29 21.04 -12.51
N PRO QB 95 -171.71 19.82 -12.85
CA PRO QB 95 -170.80 18.85 -13.46
C PRO QB 95 -170.36 19.28 -14.84
N ALA QB 96 -169.24 18.70 -15.27
CA ALA QB 96 -168.64 19.06 -16.55
C ALA QB 96 -169.53 18.67 -17.72
N GLY QB 97 -169.58 19.53 -18.74
CA GLY QB 97 -170.26 19.23 -19.97
C GLY QB 97 -171.76 19.09 -19.88
N ARG QB 98 -172.38 19.55 -18.80
CA ARG QB 98 -173.78 19.30 -18.54
C ARG QB 98 -174.57 20.61 -18.41
N THR QB 99 -175.78 20.62 -18.96
CA THR QB 99 -176.72 21.71 -18.79
C THR QB 99 -177.79 21.30 -17.78
N GLN QB 100 -177.96 22.12 -16.75
CA GLN QB 100 -178.85 21.78 -15.64
C GLN QB 100 -179.62 23.00 -15.18
N PRO QB 101 -180.84 22.80 -14.67
CA PRO QB 101 -181.45 23.83 -13.81
C PRO QB 101 -180.83 23.75 -12.42
N ILE QB 102 -180.19 24.83 -11.99
CA ILE QB 102 -179.50 24.92 -10.71
C ILE QB 102 -180.31 25.84 -9.81
N THR QB 103 -180.64 25.36 -8.62
CA THR QB 103 -181.41 26.12 -7.64
C THR QB 103 -180.65 26.16 -6.33
N PHE QB 104 -180.53 27.35 -5.76
CA PHE QB 104 -179.81 27.49 -4.51
C PHE QB 104 -180.41 28.64 -3.69
N GLU QB 105 -180.24 28.54 -2.37
CA GLU QB 105 -180.79 29.53 -1.46
C GLU QB 105 -179.72 30.55 -1.06
N VAL QB 106 -180.15 31.80 -0.95
CA VAL QB 106 -179.25 32.91 -0.64
C VAL QB 106 -179.87 33.75 0.47
N THR QB 107 -179.00 34.44 1.21
CA THR QB 107 -179.40 35.40 2.22
C THR QB 107 -178.64 36.70 2.00
N PRO QB 108 -179.26 37.84 2.29
CA PRO QB 108 -178.56 39.11 2.11
C PRO QB 108 -177.38 39.23 3.07
N ALA QB 109 -176.22 39.61 2.51
CA ALA QB 109 -175.04 39.81 3.36
C ALA QB 109 -175.21 41.02 4.26
N SER QB 110 -175.94 42.03 3.80
CA SER QB 110 -176.22 43.21 4.61
C SER QB 110 -177.51 43.85 4.11
N GLY QB 111 -178.15 44.61 5.01
CA GLY QB 111 -179.35 45.32 4.63
C GLY QB 111 -180.50 44.38 4.32
N LYS QB 112 -181.44 44.89 3.51
CA LYS QB 112 -182.59 44.11 3.09
C LYS QB 112 -182.94 44.43 1.64
N PRO QB 113 -183.35 43.44 0.87
CA PRO QB 113 -183.72 43.68 -0.53
C PRO QB 113 -185.05 44.41 -0.64
N ASN QB 114 -185.26 45.02 -1.81
CA ASN QB 114 -186.48 45.76 -2.13
C ASN QB 114 -187.23 45.18 -3.33
N PHE QB 115 -187.13 43.85 -3.50
CA PHE QB 115 -187.64 43.23 -4.71
C PHE QB 115 -189.13 43.51 -4.89
N SER QB 116 -189.54 43.66 -6.15
CA SER QB 116 -190.93 43.90 -6.51
C SER QB 116 -191.40 42.78 -7.45
N PRO QB 117 -192.64 42.34 -7.30
CA PRO QB 117 -193.13 41.23 -8.15
C PRO QB 117 -193.06 41.58 -9.63
N GLY QB 118 -192.51 40.64 -10.40
CA GLY QB 118 -192.40 40.80 -11.84
C GLY QB 118 -191.23 41.63 -12.31
N ALA QB 119 -190.50 42.28 -11.40
CA ALA QB 119 -189.36 43.09 -11.80
C ALA QB 119 -188.18 42.22 -12.18
N SER QB 120 -187.33 42.73 -13.05
CA SER QB 120 -186.14 42.04 -13.52
C SER QB 120 -184.92 42.75 -12.96
N TYR QB 121 -184.05 42.00 -12.29
CA TYR QB 121 -182.89 42.54 -11.62
C TYR QB 121 -181.62 41.93 -12.21
N THR QB 122 -180.65 42.78 -12.53
CA THR QB 122 -179.37 42.28 -13.02
C THR QB 122 -178.56 41.74 -11.85
N ALA QB 123 -178.02 40.54 -12.02
CA ALA QB 123 -177.22 39.89 -10.99
C ALA QB 123 -175.93 39.37 -11.63
N THR QB 124 -174.97 39.04 -10.77
CA THR QB 124 -173.71 38.45 -11.18
C THR QB 124 -173.44 37.26 -10.28
N ILE QB 125 -173.26 36.09 -10.89
CA ILE QB 125 -172.99 34.85 -10.17
C ILE QB 125 -171.51 34.52 -10.33
N TYR QB 126 -170.82 34.37 -9.21
CA TYR QB 126 -169.37 34.15 -9.21
C TYR QB 126 -169.09 32.69 -8.90
N PHE QB 127 -168.29 32.06 -9.76
CA PHE QB 127 -168.05 30.63 -9.68
C PHE QB 127 -166.63 30.36 -9.20
N SER QB 128 -166.35 29.09 -8.92
CA SER QB 128 -165.11 28.71 -8.25
C SER QB 128 -163.86 29.08 -9.04
N ASN QB 129 -163.96 29.22 -10.36
CA ASN QB 129 -162.79 29.65 -11.12
C ASN QB 129 -162.49 31.12 -10.94
N GLY QB 130 -163.38 31.87 -10.29
CA GLY QB 130 -163.29 33.30 -10.22
C GLY QB 130 -164.06 34.02 -11.31
N GLN QB 131 -164.44 33.32 -12.37
CA GLN QB 131 -165.23 33.94 -13.42
C GLN QB 131 -166.62 34.27 -12.92
N GLY QB 132 -167.20 35.32 -13.46
CA GLY QB 132 -168.52 35.77 -13.02
C GLY QB 132 -169.47 36.01 -14.17
N ALA QB 133 -170.59 35.28 -14.17
CA ALA QB 133 -171.56 35.37 -15.24
C ALA QB 133 -172.63 36.40 -14.88
N PRO QB 134 -172.83 37.44 -15.69
CA PRO QB 134 -174.01 38.29 -15.50
C PRO QB 134 -175.28 37.56 -15.94
N ALA QB 135 -176.37 37.83 -15.23
CA ALA QB 135 -177.63 37.18 -15.48
C ALA QB 135 -178.76 38.14 -15.13
N THR QB 136 -179.96 37.82 -15.59
CA THR QB 136 -181.16 38.57 -15.25
C THR QB 136 -182.11 37.67 -14.47
N LEU QB 137 -182.51 38.11 -13.29
CA LEU QB 137 -183.38 37.33 -12.42
C LEU QB 137 -184.71 38.06 -12.26
N ILE QB 138 -185.80 37.35 -12.50
CA ILE QB 138 -187.14 37.90 -12.35
C ILE QB 138 -187.67 37.48 -10.99
N TYR QB 139 -188.19 38.44 -10.24
CA TYR QB 139 -188.72 38.16 -8.90
C TYR QB 139 -190.16 37.67 -9.03
N GLN QB 140 -190.39 36.42 -8.64
CA GLN QB 140 -191.69 35.79 -8.79
C GLN QB 140 -192.58 35.89 -7.56
N GLY QB 141 -192.04 36.40 -6.45
CA GLY QB 141 -192.83 36.50 -5.22
C GLY QB 141 -192.78 35.23 -4.39
N LEU RB 1 -110.18 32.76 -13.86
CA LEU RB 1 -111.01 32.70 -12.65
C LEU RB 1 -112.02 33.84 -12.62
N SER RB 2 -111.76 34.87 -13.44
CA SER RB 2 -112.57 36.08 -13.39
C SER RB 2 -114.00 35.84 -13.85
N GLY RB 3 -114.18 35.00 -14.87
CA GLY RB 3 -115.48 34.87 -15.50
C GLY RB 3 -116.56 34.40 -14.55
N ALA RB 4 -116.25 33.42 -13.69
CA ALA RB 4 -117.24 32.93 -12.75
C ALA RB 4 -117.64 34.01 -11.74
N ILE RB 5 -116.68 34.79 -11.28
CA ILE RB 5 -116.98 35.90 -10.36
C ILE RB 5 -117.91 36.91 -11.03
N VAL RB 6 -117.61 37.27 -12.28
CA VAL RB 6 -118.45 38.22 -13.00
C VAL RB 6 -119.85 37.65 -13.18
N ALA RB 7 -119.94 36.36 -13.50
CA ALA RB 7 -121.25 35.72 -13.68
C ALA RB 7 -122.05 35.74 -12.38
N LEU RB 8 -121.39 35.48 -11.25
CA LEU RB 8 -122.10 35.53 -9.96
C LEU RB 8 -122.66 36.92 -9.71
N ILE RB 9 -121.83 37.95 -9.91
CA ILE RB 9 -122.29 39.32 -9.70
C ILE RB 9 -123.50 39.61 -10.58
N LEU RB 10 -123.42 39.26 -11.86
CA LEU RB 10 -124.50 39.58 -12.79
C LEU RB 10 -125.77 38.80 -12.48
N VAL RB 11 -125.64 37.55 -12.02
CA VAL RB 11 -126.81 36.76 -11.69
C VAL RB 11 -127.58 37.41 -10.54
N ILE RB 12 -126.86 37.80 -9.48
CA ILE RB 12 -127.54 38.42 -8.35
C ILE RB 12 -128.17 39.75 -8.74
N ALA RB 13 -127.44 40.55 -9.53
CA ALA RB 13 -128.00 41.82 -9.97
C ALA RB 13 -129.24 41.63 -10.82
N GLY RB 14 -129.24 40.61 -11.68
CA GLY RB 14 -130.42 40.34 -12.48
C GLY RB 14 -131.63 39.98 -11.64
N VAL RB 15 -131.42 39.16 -10.61
CA VAL RB 15 -132.52 38.84 -9.70
C VAL RB 15 -133.09 40.12 -9.09
N ILE RB 16 -132.20 40.99 -8.60
CA ILE RB 16 -132.64 42.22 -7.93
C ILE RB 16 -133.46 43.08 -8.89
N ILE RB 17 -132.93 43.30 -10.10
CA ILE RB 17 -133.57 44.22 -11.03
C ILE RB 17 -134.91 43.66 -11.50
N ALA RB 18 -134.98 42.34 -11.74
CA ALA RB 18 -136.25 41.76 -12.17
C ALA RB 18 -137.32 41.91 -11.10
N ILE RB 19 -136.96 41.67 -9.83
CA ILE RB 19 -137.94 41.85 -8.76
C ILE RB 19 -138.38 43.30 -8.68
N ALA RB 20 -137.44 44.24 -8.83
CA ALA RB 20 -137.79 45.65 -8.80
C ALA RB 20 -138.78 46.01 -9.91
N VAL RB 21 -138.56 45.46 -11.12
CA VAL RB 21 -139.46 45.76 -12.23
C VAL RB 21 -140.85 45.19 -11.97
N VAL RB 22 -140.93 43.98 -11.41
CA VAL RB 22 -142.24 43.39 -11.12
C VAL RB 22 -142.99 44.25 -10.10
N LEU RB 23 -142.27 44.70 -9.06
CA LEU RB 23 -142.92 45.54 -8.05
C LEU RB 23 -143.34 46.88 -8.63
N PHE RB 24 -142.58 47.44 -9.57
CA PHE RB 24 -143.00 48.66 -10.25
C PHE RB 24 -144.27 48.43 -11.07
N ALA RB 25 -144.35 47.29 -11.74
CA ALA RB 25 -145.56 46.97 -12.49
C ALA RB 25 -146.77 46.89 -11.56
N PHE RB 26 -146.59 46.31 -10.38
CA PHE RB 26 -147.70 46.28 -9.42
C PHE RB 26 -148.00 47.67 -8.87
N GLY RB 27 -147.00 48.53 -8.72
CA GLY RB 27 -147.22 49.85 -8.17
C GLY RB 27 -147.87 50.82 -9.13
N LEU RB 28 -147.81 50.53 -10.44
CA LEU RB 28 -148.45 51.43 -11.41
C LEU RB 28 -149.96 51.50 -11.25
N ILE RB 29 -150.58 50.46 -10.70
CA ILE RB 29 -152.04 50.31 -10.82
C ILE RB 29 -152.83 51.49 -10.24
N PRO RB 30 -152.54 51.98 -9.02
CA PRO RB 30 -153.41 53.02 -8.45
C PRO RB 30 -153.53 54.29 -9.29
N GLY RB 31 -152.50 54.62 -10.09
CA GLY RB 31 -152.58 55.83 -10.89
C GLY RB 31 -153.63 55.77 -11.98
N ILE RB 32 -154.01 54.57 -12.39
CA ILE RB 32 -154.99 54.42 -13.47
C ILE RB 32 -156.37 54.91 -13.03
N SER RB 33 -156.70 54.72 -11.75
CA SER RB 33 -158.04 55.04 -11.26
C SER RB 33 -158.40 56.50 -11.49
N ASN RB 34 -157.43 57.40 -11.35
CA ASN RB 34 -157.71 58.83 -11.41
C ASN RB 34 -158.07 59.30 -12.81
N GLN RB 35 -157.90 58.46 -13.83
CA GLN RB 35 -158.19 58.88 -15.19
C GLN RB 35 -159.69 59.04 -15.46
N GLY RB 36 -160.55 58.61 -14.54
CA GLY RB 36 -161.98 58.70 -14.76
C GLY RB 36 -162.74 59.47 -13.69
N SER RB 37 -162.06 60.43 -13.06
CA SER RB 37 -162.63 61.09 -11.88
C SER RB 37 -163.81 61.98 -12.23
N ILE RB 38 -163.82 62.59 -13.42
CA ILE RB 38 -164.72 63.67 -13.72
C ILE RB 38 -165.72 63.26 -14.81
N GLN RB 39 -166.96 63.74 -14.68
CA GLN RB 39 -167.95 63.60 -15.74
C GLN RB 39 -168.75 64.88 -15.89
N VAL RB 40 -168.99 65.27 -17.14
CA VAL RB 40 -169.79 66.46 -17.44
C VAL RB 40 -171.25 66.08 -17.50
N LEU RB 41 -172.11 66.86 -16.85
CA LEU RB 41 -173.53 66.57 -16.74
C LEU RB 41 -174.33 67.56 -17.58
N GLY RB 42 -175.13 67.03 -18.50
CA GLY RB 42 -176.07 67.86 -19.23
C GLY RB 42 -175.40 68.83 -20.20
N SER RB 43 -176.24 69.70 -20.76
CA SER RB 43 -175.75 70.70 -21.70
C SER RB 43 -175.09 71.86 -20.96
N GLY RB 44 -174.33 72.64 -21.73
CA GLY RB 44 -173.72 73.85 -21.24
C GLY RB 44 -174.09 75.02 -22.13
N THR RB 45 -173.54 76.19 -21.79
CA THR RB 45 -173.89 77.43 -22.48
C THR RB 45 -172.64 78.20 -22.86
N ILE RB 46 -172.62 78.69 -24.10
CA ILE RB 46 -171.62 79.64 -24.57
C ILE RB 46 -172.27 81.01 -24.66
N THR RB 47 -171.52 82.04 -24.27
CA THR RB 47 -172.00 83.41 -24.31
C THR RB 47 -170.87 84.32 -24.78
N ASN RB 48 -171.24 85.37 -25.51
CA ASN RB 48 -170.29 86.34 -26.05
C ASN RB 48 -169.99 87.40 -25.01
N SER RB 49 -168.70 87.60 -24.72
CA SER RB 49 -168.27 88.42 -23.57
C SER RB 49 -167.12 89.36 -23.93
N THR RB 50 -167.24 90.08 -25.06
CA THR RB 50 -166.20 91.00 -25.47
C THR RB 50 -166.80 92.36 -25.80
N ALA RB 51 -166.03 93.42 -25.54
CA ALA RB 51 -166.49 94.78 -25.72
C ALA RB 51 -166.18 95.27 -27.13
N SER RB 52 -166.73 96.44 -27.47
CA SER RB 52 -166.52 97.03 -28.79
C SER RB 52 -165.06 97.42 -28.98
N GLY RB 53 -164.52 97.09 -30.15
CA GLY RB 53 -163.14 97.42 -30.45
C GLY RB 53 -162.11 96.61 -29.71
N SER RB 54 -162.52 95.55 -29.02
CA SER RB 54 -161.58 94.74 -28.27
C SER RB 54 -160.58 94.05 -29.19
N SER RB 55 -159.45 93.65 -28.63
CA SER RB 55 -158.46 92.93 -29.41
C SER RB 55 -158.92 91.52 -29.76
N ARG RB 56 -159.85 90.97 -28.98
CA ARG RB 56 -160.15 89.55 -29.08
C ARG RB 56 -161.59 89.27 -28.65
N THR RB 57 -162.21 88.32 -29.32
CA THR RB 57 -163.46 87.76 -28.83
C THR RB 57 -163.19 86.78 -27.70
N ILE RB 58 -164.01 86.85 -26.66
CA ILE RB 58 -163.92 85.89 -25.56
C ILE RB 58 -165.33 85.45 -25.21
N TYR RB 59 -165.48 84.14 -24.97
CA TYR RB 59 -166.77 83.51 -24.73
C TYR RB 59 -166.74 82.90 -23.33
N ASN RB 60 -167.78 83.20 -22.55
CA ASN RB 60 -168.01 82.53 -21.29
C ASN RB 60 -168.66 81.19 -21.54
N ILE RB 61 -168.10 80.13 -20.98
CA ILE RB 61 -168.62 78.78 -21.14
C ILE RB 61 -168.97 78.25 -19.76
N THR RB 62 -170.23 77.85 -19.59
CA THR RB 62 -170.72 77.28 -18.34
C THR RB 62 -171.12 75.84 -18.57
N ILE RB 63 -170.59 74.94 -17.75
CA ILE RB 63 -170.91 73.51 -17.81
C ILE RB 63 -171.01 72.98 -16.39
N THR RB 64 -171.94 72.05 -16.18
CA THR RB 64 -172.01 71.36 -14.90
C THR RB 64 -171.05 70.19 -14.91
N VAL RB 65 -170.17 70.12 -13.91
CA VAL RB 65 -169.13 69.11 -13.83
C VAL RB 65 -169.21 68.42 -12.47
N LYS RB 66 -169.13 67.10 -12.48
CA LYS RB 66 -169.13 66.29 -11.26
C LYS RB 66 -167.77 65.64 -11.10
N ASN RB 67 -167.15 65.87 -9.95
CA ASN RB 67 -165.86 65.29 -9.61
C ASN RB 67 -166.04 64.18 -8.57
N THR RB 68 -165.45 63.02 -8.84
CA THR RB 68 -165.55 61.88 -7.95
C THR RB 68 -164.24 61.51 -7.28
N GLY RB 69 -163.13 62.15 -7.63
CA GLY RB 69 -161.85 61.81 -7.05
C GLY RB 69 -161.60 62.53 -5.73
N THR RB 70 -160.45 62.21 -5.14
CA THR RB 70 -160.07 62.81 -3.87
C THR RB 70 -159.42 64.18 -4.03
N THR RB 71 -159.11 64.61 -5.25
CA THR RB 71 -158.33 65.80 -5.49
C THR RB 71 -159.07 66.75 -6.41
N SER RB 72 -158.80 68.04 -6.25
CA SER RB 72 -159.39 69.07 -7.10
C SER RB 72 -158.79 69.00 -8.49
N ILE RB 73 -159.64 69.11 -9.51
CA ILE RB 73 -159.21 69.00 -10.90
C ILE RB 73 -159.69 70.24 -11.64
N SER RB 74 -158.90 70.69 -12.62
CA SER RB 74 -159.16 71.92 -13.35
C SER RB 74 -159.18 71.65 -14.84
N VAL RB 75 -159.84 72.55 -15.57
CA VAL RB 75 -159.86 72.49 -17.03
C VAL RB 75 -158.52 72.96 -17.58
N THR RB 76 -158.09 72.35 -18.69
CA THR RB 76 -156.85 72.74 -19.35
C THR RB 76 -157.06 73.19 -20.79
N SER RB 77 -158.01 72.60 -21.51
CA SER RB 77 -158.28 73.01 -22.88
C SER RB 77 -159.70 72.60 -23.24
N ILE RB 78 -160.23 73.27 -24.26
CA ILE RB 78 -161.54 72.96 -24.81
C ILE RB 78 -161.45 73.00 -26.32
N ASN RB 79 -162.15 72.07 -26.97
CA ASN RB 79 -162.21 71.99 -28.43
C ASN RB 79 -163.69 72.02 -28.81
N ILE RB 80 -164.11 73.10 -29.45
CA ILE RB 80 -165.52 73.33 -29.77
C ILE RB 80 -165.68 73.28 -31.29
N ASN RB 81 -166.58 72.43 -31.75
CA ASN RB 81 -166.92 72.34 -33.17
C ASN RB 81 -165.70 72.05 -34.04
N GLY RB 82 -164.67 71.43 -33.44
CA GLY RB 82 -163.44 71.11 -34.11
C GLY RB 82 -162.32 72.10 -33.86
N GLN RB 83 -162.64 73.36 -33.55
CA GLN RB 83 -161.63 74.39 -33.33
C GLN RB 83 -161.14 74.36 -31.89
N PRO RB 84 -159.83 74.44 -31.67
CA PRO RB 84 -159.32 74.52 -30.30
C PRO RB 84 -159.40 75.94 -29.75
N PHE RB 85 -159.67 76.05 -28.45
CA PHE RB 85 -159.80 77.33 -27.78
C PHE RB 85 -158.81 77.42 -26.62
N ASN RB 86 -158.43 78.64 -26.27
CA ASN RB 86 -157.46 78.91 -25.23
C ASN RB 86 -158.14 79.61 -24.05
N ILE RB 87 -157.82 79.19 -22.84
CA ILE RB 87 -158.57 79.62 -21.66
C ILE RB 87 -157.90 80.86 -21.06
N ASN RB 88 -158.67 81.92 -20.88
CA ASN RB 88 -158.19 83.11 -20.18
C ASN RB 88 -158.02 82.84 -18.69
N GLY RB 89 -157.00 83.46 -18.12
CA GLY RB 89 -156.85 83.55 -16.68
C GLY RB 89 -156.67 82.21 -15.96
N THR RB 90 -156.91 82.27 -14.66
CA THR RB 90 -156.76 81.10 -13.80
C THR RB 90 -157.91 80.13 -14.04
N ALA RB 91 -157.58 78.92 -14.47
CA ALA RB 91 -158.60 77.94 -14.77
C ALA RB 91 -159.35 77.55 -13.49
N PRO RB 92 -160.67 77.37 -13.57
CA PRO RB 92 -161.42 77.02 -12.36
C PRO RB 92 -161.06 75.63 -11.87
N SER RB 93 -161.11 75.46 -10.55
CA SER RB 93 -160.85 74.18 -9.91
C SER RB 93 -162.16 73.56 -9.44
N ILE RB 94 -162.29 72.25 -9.64
CA ILE RB 94 -163.52 71.54 -9.29
C ILE RB 94 -163.27 70.74 -8.02
N PRO RB 95 -163.93 71.08 -6.91
CA PRO RB 95 -163.61 70.43 -5.63
C PRO RB 95 -163.84 68.93 -5.67
N ALA RB 96 -163.21 68.24 -4.71
CA ALA RB 96 -163.02 66.79 -4.79
C ALA RB 96 -164.33 66.04 -5.06
N GLY RB 97 -165.29 66.14 -4.14
CA GLY RB 97 -166.50 65.34 -4.23
C GLY RB 97 -167.72 66.07 -4.72
N ARG RB 98 -167.59 67.29 -5.20
CA ARG RB 98 -168.75 68.13 -5.42
C ARG RB 98 -169.14 68.16 -6.90
N THR RB 99 -170.42 68.50 -7.13
CA THR RB 99 -170.95 68.76 -8.47
C THR RB 99 -171.25 70.24 -8.57
N GLN RB 100 -170.63 70.91 -9.55
CA GLN RB 100 -170.73 72.36 -9.65
C GLN RB 100 -170.99 72.84 -11.06
N PRO RB 101 -171.81 73.88 -11.24
CA PRO RB 101 -171.77 74.65 -12.48
C PRO RB 101 -170.52 75.52 -12.51
N ILE RB 102 -169.59 75.19 -13.39
CA ILE RB 102 -168.32 75.89 -13.52
C ILE RB 102 -168.36 76.75 -14.78
N THR RB 103 -167.81 77.95 -14.68
CA THR RB 103 -167.80 78.92 -15.77
C THR RB 103 -166.38 79.40 -16.01
N PHE RB 104 -165.98 79.47 -17.27
CA PHE RB 104 -164.63 79.92 -17.60
C PHE RB 104 -164.64 80.63 -18.95
N GLU RB 105 -163.63 81.47 -19.14
CA GLU RB 105 -163.53 82.36 -20.29
C GLU RB 105 -162.53 81.81 -21.30
N VAL RB 106 -162.93 81.73 -22.57
CA VAL RB 106 -162.10 81.17 -23.62
C VAL RB 106 -162.05 82.10 -24.82
N THR RB 107 -160.94 82.04 -25.56
CA THR RB 107 -160.74 82.81 -26.77
C THR RB 107 -160.24 81.89 -27.87
N PRO RB 108 -160.67 82.11 -29.12
CA PRO RB 108 -160.29 81.18 -30.18
C PRO RB 108 -158.80 81.29 -30.52
N ALA RB 109 -158.19 80.12 -30.75
CA ALA RB 109 -156.76 80.07 -31.08
C ALA RB 109 -156.51 79.87 -32.56
N SER RB 110 -157.35 79.07 -33.24
CA SER RB 110 -157.13 78.80 -34.65
C SER RB 110 -157.70 79.88 -35.54
N GLY RB 111 -158.91 80.34 -35.27
CA GLY RB 111 -159.53 81.36 -36.08
C GLY RB 111 -160.89 81.73 -35.54
N LYS RB 112 -161.48 82.73 -36.15
CA LYS RB 112 -162.75 83.27 -35.67
C LYS RB 112 -163.86 82.25 -35.83
N PRO RB 113 -164.54 81.85 -34.74
CA PRO RB 113 -165.67 80.92 -34.88
C PRO RB 113 -166.96 81.71 -35.11
N ASN RB 114 -167.74 81.26 -36.09
CA ASN RB 114 -169.01 81.92 -36.42
C ASN RB 114 -170.15 81.19 -35.73
N PHE RB 115 -170.24 81.40 -34.42
CA PHE RB 115 -171.34 80.83 -33.65
C PHE RB 115 -172.66 81.43 -34.10
N SER RB 116 -173.71 80.62 -34.05
CA SER RB 116 -175.03 81.02 -34.47
C SER RB 116 -175.98 81.00 -33.28
N PRO RB 117 -176.78 82.05 -33.07
CA PRO RB 117 -177.68 82.09 -31.91
C PRO RB 117 -178.59 80.88 -31.81
N GLY RB 118 -178.55 80.21 -30.66
CA GLY RB 118 -179.39 79.06 -30.41
C GLY RB 118 -178.87 77.74 -30.94
N ALA RB 119 -177.74 77.74 -31.65
CA ALA RB 119 -177.23 76.52 -32.22
C ALA RB 119 -176.61 75.62 -31.14
N SER RB 120 -176.48 74.34 -31.48
CA SER RB 120 -175.90 73.34 -30.59
C SER RB 120 -174.57 72.88 -31.16
N TYR RB 121 -173.53 72.85 -30.33
CA TYR RB 121 -172.18 72.51 -30.76
C TYR RB 121 -171.61 71.42 -29.88
N THR RB 122 -170.93 70.46 -30.50
CA THR RB 122 -170.21 69.45 -29.74
C THR RB 122 -168.86 70.00 -29.29
N ALA RB 123 -168.45 69.62 -28.08
CA ALA RB 123 -167.17 70.05 -27.55
C ALA RB 123 -166.57 68.91 -26.73
N THR RB 124 -165.25 68.96 -26.56
CA THR RB 124 -164.55 68.06 -25.67
C THR RB 124 -163.82 68.88 -24.62
N ILE RB 125 -164.16 68.64 -23.36
CA ILE RB 125 -163.52 69.33 -22.23
C ILE RB 125 -162.39 68.44 -21.74
N TYR RB 126 -161.18 69.00 -21.69
CA TYR RB 126 -160.01 68.26 -21.25
C TYR RB 126 -159.61 68.78 -19.88
N PHE RB 127 -159.52 67.87 -18.92
CA PHE RB 127 -159.27 68.22 -17.52
C PHE RB 127 -157.86 67.86 -17.13
N SER RB 128 -157.43 68.40 -15.99
CA SER RB 128 -156.04 68.27 -15.57
C SER RB 128 -155.64 66.83 -15.28
N ASN RB 129 -156.61 65.96 -14.97
CA ASN RB 129 -156.31 64.56 -14.73
C ASN RB 129 -156.14 63.76 -16.01
N GLY RB 130 -155.99 64.44 -17.15
CA GLY RB 130 -155.82 63.74 -18.41
C GLY RB 130 -157.06 63.10 -18.96
N GLN RB 131 -158.23 63.65 -18.64
CA GLN RB 131 -159.51 63.07 -19.03
C GLN RB 131 -160.23 63.99 -20.00
N GLY RB 132 -160.73 63.41 -21.08
CA GLY RB 132 -161.57 64.14 -22.03
C GLY RB 132 -163.03 63.73 -21.86
N ALA RB 133 -163.91 64.74 -21.88
CA ALA RB 133 -165.32 64.51 -21.67
C ALA RB 133 -166.12 65.18 -22.78
N PRO RB 134 -166.98 64.44 -23.48
CA PRO RB 134 -167.87 65.07 -24.45
C PRO RB 134 -168.88 65.97 -23.77
N ALA RB 135 -169.25 67.05 -24.46
CA ALA RB 135 -170.22 68.00 -23.95
C ALA RB 135 -170.96 68.63 -25.11
N THR RB 136 -172.16 69.13 -24.84
CA THR RB 136 -173.00 69.79 -25.82
C THR RB 136 -173.29 71.19 -25.33
N LEU RB 137 -172.89 72.20 -26.11
CA LEU RB 137 -172.99 73.59 -25.72
C LEU RB 137 -173.97 74.32 -26.60
N ILE RB 138 -174.91 75.04 -25.98
CA ILE RB 138 -175.85 75.88 -26.70
C ILE RB 138 -175.32 77.31 -26.67
N TYR RB 139 -175.29 77.95 -27.84
CA TYR RB 139 -174.82 79.33 -27.93
C TYR RB 139 -175.98 80.26 -27.63
N GLN RB 140 -175.92 80.95 -26.50
CA GLN RB 140 -177.01 81.80 -26.05
C GLN RB 140 -176.96 83.20 -26.64
N GLY RB 141 -175.84 83.61 -27.23
CA GLY RB 141 -175.73 84.95 -27.78
C GLY RB 141 -174.35 85.56 -27.58
N LEU SB 1 -113.52 38.54 -17.84
CA LEU SB 1 -113.59 39.98 -18.02
C LEU SB 1 -114.60 40.35 -19.10
N SER SB 2 -114.84 39.42 -20.03
CA SER SB 2 -115.70 39.70 -21.16
C SER SB 2 -117.16 39.77 -20.76
N GLY SB 3 -117.55 39.09 -19.68
CA GLY SB 3 -118.95 38.99 -19.33
C GLY SB 3 -119.58 40.34 -19.03
N ALA SB 4 -118.86 41.21 -18.31
CA ALA SB 4 -119.39 42.52 -18.00
C ALA SB 4 -119.57 43.36 -19.26
N ILE SB 5 -118.63 43.29 -20.19
CA ILE SB 5 -118.75 44.04 -21.44
C ILE SB 5 -119.93 43.54 -22.26
N VAL SB 6 -120.12 42.22 -22.32
CA VAL SB 6 -121.26 41.66 -23.05
C VAL SB 6 -122.56 42.12 -22.40
N ALA SB 7 -122.63 42.11 -21.07
CA ALA SB 7 -123.83 42.55 -20.38
C ALA SB 7 -124.11 44.02 -20.65
N LEU SB 8 -123.07 44.85 -20.65
CA LEU SB 8 -123.25 46.27 -20.94
C LEU SB 8 -123.78 46.50 -22.34
N ILE SB 9 -123.20 45.80 -23.33
CA ILE SB 9 -123.66 45.94 -24.70
C ILE SB 9 -125.12 45.52 -24.81
N LEU SB 10 -125.48 44.39 -24.20
CA LEU SB 10 -126.85 43.91 -24.29
C LEU SB 10 -127.83 44.84 -23.58
N VAL SB 11 -127.41 45.46 -22.48
CA VAL SB 11 -128.31 46.39 -21.77
C VAL SB 11 -128.59 47.61 -22.64
N ILE SB 12 -127.54 48.22 -23.20
CA ILE SB 12 -127.74 49.40 -24.03
C ILE SB 12 -128.56 49.05 -25.27
N ALA SB 13 -128.25 47.91 -25.88
CA ALA SB 13 -128.99 47.49 -27.07
C ALA SB 13 -130.44 47.18 -26.74
N GLY SB 14 -130.70 46.67 -25.54
CA GLY SB 14 -132.08 46.45 -25.12
C GLY SB 14 -132.86 47.74 -25.02
N VAL SB 15 -132.22 48.77 -24.45
CA VAL SB 15 -132.86 50.09 -24.41
C VAL SB 15 -133.20 50.54 -25.84
N ILE SB 16 -132.21 50.44 -26.73
CA ILE SB 16 -132.41 50.90 -28.11
C ILE SB 16 -133.53 50.13 -28.78
N ILE SB 17 -133.54 48.81 -28.62
CA ILE SB 17 -134.52 47.96 -29.29
C ILE SB 17 -135.93 48.23 -28.77
N ALA SB 18 -136.07 48.41 -27.46
CA ALA SB 18 -137.38 48.71 -26.90
C ALA SB 18 -137.92 50.02 -27.45
N ILE SB 19 -137.06 51.05 -27.52
CA ILE SB 19 -137.51 52.33 -28.06
C ILE SB 19 -137.91 52.18 -29.52
N ALA SB 20 -137.14 51.40 -30.29
CA ALA SB 20 -137.47 51.19 -31.69
C ALA SB 20 -138.81 50.49 -31.85
N VAL SB 21 -139.10 49.50 -31.01
CA VAL SB 21 -140.38 48.82 -31.08
C VAL SB 21 -141.52 49.78 -30.76
N VAL SB 22 -141.32 50.62 -29.74
CA VAL SB 22 -142.35 51.61 -29.39
C VAL SB 22 -142.63 52.53 -30.57
N LEU SB 23 -141.59 52.99 -31.26
CA LEU SB 23 -141.79 53.86 -32.41
C LEU SB 23 -142.49 53.15 -33.56
N PHE SB 24 -142.13 51.88 -33.79
CA PHE SB 24 -142.75 51.11 -34.87
C PHE SB 24 -144.24 50.94 -34.65
N ALA SB 25 -144.64 50.73 -33.39
CA ALA SB 25 -146.06 50.60 -33.06
C ALA SB 25 -146.86 51.80 -33.58
N PHE SB 26 -146.37 53.00 -33.31
CA PHE SB 26 -147.06 54.19 -33.81
C PHE SB 26 -146.93 54.32 -35.32
N GLY SB 27 -145.77 53.97 -35.88
CA GLY SB 27 -145.60 54.03 -37.31
C GLY SB 27 -146.58 53.18 -38.08
N LEU SB 28 -147.18 52.19 -37.43
CA LEU SB 28 -148.19 51.39 -38.12
C LEU SB 28 -149.48 52.18 -38.46
N ILE SB 29 -149.93 53.11 -37.61
CA ILE SB 29 -151.34 53.55 -37.69
C ILE SB 29 -151.70 54.38 -38.93
N PRO SB 30 -150.88 55.33 -39.43
CA PRO SB 30 -151.24 55.97 -40.70
C PRO SB 30 -151.43 55.02 -41.87
N GLY SB 31 -150.80 53.85 -41.87
CA GLY SB 31 -151.09 52.89 -42.92
C GLY SB 31 -152.48 52.31 -42.79
N ILE SB 32 -152.86 51.91 -41.57
CA ILE SB 32 -154.16 51.30 -41.36
C ILE SB 32 -155.29 52.31 -41.53
N SER SB 33 -155.00 53.60 -41.41
CA SER SB 33 -156.05 54.59 -41.68
C SER SB 33 -156.51 54.55 -43.12
N ASN SB 34 -155.70 54.01 -44.03
CA ASN SB 34 -156.08 53.91 -45.43
C ASN SB 34 -157.25 52.96 -45.66
N GLN SB 35 -157.59 52.14 -44.66
CA GLN SB 35 -158.70 51.21 -44.81
C GLN SB 35 -160.02 51.93 -45.06
N GLY SB 36 -160.13 53.20 -44.69
CA GLY SB 36 -161.35 53.96 -44.88
C GLY SB 36 -161.18 55.17 -45.78
N SER SB 37 -160.41 55.01 -46.86
CA SER SB 37 -160.12 56.15 -47.73
C SER SB 37 -161.36 56.64 -48.46
N ILE SB 38 -162.27 55.75 -48.83
CA ILE SB 38 -163.33 56.04 -49.79
C ILE SB 38 -164.67 56.14 -49.09
N GLN SB 39 -165.48 57.10 -49.53
CA GLN SB 39 -166.87 57.24 -49.12
C GLN SB 39 -167.75 57.33 -50.36
N VAL SB 40 -168.81 56.54 -50.41
CA VAL SB 40 -169.78 56.61 -51.50
C VAL SB 40 -170.97 57.41 -50.99
N LEU SB 41 -171.24 58.54 -51.63
CA LEU SB 41 -172.22 59.49 -51.11
C LEU SB 41 -173.26 59.82 -52.17
N GLY SB 42 -174.51 59.97 -51.72
CA GLY SB 42 -175.62 60.19 -52.61
C GLY SB 42 -176.17 58.89 -53.15
N SER SB 43 -177.38 58.98 -53.70
CA SER SB 43 -178.04 57.80 -54.27
C SER SB 43 -177.54 57.58 -55.70
N GLY SB 44 -177.07 56.37 -55.97
CA GLY SB 44 -176.63 56.01 -57.30
C GLY SB 44 -177.77 55.57 -58.19
N THR SB 45 -177.41 55.26 -59.44
CA THR SB 45 -178.40 54.84 -60.42
C THR SB 45 -177.88 53.64 -61.22
N ILE SB 46 -178.79 52.70 -61.49
CA ILE SB 46 -178.50 51.53 -62.33
C ILE SB 46 -179.44 51.56 -63.52
N THR SB 47 -178.88 51.39 -64.72
CA THR SB 47 -179.65 51.56 -65.95
C THR SB 47 -179.40 50.39 -66.91
N ASN SB 48 -180.43 50.03 -67.68
CA ASN SB 48 -180.28 48.98 -68.68
C ASN SB 48 -179.40 49.47 -69.83
N SER SB 49 -178.38 48.68 -70.16
CA SER SB 49 -177.43 49.07 -71.19
C SER SB 49 -177.08 47.90 -72.11
N THR SB 50 -178.03 46.99 -72.30
CA THR SB 50 -177.75 45.71 -72.94
C THR SB 50 -177.76 45.76 -74.46
N ALA SB 51 -178.19 46.87 -75.06
CA ALA SB 51 -178.28 47.02 -76.51
C ALA SB 51 -179.27 46.02 -77.12
N SER SB 52 -180.51 46.08 -76.65
CA SER SB 52 -181.65 45.40 -77.27
C SER SB 52 -181.44 43.89 -77.41
N GLY SB 53 -180.69 43.29 -76.50
CA GLY SB 53 -180.44 41.86 -76.54
C GLY SB 53 -179.14 41.47 -77.21
N SER SB 54 -178.30 42.43 -77.59
CA SER SB 54 -177.01 42.17 -78.20
C SER SB 54 -175.90 41.94 -77.17
N SER SB 55 -176.18 42.04 -75.87
CA SER SB 55 -175.16 41.81 -74.85
C SER SB 55 -175.76 41.03 -73.68
N ARG SB 56 -174.88 40.41 -72.88
CA ARG SB 56 -175.28 39.54 -71.77
C ARG SB 56 -175.78 40.35 -70.57
N THR SB 57 -176.89 41.03 -70.80
CA THR SB 57 -177.60 41.82 -69.78
C THR SB 57 -176.64 42.71 -69.01
N ILE SB 58 -176.06 43.67 -69.72
CA ILE SB 58 -175.03 44.53 -69.14
C ILE SB 58 -175.65 45.85 -68.70
N TYR SB 59 -175.48 46.18 -67.41
CA TYR SB 59 -176.08 47.33 -66.76
C TYR SB 59 -175.06 48.43 -66.49
N ASN SB 60 -175.56 49.64 -66.20
CA ASN SB 60 -174.74 50.81 -65.91
C ASN SB 60 -174.90 51.11 -64.43
N ILE SB 61 -173.80 51.19 -63.68
CA ILE SB 61 -173.82 51.67 -62.30
C ILE SB 61 -173.12 53.02 -62.25
N THR SB 62 -173.83 54.05 -61.79
CA THR SB 62 -173.28 55.38 -61.59
C THR SB 62 -173.43 55.75 -60.11
N ILE SB 63 -172.32 56.11 -59.48
CA ILE SB 63 -172.28 56.46 -58.06
C ILE SB 63 -171.27 57.56 -57.84
N THR SB 64 -171.55 58.47 -56.92
CA THR SB 64 -170.61 59.53 -56.58
C THR SB 64 -169.69 59.05 -55.48
N VAL SB 65 -168.38 59.05 -55.76
CA VAL SB 65 -167.37 58.49 -54.87
C VAL SB 65 -166.38 59.58 -54.51
N LYS SB 66 -166.02 59.63 -53.23
CA LYS SB 66 -165.05 60.58 -52.70
C LYS SB 66 -163.87 59.82 -52.14
N ASN SB 67 -162.66 60.16 -52.58
CA ASN SB 67 -161.44 59.48 -52.16
C ASN SB 67 -160.63 60.42 -51.28
N THR SB 68 -160.35 60.00 -50.05
CA THR SB 68 -159.62 60.80 -49.09
C THR SB 68 -158.15 60.37 -48.99
N GLY SB 69 -157.81 59.18 -49.48
CA GLY SB 69 -156.45 58.71 -49.41
C GLY SB 69 -155.53 59.40 -50.41
N THR SB 70 -154.25 59.04 -50.34
CA THR SB 70 -153.22 59.63 -51.19
C THR SB 70 -152.93 58.81 -52.43
N THR SB 71 -153.65 57.71 -52.65
CA THR SB 71 -153.41 56.84 -53.80
C THR SB 71 -154.71 56.64 -54.58
N SER SB 72 -154.56 56.39 -55.88
CA SER SB 72 -155.71 56.09 -56.72
C SER SB 72 -156.24 54.71 -56.37
N ILE SB 73 -157.56 54.60 -56.24
CA ILE SB 73 -158.19 53.37 -55.78
C ILE SB 73 -159.23 52.94 -56.80
N SER SB 74 -159.32 51.63 -57.02
CA SER SB 74 -160.16 51.05 -58.07
C SER SB 74 -161.23 50.14 -57.48
N VAL SB 75 -162.32 49.98 -58.22
CA VAL SB 75 -163.42 49.08 -57.84
C VAL SB 75 -163.03 47.67 -58.25
N THR SB 76 -162.88 46.78 -57.26
CA THR SB 76 -162.49 45.41 -57.56
C THR SB 76 -163.67 44.48 -57.79
N SER SB 77 -164.78 44.67 -57.07
CA SER SB 77 -165.94 43.81 -57.23
C SER SB 77 -167.17 44.55 -56.74
N ILE SB 78 -168.34 44.05 -57.12
CA ILE SB 78 -169.60 44.65 -56.72
C ILE SB 78 -170.62 43.55 -56.46
N ASN SB 79 -171.42 43.76 -55.41
CA ASN SB 79 -172.52 42.88 -55.06
C ASN SB 79 -173.78 43.74 -54.97
N ILE SB 80 -174.81 43.36 -55.71
CA ILE SB 80 -176.06 44.12 -55.78
C ILE SB 80 -177.17 43.29 -55.16
N ASN SB 81 -177.71 43.78 -54.04
CA ASN SB 81 -178.84 43.15 -53.35
C ASN SB 81 -178.56 41.67 -53.06
N GLY SB 82 -177.34 41.38 -52.62
CA GLY SB 82 -176.94 40.03 -52.29
C GLY SB 82 -176.40 39.22 -53.45
N GLN SB 83 -176.66 39.63 -54.69
CA GLN SB 83 -176.21 38.87 -55.85
C GLN SB 83 -174.83 39.36 -56.29
N PRO SB 84 -173.92 38.45 -56.63
CA PRO SB 84 -172.60 38.87 -57.12
C PRO SB 84 -172.69 39.47 -58.52
N PHE SB 85 -171.77 40.37 -58.84
CA PHE SB 85 -171.73 40.98 -60.15
C PHE SB 85 -170.27 41.12 -60.59
N ASN SB 86 -170.06 41.19 -61.90
CA ASN SB 86 -168.73 41.28 -62.48
C ASN SB 86 -168.64 42.50 -63.39
N ILE SB 87 -167.59 43.29 -63.21
CA ILE SB 87 -167.40 44.47 -64.05
C ILE SB 87 -167.04 44.05 -65.46
N ASN SB 88 -167.68 44.66 -66.45
CA ASN SB 88 -167.51 44.23 -67.84
C ASN SB 88 -166.26 44.79 -68.50
N GLY SB 89 -165.89 46.03 -68.21
CA GLY SB 89 -164.70 46.64 -68.74
C GLY SB 89 -163.56 46.66 -67.73
N THR SB 90 -162.58 47.51 -68.00
CA THR SB 90 -161.54 47.76 -67.01
C THR SB 90 -162.13 48.51 -65.82
N ALA SB 91 -161.60 48.21 -64.64
CA ALA SB 91 -162.17 48.77 -63.43
C ALA SB 91 -161.97 50.28 -63.38
N PRO SB 92 -162.98 51.05 -62.98
CA PRO SB 92 -162.77 52.48 -62.78
C PRO SB 92 -161.88 52.74 -61.59
N SER SB 93 -161.17 53.87 -61.64
CA SER SB 93 -160.24 54.24 -60.58
C SER SB 93 -160.50 55.68 -60.16
N ILE SB 94 -160.51 55.91 -58.85
CA ILE SB 94 -160.81 57.22 -58.28
C ILE SB 94 -159.50 57.85 -57.83
N PRO SB 95 -159.10 58.99 -58.39
CA PRO SB 95 -157.84 59.61 -57.99
C PRO SB 95 -157.92 60.20 -56.59
N ALA SB 96 -156.75 60.50 -56.04
CA ALA SB 96 -156.66 61.01 -54.67
C ALA SB 96 -157.33 62.37 -54.54
N GLY SB 97 -158.01 62.56 -53.40
CA GLY SB 97 -158.63 63.84 -53.08
C GLY SB 97 -159.88 64.18 -53.86
N ARG SB 98 -160.23 63.38 -54.86
CA ARG SB 98 -161.33 63.72 -55.75
C ARG SB 98 -162.68 63.28 -55.19
N THR SB 99 -163.72 63.99 -55.62
CA THR SB 99 -165.10 63.55 -55.49
C THR SB 99 -165.73 63.60 -56.87
N GLN SB 100 -166.07 62.44 -57.42
CA GLN SB 100 -166.50 62.41 -58.81
C GLN SB 100 -167.50 61.29 -59.04
N PRO SB 101 -168.31 61.39 -60.10
CA PRO SB 101 -169.21 60.28 -60.46
C PRO SB 101 -168.50 59.17 -61.21
N ILE SB 102 -168.36 58.02 -60.58
CA ILE SB 102 -167.84 56.82 -61.22
C ILE SB 102 -168.99 56.12 -61.94
N THR SB 103 -168.79 55.76 -63.20
CA THR SB 103 -169.75 55.01 -63.98
C THR SB 103 -169.05 53.79 -64.57
N PHE SB 104 -169.67 52.62 -64.40
CA PHE SB 104 -169.05 51.41 -64.93
C PHE SB 104 -170.10 50.38 -65.30
N GLU SB 105 -169.75 49.56 -66.28
CA GLU SB 105 -170.61 48.48 -66.75
C GLU SB 105 -170.49 47.26 -65.86
N VAL SB 106 -171.59 46.53 -65.70
CA VAL SB 106 -171.60 45.37 -64.84
C VAL SB 106 -172.50 44.29 -65.43
N THR SB 107 -172.19 43.03 -65.11
CA THR SB 107 -172.85 41.84 -65.60
C THR SB 107 -173.23 40.95 -64.41
N PRO SB 108 -174.31 40.19 -64.53
CA PRO SB 108 -174.62 39.21 -63.48
C PRO SB 108 -173.60 38.08 -63.49
N ALA SB 109 -173.05 37.76 -62.32
CA ALA SB 109 -172.12 36.65 -62.22
C ALA SB 109 -172.83 35.31 -62.39
N SER SB 110 -174.08 35.23 -61.95
CA SER SB 110 -174.89 34.02 -62.14
C SER SB 110 -176.35 34.42 -62.18
N GLY SB 111 -177.14 33.66 -62.95
CA GLY SB 111 -178.55 33.94 -63.03
C GLY SB 111 -178.86 35.17 -63.88
N LYS SB 112 -180.07 35.67 -63.71
CA LYS SB 112 -180.56 36.84 -64.43
C LYS SB 112 -181.42 37.62 -63.45
N PRO SB 113 -180.86 38.63 -62.79
CA PRO SB 113 -181.65 39.44 -61.87
C PRO SB 113 -182.53 40.43 -62.63
N ASN SB 114 -183.76 40.56 -62.18
CA ASN SB 114 -184.74 41.42 -62.83
C ASN SB 114 -185.02 42.61 -61.91
N PHE SB 115 -184.98 43.81 -62.48
CA PHE SB 115 -185.18 45.03 -61.73
C PHE SB 115 -186.48 45.70 -62.16
N SER SB 116 -187.13 46.38 -61.22
CA SER SB 116 -188.36 47.10 -61.49
C SER SB 116 -188.11 48.60 -61.49
N PRO SB 117 -188.80 49.35 -62.34
CA PRO SB 117 -188.56 50.80 -62.43
C PRO SB 117 -188.78 51.50 -61.09
N GLY SB 118 -187.85 52.37 -60.72
CA GLY SB 118 -187.98 53.17 -59.53
C GLY SB 118 -187.69 52.47 -58.23
N ALA SB 119 -187.39 51.17 -58.25
CA ALA SB 119 -187.10 50.45 -57.02
C ALA SB 119 -185.69 50.77 -56.53
N SER SB 120 -185.49 50.59 -55.23
CA SER SB 120 -184.19 50.84 -54.60
C SER SB 120 -183.52 49.51 -54.31
N TYR SB 121 -182.29 49.35 -54.78
CA TYR SB 121 -181.51 48.14 -54.59
C TYR SB 121 -180.21 48.49 -53.89
N THR SB 122 -179.90 47.79 -52.81
CA THR SB 122 -178.66 48.05 -52.10
C THR SB 122 -177.50 47.32 -52.76
N ALA SB 123 -176.39 48.01 -52.92
CA ALA SB 123 -175.19 47.44 -53.52
C ALA SB 123 -173.99 47.75 -52.65
N THR SB 124 -173.08 46.78 -52.54
CA THR SB 124 -171.83 46.97 -51.82
C THR SB 124 -170.71 47.01 -52.83
N ILE SB 125 -170.02 48.15 -52.90
CA ILE SB 125 -168.88 48.31 -53.81
C ILE SB 125 -167.62 48.05 -53.01
N TYR SB 126 -166.84 47.06 -53.44
CA TYR SB 126 -165.59 46.70 -52.76
C TYR SB 126 -164.45 47.35 -53.54
N PHE SB 127 -163.71 48.23 -52.86
CA PHE SB 127 -162.61 48.94 -53.48
C PHE SB 127 -161.28 48.25 -53.15
N SER SB 128 -160.21 48.73 -53.80
CA SER SB 128 -158.93 48.06 -53.69
C SER SB 128 -158.36 48.10 -52.27
N ASN SB 129 -158.87 48.98 -51.41
CA ASN SB 129 -158.46 48.96 -50.01
C ASN SB 129 -159.00 47.74 -49.26
N GLY SB 130 -159.90 46.98 -49.88
CA GLY SB 130 -160.71 46.04 -49.15
C GLY SB 130 -161.92 46.65 -48.49
N GLN SB 131 -162.07 47.97 -48.59
CA GLN SB 131 -163.22 48.65 -48.00
C GLN SB 131 -164.47 48.35 -48.79
N GLY SB 132 -165.54 47.99 -48.10
CA GLY SB 132 -166.81 47.74 -48.75
C GLY SB 132 -167.84 48.80 -48.41
N ALA SB 133 -168.16 49.65 -49.38
CA ALA SB 133 -169.07 50.75 -49.15
C ALA SB 133 -170.49 50.35 -49.54
N PRO SB 134 -171.45 50.39 -48.63
CA PRO SB 134 -172.85 50.19 -49.04
C PRO SB 134 -173.43 51.46 -49.64
N ALA SB 135 -174.28 51.28 -50.65
CA ALA SB 135 -174.90 52.38 -51.36
C ALA SB 135 -176.26 51.92 -51.85
N THR SB 136 -177.12 52.89 -52.18
CA THR SB 136 -178.45 52.62 -52.68
C THR SB 136 -178.54 53.07 -54.13
N LEU SB 137 -178.93 52.14 -55.01
CA LEU SB 137 -179.08 52.42 -56.43
C LEU SB 137 -180.55 52.42 -56.78
N ILE SB 138 -181.00 53.44 -57.50
CA ILE SB 138 -182.37 53.51 -57.99
C ILE SB 138 -182.37 53.10 -59.45
N TYR SB 139 -183.15 52.09 -59.78
CA TYR SB 139 -183.22 51.60 -61.16
C TYR SB 139 -183.96 52.60 -62.02
N GLN SB 140 -183.39 52.91 -63.20
CA GLN SB 140 -183.93 53.93 -64.08
C GLN SB 140 -184.25 53.43 -65.48
N GLY SB 141 -183.85 52.22 -65.84
CA GLY SB 141 -184.03 51.72 -67.19
C GLY SB 141 -185.45 51.32 -67.53
N LEU TB 1 -118.96 35.54 -22.52
CA LEU TB 1 -119.56 35.02 -23.75
C LEU TB 1 -120.94 34.45 -23.48
N SER TB 2 -121.19 34.09 -22.22
CA SER TB 2 -122.43 33.41 -21.86
C SER TB 2 -123.64 34.27 -22.13
N GLY TB 3 -123.55 35.56 -21.82
CA GLY TB 3 -124.71 36.43 -21.90
C GLY TB 3 -125.30 36.52 -23.29
N ALA TB 4 -124.44 36.65 -24.30
CA ALA TB 4 -124.93 36.79 -25.67
C ALA TB 4 -125.61 35.52 -26.15
N ILE TB 5 -125.03 34.36 -25.86
CA ILE TB 5 -125.63 33.10 -26.28
C ILE TB 5 -126.96 32.88 -25.56
N VAL TB 6 -127.03 33.21 -24.27
CA VAL TB 6 -128.28 33.08 -23.53
C VAL TB 6 -129.34 34.01 -24.11
N ALA TB 7 -128.95 35.25 -24.43
CA ALA TB 7 -129.89 36.19 -25.04
C ALA TB 7 -130.39 35.69 -26.38
N LEU TB 8 -129.50 35.10 -27.19
CA LEU TB 8 -129.93 34.55 -28.48
C LEU TB 8 -130.89 33.39 -28.30
N ILE TB 9 -130.61 32.52 -27.32
CA ILE TB 9 -131.53 31.41 -27.02
C ILE TB 9 -132.91 31.95 -26.67
N LEU TB 10 -132.94 32.96 -25.78
CA LEU TB 10 -134.23 33.51 -25.36
C LEU TB 10 -134.93 34.24 -26.50
N VAL TB 11 -134.19 34.87 -27.40
CA VAL TB 11 -134.80 35.54 -28.54
C VAL TB 11 -135.49 34.51 -29.44
N ILE TB 12 -134.78 33.42 -29.76
CA ILE TB 12 -135.37 32.39 -30.61
C ILE TB 12 -136.57 31.76 -29.93
N ALA TB 13 -136.47 31.48 -28.63
CA ALA TB 13 -137.59 30.88 -27.91
C ALA TB 13 -138.78 31.82 -27.84
N GLY TB 14 -138.54 33.12 -27.68
CA GLY TB 14 -139.63 34.07 -27.71
C GLY TB 14 -140.32 34.10 -29.05
N VAL TB 15 -139.55 34.04 -30.13
CA VAL TB 15 -140.14 33.94 -31.47
C VAL TB 15 -141.04 32.71 -31.54
N ILE TB 16 -140.53 31.57 -31.06
CA ILE TB 16 -141.29 30.32 -31.13
C ILE TB 16 -142.60 30.44 -30.38
N ILE TB 17 -142.55 30.91 -29.14
CA ILE TB 17 -143.75 30.95 -28.31
C ILE TB 17 -144.74 31.98 -28.83
N ALA TB 18 -144.24 33.13 -29.30
CA ALA TB 18 -145.14 34.16 -29.86
C ALA TB 18 -145.86 33.64 -31.09
N ILE TB 19 -145.14 32.95 -31.97
CA ILE TB 19 -145.78 32.40 -33.17
C ILE TB 19 -146.79 31.33 -32.77
N ALA TB 20 -146.48 30.53 -31.75
CA ALA TB 20 -147.43 29.54 -31.27
C ALA TB 20 -148.71 30.20 -30.76
N VAL TB 21 -148.57 31.29 -30.01
CA VAL TB 21 -149.75 31.99 -29.51
C VAL TB 21 -150.55 32.63 -30.64
N VAL TB 22 -149.87 33.16 -31.66
CA VAL TB 22 -150.57 33.74 -32.81
C VAL TB 22 -151.36 32.66 -33.54
N LEU TB 23 -150.75 31.49 -33.72
CA LEU TB 23 -151.46 30.39 -34.38
C LEU TB 23 -152.64 29.92 -33.53
N PHE TB 24 -152.49 29.94 -32.21
CA PHE TB 24 -153.61 29.61 -31.33
C PHE TB 24 -154.76 30.61 -31.50
N ALA TB 25 -154.41 31.89 -31.61
CA ALA TB 25 -155.42 32.91 -31.84
C ALA TB 25 -156.14 32.67 -33.15
N PHE TB 26 -155.39 32.31 -34.20
CA PHE TB 26 -156.03 32.00 -35.47
C PHE TB 26 -156.90 30.75 -35.38
N GLY TB 27 -156.51 29.77 -34.57
CA GLY TB 27 -157.32 28.58 -34.39
C GLY TB 27 -158.56 28.78 -33.55
N LEU TB 28 -158.60 29.85 -32.75
CA LEU TB 28 -159.80 30.15 -31.98
C LEU TB 28 -160.98 30.57 -32.85
N ILE TB 29 -160.72 31.17 -34.01
CA ILE TB 29 -161.74 31.82 -34.83
C ILE TB 29 -162.89 30.87 -35.21
N PRO TB 30 -162.64 29.64 -35.69
CA PRO TB 30 -163.77 28.79 -36.09
C PRO TB 30 -164.78 28.54 -34.97
N GLY TB 31 -164.32 28.41 -33.73
CA GLY TB 31 -165.24 28.18 -32.63
C GLY TB 31 -166.12 29.38 -32.35
N ILE TB 32 -165.55 30.58 -32.38
CA ILE TB 32 -166.31 31.77 -32.00
C ILE TB 32 -167.10 32.31 -33.19
N SER TB 33 -166.52 32.27 -34.38
CA SER TB 33 -167.21 32.74 -35.58
C SER TB 33 -168.15 31.64 -36.06
N ASN TB 34 -169.41 31.72 -35.64
CA ASN TB 34 -170.43 30.73 -36.01
C ASN TB 34 -171.69 31.50 -36.40
N GLN TB 35 -171.80 31.81 -37.69
CA GLN TB 35 -172.99 32.47 -38.19
C GLN TB 35 -174.15 31.49 -38.25
N GLY TB 36 -175.32 32.00 -38.57
CA GLY TB 36 -176.48 31.13 -38.58
C GLY TB 36 -177.14 31.05 -37.22
N SER TB 37 -178.46 30.98 -37.24
CA SER TB 37 -179.24 31.01 -36.00
C SER TB 37 -180.60 30.40 -36.28
N ILE TB 38 -181.31 30.10 -35.21
CA ILE TB 38 -182.70 29.70 -35.29
C ILE TB 38 -183.58 30.93 -35.32
N GLN TB 39 -184.42 31.04 -36.34
CA GLN TB 39 -185.30 32.18 -36.53
C GLN TB 39 -186.73 31.72 -36.38
N VAL TB 40 -187.52 32.45 -35.59
CA VAL TB 40 -188.93 32.13 -35.38
C VAL TB 40 -189.75 33.02 -36.29
N LEU TB 41 -190.53 32.42 -37.18
CA LEU TB 41 -191.24 33.13 -38.24
C LEU TB 41 -192.72 33.20 -37.90
N GLY TB 42 -193.27 34.40 -37.88
CA GLY TB 42 -194.69 34.57 -37.66
C GLY TB 42 -195.09 34.28 -36.22
N SER TB 43 -196.40 34.37 -35.98
CA SER TB 43 -196.94 34.12 -34.65
C SER TB 43 -197.16 32.64 -34.42
N GLY TB 44 -196.84 32.18 -33.21
CA GLY TB 44 -197.16 30.84 -32.78
C GLY TB 44 -198.49 30.78 -32.05
N THR TB 45 -198.82 29.57 -31.60
CA THR TB 45 -200.09 29.34 -30.92
C THR TB 45 -199.89 28.53 -29.65
N ILE TB 46 -200.65 28.90 -28.61
CA ILE TB 46 -200.74 28.13 -27.37
C ILE TB 46 -202.13 27.53 -27.28
N THR TB 47 -202.19 26.22 -27.05
CA THR TB 47 -203.46 25.52 -26.93
C THR TB 47 -203.47 24.73 -25.64
N ASN TB 48 -204.62 24.69 -24.97
CA ASN TB 48 -204.71 24.00 -23.69
C ASN TB 48 -204.78 22.49 -23.90
N SER TB 49 -203.75 21.78 -23.44
CA SER TB 49 -203.68 20.33 -23.60
C SER TB 49 -204.11 19.58 -22.35
N THR TB 50 -204.29 20.26 -21.23
CA THR TB 50 -204.72 19.60 -19.99
C THR TB 50 -206.07 18.92 -20.21
N ALA TB 51 -206.19 17.69 -19.72
CA ALA TB 51 -207.39 16.91 -19.96
C ALA TB 51 -207.63 15.97 -18.78
N SER TB 52 -208.86 15.45 -18.74
CA SER TB 52 -209.27 14.41 -17.78
C SER TB 52 -209.18 14.85 -16.33
N GLY TB 53 -209.13 16.16 -16.09
CA GLY TB 53 -209.05 16.64 -14.72
C GLY TB 53 -207.77 16.29 -14.00
N SER TB 54 -206.70 15.95 -14.74
CA SER TB 54 -205.43 15.65 -14.12
C SER TB 54 -204.84 16.92 -13.48
N SER TB 55 -203.96 16.71 -12.50
CA SER TB 55 -203.54 17.81 -11.64
C SER TB 55 -202.62 18.79 -12.34
N ARG TB 56 -201.91 18.35 -13.38
CA ARG TB 56 -200.84 19.15 -13.97
C ARG TB 56 -201.31 19.76 -15.29
N THR TB 57 -201.14 21.06 -15.43
CA THR TB 57 -201.53 21.78 -16.64
C THR TB 57 -200.43 21.68 -17.69
N ILE TB 58 -200.82 21.31 -18.91
CA ILE TB 58 -199.88 21.18 -20.03
C ILE TB 58 -200.46 21.95 -21.21
N TYR TB 59 -199.58 22.64 -21.94
CA TYR TB 59 -199.97 23.45 -23.08
C TYR TB 59 -199.17 23.08 -24.31
N ASN TB 60 -199.86 22.99 -25.44
CA ASN TB 60 -199.23 22.84 -26.75
C ASN TB 60 -198.74 24.20 -27.21
N ILE TB 61 -197.51 24.26 -27.70
CA ILE TB 61 -196.96 25.46 -28.31
C ILE TB 61 -196.51 25.08 -29.71
N THR TB 62 -197.05 25.76 -30.71
CA THR TB 62 -196.71 25.54 -32.10
C THR TB 62 -196.10 26.81 -32.68
N ILE TB 63 -194.91 26.68 -33.28
CA ILE TB 63 -194.23 27.81 -33.88
C ILE TB 63 -193.59 27.37 -35.19
N THR TB 64 -193.42 28.32 -36.10
CA THR TB 64 -192.68 28.06 -37.34
C THR TB 64 -191.23 28.46 -37.12
N VAL TB 65 -190.31 27.54 -37.40
CA VAL TB 65 -188.92 27.70 -37.02
C VAL TB 65 -188.05 27.44 -38.24
N LYS TB 66 -186.97 28.20 -38.37
CA LYS TB 66 -186.05 28.10 -39.51
C LYS TB 66 -184.63 28.07 -38.97
N ASN TB 67 -183.97 26.94 -39.13
CA ASN TB 67 -182.59 26.79 -38.66
C ASN TB 67 -181.66 27.19 -39.81
N THR TB 68 -181.08 28.37 -39.72
CA THR TB 68 -180.18 28.85 -40.76
C THR TB 68 -178.75 28.34 -40.59
N GLY TB 69 -178.45 27.65 -39.48
CA GLY TB 69 -177.12 27.15 -39.23
C GLY TB 69 -176.86 25.80 -39.88
N THR TB 70 -175.69 25.27 -39.59
CA THR TB 70 -175.27 23.96 -40.11
C THR TB 70 -175.32 22.87 -39.04
N THR TB 71 -175.91 23.14 -37.88
CA THR TB 71 -175.96 22.19 -36.78
C THR TB 71 -177.38 21.98 -36.32
N SER TB 72 -177.65 20.77 -35.82
CA SER TB 72 -178.95 20.50 -35.20
C SER TB 72 -179.07 21.24 -33.88
N ILE TB 73 -180.23 21.85 -33.67
CA ILE TB 73 -180.45 22.68 -32.48
C ILE TB 73 -181.79 22.29 -31.87
N SER TB 74 -181.85 22.30 -30.54
CA SER TB 74 -183.05 21.93 -29.80
C SER TB 74 -183.44 23.04 -28.84
N VAL TB 75 -184.73 23.05 -28.48
CA VAL TB 75 -185.23 24.00 -27.49
C VAL TB 75 -184.85 23.52 -26.10
N THR TB 76 -184.67 24.46 -25.17
CA THR TB 76 -184.29 24.11 -23.81
C THR TB 76 -185.27 24.67 -22.80
N SER TB 77 -185.88 25.81 -23.12
CA SER TB 77 -186.82 26.44 -22.21
C SER TB 77 -187.63 27.48 -22.98
N ILE TB 78 -188.74 27.89 -22.38
CA ILE TB 78 -189.54 28.99 -22.90
C ILE TB 78 -190.05 29.83 -21.74
N ASN TB 79 -190.11 31.14 -21.95
CA ASN TB 79 -190.68 32.07 -20.99
C ASN TB 79 -191.85 32.79 -21.65
N ILE TB 80 -193.04 32.65 -21.08
CA ILE TB 80 -194.25 33.23 -21.63
C ILE TB 80 -194.82 34.23 -20.63
N ASN TB 81 -195.02 35.47 -21.07
CA ASN TB 81 -195.66 36.50 -20.26
C ASN TB 81 -194.91 36.73 -18.94
N GLY TB 82 -193.58 36.59 -18.98
CA GLY TB 82 -192.75 36.75 -17.81
C GLY TB 82 -192.64 35.52 -16.92
N GLN TB 83 -193.32 34.45 -17.25
CA GLN TB 83 -193.40 33.24 -16.45
C GLN TB 83 -192.62 32.11 -17.12
N PRO TB 84 -191.74 31.41 -16.40
CA PRO TB 84 -190.98 30.34 -17.02
C PRO TB 84 -191.80 29.06 -17.14
N PHE TB 85 -191.56 28.32 -18.23
CA PHE TB 85 -192.22 27.04 -18.46
C PHE TB 85 -191.16 25.99 -18.75
N ASN TB 86 -191.47 24.75 -18.38
CA ASN TB 86 -190.58 23.61 -18.61
C ASN TB 86 -191.07 22.83 -19.81
N ILE TB 87 -190.14 22.44 -20.68
CA ILE TB 87 -190.48 21.70 -21.89
C ILE TB 87 -190.70 20.24 -21.53
N ASN TB 88 -191.96 19.86 -21.31
CA ASN TB 88 -192.30 18.47 -21.04
C ASN TB 88 -191.84 17.60 -22.18
N GLY TB 89 -191.24 16.46 -21.83
CA GLY TB 89 -190.88 15.44 -22.80
C GLY TB 89 -189.60 15.73 -23.54
N THR TB 90 -189.26 14.80 -24.43
CA THR TB 90 -188.11 14.97 -25.32
C THR TB 90 -188.27 16.24 -26.12
N ALA TB 91 -187.34 17.18 -25.91
CA ALA TB 91 -187.43 18.48 -26.56
C ALA TB 91 -187.25 18.31 -28.07
N PRO TB 92 -188.03 19.02 -28.88
CA PRO TB 92 -187.89 18.91 -30.33
C PRO TB 92 -186.52 19.40 -30.80
N SER TB 93 -186.01 18.76 -31.85
CA SER TB 93 -184.74 19.13 -32.46
C SER TB 93 -185.03 19.66 -33.87
N ILE TB 94 -184.39 20.76 -34.22
CA ILE TB 94 -184.60 21.44 -35.50
C ILE TB 94 -183.41 21.12 -36.39
N PRO TB 95 -183.60 20.37 -37.49
CA PRO TB 95 -182.48 20.03 -38.36
C PRO TB 95 -181.91 21.25 -39.07
N ALA TB 96 -180.67 21.11 -39.51
CA ALA TB 96 -179.95 22.22 -40.14
C ALA TB 96 -180.60 22.60 -41.47
N GLY TB 97 -180.63 23.91 -41.74
CA GLY TB 97 -181.07 24.40 -43.03
C GLY TB 97 -182.53 24.18 -43.35
N ARG TB 98 -183.36 23.86 -42.37
CA ARG TB 98 -184.74 23.44 -42.62
C ARG TB 98 -185.72 24.35 -41.91
N THR TB 99 -186.83 24.63 -42.59
CA THR TB 99 -187.96 25.35 -42.01
C THR TB 99 -189.07 24.36 -41.71
N GLN TB 100 -189.52 24.33 -40.45
CA GLN TB 100 -190.48 23.35 -39.99
C GLN TB 100 -191.50 23.99 -39.07
N PRO TB 101 -192.73 23.49 -39.05
CA PRO TB 101 -193.62 23.73 -37.90
C PRO TB 101 -193.23 22.80 -36.76
N ILE TB 102 -192.82 23.40 -35.65
CA ILE TB 102 -192.37 22.67 -34.47
C ILE TB 102 -193.40 22.86 -33.37
N THR TB 103 -193.86 21.73 -32.81
CA THR TB 103 -194.86 21.73 -31.75
C THR TB 103 -194.32 20.98 -30.55
N PHE TB 104 -194.45 21.57 -29.36
CA PHE TB 104 -193.96 20.92 -28.16
C PHE TB 104 -194.84 21.28 -26.97
N GLU TB 105 -194.85 20.40 -25.99
CA GLU TB 105 -195.68 20.58 -24.80
C GLU TB 105 -194.87 21.19 -23.65
N VAL TB 106 -195.50 22.09 -22.92
CA VAL TB 106 -194.86 22.80 -21.82
C VAL TB 106 -195.75 22.75 -20.60
N THR TB 107 -195.12 22.87 -19.42
CA THR TB 107 -195.81 22.98 -18.15
C THR TB 107 -195.26 24.17 -17.39
N PRO TB 108 -196.09 24.87 -16.61
CA PRO TB 108 -195.60 26.01 -15.85
C PRO TB 108 -194.60 25.57 -14.79
N ALA TB 109 -193.45 26.25 -14.74
CA ALA TB 109 -192.46 25.93 -13.73
C ALA TB 109 -192.94 26.32 -12.34
N SER TB 110 -193.75 27.37 -12.24
CA SER TB 110 -194.33 27.78 -10.96
C SER TB 110 -195.62 28.54 -11.24
N GLY TB 111 -196.50 28.56 -10.24
CA GLY TB 111 -197.73 29.30 -10.35
C GLY TB 111 -198.67 28.70 -11.39
N LYS TB 112 -199.54 29.55 -11.93
CA LYS TB 112 -200.49 29.14 -12.96
C LYS TB 112 -200.69 30.26 -13.96
N PRO TB 113 -200.79 29.94 -15.25
CA PRO TB 113 -200.98 30.97 -16.27
C PRO TB 113 -202.38 31.58 -16.21
N ASN TB 114 -202.49 32.77 -16.78
CA ASN TB 114 -203.74 33.51 -16.83
C ASN TB 114 -204.15 33.82 -18.28
N PHE TB 115 -203.94 32.85 -19.17
CA PHE TB 115 -204.18 33.09 -20.59
C PHE TB 115 -205.64 33.37 -20.86
N SER TB 116 -205.88 34.23 -21.86
CA SER TB 116 -207.22 34.58 -22.30
C SER TB 116 -207.36 34.26 -23.77
N PRO TB 117 -208.52 33.77 -24.21
CA PRO TB 117 -208.70 33.39 -25.62
C PRO TB 117 -208.46 34.58 -26.54
N GLY TB 118 -207.67 34.34 -27.59
CA GLY TB 118 -207.39 35.36 -28.58
C GLY TB 118 -206.32 36.37 -28.19
N ALA TB 119 -205.84 36.34 -26.96
CA ALA TB 119 -204.82 37.28 -26.54
C ALA TB 119 -203.46 36.87 -27.10
N SER TB 120 -202.59 37.86 -27.31
CA SER TB 120 -201.25 37.65 -27.81
C SER TB 120 -200.26 37.92 -26.68
N TYR TB 121 -199.38 36.95 -26.43
CA TYR TB 121 -198.43 37.01 -25.34
C TYR TB 121 -197.01 36.94 -25.89
N THR TB 122 -196.16 37.86 -25.44
CA THR TB 122 -194.76 37.83 -25.81
C THR TB 122 -194.05 36.71 -25.06
N ALA TB 123 -193.29 35.91 -25.80
CA ALA TB 123 -192.55 34.80 -25.23
C ALA TB 123 -191.12 34.83 -25.75
N THR TB 124 -190.25 34.07 -25.08
CA THR TB 124 -188.86 33.92 -25.48
C THR TB 124 -188.53 32.43 -25.45
N ILE TB 125 -188.08 31.90 -26.58
CA ILE TB 125 -187.72 30.49 -26.68
C ILE TB 125 -186.19 30.39 -26.69
N TYR TB 126 -185.64 29.61 -25.77
CA TYR TB 126 -184.20 29.51 -25.60
C TYR TB 126 -183.73 28.18 -26.18
N PHE TB 127 -182.74 28.24 -27.05
CA PHE TB 127 -182.26 27.09 -27.79
C PHE TB 127 -180.90 26.65 -27.26
N SER TB 128 -180.45 25.48 -27.72
CA SER TB 128 -179.28 24.85 -27.13
C SER TB 128 -178.00 25.66 -27.32
N ASN TB 129 -177.94 26.53 -28.33
CA ASN TB 129 -176.81 27.47 -28.43
C ASN TB 129 -176.78 28.50 -27.32
N GLY TB 130 -177.84 28.63 -26.54
CA GLY TB 130 -177.98 29.71 -25.62
C GLY TB 130 -178.68 30.93 -26.20
N GLN TB 131 -178.77 31.02 -27.52
CA GLN TB 131 -179.51 32.11 -28.14
C GLN TB 131 -181.00 31.97 -27.84
N GLY TB 132 -181.67 33.12 -27.73
CA GLY TB 132 -183.09 33.13 -27.41
C GLY TB 132 -183.89 33.99 -28.35
N ALA TB 133 -184.87 33.39 -29.02
CA ALA TB 133 -185.68 34.10 -30.00
C ALA TB 133 -186.94 34.64 -29.34
N PRO TB 134 -187.20 35.94 -29.39
CA PRO TB 134 -188.52 36.45 -28.98
C PRO TB 134 -189.57 36.09 -30.03
N ALA TB 135 -190.77 35.81 -29.55
CA ALA TB 135 -191.88 35.40 -30.40
C ALA TB 135 -193.18 35.90 -29.80
N THR TB 136 -194.23 35.89 -30.60
CA THR TB 136 -195.58 36.23 -30.15
C THR TB 136 -196.46 34.99 -30.29
N LEU TB 137 -197.10 34.59 -29.20
CA LEU TB 137 -197.94 33.41 -29.17
C LEU TB 137 -199.38 33.81 -28.90
N ILE TB 138 -200.29 33.36 -29.75
CA ILE TB 138 -201.72 33.63 -29.59
C ILE TB 138 -202.36 32.44 -28.89
N TYR TB 139 -203.14 32.71 -27.85
CA TYR TB 139 -203.80 31.64 -27.11
C TYR TB 139 -205.10 31.28 -27.80
N GLN TB 140 -205.19 30.05 -28.29
CA GLN TB 140 -206.34 29.59 -29.06
C GLN TB 140 -207.39 28.86 -28.22
N GLY TB 141 -207.10 28.60 -26.95
CA GLY TB 141 -208.03 27.89 -26.10
C GLY TB 141 -207.91 26.38 -26.21
#